data_9P7F
#
_entry.id   9P7F
#
_cell.length_a   1.00
_cell.length_b   1.00
_cell.length_c   1.00
_cell.angle_alpha   90.00
_cell.angle_beta   90.00
_cell.angle_gamma   90.00
#
_symmetry.space_group_name_H-M   'P 1'
#
loop_
_entity.id
_entity.type
_entity.pdbx_description
1 polymer '40S ribosomal protein SA'
2 polymer '40S ribosomal protein S3a'
3 polymer '40S ribosomal protein S2'
4 polymer 'Small ribosomal subunit protein eS4, X isoform'
5 polymer '40S ribosomal protein S6'
6 polymer 'Small ribosomal subunit protein eS7'
7 polymer '40S ribosomal protein S8'
8 polymer '40S ribosomal protein S9'
9 polymer '40S ribosomal protein S11'
10 polymer '40S ribosomal protein S13'
11 polymer 'Small ribosomal subunit protein uS11'
12 polymer 'Small ribosomal subunit protein eS21'
13 polymer '40S ribosomal protein S15a'
14 polymer '40S ribosomal protein S23'
15 polymer '40S ribosomal protein S24'
16 polymer '40S ribosomal protein S26'
17 polymer 'Small ribosomal subunit protein eS27'
18 polymer 'Small ribosomal subunit protein eS30'
19 polymer '18S rRNA [Homo sapiens]'
20 polymer '60S ribosomal protein L19'
21 polymer 'Ribosomal protein L24'
22 polymer 'Small ribosomal subunit protein eS17'
23 polymer 'Small ribosomal subunit protein uS3'
24 polymer '40S ribosomal protein S5'
25 polymer '40S ribosomal protein S10'
26 polymer 'Small ribosomal subunit protein eS12'
27 polymer 'Small ribosomal subunit protein uS19'
28 polymer 'Small ribosomal subunit protein uS9'
29 polymer '40S ribosomal protein S18'
30 polymer '40S ribosomal protein S19'
31 polymer '40S ribosomal protein S20'
32 polymer 'Small ribosomal subunit protein eS25'
33 polymer '40S ribosomal protein S28'
34 polymer '40S ribosomal protein S29'
35 polymer 'Ubiquitin-40S ribosomal protein S27a'
36 polymer 'Receptor of activated protein C kinase 1'
37 polymer 'A site tRNA [Homo sapiens]'
38 polymer 'P site tRNA [Homo sapiens]'
39 polymer 'Transcription factor BTF3'
40 polymer '28S rRNA [Homo sapiens]'
41 polymer '5S rRNA [Homo sapiens]'
42 polymer '5.8S rRNA [Homo sapiens]'
43 polymer '60S ribosomal protein L8'
44 polymer 'Large ribosomal subunit protein uL3'
45 polymer '60S ribosomal protein L4'
46 polymer 'Large ribosomal subunit protein uL18'
47 polymer 'Large ribosomal subunit protein eL6'
48 polymer '60S ribosomal protein L7'
49 polymer '60S ribosomal protein L7a'
50 polymer '60S ribosomal protein L9'
51 polymer 'Ribosomal protein uL16-like'
52 polymer '60S ribosomal protein L11'
53 polymer 'Large ribosomal subunit protein eL13'
54 polymer '60S ribosomal protein L14'
55 polymer '60S ribosomal protein L15'
56 polymer '60S ribosomal protein L13a'
57 polymer '60S ribosomal protein L17'
58 polymer '60S ribosomal protein L18'
59 polymer '60S ribosomal protein L18a'
60 polymer '60S ribosomal protein L21'
61 polymer 'Heparin-binding protein HBp15'
62 polymer '60S ribosomal protein L23'
63 polymer '60S ribosomal protein L23a'
64 polymer '60S ribosomal protein L26'
65 polymer '60S ribosomal protein L27'
66 polymer '60S ribosomal protein L27a'
67 polymer 'Large ribosomal subunit protein eL29'
68 polymer '60S ribosomal protein L30'
69 polymer '60S ribosomal protein L31'
70 polymer '60S ribosomal protein L32'
71 polymer '60S ribosomal protein L35a'
72 polymer '60S ribosomal protein L34'
73 polymer '60S ribosomal protein L35'
74 polymer '60S ribosomal protein L36'
75 polymer '60S ribosomal protein L37'
76 polymer '60S ribosomal protein L38'
77 polymer '60S ribosomal protein L39'
78 polymer 'Large ribosomal subunit protein eL40'
79 polymer '60S ribosomal protein L41'
80 polymer '60S ribosomal protein L36a'
81 polymer '60S ribosomal protein L37a'
82 polymer '60S ribosomal protein L28'
83 polymer '60S acidic ribosomal protein P0'
84 polymer 'Large ribosomal subunit protein uL11'
85 non-polymer 'ZINC ION'
86 non-polymer 'MAGNESIUM ION'
87 non-polymer SPERMINE
88 non-polymer SPERMIDINE
89 non-polymer 4-{(2R)-2-[(1S,3S,5S)-3,5-dimethyl-2-oxocyclohexyl]-2-hydroxyethyl}piperidine-2,6-dione
90 non-polymer (3beta)-O~3~-[(2R)-2,6-dihydroxy-2-(2-methoxy-2-oxoethyl)-6-methylheptanoyl]cephalotaxine
#
loop_
_entity_poly.entity_id
_entity_poly.type
_entity_poly.pdbx_seq_one_letter_code
_entity_poly.pdbx_strand_id
1 'polypeptide(L)'
;GALDVLQMKEEDVLKFLAAGTHLGGTNLDFQMEQYIYKRKSDGIYIINLKRTWEKLLLAARAIVAIENPADVSVISSRNT
GQRAVLKFAAATGATPIAGRFTPGTFTNQIQAAFREPRLLVVTDPRADHQPLTEASYVNLPTIALCNTDSPLRYVDIAIP
CNNKGAHSVGLMWWMLAREVLRMRGTISREHPWEVMPDLYFYRDPEEIEKEEQAAAEKAVT
;
SA
2 'polypeptide(L)'
;VVDPFSKKDWYDVKAPAMFNIRNIGKTLVTRTQGTKIASDGLKGRVFEVSLADLQNDEVAFRKFKLITEDVQGKNCLTNF
HGMDLTRDKMCSMVKKWQTMIEAHVDVKTTDGYLLRLFCVGFTKKRNNQIRKTSYAQHQQVRQIRKKMMEIMTREVQTND
LKEVVNKLIPDSIGKDIEKACQSIYPLHDVFVRKVKMLKKPKFELGKLMELHGE
;
SB
3 'polypeptide(L)'
;EWMPVTKLGRLVKDMKIKSLEEIYLFSLPIKESEIIDFFLGASLKDEVLKIMPVQKQTRAGQRTRFKAFVAIGDYNGHVG
LGVKCSKEVATAIRGAIILAKLSIVPVRRGYWGNKIGKPHTVPCKVTGRCGSVLVRLIPAPRGTGIVSAPVPKKLLMMAG
IDDCYTSARGCTATLGNFAKATFDAISKTYSYLTPDLWKETVFTKSPYQEFTDHLVKTHTRV
;
SC
4 'polypeptide(L)'
;ARGPKKHLKRVAAPKHWMLDKLTGVFAPRPSTGPHKLRECLPLIIFLRNRLKYALTGDEVKKICMQRFIKIDGKVRTDIT
YPAGFMDVISIDKTGENFRLIYDTKGRFAVHRITPEEAKYKLCKVRKIFVGTKGIPHLVTHDARTIRYPDPLIKVNDTIQ
IDLETGKITDFIKFDTGNLCMVTGGANLGRIGVITNRERHPGSFDVVHVKDANGNSFATRLSNIFVIGKGNKPWISLPRG
KGIRLTIAEERDKRLAAKQSSG
;
SE
5 'polypeptide(L)'
;MKLNISFPATGCQKLIEVDDERKLRTFYEKRMATEVAADALGEEWKGYVVRISGGNDKQGFPMKQGVLTHGRVRLLLSKG
HSCYRPRRTGERKRKSVRGCIVDANLSVLNLVIVKKGEKDIPGLTDTTVPRRLGPKRASRIRKLFNLSKEDDVRQYVVRK
PLNKEGKKPRTKAPKIQRLVTPRVLQHKRRRIALKKQRTKKNKEEAAEYAKLLAKRMKEAKEKRQEQIAKRRRLSSL
;
SG
6 'polypeptide(L)'
;SAKIVKPNGEKPDEFESGISQALLELEMNSDLKAQLRELNITAAKEIEVGGGRKAIIIFVPVPQLKSFQKIQVRLVRELE
KKFSGKHVVFIAQRRILPKPTRKSRTKNKQKRPRSRTLTAVHDAILEDLVFPSEIVGKRIRVKLDGSRLIKVHLDKAQQN
NVEHKVETFSGVYKKLTGKDVNFEFPEFQ
;
SH
7 'polypeptide(L)'
;GISRDNWHKRRKTGGKRKPYHKKRKYELGRPAANTKIGPRRIHTVRVRGGNKKYRALRLDVGNFSWGSECCTRKTRIIDV
VYNASNNELVRTKTLVKNCIVLIDSTPYRQWYESHYALPLGRKKGAKLTPEEEEILNKKRSKKIQKKYDERKKNAKISSL
LEEQFQQGKLLACIASRPGQCGRADGYVLEGKELEFYLRKIKARKG
;
SI
8 'polypeptide(L)'
;PVARSWVCRKTYVTPRRPFEKSRLDQELKLIGEYGLRNKREVWRVKFTLAKIRKAARELLTLDEKDPRRLFEGNALLRRL
VRIGVLDEGKMKLDYILGLKIEDFLERRLQTQVFKLGLAKSIHHARVLIRQRHIRVRKQVVNIPSFIVRLDSQKHIDFSL
RSPYGGGRPGRVKRKNAKKGQGGAG
;
SJ
9 'polypeptide(L)'
;ADIQTERAYQKQPTIFQNKKRVLLGETGKEKLPRYYKNIGLGFKTPKEAIEGTYIDKKCPFTGNVSIRGRILSGVVTKMK
MQRTIVIRRDYLHYIRKYNRFEKRHKNMSVHLSPCFRDVQIGDIVTVGECRPLSKTVRFNVLKVTKAAGTKKQ
;
SL
10 'polypeptide(L)'
;GRMHAPGKGLSQSALPYRRSVPTWLKLTSDDVKEQIYKLAKKGLTPSQIGVILRDSHGVAQVRFVTGNKILRILKSKGLA
PDLPEDLYHLIKKAVAVRKHLERNRKDKDAKFRLILIESRIHRLARYYKTKRVLPPNWKYESSTASALVA
;
SN
11 'polypeptide(L)'
;EQVISLGPQVAEGENVFGVCHIFASFNDTFVHVTDLSGKETICRVTGGMKVKADRDESSPYAAMLAAQDVAQRCKELGIT
ALHIKLRATGGNRTKTPGPGAQSALRALARSGMKIGRIEDVTPIPSDSTRRKGGRRGRRL
;
SO
12 'polypeptide(L)'
;MQNDAGEFVDLYVPRKCSASNRIIGAKDHASIQMNVAEVDKVTGRFNGQFKTYAICGAIRRMGESDDSILRLAKADGIVS
KNF
;
SV
13 'polypeptide(L)'
;VRMNVLADALKSINNAEKRGKRQVLIRPCSKVIVRFLTVMMKHGYIGEFEIIDDHRAGKIVVNLTGRLNKCGVISPRFDV
QLKDLEKWQNNLLPSRQFGFIVLTTSAGIMDHEEARRKHTGGKILGFFF
;
SW
14 'polypeptide(L)'
;GKCRGLRTARKLRSHRRDQKWHDKQYKKAHLGTALKANPFGGASHAKGIVLEKVGVEAKQPNSAIRKCVRVQLIKNGKKI
TAFVPNDGCLNFIEENDEVLVAGFGRKGHAVGDIPGVRFKVVKVANVSLLALYKGKKERPR
;
SX
15 'polypeptide(L)'
;NDTVTIRTRKFMTNRLLQRKQMVIDVLHPGKATVPKTEIREKLAKMYKTTPDVIFVFGFRTHFGGGKTTGFGMIYDSLDY
AKKNEPKHRLARHGLYEKKKTSRKQRKERKNRMKKVRGTAKANVGAGKKPK
;
SY
16 'polypeptide(L)'
;TKKRRNNGRAKKGRGHVQPIRCTNCARCVPKDKAIKKFVIRNIVEAAAVRDISEASVFDAYVLPKLYVKLHYCVSCAIHS
KVVRNRSREARKDRTPPPRFRP
;
Sa
17 'polypeptide(L)'
;PLAKDLLHPSPEEEKRKHKKKRLVQSPNSYFMDVKCPGCYKITTVFSHAQTVVLCVGCSTVLCQPTGGKARLTEGCSFRR
KQH
;
Sb
18 'polypeptide(L)' VHGSLARAGKVRGQTPKVAKQEKKKKKTGRAKRRMQYNRRFVNVVPTFGKKKGPNANS Se
19 'polyribonucleotide'
;UACCUGGUUGAUCCUGCCAGUAGCAU(A2M)UGCUUGUCUCAAAGAUUAAGCCAUGCAUGUCUAAGUACGCACGGCCGGU
ACAGUGAAACUGCGAA(PSU)GGCUC(A2M)UUAAA(PSU)CAG(PSU)UAUGGU(OMU)CCUU(OMU)GGUCGCUCGCU
CCUCUCCCACUUGGAUAACUGUGGUA(A2M)UUCUAG(A2M)GCUAA(OMU)A(OMC)AUGCCGACGGGCGCUGACCCCC
UUCGCGGGGGGGAUGCGUGCAUUUAUCAGUGGUGACUCUAGAUAACCUCGGGCCGAUCGCACGCCCCCCGUGGCGGCGAC
GACCCAUUCGAACGUC(OMU)GCCCUAUCAACUUUCGAUGGUAGUCGCCGUGCCUACCAUGGUGACCACGGG(PSU)GAC
GGGGAAUCAGGGUUCGAU(OMU)CCGGAGA(OMG)GGAGCCUGAGAAACGGCUACCACAU(OMC)CAAGG(A2M)AGGCA
GCAGGCGCGC(A2M)AAUUACCCACUCCCGACCCGGGGA(OMG)GUAGUGA(OMC)GAAAAAUAACAAUACAGGACUCUU
UCGAGGCCCUGUAAUUGGAAUGAGUCCACUUUAA(A2M)UCCUUUAACGAGGAUCCAUUGGAG(OMG)GCAAGUCUGGUG
CCAGCAGCCGCGG(OMU)AAUUCCAGCUCCAAUA(OMG)CGUA(PSU)A(PSU)UAAAGUUGCUGCAGUU(A2M)AAAAG
CUCGUAG(PSU)U(OMG)GA(PSU)CUUGGGAGCGGGCGUCCCCGCCCUCUCGGCCGGGGCCCGAAGCG(OMU)U(PSU)
ACUUUGAAAAAA(PSU)UAGAGUGUUCAAAGCAGGCCCGAGCCGCCUGGAUACCGCAGCUAGGAA(PSU)AA(PSU)
(OMG)GAAUAGGACCGCGGUUCUAUUUUGUUGGUUUUCGGAACUGAGGCCAUGAUUAAGAGGGACGGCCGGGGGCAUUCG
UAUUGCGCCGCUAGAGGUGAAAU(PSU)CUUGGACCGGCGCAAGACGGACCAGAGCGAAAGCAUU(PSU)GCCAAGAAUG
UUUUCAUUAAUCAAGA(A2M)CGAAAGUCGGAGG(PSU)(PSU)CGAAGACGA(PSU)CAGAUACCGUCGUAGUUCCGAC
CA(PSU)AAACGAUGCCGACCGGCGAUGCGGCGGCGUUAUUCCCAUGACCCGCCGGGCAGCUUCCGGGAAACCAAAGUCU
UUGGGUUCCGGGGGGAGUA(PSU)GG(PSU)UGCAAAGCUGAAACUUAAAGGAAUUGACGGAAGGGCACCACCAGGAGUG
GAGCC(PSU)GCGGCUUAAUU(PSU)GAC(B8N)CAACACGGGAAACCUCACCCGGC(OMC)CGGACACGGACAGGA
(OMU)UGACAGAUUGAUAGCUCUUUCUCGAUUCCGUGGGUGG(OMU)G(OMG)UGCAUGGC(4AC)GUUCUUAGUUGGUG
GAGCGAUUUGUCUGG(PSU)UAAUUCCGAUAACGA(A2M)CGAGACU(OMC)UGGCAUGCUAACUAGUUACGCGACCCCC
GAGCGGUCGGCGUCCCCCAACU(OMU)CUUAGAGGGACAAGUGGCGUUCAGCCACCCGAGAUUGAGCAAUAACA(OMG)G
UCUGUGAUGCCCUUAGAUGUCCGGGGCUGCACGCGCGCUACACUGACUGGCUCAGCGUGUGCCUACCCUACGCCGGCAGG
CGCGGGUAACCCGUUGAACCCCAUUCGUGAUGGGGAUCGGGGAUUGCAAUUAUUCCCCAUGAACGAG(G7M)AAUUCCCA
GUAAGUGCGGGUCAUAAGCUUGCGUUGAUUAAGUCCCUGCCCUUUGUACACACCG(OMC)CCGUCGCUACUACCGAUUGG
AUGGUUUAGUGAGGCCCUCGGAUCGGCCCCGCCGGGGUCGGCCCACGGCCCUGGCGGAGCGCUGAGAAGACGGUCGAACU
UGACUAUCUAGAGGAAGUAAAAGUCGUA(6MZ)CAAGGUUUC(4AC)GUAGGUG(MA6)(MA6)CCUGCGGAAGGAUCAU
UA
;
S2
20 'polypeptide(L)'
;SMLRLQKRLASSVLRCGKKKVWLDPNETNEIANANSRQQIRKLIKDGLIIRKPVTVHSRARCRKNTLARRKGRHMGIGKR
KGTANARMPEKVTWMRRMRILRRLLRRYRESKKIDRHMYHSLYLKVKGNVFKNKRILMEHIHKLKADKARKKLLADQAEA
RRSKTKEARKRREERLQAKKEEIIKTL
;
LR
21 'polypeptide(L)'
;MKVELCSFSGYKIYPGHGRRYARTDGKVFQFLNAKCESAFLSKRNPRQINWTVLYRRKHKKGQSEEIQKKRTRRAVKFQR
AITGASLADIMAKRNQKPEVRKAQREQAIRAAKEAKKAKQASKK
;
LW
22 'polypeptide(L)'
;MGRVRTKTVKKAARVIIEKYYTRLGNDFHTNKRVCEEIAIIPSKKLRNKIAGYVTHLMKRIQRGPVRGISIKLQEEERER
RDNYVPEVSALDQEIIEVDPDTKEMLKLLDFGSLSNLQVTQPTVGMNFKTPRGPV
;
SR
23 'polypeptide(L)'
;MAVQISKKRKFVADGIFKAELNEFLTRELAEDGYSGVEVRVTPTRTEIIILATRTQNVLGEKGRRIRELTAVVQKRFGFP
EGSVELYAEKVATRGLCAIAQAESLRYKLLGGLAVRRACYGVLRFIMESGAKGCEVVVSGKLRGQRAKSMKFVDGLMIHS
GDPVNYYVDTAVRHVLLRQGVLGIKVKIMLPWDPTGKIGPKKPLPDHVSIVEPKDEILPTTPISEQK
;
SD
24 'polypeptide(L)'
;DIKLFGKWSTDDVQINDISLQDYIAVKEKYAKYLPHSAGRYAAKRFRKAQCPIVERLTNSMMMHGRNNGKKLMTVRIVKH
AFEIIHLLTGENPLQVLVNAIINSGPREDSTRIGRAGTVRRQAVDVSPLRRVNQAIWLLCTGAREAAFRNIKTIAECLAD
ELINAAKGSSNSYAIKKKDELERVAKSNR
;
SF
25 'polypeptide(L)'
;MLMPKKNRIAIYELLFKEGVMVAKKDVHMPKHPELADKNVPNLHVMKAMQSLKSRGYVKEQFAWRHFYWYLTNEGIQYLR
DYLHLPPEIVPATLRRSR
;
SK
26 'polypeptide(L)'
;VMDVNTALQEVLKTALIHDGLARGIREAAKALDKRQAHLCVLASNCDEPMYVKLVEALCAEHQINLIKVDDNKKLGEWVG
LCKIDREGKPRKVVGCSCVVVKDYGKESQAKDVIEEYFKCKK
;
SM
27 'polypeptide(L)'
;TYRGVDLDQLLDMSYEQLMQLYSARQRRRLNRGLRRKQHSLLKRLRKAKKEAPPMEKPEVVKTHLRDMIILPEMVGSMVG
VYNGKTFNQVEIKPEMIGHYLGEFSITYKPVKHGRPGIGAT
;
SP
28 'polypeptide(L)'
;SKGPLQSVQVFGRKKTATAVAHCKRGNGLIKVNGRPLEMIEPRTLQYKLLEPVLLLGKERFAGVDIRVRVKGGGHVAQIY
AIRQSISKALVAYYQKYVDEASKKEIKDILIQYDRTLLVADPRRCESKKFGGPGARARYQKSYR
;
SQ
29 'polypeptide(L)'
;MSLVIPEKFQHILRVLNTNIDGRRKIAFAITAIKGVGRRYAHVVLRKADIDLTKRAGELTEDEVERVITIMQNPRQYKIP
DWFLNRQKDVKDGKYSQVLANGLDNKLREDLERLKKIRAHRGLRHFWGLRVRGQHTKTTGRRGRT
;
SS
30 'polypeptide(L)'
;PGVTVKDVNQQEFVRALAAFLKKSGKLKVPEWVDTVKLAKHKELAPYDENWFYTRAASTARHLYLRGGAGVGSMTKIYGG
RQRNGVMPSHFSRGSKSVARRVLQALEGLKMVEKDQDGGRKLTPQGQRDLDRIAGQVAAANKK
;
ST
31 'polypeptide(L)'
;AIHRIRITLTSRNVKSLEKVCADLIRGAKEKNLKVKGPVRMPTKTLRITTRKTPCGEGSKTWDRFQMRIHKRLIDLHSPS
EIVKQITSISIEPGVEVEVTIADA
;
SU
32 'polypeptide(L)' RDKLNNLVLFDKATYDKLCKEVPNYKLITPAVVSERLKIRGSLARAALQELLSKGLIKLVSKHRAQVIYTRNTKG SZ
33 'polypeptide(L)' RVQPIKLARVTKVLGRTGSQGQCTQVRVEFMDDTSRSIIRNVKGPVREGDVLTLLESEREARRL Sc
34 'polypeptide(L)' GHQQLYWSHPRKFGQGSRSCRVCSNRHGLIRKYGLNMCRQCFRQYAKDIGFIKLD Sd
35 'polypeptide(L)' YTTPKKNKHKRKKVKLAVLKYYKVDENGKISRLRRECPSDECGAGVFMASHFDRHYCGKCCLTYCFN Sf
36 'polypeptide(L)'
;TEQMTLRGTLKGHNGWVTQIATTPQFPDMILSASRDKTIIMWKLTRDETNYGIPQRALRGHSHFVSDVVISSDGQFALSG
SWDGTLRLWDLTTGTTTRRFVGHTKDVLSVAFSSDNRQIVSGSRDKTIKLWNTLGVCKYTVQDESHSEWVSCVRFSPNSS
NPIIVSCGWDKLVKVWNLANCKLKTNHIGHTGYLNTVTVSPDGSLCASGGKDGQAMLWDLNEGKHLYTLDGGDIINALCF
SPNRYWLCAATGPSIKIWDLEGKIIVDELKQEVISTSSKAEPPQCTSLAWSADGQTLFAGYTDNLVRVWQVTI
;
Sg
37 'polyribonucleotide' GUCUCCGUAGUGUAGGGUAUCACGUUCGCCUAACACGCGAAAGGUCCUCGGUUCGAAACCGGGCGGAAACA At
38 'polyribonucleotide' GUCUCCGUAGUGUAGGGUAUCACGUUCGCCUAACACGCGAAAGGUCCUCGGUUCGAAACCGGGCGGAAACACCA Pt
39 'polypeptide(L)' IMNQEKLAKLQAQVRIGGKGTARRKKKVVHR CI
40 'polyribonucleotide'
;CGCGACCUCAGAUCAGACGUGGCGACCCGCUGAAUUUAAGCAUAUUAGUCAGCGGAGGAGAAGAAACUAACCAGGAUUCC
CUCAGUAACGGCGAGUGAACAGGGAAGAGCCCAGCGCCGAAUCCCCGCCCCGCGGCGGGGCGCGGGACAUGUGGCGUACG
GAAGACCCGCUCCCCGGCGCCGCUCGUGGGGGGCCCAAGUCCUUCUGAUCGAGGCCCAGCCCGUGGACGGUGUGAGGCCG
GUAGCGGCCCCCGGCGCGCCGGGCCCGGGUCUUCCCGGAGUCGGGUUGCUUGGGAAUGCAGCCCAAAGCGGGUGGUAAAC
UCCAUCUAAGGCUAAAUACCGGCACGAGACCGAUAGUCAACAAGUACCGUAAGGGAAAGUUGAAAAGAACUUUGAAG
(A2M)G(A2M)GAGUUCAAGAGGGCGUGAAACCGUUAAGAGGUAAACGGGUGGGGUCCGCGCAGUCCGCCCGGAGGAUUC
AACCCGGCGGCGGGUCCGGCCGUGUCGGCGGCCCGGCGGAUCUUUCCCGCGCGGGGGACCGUCCCCCGACCGGCGACCGG
CCGCCGCCGGGCGCAUUUCCACCGCGGCGGUGCGCCGCGACCGGCUCCGGGACGGCUGGGAAGGCCCGGCGGGGAAGGUG
GCUCGGGGGCCCCCGAGUGUUACAGCCCCCCCGGCAGCAGCACUCGCCGAAUCCCGGGGCCGAGGGAGCGAGACCCGUCG
CCGCGCUCUCCCCCCUCGGGGGGGCCGGGCCACCCCUCCCACGGCGCGACCGCUCGGGGCGGACUGUCCCCAGUGCGCCC
CGGGCGGGUCGCGCCGUCGGGCCCGGGGGAGGCCACGCGCGCGUCCCCCGAAGAGGGGGACGGCGGAGCGAGCGCACGGG
GUCGGCGGCGACGUCGGCUACCCACCCGACCC(OMG)UCUUG(1MA)(A2M)AC(A2M)CGGACCAAGGAGU(OMC)UAA
CACGUGCGCGAGUCGGGGGCUCGCACGAAAGCCGCCGUGGCGCAAUGAAGGUGAAGGCCGGCGCGCUCGCCGGCCGAGGU
GGGAUCCCGAGGCCUCUCCAGUCCGCCGAGGGCGCACCACCGGCCCGUCUCGCCCGCCGCGCCGGGGAGGUGGAGCACGA
GCGCACGUGUUAGGACCC(OMG)A(A2M)AGAUGGUGA(A2M)C(PSU)AUGCCUGGGCAGGGCGAAGCCAGAGGAAACU
CUGGUGGAGGUCCG(PSU)AGCGGUCCUGACGUGCAAAUCGGUCGUCCGACCUGGGUAUAG(OMG)GGCGAAAGACUAAU
CGAACCAUCUAGUAGCUGGUUCCCUCCGAAGUUUCCC(PSU)CAGGA(PSU)AGCUGGCGCUCUCGCAGACCCGAGCCAC
GCAGUUUUAUCCGGUAAAGCGAA(PSU)GAUUAGAGGUCUUGGGGCCGAAACGAUCUCAACCUA(PSU)(PSU)CUCAAA
CUU(PSU)AAAUGGGUAAGAAGCCCGGCUCGCUGGCGUGGAGCCGGGCGUGGAAUGCGAGUGCCUAGUGGGCCAC(PSU)
U(PSU)UGGUAAGC(A2M)GAACUGGCGCUGCGGGAUGAACCGAACGCCGGGUUAAGGCGCCCGAUGCCGACGCUCAUCA
GACCCCAGAAAAGGUGUUGGUUGAUAUAGACAGCAGGACGGUGGCCAUGGAAGUCGGAAUCCGCUAAGGAGUGUGUAACA
ACUCACCUGCCGAAUCAACUAGCCCUGAAAAUGGAUGGCGCUGGAGCGUCGGGCCCAUACCCGGCCGUCGCCGGCAGUCG
AGAGUGGACGGGAGCGGCGGCCGGAGCCCCGCGGACGCUACGCCGCGACGAGUAGGAGGGCCGCUGCGGUGAGCCUUGAA
GCCUAGGGCGCGGGCCCGGGUGGAGCCGCCGCAGGUGCAGAU(OMC)UUGGUGGUAGU(A2M)(OMG)(OMC)AAAUAUU
CAAACGAGAACUUUGAAGGCCGAAGUGG(A2M)GAAGGGUUCCAUGUGAACAG(OMC)A(OMG)UUGAACAUGGGUCAGU
CGGUCCUGAGAGAUGGGCGAGCGCCGUUCCGAAGGGACGGGCGAUGGCCUCCGUUGCCCUCGGCCGAUCGAAAGGGAGUC
GGGUUCAGAUCCCCGAAUCCGGAGUGGCGGAGAUGGGCGCCGCGAGGCGUCCAGUGCGGUAACGCGACCGAUCCCGGAGA
AGCCGGCGGGAGCCCCGGGGAGAGUUCUCUU(PSU)UCUUUGUGAAGGGCAGGGCGCCCUGGAAUGGGUUCGCCCCGAGA
GAGGGGCCCGUGCCUUGGAAAGCGUCGCGGUUCCGGCGGCGUCCGGUGAGCUCUCGCUGGCCCUUGAAAAUCCGGGGGAG
AGGGUGUAAAUCUCGCGCCGGGCCGUACCC(A2M)UAUCCGCAGCAGGUCU(OMC)CAAGGUGAAC(A2M)GCCUCUGG
(OMC)AUGUUGGAACAA(OMU)G(PSU)AGGUAAGGGAAGUCGGCAAGC(OMC)GGAUCCGUAACUUC(OMG)GGAUAAG
GAUUGGCUCUAAGGGCUGGGUCGGUCGCGGCCGGCGCCUAGCAGCCGACUUAGAACUGGUGCGGACCAGG(OMG)GAAUC
CGAC(PSU)G(PSU)UUAAUUAAAACAAAGCAUCGCGAAGGCCCGCGGCGGGUGUUGACGCGAUGUGAUU(PSU)CUGCC
(OMC)AGUGCUCUGAAUGUCA(A2M)AGUGAAGAAAUUCAAUGAAGCGCGG(OMG)UAAACGGCGGGAGUAACUAUGACU
CUCUUAAGGUAGC(5MC)AA(A2M)UGCCUC(OMG)UCAUCUAAUUAGUGA(OMC)GCGCAUGAA(UY1)GGA(PSU)GA
(A2M)CGAG(A2M)UUCCCACUGU(OMC)CC(PSU)ACCUAC(PSU)A(PSU)CCAGCGAAACCAC(A2M)G(OMC)CAA
GGGAACGGGCU(PSU)GG(OMC)GGAAUCAGCGG(OMG)GAAAGAAGACCCUGUUGAGC(PSU)UGAC(OMU)CUAGUCU
GGCACGGUGAAGAGACAUGAGAACUCUGAUCGUUUUUUCACUGACCCGGUGAGGCGGGGGGGCGAGCCCCGAGGGGCUCU
CGCUUCUGGCGCCAAGCGCCCGGCCGCGCGCCGGCCGGGCGCGACCCGCUCCGGGGACAGUGCCAGGUGGGGAGUUUGAC
UG(OMG)GGCGGUACACCUGUCAAACGGUA(6MZ)CGCAGG(OMU)(OMG)UCCUAAGGCGAGCUCAGGGAGGACAGAAA
CCUCCCGUGGAGCAGAAGGGCAAAAGCUCGCUUGA(PSU)CU(PSU)GA(PSU)UUUCAG(OMU)ACGAA(PSU)ACAGA
CCGUGAAAGCGGGGCCUCACGAUCCUUCUGACCUU(PSU)UGGGUUU(PSU)AAGCAGGA(OMG)GUGUCAGAAAAGUUA
CCACAG(OMG)GAUAACUGGC(PSU)UGUGGCGGCCAAGCGUUCAUAGCGACG(PSU)CGCUUUUUGA(PSU)CCUU
(5MC)GAUGUCGG(OMC)(PSU)CUUCCUAUCAUUG(PSU)GAAGCAGAAUUCACCAAGCGU(PSU)(OMG)GAU(OMU)
(OMG)(PSU)UCACCCACUAAUAGGGAACG(PSU)G(A2M)GCUGGG(UR3)U(PSU)AGA(OMC)CGUCGUGAGACAGG
U(PSU)AGUUUUACCCUACUGAUG(A2M)UGUG(PSU)UG(PSU)UGCCAUGGUA(A2M)UCCUGCUCAGUACGAGAGGA
ACCGCAG(OMG)U(OMU)CA(OMG)ACAU(PSU)UGGUGUA(PSU)(OMG)UGCUUGGCUGAGGAGCCAAUGGGGCGAAG
CUACCA(PSU)CUGUGGGAUUAUGAC(PSU)GAACGCCUCUAAGUCAGAAUCCCGCCCAGGCGGAACGAUACGGCAGCGC
CGCGGAGCCUCGGUUGGCCUCGGAUAGCCGGUCCCCCGCCGGGGUCCGGUGCGGAGUGCCCUUCGUCCUGGGAAACGGGG
CGCGGCCGGAGAGGCGGCCGCCCCCUCGCCCGUCACGCACCGCACGUUCGUGGGGAACCUGGCGCUAAACCA(PSU)
(PSU)CGUAGACGACCUGCUUCUGGGUCGGGG(PSU)UUCGUACG(PSU)AGCAGAGCAGCUCCCUCGCUGCGAUCUAUU
GAAAGUCAGCCCUCGACACAAGGGUUUGU
;
L5
41 'polyribonucleotide'
;GUCUACGGCCAUACCACCCUGAACGCGCCCGAUCUCGUCUGAUCUCGGAAGCUAAGCAGGGUCGGGCCUGGUUAGUACUU
GGAUGGGAGACCGCCUGGGAAUACCGGGUGCUGUAGGCUU
;
L7
42 'polyribonucleotide'
;CGACUCUUAGCGGUGGAUCACUCGGCUCGUGCGUCGAUGAAGAACGCAGCUAGC(PSU)GCGAGAAUUAAUG(PSU)GAA
UU(OMG)CAGGACACAUUGAUCAUCGACACUUCGAACGCACUUGCGGCCCCGGGUUCCUCCCGGGGCUACGCCUGUCUGA
GCGUCGCU
;
L8
43 'polypeptide(L)'
;GRVIRGQRKGAGSVFRAHVKHRKGAARLRAVDFAERHGYIKGIVKDIIHDPGRGAPLAKVVFRDPYRFKKRTELFIAAEG
IHTGQFVYCGKKAQLNIGNVLPVGTMPEGTIVCCLEEKPGDRGKLARASGNYATVISHNPETKKTRVKLPSGSKKVISSA
NRAVVGVVAGGGRIDKPILKAGRAYHKYKAKRNCWPRVRGVAMNPVEHPFGGGNHQHIGKPSTIRRDAPAGRKVGLIAAR
RTGRLRGT
;
LA
44 'polypeptide(L)'
;SHRKFSAPRHGSLGFLPRKRSSRHRGKVKSFPKDDPSKPVHLTAFLGYKAGMTHIVREVDRPGSKVNKKEVVEAVTIVET
PPMVVVGIVGYVETPRGLRTFKTVFAEHISDECKRRFYKNWHKSKKKAFTKYCKKWQDEDGKKQLEKDFSSMKKYCQVIR
VIAHTQMRLLPLRQKKAHLMEIQVNGGTVAEKLDWARERLEQQVPVNQVFGQDEMIDVIGVTKGKGYKGVTSRWHTKKLP
RKTHRGLRKVACIGAWHPARVAFSVARAGQKGYHHRTEINKKIYKIGQGYLIKDGKLIKNNASTDYDLSDKSINPLGGFV
HYGEVTNDFVMLKGCVVGTKKRVLTLRKSLLVQTKRRALEKIDLKFIDTTSKFGHGRFQTMEEKKAFMGPLKKDRIAKEE
GA
;
LB
45 'polypeptide(L)'
;MACARPLISVYSEKGESSGKNVTLPAVFKAPIRPDIVNFVHTNLRKNNRQPYAVSELAGHQTSAESWGTGRAVARIPRVR
GGGTHRSGQGAFGNMCRGGRMFAPTKTWRRWHRRVNTTQKRYAICSALAASALPALVMSKGHRIEEVPELPLVVEDKVEG
YKKTKEAVLLLKKLKAWNDIKKVYASQRMRAGKGKMRNRRRIQRRGPCIIYNEDNGIIKAFRNIPGITLLNVSKLNILKL
APGGHVGRFCIWTESAFRKLDELYGTWRKAASLKSNYNLPMHKMINTDLSRILKSPEIQRALRAPRKKIHRRVLKKNPLK
NLRIMLKLNPYAKTMRRNTILRQARNHKLRVDKAAAAAAALQAKSDEK
;
LC
46 'polypeptide(L)'
;GFVKVVKNKAYFKRYQVKFRRRREGKTDYYARKRLVIQDKNKYNTPKYRMIVRVTNRDIICQIAYARIEGDMIVCAAYAH
ELPKYGVKVGLTNYAAAYCTGLLLARRLLNRFGMDKIYEGQVEVTGDEYNVESIDGQPGAFTCYLDAGLARTTTGNKVFG
ALKGAVDGGLSIPHSTKRFPGYDSESKEFNAEVHRKHIMGQNVADYMRYLMEEDEDAYKKQFSQYIKNSVTPDMMEEMYK
KAHAAIRENPVYEKKPKKEVKKKRWNRPKMSLAQKKDRVAQKKASFLRAQERA
;
LD
47 'polypeptide(L)'
;KGKPHCSRNPVLVRGIGRYSRSAMYSRKAMYKRKYSAAKSKVEKKKKEKVLATVTKPVGGDKNGGTRVVKLRKMPRYYPT
EDVPRKLLSHGKKPFSQHVRKLRASITPGTILIILTGRHRGKRVVFLKQLASGLLLVTGPLVLNRVPLRRTHQKFVIATS
TKIDISNVKIPKHLTDAYFKKKKLRKPRHQEGEIFDTEKEKYEITEQRKIDQKAVDSQILPKIKAIPQLQGYLRSVFALT
NGIYPHKLVF
;
LE
48 'polypeptide(L)'
;NFAELKIKRLRKKFAQKMLRKARRKLIYEKAKHYHKEYRQMYRTEIRMARMARKAGNFYVPAEPKLAFVIRIRGINGVSP
KVRKVLQLLRLRQIFNGTFVKLNKASINMLRIVEPYIAWGYPNLKSVNELIYKRGYGKINKKRIALTDNALIARSLGKYG
IICMEDLIHEIYTVGKRFKEANNFLWPFKLSSPRGGMKKKTTHFVEGGDAGNREDQINRLIRRMN
;
LF
49 'polypeptide(L)'
;KVVNPLFEKRPKNFGIGQDIQPKRDLTRFVKWPRYIRLQRQRAILYKRLKVPPAINQFTQALDRQTATQLLKLAHKYRPE
TKQEKKQRLLARAEKKAAGKGDVPTKRPPVLRAGVNTVTTLVENKKAQLVVIAHDVDPIELVVFLPALCRKMGVPYCIIK
GKARLGRLVHRKTCTTVAFTQVNSEDKGALAKLVEAIRTNYNDRYDEIRRHWGGNVLGPKSVARIAKLEKAKAKELATKL
G
;
LG
50 'polypeptide(L)'
;MKTILSNQTVDIPENVDITLKGRTVIVKGPRGTLRRDFNHINVELSLLGKKKKRLRVDKWWGNRKELATVRTICSHVQNM
IKGVTLGFRYKMRSVYAHFPINVVIQENGSLVEIRNFLGEKYIRRVRMRPGVACSVSQAQKDELILEGNDIELVSNSAAL
IQQATTVKNKDIRKFLDGIYVSEKGTVQQA
;
LH
51 'polypeptide(L)'
;GRRPARCYRYCKNKPYPKSRFCRGVPDAKIRIFDLGRKKAKVDEFPLGGHMVSDEYEQLSSEALEAARICANKYMVKSCG
RDGFHMRVRLHPFHVIRINKMLSCAGADRLQTGMRGAFGKPQGTVARVHIGQVIMSIRTKLQNEEHVIEALRRAKFKFPG
RQKIHISKKWGFTKFNADEFEDMVAKKCLIPDGCGVKYVPSHGPLDKWRVLHS
;
LI
52 'polypeptide(L)'
;QDQGEKENPMRELRIRKLCLNICVGESGDRLTRAAKVLEQLTGQTPVFSKARYTVRSFGIRRNEKIAVHCTVRGAKAEEI
LEKGLKVREYELRKNNFSDTGNFGFGIQEHIDLGIKYDPSIGIYGLDFYVVLGRPGFSIADKKRRTGCIGAKHRISKEEA
MRWFQQKYDGIILPGK
;
LJ
53 'polypeptide(L)'
;APSRNGMVLKPHFHKDWQRRVATWFNQPARKIRRRKARQAKARRIAPRPASGPIRPIVRCPTVRYHTKVRAGRGFSLEEL
RVAGIHKKVARTIGISVDPRRRNKSTESLQANVQRLKEYRSKLILFPRKPSAPKKGDSSAEELKLATQLTGPVMPVRNVY
KKEKARVITEEEKNFKAFASLRMARANARLFGIRAKRAKEAAEQDVEKKK
;
LL
54 'polypeptide(L)'
;VFRRFVEVGRVAYVSFGPHAGKLVAIVDVIDQNRALVDGPCTQVRRQAMPFKCMQLTDFILKFPHSAHQKYVRQAWQKAD
INTKWAATRWAKKIEARERKAKMTDFDRFKVMKAKKMRNRIIKNEVKKLQKAALLKASP
;
LM
55 'polypeptide(L)'
;GAYKYIQELWRKKQSDVMRFLLRVRCWQYRQLSALHRAPRPTRPDKARRLGYKAKQGYVIYRIRVRRGGRKRPVPKGATY
GKPVHHGVNQLKFARSLQSVAEERAGRHCGALRVLNSYWVGEDSTYKFFEVILIDPFHKAIRRNPDTQWITKPVHKHREM
RGLTSAGRKSRGLGKGHKFHHTIGGSRRAAWRRRNTLQLHRYR
;
LN
56 'polypeptide(L)'
;EVQVLVLDGRGHLLGRLAAIVAKQVLLGRKVVVVRCEGINISGNFYRNKLKYLAFLRKRMNTNPSRGPYHFRAPSRIFWR
TVRGMLPHKTKRGQAALDRLKVFDGIPPPYDKKKRMVVPAALKVVRLKPTRKFAYLGRLAHEVGWKYQAVTATLEEKRKE
KAKIHYRKKKQLMRLRKQAEKNVEKKIDKYTEVLKTHGLLV
;
LO
57 'polypeptide(L)'
;VRYSLDPENPTKSCKSRGSNLRVHFKNTRETAQAIKGMHIRKATKYLKDVTLQKQCVPFRRYNGGVGRCAQAKQWGWTQG
RWPKKSAEFLLHMLKNAESNAELKGLDVDSLVIEHIQVNKAPKMRRRTYRAHGRINPYMSSPCHIEMILTEKE
;
LP
58 'polypeptide(L)'
;GVDIRHNKDRKVRRKEPKSQDIYLRLLVKLYRFLARRTNSTFNQVVLKRLFMSRTNRPPLSLSRMIRKMKLPGRENKTAV
VVGTITDDVRVQEVPKLKVCALRVTSRARSRILRAGGKILTFDQLALDSPKGCGTVLLSGPRKGREVYRHFGKAPGTPHS
HTKPYVRSKGRKFERARGRRASRGYKN
;
LQ
59 'polypeptide(L)'
;KASGTLREYKVVGRCLPTPKCHTPPLYRMRIFAPNHVVAKSRFWYFVSQLKKMKKSSGEIVYCGQVFEKSPLRVKNFGIW
LRYDSRSGTHNMYREYRDLTTAGAVTQCYRDMGARHRARAHSIQIMKVEEIAASKCRRPAVKQFHDSKIKFPLPHRVLRR
QHKPRFTTKRPNTFF
;
LS
60 'polypeptide(L)'
;TNTKGKRRGTRYMFSRPFRKHGVVPLATYMRIYKKGDIVDIKGMGTVQKGMPHKCYHGKTGRVYNVTQHAVGIVVNKQVK
GKILAKRINVRIEHIKHSKSRDSFLKRVKENDQKKKEAKEKGTWVQLKRQPAPPREAHFVRTNGKEPELLEPIPYEFMA
;
LT
61 'polypeptide(L)'
;QVLKFTLDCTHPVEDGIMDAANFEQFLQERIKVNGKAGNLGGGVVTIERSKSKITVTSEVPFSKRYLKYLTKKYLKKNNL
RDWLRVVANSKESYELRYFQI
;
LU
62 'polypeptide(L)'
;SGAKFRISLGLPVGAVINCADNTGAKNLYIISVKGIKGRLNRLPAAGVGDMVMATVKKGKPELRKKVHPAVVIRQRKSYR
RKDGVFLYFEDNAGVIVNNKGEMKGSAITGPVAKECADLWPRIASNAGSIA
;
LV
63 'polypeptide(L)'
;KKKIRTSPTFRRPKTLRLRRQPKYPRKSAPRRNKLDHYAIIKFPLTTESAMKKIEDNNTLVFIVDVKANKHQIKQAVKKL
YDIDVAKVNTLIRPDGEKKAYVRLAPDYDALDVANKIGII
;
LX
64 'polypeptide(L)'
;MKFNPFVTSDRSKNRKRHFNAPSHIRRKIMSSPLSKELRQKYNVRSMPIRKDDEVQVVRGHYKGQQIGKVVQVYRKKYVI
YIERVQREKANGTTVHVGIHPSKVVITRLKLDKDRKKILERKAKSRQVGKEKGK
;
LY
65 'polypeptide(L)'
;GKFMKPGKVVLVLAGRYSGRKAVIVKNIDDGTSDRPYSHALVAGIDRYPRKVTAAMGKKKIAKRSKIKSFVKVYNYNHLM
PTRYSVDIPLDKTVVNKDVFRDPALKRKARREAKVKFEERYKTGKNKWFFQKLRF
;
LZ
66 'polypeptide(L)'
;PSRLRKTRKLRGHVSHGHGRIGKHRKHPGGRGNAGGLHHHRINFDKYHPGYFGKVGMKHYHLKRNQSFCPTVNLDKLWTL
VSEQTRVNAAKNKTGAAPIIDVVRSGYYKVLGKGKLPKQPVIVKAKFFSRRAEEKIKSVGGACVLVA
;
La
67 'polypeptide(L)'
;AKSKNHTTHNQSRKWHRNGIKKPRSQRYESLKGVDPKFLRNMRFAKKHNKKGLKKMQANNAKAMSARAEAIKALVKPKEV
KPKIPKGVSRKLDRLAYIAHPKLGKRARARIAKGLRLCRPK
;
Lb
68 'polypeptide(L)'
;KSLESINSRLQLVMKSGKYVLGYKQTLKMIRQGKAKLVILANNCPALRKSEIEYYAMLAKTGVHHYSGNNIELGTACGKY
YRVCTLAIIDPGDSDIIR
;
Lc
69 'polypeptide(L)'
;NEVVTREYTINIHKRIHGVGFKKRAPRALKEIRKFAMKEMGTPDVRIDTRLNKAVWAKGIRNVPYRIRVRLSRKRNEDED
SPNKLYTLVTYVPVTTFKNLQTVNVDE
;
Ld
70 'polypeptide(L)'
;AALRPLVKPKIVKKRTKKFIRHQSDRYVKIKRNWRKPRGIDNRVRRRFKGQILMPNIGYGSNKKTKHMLPSGFRKFLVHN
VKELEVLLMCNKSYCAEIAHNVSSKNRKAIVERAAQLAIRVTNPNARL
;
Le
71 'polypeptide(L)'
;SGRLWSKAIFAGYKRGLRNQREHTALLKIEGVYARDETEFYLGKRCAYVYKAKNNTVTPGGKPNKTRVIWGKVTRAHGNS
GMVRAKFRSNLPAKAIGHRIRVMLYPSRI
;
Lf
72 'polypeptide(L)'
;VQRLTYRRRLSYNTASNKTRLSRTPGNRIVYLYTKKVGKAPKSACGVCPGRLRGVRAVRPKVLMRLSKTKKHVSRAYGGS
MCAKCVRDRIKRAFLIEEQKIVVKVLKAQAQSQK
;
Lg
73 'polypeptide(L)'
;AKIKARDLRGKKKEELLKQLDDLKVELSQLRVAKVTGGAASKLSKIRVVRKSIARVLTVINQTQKENLRKFYKGKKYKPL
DLRPKKTRAMRRRLNKHEENLKTKKQQRKERLYPLRKYAVKA
;
Lh
74 'polypeptide(L)'
;ALRYPMAVGLNKGHKVTKNVSKPRHSRRRGRLTKHTKFVRDMIREVCGFAPYERRAMELLKVSKDKRALKFIKKRVGTHI
RAKRKREELSNVLAAMRKAAAK
;
Li
75 'polypeptide(L)'
;TKGTSSFGKRRNKTHTLCRRCGSKAYHLQKSTCGKCGYPAKRKRKYNWSAKAKRRNTTGTGRMRHLKIVYRRFRHGFREG
TTPKPK
;
Lj
76 'polypeptide(L)' PRKIEEIKDFLLTARRKDAKSVKIKKNKDNVKFKVRCSRYLYTLVITDKEKAEKLKQSLPPGLAVKELK Lk
77 'polypeptide(L)' SSHKTFRIKRFLAKKQKQNRPIPQWIRMKTGNKIRYNSKRRHWRRTKLGL Ll
78 'polypeptide(L)' IIEPSLRQLAQKYNCDKMICRKCYARLHPRAVNCRKKKCGHTNNLRPKKKVK Lm
79 'polypeptide(L)' MRAKWRKKRMRRLKRKRRKMRQRS Ln
80 'polypeptide(L)'
;VNVPKTRRTFCKKCGKHQPHKVTQYKKGKDSLYAQGKRRYDRKQSGYGGQTKPIFRKKAKTTKKIVLRLECVEPNCRSKR
MLAIKRCKHFELGGDKKRKGQVIQF
;
Lo
81 'polypeptide(L)'
;AKRTKKVGIVGKYGTRYGASLRKMVKKIEISQHAKYTCSFCGKTKMKRRAVGIWHCGSCMKTVAGGAWTYNTTSAVTVKS
AIRRLKELKDQ
;
Lp
82 'polypeptide(L)'
;SAHLQWMVVRNCSSFLIKRNKQTYSTEPNNLKARNSFRYNGLIHRKTVGVEPAADGKGVVVVIKRRSGQRKPATSYVRTT
INKNARATLSSIRHMIRKNKYRPDLRMAAIRRASAILRSQKPVMV
;
Lr
83 'polypeptide(L)'
;DRATWKSNYFLKIIQLLDDYPKCFIVGADNVGSKQMQQIRMSLRGKAVVLMGKNTMMRKAIRGHLENNPALEKLLPHIRG
NVGFVFTKEDLTEIRDMLLANKVPAAARAGAIAPCEVTVPAQNTGLGPEKTSFFQALGITTKISRGTIEILSDVQLIKTG
DKVGASEATLLNMLNISPFSFGLVIQQVFDNGSIYN
;
Ls
84 'polypeptide(L)'
;PNEIKVVYLRCTGGEVGATSALAPKIGPLGLSPKKVGDDIAKATGDWKGLRITVKLTIQNRQAQIEVVPSASALIIKALK
EPPRDRKKQKNIKHSGNITFDEIVNIARQMRHRSLARELSGTIKEILGTAQSVGCNVDGRHPHDIIDDINSGAVECP
;
Lt
#
# COMPACT_ATOMS: atom_id res chain seq x y z
N GLY A 1 -96.49 -55.50 41.05
CA GLY A 1 -97.68 -56.26 41.38
C GLY A 1 -97.48 -57.24 42.52
N ALA A 2 -97.73 -56.77 43.74
CA ALA A 2 -97.57 -57.61 44.93
C ALA A 2 -98.74 -58.56 45.13
N LEU A 3 -99.79 -58.45 44.33
CA LEU A 3 -100.96 -59.31 44.46
C LEU A 3 -100.66 -60.70 43.95
N ASP A 4 -101.22 -61.72 44.63
CA ASP A 4 -101.07 -63.09 44.16
C ASP A 4 -101.78 -63.29 42.82
N VAL A 5 -102.94 -62.65 42.64
CA VAL A 5 -103.60 -62.67 41.34
C VAL A 5 -102.74 -62.00 40.29
N LEU A 6 -101.98 -60.98 40.68
CA LEU A 6 -101.07 -60.27 39.78
C LEU A 6 -99.69 -60.93 39.78
N GLN A 7 -99.67 -62.20 39.38
CA GLN A 7 -98.44 -62.97 39.36
C GLN A 7 -98.43 -63.86 38.13
N MET A 8 -97.23 -64.33 37.78
CA MET A 8 -97.08 -65.22 36.66
C MET A 8 -97.78 -66.55 36.92
N LYS A 9 -98.14 -67.22 35.83
CA LYS A 9 -98.68 -68.56 35.88
C LYS A 9 -97.75 -69.50 35.12
N GLU A 10 -97.97 -70.80 35.33
CA GLU A 10 -97.05 -71.81 34.79
C GLU A 10 -97.02 -71.77 33.27
N GLU A 11 -98.18 -71.59 32.63
CA GLU A 11 -98.24 -71.59 31.17
C GLU A 11 -97.49 -70.40 30.58
N ASP A 12 -97.46 -69.28 31.31
CA ASP A 12 -96.68 -68.13 30.84
C ASP A 12 -95.19 -68.34 31.05
N VAL A 13 -94.82 -69.07 32.11
CA VAL A 13 -93.42 -69.39 32.34
C VAL A 13 -92.88 -70.23 31.19
N LEU A 14 -93.64 -71.23 30.77
CA LEU A 14 -93.21 -72.09 29.67
C LEU A 14 -93.14 -71.32 28.35
N LYS A 15 -94.09 -70.41 28.14
CA LYS A 15 -94.10 -69.64 26.90
C LYS A 15 -92.85 -68.77 26.76
N PHE A 16 -92.43 -68.14 27.86
CA PHE A 16 -91.19 -67.39 27.83
C PHE A 16 -89.99 -68.30 27.55
N LEU A 17 -89.99 -69.48 28.16
CA LEU A 17 -88.88 -70.41 27.95
C LEU A 17 -88.85 -70.95 26.53
N ALA A 18 -90.02 -71.13 25.91
CA ALA A 18 -90.07 -71.71 24.57
C ALA A 18 -89.39 -70.82 23.54
N ALA A 19 -89.60 -69.51 23.63
CA ALA A 19 -89.04 -68.56 22.68
C ALA A 19 -87.66 -68.07 23.09
N GLY A 20 -87.11 -68.61 24.18
CA GLY A 20 -85.86 -68.08 24.73
C GLY A 20 -86.14 -67.02 25.75
N THR A 21 -86.09 -65.75 25.31
CA THR A 21 -86.56 -64.59 26.06
C THR A 21 -85.65 -64.27 27.25
N HIS A 22 -84.72 -65.16 27.57
CA HIS A 22 -83.75 -64.93 28.63
C HIS A 22 -82.32 -65.19 28.19
N LEU A 23 -82.11 -65.69 26.97
CA LEU A 23 -80.78 -65.86 26.41
C LEU A 23 -80.32 -64.51 25.88
N GLY A 24 -79.92 -63.64 26.81
CA GLY A 24 -79.59 -62.27 26.47
C GLY A 24 -78.30 -62.15 25.70
N GLY A 25 -77.97 -60.91 25.35
CA GLY A 25 -76.77 -60.65 24.58
C GLY A 25 -75.51 -60.88 25.39
N THR A 26 -74.40 -61.05 24.66
CA THR A 26 -73.13 -61.39 25.29
C THR A 26 -72.51 -60.23 26.04
N ASN A 27 -73.02 -59.01 25.90
CA ASN A 27 -72.50 -57.85 26.60
C ASN A 27 -73.52 -57.35 27.60
N LEU A 28 -73.04 -57.02 28.80
CA LEU A 28 -73.90 -56.61 29.91
C LEU A 28 -73.67 -55.14 30.23
N ASP A 29 -74.77 -54.38 30.28
CA ASP A 29 -74.70 -52.96 30.58
C ASP A 29 -74.84 -52.72 32.08
N PHE A 30 -74.28 -51.60 32.53
CA PHE A 30 -74.35 -51.25 33.95
C PHE A 30 -75.73 -50.73 34.33
N GLN A 31 -76.49 -50.18 33.39
CA GLN A 31 -77.87 -49.80 33.68
C GLN A 31 -78.78 -51.02 33.79
N MET A 32 -78.46 -52.09 33.06
CA MET A 32 -79.16 -53.37 33.19
C MET A 32 -78.45 -54.31 34.15
N GLU A 33 -77.42 -53.83 34.85
CA GLU A 33 -76.66 -54.68 35.76
C GLU A 33 -77.53 -55.20 36.89
N GLN A 34 -78.40 -54.35 37.43
CA GLN A 34 -79.33 -54.79 38.47
C GLN A 34 -80.50 -55.59 37.91
N TYR A 35 -80.60 -55.71 36.59
CA TYR A 35 -81.62 -56.55 35.97
C TYR A 35 -81.08 -57.92 35.57
N ILE A 36 -79.77 -58.15 35.65
CA ILE A 36 -79.21 -59.42 35.25
C ILE A 36 -79.37 -60.44 36.37
N TYR A 37 -79.28 -61.72 36.00
CA TYR A 37 -79.32 -62.82 36.97
C TYR A 37 -77.99 -63.53 37.08
N LYS A 38 -77.46 -64.05 35.97
CA LYS A 38 -76.22 -64.79 35.98
C LYS A 38 -75.75 -64.97 34.55
N ARG A 39 -74.52 -65.44 34.40
CA ARG A 39 -73.90 -65.65 33.09
C ARG A 39 -73.56 -67.12 32.92
N LYS A 40 -73.85 -67.65 31.74
CA LYS A 40 -73.48 -69.03 31.45
C LYS A 40 -72.01 -69.11 31.03
N SER A 41 -71.55 -70.34 30.83
CA SER A 41 -70.16 -70.56 30.43
C SER A 41 -69.88 -70.02 29.04
N ASP A 42 -70.89 -70.00 28.17
CA ASP A 42 -70.70 -69.57 26.79
C ASP A 42 -70.80 -68.06 26.62
N GLY A 43 -71.01 -67.32 27.71
CA GLY A 43 -71.04 -65.88 27.67
C GLY A 43 -72.42 -65.28 27.52
N ILE A 44 -73.42 -66.08 27.17
CA ILE A 44 -74.78 -65.57 27.02
C ILE A 44 -75.34 -65.27 28.39
N TYR A 45 -75.64 -63.99 28.63
CA TYR A 45 -76.17 -63.58 29.92
C TYR A 45 -77.62 -64.03 30.07
N ILE A 46 -78.04 -64.14 31.33
CA ILE A 46 -79.38 -64.62 31.66
C ILE A 46 -80.10 -63.56 32.48
N ILE A 47 -81.30 -63.18 32.04
CA ILE A 47 -82.11 -62.18 32.71
C ILE A 47 -82.87 -62.83 33.86
N ASN A 48 -83.46 -62.01 34.72
CA ASN A 48 -84.30 -62.47 35.82
C ASN A 48 -85.76 -62.31 35.39
N LEU A 49 -86.44 -63.44 35.18
CA LEU A 49 -87.81 -63.40 34.68
C LEU A 49 -88.78 -62.82 35.70
N LYS A 50 -88.51 -63.01 36.99
CA LYS A 50 -89.34 -62.41 38.02
C LYS A 50 -89.27 -60.88 37.94
N ARG A 51 -88.08 -60.35 37.72
CA ARG A 51 -87.94 -58.91 37.48
C ARG A 51 -88.66 -58.50 36.21
N THR A 52 -88.64 -59.36 35.19
CA THR A 52 -89.30 -59.05 33.93
C THR A 52 -90.80 -58.87 34.12
N TRP A 53 -91.42 -59.78 34.89
CA TRP A 53 -92.87 -59.70 35.08
C TRP A 53 -93.27 -58.43 35.80
N GLU A 54 -92.56 -58.10 36.88
CA GLU A 54 -92.92 -56.92 37.67
C GLU A 54 -92.77 -55.65 36.86
N LYS A 55 -91.70 -55.55 36.06
CA LYS A 55 -91.55 -54.39 35.19
C LYS A 55 -92.65 -54.35 34.14
N LEU A 56 -93.03 -55.52 33.61
CA LEU A 56 -94.10 -55.56 32.62
C LEU A 56 -95.43 -55.14 33.23
N LEU A 57 -95.67 -55.50 34.50
CA LEU A 57 -96.85 -54.97 35.18
C LEU A 57 -96.74 -53.46 35.34
N LEU A 58 -95.54 -52.96 35.64
CA LEU A 58 -95.36 -51.51 35.75
C LEU A 58 -95.65 -50.81 34.43
N ALA A 59 -95.20 -51.39 33.32
CA ALA A 59 -95.50 -50.80 32.02
C ALA A 59 -96.99 -50.83 31.74
N ALA A 60 -97.66 -51.93 32.08
CA ALA A 60 -99.10 -52.04 31.82
C ALA A 60 -99.88 -51.00 32.63
N ARG A 61 -99.48 -50.78 33.88
CA ARG A 61 -100.18 -49.80 34.71
C ARG A 61 -100.04 -48.40 34.14
N ALA A 62 -98.86 -48.06 33.62
CA ALA A 62 -98.67 -46.76 32.97
C ALA A 62 -99.51 -46.67 31.70
N ILE A 63 -99.64 -47.78 30.97
CA ILE A 63 -100.41 -47.76 29.72
C ILE A 63 -101.88 -47.49 30.02
N VAL A 64 -102.46 -48.22 30.97
CA VAL A 64 -103.88 -48.07 31.28
C VAL A 64 -104.18 -46.79 32.02
N ALA A 65 -103.16 -46.03 32.44
CA ALA A 65 -103.38 -44.79 33.17
C ALA A 65 -103.93 -43.68 32.29
N ILE A 66 -103.97 -43.87 30.97
CA ILE A 66 -104.43 -42.85 30.04
C ILE A 66 -105.84 -43.20 29.57
N GLU A 67 -106.76 -42.26 29.70
CA GLU A 67 -108.13 -42.45 29.27
C GLU A 67 -108.31 -42.25 27.76
N ASN A 68 -107.25 -41.87 27.05
CA ASN A 68 -107.25 -41.78 25.59
C ASN A 68 -106.41 -42.93 25.06
N PRO A 69 -107.02 -44.08 24.77
CA PRO A 69 -106.23 -45.23 24.27
C PRO A 69 -105.56 -44.96 22.93
N ALA A 70 -106.08 -44.01 22.14
CA ALA A 70 -105.44 -43.66 20.89
C ALA A 70 -104.20 -42.82 21.12
N ASP A 71 -104.13 -42.10 22.25
CA ASP A 71 -103.02 -41.19 22.49
C ASP A 71 -101.70 -41.93 22.59
N VAL A 72 -101.67 -43.06 23.31
CA VAL A 72 -100.45 -43.85 23.37
C VAL A 72 -100.18 -44.45 22.00
N SER A 73 -98.92 -44.40 21.58
CA SER A 73 -98.50 -44.85 20.27
C SER A 73 -97.38 -45.87 20.40
N VAL A 74 -97.31 -46.78 19.42
CA VAL A 74 -96.31 -47.84 19.40
C VAL A 74 -95.45 -47.65 18.16
N ILE A 75 -94.15 -47.88 18.29
CA ILE A 75 -93.20 -47.67 17.20
C ILE A 75 -92.25 -48.85 17.09
N SER A 76 -91.69 -49.02 15.89
CA SER A 76 -90.70 -50.06 15.62
C SER A 76 -90.00 -49.78 14.30
N SER A 77 -88.67 -49.78 14.28
CA SER A 77 -87.91 -49.57 13.06
C SER A 77 -87.35 -50.86 12.48
N ARG A 78 -87.43 -51.97 13.20
CA ARG A 78 -86.94 -53.25 12.72
C ARG A 78 -88.11 -54.13 12.32
N ASN A 79 -87.86 -54.97 11.31
CA ASN A 79 -88.91 -55.87 10.82
C ASN A 79 -89.32 -56.88 11.89
N THR A 80 -88.38 -57.29 12.74
CA THR A 80 -88.65 -58.27 13.79
C THR A 80 -89.44 -57.58 14.91
N GLY A 81 -90.74 -57.42 14.66
CA GLY A 81 -91.61 -56.79 15.63
C GLY A 81 -92.66 -55.90 15.02
N GLN A 82 -92.53 -55.64 13.71
CA GLN A 82 -93.51 -54.79 13.03
C GLN A 82 -94.88 -55.45 12.99
N ARG A 83 -94.93 -56.77 12.85
CA ARG A 83 -96.25 -57.45 12.89
C ARG A 83 -96.84 -57.27 14.28
N ALA A 84 -96.01 -57.44 15.30
CA ALA A 84 -96.51 -57.41 16.67
C ALA A 84 -97.18 -56.07 16.99
N VAL A 85 -96.55 -54.97 16.59
CA VAL A 85 -97.06 -53.65 16.99
C VAL A 85 -98.38 -53.33 16.29
N LEU A 86 -98.56 -53.77 15.04
CA LEU A 86 -99.84 -53.55 14.37
C LEU A 86 -100.95 -54.33 15.05
N LYS A 87 -100.68 -55.58 15.43
CA LYS A 87 -101.67 -56.35 16.17
C LYS A 87 -101.89 -55.78 17.56
N PHE A 88 -100.81 -55.27 18.18
CA PHE A 88 -100.93 -54.62 19.48
C PHE A 88 -101.80 -53.37 19.38
N ALA A 89 -101.48 -52.48 18.44
CA ALA A 89 -102.21 -51.22 18.34
C ALA A 89 -103.67 -51.44 17.97
N ALA A 90 -103.94 -52.42 17.11
CA ALA A 90 -105.33 -52.75 16.79
C ALA A 90 -106.06 -53.26 18.03
N ALA A 91 -105.42 -54.11 18.82
CA ALA A 91 -106.06 -54.68 20.00
C ALA A 91 -106.22 -53.64 21.10
N THR A 92 -105.16 -52.87 21.37
CA THR A 92 -105.13 -51.94 22.49
C THR A 92 -105.54 -50.52 22.08
N GLY A 93 -105.91 -50.30 20.83
CA GLY A 93 -106.32 -48.98 20.40
C GLY A 93 -105.20 -47.98 20.23
N ALA A 94 -103.95 -48.43 20.26
CA ALA A 94 -102.81 -47.53 20.16
C ALA A 94 -102.60 -47.09 18.71
N THR A 95 -101.70 -46.13 18.55
CA THR A 95 -101.35 -45.62 17.22
C THR A 95 -100.17 -46.40 16.68
N PRO A 96 -100.30 -47.10 15.57
CA PRO A 96 -99.18 -47.91 15.05
C PRO A 96 -98.27 -47.13 14.11
N ILE A 97 -96.97 -47.22 14.36
CA ILE A 97 -95.96 -46.64 13.48
C ILE A 97 -94.90 -47.71 13.23
N ALA A 98 -94.67 -48.04 11.97
CA ALA A 98 -93.69 -49.05 11.60
C ALA A 98 -92.91 -48.57 10.38
N GLY A 99 -91.95 -49.37 9.96
CA GLY A 99 -91.13 -48.99 8.82
C GLY A 99 -90.26 -47.79 9.16
N ARG A 100 -90.33 -46.76 8.33
CA ARG A 100 -89.52 -45.56 8.52
C ARG A 100 -90.23 -44.58 9.44
N PHE A 101 -89.57 -44.21 10.52
CA PHE A 101 -90.04 -43.14 11.40
C PHE A 101 -89.44 -41.84 10.91
N THR A 102 -90.27 -40.96 10.36
CA THR A 102 -89.77 -39.71 9.83
C THR A 102 -89.39 -38.78 10.99
N PRO A 103 -88.29 -38.03 10.88
CA PRO A 103 -87.87 -37.16 11.96
C PRO A 103 -88.82 -35.99 12.13
N GLY A 104 -88.79 -35.39 13.31
CA GLY A 104 -89.67 -34.29 13.62
C GLY A 104 -91.14 -34.66 13.69
N THR A 105 -91.45 -35.95 13.83
CA THR A 105 -92.84 -36.37 13.95
C THR A 105 -93.48 -35.77 15.20
N PHE A 106 -92.76 -35.77 16.30
CA PHE A 106 -93.23 -35.18 17.55
C PHE A 106 -92.74 -33.75 17.73
N THR A 107 -91.96 -33.22 16.79
CA THR A 107 -91.29 -31.94 16.97
C THR A 107 -91.79 -30.89 15.98
N ASN A 108 -91.71 -31.16 14.68
CA ASN A 108 -92.16 -30.20 13.68
C ASN A 108 -93.67 -30.27 13.57
N GLN A 109 -94.33 -29.12 13.66
CA GLN A 109 -95.78 -29.03 13.77
C GLN A 109 -96.47 -28.66 12.46
N ILE A 110 -95.73 -28.60 11.36
CA ILE A 110 -96.31 -28.16 10.09
C ILE A 110 -96.90 -29.33 9.32
N GLN A 111 -96.16 -30.41 9.18
CA GLN A 111 -96.61 -31.54 8.39
C GLN A 111 -97.78 -32.25 9.05
N ALA A 112 -98.59 -32.92 8.22
CA ALA A 112 -99.80 -33.57 8.73
C ALA A 112 -99.46 -34.79 9.57
N ALA A 113 -98.28 -35.38 9.38
CA ALA A 113 -97.86 -36.52 10.19
C ALA A 113 -97.54 -36.13 11.63
N PHE A 114 -97.48 -34.84 11.92
CA PHE A 114 -97.19 -34.37 13.28
C PHE A 114 -98.23 -34.88 14.26
N ARG A 115 -97.76 -35.41 15.38
CA ARG A 115 -98.63 -36.04 16.37
C ARG A 115 -97.93 -35.99 17.72
N GLU A 116 -98.74 -35.88 18.78
CA GLU A 116 -98.24 -35.63 20.13
C GLU A 116 -98.77 -36.69 21.08
N PRO A 117 -98.19 -37.89 21.06
CA PRO A 117 -98.61 -38.93 22.01
C PRO A 117 -98.24 -38.55 23.43
N ARG A 118 -99.07 -38.99 24.37
CA ARG A 118 -98.75 -38.86 25.79
C ARG A 118 -97.99 -40.06 26.32
N LEU A 119 -97.82 -41.11 25.51
CA LEU A 119 -97.09 -42.29 25.92
C LEU A 119 -96.50 -42.94 24.68
N LEU A 120 -95.25 -43.36 24.77
CA LEU A 120 -94.50 -43.88 23.63
C LEU A 120 -93.98 -45.27 23.99
N VAL A 121 -94.64 -46.30 23.47
CA VAL A 121 -94.19 -47.67 23.65
C VAL A 121 -93.20 -47.99 22.55
N VAL A 122 -91.97 -48.31 22.91
CA VAL A 122 -90.83 -48.27 22.00
C VAL A 122 -90.21 -49.66 21.91
N THR A 123 -89.76 -50.03 20.71
CA THR A 123 -89.03 -51.26 20.46
C THR A 123 -87.56 -50.98 20.82
N ASP A 124 -86.61 -51.81 20.35
CA ASP A 124 -85.18 -51.73 20.60
C ASP A 124 -84.68 -50.29 20.58
N PRO A 125 -84.14 -49.78 21.71
CA PRO A 125 -83.65 -48.40 21.72
C PRO A 125 -82.53 -48.12 20.74
N ARG A 126 -81.65 -49.09 20.50
CA ARG A 126 -80.60 -48.89 19.51
C ARG A 126 -81.19 -48.73 18.11
N ALA A 127 -82.22 -49.52 17.79
CA ALA A 127 -82.91 -49.34 16.52
C ALA A 127 -83.72 -48.05 16.53
N ASP A 128 -84.48 -47.82 17.59
CA ASP A 128 -85.33 -46.63 17.71
C ASP A 128 -84.62 -45.51 18.47
N HIS A 129 -83.41 -45.14 18.04
CA HIS A 129 -82.69 -44.08 18.74
C HIS A 129 -83.27 -42.71 18.42
N GLN A 130 -83.68 -42.49 17.17
CA GLN A 130 -84.24 -41.19 16.79
C GLN A 130 -85.54 -40.85 17.51
N PRO A 131 -86.56 -41.71 17.55
CA PRO A 131 -87.80 -41.30 18.23
C PRO A 131 -87.64 -41.10 19.72
N LEU A 132 -86.68 -41.76 20.36
CA LEU A 132 -86.42 -41.52 21.77
C LEU A 132 -85.97 -40.09 22.00
N THR A 133 -85.13 -39.57 21.11
CA THR A 133 -84.65 -38.19 21.26
C THR A 133 -85.79 -37.19 21.11
N GLU A 134 -86.72 -37.44 20.19
CA GLU A 134 -87.85 -36.54 20.01
C GLU A 134 -88.71 -36.46 21.26
N ALA A 135 -88.78 -37.55 22.03
CA ALA A 135 -89.56 -37.54 23.27
C ALA A 135 -88.99 -36.55 24.28
N SER A 136 -87.70 -36.26 24.22
CA SER A 136 -87.05 -35.34 25.13
C SER A 136 -87.34 -33.87 24.80
N TYR A 137 -88.28 -33.60 23.90
CA TYR A 137 -88.68 -32.24 23.59
C TYR A 137 -90.15 -31.95 23.86
N VAL A 138 -90.95 -32.96 24.20
CA VAL A 138 -92.39 -32.77 24.26
C VAL A 138 -92.95 -33.35 25.56
N ASN A 139 -92.07 -33.63 26.52
CA ASN A 139 -92.43 -34.22 27.80
C ASN A 139 -93.16 -35.56 27.60
N LEU A 140 -92.43 -36.50 27.01
CA LEU A 140 -93.02 -37.78 26.63
C LEU A 140 -92.35 -38.92 27.37
N PRO A 141 -92.98 -39.50 28.39
CA PRO A 141 -92.46 -40.74 28.98
C PRO A 141 -92.48 -41.87 27.96
N THR A 142 -91.44 -42.71 28.00
CA THR A 142 -91.24 -43.75 27.00
C THR A 142 -91.11 -45.11 27.68
N ILE A 143 -91.92 -46.06 27.24
CA ILE A 143 -91.79 -47.46 27.62
C ILE A 143 -91.08 -48.16 26.48
N ALA A 144 -89.84 -48.57 26.69
CA ALA A 144 -89.03 -49.16 25.64
C ALA A 144 -88.65 -50.59 25.99
N LEU A 145 -88.35 -51.36 24.95
CA LEU A 145 -87.80 -52.69 25.13
C LEU A 145 -86.33 -52.55 25.50
N CYS A 146 -85.57 -53.65 25.46
CA CYS A 146 -84.22 -53.59 26.00
C CYS A 146 -83.37 -54.68 25.36
N ASN A 147 -82.18 -54.86 25.93
CA ASN A 147 -81.30 -56.00 25.73
C ASN A 147 -80.26 -55.87 26.83
N THR A 148 -79.40 -56.89 26.96
CA THR A 148 -78.39 -56.85 28.00
C THR A 148 -77.33 -55.77 27.74
N ASP A 149 -77.23 -55.29 26.50
CA ASP A 149 -76.29 -54.23 26.14
C ASP A 149 -76.98 -53.01 25.56
N SER A 150 -78.28 -52.84 25.84
CA SER A 150 -79.02 -51.72 25.29
C SER A 150 -78.94 -50.53 26.23
N PRO A 151 -78.42 -49.39 25.79
CA PRO A 151 -78.36 -48.21 26.67
C PRO A 151 -79.74 -47.67 26.98
N LEU A 152 -79.82 -46.96 28.10
CA LEU A 152 -81.07 -46.40 28.61
C LEU A 152 -80.89 -44.90 28.88
N ARG A 153 -80.36 -44.18 27.89
CA ARG A 153 -80.19 -42.73 28.02
C ARG A 153 -81.51 -42.05 28.35
N TYR A 154 -82.54 -42.32 27.54
CA TYR A 154 -83.85 -41.70 27.74
C TYR A 154 -84.92 -42.71 28.13
N VAL A 155 -84.60 -44.00 28.18
CA VAL A 155 -85.59 -45.01 28.52
C VAL A 155 -85.95 -44.89 30.00
N ASP A 156 -87.23 -45.07 30.31
CA ASP A 156 -87.73 -44.85 31.66
C ASP A 156 -88.38 -46.07 32.28
N ILE A 157 -89.12 -46.87 31.50
CA ILE A 157 -89.89 -47.97 32.05
C ILE A 157 -89.43 -49.27 31.38
N ALA A 158 -88.13 -49.38 31.13
CA ALA A 158 -87.57 -50.57 30.50
C ALA A 158 -87.96 -51.84 31.26
N ILE A 159 -88.44 -52.83 30.52
CA ILE A 159 -88.82 -54.13 31.04
C ILE A 159 -87.75 -55.13 30.60
N PRO A 160 -86.95 -55.71 31.53
CA PRO A 160 -85.90 -56.66 31.16
C PRO A 160 -86.32 -57.68 30.12
N CYS A 161 -85.63 -57.69 28.99
CA CYS A 161 -86.17 -58.35 27.81
C CYS A 161 -85.05 -58.84 26.91
N ASN A 162 -85.40 -59.74 26.00
CA ASN A 162 -84.55 -60.15 24.90
C ASN A 162 -85.21 -59.68 23.61
N ASN A 163 -84.48 -58.90 22.81
CA ASN A 163 -84.97 -58.43 21.53
C ASN A 163 -84.27 -59.08 20.35
N LYS A 164 -83.28 -59.94 20.60
CA LYS A 164 -82.60 -60.62 19.50
C LYS A 164 -83.53 -61.58 18.79
N GLY A 165 -84.25 -62.42 19.53
CA GLY A 165 -85.16 -63.37 18.93
C GLY A 165 -86.50 -62.76 18.60
N ALA A 166 -86.91 -62.86 17.33
CA ALA A 166 -88.21 -62.33 16.93
C ALA A 166 -89.35 -63.06 17.64
N HIS A 167 -89.13 -64.31 18.02
CA HIS A 167 -90.13 -65.05 18.77
C HIS A 167 -90.40 -64.40 20.12
N SER A 168 -89.32 -64.00 20.82
CA SER A 168 -89.47 -63.40 22.13
C SER A 168 -90.15 -62.03 22.05
N VAL A 169 -89.84 -61.27 21.00
CA VAL A 169 -90.37 -59.91 20.88
C VAL A 169 -91.88 -59.94 20.74
N GLY A 170 -92.39 -60.74 19.79
CA GLY A 170 -93.83 -60.83 19.60
C GLY A 170 -94.55 -61.41 20.79
N LEU A 171 -93.91 -62.39 21.45
CA LEU A 171 -94.50 -62.98 22.65
C LEU A 171 -94.66 -61.95 23.75
N MET A 172 -93.63 -61.13 23.99
CA MET A 172 -93.73 -60.09 25.00
C MET A 172 -94.77 -59.04 24.61
N TRP A 173 -94.84 -58.73 23.32
CA TRP A 173 -95.87 -57.82 22.83
C TRP A 173 -97.26 -58.39 23.10
N TRP A 174 -97.44 -59.69 22.81
CA TRP A 174 -98.72 -60.33 23.06
C TRP A 174 -99.03 -60.42 24.55
N MET A 175 -98.03 -60.75 25.36
CA MET A 175 -98.23 -60.79 26.81
C MET A 175 -98.56 -59.42 27.36
N LEU A 176 -97.89 -58.38 26.86
CA LEU A 176 -98.25 -57.02 27.24
C LEU A 176 -99.66 -56.67 26.78
N ALA A 177 -100.03 -57.11 25.57
CA ALA A 177 -101.37 -56.84 25.07
C ALA A 177 -102.43 -57.48 25.95
N ARG A 178 -102.20 -58.71 26.39
CA ARG A 178 -103.15 -59.37 27.27
C ARG A 178 -103.25 -58.65 28.61
N GLU A 179 -102.10 -58.23 29.16
CA GLU A 179 -102.10 -57.62 30.49
C GLU A 179 -102.84 -56.29 30.51
N VAL A 180 -102.62 -55.45 29.51
CA VAL A 180 -103.31 -54.16 29.48
C VAL A 180 -104.80 -54.35 29.26
N LEU A 181 -105.17 -55.35 28.46
CA LEU A 181 -106.59 -55.66 28.28
C LEU A 181 -107.19 -56.30 29.51
N ARG A 182 -106.40 -57.10 30.24
CA ARG A 182 -106.90 -57.72 31.45
C ARG A 182 -107.04 -56.72 32.59
N MET A 183 -106.12 -55.75 32.67
CA MET A 183 -106.28 -54.67 33.64
C MET A 183 -107.50 -53.82 33.31
N ARG A 184 -107.71 -53.54 32.03
CA ARG A 184 -108.92 -52.85 31.61
C ARG A 184 -110.12 -53.80 31.68
N GLY A 185 -111.31 -53.22 31.57
CA GLY A 185 -112.53 -54.00 31.67
C GLY A 185 -112.88 -54.74 30.39
N THR A 186 -112.01 -55.65 29.96
CA THR A 186 -112.24 -56.45 28.77
C THR A 186 -112.15 -57.94 29.02
N ILE A 187 -111.21 -58.39 29.84
CA ILE A 187 -111.00 -59.80 30.13
C ILE A 187 -111.14 -60.01 31.63
N SER A 188 -111.90 -61.05 32.01
CA SER A 188 -112.24 -61.28 33.41
C SER A 188 -111.15 -62.01 34.19
N ARG A 189 -110.04 -62.35 33.56
CA ARG A 189 -108.80 -62.89 34.11
C ARG A 189 -108.87 -64.39 34.45
N GLU A 190 -110.02 -65.05 34.33
CA GLU A 190 -110.03 -66.49 34.55
C GLU A 190 -109.50 -67.23 33.33
N HIS A 191 -110.20 -67.11 32.21
CA HIS A 191 -109.78 -67.81 31.00
C HIS A 191 -108.63 -67.07 30.33
N PRO A 192 -107.72 -67.80 29.69
CA PRO A 192 -106.66 -67.15 28.92
C PRO A 192 -107.21 -66.47 27.68
N TRP A 193 -106.41 -65.56 27.13
CA TRP A 193 -106.81 -64.84 25.93
C TRP A 193 -106.88 -65.80 24.74
N GLU A 194 -107.94 -65.65 23.93
CA GLU A 194 -108.12 -66.52 22.78
C GLU A 194 -107.13 -66.23 21.66
N VAL A 195 -106.46 -65.08 21.69
CA VAL A 195 -105.54 -64.73 20.63
C VAL A 195 -104.30 -65.59 20.73
N MET A 196 -104.00 -66.31 19.64
CA MET A 196 -102.85 -67.21 19.64
C MET A 196 -101.56 -66.41 19.57
N PRO A 197 -100.55 -66.76 20.38
CA PRO A 197 -99.36 -65.89 20.50
C PRO A 197 -98.59 -65.67 19.21
N ASP A 198 -98.55 -66.65 18.30
CA ASP A 198 -97.74 -66.47 17.09
C ASP A 198 -98.35 -65.46 16.13
N LEU A 199 -99.57 -65.00 16.38
CA LEU A 199 -100.14 -63.91 15.60
C LEU A 199 -99.23 -62.69 15.63
N TYR A 200 -98.66 -62.39 16.78
CA TYR A 200 -97.74 -61.27 16.91
C TYR A 200 -96.34 -61.59 16.39
N PHE A 201 -96.06 -62.85 16.07
CA PHE A 201 -94.72 -63.22 15.63
C PHE A 201 -94.47 -62.71 14.22
N TYR A 202 -93.35 -62.02 14.04
CA TYR A 202 -92.95 -61.61 12.70
C TYR A 202 -92.51 -62.83 11.90
N ARG A 203 -92.92 -62.81 10.62
CA ARG A 203 -92.61 -63.96 9.73
C ARG A 203 -91.53 -63.53 8.74
N ASP A 204 -90.52 -64.38 8.56
CA ASP A 204 -89.42 -64.08 7.65
C ASP A 204 -89.92 -64.06 6.21
N PRO A 205 -89.35 -63.19 5.36
CA PRO A 205 -89.78 -63.17 3.95
C PRO A 205 -89.62 -64.49 3.23
N GLU A 206 -88.56 -65.25 3.55
CA GLU A 206 -88.39 -66.57 2.94
C GLU A 206 -89.49 -67.53 3.38
N GLU A 207 -89.90 -67.47 4.64
CA GLU A 207 -90.98 -68.31 5.15
C GLU A 207 -92.35 -67.82 4.69
N ILE A 208 -92.55 -66.51 4.68
CA ILE A 208 -93.90 -65.97 4.34
C ILE A 208 -94.24 -66.33 2.88
N GLU A 209 -93.23 -66.51 2.03
CA GLU A 209 -93.46 -66.78 0.62
C GLU A 209 -93.66 -68.26 0.32
N LYS A 210 -93.03 -69.14 1.10
CA LYS A 210 -93.08 -70.57 0.85
C LYS A 210 -94.11 -71.31 1.71
N GLU A 211 -94.87 -70.60 2.53
CA GLU A 211 -95.80 -71.26 3.44
C GLU A 211 -97.25 -71.19 3.00
N GLU A 212 -97.62 -70.10 2.32
CA GLU A 212 -99.02 -69.98 1.80
C GLU A 212 -99.22 -71.03 0.71
N GLN A 213 -98.15 -71.36 -0.03
CA GLN A 213 -98.25 -72.39 -1.04
C GLN A 213 -98.33 -73.77 -0.40
N ALA A 214 -97.57 -74.00 0.68
CA ALA A 214 -97.64 -75.26 1.37
C ALA A 214 -98.98 -75.45 2.07
N ALA A 215 -99.53 -74.38 2.64
CA ALA A 215 -100.83 -74.47 3.30
C ALA A 215 -101.93 -74.75 2.30
N ALA A 216 -101.86 -74.13 1.12
CA ALA A 216 -102.92 -74.33 0.12
C ALA A 216 -102.84 -75.71 -0.50
N GLU A 217 -101.63 -76.20 -0.79
CA GLU A 217 -101.48 -77.47 -1.47
C GLU A 217 -101.96 -78.63 -0.62
N LYS A 218 -101.65 -78.62 0.68
CA LYS A 218 -102.02 -79.72 1.55
C LYS A 218 -103.47 -79.63 2.04
N ALA A 219 -104.13 -78.49 1.83
CA ALA A 219 -105.54 -78.37 2.15
C ALA A 219 -106.46 -78.65 0.98
N VAL A 220 -105.90 -78.90 -0.22
CA VAL A 220 -106.70 -79.24 -1.39
C VAL A 220 -106.36 -80.66 -1.83
N THR A 221 -105.15 -81.12 -1.51
CA THR A 221 -104.73 -82.48 -1.83
C THR A 221 -104.25 -83.22 -0.59
N VAL B 1 -11.92 -63.03 -31.45
CA VAL B 1 -11.92 -63.77 -32.70
C VAL B 1 -12.03 -65.28 -32.42
N VAL B 2 -11.41 -65.72 -31.32
CA VAL B 2 -11.40 -67.12 -30.93
C VAL B 2 -12.15 -67.25 -29.60
N ASP B 3 -12.96 -68.32 -29.47
CA ASP B 3 -13.70 -68.47 -28.22
C ASP B 3 -13.02 -69.44 -27.26
N PRO B 4 -13.21 -69.24 -25.95
CA PRO B 4 -12.65 -70.19 -24.98
C PRO B 4 -13.47 -71.45 -24.81
N PHE B 5 -14.72 -71.47 -25.27
CA PHE B 5 -15.60 -72.61 -25.06
C PHE B 5 -15.10 -73.87 -25.75
N SER B 6 -14.28 -73.72 -26.80
CA SER B 6 -13.69 -74.89 -27.44
C SER B 6 -12.76 -75.63 -26.49
N LYS B 7 -12.02 -74.88 -25.67
CA LYS B 7 -11.03 -75.47 -24.76
C LYS B 7 -11.63 -75.82 -23.40
N LYS B 8 -12.94 -76.05 -23.33
CA LYS B 8 -13.60 -76.41 -22.08
C LYS B 8 -14.04 -77.87 -22.10
N ASP B 9 -13.94 -78.50 -20.94
CA ASP B 9 -14.44 -79.86 -20.74
C ASP B 9 -15.39 -79.89 -19.55
N TRP B 10 -16.36 -80.78 -19.61
CA TRP B 10 -17.42 -80.83 -18.63
C TRP B 10 -17.17 -81.92 -17.60
N TYR B 11 -17.60 -81.65 -16.37
CA TYR B 11 -17.42 -82.58 -15.25
C TYR B 11 -18.74 -82.75 -14.53
N ASP B 12 -18.97 -83.96 -14.04
CA ASP B 12 -20.22 -84.32 -13.38
C ASP B 12 -20.06 -84.18 -11.87
N VAL B 13 -21.01 -83.51 -11.25
CA VAL B 13 -21.00 -83.32 -9.80
C VAL B 13 -21.54 -84.59 -9.14
N LYS B 14 -20.79 -85.12 -8.18
CA LYS B 14 -21.16 -86.33 -7.47
C LYS B 14 -21.41 -85.99 -6.00
N ALA B 15 -22.61 -86.34 -5.52
CA ALA B 15 -22.95 -86.11 -4.13
C ALA B 15 -22.33 -87.19 -3.24
N PRO B 16 -22.13 -86.89 -1.95
CA PRO B 16 -21.67 -87.93 -1.03
C PRO B 16 -22.73 -88.99 -0.78
N ALA B 17 -22.29 -90.09 -0.18
CA ALA B 17 -23.17 -91.23 0.06
C ALA B 17 -24.22 -90.97 1.13
N MET B 18 -24.14 -89.83 1.84
CA MET B 18 -25.15 -89.51 2.84
C MET B 18 -26.53 -89.31 2.26
N PHE B 19 -26.63 -89.08 0.94
CA PHE B 19 -27.89 -88.94 0.25
C PHE B 19 -28.18 -90.18 -0.58
N ASN B 20 -29.42 -90.27 -1.08
CA ASN B 20 -29.79 -91.31 -2.02
C ASN B 20 -29.66 -90.86 -3.47
N ILE B 21 -29.29 -89.61 -3.71
CA ILE B 21 -29.15 -89.06 -5.05
C ILE B 21 -27.72 -88.60 -5.23
N ARG B 22 -27.09 -89.01 -6.34
CA ARG B 22 -25.67 -88.75 -6.59
C ARG B 22 -25.45 -87.62 -7.59
N ASN B 23 -26.05 -87.74 -8.77
CA ASN B 23 -25.79 -86.76 -9.83
C ASN B 23 -26.46 -85.43 -9.54
N ILE B 24 -25.72 -84.51 -8.93
CA ILE B 24 -26.25 -83.18 -8.65
C ILE B 24 -26.43 -82.40 -9.94
N GLY B 25 -25.41 -82.39 -10.79
CA GLY B 25 -25.46 -81.61 -12.02
C GLY B 25 -24.13 -81.65 -12.73
N LYS B 26 -23.93 -80.66 -13.61
CA LYS B 26 -22.73 -80.56 -14.41
C LYS B 26 -22.06 -79.20 -14.23
N THR B 27 -20.73 -79.21 -14.34
CA THR B 27 -19.92 -78.01 -14.34
C THR B 27 -18.95 -78.08 -15.52
N LEU B 28 -18.13 -77.06 -15.67
CA LEU B 28 -17.15 -77.04 -16.75
C LEU B 28 -15.95 -76.22 -16.30
N VAL B 29 -14.84 -76.41 -17.01
CA VAL B 29 -13.60 -75.70 -16.73
C VAL B 29 -12.76 -75.77 -18.00
N THR B 30 -11.80 -74.86 -18.12
CA THR B 30 -10.86 -74.92 -19.23
C THR B 30 -9.97 -76.14 -19.12
N ARG B 31 -9.51 -76.63 -20.26
CA ARG B 31 -8.64 -77.81 -20.27
C ARG B 31 -7.27 -77.46 -19.71
N THR B 32 -6.63 -78.48 -19.12
CA THR B 32 -5.34 -78.29 -18.48
C THR B 32 -4.26 -78.05 -19.54
N GLN B 33 -3.79 -76.81 -19.63
CA GLN B 33 -2.70 -76.47 -20.53
C GLN B 33 -1.94 -75.30 -19.93
N GLY B 34 -0.68 -75.18 -20.34
CA GLY B 34 0.17 -74.17 -19.73
C GLY B 34 0.54 -74.56 -18.30
N THR B 35 0.69 -73.54 -17.46
CA THR B 35 1.07 -73.74 -16.07
C THR B 35 -0.12 -73.96 -15.14
N LYS B 36 -1.34 -73.88 -15.65
CA LYS B 36 -2.54 -74.02 -14.83
C LYS B 36 -3.06 -75.45 -14.91
N ILE B 37 -3.54 -75.96 -13.79
CA ILE B 37 -4.13 -77.29 -13.69
C ILE B 37 -5.60 -77.13 -13.35
N ALA B 38 -6.47 -77.78 -14.14
CA ALA B 38 -7.90 -77.64 -13.95
C ALA B 38 -8.40 -78.28 -12.66
N SER B 39 -7.66 -79.26 -12.12
CA SER B 39 -8.12 -79.96 -10.93
C SER B 39 -8.17 -79.02 -9.72
N ASP B 40 -7.10 -78.26 -9.49
CA ASP B 40 -7.11 -77.30 -8.39
C ASP B 40 -8.07 -76.16 -8.67
N GLY B 41 -8.21 -75.77 -9.94
CA GLY B 41 -9.23 -74.80 -10.30
C GLY B 41 -10.63 -75.31 -10.02
N LEU B 42 -10.87 -76.59 -10.28
CA LEU B 42 -12.16 -77.19 -9.98
C LEU B 42 -12.40 -77.32 -8.48
N LYS B 43 -11.33 -77.38 -7.69
CA LYS B 43 -11.49 -77.55 -6.25
C LYS B 43 -12.05 -76.28 -5.62
N GLY B 44 -12.70 -76.45 -4.47
CA GLY B 44 -13.23 -75.34 -3.71
C GLY B 44 -14.33 -74.55 -4.39
N ARG B 45 -15.31 -75.25 -4.95
CA ARG B 45 -16.47 -74.62 -5.56
C ARG B 45 -17.73 -75.05 -4.82
N VAL B 46 -18.52 -74.07 -4.39
CA VAL B 46 -19.74 -74.31 -3.64
C VAL B 46 -20.90 -74.47 -4.61
N PHE B 47 -21.70 -75.52 -4.42
CA PHE B 47 -22.83 -75.84 -5.29
C PHE B 47 -24.09 -75.82 -4.44
N GLU B 48 -24.66 -74.62 -4.27
CA GLU B 48 -25.84 -74.46 -3.44
C GLU B 48 -27.04 -75.15 -4.10
N VAL B 49 -27.47 -76.26 -3.53
CA VAL B 49 -28.58 -77.04 -4.07
C VAL B 49 -29.58 -77.29 -2.95
N SER B 50 -30.81 -77.58 -3.34
CA SER B 50 -31.89 -77.79 -2.39
C SER B 50 -31.78 -79.19 -1.78
N LEU B 51 -32.83 -79.57 -1.05
CA LEU B 51 -32.92 -80.89 -0.45
C LEU B 51 -33.85 -81.83 -1.20
N ALA B 52 -34.83 -81.28 -1.93
CA ALA B 52 -35.71 -82.13 -2.73
C ALA B 52 -34.94 -82.86 -3.81
N ASP B 53 -34.00 -82.18 -4.46
CA ASP B 53 -33.19 -82.81 -5.51
C ASP B 53 -32.08 -83.68 -4.95
N LEU B 54 -31.86 -83.68 -3.64
CA LEU B 54 -30.87 -84.54 -3.01
C LEU B 54 -31.48 -85.76 -2.33
N GLN B 55 -32.74 -85.68 -1.93
CA GLN B 55 -33.42 -86.77 -1.25
C GLN B 55 -34.65 -87.18 -2.06
N ASN B 56 -35.47 -88.06 -1.48
CA ASN B 56 -36.61 -88.61 -2.19
C ASN B 56 -37.85 -87.71 -2.07
N ASP B 57 -38.32 -87.48 -0.85
CA ASP B 57 -39.51 -86.66 -0.62
C ASP B 57 -39.29 -85.75 0.57
N GLU B 58 -38.12 -85.14 0.66
CA GLU B 58 -37.80 -84.25 1.76
C GLU B 58 -38.41 -82.87 1.47
N VAL B 59 -38.07 -81.89 2.30
CA VAL B 59 -38.55 -80.52 2.10
C VAL B 59 -37.75 -79.87 0.98
N ALA B 60 -38.26 -78.75 0.46
CA ALA B 60 -37.57 -78.03 -0.61
C ALA B 60 -36.88 -76.77 -0.14
N PHE B 61 -37.35 -76.16 0.95
CA PHE B 61 -36.76 -74.91 1.41
C PHE B 61 -35.36 -75.11 1.97
N ARG B 62 -35.05 -76.31 2.47
CA ARG B 62 -33.71 -76.59 2.97
C ARG B 62 -32.72 -76.62 1.81
N LYS B 63 -31.57 -75.97 2.03
CA LYS B 63 -30.53 -75.91 1.01
C LYS B 63 -29.18 -76.20 1.66
N PHE B 64 -28.29 -76.79 0.87
CA PHE B 64 -26.97 -77.18 1.34
C PHE B 64 -25.90 -76.58 0.42
N LYS B 65 -24.67 -76.50 0.95
CA LYS B 65 -23.60 -75.84 0.21
C LYS B 65 -22.85 -76.81 -0.70
N LEU B 66 -22.33 -77.91 -0.14
CA LEU B 66 -21.67 -78.97 -0.90
C LEU B 66 -20.51 -78.44 -1.75
N ILE B 67 -19.48 -77.97 -1.04
CA ILE B 67 -18.25 -77.60 -1.70
C ILE B 67 -17.54 -78.85 -2.20
N THR B 68 -16.88 -78.75 -3.35
CA THR B 68 -16.11 -79.86 -3.88
C THR B 68 -14.64 -79.74 -3.44
N GLU B 69 -14.04 -80.88 -3.17
CA GLU B 69 -12.72 -80.89 -2.56
C GLU B 69 -11.70 -81.72 -3.35
N ASP B 70 -12.12 -82.83 -3.94
CA ASP B 70 -11.23 -83.69 -4.70
C ASP B 70 -11.93 -84.17 -5.96
N VAL B 71 -11.17 -84.25 -7.05
CA VAL B 71 -11.70 -84.71 -8.32
C VAL B 71 -10.68 -85.61 -9.00
N GLN B 72 -11.17 -86.72 -9.57
CA GLN B 72 -10.37 -87.59 -10.41
C GLN B 72 -11.22 -88.04 -11.59
N GLY B 73 -10.59 -88.22 -12.73
CA GLY B 73 -11.33 -88.50 -13.94
C GLY B 73 -12.20 -87.31 -14.29
N LYS B 74 -13.52 -87.55 -14.40
CA LYS B 74 -14.47 -86.48 -14.70
C LYS B 74 -15.56 -86.34 -13.65
N ASN B 75 -15.47 -87.07 -12.54
CA ASN B 75 -16.46 -87.00 -11.47
C ASN B 75 -15.88 -86.19 -10.32
N CYS B 76 -16.60 -85.14 -9.92
CA CYS B 76 -16.17 -84.27 -8.84
C CYS B 76 -16.75 -84.77 -7.53
N LEU B 77 -15.89 -85.03 -6.56
CA LEU B 77 -16.32 -85.47 -5.24
C LEU B 77 -16.51 -84.26 -4.33
N THR B 78 -17.72 -84.11 -3.81
CA THR B 78 -18.08 -82.96 -2.99
C THR B 78 -18.13 -83.34 -1.52
N ASN B 79 -17.86 -82.36 -0.67
CA ASN B 79 -17.94 -82.51 0.78
C ASN B 79 -18.92 -81.50 1.35
N PHE B 80 -19.45 -81.82 2.52
CA PHE B 80 -20.36 -80.90 3.20
C PHE B 80 -19.65 -79.61 3.56
N HIS B 81 -20.35 -78.50 3.37
CA HIS B 81 -19.82 -77.19 3.72
C HIS B 81 -20.75 -76.39 4.61
N GLY B 82 -22.06 -76.50 4.39
CA GLY B 82 -23.01 -75.78 5.21
C GLY B 82 -24.42 -76.06 4.74
N MET B 83 -25.37 -75.72 5.61
CA MET B 83 -26.79 -75.83 5.31
C MET B 83 -27.45 -74.51 5.64
N ASP B 84 -28.41 -74.13 4.81
CA ASP B 84 -29.14 -72.88 5.01
C ASP B 84 -30.56 -73.03 4.49
N LEU B 85 -31.47 -72.27 5.10
CA LEU B 85 -32.83 -72.20 4.61
C LEU B 85 -32.91 -71.26 3.42
N THR B 86 -34.09 -71.17 2.83
CA THR B 86 -34.31 -70.34 1.66
C THR B 86 -34.92 -69.00 2.06
N ARG B 87 -34.90 -68.07 1.10
CA ARG B 87 -35.26 -66.69 1.39
C ARG B 87 -36.74 -66.55 1.75
N ASP B 88 -37.63 -67.08 0.92
CA ASP B 88 -39.05 -66.79 1.11
C ASP B 88 -39.62 -67.52 2.31
N LYS B 89 -39.17 -68.75 2.56
CA LYS B 89 -39.63 -69.46 3.75
C LYS B 89 -39.18 -68.76 5.02
N MET B 90 -37.94 -68.29 5.05
CA MET B 90 -37.44 -67.57 6.23
C MET B 90 -38.28 -66.33 6.50
N CYS B 91 -38.62 -65.57 5.46
CA CYS B 91 -39.42 -64.37 5.64
C CYS B 91 -40.88 -64.69 5.91
N SER B 92 -41.39 -65.79 5.37
CA SER B 92 -42.80 -66.13 5.58
C SER B 92 -43.07 -66.55 7.01
N MET B 93 -42.08 -67.15 7.68
CA MET B 93 -42.27 -67.56 9.06
C MET B 93 -42.45 -66.38 9.99
N VAL B 94 -41.69 -65.31 9.75
CA VAL B 94 -41.72 -64.14 10.63
C VAL B 94 -43.01 -63.36 10.42
N LYS B 95 -43.95 -63.51 11.35
CA LYS B 95 -45.20 -62.77 11.33
C LYS B 95 -45.24 -61.83 12.54
N LYS B 96 -46.20 -60.90 12.49
CA LYS B 96 -46.33 -59.92 13.56
C LYS B 96 -47.12 -60.50 14.73
N TRP B 97 -47.06 -59.77 15.85
CA TRP B 97 -47.73 -60.15 17.10
C TRP B 97 -47.29 -61.52 17.58
N GLN B 98 -46.01 -61.84 17.39
CA GLN B 98 -45.41 -63.02 17.97
C GLN B 98 -43.93 -62.72 18.19
N THR B 99 -43.30 -63.53 19.06
CA THR B 99 -41.91 -63.33 19.42
C THR B 99 -41.06 -64.42 18.78
N MET B 100 -40.02 -64.01 18.06
CA MET B 100 -39.04 -64.95 17.55
C MET B 100 -37.89 -65.09 18.52
N ILE B 101 -37.21 -66.23 18.48
CA ILE B 101 -36.06 -66.51 19.31
C ILE B 101 -34.95 -67.04 18.42
N GLU B 102 -33.77 -66.44 18.51
CA GLU B 102 -32.60 -66.85 17.74
C GLU B 102 -31.49 -67.26 18.68
N ALA B 103 -30.72 -68.27 18.27
CA ALA B 103 -29.60 -68.75 19.06
C ALA B 103 -28.52 -69.29 18.14
N HIS B 104 -27.29 -69.28 18.65
CA HIS B 104 -26.14 -69.83 17.93
C HIS B 104 -25.20 -70.47 18.94
N VAL B 105 -24.36 -71.38 18.44
CA VAL B 105 -23.46 -72.13 19.31
C VAL B 105 -22.23 -72.52 18.50
N ASP B 106 -21.07 -72.50 19.16
CA ASP B 106 -19.81 -72.93 18.57
C ASP B 106 -19.55 -74.36 19.03
N VAL B 107 -19.84 -75.33 18.17
CA VAL B 107 -19.79 -76.74 18.54
C VAL B 107 -18.83 -77.47 17.61
N LYS B 108 -18.08 -78.40 18.18
CA LYS B 108 -17.07 -79.18 17.48
C LYS B 108 -17.53 -80.61 17.33
N THR B 109 -17.45 -81.14 16.11
CA THR B 109 -17.76 -82.54 15.88
C THR B 109 -16.58 -83.42 16.27
N THR B 110 -16.85 -84.71 16.45
CA THR B 110 -15.78 -85.64 16.75
C THR B 110 -14.82 -85.83 15.57
N ASP B 111 -15.27 -85.53 14.35
CA ASP B 111 -14.37 -85.58 13.21
C ASP B 111 -13.28 -84.53 13.31
N GLY B 112 -13.63 -83.33 13.79
CA GLY B 112 -12.68 -82.24 13.86
C GLY B 112 -13.15 -81.02 13.11
N TYR B 113 -14.46 -80.90 12.93
CA TYR B 113 -15.07 -79.78 12.23
C TYR B 113 -15.76 -78.87 13.23
N LEU B 114 -15.45 -77.58 13.17
CA LEU B 114 -16.12 -76.58 14.00
C LEU B 114 -17.25 -75.96 13.19
N LEU B 115 -18.45 -75.96 13.75
CA LEU B 115 -19.64 -75.50 13.05
C LEU B 115 -20.41 -74.51 13.90
N ARG B 116 -20.91 -73.46 13.26
CA ARG B 116 -21.80 -72.50 13.91
C ARG B 116 -23.24 -72.85 13.56
N LEU B 117 -23.93 -73.50 14.47
CA LEU B 117 -25.33 -73.87 14.29
C LEU B 117 -26.21 -72.65 14.56
N PHE B 118 -27.14 -72.38 13.65
CA PHE B 118 -28.12 -71.32 13.82
C PHE B 118 -29.50 -71.96 13.82
N CYS B 119 -30.13 -72.00 15.00
CA CYS B 119 -31.47 -72.53 15.15
C CYS B 119 -32.38 -71.43 15.67
N VAL B 120 -33.60 -71.35 15.12
CA VAL B 120 -34.53 -70.29 15.45
C VAL B 120 -35.84 -70.89 15.89
N GLY B 121 -36.61 -70.11 16.63
CA GLY B 121 -37.92 -70.54 17.09
C GLY B 121 -38.89 -69.38 17.10
N PHE B 122 -40.17 -69.72 17.01
CA PHE B 122 -41.24 -68.74 16.99
C PHE B 122 -42.32 -69.15 17.97
N THR B 123 -42.85 -68.17 18.69
CA THR B 123 -43.93 -68.43 19.65
C THR B 123 -45.18 -68.89 18.92
N LYS B 124 -45.91 -69.81 19.54
CA LYS B 124 -47.09 -70.42 18.95
C LYS B 124 -48.32 -70.06 19.76
N LYS B 125 -49.34 -69.55 19.09
CA LYS B 125 -50.62 -69.26 19.75
C LYS B 125 -51.48 -70.52 19.77
N ARG B 126 -52.22 -70.69 20.87
CA ARG B 126 -53.11 -71.83 20.97
C ARG B 126 -54.31 -71.64 20.03
N ASN B 127 -54.98 -72.77 19.75
CA ASN B 127 -56.17 -72.72 18.91
C ASN B 127 -57.28 -71.92 19.57
N ASN B 128 -57.35 -71.94 20.90
CA ASN B 128 -58.37 -71.20 21.64
C ASN B 128 -57.91 -69.82 22.08
N GLN B 129 -56.70 -69.42 21.73
CA GLN B 129 -56.17 -68.13 22.18
C GLN B 129 -56.96 -66.99 21.53
N ILE B 130 -57.40 -66.05 22.37
CA ILE B 130 -58.24 -64.95 21.90
C ILE B 130 -57.38 -63.72 21.71
N ARG B 131 -56.34 -63.58 22.54
CA ARG B 131 -55.45 -62.44 22.43
C ARG B 131 -54.74 -62.42 21.09
N LYS B 132 -54.73 -61.27 20.44
CA LYS B 132 -54.10 -61.14 19.13
C LYS B 132 -52.61 -61.40 19.22
N THR B 133 -51.96 -60.84 20.23
CA THR B 133 -50.52 -61.03 20.37
C THR B 133 -50.22 -62.31 21.13
N SER B 134 -49.02 -62.83 20.91
CA SER B 134 -48.49 -63.99 21.64
C SER B 134 -47.01 -63.72 21.86
N TYR B 135 -46.69 -63.10 23.00
CA TYR B 135 -45.33 -62.69 23.31
C TYR B 135 -44.80 -63.48 24.50
N ALA B 136 -43.61 -64.03 24.35
CA ALA B 136 -42.93 -64.71 25.45
C ALA B 136 -42.11 -63.71 26.24
N GLN B 137 -42.05 -63.90 27.55
CA GLN B 137 -41.32 -62.99 28.40
C GLN B 137 -39.81 -63.10 28.16
N HIS B 138 -39.08 -62.07 28.57
CA HIS B 138 -37.66 -62.00 28.29
C HIS B 138 -36.89 -63.14 28.94
N GLN B 139 -37.20 -63.44 30.20
CA GLN B 139 -36.58 -64.59 30.85
C GLN B 139 -37.06 -65.90 30.24
N GLN B 140 -38.32 -65.97 29.82
CA GLN B 140 -38.80 -67.14 29.11
C GLN B 140 -38.04 -67.34 27.81
N VAL B 141 -37.78 -66.25 27.08
CA VAL B 141 -36.97 -66.33 25.88
C VAL B 141 -35.56 -66.80 26.22
N ARG B 142 -34.98 -66.24 27.29
CA ARG B 142 -33.66 -66.69 27.73
C ARG B 142 -33.69 -68.16 28.15
N GLN B 143 -34.74 -68.57 28.87
CA GLN B 143 -34.87 -69.97 29.24
C GLN B 143 -35.03 -70.85 28.01
N ILE B 144 -35.78 -70.37 27.02
CA ILE B 144 -35.91 -71.11 25.76
C ILE B 144 -34.56 -71.16 25.05
N ARG B 145 -33.88 -70.01 24.96
CA ARG B 145 -32.61 -69.96 24.26
C ARG B 145 -31.56 -70.80 24.97
N LYS B 146 -31.52 -70.73 26.29
CA LYS B 146 -30.59 -71.57 27.05
C LYS B 146 -30.90 -73.04 26.88
N LYS B 147 -32.19 -73.38 26.78
CA LYS B 147 -32.58 -74.77 26.59
C LYS B 147 -32.06 -75.31 25.25
N MET B 148 -32.33 -74.59 24.16
CA MET B 148 -32.01 -75.11 22.84
C MET B 148 -30.58 -74.79 22.42
N MET B 149 -29.80 -74.11 23.26
CA MET B 149 -28.38 -73.95 22.96
C MET B 149 -27.56 -75.13 23.48
N GLU B 150 -28.04 -75.82 24.51
CA GLU B 150 -27.31 -76.93 25.09
C GLU B 150 -27.82 -78.29 24.64
N ILE B 151 -29.11 -78.42 24.31
CA ILE B 151 -29.58 -79.65 23.68
C ILE B 151 -29.21 -79.71 22.21
N MET B 152 -28.72 -78.61 21.64
CA MET B 152 -28.17 -78.64 20.29
C MET B 152 -26.75 -79.19 20.30
N THR B 153 -25.88 -78.59 21.11
CA THR B 153 -24.50 -79.06 21.19
C THR B 153 -24.41 -80.46 21.78
N ARG B 154 -25.44 -80.89 22.51
CA ARG B 154 -25.46 -82.25 23.01
C ARG B 154 -25.50 -83.26 21.87
N GLU B 155 -26.27 -82.95 20.83
CA GLU B 155 -26.45 -83.89 19.72
C GLU B 155 -25.37 -83.80 18.66
N VAL B 156 -24.42 -82.88 18.80
CA VAL B 156 -23.34 -82.73 17.84
C VAL B 156 -22.04 -83.30 18.35
N GLN B 157 -21.64 -82.95 19.58
CA GLN B 157 -20.41 -83.49 20.15
C GLN B 157 -20.51 -84.99 20.41
N THR B 158 -21.74 -85.52 20.56
CA THR B 158 -21.91 -86.94 20.81
C THR B 158 -21.45 -87.78 19.60
N ASN B 159 -21.78 -87.33 18.39
CA ASN B 159 -21.59 -88.13 17.19
C ASN B 159 -20.67 -87.42 16.21
N ASP B 160 -20.48 -88.04 15.06
CA ASP B 160 -19.53 -87.60 14.06
C ASP B 160 -20.24 -86.81 12.96
N LEU B 161 -19.44 -86.15 12.12
CA LEU B 161 -19.97 -85.32 11.03
C LEU B 161 -20.95 -86.08 10.15
N LYS B 162 -20.68 -87.35 9.90
CA LYS B 162 -21.62 -88.17 9.14
C LYS B 162 -22.96 -88.27 9.85
N GLU B 163 -22.92 -88.51 11.17
CA GLU B 163 -24.17 -88.64 11.92
C GLU B 163 -24.79 -87.29 12.20
N VAL B 164 -24.01 -86.20 12.15
CA VAL B 164 -24.59 -84.87 12.27
C VAL B 164 -25.40 -84.53 11.02
N VAL B 165 -24.84 -84.82 9.85
CA VAL B 165 -25.48 -84.41 8.60
C VAL B 165 -26.80 -85.14 8.40
N ASN B 166 -26.79 -86.47 8.57
CA ASN B 166 -27.96 -87.25 8.22
C ASN B 166 -29.12 -87.07 9.20
N LYS B 167 -28.88 -86.53 10.38
CA LYS B 167 -29.96 -86.31 11.34
C LYS B 167 -30.61 -84.93 11.17
N LEU B 168 -29.89 -83.95 10.64
CA LEU B 168 -30.48 -82.66 10.34
C LEU B 168 -31.08 -82.59 8.94
N ILE B 169 -30.86 -83.61 8.10
CA ILE B 169 -31.57 -83.68 6.83
C ILE B 169 -33.08 -83.78 7.02
N PRO B 170 -33.61 -84.61 7.92
CA PRO B 170 -35.01 -84.44 8.32
C PRO B 170 -35.22 -83.33 9.34
N ASP B 171 -34.14 -82.73 9.82
CA ASP B 171 -34.17 -81.70 10.87
C ASP B 171 -34.91 -82.21 12.10
N SER B 172 -34.59 -83.44 12.50
CA SER B 172 -35.13 -83.99 13.74
C SER B 172 -34.64 -83.24 14.96
N ILE B 173 -33.49 -82.57 14.87
CA ILE B 173 -32.94 -81.83 16.01
C ILE B 173 -33.89 -80.71 16.42
N GLY B 174 -34.39 -79.94 15.45
CA GLY B 174 -35.34 -78.90 15.76
C GLY B 174 -36.65 -79.44 16.31
N LYS B 175 -37.04 -80.63 15.88
CA LYS B 175 -38.31 -81.20 16.31
C LYS B 175 -38.29 -81.57 17.79
N ASP B 176 -37.20 -82.21 18.25
CA ASP B 176 -37.10 -82.47 19.69
C ASP B 176 -36.90 -81.17 20.46
N ILE B 177 -36.21 -80.20 19.86
CA ILE B 177 -36.17 -78.86 20.43
C ILE B 177 -37.57 -78.29 20.55
N GLU B 178 -38.38 -78.48 19.49
CA GLU B 178 -39.76 -78.04 19.52
C GLU B 178 -40.55 -78.76 20.62
N LYS B 179 -40.35 -80.07 20.74
CA LYS B 179 -41.11 -80.83 21.73
C LYS B 179 -40.69 -80.50 23.15
N ALA B 180 -39.37 -80.40 23.39
CA ALA B 180 -38.88 -80.18 24.75
C ALA B 180 -39.25 -78.79 25.26
N CYS B 181 -39.26 -77.79 24.39
CA CYS B 181 -39.48 -76.41 24.82
C CYS B 181 -40.93 -76.13 25.18
N GLN B 182 -41.86 -77.05 24.90
CA GLN B 182 -43.27 -76.81 25.16
C GLN B 182 -43.55 -76.59 26.64
N SER B 183 -42.73 -77.18 27.51
CA SER B 183 -42.86 -76.93 28.94
C SER B 183 -42.61 -75.46 29.26
N ILE B 184 -41.59 -74.87 28.63
CA ILE B 184 -41.32 -73.45 28.82
C ILE B 184 -42.40 -72.61 28.14
N TYR B 185 -42.53 -72.76 26.82
CA TYR B 185 -43.53 -72.01 26.06
C TYR B 185 -43.83 -72.81 24.80
N PRO B 186 -45.08 -72.81 24.32
CA PRO B 186 -45.41 -73.55 23.10
C PRO B 186 -44.76 -72.90 21.89
N LEU B 187 -43.82 -73.63 21.29
CA LEU B 187 -43.16 -73.22 20.06
C LEU B 187 -43.57 -74.16 18.94
N HIS B 188 -43.83 -73.60 17.76
CA HIS B 188 -44.28 -74.40 16.61
C HIS B 188 -43.33 -74.34 15.43
N ASP B 189 -42.85 -73.16 15.06
CA ASP B 189 -42.08 -72.99 13.84
C ASP B 189 -40.59 -72.93 14.22
N VAL B 190 -40.05 -74.10 14.51
CA VAL B 190 -38.67 -74.24 14.98
C VAL B 190 -37.88 -75.02 13.94
N PHE B 191 -36.79 -74.43 13.47
CA PHE B 191 -35.92 -75.06 12.51
C PHE B 191 -34.49 -74.59 12.74
N VAL B 192 -33.55 -75.38 12.24
CA VAL B 192 -32.14 -74.97 12.22
C VAL B 192 -31.97 -74.07 10.99
N ARG B 193 -31.86 -72.77 11.21
CA ARG B 193 -31.83 -71.82 10.09
C ARG B 193 -30.57 -72.02 9.26
N LYS B 194 -29.42 -72.20 9.90
CA LYS B 194 -28.16 -72.24 9.18
C LYS B 194 -27.12 -72.98 9.99
N VAL B 195 -26.17 -73.59 9.28
CA VAL B 195 -24.94 -74.06 9.88
C VAL B 195 -23.80 -73.72 8.91
N LYS B 196 -22.70 -73.20 9.45
CA LYS B 196 -21.57 -72.80 8.64
C LYS B 196 -20.29 -73.39 9.19
N MET B 197 -19.38 -73.77 8.29
CA MET B 197 -18.13 -74.38 8.67
C MET B 197 -17.12 -73.33 9.11
N LEU B 198 -16.33 -73.67 10.12
CA LEU B 198 -15.29 -72.79 10.66
C LEU B 198 -13.90 -73.32 10.40
N LYS B 199 -13.64 -74.58 10.75
CA LYS B 199 -12.34 -75.20 10.53
C LYS B 199 -12.53 -76.52 9.79
N LYS B 200 -11.53 -76.90 9.00
CA LYS B 200 -11.53 -78.14 8.25
C LYS B 200 -10.28 -78.92 8.63
N PRO B 201 -10.40 -80.15 9.13
CA PRO B 201 -9.22 -80.92 9.59
C PRO B 201 -8.41 -81.59 8.48
N LYS B 202 -7.52 -80.80 7.88
CA LYS B 202 -6.36 -81.28 7.12
C LYS B 202 -6.74 -81.87 5.76
N PHE B 203 -8.04 -82.04 5.51
CA PHE B 203 -8.55 -82.61 4.25
C PHE B 203 -7.95 -84.00 4.02
N GLU B 204 -8.34 -84.92 4.91
CA GLU B 204 -7.92 -86.31 4.79
C GLU B 204 -8.53 -86.93 3.53
N LEU B 205 -7.68 -87.57 2.72
CA LEU B 205 -8.16 -88.24 1.53
C LEU B 205 -9.02 -89.45 1.87
N GLY B 206 -8.63 -90.22 2.89
CA GLY B 206 -9.35 -91.42 3.22
C GLY B 206 -10.77 -91.17 3.69
N LYS B 207 -10.96 -90.11 4.49
CA LYS B 207 -12.30 -89.84 5.02
C LYS B 207 -13.25 -89.41 3.92
N LEU B 208 -12.76 -88.71 2.90
CA LEU B 208 -13.63 -88.28 1.81
C LEU B 208 -14.01 -89.45 0.92
N MET B 209 -13.07 -90.35 0.66
CA MET B 209 -13.32 -91.47 -0.24
C MET B 209 -14.37 -92.43 0.33
N GLU B 210 -14.37 -92.61 1.65
CA GLU B 210 -15.32 -93.54 2.26
C GLU B 210 -16.73 -92.96 2.31
N LEU B 211 -16.85 -91.65 2.49
CA LEU B 211 -18.17 -91.04 2.52
C LEU B 211 -18.77 -90.82 1.14
N HIS B 212 -17.99 -91.07 0.08
CA HIS B 212 -18.55 -91.08 -1.27
C HIS B 212 -18.81 -92.48 -1.79
N GLY B 213 -18.01 -93.47 -1.36
CA GLY B 213 -18.23 -94.85 -1.76
C GLY B 213 -18.73 -95.70 -0.61
N GLU B 214 -17.90 -96.64 -0.16
CA GLU B 214 -18.26 -97.51 0.95
C GLU B 214 -17.10 -97.63 1.94
N GLU C 1 -109.64 -15.52 13.92
CA GLU C 1 -109.49 -16.35 12.73
C GLU C 1 -108.31 -17.31 12.88
N TRP C 2 -107.67 -17.28 14.04
CA TRP C 2 -106.52 -18.13 14.30
C TRP C 2 -106.97 -19.56 14.56
N MET C 3 -106.41 -20.50 13.80
CA MET C 3 -106.75 -21.92 13.92
C MET C 3 -105.51 -22.68 14.39
N PRO C 4 -105.39 -22.97 15.68
CA PRO C 4 -104.21 -23.70 16.15
C PRO C 4 -104.25 -25.15 15.76
N VAL C 5 -103.06 -25.72 15.52
CA VAL C 5 -102.89 -27.16 15.39
C VAL C 5 -101.88 -27.58 16.46
N THR C 6 -102.40 -27.90 17.64
CA THR C 6 -101.65 -28.34 18.81
C THR C 6 -102.66 -28.79 19.85
N LYS C 7 -102.35 -29.87 20.56
CA LYS C 7 -103.18 -30.27 21.68
C LYS C 7 -103.24 -29.18 22.74
N LEU C 8 -102.09 -28.62 23.08
CA LEU C 8 -102.06 -27.50 24.01
C LEU C 8 -102.70 -26.25 23.39
N GLY C 9 -102.42 -25.99 22.12
CA GLY C 9 -102.99 -24.82 21.47
C GLY C 9 -104.50 -24.86 21.38
N ARG C 10 -105.06 -26.06 21.20
CA ARG C 10 -106.50 -26.21 21.22
C ARG C 10 -107.08 -25.87 22.60
N LEU C 11 -106.40 -26.32 23.66
CA LEU C 11 -106.93 -26.14 25.01
C LEU C 11 -106.89 -24.67 25.43
N VAL C 12 -105.84 -23.95 25.03
CA VAL C 12 -105.77 -22.54 25.41
C VAL C 12 -106.80 -21.72 24.63
N LYS C 13 -107.17 -22.16 23.43
CA LYS C 13 -108.10 -21.38 22.63
C LYS C 13 -109.53 -21.48 23.15
N ASP C 14 -109.95 -22.68 23.58
CA ASP C 14 -111.32 -22.90 24.01
C ASP C 14 -111.56 -22.55 25.47
N MET C 15 -110.72 -21.68 26.05
CA MET C 15 -110.93 -21.14 27.39
C MET C 15 -110.97 -22.23 28.46
N LYS C 16 -110.09 -23.21 28.34
CA LYS C 16 -109.95 -24.25 29.35
C LYS C 16 -108.81 -23.95 30.32
N ILE C 17 -107.64 -23.60 29.79
CA ILE C 17 -106.50 -23.28 30.65
C ILE C 17 -106.72 -21.92 31.29
N LYS C 18 -106.47 -21.84 32.60
CA LYS C 18 -106.75 -20.64 33.36
C LYS C 18 -105.62 -19.62 33.33
N SER C 19 -104.37 -20.05 33.22
CA SER C 19 -103.25 -19.13 33.26
C SER C 19 -102.04 -19.77 32.59
N LEU C 20 -101.09 -18.92 32.21
CA LEU C 20 -99.86 -19.40 31.61
C LEU C 20 -99.03 -20.25 32.56
N GLU C 21 -99.17 -20.04 33.87
CA GLU C 21 -98.43 -20.84 34.84
C GLU C 21 -98.79 -22.31 34.77
N GLU C 22 -99.98 -22.64 34.26
CA GLU C 22 -100.32 -24.03 34.01
C GLU C 22 -99.34 -24.66 33.05
N ILE C 23 -99.04 -23.97 31.94
CA ILE C 23 -98.06 -24.49 30.99
C ILE C 23 -96.66 -24.45 31.60
N TYR C 24 -96.36 -23.42 32.38
CA TYR C 24 -95.07 -23.35 33.05
C TYR C 24 -94.91 -24.48 34.05
N LEU C 25 -96.00 -24.84 34.75
CA LEU C 25 -95.92 -25.88 35.77
C LEU C 25 -95.58 -27.23 35.16
N PHE C 26 -96.20 -27.57 34.03
CA PHE C 26 -95.98 -28.85 33.38
C PHE C 26 -94.90 -28.82 32.32
N SER C 27 -94.24 -27.67 32.13
CA SER C 27 -93.10 -27.52 31.22
C SER C 27 -93.44 -27.93 29.80
N LEU C 28 -94.66 -27.64 29.37
CA LEU C 28 -95.09 -27.99 28.02
C LEU C 28 -94.56 -26.95 27.03
N PRO C 29 -93.90 -27.38 25.95
CA PRO C 29 -93.35 -26.40 25.01
C PRO C 29 -94.45 -25.65 24.27
N ILE C 30 -94.14 -24.41 23.90
CA ILE C 30 -95.03 -23.57 23.13
C ILE C 30 -94.50 -23.50 21.71
N LYS C 31 -95.34 -23.85 20.73
CA LYS C 31 -94.96 -23.78 19.33
C LYS C 31 -95.94 -22.96 18.51
N GLU C 32 -96.78 -22.16 19.16
CA GLU C 32 -97.63 -21.19 18.49
C GLU C 32 -97.55 -19.88 19.24
N SER C 33 -97.23 -18.80 18.53
CA SER C 33 -97.08 -17.50 19.18
C SER C 33 -98.43 -16.94 19.61
N GLU C 34 -99.52 -17.33 18.96
CA GLU C 34 -100.84 -16.84 19.31
C GLU C 34 -101.36 -17.44 20.62
N ILE C 35 -100.64 -18.39 21.21
CA ILE C 35 -101.07 -18.96 22.48
C ILE C 35 -100.98 -17.92 23.59
N ILE C 36 -99.83 -17.26 23.71
CA ILE C 36 -99.58 -16.42 24.88
C ILE C 36 -100.37 -15.11 24.80
N ASP C 37 -100.49 -14.51 23.61
CA ASP C 37 -101.17 -13.23 23.52
C ASP C 37 -102.67 -13.35 23.78
N PHE C 38 -103.20 -14.57 23.78
CA PHE C 38 -104.53 -14.79 24.33
C PHE C 38 -104.56 -14.45 25.82
N PHE C 39 -103.55 -14.90 26.57
CA PHE C 39 -103.46 -14.55 27.98
C PHE C 39 -102.93 -13.13 28.17
N LEU C 40 -101.70 -12.89 27.73
CA LEU C 40 -101.01 -11.62 27.98
C LEU C 40 -101.21 -10.64 26.83
N GLY C 41 -102.46 -10.36 26.49
CA GLY C 41 -102.74 -9.49 25.37
C GLY C 41 -102.55 -8.02 25.73
N ALA C 42 -101.93 -7.28 24.81
CA ALA C 42 -101.69 -5.84 24.92
C ALA C 42 -100.95 -5.46 26.19
N SER C 43 -100.12 -6.37 26.72
CA SER C 43 -99.38 -6.11 27.95
C SER C 43 -97.88 -6.21 27.80
N LEU C 44 -97.38 -6.74 26.68
CA LEU C 44 -95.95 -6.86 26.46
C LEU C 44 -95.46 -5.64 25.68
N LYS C 45 -94.48 -4.94 26.22
CA LYS C 45 -93.84 -3.84 25.51
C LYS C 45 -92.76 -4.40 24.59
N ASP C 46 -92.78 -3.96 23.34
CA ASP C 46 -91.86 -4.46 22.32
C ASP C 46 -90.71 -3.48 22.14
N GLU C 47 -89.49 -4.00 22.20
CA GLU C 47 -88.31 -3.16 22.03
C GLU C 47 -87.27 -3.93 21.23
N VAL C 48 -86.59 -3.21 20.34
CA VAL C 48 -85.58 -3.77 19.46
C VAL C 48 -84.21 -3.32 19.96
N LEU C 49 -83.29 -4.27 20.08
CA LEU C 49 -81.96 -3.98 20.63
C LEU C 49 -80.97 -3.57 19.55
N LYS C 50 -80.72 -4.45 18.58
CA LYS C 50 -79.75 -4.18 17.55
C LYS C 50 -80.09 -4.98 16.31
N ILE C 51 -79.75 -4.41 15.16
CA ILE C 51 -79.88 -5.09 13.87
C ILE C 51 -78.47 -5.21 13.30
N MET C 52 -77.80 -6.30 13.61
CA MET C 52 -76.43 -6.46 13.11
C MET C 52 -76.45 -7.10 11.73
N PRO C 53 -75.77 -6.52 10.75
CA PRO C 53 -75.79 -7.04 9.38
C PRO C 53 -74.75 -8.13 9.11
N VAL C 54 -75.06 -9.36 9.54
CA VAL C 54 -74.19 -10.48 9.22
C VAL C 54 -74.28 -10.78 7.73
N GLN C 55 -73.15 -11.18 7.15
CA GLN C 55 -73.09 -11.35 5.71
C GLN C 55 -72.18 -12.53 5.36
N LYS C 56 -72.55 -13.25 4.31
CA LYS C 56 -71.83 -14.44 3.87
C LYS C 56 -71.18 -14.15 2.52
N GLN C 57 -69.87 -14.36 2.45
CA GLN C 57 -69.13 -14.15 1.21
C GLN C 57 -69.53 -15.20 0.19
N THR C 58 -70.04 -14.76 -0.95
CA THR C 58 -70.46 -15.67 -2.01
C THR C 58 -69.45 -15.60 -3.16
N ARG C 59 -69.74 -16.38 -4.20
CA ARG C 59 -68.89 -16.35 -5.39
C ARG C 59 -68.95 -15.00 -6.08
N ALA C 60 -70.14 -14.40 -6.17
CA ALA C 60 -70.35 -13.10 -6.77
C ALA C 60 -70.81 -12.15 -5.68
N GLY C 61 -69.88 -11.38 -5.12
CA GLY C 61 -70.23 -10.51 -4.02
C GLY C 61 -70.51 -11.31 -2.76
N GLN C 62 -71.24 -10.69 -1.85
CA GLN C 62 -71.62 -11.34 -0.60
C GLN C 62 -73.09 -11.03 -0.31
N ARG C 63 -73.83 -12.07 0.06
CA ARG C 63 -75.19 -11.85 0.54
C ARG C 63 -75.15 -11.15 1.89
N THR C 64 -76.14 -10.31 2.16
CA THR C 64 -76.22 -9.57 3.40
C THR C 64 -77.59 -9.79 4.02
N ARG C 65 -77.59 -10.25 5.27
CA ARG C 65 -78.82 -10.50 6.01
C ARG C 65 -78.76 -9.76 7.34
N PHE C 66 -79.93 -9.56 7.93
CA PHE C 66 -80.06 -8.77 9.14
C PHE C 66 -80.56 -9.65 10.28
N LYS C 67 -79.85 -9.61 11.40
CA LYS C 67 -80.22 -10.35 12.61
C LYS C 67 -80.83 -9.39 13.61
N ALA C 68 -82.02 -9.72 14.10
CA ALA C 68 -82.79 -8.83 14.95
C ALA C 68 -82.89 -9.40 16.36
N PHE C 69 -82.67 -8.55 17.35
CA PHE C 69 -82.81 -8.91 18.76
C PHE C 69 -83.97 -8.11 19.35
N VAL C 70 -84.99 -8.82 19.81
CA VAL C 70 -86.21 -8.19 20.31
C VAL C 70 -86.43 -8.63 21.75
N ALA C 71 -86.63 -7.66 22.64
CA ALA C 71 -86.95 -7.91 24.03
C ALA C 71 -88.40 -7.55 24.30
N ILE C 72 -89.15 -8.50 24.86
CA ILE C 72 -90.56 -8.31 25.17
C ILE C 72 -90.84 -8.94 26.53
N GLY C 73 -92.04 -8.67 27.03
CA GLY C 73 -92.44 -9.17 28.33
C GLY C 73 -93.15 -8.11 29.14
N ASP C 74 -94.28 -8.48 29.76
CA ASP C 74 -95.00 -7.52 30.57
C ASP C 74 -94.20 -7.15 31.81
N TYR C 75 -94.45 -5.95 32.32
CA TYR C 75 -93.69 -5.45 33.46
C TYR C 75 -94.26 -6.00 34.76
N ASN C 76 -94.50 -7.32 34.79
CA ASN C 76 -95.07 -7.96 35.97
C ASN C 76 -94.40 -9.27 36.35
N GLY C 77 -93.38 -9.72 35.61
CA GLY C 77 -92.70 -10.94 35.96
C GLY C 77 -92.45 -11.90 34.80
N HIS C 78 -92.70 -11.45 33.57
CA HIS C 78 -92.43 -12.27 32.40
C HIS C 78 -91.59 -11.48 31.42
N VAL C 79 -90.75 -12.19 30.66
CA VAL C 79 -89.81 -11.58 29.74
C VAL C 79 -89.44 -12.62 28.69
N GLY C 80 -88.99 -12.14 27.53
CA GLY C 80 -88.58 -13.02 26.46
C GLY C 80 -87.57 -12.41 25.52
N LEU C 81 -86.73 -13.24 24.91
CA LEU C 81 -85.68 -12.79 24.01
C LEU C 81 -85.84 -13.51 22.67
N GLY C 82 -85.73 -12.75 21.58
CA GLY C 82 -85.86 -13.33 20.26
C GLY C 82 -84.73 -12.96 19.31
N VAL C 83 -84.13 -13.97 18.68
CA VAL C 83 -83.04 -13.78 17.73
C VAL C 83 -83.46 -14.40 16.41
N LYS C 84 -83.57 -13.59 15.37
CA LYS C 84 -83.99 -14.05 14.05
C LYS C 84 -83.18 -13.33 12.98
N CYS C 85 -82.76 -14.07 11.97
CA CYS C 85 -81.98 -13.54 10.85
C CYS C 85 -82.81 -13.61 9.58
N SER C 86 -82.87 -12.50 8.85
CA SER C 86 -83.59 -12.45 7.58
C SER C 86 -82.98 -11.37 6.70
N LYS C 87 -83.25 -11.47 5.40
CA LYS C 87 -82.75 -10.48 4.47
C LYS C 87 -83.44 -9.13 4.68
N GLU C 88 -84.75 -9.14 4.88
CA GLU C 88 -85.49 -7.92 5.12
C GLU C 88 -85.54 -7.63 6.61
N VAL C 89 -85.31 -6.36 6.97
CA VAL C 89 -85.34 -5.98 8.38
C VAL C 89 -86.72 -6.17 8.96
N ALA C 90 -87.76 -5.78 8.22
CA ALA C 90 -89.12 -5.89 8.72
C ALA C 90 -89.52 -7.35 8.97
N THR C 91 -89.14 -8.24 8.05
CA THR C 91 -89.43 -9.66 8.25
C THR C 91 -88.68 -10.21 9.46
N ALA C 92 -87.43 -9.77 9.65
CA ALA C 92 -86.65 -10.24 10.79
C ALA C 92 -87.25 -9.76 12.10
N ILE C 93 -87.74 -8.52 12.13
CA ILE C 93 -88.29 -7.96 13.37
C ILE C 93 -89.53 -8.76 13.80
N ARG C 94 -90.46 -8.98 12.88
CA ARG C 94 -91.65 -9.74 13.22
C ARG C 94 -91.30 -11.21 13.49
N GLY C 95 -90.29 -11.73 12.79
CA GLY C 95 -89.83 -13.08 13.08
C GLY C 95 -89.21 -13.19 14.46
N ALA C 96 -88.40 -12.21 14.85
CA ALA C 96 -87.79 -12.22 16.17
C ALA C 96 -88.83 -12.09 17.26
N ILE C 97 -89.89 -11.32 17.00
CA ILE C 97 -90.98 -11.18 17.97
C ILE C 97 -91.64 -12.54 18.23
N ILE C 98 -91.90 -13.29 17.16
CA ILE C 98 -92.52 -14.60 17.31
C ILE C 98 -91.59 -15.54 18.08
N LEU C 99 -90.30 -15.54 17.74
CA LEU C 99 -89.35 -16.38 18.47
C LEU C 99 -89.23 -15.94 19.92
N ALA C 100 -89.24 -14.63 20.17
CA ALA C 100 -89.28 -14.15 21.54
C ALA C 100 -90.55 -14.58 22.23
N LYS C 101 -91.68 -14.55 21.52
CA LYS C 101 -92.95 -14.93 22.12
C LYS C 101 -92.97 -16.39 22.52
N LEU C 102 -92.28 -17.25 21.75
CA LEU C 102 -92.14 -18.63 22.19
C LEU C 102 -91.30 -18.72 23.45
N SER C 103 -90.23 -17.93 23.52
CA SER C 103 -89.31 -17.99 24.67
C SER C 103 -89.70 -16.99 25.74
N ILE C 104 -90.96 -16.98 26.13
CA ILE C 104 -91.37 -16.21 27.30
C ILE C 104 -91.19 -17.07 28.54
N VAL C 105 -90.43 -16.56 29.50
CA VAL C 105 -90.12 -17.29 30.72
C VAL C 105 -90.65 -16.49 31.90
N PRO C 106 -91.03 -17.14 32.99
CA PRO C 106 -91.42 -16.40 34.19
C PRO C 106 -90.21 -16.05 35.06
N VAL C 107 -90.28 -14.86 35.66
CA VAL C 107 -89.23 -14.34 36.53
C VAL C 107 -89.71 -14.38 37.96
N ARG C 108 -88.94 -15.05 38.81
CA ARG C 108 -89.22 -15.10 40.23
C ARG C 108 -88.64 -13.87 40.92
N ARG C 109 -89.48 -13.18 41.67
CA ARG C 109 -89.10 -11.99 42.39
C ARG C 109 -89.07 -12.32 43.88
N GLY C 110 -87.99 -11.92 44.54
CA GLY C 110 -87.81 -12.15 45.96
C GLY C 110 -87.52 -10.90 46.73
N TYR C 111 -86.95 -11.04 47.93
CA TYR C 111 -86.68 -9.92 48.81
C TYR C 111 -85.21 -9.93 49.21
N TRP C 112 -84.62 -8.73 49.24
CA TRP C 112 -83.24 -8.63 49.70
C TRP C 112 -83.16 -8.78 51.21
N GLY C 113 -84.22 -8.39 51.92
CA GLY C 113 -84.26 -8.49 53.36
C GLY C 113 -85.52 -7.86 53.91
N ASN C 114 -86.08 -8.44 54.97
CA ASN C 114 -87.30 -7.95 55.63
C ASN C 114 -88.45 -7.88 54.63
N LYS C 115 -88.86 -9.07 54.18
CA LYS C 115 -90.01 -9.22 53.30
C LYS C 115 -91.26 -8.57 53.89
N ILE C 116 -91.84 -7.64 53.16
CA ILE C 116 -93.01 -6.91 53.65
C ILE C 116 -94.18 -7.09 52.70
N GLY C 117 -94.05 -6.55 51.48
CA GLY C 117 -95.15 -6.56 50.54
C GLY C 117 -94.80 -7.24 49.23
N LYS C 118 -94.90 -6.52 48.13
CA LYS C 118 -94.56 -7.08 46.83
C LYS C 118 -93.03 -7.24 46.72
N PRO C 119 -92.55 -8.38 46.26
CA PRO C 119 -91.10 -8.57 46.11
C PRO C 119 -90.50 -7.59 45.10
N HIS C 120 -89.25 -7.23 45.36
CA HIS C 120 -88.58 -6.16 44.63
C HIS C 120 -87.29 -6.59 43.95
N THR C 121 -86.80 -7.79 44.19
CA THR C 121 -85.51 -8.21 43.67
C THR C 121 -85.55 -9.71 43.38
N VAL C 122 -84.43 -10.22 42.85
CA VAL C 122 -84.28 -11.64 42.60
C VAL C 122 -84.16 -12.36 43.93
N PRO C 123 -84.63 -13.61 44.03
CA PRO C 123 -84.54 -14.32 45.32
C PRO C 123 -83.12 -14.52 45.82
N CYS C 124 -82.17 -14.74 44.92
CA CYS C 124 -80.77 -14.88 45.29
C CYS C 124 -79.93 -14.50 44.07
N LYS C 125 -78.62 -14.52 44.23
CA LYS C 125 -77.74 -14.17 43.13
C LYS C 125 -77.70 -15.29 42.11
N VAL C 126 -77.89 -14.93 40.84
CA VAL C 126 -77.89 -15.89 39.75
C VAL C 126 -76.83 -15.47 38.74
N THR C 127 -76.43 -16.43 37.91
CA THR C 127 -75.35 -16.21 36.95
C THR C 127 -75.79 -16.74 35.60
N GLY C 128 -75.68 -15.90 34.57
CA GLY C 128 -76.02 -16.29 33.21
C GLY C 128 -74.77 -16.58 32.41
N ARG C 129 -74.81 -17.68 31.67
CA ARG C 129 -73.69 -18.11 30.84
C ARG C 129 -74.14 -18.11 29.40
N CYS C 130 -73.42 -17.38 28.56
CA CYS C 130 -73.65 -17.44 27.11
C CYS C 130 -72.31 -17.16 26.44
N GLY C 131 -71.59 -18.22 26.10
CA GLY C 131 -70.26 -18.05 25.53
C GLY C 131 -69.29 -17.51 26.55
N SER C 132 -68.51 -16.52 26.14
CA SER C 132 -67.52 -15.92 27.03
C SER C 132 -68.10 -14.81 27.88
N VAL C 133 -69.34 -14.41 27.64
CA VAL C 133 -69.98 -13.34 28.39
C VAL C 133 -70.72 -13.97 29.56
N LEU C 134 -70.27 -13.66 30.78
CA LEU C 134 -70.89 -14.15 32.00
C LEU C 134 -71.45 -12.95 32.75
N VAL C 135 -72.74 -12.99 33.06
CA VAL C 135 -73.42 -11.91 33.76
C VAL C 135 -73.99 -12.46 35.06
N ARG C 136 -73.72 -11.77 36.16
CA ARG C 136 -74.23 -12.14 37.47
C ARG C 136 -75.22 -11.08 37.94
N LEU C 137 -76.42 -11.52 38.31
CA LEU C 137 -77.42 -10.65 38.90
C LEU C 137 -77.38 -10.82 40.42
N ILE C 138 -77.12 -9.73 41.13
CA ILE C 138 -77.00 -9.79 42.59
C ILE C 138 -78.20 -9.08 43.21
N PRO C 139 -78.83 -9.68 44.22
CA PRO C 139 -79.96 -9.01 44.88
C PRO C 139 -79.52 -7.71 45.55
N ALA C 140 -80.42 -6.73 45.55
CA ALA C 140 -80.15 -5.43 46.13
C ALA C 140 -81.35 -5.00 46.96
N PRO C 141 -81.13 -4.19 48.01
CA PRO C 141 -82.26 -3.74 48.83
C PRO C 141 -83.24 -2.86 48.09
N ARG C 142 -84.32 -2.47 48.77
CA ARG C 142 -85.36 -1.66 48.14
C ARG C 142 -84.80 -0.30 47.72
N GLY C 143 -85.24 0.15 46.55
CA GLY C 143 -84.91 1.48 46.07
C GLY C 143 -83.55 1.64 45.45
N THR C 144 -82.80 0.56 45.23
CA THR C 144 -81.49 0.70 44.61
C THR C 144 -81.57 0.90 43.11
N GLY C 145 -82.69 0.54 42.49
CA GLY C 145 -82.76 0.58 41.04
C GLY C 145 -81.94 -0.55 40.42
N ILE C 146 -81.62 -0.36 39.14
CA ILE C 146 -80.87 -1.34 38.37
C ILE C 146 -79.52 -0.69 38.03
N VAL C 147 -78.46 -1.17 38.68
CA VAL C 147 -77.11 -0.67 38.42
C VAL C 147 -76.49 -1.59 37.37
N SER C 148 -76.77 -1.29 36.10
CA SER C 148 -76.35 -2.16 35.02
C SER C 148 -76.17 -1.33 33.75
N ALA C 149 -75.74 -2.01 32.68
CA ALA C 149 -75.70 -1.39 31.38
C ALA C 149 -77.12 -1.14 30.88
N PRO C 150 -77.29 -0.20 29.95
CA PRO C 150 -78.63 0.02 29.39
C PRO C 150 -79.20 -1.19 28.68
N VAL C 151 -78.34 -2.05 28.11
CA VAL C 151 -78.85 -3.19 27.33
C VAL C 151 -79.66 -4.15 28.19
N PRO C 152 -79.20 -4.61 29.36
CA PRO C 152 -80.07 -5.45 30.19
C PRO C 152 -80.96 -4.68 31.16
N LYS C 153 -80.71 -3.39 31.40
CA LYS C 153 -81.55 -2.63 32.30
C LYS C 153 -82.99 -2.57 31.80
N LYS C 154 -83.17 -2.35 30.50
CA LYS C 154 -84.51 -2.43 29.93
C LYS C 154 -85.03 -3.85 29.99
N LEU C 155 -84.18 -4.84 29.76
CA LEU C 155 -84.59 -6.23 29.89
C LEU C 155 -84.97 -6.56 31.32
N LEU C 156 -84.19 -6.08 32.29
CA LEU C 156 -84.52 -6.29 33.69
C LEU C 156 -85.79 -5.54 34.07
N MET C 157 -85.94 -4.31 33.58
CA MET C 157 -87.14 -3.53 33.88
C MET C 157 -88.38 -4.21 33.33
N MET C 158 -88.33 -4.64 32.06
CA MET C 158 -89.48 -5.31 31.46
C MET C 158 -89.69 -6.70 32.02
N ALA C 159 -88.75 -7.22 32.80
CA ALA C 159 -88.95 -8.48 33.51
C ALA C 159 -89.62 -8.29 34.86
N GLY C 160 -89.91 -7.05 35.25
CA GLY C 160 -90.53 -6.78 36.52
C GLY C 160 -89.58 -6.54 37.68
N ILE C 161 -88.28 -6.70 37.46
CA ILE C 161 -87.31 -6.48 38.53
C ILE C 161 -87.14 -5.00 38.78
N ASP C 162 -87.12 -4.62 40.05
CA ASP C 162 -86.96 -3.23 40.45
C ASP C 162 -85.60 -2.92 41.05
N ASP C 163 -84.99 -3.88 41.75
CA ASP C 163 -83.69 -3.69 42.38
C ASP C 163 -82.81 -4.89 42.07
N CYS C 164 -81.61 -4.63 41.56
CA CYS C 164 -80.69 -5.72 41.22
C CYS C 164 -79.29 -5.16 41.03
N TYR C 165 -78.33 -5.65 41.80
CA TYR C 165 -76.93 -5.39 41.48
C TYR C 165 -76.50 -6.30 40.34
N THR C 166 -75.68 -5.75 39.44
CA THR C 166 -75.28 -6.48 38.24
C THR C 166 -73.76 -6.48 38.11
N SER C 167 -73.22 -7.61 37.66
CA SER C 167 -71.79 -7.74 37.40
C SER C 167 -71.63 -8.63 36.17
N ALA C 168 -70.91 -8.14 35.17
CA ALA C 168 -70.70 -8.86 33.94
C ALA C 168 -69.22 -8.98 33.62
N ARG C 169 -68.87 -10.06 32.91
CA ARG C 169 -67.48 -10.30 32.52
C ARG C 169 -67.47 -10.92 31.14
N GLY C 170 -66.45 -10.56 30.35
CA GLY C 170 -66.29 -11.05 29.00
C GLY C 170 -66.17 -9.90 28.01
N CYS C 171 -66.76 -10.09 26.83
CA CYS C 171 -66.79 -9.07 25.79
C CYS C 171 -68.25 -8.65 25.63
N THR C 172 -68.68 -7.68 26.45
CA THR C 172 -70.05 -7.21 26.40
C THR C 172 -70.38 -6.43 25.14
N ALA C 173 -69.37 -6.11 24.32
CA ALA C 173 -69.63 -5.50 23.02
C ALA C 173 -70.47 -6.42 22.15
N THR C 174 -70.36 -7.73 22.34
CA THR C 174 -71.26 -8.67 21.67
C THR C 174 -72.65 -8.56 22.29
N LEU C 175 -73.51 -7.76 21.68
CA LEU C 175 -74.82 -7.49 22.27
C LEU C 175 -75.68 -8.74 22.27
N GLY C 176 -75.53 -9.60 21.27
CA GLY C 176 -76.31 -10.82 21.22
C GLY C 176 -76.04 -11.74 22.38
N ASN C 177 -74.76 -11.94 22.70
CA ASN C 177 -74.41 -12.79 23.83
C ASN C 177 -74.67 -12.09 25.15
N PHE C 178 -74.44 -10.77 25.20
CA PHE C 178 -74.61 -10.03 26.44
C PHE C 178 -76.07 -10.05 26.89
N ALA C 179 -76.99 -9.83 25.95
CA ALA C 179 -78.41 -9.89 26.30
C ALA C 179 -78.83 -11.31 26.64
N LYS C 180 -78.30 -12.30 25.92
CA LYS C 180 -78.68 -13.69 26.14
C LYS C 180 -78.25 -14.16 27.53
N ALA C 181 -77.04 -13.78 27.95
CA ALA C 181 -76.55 -14.20 29.26
C ALA C 181 -77.41 -13.61 30.38
N THR C 182 -77.80 -12.35 30.26
CA THR C 182 -78.70 -11.75 31.24
C THR C 182 -80.04 -12.48 31.25
N PHE C 183 -80.53 -12.86 30.07
CA PHE C 183 -81.77 -13.63 29.99
C PHE C 183 -81.60 -14.99 30.65
N ASP C 184 -80.45 -15.64 30.45
CA ASP C 184 -80.21 -16.95 31.04
C ASP C 184 -80.22 -16.88 32.56
N ALA C 185 -79.58 -15.86 33.14
CA ALA C 185 -79.63 -15.68 34.58
C ALA C 185 -81.05 -15.41 35.04
N ILE C 186 -81.80 -14.62 34.27
CA ILE C 186 -83.19 -14.35 34.60
C ILE C 186 -84.01 -15.63 34.53
N SER C 187 -83.76 -16.46 33.52
CA SER C 187 -84.55 -17.66 33.33
C SER C 187 -84.35 -18.66 34.48
N LYS C 188 -83.13 -18.78 34.97
CA LYS C 188 -82.81 -19.82 35.95
C LYS C 188 -83.13 -19.42 37.39
N THR C 189 -83.94 -18.36 37.60
CA THR C 189 -84.35 -18.00 38.94
C THR C 189 -85.13 -19.12 39.60
N TYR C 190 -86.00 -19.79 38.84
CA TYR C 190 -86.60 -20.99 39.36
C TYR C 190 -85.64 -22.16 39.38
N SER C 191 -84.63 -22.18 38.51
CA SER C 191 -83.71 -23.31 38.53
C SER C 191 -82.87 -23.36 39.81
N TYR C 192 -82.91 -22.33 40.63
CA TYR C 192 -82.17 -22.35 41.89
C TYR C 192 -83.08 -22.81 43.03
N LEU C 193 -82.70 -23.92 43.67
CA LEU C 193 -83.53 -24.46 44.74
C LEU C 193 -83.45 -23.56 45.97
N THR C 194 -84.57 -23.46 46.69
CA THR C 194 -84.70 -22.56 47.81
C THR C 194 -85.30 -23.34 48.97
N PRO C 195 -84.88 -23.08 50.21
CA PRO C 195 -85.41 -23.83 51.35
C PRO C 195 -86.92 -23.76 51.52
N ASP C 196 -87.56 -22.65 51.15
CA ASP C 196 -89.01 -22.58 51.25
C ASP C 196 -89.70 -23.55 50.30
N LEU C 197 -88.97 -24.05 49.30
CA LEU C 197 -89.50 -25.03 48.36
C LEU C 197 -89.26 -26.47 48.82
N TRP C 198 -88.67 -26.66 50.00
CA TRP C 198 -88.33 -28.00 50.47
C TRP C 198 -89.56 -28.85 50.76
N LYS C 199 -90.71 -28.23 50.99
CA LYS C 199 -91.94 -28.99 51.20
C LYS C 199 -92.30 -29.76 49.94
N GLU C 200 -92.73 -31.01 50.13
CA GLU C 200 -93.01 -31.88 48.99
C GLU C 200 -94.24 -31.40 48.24
N THR C 201 -94.13 -31.31 46.92
CA THR C 201 -95.18 -30.76 46.09
C THR C 201 -96.34 -31.73 45.96
N VAL C 202 -97.52 -31.17 45.66
CA VAL C 202 -98.73 -31.93 45.40
C VAL C 202 -99.02 -31.86 43.91
N PHE C 203 -99.04 -33.01 43.26
CA PHE C 203 -99.20 -33.09 41.82
C PHE C 203 -100.67 -33.10 41.43
N THR C 204 -101.04 -32.25 40.47
CA THR C 204 -102.40 -32.16 39.99
C THR C 204 -102.51 -32.86 38.62
N LYS C 205 -103.69 -32.78 38.03
CA LYS C 205 -103.92 -33.41 36.74
C LYS C 205 -103.25 -32.64 35.62
N SER C 206 -102.69 -33.37 34.65
CA SER C 206 -102.11 -32.74 33.48
C SER C 206 -103.21 -32.10 32.63
N PRO C 207 -102.92 -30.94 32.02
CA PRO C 207 -103.94 -30.31 31.15
C PRO C 207 -104.38 -31.18 29.99
N TYR C 208 -103.45 -31.95 29.41
CA TYR C 208 -103.85 -32.95 28.42
C TYR C 208 -104.74 -34.00 29.05
N GLN C 209 -104.39 -34.46 30.25
CA GLN C 209 -105.15 -35.51 30.91
C GLN C 209 -106.47 -35.01 31.45
N GLU C 210 -106.56 -33.73 31.82
CA GLU C 210 -107.79 -33.21 32.40
C GLU C 210 -108.90 -33.08 31.36
N PHE C 211 -108.57 -32.61 30.15
CA PHE C 211 -109.54 -32.46 29.08
C PHE C 211 -109.27 -33.42 27.92
N THR C 212 -108.81 -34.64 28.23
CA THR C 212 -108.53 -35.60 27.17
C THR C 212 -109.78 -36.02 26.43
N ASP C 213 -110.94 -36.02 27.11
CA ASP C 213 -112.19 -36.37 26.44
C ASP C 213 -112.64 -35.26 25.50
N HIS C 214 -112.34 -34.00 25.85
CA HIS C 214 -112.77 -32.88 25.02
C HIS C 214 -111.99 -32.84 23.71
N LEU C 215 -110.72 -33.22 23.73
CA LEU C 215 -109.89 -33.16 22.53
C LEU C 215 -110.28 -34.20 21.50
N VAL C 216 -110.89 -35.31 21.92
CA VAL C 216 -111.36 -36.31 20.95
C VAL C 216 -112.43 -35.71 20.05
N LYS C 217 -113.38 -34.99 20.65
CA LYS C 217 -114.43 -34.36 19.86
C LYS C 217 -113.90 -33.17 19.06
N THR C 218 -113.00 -32.39 19.65
CA THR C 218 -112.60 -31.12 19.08
C THR C 218 -111.32 -31.22 18.25
N HIS C 219 -110.23 -31.66 18.86
CA HIS C 219 -108.91 -31.61 18.23
C HIS C 219 -108.55 -32.98 17.69
N THR C 220 -108.92 -33.22 16.44
CA THR C 220 -108.62 -34.48 15.77
C THR C 220 -107.81 -34.24 14.50
N ALA D 1 -38.62 22.84 69.11
CA ALA D 1 -38.42 24.27 69.31
C ALA D 1 -37.19 24.53 70.16
N ARG D 2 -36.63 25.74 70.06
CA ARG D 2 -35.48 26.11 70.86
C ARG D 2 -35.84 26.49 72.28
N GLY D 3 -37.13 26.54 72.62
CA GLY D 3 -37.56 26.85 73.95
C GLY D 3 -39.06 26.67 74.09
N PRO D 4 -39.58 26.99 75.28
CA PRO D 4 -41.04 26.83 75.50
C PRO D 4 -41.84 27.79 74.63
N LYS D 5 -43.01 27.32 74.20
CA LYS D 5 -43.92 28.17 73.45
C LYS D 5 -44.60 29.17 74.38
N LYS D 6 -45.15 30.22 73.77
CA LYS D 6 -46.01 31.16 74.49
C LYS D 6 -47.19 31.57 73.62
N HIS D 7 -47.59 30.69 72.70
CA HIS D 7 -48.78 30.88 71.89
C HIS D 7 -49.65 29.64 71.96
N LEU D 8 -50.90 29.80 71.54
CA LEU D 8 -51.82 28.67 71.42
C LEU D 8 -52.77 28.98 70.28
N LYS D 9 -52.95 28.02 69.38
CA LYS D 9 -53.83 28.21 68.23
C LYS D 9 -55.28 28.03 68.64
N ARG D 10 -56.16 28.74 67.94
CA ARG D 10 -57.59 28.63 68.21
C ARG D 10 -58.08 27.20 67.99
N VAL D 11 -57.63 26.57 66.92
CA VAL D 11 -58.06 25.20 66.63
C VAL D 11 -57.50 24.23 67.65
N ALA D 12 -56.22 24.42 68.03
CA ALA D 12 -55.59 23.54 69.00
C ALA D 12 -56.04 23.79 70.43
N ALA D 13 -56.86 24.81 70.66
CA ALA D 13 -57.38 25.11 71.99
C ALA D 13 -58.27 23.95 72.47
N PRO D 14 -58.44 23.80 73.78
CA PRO D 14 -59.24 22.69 74.30
C PRO D 14 -60.67 22.71 73.78
N LYS D 15 -61.19 21.52 73.48
CA LYS D 15 -62.53 21.39 72.93
C LYS D 15 -63.60 21.88 73.89
N HIS D 16 -63.43 21.59 75.19
CA HIS D 16 -64.43 21.95 76.19
C HIS D 16 -64.54 23.45 76.41
N TRP D 17 -63.72 24.26 75.74
CA TRP D 17 -63.89 25.70 75.78
C TRP D 17 -65.05 26.18 74.93
N MET D 18 -65.47 25.38 73.95
CA MET D 18 -66.53 25.73 73.00
C MET D 18 -66.26 27.08 72.33
N LEU D 19 -65.08 27.20 71.76
CA LEU D 19 -64.69 28.41 71.04
C LEU D 19 -65.25 28.34 69.61
N ASP D 20 -64.84 29.27 68.77
CA ASP D 20 -65.27 29.31 67.38
C ASP D 20 -64.08 29.62 66.48
N LYS D 21 -64.23 29.26 65.21
CA LYS D 21 -63.11 29.32 64.26
C LYS D 21 -62.94 30.68 63.60
N LEU D 22 -63.88 31.61 63.79
CA LEU D 22 -63.89 32.83 62.99
C LEU D 22 -63.31 34.05 63.69
N THR D 23 -63.43 34.14 65.02
CA THR D 23 -63.06 35.36 65.71
C THR D 23 -61.57 35.65 65.61
N GLY D 24 -60.74 34.65 65.87
CA GLY D 24 -59.30 34.86 65.92
C GLY D 24 -58.53 33.63 65.54
N VAL D 25 -57.34 33.86 64.95
CA VAL D 25 -56.46 32.75 64.60
C VAL D 25 -55.89 32.11 65.85
N PHE D 26 -55.48 32.92 66.81
CA PHE D 26 -54.84 32.41 68.02
C PHE D 26 -55.90 32.06 69.06
N ALA D 27 -55.43 31.62 70.21
CA ALA D 27 -56.26 31.24 71.35
C ALA D 27 -55.79 32.03 72.56
N PRO D 28 -56.61 32.11 73.62
CA PRO D 28 -56.21 32.87 74.81
C PRO D 28 -54.85 32.50 75.38
N ARG D 29 -54.36 31.26 75.17
CA ARG D 29 -53.08 30.79 75.70
C ARG D 29 -53.03 31.01 77.20
N PRO D 30 -53.73 30.17 77.98
CA PRO D 30 -53.79 30.38 79.43
C PRO D 30 -52.41 30.33 80.06
N SER D 31 -52.19 31.22 81.03
CA SER D 31 -50.91 31.30 81.71
C SER D 31 -50.72 30.08 82.60
N THR D 32 -49.45 29.83 82.94
CA THR D 32 -49.14 28.76 83.88
C THR D 32 -49.75 29.07 85.24
N GLY D 33 -50.23 28.03 85.91
CA GLY D 33 -50.86 28.20 87.19
C GLY D 33 -51.06 26.90 87.93
N PRO D 34 -52.05 26.88 88.83
CA PRO D 34 -52.30 25.66 89.61
C PRO D 34 -52.70 24.45 88.77
N HIS D 35 -53.38 24.66 87.64
CA HIS D 35 -53.95 23.57 86.86
C HIS D 35 -53.25 23.44 85.52
N LYS D 36 -53.57 22.35 84.82
CA LYS D 36 -53.08 22.14 83.47
C LYS D 36 -53.93 22.90 82.47
N LEU D 37 -53.32 23.27 81.34
CA LEU D 37 -54.03 24.06 80.34
C LEU D 37 -55.17 23.29 79.69
N ARG D 38 -55.11 21.95 79.69
CA ARG D 38 -56.14 21.15 79.06
C ARG D 38 -57.46 21.20 79.83
N GLU D 39 -57.45 21.60 81.09
CA GLU D 39 -58.64 21.59 81.92
C GLU D 39 -58.74 22.86 82.75
N CYS D 40 -58.50 24.02 82.13
CA CYS D 40 -58.66 25.29 82.82
C CYS D 40 -59.38 26.27 81.91
N LEU D 41 -60.07 27.23 82.54
CA LEU D 41 -60.73 28.30 81.81
C LEU D 41 -60.06 29.63 82.15
N PRO D 42 -59.32 30.23 81.22
CA PRO D 42 -58.87 31.61 81.45
C PRO D 42 -60.05 32.56 81.54
N LEU D 43 -59.89 33.61 82.35
CA LEU D 43 -60.99 34.53 82.61
C LEU D 43 -61.43 35.25 81.35
N ILE D 44 -60.55 35.37 80.36
CA ILE D 44 -60.85 36.17 79.17
C ILE D 44 -62.02 35.60 78.40
N ILE D 45 -62.07 34.27 78.25
CA ILE D 45 -63.22 33.65 77.60
C ILE D 45 -64.32 33.34 78.59
N PHE D 46 -64.01 33.35 79.90
CA PHE D 46 -65.06 33.19 80.90
C PHE D 46 -65.94 34.43 81.01
N LEU D 47 -65.44 35.57 80.55
CA LEU D 47 -66.20 36.81 80.59
C LEU D 47 -66.55 37.35 79.21
N ARG D 48 -66.03 36.75 78.14
CA ARG D 48 -66.37 37.15 76.78
C ARG D 48 -67.16 36.09 76.02
N ASN D 49 -66.96 34.81 76.33
CA ASN D 49 -67.68 33.74 75.67
C ASN D 49 -68.65 33.01 76.59
N ARG D 50 -68.64 33.30 77.88
CA ARG D 50 -69.51 32.63 78.84
C ARG D 50 -70.56 33.57 79.41
N LEU D 51 -70.15 34.69 80.01
CA LEU D 51 -71.09 35.62 80.62
C LEU D 51 -71.29 36.88 79.79
N LYS D 52 -70.41 37.16 78.84
CA LYS D 52 -70.47 38.34 77.98
C LYS D 52 -70.43 39.64 78.78
N TYR D 53 -69.86 39.59 79.99
CA TYR D 53 -69.67 40.80 80.78
C TYR D 53 -68.75 41.78 80.06
N ALA D 54 -67.79 41.27 79.31
CA ALA D 54 -66.91 42.07 78.48
C ALA D 54 -67.22 41.82 77.01
N LEU D 55 -67.13 42.88 76.20
CA LEU D 55 -67.44 42.74 74.78
C LEU D 55 -66.34 42.00 74.04
N THR D 56 -65.12 42.54 74.09
CA THR D 56 -63.96 41.97 73.41
C THR D 56 -62.88 41.68 74.44
N GLY D 57 -61.69 41.34 73.94
CA GLY D 57 -60.58 40.99 74.80
C GLY D 57 -59.96 42.16 75.54
N ASP D 58 -60.34 43.39 75.19
CA ASP D 58 -59.80 44.56 75.89
C ASP D 58 -60.63 45.00 77.08
N GLU D 59 -61.96 44.82 77.05
CA GLU D 59 -62.75 45.14 78.23
C GLU D 59 -62.41 44.20 79.38
N VAL D 60 -62.25 42.91 79.09
CA VAL D 60 -61.91 41.94 80.12
C VAL D 60 -60.52 42.23 80.70
N LYS D 61 -59.62 42.81 79.88
CA LYS D 61 -58.36 43.30 80.43
C LYS D 61 -58.61 44.46 81.39
N LYS D 62 -59.53 45.35 81.03
CA LYS D 62 -59.84 46.48 81.90
C LYS D 62 -60.45 46.03 83.22
N ILE D 63 -61.33 45.05 83.18
CA ILE D 63 -62.00 44.62 84.41
C ILE D 63 -61.04 43.84 85.30
N CYS D 64 -60.02 43.22 84.72
CA CYS D 64 -59.01 42.56 85.53
C CYS D 64 -58.18 43.56 86.31
N MET D 65 -57.86 44.70 85.68
CA MET D 65 -57.03 45.70 86.35
C MET D 65 -57.78 46.50 87.38
N GLN D 66 -59.11 46.48 87.36
CA GLN D 66 -59.91 47.23 88.32
C GLN D 66 -60.10 46.49 89.63
N ARG D 67 -59.66 45.23 89.71
CA ARG D 67 -59.75 44.40 90.92
C ARG D 67 -61.20 44.29 91.42
N PHE D 68 -62.05 43.74 90.55
CA PHE D 68 -63.40 43.35 90.93
C PHE D 68 -63.62 41.86 90.85
N ILE D 69 -62.56 41.09 90.62
CA ILE D 69 -62.65 39.63 90.47
C ILE D 69 -61.71 38.99 91.49
N LYS D 70 -62.25 38.08 92.29
CA LYS D 70 -61.49 37.34 93.29
C LYS D 70 -61.64 35.86 93.01
N ILE D 71 -60.52 35.17 92.87
CA ILE D 71 -60.50 33.75 92.55
C ILE D 71 -59.98 32.98 93.76
N ASP D 72 -60.76 32.02 94.23
CA ASP D 72 -60.38 31.13 95.33
C ASP D 72 -59.99 31.92 96.59
N GLY D 73 -60.68 33.03 96.83
CA GLY D 73 -60.39 33.85 97.99
C GLY D 73 -59.27 34.83 97.82
N LYS D 74 -58.68 34.93 96.63
CA LYS D 74 -57.62 35.89 96.36
C LYS D 74 -57.91 36.61 95.05
N VAL D 75 -57.48 37.87 94.98
CA VAL D 75 -57.70 38.69 93.78
C VAL D 75 -56.62 38.38 92.77
N ARG D 76 -57.03 38.15 91.52
CA ARG D 76 -56.12 37.85 90.43
C ARG D 76 -56.32 38.88 89.33
N THR D 77 -55.26 39.58 88.97
CA THR D 77 -55.29 40.52 87.86
C THR D 77 -54.90 39.87 86.54
N ASP D 78 -54.52 38.59 86.56
CA ASP D 78 -54.14 37.89 85.33
C ASP D 78 -55.38 37.66 84.48
N ILE D 79 -55.37 38.22 83.27
CA ILE D 79 -56.48 38.00 82.34
C ILE D 79 -56.55 36.54 81.93
N THR D 80 -55.40 35.88 81.79
CA THR D 80 -55.32 34.48 81.40
C THR D 80 -54.98 33.59 82.59
N TYR D 81 -55.48 33.93 83.76
CA TYR D 81 -55.26 33.09 84.93
C TYR D 81 -56.06 31.80 84.79
N PRO D 82 -55.42 30.65 84.90
CA PRO D 82 -56.17 29.38 84.82
C PRO D 82 -57.10 29.20 86.02
N ALA D 83 -58.40 29.21 85.77
CA ALA D 83 -59.37 29.01 86.84
C ALA D 83 -59.22 27.63 87.46
N GLY D 84 -59.45 26.59 86.67
CA GLY D 84 -59.32 25.22 87.15
C GLY D 84 -60.57 24.73 87.86
N PHE D 85 -60.56 23.43 88.14
CA PHE D 85 -61.75 22.75 88.63
C PHE D 85 -62.15 23.23 90.02
N MET D 86 -63.46 23.38 90.21
CA MET D 86 -64.12 23.72 91.48
C MET D 86 -63.37 24.81 92.27
N ASP D 87 -63.10 25.91 91.59
CA ASP D 87 -62.52 27.09 92.23
C ASP D 87 -63.55 28.20 92.25
N VAL D 88 -63.73 28.82 93.42
CA VAL D 88 -64.75 29.84 93.59
C VAL D 88 -64.34 31.10 92.84
N ILE D 89 -65.25 31.60 92.02
CA ILE D 89 -65.06 32.85 91.28
C ILE D 89 -66.01 33.87 91.88
N SER D 90 -65.49 34.75 92.71
CA SER D 90 -66.30 35.70 93.48
C SER D 90 -66.22 37.07 92.82
N ILE D 91 -67.37 37.65 92.53
CA ILE D 91 -67.49 39.01 92.01
C ILE D 91 -68.14 39.83 93.12
N ASP D 92 -67.31 40.60 93.84
CA ASP D 92 -67.80 41.31 95.01
C ASP D 92 -68.78 42.43 94.64
N LYS D 93 -68.60 43.05 93.47
CA LYS D 93 -69.46 44.15 93.08
C LYS D 93 -70.90 43.70 92.89
N THR D 94 -71.10 42.62 92.14
CA THR D 94 -72.43 42.05 91.98
C THR D 94 -72.81 41.13 93.12
N GLY D 95 -71.85 40.74 93.97
CA GLY D 95 -72.14 39.87 95.09
C GLY D 95 -72.59 38.48 94.69
N GLU D 96 -71.98 37.91 93.65
CA GLU D 96 -72.32 36.58 93.18
C GLU D 96 -71.04 35.77 92.98
N ASN D 97 -71.15 34.47 93.22
CA ASN D 97 -70.00 33.57 93.17
C ASN D 97 -70.28 32.41 92.24
N PHE D 98 -69.22 31.86 91.68
CA PHE D 98 -69.32 30.79 90.70
C PHE D 98 -68.38 29.65 91.07
N ARG D 99 -68.88 28.42 90.94
CA ARG D 99 -68.07 27.22 91.13
C ARG D 99 -67.92 26.54 89.78
N LEU D 100 -66.67 26.28 89.38
CA LEU D 100 -66.41 25.70 88.07
C LEU D 100 -66.57 24.20 88.17
N ILE D 101 -67.71 23.69 87.69
CA ILE D 101 -68.04 22.28 87.76
C ILE D 101 -68.36 21.78 86.36
N TYR D 102 -67.85 20.59 86.04
CA TYR D 102 -68.20 19.94 84.78
C TYR D 102 -69.68 19.65 84.72
N ASP D 103 -70.26 19.78 83.53
CA ASP D 103 -71.66 19.46 83.32
C ASP D 103 -71.80 18.02 82.84
N THR D 104 -73.03 17.65 82.46
CA THR D 104 -73.26 16.29 81.98
C THR D 104 -72.51 16.01 80.68
N LYS D 105 -72.31 17.03 79.85
CA LYS D 105 -71.58 16.89 78.61
C LYS D 105 -70.08 17.12 78.79
N GLY D 106 -69.58 17.04 80.02
CA GLY D 106 -68.16 17.15 80.27
C GLY D 106 -67.56 18.50 79.90
N ARG D 107 -68.21 19.59 80.32
CA ARG D 107 -67.75 20.92 79.99
C ARG D 107 -67.80 21.79 81.25
N PHE D 108 -66.82 22.68 81.38
CA PHE D 108 -66.89 23.72 82.40
C PHE D 108 -68.16 24.53 82.23
N ALA D 109 -69.06 24.44 83.19
CA ALA D 109 -70.38 25.06 83.11
C ALA D 109 -70.55 26.10 84.20
N VAL D 110 -71.36 27.12 83.89
CA VAL D 110 -71.67 28.15 84.87
C VAL D 110 -72.51 27.56 85.99
N HIS D 111 -72.08 27.76 87.23
CA HIS D 111 -72.79 27.24 88.40
C HIS D 111 -72.69 28.27 89.51
N ARG D 112 -73.75 29.04 89.70
CA ARG D 112 -73.77 30.04 90.76
C ARG D 112 -73.89 29.37 92.13
N ILE D 113 -73.24 29.98 93.12
CA ILE D 113 -73.18 29.43 94.47
C ILE D 113 -73.37 30.54 95.48
N THR D 114 -74.03 30.21 96.59
CA THR D 114 -74.22 31.17 97.66
C THR D 114 -72.88 31.45 98.36
N PRO D 115 -72.71 32.64 98.93
CA PRO D 115 -71.43 32.95 99.59
C PRO D 115 -71.06 32.00 100.71
N GLU D 116 -72.04 31.57 101.51
CA GLU D 116 -71.75 30.64 102.59
C GLU D 116 -71.39 29.26 102.09
N GLU D 117 -71.76 28.92 100.85
CA GLU D 117 -71.34 27.67 100.25
C GLU D 117 -70.03 27.80 99.50
N ALA D 118 -69.53 29.03 99.33
CA ALA D 118 -68.30 29.27 98.58
C ALA D 118 -67.07 29.41 99.47
N LYS D 119 -67.26 29.70 100.76
CA LYS D 119 -66.12 29.89 101.64
C LYS D 119 -65.31 28.62 101.85
N TYR D 120 -65.90 27.45 101.61
CA TYR D 120 -65.19 26.19 101.65
C TYR D 120 -65.13 25.57 100.27
N LYS D 121 -63.98 24.98 99.94
CA LYS D 121 -63.77 24.42 98.63
C LYS D 121 -63.07 23.07 98.75
N LEU D 122 -63.60 22.07 98.07
CA LEU D 122 -63.04 20.73 98.10
C LEU D 122 -61.76 20.66 97.29
N CYS D 123 -60.90 19.70 97.65
CA CYS D 123 -59.62 19.51 97.00
C CYS D 123 -59.28 18.03 97.00
N LYS D 124 -58.53 17.61 95.98
CA LYS D 124 -58.09 16.23 95.84
C LYS D 124 -56.60 16.14 96.12
N VAL D 125 -56.24 15.39 97.16
CA VAL D 125 -54.84 15.16 97.47
C VAL D 125 -54.20 14.31 96.38
N ARG D 126 -52.96 14.64 96.04
CA ARG D 126 -52.25 13.93 94.97
C ARG D 126 -50.94 13.31 95.44
N LYS D 127 -50.18 14.00 96.28
CA LYS D 127 -48.92 13.47 96.80
C LYS D 127 -48.87 13.69 98.30
N ILE D 128 -48.46 12.65 99.04
CA ILE D 128 -48.28 12.72 100.48
C ILE D 128 -46.86 12.27 100.81
N PHE D 129 -46.21 13.02 101.70
CA PHE D 129 -44.83 12.74 102.08
C PHE D 129 -44.54 13.51 103.36
N VAL D 130 -43.28 13.44 103.81
CA VAL D 130 -42.84 14.13 105.00
C VAL D 130 -41.60 14.95 104.66
N GLY D 131 -41.58 16.21 105.07
CA GLY D 131 -40.44 17.07 104.90
C GLY D 131 -39.44 16.94 106.04
N THR D 132 -38.41 17.78 106.00
CA THR D 132 -37.37 17.77 107.00
C THR D 132 -37.93 18.10 108.38
N LYS D 133 -37.14 17.80 109.41
CA LYS D 133 -37.54 17.92 110.81
C LYS D 133 -38.77 17.07 111.13
N GLY D 134 -39.00 16.02 110.34
CA GLY D 134 -40.17 15.17 110.54
C GLY D 134 -41.49 15.89 110.40
N ILE D 135 -41.59 16.78 109.43
CA ILE D 135 -42.78 17.60 109.22
C ILE D 135 -43.52 17.04 108.00
N PRO D 136 -44.69 16.43 108.18
CA PRO D 136 -45.43 15.93 107.02
C PRO D 136 -45.96 17.06 106.16
N HIS D 137 -46.03 16.82 104.86
CA HIS D 137 -46.55 17.78 103.90
C HIS D 137 -47.55 17.09 102.98
N LEU D 138 -48.55 17.84 102.56
CA LEU D 138 -49.64 17.30 101.74
C LEU D 138 -49.96 18.31 100.66
N VAL D 139 -49.85 17.88 99.40
CA VAL D 139 -50.23 18.72 98.27
C VAL D 139 -51.55 18.20 97.72
N THR D 140 -52.24 19.04 96.97
CA THR D 140 -53.53 18.70 96.41
C THR D 140 -53.45 18.66 94.88
N HIS D 141 -54.61 18.47 94.25
CA HIS D 141 -54.69 18.52 92.80
C HIS D 141 -54.34 19.90 92.27
N ASP D 142 -54.68 20.95 93.01
CA ASP D 142 -54.15 22.27 92.71
C ASP D 142 -52.73 22.39 93.23
N ALA D 143 -52.07 23.49 92.85
CA ALA D 143 -50.70 23.70 93.29
C ALA D 143 -50.60 24.07 94.77
N ARG D 144 -51.71 24.32 95.44
CA ARG D 144 -51.69 24.63 96.85
C ARG D 144 -51.15 23.46 97.66
N THR D 145 -50.26 23.74 98.61
CA THR D 145 -49.74 22.74 99.52
C THR D 145 -49.94 23.20 100.95
N ILE D 146 -50.12 22.23 101.84
CA ILE D 146 -50.39 22.49 103.26
C ILE D 146 -49.48 21.60 104.09
N ARG D 147 -49.33 21.99 105.35
CA ARG D 147 -48.46 21.30 106.30
C ARG D 147 -49.29 20.75 107.45
N TYR D 148 -48.76 19.70 108.08
CA TYR D 148 -49.38 19.00 109.21
C TYR D 148 -50.81 18.58 108.91
N PRO D 149 -51.03 17.59 108.06
CA PRO D 149 -52.37 17.03 107.88
C PRO D 149 -52.61 15.86 108.83
N ASP D 150 -53.88 15.50 108.95
CA ASP D 150 -54.24 14.31 109.71
C ASP D 150 -53.66 13.08 109.01
N PRO D 151 -52.87 12.26 109.71
CA PRO D 151 -52.23 11.11 109.05
C PRO D 151 -53.20 10.05 108.54
N LEU D 152 -54.51 10.25 108.67
CA LEU D 152 -55.47 9.30 108.10
C LEU D 152 -55.73 9.52 106.62
N ILE D 153 -55.33 10.66 106.06
CA ILE D 153 -55.53 10.94 104.65
C ILE D 153 -54.41 10.30 103.84
N LYS D 154 -54.78 9.39 102.94
CA LYS D 154 -53.86 8.76 102.02
C LYS D 154 -53.90 9.51 100.69
N VAL D 155 -53.30 8.93 99.65
CA VAL D 155 -53.33 9.55 98.34
C VAL D 155 -54.74 9.47 97.76
N ASN D 156 -54.96 10.24 96.69
CA ASN D 156 -56.18 10.30 95.87
C ASN D 156 -57.48 10.33 96.67
N ASP D 157 -57.46 10.94 97.84
CA ASP D 157 -58.66 11.21 98.62
C ASP D 157 -59.13 12.63 98.35
N THR D 158 -60.11 13.07 99.15
CA THR D 158 -60.65 14.42 99.05
C THR D 158 -60.56 15.12 100.40
N ILE D 159 -60.10 16.37 100.37
CA ILE D 159 -59.95 17.19 101.57
C ILE D 159 -60.81 18.44 101.42
N GLN D 160 -61.43 18.85 102.51
CA GLN D 160 -62.26 20.06 102.54
C GLN D 160 -61.41 21.22 103.03
N ILE D 161 -61.28 22.25 102.20
CA ILE D 161 -60.41 23.39 102.50
C ILE D 161 -61.25 24.65 102.47
N ASP D 162 -61.24 25.40 103.57
CA ASP D 162 -61.90 26.69 103.61
C ASP D 162 -60.93 27.79 103.18
N LEU D 163 -61.49 28.89 102.71
CA LEU D 163 -60.68 30.02 102.29
C LEU D 163 -60.21 30.83 103.49
N GLU D 164 -59.28 31.76 103.22
CA GLU D 164 -58.76 32.74 104.18
C GLU D 164 -57.92 32.11 105.27
N THR D 165 -57.85 30.79 105.34
CA THR D 165 -56.97 30.13 106.29
C THR D 165 -56.08 29.08 105.65
N GLY D 166 -56.57 28.35 104.66
CA GLY D 166 -55.81 27.29 104.03
C GLY D 166 -55.75 26.00 104.82
N LYS D 167 -56.43 25.92 105.96
CA LYS D 167 -56.37 24.74 106.81
C LYS D 167 -57.41 23.72 106.36
N ILE D 168 -57.28 22.51 106.91
CA ILE D 168 -58.20 21.42 106.60
C ILE D 168 -59.49 21.64 107.38
N THR D 169 -60.58 21.92 106.67
CA THR D 169 -61.88 21.92 107.32
C THR D 169 -62.31 20.49 107.65
N ASP D 170 -62.17 19.58 106.70
CA ASP D 170 -62.52 18.18 106.88
C ASP D 170 -61.87 17.39 105.74
N PHE D 171 -62.17 16.10 105.69
CA PHE D 171 -61.67 15.24 104.61
C PHE D 171 -62.67 14.11 104.38
N ILE D 172 -62.59 13.53 103.20
CA ILE D 172 -63.46 12.43 102.80
C ILE D 172 -62.59 11.26 102.37
N LYS D 173 -62.79 10.11 103.01
CA LYS D 173 -62.04 8.92 102.65
C LYS D 173 -62.52 8.37 101.30
N PHE D 174 -61.58 7.88 100.51
CA PHE D 174 -61.90 7.23 99.24
C PHE D 174 -62.09 5.74 99.50
N ASP D 175 -63.32 5.26 99.32
CA ASP D 175 -63.64 3.87 99.62
C ASP D 175 -64.79 3.42 98.72
N THR D 176 -65.09 2.12 98.78
CA THR D 176 -66.22 1.58 98.06
C THR D 176 -67.52 2.13 98.62
N GLY D 177 -68.43 2.50 97.72
CA GLY D 177 -69.71 3.06 98.11
C GLY D 177 -69.74 4.57 98.22
N ASN D 178 -68.61 5.24 98.10
CA ASN D 178 -68.60 6.69 98.17
C ASN D 178 -69.02 7.29 96.83
N LEU D 179 -69.51 8.52 96.89
CA LEU D 179 -69.98 9.23 95.70
C LEU D 179 -68.84 10.07 95.15
N CYS D 180 -68.59 9.93 93.84
CA CYS D 180 -67.48 10.62 93.20
C CYS D 180 -67.96 11.24 91.89
N MET D 181 -67.05 11.96 91.23
CA MET D 181 -67.29 12.57 89.94
C MET D 181 -66.14 12.24 89.00
N VAL D 182 -66.47 11.85 87.78
CA VAL D 182 -65.46 11.58 86.76
C VAL D 182 -65.01 12.90 86.18
N THR D 183 -63.70 13.15 86.22
CA THR D 183 -63.13 14.43 85.81
C THR D 183 -62.13 14.27 84.67
N GLY D 184 -62.36 13.32 83.79
CA GLY D 184 -61.51 13.16 82.62
C GLY D 184 -61.99 12.01 81.77
N GLY D 185 -61.45 11.96 80.55
CA GLY D 185 -61.75 10.87 79.64
C GLY D 185 -63.11 10.98 78.99
N ALA D 186 -63.57 9.85 78.47
CA ALA D 186 -64.87 9.80 77.79
C ALA D 186 -66.02 10.02 78.77
N ASN D 187 -65.88 9.53 79.99
CA ASN D 187 -66.90 9.70 81.02
C ASN D 187 -66.84 11.04 81.72
N LEU D 188 -66.18 12.02 81.10
CA LEU D 188 -66.02 13.35 81.70
C LEU D 188 -67.38 13.97 82.01
N GLY D 189 -67.52 14.45 83.24
CA GLY D 189 -68.75 15.09 83.67
C GLY D 189 -69.86 14.12 83.99
N ARG D 190 -69.61 13.18 84.91
CA ARG D 190 -70.62 12.23 85.35
C ARG D 190 -70.55 12.11 86.86
N ILE D 191 -71.71 11.88 87.47
CA ILE D 191 -71.83 11.75 88.92
C ILE D 191 -72.20 10.31 89.23
N GLY D 192 -71.39 9.65 90.05
CA GLY D 192 -71.64 8.26 90.36
C GLY D 192 -71.13 7.82 91.71
N VAL D 193 -71.24 6.53 92.00
CA VAL D 193 -70.85 5.95 93.29
C VAL D 193 -69.77 4.92 93.04
N ILE D 194 -68.75 4.91 93.90
CA ILE D 194 -67.69 3.91 93.81
C ILE D 194 -68.28 2.54 94.05
N THR D 195 -68.13 1.65 93.07
CA THR D 195 -68.59 0.27 93.19
C THR D 195 -67.44 -0.71 93.36
N ASN D 196 -66.37 -0.55 92.60
CA ASN D 196 -65.23 -1.46 92.66
C ASN D 196 -63.99 -0.72 92.20
N ARG D 197 -62.85 -1.08 92.80
CA ARG D 197 -61.55 -0.57 92.39
C ARG D 197 -60.62 -1.76 92.16
N GLU D 198 -60.35 -2.07 90.91
CA GLU D 198 -59.32 -3.04 90.57
C GLU D 198 -57.99 -2.32 90.45
N ARG D 199 -56.92 -2.98 90.88
CA ARG D 199 -55.60 -2.38 90.93
C ARG D 199 -54.63 -3.16 90.07
N HIS D 200 -53.71 -2.44 89.44
CA HIS D 200 -52.70 -3.02 88.58
C HIS D 200 -51.36 -2.46 88.98
N PRO D 201 -50.45 -3.26 89.55
CA PRO D 201 -49.15 -2.75 89.98
C PRO D 201 -48.36 -2.19 88.79
N GLY D 202 -48.08 -0.89 88.85
CA GLY D 202 -47.32 -0.23 87.81
C GLY D 202 -48.15 0.26 86.64
N SER D 203 -49.44 -0.03 86.59
CA SER D 203 -50.32 0.43 85.53
C SER D 203 -51.42 1.28 86.12
N PHE D 204 -52.17 1.94 85.24
CA PHE D 204 -53.29 2.76 85.68
C PHE D 204 -54.36 1.88 86.32
N ASP D 205 -54.79 2.27 87.51
CA ASP D 205 -55.85 1.55 88.19
C ASP D 205 -57.21 1.94 87.61
N VAL D 206 -58.09 0.94 87.52
CA VAL D 206 -59.41 1.11 86.91
C VAL D 206 -60.46 0.91 87.99
N VAL D 207 -61.46 1.78 88.01
CA VAL D 207 -62.57 1.66 88.95
C VAL D 207 -63.87 1.57 88.16
N HIS D 208 -64.86 0.93 88.77
CA HIS D 208 -66.19 0.81 88.19
C HIS D 208 -67.16 1.67 88.99
N VAL D 209 -67.91 2.52 88.29
CA VAL D 209 -68.74 3.54 88.93
C VAL D 209 -70.17 3.39 88.42
N LYS D 210 -71.13 3.39 89.35
CA LYS D 210 -72.55 3.39 89.02
C LYS D 210 -73.17 4.71 89.45
N ASP D 211 -74.04 5.24 88.60
CA ASP D 211 -74.72 6.50 88.89
C ASP D 211 -76.06 6.21 89.58
N ALA D 212 -76.88 7.24 89.73
CA ALA D 212 -78.19 7.06 90.36
C ALA D 212 -79.11 6.20 89.52
N ASN D 213 -79.06 6.36 88.20
CA ASN D 213 -79.94 5.63 87.30
C ASN D 213 -79.50 4.19 87.06
N GLY D 214 -78.50 3.70 87.78
CA GLY D 214 -78.07 2.33 87.65
C GLY D 214 -77.12 2.06 86.50
N ASN D 215 -76.78 3.07 85.70
CA ASN D 215 -75.84 2.87 84.61
C ASN D 215 -74.44 2.71 85.19
N SER D 216 -73.72 1.69 84.71
CA SER D 216 -72.38 1.38 85.18
C SER D 216 -71.37 1.72 84.10
N PHE D 217 -70.28 2.35 84.50
CA PHE D 217 -69.22 2.72 83.57
C PHE D 217 -67.90 2.73 84.32
N ALA D 218 -66.85 2.29 83.64
CA ALA D 218 -65.51 2.24 84.20
C ALA D 218 -64.70 3.46 83.77
N THR D 219 -63.62 3.71 84.50
CA THR D 219 -62.70 4.80 84.18
C THR D 219 -61.40 4.58 84.94
N ARG D 220 -60.40 5.39 84.58
CA ARG D 220 -59.12 5.32 85.27
C ARG D 220 -59.20 6.00 86.63
N LEU D 221 -58.30 5.59 87.53
CA LEU D 221 -58.32 6.09 88.89
C LEU D 221 -58.04 7.58 88.94
N SER D 222 -57.13 8.07 88.10
CA SER D 222 -56.82 9.50 88.08
C SER D 222 -57.99 10.32 87.56
N ASN D 223 -58.99 9.69 86.93
CA ASN D 223 -60.19 10.37 86.47
C ASN D 223 -61.30 10.37 87.51
N ILE D 224 -60.95 10.27 88.80
CA ILE D 224 -61.92 10.16 89.88
C ILE D 224 -61.72 11.33 90.83
N PHE D 225 -62.81 12.03 91.13
CA PHE D 225 -62.81 13.10 92.12
C PHE D 225 -63.96 12.84 93.08
N VAL D 226 -63.64 12.30 94.25
CA VAL D 226 -64.66 12.01 95.25
C VAL D 226 -65.19 13.32 95.82
N ILE D 227 -66.52 13.46 95.84
CA ILE D 227 -67.13 14.68 96.33
C ILE D 227 -68.21 14.44 97.37
N GLY D 228 -68.75 13.23 97.50
CA GLY D 228 -69.85 12.97 98.42
C GLY D 228 -69.54 11.82 99.36
N LYS D 229 -69.92 11.99 100.62
CA LYS D 229 -69.76 10.91 101.60
C LYS D 229 -70.80 9.84 101.36
N GLY D 230 -70.43 8.80 100.62
CA GLY D 230 -71.34 7.72 100.31
C GLY D 230 -72.38 8.11 99.28
N ASN D 231 -73.33 8.94 99.69
CA ASN D 231 -74.39 9.41 98.80
C ASN D 231 -74.69 10.90 98.92
N LYS D 232 -74.21 11.58 99.95
CA LYS D 232 -74.62 12.96 100.21
C LYS D 232 -73.58 13.91 99.66
N PRO D 233 -73.90 14.72 98.66
CA PRO D 233 -72.90 15.65 98.12
C PRO D 233 -72.59 16.77 99.10
N TRP D 234 -71.33 17.20 99.08
CA TRP D 234 -70.90 18.34 99.88
C TRP D 234 -70.89 19.64 99.08
N ILE D 235 -71.16 19.60 97.79
CA ILE D 235 -71.14 20.76 96.91
C ILE D 235 -72.48 20.84 96.18
N SER D 236 -72.98 22.06 95.99
CA SER D 236 -74.18 22.26 95.19
C SER D 236 -73.94 21.77 93.77
N LEU D 237 -74.60 20.70 93.38
CA LEU D 237 -74.39 20.13 92.06
C LEU D 237 -75.03 21.02 91.00
N PRO D 238 -74.45 21.04 89.79
CA PRO D 238 -75.01 21.89 88.73
C PRO D 238 -76.34 21.37 88.21
N ARG D 239 -76.95 22.10 87.27
CA ARG D 239 -78.22 21.71 86.71
C ARG D 239 -78.11 20.35 86.03
N GLY D 240 -79.07 19.46 86.32
CA GLY D 240 -79.04 18.11 85.83
C GLY D 240 -78.32 17.12 86.73
N LYS D 241 -77.65 17.60 87.79
CA LYS D 241 -77.01 16.75 88.79
C LYS D 241 -75.94 15.84 88.19
N GLY D 242 -75.38 16.24 87.04
CA GLY D 242 -74.27 15.52 86.45
C GLY D 242 -74.55 14.09 86.07
N ILE D 243 -75.71 13.82 85.46
CA ILE D 243 -76.06 12.48 84.99
C ILE D 243 -75.95 12.46 83.48
N ARG D 244 -75.30 11.44 82.94
CA ARG D 244 -75.17 11.28 81.50
C ARG D 244 -76.44 10.67 80.93
N LEU D 245 -76.94 11.26 79.85
CA LEU D 245 -78.16 10.79 79.19
C LEU D 245 -77.89 10.62 77.70
N THR D 246 -78.56 9.63 77.11
CA THR D 246 -78.32 9.31 75.71
C THR D 246 -78.90 10.40 74.80
N ILE D 247 -78.48 10.38 73.54
CA ILE D 247 -78.80 11.44 72.60
C ILE D 247 -80.29 11.49 72.27
N ALA D 248 -81.04 10.43 72.59
CA ALA D 248 -82.45 10.40 72.22
C ALA D 248 -83.27 11.33 73.10
N GLU D 249 -83.01 11.34 74.41
CA GLU D 249 -83.98 11.91 75.34
C GLU D 249 -83.77 13.38 75.66
N GLU D 250 -82.80 14.05 75.03
CA GLU D 250 -82.81 15.50 75.12
C GLU D 250 -83.62 16.12 73.99
N ARG D 251 -83.77 15.40 72.87
CA ARG D 251 -84.61 15.88 71.77
C ARG D 251 -86.05 16.03 72.24
N ASP D 252 -86.61 14.97 72.82
CA ASP D 252 -87.96 15.05 73.37
C ASP D 252 -88.02 15.96 74.59
N LYS D 253 -86.91 16.07 75.34
CA LYS D 253 -86.84 17.04 76.41
C LYS D 253 -86.95 18.46 75.85
N ARG D 254 -86.23 18.75 74.77
CA ARG D 254 -86.33 20.06 74.15
C ARG D 254 -87.66 20.23 73.43
N LEU D 255 -88.17 19.16 72.81
CA LEU D 255 -89.45 19.24 72.14
C LEU D 255 -90.58 19.54 73.12
N ALA D 256 -90.55 18.89 74.28
CA ALA D 256 -91.54 19.18 75.31
C ALA D 256 -91.32 20.56 75.91
N ALA D 257 -90.07 20.94 76.17
CA ALA D 257 -89.78 22.24 76.76
C ALA D 257 -90.17 23.37 75.82
N LYS D 258 -89.85 23.24 74.53
CA LYS D 258 -90.28 24.24 73.56
C LYS D 258 -91.80 24.27 73.45
N GLN D 259 -92.44 23.10 73.50
CA GLN D 259 -93.89 23.04 73.53
C GLN D 259 -94.43 23.66 74.81
N SER D 260 -93.78 23.39 75.95
CA SER D 260 -94.25 23.95 77.22
C SER D 260 -94.00 25.44 77.28
N SER D 261 -92.84 25.89 76.83
CA SER D 261 -92.53 27.32 76.83
C SER D 261 -93.27 28.07 75.74
N GLY D 262 -93.74 27.39 74.70
CA GLY D 262 -94.48 28.03 73.63
C GLY D 262 -95.97 28.00 73.86
N MET E 1 -0.73 66.16 63.15
CA MET E 1 -0.83 65.62 64.49
C MET E 1 -1.45 66.65 65.45
N LYS E 2 -2.31 66.18 66.34
CA LYS E 2 -2.94 67.01 67.34
C LYS E 2 -2.64 66.47 68.73
N LEU E 3 -2.74 67.35 69.73
CA LEU E 3 -2.48 66.98 71.11
C LEU E 3 -3.70 67.36 71.94
N ASN E 4 -4.29 66.37 72.62
CA ASN E 4 -5.46 66.59 73.48
C ASN E 4 -4.96 66.70 74.92
N ILE E 5 -4.73 67.93 75.36
CA ILE E 5 -4.22 68.18 76.70
C ILE E 5 -5.39 68.44 77.63
N SER E 6 -5.40 67.74 78.77
CA SER E 6 -6.47 67.88 79.75
C SER E 6 -5.87 67.98 81.14
N PHE E 7 -6.34 68.98 81.91
CA PHE E 7 -5.91 69.14 83.29
C PHE E 7 -6.96 68.55 84.22
N PRO E 8 -6.64 67.55 85.03
CA PRO E 8 -7.67 66.97 85.90
C PRO E 8 -8.12 67.89 87.01
N ALA E 9 -7.18 68.59 87.66
CA ALA E 9 -7.52 69.38 88.84
C ALA E 9 -8.33 70.63 88.53
N THR E 10 -8.43 71.01 87.26
CA THR E 10 -9.21 72.19 86.90
C THR E 10 -10.07 72.00 85.66
N GLY E 11 -10.04 70.84 85.01
CA GLY E 11 -10.75 70.70 83.75
C GLY E 11 -10.04 71.46 82.65
N CYS E 12 -10.84 72.13 81.80
CA CYS E 12 -10.35 73.08 80.81
C CYS E 12 -9.45 72.39 79.78
N GLN E 13 -9.93 71.29 79.21
CA GLN E 13 -9.19 70.63 78.16
C GLN E 13 -9.24 71.46 76.88
N LYS E 14 -8.11 71.46 76.16
CA LYS E 14 -8.05 72.14 74.86
C LYS E 14 -7.06 71.40 73.97
N LEU E 15 -7.24 71.60 72.66
CA LEU E 15 -6.52 70.86 71.65
C LEU E 15 -5.43 71.74 71.05
N ILE E 16 -4.19 71.27 71.10
CA ILE E 16 -3.04 72.00 70.58
C ILE E 16 -2.46 71.20 69.41
N GLU E 17 -2.30 71.86 68.27
CA GLU E 17 -1.82 71.22 67.05
C GLU E 17 -0.41 71.71 66.78
N VAL E 18 0.55 70.79 66.73
CA VAL E 18 1.94 71.10 66.46
C VAL E 18 2.42 70.25 65.30
N ASP E 19 3.50 70.71 64.67
CA ASP E 19 4.12 70.00 63.56
C ASP E 19 5.60 69.72 63.77
N ASP E 20 6.22 70.31 64.79
CA ASP E 20 7.65 70.11 65.05
C ASP E 20 7.85 68.72 65.61
N GLU E 21 8.43 67.83 64.80
CA GLU E 21 8.70 66.47 65.24
C GLU E 21 9.76 66.45 66.33
N ARG E 22 10.60 67.48 66.39
CA ARG E 22 11.59 67.57 67.47
C ARG E 22 10.90 67.66 68.83
N LYS E 23 9.82 68.42 68.91
CA LYS E 23 9.07 68.50 70.17
C LYS E 23 8.37 67.18 70.47
N LEU E 24 7.85 66.52 69.44
CA LEU E 24 7.07 65.31 69.64
C LEU E 24 7.90 64.05 69.80
N ARG E 25 9.18 64.09 69.43
CA ARG E 25 10.00 62.89 69.50
C ARG E 25 10.37 62.49 70.92
N THR E 26 10.16 63.37 71.91
CA THR E 26 10.39 62.98 73.29
C THR E 26 9.34 61.98 73.79
N PHE E 27 8.19 61.92 73.13
CA PHE E 27 7.13 60.99 73.50
C PHE E 27 7.17 59.69 72.72
N TYR E 28 8.10 59.54 71.78
CA TYR E 28 8.17 58.33 71.00
C TYR E 28 8.67 57.17 71.85
N GLU E 29 8.32 55.96 71.43
CA GLU E 29 8.67 54.72 72.13
C GLU E 29 8.13 54.68 73.55
N LYS E 30 7.10 55.46 73.85
CA LYS E 30 6.52 55.55 75.18
C LYS E 30 5.15 54.89 75.19
N ARG E 31 4.95 53.96 76.12
CA ARG E 31 3.64 53.35 76.27
C ARG E 31 2.72 54.28 77.08
N MET E 32 1.45 53.90 77.14
CA MET E 32 0.46 54.73 77.82
C MET E 32 0.67 54.68 79.33
N ALA E 33 0.08 55.66 80.01
CA ALA E 33 0.08 55.75 81.48
C ALA E 33 1.49 55.83 82.05
N THR E 34 2.42 56.43 81.31
CA THR E 34 3.77 56.67 81.77
C THR E 34 4.06 58.16 81.67
N GLU E 35 4.57 58.75 82.75
CA GLU E 35 4.83 60.17 82.80
C GLU E 35 6.08 60.51 81.99
N VAL E 36 5.95 61.47 81.08
CA VAL E 36 7.07 62.01 80.32
C VAL E 36 7.10 63.51 80.53
N ALA E 37 8.28 64.03 80.87
CA ALA E 37 8.42 65.46 81.12
C ALA E 37 8.21 66.24 79.84
N ALA E 38 7.20 67.09 79.82
CA ALA E 38 6.87 67.90 78.64
C ALA E 38 7.68 69.19 78.62
N ASP E 39 9.00 69.07 78.73
CA ASP E 39 9.88 70.23 78.77
C ASP E 39 10.31 70.70 77.39
N ALA E 40 9.98 69.94 76.34
CA ALA E 40 10.36 70.29 74.98
C ALA E 40 9.24 70.97 74.21
N LEU E 41 8.40 71.76 74.88
CA LEU E 41 7.26 72.42 74.26
C LEU E 41 7.36 73.92 74.56
N GLY E 42 8.10 74.64 73.73
CA GLY E 42 8.29 76.06 73.94
C GLY E 42 9.02 76.31 75.25
N GLU E 43 8.66 77.41 75.91
CA GLU E 43 9.17 77.73 77.24
C GLU E 43 8.10 77.81 78.31
N GLU E 44 6.82 77.90 77.94
CA GLU E 44 5.74 77.91 78.91
C GLU E 44 5.50 76.54 79.53
N TRP E 45 6.10 75.49 78.99
CA TRP E 45 5.90 74.12 79.47
C TRP E 45 7.08 73.62 80.30
N LYS E 46 7.91 74.51 80.81
CA LYS E 46 9.02 74.11 81.66
C LYS E 46 8.52 73.64 83.01
N GLY E 47 9.22 72.65 83.57
CA GLY E 47 8.81 72.05 84.82
C GLY E 47 7.49 71.32 84.75
N TYR E 48 7.05 70.96 83.54
CA TYR E 48 5.76 70.33 83.33
C TYR E 48 5.96 68.90 82.86
N VAL E 49 5.31 67.96 83.53
CA VAL E 49 5.36 66.55 83.16
C VAL E 49 3.93 66.09 82.92
N VAL E 50 3.74 65.27 81.88
CA VAL E 50 2.42 64.86 81.43
C VAL E 50 2.39 63.34 81.35
N ARG E 51 1.18 62.78 81.49
CA ARG E 51 0.97 61.35 81.40
C ARG E 51 0.13 61.05 80.15
N ILE E 52 0.63 60.15 79.31
CA ILE E 52 -0.08 59.78 78.10
C ILE E 52 -1.25 58.88 78.46
N SER E 53 -2.45 59.24 77.98
CA SER E 53 -3.66 58.51 78.33
C SER E 53 -4.38 57.89 77.15
N GLY E 54 -4.08 58.29 75.92
CA GLY E 54 -4.72 57.68 74.77
C GLY E 54 -4.49 58.50 73.52
N GLY E 55 -5.12 58.05 72.44
CA GLY E 55 -5.00 58.73 71.17
C GLY E 55 -5.75 57.97 70.10
N ASN E 56 -5.71 58.52 68.88
CA ASN E 56 -6.36 57.94 67.72
C ASN E 56 -5.35 57.74 66.60
N ASP E 57 -5.57 56.68 65.82
CA ASP E 57 -4.69 56.36 64.71
C ASP E 57 -4.90 57.33 63.55
N LYS E 58 -4.07 57.16 62.52
CA LYS E 58 -4.28 57.90 61.27
C LYS E 58 -5.67 57.66 60.70
N GLN E 59 -6.23 56.49 60.93
CA GLN E 59 -7.56 56.17 60.44
C GLN E 59 -8.64 56.46 61.47
N GLY E 60 -8.27 57.06 62.61
CA GLY E 60 -9.22 57.39 63.65
C GLY E 60 -9.47 56.31 64.65
N PHE E 61 -8.90 55.12 64.46
CA PHE E 61 -9.10 54.05 65.41
C PHE E 61 -8.41 54.38 66.72
N PRO E 62 -9.05 54.13 67.86
CA PRO E 62 -8.43 54.42 69.15
C PRO E 62 -7.35 53.41 69.48
N MET E 63 -6.64 53.69 70.57
CA MET E 63 -5.59 52.81 71.08
C MET E 63 -6.01 52.23 72.42
N LYS E 64 -5.64 50.98 72.65
CA LYS E 64 -5.99 50.26 73.86
C LYS E 64 -4.73 49.97 74.66
N GLN E 65 -4.78 50.21 75.97
CA GLN E 65 -3.64 49.93 76.83
C GLN E 65 -3.42 48.42 76.93
N GLY E 66 -2.15 48.02 76.80
CA GLY E 66 -1.78 46.63 76.93
C GLY E 66 -1.70 45.85 75.64
N VAL E 67 -1.97 46.47 74.49
CA VAL E 67 -1.83 45.78 73.22
C VAL E 67 -0.36 45.48 72.93
N LEU E 68 0.52 46.42 73.28
CA LEU E 68 1.97 46.25 73.20
C LEU E 68 2.44 46.02 71.76
N THR E 69 2.16 47.00 70.91
CA THR E 69 2.70 47.05 69.56
C THR E 69 2.58 48.47 69.04
N HIS E 70 3.28 48.74 67.94
CA HIS E 70 3.10 49.98 67.19
C HIS E 70 2.46 49.58 65.86
N GLY E 71 1.13 49.48 65.88
CA GLY E 71 0.40 49.00 64.73
C GLY E 71 -1.03 48.69 65.12
N ARG E 72 -1.78 48.22 64.12
CA ARG E 72 -3.20 47.95 64.26
C ARG E 72 -3.44 46.44 64.24
N VAL E 73 -4.22 45.96 65.22
CA VAL E 73 -4.59 44.57 65.31
C VAL E 73 -6.09 44.49 65.58
N ARG E 74 -6.68 43.36 65.20
CA ARG E 74 -8.09 43.09 65.43
C ARG E 74 -8.24 42.25 66.68
N LEU E 75 -9.11 42.70 67.60
CA LEU E 75 -9.29 42.06 68.89
C LEU E 75 -10.75 41.68 69.08
N LEU E 76 -10.97 40.48 69.63
CA LEU E 76 -12.31 40.07 70.03
C LEU E 76 -12.70 40.84 71.28
N LEU E 77 -13.50 41.89 71.10
CA LEU E 77 -13.85 42.79 72.20
C LEU E 77 -15.11 42.28 72.88
N SER E 78 -14.98 41.94 74.16
CA SER E 78 -16.10 41.50 74.97
C SER E 78 -16.64 42.70 75.75
N LYS E 79 -17.52 42.44 76.71
CA LYS E 79 -18.13 43.51 77.49
C LYS E 79 -17.11 44.23 78.35
N GLY E 80 -17.01 45.54 78.17
CA GLY E 80 -16.23 46.37 79.06
C GLY E 80 -14.73 46.14 79.05
N HIS E 81 -14.15 45.82 77.89
CA HIS E 81 -12.69 45.79 77.79
C HIS E 81 -12.15 47.20 77.55
N SER E 82 -12.44 47.75 76.38
CA SER E 82 -12.17 49.13 75.99
C SER E 82 -12.68 49.31 74.56
N CYS E 83 -12.94 50.56 74.19
CA CYS E 83 -13.21 50.96 72.82
C CYS E 83 -14.39 50.21 72.20
N TYR E 84 -15.32 49.73 73.03
CA TYR E 84 -16.43 48.94 72.53
C TYR E 84 -17.54 48.80 73.57
N ARG E 85 -18.78 49.04 73.15
CA ARG E 85 -19.92 48.74 73.99
C ARG E 85 -20.79 47.67 73.33
N PRO E 86 -21.24 46.66 74.06
CA PRO E 86 -22.11 45.66 73.45
C PRO E 86 -23.49 46.23 73.15
N ARG E 87 -24.09 45.71 72.08
CA ARG E 87 -25.46 46.06 71.74
C ARG E 87 -26.48 45.15 72.42
N ARG E 88 -26.05 44.05 73.02
CA ARG E 88 -26.90 43.21 73.83
C ARG E 88 -26.01 42.41 74.78
N THR E 89 -26.64 41.58 75.60
CA THR E 89 -25.90 40.85 76.63
C THR E 89 -25.09 39.73 76.01
N GLY E 90 -23.79 39.72 76.32
CA GLY E 90 -22.90 38.66 75.89
C GLY E 90 -22.40 38.77 74.46
N GLU E 91 -22.78 39.82 73.74
CA GLU E 91 -22.41 39.94 72.33
C GLU E 91 -20.99 40.51 72.23
N ARG E 92 -20.08 39.70 71.70
CA ARG E 92 -18.72 40.13 71.43
C ARG E 92 -18.54 40.36 69.93
N LYS E 93 -17.54 41.16 69.59
CA LYS E 93 -17.30 41.49 68.19
C LYS E 93 -15.81 41.74 68.00
N ARG E 94 -15.34 41.52 66.78
CA ARG E 94 -13.95 41.70 66.42
C ARG E 94 -13.77 43.07 65.76
N LYS E 95 -12.96 43.92 66.37
CA LYS E 95 -12.70 45.26 65.87
C LYS E 95 -11.21 45.54 65.91
N SER E 96 -10.77 46.43 65.01
CA SER E 96 -9.37 46.84 64.99
C SER E 96 -9.11 47.88 66.08
N VAL E 97 -7.85 48.00 66.47
CA VAL E 97 -7.46 48.92 67.54
C VAL E 97 -5.97 49.20 67.41
N ARG E 98 -5.57 50.43 67.75
CA ARG E 98 -4.17 50.80 67.77
C ARG E 98 -3.48 50.24 69.00
N GLY E 99 -2.20 49.88 68.83
CA GLY E 99 -1.39 49.45 69.95
C GLY E 99 -1.12 50.57 70.93
N CYS E 100 -0.58 50.21 72.08
CA CYS E 100 -0.40 51.14 73.18
C CYS E 100 0.91 51.91 73.14
N ILE E 101 1.74 51.70 72.12
CA ILE E 101 2.96 52.47 71.93
C ILE E 101 2.70 53.54 70.87
N VAL E 102 3.02 54.78 71.21
CA VAL E 102 2.72 55.91 70.35
C VAL E 102 3.92 56.19 69.45
N ASP E 103 3.64 56.80 68.31
CA ASP E 103 4.66 57.27 67.38
C ASP E 103 4.10 58.46 66.62
N ALA E 104 4.74 58.81 65.51
CA ALA E 104 4.23 59.87 64.65
C ALA E 104 2.90 59.50 64.00
N ASN E 105 2.58 58.22 63.93
CA ASN E 105 1.38 57.77 63.23
C ASN E 105 0.15 57.77 64.15
N LEU E 106 -0.09 58.88 64.82
CA LEU E 106 -1.29 59.06 65.63
C LEU E 106 -1.91 60.41 65.30
N SER E 107 -3.20 60.40 64.96
CA SER E 107 -3.88 61.65 64.59
C SER E 107 -3.93 62.61 65.77
N VAL E 108 -4.27 62.10 66.96
CA VAL E 108 -4.29 62.90 68.17
C VAL E 108 -3.46 62.19 69.23
N LEU E 109 -3.37 62.81 70.40
CA LEU E 109 -2.66 62.25 71.54
C LEU E 109 -3.26 62.85 72.80
N ASN E 110 -4.00 62.03 73.54
CA ASN E 110 -4.64 62.49 74.77
C ASN E 110 -3.58 62.64 75.85
N LEU E 111 -3.52 63.82 76.46
CA LEU E 111 -2.48 64.17 77.41
C LEU E 111 -3.11 64.62 78.73
N VAL E 112 -2.53 64.15 79.83
CA VAL E 112 -3.06 64.40 81.17
C VAL E 112 -1.93 64.89 82.06
N ILE E 113 -2.07 66.11 82.59
CA ILE E 113 -1.06 66.67 83.48
C ILE E 113 -1.18 66.02 84.85
N VAL E 114 -0.04 65.60 85.41
CA VAL E 114 -0.02 64.96 86.71
C VAL E 114 0.40 65.91 87.82
N LYS E 115 1.30 66.85 87.54
CA LYS E 115 1.77 67.77 88.56
C LYS E 115 1.96 69.16 87.98
N LYS E 116 1.89 70.15 88.84
CA LYS E 116 2.01 71.55 88.45
C LYS E 116 3.46 71.89 88.12
N GLY E 117 3.64 72.91 87.28
CA GLY E 117 4.95 73.43 86.97
C GLY E 117 5.31 74.62 87.83
N GLU E 118 5.65 75.74 87.20
CA GLU E 118 5.96 76.97 87.93
C GLU E 118 4.99 78.11 87.66
N LYS E 119 4.39 78.18 86.47
CA LYS E 119 3.41 79.19 86.16
C LYS E 119 2.24 78.54 85.41
N ASP E 120 1.11 79.25 85.38
CA ASP E 120 -0.12 78.71 84.85
C ASP E 120 -0.12 78.78 83.33
N ILE E 121 -0.47 77.67 82.69
CA ILE E 121 -0.58 77.62 81.23
C ILE E 121 -1.74 78.51 80.79
N PRO E 122 -1.57 79.36 79.77
CA PRO E 122 -2.67 80.23 79.34
C PRO E 122 -3.82 79.43 78.76
N GLY E 123 -5.02 79.63 79.33
CA GLY E 123 -6.22 79.02 78.83
C GLY E 123 -6.48 77.61 79.30
N LEU E 124 -5.58 77.01 80.06
CA LEU E 124 -5.80 75.63 80.49
C LEU E 124 -5.61 75.43 81.99
N THR E 125 -4.70 76.16 82.61
CA THR E 125 -4.45 76.05 84.05
C THR E 125 -5.13 77.19 84.80
N ASP E 126 -6.31 77.57 84.30
CA ASP E 126 -7.09 78.65 84.89
C ASP E 126 -8.53 78.50 84.42
N THR E 127 -9.38 79.45 84.82
CA THR E 127 -10.82 79.45 84.52
C THR E 127 -11.47 78.15 84.96
N THR E 128 -11.24 77.80 86.24
CA THR E 128 -11.63 76.51 86.80
C THR E 128 -13.13 76.26 86.68
N VAL E 129 -13.50 75.28 85.86
CA VAL E 129 -14.91 74.91 85.73
C VAL E 129 -15.35 74.16 86.98
N PRO E 130 -16.57 74.39 87.47
CA PRO E 130 -17.04 73.66 88.65
C PRO E 130 -17.49 72.27 88.29
N ARG E 131 -17.60 71.42 89.32
CA ARG E 131 -18.23 70.13 89.15
C ARG E 131 -19.72 70.35 88.86
N ARG E 132 -20.24 69.58 87.90
CA ARG E 132 -21.59 69.83 87.41
C ARG E 132 -22.65 69.50 88.46
N LEU E 133 -22.37 68.53 89.34
CA LEU E 133 -23.31 68.15 90.38
C LEU E 133 -22.55 67.53 91.54
N GLY E 134 -23.01 67.81 92.75
CA GLY E 134 -22.34 67.34 93.94
C GLY E 134 -22.70 65.92 94.28
N PRO E 135 -22.21 65.47 95.44
CA PRO E 135 -22.52 64.11 95.89
C PRO E 135 -24.01 63.96 96.19
N LYS E 136 -24.52 62.75 95.96
CA LYS E 136 -25.94 62.46 96.11
C LYS E 136 -26.24 61.47 97.23
N ARG E 137 -25.34 60.54 97.53
CA ARG E 137 -25.55 59.62 98.63
C ARG E 137 -25.27 60.32 99.96
N ALA E 138 -26.06 59.97 100.97
CA ALA E 138 -25.95 60.64 102.27
C ALA E 138 -24.58 60.41 102.90
N SER E 139 -24.03 59.20 102.76
CA SER E 139 -22.70 58.94 103.28
C SER E 139 -21.65 59.79 102.58
N ARG E 140 -21.82 60.00 101.28
CA ARG E 140 -20.85 60.80 100.53
C ARG E 140 -20.86 62.26 100.97
N ILE E 141 -22.04 62.84 101.15
CA ILE E 141 -22.11 64.24 101.55
C ILE E 141 -21.62 64.40 102.99
N ARG E 142 -21.73 63.36 103.81
CA ARG E 142 -21.14 63.40 105.15
C ARG E 142 -19.63 63.51 105.06
N LYS E 143 -19.01 62.78 104.14
CA LYS E 143 -17.55 62.82 104.00
C LYS E 143 -17.08 64.15 103.47
N LEU E 144 -17.93 64.86 102.73
CA LEU E 144 -17.52 66.15 102.16
C LEU E 144 -17.43 67.22 103.24
N PHE E 145 -18.40 67.28 104.13
CA PHE E 145 -18.51 68.37 105.10
C PHE E 145 -18.13 67.92 106.51
N ASN E 146 -17.44 66.79 106.64
CA ASN E 146 -16.92 66.30 107.93
C ASN E 146 -18.04 66.07 108.94
N LEU E 147 -19.13 65.45 108.50
CA LEU E 147 -20.25 65.16 109.38
C LEU E 147 -19.85 64.12 110.42
N SER E 148 -20.29 64.31 111.66
CA SER E 148 -20.12 63.26 112.67
C SER E 148 -21.24 62.23 112.57
N LYS E 149 -22.47 62.65 112.89
CA LYS E 149 -23.69 61.88 112.65
C LYS E 149 -24.92 62.73 112.93
N GLU E 150 -25.85 62.79 111.98
CA GLU E 150 -27.14 63.45 112.14
C GLU E 150 -26.99 64.93 112.48
N ASP E 151 -26.03 65.61 111.85
CA ASP E 151 -25.82 67.04 112.04
C ASP E 151 -26.41 67.80 110.87
N ASP E 152 -27.74 67.91 110.86
CA ASP E 152 -28.49 68.70 109.88
C ASP E 152 -28.14 68.30 108.44
N VAL E 153 -28.08 66.98 108.21
CA VAL E 153 -27.73 66.46 106.89
C VAL E 153 -28.73 66.92 105.83
N ARG E 154 -29.99 67.13 106.24
CA ARG E 154 -31.02 67.54 105.29
C ARG E 154 -30.70 68.92 104.70
N GLN E 155 -30.21 69.85 105.53
CA GLN E 155 -29.82 71.17 105.06
C GLN E 155 -28.41 71.21 104.50
N TYR E 156 -27.55 70.28 104.91
CA TYR E 156 -26.16 70.28 104.44
C TYR E 156 -26.04 69.93 102.96
N VAL E 157 -27.13 69.50 102.31
CA VAL E 157 -27.07 69.16 100.90
C VAL E 157 -26.81 70.41 100.06
N VAL E 158 -26.42 70.17 98.81
CA VAL E 158 -26.06 71.25 97.90
C VAL E 158 -27.27 71.61 97.04
N ARG E 159 -27.64 72.88 97.04
CA ARG E 159 -28.74 73.38 96.23
C ARG E 159 -28.16 74.01 94.97
N LYS E 160 -28.48 73.41 93.82
CA LYS E 160 -27.96 73.90 92.56
C LYS E 160 -28.96 74.88 91.94
N PRO E 161 -28.56 76.13 91.69
CA PRO E 161 -29.51 77.13 91.20
C PRO E 161 -29.78 76.95 89.69
N LEU E 162 -31.06 77.04 89.34
CA LEU E 162 -31.49 76.92 87.95
C LEU E 162 -32.04 78.26 87.48
N ASN E 163 -31.55 78.74 86.34
CA ASN E 163 -31.91 80.06 85.83
C ASN E 163 -32.24 79.98 84.35
N LYS E 164 -33.49 79.65 84.03
CA LYS E 164 -34.04 79.88 82.72
C LYS E 164 -34.70 81.25 82.70
N GLU E 165 -34.60 81.96 81.57
CA GLU E 165 -35.22 83.26 81.48
C GLU E 165 -36.74 83.18 81.38
N GLY E 166 -37.29 81.98 81.18
CA GLY E 166 -38.73 81.82 81.14
C GLY E 166 -39.29 81.12 82.36
N LYS E 167 -38.77 81.46 83.55
CA LYS E 167 -39.23 80.86 84.79
C LYS E 167 -38.88 81.79 85.94
N LYS E 168 -39.51 81.54 87.08
CA LYS E 168 -39.08 82.18 88.31
C LYS E 168 -37.76 81.54 88.74
N PRO E 169 -36.69 82.30 88.93
CA PRO E 169 -35.40 81.69 89.26
C PRO E 169 -35.44 80.96 90.59
N ARG E 170 -35.09 79.68 90.55
CA ARG E 170 -35.14 78.84 91.74
C ARG E 170 -33.96 77.89 91.74
N THR E 171 -33.67 77.35 92.93
CA THR E 171 -32.65 76.34 93.10
C THR E 171 -33.30 74.96 93.24
N LYS E 172 -32.53 73.93 92.95
CA LYS E 172 -33.02 72.56 92.96
C LYS E 172 -32.13 71.70 93.83
N ALA E 173 -32.75 70.82 94.61
CA ALA E 173 -32.04 69.95 95.52
C ALA E 173 -32.30 68.49 95.16
N PRO E 174 -31.26 67.66 95.07
CA PRO E 174 -31.47 66.27 94.66
C PRO E 174 -32.16 65.44 95.73
N LYS E 175 -32.80 64.37 95.28
CA LYS E 175 -33.36 63.37 96.19
C LYS E 175 -32.21 62.48 96.64
N ILE E 176 -31.69 62.75 97.82
CA ILE E 176 -30.52 62.03 98.33
C ILE E 176 -30.93 60.64 98.79
N GLN E 177 -30.09 59.65 98.51
CA GLN E 177 -30.41 58.25 98.73
C GLN E 177 -29.68 57.75 99.97
N ARG E 178 -30.18 56.63 100.52
CA ARG E 178 -29.63 55.99 101.71
C ARG E 178 -29.67 56.93 102.92
N LEU E 179 -30.90 57.25 103.33
CA LEU E 179 -31.14 58.17 104.42
C LEU E 179 -31.77 57.46 105.61
N VAL E 180 -31.48 57.97 106.80
CA VAL E 180 -32.21 57.58 107.99
C VAL E 180 -33.56 58.27 107.90
N THR E 181 -34.59 57.51 107.53
CA THR E 181 -35.90 58.08 107.25
C THR E 181 -36.97 57.28 107.97
N PRO E 182 -38.01 57.94 108.48
CA PRO E 182 -39.15 57.20 109.05
C PRO E 182 -39.75 56.21 108.07
N ARG E 183 -39.77 56.54 106.78
CA ARG E 183 -40.21 55.58 105.78
C ARG E 183 -39.31 54.36 105.75
N VAL E 184 -37.99 54.57 105.86
CA VAL E 184 -37.06 53.45 105.88
C VAL E 184 -37.20 52.67 107.19
N LEU E 185 -37.30 53.37 108.31
CA LEU E 185 -37.51 52.70 109.59
C LEU E 185 -38.87 52.01 109.63
N GLN E 186 -39.83 52.50 108.83
CA GLN E 186 -41.09 51.80 108.67
C GLN E 186 -40.87 50.42 108.06
N HIS E 187 -40.00 50.34 107.05
CA HIS E 187 -39.80 49.08 106.34
C HIS E 187 -39.15 48.03 107.23
N LYS E 188 -38.12 48.43 107.98
CA LYS E 188 -37.43 47.47 108.85
C LYS E 188 -38.34 46.93 109.94
N ARG E 189 -39.16 47.80 110.54
CA ARG E 189 -40.16 47.34 111.49
C ARG E 189 -41.18 46.45 110.80
N ARG E 190 -41.56 46.80 109.57
CA ARG E 190 -42.52 45.98 108.84
C ARG E 190 -41.90 44.63 108.49
N ARG E 191 -40.64 44.63 108.04
CA ARG E 191 -40.00 43.37 107.67
C ARG E 191 -39.74 42.49 108.88
N ILE E 192 -39.52 43.08 110.06
CA ILE E 192 -39.30 42.29 111.26
C ILE E 192 -40.62 41.83 111.87
N ALA E 193 -41.73 42.48 111.51
CA ALA E 193 -43.03 42.06 112.02
C ALA E 193 -43.46 40.73 111.44
N LEU E 194 -43.12 40.48 110.16
CA LEU E 194 -43.52 39.23 109.51
C LEU E 194 -42.88 38.03 110.19
N LYS E 195 -41.65 38.16 110.67
CA LYS E 195 -40.99 37.05 111.33
C LYS E 195 -41.69 36.66 112.63
N LYS E 196 -42.43 37.59 113.23
CA LYS E 196 -43.11 37.29 114.49
C LYS E 196 -44.15 36.20 114.32
N GLN E 197 -45.18 36.45 113.51
CA GLN E 197 -46.23 35.45 113.32
C GLN E 197 -45.73 34.25 112.53
N ARG E 198 -44.71 34.42 111.68
CA ARG E 198 -44.13 33.27 111.01
C ARG E 198 -43.48 32.32 112.01
N THR E 199 -42.80 32.87 113.02
CA THR E 199 -42.30 32.04 114.10
C THR E 199 -43.45 31.47 114.93
N LYS E 200 -44.48 32.28 115.17
CA LYS E 200 -45.63 31.83 115.96
C LYS E 200 -46.35 30.68 115.25
N LYS E 201 -46.60 30.84 113.95
CA LYS E 201 -47.27 29.78 113.19
C LYS E 201 -46.42 28.51 113.15
N ASN E 202 -45.10 28.66 113.01
CA ASN E 202 -44.24 27.50 112.99
C ASN E 202 -44.25 26.76 114.32
N LYS E 203 -44.63 27.44 115.40
CA LYS E 203 -44.66 26.79 116.71
C LYS E 203 -46.04 26.20 116.99
N GLU E 204 -47.11 26.98 116.79
CA GLU E 204 -48.44 26.51 117.15
C GLU E 204 -48.91 25.38 116.25
N GLU E 205 -48.53 25.40 114.98
CA GLU E 205 -48.94 24.34 114.06
C GLU E 205 -48.33 23.00 114.48
N ALA E 206 -47.04 23.00 114.84
CA ALA E 206 -46.40 21.76 115.29
C ALA E 206 -47.02 21.28 116.59
N ALA E 207 -47.29 22.19 117.53
CA ALA E 207 -47.90 21.81 118.79
C ALA E 207 -49.30 21.26 118.58
N GLU E 208 -50.08 21.90 117.70
CA GLU E 208 -51.42 21.40 117.40
C GLU E 208 -51.36 20.05 116.72
N TYR E 209 -50.42 19.87 115.79
CA TYR E 209 -50.28 18.59 115.11
C TYR E 209 -49.90 17.49 116.10
N ALA E 210 -48.99 17.77 117.02
CA ALA E 210 -48.67 16.81 118.07
C ALA E 210 -49.88 16.58 118.97
N LYS E 211 -50.63 17.64 119.27
CA LYS E 211 -51.88 17.49 120.00
C LYS E 211 -52.88 16.66 119.21
N LEU E 212 -52.99 16.92 117.90
CA LEU E 212 -53.88 16.14 117.06
C LEU E 212 -53.43 14.69 116.96
N LEU E 213 -52.12 14.47 116.92
CA LEU E 213 -51.58 13.12 116.85
C LEU E 213 -51.88 12.33 118.13
N ALA E 214 -52.05 13.03 119.26
CA ALA E 214 -52.20 12.35 120.54
C ALA E 214 -53.46 11.48 120.57
N LYS E 215 -54.58 12.01 120.09
CA LYS E 215 -55.82 11.23 120.12
C LYS E 215 -55.78 10.11 119.09
N ARG E 216 -55.24 10.37 117.91
CA ARG E 216 -55.20 9.37 116.86
C ARG E 216 -54.34 8.18 117.26
N MET E 217 -53.21 8.43 117.90
CA MET E 217 -52.37 7.33 118.38
C MET E 217 -53.04 6.58 119.52
N LYS E 218 -53.84 7.27 120.33
CA LYS E 218 -54.57 6.60 121.40
C LYS E 218 -55.57 5.60 120.84
N GLU E 219 -56.27 5.98 119.77
CA GLU E 219 -57.15 5.02 119.09
C GLU E 219 -56.37 3.86 118.52
N ALA E 220 -55.18 4.13 117.98
CA ALA E 220 -54.35 3.08 117.41
C ALA E 220 -53.92 2.08 118.48
N LYS E 221 -53.43 2.58 119.61
CA LYS E 221 -53.01 1.67 120.68
C LYS E 221 -54.20 0.99 121.35
N GLU E 222 -55.34 1.68 121.46
CA GLU E 222 -56.54 1.02 121.94
C GLU E 222 -57.06 0.00 120.94
N LYS E 223 -56.81 0.22 119.64
CA LYS E 223 -57.08 -0.82 118.66
C LYS E 223 -56.19 -2.03 118.89
N ARG E 224 -54.93 -1.80 119.25
CA ARG E 224 -54.07 -2.90 119.66
C ARG E 224 -54.59 -3.54 120.94
N GLN E 225 -55.18 -2.73 121.83
CA GLN E 225 -55.78 -3.27 123.04
C GLN E 225 -56.95 -4.20 122.72
N GLU E 226 -57.65 -3.95 121.61
CA GLU E 226 -58.73 -4.85 121.21
C GLU E 226 -58.20 -6.24 120.89
N GLN E 227 -57.11 -6.30 120.12
CA GLN E 227 -56.49 -7.60 119.82
C GLN E 227 -55.83 -8.20 121.06
N ILE E 228 -55.26 -7.36 121.92
CA ILE E 228 -54.75 -7.85 123.20
C ILE E 228 -55.89 -8.41 124.04
N ALA E 229 -57.06 -7.77 123.98
CA ALA E 229 -58.23 -8.31 124.68
C ALA E 229 -58.65 -9.66 124.10
N LYS E 230 -58.57 -9.81 122.78
CA LYS E 230 -59.00 -11.05 122.14
C LYS E 230 -58.12 -12.22 122.55
N ARG E 231 -56.80 -12.02 122.60
CA ARG E 231 -55.89 -13.11 122.93
C ARG E 231 -55.85 -13.41 124.42
N ARG E 232 -56.42 -12.56 125.26
CA ARG E 232 -56.42 -12.75 126.71
C ARG E 232 -57.79 -13.04 127.29
N ARG E 233 -58.81 -13.24 126.45
CA ARG E 233 -60.15 -13.54 126.93
C ARG E 233 -60.67 -14.90 126.53
N LEU E 234 -60.12 -15.51 125.49
CA LEU E 234 -60.62 -16.78 124.95
C LEU E 234 -59.43 -17.70 124.68
N SER E 235 -59.08 -18.51 125.68
CA SER E 235 -58.02 -19.50 125.53
C SER E 235 -58.51 -20.94 125.60
N SER E 236 -59.71 -21.17 126.13
CA SER E 236 -60.26 -22.52 126.27
C SER E 236 -61.56 -22.70 125.51
N LEU E 237 -62.52 -21.79 125.68
CA LEU E 237 -63.82 -21.91 125.03
C LEU E 237 -63.71 -21.75 123.53
N SER F 1 -71.86 -58.34 110.64
CA SER F 1 -72.07 -59.04 109.38
C SER F 1 -70.79 -59.71 108.90
N ALA F 2 -70.84 -60.29 107.70
CA ALA F 2 -69.69 -60.94 107.08
C ALA F 2 -69.22 -60.06 105.92
N LYS F 3 -68.10 -59.39 106.11
CA LYS F 3 -67.57 -58.47 105.10
C LYS F 3 -66.04 -58.47 105.22
N ILE F 4 -65.37 -59.24 104.37
CA ILE F 4 -63.92 -59.32 104.35
C ILE F 4 -63.34 -58.89 103.01
N VAL F 5 -64.01 -59.21 101.90
CA VAL F 5 -63.47 -58.94 100.58
C VAL F 5 -64.26 -57.80 99.92
N LYS F 6 -63.85 -56.56 100.18
CA LYS F 6 -64.46 -55.39 99.56
C LYS F 6 -63.51 -54.21 99.68
N PRO F 7 -62.49 -54.11 98.82
CA PRO F 7 -61.61 -52.94 98.85
C PRO F 7 -62.07 -51.80 97.96
N ASN F 8 -62.19 -50.61 98.53
CA ASN F 8 -62.49 -49.37 97.80
C ASN F 8 -62.27 -48.21 98.75
N GLY F 9 -62.63 -47.01 98.31
CA GLY F 9 -62.56 -45.86 99.21
C GLY F 9 -63.57 -45.94 100.34
N GLU F 10 -64.78 -46.42 100.05
CA GLU F 10 -65.85 -46.44 101.03
C GLU F 10 -65.66 -47.60 101.99
N LYS F 11 -65.50 -47.30 103.28
CA LYS F 11 -65.32 -48.34 104.28
C LYS F 11 -66.55 -49.24 104.43
N PRO F 12 -67.80 -48.72 104.58
CA PRO F 12 -68.95 -49.63 104.66
C PRO F 12 -69.47 -50.03 103.29
N ASP F 13 -70.59 -50.76 103.26
CA ASP F 13 -71.26 -51.09 102.01
C ASP F 13 -72.73 -51.36 102.27
N GLU F 14 -73.57 -50.90 101.36
CA GLU F 14 -74.99 -51.25 101.35
C GLU F 14 -75.28 -52.06 100.10
N PHE F 15 -75.88 -53.24 100.30
CA PHE F 15 -76.27 -54.20 99.25
C PHE F 15 -75.03 -54.88 98.66
N GLU F 16 -73.84 -54.37 98.98
CA GLU F 16 -72.61 -55.00 98.55
C GLU F 16 -72.03 -55.92 99.60
N SER F 17 -72.45 -55.76 100.86
CA SER F 17 -72.15 -56.77 101.87
C SER F 17 -72.78 -58.09 101.50
N GLY F 18 -74.02 -58.07 101.00
CA GLY F 18 -74.65 -59.27 100.50
C GLY F 18 -73.97 -59.84 99.26
N ILE F 19 -73.44 -58.96 98.41
CA ILE F 19 -72.69 -59.44 97.25
C ILE F 19 -71.39 -60.08 97.70
N SER F 20 -70.67 -59.44 98.63
CA SER F 20 -69.49 -60.07 99.20
C SER F 20 -69.86 -61.28 100.04
N GLN F 21 -71.08 -61.31 100.57
CA GLN F 21 -71.56 -62.49 101.27
C GLN F 21 -71.59 -63.71 100.36
N ALA F 22 -72.05 -63.52 99.12
CA ALA F 22 -72.17 -64.65 98.19
C ALA F 22 -70.81 -65.26 97.87
N LEU F 23 -69.79 -64.42 97.69
CA LEU F 23 -68.48 -64.95 97.35
C LEU F 23 -67.81 -65.61 98.54
N LEU F 24 -68.05 -65.12 99.76
CA LEU F 24 -67.43 -65.75 100.92
C LEU F 24 -68.12 -67.06 101.28
N GLU F 25 -69.44 -67.13 101.12
CA GLU F 25 -70.14 -68.39 101.35
C GLU F 25 -69.95 -69.37 100.20
N LEU F 26 -69.33 -68.93 99.11
CA LEU F 26 -68.97 -69.77 97.97
C LEU F 26 -67.81 -70.72 98.30
N GLU F 27 -67.40 -70.80 99.56
CA GLU F 27 -66.36 -71.75 99.96
C GLU F 27 -66.85 -73.18 99.75
N MET F 28 -65.90 -74.05 99.40
CA MET F 28 -66.19 -75.43 98.98
C MET F 28 -67.14 -75.44 97.78
N ASN F 29 -66.67 -74.84 96.70
CA ASN F 29 -67.37 -74.79 95.42
C ASN F 29 -66.70 -75.73 94.43
N SER F 30 -67.14 -75.66 93.17
CA SER F 30 -66.60 -76.50 92.10
C SER F 30 -65.23 -75.99 91.65
N ASP F 31 -64.31 -75.91 92.61
CA ASP F 31 -62.91 -75.55 92.37
C ASP F 31 -62.77 -74.14 91.81
N LEU F 32 -63.38 -73.18 92.49
CA LEU F 32 -63.17 -71.76 92.21
C LEU F 32 -62.49 -71.01 93.34
N LYS F 33 -62.74 -71.37 94.59
CA LYS F 33 -62.07 -70.73 95.71
C LYS F 33 -60.56 -70.90 95.63
N ALA F 34 -60.08 -71.99 95.01
CA ALA F 34 -58.66 -72.20 94.88
C ALA F 34 -57.98 -71.14 94.04
N GLN F 35 -58.71 -70.47 93.15
CA GLN F 35 -58.17 -69.42 92.30
C GLN F 35 -58.97 -68.12 92.37
N LEU F 36 -59.80 -67.94 93.39
CA LEU F 36 -60.54 -66.71 93.58
C LEU F 36 -60.27 -66.04 94.92
N ARG F 37 -59.74 -66.77 95.90
CA ARG F 37 -59.47 -66.20 97.22
C ARG F 37 -58.43 -65.09 97.17
N GLU F 38 -57.59 -65.07 96.13
CA GLU F 38 -56.63 -64.00 95.93
C GLU F 38 -57.23 -62.79 95.24
N LEU F 39 -58.49 -62.86 94.84
CA LEU F 39 -59.14 -61.81 94.06
C LEU F 39 -60.03 -60.97 94.98
N ASN F 40 -60.57 -59.89 94.42
CA ASN F 40 -61.42 -59.02 95.22
C ASN F 40 -62.39 -58.27 94.32
N ILE F 41 -63.44 -57.73 94.95
CA ILE F 41 -64.49 -56.97 94.26
C ILE F 41 -64.41 -55.53 94.73
N THR F 42 -64.24 -54.60 93.78
CA THR F 42 -64.18 -53.19 94.13
C THR F 42 -65.51 -52.71 94.68
N ALA F 43 -66.60 -52.95 93.96
CA ALA F 43 -67.92 -52.50 94.38
C ALA F 43 -68.98 -53.27 93.60
N ALA F 44 -70.23 -53.10 94.02
CA ALA F 44 -71.38 -53.71 93.37
C ALA F 44 -72.44 -52.65 93.12
N LYS F 45 -73.29 -52.91 92.12
CA LYS F 45 -74.29 -51.93 91.73
C LYS F 45 -75.56 -52.64 91.31
N GLU F 46 -76.71 -52.06 91.69
CA GLU F 46 -78.02 -52.59 91.34
C GLU F 46 -78.75 -51.59 90.46
N ILE F 47 -79.29 -52.07 89.34
CA ILE F 47 -80.04 -51.24 88.41
C ILE F 47 -81.28 -51.99 87.96
N GLU F 48 -82.21 -51.25 87.35
CA GLU F 48 -83.40 -51.83 86.72
C GLU F 48 -83.40 -51.46 85.25
N VAL F 49 -83.65 -52.45 84.39
CA VAL F 49 -83.57 -52.29 82.95
C VAL F 49 -84.97 -52.43 82.37
N GLY F 50 -85.42 -51.39 81.67
CA GLY F 50 -86.66 -51.45 80.91
C GLY F 50 -87.90 -51.78 81.72
N GLY F 51 -88.38 -53.00 81.58
CA GLY F 51 -89.57 -53.44 82.27
C GLY F 51 -89.27 -54.22 83.53
N GLY F 52 -89.43 -55.54 83.48
CA GLY F 52 -89.30 -56.39 84.64
C GLY F 52 -87.90 -56.90 84.93
N ARG F 53 -86.87 -56.26 84.38
CA ARG F 53 -85.50 -56.74 84.56
C ARG F 53 -84.78 -55.92 85.62
N LYS F 54 -84.24 -56.62 86.62
CA LYS F 54 -83.30 -56.06 87.58
C LYS F 54 -81.93 -56.63 87.28
N ALA F 55 -80.95 -55.75 87.09
CA ALA F 55 -79.59 -56.16 86.72
C ALA F 55 -78.60 -55.78 87.80
N ILE F 56 -77.58 -56.61 87.95
CA ILE F 56 -76.52 -56.40 88.95
C ILE F 56 -75.20 -56.21 88.22
N ILE F 57 -74.36 -55.34 88.77
CA ILE F 57 -73.06 -55.02 88.20
C ILE F 57 -72.02 -55.22 89.29
N ILE F 58 -70.92 -55.88 88.93
CA ILE F 58 -69.81 -56.14 89.85
C ILE F 58 -68.57 -55.46 89.30
N PHE F 59 -67.90 -54.68 90.16
CA PHE F 59 -66.74 -53.91 89.77
C PHE F 59 -65.47 -54.62 90.21
N VAL F 60 -64.49 -54.70 89.30
CA VAL F 60 -63.25 -55.42 89.56
C VAL F 60 -62.06 -54.50 89.27
N PRO F 61 -60.92 -54.71 89.91
CA PRO F 61 -59.74 -53.90 89.61
C PRO F 61 -59.18 -54.18 88.22
N VAL F 62 -58.52 -53.17 87.66
CA VAL F 62 -57.94 -53.30 86.32
C VAL F 62 -56.89 -54.40 86.23
N PRO F 63 -55.89 -54.48 87.14
CA PRO F 63 -54.91 -55.58 87.01
C PRO F 63 -55.53 -56.96 87.12
N GLN F 64 -56.64 -57.09 87.84
CA GLN F 64 -57.30 -58.37 88.04
C GLN F 64 -58.35 -58.68 86.97
N LEU F 65 -58.45 -57.84 85.95
CA LEU F 65 -59.45 -58.07 84.89
C LEU F 65 -59.18 -59.37 84.15
N LYS F 66 -57.90 -59.65 83.87
CA LYS F 66 -57.56 -60.90 83.17
C LYS F 66 -57.92 -62.12 84.01
N SER F 67 -57.66 -62.06 85.31
CA SER F 67 -57.95 -63.20 86.18
C SER F 67 -59.44 -63.46 86.30
N PHE F 68 -60.25 -62.40 86.39
CA PHE F 68 -61.70 -62.58 86.43
C PHE F 68 -62.23 -63.14 85.11
N GLN F 69 -61.71 -62.63 83.99
CA GLN F 69 -62.27 -62.97 82.69
C GLN F 69 -62.03 -64.43 82.32
N LYS F 70 -60.84 -64.96 82.62
CA LYS F 70 -60.53 -66.34 82.27
C LYS F 70 -61.44 -67.32 82.99
N ILE F 71 -62.07 -66.91 84.09
CA ILE F 71 -63.06 -67.72 84.79
C ILE F 71 -64.45 -67.09 84.73
N GLN F 72 -64.61 -66.02 83.95
CA GLN F 72 -65.87 -65.28 83.93
C GLN F 72 -67.04 -66.14 83.46
N VAL F 73 -66.82 -66.89 82.38
CA VAL F 73 -67.91 -67.64 81.76
C VAL F 73 -68.44 -68.73 82.68
N ARG F 74 -67.68 -69.14 83.69
CA ARG F 74 -68.14 -70.20 84.57
C ARG F 74 -69.05 -69.66 85.67
N LEU F 75 -68.54 -68.76 86.52
CA LEU F 75 -69.24 -68.44 87.76
C LEU F 75 -70.50 -67.62 87.55
N VAL F 76 -70.66 -66.96 86.40
CA VAL F 76 -71.79 -66.06 86.21
C VAL F 76 -73.11 -66.82 86.28
N ARG F 77 -73.12 -68.08 85.84
CA ARG F 77 -74.34 -68.87 85.97
C ARG F 77 -74.61 -69.25 87.43
N GLU F 78 -73.57 -69.37 88.25
CA GLU F 78 -73.78 -69.63 89.67
C GLU F 78 -74.35 -68.41 90.38
N LEU F 79 -73.92 -67.21 89.97
CA LEU F 79 -74.50 -65.99 90.53
C LEU F 79 -75.98 -65.88 90.19
N GLU F 80 -76.35 -66.24 88.97
CA GLU F 80 -77.77 -66.20 88.59
C GLU F 80 -78.55 -67.27 89.35
N LYS F 81 -77.93 -68.42 89.64
CA LYS F 81 -78.57 -69.40 90.50
C LYS F 81 -78.82 -68.85 91.90
N LYS F 82 -77.84 -68.12 92.44
CA LYS F 82 -78.03 -67.48 93.74
C LYS F 82 -79.07 -66.37 93.66
N PHE F 83 -78.97 -65.53 92.64
CA PHE F 83 -79.85 -64.37 92.47
C PHE F 83 -80.59 -64.55 91.15
N SER F 84 -81.72 -65.26 91.22
CA SER F 84 -82.52 -65.49 90.03
C SER F 84 -83.20 -64.20 89.56
N GLY F 85 -83.26 -64.03 88.25
CA GLY F 85 -83.81 -62.82 87.67
C GLY F 85 -82.87 -61.65 87.64
N LYS F 86 -81.63 -61.81 88.10
CA LYS F 86 -80.64 -60.73 88.13
C LYS F 86 -79.52 -61.10 87.18
N HIS F 87 -79.34 -60.28 86.14
CA HIS F 87 -78.29 -60.52 85.16
C HIS F 87 -77.00 -59.86 85.64
N VAL F 88 -75.91 -60.63 85.59
CA VAL F 88 -74.63 -60.21 86.16
C VAL F 88 -73.65 -59.85 85.05
N VAL F 89 -72.98 -58.71 85.20
CA VAL F 89 -71.93 -58.28 84.29
C VAL F 89 -70.75 -57.80 85.12
N PHE F 90 -69.56 -57.85 84.52
CA PHE F 90 -68.33 -57.46 85.19
C PHE F 90 -67.75 -56.24 84.48
N ILE F 91 -67.54 -55.17 85.24
CA ILE F 91 -66.96 -53.94 84.73
C ILE F 91 -65.75 -53.61 85.59
N ALA F 92 -64.80 -52.88 85.01
CA ALA F 92 -63.61 -52.43 85.71
C ALA F 92 -63.66 -50.92 85.86
N GLN F 93 -63.50 -50.42 87.08
CA GLN F 93 -63.41 -48.99 87.31
C GLN F 93 -62.13 -48.46 86.69
N ARG F 94 -62.21 -47.27 86.09
CA ARG F 94 -61.12 -46.77 85.27
C ARG F 94 -60.61 -45.39 85.64
N ARG F 95 -61.27 -44.69 86.56
CA ARG F 95 -60.80 -43.40 87.08
C ARG F 95 -60.61 -42.38 85.95
N ILE F 96 -61.74 -42.00 85.36
CA ILE F 96 -61.75 -40.98 84.31
C ILE F 96 -61.25 -39.67 84.90
N LEU F 97 -60.07 -39.23 84.46
CA LEU F 97 -59.54 -37.97 84.92
C LEU F 97 -60.15 -36.81 84.14
N PRO F 98 -60.29 -35.64 84.76
CA PRO F 98 -60.79 -34.48 84.03
C PRO F 98 -59.81 -34.04 82.95
N LYS F 99 -60.36 -33.49 81.88
CA LYS F 99 -59.53 -32.94 80.82
C LYS F 99 -58.74 -31.76 81.36
N PRO F 100 -57.42 -31.71 81.16
CA PRO F 100 -56.65 -30.54 81.57
C PRO F 100 -57.12 -29.29 80.82
N THR F 101 -57.16 -28.18 81.55
CA THR F 101 -57.63 -26.92 81.01
C THR F 101 -56.69 -25.81 81.44
N ARG F 102 -57.03 -24.58 81.06
CA ARG F 102 -56.21 -23.43 81.41
C ARG F 102 -56.24 -23.14 82.91
N LYS F 103 -57.22 -23.66 83.63
CA LYS F 103 -57.33 -23.40 85.07
C LYS F 103 -56.39 -24.29 85.87
N LYS F 107 -48.94 -26.71 93.66
CA LYS F 107 -49.64 -26.63 92.38
C LYS F 107 -48.90 -27.44 91.31
N ASN F 108 -49.30 -28.70 91.13
CA ASN F 108 -48.66 -29.58 90.16
C ASN F 108 -49.58 -30.74 89.85
N LYS F 109 -49.46 -31.26 88.63
CA LYS F 109 -50.19 -32.45 88.22
C LYS F 109 -49.50 -33.03 87.00
N GLN F 110 -49.18 -34.31 87.05
CA GLN F 110 -48.37 -34.96 86.04
C GLN F 110 -49.23 -35.24 84.80
N LYS F 111 -48.56 -35.50 83.68
CA LYS F 111 -49.23 -35.74 82.40
C LYS F 111 -50.21 -36.89 82.50
N ARG F 112 -51.44 -36.64 82.07
CA ARG F 112 -52.47 -37.67 82.14
C ARG F 112 -52.29 -38.68 81.03
N PRO F 113 -52.29 -39.98 81.33
CA PRO F 113 -52.19 -40.98 80.26
C PRO F 113 -53.43 -40.96 79.37
N ARG F 114 -53.23 -41.35 78.11
CA ARG F 114 -54.34 -41.34 77.17
C ARG F 114 -55.39 -42.38 77.53
N SER F 115 -54.97 -43.49 78.14
CA SER F 115 -55.93 -44.52 78.54
C SER F 115 -56.86 -44.03 79.64
N ARG F 116 -56.39 -43.10 80.48
CA ARG F 116 -57.22 -42.57 81.56
C ARG F 116 -58.18 -41.49 81.10
N THR F 117 -58.12 -41.07 79.84
CA THR F 117 -59.06 -40.08 79.33
C THR F 117 -60.45 -40.70 79.16
N LEU F 118 -61.45 -39.82 79.02
CA LEU F 118 -62.83 -40.27 78.97
C LEU F 118 -63.10 -41.15 77.76
N THR F 119 -62.57 -40.77 76.59
CA THR F 119 -62.84 -41.52 75.38
C THR F 119 -62.26 -42.94 75.45
N ALA F 120 -61.03 -43.07 75.95
CA ALA F 120 -60.39 -44.37 76.03
C ALA F 120 -60.96 -45.25 77.12
N VAL F 121 -61.84 -44.73 77.96
CA VAL F 121 -62.45 -45.53 79.03
C VAL F 121 -63.78 -46.13 78.58
N HIS F 122 -64.66 -45.31 78.01
CA HIS F 122 -66.01 -45.76 77.71
C HIS F 122 -66.01 -46.85 76.65
N ASP F 123 -65.14 -46.74 75.64
CA ASP F 123 -65.02 -47.82 74.66
C ASP F 123 -64.45 -49.08 75.31
N ALA F 124 -63.55 -48.92 76.27
CA ALA F 124 -62.97 -50.07 76.95
C ALA F 124 -64.00 -50.75 77.85
N ILE F 125 -64.72 -49.96 78.65
CA ILE F 125 -65.72 -50.55 79.55
C ILE F 125 -66.92 -51.11 78.79
N LEU F 126 -67.17 -50.64 77.58
CA LEU F 126 -68.18 -51.27 76.74
C LEU F 126 -67.67 -52.58 76.17
N GLU F 127 -66.35 -52.72 76.01
CA GLU F 127 -65.79 -53.94 75.45
C GLU F 127 -65.94 -55.11 76.41
N ASP F 128 -65.36 -54.98 77.61
CA ASP F 128 -65.38 -56.08 78.57
C ASP F 128 -66.76 -56.30 79.18
N LEU F 129 -67.71 -55.39 78.94
CA LEU F 129 -69.08 -55.58 79.42
C LEU F 129 -69.73 -56.78 78.76
N VAL F 130 -69.30 -57.15 77.55
CA VAL F 130 -69.92 -58.21 76.78
C VAL F 130 -68.89 -59.33 76.57
N PHE F 131 -68.03 -59.51 77.57
CA PHE F 131 -66.84 -60.35 77.45
C PHE F 131 -67.06 -61.74 76.84
N PRO F 132 -68.17 -62.45 77.08
CA PRO F 132 -68.38 -63.72 76.35
C PRO F 132 -68.27 -63.59 74.85
N SER F 133 -68.55 -62.42 74.30
CA SER F 133 -68.25 -62.07 72.91
C SER F 133 -67.31 -60.87 72.91
N GLU F 134 -67.08 -60.31 71.72
CA GLU F 134 -66.40 -59.04 71.60
C GLU F 134 -66.99 -58.28 70.42
N ILE F 135 -66.29 -57.23 69.98
CA ILE F 135 -66.81 -56.31 68.99
C ILE F 135 -65.99 -56.44 67.71
N VAL F 136 -66.67 -56.57 66.58
CA VAL F 136 -66.05 -56.59 65.26
C VAL F 136 -66.37 -55.37 64.44
N GLY F 137 -67.16 -54.44 64.98
CA GLY F 137 -67.49 -53.22 64.25
C GLY F 137 -68.30 -52.23 65.07
N LYS F 138 -68.09 -50.94 64.83
CA LYS F 138 -68.78 -49.88 65.54
C LYS F 138 -69.55 -49.01 64.55
N ARG F 139 -70.81 -48.72 64.87
CA ARG F 139 -71.65 -47.84 64.07
C ARG F 139 -72.31 -46.83 65.00
N ILE F 140 -71.89 -45.58 64.88
CA ILE F 140 -72.59 -44.47 65.55
C ILE F 140 -73.48 -43.75 64.56
N ARG F 141 -74.72 -43.50 64.95
CA ARG F 141 -75.70 -42.82 64.12
C ARG F 141 -76.26 -41.63 64.88
N VAL F 142 -76.30 -40.48 64.22
CA VAL F 142 -76.96 -39.30 64.75
C VAL F 142 -78.37 -39.28 64.20
N LYS F 143 -79.36 -39.38 65.10
CA LYS F 143 -80.74 -39.60 64.67
C LYS F 143 -81.50 -38.27 64.54
N LEU F 144 -80.93 -37.38 63.73
CA LEU F 144 -81.59 -36.18 63.22
C LEU F 144 -81.96 -35.17 64.30
N ASP F 145 -81.57 -35.42 65.55
CA ASP F 145 -81.84 -34.46 66.62
C ASP F 145 -80.69 -34.36 67.61
N GLY F 146 -79.49 -34.76 67.21
CA GLY F 146 -78.35 -34.78 68.10
C GLY F 146 -78.18 -36.04 68.91
N SER F 147 -79.22 -36.88 68.96
CA SER F 147 -79.11 -38.15 69.68
C SER F 147 -78.18 -39.09 68.96
N ARG F 148 -77.29 -39.74 69.71
CA ARG F 148 -76.23 -40.57 69.16
C ARG F 148 -76.46 -42.00 69.67
N LEU F 149 -76.78 -42.90 68.75
CA LEU F 149 -77.02 -44.30 69.09
C LEU F 149 -75.88 -45.15 68.56
N ILE F 150 -75.25 -45.91 69.44
CA ILE F 150 -74.09 -46.73 69.09
C ILE F 150 -74.61 -48.11 68.70
N LYS F 151 -74.55 -48.42 67.41
CA LYS F 151 -74.87 -49.76 66.94
C LYS F 151 -73.59 -50.58 66.90
N VAL F 152 -73.52 -51.60 67.75
CA VAL F 152 -72.31 -52.41 67.89
C VAL F 152 -72.52 -53.71 67.13
N HIS F 153 -71.63 -53.99 66.18
CA HIS F 153 -71.62 -55.27 65.49
C HIS F 153 -70.93 -56.30 66.36
N LEU F 154 -71.65 -57.35 66.72
CA LEU F 154 -71.14 -58.37 67.61
C LEU F 154 -70.48 -59.48 66.81
N ASP F 155 -70.02 -60.53 67.52
CA ASP F 155 -69.16 -61.53 66.89
C ASP F 155 -69.95 -62.48 65.99
N LYS F 156 -71.17 -62.84 66.39
CA LYS F 156 -72.02 -63.88 65.81
C LYS F 156 -71.43 -65.27 66.05
N ALA F 157 -70.26 -65.38 66.66
CA ALA F 157 -69.67 -66.68 66.94
C ALA F 157 -70.49 -67.49 67.93
N GLN F 158 -71.13 -66.83 68.89
CA GLN F 158 -71.98 -67.52 69.84
C GLN F 158 -73.24 -66.70 70.09
N GLN F 159 -74.33 -67.42 70.37
CA GLN F 159 -75.62 -66.79 70.65
C GLN F 159 -76.25 -67.29 71.94
N ASN F 160 -75.65 -68.28 72.60
CA ASN F 160 -76.32 -68.97 73.70
C ASN F 160 -76.45 -68.09 74.93
N ASN F 161 -75.36 -67.43 75.35
CA ASN F 161 -75.35 -66.67 76.59
C ASN F 161 -75.28 -65.17 76.35
N VAL F 162 -75.57 -64.72 75.13
CA VAL F 162 -75.50 -63.30 74.81
C VAL F 162 -76.76 -62.76 74.17
N GLU F 163 -77.60 -63.60 73.55
CA GLU F 163 -78.77 -63.09 72.84
C GLU F 163 -79.79 -62.49 73.80
N HIS F 164 -80.04 -63.16 74.93
CA HIS F 164 -81.01 -62.67 75.90
C HIS F 164 -80.47 -61.51 76.74
N LYS F 165 -79.17 -61.25 76.69
CA LYS F 165 -78.55 -60.27 77.56
C LYS F 165 -78.36 -58.91 76.91
N VAL F 166 -78.73 -58.76 75.64
CA VAL F 166 -78.41 -57.53 74.91
C VAL F 166 -79.23 -56.35 75.43
N GLU F 167 -80.51 -56.57 75.74
CA GLU F 167 -81.35 -55.47 76.19
C GLU F 167 -80.91 -54.97 77.56
N THR F 168 -80.41 -55.86 78.41
CA THR F 168 -79.80 -55.43 79.67
C THR F 168 -78.53 -54.65 79.40
N PHE F 169 -77.77 -55.04 78.37
CA PHE F 169 -76.53 -54.33 78.05
C PHE F 169 -76.82 -52.91 77.64
N SER F 170 -77.94 -52.68 76.95
CA SER F 170 -78.34 -51.33 76.61
C SER F 170 -78.62 -50.50 77.85
N GLY F 171 -79.33 -51.07 78.82
CA GLY F 171 -79.72 -50.32 80.00
C GLY F 171 -78.54 -49.95 80.88
N VAL F 172 -77.61 -50.88 81.09
CA VAL F 172 -76.52 -50.64 82.02
C VAL F 172 -75.57 -49.58 81.49
N TYR F 173 -75.26 -49.63 80.19
CA TYR F 173 -74.39 -48.61 79.61
C TYR F 173 -75.10 -47.27 79.54
N LYS F 174 -76.40 -47.27 79.30
CA LYS F 174 -77.19 -46.05 79.42
C LYS F 174 -77.16 -45.52 80.84
N LYS F 175 -77.06 -46.42 81.83
CA LYS F 175 -77.04 -46.01 83.23
C LYS F 175 -75.69 -45.39 83.58
N LEU F 176 -74.61 -46.15 83.45
CA LEU F 176 -73.31 -45.71 83.94
C LEU F 176 -72.60 -44.73 83.00
N THR F 177 -73.04 -44.61 81.75
CA THR F 177 -72.48 -43.62 80.84
C THR F 177 -73.48 -42.55 80.44
N GLY F 178 -74.61 -42.93 79.87
CA GLY F 178 -75.64 -41.99 79.44
C GLY F 178 -75.95 -42.04 77.96
N LYS F 179 -75.09 -42.63 77.14
CA LYS F 179 -75.31 -42.70 75.70
C LYS F 179 -75.95 -44.02 75.34
N ASP F 180 -77.01 -43.95 74.52
CA ASP F 180 -77.80 -45.13 74.18
C ASP F 180 -77.04 -46.05 73.25
N VAL F 181 -77.15 -47.35 73.50
CA VAL F 181 -76.44 -48.38 72.74
C VAL F 181 -77.42 -49.49 72.39
N ASN F 182 -77.41 -49.92 71.14
CA ASN F 182 -78.12 -51.11 70.71
C ASN F 182 -77.15 -52.05 70.00
N PHE F 183 -77.44 -53.35 70.09
CA PHE F 183 -76.56 -54.38 69.56
C PHE F 183 -77.23 -55.08 68.39
N GLU F 184 -76.41 -55.80 67.63
CA GLU F 184 -76.89 -56.58 66.50
C GLU F 184 -75.89 -57.67 66.18
N PHE F 185 -76.34 -58.68 65.45
CA PHE F 185 -75.49 -59.74 64.95
C PHE F 185 -75.53 -59.76 63.43
N PRO F 186 -74.43 -59.52 62.75
CA PRO F 186 -74.43 -59.55 61.29
C PRO F 186 -74.32 -60.98 60.78
N GLU F 187 -74.20 -61.11 59.45
CA GLU F 187 -74.07 -62.41 58.81
C GLU F 187 -72.61 -62.87 58.93
N PHE F 188 -72.25 -63.89 58.15
CA PHE F 188 -70.90 -64.41 58.15
C PHE F 188 -69.89 -63.31 57.81
N GLN F 189 -68.77 -63.30 58.53
CA GLN F 189 -67.79 -62.24 58.38
C GLN F 189 -66.66 -62.67 57.45
N GLY G 1 -18.54 21.50 70.54
CA GLY G 1 -17.26 20.81 70.56
C GLY G 1 -17.40 19.32 70.75
N ILE G 2 -17.17 18.86 71.98
CA ILE G 2 -17.34 17.46 72.31
C ILE G 2 -18.82 17.11 72.29
N SER G 3 -19.17 16.04 71.60
CA SER G 3 -20.56 15.65 71.40
C SER G 3 -20.84 14.33 72.08
N ARG G 4 -22.05 14.21 72.66
CA ARG G 4 -22.47 13.01 73.36
C ARG G 4 -23.66 12.35 72.68
N ASP G 5 -23.94 12.72 71.44
CA ASP G 5 -25.10 12.19 70.73
C ASP G 5 -24.88 10.73 70.32
N ASN G 6 -25.99 10.02 70.17
CA ASN G 6 -25.92 8.63 69.73
C ASN G 6 -25.69 8.52 68.23
N TRP G 7 -26.25 9.44 67.45
CA TRP G 7 -26.32 9.26 66.00
C TRP G 7 -24.96 9.32 65.30
N HIS G 8 -23.92 9.83 65.96
CA HIS G 8 -22.60 9.82 65.33
C HIS G 8 -22.01 8.42 65.28
N LYS G 9 -22.49 7.51 66.13
CA LYS G 9 -22.01 6.14 66.14
C LYS G 9 -22.66 5.33 65.03
N ARG G 10 -22.09 4.16 64.77
CA ARG G 10 -22.76 3.16 63.98
C ARG G 10 -23.98 2.65 64.72
N ARG G 11 -25.00 2.25 63.98
CA ARG G 11 -26.23 1.77 64.60
C ARG G 11 -26.02 0.36 65.12
N LYS G 12 -27.10 -0.27 65.60
CA LYS G 12 -26.99 -1.58 66.22
C LYS G 12 -26.51 -2.64 65.23
N THR G 13 -27.04 -2.62 64.01
CA THR G 13 -26.67 -3.63 63.03
C THR G 13 -25.35 -3.33 62.33
N GLY G 14 -24.75 -2.18 62.58
CA GLY G 14 -23.51 -1.80 61.93
C GLY G 14 -23.67 -0.86 60.75
N GLY G 15 -24.89 -0.40 60.47
CA GLY G 15 -25.10 0.54 59.40
C GLY G 15 -24.66 1.94 59.78
N LYS G 16 -24.66 2.81 58.78
CA LYS G 16 -24.28 4.20 58.95
C LYS G 16 -25.54 5.05 59.04
N ARG G 17 -25.79 5.59 60.24
CA ARG G 17 -26.96 6.44 60.47
C ARG G 17 -26.60 7.88 60.18
N LYS G 18 -27.23 8.45 59.16
CA LYS G 18 -26.95 9.83 58.78
C LYS G 18 -27.56 10.78 59.82
N PRO G 19 -26.86 11.87 60.15
CA PRO G 19 -27.43 12.85 61.08
C PRO G 19 -28.50 13.69 60.40
N TYR G 20 -29.63 13.85 61.07
CA TYR G 20 -30.72 14.68 60.55
C TYR G 20 -30.67 16.11 61.06
N HIS G 21 -29.67 16.45 61.87
CA HIS G 21 -29.54 17.80 62.42
C HIS G 21 -28.10 18.00 62.85
N LYS G 22 -27.67 19.25 62.90
CA LYS G 22 -26.32 19.56 63.34
C LYS G 22 -26.21 19.38 64.85
N LYS G 23 -25.01 19.63 65.38
CA LYS G 23 -24.77 19.46 66.81
C LYS G 23 -25.66 20.39 67.62
N ARG G 24 -26.33 19.83 68.62
CA ARG G 24 -27.22 20.59 69.48
C ARG G 24 -26.50 20.99 70.76
N LYS G 25 -26.96 22.09 71.34
CA LYS G 25 -26.29 22.62 72.53
C LYS G 25 -26.47 21.73 73.74
N TYR G 26 -27.68 21.18 73.94
CA TYR G 26 -27.95 20.47 75.20
C TYR G 26 -27.09 19.24 75.34
N GLU G 27 -26.75 18.57 74.25
CA GLU G 27 -25.88 17.40 74.30
C GLU G 27 -24.41 17.76 74.04
N LEU G 28 -23.91 18.77 74.75
CA LEU G 28 -22.51 19.14 74.60
C LEU G 28 -21.65 18.40 75.63
N GLY G 29 -20.42 18.12 75.23
CA GLY G 29 -19.45 17.55 76.15
C GLY G 29 -18.49 18.61 76.64
N ARG G 30 -17.77 18.33 77.71
CA ARG G 30 -16.81 19.27 78.26
C ARG G 30 -15.47 18.59 78.48
N PRO G 31 -14.37 19.33 78.44
CA PRO G 31 -13.06 18.71 78.60
C PRO G 31 -12.89 18.11 79.99
N ALA G 32 -12.05 17.08 80.06
CA ALA G 32 -11.79 16.40 81.32
C ALA G 32 -11.15 17.35 82.32
N ALA G 33 -11.57 17.25 83.58
CA ALA G 33 -10.99 18.08 84.63
C ALA G 33 -9.53 17.70 84.86
N ASN G 34 -9.26 16.41 85.06
CA ASN G 34 -7.91 15.89 85.31
C ASN G 34 -7.27 16.59 86.52
N THR G 35 -7.90 16.41 87.67
CA THR G 35 -7.43 17.08 88.88
C THR G 35 -6.10 16.52 89.34
N LYS G 36 -5.15 17.40 89.57
CA LYS G 36 -3.81 17.04 90.04
C LYS G 36 -3.70 17.33 91.53
N ILE G 37 -2.48 17.22 92.06
CA ILE G 37 -2.22 17.42 93.48
C ILE G 37 -1.37 18.66 93.65
N GLY G 38 -1.80 19.55 94.54
CA GLY G 38 -1.08 20.79 94.80
C GLY G 38 -1.94 21.76 95.60
N PRO G 39 -1.60 23.05 95.54
CA PRO G 39 -2.42 24.06 96.21
C PRO G 39 -3.83 24.08 95.65
N ARG G 40 -4.80 24.39 96.51
CA ARG G 40 -6.21 24.22 96.19
C ARG G 40 -6.61 25.20 95.09
N ARG G 41 -6.78 24.68 93.88
CA ARG G 41 -7.25 25.45 92.73
C ARG G 41 -8.46 24.76 92.13
N ILE G 42 -9.58 25.46 92.07
CA ILE G 42 -10.82 24.91 91.54
C ILE G 42 -11.49 25.97 90.67
N HIS G 43 -11.94 25.57 89.48
CA HIS G 43 -12.70 26.45 88.62
C HIS G 43 -14.19 26.11 88.69
N THR G 44 -15.01 27.12 88.43
CA THR G 44 -16.46 26.99 88.43
C THR G 44 -16.96 27.15 87.01
N VAL G 45 -17.76 26.18 86.54
CA VAL G 45 -18.28 26.18 85.19
C VAL G 45 -19.81 26.20 85.25
N ARG G 46 -20.42 27.01 84.40
CA ARG G 46 -21.87 27.06 84.33
C ARG G 46 -22.40 25.87 83.54
N VAL G 47 -23.51 25.31 84.01
CA VAL G 47 -24.10 24.14 83.37
C VAL G 47 -25.54 24.45 82.99
N ARG G 48 -26.25 23.45 82.48
CA ARG G 48 -27.65 23.62 82.11
C ARG G 48 -28.48 24.01 83.33
N GLY G 49 -29.43 24.91 83.12
CA GLY G 49 -30.23 25.41 84.22
C GLY G 49 -29.56 26.46 85.06
N GLY G 50 -28.39 26.94 84.66
CA GLY G 50 -27.70 27.97 85.41
C GLY G 50 -27.06 27.51 86.69
N ASN G 51 -26.97 26.21 86.92
CA ASN G 51 -26.38 25.68 88.14
C ASN G 51 -24.86 25.74 88.05
N LYS G 52 -24.21 25.33 89.13
CA LYS G 52 -22.77 25.50 89.29
C LYS G 52 -22.10 24.14 89.46
N LYS G 53 -21.07 23.88 88.67
CA LYS G 53 -20.24 22.70 88.80
C LYS G 53 -18.83 23.13 89.18
N TYR G 54 -18.22 22.39 90.10
CA TYR G 54 -16.89 22.71 90.61
C TYR G 54 -15.86 21.87 89.87
N ARG G 55 -15.05 22.52 89.05
CA ARG G 55 -14.00 21.85 88.29
C ARG G 55 -12.72 21.88 89.12
N ALA G 56 -12.44 20.79 89.81
CA ALA G 56 -11.23 20.69 90.59
C ALA G 56 -10.02 20.55 89.68
N LEU G 57 -8.94 21.25 90.01
CA LEU G 57 -7.71 21.18 89.23
C LEU G 57 -6.51 20.71 90.03
N ARG G 58 -6.35 21.18 91.26
CA ARG G 58 -5.19 20.84 92.09
C ARG G 58 -5.69 20.70 93.52
N LEU G 59 -5.84 19.45 93.99
CA LEU G 59 -6.35 19.17 95.32
C LEU G 59 -5.31 18.43 96.13
N ASP G 60 -5.20 18.78 97.41
CA ASP G 60 -4.22 18.15 98.28
C ASP G 60 -4.85 17.64 99.58
N VAL G 61 -5.94 18.27 100.00
CA VAL G 61 -6.59 17.95 101.27
C VAL G 61 -8.04 17.59 101.02
N GLY G 62 -8.51 16.54 101.70
CA GLY G 62 -9.87 16.07 101.51
C GLY G 62 -10.39 15.43 102.78
N ASN G 63 -11.72 15.31 102.85
CA ASN G 63 -12.41 14.82 104.03
C ASN G 63 -12.64 13.32 103.86
N PHE G 64 -11.99 12.52 104.69
CA PHE G 64 -12.07 11.07 104.61
C PHE G 64 -12.64 10.50 105.90
N SER G 65 -13.22 9.31 105.79
CA SER G 65 -13.84 8.62 106.91
C SER G 65 -13.15 7.28 107.15
N TRP G 66 -12.93 6.95 108.41
CA TRP G 66 -12.34 5.66 108.76
C TRP G 66 -13.26 4.52 108.36
N GLY G 67 -14.55 4.64 108.66
CA GLY G 67 -15.50 3.58 108.36
C GLY G 67 -15.68 2.59 109.48
N SER G 68 -14.65 1.80 109.77
CA SER G 68 -14.75 0.79 110.82
C SER G 68 -14.93 1.43 112.19
N GLU G 69 -14.17 2.48 112.47
CA GLU G 69 -14.27 3.21 113.72
C GLU G 69 -15.18 4.43 113.64
N CYS G 70 -15.76 4.69 112.47
CA CYS G 70 -16.69 5.80 112.25
C CYS G 70 -16.06 7.14 112.62
N CYS G 71 -14.80 7.32 112.27
CA CYS G 71 -14.09 8.58 112.46
C CYS G 71 -13.88 9.24 111.11
N THR G 72 -14.29 10.51 111.00
CA THR G 72 -14.16 11.27 109.76
C THR G 72 -13.33 12.51 110.02
N ARG G 73 -12.24 12.66 109.27
CA ARG G 73 -11.35 13.80 109.38
C ARG G 73 -11.02 14.32 107.99
N LYS G 74 -10.57 15.57 107.93
CA LYS G 74 -10.18 16.20 106.68
C LYS G 74 -8.66 16.26 106.65
N THR G 75 -8.06 15.39 105.86
CA THR G 75 -6.62 15.16 105.88
C THR G 75 -6.02 15.39 104.50
N ARG G 76 -4.69 15.52 104.48
CA ARG G 76 -3.97 15.81 103.26
C ARG G 76 -3.72 14.54 102.46
N ILE G 77 -3.89 14.63 101.14
CA ILE G 77 -3.59 13.54 100.22
C ILE G 77 -2.17 13.72 99.72
N ILE G 78 -1.37 12.65 99.76
CA ILE G 78 0.01 12.72 99.31
C ILE G 78 0.10 12.41 97.82
N ASP G 79 -0.28 11.19 97.43
CA ASP G 79 -0.15 10.77 96.04
C ASP G 79 -1.07 9.60 95.76
N VAL G 80 -1.23 9.31 94.47
CA VAL G 80 -2.05 8.20 93.98
C VAL G 80 -1.14 7.01 93.73
N VAL G 81 -1.52 5.84 94.23
CA VAL G 81 -0.70 4.65 94.10
C VAL G 81 -1.29 3.63 93.13
N TYR G 82 -2.60 3.59 92.95
CA TYR G 82 -3.19 2.63 92.03
C TYR G 82 -4.43 3.23 91.38
N ASN G 83 -4.69 2.79 90.16
CA ASN G 83 -5.86 3.22 89.40
C ASN G 83 -6.26 2.05 88.51
N ALA G 84 -7.41 1.43 88.81
CA ALA G 84 -7.83 0.25 88.07
C ALA G 84 -8.15 0.56 86.62
N SER G 85 -8.63 1.77 86.34
CA SER G 85 -8.96 2.13 84.96
C SER G 85 -7.74 2.13 84.06
N ASN G 86 -6.63 2.70 84.53
CA ASN G 86 -5.42 2.73 83.74
C ASN G 86 -4.23 3.00 84.66
N ASN G 87 -3.12 2.30 84.40
CA ASN G 87 -1.91 2.53 85.16
C ASN G 87 -1.26 3.87 84.80
N GLU G 88 -1.56 4.38 83.61
CA GLU G 88 -0.98 5.65 83.17
C GLU G 88 -1.45 6.81 84.03
N LEU G 89 -2.64 6.70 84.62
CA LEU G 89 -3.16 7.78 85.46
C LEU G 89 -2.33 7.94 86.72
N VAL G 90 -1.82 6.84 87.26
CA VAL G 90 -0.96 6.92 88.45
C VAL G 90 0.33 7.66 88.13
N ARG G 91 0.92 7.40 86.97
CA ARG G 91 2.15 8.07 86.57
C ARG G 91 1.95 9.57 86.44
N THR G 92 0.73 10.01 86.09
CA THR G 92 0.41 11.42 86.08
C THR G 92 -0.07 11.92 87.43
N LYS G 93 -0.39 11.02 88.36
CA LYS G 93 -0.90 11.35 89.69
C LYS G 93 -2.15 12.22 89.58
N THR G 94 -3.18 11.62 89.00
CA THR G 94 -4.46 12.28 88.76
C THR G 94 -5.52 11.65 89.64
N LEU G 95 -6.43 12.49 90.14
CA LEU G 95 -7.46 12.06 91.08
C LEU G 95 -8.76 11.81 90.32
N VAL G 96 -9.30 10.59 90.44
CA VAL G 96 -10.59 10.26 89.86
C VAL G 96 -11.44 9.63 90.96
N LYS G 97 -12.64 9.17 90.59
CA LYS G 97 -13.59 8.69 91.59
C LYS G 97 -13.09 7.45 92.32
N ASN G 98 -12.51 6.49 91.60
CA ASN G 98 -12.18 5.20 92.17
C ASN G 98 -10.70 5.00 92.43
N CYS G 99 -9.85 5.96 92.09
CA CYS G 99 -8.43 5.80 92.36
C CYS G 99 -8.16 5.85 93.85
N ILE G 100 -7.20 5.05 94.30
CA ILE G 100 -6.82 4.98 95.70
C ILE G 100 -5.57 5.82 95.91
N VAL G 101 -5.54 6.56 97.02
CA VAL G 101 -4.50 7.55 97.28
C VAL G 101 -3.93 7.31 98.67
N LEU G 102 -2.76 7.91 98.91
CA LEU G 102 -2.13 7.90 100.21
C LEU G 102 -2.47 9.20 100.94
N ILE G 103 -2.97 9.07 102.17
CA ILE G 103 -3.39 10.21 102.97
C ILE G 103 -2.63 10.20 104.29
N ASP G 104 -2.54 11.37 104.90
CA ASP G 104 -1.91 11.47 106.22
C ASP G 104 -2.76 10.75 107.26
N SER G 105 -2.11 9.93 108.08
CA SER G 105 -2.79 9.20 109.14
C SER G 105 -2.77 9.94 110.47
N THR G 106 -2.21 11.14 110.50
CA THR G 106 -2.09 11.89 111.76
C THR G 106 -3.44 12.20 112.41
N PRO G 107 -4.46 12.74 111.70
CA PRO G 107 -5.72 13.03 112.40
C PRO G 107 -6.38 11.81 113.01
N TYR G 108 -6.28 10.66 112.37
CA TYR G 108 -6.83 9.44 112.96
C TYR G 108 -6.00 8.99 114.14
N ARG G 109 -4.67 9.18 114.07
CA ARG G 109 -3.81 8.85 115.19
C ARG G 109 -4.18 9.64 116.44
N GLN G 110 -4.30 10.97 116.28
CA GLN G 110 -4.67 11.81 117.42
C GLN G 110 -6.05 11.46 117.94
N TRP G 111 -6.99 11.17 117.04
CA TRP G 111 -8.32 10.76 117.48
C TRP G 111 -8.28 9.42 118.20
N TYR G 112 -7.47 8.48 117.70
CA TYR G 112 -7.39 7.16 118.32
C TYR G 112 -6.88 7.26 119.76
N GLU G 113 -5.82 8.05 119.97
CA GLU G 113 -5.28 8.23 121.32
C GLU G 113 -6.30 8.94 122.21
N SER G 114 -6.96 9.96 121.69
CA SER G 114 -7.96 10.68 122.49
C SER G 114 -9.22 9.85 122.71
N HIS G 115 -9.41 8.78 121.94
CA HIS G 115 -10.59 7.94 122.09
C HIS G 115 -10.30 6.65 122.84
N TYR G 116 -9.06 6.17 122.81
CA TYR G 116 -8.73 4.88 123.42
C TYR G 116 -7.56 4.93 124.40
N ALA G 117 -6.66 5.91 124.29
CA ALA G 117 -5.43 5.98 125.08
C ALA G 117 -4.58 4.72 124.90
N LEU G 118 -4.57 4.18 123.68
CA LEU G 118 -3.74 3.04 123.31
C LEU G 118 -2.59 3.51 122.44
N PRO G 119 -1.37 3.05 122.70
CA PRO G 119 -0.23 3.44 121.85
C PRO G 119 -0.39 2.90 120.44
N LEU G 120 -0.40 3.80 119.48
CA LEU G 120 -0.57 3.44 118.07
C LEU G 120 0.44 4.21 117.23
N GLY G 121 1.10 3.51 116.32
CA GLY G 121 2.07 4.15 115.46
C GLY G 121 3.35 4.56 116.16
N ARG G 122 3.67 3.95 117.29
CA ARG G 122 4.84 4.29 118.07
C ARG G 122 5.79 3.10 118.11
N LYS G 123 7.05 3.35 117.78
CA LYS G 123 8.03 2.27 117.71
C LYS G 123 8.49 1.84 119.11
N LYS G 124 9.12 2.76 119.84
CA LYS G 124 9.57 2.49 121.20
C LYS G 124 9.10 3.55 122.20
N GLY G 125 8.40 4.58 121.75
CA GLY G 125 7.82 5.54 122.65
C GLY G 125 8.84 6.46 123.31
N ALA G 126 8.34 7.27 124.25
CA ALA G 126 9.14 8.19 125.04
C ALA G 126 9.90 9.18 124.14
N LYS G 127 9.26 9.61 123.05
CA LYS G 127 9.85 10.60 122.17
C LYS G 127 8.89 11.76 121.95
N LEU G 128 7.59 11.48 121.95
CA LEU G 128 6.55 12.49 121.83
C LEU G 128 6.06 12.97 123.19
N THR G 129 6.94 12.96 124.19
CA THR G 129 6.54 13.12 125.58
C THR G 129 5.79 14.40 125.96
N PRO G 130 5.94 15.57 125.29
CA PRO G 130 5.21 16.76 125.76
C PRO G 130 3.70 16.62 125.81
N GLU G 131 3.12 15.65 125.11
CA GLU G 131 1.67 15.50 125.22
C GLU G 131 1.24 14.06 125.46
N GLU G 132 2.04 13.08 125.01
CA GLU G 132 1.58 11.70 125.08
C GLU G 132 1.57 11.18 126.51
N GLU G 133 2.50 11.65 127.35
CA GLU G 133 2.47 11.28 128.76
C GLU G 133 1.22 11.83 129.44
N GLU G 134 0.83 13.05 129.08
CA GLU G 134 -0.35 13.66 129.69
C GLU G 134 -1.63 12.93 129.28
N ILE G 135 -1.69 12.45 128.04
CA ILE G 135 -2.91 11.82 127.56
C ILE G 135 -2.99 10.34 127.91
N LEU G 136 -1.91 9.73 128.37
CA LEU G 136 -1.99 8.33 128.79
C LEU G 136 -2.30 8.17 130.27
N ASN G 137 -1.89 9.14 131.09
CA ASN G 137 -2.12 9.05 132.53
C ASN G 137 -3.47 9.68 132.91
N LYS G 138 -3.60 10.99 132.68
CA LYS G 138 -4.84 11.75 132.80
C LYS G 138 -5.35 11.87 134.24
N LYS G 139 -4.73 11.14 135.18
CA LYS G 139 -5.07 11.09 136.60
C LYS G 139 -6.58 11.04 136.87
N ARG G 140 -7.35 10.42 135.97
CA ARG G 140 -8.79 10.54 135.99
C ARG G 140 -9.40 9.63 137.05
N SER G 141 -10.72 9.75 137.23
CA SER G 141 -11.44 9.00 138.24
C SER G 141 -11.61 7.54 137.81
N LYS G 142 -12.11 6.73 138.75
CA LYS G 142 -12.30 5.31 138.47
C LYS G 142 -13.35 5.08 137.40
N LYS G 143 -14.45 5.84 137.43
CA LYS G 143 -15.54 5.60 136.51
C LYS G 143 -15.20 6.04 135.09
N ILE G 144 -14.47 7.15 134.95
CA ILE G 144 -13.94 7.52 133.63
C ILE G 144 -12.92 6.50 133.17
N GLN G 145 -12.06 6.04 134.07
CA GLN G 145 -11.18 4.93 133.75
C GLN G 145 -11.99 3.66 133.45
N LYS G 146 -13.07 3.45 134.19
CA LYS G 146 -13.98 2.35 133.87
C LYS G 146 -14.65 2.53 132.52
N LYS G 147 -14.75 3.76 132.03
CA LYS G 147 -15.32 4.00 130.71
C LYS G 147 -14.26 3.95 129.61
N TYR G 148 -13.00 4.24 129.94
CA TYR G 148 -11.93 4.10 128.96
C TYR G 148 -11.57 2.64 128.70
N ASP G 149 -11.44 1.83 129.76
CA ASP G 149 -10.97 0.46 129.58
C ASP G 149 -12.05 -0.45 129.02
N GLU G 150 -13.32 -0.08 129.13
CA GLU G 150 -14.34 -0.83 128.39
C GLU G 150 -14.28 -0.53 126.90
N ARG G 151 -13.77 0.66 126.54
CA ARG G 151 -13.44 0.95 125.16
C ARG G 151 -12.11 0.31 124.76
N LYS G 152 -11.36 -0.21 125.72
CA LYS G 152 -10.10 -0.88 125.41
C LYS G 152 -10.33 -2.25 124.80
N LYS G 153 -11.28 -3.01 125.35
CA LYS G 153 -11.42 -4.42 124.98
C LYS G 153 -11.88 -4.59 123.54
N ASN G 154 -12.52 -3.59 122.94
CA ASN G 154 -12.86 -3.61 121.53
C ASN G 154 -11.93 -2.74 120.70
N ALA G 155 -10.89 -2.17 121.31
CA ALA G 155 -9.93 -1.31 120.61
C ALA G 155 -8.85 -2.18 119.96
N LYS G 156 -9.28 -2.94 118.96
CA LYS G 156 -8.38 -3.79 118.18
C LYS G 156 -8.25 -3.23 116.78
N ILE G 157 -7.02 -3.19 116.29
CA ILE G 157 -6.69 -2.68 114.96
C ILE G 157 -6.03 -3.80 114.17
N SER G 158 -6.48 -3.98 112.93
CA SER G 158 -5.95 -5.03 112.08
C SER G 158 -4.47 -4.80 111.80
N SER G 159 -3.76 -5.90 111.56
CA SER G 159 -2.31 -5.83 111.34
C SER G 159 -1.98 -4.99 110.12
N LEU G 160 -2.79 -5.07 109.08
CA LEU G 160 -2.60 -4.22 107.91
C LEU G 160 -2.75 -2.75 108.27
N LEU G 161 -3.76 -2.43 109.08
CA LEU G 161 -4.02 -1.04 109.43
C LEU G 161 -2.95 -0.49 110.36
N GLU G 162 -2.61 -1.24 111.41
CA GLU G 162 -1.70 -0.72 112.43
C GLU G 162 -0.28 -0.59 111.88
N GLU G 163 0.14 -1.50 110.99
CA GLU G 163 1.44 -1.37 110.37
C GLU G 163 1.51 -0.12 109.51
N GLN G 164 0.42 0.21 108.81
CA GLN G 164 0.36 1.45 108.07
C GLN G 164 0.45 2.66 108.98
N PHE G 165 -0.06 2.54 110.21
CA PHE G 165 0.10 3.62 111.18
C PHE G 165 1.55 3.76 111.61
N GLN G 166 2.28 2.65 111.70
CA GLN G 166 3.72 2.73 111.90
C GLN G 166 4.39 3.43 110.73
N GLN G 167 3.94 3.14 109.51
CA GLN G 167 4.48 3.80 108.33
C GLN G 167 4.18 5.30 108.37
N GLY G 168 3.04 5.68 108.92
CA GLY G 168 2.65 7.07 109.04
C GLY G 168 1.62 7.51 108.04
N LYS G 169 1.34 6.73 107.01
CA LYS G 169 0.36 7.08 106.00
C LYS G 169 -0.64 5.94 105.83
N LEU G 170 -1.82 6.29 105.32
CA LEU G 170 -2.86 5.32 105.04
C LEU G 170 -3.30 5.47 103.59
N LEU G 171 -3.73 4.35 103.01
CA LEU G 171 -4.26 4.35 101.65
C LEU G 171 -5.77 4.22 101.73
N ALA G 172 -6.48 5.11 101.03
CA ALA G 172 -7.93 5.21 101.11
C ALA G 172 -8.51 5.30 99.70
N CYS G 173 -9.72 4.77 99.54
CA CYS G 173 -10.41 4.77 98.26
C CYS G 173 -11.34 5.97 98.19
N ILE G 174 -11.15 6.79 97.16
CA ILE G 174 -11.98 7.97 96.97
C ILE G 174 -13.41 7.53 96.67
N ALA G 175 -14.38 8.34 97.12
CA ALA G 175 -15.78 8.09 96.85
C ALA G 175 -16.44 9.18 96.01
N SER G 176 -16.00 10.43 96.12
CA SER G 176 -16.58 11.50 95.34
C SER G 176 -15.90 11.60 93.98
N ARG G 177 -16.45 12.46 93.13
CA ARG G 177 -15.90 12.69 91.80
C ARG G 177 -15.28 14.07 91.72
N PRO G 178 -13.96 14.18 91.74
CA PRO G 178 -13.33 15.48 91.48
C PRO G 178 -13.68 15.97 90.09
N GLY G 179 -13.83 17.29 89.95
CA GLY G 179 -14.32 17.86 88.72
C GLY G 179 -15.82 17.84 88.56
N GLN G 180 -16.54 17.26 89.51
CA GLN G 180 -18.00 17.30 89.54
C GLN G 180 -18.53 17.95 90.81
N CYS G 181 -18.00 17.56 91.97
CA CYS G 181 -18.32 18.24 93.22
C CYS G 181 -17.15 19.07 93.75
N GLY G 182 -15.95 18.90 93.19
CA GLY G 182 -14.81 19.69 93.57
C GLY G 182 -14.03 19.18 94.76
N ARG G 183 -14.50 18.13 95.43
CA ARG G 183 -13.84 17.59 96.60
C ARG G 183 -13.49 16.14 96.36
N ALA G 184 -12.69 15.58 97.29
CA ALA G 184 -12.09 14.26 97.12
C ALA G 184 -12.37 13.40 98.34
N ASP G 185 -13.63 13.33 98.76
CA ASP G 185 -13.99 12.49 99.90
C ASP G 185 -13.84 11.02 99.54
N GLY G 186 -13.51 10.21 100.55
CA GLY G 186 -13.31 8.80 100.33
C GLY G 186 -13.26 8.05 101.65
N TYR G 187 -13.05 6.75 101.54
CA TYR G 187 -13.04 5.84 102.69
C TYR G 187 -11.75 5.04 102.70
N VAL G 188 -11.31 4.69 103.91
CA VAL G 188 -10.09 3.92 104.09
C VAL G 188 -10.39 2.45 103.86
N LEU G 189 -9.43 1.74 103.27
CA LEU G 189 -9.62 0.32 102.96
C LEU G 189 -9.39 -0.54 104.19
N GLU G 190 -10.30 -1.51 104.39
CA GLU G 190 -10.18 -2.50 105.45
C GLU G 190 -10.70 -3.84 104.94
N GLY G 191 -10.30 -4.90 105.62
CA GLY G 191 -10.84 -6.21 105.31
C GLY G 191 -10.31 -6.75 103.99
N LYS G 192 -11.19 -7.50 103.31
CA LYS G 192 -10.80 -8.18 102.07
C LYS G 192 -10.40 -7.18 100.99
N GLU G 193 -11.13 -6.08 100.90
CA GLU G 193 -10.83 -5.07 99.88
C GLU G 193 -9.43 -4.49 100.07
N LEU G 194 -9.03 -4.28 101.33
CA LEU G 194 -7.68 -3.80 101.62
C LEU G 194 -6.63 -4.82 101.19
N GLU G 195 -6.90 -6.10 101.44
CA GLU G 195 -5.98 -7.14 100.96
C GLU G 195 -5.93 -7.17 99.45
N PHE G 196 -7.05 -6.86 98.78
CA PHE G 196 -7.10 -6.96 97.33
C PHE G 196 -6.18 -5.95 96.67
N TYR G 197 -6.29 -4.68 97.04
CA TYR G 197 -5.47 -3.65 96.40
C TYR G 197 -4.02 -3.75 96.80
N LEU G 198 -3.74 -4.10 98.06
CA LEU G 198 -2.35 -4.33 98.47
C LEU G 198 -1.74 -5.48 97.68
N ARG G 199 -2.52 -6.52 97.42
CA ARG G 199 -2.07 -7.58 96.53
C ARG G 199 -1.85 -7.04 95.13
N LYS G 200 -2.75 -6.16 94.67
CA LYS G 200 -2.61 -5.61 93.33
C LYS G 200 -1.42 -4.67 93.23
N ILE G 201 -1.21 -3.82 94.24
CA ILE G 201 -0.06 -2.90 94.21
C ILE G 201 1.24 -3.69 94.28
N LYS G 202 1.31 -4.69 95.16
CA LYS G 202 2.52 -5.48 95.30
C LYS G 202 2.82 -6.28 94.03
N ALA G 203 1.77 -6.81 93.38
CA ALA G 203 1.97 -7.56 92.14
C ALA G 203 2.48 -6.66 91.02
N ARG G 204 1.99 -5.42 90.96
CA ARG G 204 2.41 -4.51 89.90
C ARG G 204 3.90 -4.19 89.99
N LYS G 205 4.40 -3.93 91.19
CA LYS G 205 5.79 -3.58 91.39
C LYS G 205 6.38 -4.48 92.46
N GLY G 206 7.29 -5.35 92.06
CA GLY G 206 7.92 -6.28 92.98
C GLY G 206 8.28 -7.61 92.36
N PRO H 1 -51.85 30.77 60.09
CA PRO H 1 -51.89 32.13 59.53
C PRO H 1 -53.29 32.73 59.50
N VAL H 2 -54.08 32.41 58.48
CA VAL H 2 -55.37 33.06 58.30
C VAL H 2 -56.43 32.39 59.17
N ALA H 3 -57.56 33.06 59.35
CA ALA H 3 -58.70 32.51 60.08
C ALA H 3 -59.81 32.05 59.15
N ARG H 4 -59.50 31.89 57.87
CA ARG H 4 -60.51 31.50 56.90
C ARG H 4 -60.95 30.05 57.13
N SER H 5 -62.15 29.74 56.66
CA SER H 5 -62.71 28.40 56.80
C SER H 5 -62.48 27.52 55.60
N TRP H 6 -62.59 28.08 54.39
CA TRP H 6 -62.52 27.39 53.11
C TRP H 6 -63.26 26.06 53.10
N VAL H 7 -64.43 26.02 53.73
CA VAL H 7 -65.27 24.84 53.75
C VAL H 7 -66.36 25.01 52.71
N CYS H 8 -66.36 24.15 51.70
CA CYS H 8 -67.35 24.22 50.64
C CYS H 8 -67.57 22.81 50.08
N ARG H 9 -68.71 22.63 49.44
CA ARG H 9 -69.05 21.35 48.83
C ARG H 9 -69.87 21.59 47.58
N LYS H 10 -69.63 20.76 46.57
CA LYS H 10 -70.36 20.88 45.32
C LYS H 10 -71.81 20.48 45.52
N THR H 11 -72.72 21.32 45.04
CA THR H 11 -74.15 21.10 45.25
C THR H 11 -74.80 20.31 44.13
N TYR H 12 -74.04 19.87 43.14
CA TYR H 12 -74.61 19.12 42.02
C TYR H 12 -73.61 18.08 41.56
N VAL H 13 -74.13 17.05 40.89
CA VAL H 13 -73.31 15.97 40.35
C VAL H 13 -73.65 15.82 38.88
N THR H 14 -72.64 15.93 38.02
CA THR H 14 -72.85 15.77 36.59
C THR H 14 -73.20 14.32 36.28
N PRO H 15 -73.99 14.08 35.21
CA PRO H 15 -74.43 12.72 34.92
C PRO H 15 -73.26 11.80 34.56
N ARG H 16 -73.42 10.53 34.92
CA ARG H 16 -72.40 9.53 34.61
C ARG H 16 -72.20 9.39 33.10
N ARG H 17 -73.30 9.32 32.35
CA ARG H 17 -73.25 9.22 30.91
C ARG H 17 -73.77 10.51 30.30
N PRO H 18 -73.09 11.09 29.32
CA PRO H 18 -73.63 12.25 28.63
C PRO H 18 -74.40 11.86 27.37
N PHE H 19 -75.34 12.73 27.01
CA PHE H 19 -76.07 12.66 25.73
C PHE H 19 -76.89 11.37 25.61
N GLU H 20 -77.81 11.19 26.53
CA GLU H 20 -78.84 10.16 26.43
C GLU H 20 -80.15 10.81 26.04
N LYS H 21 -80.78 10.28 24.98
CA LYS H 21 -82.03 10.86 24.49
C LYS H 21 -83.11 10.80 25.55
N SER H 22 -83.18 9.69 26.29
CA SER H 22 -84.17 9.56 27.35
C SER H 22 -83.93 10.58 28.45
N ARG H 23 -82.67 10.70 28.91
CA ARG H 23 -82.38 11.58 30.05
C ARG H 23 -82.52 13.05 29.68
N LEU H 24 -82.03 13.43 28.50
CA LEU H 24 -82.07 14.84 28.10
C LEU H 24 -83.50 15.32 27.93
N ASP H 25 -84.36 14.49 27.33
CA ASP H 25 -85.76 14.86 27.17
C ASP H 25 -86.48 14.83 28.52
N GLN H 26 -86.10 13.89 29.39
CA GLN H 26 -86.69 13.82 30.73
C GLN H 26 -86.38 15.08 31.53
N GLU H 27 -85.12 15.52 31.47
CA GLU H 27 -84.73 16.75 32.17
C GLU H 27 -85.42 17.96 31.56
N LEU H 28 -85.51 18.01 30.23
CA LEU H 28 -86.17 19.14 29.58
C LEU H 28 -87.65 19.20 29.93
N LYS H 29 -88.28 18.05 30.14
CA LYS H 29 -89.66 18.03 30.62
C LYS H 29 -89.76 18.70 31.99
N LEU H 30 -88.81 18.40 32.87
CA LEU H 30 -88.82 19.00 34.21
C LEU H 30 -88.58 20.50 34.14
N ILE H 31 -87.64 20.93 33.29
CA ILE H 31 -87.29 22.35 33.21
C ILE H 31 -88.48 23.16 32.71
N GLY H 32 -89.11 22.72 31.63
CA GLY H 32 -90.30 23.41 31.14
C GLY H 32 -91.44 23.37 32.12
N GLU H 33 -91.56 22.29 32.89
CA GLU H 33 -92.63 22.17 33.88
C GLU H 33 -92.50 23.22 34.97
N TYR H 34 -91.27 23.47 35.44
CA TYR H 34 -91.05 24.33 36.60
C TYR H 34 -90.23 25.57 36.28
N GLY H 35 -89.87 25.77 35.00
CA GLY H 35 -89.23 27.02 34.61
C GLY H 35 -87.85 27.24 35.18
N LEU H 36 -87.01 26.22 35.21
CA LEU H 36 -85.65 26.38 35.71
C LEU H 36 -84.80 27.11 34.67
N ARG H 37 -83.62 27.56 35.11
CA ARG H 37 -82.75 28.33 34.24
C ARG H 37 -81.77 27.44 33.47
N ASN H 38 -81.07 26.55 34.18
CA ASN H 38 -80.13 25.63 33.55
C ASN H 38 -80.35 24.25 34.13
N LYS H 39 -79.62 23.26 33.60
CA LYS H 39 -79.74 21.90 34.08
C LYS H 39 -78.97 21.65 35.36
N ARG H 40 -78.20 22.63 35.84
CA ARG H 40 -77.50 22.46 37.11
C ARG H 40 -78.48 22.44 38.27
N GLU H 41 -79.56 23.23 38.18
CA GLU H 41 -80.51 23.34 39.29
C GLU H 41 -81.60 22.27 39.26
N VAL H 42 -81.55 21.33 38.31
CA VAL H 42 -82.40 20.15 38.37
C VAL H 42 -81.50 19.00 38.82
N TRP H 43 -80.20 19.16 38.62
CA TRP H 43 -79.25 18.18 39.16
C TRP H 43 -79.07 18.37 40.66
N ARG H 44 -79.08 19.62 41.14
CA ARG H 44 -78.86 19.87 42.56
C ARG H 44 -79.99 19.29 43.40
N VAL H 45 -81.21 19.29 42.88
CA VAL H 45 -82.30 18.67 43.61
C VAL H 45 -82.24 17.16 43.47
N LYS H 46 -81.84 16.65 42.31
CA LYS H 46 -81.56 15.22 42.18
C LYS H 46 -80.42 14.82 43.11
N PHE H 47 -79.39 15.67 43.20
CA PHE H 47 -78.34 15.43 44.17
C PHE H 47 -78.89 15.51 45.60
N THR H 48 -79.81 16.44 45.85
CA THR H 48 -80.41 16.56 47.17
C THR H 48 -81.23 15.32 47.52
N LEU H 49 -82.05 14.84 46.58
CA LEU H 49 -82.85 13.66 46.84
C LEU H 49 -81.97 12.43 47.01
N ALA H 50 -80.95 12.29 46.17
CA ALA H 50 -80.10 11.09 46.21
C ALA H 50 -79.41 10.97 47.57
N LYS H 51 -78.92 12.09 48.11
CA LYS H 51 -78.27 12.06 49.42
C LYS H 51 -79.25 11.61 50.50
N ILE H 52 -80.45 12.19 50.51
CA ILE H 52 -81.47 11.80 51.49
C ILE H 52 -81.89 10.36 51.26
N ARG H 53 -82.09 9.98 50.01
CA ARG H 53 -82.57 8.64 49.69
C ARG H 53 -81.50 7.59 49.95
N LYS H 54 -80.22 7.96 49.76
CA LYS H 54 -79.13 7.07 50.13
C LYS H 54 -79.01 6.94 51.64
N ALA H 55 -79.10 8.06 52.36
CA ALA H 55 -79.00 8.00 53.82
C ALA H 55 -80.16 7.22 54.43
N ALA H 56 -81.36 7.41 53.90
CA ALA H 56 -82.51 6.63 54.38
C ALA H 56 -82.34 5.16 54.05
N ARG H 57 -81.83 4.85 52.86
CA ARG H 57 -81.62 3.46 52.47
C ARG H 57 -80.59 2.79 53.38
N GLU H 58 -79.57 3.54 53.80
CA GLU H 58 -78.58 3.00 54.71
C GLU H 58 -79.19 2.61 56.04
N LEU H 59 -80.13 3.42 56.55
CA LEU H 59 -80.74 3.13 57.84
C LEU H 59 -81.60 1.88 57.80
N LEU H 60 -82.18 1.56 56.64
CA LEU H 60 -82.90 0.30 56.51
C LEU H 60 -81.98 -0.89 56.65
N THR H 61 -80.77 -0.78 56.09
CA THR H 61 -79.77 -1.83 56.26
C THR H 61 -79.41 -2.00 57.73
N LEU H 62 -79.43 -0.90 58.49
CA LEU H 62 -79.23 -0.99 59.93
C LEU H 62 -80.39 -1.74 60.57
N ASP H 63 -80.07 -2.53 61.59
CA ASP H 63 -81.07 -3.37 62.23
C ASP H 63 -82.09 -2.54 62.99
N GLU H 64 -83.31 -3.08 63.09
CA GLU H 64 -84.37 -2.45 63.86
C GLU H 64 -83.98 -2.39 65.33
N LYS H 65 -84.60 -1.45 66.06
CA LYS H 65 -84.39 -1.14 67.47
C LYS H 65 -83.04 -0.48 67.74
N ASP H 66 -82.25 -0.20 66.70
CA ASP H 66 -80.97 0.46 66.90
C ASP H 66 -81.21 1.91 67.31
N PRO H 67 -80.63 2.37 68.42
CA PRO H 67 -80.80 3.78 68.82
C PRO H 67 -80.40 4.77 67.75
N ARG H 68 -79.33 4.46 66.99
CA ARG H 68 -78.96 5.31 65.86
C ARG H 68 -80.04 5.30 64.78
N ARG H 69 -80.66 4.14 64.54
CA ARG H 69 -81.67 4.05 63.50
C ARG H 69 -82.91 4.86 63.86
N LEU H 70 -83.35 4.79 65.12
CA LEU H 70 -84.53 5.53 65.53
C LEU H 70 -84.24 7.02 65.63
N PHE H 71 -83.10 7.39 66.21
CA PHE H 71 -82.79 8.81 66.40
C PHE H 71 -82.59 9.51 65.07
N GLU H 72 -81.74 8.95 64.20
CA GLU H 72 -81.50 9.56 62.91
C GLU H 72 -82.71 9.45 61.99
N GLY H 73 -83.45 8.34 62.10
CA GLY H 73 -84.61 8.15 61.24
C GLY H 73 -85.69 9.20 61.48
N ASN H 74 -86.02 9.43 62.76
CA ASN H 74 -87.00 10.45 63.06
C ASN H 74 -86.46 11.85 62.79
N ALA H 75 -85.15 12.03 62.94
CA ALA H 75 -84.54 13.33 62.70
C ALA H 75 -84.72 13.76 61.25
N LEU H 76 -84.43 12.87 60.32
CA LEU H 76 -84.65 13.19 58.91
C LEU H 76 -86.13 13.18 58.55
N LEU H 77 -86.92 12.31 59.18
CA LEU H 77 -88.36 12.32 58.97
C LEU H 77 -88.98 13.62 59.45
N ARG H 78 -88.41 14.22 60.49
CA ARG H 78 -88.93 15.47 61.02
C ARG H 78 -88.85 16.58 59.99
N ARG H 79 -87.71 16.71 59.32
CA ARG H 79 -87.56 17.80 58.36
C ARG H 79 -88.24 17.49 57.03
N LEU H 80 -88.49 16.21 56.74
CA LEU H 80 -89.24 15.87 55.54
C LEU H 80 -90.67 16.37 55.61
N VAL H 81 -91.31 16.23 56.77
CA VAL H 81 -92.68 16.71 56.89
C VAL H 81 -92.74 18.22 57.11
N ARG H 82 -91.66 18.83 57.60
CA ARG H 82 -91.64 20.29 57.71
C ARG H 82 -91.69 20.94 56.34
N ILE H 83 -90.92 20.41 55.38
CA ILE H 83 -90.94 20.93 54.02
C ILE H 83 -92.12 20.41 53.22
N GLY H 84 -92.93 19.51 53.80
CA GLY H 84 -94.15 19.06 53.16
C GLY H 84 -94.00 18.02 52.09
N VAL H 85 -92.78 17.49 51.87
CA VAL H 85 -92.59 16.47 50.86
C VAL H 85 -93.14 15.11 51.27
N LEU H 86 -93.51 14.95 52.55
CA LEU H 86 -94.03 13.68 53.04
C LEU H 86 -95.26 13.93 53.89
N ASP H 87 -96.12 12.91 53.95
CA ASP H 87 -97.34 13.00 54.75
C ASP H 87 -97.02 12.94 56.24
N GLU H 88 -97.91 13.53 57.03
CA GLU H 88 -97.74 13.52 58.49
C GLU H 88 -97.83 12.10 59.04
N GLY H 89 -98.79 11.31 58.55
CA GLY H 89 -98.96 9.95 59.01
C GLY H 89 -98.14 8.92 58.30
N LYS H 90 -97.46 9.29 57.23
CA LYS H 90 -96.65 8.35 56.44
C LYS H 90 -95.19 8.42 56.85
N MET H 91 -94.94 8.07 58.11
CA MET H 91 -93.60 8.18 58.70
C MET H 91 -92.88 6.84 58.64
N LYS H 92 -92.65 6.37 57.42
CA LYS H 92 -91.95 5.11 57.17
C LYS H 92 -90.83 5.33 56.18
N LEU H 93 -89.69 4.69 56.42
CA LEU H 93 -88.55 4.83 55.53
C LEU H 93 -88.80 4.21 54.16
N ASP H 94 -89.66 3.18 54.10
CA ASP H 94 -89.99 2.59 52.81
C ASP H 94 -90.69 3.58 51.90
N TYR H 95 -91.65 4.33 52.46
CA TYR H 95 -92.35 5.34 51.68
C TYR H 95 -91.47 6.56 51.39
N ILE H 96 -90.36 6.72 52.10
CA ILE H 96 -89.36 7.70 51.69
C ILE H 96 -88.69 7.26 50.41
N LEU H 97 -88.40 5.95 50.29
CA LEU H 97 -87.81 5.43 49.07
C LEU H 97 -88.76 5.57 47.89
N GLY H 98 -90.07 5.60 48.16
CA GLY H 98 -91.03 5.83 47.09
C GLY H 98 -91.12 7.27 46.63
N LEU H 99 -90.45 8.19 47.32
CA LEU H 99 -90.47 9.59 46.91
C LEU H 99 -89.70 9.80 45.61
N LYS H 100 -90.07 10.85 44.90
CA LYS H 100 -89.50 11.21 43.62
C LYS H 100 -88.84 12.59 43.75
N ILE H 101 -88.47 13.17 42.61
CA ILE H 101 -87.86 14.49 42.59
C ILE H 101 -88.87 15.61 42.32
N GLU H 102 -90.04 15.28 41.76
CA GLU H 102 -91.00 16.33 41.45
C GLU H 102 -91.63 16.93 42.69
N ASP H 103 -91.83 16.12 43.74
CA ASP H 103 -92.38 16.66 44.98
C ASP H 103 -91.43 17.67 45.62
N PHE H 104 -90.13 17.39 45.55
CA PHE H 104 -89.14 18.38 45.95
C PHE H 104 -89.22 19.63 45.07
N LEU H 105 -89.41 19.43 43.77
CA LEU H 105 -89.43 20.56 42.83
C LEU H 105 -90.59 21.49 43.12
N GLU H 106 -91.74 20.95 43.52
CA GLU H 106 -92.91 21.78 43.75
C GLU H 106 -92.89 22.47 45.11
N ARG H 107 -91.91 22.19 45.95
CA ARG H 107 -91.74 22.93 47.20
C ARG H 107 -90.97 24.22 47.04
N ARG H 108 -90.49 24.52 45.84
CA ARG H 108 -89.77 25.76 45.62
C ARG H 108 -90.70 26.96 45.77
N LEU H 109 -90.11 28.12 46.06
CA LEU H 109 -90.88 29.35 46.15
C LEU H 109 -91.51 29.68 44.80
N GLN H 110 -90.80 29.42 43.71
CA GLN H 110 -91.30 29.73 42.37
C GLN H 110 -92.56 28.94 42.07
N THR H 111 -92.53 27.63 42.31
CA THR H 111 -93.70 26.81 42.01
C THR H 111 -94.86 27.10 42.95
N GLN H 112 -94.55 27.42 44.21
CA GLN H 112 -95.60 27.60 45.22
C GLN H 112 -96.49 28.79 44.89
N VAL H 113 -95.88 29.94 44.57
CA VAL H 113 -96.67 31.14 44.33
C VAL H 113 -97.51 30.98 43.06
N PHE H 114 -96.98 30.28 42.06
CA PHE H 114 -97.77 30.01 40.86
C PHE H 114 -98.96 29.13 41.18
N LYS H 115 -98.75 28.08 41.98
CA LYS H 115 -99.86 27.22 42.36
C LYS H 115 -100.78 27.89 43.36
N LEU H 116 -100.29 28.90 44.10
CA LEU H 116 -101.16 29.68 44.96
C LEU H 116 -102.00 30.68 44.16
N GLY H 117 -101.68 30.89 42.90
CA GLY H 117 -102.38 31.85 42.07
C GLY H 117 -101.81 33.25 42.08
N LEU H 118 -100.81 33.52 42.91
CA LEU H 118 -100.21 34.85 42.94
C LEU H 118 -99.36 35.12 41.70
N ALA H 119 -98.90 34.07 41.02
CA ALA H 119 -98.10 34.21 39.81
C ALA H 119 -98.91 33.71 38.62
N LYS H 120 -98.98 34.53 37.58
CA LYS H 120 -99.76 34.17 36.40
C LYS H 120 -99.17 32.96 35.68
N SER H 121 -97.85 32.89 35.57
CA SER H 121 -97.17 31.78 34.93
C SER H 121 -96.06 31.26 35.84
N ILE H 122 -95.69 30.01 35.62
CA ILE H 122 -94.60 29.41 36.40
C ILE H 122 -93.29 30.16 36.15
N HIS H 123 -93.03 30.53 34.88
CA HIS H 123 -91.86 31.33 34.58
C HIS H 123 -92.03 32.76 35.10
N HIS H 124 -93.28 33.26 35.10
CA HIS H 124 -93.56 34.56 35.66
C HIS H 124 -93.19 34.64 37.13
N ALA H 125 -93.28 33.51 37.84
CA ALA H 125 -92.98 33.50 39.26
C ALA H 125 -91.52 33.84 39.54
N ARG H 126 -90.60 33.27 38.75
CA ARG H 126 -89.18 33.47 39.02
C ARG H 126 -88.76 34.91 38.82
N VAL H 127 -89.19 35.54 37.72
CA VAL H 127 -88.86 36.95 37.50
C VAL H 127 -89.57 37.82 38.52
N LEU H 128 -90.76 37.40 38.98
CA LEU H 128 -91.45 38.13 40.04
C LEU H 128 -90.66 38.06 41.34
N ILE H 129 -90.08 36.90 41.64
CA ILE H 129 -89.29 36.74 42.85
C ILE H 129 -88.03 37.59 42.78
N ARG H 130 -87.35 37.57 41.63
CA ARG H 130 -86.11 38.34 41.48
C ARG H 130 -86.35 39.83 41.54
N GLN H 131 -87.56 40.28 41.21
CA GLN H 131 -87.88 41.70 41.20
C GLN H 131 -88.22 42.26 42.57
N ARG H 132 -87.95 41.51 43.63
CA ARG H 132 -88.24 41.92 45.01
C ARG H 132 -89.72 42.28 45.17
N HIS H 133 -90.56 41.33 44.78
CA HIS H 133 -92.01 41.48 44.92
C HIS H 133 -92.62 40.56 45.96
N ILE H 134 -92.37 39.26 45.85
CA ILE H 134 -92.94 38.30 46.78
C ILE H 134 -92.25 38.40 48.13
N ARG H 135 -92.94 37.94 49.17
CA ARG H 135 -92.38 37.95 50.51
C ARG H 135 -92.96 36.77 51.29
N VAL H 136 -92.25 36.38 52.35
CA VAL H 136 -92.64 35.28 53.21
C VAL H 136 -92.73 35.80 54.64
N ARG H 137 -93.81 35.44 55.33
CA ARG H 137 -94.11 35.93 56.68
C ARG H 137 -94.14 37.45 56.63
N LYS H 138 -93.02 38.07 56.99
CA LYS H 138 -92.82 39.51 56.79
C LYS H 138 -91.48 39.79 56.10
N GLN H 139 -90.77 38.76 55.65
CA GLN H 139 -89.44 38.90 55.09
C GLN H 139 -89.49 38.63 53.59
N VAL H 140 -88.87 39.53 52.82
CA VAL H 140 -88.80 39.38 51.37
C VAL H 140 -87.70 38.39 51.01
N VAL H 141 -88.00 37.52 50.04
CA VAL H 141 -87.04 36.54 49.54
C VAL H 141 -86.91 36.74 48.04
N ASN H 142 -85.67 36.83 47.55
CA ASN H 142 -85.41 36.97 46.12
C ASN H 142 -84.74 35.73 45.53
N ILE H 143 -84.70 34.63 46.28
CA ILE H 143 -84.17 33.35 45.76
C ILE H 143 -85.36 32.53 45.29
N PRO H 144 -85.48 32.26 43.98
CA PRO H 144 -86.59 31.42 43.51
C PRO H 144 -86.57 30.01 44.07
N SER H 145 -85.39 29.46 44.34
CA SER H 145 -85.26 28.10 44.85
C SER H 145 -85.41 28.02 46.37
N PHE H 146 -86.03 29.01 46.99
CA PHE H 146 -86.28 29.00 48.43
C PHE H 146 -87.38 27.98 48.71
N ILE H 147 -86.99 26.81 49.22
CA ILE H 147 -88.00 25.82 49.60
C ILE H 147 -88.73 26.33 50.84
N VAL H 148 -90.02 26.00 50.92
CA VAL H 148 -90.89 26.55 51.94
C VAL H 148 -91.24 25.46 52.95
N ARG H 149 -91.92 25.87 54.01
CA ARG H 149 -92.36 24.96 55.05
C ARG H 149 -93.87 25.10 55.23
N LEU H 150 -94.48 24.05 55.79
CA LEU H 150 -95.93 24.03 55.94
C LEU H 150 -96.42 25.13 56.87
N ASP H 151 -95.67 25.40 57.95
CA ASP H 151 -96.06 26.47 58.86
C ASP H 151 -95.98 27.83 58.19
N SER H 152 -95.00 28.01 57.30
CA SER H 152 -94.83 29.25 56.56
C SER H 152 -95.46 29.20 55.17
N GLN H 153 -96.29 28.19 54.89
CA GLN H 153 -96.83 28.02 53.56
C GLN H 153 -97.81 29.15 53.20
N LYS H 154 -98.75 29.45 54.09
CA LYS H 154 -99.79 30.42 53.80
C LYS H 154 -99.39 31.85 54.10
N HIS H 155 -98.16 32.09 54.55
CA HIS H 155 -97.69 33.43 54.85
C HIS H 155 -96.99 34.09 53.68
N ILE H 156 -96.99 33.48 52.50
CA ILE H 156 -96.35 34.05 51.34
C ILE H 156 -97.24 35.14 50.76
N ASP H 157 -96.67 36.32 50.53
CA ASP H 157 -97.43 37.48 50.08
C ASP H 157 -96.50 38.42 49.33
N PHE H 158 -97.06 39.55 48.89
CA PHE H 158 -96.28 40.58 48.23
C PHE H 158 -95.67 41.53 49.26
N SER H 159 -94.48 42.03 48.95
CA SER H 159 -93.81 42.97 49.84
C SER H 159 -94.54 44.30 49.85
N LEU H 160 -94.43 45.01 50.98
CA LEU H 160 -95.11 46.29 51.13
C LEU H 160 -94.57 47.32 50.16
N ARG H 161 -93.27 47.33 49.93
CA ARG H 161 -92.67 48.28 49.00
C ARG H 161 -93.11 48.02 47.57
N SER H 162 -93.45 46.77 47.24
CA SER H 162 -93.84 46.43 45.88
C SER H 162 -95.20 47.04 45.56
N PRO H 163 -95.43 47.41 44.28
CA PRO H 163 -96.72 47.98 43.87
C PRO H 163 -97.79 46.93 43.61
N TYR H 164 -97.80 45.89 44.45
CA TYR H 164 -98.85 44.87 44.41
C TYR H 164 -99.44 44.57 45.77
N GLY H 165 -98.74 44.86 46.87
CA GLY H 165 -99.30 44.85 48.19
C GLY H 165 -99.60 46.28 48.60
N GLY H 166 -98.70 46.88 49.36
CA GLY H 166 -98.79 48.30 49.65
C GLY H 166 -98.57 49.15 48.42
N GLY H 167 -98.35 50.44 48.67
CA GLY H 167 -98.19 51.39 47.59
C GLY H 167 -96.82 51.39 46.97
N ARG H 168 -96.24 52.59 46.79
CA ARG H 168 -94.93 52.79 46.19
C ARG H 168 -94.92 52.20 44.78
N PRO H 169 -95.59 52.85 43.82
CA PRO H 169 -95.57 52.33 42.45
C PRO H 169 -94.20 52.45 41.81
N GLY H 170 -93.94 51.60 40.83
CA GLY H 170 -92.65 51.56 40.18
C GLY H 170 -92.42 52.75 39.27
N ARG H 171 -91.21 52.78 38.69
CA ARG H 171 -90.78 53.95 37.95
C ARG H 171 -91.55 54.14 36.65
N VAL H 172 -91.90 53.06 35.95
CA VAL H 172 -92.63 53.22 34.69
C VAL H 172 -94.05 53.69 34.95
N LYS H 173 -94.69 53.21 36.01
CA LYS H 173 -96.00 53.75 36.39
C LYS H 173 -95.90 55.22 36.73
N ARG H 174 -94.86 55.60 37.47
CA ARG H 174 -94.63 57.01 37.77
C ARG H 174 -94.33 57.80 36.50
N LYS H 175 -93.55 57.21 35.59
CA LYS H 175 -93.23 57.93 34.35
C LYS H 175 -94.45 58.01 33.44
N ASN H 176 -95.29 56.98 33.43
CA ASN H 176 -96.56 57.08 32.72
C ASN H 176 -97.45 58.14 33.35
N ALA H 177 -97.47 58.20 34.68
CA ALA H 177 -98.30 59.19 35.36
C ALA H 177 -97.74 60.60 35.18
N LYS H 178 -96.43 60.78 35.34
CA LYS H 178 -95.86 62.12 35.29
C LYS H 178 -95.83 62.66 33.87
N LYS H 179 -95.87 61.78 32.86
CA LYS H 179 -95.96 62.26 31.48
C LYS H 179 -97.38 62.72 31.17
N GLY H 180 -98.39 62.03 31.69
CA GLY H 180 -99.77 62.42 31.42
C GLY H 180 -100.11 63.77 32.01
N GLN H 181 -99.72 64.01 33.26
CA GLN H 181 -99.88 65.33 33.86
C GLN H 181 -98.91 66.36 33.29
N GLY H 182 -97.82 65.91 32.64
CA GLY H 182 -96.98 66.84 31.93
C GLY H 182 -97.53 67.22 30.57
N GLY H 183 -98.44 66.42 30.03
CA GLY H 183 -99.04 66.71 28.74
C GLY H 183 -100.44 67.27 28.82
N ALA H 184 -101.04 67.23 30.01
CA ALA H 184 -102.40 67.70 30.20
C ALA H 184 -102.59 68.11 31.65
N GLY H 185 -103.66 68.88 31.89
CA GLY H 185 -103.96 69.36 33.23
C GLY H 185 -104.42 68.28 34.17
N ALA I 1 -16.50 -19.69 91.88
CA ALA I 1 -15.11 -19.32 92.11
C ALA I 1 -15.02 -17.94 92.73
N ASP I 2 -13.81 -17.38 92.74
CA ASP I 2 -13.61 -16.05 93.31
C ASP I 2 -14.30 -14.99 92.45
N ILE I 3 -14.77 -13.93 93.12
CA ILE I 3 -15.48 -12.86 92.42
C ILE I 3 -14.55 -11.73 91.99
N GLN I 4 -13.41 -11.56 92.66
CA GLN I 4 -12.46 -10.51 92.31
C GLN I 4 -11.61 -11.01 91.15
N THR I 5 -12.00 -10.65 89.92
CA THR I 5 -11.34 -11.17 88.72
C THR I 5 -10.86 -10.06 87.79
N GLU I 6 -10.66 -8.84 88.30
CA GLU I 6 -10.17 -7.75 87.46
C GLU I 6 -9.42 -6.75 88.33
N ARG I 7 -8.93 -5.69 87.69
CA ARG I 7 -8.08 -4.71 88.38
C ARG I 7 -8.81 -4.02 89.52
N ALA I 8 -10.12 -3.83 89.39
CA ALA I 8 -10.91 -3.18 90.43
C ALA I 8 -11.49 -4.21 91.40
N TYR I 9 -11.98 -3.72 92.53
CA TYR I 9 -12.59 -4.59 93.53
C TYR I 9 -14.08 -4.74 93.24
N GLN I 10 -14.64 -5.86 93.69
CA GLN I 10 -16.05 -6.17 93.46
C GLN I 10 -16.75 -6.38 94.79
N LYS I 11 -17.69 -5.47 95.09
CA LYS I 11 -18.57 -5.64 96.23
C LYS I 11 -19.80 -4.78 96.01
N GLN I 12 -20.90 -5.17 96.63
CA GLN I 12 -22.09 -4.33 96.61
C GLN I 12 -21.85 -3.12 97.50
N PRO I 13 -22.07 -1.91 97.01
CA PRO I 13 -21.72 -0.72 97.79
C PRO I 13 -22.54 -0.55 99.06
N THR I 14 -23.70 -1.20 99.16
CA THR I 14 -24.53 -1.07 100.34
C THR I 14 -23.96 -1.84 101.53
N ILE I 15 -23.43 -3.04 101.29
CA ILE I 15 -22.97 -3.90 102.36
C ILE I 15 -21.63 -3.41 102.88
N PHE I 16 -21.52 -3.28 104.20
CA PHE I 16 -20.29 -2.85 104.87
C PHE I 16 -19.62 -4.08 105.47
N GLN I 17 -18.66 -4.65 104.75
CA GLN I 17 -17.98 -5.85 105.23
C GLN I 17 -17.18 -5.58 106.49
N ASN I 18 -16.50 -4.43 106.56
CA ASN I 18 -15.61 -4.15 107.68
C ASN I 18 -16.38 -3.55 108.85
N LYS I 19 -17.45 -4.21 109.28
CA LYS I 19 -18.33 -3.69 110.32
C LYS I 19 -17.80 -4.06 111.72
N LYS I 20 -16.63 -3.49 112.02
CA LYS I 20 -15.96 -3.68 113.31
C LYS I 20 -15.75 -5.17 113.61
N ARG I 21 -14.93 -5.79 112.77
CA ARG I 21 -14.60 -7.21 112.94
C ARG I 21 -13.48 -7.32 113.97
N VAL I 22 -13.86 -7.63 115.21
CA VAL I 22 -12.91 -7.76 116.31
C VAL I 22 -13.04 -9.14 116.92
N LEU I 23 -12.29 -9.38 118.01
CA LEU I 23 -12.16 -10.73 118.56
C LEU I 23 -13.50 -11.31 119.02
N LEU I 24 -14.47 -10.45 119.35
CA LEU I 24 -15.78 -10.98 119.76
C LEU I 24 -16.45 -11.73 118.61
N GLY I 25 -16.21 -11.33 117.38
CA GLY I 25 -16.62 -12.12 116.24
C GLY I 25 -15.50 -13.03 115.79
N GLU I 26 -15.78 -14.34 115.75
CA GLU I 26 -14.74 -15.33 115.46
C GLU I 26 -14.43 -15.27 113.97
N THR I 27 -13.60 -14.29 113.61
CA THR I 27 -13.26 -14.01 112.22
C THR I 27 -11.85 -14.52 111.92
N GLY I 28 -11.73 -15.38 110.92
CA GLY I 28 -12.84 -15.92 110.13
C GLY I 28 -13.44 -17.17 110.75
N LYS I 29 -14.54 -17.64 110.17
CA LYS I 29 -15.20 -17.09 109.00
C LYS I 29 -16.72 -17.14 109.14
N GLU I 30 -17.35 -15.97 109.22
CA GLU I 30 -18.80 -15.85 109.19
C GLU I 30 -19.23 -15.16 107.90
N LYS I 31 -20.35 -15.62 107.34
CA LYS I 31 -20.78 -15.15 106.03
C LYS I 31 -21.22 -13.70 106.10
N LEU I 32 -20.72 -12.89 105.16
CA LEU I 32 -21.14 -11.51 105.05
C LEU I 32 -22.56 -11.43 104.50
N PRO I 33 -23.34 -10.44 104.93
CA PRO I 33 -24.70 -10.30 104.42
C PRO I 33 -24.72 -9.99 102.93
N ARG I 34 -25.73 -10.52 102.26
CA ARG I 34 -25.95 -10.29 100.83
C ARG I 34 -27.17 -9.41 100.66
N TYR I 35 -27.00 -8.32 99.91
CA TYR I 35 -28.08 -7.37 99.72
C TYR I 35 -29.04 -7.89 98.63
N TYR I 36 -30.33 -7.82 98.90
CA TYR I 36 -31.33 -8.24 97.94
C TYR I 36 -32.62 -7.48 98.21
N LYS I 37 -33.48 -7.42 97.20
CA LYS I 37 -34.77 -6.75 97.33
C LYS I 37 -35.77 -7.38 96.38
N ASN I 38 -37.02 -7.45 96.81
CA ASN I 38 -38.09 -7.91 95.93
C ASN I 38 -38.30 -6.90 94.81
N ILE I 39 -38.48 -7.41 93.59
CA ILE I 39 -38.64 -6.55 92.43
C ILE I 39 -40.08 -6.20 92.13
N GLY I 40 -41.04 -6.79 92.84
CA GLY I 40 -42.44 -6.52 92.60
C GLY I 40 -42.98 -7.31 91.42
N LEU I 41 -44.25 -7.03 91.12
CA LEU I 41 -44.99 -7.66 90.02
C LEU I 41 -45.10 -9.17 90.18
N GLY I 42 -45.00 -9.65 91.43
CA GLY I 42 -45.23 -11.05 91.71
C GLY I 42 -44.15 -12.00 91.25
N PHE I 43 -42.98 -11.49 90.85
CA PHE I 43 -41.90 -12.35 90.40
C PHE I 43 -41.15 -12.90 91.61
N LYS I 44 -41.05 -14.22 91.69
CA LYS I 44 -40.36 -14.87 92.79
C LYS I 44 -38.86 -14.81 92.53
N THR I 45 -38.14 -14.10 93.39
CA THR I 45 -36.68 -14.01 93.25
C THR I 45 -36.06 -15.38 93.49
N PRO I 46 -35.04 -15.76 92.72
CA PRO I 46 -34.42 -17.07 92.91
C PRO I 46 -33.69 -17.17 94.24
N LYS I 47 -33.68 -18.38 94.79
CA LYS I 47 -33.02 -18.60 96.06
C LYS I 47 -31.50 -18.48 95.93
N GLU I 48 -30.97 -18.82 94.76
CA GLU I 48 -29.52 -18.72 94.54
C GLU I 48 -29.04 -17.28 94.60
N ALA I 49 -29.87 -16.33 94.16
CA ALA I 49 -29.49 -14.92 94.22
C ALA I 49 -29.34 -14.45 95.65
N ILE I 50 -30.23 -14.91 96.54
CA ILE I 50 -30.24 -14.45 97.92
C ILE I 50 -28.97 -14.90 98.64
N GLU I 51 -28.61 -16.17 98.51
CA GLU I 51 -27.48 -16.73 99.23
C GLU I 51 -26.23 -16.88 98.37
N GLY I 52 -26.21 -16.25 97.19
CA GLY I 52 -25.05 -16.30 96.32
C GLY I 52 -23.94 -15.38 96.79
N THR I 53 -22.82 -15.45 96.06
CA THR I 53 -21.66 -14.64 96.36
C THR I 53 -21.24 -13.71 95.22
N TYR I 54 -21.83 -13.84 94.04
CA TYR I 54 -21.41 -13.05 92.89
C TYR I 54 -21.76 -11.58 93.10
N ILE I 55 -21.08 -10.73 92.32
CA ILE I 55 -21.33 -9.29 92.32
C ILE I 55 -21.73 -8.90 90.90
N ASP I 56 -22.91 -8.28 90.78
CA ASP I 56 -23.41 -7.80 89.48
C ASP I 56 -24.16 -6.51 89.74
N LYS I 57 -23.58 -5.39 89.33
CA LYS I 57 -24.23 -4.09 89.53
C LYS I 57 -25.49 -3.95 88.70
N LYS I 58 -25.64 -4.74 87.63
CA LYS I 58 -26.83 -4.71 86.80
C LYS I 58 -27.80 -5.83 87.15
N CYS I 59 -27.56 -6.55 88.23
CA CYS I 59 -28.46 -7.63 88.63
C CYS I 59 -29.80 -7.07 89.06
N PRO I 60 -30.91 -7.65 88.61
CA PRO I 60 -32.23 -7.16 89.05
C PRO I 60 -32.43 -7.26 90.55
N PHE I 61 -31.84 -8.26 91.20
CA PHE I 61 -32.06 -8.51 92.62
C PHE I 61 -30.93 -8.02 93.50
N THR I 62 -29.68 -8.08 93.01
CA THR I 62 -28.52 -7.69 93.81
C THR I 62 -27.77 -6.51 93.20
N GLY I 63 -28.44 -5.71 92.37
CA GLY I 63 -27.80 -4.58 91.74
C GLY I 63 -28.66 -3.33 91.86
N ASN I 64 -28.05 -2.21 91.47
CA ASN I 64 -28.71 -0.90 91.58
C ASN I 64 -29.48 -0.58 90.29
N VAL I 65 -30.45 -1.43 89.98
CA VAL I 65 -31.33 -1.23 88.84
C VAL I 65 -32.77 -1.37 89.30
N SER I 66 -33.67 -0.74 88.54
CA SER I 66 -35.10 -0.79 88.82
C SER I 66 -35.82 -1.26 87.58
N ILE I 67 -36.74 -2.21 87.75
CA ILE I 67 -37.48 -2.81 86.64
C ILE I 67 -38.84 -2.14 86.56
N ARG I 68 -39.09 -1.49 85.42
CA ARG I 68 -40.35 -0.81 85.18
C ARG I 68 -40.52 -0.62 83.68
N GLY I 69 -41.77 -0.43 83.26
CA GLY I 69 -42.07 -0.27 81.85
C GLY I 69 -42.80 -1.46 81.25
N ARG I 70 -42.11 -2.25 80.44
CA ARG I 70 -42.71 -3.36 79.73
C ARG I 70 -42.19 -4.70 80.25
N ILE I 71 -43.07 -5.68 80.26
CA ILE I 71 -42.72 -7.07 80.53
C ILE I 71 -43.10 -7.89 79.30
N LEU I 72 -42.14 -8.63 78.77
CA LEU I 72 -42.39 -9.41 77.56
C LEU I 72 -41.48 -10.63 77.55
N SER I 73 -41.83 -11.59 76.69
CA SER I 73 -41.16 -12.87 76.62
C SER I 73 -40.21 -12.93 75.42
N GLY I 74 -39.42 -13.99 75.37
CA GLY I 74 -38.49 -14.19 74.28
C GLY I 74 -37.92 -15.59 74.33
N VAL I 75 -37.14 -15.91 73.30
CA VAL I 75 -36.53 -17.23 73.16
C VAL I 75 -35.02 -17.06 73.11
N VAL I 76 -34.30 -17.86 73.90
CA VAL I 76 -32.85 -17.77 73.96
C VAL I 76 -32.25 -18.24 72.63
N THR I 77 -31.34 -17.45 72.07
CA THR I 77 -30.65 -17.80 70.84
C THR I 77 -29.16 -18.02 71.05
N LYS I 78 -28.44 -17.04 71.59
CA LYS I 78 -27.03 -17.18 71.89
C LYS I 78 -26.76 -16.76 73.32
N MET I 79 -25.80 -17.45 73.96
CA MET I 79 -25.42 -17.17 75.33
C MET I 79 -23.92 -16.93 75.46
N LYS I 80 -23.26 -16.53 74.38
CA LYS I 80 -21.81 -16.41 74.34
C LYS I 80 -21.32 -14.97 74.42
N MET I 81 -22.00 -14.17 75.24
CA MET I 81 -21.53 -12.84 75.62
C MET I 81 -21.41 -12.78 77.13
N GLN I 82 -20.66 -11.78 77.61
CA GLN I 82 -20.41 -11.66 79.04
C GLN I 82 -21.64 -11.12 79.75
N ARG I 83 -22.23 -11.94 80.62
CA ARG I 83 -23.36 -11.59 81.48
C ARG I 83 -24.58 -11.10 80.72
N THR I 84 -24.65 -11.35 79.42
CA THR I 84 -25.80 -10.93 78.63
C THR I 84 -26.01 -11.91 77.49
N ILE I 85 -27.28 -12.08 77.11
CA ILE I 85 -27.66 -12.98 76.04
C ILE I 85 -28.55 -12.23 75.06
N VAL I 86 -28.68 -12.79 73.87
CA VAL I 86 -29.55 -12.26 72.84
C VAL I 86 -30.76 -13.17 72.69
N ILE I 87 -31.94 -12.56 72.57
CA ILE I 87 -33.19 -13.29 72.46
C ILE I 87 -33.87 -12.88 71.15
N ARG I 88 -34.82 -13.71 70.73
CA ARG I 88 -35.56 -13.47 69.50
C ARG I 88 -37.04 -13.61 69.77
N ARG I 89 -37.82 -12.69 69.23
CA ARG I 89 -39.27 -12.65 69.42
C ARG I 89 -39.94 -12.82 68.06
N ASP I 90 -40.23 -14.05 67.69
CA ASP I 90 -41.01 -14.29 66.48
C ASP I 90 -42.44 -13.83 66.69
N TYR I 91 -42.97 -13.08 65.74
CA TYR I 91 -44.32 -12.55 65.87
C TYR I 91 -44.92 -12.37 64.48
N LEU I 92 -46.23 -12.17 64.45
CA LEU I 92 -46.99 -12.03 63.22
C LEU I 92 -47.40 -10.58 63.05
N HIS I 93 -47.23 -10.05 61.84
CA HIS I 93 -47.63 -8.70 61.50
C HIS I 93 -48.72 -8.76 60.45
N TYR I 94 -49.83 -8.09 60.70
CA TYR I 94 -51.02 -8.22 59.87
C TYR I 94 -51.03 -7.17 58.76
N ILE I 95 -51.56 -7.56 57.60
CA ILE I 95 -51.70 -6.68 56.46
C ILE I 95 -53.17 -6.66 56.06
N ARG I 96 -53.74 -5.46 55.96
CA ARG I 96 -55.16 -5.34 55.64
C ARG I 96 -55.46 -5.82 54.23
N LYS I 97 -54.59 -5.49 53.28
CA LYS I 97 -54.90 -5.74 51.87
C LYS I 97 -55.09 -7.22 51.58
N TYR I 98 -54.12 -8.05 51.96
CA TYR I 98 -54.21 -9.47 51.70
C TYR I 98 -54.93 -10.24 52.81
N ASN I 99 -55.30 -9.55 53.90
CA ASN I 99 -56.00 -10.16 55.03
C ASN I 99 -55.23 -11.35 55.59
N ARG I 100 -53.90 -11.24 55.56
CA ARG I 100 -53.04 -12.31 56.05
C ARG I 100 -51.97 -11.74 56.96
N PHE I 101 -51.01 -12.57 57.37
CA PHE I 101 -49.99 -12.17 58.33
C PHE I 101 -48.61 -12.28 57.72
N GLU I 102 -47.68 -11.50 58.27
CA GLU I 102 -46.27 -11.57 57.91
C GLU I 102 -45.49 -12.06 59.12
N LYS I 103 -44.73 -13.13 58.94
CA LYS I 103 -43.94 -13.69 60.03
C LYS I 103 -42.68 -12.86 60.19
N ARG I 104 -42.60 -12.10 61.27
CA ARG I 104 -41.48 -11.21 61.55
C ARG I 104 -40.77 -11.63 62.82
N HIS I 105 -39.61 -11.01 63.07
CA HIS I 105 -38.87 -11.23 64.29
C HIS I 105 -37.98 -10.03 64.55
N LYS I 106 -37.49 -9.94 65.78
CA LYS I 106 -36.56 -8.89 66.18
C LYS I 106 -35.56 -9.49 67.16
N ASN I 107 -34.47 -8.76 67.39
CA ASN I 107 -33.41 -9.21 68.28
C ASN I 107 -33.20 -8.21 69.39
N MET I 108 -33.02 -8.72 70.62
CA MET I 108 -32.81 -7.90 71.79
C MET I 108 -31.60 -8.42 72.56
N SER I 109 -30.78 -7.49 73.04
CA SER I 109 -29.64 -7.81 73.89
C SER I 109 -30.08 -7.57 75.33
N VAL I 110 -30.32 -8.66 76.06
CA VAL I 110 -30.82 -8.59 77.43
C VAL I 110 -29.73 -9.06 78.37
N HIS I 111 -29.62 -8.36 79.51
CA HIS I 111 -28.61 -8.73 80.50
C HIS I 111 -29.02 -10.00 81.22
N LEU I 112 -28.08 -10.90 81.39
CA LEU I 112 -28.29 -12.16 82.08
C LEU I 112 -27.50 -12.13 83.39
N SER I 113 -28.21 -11.95 84.50
CA SER I 113 -27.54 -11.96 85.80
C SER I 113 -27.05 -13.38 86.11
N PRO I 114 -25.92 -13.52 86.81
CA PRO I 114 -25.39 -14.86 87.11
C PRO I 114 -26.28 -15.67 88.04
N CYS I 115 -27.33 -15.09 88.62
CA CYS I 115 -28.25 -15.87 89.45
C CYS I 115 -28.89 -17.00 88.66
N PHE I 116 -29.13 -16.80 87.37
CA PHE I 116 -29.60 -17.86 86.50
C PHE I 116 -28.40 -18.65 85.98
N ARG I 117 -28.34 -19.94 86.30
CA ARG I 117 -27.22 -20.78 85.90
C ARG I 117 -27.61 -21.89 84.94
N ASP I 118 -28.81 -22.44 85.07
CA ASP I 118 -29.27 -23.54 84.21
C ASP I 118 -30.09 -22.94 83.08
N VAL I 119 -29.39 -22.31 82.13
CA VAL I 119 -30.01 -21.66 80.99
C VAL I 119 -29.35 -22.19 79.73
N GLN I 120 -30.16 -22.58 78.75
CA GLN I 120 -29.67 -23.16 77.51
C GLN I 120 -30.32 -22.48 76.32
N ILE I 121 -29.85 -22.83 75.13
CA ILE I 121 -30.36 -22.23 73.89
C ILE I 121 -31.76 -22.73 73.63
N GLY I 122 -32.68 -21.81 73.36
CA GLY I 122 -34.06 -22.15 73.06
C GLY I 122 -35.02 -21.97 74.22
N ASP I 123 -34.54 -21.61 75.40
CA ASP I 123 -35.40 -21.45 76.56
C ASP I 123 -36.26 -20.20 76.42
N ILE I 124 -37.43 -20.23 77.06
CA ILE I 124 -38.35 -19.11 77.07
C ILE I 124 -38.07 -18.30 78.33
N VAL I 125 -37.75 -17.02 78.15
CA VAL I 125 -37.40 -16.14 79.26
C VAL I 125 -38.34 -14.93 79.24
N THR I 126 -38.75 -14.50 80.44
CA THR I 126 -39.52 -13.28 80.59
C THR I 126 -38.59 -12.18 81.07
N VAL I 127 -38.65 -11.02 80.39
CA VAL I 127 -37.74 -9.93 80.67
C VAL I 127 -38.54 -8.68 81.01
N GLY I 128 -37.85 -7.71 81.59
CA GLY I 128 -38.47 -6.46 81.95
C GLY I 128 -37.58 -5.28 81.56
N GLU I 129 -38.23 -4.18 81.23
CA GLU I 129 -37.51 -2.98 80.86
C GLU I 129 -36.90 -2.32 82.09
N CYS I 130 -35.81 -1.59 81.87
CA CYS I 130 -35.14 -0.85 82.94
C CYS I 130 -34.46 0.37 82.32
N ARG I 131 -33.60 1.02 83.10
CA ARG I 131 -32.81 2.11 82.56
C ARG I 131 -31.81 1.54 81.56
N PRO I 132 -31.42 2.34 80.55
CA PRO I 132 -30.54 1.81 79.49
C PRO I 132 -29.18 1.37 80.02
N LEU I 133 -28.94 0.06 80.05
CA LEU I 133 -27.71 -0.47 80.61
C LEU I 133 -26.55 -0.32 79.64
N SER I 134 -26.79 -0.50 78.34
CA SER I 134 -25.73 -0.46 77.35
C SER I 134 -26.28 0.12 76.06
N LYS I 135 -25.43 0.16 75.04
CA LYS I 135 -25.78 0.81 73.78
C LYS I 135 -26.96 0.11 73.11
N THR I 136 -26.98 -1.22 73.15
CA THR I 136 -28.08 -2.00 72.59
C THR I 136 -28.87 -2.76 73.65
N VAL I 137 -28.59 -2.53 74.92
CA VAL I 137 -29.21 -3.27 76.01
C VAL I 137 -30.20 -2.37 76.73
N ARG I 138 -31.44 -2.84 76.88
CA ARG I 138 -32.45 -2.12 77.64
C ARG I 138 -33.26 -3.00 78.57
N PHE I 139 -33.19 -4.32 78.44
CA PHE I 139 -34.03 -5.23 79.20
C PHE I 139 -33.16 -6.14 80.06
N ASN I 140 -33.78 -6.68 81.12
CA ASN I 140 -33.09 -7.55 82.05
C ASN I 140 -33.90 -8.82 82.24
N VAL I 141 -33.21 -9.96 82.32
CA VAL I 141 -33.87 -11.25 82.44
C VAL I 141 -34.47 -11.39 83.84
N LEU I 142 -35.73 -11.79 83.90
CA LEU I 142 -36.44 -11.96 85.17
C LEU I 142 -36.70 -13.42 85.52
N LYS I 143 -37.11 -14.24 84.57
CA LYS I 143 -37.46 -15.62 84.86
C LYS I 143 -37.11 -16.48 83.66
N VAL I 144 -36.59 -17.68 83.93
CA VAL I 144 -36.16 -18.61 82.89
C VAL I 144 -37.03 -19.85 82.98
N THR I 145 -37.66 -20.23 81.86
CA THR I 145 -38.44 -21.44 81.76
C THR I 145 -37.85 -22.33 80.67
N LYS I 146 -37.68 -23.61 80.99
CA LYS I 146 -37.06 -24.54 80.07
C LYS I 146 -38.01 -24.89 78.94
N ALA I 147 -37.45 -25.24 77.78
CA ALA I 147 -38.22 -25.56 76.59
C ALA I 147 -38.31 -27.08 76.45
N ALA I 148 -39.19 -27.66 77.28
CA ALA I 148 -39.46 -29.11 77.27
C ALA I 148 -38.17 -29.92 77.45
N GLY I 149 -37.30 -29.46 78.33
CA GLY I 149 -36.02 -30.10 78.51
C GLY I 149 -35.90 -30.89 79.80
N THR I 150 -34.99 -30.45 80.68
CA THR I 150 -34.65 -31.08 81.96
C THR I 150 -34.07 -32.49 81.78
N LYS I 151 -33.84 -32.93 80.54
CA LYS I 151 -33.23 -34.22 80.26
C LYS I 151 -32.18 -34.01 79.18
N LYS I 152 -30.93 -34.39 79.49
CA LYS I 152 -29.82 -34.16 78.58
C LYS I 152 -29.12 -35.49 78.32
N GLN I 153 -28.88 -35.78 77.04
CA GLN I 153 -28.23 -37.03 76.65
C GLN I 153 -26.75 -36.81 76.41
N GLY J 1 -48.12 -41.26 47.37
CA GLY J 1 -47.06 -41.12 46.38
C GLY J 1 -45.68 -41.33 46.94
N ARG J 2 -44.80 -41.93 46.14
CA ARG J 2 -43.44 -42.20 46.58
C ARG J 2 -42.65 -40.91 46.73
N MET J 3 -41.77 -40.88 47.73
CA MET J 3 -40.99 -39.67 48.00
C MET J 3 -39.99 -39.39 46.89
N HIS J 4 -39.30 -40.42 46.42
CA HIS J 4 -38.27 -40.26 45.40
C HIS J 4 -38.50 -41.19 44.23
N ALA J 5 -39.75 -41.32 43.81
CA ALA J 5 -40.10 -42.15 42.66
C ALA J 5 -41.45 -41.68 42.13
N PRO J 6 -41.66 -41.75 40.82
CA PRO J 6 -42.95 -41.33 40.24
C PRO J 6 -44.01 -42.43 40.30
N GLY J 7 -44.14 -43.05 41.46
CA GLY J 7 -45.08 -44.14 41.63
C GLY J 7 -46.17 -43.83 42.62
N LYS J 8 -47.29 -44.54 42.52
CA LYS J 8 -48.42 -44.40 43.43
C LYS J 8 -48.79 -45.77 43.99
N GLY J 9 -47.80 -46.50 44.46
CA GLY J 9 -48.03 -47.85 44.93
C GLY J 9 -48.96 -47.90 46.13
N LEU J 10 -49.73 -48.98 46.22
CA LEU J 10 -50.73 -49.15 47.26
C LEU J 10 -50.42 -50.35 48.15
N SER J 11 -49.22 -50.92 48.05
CA SER J 11 -48.86 -52.09 48.84
C SER J 11 -48.81 -51.75 50.32
N GLN J 12 -49.82 -52.20 51.07
CA GLN J 12 -49.92 -51.91 52.49
C GLN J 12 -50.40 -53.14 53.22
N SER J 13 -50.34 -53.09 54.55
CA SER J 13 -50.84 -54.14 55.41
C SER J 13 -52.00 -53.60 56.22
N ALA J 14 -53.13 -54.31 56.17
CA ALA J 14 -54.37 -53.85 56.81
C ALA J 14 -54.57 -54.61 58.11
N LEU J 15 -54.45 -53.92 59.23
CA LEU J 15 -54.69 -54.53 60.53
C LEU J 15 -56.15 -54.93 60.65
N PRO J 16 -56.45 -56.16 61.07
CA PRO J 16 -57.84 -56.53 61.33
C PRO J 16 -58.39 -55.74 62.51
N TYR J 17 -59.70 -55.51 62.48
CA TYR J 17 -60.33 -54.76 63.56
C TYR J 17 -60.32 -55.55 64.86
N ARG J 18 -60.14 -56.87 64.79
CA ARG J 18 -60.01 -57.70 65.99
C ARG J 18 -58.67 -57.41 66.65
N ARG J 19 -58.68 -56.65 67.73
CA ARG J 19 -57.47 -56.44 68.52
C ARG J 19 -57.19 -57.57 69.48
N SER J 20 -58.16 -58.45 69.72
CA SER J 20 -57.98 -59.51 70.70
C SER J 20 -56.99 -60.56 70.21
N VAL J 21 -56.30 -61.18 71.17
CA VAL J 21 -55.43 -62.31 70.84
C VAL J 21 -56.29 -63.45 70.30
N PRO J 22 -55.90 -64.13 69.23
CA PRO J 22 -56.70 -65.24 68.72
C PRO J 22 -56.86 -66.33 69.77
N THR J 23 -58.07 -66.89 69.85
CA THR J 23 -58.35 -67.89 70.87
C THR J 23 -57.58 -69.18 70.62
N TRP J 24 -57.29 -69.50 69.36
CA TRP J 24 -56.46 -70.66 69.06
C TRP J 24 -54.99 -70.40 69.32
N LEU J 25 -54.58 -69.14 69.40
CA LEU J 25 -53.20 -68.79 69.70
C LEU J 25 -52.96 -69.02 71.18
N LYS J 26 -52.50 -70.23 71.52
CA LYS J 26 -52.32 -70.62 72.91
C LYS J 26 -51.01 -70.14 73.50
N LEU J 27 -50.16 -69.50 72.70
CA LEU J 27 -48.88 -69.00 73.20
C LEU J 27 -49.12 -67.89 74.21
N THR J 28 -48.23 -67.83 75.20
CA THR J 28 -48.36 -66.85 76.27
C THR J 28 -47.53 -65.61 75.94
N SER J 29 -47.86 -64.51 76.63
CA SER J 29 -47.20 -63.25 76.39
C SER J 29 -45.73 -63.29 76.81
N ASP J 30 -45.44 -63.98 77.92
CA ASP J 30 -44.06 -64.03 78.41
C ASP J 30 -43.15 -64.82 77.47
N ASP J 31 -43.69 -65.84 76.79
CA ASP J 31 -42.88 -66.60 75.84
C ASP J 31 -42.49 -65.76 74.65
N VAL J 32 -43.25 -64.70 74.36
CA VAL J 32 -42.94 -63.84 73.23
C VAL J 32 -41.62 -63.11 73.45
N LYS J 33 -41.41 -62.60 74.67
CA LYS J 33 -40.23 -61.79 74.96
C LYS J 33 -38.95 -62.60 74.78
N GLU J 34 -38.89 -63.79 75.37
CA GLU J 34 -37.68 -64.60 75.28
C GLU J 34 -37.40 -65.05 73.85
N GLN J 35 -38.46 -65.28 73.06
CA GLN J 35 -38.26 -65.62 71.65
C GLN J 35 -37.65 -64.46 70.89
N ILE J 36 -38.08 -63.23 71.20
CA ILE J 36 -37.48 -62.04 70.60
C ILE J 36 -36.03 -61.90 71.03
N TYR J 37 -35.75 -62.15 72.32
CA TYR J 37 -34.38 -62.10 72.80
C TYR J 37 -33.53 -63.16 72.13
N LYS J 38 -34.08 -64.34 71.90
CA LYS J 38 -33.37 -65.39 71.17
C LYS J 38 -33.04 -64.93 69.75
N LEU J 39 -34.01 -64.31 69.07
CA LEU J 39 -33.76 -63.78 67.74
C LEU J 39 -32.77 -62.63 67.79
N ALA J 40 -32.88 -61.78 68.79
CA ALA J 40 -31.93 -60.68 68.95
C ALA J 40 -30.52 -61.21 69.23
N LYS J 41 -30.42 -62.26 70.06
CA LYS J 41 -29.13 -62.92 70.26
C LYS J 41 -28.61 -63.50 68.96
N LYS J 42 -29.51 -63.96 68.08
CA LYS J 42 -29.11 -64.46 66.78
C LYS J 42 -28.57 -63.34 65.88
N GLY J 43 -28.90 -62.08 66.19
CA GLY J 43 -28.38 -60.97 65.42
C GLY J 43 -29.30 -60.55 64.29
N LEU J 44 -30.55 -60.25 64.61
CA LEU J 44 -31.57 -59.93 63.62
C LEU J 44 -32.15 -58.55 63.89
N THR J 45 -32.69 -57.95 62.83
CA THR J 45 -33.33 -56.66 62.94
C THR J 45 -34.68 -56.80 63.62
N PRO J 46 -35.21 -55.72 64.21
CA PRO J 46 -36.56 -55.78 64.75
C PRO J 46 -37.61 -56.15 63.71
N SER J 47 -37.43 -55.70 62.47
CA SER J 47 -38.30 -56.14 61.40
C SER J 47 -38.12 -57.63 61.12
N GLN J 48 -36.88 -58.10 61.14
CA GLN J 48 -36.63 -59.53 60.97
C GLN J 48 -37.18 -60.32 62.15
N ILE J 49 -37.29 -59.68 63.31
CA ILE J 49 -37.96 -60.34 64.42
C ILE J 49 -39.44 -60.50 64.12
N GLY J 50 -40.09 -59.42 63.67
CA GLY J 50 -41.54 -59.44 63.49
C GLY J 50 -42.00 -60.44 62.44
N VAL J 51 -41.21 -60.61 61.38
CA VAL J 51 -41.59 -61.55 60.33
C VAL J 51 -41.53 -62.99 60.84
N ILE J 52 -40.58 -63.29 61.72
CA ILE J 52 -40.34 -64.66 62.16
C ILE J 52 -41.44 -65.14 63.09
N LEU J 53 -41.88 -64.29 64.02
CA LEU J 53 -42.94 -64.68 64.95
C LEU J 53 -44.23 -65.00 64.20
N ARG J 54 -44.60 -64.18 63.21
CA ARG J 54 -45.80 -64.43 62.43
C ARG J 54 -45.65 -65.62 61.50
N ASP J 55 -44.47 -65.76 60.88
CA ASP J 55 -44.27 -66.85 59.92
C ASP J 55 -44.23 -68.20 60.63
N SER J 56 -43.45 -68.31 61.69
CA SER J 56 -43.18 -69.61 62.30
C SER J 56 -44.18 -69.93 63.41
N HIS J 57 -44.30 -69.04 64.40
CA HIS J 57 -45.18 -69.31 65.53
C HIS J 57 -46.58 -68.77 65.33
N GLY J 58 -46.83 -68.01 64.27
CA GLY J 58 -48.16 -67.59 63.92
C GLY J 58 -48.89 -66.71 64.92
N VAL J 59 -48.21 -65.70 65.43
CA VAL J 59 -48.86 -64.73 66.30
C VAL J 59 -49.37 -63.57 65.46
N ALA J 60 -50.41 -62.90 65.95
CA ALA J 60 -51.05 -61.84 65.17
C ALA J 60 -50.23 -60.57 65.19
N GLN J 61 -50.05 -59.98 66.37
CA GLN J 61 -49.35 -58.71 66.51
C GLN J 61 -48.62 -58.71 67.84
N VAL J 62 -47.36 -58.28 67.82
CA VAL J 62 -46.57 -58.23 69.05
C VAL J 62 -47.19 -57.25 70.03
N ARG J 63 -47.62 -56.08 69.54
CA ARG J 63 -48.25 -55.10 70.40
C ARG J 63 -49.56 -55.62 70.96
N PHE J 64 -50.30 -56.41 70.18
CA PHE J 64 -51.54 -57.00 70.66
C PHE J 64 -51.28 -57.96 71.82
N VAL J 65 -50.21 -58.75 71.73
CA VAL J 65 -50.00 -59.79 72.73
C VAL J 65 -49.13 -59.30 73.88
N THR J 66 -48.24 -58.32 73.62
CA THR J 66 -47.33 -57.84 74.65
C THR J 66 -47.68 -56.48 75.22
N GLY J 67 -48.56 -55.73 74.56
CA GLY J 67 -48.87 -54.38 74.98
C GLY J 67 -47.91 -53.32 74.49
N ASN J 68 -46.85 -53.71 73.80
CA ASN J 68 -45.88 -52.76 73.27
C ASN J 68 -45.16 -53.39 72.09
N LYS J 69 -44.43 -52.56 71.35
CA LYS J 69 -43.81 -52.99 70.11
C LYS J 69 -42.47 -53.66 70.37
N ILE J 70 -41.92 -54.24 69.29
CA ILE J 70 -40.67 -55.00 69.41
C ILE J 70 -39.52 -54.09 69.79
N LEU J 71 -39.44 -52.90 69.18
CA LEU J 71 -38.35 -51.98 69.46
C LEU J 71 -38.34 -51.56 70.92
N ARG J 72 -39.53 -51.28 71.49
CA ARG J 72 -39.60 -50.95 72.91
C ARG J 72 -39.22 -52.15 73.77
N ILE J 73 -39.50 -53.36 73.28
CA ILE J 73 -39.13 -54.56 74.03
C ILE J 73 -37.61 -54.71 74.08
N LEU J 74 -36.95 -54.53 72.93
CA LEU J 74 -35.51 -54.72 72.87
C LEU J 74 -34.77 -53.67 73.68
N LYS J 75 -35.22 -52.41 73.62
CA LYS J 75 -34.53 -51.36 74.38
C LYS J 75 -34.82 -51.49 75.87
N SER J 76 -35.96 -52.08 76.24
CA SER J 76 -36.24 -52.31 77.66
C SER J 76 -35.23 -53.28 78.25
N LYS J 77 -34.91 -54.35 77.54
CA LYS J 77 -33.87 -55.26 77.99
C LYS J 77 -32.47 -54.69 77.76
N GLY J 78 -32.35 -53.66 76.94
CA GLY J 78 -31.08 -52.98 76.74
C GLY J 78 -30.22 -53.52 75.62
N LEU J 79 -30.68 -54.56 74.91
CA LEU J 79 -29.89 -55.16 73.84
C LEU J 79 -30.31 -54.65 72.46
N ALA J 80 -31.17 -53.65 72.40
CA ALA J 80 -31.53 -53.05 71.12
C ALA J 80 -30.31 -52.38 70.49
N PRO J 81 -30.14 -52.50 69.17
CA PRO J 81 -29.03 -51.79 68.50
C PRO J 81 -29.19 -50.28 68.65
N ASP J 82 -28.06 -49.59 68.80
CA ASP J 82 -28.10 -48.15 68.97
C ASP J 82 -28.57 -47.44 67.72
N LEU J 83 -28.22 -47.96 66.54
CA LEU J 83 -28.70 -47.37 65.30
C LEU J 83 -30.13 -47.83 64.99
N PRO J 84 -30.92 -46.96 64.38
CA PRO J 84 -32.24 -47.41 63.89
C PRO J 84 -32.08 -48.41 62.76
N GLU J 85 -33.06 -49.32 62.66
CA GLU J 85 -32.99 -50.39 61.68
C GLU J 85 -33.00 -49.84 60.26
N ASP J 86 -33.95 -48.94 59.97
CA ASP J 86 -34.04 -48.38 58.62
C ASP J 86 -32.87 -47.45 58.33
N LEU J 87 -32.36 -46.75 59.34
CA LEU J 87 -31.16 -45.95 59.14
C LEU J 87 -29.97 -46.83 58.81
N TYR J 88 -29.87 -47.99 59.46
CA TYR J 88 -28.76 -48.91 59.19
C TYR J 88 -28.78 -49.38 57.73
N HIS J 89 -29.96 -49.71 57.22
CA HIS J 89 -30.06 -50.22 55.85
C HIS J 89 -29.77 -49.13 54.83
N LEU J 90 -30.25 -47.91 55.08
CA LEU J 90 -30.03 -46.82 54.14
C LEU J 90 -28.55 -46.54 53.96
N ILE J 91 -27.80 -46.47 55.06
CA ILE J 91 -26.35 -46.29 54.98
C ILE J 91 -25.70 -47.51 54.36
N LYS J 92 -26.21 -48.70 54.68
CA LYS J 92 -25.74 -49.91 54.02
C LYS J 92 -25.96 -49.84 52.52
N LYS J 93 -27.15 -49.36 52.11
CA LYS J 93 -27.44 -49.23 50.69
C LYS J 93 -26.51 -48.23 50.02
N ALA J 94 -26.22 -47.12 50.70
CA ALA J 94 -25.34 -46.11 50.14
C ALA J 94 -23.93 -46.62 49.96
N VAL J 95 -23.44 -47.41 50.92
CA VAL J 95 -22.07 -47.93 50.84
C VAL J 95 -21.92 -48.85 49.64
N ALA J 96 -22.90 -49.73 49.42
CA ALA J 96 -22.83 -50.66 48.31
C ALA J 96 -22.80 -49.93 46.96
N VAL J 97 -23.63 -48.91 46.81
CA VAL J 97 -23.61 -48.10 45.58
C VAL J 97 -22.29 -47.39 45.43
N ARG J 98 -21.73 -46.89 46.54
CA ARG J 98 -20.47 -46.19 46.49
C ARG J 98 -19.33 -47.10 46.04
N LYS J 99 -19.35 -48.36 46.50
CA LYS J 99 -18.34 -49.31 46.06
C LYS J 99 -18.44 -49.58 44.56
N HIS J 100 -19.66 -49.70 44.05
CA HIS J 100 -19.83 -49.96 42.62
C HIS J 100 -19.52 -48.72 41.79
N LEU J 101 -19.77 -47.54 42.35
CA LEU J 101 -19.60 -46.30 41.59
C LEU J 101 -18.12 -46.02 41.32
N GLU J 102 -17.24 -46.29 42.29
CA GLU J 102 -15.84 -45.98 42.10
C GLU J 102 -15.21 -46.89 41.05
N ARG J 103 -15.71 -48.11 40.91
CA ARG J 103 -15.18 -49.01 39.89
C ARG J 103 -15.74 -48.72 38.51
N ASN J 104 -16.84 -47.96 38.43
CA ASN J 104 -17.51 -47.65 37.17
C ASN J 104 -17.88 -46.17 37.17
N ARG J 105 -17.02 -45.34 36.57
CA ARG J 105 -17.19 -43.90 36.68
C ARG J 105 -18.39 -43.42 35.86
N LYS J 106 -18.63 -44.01 34.70
CA LYS J 106 -19.61 -43.46 33.76
C LYS J 106 -21.04 -43.86 34.08
N ASP J 107 -21.29 -44.65 35.12
CA ASP J 107 -22.65 -45.03 35.48
C ASP J 107 -23.33 -43.83 36.13
N LYS J 108 -23.78 -42.90 35.29
CA LYS J 108 -24.43 -41.69 35.78
C LYS J 108 -25.74 -42.02 36.50
N ASP J 109 -26.45 -43.06 36.05
CA ASP J 109 -27.69 -43.45 36.72
C ASP J 109 -27.43 -43.88 38.15
N ALA J 110 -26.34 -44.62 38.38
CA ALA J 110 -25.97 -45.02 39.74
C ALA J 110 -25.65 -43.79 40.59
N LYS J 111 -24.98 -42.80 39.99
CA LYS J 111 -24.72 -41.56 40.71
C LYS J 111 -26.03 -40.85 41.04
N PHE J 112 -26.98 -40.84 40.11
CA PHE J 112 -28.27 -40.22 40.36
C PHE J 112 -29.01 -40.94 41.49
N ARG J 113 -28.97 -42.27 41.48
CA ARG J 113 -29.60 -43.03 42.56
C ARG J 113 -28.86 -42.82 43.88
N LEU J 114 -27.54 -42.61 43.81
CA LEU J 114 -26.76 -42.36 45.02
C LEU J 114 -27.21 -41.08 45.70
N ILE J 115 -27.52 -40.04 44.91
CA ILE J 115 -28.00 -38.79 45.47
C ILE J 115 -29.32 -38.99 46.18
N LEU J 116 -30.22 -39.77 45.58
CA LEU J 116 -31.52 -40.04 46.18
C LEU J 116 -31.36 -40.78 47.51
N ILE J 117 -30.44 -41.74 47.56
CA ILE J 117 -30.22 -42.51 48.78
C ILE J 117 -29.70 -41.61 49.89
N GLU J 118 -28.66 -40.83 49.59
CA GLU J 118 -28.07 -39.98 50.62
C GLU J 118 -29.01 -38.86 51.04
N SER J 119 -29.82 -38.36 50.11
CA SER J 119 -30.81 -37.35 50.48
C SER J 119 -31.81 -37.90 51.48
N ARG J 120 -32.23 -39.15 51.29
CA ARG J 120 -33.12 -39.79 52.25
C ARG J 120 -32.41 -40.02 53.58
N ILE J 121 -31.10 -40.23 53.54
CA ILE J 121 -30.34 -40.43 54.77
C ILE J 121 -30.39 -39.17 55.63
N HIS J 122 -30.08 -38.02 55.03
CA HIS J 122 -30.01 -36.77 55.79
C HIS J 122 -31.37 -36.38 56.35
N ARG J 123 -32.43 -36.51 55.55
CA ARG J 123 -33.76 -36.17 56.02
C ARG J 123 -34.18 -37.07 57.18
N LEU J 124 -33.92 -38.37 57.06
CA LEU J 124 -34.23 -39.28 58.16
C LEU J 124 -33.38 -38.98 59.38
N ALA J 125 -32.09 -38.68 59.16
CA ALA J 125 -31.23 -38.32 60.27
C ALA J 125 -31.68 -37.03 60.93
N ARG J 126 -32.24 -36.11 60.14
CA ARG J 126 -32.79 -34.87 60.70
C ARG J 126 -33.94 -35.18 61.64
N TYR J 127 -34.80 -36.12 61.27
CA TYR J 127 -35.90 -36.50 62.14
C TYR J 127 -35.41 -37.20 63.40
N TYR J 128 -34.36 -38.00 63.27
CA TYR J 128 -33.87 -38.76 64.43
C TYR J 128 -33.20 -37.86 65.44
N LYS J 129 -32.52 -36.79 64.99
CA LYS J 129 -32.01 -35.80 65.93
C LYS J 129 -33.14 -35.12 66.67
N THR J 130 -34.25 -34.84 65.98
CA THR J 130 -35.40 -34.23 66.64
C THR J 130 -35.99 -35.15 67.70
N LYS J 131 -35.92 -36.46 67.49
CA LYS J 131 -36.40 -37.43 68.46
C LYS J 131 -35.31 -37.89 69.42
N ARG J 132 -34.17 -37.20 69.44
CA ARG J 132 -33.05 -37.49 70.35
C ARG J 132 -32.48 -38.89 70.15
N VAL J 133 -32.77 -39.53 69.02
CA VAL J 133 -32.19 -40.84 68.74
C VAL J 133 -30.71 -40.71 68.43
N LEU J 134 -30.35 -39.69 67.67
CA LEU J 134 -28.97 -39.47 67.25
C LEU J 134 -28.32 -38.39 68.08
N PRO J 135 -26.98 -38.40 68.17
CA PRO J 135 -26.30 -37.31 68.85
C PRO J 135 -26.52 -36.00 68.12
N PRO J 136 -26.55 -34.88 68.86
CA PRO J 136 -26.72 -33.58 68.18
C PRO J 136 -25.61 -33.25 67.21
N ASN J 137 -24.41 -33.78 67.42
CA ASN J 137 -23.29 -33.56 66.51
C ASN J 137 -23.13 -34.68 65.49
N TRP J 138 -24.06 -35.63 65.44
CA TRP J 138 -23.96 -36.73 64.50
C TRP J 138 -24.06 -36.21 63.07
N LYS J 139 -23.31 -36.85 62.17
CA LYS J 139 -23.24 -36.40 60.79
C LYS J 139 -22.86 -37.57 59.90
N TYR J 140 -23.43 -37.60 58.71
CA TYR J 140 -23.08 -38.60 57.71
C TYR J 140 -22.06 -38.02 56.74
N GLU J 141 -21.07 -38.85 56.37
CA GLU J 141 -20.01 -38.41 55.48
C GLU J 141 -19.68 -39.55 54.51
N SER J 142 -19.01 -39.20 53.42
CA SER J 142 -18.58 -40.20 52.46
C SER J 142 -17.54 -41.14 53.06
N SER J 143 -16.57 -40.58 53.79
CA SER J 143 -15.51 -41.41 54.36
C SER J 143 -15.99 -42.17 55.58
N THR J 144 -16.83 -41.56 56.40
CA THR J 144 -17.30 -42.18 57.64
C THR J 144 -18.39 -43.20 57.41
N ALA J 145 -18.92 -43.32 56.19
CA ALA J 145 -19.97 -44.29 55.91
C ALA J 145 -19.48 -45.72 56.13
N SER J 146 -18.27 -46.02 55.65
CA SER J 146 -17.74 -47.38 55.75
C SER J 146 -17.49 -47.77 57.20
N ALA J 147 -17.06 -46.83 58.04
CA ALA J 147 -16.76 -47.14 59.43
C ALA J 147 -18.00 -47.20 60.31
N LEU J 148 -18.97 -46.32 60.07
CA LEU J 148 -20.11 -46.23 60.97
C LEU J 148 -21.04 -47.43 60.81
N VAL J 149 -21.34 -47.81 59.57
CA VAL J 149 -22.15 -48.98 59.32
C VAL J 149 -21.24 -50.19 59.19
N ALA J 150 -21.79 -51.36 59.48
CA ALA J 150 -21.06 -52.64 59.46
C ALA J 150 -19.81 -52.59 60.34
N ILE K 4 -17.46 -81.29 -31.65
CA ILE K 4 -17.21 -81.00 -30.25
C ILE K 4 -18.51 -80.56 -29.56
N SER K 5 -19.37 -79.89 -30.33
CA SER K 5 -20.71 -79.45 -29.92
C SER K 5 -20.67 -78.38 -28.83
N LEU K 6 -19.48 -78.03 -28.35
CA LEU K 6 -19.28 -77.03 -27.31
C LEU K 6 -20.12 -77.35 -26.06
N GLY K 7 -20.17 -78.63 -25.71
CA GLY K 7 -20.97 -79.07 -24.59
C GLY K 7 -20.64 -80.47 -24.12
N PRO K 8 -21.38 -80.95 -23.12
CA PRO K 8 -21.11 -82.29 -22.58
C PRO K 8 -21.81 -83.39 -23.36
N GLN K 9 -21.71 -84.62 -22.87
CA GLN K 9 -22.37 -85.78 -23.48
C GLN K 9 -23.68 -86.00 -22.74
N VAL K 10 -24.72 -85.30 -23.16
CA VAL K 10 -26.01 -85.34 -22.50
C VAL K 10 -26.88 -86.41 -23.14
N ALA K 11 -27.89 -86.84 -22.40
CA ALA K 11 -28.86 -87.82 -22.88
C ALA K 11 -30.09 -87.11 -23.42
N GLU K 12 -30.88 -87.87 -24.19
CA GLU K 12 -32.08 -87.32 -24.82
C GLU K 12 -33.12 -86.92 -23.79
N GLY K 13 -33.31 -87.74 -22.75
CA GLY K 13 -34.40 -87.53 -21.82
C GLY K 13 -34.13 -86.61 -20.66
N GLU K 14 -32.86 -86.35 -20.34
CA GLU K 14 -32.51 -85.53 -19.18
C GLU K 14 -32.13 -84.13 -19.63
N ASN K 15 -32.18 -83.20 -18.68
CA ASN K 15 -31.88 -81.79 -18.95
C ASN K 15 -30.81 -81.33 -17.97
N VAL K 16 -29.81 -80.64 -18.49
CA VAL K 16 -28.71 -80.12 -17.69
C VAL K 16 -29.10 -78.74 -17.15
N PHE K 17 -28.77 -78.48 -15.90
CA PHE K 17 -29.19 -77.28 -15.19
C PHE K 17 -28.07 -76.26 -15.12
N GLY K 18 -28.43 -74.99 -15.26
CA GLY K 18 -27.54 -73.88 -15.01
C GLY K 18 -28.09 -72.95 -13.94
N VAL K 19 -27.35 -71.89 -13.68
CA VAL K 19 -27.73 -70.87 -12.71
C VAL K 19 -27.68 -69.50 -13.38
N CYS K 20 -28.77 -68.75 -13.27
CA CYS K 20 -28.88 -67.42 -13.86
C CYS K 20 -29.05 -66.40 -12.75
N HIS K 21 -27.95 -65.79 -12.31
CA HIS K 21 -28.00 -64.68 -11.37
C HIS K 21 -28.52 -63.46 -12.11
N ILE K 22 -29.81 -63.19 -11.98
CA ILE K 22 -30.42 -62.01 -12.60
C ILE K 22 -30.52 -60.91 -11.56
N PHE K 23 -30.01 -59.74 -11.90
CA PHE K 23 -29.89 -58.61 -10.98
C PHE K 23 -30.60 -57.43 -11.62
N ALA K 24 -31.85 -57.21 -11.22
CA ALA K 24 -32.73 -56.24 -11.85
C ALA K 24 -32.93 -55.06 -10.90
N SER K 25 -32.07 -54.05 -11.03
CA SER K 25 -32.22 -52.81 -10.32
C SER K 25 -32.90 -51.79 -11.23
N PHE K 26 -32.95 -50.54 -10.79
CA PHE K 26 -33.34 -49.46 -11.68
C PHE K 26 -32.10 -48.93 -12.40
N ASN K 27 -32.35 -48.31 -13.56
CA ASN K 27 -31.36 -47.76 -14.48
C ASN K 27 -30.52 -48.83 -15.16
N ASP K 28 -30.69 -50.11 -14.84
CA ASP K 28 -30.01 -51.21 -15.53
C ASP K 28 -30.62 -52.53 -15.07
N THR K 29 -30.52 -53.54 -15.92
CA THR K 29 -30.96 -54.89 -15.62
C THR K 29 -29.88 -55.87 -16.08
N PHE K 30 -29.63 -56.88 -15.25
CA PHE K 30 -28.63 -57.91 -15.54
C PHE K 30 -29.30 -59.27 -15.65
N VAL K 31 -28.90 -60.03 -16.66
CA VAL K 31 -29.43 -61.37 -16.89
C VAL K 31 -28.25 -62.34 -16.98
N HIS K 32 -27.18 -62.01 -16.26
CA HIS K 32 -25.95 -62.82 -16.27
C HIS K 32 -26.24 -64.26 -15.88
N VAL K 33 -25.70 -65.19 -16.64
CA VAL K 33 -25.91 -66.62 -16.43
C VAL K 33 -24.55 -67.32 -16.34
N THR K 34 -24.40 -68.18 -15.33
CA THR K 34 -23.17 -68.93 -15.09
C THR K 34 -23.48 -70.39 -14.85
N ASP K 35 -22.49 -71.15 -14.40
CA ASP K 35 -22.67 -72.56 -14.07
C ASP K 35 -23.28 -72.69 -12.68
N LEU K 36 -23.38 -73.93 -12.18
CA LEU K 36 -23.92 -74.15 -10.85
C LEU K 36 -23.03 -73.54 -9.77
N SER K 37 -21.70 -73.69 -9.92
CA SER K 37 -20.79 -73.14 -8.93
C SER K 37 -20.76 -71.61 -8.97
N GLY K 38 -20.89 -71.02 -10.16
CA GLY K 38 -20.76 -69.60 -10.33
C GLY K 38 -19.35 -69.12 -10.59
N LYS K 39 -18.36 -70.00 -10.48
CA LYS K 39 -16.98 -69.61 -10.77
C LYS K 39 -16.78 -69.36 -12.25
N GLU K 40 -17.44 -70.16 -13.10
CA GLU K 40 -17.33 -70.03 -14.54
C GLU K 40 -18.67 -69.57 -15.12
N THR K 41 -18.62 -68.61 -16.04
CA THR K 41 -19.80 -67.99 -16.59
C THR K 41 -20.12 -68.56 -17.96
N ILE K 42 -21.38 -68.39 -18.37
CA ILE K 42 -21.82 -68.85 -19.68
C ILE K 42 -21.83 -67.65 -20.62
N CYS K 43 -22.62 -66.64 -20.29
CA CYS K 43 -22.62 -65.39 -21.04
C CYS K 43 -23.20 -64.30 -20.14
N ARG K 44 -22.87 -63.05 -20.47
CA ARG K 44 -23.30 -61.90 -19.69
C ARG K 44 -23.70 -60.79 -20.66
N VAL K 45 -25.00 -60.49 -20.71
CA VAL K 45 -25.53 -59.47 -21.60
C VAL K 45 -26.46 -58.57 -20.80
N THR K 46 -26.37 -57.26 -21.04
CA THR K 46 -27.22 -56.27 -20.39
C THR K 46 -28.03 -55.52 -21.43
N GLY K 47 -28.83 -54.56 -20.96
CA GLY K 47 -29.61 -53.74 -21.86
C GLY K 47 -28.84 -52.62 -22.53
N GLY K 48 -27.64 -52.31 -22.04
CA GLY K 48 -26.86 -51.22 -22.60
C GLY K 48 -26.35 -51.49 -24.00
N MET K 49 -26.21 -52.77 -24.37
CA MET K 49 -25.72 -53.12 -25.70
C MET K 49 -26.84 -53.28 -26.72
N LYS K 50 -27.99 -53.81 -26.29
CA LYS K 50 -29.09 -54.04 -27.22
C LYS K 50 -29.74 -52.74 -27.68
N VAL K 51 -29.55 -51.65 -26.94
CA VAL K 51 -30.15 -50.36 -27.28
C VAL K 51 -29.23 -49.26 -26.81
N LYS K 52 -29.20 -48.17 -27.58
CA LYS K 52 -28.40 -46.99 -27.26
C LYS K 52 -29.27 -45.82 -26.81
N ALA K 53 -30.47 -46.13 -26.32
CA ALA K 53 -31.38 -45.09 -25.86
C ALA K 53 -30.91 -44.42 -24.58
N ASP K 54 -30.19 -45.15 -23.72
CA ASP K 54 -29.67 -44.72 -22.43
C ASP K 54 -30.77 -44.46 -21.40
N ARG K 55 -32.04 -44.53 -21.79
CA ARG K 55 -33.17 -44.52 -20.87
C ARG K 55 -33.72 -45.91 -20.63
N ASP K 56 -33.71 -46.75 -21.67
CA ASP K 56 -34.30 -48.07 -21.63
C ASP K 56 -33.32 -49.13 -21.12
N GLU K 57 -32.30 -48.71 -20.36
CA GLU K 57 -31.35 -49.67 -19.81
C GLU K 57 -32.02 -50.65 -18.86
N SER K 58 -33.13 -50.24 -18.24
CA SER K 58 -33.91 -51.12 -17.37
C SER K 58 -35.33 -51.33 -17.88
N SER K 59 -35.59 -50.98 -19.14
CA SER K 59 -36.91 -51.18 -19.70
C SER K 59 -37.19 -52.67 -19.87
N PRO K 60 -38.45 -53.10 -19.71
CA PRO K 60 -38.75 -54.53 -19.91
C PRO K 60 -38.42 -55.05 -21.30
N TYR K 61 -38.60 -54.22 -22.33
CA TYR K 61 -38.33 -54.66 -23.69
C TYR K 61 -36.86 -54.96 -23.90
N ALA K 62 -35.97 -54.10 -23.38
CA ALA K 62 -34.54 -54.33 -23.53
C ALA K 62 -34.11 -55.58 -22.77
N ALA K 63 -34.66 -55.80 -21.58
CA ALA K 63 -34.32 -57.00 -20.82
C ALA K 63 -34.76 -58.25 -21.54
N MET K 64 -35.92 -58.22 -22.18
CA MET K 64 -36.39 -59.37 -22.95
C MET K 64 -35.46 -59.65 -24.14
N LEU K 65 -34.99 -58.59 -24.80
CA LEU K 65 -34.09 -58.76 -25.94
C LEU K 65 -32.79 -59.43 -25.51
N ALA K 66 -32.25 -59.02 -24.36
CA ALA K 66 -31.03 -59.65 -23.85
C ALA K 66 -31.27 -61.10 -23.46
N ALA K 67 -32.46 -61.40 -22.92
CA ALA K 67 -32.78 -62.77 -22.54
C ALA K 67 -32.85 -63.69 -23.74
N GLN K 68 -33.19 -63.14 -24.91
CA GLN K 68 -33.14 -63.94 -26.14
C GLN K 68 -31.73 -64.37 -26.47
N ASP K 69 -30.75 -63.48 -26.25
CA ASP K 69 -29.35 -63.84 -26.48
C ASP K 69 -28.90 -64.94 -25.53
N VAL K 70 -29.32 -64.85 -24.26
CA VAL K 70 -28.98 -65.88 -23.29
C VAL K 70 -29.55 -67.23 -23.71
N ALA K 71 -30.81 -67.23 -24.12
CA ALA K 71 -31.42 -68.46 -24.65
C ALA K 71 -30.71 -68.91 -25.91
N GLN K 72 -30.35 -67.96 -26.78
CA GLN K 72 -29.58 -68.30 -27.98
C GLN K 72 -28.21 -68.85 -27.61
N ARG K 73 -27.54 -68.23 -26.64
CA ARG K 73 -26.17 -68.62 -26.34
C ARG K 73 -26.10 -69.93 -25.56
N CYS K 74 -27.04 -70.14 -24.64
CA CYS K 74 -26.98 -71.31 -23.78
C CYS K 74 -27.33 -72.59 -24.54
N LYS K 75 -28.34 -72.53 -25.40
CA LYS K 75 -28.75 -73.73 -26.14
C LYS K 75 -27.68 -74.19 -27.11
N GLU K 76 -26.90 -73.26 -27.66
CA GLU K 76 -25.76 -73.66 -28.48
C GLU K 76 -24.58 -74.11 -27.63
N LEU K 77 -24.63 -73.89 -26.32
CA LEU K 77 -23.61 -74.36 -25.40
C LEU K 77 -24.05 -75.58 -24.60
N GLY K 78 -25.06 -76.30 -25.07
CA GLY K 78 -25.50 -77.51 -24.40
C GLY K 78 -26.06 -77.31 -23.02
N ILE K 79 -26.93 -76.31 -22.87
CA ILE K 79 -27.60 -76.04 -21.60
C ILE K 79 -29.09 -75.95 -21.86
N THR K 80 -29.88 -76.66 -21.05
CA THR K 80 -31.32 -76.74 -21.27
C THR K 80 -32.15 -76.24 -20.10
N ALA K 81 -31.65 -76.37 -18.86
CA ALA K 81 -32.40 -75.96 -17.68
C ALA K 81 -31.61 -74.90 -16.92
N LEU K 82 -32.33 -74.06 -16.18
CA LEU K 82 -31.72 -72.94 -15.48
C LEU K 82 -32.28 -72.80 -14.08
N HIS K 83 -31.47 -72.28 -13.18
CA HIS K 83 -31.89 -71.89 -11.84
C HIS K 83 -31.78 -70.37 -11.74
N ILE K 84 -32.86 -69.72 -11.33
CA ILE K 84 -32.95 -68.27 -11.37
C ILE K 84 -32.68 -67.71 -9.98
N LYS K 85 -31.79 -66.72 -9.91
CA LYS K 85 -31.45 -66.03 -8.67
C LYS K 85 -31.73 -64.55 -8.85
N LEU K 86 -32.94 -64.13 -8.47
CA LEU K 86 -33.29 -62.72 -8.48
C LEU K 86 -32.45 -61.95 -7.47
N ARG K 87 -32.18 -60.68 -7.80
CA ARG K 87 -31.40 -59.82 -6.92
C ARG K 87 -31.75 -58.38 -7.21
N ALA K 88 -32.14 -57.65 -6.18
CA ALA K 88 -32.34 -56.22 -6.29
C ALA K 88 -31.04 -55.51 -5.88
N THR K 89 -31.10 -54.18 -5.74
CA THR K 89 -29.90 -53.42 -5.43
C THR K 89 -29.31 -53.83 -4.09
N GLY K 90 -30.16 -54.03 -3.08
CA GLY K 90 -29.67 -54.47 -1.80
C GLY K 90 -28.94 -53.37 -1.05
N GLY K 91 -28.17 -53.79 -0.05
CA GLY K 91 -27.43 -52.85 0.77
C GLY K 91 -28.35 -51.91 1.51
N ASN K 92 -27.85 -50.70 1.76
CA ASN K 92 -28.66 -49.67 2.41
C ASN K 92 -29.74 -49.10 1.50
N ARG K 93 -29.70 -49.38 0.20
CA ARG K 93 -30.69 -48.88 -0.72
C ARG K 93 -31.84 -49.88 -0.84
N THR K 94 -32.69 -49.67 -1.84
CA THR K 94 -33.96 -50.39 -1.93
C THR K 94 -33.74 -51.87 -2.25
N LYS K 95 -34.78 -52.66 -1.97
CA LYS K 95 -34.78 -54.09 -2.26
C LYS K 95 -35.86 -54.48 -3.25
N THR K 96 -36.44 -53.51 -3.94
CA THR K 96 -37.47 -53.80 -4.95
C THR K 96 -36.81 -54.14 -6.28
N PRO K 97 -37.13 -55.27 -6.88
CA PRO K 97 -36.55 -55.61 -8.19
C PRO K 97 -37.00 -54.63 -9.26
N GLY K 98 -36.14 -54.46 -10.26
CA GLY K 98 -36.41 -53.54 -11.34
C GLY K 98 -37.53 -54.01 -12.23
N PRO K 99 -38.06 -53.10 -13.07
CA PRO K 99 -39.16 -53.47 -13.98
C PRO K 99 -38.77 -54.50 -15.02
N GLY K 100 -37.48 -54.67 -15.31
CA GLY K 100 -37.04 -55.63 -16.29
C GLY K 100 -37.04 -57.07 -15.84
N ALA K 101 -37.19 -57.31 -14.53
CA ALA K 101 -37.16 -58.67 -14.01
C ALA K 101 -38.29 -59.51 -14.57
N GLN K 102 -39.50 -58.93 -14.64
CA GLN K 102 -40.66 -59.68 -15.10
C GLN K 102 -40.50 -60.13 -16.55
N SER K 103 -40.01 -59.24 -17.42
CA SER K 103 -39.85 -59.60 -18.82
C SER K 103 -38.68 -60.55 -19.01
N ALA K 104 -37.56 -60.32 -18.33
CA ALA K 104 -36.38 -61.16 -18.51
C ALA K 104 -36.65 -62.59 -18.08
N LEU K 105 -37.30 -62.77 -16.94
CA LEU K 105 -37.67 -64.11 -16.50
C LEU K 105 -38.68 -64.74 -17.47
N ARG K 106 -39.66 -63.97 -17.93
CA ARG K 106 -40.69 -64.51 -18.80
C ARG K 106 -40.13 -64.83 -20.19
N ALA K 107 -39.20 -64.01 -20.67
CA ALA K 107 -38.62 -64.27 -21.99
C ALA K 107 -37.84 -65.59 -22.02
N LEU K 108 -37.22 -65.95 -20.90
CA LEU K 108 -36.51 -67.23 -20.83
C LEU K 108 -37.49 -68.40 -20.91
N ALA K 109 -38.64 -68.27 -20.25
CA ALA K 109 -39.57 -69.39 -20.13
C ALA K 109 -40.13 -69.80 -21.49
N ARG K 110 -40.58 -68.85 -22.29
CA ARG K 110 -41.18 -69.16 -23.57
C ARG K 110 -40.16 -69.29 -24.69
N SER K 111 -38.87 -69.16 -24.39
CA SER K 111 -37.82 -69.34 -25.37
C SER K 111 -37.37 -70.79 -25.50
N GLY K 112 -38.03 -71.71 -24.81
CA GLY K 112 -37.70 -73.12 -24.89
C GLY K 112 -36.73 -73.62 -23.83
N MET K 113 -36.19 -72.73 -22.99
CA MET K 113 -35.31 -73.13 -21.92
C MET K 113 -36.12 -73.45 -20.68
N LYS K 114 -35.84 -74.60 -20.07
CA LYS K 114 -36.65 -75.04 -18.95
C LYS K 114 -36.28 -74.27 -17.68
N ILE K 115 -37.19 -74.29 -16.71
CA ILE K 115 -37.05 -73.52 -15.49
C ILE K 115 -37.08 -74.48 -14.30
N GLY K 116 -36.12 -74.30 -13.39
CA GLY K 116 -36.09 -75.09 -12.17
C GLY K 116 -36.48 -74.28 -10.95
N ARG K 117 -35.73 -74.46 -9.87
CA ARG K 117 -35.97 -73.69 -8.65
C ARG K 117 -35.66 -72.21 -8.90
N ILE K 118 -36.49 -71.35 -8.31
CA ILE K 118 -36.31 -69.90 -8.42
C ILE K 118 -36.27 -69.33 -7.01
N GLU K 119 -35.30 -68.45 -6.76
CA GLU K 119 -35.01 -68.03 -5.39
C GLU K 119 -34.40 -66.65 -5.43
N ASP K 120 -34.55 -65.91 -4.32
CA ASP K 120 -34.11 -64.53 -4.23
C ASP K 120 -32.80 -64.43 -3.45
N VAL K 121 -31.79 -63.82 -4.06
CA VAL K 121 -30.53 -63.56 -3.39
C VAL K 121 -30.32 -62.06 -3.26
N THR K 122 -31.41 -61.32 -3.13
CA THR K 122 -31.32 -59.89 -2.89
C THR K 122 -30.61 -59.62 -1.57
N PRO K 123 -29.58 -58.79 -1.54
CA PRO K 123 -28.82 -58.58 -0.30
C PRO K 123 -29.67 -57.89 0.75
N ILE K 124 -29.84 -58.56 1.88
CA ILE K 124 -30.61 -58.05 3.00
C ILE K 124 -29.69 -57.88 4.20
N PRO K 125 -29.19 -56.68 4.44
CA PRO K 125 -28.35 -56.46 5.62
C PRO K 125 -29.14 -56.60 6.91
N SER K 126 -28.44 -57.00 7.96
CA SER K 126 -28.99 -56.84 9.30
C SER K 126 -29.19 -55.37 9.62
N ASP K 127 -28.09 -54.62 9.70
CA ASP K 127 -28.14 -53.17 9.88
C ASP K 127 -27.00 -52.55 9.09
N SER K 128 -27.34 -51.93 7.97
CA SER K 128 -26.34 -51.38 7.06
C SER K 128 -25.83 -50.05 7.61
N THR K 129 -25.02 -49.36 6.82
CA THR K 129 -24.49 -48.06 7.20
C THR K 129 -25.54 -46.99 6.94
N ARG K 130 -25.13 -45.72 7.04
CA ARG K 130 -26.05 -44.61 6.80
C ARG K 130 -26.36 -44.52 5.31
N ARG K 131 -27.64 -44.45 4.98
CA ARG K 131 -28.05 -44.37 3.58
C ARG K 131 -27.63 -43.04 2.97
N LYS K 132 -27.28 -43.09 1.68
CA LYS K 132 -26.85 -41.88 0.98
C LYS K 132 -28.07 -41.04 0.62
N GLY K 133 -28.02 -39.76 1.00
CA GLY K 133 -29.11 -38.85 0.69
C GLY K 133 -29.42 -37.87 1.81
N GLY K 134 -28.79 -38.06 2.96
CA GLY K 134 -29.01 -37.18 4.10
C GLY K 134 -30.28 -37.53 4.85
N ARG K 135 -30.48 -36.84 5.97
CA ARG K 135 -31.66 -37.11 6.79
C ARG K 135 -32.91 -36.51 6.16
N ARG K 136 -32.77 -35.46 5.36
CA ARG K 136 -33.91 -34.82 4.74
C ARG K 136 -34.36 -35.51 3.46
N GLY K 137 -33.65 -36.54 3.02
CA GLY K 137 -34.03 -37.26 1.84
C GLY K 137 -33.61 -36.55 0.57
N ARG K 138 -34.05 -37.12 -0.55
CA ARG K 138 -33.82 -36.55 -1.87
C ARG K 138 -35.02 -35.69 -2.21
N ARG K 139 -34.88 -34.37 -2.02
CA ARG K 139 -35.99 -33.46 -2.27
C ARG K 139 -36.34 -33.43 -3.75
N LEU K 140 -37.60 -33.71 -4.06
CA LEU K 140 -38.06 -33.76 -5.45
C LEU K 140 -39.28 -32.88 -5.64
N MET L 1 -91.39 -16.84 48.47
CA MET L 1 -92.80 -16.55 48.70
C MET L 1 -93.07 -16.36 50.19
N GLN L 2 -94.34 -16.08 50.52
CA GLN L 2 -94.80 -16.00 51.90
C GLN L 2 -94.04 -14.92 52.68
N ASN L 3 -94.27 -13.68 52.27
CA ASN L 3 -93.75 -12.53 53.00
C ASN L 3 -94.30 -12.52 54.44
N ASP L 4 -93.74 -11.60 55.24
CA ASP L 4 -93.94 -11.66 56.70
C ASP L 4 -95.41 -11.59 57.09
N ALA L 5 -96.25 -10.97 56.25
CA ALA L 5 -97.68 -10.98 56.53
C ALA L 5 -98.25 -12.39 56.47
N GLY L 6 -97.80 -13.18 55.50
CA GLY L 6 -98.20 -14.58 55.44
C GLY L 6 -98.80 -15.01 54.13
N GLU L 7 -99.24 -14.06 53.31
CA GLU L 7 -99.85 -14.40 52.03
C GLU L 7 -98.81 -14.96 51.07
N PHE L 8 -99.25 -15.85 50.18
CA PHE L 8 -98.37 -16.41 49.16
C PHE L 8 -98.27 -15.39 48.03
N VAL L 9 -97.43 -14.38 48.25
CA VAL L 9 -97.23 -13.38 47.21
C VAL L 9 -96.23 -13.98 46.23
N ASP L 10 -96.73 -14.85 45.36
CA ASP L 10 -95.92 -15.52 44.35
C ASP L 10 -96.85 -16.14 43.32
N LEU L 11 -96.48 -16.03 42.03
CA LEU L 11 -97.44 -16.33 40.97
C LEU L 11 -97.61 -17.84 40.80
N TYR L 12 -96.54 -18.62 40.91
CA TYR L 12 -96.69 -20.06 40.91
C TYR L 12 -95.50 -20.71 41.60
N VAL L 13 -95.69 -21.98 41.94
CA VAL L 13 -94.70 -22.86 42.55
C VAL L 13 -94.39 -23.98 41.57
N PRO L 14 -93.15 -24.11 41.09
CA PRO L 14 -92.84 -25.17 40.14
C PRO L 14 -92.79 -26.54 40.81
N ARG L 15 -92.87 -27.57 39.97
CA ARG L 15 -92.80 -28.93 40.47
C ARG L 15 -91.38 -29.27 40.92
N LYS L 16 -91.27 -30.33 41.71
CA LYS L 16 -89.99 -30.83 42.17
C LYS L 16 -89.77 -32.23 41.64
N CYS L 17 -88.51 -32.59 41.44
CA CYS L 17 -88.17 -33.93 41.01
C CYS L 17 -88.51 -34.95 42.09
N SER L 18 -89.01 -36.11 41.68
CA SER L 18 -89.30 -37.17 42.61
C SER L 18 -88.08 -38.03 42.91
N ALA L 19 -86.99 -37.86 42.19
CA ALA L 19 -85.76 -38.60 42.43
C ALA L 19 -84.63 -37.69 42.89
N SER L 20 -84.27 -36.68 42.10
CA SER L 20 -83.20 -35.78 42.48
C SER L 20 -83.67 -34.65 43.39
N ASN L 21 -84.99 -34.50 43.55
CA ASN L 21 -85.58 -33.44 44.38
C ASN L 21 -85.12 -32.06 43.92
N ARG L 22 -84.95 -31.92 42.60
CA ARG L 22 -84.58 -30.65 41.99
C ARG L 22 -85.82 -29.98 41.42
N ILE L 23 -85.71 -28.68 41.18
CA ILE L 23 -86.80 -27.94 40.57
C ILE L 23 -86.94 -28.37 39.12
N ILE L 24 -88.17 -28.72 38.73
CA ILE L 24 -88.44 -29.05 37.33
C ILE L 24 -88.40 -27.78 36.51
N GLY L 25 -87.54 -27.74 35.50
CA GLY L 25 -87.38 -26.54 34.71
C GLY L 25 -88.65 -26.22 33.93
N ALA L 26 -89.00 -24.93 33.93
CA ALA L 26 -90.17 -24.50 33.16
C ALA L 26 -89.97 -24.70 31.67
N LYS L 27 -88.77 -24.41 31.17
CA LYS L 27 -88.44 -24.66 29.78
C LYS L 27 -87.82 -26.04 29.56
N ASP L 28 -87.62 -26.82 30.61
CA ASP L 28 -87.07 -28.16 30.49
C ASP L 28 -88.18 -29.06 29.95
N HIS L 29 -88.26 -29.16 28.63
CA HIS L 29 -89.28 -29.96 27.98
C HIS L 29 -88.98 -31.44 27.97
N ALA L 30 -87.81 -31.85 28.47
CA ALA L 30 -87.48 -33.26 28.53
C ALA L 30 -88.14 -33.95 29.73
N SER L 31 -88.47 -33.19 30.77
CA SER L 31 -89.03 -33.77 31.98
C SER L 31 -90.38 -34.41 31.71
N ILE L 32 -90.67 -35.49 32.44
CA ILE L 32 -91.87 -36.28 32.21
C ILE L 32 -92.69 -36.35 33.50
N GLN L 33 -93.99 -36.55 33.33
CA GLN L 33 -94.92 -36.80 34.44
C GLN L 33 -95.87 -37.90 34.00
N MET L 34 -95.65 -39.11 34.51
CA MET L 34 -96.43 -40.26 34.11
C MET L 34 -97.19 -40.81 35.32
N ASN L 35 -98.36 -41.39 35.04
CA ASN L 35 -99.20 -41.98 36.07
C ASN L 35 -99.01 -43.48 36.09
N VAL L 36 -98.84 -44.03 37.28
CA VAL L 36 -98.85 -45.47 37.51
C VAL L 36 -100.18 -45.80 38.15
N ALA L 37 -101.03 -46.51 37.41
CA ALA L 37 -102.40 -46.77 37.85
C ALA L 37 -102.43 -48.06 38.67
N GLU L 38 -102.65 -47.92 39.97
CA GLU L 38 -102.84 -49.09 40.80
C GLU L 38 -104.21 -49.70 40.53
N VAL L 39 -104.38 -50.93 40.97
CA VAL L 39 -105.61 -51.68 40.75
C VAL L 39 -106.16 -52.15 42.09
N ASP L 40 -107.42 -52.60 42.07
CA ASP L 40 -108.03 -53.12 43.28
C ASP L 40 -107.46 -54.47 43.66
N LYS L 41 -107.58 -54.80 44.94
CA LYS L 41 -107.00 -56.03 45.46
C LYS L 41 -107.81 -57.27 45.06
N VAL L 42 -109.13 -57.12 44.89
CA VAL L 42 -109.99 -58.28 44.73
C VAL L 42 -109.77 -58.96 43.39
N THR L 43 -109.59 -58.16 42.32
CA THR L 43 -109.52 -58.73 40.98
C THR L 43 -108.44 -58.09 40.11
N GLY L 44 -107.70 -57.11 40.61
CA GLY L 44 -106.71 -56.44 39.77
C GLY L 44 -107.28 -55.62 38.65
N ARG L 45 -108.38 -54.91 38.90
CA ARG L 45 -109.01 -54.06 37.90
C ARG L 45 -108.73 -52.59 38.19
N PHE L 46 -108.70 -51.79 37.13
CA PHE L 46 -108.43 -50.37 37.24
C PHE L 46 -109.48 -49.70 38.12
N ASN L 47 -109.03 -49.03 39.17
CA ASN L 47 -109.92 -48.38 40.14
C ASN L 47 -109.96 -46.87 39.97
N GLY L 48 -109.47 -46.36 38.85
CA GLY L 48 -109.55 -44.94 38.56
C GLY L 48 -108.37 -44.11 39.00
N GLN L 49 -108.21 -43.91 40.31
CA GLN L 49 -107.13 -43.05 40.79
C GLN L 49 -105.78 -43.75 40.65
N PHE L 50 -104.71 -42.97 40.77
CA PHE L 50 -103.37 -43.45 40.47
C PHE L 50 -102.37 -42.68 41.33
N LYS L 51 -101.08 -42.99 41.11
CA LYS L 51 -99.99 -42.24 41.70
C LYS L 51 -99.00 -41.87 40.61
N THR L 52 -98.46 -40.66 40.70
CA THR L 52 -97.61 -40.10 39.66
C THR L 52 -96.23 -39.75 40.20
N TYR L 53 -95.24 -39.81 39.31
CA TYR L 53 -93.87 -39.46 39.61
C TYR L 53 -93.38 -38.42 38.61
N ALA L 54 -92.57 -37.49 39.07
CA ALA L 54 -92.02 -36.44 38.23
C ALA L 54 -90.50 -36.57 38.20
N ILE L 55 -89.94 -36.64 36.99
CA ILE L 55 -88.51 -36.76 36.79
C ILE L 55 -88.05 -35.61 35.91
N CYS L 56 -87.03 -34.89 36.35
CA CYS L 56 -86.51 -33.79 35.56
C CYS L 56 -85.79 -34.32 34.32
N GLY L 57 -85.59 -33.43 33.36
CA GLY L 57 -84.96 -33.83 32.10
C GLY L 57 -83.55 -34.35 32.31
N ALA L 58 -82.79 -33.74 33.22
CA ALA L 58 -81.40 -34.12 33.41
C ALA L 58 -81.28 -35.55 33.92
N ILE L 59 -82.12 -35.93 34.90
CA ILE L 59 -82.05 -37.28 35.47
C ILE L 59 -82.40 -38.31 34.41
N ARG L 60 -83.45 -38.07 33.63
CA ARG L 60 -83.78 -38.98 32.56
C ARG L 60 -82.94 -38.73 31.31
N ARG L 61 -81.96 -37.83 31.38
CA ARG L 61 -80.96 -37.72 30.31
C ARG L 61 -79.71 -38.50 30.66
N MET L 62 -79.27 -38.44 31.92
CA MET L 62 -78.14 -39.25 32.37
C MET L 62 -78.48 -40.72 32.49
N GLY L 63 -79.76 -41.08 32.37
CA GLY L 63 -80.15 -42.47 32.26
C GLY L 63 -80.52 -43.16 33.56
N GLU L 64 -80.72 -42.42 34.64
CA GLU L 64 -81.05 -43.02 35.92
C GLU L 64 -82.54 -42.93 36.25
N SER L 65 -83.37 -42.55 35.29
CA SER L 65 -84.80 -42.47 35.55
C SER L 65 -85.41 -43.85 35.80
N ASP L 66 -84.96 -44.86 35.05
CA ASP L 66 -85.54 -46.19 35.18
C ASP L 66 -85.31 -46.78 36.56
N ASP L 67 -84.08 -46.71 37.06
CA ASP L 67 -83.80 -47.19 38.40
C ASP L 67 -84.54 -46.37 39.44
N SER L 68 -84.61 -45.06 39.24
CA SER L 68 -85.31 -44.20 40.18
C SER L 68 -86.80 -44.51 40.22
N ILE L 69 -87.42 -44.71 39.06
CA ILE L 69 -88.85 -45.01 39.00
C ILE L 69 -89.14 -46.31 39.73
N LEU L 70 -88.26 -47.29 39.59
CA LEU L 70 -88.45 -48.57 40.29
C LEU L 70 -88.46 -48.39 41.79
N ARG L 71 -87.54 -47.57 42.32
CA ARG L 71 -87.50 -47.35 43.76
C ARG L 71 -88.73 -46.62 44.26
N LEU L 72 -89.21 -45.63 43.50
CA LEU L 72 -90.44 -44.93 43.89
C LEU L 72 -91.62 -45.88 43.90
N ALA L 73 -91.68 -46.79 42.93
CA ALA L 73 -92.71 -47.82 42.95
C ALA L 73 -92.53 -48.75 44.14
N LYS L 74 -91.28 -49.04 44.50
CA LYS L 74 -91.01 -49.85 45.69
C LYS L 74 -91.51 -49.15 46.95
N ALA L 75 -91.36 -47.83 47.01
CA ALA L 75 -91.86 -47.08 48.16
C ALA L 75 -93.36 -47.15 48.27
N ASP L 76 -94.07 -47.09 47.14
CA ASP L 76 -95.52 -47.14 47.14
C ASP L 76 -96.06 -48.56 47.16
N GLY L 77 -95.20 -49.57 47.11
CA GLY L 77 -95.63 -50.94 47.18
C GLY L 77 -96.22 -51.51 45.91
N ILE L 78 -96.17 -50.78 44.80
CA ILE L 78 -96.65 -51.32 43.53
C ILE L 78 -95.83 -52.53 43.12
N VAL L 79 -94.50 -52.42 43.23
CA VAL L 79 -93.62 -53.55 42.97
C VAL L 79 -93.54 -54.41 44.24
N SER L 80 -93.61 -55.72 44.06
CA SER L 80 -93.47 -56.62 45.19
C SER L 80 -92.09 -56.48 45.82
N LYS L 81 -92.03 -56.64 47.15
CA LYS L 81 -90.79 -56.43 47.88
C LYS L 81 -89.72 -57.45 47.53
N ASN L 82 -90.10 -58.56 46.91
CA ASN L 82 -89.15 -59.61 46.54
C ASN L 82 -88.54 -59.41 45.17
N PHE L 83 -88.40 -58.17 44.72
CA PHE L 83 -87.82 -57.87 43.41
C PHE L 83 -86.34 -58.24 43.38
N VAL M 1 -49.82 -33.78 49.41
CA VAL M 1 -50.46 -34.64 50.40
C VAL M 1 -51.73 -33.98 50.93
N ARG M 2 -52.55 -34.75 51.63
CA ARG M 2 -53.78 -34.24 52.20
C ARG M 2 -53.47 -33.28 53.34
N MET M 3 -53.87 -32.02 53.21
CA MET M 3 -53.61 -31.01 54.22
C MET M 3 -54.86 -30.40 54.80
N ASN M 4 -56.04 -30.94 54.48
CA ASN M 4 -57.28 -30.44 55.05
C ASN M 4 -58.32 -31.56 54.99
N VAL M 5 -58.71 -32.07 56.16
CA VAL M 5 -59.64 -33.18 56.22
C VAL M 5 -61.03 -32.74 55.78
N LEU M 6 -61.48 -31.58 56.28
CA LEU M 6 -62.83 -31.12 55.99
C LEU M 6 -62.99 -30.76 54.51
N ALA M 7 -61.95 -30.18 53.90
CA ALA M 7 -62.05 -29.74 52.52
C ALA M 7 -62.30 -30.90 51.58
N ASP M 8 -61.59 -32.01 51.80
CA ASP M 8 -61.82 -33.19 50.97
C ASP M 8 -63.21 -33.76 51.19
N ALA M 9 -63.68 -33.77 52.43
CA ALA M 9 -65.02 -34.28 52.70
C ALA M 9 -66.08 -33.41 52.05
N LEU M 10 -65.97 -32.09 52.21
CA LEU M 10 -66.97 -31.18 51.65
C LEU M 10 -66.97 -31.23 50.13
N LYS M 11 -65.80 -31.31 49.51
CA LYS M 11 -65.73 -31.40 48.06
C LYS M 11 -66.36 -32.70 47.57
N SER M 12 -66.15 -33.80 48.30
CA SER M 12 -66.69 -35.09 47.89
C SER M 12 -68.21 -35.10 47.92
N ILE M 13 -68.80 -34.57 48.99
CA ILE M 13 -70.26 -34.57 49.07
C ILE M 13 -70.86 -33.54 48.12
N ASN M 14 -70.08 -32.52 47.73
CA ASN M 14 -70.59 -31.55 46.77
C ASN M 14 -70.68 -32.17 45.39
N ASN M 15 -69.66 -32.93 44.98
CA ASN M 15 -69.73 -33.65 43.72
C ASN M 15 -70.80 -34.73 43.76
N ALA M 16 -70.93 -35.41 44.90
CA ALA M 16 -71.96 -36.43 45.04
C ALA M 16 -73.34 -35.83 44.93
N GLU M 17 -73.57 -34.67 45.56
CA GLU M 17 -74.85 -34.00 45.46
C GLU M 17 -75.13 -33.56 44.03
N LYS M 18 -74.10 -33.09 43.32
CA LYS M 18 -74.28 -32.70 41.93
C LYS M 18 -74.69 -33.88 41.07
N ARG M 19 -74.14 -35.05 41.35
CA ARG M 19 -74.48 -36.24 40.58
C ARG M 19 -75.79 -36.88 41.00
N GLY M 20 -76.43 -36.37 42.04
CA GLY M 20 -77.72 -36.90 42.46
C GLY M 20 -77.66 -38.23 43.15
N LYS M 21 -76.51 -38.57 43.75
CA LYS M 21 -76.41 -39.81 44.51
C LYS M 21 -77.23 -39.70 45.80
N ARG M 22 -77.29 -40.78 46.55
CA ARG M 22 -78.08 -40.81 47.77
C ARG M 22 -77.28 -41.08 49.03
N GLN M 23 -76.19 -41.84 48.94
CA GLN M 23 -75.32 -42.10 50.08
C GLN M 23 -73.88 -41.86 49.67
N VAL M 24 -73.23 -40.90 50.31
CA VAL M 24 -71.89 -40.48 49.96
C VAL M 24 -70.92 -41.01 51.00
N LEU M 25 -69.78 -41.52 50.55
CA LEU M 25 -68.73 -42.00 51.43
C LEU M 25 -67.59 -40.98 51.48
N ILE M 26 -67.15 -40.65 52.69
CA ILE M 26 -65.96 -39.84 52.90
C ILE M 26 -65.02 -40.61 53.80
N ARG M 27 -63.75 -40.71 53.42
CA ARG M 27 -62.80 -41.58 54.10
C ARG M 27 -62.27 -40.98 55.40
N PRO M 28 -61.70 -39.75 55.42
CA PRO M 28 -61.18 -39.24 56.68
C PRO M 28 -62.21 -38.46 57.49
N CYS M 29 -62.38 -38.82 58.76
CA CYS M 29 -63.33 -38.17 59.64
C CYS M 29 -62.60 -37.30 60.66
N SER M 30 -63.33 -36.36 61.23
CA SER M 30 -62.81 -35.50 62.27
C SER M 30 -63.97 -34.94 63.09
N LYS M 31 -63.64 -34.44 64.28
CA LYS M 31 -64.66 -33.85 65.14
C LYS M 31 -65.33 -32.65 64.47
N VAL M 32 -64.53 -31.82 63.80
CA VAL M 32 -65.08 -30.64 63.13
C VAL M 32 -66.04 -31.07 62.02
N ILE M 33 -65.70 -32.13 61.29
CA ILE M 33 -66.60 -32.62 60.25
C ILE M 33 -67.90 -33.11 60.86
N VAL M 34 -67.82 -33.88 61.95
CA VAL M 34 -69.02 -34.34 62.64
C VAL M 34 -69.83 -33.15 63.14
N ARG M 35 -69.16 -32.16 63.74
CA ARG M 35 -69.85 -30.95 64.13
C ARG M 35 -70.37 -30.19 62.92
N PHE M 36 -69.60 -30.15 61.84
CA PHE M 36 -70.07 -29.47 60.64
C PHE M 36 -71.29 -30.17 60.06
N LEU M 37 -71.29 -31.50 60.06
CA LEU M 37 -72.46 -32.23 59.61
C LEU M 37 -73.62 -32.12 60.58
N THR M 38 -73.33 -31.84 61.85
CA THR M 38 -74.39 -31.72 62.85
C THR M 38 -75.29 -30.53 62.55
N VAL M 39 -74.70 -29.39 62.20
CA VAL M 39 -75.50 -28.19 61.96
C VAL M 39 -76.32 -28.34 60.67
N MET M 40 -75.84 -29.16 59.73
CA MET M 40 -76.59 -29.37 58.50
C MET M 40 -77.86 -30.16 58.76
N MET M 41 -77.80 -31.14 59.68
CA MET M 41 -79.00 -31.84 60.10
C MET M 41 -79.97 -30.90 60.79
N LYS M 42 -79.45 -29.95 61.57
CA LYS M 42 -80.30 -29.02 62.29
C LYS M 42 -81.13 -28.18 61.32
N HIS M 43 -80.55 -27.85 60.18
CA HIS M 43 -81.25 -27.11 59.14
C HIS M 43 -81.74 -28.02 58.02
N GLY M 44 -81.60 -29.34 58.17
CA GLY M 44 -82.24 -30.28 57.29
C GLY M 44 -81.66 -30.42 55.91
N TYR M 45 -80.46 -29.89 55.67
CA TYR M 45 -79.84 -30.06 54.35
C TYR M 45 -79.48 -31.51 54.06
N ILE M 46 -79.23 -32.31 55.09
CA ILE M 46 -78.91 -33.72 54.92
C ILE M 46 -79.75 -34.51 55.90
N GLY M 47 -79.97 -35.78 55.57
CA GLY M 47 -80.72 -36.66 56.45
C GLY M 47 -79.82 -37.36 57.44
N GLU M 48 -80.17 -38.60 57.78
CA GLU M 48 -79.35 -39.39 58.70
C GLU M 48 -77.97 -39.63 58.10
N PHE M 49 -76.93 -39.36 58.89
CA PHE M 49 -75.58 -39.73 58.52
C PHE M 49 -75.02 -40.65 59.60
N GLU M 50 -74.36 -41.72 59.17
CA GLU M 50 -73.92 -42.77 60.08
C GLU M 50 -72.44 -43.03 59.85
N ILE M 51 -71.68 -42.99 60.94
CA ILE M 51 -70.22 -43.09 60.87
C ILE M 51 -69.82 -44.54 61.07
N ILE M 52 -69.14 -45.10 60.07
CA ILE M 52 -68.51 -46.42 60.19
C ILE M 52 -67.10 -46.16 60.71
N ASP M 53 -66.92 -46.22 62.02
CA ASP M 53 -65.66 -45.84 62.64
C ASP M 53 -64.89 -47.10 63.02
N ASP M 54 -63.76 -47.32 62.36
CA ASP M 54 -62.81 -48.34 62.78
C ASP M 54 -61.95 -47.78 63.89
N HIS M 55 -60.84 -48.46 64.21
CA HIS M 55 -59.91 -47.95 65.20
C HIS M 55 -59.11 -46.75 64.71
N ARG M 56 -59.10 -46.49 63.40
CA ARG M 56 -58.50 -45.30 62.85
C ARG M 56 -59.61 -44.26 62.63
N ALA M 57 -59.27 -43.19 61.91
CA ALA M 57 -60.28 -42.19 61.52
C ALA M 57 -61.24 -42.84 60.55
N GLY M 58 -62.44 -43.16 61.02
CA GLY M 58 -63.37 -43.96 60.26
C GLY M 58 -64.02 -43.21 59.12
N LYS M 59 -64.83 -43.93 58.37
CA LYS M 59 -65.56 -43.38 57.23
C LYS M 59 -66.97 -42.99 57.66
N ILE M 60 -67.56 -42.08 56.89
CA ILE M 60 -68.87 -41.54 57.18
C ILE M 60 -69.75 -41.70 55.95
N VAL M 61 -70.96 -42.22 56.14
CA VAL M 61 -71.96 -42.34 55.09
C VAL M 61 -73.09 -41.36 55.41
N VAL M 62 -73.41 -40.50 54.45
CA VAL M 62 -74.38 -39.42 54.65
C VAL M 62 -75.51 -39.59 53.66
N ASN M 63 -76.74 -39.55 54.16
CA ASN M 63 -77.91 -39.51 53.29
C ASN M 63 -77.96 -38.18 52.56
N LEU M 64 -78.38 -38.21 51.30
CA LEU M 64 -78.46 -37.02 50.47
C LEU M 64 -79.91 -36.78 50.08
N THR M 65 -80.50 -35.73 50.65
CA THR M 65 -81.87 -35.34 50.33
C THR M 65 -81.97 -34.53 49.04
N GLY M 66 -80.84 -34.16 48.44
CA GLY M 66 -80.85 -33.48 47.17
C GLY M 66 -81.26 -32.03 47.20
N ARG M 67 -81.40 -31.43 48.38
CA ARG M 67 -81.75 -30.03 48.50
C ARG M 67 -80.54 -29.13 48.68
N LEU M 68 -79.34 -29.69 48.77
CA LEU M 68 -78.14 -28.89 48.85
C LEU M 68 -77.85 -28.24 47.50
N ASN M 69 -77.23 -27.06 47.55
CA ASN M 69 -76.80 -26.35 46.35
C ASN M 69 -75.29 -26.23 46.25
N LYS M 70 -74.62 -25.95 47.36
CA LYS M 70 -73.17 -25.80 47.41
C LYS M 70 -72.75 -25.87 48.86
N CYS M 71 -71.64 -26.56 49.12
CA CYS M 71 -71.10 -26.70 50.46
C CYS M 71 -69.60 -26.42 50.45
N GLY M 72 -69.22 -25.29 49.85
CA GLY M 72 -67.83 -24.94 49.76
C GLY M 72 -67.21 -24.62 51.10
N VAL M 73 -65.89 -24.75 51.15
CA VAL M 73 -65.12 -24.58 52.38
C VAL M 73 -64.14 -23.42 52.17
N ILE M 74 -63.96 -22.62 53.22
CA ILE M 74 -62.97 -21.56 53.22
C ILE M 74 -61.70 -22.13 53.83
N SER M 75 -60.69 -22.36 53.00
CA SER M 75 -59.53 -23.12 53.43
C SER M 75 -58.59 -22.30 54.31
N PRO M 76 -58.17 -21.08 53.93
CA PRO M 76 -57.41 -20.27 54.90
C PRO M 76 -58.31 -19.79 56.01
N ARG M 77 -58.10 -20.31 57.22
CA ARG M 77 -59.01 -20.08 58.34
C ARG M 77 -58.83 -18.64 58.83
N PHE M 78 -59.46 -17.72 58.11
CA PHE M 78 -59.42 -16.32 58.47
C PHE M 78 -60.14 -16.08 59.80
N ASP M 79 -59.66 -15.08 60.53
CA ASP M 79 -60.24 -14.72 61.82
C ASP M 79 -61.28 -13.64 61.58
N VAL M 80 -62.54 -14.03 61.51
CA VAL M 80 -63.64 -13.10 61.26
C VAL M 80 -64.08 -12.50 62.59
N GLN M 81 -64.41 -11.22 62.57
CA GLN M 81 -64.88 -10.52 63.75
C GLN M 81 -66.33 -10.08 63.56
N LEU M 82 -67.01 -9.87 64.69
CA LEU M 82 -68.43 -9.52 64.63
C LEU M 82 -68.68 -8.16 64.01
N LYS M 83 -67.69 -7.26 64.02
CA LYS M 83 -67.90 -5.95 63.45
C LYS M 83 -67.95 -5.97 61.92
N ASP M 84 -67.38 -7.00 61.29
CA ASP M 84 -67.38 -7.11 59.84
C ASP M 84 -67.84 -8.49 59.39
N LEU M 85 -68.75 -9.11 60.15
CA LEU M 85 -69.27 -10.42 59.75
C LEU M 85 -70.17 -10.31 58.52
N GLU M 86 -70.89 -9.19 58.37
CA GLU M 86 -71.79 -9.06 57.23
C GLU M 86 -71.03 -8.97 55.91
N LYS M 87 -69.77 -8.55 55.94
CA LYS M 87 -68.97 -8.54 54.72
C LYS M 87 -68.70 -9.95 54.22
N TRP M 88 -68.54 -10.91 55.14
CA TRP M 88 -68.47 -12.30 54.73
C TRP M 88 -69.84 -12.85 54.36
N GLN M 89 -70.90 -12.28 54.93
CA GLN M 89 -72.25 -12.80 54.70
C GLN M 89 -72.68 -12.62 53.25
N ASN M 90 -72.52 -11.41 52.71
CA ASN M 90 -72.92 -11.16 51.33
C ASN M 90 -71.89 -11.63 50.31
N ASN M 91 -70.65 -11.88 50.73
CA ASN M 91 -69.64 -12.38 49.81
C ASN M 91 -69.82 -13.86 49.50
N LEU M 92 -70.42 -14.63 50.41
CA LEU M 92 -70.53 -16.06 50.26
C LEU M 92 -71.96 -16.54 50.05
N LEU M 93 -72.88 -16.18 50.94
CA LEU M 93 -74.24 -16.64 50.82
C LEU M 93 -74.93 -16.01 49.62
N PRO M 94 -75.77 -16.75 48.89
CA PRO M 94 -76.45 -16.16 47.73
C PRO M 94 -77.38 -15.03 48.08
N SER M 95 -78.03 -15.08 49.25
CA SER M 95 -78.93 -14.02 49.68
C SER M 95 -79.05 -14.08 51.19
N ARG M 96 -79.62 -13.02 51.77
CA ARG M 96 -79.81 -13.00 53.20
C ARG M 96 -81.09 -13.69 53.64
N GLN M 97 -81.92 -14.15 52.70
CA GLN M 97 -83.12 -14.88 53.09
C GLN M 97 -82.79 -16.27 53.61
N PHE M 98 -81.90 -16.97 52.91
CA PHE M 98 -81.52 -18.31 53.33
C PHE M 98 -80.01 -18.49 53.29
N GLY M 99 -79.55 -19.71 53.49
CA GLY M 99 -78.13 -20.00 53.50
C GLY M 99 -77.51 -19.81 54.87
N PHE M 100 -76.39 -20.48 55.08
CA PHE M 100 -75.70 -20.42 56.35
C PHE M 100 -74.20 -20.39 56.12
N ILE M 101 -73.49 -19.70 57.02
CA ILE M 101 -72.04 -19.64 57.02
C ILE M 101 -71.57 -20.19 58.36
N VAL M 102 -70.79 -21.25 58.32
CA VAL M 102 -70.35 -21.95 59.52
C VAL M 102 -68.96 -21.46 59.89
N LEU M 103 -68.82 -20.99 61.12
CA LEU M 103 -67.54 -20.55 61.66
C LEU M 103 -67.33 -21.21 63.02
N THR M 104 -66.10 -21.64 63.28
CA THR M 104 -65.78 -22.18 64.59
C THR M 104 -65.56 -21.04 65.58
N THR M 105 -66.16 -21.18 66.75
CA THR M 105 -66.09 -20.18 67.79
C THR M 105 -65.67 -20.84 69.09
N SER M 106 -65.28 -20.01 70.06
CA SER M 106 -64.98 -20.53 71.39
C SER M 106 -66.20 -21.18 72.02
N ALA M 107 -67.40 -20.71 71.67
CA ALA M 107 -68.65 -21.28 72.16
C ALA M 107 -69.14 -22.44 71.30
N GLY M 108 -68.26 -23.06 70.52
CA GLY M 108 -68.64 -24.19 69.71
C GLY M 108 -68.90 -23.80 68.26
N ILE M 109 -68.86 -24.82 67.40
CA ILE M 109 -69.09 -24.60 65.97
C ILE M 109 -70.57 -24.36 65.74
N MET M 110 -70.89 -23.31 64.99
CA MET M 110 -72.27 -22.98 64.68
C MET M 110 -72.30 -22.10 63.42
N ASP M 111 -73.51 -21.79 62.97
CA ASP M 111 -73.69 -20.90 61.83
C ASP M 111 -73.60 -19.44 62.26
N HIS M 112 -73.65 -18.55 61.27
CA HIS M 112 -73.47 -17.13 61.55
C HIS M 112 -74.61 -16.56 62.38
N GLU M 113 -75.84 -17.01 62.13
CA GLU M 113 -76.99 -16.48 62.85
C GLU M 113 -76.89 -16.78 64.34
N GLU M 114 -76.52 -18.02 64.69
CA GLU M 114 -76.34 -18.36 66.10
C GLU M 114 -75.18 -17.60 66.71
N ALA M 115 -74.08 -17.46 65.97
CA ALA M 115 -72.91 -16.75 66.47
C ALA M 115 -73.25 -15.29 66.77
N ARG M 116 -74.03 -14.66 65.89
CA ARG M 116 -74.48 -13.30 66.16
C ARG M 116 -75.44 -13.27 67.34
N ARG M 117 -76.24 -14.33 67.51
CA ARG M 117 -77.27 -14.33 68.54
C ARG M 117 -76.64 -14.34 69.94
N LYS M 118 -75.63 -15.17 70.16
CA LYS M 118 -74.93 -15.19 71.44
C LYS M 118 -73.72 -14.27 71.45
N HIS M 119 -73.50 -13.51 70.37
CA HIS M 119 -72.55 -12.39 70.33
C HIS M 119 -71.11 -12.87 70.58
N THR M 120 -70.64 -13.73 69.68
CA THR M 120 -69.25 -14.15 69.70
C THR M 120 -68.81 -14.44 68.27
N GLY M 121 -67.50 -14.38 68.05
CA GLY M 121 -66.94 -14.64 66.74
C GLY M 121 -65.87 -15.70 66.76
N GLY M 122 -65.01 -15.72 65.74
CA GLY M 122 -63.94 -16.69 65.70
C GLY M 122 -63.31 -16.89 64.35
N LYS M 123 -63.10 -18.15 63.97
CA LYS M 123 -62.45 -18.50 62.72
C LYS M 123 -63.46 -19.06 61.74
N ILE M 124 -63.36 -18.65 60.48
CA ILE M 124 -64.24 -19.15 59.44
C ILE M 124 -63.94 -20.61 59.16
N LEU M 125 -64.99 -21.40 58.94
CA LEU M 125 -64.85 -22.79 58.51
C LEU M 125 -65.34 -22.99 57.08
N GLY M 126 -66.59 -22.65 56.80
CA GLY M 126 -67.15 -22.91 55.49
C GLY M 126 -68.56 -22.37 55.40
N PHE M 127 -69.22 -22.74 54.30
CA PHE M 127 -70.55 -22.20 54.01
C PHE M 127 -71.33 -23.24 53.22
N PHE M 128 -72.66 -23.18 53.38
CA PHE M 128 -73.54 -24.02 52.58
C PHE M 128 -74.86 -23.30 52.40
N PHE M 129 -75.56 -23.66 51.33
CA PHE M 129 -76.87 -23.09 51.03
C PHE M 129 -77.62 -23.95 50.03
N GLY N 1 -51.78 -21.86 40.41
CA GLY N 1 -51.71 -22.40 41.75
C GLY N 1 -51.12 -21.44 42.76
N LYS N 2 -51.85 -20.35 43.00
CA LYS N 2 -51.40 -19.33 43.95
C LYS N 2 -51.46 -19.87 45.38
N CYS N 3 -50.61 -19.31 46.23
CA CYS N 3 -50.59 -19.69 47.63
C CYS N 3 -51.79 -19.11 48.37
N ARG N 4 -52.11 -19.73 49.50
CA ARG N 4 -53.27 -19.31 50.28
C ARG N 4 -53.03 -19.31 51.78
N GLY N 5 -51.81 -19.52 52.24
CA GLY N 5 -51.57 -19.71 53.66
C GLY N 5 -51.79 -18.46 54.48
N LEU N 6 -51.92 -18.67 55.79
CA LEU N 6 -52.24 -17.58 56.70
C LEU N 6 -51.10 -16.58 56.81
N ARG N 7 -49.85 -17.06 56.86
CA ARG N 7 -48.69 -16.17 56.92
C ARG N 7 -47.96 -16.08 55.59
N THR N 8 -48.69 -16.06 54.49
CA THR N 8 -48.11 -15.91 53.16
C THR N 8 -48.22 -14.48 52.64
N ALA N 9 -48.52 -13.51 53.51
CA ALA N 9 -48.69 -12.14 53.06
C ALA N 9 -47.39 -11.54 52.55
N ARG N 10 -46.26 -11.98 53.11
CA ARG N 10 -44.97 -11.47 52.65
C ARG N 10 -44.73 -11.84 51.19
N LYS N 11 -45.05 -13.09 50.83
CA LYS N 11 -44.88 -13.51 49.44
C LYS N 11 -45.81 -12.75 48.51
N LEU N 12 -47.07 -12.60 48.90
CA LEU N 12 -48.04 -11.94 48.03
C LEU N 12 -47.68 -10.49 47.76
N ARG N 13 -47.26 -9.76 48.81
CA ARG N 13 -46.84 -8.38 48.60
C ARG N 13 -45.52 -8.30 47.84
N SER N 14 -44.67 -9.32 47.91
CA SER N 14 -43.46 -9.31 47.11
C SER N 14 -43.75 -9.72 45.68
N HIS N 15 -44.73 -10.61 45.48
CA HIS N 15 -45.08 -11.00 44.12
C HIS N 15 -45.77 -9.87 43.37
N ARG N 16 -46.66 -9.13 44.05
CA ARG N 16 -47.34 -8.01 43.41
C ARG N 16 -46.35 -6.93 43.00
N ARG N 17 -45.42 -6.58 43.88
CA ARG N 17 -44.43 -5.57 43.55
C ARG N 17 -43.42 -6.06 42.52
N ASP N 18 -43.42 -7.35 42.19
CA ASP N 18 -42.67 -7.83 41.05
C ASP N 18 -43.51 -7.80 39.78
N GLN N 19 -44.74 -8.30 39.86
CA GLN N 19 -45.63 -8.30 38.70
C GLN N 19 -46.08 -6.90 38.31
N LYS N 20 -45.97 -5.93 39.21
CA LYS N 20 -46.34 -4.57 38.86
C LYS N 20 -45.34 -3.90 37.94
N TRP N 21 -44.15 -4.48 37.78
CA TRP N 21 -43.19 -3.91 36.82
C TRP N 21 -43.42 -4.42 35.41
N HIS N 22 -44.38 -5.30 35.19
CA HIS N 22 -44.57 -5.90 33.88
C HIS N 22 -45.66 -5.23 33.06
N ASP N 23 -46.38 -4.26 33.61
CA ASP N 23 -47.32 -3.47 32.84
C ASP N 23 -46.73 -2.11 32.53
N LYS N 24 -47.10 -1.56 31.38
CA LYS N 24 -46.45 -0.34 30.90
C LYS N 24 -46.87 0.89 31.69
N GLN N 25 -48.07 0.87 32.29
CA GLN N 25 -48.53 2.04 33.04
C GLN N 25 -47.68 2.27 34.28
N TYR N 26 -47.49 1.23 35.10
CA TYR N 26 -46.66 1.37 36.29
C TYR N 26 -45.20 1.58 35.91
N LYS N 27 -44.71 0.87 34.89
CA LYS N 27 -43.32 0.98 34.49
C LYS N 27 -42.97 2.38 34.02
N LYS N 28 -43.84 2.99 33.22
CA LYS N 28 -43.55 4.33 32.73
C LYS N 28 -43.68 5.37 33.85
N ALA N 29 -44.60 5.15 34.79
CA ALA N 29 -44.89 6.15 35.82
C ALA N 29 -44.15 5.92 37.12
N HIS N 30 -43.31 4.89 37.23
CA HIS N 30 -42.57 4.65 38.46
C HIS N 30 -41.10 4.33 38.26
N LEU N 31 -40.66 4.01 37.05
CA LEU N 31 -39.23 3.81 36.84
C LEU N 31 -38.46 5.13 36.84
N GLY N 32 -39.08 6.20 36.35
CA GLY N 32 -38.43 7.49 36.27
C GLY N 32 -37.61 7.71 35.01
N THR N 33 -37.32 6.65 34.26
CA THR N 33 -36.60 6.80 33.00
C THR N 33 -37.46 7.50 31.95
N ALA N 34 -38.76 7.23 31.97
CA ALA N 34 -39.67 7.93 31.06
C ALA N 34 -39.70 9.42 31.37
N LEU N 35 -39.60 9.79 32.64
CA LEU N 35 -39.52 11.20 33.00
C LEU N 35 -38.27 11.86 32.44
N LYS N 36 -37.14 11.16 32.49
CA LYS N 36 -35.91 11.71 31.95
C LYS N 36 -35.98 11.88 30.44
N ALA N 37 -36.47 10.86 29.75
CA ALA N 37 -36.53 10.90 28.29
C ALA N 37 -37.67 11.74 27.75
N ASN N 38 -38.61 12.14 28.61
CA ASN N 38 -39.71 13.00 28.16
C ASN N 38 -39.16 14.36 27.79
N PRO N 39 -39.36 14.84 26.55
CA PRO N 39 -38.91 16.19 26.20
C PRO N 39 -39.54 17.26 27.08
N PHE N 40 -40.80 17.09 27.44
CA PHE N 40 -41.47 18.05 28.32
C PHE N 40 -41.05 17.90 29.78
N GLY N 41 -40.58 16.72 30.17
CA GLY N 41 -40.16 16.51 31.54
C GLY N 41 -41.30 16.60 32.54
N GLY N 42 -42.42 15.96 32.23
CA GLY N 42 -43.57 15.96 33.12
C GLY N 42 -44.38 17.23 33.09
N ALA N 43 -44.09 18.15 32.18
CA ALA N 43 -44.82 19.40 32.08
C ALA N 43 -45.93 19.28 31.04
N SER N 44 -47.09 19.83 31.36
CA SER N 44 -48.21 19.79 30.43
C SER N 44 -47.91 20.61 29.18
N HIS N 45 -47.27 21.77 29.35
CA HIS N 45 -46.91 22.64 28.24
C HIS N 45 -45.45 23.04 28.38
N ALA N 46 -44.89 23.56 27.30
CA ALA N 46 -43.49 23.98 27.29
C ALA N 46 -43.30 25.10 26.29
N LYS N 47 -42.20 25.83 26.47
CA LYS N 47 -41.83 26.95 25.61
C LYS N 47 -40.59 26.59 24.81
N GLY N 48 -40.55 27.01 23.55
CA GLY N 48 -39.44 26.64 22.70
C GLY N 48 -39.19 27.65 21.61
N ILE N 49 -38.16 27.38 20.80
CA ILE N 49 -37.72 28.25 19.73
C ILE N 49 -37.92 27.53 18.41
N VAL N 50 -38.56 28.20 17.45
CA VAL N 50 -38.82 27.60 16.14
C VAL N 50 -37.48 27.45 15.41
N LEU N 51 -37.07 26.21 15.18
CA LEU N 51 -35.81 25.96 14.48
C LEU N 51 -36.01 25.95 12.98
N GLU N 52 -37.07 25.30 12.49
CA GLU N 52 -37.26 25.10 11.08
C GLU N 52 -38.72 24.79 10.80
N LYS N 53 -39.12 24.94 9.55
CA LYS N 53 -40.44 24.56 9.08
C LYS N 53 -40.30 23.28 8.25
N VAL N 54 -41.11 22.27 8.58
CA VAL N 54 -40.99 20.96 7.97
C VAL N 54 -42.36 20.48 7.51
N GLY N 55 -42.34 19.53 6.58
CA GLY N 55 -43.57 18.93 6.09
C GLY N 55 -43.59 17.43 6.24
N VAL N 56 -44.51 16.92 7.06
CA VAL N 56 -44.59 15.50 7.36
C VAL N 56 -45.59 14.85 6.42
N GLU N 57 -45.17 13.77 5.77
CA GLU N 57 -46.06 13.03 4.88
C GLU N 57 -47.17 12.35 5.66
N ALA N 58 -48.30 12.17 5.00
CA ALA N 58 -49.42 11.45 5.60
C ALA N 58 -49.21 9.95 5.48
N LYS N 59 -50.07 9.19 6.17
CA LYS N 59 -49.99 7.74 6.13
C LYS N 59 -50.50 7.21 4.79
N GLN N 60 -50.54 5.88 4.67
CA GLN N 60 -50.97 5.27 3.42
C GLN N 60 -52.42 5.57 3.05
N PRO N 61 -53.43 5.34 3.91
CA PRO N 61 -54.81 5.60 3.46
C PRO N 61 -55.12 7.06 3.19
N ASN N 62 -54.34 7.97 3.75
CA ASN N 62 -54.52 9.40 3.52
C ASN N 62 -53.46 9.91 2.54
N SER N 63 -53.56 11.20 2.22
CA SER N 63 -52.58 11.83 1.34
C SER N 63 -52.63 13.34 1.62
N ALA N 64 -51.65 13.83 2.36
CA ALA N 64 -51.56 15.24 2.69
C ALA N 64 -50.15 15.54 3.19
N ILE N 65 -49.84 16.82 3.30
CA ILE N 65 -48.59 17.28 3.87
C ILE N 65 -48.96 18.01 5.16
N ARG N 66 -48.77 17.33 6.29
CA ARG N 66 -49.10 17.94 7.58
C ARG N 66 -48.03 18.98 7.93
N LYS N 67 -48.48 20.15 8.35
CA LYS N 67 -47.60 21.28 8.58
C LYS N 67 -47.07 21.25 10.00
N CYS N 68 -45.77 21.05 10.13
CA CYS N 68 -45.13 20.96 11.43
C CYS N 68 -43.89 21.85 11.44
N VAL N 69 -43.37 22.12 12.64
CA VAL N 69 -42.22 22.98 12.82
C VAL N 69 -41.26 22.32 13.82
N ARG N 70 -39.97 22.34 13.49
CA ARG N 70 -38.96 21.89 14.44
C ARG N 70 -38.78 22.94 15.52
N VAL N 71 -38.96 22.55 16.77
CA VAL N 71 -38.90 23.47 17.91
C VAL N 71 -37.92 22.93 18.92
N GLN N 72 -37.00 23.78 19.37
CA GLN N 72 -36.07 23.45 20.44
C GLN N 72 -36.54 24.14 21.72
N LEU N 73 -36.87 23.34 22.74
CA LEU N 73 -37.33 23.89 24.00
C LEU N 73 -36.22 24.68 24.67
N ILE N 74 -36.59 25.81 25.29
CA ILE N 74 -35.60 26.65 25.96
C ILE N 74 -35.04 25.94 27.18
N LYS N 75 -35.89 25.23 27.93
CA LYS N 75 -35.41 24.41 29.03
C LYS N 75 -34.91 23.07 28.49
N ASN N 76 -33.76 22.64 29.01
CA ASN N 76 -33.07 21.39 28.71
C ASN N 76 -32.73 21.23 27.23
N GLY N 77 -32.98 22.24 26.41
CA GLY N 77 -32.43 22.32 25.06
C GLY N 77 -32.77 21.17 24.13
N LYS N 78 -33.90 20.51 24.33
CA LYS N 78 -34.27 19.39 23.49
C LYS N 78 -35.07 19.87 22.27
N LYS N 79 -34.91 19.15 21.17
CA LYS N 79 -35.59 19.48 19.91
C LYS N 79 -36.77 18.55 19.71
N ILE N 80 -37.91 19.11 19.29
CA ILE N 80 -39.12 18.35 19.01
C ILE N 80 -39.73 18.87 17.71
N THR N 81 -40.83 18.25 17.31
CA THR N 81 -41.59 18.65 16.14
C THR N 81 -43.04 18.86 16.55
N ALA N 82 -43.57 20.06 16.29
CA ALA N 82 -44.90 20.44 16.75
C ALA N 82 -45.81 20.68 15.56
N PHE N 83 -47.00 20.08 15.59
CA PHE N 83 -47.98 20.27 14.53
C PHE N 83 -48.67 21.62 14.67
N VAL N 84 -49.10 22.16 13.55
CA VAL N 84 -49.84 23.42 13.49
C VAL N 84 -51.25 23.12 13.01
N PRO N 85 -52.21 23.01 13.93
CA PRO N 85 -53.52 22.44 13.57
C PRO N 85 -54.58 23.43 13.15
N ASN N 86 -54.38 24.13 12.02
CA ASN N 86 -55.43 24.96 11.42
C ASN N 86 -55.23 24.95 9.91
N ASP N 87 -56.04 25.75 9.21
CA ASP N 87 -55.98 25.78 7.76
C ASP N 87 -54.77 26.53 7.25
N GLY N 88 -54.41 27.64 7.90
CA GLY N 88 -53.33 28.47 7.38
C GLY N 88 -52.45 29.12 8.42
N CYS N 89 -52.45 28.59 9.65
CA CYS N 89 -51.65 29.20 10.70
C CYS N 89 -50.15 28.98 10.52
N LEU N 90 -49.72 28.15 9.56
CA LEU N 90 -48.31 28.06 9.25
C LEU N 90 -47.77 29.41 8.79
N ASN N 91 -48.55 30.14 7.98
CA ASN N 91 -48.11 31.44 7.49
C ASN N 91 -47.92 32.44 8.62
N PHE N 92 -48.67 32.29 9.72
CA PHE N 92 -48.48 33.18 10.85
C PHE N 92 -47.15 32.93 11.54
N ILE N 93 -46.71 31.68 11.58
CA ILE N 93 -45.45 31.33 12.22
C ILE N 93 -44.29 31.74 11.32
N GLU N 94 -43.23 32.25 11.93
CA GLU N 94 -41.98 32.52 11.24
C GLU N 94 -40.84 31.94 12.07
N GLU N 95 -39.62 32.09 11.57
CA GLU N 95 -38.45 31.57 12.26
C GLU N 95 -38.21 32.34 13.56
N ASN N 96 -37.67 31.62 14.55
CA ASN N 96 -37.24 32.19 15.82
C ASN N 96 -38.40 32.84 16.56
N ASP N 97 -39.40 32.03 16.90
CA ASP N 97 -40.55 32.46 17.67
C ASP N 97 -40.62 31.67 18.96
N GLU N 98 -40.76 32.37 20.08
CA GLU N 98 -40.98 31.72 21.37
C GLU N 98 -42.39 31.13 21.35
N VAL N 99 -42.48 29.83 21.17
CA VAL N 99 -43.75 29.16 20.91
C VAL N 99 -44.10 28.26 22.09
N LEU N 100 -45.38 28.26 22.45
CA LEU N 100 -45.91 27.38 23.47
C LEU N 100 -46.43 26.10 22.81
N VAL N 101 -45.93 24.96 23.26
CA VAL N 101 -46.28 23.68 22.65
C VAL N 101 -46.79 22.74 23.74
N ALA N 102 -47.66 21.81 23.33
CA ALA N 102 -48.23 20.83 24.22
C ALA N 102 -48.32 19.49 23.50
N GLY N 103 -48.38 18.42 24.28
CA GLY N 103 -48.58 17.11 23.71
C GLY N 103 -49.90 17.04 22.93
N PHE N 104 -49.97 16.12 21.98
CA PHE N 104 -51.10 16.18 21.06
C PHE N 104 -52.36 15.58 21.68
N GLY N 105 -52.23 14.75 22.72
CA GLY N 105 -53.39 14.29 23.45
C GLY N 105 -53.39 12.88 24.00
N ARG N 106 -52.48 12.01 23.53
CA ARG N 106 -52.54 10.62 23.96
C ARG N 106 -51.26 10.16 24.62
N LYS N 107 -50.73 10.98 25.54
CA LYS N 107 -49.60 10.61 26.40
C LYS N 107 -48.35 10.25 25.58
N GLY N 108 -47.86 11.22 24.83
CA GLY N 108 -46.64 11.04 24.07
C GLY N 108 -46.75 9.96 23.02
N HIS N 109 -47.84 9.99 22.25
CA HIS N 109 -48.08 9.01 21.21
C HIS N 109 -48.55 9.72 19.96
N ALA N 110 -48.11 9.26 18.80
CA ALA N 110 -48.50 9.88 17.55
C ALA N 110 -49.98 9.66 17.29
N VAL N 111 -50.59 10.62 16.60
CA VAL N 111 -52.05 10.71 16.49
C VAL N 111 -52.44 10.72 15.02
N GLY N 112 -53.42 9.89 14.68
CA GLY N 112 -53.99 9.91 13.34
C GLY N 112 -52.99 9.54 12.27
N ASP N 113 -52.95 10.36 11.22
CA ASP N 113 -52.09 10.12 10.06
C ASP N 113 -50.84 10.98 10.06
N ILE N 114 -50.42 11.48 11.23
CA ILE N 114 -49.22 12.30 11.33
C ILE N 114 -48.15 11.49 12.06
N PRO N 115 -47.33 10.72 11.35
CA PRO N 115 -46.38 9.84 12.03
C PRO N 115 -45.25 10.60 12.68
N GLY N 116 -44.78 10.07 13.80
CA GLY N 116 -43.61 10.63 14.48
C GLY N 116 -43.81 12.01 15.04
N VAL N 117 -45.05 12.41 15.30
CA VAL N 117 -45.36 13.73 15.83
C VAL N 117 -46.17 13.56 17.11
N ARG N 118 -45.72 14.19 18.18
CA ARG N 118 -46.37 14.07 19.49
C ARG N 118 -46.79 15.39 20.09
N PHE N 119 -46.59 16.52 19.40
CA PHE N 119 -46.85 17.82 19.98
C PHE N 119 -47.52 18.73 18.98
N LYS N 120 -48.29 19.67 19.50
CA LYS N 120 -48.93 20.71 18.70
C LYS N 120 -48.71 22.06 19.38
N VAL N 121 -48.48 23.08 18.57
CA VAL N 121 -48.18 24.41 19.10
C VAL N 121 -49.48 25.08 19.54
N VAL N 122 -49.42 25.72 20.71
CA VAL N 122 -50.57 26.42 21.27
C VAL N 122 -50.47 27.92 21.05
N LYS N 123 -49.42 28.54 21.58
CA LYS N 123 -49.22 29.97 21.44
C LYS N 123 -47.93 30.23 20.66
N VAL N 124 -47.93 31.34 19.92
CA VAL N 124 -46.74 31.83 19.25
C VAL N 124 -46.56 33.30 19.60
N ALA N 125 -45.32 33.66 19.98
CA ALA N 125 -44.96 35.05 20.28
C ALA N 125 -45.90 35.66 21.31
N ASN N 126 -46.22 34.89 22.34
CA ASN N 126 -47.11 35.32 23.43
C ASN N 126 -48.48 35.74 22.91
N VAL N 127 -49.00 35.01 21.92
CA VAL N 127 -50.39 35.17 21.50
C VAL N 127 -50.90 33.81 21.05
N SER N 128 -52.20 33.59 21.29
CA SER N 128 -52.80 32.29 20.98
C SER N 128 -52.91 32.09 19.48
N LEU N 129 -52.63 30.86 19.04
CA LEU N 129 -52.81 30.53 17.63
C LEU N 129 -54.27 30.59 17.22
N LEU N 130 -55.16 30.20 18.14
CA LEU N 130 -56.59 30.29 17.85
C LEU N 130 -57.04 31.73 17.67
N ALA N 131 -56.49 32.64 18.47
CA ALA N 131 -56.85 34.05 18.34
C ALA N 131 -56.44 34.61 16.98
N LEU N 132 -55.25 34.27 16.52
CA LEU N 132 -54.82 34.68 15.19
C LEU N 132 -55.70 34.06 14.11
N TYR N 133 -56.05 32.79 14.28
CA TYR N 133 -56.88 32.11 13.29
C TYR N 133 -58.28 32.71 13.25
N LYS N 134 -58.84 33.05 14.41
CA LYS N 134 -60.14 33.68 14.48
C LYS N 134 -60.08 35.20 14.35
N GLY N 135 -58.88 35.78 14.30
CA GLY N 135 -58.75 37.21 14.12
C GLY N 135 -59.14 38.05 15.32
N LYS N 136 -59.11 37.47 16.53
CA LYS N 136 -59.41 38.25 17.72
C LYS N 136 -58.38 39.35 17.94
N LYS N 137 -57.11 39.04 17.70
CA LYS N 137 -56.04 40.02 17.72
C LYS N 137 -55.03 39.65 16.65
N GLU N 138 -53.92 40.36 16.60
CA GLU N 138 -52.99 40.27 15.49
C GLU N 138 -51.57 39.96 15.98
N ARG N 139 -50.64 39.96 15.04
CA ARG N 139 -49.25 39.67 15.32
C ARG N 139 -48.63 40.75 16.20
N PRO N 140 -47.59 40.41 16.96
CA PRO N 140 -46.93 41.42 17.80
C PRO N 140 -46.10 42.41 16.98
N ARG N 141 -46.76 43.22 16.17
CA ARG N 141 -46.11 44.28 15.42
C ARG N 141 -45.63 45.40 16.33
N ASN O 1 -90.72 59.34 62.37
CA ASN O 1 -91.42 59.77 63.57
C ASN O 1 -92.71 58.98 63.80
N ASP O 2 -93.58 58.97 62.79
CA ASP O 2 -94.86 58.28 62.93
C ASP O 2 -94.67 56.79 63.08
N THR O 3 -93.73 56.20 62.33
CA THR O 3 -93.39 54.78 62.47
C THR O 3 -91.87 54.67 62.61
N VAL O 4 -91.37 54.88 63.83
CA VAL O 4 -90.00 54.60 64.19
C VAL O 4 -90.03 53.99 65.58
N THR O 5 -89.91 52.66 65.67
CA THR O 5 -89.99 51.96 66.93
C THR O 5 -88.62 51.41 67.32
N ILE O 6 -88.27 51.59 68.59
CA ILE O 6 -87.00 51.12 69.14
C ILE O 6 -87.32 50.09 70.21
N ARG O 7 -86.84 48.88 70.03
CA ARG O 7 -87.02 47.81 71.00
C ARG O 7 -85.68 47.10 71.18
N THR O 8 -85.47 46.56 72.38
CA THR O 8 -84.21 45.92 72.70
C THR O 8 -84.45 44.53 73.25
N ARG O 9 -83.43 43.69 73.06
CA ARG O 9 -83.42 42.33 73.57
C ARG O 9 -82.02 42.04 74.08
N LYS O 10 -81.85 40.87 74.69
CA LYS O 10 -80.57 40.44 75.25
C LYS O 10 -80.00 41.43 76.26
N PHE O 11 -80.87 42.25 76.84
CA PHE O 11 -80.42 43.34 77.69
C PHE O 11 -79.92 42.84 79.04
N MET O 12 -78.87 43.48 79.53
CA MET O 12 -78.34 43.21 80.85
C MET O 12 -77.62 44.45 81.35
N THR O 13 -77.43 44.52 82.66
CA THR O 13 -76.65 45.58 83.27
C THR O 13 -75.46 44.96 83.98
N ASN O 14 -74.29 45.55 83.80
CA ASN O 14 -73.08 45.14 84.49
C ASN O 14 -72.47 46.33 85.21
N ARG O 15 -72.50 46.30 86.54
CA ARG O 15 -71.81 47.31 87.33
C ARG O 15 -70.30 47.13 87.30
N LEU O 16 -69.82 46.08 86.64
CA LEU O 16 -68.38 45.86 86.52
C LEU O 16 -67.72 47.03 85.80
N LEU O 17 -68.27 47.43 84.65
CA LEU O 17 -67.78 48.58 83.90
C LEU O 17 -68.69 49.79 84.04
N GLN O 18 -69.67 49.73 84.96
CA GLN O 18 -70.57 50.85 85.25
C GLN O 18 -71.36 51.26 84.01
N ARG O 19 -72.10 50.30 83.47
CA ARG O 19 -72.86 50.52 82.25
C ARG O 19 -73.93 49.44 82.13
N LYS O 20 -74.76 49.58 81.10
CA LYS O 20 -75.73 48.56 80.72
C LYS O 20 -75.50 48.21 79.26
N GLN O 21 -75.41 46.91 78.97
CA GLN O 21 -75.15 46.42 77.62
C GLN O 21 -76.43 45.80 77.06
N MET O 22 -76.80 46.22 75.86
CA MET O 22 -77.94 45.63 75.18
C MET O 22 -77.71 45.69 73.68
N VAL O 23 -78.41 44.82 72.96
CA VAL O 23 -78.49 44.87 71.51
C VAL O 23 -79.87 45.41 71.16
N ILE O 24 -79.91 46.33 70.19
CA ILE O 24 -81.14 47.04 69.86
C ILE O 24 -81.44 46.83 68.38
N ASP O 25 -82.67 46.43 68.09
CA ASP O 25 -83.17 46.29 66.73
C ASP O 25 -84.28 47.30 66.49
N VAL O 26 -84.30 47.87 65.28
CA VAL O 26 -85.22 48.96 64.96
C VAL O 26 -85.98 48.61 63.70
N LEU O 27 -87.06 49.35 63.46
CA LEU O 27 -87.92 49.15 62.30
C LEU O 27 -88.06 50.47 61.55
N HIS O 28 -87.70 50.46 60.27
CA HIS O 28 -87.96 51.57 59.35
C HIS O 28 -88.61 50.96 58.11
N PRO O 29 -89.94 50.82 58.12
CA PRO O 29 -90.59 50.06 57.03
C PRO O 29 -90.42 50.68 55.66
N GLY O 30 -90.70 51.96 55.50
CA GLY O 30 -90.56 52.60 54.21
C GLY O 30 -89.44 53.61 54.16
N LYS O 31 -88.66 53.69 55.24
CA LYS O 31 -87.60 54.67 55.37
C LYS O 31 -86.24 54.02 55.18
N ALA O 32 -85.22 54.86 55.09
CA ALA O 32 -83.84 54.39 54.92
C ALA O 32 -83.26 54.00 56.28
N THR O 33 -81.96 53.75 56.31
CA THR O 33 -81.30 53.41 57.56
C THR O 33 -81.19 54.66 58.43
N VAL O 34 -81.74 54.58 59.64
CA VAL O 34 -81.73 55.74 60.54
C VAL O 34 -80.31 55.99 61.02
N PRO O 35 -79.85 57.23 61.07
CA PRO O 35 -78.52 57.52 61.63
C PRO O 35 -78.48 57.24 63.12
N LYS O 36 -77.25 57.17 63.63
CA LYS O 36 -77.05 56.75 65.02
C LYS O 36 -77.52 57.79 66.02
N THR O 37 -77.57 59.07 65.61
CA THR O 37 -77.93 60.13 66.54
C THR O 37 -79.38 60.01 67.00
N GLU O 38 -80.29 59.71 66.07
CA GLU O 38 -81.70 59.56 66.43
C GLU O 38 -81.92 58.37 67.35
N ILE O 39 -81.22 57.26 67.08
CA ILE O 39 -81.30 56.10 67.96
C ILE O 39 -80.77 56.44 69.34
N ARG O 40 -79.73 57.28 69.38
CA ARG O 40 -79.09 57.65 70.65
C ARG O 40 -80.06 58.37 71.57
N GLU O 41 -80.77 59.37 71.05
CA GLU O 41 -81.63 60.20 71.89
C GLU O 41 -82.90 59.47 72.29
N LYS O 42 -83.51 58.73 71.36
CA LYS O 42 -84.75 58.03 71.67
C LYS O 42 -84.54 56.96 72.74
N LEU O 43 -83.44 56.20 72.62
CA LEU O 43 -83.11 55.23 73.65
C LEU O 43 -82.81 55.92 74.97
N ALA O 44 -82.10 57.06 74.92
CA ALA O 44 -81.82 57.82 76.13
C ALA O 44 -83.10 58.31 76.78
N LYS O 45 -84.05 58.78 75.97
CA LYS O 45 -85.34 59.20 76.52
C LYS O 45 -86.13 58.01 77.02
N MET O 46 -86.01 56.86 76.34
CA MET O 46 -86.72 55.66 76.77
C MET O 46 -86.24 55.20 78.15
N TYR O 47 -84.94 55.25 78.39
CA TYR O 47 -84.38 54.92 79.68
C TYR O 47 -84.20 56.14 80.57
N LYS O 48 -84.72 57.30 80.16
CA LYS O 48 -84.72 58.52 80.97
C LYS O 48 -83.30 58.94 81.34
N THR O 49 -82.47 59.16 80.31
CA THR O 49 -81.08 59.49 80.50
C THR O 49 -80.70 60.58 79.50
N THR O 50 -79.68 61.36 79.85
CA THR O 50 -79.19 62.39 78.94
C THR O 50 -78.60 61.76 77.68
N PRO O 51 -78.85 62.33 76.49
CA PRO O 51 -78.44 61.72 75.22
C PRO O 51 -77.02 62.09 74.79
N ASP O 52 -76.06 61.94 75.70
CA ASP O 52 -74.65 62.11 75.35
C ASP O 52 -73.75 61.03 75.91
N VAL O 53 -74.25 60.15 76.78
CA VAL O 53 -73.46 59.11 77.42
C VAL O 53 -73.75 57.74 76.78
N ILE O 54 -74.31 57.75 75.58
CA ILE O 54 -74.78 56.52 74.92
C ILE O 54 -73.85 56.22 73.75
N PHE O 55 -73.45 54.96 73.64
CA PHE O 55 -72.62 54.48 72.53
C PHE O 55 -73.38 53.41 71.78
N VAL O 56 -73.49 53.55 70.47
CA VAL O 56 -74.14 52.58 69.60
C VAL O 56 -73.23 52.29 68.42
N PHE O 57 -73.27 51.06 67.92
CA PHE O 57 -72.39 50.62 66.85
C PHE O 57 -72.93 49.31 66.27
N GLY O 58 -72.32 48.88 65.17
CA GLY O 58 -72.60 47.58 64.59
C GLY O 58 -74.02 47.37 64.11
N PHE O 59 -74.54 48.31 63.32
CA PHE O 59 -75.91 48.26 62.85
C PHE O 59 -75.96 47.64 61.46
N ARG O 60 -76.72 46.55 61.32
CA ARG O 60 -76.93 45.88 60.04
C ARG O 60 -78.40 45.92 59.69
N THR O 61 -78.70 46.46 58.50
CA THR O 61 -80.05 46.45 57.95
C THR O 61 -80.33 45.12 57.29
N HIS O 62 -81.47 44.51 57.62
CA HIS O 62 -81.81 43.22 57.05
C HIS O 62 -82.12 43.35 55.56
N PHE O 63 -82.29 42.20 54.92
CA PHE O 63 -82.48 42.15 53.48
C PHE O 63 -83.85 42.70 53.13
N GLY O 64 -83.88 43.81 52.39
CA GLY O 64 -85.12 44.47 52.04
C GLY O 64 -85.54 45.59 52.96
N GLY O 65 -84.65 46.06 53.82
CA GLY O 65 -84.99 47.13 54.75
C GLY O 65 -85.82 46.63 55.91
N GLY O 66 -86.30 47.60 56.69
CA GLY O 66 -87.12 47.27 57.85
C GLY O 66 -86.31 47.04 59.10
N LYS O 67 -86.06 45.77 59.41
CA LYS O 67 -85.34 45.40 60.62
C LYS O 67 -83.86 45.77 60.48
N THR O 68 -83.39 46.64 61.36
CA THR O 68 -81.98 46.97 61.48
C THR O 68 -81.56 46.79 62.93
N THR O 69 -80.49 46.03 63.15
CA THR O 69 -80.10 45.63 64.49
C THR O 69 -78.67 46.08 64.78
N GLY O 70 -78.48 46.71 65.94
CA GLY O 70 -77.16 47.11 66.39
C GLY O 70 -77.01 46.99 67.89
N PHE O 71 -75.81 47.25 68.40
CA PHE O 71 -75.55 47.15 69.83
C PHE O 71 -75.60 48.52 70.47
N GLY O 72 -76.08 48.58 71.69
CA GLY O 72 -76.15 49.83 72.44
C GLY O 72 -75.50 49.69 73.80
N MET O 73 -74.69 50.69 74.14
CA MET O 73 -74.04 50.76 75.46
C MET O 73 -74.41 52.08 76.10
N ILE O 74 -75.13 52.01 77.22
CA ILE O 74 -75.49 53.18 78.00
C ILE O 74 -74.68 53.17 79.28
N TYR O 75 -74.13 54.31 79.65
CA TYR O 75 -73.25 54.43 80.81
C TYR O 75 -73.92 55.29 81.87
N ASP O 76 -73.68 54.93 83.13
CA ASP O 76 -74.30 55.65 84.23
C ASP O 76 -73.71 57.05 84.45
N SER O 77 -72.46 57.28 84.04
CA SER O 77 -71.86 58.60 84.20
C SER O 77 -70.90 58.85 83.05
N LEU O 78 -70.71 60.13 82.72
CA LEU O 78 -69.78 60.49 81.65
C LEU O 78 -68.34 60.21 82.05
N ASP O 79 -68.00 60.39 83.32
CA ASP O 79 -66.65 60.08 83.79
C ASP O 79 -66.35 58.60 83.62
N TYR O 80 -67.33 57.75 83.95
CA TYR O 80 -67.17 56.32 83.71
C TYR O 80 -67.13 56.01 82.22
N ALA O 81 -67.88 56.77 81.42
CA ALA O 81 -67.91 56.55 79.98
C ALA O 81 -66.54 56.75 79.35
N LYS O 82 -65.86 57.84 79.71
CA LYS O 82 -64.52 58.06 79.20
C LYS O 82 -63.51 57.11 79.84
N LYS O 83 -63.85 56.54 80.99
CA LYS O 83 -62.88 55.73 81.73
C LYS O 83 -62.59 54.42 81.00
N ASN O 84 -63.64 53.70 80.58
CA ASN O 84 -63.48 52.38 79.96
C ASN O 84 -64.30 52.31 78.68
N GLU O 85 -63.73 52.80 77.58
CA GLU O 85 -64.33 52.74 76.26
C GLU O 85 -63.23 52.82 75.23
N PRO O 86 -63.35 52.12 74.10
CA PRO O 86 -62.36 52.26 73.03
C PRO O 86 -62.34 53.67 72.49
N LYS O 87 -61.14 54.13 72.13
CA LYS O 87 -60.95 55.51 71.71
C LYS O 87 -61.64 55.81 70.40
N HIS O 88 -61.73 54.83 69.50
CA HIS O 88 -62.40 55.06 68.22
C HIS O 88 -63.87 55.35 68.40
N ARG O 89 -64.52 54.67 69.35
CA ARG O 89 -65.91 54.98 69.68
C ARG O 89 -66.03 56.39 70.22
N LEU O 90 -65.07 56.81 71.05
CA LEU O 90 -65.10 58.16 71.59
C LEU O 90 -64.89 59.20 70.49
N ALA O 91 -64.07 58.86 69.49
CA ALA O 91 -63.85 59.80 68.39
C ALA O 91 -65.11 59.97 67.54
N ARG O 92 -65.96 58.95 67.48
CA ARG O 92 -67.19 59.06 66.71
C ARG O 92 -68.11 60.14 67.29
N HIS O 93 -68.20 60.22 68.62
CA HIS O 93 -68.95 61.30 69.23
C HIS O 93 -68.15 62.58 69.38
N GLY O 94 -66.87 62.57 69.00
CA GLY O 94 -66.06 63.76 69.06
C GLY O 94 -65.50 64.10 70.42
N LEU O 95 -65.71 63.24 71.42
CA LEU O 95 -65.16 63.50 72.75
C LEU O 95 -63.65 63.42 72.74
N TYR O 96 -63.09 62.44 72.05
CA TYR O 96 -61.65 62.21 71.96
C TYR O 96 -61.16 62.53 70.56
N GLU O 97 -60.03 63.22 70.49
CA GLU O 97 -59.39 63.58 69.23
C GLU O 97 -58.12 62.77 69.04
N LYS O 98 -57.90 62.29 67.83
CA LYS O 98 -56.80 61.38 67.50
C LYS O 98 -56.03 61.90 66.29
N LYS O 99 -55.67 63.18 66.32
CA LYS O 99 -54.99 63.83 65.21
C LYS O 99 -53.54 63.33 65.18
N LYS O 100 -53.35 62.17 64.56
CA LYS O 100 -52.07 61.49 64.56
C LYS O 100 -51.56 61.32 63.13
N THR O 101 -50.28 60.97 63.03
CA THR O 101 -49.63 60.73 61.76
C THR O 101 -49.86 59.28 61.32
N SER O 102 -49.24 58.91 60.20
CA SER O 102 -49.35 57.56 59.69
C SER O 102 -48.33 56.64 60.35
N ARG O 103 -48.56 55.34 60.20
CA ARG O 103 -47.66 54.36 60.79
C ARG O 103 -46.32 54.32 60.08
N LYS O 104 -46.30 54.69 58.80
CA LYS O 104 -45.04 54.66 58.04
C LYS O 104 -44.03 55.66 58.62
N GLN O 105 -44.44 56.91 58.79
CA GLN O 105 -43.55 57.91 59.36
C GLN O 105 -43.24 57.60 60.82
N ARG O 106 -44.18 56.97 61.53
CA ARG O 106 -43.93 56.60 62.92
C ARG O 106 -42.79 55.59 63.02
N LYS O 107 -42.73 54.64 62.09
CA LYS O 107 -41.68 53.63 62.14
C LYS O 107 -40.33 54.21 61.74
N GLU O 108 -40.32 55.10 60.75
CA GLU O 108 -39.07 55.78 60.38
C GLU O 108 -38.56 56.63 61.53
N ARG O 109 -39.47 57.22 62.31
CA ARG O 109 -39.08 57.95 63.50
C ARG O 109 -38.34 57.06 64.49
N LYS O 110 -38.91 55.87 64.76
CA LYS O 110 -38.29 54.97 65.72
C LYS O 110 -36.96 54.45 65.22
N ASN O 111 -36.86 54.11 63.93
CA ASN O 111 -35.59 53.67 63.38
C ASN O 111 -34.56 54.78 63.41
N ARG O 112 -34.99 56.03 63.17
CA ARG O 112 -34.09 57.16 63.26
C ARG O 112 -33.56 57.33 64.67
N MET O 113 -34.42 57.12 65.67
CA MET O 113 -33.99 57.21 67.06
C MET O 113 -32.97 56.13 67.40
N LYS O 114 -33.05 54.98 66.74
CA LYS O 114 -32.07 53.93 66.99
C LYS O 114 -30.70 54.25 66.42
N LYS O 115 -30.63 55.14 65.43
CA LYS O 115 -29.34 55.55 64.90
C LYS O 115 -28.57 56.42 65.89
N VAL O 116 -29.25 57.40 66.47
CA VAL O 116 -28.60 58.30 67.43
C VAL O 116 -28.40 57.58 68.75
N ARG O 117 -27.18 57.62 69.26
CA ARG O 117 -26.82 56.91 70.48
C ARG O 117 -26.86 57.85 71.67
N GLY O 118 -27.68 57.50 72.67
CA GLY O 118 -27.59 58.11 73.98
C GLY O 118 -28.08 59.55 74.10
N THR O 119 -27.55 60.43 73.24
CA THR O 119 -27.74 61.86 73.40
C THR O 119 -29.22 62.23 73.30
N ALA O 120 -29.78 62.71 74.42
CA ALA O 120 -31.16 63.17 74.43
C ALA O 120 -31.35 64.37 73.51
N LYS O 121 -30.37 65.29 73.51
CA LYS O 121 -30.45 66.49 72.69
C LYS O 121 -30.43 66.18 71.20
N ALA O 122 -30.05 64.97 70.80
CA ALA O 122 -30.12 64.56 69.41
C ALA O 122 -31.09 63.42 69.15
N ASN O 123 -31.50 62.68 70.19
CA ASN O 123 -32.42 61.56 69.98
C ASN O 123 -33.77 62.02 69.47
N VAL O 124 -34.32 63.09 70.05
CA VAL O 124 -35.61 63.61 69.60
C VAL O 124 -35.45 64.68 68.53
N GLY O 125 -34.27 65.25 68.36
CA GLY O 125 -34.03 66.18 67.28
C GLY O 125 -33.72 65.54 65.95
N ALA O 126 -33.56 64.22 65.92
CA ALA O 126 -33.25 63.53 64.66
C ALA O 126 -34.43 63.53 63.71
N GLY O 127 -35.65 63.44 64.25
CA GLY O 127 -36.84 63.37 63.44
C GLY O 127 -37.34 64.68 62.90
N LYS O 128 -36.67 65.79 63.20
CA LYS O 128 -37.11 67.10 62.73
C LYS O 128 -36.93 67.23 61.22
N LYS O 129 -35.77 66.84 60.70
CA LYS O 129 -35.53 66.94 59.26
C LYS O 129 -36.47 66.07 58.43
N PRO O 130 -36.64 64.75 58.69
CA PRO O 130 -37.59 63.97 57.89
C PRO O 130 -38.99 63.96 58.49
N LYS O 131 -39.54 65.15 58.72
CA LYS O 131 -40.86 65.30 59.33
C LYS O 131 -41.96 64.73 58.43
N THR P 1 -53.97 -25.57 14.86
CA THR P 1 -54.73 -26.42 15.76
C THR P 1 -54.11 -27.80 15.86
N LYS P 2 -54.30 -28.45 17.00
CA LYS P 2 -53.79 -29.80 17.21
C LYS P 2 -54.59 -30.75 16.33
N LYS P 3 -53.99 -31.12 15.19
CA LYS P 3 -54.73 -31.87 14.18
C LYS P 3 -55.11 -33.26 14.67
N ARG P 4 -54.16 -33.99 15.24
CA ARG P 4 -54.37 -35.35 15.69
C ARG P 4 -54.01 -35.49 17.15
N ARG P 5 -54.92 -36.10 17.93
CA ARG P 5 -54.57 -36.52 19.28
C ARG P 5 -53.42 -37.52 19.25
N ASN P 6 -53.41 -38.39 18.24
CA ASN P 6 -52.28 -39.28 18.02
C ASN P 6 -51.00 -38.53 17.68
N ASN P 7 -51.11 -37.27 17.23
CA ASN P 7 -49.98 -36.47 16.80
C ASN P 7 -49.26 -37.09 15.61
N GLY P 8 -49.93 -37.97 14.87
CA GLY P 8 -49.33 -38.59 13.71
C GLY P 8 -48.28 -39.65 14.02
N ARG P 9 -48.31 -40.23 15.21
CA ARG P 9 -47.30 -41.19 15.61
C ARG P 9 -47.82 -42.01 16.79
N ALA P 10 -47.29 -43.21 16.93
CA ALA P 10 -47.77 -44.14 17.94
C ALA P 10 -47.13 -43.91 19.31
N LYS P 11 -46.22 -42.95 19.44
CA LYS P 11 -45.56 -42.71 20.71
C LYS P 11 -46.53 -42.16 21.74
N LYS P 12 -46.78 -42.94 22.79
CA LYS P 12 -47.62 -42.49 23.89
C LYS P 12 -46.83 -42.37 25.20
N GLY P 13 -46.22 -43.44 25.68
CA GLY P 13 -45.45 -43.38 26.90
C GLY P 13 -43.96 -43.36 26.64
N ARG P 14 -43.58 -43.65 25.40
CA ARG P 14 -42.18 -43.69 25.02
C ARG P 14 -41.61 -42.26 24.95
N GLY P 15 -40.29 -42.18 25.11
CA GLY P 15 -39.62 -40.90 25.05
C GLY P 15 -38.98 -40.65 23.70
N HIS P 16 -38.29 -41.66 23.17
CA HIS P 16 -37.60 -41.54 21.89
C HIS P 16 -37.83 -42.80 21.08
N VAL P 17 -37.91 -42.61 19.75
CA VAL P 17 -38.04 -43.71 18.80
C VAL P 17 -36.98 -43.52 17.73
N GLN P 18 -36.22 -44.58 17.45
CA GLN P 18 -35.16 -44.48 16.46
C GLN P 18 -35.77 -44.27 15.07
N PRO P 19 -35.09 -43.51 14.21
CA PRO P 19 -35.63 -43.22 12.88
C PRO P 19 -35.26 -44.28 11.86
N ILE P 20 -36.00 -44.26 10.75
CA ILE P 20 -35.77 -45.15 9.62
C ILE P 20 -35.74 -44.31 8.35
N ARG P 21 -35.08 -44.86 7.34
CA ARG P 21 -34.95 -44.17 6.06
C ARG P 21 -36.10 -44.54 5.14
N CYS P 22 -36.65 -43.54 4.46
CA CYS P 22 -37.71 -43.78 3.49
C CYS P 22 -37.22 -44.69 2.37
N THR P 23 -38.04 -45.66 2.00
CA THR P 23 -37.68 -46.53 0.89
C THR P 23 -37.76 -45.78 -0.44
N ASN P 24 -38.52 -44.68 -0.49
CA ASN P 24 -38.68 -43.94 -1.74
C ASN P 24 -37.63 -42.84 -1.86
N CYS P 25 -37.58 -41.92 -0.90
CA CYS P 25 -36.70 -40.76 -1.01
C CYS P 25 -35.54 -40.78 -0.02
N ALA P 26 -35.40 -41.84 0.77
CA ALA P 26 -34.28 -42.03 1.70
C ALA P 26 -34.23 -40.90 2.74
N ARG P 27 -35.30 -40.79 3.50
CA ARG P 27 -35.45 -39.73 4.49
C ARG P 27 -35.54 -40.31 5.90
N CYS P 28 -34.79 -39.70 6.83
CA CYS P 28 -34.86 -40.08 8.22
C CYS P 28 -36.23 -39.74 8.79
N VAL P 29 -37.05 -40.75 9.01
CA VAL P 29 -38.39 -40.57 9.59
C VAL P 29 -38.49 -41.51 10.79
N PRO P 30 -39.09 -41.06 11.91
CA PRO P 30 -39.29 -41.97 13.04
C PRO P 30 -40.15 -43.16 12.66
N LYS P 31 -39.89 -44.29 13.32
CA LYS P 31 -40.57 -45.54 12.99
C LYS P 31 -42.07 -45.43 13.21
N ASP P 32 -42.50 -44.85 14.32
CA ASP P 32 -43.93 -44.73 14.59
C ASP P 32 -44.61 -43.81 13.58
N LYS P 33 -43.94 -42.74 13.18
CA LYS P 33 -44.55 -41.78 12.26
C LYS P 33 -44.68 -42.35 10.85
N ALA P 34 -43.69 -43.11 10.41
CA ALA P 34 -43.62 -43.54 9.02
C ALA P 34 -44.74 -44.52 8.68
N ILE P 35 -45.24 -44.43 7.45
CA ILE P 35 -46.21 -45.39 6.94
C ILE P 35 -45.47 -46.64 6.52
N LYS P 36 -45.96 -47.79 6.96
CA LYS P 36 -45.30 -49.07 6.72
C LYS P 36 -46.14 -49.91 5.76
N LYS P 37 -45.50 -50.37 4.69
CA LYS P 37 -46.08 -51.32 3.76
C LYS P 37 -45.33 -52.65 3.87
N PHE P 38 -46.09 -53.73 4.05
CA PHE P 38 -45.54 -55.08 4.11
C PHE P 38 -46.16 -55.85 2.96
N VAL P 39 -45.54 -55.76 1.80
CA VAL P 39 -46.09 -56.33 0.57
C VAL P 39 -45.79 -57.81 0.52
N ILE P 40 -46.78 -58.58 0.07
CA ILE P 40 -46.62 -60.00 -0.21
C ILE P 40 -46.88 -60.16 -1.70
N ARG P 41 -45.83 -60.07 -2.50
CA ARG P 41 -45.95 -60.10 -3.95
C ARG P 41 -45.52 -61.47 -4.49
N ASN P 42 -46.21 -61.90 -5.53
CA ASN P 42 -45.79 -63.09 -6.26
C ASN P 42 -44.45 -62.84 -6.92
N ILE P 43 -43.62 -63.88 -7.00
CA ILE P 43 -42.29 -63.73 -7.57
C ILE P 43 -42.33 -63.40 -9.06
N VAL P 44 -43.44 -63.69 -9.74
CA VAL P 44 -43.63 -63.34 -11.14
C VAL P 44 -44.96 -62.62 -11.28
N GLU P 45 -45.18 -62.06 -12.47
CA GLU P 45 -46.44 -61.40 -12.78
C GLU P 45 -47.57 -62.43 -12.89
N ALA P 46 -48.80 -61.92 -12.84
CA ALA P 46 -49.96 -62.80 -12.99
C ALA P 46 -50.00 -63.45 -14.36
N ALA P 47 -49.62 -62.71 -15.40
CA ALA P 47 -49.55 -63.27 -16.74
C ALA P 47 -48.33 -64.14 -16.96
N ALA P 48 -47.31 -64.01 -16.13
CA ALA P 48 -46.09 -64.81 -16.26
C ALA P 48 -46.19 -66.17 -15.59
N VAL P 49 -47.26 -66.43 -14.84
CA VAL P 49 -47.42 -67.72 -14.19
C VAL P 49 -47.63 -68.81 -15.22
N ARG P 50 -48.39 -68.51 -16.28
CA ARG P 50 -48.75 -69.53 -17.26
C ARG P 50 -47.52 -70.05 -18.01
N ASP P 51 -46.58 -69.17 -18.33
CA ASP P 51 -45.37 -69.60 -19.02
C ASP P 51 -44.53 -70.52 -18.14
N ILE P 52 -44.44 -70.23 -16.85
CA ILE P 52 -43.60 -71.02 -15.95
C ILE P 52 -44.13 -72.43 -15.81
N SER P 53 -45.46 -72.60 -15.79
CA SER P 53 -46.04 -73.93 -15.64
C SER P 53 -45.60 -74.85 -16.77
N GLU P 54 -45.43 -74.32 -17.97
CA GLU P 54 -44.92 -75.13 -19.07
C GLU P 54 -43.43 -75.40 -18.93
N ALA P 55 -42.66 -74.40 -18.51
CA ALA P 55 -41.21 -74.50 -18.48
C ALA P 55 -40.67 -75.11 -17.18
N SER P 56 -41.53 -75.41 -16.21
CA SER P 56 -41.07 -75.93 -14.94
C SER P 56 -40.70 -77.40 -15.06
N VAL P 57 -39.51 -77.75 -14.57
CA VAL P 57 -39.10 -79.14 -14.52
C VAL P 57 -39.94 -79.91 -13.50
N PHE P 58 -40.26 -79.27 -12.38
CA PHE P 58 -41.19 -79.85 -11.42
C PHE P 58 -42.61 -79.51 -11.84
N ASP P 59 -43.39 -80.55 -12.19
CA ASP P 59 -44.78 -80.32 -12.55
C ASP P 59 -45.58 -79.77 -11.38
N ALA P 60 -45.36 -80.33 -10.18
CA ALA P 60 -46.02 -79.85 -8.97
C ALA P 60 -45.08 -78.91 -8.22
N TYR P 61 -44.83 -77.75 -8.83
CA TYR P 61 -43.94 -76.74 -8.27
C TYR P 61 -44.78 -75.55 -7.81
N VAL P 62 -44.68 -75.23 -6.52
CA VAL P 62 -45.34 -74.05 -5.99
C VAL P 62 -44.51 -72.82 -6.27
N LEU P 63 -45.17 -71.67 -6.35
CA LEU P 63 -44.44 -70.47 -6.74
C LEU P 63 -43.98 -69.70 -5.51
N PRO P 64 -42.72 -69.26 -5.48
CA PRO P 64 -42.25 -68.43 -4.37
C PRO P 64 -42.91 -67.06 -4.38
N LYS P 65 -42.79 -66.37 -3.25
CA LYS P 65 -43.36 -65.05 -3.08
C LYS P 65 -42.29 -64.08 -2.59
N LEU P 66 -42.49 -62.81 -2.91
CA LEU P 66 -41.55 -61.76 -2.54
C LEU P 66 -42.01 -61.09 -1.25
N TYR P 67 -41.11 -60.95 -0.29
CA TYR P 67 -41.40 -60.38 1.01
C TYR P 67 -40.54 -59.14 1.22
N VAL P 68 -41.16 -57.96 1.12
CA VAL P 68 -40.47 -56.69 1.32
C VAL P 68 -41.26 -55.87 2.31
N LYS P 69 -40.55 -55.19 3.22
CA LYS P 69 -41.17 -54.27 4.17
C LYS P 69 -40.80 -52.86 3.74
N LEU P 70 -41.78 -52.10 3.26
CA LEU P 70 -41.55 -50.76 2.76
C LEU P 70 -41.89 -49.73 3.82
N HIS P 71 -41.09 -48.67 3.88
CA HIS P 71 -41.31 -47.54 4.78
C HIS P 71 -41.38 -46.27 3.95
N TYR P 72 -42.41 -45.47 4.19
CA TYR P 72 -42.64 -44.25 3.42
C TYR P 72 -42.74 -43.05 4.35
N CYS P 73 -42.10 -41.96 3.97
CA CYS P 73 -42.40 -40.68 4.60
C CYS P 73 -43.77 -40.21 4.11
N VAL P 74 -44.40 -39.32 4.89
CA VAL P 74 -45.74 -38.87 4.55
C VAL P 74 -45.72 -38.06 3.25
N SER P 75 -44.58 -37.47 2.91
CA SER P 75 -44.47 -36.77 1.64
C SER P 75 -44.42 -37.75 0.47
N CYS P 76 -43.60 -38.80 0.59
CA CYS P 76 -43.53 -39.78 -0.48
C CYS P 76 -44.79 -40.65 -0.52
N ALA P 77 -45.41 -40.86 0.64
CA ALA P 77 -46.62 -41.68 0.68
C ALA P 77 -47.74 -41.05 -0.13
N ILE P 78 -47.91 -39.74 0.00
CA ILE P 78 -48.95 -39.04 -0.75
C ILE P 78 -48.58 -39.00 -2.23
N HIS P 79 -47.30 -38.76 -2.55
CA HIS P 79 -46.87 -38.71 -3.94
C HIS P 79 -47.08 -40.04 -4.63
N SER P 80 -46.91 -41.15 -3.90
CA SER P 80 -47.16 -42.48 -4.44
C SER P 80 -48.62 -42.90 -4.30
N LYS P 81 -49.45 -42.06 -3.68
CA LYS P 81 -50.88 -42.29 -3.52
C LYS P 81 -51.20 -43.54 -2.71
N VAL P 82 -50.25 -44.01 -1.89
CA VAL P 82 -50.54 -45.13 -1.01
C VAL P 82 -51.49 -44.72 0.10
N VAL P 83 -51.56 -43.43 0.41
CA VAL P 83 -52.50 -42.90 1.40
C VAL P 83 -53.27 -41.75 0.76
N ARG P 84 -54.46 -41.49 1.28
CA ARG P 84 -55.32 -40.45 0.77
C ARG P 84 -55.81 -39.58 1.92
N ASN P 85 -55.93 -38.28 1.65
CA ASN P 85 -56.46 -37.37 2.66
C ASN P 85 -57.94 -37.63 2.87
N ARG P 86 -58.37 -37.46 4.12
CA ARG P 86 -59.75 -37.72 4.52
C ARG P 86 -60.35 -36.47 5.13
N SER P 87 -61.66 -36.54 5.40
CA SER P 87 -62.34 -35.41 6.01
C SER P 87 -62.01 -35.33 7.50
N ARG P 88 -62.45 -34.24 8.12
CA ARG P 88 -62.19 -34.05 9.55
C ARG P 88 -62.83 -35.16 10.38
N GLU P 89 -64.07 -35.52 10.06
CA GLU P 89 -64.71 -36.64 10.74
C GLU P 89 -64.07 -37.97 10.33
N ALA P 90 -63.68 -38.10 9.06
CA ALA P 90 -63.11 -39.34 8.57
C ALA P 90 -61.67 -39.57 8.98
N ARG P 91 -61.04 -38.59 9.63
CA ARG P 91 -59.65 -38.76 10.06
C ARG P 91 -59.53 -39.67 11.27
N LYS P 92 -60.60 -39.83 12.05
CA LYS P 92 -60.48 -40.48 13.36
C LYS P 92 -60.35 -41.99 13.23
N ASP P 93 -61.07 -42.61 12.30
CA ASP P 93 -61.11 -44.06 12.24
C ASP P 93 -59.75 -44.64 11.86
N ARG P 94 -59.47 -45.84 12.39
CA ARG P 94 -58.18 -46.48 12.19
C ARG P 94 -58.26 -47.84 11.53
N THR P 95 -59.45 -48.30 11.12
CA THR P 95 -59.55 -49.60 10.47
C THR P 95 -58.86 -49.56 9.11
N PRO P 96 -58.16 -50.63 8.74
CA PRO P 96 -57.52 -50.68 7.42
C PRO P 96 -58.56 -50.81 6.32
N PRO P 97 -58.23 -50.40 5.10
CA PRO P 97 -59.16 -50.61 3.99
C PRO P 97 -59.33 -52.08 3.70
N PRO P 98 -60.47 -52.49 3.14
CA PRO P 98 -60.70 -53.91 2.86
C PRO P 98 -59.70 -54.45 1.83
N ARG P 99 -59.68 -55.77 1.70
CA ARG P 99 -58.70 -56.46 0.87
C ARG P 99 -59.15 -56.65 -0.58
N PHE P 100 -60.43 -56.43 -0.88
CA PHE P 100 -60.99 -56.52 -2.23
C PHE P 100 -60.80 -57.91 -2.85
N ARG P 101 -60.67 -58.94 -2.01
CA ARG P 101 -60.44 -60.28 -2.55
C ARG P 101 -61.59 -60.85 -3.38
N PRO P 102 -62.89 -60.71 -3.00
CA PRO P 102 -63.83 -61.43 -3.86
C PRO P 102 -64.15 -60.69 -5.16
N PRO Q 1 -76.74 -46.19 39.10
CA PRO Q 1 -77.53 -46.34 40.32
C PRO Q 1 -77.26 -45.24 41.34
N LEU Q 2 -78.18 -44.27 41.42
CA LEU Q 2 -78.04 -43.20 42.39
C LEU Q 2 -78.40 -43.63 43.80
N ALA Q 3 -79.09 -44.75 43.96
CA ALA Q 3 -79.51 -45.27 45.25
C ALA Q 3 -78.64 -46.43 45.71
N LYS Q 4 -77.34 -46.37 45.43
CA LYS Q 4 -76.41 -47.40 45.89
C LYS Q 4 -76.41 -47.46 47.41
N ASP Q 5 -76.65 -48.65 47.96
CA ASP Q 5 -76.70 -48.83 49.41
C ASP Q 5 -75.28 -49.01 49.93
N LEU Q 6 -74.63 -47.89 50.26
CA LEU Q 6 -73.26 -47.94 50.74
C LEU Q 6 -73.18 -48.46 52.18
N LEU Q 7 -74.26 -48.33 52.95
CA LEU Q 7 -74.21 -48.72 54.36
C LEU Q 7 -74.01 -50.22 54.52
N HIS Q 8 -74.72 -51.03 53.73
CA HIS Q 8 -74.72 -52.48 53.87
C HIS Q 8 -74.43 -53.13 52.53
N PRO Q 9 -73.17 -53.26 52.16
CA PRO Q 9 -72.82 -53.97 50.93
C PRO Q 9 -72.78 -55.47 51.14
N SER Q 10 -73.19 -56.21 50.11
CA SER Q 10 -73.19 -57.65 50.17
C SER Q 10 -71.77 -58.19 50.21
N PRO Q 11 -71.56 -59.31 50.92
CA PRO Q 11 -70.18 -59.80 51.13
C PRO Q 11 -69.46 -60.19 49.85
N GLU Q 12 -70.17 -60.51 48.78
CA GLU Q 12 -69.51 -60.92 47.54
C GLU Q 12 -68.67 -59.78 46.97
N GLU Q 13 -69.20 -58.56 46.99
CA GLU Q 13 -68.41 -57.41 46.54
C GLU Q 13 -67.38 -57.01 47.58
N GLU Q 14 -67.63 -57.30 48.85
CA GLU Q 14 -66.64 -57.03 49.88
C GLU Q 14 -65.36 -57.84 49.64
N LYS Q 15 -65.52 -59.13 49.33
CA LYS Q 15 -64.37 -59.93 48.95
C LYS Q 15 -63.83 -59.49 47.58
N ARG Q 16 -64.73 -59.09 46.68
CA ARG Q 16 -64.31 -58.70 45.34
C ARG Q 16 -63.52 -57.41 45.34
N LYS Q 17 -63.79 -56.52 46.30
CA LYS Q 17 -63.06 -55.27 46.37
C LYS Q 17 -61.66 -55.49 46.94
N HIS Q 18 -60.82 -54.46 46.80
CA HIS Q 18 -59.50 -54.48 47.39
C HIS Q 18 -59.59 -54.39 48.92
N LYS Q 19 -58.54 -54.88 49.58
CA LYS Q 19 -58.55 -54.96 51.04
C LYS Q 19 -58.65 -53.57 51.68
N LYS Q 20 -57.91 -52.59 51.14
CA LYS Q 20 -57.96 -51.25 51.72
C LYS Q 20 -59.24 -50.52 51.34
N LYS Q 21 -59.70 -50.69 50.11
CA LYS Q 21 -60.88 -49.99 49.63
C LYS Q 21 -62.18 -50.61 50.12
N ARG Q 22 -62.13 -51.53 51.06
CA ARG Q 22 -63.34 -52.09 51.64
C ARG Q 22 -64.00 -51.07 52.57
N LEU Q 23 -65.23 -51.39 52.97
CA LEU Q 23 -65.93 -50.56 53.96
C LEU Q 23 -65.17 -50.52 55.27
N VAL Q 24 -64.67 -51.66 55.71
CA VAL Q 24 -63.83 -51.76 56.90
C VAL Q 24 -62.58 -52.53 56.51
N GLN Q 25 -61.41 -52.01 56.90
CA GLN Q 25 -60.13 -52.63 56.57
C GLN Q 25 -60.07 -54.06 57.08
N SER Q 26 -60.02 -55.02 56.16
CA SER Q 26 -59.99 -56.42 56.53
C SER Q 26 -58.82 -57.11 55.83
N PRO Q 27 -58.10 -57.98 56.54
CA PRO Q 27 -56.96 -58.66 55.92
C PRO Q 27 -57.40 -59.89 55.13
N ASN Q 28 -56.83 -60.05 53.93
CA ASN Q 28 -57.12 -61.23 53.13
C ASN Q 28 -56.30 -62.45 53.54
N SER Q 29 -55.25 -62.25 54.32
CA SER Q 29 -54.44 -63.37 54.77
C SER Q 29 -55.09 -64.06 55.96
N TYR Q 30 -54.51 -65.18 56.37
CA TYR Q 30 -55.04 -65.98 57.46
C TYR Q 30 -53.94 -66.89 57.98
N PHE Q 31 -54.32 -67.84 58.84
CA PHE Q 31 -53.41 -68.81 59.40
C PHE Q 31 -53.95 -70.21 59.17
N MET Q 32 -53.04 -71.17 59.00
CA MET Q 32 -53.40 -72.54 58.71
C MET Q 32 -52.68 -73.49 59.65
N ASP Q 33 -53.40 -74.51 60.10
CA ASP Q 33 -52.86 -75.52 61.02
C ASP Q 33 -52.16 -76.59 60.20
N VAL Q 34 -50.89 -76.32 59.87
CA VAL Q 34 -50.17 -77.18 58.94
C VAL Q 34 -49.88 -78.52 59.58
N LYS Q 35 -50.34 -79.59 58.92
CA LYS Q 35 -50.12 -80.96 59.36
C LYS Q 35 -49.39 -81.70 58.24
N CYS Q 36 -48.08 -81.86 58.39
CA CYS Q 36 -47.36 -82.60 57.36
C CYS Q 36 -47.20 -84.05 57.77
N PRO Q 37 -47.17 -84.98 56.81
CA PRO Q 37 -46.93 -86.38 57.16
C PRO Q 37 -45.50 -86.58 57.67
N GLY Q 38 -45.34 -87.63 58.46
CA GLY Q 38 -44.09 -87.89 59.14
C GLY Q 38 -43.99 -87.30 60.53
N CYS Q 39 -45.00 -86.57 60.99
CA CYS Q 39 -45.04 -86.02 62.33
C CYS Q 39 -46.43 -86.21 62.92
N TYR Q 40 -46.58 -85.76 64.16
CA TYR Q 40 -47.81 -85.93 64.92
C TYR Q 40 -48.27 -84.63 65.57
N LYS Q 41 -47.81 -83.48 65.06
CA LYS Q 41 -48.03 -82.20 65.70
C LYS Q 41 -48.61 -81.21 64.71
N ILE Q 42 -49.30 -80.21 65.23
CA ILE Q 42 -49.91 -79.16 64.43
C ILE Q 42 -49.05 -77.90 64.56
N THR Q 43 -48.67 -77.33 63.43
CA THR Q 43 -47.83 -76.14 63.38
C THR Q 43 -48.57 -75.03 62.65
N THR Q 44 -48.50 -73.81 63.19
CA THR Q 44 -49.16 -72.66 62.58
C THR Q 44 -48.23 -71.99 61.59
N VAL Q 45 -48.69 -71.83 60.35
CA VAL Q 45 -47.91 -71.18 59.30
C VAL Q 45 -48.76 -70.06 58.71
N PHE Q 46 -48.17 -68.88 58.55
CA PHE Q 46 -48.86 -67.76 57.92
C PHE Q 46 -49.20 -68.10 56.48
N SER Q 47 -50.41 -67.70 56.05
CA SER Q 47 -50.86 -68.03 54.71
C SER Q 47 -50.00 -67.34 53.65
N HIS Q 48 -49.45 -66.18 53.96
CA HIS Q 48 -48.60 -65.42 53.06
C HIS Q 48 -47.19 -65.31 53.63
N ALA Q 49 -46.70 -66.39 54.22
CA ALA Q 49 -45.43 -66.37 54.92
C ALA Q 49 -44.28 -66.08 53.94
N GLN Q 50 -43.30 -65.33 54.42
CA GLN Q 50 -42.19 -64.86 53.60
C GLN Q 50 -40.95 -65.74 53.70
N THR Q 51 -40.93 -66.71 54.60
CA THR Q 51 -39.76 -67.54 54.84
C THR Q 51 -40.09 -69.01 54.67
N VAL Q 52 -39.06 -69.82 54.45
CA VAL Q 52 -39.21 -71.26 54.33
C VAL Q 52 -39.41 -71.83 55.73
N VAL Q 53 -40.61 -72.28 56.03
CA VAL Q 53 -40.95 -72.74 57.38
C VAL Q 53 -40.52 -74.18 57.55
N LEU Q 54 -40.17 -74.52 58.78
CA LEU Q 54 -39.81 -75.88 59.17
C LEU Q 54 -40.48 -76.19 60.49
N CYS Q 55 -40.39 -77.45 60.90
CA CYS Q 55 -40.88 -77.86 62.20
C CYS Q 55 -39.87 -77.48 63.28
N VAL Q 56 -40.15 -77.90 64.51
CA VAL Q 56 -39.08 -78.03 65.49
C VAL Q 56 -38.39 -79.38 65.34
N GLY Q 57 -39.07 -80.38 64.77
CA GLY Q 57 -38.50 -81.71 64.66
C GLY Q 57 -38.33 -82.28 63.26
N CYS Q 58 -39.18 -81.88 62.32
CA CYS Q 58 -39.12 -82.44 60.97
C CYS Q 58 -38.08 -81.67 60.16
N SER Q 59 -37.20 -82.42 59.50
CA SER Q 59 -36.23 -81.80 58.59
C SER Q 59 -36.76 -81.79 57.16
N THR Q 60 -38.01 -81.38 57.01
CA THR Q 60 -38.68 -81.34 55.72
C THR Q 60 -39.35 -79.99 55.57
N VAL Q 61 -39.12 -79.35 54.42
CA VAL Q 61 -39.70 -78.04 54.16
C VAL Q 61 -41.20 -78.17 54.00
N LEU Q 62 -41.94 -77.19 54.52
CA LEU Q 62 -43.40 -77.21 54.43
C LEU Q 62 -43.90 -76.37 53.27
N CYS Q 63 -43.49 -75.11 53.20
CA CYS Q 63 -43.93 -74.20 52.15
C CYS Q 63 -42.74 -73.45 51.59
N GLN Q 64 -42.95 -72.89 50.40
CA GLN Q 64 -41.96 -72.04 49.74
C GLN Q 64 -42.52 -70.63 49.60
N PRO Q 65 -41.69 -69.60 49.77
CA PRO Q 65 -42.18 -68.23 49.64
C PRO Q 65 -42.32 -67.82 48.19
N THR Q 66 -43.52 -67.39 47.81
CA THR Q 66 -43.81 -66.84 46.50
C THR Q 66 -44.25 -65.39 46.64
N GLY Q 67 -44.72 -64.82 45.54
CA GLY Q 67 -45.17 -63.44 45.56
C GLY Q 67 -46.36 -63.20 46.46
N GLY Q 68 -47.41 -64.00 46.30
CA GLY Q 68 -48.63 -63.78 47.05
C GLY Q 68 -48.85 -64.70 48.23
N LYS Q 69 -48.68 -66.02 48.03
CA LYS Q 69 -49.03 -67.00 49.03
C LYS Q 69 -47.91 -68.02 49.18
N ALA Q 70 -47.98 -68.78 50.27
CA ALA Q 70 -47.03 -69.85 50.52
C ALA Q 70 -47.19 -70.98 49.51
N ARG Q 71 -46.08 -71.54 49.07
CA ARG Q 71 -46.07 -72.64 48.11
C ARG Q 71 -45.86 -73.92 48.90
N LEU Q 72 -46.96 -74.44 49.46
CA LEU Q 72 -46.89 -75.60 50.34
C LEU Q 72 -46.42 -76.83 49.58
N THR Q 73 -45.67 -77.69 50.27
CA THR Q 73 -45.20 -78.92 49.66
C THR Q 73 -46.35 -79.91 49.49
N GLU Q 74 -46.09 -80.94 48.70
CA GLU Q 74 -47.13 -81.88 48.32
C GLU Q 74 -47.68 -82.63 49.53
N GLY Q 75 -49.01 -82.74 49.58
CA GLY Q 75 -49.68 -83.59 50.55
C GLY Q 75 -49.84 -83.02 51.94
N CYS Q 76 -49.36 -81.80 52.20
CA CYS Q 76 -49.45 -81.25 53.54
C CYS Q 76 -50.87 -80.84 53.86
N SER Q 77 -51.34 -81.19 55.07
CA SER Q 77 -52.68 -80.85 55.49
C SER Q 77 -52.67 -79.56 56.31
N PHE Q 78 -53.77 -78.82 56.22
CA PHE Q 78 -53.91 -77.53 56.89
C PHE Q 78 -55.37 -77.11 56.86
N ARG Q 79 -55.80 -76.43 57.93
CA ARG Q 79 -57.18 -76.00 58.08
C ARG Q 79 -57.23 -74.58 58.61
N ARG Q 80 -58.34 -73.90 58.32
CA ARG Q 80 -58.50 -72.50 58.65
C ARG Q 80 -58.68 -72.30 60.15
N LYS Q 81 -58.55 -71.05 60.59
CA LYS Q 81 -58.63 -70.69 62.00
C LYS Q 81 -59.53 -69.47 62.16
N GLN Q 82 -60.71 -69.69 62.73
CA GLN Q 82 -61.70 -68.66 63.08
C GLN Q 82 -61.89 -67.62 61.97
N HIS Q 83 -62.42 -68.11 60.85
CA HIS Q 83 -62.74 -67.29 59.67
C HIS Q 83 -61.49 -66.63 59.08
N VAL R 1 -35.89 18.60 2.83
CA VAL R 1 -37.34 18.53 2.90
C VAL R 1 -37.93 18.96 1.56
N HIS R 2 -39.15 18.48 1.27
CA HIS R 2 -39.79 18.79 0.00
C HIS R 2 -40.07 20.29 -0.14
N GLY R 3 -40.51 20.93 0.94
CA GLY R 3 -40.88 22.33 0.89
C GLY R 3 -42.11 22.61 0.05
N SER R 4 -43.08 21.70 0.04
CA SER R 4 -44.35 21.89 -0.66
C SER R 4 -45.38 22.60 0.19
N LEU R 5 -44.95 23.39 1.16
CA LEU R 5 -45.84 24.02 2.11
C LEU R 5 -46.39 25.35 1.61
N ALA R 6 -46.05 25.76 0.39
CA ALA R 6 -46.56 27.01 -0.17
C ALA R 6 -48.06 26.97 -0.45
N ARG R 7 -48.68 25.79 -0.40
CA ARG R 7 -50.11 25.66 -0.59
C ARG R 7 -50.89 25.88 0.71
N ALA R 8 -50.22 26.21 1.79
CA ALA R 8 -50.89 26.35 3.08
C ALA R 8 -51.90 27.48 3.06
N GLY R 9 -53.06 27.25 3.68
CA GLY R 9 -54.11 28.24 3.72
C GLY R 9 -54.77 28.53 2.39
N LYS R 10 -54.71 27.58 1.45
CA LYS R 10 -55.24 27.85 0.11
C LYS R 10 -56.77 27.90 0.11
N VAL R 11 -57.40 26.92 0.77
CA VAL R 11 -58.87 26.86 0.76
C VAL R 11 -59.47 28.01 1.56
N ARG R 12 -58.89 28.32 2.72
CA ARG R 12 -59.40 29.43 3.52
C ARG R 12 -59.26 30.74 2.77
N GLY R 13 -58.14 30.94 2.08
CA GLY R 13 -58.00 32.12 1.25
C GLY R 13 -58.94 32.12 0.06
N GLN R 14 -59.07 30.98 -0.61
CA GLN R 14 -59.90 30.90 -1.81
C GLN R 14 -61.39 30.92 -1.50
N THR R 15 -61.78 30.63 -0.27
CA THR R 15 -63.18 30.67 0.10
C THR R 15 -63.66 32.11 0.06
N PRO R 16 -64.71 32.43 -0.70
CA PRO R 16 -65.22 33.81 -0.69
C PRO R 16 -65.76 34.18 0.68
N LYS R 17 -65.51 35.43 1.08
CA LYS R 17 -65.96 35.92 2.36
C LYS R 17 -67.38 36.45 2.26
N VAL R 18 -68.27 35.95 3.11
CA VAL R 18 -69.65 36.41 3.18
C VAL R 18 -69.94 36.80 4.62
N ALA R 19 -70.56 37.97 4.81
CA ALA R 19 -70.84 38.46 6.13
C ALA R 19 -72.01 37.72 6.76
N LYS R 20 -72.02 37.66 8.08
CA LYS R 20 -73.11 37.03 8.80
C LYS R 20 -74.35 37.91 8.72
N GLN R 21 -75.47 37.31 8.32
CA GLN R 21 -76.70 38.08 8.15
C GLN R 21 -77.26 38.52 9.49
N GLU R 22 -78.02 39.61 9.46
CA GLU R 22 -78.61 40.15 10.68
C GLU R 22 -79.78 39.29 11.13
N LYS R 23 -79.71 38.76 12.34
CA LYS R 23 -80.76 37.91 12.89
C LYS R 23 -81.11 38.39 14.29
N LYS R 24 -82.36 38.15 14.67
CA LYS R 24 -82.86 38.60 15.96
C LYS R 24 -82.09 37.91 17.09
N LYS R 25 -81.91 38.64 18.19
CA LYS R 25 -81.10 38.16 19.30
C LYS R 25 -81.68 36.87 19.90
N LYS R 26 -80.81 35.89 20.11
CA LYS R 26 -81.23 34.64 20.71
C LYS R 26 -81.62 34.85 22.16
N LYS R 27 -82.81 34.39 22.52
CA LYS R 27 -83.21 34.37 23.92
C LYS R 27 -82.32 33.41 24.68
N THR R 28 -81.96 33.78 25.91
CA THR R 28 -80.98 33.03 26.69
C THR R 28 -81.54 32.72 28.06
N GLY R 29 -80.73 32.00 28.84
CA GLY R 29 -81.09 31.70 30.22
C GLY R 29 -82.31 30.81 30.32
N ARG R 30 -83.24 31.19 31.19
CA ARG R 30 -84.46 30.41 31.38
C ARG R 30 -85.30 30.41 30.12
N ALA R 31 -85.34 31.54 29.41
CA ALA R 31 -86.18 31.63 28.22
C ALA R 31 -85.71 30.72 27.10
N LYS R 32 -84.40 30.49 26.99
CA LYS R 32 -83.88 29.62 25.93
C LYS R 32 -84.36 28.19 26.13
N ARG R 33 -84.22 27.66 27.35
CA ARG R 33 -84.78 26.34 27.65
C ARG R 33 -86.30 26.36 27.54
N ARG R 34 -86.92 27.49 27.92
CA ARG R 34 -88.36 27.64 27.76
C ARG R 34 -88.77 27.53 26.30
N MET R 35 -88.06 28.23 25.41
CA MET R 35 -88.47 28.31 24.01
C MET R 35 -88.35 26.95 23.32
N GLN R 36 -87.25 26.23 23.57
CA GLN R 36 -87.10 24.92 22.94
C GLN R 36 -87.99 23.87 23.60
N TYR R 37 -88.34 24.06 24.87
CA TYR R 37 -89.34 23.20 25.49
C TYR R 37 -90.68 23.36 24.77
N ASN R 38 -91.03 24.59 24.42
CA ASN R 38 -92.23 24.82 23.62
C ASN R 38 -92.10 24.17 22.25
N ARG R 39 -90.89 24.20 21.67
CA ARG R 39 -90.70 23.72 20.30
C ARG R 39 -90.95 22.22 20.19
N ARG R 40 -90.42 21.44 21.14
CA ARG R 40 -90.39 20.00 20.99
C ARG R 40 -91.40 19.26 21.86
N PHE R 41 -92.00 19.92 22.86
CA PHE R 41 -92.81 19.18 23.82
C PHE R 41 -94.28 19.55 23.78
N VAL R 42 -94.63 20.82 23.94
CA VAL R 42 -96.04 21.25 23.89
C VAL R 42 -96.37 21.56 22.44
N ASN R 43 -96.66 20.50 21.69
CA ASN R 43 -97.02 20.61 20.29
C ASN R 43 -97.64 19.28 19.87
N VAL R 44 -98.69 19.36 19.05
CA VAL R 44 -99.38 18.18 18.56
C VAL R 44 -99.04 18.03 17.09
N VAL R 45 -98.49 16.87 16.72
CA VAL R 45 -98.05 16.57 15.36
C VAL R 45 -98.72 15.28 14.88
N PRO R 46 -100.01 15.33 14.54
CA PRO R 46 -100.69 14.11 14.08
C PRO R 46 -100.14 13.57 12.77
N THR R 47 -99.45 14.37 11.97
CA THR R 47 -98.85 13.88 10.73
C THR R 47 -97.70 12.93 11.07
N PHE R 48 -97.67 11.78 10.40
CA PHE R 48 -96.66 10.77 10.70
C PHE R 48 -95.33 11.17 10.06
N GLY R 49 -94.37 10.25 10.09
CA GLY R 49 -93.03 10.53 9.62
C GLY R 49 -91.97 10.04 10.60
N LYS R 50 -92.38 9.21 11.55
CA LYS R 50 -91.49 8.62 12.54
C LYS R 50 -90.76 9.68 13.37
N LYS R 51 -91.50 10.76 13.71
CA LYS R 51 -91.00 11.82 14.59
C LYS R 51 -89.72 12.45 14.06
N LYS R 52 -89.90 13.17 12.94
CA LYS R 52 -88.79 13.81 12.25
C LYS R 52 -88.02 14.74 13.17
N GLY R 53 -86.69 14.78 12.98
CA GLY R 53 -85.79 15.42 13.90
C GLY R 53 -85.86 16.94 13.91
N PRO R 54 -84.96 17.56 14.66
CA PRO R 54 -85.03 19.02 14.86
C PRO R 54 -84.39 19.82 13.74
N ASN R 55 -83.53 19.19 12.95
CA ASN R 55 -82.88 19.90 11.86
C ASN R 55 -83.23 19.25 10.53
N ALA R 56 -84.52 18.98 10.32
CA ALA R 56 -85.00 18.38 9.09
C ALA R 56 -84.68 19.25 7.88
N ASN R 57 -83.81 18.76 7.00
CA ASN R 57 -83.44 19.49 5.80
C ASN R 57 -84.28 18.97 4.62
N SER R 58 -85.53 19.42 4.61
CA SER R 58 -86.46 19.07 3.55
C SER R 58 -87.18 20.30 3.02
N SER T 1 74.37 2.42 59.30
CA SER T 1 74.18 2.07 57.90
C SER T 1 72.73 1.65 57.65
N MET T 2 72.56 0.49 57.03
CA MET T 2 71.25 -0.04 56.70
C MET T 2 70.95 -1.25 57.57
N LEU T 3 69.74 -1.30 58.13
CA LEU T 3 69.32 -2.38 59.01
C LEU T 3 68.17 -3.18 58.39
N ARG T 4 68.16 -3.31 57.06
CA ARG T 4 67.09 -4.04 56.40
C ARG T 4 67.09 -5.52 56.80
N LEU T 5 68.28 -6.12 56.86
CA LEU T 5 68.37 -7.53 57.23
C LEU T 5 68.03 -7.75 58.70
N GLN T 6 68.53 -6.88 59.58
CA GLN T 6 68.31 -7.07 61.01
C GLN T 6 66.83 -6.98 61.37
N LYS T 7 66.12 -6.01 60.80
CA LYS T 7 64.69 -5.90 61.06
C LYS T 7 63.94 -7.13 60.57
N ARG T 8 64.32 -7.65 59.40
CA ARG T 8 63.69 -8.87 58.89
C ARG T 8 63.97 -10.05 59.81
N LEU T 9 65.21 -10.18 60.27
CA LEU T 9 65.56 -11.30 61.16
C LEU T 9 64.84 -11.19 62.50
N ALA T 10 64.80 -9.98 63.07
CA ALA T 10 64.12 -9.79 64.34
C ALA T 10 62.64 -10.13 64.23
N SER T 11 62.02 -9.78 63.11
CA SER T 11 60.63 -10.17 62.87
C SER T 11 60.49 -11.68 62.81
N SER T 12 61.44 -12.35 62.17
CA SER T 12 61.36 -13.81 62.06
C SER T 12 61.63 -14.49 63.39
N VAL T 13 62.60 -14.00 64.16
CA VAL T 13 62.94 -14.64 65.41
C VAL T 13 61.82 -14.48 66.43
N LEU T 14 61.26 -13.27 66.54
CA LEU T 14 60.20 -13.04 67.50
C LEU T 14 58.83 -13.52 67.02
N ARG T 15 58.74 -13.99 65.77
CA ARG T 15 57.48 -14.45 65.17
C ARG T 15 56.41 -13.36 65.26
N CYS T 16 56.81 -12.14 64.93
CA CYS T 16 55.89 -11.01 64.83
C CYS T 16 56.22 -10.24 63.56
N GLY T 17 55.23 -9.49 63.08
CA GLY T 17 55.42 -8.73 61.86
C GLY T 17 56.43 -7.61 62.04
N LYS T 18 56.91 -7.09 60.90
CA LYS T 18 57.88 -6.00 60.93
C LYS T 18 57.30 -4.72 61.50
N LYS T 19 55.97 -4.62 61.57
CA LYS T 19 55.35 -3.46 62.20
C LYS T 19 55.76 -3.34 63.66
N LYS T 20 55.70 -4.45 64.40
CA LYS T 20 55.97 -4.43 65.83
C LYS T 20 57.45 -4.49 66.16
N VAL T 21 58.31 -4.63 65.15
CA VAL T 21 59.75 -4.67 65.42
C VAL T 21 60.23 -3.27 65.77
N TRP T 22 60.92 -3.16 66.91
CA TRP T 22 61.49 -1.89 67.34
C TRP T 22 62.97 -2.09 67.63
N LEU T 23 63.76 -1.08 67.26
CA LEU T 23 65.20 -1.10 67.47
C LEU T 23 65.61 0.13 68.27
N ASP T 24 66.74 0.04 68.93
CA ASP T 24 67.26 1.18 69.68
C ASP T 24 67.96 2.13 68.72
N PRO T 25 67.46 3.36 68.55
CA PRO T 25 68.12 4.29 67.60
C PRO T 25 69.53 4.66 68.01
N ASN T 26 69.82 4.72 69.31
CA ASN T 26 71.15 5.13 69.75
C ASN T 26 72.18 4.05 69.46
N GLU T 27 71.88 2.80 69.75
CA GLU T 27 72.82 1.69 69.54
C GLU T 27 72.66 1.12 68.13
N THR T 28 72.81 2.01 67.15
CA THR T 28 72.71 1.59 65.75
C THR T 28 73.88 0.69 65.36
N ASN T 29 75.08 1.01 65.82
CA ASN T 29 76.27 0.29 65.37
C ASN T 29 76.31 -1.13 65.89
N GLU T 30 75.97 -1.33 67.18
CA GLU T 30 75.99 -2.67 67.75
C GLU T 30 74.98 -3.58 67.07
N ILE T 31 73.78 -3.07 66.78
CA ILE T 31 72.78 -3.86 66.07
C ILE T 31 73.26 -4.14 64.65
N ALA T 32 73.99 -3.20 64.03
CA ALA T 32 74.50 -3.42 62.68
C ALA T 32 75.47 -4.59 62.61
N ASN T 33 76.06 -5.00 63.73
CA ASN T 33 76.92 -6.17 63.74
C ASN T 33 76.15 -7.46 63.65
N ALA T 34 74.85 -7.44 63.92
CA ALA T 34 74.03 -8.65 63.95
C ALA T 34 73.83 -9.16 62.52
N ASN T 35 74.59 -10.20 62.16
CA ASN T 35 74.45 -10.84 60.86
C ASN T 35 73.83 -12.22 60.96
N SER T 36 73.34 -12.61 62.14
CA SER T 36 72.80 -13.94 62.34
C SER T 36 71.65 -13.89 63.33
N ARG T 37 70.75 -14.88 63.23
CA ARG T 37 69.64 -14.97 64.17
C ARG T 37 70.14 -15.26 65.58
N GLN T 38 71.26 -15.96 65.72
CA GLN T 38 71.82 -16.22 67.03
C GLN T 38 72.25 -14.92 67.70
N GLN T 39 72.86 -14.01 66.94
CA GLN T 39 73.22 -12.71 67.48
C GLN T 39 71.99 -11.87 67.78
N ILE T 40 70.92 -12.06 67.00
CA ILE T 40 69.66 -11.36 67.27
C ILE T 40 69.12 -11.77 68.63
N ARG T 41 69.27 -13.05 68.97
CA ARG T 41 68.79 -13.54 70.26
C ARG T 41 69.50 -12.83 71.41
N LYS T 42 70.79 -12.56 71.26
CA LYS T 42 71.51 -11.81 72.28
C LYS T 42 70.98 -10.38 72.40
N LEU T 43 70.71 -9.74 71.26
CA LEU T 43 70.22 -8.36 71.29
C LEU T 43 68.86 -8.27 71.98
N ILE T 44 67.98 -9.24 71.71
CA ILE T 44 66.70 -9.29 72.40
C ILE T 44 66.92 -9.52 73.89
N LYS T 45 67.83 -10.43 74.24
CA LYS T 45 68.19 -10.65 75.63
C LYS T 45 68.85 -9.42 76.23
N ASP T 46 69.61 -8.68 75.43
CA ASP T 46 70.19 -7.42 75.87
C ASP T 46 69.22 -6.26 75.76
N GLY T 47 68.03 -6.47 75.20
CA GLY T 47 67.01 -5.47 75.17
C GLY T 47 67.14 -4.42 74.08
N LEU T 48 68.18 -4.51 73.24
CA LEU T 48 68.32 -3.53 72.16
C LEU T 48 67.26 -3.68 71.09
N ILE T 49 66.62 -4.85 71.01
CA ILE T 49 65.51 -5.09 70.10
C ILE T 49 64.30 -5.47 70.93
N ILE T 50 63.21 -4.73 70.76
CA ILE T 50 62.03 -4.86 71.61
C ILE T 50 60.81 -5.06 70.73
N ARG T 51 60.01 -6.06 71.06
CA ARG T 51 58.73 -6.29 70.38
C ARG T 51 57.70 -5.29 70.88
N LYS T 52 57.21 -4.44 69.98
CA LYS T 52 56.21 -3.45 70.36
C LYS T 52 54.89 -4.15 70.66
N PRO T 53 54.10 -3.60 71.59
CA PRO T 53 52.82 -4.21 71.94
C PRO T 53 51.80 -4.03 70.82
N VAL T 54 50.74 -4.83 70.91
CA VAL T 54 49.66 -4.77 69.93
C VAL T 54 48.95 -3.44 70.05
N THR T 55 48.69 -2.80 68.90
CA THR T 55 47.97 -1.53 68.89
C THR T 55 46.58 -1.72 69.47
N VAL T 56 46.14 -0.73 70.25
CA VAL T 56 44.92 -0.87 71.05
C VAL T 56 43.70 -0.77 70.14
N HIS T 57 42.85 -1.80 70.17
CA HIS T 57 41.54 -1.79 69.53
C HIS T 57 40.54 -2.26 70.59
N SER T 58 40.07 -1.33 71.40
CA SER T 58 39.20 -1.68 72.52
C SER T 58 37.78 -1.96 72.03
N ARG T 59 37.14 -2.95 72.64
CA ARG T 59 35.75 -3.29 72.36
C ARG T 59 34.82 -2.78 73.45
N ALA T 60 35.31 -1.87 74.31
CA ALA T 60 34.47 -1.32 75.38
C ALA T 60 33.33 -0.50 74.81
N ARG T 61 33.58 0.24 73.73
CA ARG T 61 32.52 1.02 73.09
C ARG T 61 31.42 0.11 72.57
N CYS T 62 31.79 -1.05 72.01
CA CYS T 62 30.79 -2.02 71.60
C CYS T 62 29.99 -2.54 72.77
N ARG T 63 30.66 -2.84 73.88
CA ARG T 63 29.97 -3.37 75.05
C ARG T 63 29.00 -2.36 75.64
N LYS T 64 29.33 -1.06 75.54
CA LYS T 64 28.39 -0.03 75.95
C LYS T 64 27.12 -0.07 75.12
N ASN T 65 27.27 -0.19 73.80
CA ASN T 65 26.10 -0.21 72.93
C ASN T 65 25.38 -1.54 73.00
N THR T 66 26.13 -2.64 73.08
CA THR T 66 25.51 -3.97 73.10
C THR T 66 24.64 -4.15 74.34
N LEU T 67 25.14 -3.70 75.49
CA LEU T 67 24.31 -3.72 76.69
C LEU T 67 23.11 -2.81 76.54
N ALA T 68 23.30 -1.63 75.94
CA ALA T 68 22.18 -0.74 75.67
C ALA T 68 21.21 -1.37 74.68
N ARG T 69 21.73 -2.02 73.64
CA ARG T 69 20.86 -2.68 72.68
C ARG T 69 20.07 -3.81 73.33
N ARG T 70 20.72 -4.58 74.21
CA ARG T 70 20.02 -5.67 74.88
C ARG T 70 18.90 -5.15 75.79
N LYS T 71 19.04 -3.93 76.30
CA LYS T 71 17.96 -3.33 77.07
C LYS T 71 16.90 -2.70 76.17
N GLY T 72 17.11 -2.66 74.87
CA GLY T 72 16.11 -2.17 73.93
C GLY T 72 16.48 -0.90 73.19
N ARG T 73 17.61 -0.26 73.46
CA ARG T 73 17.96 0.97 72.77
C ARG T 73 18.42 0.68 71.34
N HIS T 74 18.26 1.69 70.49
CA HIS T 74 18.64 1.64 69.07
C HIS T 74 17.94 0.52 68.30
N MET T 75 16.75 0.12 68.75
CA MET T 75 15.95 -0.80 67.94
C MET T 75 14.94 -0.04 67.09
N GLY T 76 14.01 0.66 67.74
CA GLY T 76 13.06 1.56 67.11
C GLY T 76 12.47 1.13 65.78
N ILE T 77 12.43 2.05 64.83
CA ILE T 77 12.02 1.77 63.46
C ILE T 77 13.12 2.16 62.47
N GLY T 78 13.68 3.35 62.62
CA GLY T 78 14.70 3.82 61.71
C GLY T 78 16.00 3.07 61.77
N LYS T 79 16.31 2.44 62.91
CA LYS T 79 17.55 1.72 63.08
C LYS T 79 17.50 0.30 62.54
N ARG T 80 16.54 0.02 61.65
CA ARG T 80 16.46 -1.27 60.98
C ARG T 80 16.69 -1.08 59.49
N LYS T 81 17.38 -2.04 58.87
CA LYS T 81 17.64 -1.99 57.44
C LYS T 81 17.04 -3.15 56.68
N GLY T 82 17.13 -4.37 57.22
CA GLY T 82 16.59 -5.52 56.54
C GLY T 82 15.15 -5.82 56.88
N THR T 83 14.57 -6.75 56.12
CA THR T 83 13.22 -7.21 56.38
C THR T 83 13.16 -7.92 57.73
N ALA T 84 12.03 -7.77 58.43
CA ALA T 84 11.84 -8.51 59.68
C ALA T 84 11.95 -10.01 59.46
N ASN T 85 11.50 -10.49 58.30
CA ASN T 85 11.73 -11.87 57.94
C ASN T 85 13.21 -12.17 57.78
N ALA T 86 13.98 -11.19 57.29
CA ALA T 86 15.42 -11.36 57.20
C ALA T 86 16.08 -11.22 58.57
N ARG T 87 15.57 -10.31 59.41
CA ARG T 87 16.13 -10.13 60.73
C ARG T 87 15.85 -11.33 61.62
N MET T 88 14.61 -11.79 61.64
CA MET T 88 14.19 -12.91 62.49
C MET T 88 13.28 -13.80 61.65
N PRO T 89 13.82 -14.82 61.02
CA PRO T 89 13.03 -15.63 60.08
C PRO T 89 11.89 -16.35 60.77
N GLU T 90 10.77 -16.47 60.05
CA GLU T 90 9.63 -17.20 60.58
C GLU T 90 9.95 -18.68 60.76
N LYS T 91 10.70 -19.25 59.81
CA LYS T 91 11.05 -20.66 59.91
C LYS T 91 11.85 -20.96 61.17
N VAL T 92 12.80 -20.09 61.50
CA VAL T 92 13.49 -20.21 62.78
C VAL T 92 12.50 -20.03 63.93
N THR T 93 11.63 -19.03 63.82
CA THR T 93 10.61 -18.81 64.85
C THR T 93 9.67 -20.01 64.95
N TRP T 94 9.27 -20.55 63.81
CA TRP T 94 8.41 -21.73 63.82
C TRP T 94 9.13 -22.93 64.40
N MET T 95 10.42 -23.07 64.11
CA MET T 95 11.20 -24.19 64.65
C MET T 95 11.25 -24.14 66.16
N ARG T 96 11.54 -22.96 66.72
CA ARG T 96 11.61 -22.83 68.18
C ARG T 96 10.26 -23.11 68.82
N ARG T 97 9.18 -22.63 68.22
CA ARG T 97 7.85 -22.91 68.75
C ARG T 97 7.51 -24.39 68.64
N MET T 98 7.87 -25.03 67.52
CA MET T 98 7.51 -26.42 67.32
C MET T 98 8.23 -27.33 68.31
N ARG T 99 9.54 -27.13 68.46
CA ARG T 99 10.33 -28.00 69.34
C ARG T 99 9.90 -27.83 70.79
N ILE T 100 9.65 -26.58 71.20
CA ILE T 100 9.32 -26.35 72.63
C ILE T 100 8.00 -27.05 72.93
N LEU T 101 6.96 -26.68 72.20
CA LEU T 101 5.63 -27.30 72.45
C LEU T 101 5.80 -28.81 72.45
N ARG T 102 6.26 -29.39 71.35
CA ARG T 102 6.35 -30.84 71.29
C ARG T 102 7.11 -31.38 72.49
N ARG T 103 8.17 -30.69 72.91
CA ARG T 103 8.89 -31.09 74.11
C ARG T 103 7.99 -30.98 75.34
N LEU T 104 7.20 -29.92 75.40
CA LEU T 104 6.23 -29.85 76.53
C LEU T 104 5.36 -31.11 76.40
N LEU T 105 4.73 -31.26 75.24
CA LEU T 105 3.84 -32.41 75.09
C LEU T 105 4.57 -33.72 75.37
N ARG T 106 5.85 -33.78 75.02
CA ARG T 106 6.64 -34.98 75.34
C ARG T 106 6.81 -35.14 76.84
N ARG T 107 7.02 -34.05 77.56
CA ARG T 107 7.09 -34.14 79.02
C ARG T 107 5.74 -34.52 79.62
N TYR T 108 4.64 -34.03 79.04
CA TYR T 108 3.33 -34.27 79.63
C TYR T 108 2.84 -35.69 79.40
N ARG T 109 3.29 -36.35 78.33
CA ARG T 109 2.81 -37.70 78.06
C ARG T 109 3.37 -38.70 79.05
N GLU T 110 4.66 -38.62 79.36
CA GLU T 110 5.26 -39.49 80.37
C GLU T 110 5.14 -38.94 81.78
N SER T 111 4.60 -37.73 81.96
CA SER T 111 4.17 -37.30 83.28
C SER T 111 2.74 -37.73 83.57
N LYS T 112 2.10 -38.40 82.62
CA LYS T 112 0.76 -38.96 82.77
C LYS T 112 -0.31 -37.89 83.00
N LYS T 113 0.00 -36.63 82.69
CA LYS T 113 -1.04 -35.61 82.70
C LYS T 113 -1.99 -35.79 81.53
N ILE T 114 -1.51 -36.38 80.44
CA ILE T 114 -2.33 -36.70 79.28
C ILE T 114 -2.05 -38.15 78.89
N ASP T 115 -2.95 -38.72 78.12
CA ASP T 115 -2.76 -40.05 77.58
C ASP T 115 -2.31 -39.95 76.13
N ARG T 116 -2.22 -41.09 75.45
CA ARG T 116 -1.78 -41.09 74.05
C ARG T 116 -2.76 -40.35 73.16
N HIS T 117 -4.07 -40.56 73.38
CA HIS T 117 -5.07 -39.95 72.52
C HIS T 117 -5.07 -38.43 72.64
N MET T 118 -4.98 -37.92 73.87
CA MET T 118 -4.92 -36.47 74.05
C MET T 118 -3.62 -35.90 73.48
N TYR T 119 -2.52 -36.63 73.63
CA TYR T 119 -1.26 -36.19 73.04
C TYR T 119 -1.35 -36.16 71.52
N HIS T 120 -1.85 -37.23 70.91
CA HIS T 120 -1.89 -37.33 69.46
C HIS T 120 -2.84 -36.28 68.87
N SER T 121 -3.98 -36.06 69.53
CA SER T 121 -4.93 -35.05 69.05
C SER T 121 -4.31 -33.66 69.09
N LEU T 122 -3.64 -33.33 70.19
CA LEU T 122 -3.02 -32.02 70.30
C LEU T 122 -1.81 -31.89 69.39
N TYR T 123 -1.06 -32.99 69.19
CA TYR T 123 0.13 -32.94 68.36
C TYR T 123 -0.21 -32.53 66.93
N LEU T 124 -1.38 -32.95 66.44
CA LEU T 124 -1.82 -32.47 65.14
C LEU T 124 -2.30 -31.02 65.21
N LYS T 125 -2.82 -30.60 66.35
CA LYS T 125 -3.31 -29.23 66.48
C LYS T 125 -2.16 -28.24 66.59
N VAL T 126 -1.09 -28.60 67.30
CA VAL T 126 0.06 -27.70 67.38
C VAL T 126 0.70 -27.54 66.00
N LYS T 127 0.69 -28.61 65.20
CA LYS T 127 1.20 -28.52 63.83
C LYS T 127 0.30 -27.63 62.98
N GLY T 128 -0.98 -27.54 63.32
CA GLY T 128 -1.92 -26.71 62.61
C GLY T 128 -1.91 -25.26 62.98
N ASN T 129 -1.01 -24.85 63.88
CA ASN T 129 -0.84 -23.47 64.31
C ASN T 129 -2.14 -22.92 64.93
N VAL T 130 -2.54 -23.52 66.04
CA VAL T 130 -3.64 -23.03 66.84
C VAL T 130 -3.21 -22.55 68.21
N PHE T 131 -1.93 -22.70 68.55
CA PHE T 131 -1.36 -22.19 69.79
C PHE T 131 -0.23 -21.26 69.40
N LYS T 132 -0.49 -19.96 69.44
CA LYS T 132 0.44 -18.96 68.93
C LYS T 132 1.75 -18.92 69.70
N ASN T 133 1.69 -19.41 70.95
CA ASN T 133 2.86 -19.47 71.87
C ASN T 133 2.74 -20.74 72.72
N LYS T 134 3.00 -20.63 74.04
CA LYS T 134 3.10 -21.85 74.90
C LYS T 134 2.10 -21.79 76.07
N ARG T 135 2.12 -20.72 76.86
CA ARG T 135 1.24 -20.68 78.06
C ARG T 135 -0.17 -21.10 77.64
N ILE T 136 -0.59 -20.67 76.45
CA ILE T 136 -1.97 -20.98 76.01
C ILE T 136 -2.17 -22.50 76.01
N LEU T 137 -1.26 -23.25 75.39
CA LEU T 137 -1.48 -24.72 75.29
C LEU T 137 -1.74 -25.25 76.70
N MET T 138 -1.02 -24.74 77.69
CA MET T 138 -1.29 -25.18 79.09
C MET T 138 -2.76 -24.89 79.42
N GLU T 139 -3.16 -23.63 79.40
CA GLU T 139 -4.54 -23.27 79.73
C GLU T 139 -5.53 -24.11 78.94
N HIS T 140 -5.22 -24.37 77.66
CA HIS T 140 -6.03 -25.29 76.88
C HIS T 140 -6.02 -26.69 77.50
N ILE T 141 -4.86 -27.11 77.99
CA ILE T 141 -4.78 -28.41 78.68
C ILE T 141 -5.58 -28.38 79.96
N HIS T 142 -5.49 -27.29 80.74
CA HIS T 142 -6.23 -27.21 81.99
C HIS T 142 -7.73 -27.28 81.76
N LYS T 143 -8.22 -26.61 80.71
CA LYS T 143 -9.63 -26.70 80.37
C LYS T 143 -10.01 -28.13 80.00
N LEU T 144 -9.16 -28.80 79.22
CA LEU T 144 -9.43 -30.17 78.82
C LEU T 144 -9.44 -31.10 80.02
N LYS T 145 -8.49 -30.90 80.94
CA LYS T 145 -8.48 -31.70 82.16
C LYS T 145 -9.71 -31.41 83.02
N ALA T 146 -10.15 -30.16 83.04
CA ALA T 146 -11.25 -29.77 83.92
C ALA T 146 -12.57 -30.37 83.46
N ASP T 147 -12.99 -30.05 82.23
CA ASP T 147 -14.31 -30.46 81.77
C ASP T 147 -14.42 -31.97 81.62
N LYS T 148 -13.35 -32.64 81.17
CA LYS T 148 -13.38 -34.08 81.03
C LYS T 148 -13.60 -34.76 82.37
N ALA T 149 -12.91 -34.29 83.41
CA ALA T 149 -13.21 -34.75 84.76
C ALA T 149 -14.58 -34.26 85.21
N ARG T 150 -15.00 -33.07 84.76
CA ARG T 150 -16.32 -32.56 85.11
C ARG T 150 -17.41 -33.43 84.51
N LYS T 151 -17.26 -33.81 83.24
CA LYS T 151 -18.23 -34.73 82.64
C LYS T 151 -18.03 -36.15 83.14
N LYS T 152 -16.84 -36.48 83.64
CA LYS T 152 -16.63 -37.79 84.24
C LYS T 152 -17.47 -37.97 85.48
N LEU T 153 -17.45 -36.98 86.39
CA LEU T 153 -18.24 -37.09 87.61
C LEU T 153 -19.73 -36.96 87.34
N LEU T 154 -20.12 -36.13 86.36
CA LEU T 154 -21.53 -36.02 86.01
C LEU T 154 -22.07 -37.33 85.47
N ALA T 155 -21.31 -37.98 84.57
CA ALA T 155 -21.73 -39.28 84.07
C ALA T 155 -21.61 -40.36 85.13
N ASP T 156 -20.73 -40.16 86.12
CA ASP T 156 -20.57 -41.16 87.18
C ASP T 156 -21.79 -41.18 88.09
N GLN T 157 -22.21 -40.00 88.54
CA GLN T 157 -23.35 -39.93 89.45
C GLN T 157 -24.66 -40.17 88.72
N ALA T 158 -24.70 -39.92 87.40
CA ALA T 158 -25.89 -40.26 86.62
C ALA T 158 -26.12 -41.77 86.62
N GLU T 159 -25.04 -42.54 86.46
CA GLU T 159 -25.16 -43.99 86.60
C GLU T 159 -25.49 -44.38 88.02
N ALA T 160 -24.94 -43.67 89.00
CA ALA T 160 -25.27 -43.94 90.40
C ALA T 160 -26.75 -43.70 90.66
N ARG T 161 -27.30 -42.63 90.11
CA ARG T 161 -28.75 -42.43 90.16
C ARG T 161 -29.47 -43.53 89.40
N ARG T 162 -28.95 -43.93 88.24
CA ARG T 162 -29.58 -44.98 87.45
C ARG T 162 -29.48 -46.32 88.15
N SER T 163 -28.28 -46.68 88.63
CA SER T 163 -28.10 -47.99 89.25
C SER T 163 -28.82 -48.09 90.59
N LYS T 164 -29.04 -46.96 91.27
CA LYS T 164 -29.80 -47.00 92.51
C LYS T 164 -31.22 -47.46 92.26
N THR T 165 -31.86 -46.93 91.21
CA THR T 165 -33.23 -47.32 90.90
C THR T 165 -33.29 -48.75 90.38
N LYS T 166 -32.26 -49.18 89.65
CA LYS T 166 -32.25 -50.54 89.11
C LYS T 166 -32.19 -51.57 90.23
N GLU T 167 -31.27 -51.39 91.17
CA GLU T 167 -31.12 -52.35 92.26
C GLU T 167 -32.30 -52.27 93.22
N ALA T 168 -32.81 -51.07 93.48
CA ALA T 168 -33.98 -50.92 94.32
C ALA T 168 -35.22 -51.52 93.68
N ARG T 169 -35.24 -51.66 92.36
CA ARG T 169 -36.38 -52.23 91.65
C ARG T 169 -36.28 -53.74 91.51
N LYS T 170 -35.07 -54.27 91.27
CA LYS T 170 -34.93 -55.72 91.20
C LYS T 170 -35.22 -56.37 92.55
N ARG T 171 -34.81 -55.72 93.64
CA ARG T 171 -35.18 -56.24 94.96
C ARG T 171 -36.64 -55.91 95.28
N ARG T 172 -37.20 -54.90 94.61
CA ARG T 172 -38.59 -54.54 94.86
C ARG T 172 -39.52 -55.68 94.49
N GLU T 173 -39.27 -56.32 93.36
CA GLU T 173 -40.06 -57.49 93.00
C GLU T 173 -39.68 -58.72 93.82
N GLU T 174 -38.50 -58.71 94.45
CA GLU T 174 -38.08 -59.88 95.22
C GLU T 174 -38.96 -60.08 96.44
N ARG T 175 -39.18 -59.04 97.23
CA ARG T 175 -40.10 -59.16 98.37
C ARG T 175 -41.55 -58.96 97.95
N LEU T 176 -41.81 -58.66 96.68
CA LEU T 176 -43.16 -58.86 96.15
C LEU T 176 -43.36 -60.30 95.72
N GLN T 177 -42.37 -60.89 95.04
CA GLN T 177 -42.45 -62.31 94.71
C GLN T 177 -42.26 -63.19 95.94
N ALA T 178 -41.59 -62.68 96.98
CA ALA T 178 -41.61 -63.40 98.25
C ALA T 178 -43.00 -63.40 98.86
N LYS T 179 -43.81 -62.39 98.55
CA LYS T 179 -45.20 -62.38 98.98
C LYS T 179 -46.06 -63.33 98.17
N LYS T 180 -45.64 -63.64 96.93
CA LYS T 180 -46.45 -64.48 96.07
C LYS T 180 -46.25 -65.96 96.38
N GLU T 181 -45.01 -66.46 96.21
CA GLU T 181 -44.72 -67.86 96.48
C GLU T 181 -44.53 -68.13 97.96
N GLU T 182 -45.53 -67.75 98.77
CA GLU T 182 -45.64 -68.16 100.16
C GLU T 182 -47.07 -68.58 100.50
N ILE T 183 -47.92 -68.71 99.49
CA ILE T 183 -49.32 -69.08 99.67
C ILE T 183 -49.55 -70.55 99.36
N ILE T 184 -48.96 -71.04 98.27
CA ILE T 184 -49.12 -72.45 97.89
C ILE T 184 -48.49 -73.38 98.91
N LYS T 185 -47.53 -72.90 99.71
CA LYS T 185 -46.90 -73.76 100.70
C LYS T 185 -47.87 -74.15 101.81
N THR T 186 -48.79 -73.27 102.19
CA THR T 186 -49.76 -73.58 103.22
C THR T 186 -51.06 -74.16 102.68
N LEU T 187 -51.22 -74.21 101.35
CA LEU T 187 -52.41 -74.75 100.69
C LEU T 187 -53.69 -74.08 101.17
N MET U 1 14.65 57.61 59.14
CA MET U 1 13.56 58.57 59.00
C MET U 1 12.24 57.88 58.66
N LYS U 2 12.31 56.72 58.02
CA LYS U 2 11.13 56.00 57.60
C LYS U 2 10.49 55.31 58.80
N VAL U 3 9.45 54.52 58.54
CA VAL U 3 8.92 53.61 59.55
C VAL U 3 10.02 52.65 59.94
N GLU U 4 10.20 52.45 61.25
CA GLU U 4 11.26 51.60 61.77
C GLU U 4 10.64 50.27 62.16
N LEU U 5 11.15 49.19 61.59
CA LEU U 5 10.47 47.90 61.62
C LEU U 5 11.02 47.02 62.75
N CYS U 6 10.28 45.95 63.02
CA CYS U 6 10.70 44.88 63.92
C CYS U 6 10.57 43.55 63.19
N SER U 7 11.39 42.60 63.58
CA SER U 7 11.59 41.38 62.80
C SER U 7 11.14 40.15 63.57
N PHE U 8 11.40 38.99 62.97
CA PHE U 8 11.30 37.70 63.64
C PHE U 8 12.08 37.69 64.94
N SER U 9 13.33 38.15 64.89
CA SER U 9 14.17 38.22 66.08
C SER U 9 13.74 39.31 67.04
N GLY U 10 12.83 40.19 66.64
CA GLY U 10 12.50 41.36 67.43
C GLY U 10 13.46 42.50 67.27
N TYR U 11 14.52 42.33 66.47
CA TYR U 11 15.49 43.38 66.26
C TYR U 11 14.89 44.51 65.43
N LYS U 12 15.54 45.65 65.47
CA LYS U 12 15.12 46.83 64.74
C LYS U 12 15.76 46.82 63.35
N ILE U 13 14.93 46.94 62.32
CA ILE U 13 15.40 46.90 60.93
C ILE U 13 15.51 48.31 60.42
N TYR U 14 16.70 48.69 59.96
CA TYR U 14 16.92 49.99 59.36
C TYR U 14 16.53 49.98 57.90
N PRO U 15 16.20 51.14 57.33
CA PRO U 15 15.81 51.18 55.92
C PRO U 15 16.93 50.70 55.01
N GLY U 16 16.54 49.99 53.96
CA GLY U 16 17.50 49.39 53.06
C GLY U 16 18.07 48.08 53.51
N HIS U 17 17.63 47.55 54.65
CA HIS U 17 18.15 46.30 55.20
C HIS U 17 17.08 45.22 55.15
N GLY U 18 17.53 43.99 54.92
CA GLY U 18 16.64 42.85 55.01
C GLY U 18 15.64 42.78 53.88
N ARG U 19 14.52 42.12 54.15
CA ARG U 19 13.50 41.87 53.15
C ARG U 19 12.13 41.97 53.79
N ARG U 20 11.10 41.89 52.95
CA ARG U 20 9.72 41.87 53.41
C ARG U 20 8.99 40.71 52.75
N TYR U 21 8.16 40.03 53.54
CA TYR U 21 7.45 38.84 53.09
C TYR U 21 5.96 39.02 53.33
N ALA U 22 5.17 38.73 52.30
CA ALA U 22 3.71 38.80 52.37
C ALA U 22 3.15 37.42 52.01
N ARG U 23 2.49 36.78 52.98
CA ARG U 23 1.96 35.44 52.74
C ARG U 23 0.66 35.52 51.95
N THR U 24 0.09 34.36 51.65
CA THR U 24 -1.16 34.31 50.91
C THR U 24 -2.32 34.82 51.76
N ASP U 25 -2.31 34.52 53.06
CA ASP U 25 -3.41 34.90 53.93
C ASP U 25 -3.50 36.40 54.18
N GLY U 26 -2.50 37.16 53.77
CA GLY U 26 -2.52 38.61 53.92
C GLY U 26 -1.58 39.14 54.98
N LYS U 27 -1.07 38.29 55.87
CA LYS U 27 -0.12 38.76 56.87
C LYS U 27 1.21 39.11 56.21
N VAL U 28 1.85 40.17 56.71
CA VAL U 28 3.06 40.70 56.13
C VAL U 28 4.17 40.64 57.19
N PHE U 29 5.28 40.03 56.82
CA PHE U 29 6.43 39.92 57.71
C PHE U 29 7.66 40.56 57.07
N GLN U 30 8.59 40.96 57.92
CA GLN U 30 9.86 41.54 57.51
C GLN U 30 10.97 40.89 58.30
N PHE U 31 12.10 40.63 57.63
CA PHE U 31 13.22 39.92 58.22
C PHE U 31 14.48 40.74 58.11
N LEU U 32 15.30 40.72 59.16
CA LEU U 32 16.54 41.49 59.15
C LEU U 32 17.56 40.87 58.21
N ASN U 33 17.62 39.53 58.15
CA ASN U 33 18.55 38.85 57.27
C ASN U 33 17.91 37.54 56.82
N ALA U 34 18.72 36.68 56.20
CA ALA U 34 18.22 35.37 55.80
C ALA U 34 18.12 34.43 57.00
N LYS U 35 19.05 34.54 57.95
CA LYS U 35 19.04 33.63 59.09
C LYS U 35 17.78 33.79 59.92
N CYS U 36 17.37 35.04 60.18
CA CYS U 36 16.09 35.27 60.84
C CYS U 36 14.94 34.83 59.95
N GLU U 37 15.09 34.95 58.63
CA GLU U 37 14.03 34.54 57.72
C GLU U 37 13.95 33.03 57.61
N SER U 38 15.10 32.36 57.51
CA SER U 38 15.11 30.90 57.35
C SER U 38 14.51 30.22 58.58
N ALA U 39 14.76 30.77 59.77
CA ALA U 39 14.16 30.22 60.97
C ALA U 39 12.64 30.36 60.92
N PHE U 40 12.15 31.49 60.42
CA PHE U 40 10.71 31.68 60.30
C PHE U 40 10.09 30.72 59.28
N LEU U 41 10.76 30.53 58.14
CA LEU U 41 10.25 29.61 57.13
C LEU U 41 10.32 28.16 57.57
N SER U 42 11.18 27.84 58.54
CA SER U 42 11.24 26.50 59.08
C SER U 42 10.19 26.26 60.16
N LYS U 43 9.37 27.26 60.47
CA LYS U 43 8.34 27.18 61.50
C LYS U 43 8.95 26.86 62.86
N ARG U 44 9.89 27.69 63.28
CA ARG U 44 10.55 27.55 64.56
C ARG U 44 10.10 28.65 65.51
N ASN U 45 9.88 28.29 66.77
CA ASN U 45 9.42 29.24 67.76
C ASN U 45 10.56 30.17 68.14
N PRO U 46 10.43 31.48 67.93
CA PRO U 46 11.50 32.40 68.35
C PRO U 46 11.73 32.42 69.86
N ARG U 47 10.76 31.99 70.64
CA ARG U 47 10.98 31.87 72.08
C ARG U 47 11.88 30.69 72.45
N GLN U 48 12.46 29.96 71.49
CA GLN U 48 13.45 28.94 71.79
C GLN U 48 14.78 29.21 71.11
N ILE U 49 14.99 30.40 70.57
CA ILE U 49 16.25 30.79 69.97
C ILE U 49 16.89 31.83 70.90
N ASN U 50 18.09 31.51 71.39
CA ASN U 50 18.66 32.25 72.51
C ASN U 50 18.94 33.71 72.18
N TRP U 51 19.29 34.01 70.92
CA TRP U 51 19.60 35.38 70.55
C TRP U 51 18.38 36.17 70.11
N THR U 52 17.19 35.57 70.15
CA THR U 52 15.98 36.28 69.82
C THR U 52 15.51 37.11 71.02
N VAL U 53 15.04 38.33 70.75
CA VAL U 53 14.54 39.20 71.80
C VAL U 53 13.36 38.56 72.51
N LEU U 54 12.49 37.89 71.76
CA LEU U 54 11.31 37.26 72.36
C LEU U 54 11.71 36.21 73.40
N TYR U 55 12.76 35.45 73.12
CA TYR U 55 13.28 34.51 74.11
C TYR U 55 13.83 35.24 75.32
N ARG U 56 14.56 36.35 75.08
CA ARG U 56 15.18 37.07 76.19
C ARG U 56 14.13 37.63 77.14
N ARG U 57 13.06 38.22 76.60
CA ARG U 57 12.02 38.75 77.46
C ARG U 57 11.16 37.65 78.06
N LYS U 58 11.09 36.48 77.42
CA LYS U 58 10.37 35.36 78.01
C LYS U 58 11.06 34.89 79.28
N HIS U 59 12.38 34.77 79.25
CA HIS U 59 13.14 34.34 80.42
C HIS U 59 13.66 35.52 81.24
N LYS U 60 13.31 36.75 80.87
CA LYS U 60 13.72 37.97 81.57
C LYS U 60 15.24 38.06 81.69
N LYS U 61 15.94 37.71 80.62
CA LYS U 61 17.40 37.76 80.64
C LYS U 61 17.87 39.20 80.70
N GLY U 62 18.85 39.46 81.57
CA GLY U 62 19.43 40.79 81.71
C GLY U 62 18.69 41.71 82.65
N GLN U 63 17.52 41.32 83.15
CA GLN U 63 16.76 42.16 84.07
C GLN U 63 16.10 41.30 85.15
N THR U 72 5.49 53.01 91.80
CA THR U 72 5.27 52.94 93.23
C THR U 72 3.87 53.42 93.60
N ARG U 73 3.52 53.31 94.88
CA ARG U 73 2.21 53.73 95.34
C ARG U 73 2.08 55.25 95.30
N ARG U 74 0.93 55.72 94.81
CA ARG U 74 0.65 57.14 94.78
C ARG U 74 -0.85 57.34 94.60
N ALA U 75 -1.38 58.39 95.22
CA ALA U 75 -2.79 58.74 95.11
C ALA U 75 -2.95 60.22 95.45
N VAL U 76 -3.83 60.90 94.72
CA VAL U 76 -4.03 62.33 94.86
C VAL U 76 -5.49 62.61 95.15
N LYS U 77 -5.75 63.46 96.13
CA LYS U 77 -7.10 63.89 96.47
C LYS U 77 -7.12 65.42 96.56
N PHE U 78 -8.23 66.01 96.13
CA PHE U 78 -8.34 67.46 96.09
C PHE U 78 -9.82 67.84 96.12
N GLN U 79 -10.07 69.11 96.37
CA GLN U 79 -11.43 69.64 96.49
C GLN U 79 -11.64 70.75 95.47
N ARG U 80 -12.80 70.73 94.82
CA ARG U 80 -13.15 71.66 93.77
C ARG U 80 -14.44 72.40 94.12
N ALA U 81 -14.54 73.65 93.69
CA ALA U 81 -15.80 74.34 93.72
C ALA U 81 -16.78 73.66 92.78
N ILE U 82 -18.06 73.61 93.17
CA ILE U 82 -19.06 72.93 92.37
C ILE U 82 -20.12 73.93 91.92
N THR U 83 -21.00 73.50 91.02
CA THR U 83 -22.01 74.39 90.45
C THR U 83 -23.08 74.65 91.50
N GLY U 84 -22.93 75.76 92.23
CA GLY U 84 -23.88 76.11 93.26
C GLY U 84 -23.23 76.68 94.50
N ALA U 85 -21.97 76.35 94.74
CA ALA U 85 -21.24 76.85 95.89
C ALA U 85 -19.77 77.00 95.55
N SER U 86 -19.18 78.10 96.00
CA SER U 86 -17.76 78.36 95.77
C SER U 86 -16.91 77.51 96.69
N LEU U 87 -15.64 77.34 96.30
CA LEU U 87 -14.72 76.53 97.08
C LEU U 87 -14.45 77.15 98.45
N ALA U 88 -14.57 78.46 98.57
CA ALA U 88 -14.37 79.12 99.85
C ALA U 88 -15.52 78.87 100.81
N ASP U 89 -16.77 78.94 100.31
CA ASP U 89 -17.92 78.75 101.17
C ASP U 89 -18.01 77.32 101.71
N ILE U 90 -17.70 76.32 100.87
CA ILE U 90 -17.73 74.95 101.35
C ILE U 90 -16.65 74.70 102.40
N MET U 91 -15.55 75.45 102.32
CA MET U 91 -14.56 75.40 103.40
C MET U 91 -15.14 75.96 104.70
N ALA U 92 -15.89 77.06 104.59
CA ALA U 92 -16.54 77.62 105.77
C ALA U 92 -17.59 76.68 106.34
N LYS U 93 -18.28 75.95 105.45
CA LYS U 93 -19.28 74.98 105.92
C LYS U 93 -18.61 73.84 106.69
N ARG U 94 -17.41 73.43 106.29
CA ARG U 94 -16.74 72.34 106.98
C ARG U 94 -15.83 72.82 108.11
N ASN U 95 -15.78 74.13 108.37
CA ASN U 95 -15.08 74.67 109.53
C ASN U 95 -16.01 74.94 110.70
N GLN U 96 -17.12 74.21 110.79
CA GLN U 96 -18.08 74.33 111.87
C GLN U 96 -17.67 73.53 113.11
N LYS U 97 -16.40 73.16 113.19
CA LYS U 97 -15.91 72.34 114.30
C LYS U 97 -16.10 72.98 115.68
N PRO U 98 -15.79 74.28 115.91
CA PRO U 98 -15.94 74.82 117.27
C PRO U 98 -17.39 74.95 117.70
N GLU U 99 -18.03 73.83 118.00
CA GLU U 99 -19.37 73.74 118.59
C GLU U 99 -20.46 74.35 117.72
N VAL U 100 -20.15 74.72 116.48
CA VAL U 100 -21.18 75.23 115.59
C VAL U 100 -22.16 74.13 115.23
N ARG U 101 -21.64 72.93 114.90
CA ARG U 101 -22.50 71.81 114.60
C ARG U 101 -23.28 71.36 115.84
N LYS U 102 -22.67 71.42 117.01
CA LYS U 102 -23.41 71.14 118.24
C LYS U 102 -24.45 72.22 118.49
N ALA U 103 -24.18 73.46 118.06
CA ALA U 103 -25.20 74.49 118.11
C ALA U 103 -26.32 74.22 117.11
N GLN U 104 -25.99 73.58 115.98
CA GLN U 104 -27.02 73.25 115.00
C GLN U 104 -27.83 72.04 115.44
N ARG U 105 -27.19 71.07 116.09
CA ARG U 105 -27.91 69.86 116.48
C ARG U 105 -28.92 70.15 117.59
N GLU U 106 -28.59 71.09 118.48
CA GLU U 106 -29.47 71.36 119.61
C GLU U 106 -30.74 72.08 119.18
N GLN U 107 -30.63 73.01 118.22
CA GLN U 107 -31.83 73.69 117.72
C GLN U 107 -32.68 72.75 116.89
N ALA U 108 -32.08 71.80 116.18
CA ALA U 108 -32.84 70.87 115.37
C ALA U 108 -33.63 69.89 116.25
N ILE U 109 -33.05 69.48 117.37
CA ILE U 109 -33.72 68.54 118.26
C ILE U 109 -34.95 69.19 118.89
N ARG U 110 -34.80 70.41 119.40
CA ARG U 110 -35.92 71.08 120.05
C ARG U 110 -36.98 71.53 119.05
N ALA U 111 -36.55 71.91 117.84
CA ALA U 111 -37.52 72.29 116.81
C ALA U 111 -38.38 71.11 116.41
N ALA U 112 -37.78 69.93 116.25
CA ALA U 112 -38.55 68.74 115.91
C ALA U 112 -39.51 68.36 117.03
N LYS U 113 -39.04 68.41 118.29
CA LYS U 113 -39.90 68.08 119.42
C LYS U 113 -41.04 69.08 119.57
N GLU U 114 -40.75 70.37 119.43
CA GLU U 114 -41.78 71.38 119.60
C GLU U 114 -42.76 71.38 118.43
N ALA U 115 -42.34 70.93 117.26
CA ALA U 115 -43.28 70.71 116.16
C ALA U 115 -44.06 69.42 116.37
N LYS U 116 -43.40 68.39 116.91
CA LYS U 116 -44.09 67.14 117.22
C LYS U 116 -45.15 67.33 118.29
N LYS U 117 -44.81 68.07 119.35
CA LYS U 117 -45.80 68.40 120.37
C LYS U 117 -46.91 69.27 119.79
N ALA U 118 -46.55 70.19 118.88
CA ALA U 118 -47.57 70.96 118.18
C ALA U 118 -48.39 70.09 117.24
N LYS U 119 -47.79 69.04 116.69
CA LYS U 119 -48.53 68.12 115.84
C LYS U 119 -49.61 67.38 116.64
N GLN U 120 -49.28 66.96 117.85
CA GLN U 120 -50.28 66.35 118.72
C GLN U 120 -51.32 67.37 119.17
N ALA U 121 -50.91 68.62 119.38
CA ALA U 121 -51.86 69.65 119.75
C ALA U 121 -52.78 70.01 118.59
N SER U 122 -52.23 70.04 117.37
CA SER U 122 -53.05 70.36 116.20
C SER U 122 -54.12 69.30 115.97
N LYS U 123 -53.76 68.03 116.10
CA LYS U 123 -54.75 66.96 115.97
C LYS U 123 -55.58 66.86 117.25
N LYS U 124 -56.77 66.27 117.12
CA LYS U 124 -57.67 66.13 118.26
C LYS U 124 -58.48 64.84 118.15
N MET V 1 -79.68 -43.47 -23.24
CA MET V 1 -79.21 -42.27 -22.56
C MET V 1 -80.12 -41.09 -22.85
N GLY V 2 -80.17 -40.16 -21.90
CA GLY V 2 -81.00 -38.97 -22.05
C GLY V 2 -82.49 -39.27 -22.09
N ARG V 3 -82.95 -40.19 -21.23
CA ARG V 3 -84.37 -40.55 -21.21
C ARG V 3 -84.91 -40.69 -19.80
N VAL V 4 -84.27 -40.05 -18.82
CA VAL V 4 -84.72 -40.13 -17.43
C VAL V 4 -86.00 -39.33 -17.28
N ARG V 5 -86.94 -39.86 -16.50
CA ARG V 5 -88.25 -39.26 -16.34
C ARG V 5 -88.25 -38.33 -15.12
N THR V 6 -88.59 -37.07 -15.35
CA THR V 6 -88.58 -36.04 -14.32
C THR V 6 -89.68 -36.34 -13.30
N LYS V 7 -89.56 -35.75 -12.10
CA LYS V 7 -90.58 -35.93 -11.06
C LYS V 7 -91.95 -35.46 -11.55
N THR V 8 -92.00 -34.50 -12.47
CA THR V 8 -93.29 -34.07 -13.00
C THR V 8 -94.02 -35.21 -13.70
N VAL V 9 -93.33 -35.89 -14.62
CA VAL V 9 -93.96 -37.01 -15.31
C VAL V 9 -94.06 -38.23 -14.41
N LYS V 10 -93.15 -38.36 -13.43
CA LYS V 10 -93.18 -39.53 -12.56
C LYS V 10 -94.33 -39.46 -11.56
N LYS V 11 -94.55 -38.30 -10.94
CA LYS V 11 -95.59 -38.18 -9.93
C LYS V 11 -96.97 -38.38 -10.53
N ALA V 12 -97.18 -37.88 -11.75
CA ALA V 12 -98.47 -38.08 -12.42
C ALA V 12 -98.73 -39.56 -12.70
N ALA V 13 -97.69 -40.29 -13.13
CA ALA V 13 -97.87 -41.69 -13.49
C ALA V 13 -98.23 -42.54 -12.28
N ARG V 14 -97.59 -42.28 -11.13
CA ARG V 14 -97.77 -43.14 -9.97
C ARG V 14 -99.18 -43.03 -9.39
N VAL V 15 -99.68 -41.81 -9.24
CA VAL V 15 -100.94 -41.59 -8.54
C VAL V 15 -102.10 -42.19 -9.33
N ILE V 16 -102.13 -41.95 -10.65
CA ILE V 16 -103.25 -42.42 -11.46
C ILE V 16 -103.30 -43.94 -11.52
N ILE V 17 -102.17 -44.61 -11.28
CA ILE V 17 -102.15 -46.07 -11.35
C ILE V 17 -102.95 -46.67 -10.20
N GLU V 18 -102.74 -46.17 -9.00
CA GLU V 18 -103.44 -46.70 -7.83
C GLU V 18 -104.82 -46.10 -7.62
N LYS V 19 -105.23 -45.18 -8.49
CA LYS V 19 -106.61 -44.72 -8.56
C LYS V 19 -107.42 -45.37 -9.67
N TYR V 20 -106.75 -45.88 -10.71
CA TYR V 20 -107.43 -46.42 -11.88
C TYR V 20 -106.80 -47.74 -12.30
N TYR V 21 -106.42 -48.57 -11.32
CA TYR V 21 -105.75 -49.83 -11.61
C TYR V 21 -106.64 -50.75 -12.44
N THR V 22 -107.93 -50.81 -12.10
CA THR V 22 -108.86 -51.61 -12.89
C THR V 22 -109.00 -51.07 -14.31
N ARG V 23 -108.85 -49.76 -14.49
CA ARG V 23 -108.96 -49.14 -15.80
C ARG V 23 -107.68 -49.18 -16.62
N LEU V 24 -106.53 -49.45 -16.00
CA LEU V 24 -105.24 -49.40 -16.68
C LEU V 24 -104.70 -50.80 -16.86
N GLY V 25 -104.47 -51.19 -18.11
CA GLY V 25 -103.83 -52.44 -18.45
C GLY V 25 -102.35 -52.29 -18.63
N ASN V 26 -101.77 -53.16 -19.45
CA ASN V 26 -100.34 -53.14 -19.74
C ASN V 26 -100.02 -52.65 -21.14
N ASP V 27 -101.03 -52.33 -21.95
CA ASP V 27 -100.78 -51.84 -23.29
C ASP V 27 -100.55 -50.33 -23.26
N PHE V 28 -99.45 -49.89 -23.89
CA PHE V 28 -99.18 -48.47 -23.98
C PHE V 28 -100.25 -47.75 -24.79
N HIS V 29 -100.63 -48.31 -25.92
CA HIS V 29 -101.58 -47.63 -26.81
C HIS V 29 -102.97 -47.58 -26.20
N THR V 30 -103.35 -48.62 -25.47
CA THR V 30 -104.60 -48.56 -24.71
C THR V 30 -104.50 -47.50 -23.62
N ASN V 31 -103.41 -47.52 -22.85
CA ASN V 31 -103.25 -46.59 -21.74
C ASN V 31 -103.17 -45.15 -22.23
N LYS V 32 -102.49 -44.91 -23.35
CA LYS V 32 -102.30 -43.55 -23.84
C LYS V 32 -103.59 -42.88 -24.26
N ARG V 33 -104.66 -43.66 -24.48
CA ARG V 33 -105.97 -43.08 -24.68
C ARG V 33 -106.75 -42.97 -23.38
N VAL V 34 -106.49 -43.84 -22.41
CA VAL V 34 -107.15 -43.74 -21.10
C VAL V 34 -106.72 -42.46 -20.39
N CYS V 35 -105.42 -42.13 -20.48
CA CYS V 35 -104.91 -40.98 -19.75
C CYS V 35 -105.48 -39.65 -20.24
N GLU V 36 -106.12 -39.64 -21.41
CA GLU V 36 -106.74 -38.41 -21.90
C GLU V 36 -107.95 -38.02 -21.07
N GLU V 37 -108.82 -38.99 -20.78
CA GLU V 37 -110.08 -38.69 -20.09
C GLU V 37 -109.96 -38.76 -18.57
N ILE V 38 -108.95 -39.45 -18.03
CA ILE V 38 -108.81 -39.53 -16.58
C ILE V 38 -107.94 -38.41 -16.03
N ALA V 39 -107.21 -37.69 -16.89
CA ALA V 39 -106.40 -36.56 -16.44
C ALA V 39 -106.25 -35.59 -17.60
N ILE V 40 -106.43 -34.31 -17.31
CA ILE V 40 -106.27 -33.26 -18.31
C ILE V 40 -104.78 -33.03 -18.49
N ILE V 41 -104.21 -33.60 -19.54
CA ILE V 41 -102.78 -33.49 -19.83
C ILE V 41 -102.62 -32.56 -21.02
N PRO V 42 -101.99 -31.40 -20.87
CA PRO V 42 -101.97 -30.41 -21.96
C PRO V 42 -101.29 -30.88 -23.23
N SER V 43 -100.24 -31.69 -23.12
CA SER V 43 -99.42 -32.04 -24.28
C SER V 43 -99.57 -33.51 -24.62
N LYS V 44 -99.70 -33.79 -25.92
CA LYS V 44 -99.70 -35.17 -26.40
C LYS V 44 -98.35 -35.82 -26.13
N LYS V 45 -97.25 -35.09 -26.32
CA LYS V 45 -95.93 -35.63 -26.02
C LYS V 45 -95.73 -35.82 -24.52
N LEU V 46 -96.56 -35.20 -23.69
CA LEU V 46 -96.45 -35.39 -22.25
C LEU V 46 -97.30 -36.57 -21.77
N ARG V 47 -98.49 -36.75 -22.36
CA ARG V 47 -99.39 -37.79 -21.89
C ARG V 47 -98.85 -39.19 -22.19
N ASN V 48 -98.20 -39.36 -23.35
CA ASN V 48 -97.64 -40.67 -23.66
C ASN V 48 -96.35 -40.93 -22.91
N LYS V 49 -95.62 -39.88 -22.54
CA LYS V 49 -94.50 -40.05 -21.62
C LYS V 49 -94.98 -40.51 -20.26
N ILE V 50 -96.12 -39.96 -19.80
CA ILE V 50 -96.74 -40.47 -18.59
C ILE V 50 -97.16 -41.92 -18.78
N ALA V 51 -97.74 -42.23 -19.94
CA ALA V 51 -98.20 -43.59 -20.20
C ALA V 51 -97.05 -44.57 -20.23
N GLY V 52 -95.90 -44.15 -20.75
CA GLY V 52 -94.77 -45.06 -20.84
C GLY V 52 -94.27 -45.55 -19.49
N TYR V 53 -94.20 -44.63 -18.51
CA TYR V 53 -93.81 -45.05 -17.17
C TYR V 53 -94.87 -45.92 -16.53
N VAL V 54 -96.15 -45.68 -16.85
CA VAL V 54 -97.24 -46.47 -16.29
C VAL V 54 -97.10 -47.93 -16.72
N THR V 55 -96.84 -48.15 -18.01
CA THR V 55 -96.66 -49.52 -18.51
C THR V 55 -95.45 -50.19 -17.89
N HIS V 56 -94.39 -49.43 -17.62
CA HIS V 56 -93.25 -49.99 -16.90
C HIS V 56 -93.66 -50.46 -15.51
N LEU V 57 -94.46 -49.66 -14.81
CA LEU V 57 -94.92 -50.06 -13.48
C LEU V 57 -95.86 -51.26 -13.57
N MET V 58 -96.76 -51.26 -14.56
CA MET V 58 -97.70 -52.36 -14.70
C MET V 58 -96.98 -53.66 -15.02
N LYS V 59 -95.95 -53.60 -15.85
CA LYS V 59 -95.13 -54.79 -16.09
C LYS V 59 -94.39 -55.24 -14.85
N ARG V 60 -94.20 -54.35 -13.88
CA ARG V 60 -93.55 -54.69 -12.61
C ARG V 60 -94.55 -54.98 -11.50
N ILE V 61 -95.64 -54.22 -11.42
CA ILE V 61 -96.62 -54.45 -10.36
C ILE V 61 -97.39 -55.75 -10.56
N GLN V 62 -97.39 -56.29 -11.78
CA GLN V 62 -98.01 -57.59 -12.04
C GLN V 62 -97.21 -58.74 -11.44
N ARG V 63 -95.98 -58.50 -11.05
CA ARG V 63 -95.07 -59.56 -10.62
C ARG V 63 -94.56 -59.38 -9.20
N GLY V 64 -94.24 -58.15 -8.79
CA GLY V 64 -93.66 -57.93 -7.49
C GLY V 64 -94.34 -56.81 -6.72
N PRO V 65 -93.95 -56.63 -5.47
CA PRO V 65 -94.54 -55.58 -4.64
C PRO V 65 -93.88 -54.23 -4.84
N VAL V 66 -94.32 -53.48 -5.86
CA VAL V 66 -93.79 -52.13 -6.08
C VAL V 66 -94.18 -51.23 -4.91
N ARG V 67 -93.38 -50.19 -4.69
CA ARG V 67 -93.61 -49.27 -3.56
C ARG V 67 -94.98 -48.62 -3.65
N GLY V 68 -95.42 -48.25 -4.85
CA GLY V 68 -96.77 -47.76 -5.05
C GLY V 68 -97.82 -48.77 -4.66
N ILE V 69 -98.87 -48.33 -3.98
CA ILE V 69 -99.84 -49.27 -3.41
C ILE V 69 -100.69 -49.89 -4.52
N SER V 70 -101.28 -51.04 -4.20
CA SER V 70 -102.17 -51.74 -5.12
C SER V 70 -103.32 -52.34 -4.32
N ILE V 71 -104.50 -52.40 -4.94
CA ILE V 71 -105.66 -52.95 -4.28
C ILE V 71 -105.46 -54.45 -4.01
N LYS V 72 -104.94 -55.16 -5.00
CA LYS V 72 -104.69 -56.59 -4.81
C LYS V 72 -103.55 -56.85 -3.82
N LEU V 73 -102.66 -55.88 -3.65
CA LEU V 73 -101.52 -56.06 -2.75
C LEU V 73 -101.86 -55.72 -1.31
N GLN V 74 -102.65 -54.67 -1.09
CA GLN V 74 -103.02 -54.29 0.26
C GLN V 74 -103.82 -55.38 0.95
N GLU V 75 -104.77 -55.98 0.23
CA GLU V 75 -105.49 -57.12 0.78
C GLU V 75 -104.57 -58.34 0.92
N GLU V 76 -103.51 -58.39 0.12
CA GLU V 76 -102.55 -59.51 0.27
C GLU V 76 -101.88 -59.44 1.65
N GLU V 77 -101.44 -58.25 2.05
CA GLU V 77 -100.69 -58.13 3.34
C GLU V 77 -101.52 -58.70 4.49
N ARG V 78 -102.79 -58.29 4.60
CA ARG V 78 -103.65 -58.73 5.73
C ARG V 78 -103.75 -60.25 5.71
N GLU V 79 -103.80 -60.85 4.51
CA GLU V 79 -103.89 -62.33 4.39
C GLU V 79 -102.65 -62.97 5.02
N ARG V 80 -101.64 -62.15 5.34
CA ARG V 80 -100.40 -62.68 5.96
C ARG V 80 -100.34 -62.26 7.42
N ARG V 81 -100.31 -60.95 7.69
CA ARG V 81 -100.15 -60.47 9.08
C ARG V 81 -101.26 -60.97 9.99
N ASP V 82 -102.51 -60.59 9.71
CA ASP V 82 -103.63 -60.97 10.61
C ASP V 82 -104.13 -62.36 10.23
N ASN V 83 -103.27 -63.17 9.62
CA ASN V 83 -103.76 -64.48 9.15
C ASN V 83 -102.68 -65.56 9.28
N TYR V 84 -102.89 -66.68 8.59
CA TYR V 84 -101.94 -67.79 8.66
C TYR V 84 -101.64 -68.17 10.10
N VAL V 85 -102.70 -68.32 10.89
CA VAL V 85 -102.58 -68.82 12.26
C VAL V 85 -102.42 -70.34 12.17
N PRO V 86 -101.30 -70.90 12.61
CA PRO V 86 -101.14 -72.35 12.58
C PRO V 86 -102.09 -73.03 13.55
N GLU V 87 -102.40 -74.30 13.23
CA GLU V 87 -103.26 -75.09 14.11
C GLU V 87 -102.60 -75.32 15.46
N VAL V 88 -101.27 -75.37 15.50
CA VAL V 88 -100.51 -75.53 16.74
C VAL V 88 -99.41 -74.47 16.76
N SER V 89 -99.22 -73.85 17.92
CA SER V 89 -98.24 -72.79 18.05
C SER V 89 -96.83 -73.37 18.22
N ALA V 90 -95.85 -72.47 18.24
CA ALA V 90 -94.48 -72.83 18.52
C ALA V 90 -94.11 -72.71 19.98
N LEU V 91 -95.07 -72.35 20.84
CA LEU V 91 -94.81 -72.17 22.26
C LEU V 91 -95.34 -73.30 23.12
N ASP V 92 -96.17 -74.18 22.56
CA ASP V 92 -96.71 -75.33 23.29
C ASP V 92 -95.95 -76.61 22.97
N GLN V 93 -94.63 -76.50 22.79
CA GLN V 93 -93.81 -77.64 22.41
C GLN V 93 -93.82 -78.70 23.50
N GLU V 94 -93.67 -79.96 23.08
CA GLU V 94 -93.81 -81.08 24.00
C GLU V 94 -92.74 -81.07 25.08
N ILE V 95 -91.50 -80.74 24.71
CA ILE V 95 -90.41 -80.66 25.67
C ILE V 95 -89.65 -79.36 25.42
N ILE V 96 -89.07 -78.82 26.48
CA ILE V 96 -88.35 -77.55 26.44
C ILE V 96 -86.92 -77.78 26.92
N GLU V 97 -85.96 -77.40 26.09
CA GLU V 97 -84.57 -77.39 26.54
C GLU V 97 -84.34 -76.24 27.50
N VAL V 98 -83.78 -76.54 28.67
CA VAL V 98 -83.62 -75.57 29.75
C VAL V 98 -82.17 -75.58 30.22
N ASP V 99 -81.57 -74.40 30.30
CA ASP V 99 -80.24 -74.27 30.88
C ASP V 99 -80.28 -74.54 32.38
N PRO V 100 -79.26 -75.20 32.92
CA PRO V 100 -79.22 -75.42 34.38
C PRO V 100 -79.24 -74.13 35.19
N ASP V 101 -78.58 -73.08 34.70
CA ASP V 101 -78.55 -71.82 35.44
C ASP V 101 -79.94 -71.18 35.49
N THR V 102 -80.67 -71.22 34.36
CA THR V 102 -82.04 -70.73 34.37
C THR V 102 -82.93 -71.60 35.26
N LYS V 103 -82.67 -72.90 35.30
CA LYS V 103 -83.38 -73.76 36.25
C LYS V 103 -83.13 -73.31 37.68
N GLU V 104 -81.89 -72.93 37.99
CA GLU V 104 -81.60 -72.37 39.31
C GLU V 104 -82.38 -71.08 39.54
N MET V 105 -82.45 -70.22 38.52
CA MET V 105 -83.30 -69.03 38.64
C MET V 105 -84.77 -69.41 38.78
N LEU V 106 -85.23 -70.38 38.01
CA LEU V 106 -86.61 -70.83 38.12
C LEU V 106 -86.88 -71.49 39.46
N LYS V 107 -85.92 -72.25 39.98
CA LYS V 107 -86.11 -72.89 41.28
C LYS V 107 -86.14 -71.86 42.40
N LEU V 108 -85.36 -70.79 42.29
CA LEU V 108 -85.47 -69.69 43.24
C LEU V 108 -86.77 -68.92 43.05
N LEU V 109 -87.32 -68.96 41.84
CA LEU V 109 -88.62 -68.39 41.48
C LEU V 109 -89.77 -69.39 41.77
N ASP V 110 -89.36 -70.45 42.46
CA ASP V 110 -90.16 -71.58 42.96
C ASP V 110 -91.21 -72.06 41.97
N PHE V 111 -90.92 -71.91 40.68
CA PHE V 111 -91.69 -72.54 39.61
C PHE V 111 -90.83 -73.49 38.80
N GLY V 112 -89.74 -73.98 39.38
CA GLY V 112 -88.93 -75.00 38.75
C GLY V 112 -89.54 -76.38 38.92
N SER V 113 -88.81 -77.37 38.42
CA SER V 113 -89.23 -78.77 38.49
C SER V 113 -90.61 -78.98 37.85
N LEU V 114 -90.85 -78.29 36.74
CA LEU V 114 -92.10 -78.44 36.01
C LEU V 114 -92.02 -79.63 35.06
N SER V 115 -93.18 -80.06 34.58
CA SER V 115 -93.26 -81.23 33.73
C SER V 115 -92.56 -80.99 32.39
N ASN V 116 -92.74 -79.82 31.81
CA ASN V 116 -92.28 -79.57 30.44
C ASN V 116 -90.82 -79.12 30.39
N LEU V 117 -90.08 -79.21 31.48
CA LEU V 117 -88.70 -78.73 31.52
C LEU V 117 -87.73 -79.90 31.45
N GLN V 118 -86.74 -79.79 30.55
CA GLN V 118 -85.70 -80.79 30.38
C GLN V 118 -84.35 -80.14 30.66
N VAL V 119 -83.56 -80.77 31.51
CA VAL V 119 -82.26 -80.23 31.86
C VAL V 119 -81.27 -80.49 30.73
N THR V 120 -80.59 -79.45 30.28
CA THR V 120 -79.59 -79.54 29.23
C THR V 120 -78.21 -79.61 29.83
N GLN V 121 -77.35 -80.43 29.27
CA GLN V 121 -75.98 -80.55 29.76
C GLN V 121 -75.20 -79.30 29.39
N PRO V 122 -74.60 -78.60 30.36
CA PRO V 122 -73.92 -77.34 30.05
C PRO V 122 -72.69 -77.55 29.18
N THR V 123 -72.43 -76.55 28.34
CA THR V 123 -71.23 -76.57 27.52
C THR V 123 -70.01 -76.26 28.38
N VAL V 124 -68.86 -76.75 27.92
CA VAL V 124 -67.61 -76.64 28.68
C VAL V 124 -66.51 -76.17 27.74
N GLY V 125 -65.71 -75.22 28.21
CA GLY V 125 -64.61 -74.68 27.43
C GLY V 125 -64.57 -73.17 27.48
N MET V 126 -65.76 -72.55 27.49
CA MET V 126 -65.90 -71.09 27.55
C MET V 126 -65.08 -70.42 26.45
N ASN V 127 -65.15 -70.98 25.24
CA ASN V 127 -64.34 -70.58 24.10
C ASN V 127 -65.04 -69.54 23.23
N PHE V 128 -65.91 -68.72 23.82
CA PHE V 128 -66.62 -67.70 23.04
C PHE V 128 -65.67 -66.53 22.78
N LYS V 129 -66.24 -65.42 22.31
CA LYS V 129 -65.52 -64.23 21.85
C LYS V 129 -64.70 -64.55 20.59
N THR V 130 -64.97 -63.84 19.50
CA THR V 130 -64.13 -63.98 18.33
C THR V 130 -62.74 -63.44 18.64
N PRO V 131 -61.70 -63.98 18.00
CA PRO V 131 -60.34 -63.50 18.27
C PRO V 131 -60.20 -62.02 17.99
N ARG V 132 -59.49 -61.34 18.87
CA ARG V 132 -59.44 -59.87 18.83
C ARG V 132 -58.58 -59.39 17.66
N GLY V 133 -59.08 -58.37 16.98
CA GLY V 133 -58.39 -57.80 15.85
C GLY V 133 -58.38 -58.75 14.67
N PRO V 134 -57.46 -58.53 13.73
CA PRO V 134 -57.32 -59.46 12.61
C PRO V 134 -56.71 -60.77 13.05
N VAL V 135 -56.75 -61.75 12.13
CA VAL V 135 -56.23 -63.09 12.36
C VAL V 135 -56.86 -63.75 13.57
N MET W 1 -104.67 -2.94 -55.22
CA MET W 1 -104.33 -2.02 -56.29
C MET W 1 -103.56 -0.80 -55.79
N ALA W 2 -103.33 0.16 -56.69
CA ALA W 2 -102.44 1.28 -56.37
C ALA W 2 -103.04 2.24 -55.35
N VAL W 3 -104.37 2.34 -55.30
CA VAL W 3 -105.01 3.26 -54.36
C VAL W 3 -104.72 2.86 -52.92
N GLN W 4 -104.80 1.57 -52.62
CA GLN W 4 -104.50 1.06 -51.30
C GLN W 4 -103.11 0.45 -51.27
N ILE W 5 -102.77 -0.20 -50.16
CA ILE W 5 -101.42 -0.70 -49.92
C ILE W 5 -101.48 -2.21 -49.75
N SER W 6 -100.31 -2.85 -49.88
CA SER W 6 -100.20 -4.28 -49.75
C SER W 6 -100.51 -4.72 -48.32
N LYS W 7 -100.85 -6.01 -48.18
CA LYS W 7 -101.28 -6.53 -46.88
C LYS W 7 -100.17 -6.43 -45.84
N LYS W 8 -98.93 -6.70 -46.24
CA LYS W 8 -97.81 -6.63 -45.30
C LYS W 8 -97.63 -5.21 -44.77
N ARG W 9 -97.63 -4.23 -45.66
CA ARG W 9 -97.54 -2.84 -45.22
C ARG W 9 -98.79 -2.42 -44.45
N LYS W 10 -99.94 -3.01 -44.78
CA LYS W 10 -101.18 -2.62 -44.11
C LYS W 10 -101.18 -3.01 -42.63
N PHE W 11 -100.85 -4.27 -42.34
CA PHE W 11 -100.85 -4.72 -40.95
C PHE W 11 -99.76 -4.03 -40.14
N VAL W 12 -98.59 -3.81 -40.74
CA VAL W 12 -97.53 -3.09 -40.04
C VAL W 12 -97.98 -1.67 -39.71
N ALA W 13 -98.63 -1.00 -40.67
CA ALA W 13 -99.15 0.34 -40.41
C ALA W 13 -100.15 0.34 -39.28
N ASP W 14 -101.06 -0.65 -39.27
CA ASP W 14 -101.94 -0.82 -38.12
C ASP W 14 -101.14 -1.18 -36.87
N GLY W 15 -100.14 -2.06 -37.02
CA GLY W 15 -99.27 -2.37 -35.90
C GLY W 15 -98.50 -1.16 -35.41
N ILE W 16 -98.10 -0.29 -36.35
CA ILE W 16 -97.49 0.98 -35.96
C ILE W 16 -98.51 1.86 -35.25
N PHE W 17 -99.70 1.98 -35.84
CA PHE W 17 -100.73 2.84 -35.26
C PHE W 17 -101.17 2.34 -33.90
N LYS W 18 -101.28 1.02 -33.73
CA LYS W 18 -101.61 0.46 -32.43
C LYS W 18 -100.54 0.78 -31.41
N ALA W 19 -99.27 0.66 -31.80
CA ALA W 19 -98.18 1.02 -30.90
C ALA W 19 -98.18 2.51 -30.59
N GLU W 20 -98.43 3.35 -31.59
CA GLU W 20 -98.52 4.78 -31.36
C GLU W 20 -99.67 5.13 -30.43
N LEU W 21 -100.83 4.49 -30.63
CA LEU W 21 -102.00 4.80 -29.83
C LEU W 21 -101.79 4.43 -28.36
N ASN W 22 -101.14 3.28 -28.11
CA ASN W 22 -100.94 2.84 -26.73
C ASN W 22 -100.00 3.76 -25.98
N GLU W 23 -98.93 4.22 -26.63
CA GLU W 23 -97.96 5.08 -25.96
C GLU W 23 -98.57 6.39 -25.54
N PHE W 24 -99.40 6.99 -26.41
CA PHE W 24 -100.05 8.25 -26.06
C PHE W 24 -100.98 8.08 -24.88
N LEU W 25 -101.76 6.98 -24.85
CA LEU W 25 -102.67 6.75 -23.74
C LEU W 25 -101.93 6.58 -22.43
N THR W 26 -100.74 5.98 -22.49
CA THR W 26 -99.89 5.90 -21.30
C THR W 26 -99.41 7.30 -20.90
N ARG W 27 -99.01 8.11 -21.88
CA ARG W 27 -98.36 9.38 -21.58
C ARG W 27 -99.37 10.43 -21.10
N GLU W 28 -100.61 10.36 -21.58
CA GLU W 28 -101.63 11.30 -21.15
C GLU W 28 -102.33 10.85 -19.87
N LEU W 29 -102.60 9.56 -19.74
CA LEU W 29 -103.36 9.01 -18.62
C LEU W 29 -102.44 8.29 -17.62
N ALA W 30 -101.24 8.83 -17.40
CA ALA W 30 -100.28 8.17 -16.52
C ALA W 30 -100.81 8.08 -15.09
N GLU W 31 -101.33 9.17 -14.56
CA GLU W 31 -101.91 9.19 -13.23
C GLU W 31 -103.41 8.93 -13.23
N ASP W 32 -104.00 8.64 -14.38
CA ASP W 32 -105.43 8.43 -14.51
C ASP W 32 -105.80 6.94 -14.46
N GLY W 33 -104.89 6.10 -13.99
CA GLY W 33 -105.16 4.67 -13.89
C GLY W 33 -105.32 3.98 -15.22
N TYR W 34 -104.55 4.37 -16.23
CA TYR W 34 -104.61 3.72 -17.52
C TYR W 34 -104.00 2.33 -17.45
N SER W 35 -104.67 1.36 -18.08
CA SER W 35 -104.19 -0.02 -18.08
C SER W 35 -103.77 -0.49 -19.46
N GLY W 36 -104.65 -0.42 -20.45
CA GLY W 36 -104.32 -0.90 -21.78
C GLY W 36 -105.37 -0.46 -22.77
N VAL W 37 -105.12 -0.79 -24.04
CA VAL W 37 -105.99 -0.38 -25.14
C VAL W 37 -106.25 -1.59 -26.03
N GLU W 38 -107.50 -1.71 -26.49
CA GLU W 38 -107.88 -2.73 -27.47
C GLU W 38 -108.74 -2.06 -28.52
N VAL W 39 -108.43 -2.31 -29.79
CA VAL W 39 -109.11 -1.65 -30.91
C VAL W 39 -109.92 -2.71 -31.65
N ARG W 40 -111.23 -2.49 -31.73
CA ARG W 40 -112.11 -3.29 -32.57
C ARG W 40 -112.39 -2.48 -33.83
N VAL W 41 -111.71 -2.85 -34.92
CA VAL W 41 -111.78 -2.11 -36.18
C VAL W 41 -112.69 -2.85 -37.14
N THR W 42 -113.56 -2.10 -37.81
CA THR W 42 -114.42 -2.60 -38.88
C THR W 42 -114.18 -1.78 -40.13
N PRO W 43 -114.44 -2.34 -41.32
CA PRO W 43 -114.27 -1.54 -42.54
C PRO W 43 -115.15 -0.29 -42.57
N THR W 44 -116.35 -0.35 -41.97
CA THR W 44 -117.18 0.85 -41.89
C THR W 44 -116.50 1.91 -41.04
N ARG W 45 -116.09 1.55 -39.82
CA ARG W 45 -115.39 2.48 -38.95
C ARG W 45 -114.66 1.67 -37.88
N THR W 46 -113.68 2.31 -37.25
CA THR W 46 -112.96 1.71 -36.14
C THR W 46 -113.53 2.20 -34.82
N GLU W 47 -113.27 1.46 -33.76
CA GLU W 47 -113.73 1.84 -32.44
C GLU W 47 -112.75 1.32 -31.40
N ILE W 48 -112.55 2.10 -30.34
CA ILE W 48 -111.48 1.89 -29.37
C ILE W 48 -112.08 1.64 -28.00
N ILE W 49 -111.62 0.58 -27.34
CA ILE W 49 -111.91 0.32 -25.94
C ILE W 49 -110.65 0.62 -25.15
N ILE W 50 -110.75 1.54 -24.19
CA ILE W 50 -109.65 1.89 -23.32
C ILE W 50 -109.86 1.20 -21.99
N LEU W 51 -108.85 0.47 -21.53
CA LEU W 51 -108.92 -0.22 -20.25
C LEU W 51 -108.30 0.68 -19.18
N ALA W 52 -109.08 1.02 -18.16
CA ALA W 52 -108.62 1.88 -17.09
C ALA W 52 -109.23 1.44 -15.77
N THR W 53 -108.43 1.55 -14.71
CA THR W 53 -108.92 1.25 -13.37
C THR W 53 -110.01 2.23 -12.96
N ARG W 54 -109.78 3.51 -13.20
CA ARG W 54 -110.70 4.57 -12.84
C ARG W 54 -111.24 5.19 -14.13
N THR W 55 -112.57 5.22 -14.26
CA THR W 55 -113.21 5.72 -15.47
C THR W 55 -113.99 7.01 -15.26
N GLN W 56 -114.34 7.35 -14.03
CA GLN W 56 -115.01 8.63 -13.77
C GLN W 56 -114.09 9.81 -14.00
N ASN W 57 -112.77 9.58 -14.03
CA ASN W 57 -111.81 10.65 -14.20
C ASN W 57 -111.26 10.74 -15.62
N VAL W 58 -111.29 9.66 -16.39
CA VAL W 58 -110.82 9.72 -17.77
C VAL W 58 -111.80 10.48 -18.65
N LEU W 59 -113.04 10.65 -18.19
CA LEU W 59 -114.04 11.44 -18.88
C LEU W 59 -114.16 12.81 -18.22
N GLY W 60 -114.27 13.85 -19.04
CA GLY W 60 -114.47 15.18 -18.53
C GLY W 60 -115.89 15.38 -18.05
N GLU W 61 -116.13 16.57 -17.50
CA GLU W 61 -117.48 16.93 -17.07
C GLU W 61 -118.42 16.92 -18.26
N LYS W 62 -119.55 16.24 -18.11
CA LYS W 62 -120.49 15.97 -19.21
C LYS W 62 -119.81 15.26 -20.37
N GLY W 63 -118.76 14.50 -20.08
CA GLY W 63 -118.01 13.80 -21.10
C GLY W 63 -117.20 14.71 -21.99
N ARG W 64 -116.27 15.45 -21.41
CA ARG W 64 -115.46 16.41 -22.18
C ARG W 64 -114.09 15.87 -22.55
N ARG W 65 -113.37 15.27 -21.61
CA ARG W 65 -112.07 14.70 -21.94
C ARG W 65 -112.19 13.59 -22.98
N ILE W 66 -113.28 12.81 -22.93
CA ILE W 66 -113.52 11.80 -23.96
C ILE W 66 -113.70 12.46 -25.31
N ARG W 67 -114.36 13.62 -25.35
CA ARG W 67 -114.43 14.39 -26.59
C ARG W 67 -113.07 14.96 -26.96
N GLU W 68 -112.28 15.33 -25.94
CA GLU W 68 -110.95 15.86 -26.19
C GLU W 68 -110.04 14.81 -26.83
N LEU W 69 -110.10 13.57 -26.32
CA LEU W 69 -109.24 12.51 -26.84
C LEU W 69 -109.63 12.14 -28.26
N THR W 70 -110.94 11.99 -28.53
CA THR W 70 -111.39 11.58 -29.84
C THR W 70 -111.07 12.62 -30.90
N ALA W 71 -111.22 13.90 -30.55
CA ALA W 71 -110.92 14.96 -31.51
C ALA W 71 -109.44 14.97 -31.89
N VAL W 72 -108.56 14.70 -30.92
CA VAL W 72 -107.13 14.70 -31.20
C VAL W 72 -106.76 13.56 -32.14
N VAL W 73 -107.22 12.35 -31.83
CA VAL W 73 -106.82 11.18 -32.62
C VAL W 73 -107.44 11.24 -34.01
N GLN W 74 -108.56 11.94 -34.15
CA GLN W 74 -109.15 12.12 -35.47
C GLN W 74 -108.27 12.97 -36.36
N LYS W 75 -107.80 14.11 -35.84
CA LYS W 75 -106.92 14.99 -36.61
C LYS W 75 -105.51 14.45 -36.71
N ARG W 76 -105.06 13.66 -35.73
CA ARG W 76 -103.70 13.12 -35.76
C ARG W 76 -103.49 12.19 -36.95
N PHE W 77 -104.47 11.32 -37.22
CA PHE W 77 -104.37 10.34 -38.29
C PHE W 77 -105.30 10.63 -39.45
N GLY W 78 -105.95 11.79 -39.45
CA GLY W 78 -106.81 12.16 -40.56
C GLY W 78 -108.05 11.32 -40.71
N PHE W 79 -108.66 10.88 -39.60
CA PHE W 79 -109.89 10.13 -39.68
C PHE W 79 -111.05 11.05 -40.08
N PRO W 80 -112.04 10.51 -40.81
CA PRO W 80 -113.25 11.30 -41.09
C PRO W 80 -114.16 11.39 -39.89
N GLU W 81 -115.27 12.13 -40.03
CA GLU W 81 -116.22 12.28 -38.94
C GLU W 81 -116.89 10.93 -38.63
N GLY W 82 -116.96 10.60 -37.34
CA GLY W 82 -117.65 9.41 -36.90
C GLY W 82 -116.97 8.10 -37.23
N SER W 83 -115.76 8.13 -37.79
CA SER W 83 -115.07 6.91 -38.15
C SER W 83 -114.35 6.26 -36.97
N VAL W 84 -114.26 6.95 -35.83
CA VAL W 84 -113.64 6.39 -34.65
C VAL W 84 -114.46 6.76 -33.43
N GLU W 85 -114.66 5.78 -32.54
CA GLU W 85 -115.33 5.99 -31.27
C GLU W 85 -114.49 5.39 -30.15
N LEU W 86 -114.61 5.98 -28.97
CA LEU W 86 -113.78 5.61 -27.83
C LEU W 86 -114.67 5.20 -26.67
N TYR W 87 -114.45 4.00 -26.14
CA TYR W 87 -115.13 3.54 -24.94
C TYR W 87 -114.11 3.33 -23.83
N ALA W 88 -114.55 3.59 -22.60
CA ALA W 88 -113.76 3.32 -21.41
C ALA W 88 -114.52 2.31 -20.55
N GLU W 89 -113.92 1.14 -20.35
CA GLU W 89 -114.53 0.06 -19.58
C GLU W 89 -113.63 -0.28 -18.40
N LYS W 90 -114.23 -0.40 -17.22
CA LYS W 90 -113.47 -0.72 -16.02
C LYS W 90 -112.95 -2.15 -16.10
N VAL W 91 -111.64 -2.30 -15.93
CA VAL W 91 -111.03 -3.63 -15.89
C VAL W 91 -111.20 -4.21 -14.49
N ALA W 92 -111.60 -5.48 -14.43
CA ALA W 92 -111.73 -6.15 -13.14
C ALA W 92 -110.36 -6.46 -12.55
N THR W 93 -110.30 -6.40 -11.22
CA THR W 93 -109.07 -6.67 -10.45
C THR W 93 -107.93 -5.77 -10.93
N ARG W 94 -108.10 -4.48 -10.65
CA ARG W 94 -107.14 -3.47 -11.09
C ARG W 94 -105.74 -3.72 -10.54
N GLY W 95 -105.62 -4.48 -9.45
CA GLY W 95 -104.31 -4.85 -8.94
C GLY W 95 -103.63 -5.94 -9.74
N LEU W 96 -104.32 -6.58 -10.69
CA LEU W 96 -103.74 -7.64 -11.50
C LEU W 96 -103.20 -7.14 -12.83
N CYS W 97 -103.19 -5.82 -13.05
CA CYS W 97 -102.58 -5.24 -14.24
C CYS W 97 -101.24 -4.64 -13.85
N ALA W 98 -100.17 -5.11 -14.49
CA ALA W 98 -98.83 -4.64 -14.17
C ALA W 98 -98.69 -3.15 -14.47
N ILE W 99 -99.23 -2.70 -15.61
CA ILE W 99 -99.15 -1.30 -15.97
C ILE W 99 -99.86 -0.44 -14.94
N ALA W 100 -101.04 -0.89 -14.51
CA ALA W 100 -101.78 -0.15 -13.47
C ALA W 100 -101.00 -0.12 -12.16
N GLN W 101 -100.42 -1.25 -11.77
CA GLN W 101 -99.72 -1.31 -10.48
C GLN W 101 -98.41 -0.53 -10.52
N ALA W 102 -97.67 -0.63 -11.63
CA ALA W 102 -96.41 0.09 -11.73
C ALA W 102 -96.63 1.59 -11.71
N GLU W 103 -97.62 2.08 -12.46
CA GLU W 103 -97.93 3.50 -12.44
C GLU W 103 -98.47 3.94 -11.08
N SER W 104 -99.26 3.09 -10.44
CA SER W 104 -99.69 3.38 -9.07
C SER W 104 -98.50 3.45 -8.13
N LEU W 105 -97.52 2.57 -8.33
CA LEU W 105 -96.27 2.67 -7.57
C LEU W 105 -95.53 3.96 -7.91
N ARG W 106 -95.54 4.35 -9.18
CA ARG W 106 -94.91 5.60 -9.58
C ARG W 106 -95.57 6.80 -8.89
N TYR W 107 -96.90 6.76 -8.77
CA TYR W 107 -97.60 7.83 -8.08
C TYR W 107 -97.22 7.90 -6.60
N LYS W 108 -97.08 6.73 -5.96
CA LYS W 108 -96.77 6.71 -4.53
C LYS W 108 -95.37 7.25 -4.27
N LEU W 109 -94.38 6.80 -5.03
CA LEU W 109 -93.01 7.26 -4.83
C LEU W 109 -92.86 8.75 -5.11
N LEU W 110 -93.55 9.25 -6.14
CA LEU W 110 -93.55 10.69 -6.37
C LEU W 110 -94.31 11.42 -5.28
N GLY W 111 -95.19 10.72 -4.55
CA GLY W 111 -95.91 11.32 -3.45
C GLY W 111 -95.09 11.49 -2.18
N GLY W 112 -93.90 10.91 -2.14
CA GLY W 112 -93.03 11.02 -0.98
C GLY W 112 -92.95 9.80 -0.09
N LEU W 113 -93.62 8.71 -0.45
CA LEU W 113 -93.54 7.49 0.34
C LEU W 113 -92.16 6.85 0.22
N ALA W 114 -91.72 6.23 1.31
CA ALA W 114 -90.47 5.49 1.30
C ALA W 114 -90.57 4.31 0.34
N VAL W 115 -89.46 4.02 -0.34
CA VAL W 115 -89.46 2.97 -1.35
C VAL W 115 -89.68 1.61 -0.71
N ARG W 116 -89.12 1.38 0.48
CA ARG W 116 -89.31 0.11 1.16
C ARG W 116 -90.77 -0.08 1.59
N ARG W 117 -91.37 0.98 2.12
CA ARG W 117 -92.78 0.92 2.51
C ARG W 117 -93.69 0.74 1.30
N ALA W 118 -93.41 1.45 0.22
CA ALA W 118 -94.32 1.45 -0.93
C ALA W 118 -94.40 0.08 -1.59
N CYS W 119 -93.27 -0.61 -1.72
CA CYS W 119 -93.27 -1.90 -2.39
C CYS W 119 -94.09 -2.93 -1.62
N TYR W 120 -93.98 -2.93 -0.29
CA TYR W 120 -94.72 -3.89 0.52
C TYR W 120 -96.22 -3.69 0.41
N GLY W 121 -96.66 -2.43 0.42
CA GLY W 121 -98.08 -2.15 0.24
C GLY W 121 -98.58 -2.57 -1.13
N VAL W 122 -97.79 -2.31 -2.17
CA VAL W 122 -98.14 -2.77 -3.51
C VAL W 122 -98.15 -4.28 -3.57
N LEU W 123 -97.16 -4.91 -2.94
CA LEU W 123 -97.11 -6.38 -2.90
C LEU W 123 -98.33 -6.95 -2.17
N ARG W 124 -98.73 -6.34 -1.06
CA ARG W 124 -99.91 -6.80 -0.35
C ARG W 124 -101.16 -6.66 -1.19
N PHE W 125 -101.28 -5.54 -1.92
CA PHE W 125 -102.46 -5.33 -2.75
C PHE W 125 -102.56 -6.36 -3.86
N ILE W 126 -101.43 -6.71 -4.48
CA ILE W 126 -101.44 -7.69 -5.55
C ILE W 126 -101.81 -9.07 -5.03
N MET W 127 -101.20 -9.48 -3.92
CA MET W 127 -101.48 -10.80 -3.38
C MET W 127 -102.85 -10.88 -2.73
N GLU W 128 -103.39 -9.76 -2.25
CA GLU W 128 -104.77 -9.76 -1.78
C GLU W 128 -105.74 -9.99 -2.94
N SER W 129 -105.44 -9.42 -4.11
CA SER W 129 -106.31 -9.58 -5.26
C SER W 129 -106.32 -11.02 -5.75
N GLY W 130 -105.29 -11.79 -5.44
CA GLY W 130 -105.24 -13.19 -5.82
C GLY W 130 -104.38 -13.45 -7.04
N ALA W 131 -103.19 -14.01 -6.81
CA ALA W 131 -102.28 -14.34 -7.90
C ALA W 131 -101.32 -15.41 -7.40
N LYS W 132 -100.75 -16.16 -8.36
CA LYS W 132 -99.79 -17.19 -8.01
C LYS W 132 -98.51 -16.59 -7.46
N GLY W 133 -98.19 -15.34 -7.82
CA GLY W 133 -97.01 -14.69 -7.30
C GLY W 133 -96.77 -13.39 -8.01
N CYS W 134 -95.84 -12.62 -7.44
CA CYS W 134 -95.48 -11.32 -7.99
C CYS W 134 -94.02 -11.03 -7.70
N GLU W 135 -93.45 -10.12 -8.48
CA GLU W 135 -92.04 -9.76 -8.31
C GLU W 135 -91.87 -8.31 -8.72
N VAL W 136 -91.27 -7.51 -7.85
CA VAL W 136 -91.04 -6.09 -8.08
C VAL W 136 -89.56 -5.80 -7.91
N VAL W 137 -88.98 -5.07 -8.87
CA VAL W 137 -87.57 -4.70 -8.83
C VAL W 137 -87.49 -3.18 -8.87
N VAL W 138 -86.71 -2.61 -7.96
CA VAL W 138 -86.50 -1.17 -7.88
C VAL W 138 -85.02 -0.91 -8.07
N SER W 139 -84.68 -0.11 -9.08
CA SER W 139 -83.29 0.23 -9.39
C SER W 139 -83.16 1.75 -9.47
N GLY W 140 -82.17 2.28 -8.80
CA GLY W 140 -81.95 3.72 -8.83
C GLY W 140 -80.90 4.14 -7.82
N LYS W 141 -80.78 5.45 -7.67
CA LYS W 141 -79.77 6.06 -6.80
C LYS W 141 -80.28 6.25 -5.37
N LEU W 142 -80.77 5.18 -4.78
CA LEU W 142 -81.21 5.23 -3.38
C LEU W 142 -80.01 5.43 -2.47
N ARG W 143 -80.25 6.09 -1.34
CA ARG W 143 -79.24 6.36 -0.32
C ARG W 143 -78.05 7.10 -0.92
N GLY W 144 -76.93 6.42 -1.08
CA GLY W 144 -75.73 7.04 -1.60
C GLY W 144 -75.78 7.23 -3.11
N GLN W 145 -74.68 7.77 -3.63
CA GLN W 145 -74.56 7.99 -5.07
C GLN W 145 -74.54 6.67 -5.83
N ARG W 146 -73.88 5.65 -5.27
CA ARG W 146 -73.87 4.34 -5.90
C ARG W 146 -75.27 3.75 -5.91
N ALA W 147 -75.63 3.14 -7.05
CA ALA W 147 -76.98 2.63 -7.22
C ALA W 147 -77.14 1.26 -6.57
N LYS W 148 -78.26 1.08 -5.89
CA LYS W 148 -78.65 -0.21 -5.32
C LYS W 148 -79.90 -0.71 -6.02
N SER W 149 -80.02 -2.03 -6.11
CA SER W 149 -81.19 -2.68 -6.71
C SER W 149 -81.87 -3.52 -5.64
N MET W 150 -83.17 -3.30 -5.45
CA MET W 150 -83.95 -4.04 -4.46
C MET W 150 -85.00 -4.86 -5.18
N LYS W 151 -85.14 -6.12 -4.75
CA LYS W 151 -86.07 -7.06 -5.36
C LYS W 151 -86.94 -7.69 -4.27
N PHE W 152 -88.23 -7.79 -4.54
CA PHE W 152 -89.19 -8.36 -3.59
C PHE W 152 -90.08 -9.33 -4.35
N VAL W 153 -89.72 -10.61 -4.33
CA VAL W 153 -90.44 -11.65 -5.05
C VAL W 153 -91.09 -12.57 -4.02
N ASP W 154 -92.30 -13.04 -4.32
CA ASP W 154 -93.01 -13.96 -3.45
C ASP W 154 -93.91 -14.84 -4.30
N GLY W 155 -94.21 -16.02 -3.77
CA GLY W 155 -95.08 -16.94 -4.47
C GLY W 155 -94.41 -17.55 -5.69
N LEU W 156 -95.23 -18.18 -6.51
CA LEU W 156 -94.77 -18.82 -7.74
C LEU W 156 -94.48 -17.75 -8.79
N MET W 157 -93.31 -17.85 -9.43
CA MET W 157 -92.91 -16.87 -10.42
C MET W 157 -91.92 -17.53 -11.38
N ILE W 158 -92.40 -17.92 -12.56
CA ILE W 158 -91.53 -18.50 -13.57
C ILE W 158 -90.84 -17.39 -14.35
N HIS W 159 -89.74 -17.74 -15.01
CA HIS W 159 -89.00 -16.80 -15.82
C HIS W 159 -88.58 -17.34 -17.18
N SER W 160 -88.82 -18.62 -17.46
CA SER W 160 -88.30 -19.25 -18.65
C SER W 160 -89.43 -19.97 -19.40
N GLY W 161 -89.23 -20.12 -20.70
CA GLY W 161 -90.12 -20.90 -21.53
C GLY W 161 -91.25 -20.10 -22.13
N ASP W 162 -91.99 -20.78 -23.01
CA ASP W 162 -93.14 -20.18 -23.65
C ASP W 162 -94.24 -19.71 -22.69
N PRO W 163 -94.64 -20.45 -21.65
CA PRO W 163 -95.83 -20.04 -20.87
C PRO W 163 -95.70 -18.69 -20.20
N VAL W 164 -94.48 -18.16 -20.04
CA VAL W 164 -94.32 -16.85 -19.40
C VAL W 164 -94.96 -15.75 -20.25
N ASN W 165 -95.19 -16.02 -21.54
CA ASN W 165 -95.76 -15.02 -22.42
C ASN W 165 -97.19 -14.65 -22.02
N TYR W 166 -97.98 -15.65 -21.60
CA TYR W 166 -99.37 -15.42 -21.25
C TYR W 166 -99.66 -15.64 -19.77
N TYR W 167 -98.63 -15.85 -18.95
CA TYR W 167 -98.83 -16.08 -17.52
C TYR W 167 -98.35 -14.93 -16.65
N VAL W 168 -97.57 -14.00 -17.19
CA VAL W 168 -97.09 -12.86 -16.42
C VAL W 168 -97.44 -11.58 -17.15
N ASP W 169 -97.50 -10.49 -16.40
CA ASP W 169 -97.71 -9.16 -16.93
C ASP W 169 -96.49 -8.32 -16.59
N THR W 170 -95.85 -7.75 -17.61
CA THR W 170 -94.60 -7.04 -17.45
C THR W 170 -94.81 -5.55 -17.70
N ALA W 171 -94.41 -4.72 -16.73
CA ALA W 171 -94.46 -3.28 -16.88
C ALA W 171 -93.13 -2.69 -16.43
N VAL W 172 -92.59 -1.79 -17.25
CA VAL W 172 -91.35 -1.09 -16.95
C VAL W 172 -91.62 0.41 -17.06
N ARG W 173 -91.43 1.13 -15.96
CA ARG W 173 -91.73 2.55 -15.90
C ARG W 173 -90.52 3.31 -15.39
N HIS W 174 -90.48 4.58 -15.73
CA HIS W 174 -89.39 5.46 -15.32
C HIS W 174 -89.93 6.51 -14.35
N VAL W 175 -89.19 6.73 -13.27
CA VAL W 175 -89.54 7.73 -12.26
C VAL W 175 -88.48 8.81 -12.30
N LEU W 176 -88.87 10.00 -12.74
CA LEU W 176 -87.93 11.13 -12.83
C LEU W 176 -87.79 11.79 -11.45
N LEU W 177 -87.08 11.09 -10.57
CA LEU W 177 -86.79 11.65 -9.26
C LEU W 177 -85.77 12.78 -9.38
N ARG W 178 -85.64 13.54 -8.29
CA ARG W 178 -84.75 14.69 -8.31
C ARG W 178 -83.30 14.26 -8.49
N GLN W 179 -82.88 13.19 -7.79
CA GLN W 179 -81.50 12.76 -7.92
C GLN W 179 -81.24 12.03 -9.23
N GLY W 180 -82.25 11.34 -9.77
CA GLY W 180 -82.05 10.61 -11.00
C GLY W 180 -83.30 9.88 -11.47
N VAL W 181 -83.13 8.70 -12.05
CA VAL W 181 -84.23 7.90 -12.59
C VAL W 181 -84.35 6.63 -11.76
N LEU W 182 -85.56 6.36 -11.28
CA LEU W 182 -85.85 5.15 -10.52
C LEU W 182 -86.62 4.19 -11.42
N GLY W 183 -86.05 3.01 -11.64
CA GLY W 183 -86.65 2.03 -12.53
C GLY W 183 -87.58 1.10 -11.77
N ILE W 184 -88.78 0.92 -12.32
CA ILE W 184 -89.78 0.03 -11.74
C ILE W 184 -89.96 -1.15 -12.68
N LYS W 185 -89.77 -2.36 -12.16
CA LYS W 185 -90.00 -3.59 -12.90
C LYS W 185 -91.03 -4.41 -12.12
N VAL W 186 -92.28 -4.37 -12.56
CA VAL W 186 -93.37 -5.08 -11.91
C VAL W 186 -93.76 -6.26 -12.79
N LYS W 187 -93.68 -7.45 -12.22
CA LYS W 187 -94.16 -8.66 -12.88
C LYS W 187 -95.12 -9.37 -11.95
N ILE W 188 -96.32 -9.65 -12.44
CA ILE W 188 -97.36 -10.35 -11.68
C ILE W 188 -97.71 -11.62 -12.43
N MET W 189 -97.67 -12.74 -11.73
CA MET W 189 -98.06 -14.02 -12.32
C MET W 189 -99.57 -14.14 -12.20
N LEU W 190 -100.27 -13.93 -13.31
CA LEU W 190 -101.72 -14.03 -13.30
C LEU W 190 -102.14 -15.48 -13.06
N PRO W 191 -103.04 -15.74 -12.13
CA PRO W 191 -103.47 -17.12 -11.88
C PRO W 191 -104.27 -17.66 -13.06
N TRP W 192 -104.23 -18.98 -13.21
CA TRP W 192 -104.99 -19.63 -14.25
C TRP W 192 -106.49 -19.39 -14.07
N ASP W 193 -107.16 -19.00 -15.14
CA ASP W 193 -108.59 -18.72 -15.12
C ASP W 193 -109.31 -19.74 -16.00
N PRO W 194 -110.01 -20.71 -15.41
CA PRO W 194 -110.76 -21.67 -16.25
C PRO W 194 -111.79 -21.00 -17.15
N THR W 195 -112.45 -19.94 -16.67
CA THR W 195 -113.34 -19.18 -17.54
C THR W 195 -112.55 -18.36 -18.54
N GLY W 196 -111.40 -17.84 -18.14
CA GLY W 196 -110.57 -17.03 -19.00
C GLY W 196 -110.72 -15.54 -18.84
N LYS W 197 -111.36 -15.07 -17.76
CA LYS W 197 -111.62 -13.64 -17.61
C LYS W 197 -110.42 -12.89 -17.06
N ILE W 198 -109.99 -13.21 -15.83
CA ILE W 198 -108.87 -12.49 -15.24
C ILE W 198 -107.54 -13.04 -15.67
N GLY W 199 -107.52 -14.24 -16.25
CA GLY W 199 -106.28 -14.85 -16.68
C GLY W 199 -106.50 -15.72 -17.91
N PRO W 200 -105.42 -16.32 -18.40
CA PRO W 200 -105.54 -17.21 -19.56
C PRO W 200 -106.31 -18.47 -19.23
N LYS W 201 -107.00 -19.00 -20.24
CA LYS W 201 -107.81 -20.20 -20.07
C LYS W 201 -107.02 -21.49 -20.23
N LYS W 202 -105.76 -21.42 -20.65
CA LYS W 202 -104.96 -22.61 -20.88
C LYS W 202 -104.25 -23.00 -19.58
N PRO W 203 -104.46 -24.20 -19.07
CA PRO W 203 -103.78 -24.61 -17.83
C PRO W 203 -102.29 -24.78 -18.03
N LEU W 204 -101.59 -25.00 -16.91
CA LEU W 204 -100.14 -25.12 -16.92
C LEU W 204 -99.72 -26.32 -17.76
N PRO W 205 -98.78 -26.16 -18.68
CA PRO W 205 -98.37 -27.29 -19.53
C PRO W 205 -97.77 -28.45 -18.75
N ASP W 206 -97.05 -28.19 -17.66
CA ASP W 206 -96.42 -29.23 -16.87
C ASP W 206 -97.19 -29.54 -15.59
N HIS W 207 -98.49 -29.27 -15.57
CA HIS W 207 -99.34 -29.61 -14.44
C HIS W 207 -100.57 -30.35 -14.96
N VAL W 208 -100.99 -31.38 -14.22
CA VAL W 208 -102.14 -32.18 -14.58
C VAL W 208 -103.05 -32.33 -13.37
N SER W 209 -104.34 -32.45 -13.64
CA SER W 209 -105.34 -32.72 -12.61
C SER W 209 -106.01 -34.05 -12.92
N ILE W 210 -106.24 -34.84 -11.88
CA ILE W 210 -106.78 -36.19 -12.01
C ILE W 210 -108.24 -36.15 -11.59
N VAL W 211 -109.12 -36.60 -12.49
CA VAL W 211 -110.54 -36.69 -12.14
C VAL W 211 -110.74 -37.80 -11.12
N GLU W 212 -111.69 -37.59 -10.22
CA GLU W 212 -111.84 -38.47 -9.07
C GLU W 212 -112.77 -39.63 -9.41
N PRO W 213 -112.30 -40.87 -9.38
CA PRO W 213 -113.20 -42.00 -9.68
C PRO W 213 -114.13 -42.27 -8.52
N LYS W 214 -115.26 -42.91 -8.84
CA LYS W 214 -116.22 -43.32 -7.82
C LYS W 214 -115.89 -44.73 -7.35
N ASP W 215 -116.75 -45.28 -6.49
CA ASP W 215 -116.49 -46.61 -5.95
C ASP W 215 -116.77 -47.70 -6.99
N GLU W 216 -118.00 -47.75 -7.51
CA GLU W 216 -118.41 -48.72 -8.54
C GLU W 216 -118.04 -50.14 -8.15
N ILE W 217 -118.48 -50.55 -6.96
CA ILE W 217 -118.03 -51.81 -6.37
C ILE W 217 -118.68 -52.98 -7.08
N LEU W 218 -120.01 -53.10 -6.97
CA LEU W 218 -120.85 -54.15 -7.53
C LEU W 218 -120.22 -55.52 -7.28
N PRO W 219 -120.24 -56.02 -6.03
CA PRO W 219 -119.61 -57.32 -5.75
C PRO W 219 -120.60 -58.48 -5.74
N THR W 220 -121.88 -58.18 -5.83
CA THR W 220 -122.93 -59.15 -5.55
C THR W 220 -123.12 -60.10 -6.73
N THR W 221 -124.17 -60.91 -6.66
CA THR W 221 -124.44 -61.89 -7.69
C THR W 221 -124.85 -61.22 -8.99
N PRO W 222 -124.50 -61.82 -10.13
CA PRO W 222 -124.98 -61.28 -11.42
C PRO W 222 -126.49 -61.40 -11.53
N ILE W 223 -127.14 -60.25 -11.74
CA ILE W 223 -128.58 -60.17 -11.86
C ILE W 223 -128.91 -59.42 -13.15
N SER W 224 -130.22 -59.24 -13.39
CA SER W 224 -130.71 -58.53 -14.55
C SER W 224 -131.77 -57.54 -14.13
N GLU W 225 -131.85 -56.41 -14.84
CA GLU W 225 -132.82 -55.36 -14.57
C GLU W 225 -133.46 -54.95 -15.88
N GLN W 226 -134.64 -55.47 -16.16
CA GLN W 226 -135.37 -55.12 -17.37
C GLN W 226 -135.78 -53.65 -17.32
N LYS W 227 -135.59 -52.96 -18.45
CA LYS W 227 -135.86 -51.53 -18.50
C LYS W 227 -136.64 -51.17 -19.77
N ASP X 1 -72.06 -60.21 -62.33
CA ASP X 1 -73.51 -60.05 -62.38
C ASP X 1 -73.89 -58.62 -62.01
N ILE X 2 -73.25 -58.09 -60.97
CA ILE X 2 -73.55 -56.72 -60.55
C ILE X 2 -72.97 -55.71 -61.52
N LYS X 3 -71.87 -56.06 -62.20
CA LYS X 3 -71.29 -55.27 -63.29
C LYS X 3 -70.93 -53.86 -62.83
N LEU X 4 -69.94 -53.80 -61.94
CA LEU X 4 -69.40 -52.52 -61.49
C LEU X 4 -68.85 -51.73 -62.67
N PHE X 5 -69.43 -50.55 -62.91
CA PHE X 5 -69.19 -49.78 -64.13
C PHE X 5 -69.55 -50.61 -65.36
N GLY X 6 -70.60 -51.42 -65.24
CA GLY X 6 -71.03 -52.27 -66.33
C GLY X 6 -70.10 -53.42 -66.64
N LYS X 7 -69.22 -53.79 -65.72
CA LYS X 7 -68.20 -54.80 -65.96
C LYS X 7 -67.58 -55.18 -64.61
N TRP X 8 -66.50 -55.95 -64.66
CA TRP X 8 -65.68 -56.27 -63.48
C TRP X 8 -66.52 -56.89 -62.36
N SER X 9 -67.03 -58.09 -62.64
CA SER X 9 -67.79 -58.84 -61.65
C SER X 9 -66.93 -59.13 -60.42
N THR X 10 -67.57 -59.10 -59.26
CA THR X 10 -66.88 -59.12 -57.98
C THR X 10 -66.85 -60.50 -57.33
N ASP X 11 -67.25 -61.55 -58.04
CA ASP X 11 -67.20 -62.89 -57.48
C ASP X 11 -65.82 -63.53 -57.60
N ASP X 12 -64.88 -62.91 -58.31
CA ASP X 12 -63.53 -63.44 -58.44
C ASP X 12 -62.52 -62.73 -57.57
N VAL X 13 -62.80 -61.51 -57.11
CA VAL X 13 -61.87 -60.78 -56.26
C VAL X 13 -61.98 -61.28 -54.83
N GLN X 14 -60.88 -61.18 -54.10
CA GLN X 14 -60.83 -61.67 -52.72
C GLN X 14 -59.69 -60.97 -51.99
N ILE X 15 -59.69 -61.11 -50.67
CA ILE X 15 -58.68 -60.55 -49.80
C ILE X 15 -57.83 -61.69 -49.27
N ASN X 16 -56.50 -61.52 -49.29
CA ASN X 16 -55.60 -62.62 -48.97
C ASN X 16 -55.73 -63.09 -47.54
N ASP X 17 -55.96 -62.17 -46.60
CA ASP X 17 -56.11 -62.52 -45.19
C ASP X 17 -57.55 -62.30 -44.75
N ILE X 18 -58.01 -63.16 -43.83
CA ILE X 18 -59.38 -63.07 -43.35
C ILE X 18 -59.61 -61.90 -42.40
N SER X 19 -58.54 -61.23 -41.96
CA SER X 19 -58.70 -60.11 -41.05
C SER X 19 -59.47 -58.96 -41.68
N LEU X 20 -59.13 -58.62 -42.92
CA LEU X 20 -59.79 -57.53 -43.63
C LEU X 20 -60.99 -57.99 -44.45
N GLN X 21 -61.23 -59.30 -44.53
CA GLN X 21 -62.28 -59.81 -45.40
C GLN X 21 -63.66 -59.32 -44.99
N ASP X 22 -63.89 -59.09 -43.70
CA ASP X 22 -65.14 -58.51 -43.24
C ASP X 22 -65.10 -56.99 -43.20
N TYR X 23 -63.95 -56.37 -43.42
CA TYR X 23 -63.83 -54.93 -43.43
C TYR X 23 -63.73 -54.34 -44.83
N ILE X 24 -63.63 -55.18 -45.86
CA ILE X 24 -63.73 -54.75 -47.25
C ILE X 24 -65.07 -55.22 -47.80
N ALA X 25 -65.70 -54.38 -48.61
CA ALA X 25 -67.09 -54.60 -48.98
C ALA X 25 -67.26 -54.79 -50.48
N VAL X 26 -66.41 -55.62 -51.09
CA VAL X 26 -66.54 -55.92 -52.52
C VAL X 26 -67.41 -57.15 -52.70
N LYS X 27 -68.06 -57.58 -51.63
CA LYS X 27 -68.88 -58.79 -51.72
C LYS X 27 -70.20 -58.50 -52.41
N GLU X 28 -70.87 -59.57 -52.85
CA GLU X 28 -72.10 -59.44 -53.60
C GLU X 28 -73.23 -58.83 -52.78
N LYS X 29 -73.19 -58.97 -51.44
CA LYS X 29 -74.16 -58.28 -50.61
C LYS X 29 -73.98 -56.77 -50.70
N TYR X 30 -72.73 -56.32 -50.70
CA TYR X 30 -72.40 -54.90 -50.79
C TYR X 30 -72.16 -54.45 -52.21
N ALA X 31 -72.25 -55.35 -53.19
CA ALA X 31 -71.95 -55.01 -54.57
C ALA X 31 -72.97 -54.02 -55.11
N LYS X 32 -72.47 -52.98 -55.79
CA LYS X 32 -73.32 -51.92 -56.33
C LYS X 32 -72.95 -51.66 -57.79
N TYR X 33 -73.95 -51.25 -58.56
CA TYR X 33 -73.71 -50.92 -59.96
C TYR X 33 -72.74 -49.75 -60.10
N LEU X 34 -72.91 -48.72 -59.27
CA LEU X 34 -72.17 -47.48 -59.40
C LEU X 34 -71.76 -47.02 -58.00
N PRO X 35 -70.49 -46.67 -57.80
CA PRO X 35 -70.07 -46.23 -56.46
C PRO X 35 -70.56 -44.83 -56.12
N HIS X 36 -71.86 -44.72 -55.84
CA HIS X 36 -72.44 -43.44 -55.44
C HIS X 36 -73.72 -43.73 -54.66
N SER X 37 -73.66 -43.54 -53.35
CA SER X 37 -74.84 -43.73 -52.50
C SER X 37 -74.62 -42.98 -51.19
N ALA X 38 -75.43 -41.96 -50.94
CA ALA X 38 -75.35 -41.19 -49.70
C ALA X 38 -76.18 -41.87 -48.61
N GLY X 39 -75.69 -43.03 -48.19
CA GLY X 39 -76.40 -43.92 -47.29
C GLY X 39 -76.26 -43.62 -45.81
N ARG X 40 -75.78 -42.43 -45.45
CA ARG X 40 -75.61 -42.02 -44.05
C ARG X 40 -74.72 -43.01 -43.31
N TYR X 41 -73.60 -43.37 -43.94
CA TYR X 41 -72.67 -44.34 -43.37
C TYR X 41 -72.00 -43.84 -42.11
N ALA X 42 -71.94 -42.53 -41.89
CA ALA X 42 -71.21 -41.95 -40.77
C ALA X 42 -72.10 -41.57 -39.60
N ALA X 43 -73.38 -41.90 -39.63
CA ALA X 43 -74.28 -41.55 -38.54
C ALA X 43 -74.03 -42.35 -37.28
N LYS X 44 -73.25 -43.43 -37.35
CA LYS X 44 -72.98 -44.27 -36.20
C LYS X 44 -71.66 -44.98 -36.43
N ARG X 45 -70.95 -45.24 -35.33
CA ARG X 45 -69.66 -45.91 -35.40
C ARG X 45 -69.80 -47.30 -36.01
N PHE X 46 -68.76 -47.69 -36.77
CA PHE X 46 -68.68 -49.00 -37.45
C PHE X 46 -69.82 -49.21 -38.45
N ARG X 47 -70.33 -48.13 -39.04
CA ARG X 47 -71.30 -48.25 -40.11
C ARG X 47 -70.73 -47.88 -41.47
N LYS X 48 -69.46 -47.50 -41.53
CA LYS X 48 -68.77 -47.31 -42.80
C LYS X 48 -68.08 -48.58 -43.27
N ALA X 49 -68.07 -49.63 -42.45
CA ALA X 49 -67.42 -50.88 -42.84
C ALA X 49 -68.15 -51.57 -43.98
N GLN X 50 -69.49 -51.63 -43.89
CA GLN X 50 -70.26 -52.26 -44.96
C GLN X 50 -70.44 -51.35 -46.16
N CYS X 51 -70.02 -50.09 -46.07
CA CYS X 51 -69.94 -49.24 -47.24
C CYS X 51 -68.90 -49.80 -48.22
N PRO X 52 -69.19 -49.79 -49.52
CA PRO X 52 -68.21 -50.32 -50.48
C PRO X 52 -66.90 -49.56 -50.45
N ILE X 53 -65.80 -50.30 -50.58
CA ILE X 53 -64.47 -49.71 -50.50
C ILE X 53 -64.20 -48.80 -51.68
N VAL X 54 -64.78 -49.10 -52.85
CA VAL X 54 -64.65 -48.22 -54.00
C VAL X 54 -65.28 -46.86 -53.71
N GLU X 55 -66.46 -46.87 -53.09
CA GLU X 55 -67.11 -45.63 -52.70
C GLU X 55 -66.30 -44.90 -51.63
N ARG X 56 -65.70 -45.64 -50.70
CA ARG X 56 -64.85 -45.02 -49.69
C ARG X 56 -63.63 -44.37 -50.32
N LEU X 57 -63.01 -45.04 -51.30
CA LEU X 57 -61.90 -44.43 -52.04
C LEU X 57 -62.36 -43.19 -52.78
N THR X 58 -63.57 -43.24 -53.35
CA THR X 58 -64.13 -42.08 -54.02
C THR X 58 -64.32 -40.92 -53.05
N ASN X 59 -64.85 -41.20 -51.86
CA ASN X 59 -65.15 -40.13 -50.91
C ASN X 59 -63.89 -39.49 -50.36
N SER X 60 -62.82 -40.27 -50.19
CA SER X 60 -61.57 -39.73 -49.66
C SER X 60 -60.75 -39.02 -50.72
N MET X 61 -61.13 -39.12 -52.00
CA MET X 61 -60.32 -38.52 -53.05
C MET X 61 -60.48 -37.00 -53.09
N MET X 62 -61.67 -36.49 -52.79
CA MET X 62 -61.90 -35.05 -52.88
C MET X 62 -61.34 -34.36 -51.65
N MET X 63 -60.32 -33.53 -51.86
CA MET X 63 -59.67 -32.77 -50.79
C MET X 63 -59.22 -31.43 -51.36
N HIS X 64 -58.50 -30.67 -50.53
CA HIS X 64 -57.75 -29.49 -50.96
C HIS X 64 -58.65 -28.39 -51.51
N GLY X 65 -59.74 -28.14 -50.80
CA GLY X 65 -60.53 -26.93 -51.05
C GLY X 65 -61.33 -26.96 -52.33
N ARG X 66 -60.64 -26.98 -53.48
CA ARG X 66 -61.34 -26.99 -54.76
C ARG X 66 -62.12 -28.27 -55.00
N ASN X 67 -61.88 -29.31 -54.20
CA ASN X 67 -62.59 -30.59 -54.33
C ASN X 67 -63.08 -30.98 -52.95
N ASN X 68 -64.29 -30.56 -52.60
CA ASN X 68 -64.91 -31.00 -51.36
C ASN X 68 -66.27 -31.65 -51.56
N GLY X 69 -67.10 -31.11 -52.45
CA GLY X 69 -68.40 -31.71 -52.69
C GLY X 69 -68.49 -32.37 -54.05
N LYS X 70 -67.51 -32.10 -54.91
CA LYS X 70 -67.54 -32.62 -56.27
C LYS X 70 -67.37 -34.12 -56.25
N LYS X 71 -68.46 -34.85 -56.49
CA LYS X 71 -68.45 -36.30 -56.54
C LYS X 71 -68.53 -36.85 -57.95
N LEU X 72 -69.19 -36.12 -58.86
CA LEU X 72 -69.27 -36.58 -60.24
C LEU X 72 -67.90 -36.59 -60.90
N MET X 73 -67.11 -35.55 -60.67
CA MET X 73 -65.75 -35.53 -61.19
C MET X 73 -64.90 -36.62 -60.54
N THR X 74 -65.09 -36.84 -59.25
CA THR X 74 -64.32 -37.87 -58.56
C THR X 74 -64.65 -39.26 -59.11
N VAL X 75 -65.93 -39.54 -59.35
CA VAL X 75 -66.31 -40.83 -59.90
C VAL X 75 -65.76 -41.02 -61.30
N ARG X 76 -65.85 -39.98 -62.13
CA ARG X 76 -65.26 -40.07 -63.47
C ARG X 76 -63.74 -40.16 -63.41
N ILE X 77 -63.14 -39.67 -62.33
CA ILE X 77 -61.70 -39.86 -62.13
C ILE X 77 -61.40 -41.31 -61.80
N VAL X 78 -62.19 -41.91 -60.92
CA VAL X 78 -61.98 -43.29 -60.53
C VAL X 78 -62.28 -44.23 -61.68
N LYS X 79 -63.38 -43.97 -62.40
CA LYS X 79 -63.74 -44.81 -63.55
C LYS X 79 -62.65 -44.76 -64.62
N HIS X 80 -62.12 -43.56 -64.90
CA HIS X 80 -61.02 -43.45 -65.84
C HIS X 80 -59.79 -44.21 -65.36
N ALA X 81 -59.48 -44.11 -64.07
CA ALA X 81 -58.38 -44.88 -63.50
C ALA X 81 -58.66 -46.37 -63.53
N PHE X 82 -59.92 -46.76 -63.25
CA PHE X 82 -60.28 -48.17 -63.32
C PHE X 82 -60.17 -48.69 -64.74
N GLU X 83 -60.46 -47.85 -65.73
CA GLU X 83 -60.24 -48.24 -67.12
C GLU X 83 -58.75 -48.47 -67.39
N ILE X 84 -57.89 -47.61 -66.83
CA ILE X 84 -56.46 -47.68 -67.13
C ILE X 84 -55.85 -48.95 -66.54
N ILE X 85 -56.16 -49.25 -65.28
CA ILE X 85 -55.46 -50.32 -64.58
C ILE X 85 -55.83 -51.68 -65.15
N HIS X 86 -57.09 -51.86 -65.56
CA HIS X 86 -57.44 -53.10 -66.24
C HIS X 86 -56.70 -53.22 -67.56
N LEU X 87 -56.56 -52.10 -68.29
CA LEU X 87 -55.80 -52.10 -69.52
C LEU X 87 -54.32 -52.39 -69.26
N LEU X 88 -53.76 -51.79 -68.22
CA LEU X 88 -52.34 -51.94 -67.94
C LEU X 88 -52.00 -53.32 -67.37
N THR X 89 -52.79 -53.80 -66.41
CA THR X 89 -52.49 -55.04 -65.72
C THR X 89 -53.09 -56.27 -66.38
N GLY X 90 -54.28 -56.15 -66.96
CA GLY X 90 -54.94 -57.26 -67.60
C GLY X 90 -55.80 -58.12 -66.68
N GLU X 91 -55.92 -57.76 -65.42
CA GLU X 91 -56.79 -58.47 -64.49
C GLU X 91 -57.84 -57.50 -63.92
N ASN X 92 -58.61 -57.99 -62.98
CA ASN X 92 -59.73 -57.22 -62.43
C ASN X 92 -59.22 -56.00 -61.69
N PRO X 93 -59.73 -54.81 -61.99
CA PRO X 93 -59.27 -53.60 -61.26
C PRO X 93 -59.50 -53.66 -59.77
N LEU X 94 -60.61 -54.29 -59.34
CA LEU X 94 -60.92 -54.35 -57.92
C LEU X 94 -59.87 -55.13 -57.15
N GLN X 95 -59.37 -56.23 -57.73
CA GLN X 95 -58.30 -56.98 -57.09
C GLN X 95 -57.03 -56.14 -56.96
N VAL X 96 -56.70 -55.35 -57.99
CA VAL X 96 -55.55 -54.46 -57.91
C VAL X 96 -55.74 -53.45 -56.79
N LEU X 97 -56.97 -52.96 -56.63
CA LEU X 97 -57.28 -52.10 -55.48
C LEU X 97 -57.11 -52.88 -54.17
N VAL X 98 -57.59 -54.13 -54.14
CA VAL X 98 -57.50 -54.93 -52.92
C VAL X 98 -56.04 -55.21 -52.58
N ASN X 99 -55.25 -55.61 -53.58
CA ASN X 99 -53.83 -55.84 -53.34
C ASN X 99 -53.13 -54.54 -52.95
N ALA X 100 -53.66 -53.40 -53.38
CA ALA X 100 -53.11 -52.12 -52.95
C ALA X 100 -53.39 -51.85 -51.48
N ILE X 101 -54.64 -52.06 -51.04
CA ILE X 101 -55.01 -51.76 -49.67
C ILE X 101 -54.24 -52.65 -48.69
N ILE X 102 -54.15 -53.95 -48.99
CA ILE X 102 -53.47 -54.89 -48.11
C ILE X 102 -52.01 -54.51 -47.94
N ASN X 103 -51.36 -54.18 -49.05
CA ASN X 103 -49.93 -53.88 -49.02
C ASN X 103 -49.63 -52.44 -48.62
N SER X 104 -50.65 -51.59 -48.47
CA SER X 104 -50.42 -50.22 -48.04
C SER X 104 -50.83 -49.96 -46.60
N GLY X 105 -51.63 -50.84 -46.00
CA GLY X 105 -52.03 -50.67 -44.63
C GLY X 105 -50.88 -50.83 -43.66
N PRO X 106 -50.58 -49.77 -42.90
CA PRO X 106 -49.52 -49.85 -41.90
C PRO X 106 -49.96 -50.70 -40.72
N ARG X 107 -49.17 -51.73 -40.41
CA ARG X 107 -49.57 -52.70 -39.39
C ARG X 107 -49.38 -52.16 -37.98
N GLU X 108 -48.56 -51.13 -37.79
CA GLU X 108 -48.24 -50.61 -36.47
C GLU X 108 -48.08 -49.10 -36.53
N ASP X 109 -48.06 -48.48 -35.35
CA ASP X 109 -47.88 -47.04 -35.23
C ASP X 109 -47.29 -46.74 -33.85
N SER X 110 -47.26 -45.46 -33.49
CA SER X 110 -46.70 -45.02 -32.22
C SER X 110 -47.29 -43.66 -31.85
N THR X 111 -47.48 -43.45 -30.54
CA THR X 111 -48.05 -42.20 -30.06
C THR X 111 -47.76 -42.03 -28.57
N ARG X 112 -47.33 -40.83 -28.18
CA ARG X 112 -47.19 -40.44 -26.79
C ARG X 112 -47.49 -38.96 -26.65
N ILE X 113 -47.49 -38.49 -25.40
CA ILE X 113 -47.82 -37.12 -25.05
C ILE X 113 -46.70 -36.42 -24.30
N GLY X 114 -46.05 -37.12 -23.37
CA GLY X 114 -44.99 -36.53 -22.57
C GLY X 114 -43.69 -36.34 -23.31
N ARG X 115 -42.56 -36.50 -22.63
CA ARG X 115 -41.25 -36.36 -23.26
C ARG X 115 -41.10 -37.37 -24.39
N ALA X 116 -41.05 -36.87 -25.63
CA ALA X 116 -40.97 -37.74 -26.79
C ALA X 116 -39.51 -38.02 -27.14
N GLY X 117 -39.26 -39.23 -27.63
CA GLY X 117 -37.92 -39.62 -28.04
C GLY X 117 -37.45 -38.82 -29.24
N THR X 118 -38.08 -39.04 -30.39
CA THR X 118 -37.86 -38.19 -31.56
C THR X 118 -39.16 -37.48 -31.96
N VAL X 119 -40.22 -38.23 -32.26
CA VAL X 119 -41.55 -37.68 -32.48
C VAL X 119 -42.56 -38.31 -31.52
N ARG X 120 -42.52 -39.63 -31.39
CA ARG X 120 -43.29 -40.38 -30.41
C ARG X 120 -42.34 -41.07 -29.45
N ARG X 121 -42.90 -41.79 -28.50
CA ARG X 121 -42.05 -42.53 -27.56
C ARG X 121 -42.44 -44.00 -27.44
N GLN X 122 -43.72 -44.32 -27.47
CA GLN X 122 -44.20 -45.67 -27.27
C GLN X 122 -44.94 -46.14 -28.52
N ALA X 123 -44.73 -47.41 -28.87
CA ALA X 123 -45.28 -47.99 -30.09
C ALA X 123 -46.47 -48.88 -29.76
N VAL X 124 -47.51 -48.78 -30.58
CA VAL X 124 -48.76 -49.51 -30.38
C VAL X 124 -49.27 -49.97 -31.73
N ASP X 125 -49.65 -51.24 -31.83
CA ASP X 125 -50.18 -51.79 -33.07
C ASP X 125 -51.58 -51.25 -33.35
N VAL X 126 -51.99 -51.33 -34.60
CA VAL X 126 -53.19 -50.67 -35.07
C VAL X 126 -54.33 -51.68 -35.21
N SER X 127 -55.54 -51.15 -35.35
CA SER X 127 -56.74 -51.95 -35.60
C SER X 127 -56.87 -52.26 -37.09
N PRO X 128 -57.56 -53.35 -37.44
CA PRO X 128 -57.81 -53.63 -38.87
C PRO X 128 -58.62 -52.54 -39.56
N LEU X 129 -59.55 -51.89 -38.84
CA LEU X 129 -60.29 -50.80 -39.46
C LEU X 129 -59.37 -49.63 -39.79
N ARG X 130 -58.48 -49.27 -38.87
CA ARG X 130 -57.52 -48.21 -39.15
C ARG X 130 -56.57 -48.60 -40.26
N ARG X 131 -56.30 -49.92 -40.41
CA ARG X 131 -55.51 -50.39 -41.54
C ARG X 131 -56.15 -49.99 -42.85
N VAL X 132 -57.47 -50.17 -42.97
CA VAL X 132 -58.17 -49.78 -44.18
C VAL X 132 -58.23 -48.26 -44.29
N ASN X 133 -58.57 -47.59 -43.18
CA ASN X 133 -58.79 -46.15 -43.23
C ASN X 133 -57.51 -45.40 -43.55
N GLN X 134 -56.39 -45.79 -42.92
CA GLN X 134 -55.12 -45.11 -43.17
C GLN X 134 -54.65 -45.34 -44.61
N ALA X 135 -54.84 -46.56 -45.11
CA ALA X 135 -54.39 -46.89 -46.46
C ALA X 135 -55.13 -46.07 -47.51
N ILE X 136 -56.45 -45.89 -47.34
CA ILE X 136 -57.23 -45.11 -48.29
C ILE X 136 -56.74 -43.67 -48.31
N TRP X 137 -56.48 -43.11 -47.13
CA TRP X 137 -55.88 -41.78 -47.06
C TRP X 137 -54.51 -41.77 -47.71
N LEU X 138 -53.73 -42.82 -47.49
CA LEU X 138 -52.39 -42.91 -48.05
C LEU X 138 -52.44 -42.93 -49.58
N LEU X 139 -53.38 -43.70 -50.15
CA LEU X 139 -53.46 -43.81 -51.60
C LEU X 139 -53.98 -42.51 -52.23
N CYS X 140 -55.00 -41.91 -51.62
CA CYS X 140 -55.55 -40.67 -52.16
C CYS X 140 -54.52 -39.56 -52.13
N THR X 141 -53.79 -39.42 -51.02
CA THR X 141 -52.77 -38.39 -50.91
C THR X 141 -51.60 -38.70 -51.85
N GLY X 142 -51.26 -39.97 -52.02
CA GLY X 142 -50.15 -40.33 -52.89
C GLY X 142 -50.40 -39.94 -54.34
N ALA X 143 -51.59 -40.27 -54.85
CA ALA X 143 -51.94 -39.87 -56.22
C ALA X 143 -52.04 -38.36 -56.32
N ARG X 144 -52.58 -37.71 -55.29
CA ARG X 144 -52.75 -36.26 -55.31
C ARG X 144 -51.41 -35.55 -55.41
N GLU X 145 -50.41 -36.02 -54.64
CA GLU X 145 -49.10 -35.38 -54.68
C GLU X 145 -48.40 -35.66 -56.00
N ALA X 146 -48.63 -36.83 -56.59
CA ALA X 146 -47.98 -37.16 -57.85
C ALA X 146 -48.62 -36.47 -59.04
N ALA X 147 -49.79 -35.85 -58.85
CA ALA X 147 -50.52 -35.21 -59.93
C ALA X 147 -50.62 -33.69 -59.77
N PHE X 148 -49.80 -33.10 -58.90
CA PHE X 148 -49.94 -31.68 -58.62
C PHE X 148 -49.33 -30.82 -59.72
N ARG X 149 -48.02 -30.92 -59.91
CA ARG X 149 -47.36 -30.04 -60.87
C ARG X 149 -46.66 -30.82 -61.98
N ASN X 150 -47.35 -31.80 -62.54
CA ASN X 150 -46.92 -32.49 -63.74
C ASN X 150 -48.09 -32.54 -64.72
N ILE X 151 -47.85 -33.12 -65.90
CA ILE X 151 -48.88 -33.17 -66.93
C ILE X 151 -49.80 -34.36 -66.78
N LYS X 152 -49.43 -35.36 -65.97
CA LYS X 152 -50.28 -36.53 -65.81
C LYS X 152 -51.53 -36.19 -65.02
N THR X 153 -52.67 -36.70 -65.47
CA THR X 153 -53.94 -36.41 -64.83
C THR X 153 -54.10 -37.21 -63.56
N ILE X 154 -55.24 -37.02 -62.89
CA ILE X 154 -55.48 -37.70 -61.62
C ILE X 154 -55.61 -39.20 -61.82
N ALA X 155 -56.39 -39.62 -62.83
CA ALA X 155 -56.66 -41.04 -63.02
C ALA X 155 -55.39 -41.81 -63.33
N GLU X 156 -54.55 -41.28 -64.21
CA GLU X 156 -53.28 -41.94 -64.53
C GLU X 156 -52.36 -41.97 -63.32
N CYS X 157 -52.30 -40.87 -62.56
CA CYS X 157 -51.51 -40.86 -61.34
C CYS X 157 -52.09 -41.79 -60.29
N LEU X 158 -53.43 -41.87 -60.22
CA LEU X 158 -54.04 -42.84 -59.33
C LEU X 158 -53.78 -44.27 -59.80
N ALA X 159 -53.65 -44.46 -61.12
CA ALA X 159 -53.40 -45.78 -61.67
C ALA X 159 -52.05 -46.33 -61.20
N ASP X 160 -50.99 -45.53 -61.36
CA ASP X 160 -49.67 -46.00 -60.94
C ASP X 160 -49.55 -46.09 -59.43
N GLU X 161 -50.30 -45.26 -58.69
CA GLU X 161 -50.26 -45.31 -57.24
C GLU X 161 -50.78 -46.64 -56.72
N LEU X 162 -51.87 -47.14 -57.30
CA LEU X 162 -52.39 -48.44 -56.90
C LEU X 162 -51.49 -49.58 -57.37
N ILE X 163 -50.95 -49.47 -58.58
CA ILE X 163 -50.16 -50.55 -59.15
C ILE X 163 -48.87 -50.75 -58.36
N ASN X 164 -48.16 -49.66 -58.07
CA ASN X 164 -46.96 -49.77 -57.25
C ASN X 164 -47.29 -50.25 -55.83
N ALA X 165 -48.43 -49.80 -55.30
CA ALA X 165 -48.86 -50.28 -53.99
C ALA X 165 -49.20 -51.77 -54.03
N ALA X 166 -49.80 -52.23 -55.13
CA ALA X 166 -50.15 -53.64 -55.24
C ALA X 166 -48.92 -54.52 -55.21
N LYS X 167 -47.86 -54.12 -55.91
CA LYS X 167 -46.61 -54.88 -55.88
C LYS X 167 -45.81 -54.58 -54.62
N GLY X 168 -45.45 -53.31 -54.43
CA GLY X 168 -44.49 -52.93 -53.42
C GLY X 168 -43.15 -52.69 -54.09
N SER X 169 -42.87 -51.44 -54.43
CA SER X 169 -41.71 -51.12 -55.24
C SER X 169 -40.97 -49.89 -54.75
N SER X 170 -41.25 -49.41 -53.53
CA SER X 170 -40.66 -48.18 -52.99
C SER X 170 -40.89 -46.99 -53.92
N ASN X 171 -42.03 -47.00 -54.61
CA ASN X 171 -42.40 -45.93 -55.53
C ASN X 171 -43.72 -45.28 -55.18
N SER X 172 -44.72 -46.07 -54.77
CA SER X 172 -45.98 -45.49 -54.32
C SER X 172 -45.77 -44.73 -53.02
N TYR X 173 -46.37 -43.54 -52.94
CA TYR X 173 -46.23 -42.72 -51.75
C TYR X 173 -46.83 -43.39 -50.52
N ALA X 174 -47.81 -44.28 -50.73
CA ALA X 174 -48.41 -45.00 -49.61
C ALA X 174 -47.39 -45.92 -48.95
N ILE X 175 -46.84 -46.86 -49.73
CA ILE X 175 -45.89 -47.82 -49.18
C ILE X 175 -44.59 -47.12 -48.77
N LYS X 176 -44.21 -46.05 -49.47
CA LYS X 176 -43.01 -45.31 -49.09
C LYS X 176 -43.15 -44.69 -47.71
N LYS X 177 -44.33 -44.13 -47.42
CA LYS X 177 -44.58 -43.56 -46.10
C LYS X 177 -44.82 -44.65 -45.05
N LYS X 178 -45.37 -45.79 -45.47
CA LYS X 178 -45.64 -46.88 -44.54
C LYS X 178 -44.36 -47.45 -43.96
N ASP X 179 -43.30 -47.54 -44.78
CA ASP X 179 -42.04 -48.10 -44.32
C ASP X 179 -41.44 -47.28 -43.18
N GLU X 180 -41.48 -45.96 -43.30
CA GLU X 180 -41.01 -45.11 -42.21
C GLU X 180 -41.88 -45.24 -40.97
N LEU X 181 -43.19 -45.44 -41.17
CA LEU X 181 -44.09 -45.64 -40.04
C LEU X 181 -43.69 -46.87 -39.24
N GLU X 182 -43.35 -47.95 -39.93
CA GLU X 182 -42.89 -49.16 -39.23
C GLU X 182 -41.56 -48.91 -38.53
N ARG X 183 -40.65 -48.18 -39.18
CA ARG X 183 -39.35 -47.91 -38.59
C ARG X 183 -39.48 -47.07 -37.33
N VAL X 184 -40.35 -46.06 -37.36
CA VAL X 184 -40.59 -45.26 -36.16
C VAL X 184 -41.19 -46.13 -35.06
N ALA X 185 -42.12 -47.01 -35.42
CA ALA X 185 -42.71 -47.92 -34.44
C ALA X 185 -41.65 -48.87 -33.88
N LYS X 186 -40.82 -49.43 -34.74
CA LYS X 186 -39.78 -50.35 -34.28
C LYS X 186 -38.75 -49.64 -33.42
N SER X 187 -38.34 -48.43 -33.84
CA SER X 187 -37.33 -47.69 -33.09
C SER X 187 -37.85 -47.30 -31.71
N ASN X 188 -39.12 -46.90 -31.62
CA ASN X 188 -39.70 -46.44 -30.37
C ASN X 188 -40.49 -47.52 -29.65
N ARG X 189 -40.06 -48.77 -29.78
CA ARG X 189 -40.64 -49.85 -29.00
C ARG X 189 -40.38 -49.63 -27.51
N MET Y 1 -93.41 35.44 -31.36
CA MET Y 1 -93.11 35.06 -32.73
C MET Y 1 -93.59 36.14 -33.70
N LEU Y 2 -92.96 36.22 -34.87
CA LEU Y 2 -93.21 37.29 -35.82
C LEU Y 2 -94.35 36.97 -36.80
N MET Y 3 -95.29 36.13 -36.38
CA MET Y 3 -96.43 35.84 -37.24
C MET Y 3 -97.29 37.09 -37.42
N PRO Y 4 -97.87 37.26 -38.61
CA PRO Y 4 -98.83 38.36 -38.79
C PRO Y 4 -100.12 38.10 -38.04
N LYS Y 5 -100.95 39.14 -37.97
CA LYS Y 5 -102.23 39.03 -37.26
C LYS Y 5 -103.11 37.96 -37.89
N LYS Y 6 -103.14 37.90 -39.22
CA LYS Y 6 -103.97 36.90 -39.89
C LYS Y 6 -103.50 35.48 -39.58
N ASN Y 7 -102.19 35.31 -39.36
CA ASN Y 7 -101.68 34.00 -38.97
C ASN Y 7 -102.01 33.68 -37.52
N ARG Y 8 -101.90 34.67 -36.63
CA ARG Y 8 -102.20 34.45 -35.22
C ARG Y 8 -103.66 34.08 -35.01
N ILE Y 9 -104.57 34.79 -35.69
CA ILE Y 9 -105.99 34.51 -35.52
C ILE Y 9 -106.36 33.17 -36.17
N ALA Y 10 -105.64 32.77 -37.22
CA ALA Y 10 -105.94 31.50 -37.89
C ALA Y 10 -105.70 30.33 -36.95
N ILE Y 11 -104.59 30.37 -36.21
CA ILE Y 11 -104.29 29.31 -35.25
C ILE Y 11 -105.32 29.32 -34.12
N TYR Y 12 -105.66 30.51 -33.62
CA TYR Y 12 -106.62 30.61 -32.53
C TYR Y 12 -108.00 30.15 -32.95
N GLU Y 13 -108.45 30.55 -34.14
CA GLU Y 13 -109.81 30.24 -34.56
C GLU Y 13 -110.01 28.74 -34.75
N LEU Y 14 -108.95 28.03 -35.13
CA LEU Y 14 -109.03 26.58 -35.18
C LEU Y 14 -109.03 25.98 -33.78
N LEU Y 15 -108.23 26.57 -32.89
CA LEU Y 15 -108.17 26.08 -31.50
C LEU Y 15 -109.51 26.27 -30.80
N PHE Y 16 -110.17 27.40 -31.02
CA PHE Y 16 -111.43 27.66 -30.35
C PHE Y 16 -112.61 26.97 -31.03
N LYS Y 17 -112.43 26.46 -32.25
CA LYS Y 17 -113.46 25.66 -32.89
C LYS Y 17 -113.76 24.40 -32.07
N GLU Y 18 -112.70 23.68 -31.68
CA GLU Y 18 -112.79 22.66 -30.65
C GLU Y 18 -111.43 22.59 -29.97
N GLY Y 19 -111.44 22.43 -28.64
CA GLY Y 19 -110.25 22.66 -27.85
C GLY Y 19 -109.15 21.63 -27.99
N VAL Y 20 -108.68 21.40 -29.22
CA VAL Y 20 -107.60 20.47 -29.50
C VAL Y 20 -106.65 21.10 -30.51
N MET Y 21 -105.44 20.55 -30.57
CA MET Y 21 -104.46 20.96 -31.58
C MET Y 21 -103.41 19.87 -31.71
N VAL Y 22 -103.12 19.46 -32.93
CA VAL Y 22 -102.14 18.42 -33.22
C VAL Y 22 -101.15 18.97 -34.23
N ALA Y 23 -99.85 18.78 -33.95
CA ALA Y 23 -98.82 19.26 -34.86
C ALA Y 23 -97.58 18.38 -34.74
N LYS Y 24 -97.05 17.97 -35.89
CA LYS Y 24 -95.78 17.25 -35.92
C LYS Y 24 -94.63 18.19 -35.59
N LYS Y 25 -93.63 17.66 -34.89
CA LYS Y 25 -92.46 18.46 -34.52
C LYS Y 25 -91.52 18.55 -35.71
N ASP Y 26 -91.64 19.65 -36.46
CA ASP Y 26 -90.69 19.96 -37.53
C ASP Y 26 -90.80 21.44 -37.86
N VAL Y 27 -89.74 22.19 -37.59
CA VAL Y 27 -89.72 23.59 -37.98
C VAL Y 27 -89.45 23.76 -39.46
N HIS Y 28 -88.94 22.72 -40.12
CA HIS Y 28 -88.68 22.75 -41.55
C HIS Y 28 -89.86 22.25 -42.38
N MET Y 29 -90.96 21.88 -41.74
CA MET Y 29 -92.17 21.54 -42.47
C MET Y 29 -92.67 22.79 -43.19
N PRO Y 30 -92.99 22.70 -44.49
CA PRO Y 30 -93.35 23.90 -45.25
C PRO Y 30 -94.62 24.56 -44.74
N LYS Y 31 -95.71 23.81 -44.68
CA LYS Y 31 -96.98 24.33 -44.21
C LYS Y 31 -97.66 23.27 -43.36
N HIS Y 32 -98.51 23.73 -42.45
CA HIS Y 32 -99.27 22.82 -41.61
C HIS Y 32 -100.23 22.01 -42.47
N PRO Y 33 -100.42 20.71 -42.18
CA PRO Y 33 -101.36 19.89 -42.97
C PRO Y 33 -102.76 20.48 -42.98
N GLU Y 34 -103.36 20.63 -41.81
CA GLU Y 34 -104.57 21.41 -41.69
C GLU Y 34 -104.24 22.89 -41.83
N LEU Y 35 -105.25 23.67 -42.25
CA LEU Y 35 -105.09 25.10 -42.50
C LEU Y 35 -104.03 25.37 -43.56
N ALA Y 36 -103.89 24.45 -44.51
CA ALA Y 36 -102.91 24.63 -45.58
C ALA Y 36 -103.29 25.77 -46.52
N ASP Y 37 -104.60 26.05 -46.65
CA ASP Y 37 -105.03 27.14 -47.52
C ASP Y 37 -104.65 28.50 -46.95
N LYS Y 38 -104.54 28.61 -45.62
CA LYS Y 38 -104.16 29.87 -44.99
C LYS Y 38 -102.71 30.25 -45.24
N ASN Y 39 -101.91 29.33 -45.78
CA ASN Y 39 -100.49 29.57 -46.09
C ASN Y 39 -99.71 29.94 -44.83
N VAL Y 40 -99.80 29.09 -43.82
CA VAL Y 40 -99.10 29.28 -42.56
C VAL Y 40 -98.07 28.16 -42.40
N PRO Y 41 -96.83 28.47 -42.00
CA PRO Y 41 -95.85 27.41 -41.78
C PRO Y 41 -96.11 26.67 -40.49
N ASN Y 42 -95.54 25.46 -40.41
CA ASN Y 42 -95.68 24.65 -39.21
C ASN Y 42 -94.95 25.27 -38.02
N LEU Y 43 -93.94 26.11 -38.28
CA LEU Y 43 -93.22 26.79 -37.20
C LEU Y 43 -94.15 27.68 -36.40
N HIS Y 44 -95.04 28.41 -37.09
CA HIS Y 44 -95.93 29.34 -36.41
C HIS Y 44 -96.84 28.62 -35.43
N VAL Y 45 -97.39 27.46 -35.84
CA VAL Y 45 -98.25 26.69 -34.96
C VAL Y 45 -97.49 26.23 -33.73
N MET Y 46 -96.26 25.74 -33.94
CA MET Y 46 -95.45 25.29 -32.81
C MET Y 46 -95.11 26.45 -31.89
N LYS Y 47 -94.76 27.60 -32.45
CA LYS Y 47 -94.37 28.74 -31.62
C LYS Y 47 -95.58 29.35 -30.92
N ALA Y 48 -96.73 29.40 -31.58
CA ALA Y 48 -97.91 30.00 -30.96
C ALA Y 48 -98.37 29.19 -29.76
N MET Y 49 -98.48 27.86 -29.93
CA MET Y 49 -98.93 27.02 -28.84
C MET Y 49 -97.88 26.92 -27.73
N GLN Y 50 -96.60 27.01 -28.08
CA GLN Y 50 -95.55 27.03 -27.06
C GLN Y 50 -95.68 28.26 -26.18
N SER Y 51 -95.98 29.41 -26.78
CA SER Y 51 -96.24 30.62 -25.99
C SER Y 51 -97.47 30.44 -25.11
N LEU Y 52 -98.49 29.75 -25.62
CA LEU Y 52 -99.67 29.48 -24.81
C LEU Y 52 -99.35 28.58 -23.62
N LYS Y 53 -98.48 27.59 -23.82
CA LYS Y 53 -98.08 26.72 -22.72
C LYS Y 53 -97.35 27.51 -21.64
N SER Y 54 -96.46 28.41 -22.06
CA SER Y 54 -95.70 29.21 -21.10
C SER Y 54 -96.61 30.11 -20.27
N ARG Y 55 -97.75 30.53 -20.82
CA ARG Y 55 -98.69 31.35 -20.10
C ARG Y 55 -99.79 30.55 -19.41
N GLY Y 56 -99.74 29.23 -19.48
CA GLY Y 56 -100.67 28.39 -18.76
C GLY Y 56 -102.05 28.27 -19.36
N TYR Y 57 -102.26 28.80 -20.57
CA TYR Y 57 -103.57 28.72 -21.20
C TYR Y 57 -103.81 27.39 -21.90
N VAL Y 58 -102.77 26.59 -22.14
CA VAL Y 58 -102.90 25.28 -22.75
C VAL Y 58 -102.01 24.31 -21.96
N LYS Y 59 -102.42 23.05 -21.95
CA LYS Y 59 -101.60 21.98 -21.38
C LYS Y 59 -101.11 21.10 -22.51
N GLU Y 60 -99.81 20.83 -22.51
CA GLU Y 60 -99.13 20.22 -23.65
C GLU Y 60 -98.63 18.82 -23.30
N GLN Y 61 -98.97 17.85 -24.14
CA GLN Y 61 -98.48 16.49 -24.03
C GLN Y 61 -97.92 16.07 -25.38
N PHE Y 62 -96.72 15.48 -25.38
CA PHE Y 62 -96.02 15.17 -26.61
C PHE Y 62 -96.01 13.66 -26.85
N ALA Y 63 -96.33 13.28 -28.08
CA ALA Y 63 -96.30 11.89 -28.52
C ALA Y 63 -94.89 11.54 -29.01
N TRP Y 64 -94.75 10.46 -29.78
CA TRP Y 64 -93.51 10.14 -30.46
C TRP Y 64 -92.94 11.36 -31.19
N ARG Y 65 -93.67 11.87 -32.18
CA ARG Y 65 -93.26 13.06 -32.91
C ARG Y 65 -94.46 13.95 -33.21
N HIS Y 66 -95.36 14.13 -32.24
CA HIS Y 66 -96.55 14.92 -32.49
C HIS Y 66 -97.03 15.58 -31.21
N PHE Y 67 -97.35 16.86 -31.28
CA PHE Y 67 -97.90 17.59 -30.15
C PHE Y 67 -99.39 17.35 -30.02
N TYR Y 68 -99.87 17.26 -28.78
CA TYR Y 68 -101.25 16.95 -28.44
C TYR Y 68 -101.80 17.99 -27.48
N TRP Y 69 -101.68 19.27 -27.84
CA TRP Y 69 -102.13 20.36 -26.99
C TRP Y 69 -103.62 20.22 -26.66
N TYR Y 70 -103.95 20.44 -25.39
CA TYR Y 70 -105.34 20.41 -24.92
C TYR Y 70 -105.69 21.75 -24.30
N LEU Y 71 -106.71 22.40 -24.84
CA LEU Y 71 -107.12 23.71 -24.35
C LEU Y 71 -107.67 23.62 -22.93
N THR Y 72 -107.22 24.52 -22.07
CA THR Y 72 -107.69 24.60 -20.70
C THR Y 72 -108.92 25.49 -20.60
N ASN Y 73 -109.65 25.32 -19.50
CA ASN Y 73 -110.74 26.24 -19.19
C ASN Y 73 -110.21 27.65 -18.94
N GLU Y 74 -109.01 27.75 -18.38
CA GLU Y 74 -108.40 29.07 -18.20
C GLU Y 74 -108.11 29.73 -19.54
N GLY Y 75 -107.68 28.95 -20.53
CA GLY Y 75 -107.48 29.50 -21.86
C GLY Y 75 -108.77 29.78 -22.60
N ILE Y 76 -109.90 29.26 -22.11
CA ILE Y 76 -111.18 29.49 -22.78
C ILE Y 76 -111.55 30.96 -22.74
N GLN Y 77 -111.48 31.57 -21.54
CA GLN Y 77 -111.82 32.98 -21.43
C GLN Y 77 -110.78 33.86 -22.10
N TYR Y 78 -109.53 33.41 -22.19
CA TYR Y 78 -108.53 34.18 -22.93
C TYR Y 78 -108.81 34.14 -24.42
N LEU Y 79 -109.32 33.01 -24.92
CA LEU Y 79 -109.78 32.97 -26.31
C LEU Y 79 -111.11 33.69 -26.47
N ARG Y 80 -111.91 33.77 -25.41
CA ARG Y 80 -113.19 34.48 -25.47
C ARG Y 80 -112.97 35.96 -25.79
N ASP Y 81 -112.07 36.61 -25.07
CA ASP Y 81 -111.88 38.04 -25.22
C ASP Y 81 -110.79 38.42 -26.22
N TYR Y 82 -109.99 37.46 -26.69
CA TYR Y 82 -109.01 37.78 -27.72
C TYR Y 82 -109.68 38.05 -29.05
N LEU Y 83 -110.84 37.44 -29.29
CA LEU Y 83 -111.59 37.62 -30.52
C LEU Y 83 -112.92 38.32 -30.29
N HIS Y 84 -113.22 38.70 -29.05
CA HIS Y 84 -114.47 39.38 -28.69
C HIS Y 84 -115.69 38.56 -29.10
N LEU Y 85 -115.81 37.39 -28.50
CA LEU Y 85 -116.85 36.44 -28.87
C LEU Y 85 -117.93 36.39 -27.80
N PRO Y 86 -119.20 36.20 -28.20
CA PRO Y 86 -120.26 36.05 -27.21
C PRO Y 86 -120.09 34.74 -26.45
N PRO Y 87 -120.53 34.69 -25.18
CA PRO Y 87 -120.34 33.49 -24.34
C PRO Y 87 -121.32 32.36 -24.62
N GLU Y 88 -121.58 32.11 -25.90
CA GLU Y 88 -122.35 30.93 -26.29
C GLU Y 88 -121.59 30.16 -27.36
N ILE Y 89 -120.80 30.87 -28.16
CA ILE Y 89 -119.91 30.21 -29.12
C ILE Y 89 -118.80 29.54 -28.32
N VAL Y 90 -118.85 28.21 -28.24
CA VAL Y 90 -117.90 27.45 -27.43
C VAL Y 90 -117.28 26.36 -28.29
N PRO Y 91 -116.10 25.88 -27.92
CA PRO Y 91 -115.49 24.77 -28.65
C PRO Y 91 -116.36 23.53 -28.62
N ALA Y 92 -116.30 22.75 -29.71
CA ALA Y 92 -117.12 21.55 -29.83
C ALA Y 92 -116.74 20.50 -28.80
N THR Y 93 -115.52 20.57 -28.26
CA THR Y 93 -115.16 19.68 -27.17
C THR Y 93 -115.94 19.99 -25.91
N LEU Y 94 -116.32 21.26 -25.72
CA LEU Y 94 -117.05 21.66 -24.53
C LEU Y 94 -118.50 21.16 -24.57
N ARG Y 95 -119.17 21.35 -25.70
CA ARG Y 95 -120.57 20.97 -25.85
C ARG Y 95 -120.78 20.18 -27.13
N ARG Y 96 -121.61 19.15 -27.06
CA ARG Y 96 -122.01 18.39 -28.23
C ARG Y 96 -123.53 18.35 -28.30
N SER Y 97 -124.08 18.86 -29.40
CA SER Y 97 -125.50 18.74 -29.77
C SER Y 97 -126.46 19.43 -28.80
N ARG Y 98 -125.96 19.95 -27.69
CA ARG Y 98 -126.79 20.62 -26.69
C ARG Y 98 -126.16 21.94 -26.26
N VAL Z 1 -123.67 66.68 -29.75
CA VAL Z 1 -122.34 66.13 -29.58
C VAL Z 1 -122.38 65.04 -28.50
N MET Z 2 -123.40 65.12 -27.63
CA MET Z 2 -123.50 64.19 -26.51
C MET Z 2 -123.74 62.76 -26.97
N ASP Z 3 -124.66 62.55 -27.93
CA ASP Z 3 -124.87 61.21 -28.46
C ASP Z 3 -123.78 60.83 -29.45
N VAL Z 4 -123.27 61.81 -30.21
CA VAL Z 4 -122.18 61.55 -31.15
C VAL Z 4 -120.93 61.09 -30.41
N ASN Z 5 -120.61 61.75 -29.29
CA ASN Z 5 -119.45 61.35 -28.51
C ASN Z 5 -119.60 59.92 -28.00
N THR Z 6 -120.81 59.54 -27.59
CA THR Z 6 -121.06 58.15 -27.21
C THR Z 6 -121.20 57.24 -28.42
N ALA Z 7 -121.22 57.80 -29.63
CA ALA Z 7 -121.41 57.00 -30.83
C ALA Z 7 -120.09 56.52 -31.43
N LEU Z 8 -119.12 57.41 -31.64
CA LEU Z 8 -117.87 56.97 -32.29
C LEU Z 8 -117.02 56.12 -31.38
N GLN Z 9 -117.27 56.17 -30.05
CA GLN Z 9 -116.54 55.31 -29.13
C GLN Z 9 -116.78 53.84 -29.45
N GLU Z 10 -118.05 53.45 -29.62
CA GLU Z 10 -118.33 52.08 -30.03
C GLU Z 10 -118.03 51.84 -31.50
N VAL Z 11 -118.05 52.90 -32.33
CA VAL Z 11 -117.61 52.74 -33.72
C VAL Z 11 -116.14 52.35 -33.77
N LEU Z 12 -115.31 53.01 -32.96
CA LEU Z 12 -113.92 52.57 -32.82
C LEU Z 12 -113.84 51.17 -32.22
N LYS Z 13 -114.71 50.87 -31.25
CA LYS Z 13 -114.74 49.53 -30.67
C LYS Z 13 -115.17 48.50 -31.71
N THR Z 14 -116.22 48.80 -32.49
CA THR Z 14 -116.61 47.90 -33.56
C THR Z 14 -115.56 47.89 -34.66
N ALA Z 15 -114.84 49.00 -34.85
CA ALA Z 15 -113.70 48.98 -35.74
C ALA Z 15 -112.63 48.03 -35.24
N LEU Z 16 -112.39 48.02 -33.92
CA LEU Z 16 -111.41 47.12 -33.33
C LEU Z 16 -111.83 45.66 -33.44
N ILE Z 17 -113.12 45.38 -33.62
CA ILE Z 17 -113.55 44.02 -33.90
C ILE Z 17 -112.95 43.52 -35.20
N HIS Z 18 -112.95 44.38 -36.22
CA HIS Z 18 -112.25 44.11 -37.47
C HIS Z 18 -110.85 44.70 -37.37
N ASP Z 19 -110.15 44.80 -38.51
CA ASP Z 19 -108.78 45.32 -38.55
C ASP Z 19 -108.66 46.44 -39.57
N GLY Z 20 -109.63 47.37 -39.54
CA GLY Z 20 -109.62 48.50 -40.45
C GLY Z 20 -109.33 49.82 -39.76
N LEU Z 21 -108.34 49.83 -38.87
CA LEU Z 21 -108.08 50.98 -38.03
C LEU Z 21 -107.15 51.99 -38.70
N ALA Z 22 -106.08 51.51 -39.33
CA ALA Z 22 -105.13 52.35 -40.06
C ALA Z 22 -104.56 53.48 -39.19
N ARG Z 23 -104.21 53.14 -37.96
CA ARG Z 23 -103.64 54.11 -37.04
C ARG Z 23 -102.23 54.48 -37.49
N GLY Z 24 -102.02 55.75 -37.81
CA GLY Z 24 -100.74 56.22 -38.29
C GLY Z 24 -100.89 56.87 -39.65
N ILE Z 25 -100.07 57.90 -39.89
CA ILE Z 25 -100.22 58.72 -41.09
C ILE Z 25 -99.97 57.90 -42.34
N ARG Z 26 -98.96 57.02 -42.32
CA ARG Z 26 -98.68 56.15 -43.45
C ARG Z 26 -99.91 55.34 -43.86
N GLU Z 27 -100.52 54.66 -42.89
CA GLU Z 27 -101.74 53.92 -43.19
C GLU Z 27 -102.93 54.84 -43.43
N ALA Z 28 -103.03 55.93 -42.67
CA ALA Z 28 -104.14 56.86 -42.86
C ALA Z 28 -104.11 57.48 -44.25
N ALA Z 29 -102.92 57.91 -44.69
CA ALA Z 29 -102.79 58.39 -46.06
C ALA Z 29 -103.02 57.26 -47.06
N LYS Z 30 -102.58 56.05 -46.72
CA LYS Z 30 -102.79 54.91 -47.60
C LYS Z 30 -104.28 54.62 -47.77
N ALA Z 31 -105.05 54.71 -46.70
CA ALA Z 31 -106.48 54.43 -46.79
C ALA Z 31 -107.21 55.53 -47.57
N LEU Z 32 -106.74 56.77 -47.45
CA LEU Z 32 -107.46 57.90 -48.05
C LEU Z 32 -107.37 57.86 -49.57
N ASP Z 33 -106.15 57.94 -50.12
CA ASP Z 33 -105.99 58.01 -51.57
C ASP Z 33 -106.38 56.71 -52.26
N LYS Z 34 -106.53 55.62 -51.51
CA LYS Z 34 -106.97 54.36 -52.09
C LYS Z 34 -108.47 54.32 -52.33
N ARG Z 35 -109.20 55.33 -51.87
CA ARG Z 35 -110.66 55.43 -51.85
C ARG Z 35 -111.31 54.39 -50.96
N GLN Z 36 -110.53 53.59 -50.24
CA GLN Z 36 -111.07 52.62 -49.30
C GLN Z 36 -111.20 53.23 -47.92
N ALA Z 37 -111.88 54.39 -47.83
CA ALA Z 37 -112.04 55.09 -46.58
C ALA Z 37 -113.46 55.63 -46.49
N HIS Z 38 -113.95 55.79 -45.26
CA HIS Z 38 -115.30 56.26 -45.03
C HIS Z 38 -115.33 57.37 -43.99
N LEU Z 39 -114.36 57.38 -43.09
CA LEU Z 39 -114.34 58.37 -42.02
C LEU Z 39 -112.91 58.50 -41.51
N CYS Z 40 -112.56 59.71 -41.08
CA CYS Z 40 -111.25 59.99 -40.51
C CYS Z 40 -111.40 60.90 -39.29
N VAL Z 41 -110.50 60.70 -38.32
CA VAL Z 41 -110.47 61.46 -37.09
C VAL Z 41 -109.11 62.12 -36.96
N LEU Z 42 -109.08 63.40 -36.65
CA LEU Z 42 -107.85 64.15 -36.47
C LEU Z 42 -107.83 64.78 -35.08
N ALA Z 43 -106.74 64.59 -34.36
CA ALA Z 43 -106.60 65.10 -33.00
C ALA Z 43 -106.39 66.61 -33.03
N SER Z 44 -107.16 67.33 -32.23
CA SER Z 44 -107.02 68.78 -32.17
C SER Z 44 -105.72 69.18 -31.46
N ASN Z 45 -105.32 68.43 -30.44
CA ASN Z 45 -104.14 68.75 -29.65
C ASN Z 45 -102.89 68.23 -30.37
N CYS Z 46 -102.53 68.94 -31.45
CA CYS Z 46 -101.32 68.66 -32.20
C CYS Z 46 -100.43 69.90 -32.15
N ASP Z 47 -99.17 69.70 -31.78
CA ASP Z 47 -98.25 70.80 -31.57
C ASP Z 47 -97.44 71.16 -32.82
N GLU Z 48 -97.69 70.50 -33.96
CA GLU Z 48 -96.95 70.78 -35.17
C GLU Z 48 -97.93 71.18 -36.27
N PRO Z 49 -97.68 72.29 -36.98
CA PRO Z 49 -98.66 72.78 -37.96
C PRO Z 49 -98.82 71.90 -39.19
N MET Z 50 -97.69 71.48 -39.79
CA MET Z 50 -97.75 70.75 -41.05
C MET Z 50 -98.41 69.39 -40.90
N TYR Z 51 -98.40 68.82 -39.68
CA TYR Z 51 -99.07 67.56 -39.42
C TYR Z 51 -100.56 67.66 -39.73
N VAL Z 52 -101.26 68.50 -38.97
CA VAL Z 52 -102.69 68.67 -39.17
C VAL Z 52 -102.98 69.29 -40.54
N LYS Z 53 -102.10 70.15 -41.02
CA LYS Z 53 -102.31 70.81 -42.31
C LYS Z 53 -102.37 69.79 -43.44
N LEU Z 54 -101.47 68.81 -43.43
CA LEU Z 54 -101.50 67.77 -44.45
C LEU Z 54 -102.73 66.89 -44.30
N VAL Z 55 -103.14 66.62 -43.06
CA VAL Z 55 -104.31 65.77 -42.84
C VAL Z 55 -105.58 66.45 -43.36
N GLU Z 56 -105.78 67.72 -42.99
CA GLU Z 56 -107.01 68.39 -43.38
C GLU Z 56 -107.04 68.69 -44.88
N ALA Z 57 -105.87 68.92 -45.48
CA ALA Z 57 -105.81 69.15 -46.91
C ALA Z 57 -106.28 67.93 -47.69
N LEU Z 58 -105.70 66.77 -47.38
CA LEU Z 58 -106.10 65.53 -48.06
C LEU Z 58 -107.53 65.15 -47.70
N CYS Z 59 -107.95 65.41 -46.45
CA CYS Z 59 -109.33 65.15 -46.05
C CYS Z 59 -110.32 66.00 -46.83
N ALA Z 60 -109.91 67.20 -47.26
CA ALA Z 60 -110.78 68.03 -48.09
C ALA Z 60 -110.81 67.54 -49.54
N GLU Z 61 -109.70 66.95 -50.00
CA GLU Z 61 -109.59 66.56 -51.40
C GLU Z 61 -110.34 65.26 -51.70
N HIS Z 62 -110.82 64.56 -50.68
CA HIS Z 62 -111.67 63.40 -50.86
C HIS Z 62 -112.94 63.57 -50.03
N GLN Z 63 -114.00 62.88 -50.44
CA GLN Z 63 -115.31 63.01 -49.81
C GLN Z 63 -115.27 62.29 -48.47
N ILE Z 64 -114.63 62.93 -47.49
CA ILE Z 64 -114.32 62.30 -46.21
C ILE Z 64 -114.84 63.19 -45.08
N ASN Z 65 -115.58 62.58 -44.15
CA ASN Z 65 -115.95 63.27 -42.91
C ASN Z 65 -114.71 63.47 -42.04
N LEU Z 66 -114.62 64.65 -41.43
CA LEU Z 66 -113.54 64.97 -40.51
C LEU Z 66 -114.12 65.17 -39.11
N ILE Z 67 -113.60 64.42 -38.15
CA ILE Z 67 -114.03 64.50 -36.76
C ILE Z 67 -112.83 64.86 -35.90
N LYS Z 68 -112.98 65.87 -35.04
CA LYS Z 68 -111.89 66.34 -34.20
C LYS Z 68 -112.07 65.85 -32.78
N VAL Z 69 -110.98 65.34 -32.20
CA VAL Z 69 -110.97 64.88 -30.82
C VAL Z 69 -110.07 65.82 -30.02
N ASP Z 70 -110.37 65.95 -28.73
CA ASP Z 70 -109.70 66.94 -27.90
C ASP Z 70 -108.21 66.65 -27.74
N ASP Z 71 -107.85 65.38 -27.55
CA ASP Z 71 -106.47 65.02 -27.27
C ASP Z 71 -106.12 63.70 -27.95
N ASN Z 72 -104.86 63.58 -28.39
CA ASN Z 72 -104.42 62.35 -29.04
C ASN Z 72 -104.30 61.21 -28.04
N LYS Z 73 -103.92 61.50 -26.79
CA LYS Z 73 -103.89 60.46 -25.77
C LYS Z 73 -105.30 59.94 -25.49
N LYS Z 74 -106.28 60.85 -25.42
CA LYS Z 74 -107.67 60.43 -25.28
C LYS Z 74 -108.14 59.67 -26.52
N LEU Z 75 -107.63 60.04 -27.69
CA LEU Z 75 -107.92 59.29 -28.90
C LEU Z 75 -107.37 57.86 -28.81
N GLY Z 76 -106.17 57.71 -28.25
CA GLY Z 76 -105.55 56.39 -28.19
C GLY Z 76 -106.32 55.39 -27.36
N GLU Z 77 -106.88 55.83 -26.23
CA GLU Z 77 -107.67 54.94 -25.40
C GLU Z 77 -108.96 54.51 -26.09
N TRP Z 78 -109.62 55.45 -26.78
CA TRP Z 78 -110.85 55.12 -27.48
C TRP Z 78 -110.59 54.18 -28.66
N VAL Z 79 -109.49 54.41 -29.38
CA VAL Z 79 -109.22 53.60 -30.56
C VAL Z 79 -108.65 52.24 -30.19
N GLY Z 80 -108.07 52.10 -28.99
CA GLY Z 80 -107.63 50.80 -28.53
C GLY Z 80 -106.13 50.67 -28.26
N LEU Z 81 -105.43 51.80 -28.18
CA LEU Z 81 -103.99 51.78 -27.93
C LEU Z 81 -103.67 51.88 -26.45
N CYS Z 82 -104.26 51.00 -25.66
CA CYS Z 82 -103.98 50.86 -24.24
C CYS Z 82 -103.64 49.39 -23.95
N LYS Z 83 -103.28 49.10 -22.71
CA LYS Z 83 -102.94 47.75 -22.32
C LYS Z 83 -104.16 46.94 -21.91
N ILE Z 84 -105.34 47.56 -21.89
CA ILE Z 84 -106.61 46.95 -21.51
C ILE Z 84 -106.43 46.34 -20.13
N ASP Z 85 -106.08 47.18 -19.16
CA ASP Z 85 -105.90 46.75 -17.78
C ASP Z 85 -106.44 47.80 -16.83
N ARG Z 86 -107.58 48.40 -17.18
CA ARG Z 86 -108.17 49.48 -16.40
C ARG Z 86 -108.39 49.07 -14.95
N GLU Z 87 -108.78 47.82 -14.72
CA GLU Z 87 -109.04 47.34 -13.37
C GLU Z 87 -107.78 47.25 -12.52
N GLY Z 88 -106.61 47.13 -13.14
CA GLY Z 88 -105.38 46.97 -12.37
C GLY Z 88 -104.28 47.96 -12.71
N LYS Z 89 -104.36 48.59 -13.88
CA LYS Z 89 -103.30 49.46 -14.36
C LYS Z 89 -103.91 50.72 -14.95
N PRO Z 90 -103.20 51.85 -14.91
CA PRO Z 90 -103.61 53.01 -15.72
C PRO Z 90 -103.56 52.75 -17.22
N ARG Z 91 -102.97 51.64 -17.66
CA ARG Z 91 -102.98 51.22 -19.07
C ARG Z 91 -102.33 52.29 -19.96
N LYS Z 92 -101.02 52.46 -19.76
CA LYS Z 92 -100.22 53.45 -20.45
C LYS Z 92 -100.51 53.49 -21.94
N VAL Z 93 -100.88 54.67 -22.43
CA VAL Z 93 -101.37 54.87 -23.79
C VAL Z 93 -100.30 55.56 -24.61
N VAL Z 94 -100.10 55.08 -25.83
CA VAL Z 94 -99.14 55.68 -26.76
C VAL Z 94 -99.82 56.78 -27.55
N GLY Z 95 -99.04 57.60 -28.25
CA GLY Z 95 -99.57 58.73 -28.98
C GLY Z 95 -100.12 58.40 -30.35
N CYS Z 96 -101.43 58.47 -30.50
CA CYS Z 96 -102.11 58.32 -31.79
C CYS Z 96 -102.98 59.54 -32.02
N SER Z 97 -102.76 60.23 -33.14
CA SER Z 97 -103.46 61.47 -33.43
C SER Z 97 -104.25 61.42 -34.73
N CYS Z 98 -104.35 60.26 -35.38
CA CYS Z 98 -105.17 60.12 -36.57
C CYS Z 98 -105.73 58.70 -36.63
N VAL Z 99 -107.02 58.60 -36.93
CA VAL Z 99 -107.71 57.32 -37.05
C VAL Z 99 -108.53 57.34 -38.33
N VAL Z 100 -108.51 56.23 -39.06
CA VAL Z 100 -109.32 56.06 -40.26
C VAL Z 100 -110.23 54.86 -40.03
N VAL Z 101 -111.53 55.09 -39.92
CA VAL Z 101 -112.51 54.04 -39.69
C VAL Z 101 -113.10 53.71 -41.06
N LYS Z 102 -112.53 52.70 -41.71
CA LYS Z 102 -112.89 52.34 -43.07
C LYS Z 102 -113.65 51.02 -43.17
N ASP Z 103 -113.85 50.32 -42.06
CA ASP Z 103 -114.47 49.00 -42.10
C ASP Z 103 -115.97 49.03 -41.86
N TYR Z 104 -116.44 49.82 -40.89
CA TYR Z 104 -117.87 49.93 -40.55
C TYR Z 104 -118.46 48.56 -40.25
N GLY Z 105 -117.89 47.90 -39.24
CA GLY Z 105 -118.20 46.49 -39.01
C GLY Z 105 -119.67 46.24 -38.72
N LYS Z 106 -120.24 47.01 -37.79
CA LYS Z 106 -121.65 46.88 -37.45
C LYS Z 106 -122.21 48.26 -37.18
N GLU Z 107 -123.44 48.49 -37.64
CA GLU Z 107 -124.05 49.82 -37.62
C GLU Z 107 -125.30 49.78 -36.75
N SER Z 108 -125.14 50.19 -35.50
CA SER Z 108 -126.28 50.36 -34.58
C SER Z 108 -126.43 51.79 -34.12
N GLN Z 109 -125.37 52.39 -33.59
CA GLN Z 109 -125.36 53.79 -33.18
C GLN Z 109 -124.65 54.70 -34.18
N ALA Z 110 -123.98 54.11 -35.18
CA ALA Z 110 -123.26 54.90 -36.18
C ALA Z 110 -124.17 55.76 -37.04
N LYS Z 111 -125.47 55.48 -37.06
CA LYS Z 111 -126.42 56.33 -37.78
C LYS Z 111 -126.39 57.75 -37.27
N ASP Z 112 -126.15 57.94 -35.96
CA ASP Z 112 -126.00 59.28 -35.42
C ASP Z 112 -124.77 59.98 -35.99
N VAL Z 113 -123.70 59.22 -36.23
CA VAL Z 113 -122.53 59.79 -36.88
C VAL Z 113 -122.82 60.11 -38.34
N ILE Z 114 -123.55 59.22 -39.03
CA ILE Z 114 -123.92 59.46 -40.42
C ILE Z 114 -124.82 60.69 -40.51
N GLU Z 115 -125.79 60.80 -39.60
CA GLU Z 115 -126.65 61.98 -39.58
C GLU Z 115 -125.87 63.23 -39.19
N GLU Z 116 -124.83 63.08 -38.37
CA GLU Z 116 -123.98 64.22 -38.03
C GLU Z 116 -123.24 64.74 -39.25
N TYR Z 117 -122.78 63.83 -40.11
CA TYR Z 117 -122.14 64.25 -41.36
C TYR Z 117 -123.14 64.97 -42.26
N PHE Z 118 -124.37 64.47 -42.33
CA PHE Z 118 -125.42 65.19 -43.04
C PHE Z 118 -125.68 66.54 -42.40
N LYS Z 119 -125.69 66.60 -41.07
CA LYS Z 119 -125.77 67.88 -40.39
C LYS Z 119 -124.57 68.76 -40.71
N CYS Z 120 -123.39 68.14 -40.86
CA CYS Z 120 -122.20 68.91 -41.19
C CYS Z 120 -122.25 69.46 -42.61
N LYS Z 121 -122.81 68.70 -43.54
CA LYS Z 121 -122.79 69.10 -44.95
C LYS Z 121 -123.98 69.96 -45.35
N LYS Z 122 -124.95 70.18 -44.47
CA LYS Z 122 -126.08 71.05 -44.80
C LYS Z 122 -125.66 72.52 -44.72
N THR AA 1 -54.65 22.38 -78.72
CA THR AA 1 -55.24 21.28 -79.48
C THR AA 1 -55.94 20.29 -78.56
N TYR AA 2 -57.26 20.41 -78.46
CA TYR AA 2 -58.02 19.50 -77.60
C TYR AA 2 -58.35 18.20 -78.33
N ARG AA 3 -59.12 18.29 -79.41
CA ARG AA 3 -59.53 17.14 -80.21
C ARG AA 3 -59.22 17.40 -81.67
N GLY AA 4 -58.00 17.85 -81.95
CA GLY AA 4 -57.67 18.36 -83.26
C GLY AA 4 -58.13 19.78 -83.49
N VAL AA 5 -58.68 20.44 -82.47
CA VAL AA 5 -59.20 21.79 -82.55
C VAL AA 5 -58.49 22.64 -81.50
N ASP AA 6 -58.16 23.87 -81.86
CA ASP AA 6 -57.39 24.76 -80.99
C ASP AA 6 -58.25 25.94 -80.54
N LEU AA 7 -57.67 26.75 -79.65
CA LEU AA 7 -58.42 27.72 -78.88
C LEU AA 7 -58.99 28.84 -79.74
N ASP AA 8 -58.39 29.10 -80.90
CA ASP AA 8 -58.80 30.25 -81.71
C ASP AA 8 -60.24 30.15 -82.17
N GLN AA 9 -60.82 28.96 -82.20
CA GLN AA 9 -62.24 28.79 -82.46
C GLN AA 9 -62.99 28.07 -81.36
N LEU AA 10 -62.31 27.67 -80.28
CA LEU AA 10 -63.01 27.08 -79.15
C LEU AA 10 -63.72 28.13 -78.30
N LEU AA 11 -63.15 29.35 -78.23
CA LEU AA 11 -63.73 30.40 -77.39
C LEU AA 11 -65.14 30.76 -77.86
N ASP AA 12 -65.30 31.00 -79.15
CA ASP AA 12 -66.59 31.36 -79.72
C ASP AA 12 -67.41 30.14 -80.15
N MET AA 13 -67.15 28.99 -79.56
CA MET AA 13 -67.84 27.76 -79.93
C MET AA 13 -68.92 27.45 -78.91
N SER AA 14 -70.07 26.97 -79.40
CA SER AA 14 -71.23 26.76 -78.55
C SER AA 14 -71.03 25.55 -77.64
N TYR AA 15 -71.86 25.49 -76.60
CA TYR AA 15 -71.73 24.45 -75.59
C TYR AA 15 -72.11 23.08 -76.13
N GLU AA 16 -73.07 23.03 -77.05
CA GLU AA 16 -73.58 21.75 -77.54
C GLU AA 16 -72.49 20.97 -78.26
N GLN AA 17 -71.73 21.63 -79.13
CA GLN AA 17 -70.61 20.98 -79.77
C GLN AA 17 -69.43 20.81 -78.83
N LEU AA 18 -69.33 21.63 -77.78
CA LEU AA 18 -68.33 21.40 -76.76
C LEU AA 18 -68.55 20.08 -76.05
N MET AA 19 -69.81 19.66 -75.93
CA MET AA 19 -70.10 18.34 -75.36
C MET AA 19 -69.52 17.24 -76.24
N GLN AA 20 -69.61 17.40 -77.56
CA GLN AA 20 -69.03 16.40 -78.47
C GLN AA 20 -67.52 16.33 -78.35
N LEU AA 21 -66.90 17.32 -77.71
CA LEU AA 21 -65.46 17.34 -77.47
C LEU AA 21 -65.09 16.75 -76.11
N TYR AA 22 -65.96 16.93 -75.11
CA TYR AA 22 -65.64 16.55 -73.75
C TYR AA 22 -65.80 15.04 -73.56
N SER AA 23 -65.34 14.56 -72.40
CA SER AA 23 -65.51 13.18 -72.01
C SER AA 23 -66.92 12.95 -71.48
N ALA AA 24 -67.20 11.72 -71.07
CA ALA AA 24 -68.55 11.35 -70.69
C ALA AA 24 -69.02 12.11 -69.45
N ARG AA 25 -68.14 12.32 -68.48
CA ARG AA 25 -68.54 12.98 -67.24
C ARG AA 25 -68.85 14.45 -67.48
N GLN AA 26 -67.99 15.15 -68.21
CA GLN AA 26 -68.27 16.56 -68.51
C GLN AA 26 -69.51 16.71 -69.39
N ARG AA 27 -69.79 15.72 -70.23
CA ARG AA 27 -71.00 15.76 -71.05
C ARG AA 27 -72.25 15.74 -70.18
N ARG AA 28 -72.31 14.80 -69.24
CA ARG AA 28 -73.46 14.73 -68.33
C ARG AA 28 -73.55 15.98 -67.47
N ARG AA 29 -72.41 16.54 -67.09
CA ARG AA 29 -72.40 17.81 -66.38
C ARG AA 29 -72.97 18.93 -67.25
N LEU AA 30 -72.57 18.97 -68.52
CA LEU AA 30 -73.10 20.00 -69.41
C LEU AA 30 -74.54 19.70 -69.81
N ASN AA 31 -74.86 18.43 -70.04
CA ASN AA 31 -76.21 18.07 -70.44
C ASN AA 31 -77.23 18.38 -69.35
N ARG AA 32 -76.89 18.05 -68.10
CA ARG AA 32 -77.77 18.41 -67.00
C ARG AA 32 -77.67 19.90 -66.70
N GLY AA 33 -78.68 20.40 -65.98
CA GLY AA 33 -78.84 21.82 -65.75
C GLY AA 33 -77.71 22.51 -65.02
N LEU AA 34 -77.29 23.66 -65.54
CA LEU AA 34 -76.28 24.49 -64.89
C LEU AA 34 -77.00 25.52 -64.03
N ARG AA 35 -76.69 25.54 -62.74
CA ARG AA 35 -77.46 26.33 -61.79
C ARG AA 35 -77.09 27.81 -61.87
N ARG AA 36 -77.82 28.62 -61.10
CA ARG AA 36 -77.62 30.07 -61.11
C ARG AA 36 -76.23 30.44 -60.61
N LYS AA 37 -75.75 29.75 -59.58
CA LYS AA 37 -74.43 30.07 -59.01
C LYS AA 37 -73.33 29.86 -60.04
N GLN AA 38 -73.41 28.80 -60.83
CA GLN AA 38 -72.42 28.58 -61.88
C GLN AA 38 -72.49 29.69 -62.92
N HIS AA 39 -73.70 30.10 -63.32
CA HIS AA 39 -73.84 31.22 -64.23
C HIS AA 39 -73.36 32.51 -63.59
N SER AA 40 -73.56 32.66 -62.27
CA SER AA 40 -73.02 33.81 -61.56
C SER AA 40 -71.50 33.80 -61.57
N LEU AA 41 -70.90 32.61 -61.52
CA LEU AA 41 -69.44 32.51 -61.58
C LEU AA 41 -68.93 32.91 -62.96
N LEU AA 42 -69.54 32.35 -64.02
CA LEU AA 42 -69.06 32.60 -65.38
C LEU AA 42 -69.15 34.07 -65.75
N LYS AA 43 -70.25 34.73 -65.37
CA LYS AA 43 -70.39 36.16 -65.63
C LYS AA 43 -69.35 36.96 -64.84
N ARG AA 44 -68.93 36.45 -63.67
CA ARG AA 44 -67.91 37.14 -62.89
C ARG AA 44 -66.58 37.18 -63.62
N LEU AA 45 -66.16 36.05 -64.21
CA LEU AA 45 -64.92 36.04 -64.97
C LEU AA 45 -65.02 36.95 -66.19
N ARG AA 46 -66.16 36.94 -66.88
CA ARG AA 46 -66.37 37.89 -67.97
C ARG AA 46 -66.31 39.33 -67.44
N LYS AA 47 -66.90 39.57 -66.28
CA LYS AA 47 -66.71 40.85 -65.61
C LYS AA 47 -65.26 41.04 -65.20
N ALA AA 48 -64.60 39.98 -64.74
CA ALA AA 48 -63.20 40.07 -64.35
C ALA AA 48 -62.30 40.34 -65.54
N LYS AA 49 -62.62 39.75 -66.70
CA LYS AA 49 -61.72 39.84 -67.85
C LYS AA 49 -61.80 41.19 -68.55
N LYS AA 50 -62.96 41.84 -68.53
CA LYS AA 50 -63.15 43.02 -69.38
C LYS AA 50 -62.30 44.20 -68.95
N GLU AA 51 -62.17 44.44 -67.65
CA GLU AA 51 -61.31 45.51 -67.16
C GLU AA 51 -59.89 45.07 -66.88
N ALA AA 52 -59.54 43.83 -67.22
CA ALA AA 52 -58.16 43.39 -67.09
C ALA AA 52 -57.31 44.13 -68.12
N PRO AA 53 -56.27 44.84 -67.71
CA PRO AA 53 -55.48 45.61 -68.68
C PRO AA 53 -54.73 44.68 -69.62
N PRO AA 54 -54.45 45.12 -70.85
CA PRO AA 54 -53.67 44.29 -71.77
C PRO AA 54 -52.27 44.06 -71.24
N MET AA 55 -51.73 42.87 -71.53
CA MET AA 55 -50.41 42.43 -71.05
C MET AA 55 -50.32 42.49 -69.53
N GLU AA 56 -51.45 42.31 -68.85
CA GLU AA 56 -51.53 42.40 -67.40
C GLU AA 56 -52.37 41.24 -66.88
N LYS AA 57 -51.89 40.61 -65.81
CA LYS AA 57 -52.61 39.49 -65.23
C LYS AA 57 -53.94 39.95 -64.63
N PRO AA 58 -55.01 39.19 -64.80
CA PRO AA 58 -56.30 39.60 -64.27
C PRO AA 58 -56.34 39.53 -62.74
N GLU AA 59 -57.29 40.24 -62.17
CA GLU AA 59 -57.50 40.19 -60.73
C GLU AA 59 -57.99 38.82 -60.31
N VAL AA 60 -57.56 38.39 -59.12
CA VAL AA 60 -57.94 37.07 -58.63
C VAL AA 60 -59.41 37.07 -58.24
N VAL AA 61 -60.13 36.02 -58.66
CA VAL AA 61 -61.54 35.85 -58.33
C VAL AA 61 -61.64 34.60 -57.46
N LYS AA 62 -62.11 34.78 -56.23
CA LYS AA 62 -62.21 33.68 -55.29
C LYS AA 62 -63.54 32.95 -55.45
N THR AA 63 -63.57 31.70 -55.00
CA THR AA 63 -64.76 30.87 -55.16
C THR AA 63 -64.75 29.76 -54.12
N HIS AA 64 -65.95 29.37 -53.68
CA HIS AA 64 -66.12 28.20 -52.83
C HIS AA 64 -66.39 26.95 -53.66
N LEU AA 65 -67.24 27.07 -54.69
CA LEU AA 65 -67.54 25.93 -55.54
C LEU AA 65 -66.31 25.50 -56.30
N ARG AA 66 -66.12 24.18 -56.40
CA ARG AA 66 -64.94 23.63 -57.04
C ARG AA 66 -65.25 22.51 -58.04
N ASP AA 67 -66.50 22.07 -58.13
CA ASP AA 67 -66.92 21.09 -59.13
C ASP AA 67 -67.13 21.71 -60.50
N MET AA 68 -66.72 22.97 -60.70
CA MET AA 68 -66.91 23.63 -61.98
C MET AA 68 -65.98 23.03 -63.01
N ILE AA 69 -66.54 22.47 -64.08
CA ILE AA 69 -65.73 22.00 -65.18
C ILE AA 69 -65.12 23.19 -65.91
N ILE AA 70 -63.94 22.98 -66.48
CA ILE AA 70 -63.16 24.08 -67.05
C ILE AA 70 -63.55 24.28 -68.51
N LEU AA 71 -63.88 25.53 -68.86
CA LEU AA 71 -64.31 26.06 -70.15
C LEU AA 71 -63.16 26.78 -70.83
N PRO AA 72 -63.16 26.83 -72.17
CA PRO AA 72 -62.09 27.55 -72.88
C PRO AA 72 -62.04 29.03 -72.55
N GLU AA 73 -63.18 29.67 -72.29
CA GLU AA 73 -63.16 31.09 -71.95
C GLU AA 73 -62.55 31.34 -70.58
N MET AA 74 -62.53 30.33 -69.70
CA MET AA 74 -61.89 30.47 -68.40
C MET AA 74 -60.37 30.51 -68.51
N VAL AA 75 -59.82 30.18 -69.67
CA VAL AA 75 -58.37 30.20 -69.85
C VAL AA 75 -57.86 31.64 -69.84
N GLY AA 76 -56.78 31.88 -69.10
CA GLY AA 76 -56.25 33.21 -68.95
C GLY AA 76 -56.76 33.96 -67.75
N SER AA 77 -57.28 33.26 -66.74
CA SER AA 77 -57.84 33.89 -65.55
C SER AA 77 -57.08 33.41 -64.32
N MET AA 78 -57.15 34.24 -63.27
CA MET AA 78 -56.58 33.91 -61.97
C MET AA 78 -57.74 33.70 -61.00
N VAL AA 79 -57.80 32.52 -60.39
CA VAL AA 79 -58.92 32.13 -59.56
C VAL AA 79 -58.40 31.64 -58.21
N GLY AA 80 -58.94 32.20 -57.13
CA GLY AA 80 -58.65 31.72 -55.80
C GLY AA 80 -59.57 30.59 -55.39
N VAL AA 81 -59.07 29.37 -55.37
CA VAL AA 81 -59.91 28.20 -55.18
C VAL AA 81 -59.87 27.79 -53.71
N TYR AA 82 -61.04 27.62 -53.11
CA TYR AA 82 -61.14 27.33 -51.69
C TYR AA 82 -60.84 25.85 -51.43
N ASN AA 83 -59.75 25.59 -50.70
CA ASN AA 83 -59.43 24.24 -50.25
C ASN AA 83 -60.20 23.84 -49.00
N GLY AA 84 -60.82 24.80 -48.31
CA GLY AA 84 -61.39 24.60 -46.99
C GLY AA 84 -60.92 25.64 -45.99
N LYS AA 85 -59.70 26.15 -46.16
CA LYS AA 85 -59.18 27.23 -45.34
C LYS AA 85 -58.84 28.47 -46.14
N THR AA 86 -58.07 28.33 -47.22
CA THR AA 86 -57.60 29.45 -48.01
C THR AA 86 -58.09 29.32 -49.44
N PHE AA 87 -57.94 30.40 -50.19
CA PHE AA 87 -58.29 30.46 -51.61
C PHE AA 87 -56.98 30.35 -52.39
N ASN AA 88 -56.70 29.14 -52.88
CA ASN AA 88 -55.43 28.89 -53.55
C ASN AA 88 -55.37 29.63 -54.89
N GLN AA 89 -54.27 30.33 -55.11
CA GLN AA 89 -54.09 31.10 -56.33
C GLN AA 89 -53.68 30.17 -57.46
N VAL AA 90 -54.49 30.11 -58.51
CA VAL AA 90 -54.23 29.23 -59.65
C VAL AA 90 -54.47 30.03 -60.93
N GLU AA 91 -53.83 29.58 -62.01
CA GLU AA 91 -53.96 30.18 -63.33
C GLU AA 91 -54.38 29.10 -64.32
N ILE AA 92 -55.42 29.41 -65.11
CA ILE AA 92 -55.98 28.43 -66.04
C ILE AA 92 -55.22 28.51 -67.36
N LYS AA 93 -54.42 27.47 -67.65
CA LYS AA 93 -53.67 27.36 -68.89
C LYS AA 93 -54.49 26.58 -69.92
N PRO AA 94 -54.28 26.80 -71.22
CA PRO AA 94 -55.28 26.34 -72.21
C PRO AA 94 -55.33 24.84 -72.45
N GLU AA 95 -54.63 24.02 -71.67
CA GLU AA 95 -54.74 22.57 -71.80
C GLU AA 95 -55.30 21.91 -70.53
N MET AA 96 -55.94 22.72 -69.67
CA MET AA 96 -56.63 22.22 -68.49
C MET AA 96 -58.12 22.04 -68.73
N ILE AA 97 -58.52 21.83 -69.99
CA ILE AA 97 -59.92 22.00 -70.38
C ILE AA 97 -60.80 20.93 -69.74
N GLY AA 98 -60.55 19.67 -70.09
CA GLY AA 98 -61.39 18.59 -69.59
C GLY AA 98 -61.05 18.17 -68.18
N HIS AA 99 -61.16 19.09 -67.23
CA HIS AA 99 -60.75 18.81 -65.86
C HIS AA 99 -61.56 19.68 -64.90
N TYR AA 100 -61.86 19.13 -63.73
CA TYR AA 100 -62.54 19.89 -62.69
C TYR AA 100 -61.65 20.97 -62.13
N LEU AA 101 -62.25 22.11 -61.80
CA LEU AA 101 -61.49 23.23 -61.27
C LEU AA 101 -60.93 22.93 -59.89
N GLY AA 102 -61.63 22.14 -59.09
CA GLY AA 102 -61.14 21.83 -57.76
C GLY AA 102 -60.01 20.84 -57.71
N GLU AA 103 -59.71 20.17 -58.84
CA GLU AA 103 -58.64 19.18 -58.86
C GLU AA 103 -57.25 19.80 -58.74
N PHE AA 104 -57.13 21.10 -58.95
CA PHE AA 104 -55.85 21.79 -58.90
C PHE AA 104 -55.61 22.52 -57.60
N SER AA 105 -56.50 22.35 -56.62
CA SER AA 105 -56.31 22.84 -55.27
C SER AA 105 -56.47 21.66 -54.33
N ILE AA 106 -55.36 21.22 -53.74
CA ILE AA 106 -55.40 20.05 -52.87
C ILE AA 106 -56.03 20.42 -51.54
N THR AA 107 -56.69 19.44 -50.92
CA THR AA 107 -57.35 19.63 -49.64
C THR AA 107 -56.50 19.21 -48.47
N TYR AA 108 -55.38 18.54 -48.71
CA TYR AA 108 -54.48 18.06 -47.68
C TYR AA 108 -53.05 18.31 -48.12
N LYS AA 109 -52.18 18.68 -47.17
CA LYS AA 109 -50.79 18.82 -47.50
C LYS AA 109 -50.18 17.44 -47.71
N PRO AA 110 -49.06 17.35 -48.43
CA PRO AA 110 -48.39 16.05 -48.60
C PRO AA 110 -47.99 15.47 -47.25
N VAL AA 111 -48.08 14.15 -47.15
CA VAL AA 111 -47.82 13.47 -45.89
C VAL AA 111 -46.33 13.49 -45.60
N LYS AA 112 -45.98 13.76 -44.34
CA LYS AA 112 -44.60 13.81 -43.88
C LYS AA 112 -44.52 12.97 -42.60
N HIS AA 113 -44.15 11.70 -42.77
CA HIS AA 113 -44.11 10.78 -41.64
C HIS AA 113 -43.03 11.15 -40.65
N GLY AA 114 -43.36 11.07 -39.37
CA GLY AA 114 -42.42 11.24 -38.29
C GLY AA 114 -42.10 9.93 -37.60
N ARG AA 115 -41.48 10.06 -36.43
CA ARG AA 115 -41.15 8.89 -35.64
C ARG AA 115 -42.43 8.21 -35.14
N PRO AA 116 -42.55 6.89 -35.27
CA PRO AA 116 -43.73 6.22 -34.75
C PRO AA 116 -43.85 6.36 -33.24
N GLY AA 117 -45.08 6.46 -32.76
CA GLY AA 117 -45.34 6.67 -31.34
C GLY AA 117 -45.36 5.39 -30.54
N ILE AA 118 -46.32 5.28 -29.61
CA ILE AA 118 -46.42 4.10 -28.75
C ILE AA 118 -47.06 2.92 -29.44
N GLY AA 119 -47.50 3.07 -30.69
CA GLY AA 119 -48.13 1.98 -31.40
C GLY AA 119 -47.17 0.87 -31.74
N ALA AA 120 -47.73 -0.26 -32.15
CA ALA AA 120 -47.00 -1.47 -32.50
C ALA AA 120 -46.12 -1.93 -31.33
N THR AA 121 -46.78 -2.28 -30.23
CA THR AA 121 -46.14 -2.76 -29.00
C THR AA 121 -45.10 -1.78 -28.47
N SER BA 1 -110.64 -55.28 -72.00
CA SER BA 1 -109.95 -54.78 -73.18
C SER BA 1 -109.56 -53.31 -72.98
N LYS BA 2 -110.55 -52.45 -72.78
CA LYS BA 2 -110.35 -51.03 -72.58
C LYS BA 2 -110.75 -50.61 -71.18
N GLY BA 3 -110.40 -51.42 -70.17
CA GLY BA 3 -110.69 -51.11 -68.80
C GLY BA 3 -109.94 -49.88 -68.33
N PRO BA 4 -110.68 -48.81 -68.02
CA PRO BA 4 -110.04 -47.54 -67.70
C PRO BA 4 -109.78 -47.39 -66.19
N LEU BA 5 -109.17 -46.25 -65.85
CA LEU BA 5 -108.94 -45.83 -64.47
C LEU BA 5 -108.13 -46.87 -63.70
N GLN BA 6 -107.12 -47.44 -64.37
CA GLN BA 6 -106.24 -48.44 -63.78
C GLN BA 6 -104.82 -47.89 -63.82
N SER BA 7 -104.49 -47.10 -62.80
CA SER BA 7 -103.18 -46.47 -62.71
C SER BA 7 -102.98 -46.00 -61.27
N VAL BA 8 -101.74 -45.66 -60.95
CA VAL BA 8 -101.39 -45.08 -59.65
C VAL BA 8 -100.51 -43.86 -59.88
N GLN BA 9 -100.66 -42.86 -59.02
CA GLN BA 9 -99.81 -41.67 -59.04
C GLN BA 9 -99.00 -41.66 -57.75
N VAL BA 10 -97.71 -41.95 -57.88
CA VAL BA 10 -96.84 -42.19 -56.74
C VAL BA 10 -95.68 -41.20 -56.82
N PHE BA 11 -95.35 -40.57 -55.70
CA PHE BA 11 -94.28 -39.59 -55.65
C PHE BA 11 -93.09 -40.13 -54.86
N GLY BA 12 -92.00 -39.38 -54.94
CA GLY BA 12 -90.81 -39.65 -54.16
C GLY BA 12 -89.99 -38.38 -54.03
N ARG BA 13 -89.58 -38.04 -52.82
CA ARG BA 13 -88.98 -36.73 -52.56
C ARG BA 13 -87.70 -36.88 -51.76
N LYS BA 14 -86.72 -36.06 -52.10
CA LYS BA 14 -85.47 -36.02 -51.35
C LYS BA 14 -84.77 -34.69 -51.64
N LYS BA 15 -84.51 -33.91 -50.58
CA LYS BA 15 -83.83 -32.62 -50.71
C LYS BA 15 -84.59 -31.70 -51.67
N THR BA 16 -85.89 -31.52 -51.40
CA THR BA 16 -86.81 -30.64 -52.10
C THR BA 16 -87.11 -31.14 -53.52
N ALA BA 17 -86.43 -32.17 -53.99
CA ALA BA 17 -86.64 -32.68 -55.35
C ALA BA 17 -87.90 -33.53 -55.37
N THR BA 18 -88.96 -33.01 -55.98
CA THR BA 18 -90.19 -33.77 -56.15
C THR BA 18 -90.10 -34.60 -57.43
N ALA BA 19 -90.72 -35.78 -57.38
CA ALA BA 19 -90.74 -36.68 -58.53
C ALA BA 19 -91.97 -37.56 -58.41
N VAL BA 20 -92.98 -37.27 -59.22
CA VAL BA 20 -94.24 -38.00 -59.19
C VAL BA 20 -94.32 -38.87 -60.44
N ALA BA 21 -94.51 -40.16 -60.26
CA ALA BA 21 -94.57 -41.11 -61.36
C ALA BA 21 -96.03 -41.51 -61.59
N HIS BA 22 -96.52 -41.26 -62.80
CA HIS BA 22 -97.87 -41.67 -63.17
C HIS BA 22 -97.81 -43.08 -63.76
N CYS BA 23 -97.61 -44.03 -62.87
CA CYS BA 23 -97.54 -45.43 -63.29
C CYS BA 23 -98.91 -45.90 -63.77
N LYS BA 24 -98.94 -46.41 -65.00
CA LYS BA 24 -100.19 -46.76 -65.65
C LYS BA 24 -100.07 -48.11 -66.34
N ARG BA 25 -101.19 -48.82 -66.41
CA ARG BA 25 -101.26 -50.03 -67.22
C ARG BA 25 -101.09 -49.67 -68.69
N GLY BA 26 -100.30 -50.48 -69.40
CA GLY BA 26 -100.10 -50.24 -70.82
C GLY BA 26 -98.94 -50.99 -71.41
N ASN BA 27 -98.10 -50.28 -72.15
CA ASN BA 27 -96.95 -50.87 -72.84
C ASN BA 27 -95.66 -50.48 -72.14
N GLY BA 28 -94.60 -51.23 -72.45
CA GLY BA 28 -93.30 -50.95 -71.88
C GLY BA 28 -92.73 -49.64 -72.38
N LEU BA 29 -92.72 -48.63 -71.50
CA LEU BA 29 -92.25 -47.30 -71.87
C LEU BA 29 -91.96 -46.52 -70.60
N ILE BA 30 -90.77 -45.94 -70.53
CA ILE BA 30 -90.33 -45.18 -69.37
C ILE BA 30 -89.84 -43.83 -69.84
N LYS BA 31 -90.42 -42.77 -69.29
CA LYS BA 31 -89.97 -41.42 -69.59
C LYS BA 31 -90.04 -40.58 -68.32
N VAL BA 32 -89.12 -39.61 -68.24
CA VAL BA 32 -89.09 -38.63 -67.16
C VAL BA 32 -89.16 -37.23 -67.78
N ASN BA 33 -90.14 -36.44 -67.33
CA ASN BA 33 -90.38 -35.10 -67.85
C ASN BA 33 -90.53 -35.11 -69.38
N GLY BA 34 -91.08 -36.20 -69.90
CA GLY BA 34 -91.20 -36.40 -71.33
C GLY BA 34 -89.94 -36.83 -72.03
N ARG BA 35 -88.82 -37.01 -71.30
CA ARG BA 35 -87.54 -37.40 -71.85
C ARG BA 35 -87.28 -38.88 -71.60
N PRO BA 36 -86.56 -39.54 -72.50
CA PRO BA 36 -86.26 -40.97 -72.29
C PRO BA 36 -85.35 -41.18 -71.10
N LEU BA 37 -85.34 -42.44 -70.63
CA LEU BA 37 -84.56 -42.78 -69.45
C LEU BA 37 -83.07 -42.59 -69.69
N GLU BA 38 -82.58 -43.00 -70.86
CA GLU BA 38 -81.17 -42.83 -71.18
C GLU BA 38 -80.79 -41.36 -71.28
N MET BA 39 -81.65 -40.55 -71.90
CA MET BA 39 -81.34 -39.14 -72.12
C MET BA 39 -81.54 -38.38 -70.81
N ILE BA 40 -80.44 -38.00 -70.18
CA ILE BA 40 -80.47 -37.30 -68.91
C ILE BA 40 -79.12 -36.62 -68.73
N GLU BA 41 -79.10 -35.53 -67.95
CA GLU BA 41 -77.90 -34.72 -67.84
C GLU BA 41 -76.70 -35.46 -67.22
N PRO BA 42 -76.81 -36.20 -66.10
CA PRO BA 42 -75.57 -36.79 -65.56
C PRO BA 42 -75.28 -38.16 -66.17
N ARG BA 43 -74.72 -38.14 -67.38
CA ARG BA 43 -74.34 -39.39 -68.06
C ARG BA 43 -73.33 -40.19 -67.25
N THR BA 44 -72.59 -39.53 -66.36
CA THR BA 44 -71.77 -40.26 -65.39
C THR BA 44 -72.64 -41.08 -64.45
N LEU BA 45 -73.78 -40.53 -64.04
CA LEU BA 45 -74.67 -41.16 -63.08
C LEU BA 45 -75.86 -41.84 -63.74
N GLN BA 46 -75.74 -42.18 -65.03
CA GLN BA 46 -76.86 -42.77 -65.75
C GLN BA 46 -77.20 -44.16 -65.22
N TYR BA 47 -76.23 -44.85 -64.62
CA TYR BA 47 -76.49 -46.17 -64.08
C TYR BA 47 -77.46 -46.12 -62.89
N LYS BA 48 -77.46 -45.00 -62.16
CA LYS BA 48 -78.36 -44.87 -61.02
C LYS BA 48 -79.81 -44.94 -61.45
N LEU BA 49 -80.14 -44.25 -62.56
CA LEU BA 49 -81.48 -44.36 -63.11
C LEU BA 49 -81.67 -45.71 -63.82
N LEU BA 50 -80.60 -46.28 -64.34
CA LEU BA 50 -80.67 -47.63 -64.91
C LEU BA 50 -80.71 -48.70 -63.83
N GLU BA 51 -80.44 -48.32 -62.58
CA GLU BA 51 -80.37 -49.30 -61.49
C GLU BA 51 -81.67 -50.06 -61.25
N PRO BA 52 -82.86 -49.41 -61.16
CA PRO BA 52 -84.06 -50.22 -60.86
C PRO BA 52 -84.44 -51.20 -61.95
N VAL BA 53 -84.36 -50.81 -63.21
CA VAL BA 53 -84.77 -51.70 -64.29
C VAL BA 53 -83.83 -52.89 -64.40
N LEU BA 54 -82.54 -52.69 -64.16
CA LEU BA 54 -81.61 -53.81 -64.17
C LEU BA 54 -81.90 -54.77 -63.02
N LEU BA 55 -82.29 -54.23 -61.87
CA LEU BA 55 -82.60 -55.08 -60.72
C LEU BA 55 -83.80 -55.97 -60.99
N LEU BA 56 -84.82 -55.44 -61.66
CA LEU BA 56 -86.09 -56.13 -61.82
C LEU BA 56 -86.31 -56.66 -63.23
N GLY BA 57 -85.50 -56.25 -64.21
CA GLY BA 57 -85.68 -56.70 -65.57
C GLY BA 57 -86.81 -56.00 -66.29
N LYS BA 58 -86.66 -55.82 -67.61
CA LYS BA 58 -87.69 -55.16 -68.40
C LYS BA 58 -88.93 -56.02 -68.58
N GLU BA 59 -88.88 -57.30 -68.19
CA GLU BA 59 -90.07 -58.15 -68.26
C GLU BA 59 -91.17 -57.63 -67.35
N ARG BA 60 -90.81 -57.22 -66.13
CA ARG BA 60 -91.80 -56.62 -65.24
C ARG BA 60 -92.21 -55.22 -65.68
N PHE BA 61 -91.41 -54.57 -66.52
CA PHE BA 61 -91.74 -53.26 -67.06
C PHE BA 61 -92.46 -53.33 -68.41
N ALA BA 62 -92.73 -54.54 -68.91
CA ALA BA 62 -93.30 -54.68 -70.25
C ALA BA 62 -94.72 -54.13 -70.32
N GLY BA 63 -95.51 -54.35 -69.28
CA GLY BA 63 -96.90 -53.93 -69.28
C GLY BA 63 -97.19 -52.62 -68.58
N VAL BA 64 -96.17 -51.82 -68.28
CA VAL BA 64 -96.33 -50.62 -67.46
C VAL BA 64 -95.73 -49.44 -68.20
N ASP BA 65 -96.50 -48.34 -68.30
CA ASP BA 65 -96.02 -47.07 -68.81
C ASP BA 65 -95.83 -46.10 -67.65
N ILE BA 66 -94.65 -45.50 -67.55
CA ILE BA 66 -94.29 -44.62 -66.46
C ILE BA 66 -93.94 -43.25 -67.01
N ARG BA 67 -94.59 -42.22 -66.48
CA ARG BA 67 -94.31 -40.84 -66.81
C ARG BA 67 -94.07 -40.07 -65.51
N VAL BA 68 -92.92 -39.41 -65.42
CA VAL BA 68 -92.47 -38.80 -64.17
C VAL BA 68 -92.33 -37.30 -64.39
N ARG BA 69 -92.86 -36.52 -63.46
CA ARG BA 69 -92.73 -35.07 -63.47
C ARG BA 69 -91.88 -34.63 -62.29
N VAL BA 70 -90.85 -33.83 -62.56
CA VAL BA 70 -89.95 -33.31 -61.54
C VAL BA 70 -90.00 -31.79 -61.60
N LYS BA 71 -90.30 -31.16 -60.47
CA LYS BA 71 -90.44 -29.71 -60.41
C LYS BA 71 -89.72 -29.17 -59.18
N GLY BA 72 -88.49 -29.60 -58.97
CA GLY BA 72 -87.72 -29.06 -57.87
C GLY BA 72 -86.46 -29.86 -57.63
N GLY BA 73 -85.62 -29.32 -56.75
CA GLY BA 73 -84.41 -30.01 -56.32
C GLY BA 73 -83.18 -29.59 -57.10
N GLY BA 74 -82.15 -30.44 -56.99
CA GLY BA 74 -80.89 -30.23 -57.65
C GLY BA 74 -80.68 -31.18 -58.82
N HIS BA 75 -79.41 -31.43 -59.12
CA HIS BA 75 -79.07 -32.32 -60.22
C HIS BA 75 -79.23 -33.79 -59.82
N VAL BA 76 -78.46 -34.23 -58.83
CA VAL BA 76 -78.46 -35.63 -58.47
C VAL BA 76 -79.57 -35.97 -57.47
N ALA BA 77 -79.96 -35.02 -56.62
CA ALA BA 77 -81.12 -35.23 -55.77
C ALA BA 77 -82.38 -35.41 -56.59
N GLN BA 78 -82.39 -34.86 -57.81
CA GLN BA 78 -83.47 -35.15 -58.75
C GLN BA 78 -83.53 -36.64 -59.06
N ILE BA 79 -82.38 -37.25 -59.35
CA ILE BA 79 -82.36 -38.68 -59.67
C ILE BA 79 -82.74 -39.51 -58.47
N TYR BA 80 -82.14 -39.23 -57.30
CA TYR BA 80 -82.44 -40.01 -56.11
C TYR BA 80 -83.89 -39.88 -55.68
N ALA BA 81 -84.60 -38.87 -56.17
CA ALA BA 81 -86.05 -38.85 -56.01
C ALA BA 81 -86.75 -39.66 -57.09
N ILE BA 82 -86.21 -39.64 -58.31
CA ILE BA 82 -86.84 -40.34 -59.43
C ILE BA 82 -86.74 -41.85 -59.23
N ARG BA 83 -85.55 -42.35 -58.88
CA ARG BA 83 -85.37 -43.79 -58.75
C ARG BA 83 -86.21 -44.36 -57.62
N GLN BA 84 -86.37 -43.61 -56.54
CA GLN BA 84 -87.31 -44.01 -55.50
C GLN BA 84 -88.75 -43.97 -56.01
N SER BA 85 -89.07 -42.95 -56.80
CA SER BA 85 -90.44 -42.81 -57.30
C SER BA 85 -90.82 -43.98 -58.21
N ILE BA 86 -89.91 -44.38 -59.10
CA ILE BA 86 -90.20 -45.47 -60.02
C ILE BA 86 -90.38 -46.77 -59.26
N SER BA 87 -89.48 -47.05 -58.32
CA SER BA 87 -89.57 -48.27 -57.52
C SER BA 87 -90.85 -48.27 -56.68
N LYS BA 88 -91.19 -47.14 -56.07
CA LYS BA 88 -92.41 -47.06 -55.29
C LYS BA 88 -93.65 -47.16 -56.18
N ALA BA 89 -93.59 -46.59 -57.39
CA ALA BA 89 -94.71 -46.68 -58.30
C ALA BA 89 -94.95 -48.11 -58.76
N LEU BA 90 -93.87 -48.84 -59.06
CA LEU BA 90 -94.01 -50.21 -59.55
C LEU BA 90 -94.63 -51.12 -58.50
N VAL BA 91 -94.15 -51.05 -57.26
CA VAL BA 91 -94.71 -51.89 -56.21
C VAL BA 91 -96.15 -51.49 -55.92
N ALA BA 92 -96.47 -50.20 -56.05
CA ALA BA 92 -97.85 -49.76 -55.88
C ALA BA 92 -98.76 -50.35 -56.97
N TYR BA 93 -98.25 -50.43 -58.20
CA TYR BA 93 -99.00 -51.06 -59.28
C TYR BA 93 -99.26 -52.53 -58.97
N TYR BA 94 -98.23 -53.22 -58.47
CA TYR BA 94 -98.41 -54.62 -58.08
C TYR BA 94 -99.23 -54.74 -56.81
N GLN BA 95 -99.32 -53.66 -56.03
CA GLN BA 95 -100.02 -53.72 -54.75
C GLN BA 95 -101.53 -53.85 -54.94
N LYS BA 96 -102.10 -53.07 -55.86
CA LYS BA 96 -103.54 -52.93 -55.97
C LYS BA 96 -104.13 -53.53 -57.23
N TYR BA 97 -103.30 -54.02 -58.15
CA TYR BA 97 -103.81 -54.60 -59.39
C TYR BA 97 -103.54 -56.08 -59.56
N VAL BA 98 -102.53 -56.62 -58.88
CA VAL BA 98 -102.28 -58.06 -58.84
C VAL BA 98 -102.13 -58.48 -57.39
N ASP BA 99 -101.83 -59.76 -57.19
CA ASP BA 99 -101.58 -60.27 -55.85
C ASP BA 99 -100.34 -59.61 -55.25
N GLU BA 100 -100.38 -59.40 -53.93
CA GLU BA 100 -99.25 -58.79 -53.24
C GLU BA 100 -98.10 -59.77 -53.01
N ALA BA 101 -98.30 -61.06 -53.29
CA ALA BA 101 -97.18 -61.99 -53.28
C ALA BA 101 -96.16 -61.61 -54.33
N SER BA 102 -96.63 -61.23 -55.52
CA SER BA 102 -95.73 -60.65 -56.52
C SER BA 102 -95.14 -59.34 -56.02
N LYS BA 103 -95.95 -58.54 -55.34
CA LYS BA 103 -95.44 -57.33 -54.69
C LYS BA 103 -94.44 -57.69 -53.59
N LYS BA 104 -94.68 -58.80 -52.89
CA LYS BA 104 -93.78 -59.21 -51.83
C LYS BA 104 -92.42 -59.60 -52.38
N GLU BA 105 -92.40 -60.32 -53.51
CA GLU BA 105 -91.13 -60.77 -54.07
C GLU BA 105 -90.41 -59.68 -54.86
N ILE BA 106 -91.01 -58.51 -55.02
CA ILE BA 106 -90.34 -57.39 -55.68
C ILE BA 106 -89.97 -56.36 -54.63
N LYS BA 107 -90.69 -56.36 -53.50
CA LYS BA 107 -90.35 -55.44 -52.42
C LYS BA 107 -89.08 -55.85 -51.70
N ASP BA 108 -88.91 -57.15 -51.45
CA ASP BA 108 -87.77 -57.61 -50.67
C ASP BA 108 -86.46 -57.42 -51.42
N ILE BA 109 -86.49 -57.53 -52.76
CA ILE BA 109 -85.27 -57.34 -53.55
C ILE BA 109 -84.77 -55.91 -53.41
N LEU BA 110 -85.68 -54.94 -53.46
CA LEU BA 110 -85.28 -53.54 -53.30
C LEU BA 110 -84.79 -53.27 -51.89
N ILE BA 111 -85.46 -53.83 -50.87
CA ILE BA 111 -85.11 -53.52 -49.49
C ILE BA 111 -83.81 -54.19 -49.09
N GLN BA 112 -83.42 -55.29 -49.74
CA GLN BA 112 -82.12 -55.89 -49.48
C GLN BA 112 -81.01 -55.26 -50.32
N TYR BA 113 -81.37 -54.43 -51.29
CA TYR BA 113 -80.37 -53.68 -52.05
C TYR BA 113 -80.13 -52.31 -51.43
N ASP BA 114 -81.19 -51.51 -51.33
CA ASP BA 114 -81.09 -50.16 -50.77
C ASP BA 114 -82.48 -49.68 -50.40
N ARG BA 115 -82.64 -49.21 -49.17
CA ARG BA 115 -83.92 -48.71 -48.71
C ARG BA 115 -84.23 -47.31 -49.20
N THR BA 116 -83.26 -46.60 -49.79
CA THR BA 116 -83.52 -45.28 -50.32
C THR BA 116 -84.43 -45.33 -51.54
N LEU BA 117 -84.44 -46.45 -52.25
CA LEU BA 117 -85.39 -46.64 -53.34
C LEU BA 117 -86.82 -46.86 -52.85
N LEU BA 118 -87.01 -47.05 -51.55
CA LEU BA 118 -88.33 -47.23 -50.97
C LEU BA 118 -88.64 -46.22 -49.87
N VAL BA 119 -87.66 -45.85 -49.06
CA VAL BA 119 -87.84 -44.92 -47.96
C VAL BA 119 -86.94 -43.71 -48.20
N ALA BA 120 -87.54 -42.52 -48.17
CA ALA BA 120 -86.81 -41.30 -48.47
C ALA BA 120 -85.85 -40.94 -47.35
N ASP BA 121 -84.80 -40.20 -47.71
CA ASP BA 121 -83.85 -39.70 -46.73
C ASP BA 121 -84.47 -38.54 -45.96
N PRO BA 122 -84.56 -38.60 -44.63
CA PRO BA 122 -85.25 -37.54 -43.90
C PRO BA 122 -84.47 -36.23 -43.81
N ARG BA 123 -83.15 -36.28 -43.92
CA ARG BA 123 -82.34 -35.07 -43.75
C ARG BA 123 -82.57 -34.10 -44.91
N ARG BA 124 -82.85 -32.84 -44.58
CA ARG BA 124 -83.05 -31.82 -45.60
C ARG BA 124 -81.98 -30.73 -45.55
N CYS BA 125 -81.88 -30.01 -44.44
CA CYS BA 125 -80.99 -28.87 -44.32
C CYS BA 125 -80.76 -28.60 -42.83
N GLU BA 126 -80.13 -27.45 -42.54
CA GLU BA 126 -80.05 -26.94 -41.18
C GLU BA 126 -79.87 -25.43 -41.27
N SER BA 127 -80.58 -24.70 -40.43
CA SER BA 127 -80.54 -23.25 -40.47
C SER BA 127 -79.17 -22.72 -40.07
N LYS BA 128 -78.70 -21.71 -40.80
CA LYS BA 128 -77.43 -21.07 -40.51
C LYS BA 128 -77.57 -20.19 -39.28
N LYS BA 129 -76.90 -20.56 -38.19
CA LYS BA 129 -76.92 -19.71 -37.02
C LYS BA 129 -76.04 -18.49 -37.24
N PHE BA 130 -76.35 -17.42 -36.50
CA PHE BA 130 -75.64 -16.16 -36.66
C PHE BA 130 -74.27 -16.15 -36.00
N GLY BA 131 -73.82 -17.29 -35.45
CA GLY BA 131 -72.48 -17.34 -34.90
C GLY BA 131 -71.40 -17.41 -35.95
N GLY BA 132 -71.73 -17.89 -37.15
CA GLY BA 132 -70.76 -18.04 -38.21
C GLY BA 132 -71.38 -18.03 -39.58
N PRO BA 133 -70.67 -18.58 -40.57
CA PRO BA 133 -71.17 -18.56 -41.94
C PRO BA 133 -72.15 -19.67 -42.26
N GLY BA 134 -72.00 -20.83 -41.59
CA GLY BA 134 -72.78 -22.00 -41.88
C GLY BA 134 -73.74 -22.36 -40.76
N ALA BA 135 -74.21 -23.60 -40.80
CA ALA BA 135 -75.11 -24.09 -39.75
C ALA BA 135 -74.39 -24.24 -38.43
N ARG BA 136 -73.18 -24.82 -38.44
CA ARG BA 136 -72.40 -25.01 -37.23
C ARG BA 136 -71.10 -24.24 -37.19
N ALA BA 137 -70.59 -23.80 -38.33
CA ALA BA 137 -69.31 -23.08 -38.34
C ALA BA 137 -69.42 -21.77 -37.58
N ARG BA 138 -68.29 -21.37 -36.98
CA ARG BA 138 -68.19 -20.10 -36.29
C ARG BA 138 -67.10 -19.26 -36.95
N TYR BA 139 -67.28 -17.95 -36.92
CA TYR BA 139 -66.30 -17.06 -37.51
C TYR BA 139 -64.99 -17.12 -36.72
N GLN BA 140 -63.90 -16.80 -37.39
CA GLN BA 140 -62.57 -16.93 -36.78
C GLN BA 140 -62.40 -15.84 -35.73
N LYS BA 141 -62.59 -16.23 -34.46
CA LYS BA 141 -62.39 -15.30 -33.36
C LYS BA 141 -60.91 -15.09 -33.10
N SER BA 142 -60.58 -13.92 -32.55
CA SER BA 142 -59.19 -13.55 -32.29
C SER BA 142 -59.09 -12.96 -30.90
N TYR BA 143 -57.89 -13.05 -30.32
CA TYR BA 143 -57.62 -12.54 -28.99
C TYR BA 143 -56.58 -11.43 -28.96
N ARG BA 144 -55.85 -11.21 -30.05
CA ARG BA 144 -54.85 -10.16 -30.10
C ARG BA 144 -55.03 -9.29 -31.34
N MET CA 1 -51.29 -31.38 -89.48
CA MET CA 1 -51.16 -32.76 -89.94
C MET CA 1 -50.19 -33.45 -88.97
N SER CA 2 -49.75 -32.70 -87.96
CA SER CA 2 -48.81 -33.17 -86.95
C SER CA 2 -47.48 -33.60 -87.57
N LEU CA 3 -47.08 -32.91 -88.63
CA LEU CA 3 -45.86 -33.25 -89.34
C LEU CA 3 -44.65 -32.70 -88.60
N VAL CA 4 -43.48 -32.89 -89.20
CA VAL CA 4 -42.24 -32.37 -88.65
C VAL CA 4 -42.22 -30.85 -88.82
N ILE CA 5 -41.28 -30.19 -88.14
CA ILE CA 5 -41.20 -28.73 -88.22
C ILE CA 5 -40.73 -28.32 -89.62
N PRO CA 6 -41.43 -27.42 -90.30
CA PRO CA 6 -40.97 -26.96 -91.61
C PRO CA 6 -39.69 -26.16 -91.50
N GLU CA 7 -38.93 -26.14 -92.60
CA GLU CA 7 -37.69 -25.38 -92.63
C GLU CA 7 -37.96 -23.87 -92.55
N LYS CA 8 -39.06 -23.41 -93.14
CA LYS CA 8 -39.44 -22.00 -93.08
C LYS CA 8 -40.10 -21.69 -91.73
N PHE CA 9 -39.31 -21.86 -90.67
CA PHE CA 9 -39.76 -21.67 -89.31
C PHE CA 9 -38.84 -20.68 -88.61
N GLN CA 10 -39.42 -19.78 -87.82
CA GLN CA 10 -38.66 -18.89 -86.96
C GLN CA 10 -38.87 -19.31 -85.52
N HIS CA 11 -37.77 -19.60 -84.83
CA HIS CA 11 -37.86 -19.99 -83.42
C HIS CA 11 -38.46 -18.86 -82.59
N ILE CA 12 -38.05 -17.62 -82.87
CA ILE CA 12 -38.69 -16.43 -82.34
C ILE CA 12 -38.80 -15.43 -83.46
N LEU CA 13 -39.94 -14.76 -83.55
CA LEU CA 13 -40.18 -13.76 -84.57
C LEU CA 13 -39.67 -12.41 -84.09
N ARG CA 14 -39.97 -11.35 -84.85
CA ARG CA 14 -39.57 -10.01 -84.47
C ARG CA 14 -40.59 -9.03 -85.02
N VAL CA 15 -41.40 -8.44 -84.14
CA VAL CA 15 -42.43 -7.48 -84.51
C VAL CA 15 -42.16 -6.18 -83.77
N LEU CA 16 -42.14 -5.08 -84.51
CA LEU CA 16 -41.80 -3.75 -83.99
C LEU CA 16 -40.41 -3.84 -83.36
N ASN CA 17 -40.23 -3.43 -82.11
CA ASN CA 17 -38.94 -3.55 -81.43
C ASN CA 17 -38.94 -4.64 -80.37
N THR CA 18 -39.86 -5.58 -80.46
CA THR CA 18 -39.96 -6.68 -79.50
C THR CA 18 -40.09 -7.99 -80.26
N ASN CA 19 -40.08 -9.09 -79.50
CA ASN CA 19 -40.12 -10.42 -80.08
C ASN CA 19 -41.21 -11.24 -79.43
N ILE CA 20 -41.65 -12.28 -80.14
CA ILE CA 20 -42.61 -13.24 -79.63
C ILE CA 20 -41.99 -14.62 -79.76
N ASP CA 21 -42.68 -15.61 -79.19
CA ASP CA 21 -42.23 -17.00 -79.22
C ASP CA 21 -43.06 -17.75 -80.25
N GLY CA 22 -42.38 -18.38 -81.20
CA GLY CA 22 -43.07 -19.14 -82.23
C GLY CA 22 -43.54 -20.51 -81.81
N ARG CA 23 -43.05 -21.02 -80.68
CA ARG CA 23 -43.45 -22.33 -80.22
C ARG CA 23 -44.86 -22.37 -79.67
N ARG CA 24 -45.40 -21.24 -79.22
CA ARG CA 24 -46.77 -21.16 -78.76
C ARG CA 24 -47.68 -20.76 -79.91
N LYS CA 25 -48.98 -20.75 -79.64
CA LYS CA 25 -49.98 -20.49 -80.67
C LYS CA 25 -49.89 -19.04 -81.14
N ILE CA 26 -50.24 -18.83 -82.42
CA ILE CA 26 -50.18 -17.49 -83.01
C ILE CA 26 -51.12 -16.52 -82.31
N ALA CA 27 -52.28 -17.01 -81.87
CA ALA CA 27 -53.24 -16.13 -81.21
C ALA CA 27 -52.69 -15.56 -79.91
N PHE CA 28 -51.96 -16.37 -79.16
CA PHE CA 28 -51.50 -15.96 -77.84
C PHE CA 28 -50.07 -15.43 -77.87
N ALA CA 29 -49.28 -15.80 -78.88
CA ALA CA 29 -47.93 -15.27 -78.98
C ALA CA 29 -47.95 -13.78 -79.26
N ILE CA 30 -48.84 -13.33 -80.15
CA ILE CA 30 -48.87 -11.92 -80.54
C ILE CA 30 -49.41 -11.03 -79.43
N THR CA 31 -49.95 -11.60 -78.36
CA THR CA 31 -50.30 -10.82 -77.19
C THR CA 31 -49.07 -10.32 -76.43
N ALA CA 32 -47.89 -10.86 -76.72
CA ALA CA 32 -46.67 -10.40 -76.07
C ALA CA 32 -46.28 -9.00 -76.50
N ILE CA 33 -46.83 -8.51 -77.62
CA ILE CA 33 -46.58 -7.14 -78.03
C ILE CA 33 -47.28 -6.19 -77.07
N LYS CA 34 -46.56 -5.17 -76.62
CA LYS CA 34 -47.13 -4.20 -75.69
C LYS CA 34 -48.30 -3.47 -76.34
N GLY CA 35 -49.40 -3.36 -75.59
CA GLY CA 35 -50.60 -2.75 -76.10
C GLY CA 35 -51.57 -3.71 -76.78
N VAL CA 36 -51.16 -4.96 -76.99
CA VAL CA 36 -51.99 -5.96 -77.65
C VAL CA 36 -52.49 -6.94 -76.61
N GLY CA 37 -53.79 -7.21 -76.62
CA GLY CA 37 -54.41 -8.17 -75.73
C GLY CA 37 -55.00 -9.35 -76.48
N ARG CA 38 -55.51 -10.31 -75.70
CA ARG CA 38 -56.09 -11.51 -76.28
C ARG CA 38 -57.32 -11.20 -77.12
N ARG CA 39 -58.17 -10.28 -76.65
CA ARG CA 39 -59.31 -9.86 -77.45
C ARG CA 39 -58.84 -9.13 -78.71
N TYR CA 40 -57.81 -8.30 -78.60
CA TYR CA 40 -57.22 -7.69 -79.78
C TYR CA 40 -56.60 -8.74 -80.70
N ALA CA 41 -56.00 -9.78 -80.12
CA ALA CA 41 -55.33 -10.79 -80.92
C ALA CA 41 -56.33 -11.64 -81.68
N HIS CA 42 -57.43 -12.03 -81.03
CA HIS CA 42 -58.42 -12.90 -81.65
C HIS CA 42 -59.36 -12.15 -82.58
N VAL CA 43 -59.08 -10.91 -82.94
CA VAL CA 43 -59.96 -10.19 -83.85
C VAL CA 43 -59.15 -9.69 -85.05
N VAL CA 44 -57.85 -9.49 -84.86
CA VAL CA 44 -57.02 -9.08 -86.00
C VAL CA 44 -56.84 -10.25 -86.95
N LEU CA 45 -56.71 -11.47 -86.43
CA LEU CA 45 -56.53 -12.63 -87.31
C LEU CA 45 -57.82 -12.94 -88.07
N ARG CA 46 -58.97 -12.72 -87.43
CA ARG CA 46 -60.23 -12.84 -88.16
C ARG CA 46 -60.31 -11.84 -89.30
N LYS CA 47 -59.87 -10.61 -89.07
CA LYS CA 47 -59.86 -9.62 -90.13
C LYS CA 47 -58.66 -9.79 -91.07
N ALA CA 48 -57.67 -10.59 -90.69
CA ALA CA 48 -56.61 -10.98 -91.62
C ALA CA 48 -56.94 -12.25 -92.38
N ASP CA 49 -58.04 -12.92 -92.05
CA ASP CA 49 -58.49 -14.15 -92.72
C ASP CA 49 -57.38 -15.21 -92.73
N ILE CA 50 -56.70 -15.35 -91.60
CA ILE CA 50 -55.62 -16.31 -91.47
C ILE CA 50 -56.02 -17.38 -90.46
N ASP CA 51 -55.36 -18.53 -90.56
CA ASP CA 51 -55.72 -19.68 -89.75
C ASP CA 51 -55.35 -19.46 -88.28
N LEU CA 52 -56.14 -20.08 -87.40
CA LEU CA 52 -55.87 -20.03 -85.97
C LEU CA 52 -55.12 -21.26 -85.48
N THR CA 53 -55.43 -22.44 -86.05
CA THR CA 53 -54.84 -23.68 -85.57
C THR CA 53 -53.33 -23.75 -85.79
N LYS CA 54 -52.77 -22.90 -86.64
CA LYS CA 54 -51.34 -22.88 -86.84
C LYS CA 54 -50.65 -22.17 -85.67
N ARG CA 55 -49.42 -22.58 -85.41
CA ARG CA 55 -48.63 -21.95 -84.37
C ARG CA 55 -48.06 -20.62 -84.87
N ALA CA 56 -47.24 -19.98 -84.03
CA ALA CA 56 -46.72 -18.66 -84.36
C ALA CA 56 -45.53 -18.72 -85.29
N GLY CA 57 -44.65 -19.71 -85.12
CA GLY CA 57 -43.42 -19.75 -85.87
C GLY CA 57 -43.52 -20.27 -87.28
N GLU CA 58 -44.70 -20.68 -87.73
CA GLU CA 58 -44.87 -21.27 -89.05
C GLU CA 58 -45.63 -20.37 -90.01
N LEU CA 59 -45.63 -19.06 -89.77
CA LEU CA 59 -46.27 -18.12 -90.67
C LEU CA 59 -45.35 -17.78 -91.84
N THR CA 60 -45.90 -17.07 -92.81
CA THR CA 60 -45.13 -16.50 -93.90
C THR CA 60 -44.91 -15.02 -93.64
N GLU CA 61 -43.72 -14.53 -93.99
CA GLU CA 61 -43.32 -13.18 -93.61
C GLU CA 61 -44.19 -12.12 -94.29
N ASP CA 62 -44.72 -12.41 -95.48
CA ASP CA 62 -45.65 -11.47 -96.11
C ASP CA 62 -46.99 -11.45 -95.36
N GLU CA 63 -47.41 -12.59 -94.83
CA GLU CA 63 -48.57 -12.61 -93.95
C GLU CA 63 -48.25 -11.96 -92.61
N VAL CA 64 -47.00 -12.07 -92.15
CA VAL CA 64 -46.61 -11.46 -90.89
C VAL CA 64 -46.72 -9.95 -90.99
N GLU CA 65 -46.19 -9.36 -92.06
CA GLU CA 65 -46.31 -7.92 -92.24
C GLU CA 65 -47.73 -7.53 -92.65
N ARG CA 66 -48.51 -8.45 -93.22
CA ARG CA 66 -49.93 -8.19 -93.43
C ARG CA 66 -50.62 -7.98 -92.10
N VAL CA 67 -50.31 -8.81 -91.11
CA VAL CA 67 -50.86 -8.63 -89.77
C VAL CA 67 -50.37 -7.31 -89.17
N ILE CA 68 -49.12 -6.95 -89.47
CA ILE CA 68 -48.55 -5.71 -88.95
C ILE CA 68 -49.32 -4.51 -89.45
N THR CA 69 -49.61 -4.47 -90.76
CA THR CA 69 -50.28 -3.30 -91.31
C THR CA 69 -51.77 -3.26 -90.94
N ILE CA 70 -52.37 -4.39 -90.60
CA ILE CA 70 -53.71 -4.37 -90.03
C ILE CA 70 -53.68 -3.72 -88.65
N MET CA 71 -52.72 -4.12 -87.82
CA MET CA 71 -52.58 -3.49 -86.51
C MET CA 71 -52.17 -2.03 -86.65
N GLN CA 72 -51.31 -1.73 -87.63
CA GLN CA 72 -50.92 -0.34 -87.88
C GLN CA 72 -52.10 0.50 -88.36
N ASN CA 73 -53.06 -0.11 -89.07
CA ASN CA 73 -54.19 0.60 -89.65
C ASN CA 73 -55.49 -0.07 -89.20
N PRO CA 74 -55.90 0.16 -87.95
CA PRO CA 74 -57.17 -0.43 -87.49
C PRO CA 74 -58.37 0.34 -87.99
N ARG CA 75 -58.20 1.64 -88.21
CA ARG CA 75 -59.32 2.49 -88.64
C ARG CA 75 -59.82 2.11 -90.02
N GLN CA 76 -58.90 1.80 -90.94
CA GLN CA 76 -59.24 1.54 -92.33
C GLN CA 76 -59.44 0.05 -92.63
N TYR CA 77 -59.68 -0.77 -91.61
CA TYR CA 77 -59.91 -2.19 -91.82
C TYR CA 77 -61.07 -2.67 -90.95
N LYS CA 78 -62.16 -1.91 -90.96
CA LYS CA 78 -63.47 -2.27 -90.42
C LYS CA 78 -63.47 -2.51 -88.91
N ILE CA 79 -62.36 -2.29 -88.21
CA ILE CA 79 -62.40 -2.43 -86.75
C ILE CA 79 -63.27 -1.32 -86.18
N PRO CA 80 -64.20 -1.62 -85.28
CA PRO CA 80 -65.06 -0.58 -84.71
C PRO CA 80 -64.24 0.46 -83.96
N ASP CA 81 -64.73 1.70 -84.00
CA ASP CA 81 -63.95 2.84 -83.52
C ASP CA 81 -63.72 2.77 -82.02
N TRP CA 82 -64.56 2.04 -81.28
CA TRP CA 82 -64.49 1.96 -79.83
C TRP CA 82 -63.56 0.85 -79.35
N PHE CA 83 -62.83 0.20 -80.24
CA PHE CA 83 -62.07 -0.98 -79.88
C PHE CA 83 -60.59 -0.67 -79.60
N LEU CA 84 -60.16 0.57 -79.78
CA LEU CA 84 -58.75 0.92 -79.69
C LEU CA 84 -58.33 1.12 -78.24
N ASN CA 85 -57.15 1.69 -78.05
CA ASN CA 85 -56.62 2.04 -76.73
C ASN CA 85 -56.64 3.54 -76.49
N ARG CA 86 -56.09 4.32 -77.41
CA ARG CA 86 -56.09 5.77 -77.33
C ARG CA 86 -57.21 6.30 -78.23
N GLN CA 87 -58.42 6.32 -77.68
CA GLN CA 87 -59.60 6.77 -78.40
C GLN CA 87 -59.95 8.18 -77.96
N LYS CA 88 -60.21 9.06 -78.93
CA LYS CA 88 -60.58 10.45 -78.69
C LYS CA 88 -59.53 11.13 -77.81
N ASP CA 89 -58.33 11.24 -78.37
CA ASP CA 89 -57.18 11.72 -77.61
C ASP CA 89 -57.38 13.13 -77.09
N VAL CA 90 -56.89 13.38 -75.87
CA VAL CA 90 -56.80 14.74 -75.38
C VAL CA 90 -55.75 15.52 -76.16
N LYS CA 91 -54.79 14.83 -76.78
CA LYS CA 91 -53.78 15.50 -77.58
C LYS CA 91 -54.38 16.01 -78.89
N ASP CA 92 -55.01 15.12 -79.66
CA ASP CA 92 -55.51 15.50 -80.97
C ASP CA 92 -56.85 14.91 -81.36
N GLY CA 93 -57.50 14.13 -80.48
CA GLY CA 93 -58.83 13.63 -80.74
C GLY CA 93 -58.94 12.47 -81.70
N LYS CA 94 -57.94 12.23 -82.53
CA LYS CA 94 -58.02 11.12 -83.49
C LYS CA 94 -57.98 9.79 -82.76
N TYR CA 95 -58.76 8.84 -83.24
CA TYR CA 95 -58.75 7.49 -82.70
C TYR CA 95 -57.57 6.75 -83.29
N SER CA 96 -56.60 6.40 -82.45
CA SER CA 96 -55.42 5.68 -82.88
C SER CA 96 -55.08 4.62 -81.85
N GLN CA 97 -54.76 3.42 -82.33
CA GLN CA 97 -54.35 2.31 -81.49
C GLN CA 97 -52.83 2.23 -81.53
N VAL CA 98 -52.19 2.41 -80.38
CA VAL CA 98 -50.74 2.44 -80.28
C VAL CA 98 -50.27 1.14 -79.63
N LEU CA 99 -49.21 0.55 -80.21
CA LEU CA 99 -48.85 -0.83 -79.86
C LEU CA 99 -47.36 -1.04 -79.70
N ALA CA 100 -46.59 0.00 -79.36
CA ALA CA 100 -45.13 -0.13 -79.35
C ALA CA 100 -44.60 0.77 -78.24
N ASN CA 101 -43.30 1.09 -78.32
CA ASN CA 101 -42.70 2.03 -77.38
C ASN CA 101 -43.34 3.41 -77.48
N GLY CA 102 -44.05 3.70 -78.56
CA GLY CA 102 -44.86 4.90 -78.61
C GLY CA 102 -45.90 4.92 -77.52
N LEU CA 103 -46.47 3.76 -77.18
CA LEU CA 103 -47.44 3.70 -76.09
C LEU CA 103 -46.79 4.09 -74.76
N ASP CA 104 -45.57 3.62 -74.51
CA ASP CA 104 -44.90 3.96 -73.27
C ASP CA 104 -44.61 5.45 -73.18
N ASN CA 105 -44.14 6.06 -74.28
CA ASN CA 105 -43.91 7.50 -74.22
C ASN CA 105 -45.21 8.29 -74.40
N LYS CA 106 -46.27 7.67 -74.91
CA LYS CA 106 -47.59 8.28 -74.81
C LYS CA 106 -48.06 8.31 -73.36
N LEU CA 107 -47.86 7.21 -72.63
CA LEU CA 107 -48.14 7.20 -71.20
C LEU CA 107 -47.25 8.20 -70.47
N ARG CA 108 -45.98 8.26 -70.86
CA ARG CA 108 -45.09 9.29 -70.32
C ARG CA 108 -45.57 10.68 -70.70
N GLU CA 109 -46.00 10.86 -71.95
CA GLU CA 109 -46.55 12.14 -72.37
C GLU CA 109 -47.83 12.47 -71.59
N ASP CA 110 -48.69 11.46 -71.40
CA ASP CA 110 -49.89 11.65 -70.60
C ASP CA 110 -49.54 12.00 -69.16
N LEU CA 111 -48.53 11.33 -68.60
CA LEU CA 111 -48.15 11.58 -67.22
C LEU CA 111 -47.58 12.98 -67.04
N GLU CA 112 -46.67 13.39 -67.92
CA GLU CA 112 -46.10 14.73 -67.83
C GLU CA 112 -47.14 15.80 -68.16
N ARG CA 113 -48.16 15.43 -68.95
CA ARG CA 113 -49.30 16.33 -69.16
C ARG CA 113 -50.00 16.60 -67.83
N LEU CA 114 -50.17 15.56 -67.01
CA LEU CA 114 -50.73 15.75 -65.68
C LEU CA 114 -49.77 16.54 -64.79
N LYS CA 115 -48.47 16.26 -64.90
CA LYS CA 115 -47.49 16.90 -64.03
C LYS CA 115 -47.36 18.39 -64.35
N LYS CA 116 -47.41 18.76 -65.62
CA LYS CA 116 -47.21 20.15 -66.01
C LYS CA 116 -48.31 21.04 -65.46
N ILE CA 117 -49.56 20.56 -65.49
CA ILE CA 117 -50.68 21.31 -64.91
C ILE CA 117 -50.87 21.00 -63.44
N ARG CA 118 -50.03 20.14 -62.85
CA ARG CA 118 -50.03 19.75 -61.44
C ARG CA 118 -51.44 19.45 -60.91
N ALA CA 119 -52.16 18.65 -61.69
CA ALA CA 119 -53.46 18.16 -61.25
C ALA CA 119 -53.27 17.14 -60.12
N HIS CA 120 -54.37 16.82 -59.44
CA HIS CA 120 -54.29 15.96 -58.27
C HIS CA 120 -53.79 14.56 -58.63
N ARG CA 121 -54.26 14.01 -59.75
CA ARG CA 121 -53.77 12.70 -60.16
C ARG CA 121 -52.28 12.75 -60.47
N GLY CA 122 -51.85 13.78 -61.20
CA GLY CA 122 -50.42 13.91 -61.49
C GLY CA 122 -49.60 14.18 -60.25
N LEU CA 123 -50.13 14.97 -59.32
CA LEU CA 123 -49.44 15.21 -58.05
C LEU CA 123 -49.33 13.93 -57.24
N ARG CA 124 -50.40 13.13 -57.23
CA ARG CA 124 -50.34 11.82 -56.58
C ARG CA 124 -49.41 10.88 -57.34
N HIS CA 125 -49.42 10.95 -58.67
CA HIS CA 125 -48.51 10.15 -59.47
C HIS CA 125 -47.06 10.54 -59.23
N PHE CA 126 -46.82 11.81 -58.90
CA PHE CA 126 -45.45 12.30 -58.72
C PHE CA 126 -44.76 11.62 -57.54
N TRP CA 127 -45.48 11.43 -56.44
CA TRP CA 127 -44.90 10.90 -55.21
C TRP CA 127 -45.03 9.39 -55.09
N GLY CA 128 -45.44 8.71 -56.17
CA GLY CA 128 -45.57 7.27 -56.11
C GLY CA 128 -46.75 6.78 -55.30
N LEU CA 129 -47.75 7.63 -55.09
CA LEU CA 129 -48.91 7.28 -54.29
C LEU CA 129 -49.99 6.67 -55.17
N ARG CA 130 -51.05 6.16 -54.54
CA ARG CA 130 -52.20 5.71 -55.28
C ARG CA 130 -52.97 6.92 -55.83
N VAL CA 131 -53.49 6.77 -57.04
CA VAL CA 131 -54.14 7.88 -57.72
C VAL CA 131 -55.63 7.64 -57.97
N ARG CA 132 -56.10 6.40 -57.94
CA ARG CA 132 -57.50 6.10 -58.19
C ARG CA 132 -58.35 6.17 -56.93
N GLY CA 133 -57.89 6.86 -55.90
CA GLY CA 133 -58.69 7.12 -54.72
C GLY CA 133 -58.78 6.00 -53.71
N GLN CA 134 -58.09 4.89 -53.93
CA GLN CA 134 -58.16 3.78 -52.99
C GLN CA 134 -57.40 4.11 -51.71
N HIS CA 135 -57.70 3.35 -50.66
CA HIS CA 135 -57.08 3.57 -49.36
C HIS CA 135 -55.60 3.25 -49.39
N THR CA 136 -54.83 4.02 -48.63
CA THR CA 136 -53.40 3.78 -48.44
C THR CA 136 -53.04 3.52 -46.99
N LYS CA 137 -54.05 3.26 -46.14
CA LYS CA 137 -53.79 3.00 -44.72
C LYS CA 137 -52.95 1.75 -44.53
N THR CA 138 -53.37 0.65 -45.12
CA THR CA 138 -52.75 -0.66 -44.88
C THR CA 138 -52.04 -1.20 -46.10
N THR CA 139 -52.72 -1.29 -47.24
CA THR CA 139 -52.10 -1.85 -48.43
C THR CA 139 -51.18 -0.82 -49.07
N GLY CA 140 -50.38 -1.30 -50.02
CA GLY CA 140 -49.40 -0.45 -50.67
C GLY CA 140 -48.09 -0.30 -49.94
N ARG CA 141 -47.91 -0.99 -48.82
CA ARG CA 141 -46.66 -0.94 -48.08
C ARG CA 141 -45.56 -1.77 -48.71
N ARG CA 142 -45.89 -2.58 -49.72
CA ARG CA 142 -44.90 -3.45 -50.34
C ARG CA 142 -43.80 -2.65 -51.02
N GLY CA 143 -44.17 -1.59 -51.73
CA GLY CA 143 -43.20 -0.77 -52.44
C GLY CA 143 -42.40 0.17 -51.58
N ARG CA 144 -42.57 0.12 -50.26
CA ARG CA 144 -41.87 0.99 -49.34
C ARG CA 144 -40.88 0.25 -48.45
N THR CA 145 -41.32 -0.81 -47.78
CA THR CA 145 -40.43 -1.64 -46.97
C THR CA 145 -40.61 -3.10 -47.32
N PRO DA 1 -90.93 -45.12 -86.69
CA PRO DA 1 -90.98 -44.59 -85.32
C PRO DA 1 -90.83 -43.08 -85.27
N GLY DA 2 -91.82 -42.39 -84.70
CA GLY DA 2 -91.74 -40.95 -84.58
C GLY DA 2 -90.64 -40.53 -83.61
N VAL DA 3 -89.93 -39.47 -83.97
CA VAL DA 3 -88.80 -38.98 -83.21
C VAL DA 3 -89.11 -37.56 -82.75
N THR DA 4 -89.06 -37.34 -81.44
CA THR DA 4 -89.15 -36.02 -80.85
C THR DA 4 -87.74 -35.55 -80.49
N VAL DA 5 -87.49 -34.25 -80.65
CA VAL DA 5 -86.17 -33.71 -80.35
C VAL DA 5 -85.83 -33.87 -78.87
N LYS DA 6 -86.84 -33.97 -78.02
CA LYS DA 6 -86.62 -34.29 -76.61
C LYS DA 6 -86.08 -35.71 -76.40
N ASP DA 7 -86.12 -36.57 -77.42
CA ASP DA 7 -85.82 -37.97 -77.27
C ASP DA 7 -84.40 -38.34 -77.72
N VAL DA 8 -83.57 -37.35 -78.03
CA VAL DA 8 -82.19 -37.57 -78.42
C VAL DA 8 -81.29 -36.70 -77.55
N ASN DA 9 -79.99 -36.78 -77.80
CA ASN DA 9 -79.05 -35.93 -77.08
C ASN DA 9 -79.11 -34.52 -77.62
N GLN DA 10 -79.34 -33.55 -76.73
CA GLN DA 10 -79.46 -32.16 -77.14
C GLN DA 10 -78.13 -31.63 -77.67
N GLN DA 11 -77.01 -32.02 -77.04
CA GLN DA 11 -75.70 -31.60 -77.53
C GLN DA 11 -75.43 -32.15 -78.91
N GLU DA 12 -75.79 -33.41 -79.16
CA GLU DA 12 -75.63 -33.98 -80.49
C GLU DA 12 -76.58 -33.33 -81.49
N PHE DA 13 -77.81 -33.03 -81.05
CA PHE DA 13 -78.79 -32.43 -81.94
C PHE DA 13 -78.38 -31.02 -82.37
N VAL DA 14 -77.88 -30.21 -81.44
CA VAL DA 14 -77.66 -28.80 -81.71
C VAL DA 14 -76.56 -28.61 -82.75
N ARG DA 15 -75.61 -29.54 -82.81
CA ARG DA 15 -74.56 -29.43 -83.82
C ARG DA 15 -75.10 -29.72 -85.21
N ALA DA 16 -76.02 -30.68 -85.33
CA ALA DA 16 -76.57 -31.02 -86.63
C ALA DA 16 -77.37 -29.87 -87.21
N LEU DA 17 -78.18 -29.20 -86.38
CA LEU DA 17 -79.02 -28.12 -86.89
C LEU DA 17 -78.20 -26.89 -87.24
N ALA DA 18 -77.12 -26.62 -86.50
CA ALA DA 18 -76.26 -25.49 -86.83
C ALA DA 18 -75.59 -25.71 -88.18
N ALA DA 19 -75.16 -26.93 -88.47
CA ALA DA 19 -74.65 -27.25 -89.81
C ALA DA 19 -75.76 -27.15 -90.84
N PHE DA 20 -76.98 -27.55 -90.48
CA PHE DA 20 -78.11 -27.43 -91.39
C PHE DA 20 -78.37 -25.97 -91.73
N LEU DA 21 -78.31 -25.09 -90.73
CA LEU DA 21 -78.41 -23.67 -91.01
C LEU DA 21 -77.18 -23.16 -91.75
N LYS DA 22 -76.02 -23.77 -91.51
CA LYS DA 22 -74.81 -23.35 -92.18
C LYS DA 22 -74.89 -23.57 -93.69
N LYS DA 23 -75.44 -24.71 -94.11
CA LYS DA 23 -75.59 -24.96 -95.53
C LYS DA 23 -76.74 -24.17 -96.13
N SER DA 24 -77.79 -23.89 -95.35
CA SER DA 24 -78.90 -23.06 -95.80
C SER DA 24 -78.65 -21.62 -95.38
N GLY DA 25 -77.72 -20.99 -96.09
CA GLY DA 25 -77.26 -19.65 -95.74
C GLY DA 25 -78.22 -18.53 -96.07
N LYS DA 26 -79.45 -18.63 -95.60
CA LYS DA 26 -80.44 -17.56 -95.72
C LYS DA 26 -80.51 -16.71 -94.47
N LEU DA 27 -79.59 -16.90 -93.53
CA LEU DA 27 -79.64 -16.21 -92.25
C LEU DA 27 -79.12 -14.79 -92.38
N LYS DA 28 -79.80 -13.87 -91.69
CA LYS DA 28 -79.33 -12.49 -91.58
C LYS DA 28 -78.17 -12.46 -90.59
N VAL DA 29 -76.94 -12.52 -91.11
CA VAL DA 29 -75.74 -12.58 -90.29
C VAL DA 29 -75.13 -11.18 -90.23
N PRO DA 30 -75.00 -10.58 -89.06
CA PRO DA 30 -74.37 -9.24 -88.97
C PRO DA 30 -72.88 -9.31 -89.26
N GLU DA 31 -72.33 -8.17 -89.64
CA GLU DA 31 -70.90 -8.06 -89.94
C GLU DA 31 -70.04 -8.01 -88.69
N TRP DA 32 -70.64 -7.86 -87.51
CA TRP DA 32 -69.90 -7.77 -86.26
C TRP DA 32 -69.93 -9.08 -85.48
N VAL DA 33 -69.97 -10.20 -86.20
CA VAL DA 33 -69.96 -11.50 -85.52
C VAL DA 33 -68.60 -11.77 -84.89
N ASP DA 34 -67.52 -11.41 -85.58
CA ASP DA 34 -66.19 -11.80 -85.15
C ASP DA 34 -65.47 -10.75 -84.33
N THR DA 35 -66.15 -9.67 -83.96
CA THR DA 35 -65.52 -8.59 -83.21
C THR DA 35 -65.80 -8.63 -81.72
N VAL DA 36 -66.99 -9.03 -81.31
CA VAL DA 36 -67.42 -8.84 -79.94
C VAL DA 36 -67.51 -10.18 -79.23
N LYS DA 37 -67.75 -10.11 -77.93
CA LYS DA 37 -67.96 -11.27 -77.09
C LYS DA 37 -69.42 -11.68 -77.16
N LEU DA 38 -69.72 -12.86 -76.62
CA LEU DA 38 -71.08 -13.39 -76.62
C LEU DA 38 -71.81 -13.16 -75.31
N ALA DA 39 -71.19 -12.54 -74.33
CA ALA DA 39 -71.83 -12.18 -73.07
C ALA DA 39 -70.95 -11.18 -72.34
N LYS DA 40 -71.58 -10.35 -71.51
CA LYS DA 40 -70.82 -9.40 -70.70
C LYS DA 40 -69.93 -10.12 -69.71
N HIS DA 41 -70.46 -11.16 -69.05
CA HIS DA 41 -69.67 -11.92 -68.10
C HIS DA 41 -68.53 -12.68 -68.76
N LYS DA 42 -68.62 -12.96 -70.05
CA LYS DA 42 -67.53 -13.55 -70.79
C LYS DA 42 -66.48 -12.48 -71.07
N GLU DA 43 -65.22 -12.91 -71.16
CA GLU DA 43 -64.14 -11.99 -71.50
C GLU DA 43 -63.46 -12.35 -72.82
N LEU DA 44 -63.62 -13.58 -73.31
CA LEU DA 44 -62.98 -14.02 -74.54
C LEU DA 44 -64.01 -14.36 -75.60
N ALA DA 45 -63.64 -14.15 -76.85
CA ALA DA 45 -64.51 -14.47 -77.97
C ALA DA 45 -64.61 -15.98 -78.16
N PRO DA 46 -65.70 -16.47 -78.75
CA PRO DA 46 -65.81 -17.90 -79.02
C PRO DA 46 -64.81 -18.36 -80.07
N TYR DA 47 -64.41 -19.63 -79.97
CA TYR DA 47 -63.45 -20.18 -80.92
C TYR DA 47 -64.07 -20.38 -82.29
N ASP DA 48 -65.27 -20.95 -82.35
CA ASP DA 48 -65.90 -21.27 -83.63
C ASP DA 48 -66.30 -20.01 -84.36
N GLU DA 49 -65.95 -19.95 -85.65
CA GLU DA 49 -66.41 -18.85 -86.49
C GLU DA 49 -67.90 -18.89 -86.71
N ASN DA 50 -68.47 -20.08 -86.84
CA ASN DA 50 -69.92 -20.21 -87.03
C ASN DA 50 -70.64 -20.35 -85.69
N TRP DA 51 -70.35 -19.40 -84.78
CA TRP DA 51 -71.05 -19.40 -83.50
C TRP DA 51 -72.48 -18.88 -83.65
N PHE DA 52 -72.69 -17.94 -84.58
CA PHE DA 52 -74.01 -17.36 -84.76
C PHE DA 52 -75.03 -18.43 -85.15
N TYR DA 53 -74.64 -19.34 -86.04
CA TYR DA 53 -75.51 -20.46 -86.37
C TYR DA 53 -75.73 -21.36 -85.17
N THR DA 54 -74.69 -21.58 -84.37
CA THR DA 54 -74.83 -22.41 -83.18
C THR DA 54 -75.75 -21.76 -82.15
N ARG DA 55 -75.61 -20.45 -81.94
CA ARG DA 55 -76.55 -19.75 -81.07
C ARG DA 55 -77.96 -19.80 -81.64
N ALA DA 56 -78.08 -19.62 -82.96
CA ALA DA 56 -79.39 -19.76 -83.60
C ALA DA 56 -79.91 -21.19 -83.47
N ALA DA 57 -79.02 -22.17 -83.54
CA ALA DA 57 -79.44 -23.56 -83.37
C ALA DA 57 -79.94 -23.82 -81.96
N SER DA 58 -79.26 -23.24 -80.96
CA SER DA 58 -79.59 -23.55 -79.58
C SER DA 58 -80.91 -22.93 -79.16
N THR DA 59 -81.19 -21.71 -79.61
CA THR DA 59 -82.42 -21.03 -79.19
C THR DA 59 -83.65 -21.71 -79.76
N ALA DA 60 -83.58 -22.19 -81.00
CA ALA DA 60 -84.71 -22.90 -81.59
C ALA DA 60 -85.02 -24.17 -80.81
N ARG DA 61 -83.99 -24.85 -80.33
CA ARG DA 61 -84.19 -25.98 -79.43
C ARG DA 61 -84.82 -25.53 -78.12
N HIS DA 62 -84.41 -24.38 -77.61
CA HIS DA 62 -85.01 -23.85 -76.38
C HIS DA 62 -86.46 -23.43 -76.61
N LEU DA 63 -86.75 -22.80 -77.76
CA LEU DA 63 -88.12 -22.42 -78.07
C LEU DA 63 -89.02 -23.65 -78.20
N TYR DA 64 -88.46 -24.79 -78.59
CA TYR DA 64 -89.26 -26.01 -78.66
C TYR DA 64 -89.74 -26.41 -77.26
N LEU DA 65 -88.86 -26.33 -76.26
CA LEU DA 65 -89.22 -26.78 -74.92
C LEU DA 65 -90.23 -25.83 -74.26
N ARG DA 66 -90.09 -24.53 -74.49
CA ARG DA 66 -91.03 -23.56 -73.94
C ARG DA 66 -91.02 -22.31 -74.81
N GLY DA 67 -92.20 -21.72 -74.98
CA GLY DA 67 -92.37 -20.54 -75.78
C GLY DA 67 -92.57 -19.29 -74.94
N GLY DA 68 -92.72 -18.17 -75.65
CA GLY DA 68 -92.91 -16.89 -75.01
C GLY DA 68 -91.65 -16.28 -74.42
N ALA DA 69 -90.49 -16.87 -74.66
CA ALA DA 69 -89.23 -16.38 -74.11
C ALA DA 69 -88.73 -15.21 -74.95
N GLY DA 70 -88.68 -14.03 -74.34
CA GLY DA 70 -88.22 -12.84 -75.01
C GLY DA 70 -86.72 -12.68 -74.96
N VAL DA 71 -86.26 -11.46 -75.23
CA VAL DA 71 -84.84 -11.16 -75.18
C VAL DA 71 -84.30 -11.36 -73.77
N GLY DA 72 -85.04 -10.88 -72.77
CA GLY DA 72 -84.60 -11.04 -71.39
C GLY DA 72 -84.49 -12.49 -70.96
N SER DA 73 -85.39 -13.33 -71.46
CA SER DA 73 -85.30 -14.76 -71.17
C SER DA 73 -84.10 -15.39 -71.87
N MET DA 74 -83.83 -14.97 -73.11
CA MET DA 74 -82.69 -15.50 -73.84
C MET DA 74 -81.37 -15.14 -73.15
N THR DA 75 -81.22 -13.88 -72.74
CA THR DA 75 -79.99 -13.48 -72.07
C THR DA 75 -79.87 -14.11 -70.69
N LYS DA 76 -81.00 -14.49 -70.07
CA LYS DA 76 -80.94 -15.17 -68.80
C LYS DA 76 -80.42 -16.60 -68.97
N ILE DA 77 -80.92 -17.30 -69.98
CA ILE DA 77 -80.48 -18.68 -70.23
C ILE DA 77 -79.00 -18.71 -70.60
N TYR DA 78 -78.60 -17.83 -71.52
CA TYR DA 78 -77.23 -17.83 -72.03
C TYR DA 78 -76.28 -17.06 -71.12
N GLY DA 79 -76.78 -16.37 -70.11
CA GLY DA 79 -75.93 -15.77 -69.11
C GLY DA 79 -75.30 -16.83 -68.22
N GLY DA 80 -74.36 -16.39 -67.41
CA GLY DA 80 -73.64 -17.33 -66.58
C GLY DA 80 -72.72 -16.67 -65.59
N ARG DA 81 -71.73 -17.45 -65.15
CA ARG DA 81 -70.81 -17.02 -64.11
C ARG DA 81 -69.98 -15.83 -64.56
N GLN DA 82 -69.82 -14.86 -63.66
CA GLN DA 82 -68.89 -13.76 -63.85
C GLN DA 82 -67.93 -13.75 -62.67
N ARG DA 83 -66.63 -13.81 -62.95
CA ARG DA 83 -65.65 -13.85 -61.88
C ARG DA 83 -65.48 -12.48 -61.22
N ASN DA 84 -65.64 -11.40 -61.98
CA ASN DA 84 -65.52 -10.02 -61.48
C ASN DA 84 -64.17 -9.77 -60.83
N GLY DA 85 -63.11 -10.40 -61.36
CA GLY DA 85 -61.78 -10.16 -60.83
C GLY DA 85 -61.65 -10.65 -59.40
N VAL DA 86 -61.11 -9.78 -58.53
CA VAL DA 86 -60.85 -10.16 -57.15
C VAL DA 86 -62.13 -10.24 -56.34
N MET DA 87 -63.21 -9.60 -56.80
CA MET DA 87 -64.48 -9.67 -56.10
C MET DA 87 -65.02 -11.09 -56.15
N PRO DA 88 -65.85 -11.47 -55.19
CA PRO DA 88 -66.53 -12.78 -55.28
C PRO DA 88 -67.39 -12.86 -56.53
N SER DA 89 -67.46 -14.05 -57.10
CA SER DA 89 -68.12 -14.25 -58.38
C SER DA 89 -69.62 -14.05 -58.25
N HIS DA 90 -70.23 -13.58 -59.34
CA HIS DA 90 -71.67 -13.38 -59.43
C HIS DA 90 -72.17 -13.95 -60.75
N PHE DA 91 -73.48 -13.87 -60.95
CA PHE DA 91 -74.13 -14.33 -62.17
C PHE DA 91 -74.61 -13.12 -62.96
N SER DA 92 -74.29 -13.10 -64.26
CA SER DA 92 -74.68 -12.03 -65.15
C SER DA 92 -75.32 -12.62 -66.40
N ARG DA 93 -76.23 -11.85 -67.00
CA ARG DA 93 -76.84 -12.25 -68.25
C ARG DA 93 -75.98 -11.80 -69.43
N GLY DA 94 -76.22 -12.43 -70.58
CA GLY DA 94 -75.41 -12.20 -71.76
C GLY DA 94 -75.79 -10.93 -72.49
N SER DA 95 -75.33 -10.84 -73.73
CA SER DA 95 -75.62 -9.70 -74.57
C SER DA 95 -77.09 -9.67 -74.96
N LYS DA 96 -77.57 -8.48 -75.30
CA LYS DA 96 -78.98 -8.30 -75.65
C LYS DA 96 -79.17 -8.23 -77.17
N SER DA 97 -78.37 -7.42 -77.86
CA SER DA 97 -78.47 -7.35 -79.32
C SER DA 97 -78.09 -8.68 -79.96
N VAL DA 98 -77.18 -9.43 -79.33
CA VAL DA 98 -76.83 -10.75 -79.84
C VAL DA 98 -78.06 -11.65 -79.82
N ALA DA 99 -78.76 -11.70 -78.68
CA ALA DA 99 -79.99 -12.46 -78.61
C ALA DA 99 -81.08 -11.84 -79.47
N ARG DA 100 -81.10 -10.51 -79.56
CA ARG DA 100 -82.12 -9.83 -80.35
C ARG DA 100 -81.99 -10.17 -81.83
N ARG DA 101 -80.75 -10.14 -82.36
CA ARG DA 101 -80.57 -10.43 -83.77
C ARG DA 101 -80.54 -11.91 -84.08
N VAL DA 102 -80.12 -12.75 -83.13
CA VAL DA 102 -80.28 -14.18 -83.31
C VAL DA 102 -81.76 -14.53 -83.42
N LEU DA 103 -82.59 -13.95 -82.55
CA LEU DA 103 -84.03 -14.10 -82.71
C LEU DA 103 -84.51 -13.44 -84.00
N GLN DA 104 -83.97 -12.26 -84.32
CA GLN DA 104 -84.40 -11.56 -85.53
C GLN DA 104 -84.07 -12.32 -86.79
N ALA DA 105 -82.96 -13.07 -86.77
CA ALA DA 105 -82.57 -13.86 -87.94
C ALA DA 105 -83.49 -15.05 -88.18
N LEU DA 106 -84.40 -15.36 -87.25
CA LEU DA 106 -85.20 -16.56 -87.35
C LEU DA 106 -86.58 -16.31 -87.94
N GLU DA 107 -87.13 -15.10 -87.78
CA GLU DA 107 -88.38 -14.80 -88.49
C GLU DA 107 -88.13 -14.67 -89.99
N GLY DA 108 -86.96 -14.18 -90.37
CA GLY DA 108 -86.61 -14.12 -91.77
C GLY DA 108 -86.50 -15.49 -92.41
N LEU DA 109 -86.23 -16.51 -91.60
CA LEU DA 109 -86.26 -17.90 -92.06
C LEU DA 109 -87.66 -18.50 -92.02
N LYS DA 110 -88.65 -17.72 -91.60
CA LYS DA 110 -90.06 -18.13 -91.53
C LYS DA 110 -90.28 -19.30 -90.58
N MET DA 111 -89.42 -19.46 -89.57
CA MET DA 111 -89.56 -20.53 -88.60
C MET DA 111 -89.99 -20.03 -87.22
N VAL DA 112 -90.00 -18.72 -87.00
CA VAL DA 112 -90.40 -18.12 -85.73
C VAL DA 112 -91.40 -17.02 -86.02
N GLU DA 113 -92.49 -17.00 -85.27
CA GLU DA 113 -93.45 -15.91 -85.30
C GLU DA 113 -93.63 -15.35 -83.89
N LYS DA 114 -93.88 -14.04 -83.81
CA LYS DA 114 -94.10 -13.43 -82.52
C LYS DA 114 -95.47 -13.81 -81.97
N ASP DA 115 -95.59 -13.70 -80.65
CA ASP DA 115 -96.82 -14.07 -79.98
C ASP DA 115 -97.80 -12.90 -79.97
N GLN DA 116 -99.07 -13.23 -79.74
CA GLN DA 116 -100.05 -12.18 -79.47
C GLN DA 116 -99.71 -11.46 -78.16
N ASP DA 117 -99.18 -12.19 -77.19
CA ASP DA 117 -98.60 -11.61 -75.99
C ASP DA 117 -97.11 -11.36 -76.24
N GLY DA 118 -96.37 -11.08 -75.18
CA GLY DA 118 -94.95 -10.83 -75.33
C GLY DA 118 -94.17 -12.08 -75.72
N GLY DA 119 -93.00 -11.84 -76.30
CA GLY DA 119 -92.14 -12.93 -76.73
C GLY DA 119 -92.52 -13.47 -78.09
N ARG DA 120 -91.74 -14.46 -78.54
CA ARG DA 120 -91.93 -15.10 -79.82
C ARG DA 120 -91.91 -16.61 -79.66
N LYS DA 121 -92.29 -17.32 -80.72
CA LYS DA 121 -92.41 -18.77 -80.68
C LYS DA 121 -92.22 -19.31 -82.09
N LEU DA 122 -91.95 -20.62 -82.15
CA LEU DA 122 -91.70 -21.28 -83.42
C LEU DA 122 -92.98 -21.43 -84.23
N THR DA 123 -92.85 -21.28 -85.55
CA THR DA 123 -93.94 -21.57 -86.46
C THR DA 123 -94.05 -23.08 -86.68
N PRO DA 124 -95.21 -23.56 -87.14
CA PRO DA 124 -95.30 -24.97 -87.55
C PRO DA 124 -94.32 -25.33 -88.65
N GLN DA 125 -93.92 -24.36 -89.48
CA GLN DA 125 -92.90 -24.61 -90.49
C GLN DA 125 -91.57 -25.00 -89.84
N GLY DA 126 -91.13 -24.20 -88.86
CA GLY DA 126 -89.87 -24.51 -88.20
C GLY DA 126 -89.94 -25.77 -87.35
N GLN DA 127 -91.08 -26.01 -86.71
CA GLN DA 127 -91.24 -27.21 -85.89
C GLN DA 127 -91.09 -28.47 -86.72
N ARG DA 128 -91.43 -28.40 -88.01
CA ARG DA 128 -91.17 -29.51 -88.92
C ARG DA 128 -89.68 -29.79 -89.03
N ASP DA 129 -88.88 -28.74 -89.26
CA ASP DA 129 -87.45 -28.94 -89.44
C ASP DA 129 -86.77 -29.40 -88.15
N LEU DA 130 -87.21 -28.86 -87.01
CA LEU DA 130 -86.67 -29.30 -85.72
C LEU DA 130 -86.87 -30.80 -85.53
N ASP DA 131 -88.07 -31.29 -85.81
CA ASP DA 131 -88.32 -32.72 -85.69
C ASP DA 131 -87.67 -33.50 -86.82
N ARG DA 132 -87.50 -32.87 -87.99
CA ARG DA 132 -86.86 -33.56 -89.12
C ARG DA 132 -85.39 -33.83 -88.83
N ILE DA 133 -84.67 -32.83 -88.31
CA ILE DA 133 -83.27 -33.02 -87.96
C ILE DA 133 -83.15 -34.00 -86.79
N ALA DA 134 -84.11 -33.97 -85.87
CA ALA DA 134 -84.13 -34.95 -84.79
C ALA DA 134 -84.26 -36.36 -85.33
N GLY DA 135 -85.12 -36.54 -86.35
CA GLY DA 135 -85.28 -37.85 -86.94
C GLY DA 135 -84.02 -38.35 -87.63
N GLN DA 136 -83.35 -37.48 -88.38
CA GLN DA 136 -82.19 -37.92 -89.16
C GLN DA 136 -80.98 -38.17 -88.27
N VAL DA 137 -80.85 -37.44 -87.16
CA VAL DA 137 -79.71 -37.67 -86.28
C VAL DA 137 -79.93 -38.92 -85.43
N ALA DA 138 -81.19 -39.30 -85.22
CA ALA DA 138 -81.49 -40.48 -84.41
C ALA DA 138 -81.01 -41.75 -85.10
N ALA DA 139 -81.29 -41.89 -86.40
CA ALA DA 139 -80.86 -43.08 -87.12
C ALA DA 139 -79.36 -43.10 -87.34
N ALA DA 140 -78.73 -41.93 -87.52
CA ALA DA 140 -77.29 -41.87 -87.72
C ALA DA 140 -76.55 -42.34 -86.47
N ASN DA 141 -77.01 -41.92 -85.29
CA ASN DA 141 -76.35 -42.34 -84.05
C ASN DA 141 -76.58 -43.82 -83.79
N LYS DA 142 -77.76 -44.33 -84.17
CA LYS DA 142 -78.04 -45.76 -84.01
C LYS DA 142 -77.10 -46.61 -84.84
N LYS DA 143 -76.84 -46.19 -86.08
CA LYS DA 143 -75.99 -46.95 -86.99
C LYS DA 143 -74.56 -46.45 -86.96
CA ALA EA 1 -129.49 -9.71 -59.77
C ALA EA 1 -128.60 -10.89 -59.39
N ILE EA 2 -127.97 -11.50 -60.38
CA ILE EA 2 -127.10 -12.65 -60.18
C ILE EA 2 -125.73 -12.13 -59.78
N HIS EA 3 -125.14 -12.73 -58.75
CA HIS EA 3 -123.89 -12.23 -58.18
C HIS EA 3 -122.96 -13.39 -57.90
N ARG EA 4 -121.66 -13.06 -57.82
CA ARG EA 4 -120.61 -14.02 -57.46
C ARG EA 4 -119.51 -13.24 -56.76
N ILE EA 5 -119.37 -13.45 -55.45
CA ILE EA 5 -118.53 -12.61 -54.61
C ILE EA 5 -117.39 -13.44 -54.03
N ARG EA 6 -116.16 -12.95 -54.18
CA ARG EA 6 -115.02 -13.50 -53.49
C ARG EA 6 -114.87 -12.84 -52.12
N ILE EA 7 -114.75 -13.66 -51.08
CA ILE EA 7 -114.55 -13.19 -49.71
C ILE EA 7 -113.17 -13.63 -49.25
N THR EA 8 -112.33 -12.66 -48.90
CA THR EA 8 -110.98 -12.91 -48.44
C THR EA 8 -110.82 -12.47 -46.98
N LEU EA 9 -110.14 -13.28 -46.19
CA LEU EA 9 -109.90 -13.02 -44.78
C LEU EA 9 -108.41 -13.03 -44.52
N THR EA 10 -107.95 -12.06 -43.74
CA THR EA 10 -106.52 -11.93 -43.46
C THR EA 10 -106.35 -11.50 -42.01
N SER EA 11 -105.49 -12.19 -41.27
CA SER EA 11 -105.26 -11.91 -39.86
C SER EA 11 -103.84 -12.31 -39.49
N ARG EA 12 -103.58 -12.38 -38.19
CA ARG EA 12 -102.28 -12.77 -37.68
C ARG EA 12 -102.29 -14.04 -36.84
N ASN EA 13 -103.44 -14.42 -36.29
CA ASN EA 13 -103.57 -15.63 -35.48
C ASN EA 13 -104.48 -16.61 -36.19
N VAL EA 14 -104.09 -17.89 -36.18
CA VAL EA 14 -104.86 -18.93 -36.85
C VAL EA 14 -106.17 -19.18 -36.11
N LYS EA 15 -106.17 -19.01 -34.79
CA LYS EA 15 -107.33 -19.31 -33.94
C LYS EA 15 -108.57 -18.55 -34.36
N SER EA 16 -108.52 -17.22 -34.31
CA SER EA 16 -109.65 -16.42 -34.74
C SER EA 16 -109.94 -16.60 -36.22
N LEU EA 17 -108.90 -16.80 -37.03
CA LEU EA 17 -109.10 -16.97 -38.47
C LEU EA 17 -109.82 -18.29 -38.75
N GLU EA 18 -109.47 -19.36 -38.04
CA GLU EA 18 -110.21 -20.61 -38.16
C GLU EA 18 -111.64 -20.45 -37.68
N LYS EA 19 -111.83 -19.72 -36.57
CA LYS EA 19 -113.17 -19.52 -36.03
C LYS EA 19 -114.02 -18.68 -36.96
N VAL EA 20 -113.46 -17.60 -37.52
CA VAL EA 20 -114.22 -16.77 -38.43
C VAL EA 20 -114.46 -17.47 -39.76
N CYS EA 21 -113.62 -18.46 -40.10
CA CYS EA 21 -113.88 -19.25 -41.30
C CYS EA 21 -115.01 -20.24 -41.06
N ALA EA 22 -115.04 -20.87 -39.88
CA ALA EA 22 -115.97 -21.96 -39.64
C ALA EA 22 -117.40 -21.47 -39.51
N ASP EA 23 -117.62 -20.38 -38.77
CA ASP EA 23 -118.99 -19.91 -38.54
C ASP EA 23 -119.59 -19.31 -39.80
N LEU EA 24 -118.77 -18.64 -40.62
CA LEU EA 24 -119.28 -18.02 -41.84
C LEU EA 24 -119.78 -19.07 -42.82
N ILE EA 25 -119.00 -20.13 -43.05
CA ILE EA 25 -119.44 -21.18 -43.95
C ILE EA 25 -120.60 -21.96 -43.34
N ARG EA 26 -120.66 -22.06 -42.02
CA ARG EA 26 -121.80 -22.69 -41.37
C ARG EA 26 -123.07 -21.89 -41.59
N GLY EA 27 -122.97 -20.55 -41.52
CA GLY EA 27 -124.14 -19.72 -41.80
C GLY EA 27 -124.58 -19.81 -43.24
N ALA EA 28 -123.62 -20.01 -44.15
CA ALA EA 28 -123.96 -20.15 -45.57
C ALA EA 28 -124.80 -21.38 -45.84
N LYS EA 29 -124.48 -22.49 -45.17
CA LYS EA 29 -125.30 -23.70 -45.30
C LYS EA 29 -126.71 -23.46 -44.78
N GLU EA 30 -126.84 -22.70 -43.69
CA GLU EA 30 -128.16 -22.35 -43.18
C GLU EA 30 -128.93 -21.50 -44.19
N LYS EA 31 -128.24 -20.61 -44.88
CA LYS EA 31 -128.85 -19.68 -45.82
C LYS EA 31 -128.92 -20.24 -47.24
N ASN EA 32 -128.63 -21.53 -47.42
CA ASN EA 32 -128.64 -22.26 -48.68
C ASN EA 32 -127.93 -21.49 -49.80
N LEU EA 33 -126.63 -21.30 -49.62
CA LEU EA 33 -125.75 -20.79 -50.66
C LEU EA 33 -124.76 -21.87 -51.07
N LYS EA 34 -124.43 -21.91 -52.36
CA LYS EA 34 -123.42 -22.82 -52.87
C LYS EA 34 -122.06 -22.17 -52.68
N VAL EA 35 -121.17 -22.83 -51.92
CA VAL EA 35 -119.94 -22.22 -51.45
C VAL EA 35 -118.76 -23.10 -51.81
N LYS EA 36 -117.74 -22.51 -52.41
CA LYS EA 36 -116.47 -23.18 -52.60
C LYS EA 36 -115.73 -23.25 -51.26
N GLY EA 37 -114.90 -24.29 -51.12
CA GLY EA 37 -114.22 -24.54 -49.88
C GLY EA 37 -113.25 -23.43 -49.50
N PRO EA 38 -112.94 -23.32 -48.20
CA PRO EA 38 -112.01 -22.27 -47.76
C PRO EA 38 -110.59 -22.55 -48.20
N VAL EA 39 -110.10 -21.78 -49.17
CA VAL EA 39 -108.78 -22.02 -49.74
C VAL EA 39 -107.73 -21.43 -48.82
N ARG EA 40 -106.79 -22.26 -48.39
CA ARG EA 40 -105.69 -21.83 -47.52
C ARG EA 40 -104.55 -21.31 -48.40
N MET EA 41 -104.44 -19.99 -48.52
CA MET EA 41 -103.32 -19.41 -49.21
C MET EA 41 -102.04 -19.66 -48.41
N PRO EA 42 -100.89 -19.74 -49.08
CA PRO EA 42 -99.63 -19.93 -48.34
C PRO EA 42 -99.37 -18.78 -47.38
N THR EA 43 -98.93 -19.13 -46.18
CA THR EA 43 -98.72 -18.15 -45.13
C THR EA 43 -97.46 -17.33 -45.40
N LYS EA 44 -97.57 -16.02 -45.24
CA LYS EA 44 -96.46 -15.11 -45.46
C LYS EA 44 -95.82 -14.78 -44.12
N THR EA 45 -94.54 -15.14 -43.97
CA THR EA 45 -93.80 -14.96 -42.73
C THR EA 45 -92.89 -13.74 -42.88
N LEU EA 46 -93.20 -12.68 -42.15
CA LEU EA 46 -92.39 -11.47 -42.16
C LEU EA 46 -91.39 -11.55 -41.02
N ARG EA 47 -90.12 -11.79 -41.35
CA ARG EA 47 -89.07 -11.91 -40.35
C ARG EA 47 -88.14 -10.72 -40.44
N ILE EA 48 -87.83 -10.14 -39.28
CA ILE EA 48 -86.87 -9.05 -39.17
C ILE EA 48 -85.87 -9.43 -38.09
N THR EA 49 -84.61 -9.54 -38.46
CA THR EA 49 -83.54 -9.91 -37.55
C THR EA 49 -82.77 -8.66 -37.19
N THR EA 50 -82.72 -8.35 -35.90
CA THR EA 50 -82.06 -7.14 -35.42
C THR EA 50 -81.07 -7.51 -34.32
N ARG EA 51 -79.96 -6.78 -34.29
CA ARG EA 51 -78.95 -7.00 -33.27
C ARG EA 51 -79.53 -6.73 -31.89
N LYS EA 52 -79.16 -7.58 -30.92
CA LYS EA 52 -79.75 -7.49 -29.60
C LYS EA 52 -79.25 -6.27 -28.84
N THR EA 53 -77.94 -6.02 -28.87
CA THR EA 53 -77.39 -4.89 -28.12
C THR EA 53 -77.81 -3.57 -28.76
N PRO EA 54 -78.11 -2.56 -27.95
CA PRO EA 54 -78.42 -1.24 -28.52
C PRO EA 54 -77.18 -0.41 -28.77
N CYS EA 55 -76.11 -0.69 -28.02
CA CYS EA 55 -74.88 0.08 -28.11
C CYS EA 55 -73.99 -0.35 -29.27
N GLY EA 56 -73.60 -1.62 -29.28
CA GLY EA 56 -72.62 -2.09 -30.24
C GLY EA 56 -71.51 -2.84 -29.53
N GLU EA 57 -71.67 -3.02 -28.23
CA GLU EA 57 -70.77 -3.83 -27.41
C GLU EA 57 -71.52 -5.09 -27.02
N GLY EA 58 -70.99 -6.24 -27.42
CA GLY EA 58 -71.66 -7.49 -27.13
C GLY EA 58 -70.93 -8.65 -27.78
N SER EA 59 -71.53 -9.82 -27.69
CA SER EA 59 -70.96 -11.05 -28.21
C SER EA 59 -71.60 -11.45 -29.54
N LYS EA 60 -72.07 -10.46 -30.30
CA LYS EA 60 -72.64 -10.66 -31.64
C LYS EA 60 -73.84 -11.62 -31.59
N THR EA 61 -74.88 -11.17 -30.88
CA THR EA 61 -76.11 -11.93 -30.76
C THR EA 61 -77.24 -11.18 -31.47
N TRP EA 62 -77.97 -11.90 -32.32
CA TRP EA 62 -79.06 -11.32 -33.10
C TRP EA 62 -80.40 -11.76 -32.56
N ASP EA 63 -81.40 -10.91 -32.76
CA ASP EA 63 -82.77 -11.16 -32.32
C ASP EA 63 -83.66 -11.19 -33.55
N ARG EA 64 -84.33 -12.32 -33.77
CA ARG EA 64 -85.28 -12.46 -34.86
C ARG EA 64 -86.69 -12.21 -34.34
N PHE EA 65 -87.50 -11.58 -35.19
CA PHE EA 65 -88.90 -11.36 -34.88
C PHE EA 65 -89.75 -11.82 -36.06
N GLN EA 66 -90.71 -12.69 -35.80
CA GLN EA 66 -91.50 -13.33 -36.83
C GLN EA 66 -92.94 -12.84 -36.75
N MET EA 67 -93.55 -12.64 -37.91
CA MET EA 67 -94.94 -12.19 -38.01
C MET EA 67 -95.62 -13.07 -39.05
N ARG EA 68 -96.48 -13.97 -38.59
CA ARG EA 68 -97.17 -14.90 -39.47
C ARG EA 68 -98.47 -14.27 -39.96
N ILE EA 69 -98.61 -14.13 -41.27
CA ILE EA 69 -99.82 -13.62 -41.89
C ILE EA 69 -100.50 -14.77 -42.60
N HIS EA 70 -101.75 -15.05 -42.23
CA HIS EA 70 -102.51 -16.14 -42.80
C HIS EA 70 -103.69 -15.58 -43.58
N LYS EA 71 -103.94 -16.13 -44.77
CA LYS EA 71 -105.01 -15.68 -45.64
C LYS EA 71 -105.81 -16.88 -46.12
N ARG EA 72 -107.12 -16.82 -45.94
CA ARG EA 72 -108.03 -17.84 -46.42
C ARG EA 72 -109.05 -17.23 -47.35
N LEU EA 73 -109.34 -17.92 -48.45
CA LEU EA 73 -110.23 -17.44 -49.50
C LEU EA 73 -111.48 -18.32 -49.53
N ILE EA 74 -112.63 -17.68 -49.43
CA ILE EA 74 -113.92 -18.37 -49.52
C ILE EA 74 -114.76 -17.67 -50.58
N ASP EA 75 -115.30 -18.45 -51.51
CA ASP EA 75 -116.09 -17.91 -52.62
C ASP EA 75 -117.57 -18.14 -52.35
N LEU EA 76 -118.37 -17.10 -52.58
CA LEU EA 76 -119.81 -17.15 -52.37
C LEU EA 76 -120.47 -16.96 -53.73
N HIS EA 77 -120.95 -18.06 -54.31
CA HIS EA 77 -121.53 -18.07 -55.64
C HIS EA 77 -122.88 -18.77 -55.60
N SER EA 78 -123.96 -18.04 -55.80
CA SER EA 78 -125.26 -18.69 -55.87
C SER EA 78 -126.01 -18.25 -57.11
N PRO EA 79 -126.87 -19.09 -57.67
CA PRO EA 79 -127.71 -18.65 -58.80
C PRO EA 79 -128.62 -17.49 -58.46
N SER EA 80 -129.08 -17.40 -57.21
CA SER EA 80 -129.89 -16.27 -56.77
C SER EA 80 -128.95 -15.13 -56.33
N GLU EA 81 -129.54 -14.06 -55.80
CA GLU EA 81 -128.74 -12.95 -55.30
C GLU EA 81 -128.07 -13.36 -53.99
N ILE EA 82 -127.02 -12.63 -53.61
CA ILE EA 82 -126.18 -12.98 -52.47
C ILE EA 82 -126.12 -11.86 -51.45
N VAL EA 83 -125.87 -10.63 -51.90
CA VAL EA 83 -125.48 -9.55 -50.98
C VAL EA 83 -126.62 -9.21 -50.02
N LYS EA 84 -127.86 -9.16 -50.53
CA LYS EA 84 -128.97 -8.87 -49.63
C LYS EA 84 -129.27 -10.02 -48.69
N GLN EA 85 -128.85 -11.24 -49.04
CA GLN EA 85 -129.00 -12.37 -48.12
C GLN EA 85 -127.99 -12.29 -46.98
N ILE EA 86 -126.75 -11.93 -47.30
CA ILE EA 86 -125.67 -11.87 -46.32
C ILE EA 86 -125.29 -10.40 -46.14
N THR EA 87 -125.89 -9.76 -45.13
CA THR EA 87 -125.50 -8.42 -44.73
C THR EA 87 -124.79 -8.41 -43.38
N SER EA 88 -124.43 -9.58 -42.86
CA SER EA 88 -123.82 -9.72 -41.54
C SER EA 88 -122.33 -10.03 -41.72
N ILE EA 89 -121.48 -9.22 -41.07
CA ILE EA 89 -120.05 -9.49 -41.06
C ILE EA 89 -119.70 -10.27 -39.80
N SER EA 90 -120.01 -9.71 -38.62
CA SER EA 90 -119.85 -10.37 -37.32
C SER EA 90 -118.46 -10.99 -37.16
N ILE EA 91 -117.45 -10.13 -37.18
CA ILE EA 91 -116.06 -10.56 -37.11
C ILE EA 91 -115.48 -10.17 -35.76
N GLU EA 92 -114.26 -10.66 -35.50
CA GLU EA 92 -113.52 -10.40 -34.28
C GLU EA 92 -112.29 -9.55 -34.59
N PRO EA 93 -111.78 -8.80 -33.61
CA PRO EA 93 -110.60 -7.98 -33.87
C PRO EA 93 -109.39 -8.82 -34.22
N GLY EA 94 -108.50 -8.24 -35.03
CA GLY EA 94 -107.31 -8.90 -35.51
C GLY EA 94 -107.41 -9.43 -36.93
N VAL EA 95 -108.62 -9.57 -37.45
CA VAL EA 95 -108.81 -10.05 -38.82
C VAL EA 95 -109.35 -8.89 -39.66
N GLU EA 96 -109.01 -8.92 -40.95
CA GLU EA 96 -109.50 -7.95 -41.91
C GLU EA 96 -110.18 -8.70 -43.05
N VAL EA 97 -111.39 -8.27 -43.40
CA VAL EA 97 -112.18 -8.90 -44.45
C VAL EA 97 -112.27 -7.95 -45.63
N GLU EA 98 -112.79 -8.45 -46.74
CA GLU EA 98 -112.96 -7.64 -47.93
C GLU EA 98 -114.01 -8.28 -48.84
N VAL EA 99 -114.95 -7.47 -49.31
CA VAL EA 99 -115.95 -7.92 -50.27
C VAL EA 99 -115.46 -7.62 -51.68
N THR EA 100 -115.57 -8.61 -52.56
CA THR EA 100 -115.10 -8.46 -53.93
C THR EA 100 -115.92 -9.38 -54.82
N ILE EA 101 -116.63 -8.79 -55.79
CA ILE EA 101 -117.37 -9.60 -56.74
C ILE EA 101 -116.42 -10.24 -57.74
N ALA EA 102 -116.93 -11.23 -58.48
CA ALA EA 102 -116.13 -11.93 -59.48
C ALA EA 102 -115.74 -11.05 -60.66
N ASP EA 103 -116.42 -9.92 -60.85
CA ASP EA 103 -116.09 -9.04 -61.96
C ASP EA 103 -114.70 -8.42 -61.79
N ALA EA 104 -114.44 -7.85 -60.62
CA ALA EA 104 -113.16 -7.22 -60.35
C ALA EA 104 -112.58 -7.69 -59.01
N ARG FA 1 -34.82 -30.75 -63.93
CA ARG FA 1 -36.19 -30.36 -63.63
C ARG FA 1 -36.28 -28.86 -63.34
N ASP FA 2 -35.96 -28.05 -64.35
CA ASP FA 2 -36.07 -26.60 -64.25
C ASP FA 2 -36.97 -26.02 -65.32
N LYS FA 3 -36.81 -26.43 -66.58
CA LYS FA 3 -37.66 -25.98 -67.67
C LYS FA 3 -37.74 -27.11 -68.69
N LEU FA 4 -38.95 -27.61 -68.93
CA LEU FA 4 -39.09 -28.77 -69.80
C LEU FA 4 -38.76 -28.43 -71.26
N ASN FA 5 -38.96 -27.18 -71.65
CA ASN FA 5 -38.60 -26.61 -72.96
C ASN FA 5 -38.80 -27.59 -74.12
N ASN FA 6 -39.98 -28.20 -74.15
CA ASN FA 6 -40.29 -29.24 -75.11
C ASN FA 6 -40.47 -28.65 -76.51
N LEU FA 7 -40.85 -29.51 -77.44
CA LEU FA 7 -41.07 -29.12 -78.83
C LEU FA 7 -42.54 -29.25 -79.15
N VAL FA 8 -43.13 -28.18 -79.71
CA VAL FA 8 -44.54 -28.22 -80.10
C VAL FA 8 -44.70 -28.99 -81.41
N LEU FA 9 -43.66 -29.04 -82.23
CA LEU FA 9 -43.68 -29.74 -83.51
C LEU FA 9 -42.62 -30.83 -83.51
N PHE FA 10 -42.90 -31.89 -84.27
CA PHE FA 10 -41.95 -32.98 -84.39
C PHE FA 10 -40.74 -32.58 -85.21
N ASP FA 11 -39.70 -33.39 -85.11
CA ASP FA 11 -38.63 -33.43 -86.09
C ASP FA 11 -38.58 -34.84 -86.67
N LYS FA 12 -37.66 -35.07 -87.61
CA LYS FA 12 -37.55 -36.41 -88.19
C LYS FA 12 -37.00 -37.41 -87.19
N ALA FA 13 -36.37 -36.94 -86.11
CA ALA FA 13 -35.83 -37.81 -85.08
C ALA FA 13 -36.88 -38.27 -84.06
N THR FA 14 -38.08 -37.70 -84.10
CA THR FA 14 -39.14 -38.06 -83.17
C THR FA 14 -40.43 -38.51 -83.83
N TYR FA 15 -40.76 -37.94 -84.99
CA TYR FA 15 -41.94 -38.40 -85.73
C TYR FA 15 -41.80 -39.87 -86.11
N ASP FA 16 -40.61 -40.27 -86.57
CA ASP FA 16 -40.36 -41.68 -86.83
C ASP FA 16 -40.38 -42.49 -85.54
N LYS FA 17 -39.96 -41.89 -84.43
CA LYS FA 17 -39.97 -42.58 -83.15
C LYS FA 17 -41.40 -42.84 -82.68
N LEU FA 18 -42.28 -41.86 -82.90
CA LEU FA 18 -43.67 -42.00 -82.48
C LEU FA 18 -44.38 -43.14 -83.21
N CYS FA 19 -44.19 -43.22 -84.53
CA CYS FA 19 -45.00 -44.09 -85.35
C CYS FA 19 -44.63 -45.57 -85.22
N LYS FA 20 -43.53 -45.91 -84.54
CA LYS FA 20 -43.07 -47.29 -84.54
C LYS FA 20 -43.13 -47.97 -83.19
N GLU FA 21 -42.95 -47.24 -82.08
CA GLU FA 21 -42.94 -47.86 -80.77
C GLU FA 21 -44.12 -47.50 -79.90
N VAL FA 22 -44.79 -46.38 -80.16
CA VAL FA 22 -45.97 -46.01 -79.38
C VAL FA 22 -47.09 -47.04 -79.49
N PRO FA 23 -47.48 -47.52 -80.69
CA PRO FA 23 -48.51 -48.56 -80.72
C PRO FA 23 -47.94 -49.95 -80.53
N ASN FA 24 -47.05 -50.10 -79.56
CA ASN FA 24 -46.46 -51.40 -79.22
C ASN FA 24 -46.66 -51.77 -77.78
N TYR FA 25 -46.77 -50.82 -76.87
CA TYR FA 25 -47.11 -51.06 -75.49
C TYR FA 25 -48.60 -50.83 -75.26
N LYS FA 26 -49.13 -51.44 -74.20
CA LYS FA 26 -50.57 -51.54 -74.03
C LYS FA 26 -51.19 -50.19 -73.71
N LEU FA 27 -50.62 -49.46 -72.75
CA LEU FA 27 -51.20 -48.22 -72.25
C LEU FA 27 -50.54 -47.03 -72.91
N ILE FA 28 -51.33 -46.21 -73.60
CA ILE FA 28 -50.85 -44.97 -74.19
C ILE FA 28 -51.89 -43.88 -73.99
N THR FA 29 -51.45 -42.73 -73.52
CA THR FA 29 -52.25 -41.53 -73.39
C THR FA 29 -51.40 -40.35 -73.87
N PRO FA 30 -52.02 -39.22 -74.21
CA PRO FA 30 -51.22 -38.03 -74.50
C PRO FA 30 -50.33 -37.60 -73.35
N ALA FA 31 -50.77 -37.83 -72.11
CA ALA FA 31 -49.92 -37.52 -70.96
C ALA FA 31 -48.73 -38.45 -70.87
N VAL FA 32 -48.94 -39.75 -71.11
CA VAL FA 32 -47.85 -40.73 -70.99
C VAL FA 32 -46.80 -40.49 -72.06
N VAL FA 33 -47.23 -40.31 -73.31
CA VAL FA 33 -46.27 -40.09 -74.39
C VAL FA 33 -45.55 -38.76 -74.24
N SER FA 34 -46.13 -37.81 -73.53
CA SER FA 34 -45.53 -36.48 -73.40
C SER FA 34 -44.17 -36.56 -72.69
N GLU FA 35 -44.15 -37.17 -71.51
CA GLU FA 35 -42.89 -37.33 -70.81
C GLU FA 35 -42.00 -38.40 -71.44
N ARG FA 36 -42.56 -39.24 -72.31
CA ARG FA 36 -41.78 -40.30 -72.94
C ARG FA 36 -41.01 -39.79 -74.14
N LEU FA 37 -41.58 -38.85 -74.90
CA LEU FA 37 -40.97 -38.35 -76.12
C LEU FA 37 -40.61 -36.87 -76.04
N LYS FA 38 -40.70 -36.25 -74.86
CA LYS FA 38 -40.28 -34.87 -74.64
C LYS FA 38 -41.03 -33.88 -75.53
N ILE FA 39 -42.27 -34.22 -75.90
CA ILE FA 39 -43.10 -33.34 -76.71
C ILE FA 39 -43.86 -32.39 -75.80
N ARG FA 40 -44.45 -31.35 -76.39
CA ARG FA 40 -45.22 -30.39 -75.62
C ARG FA 40 -46.40 -31.06 -74.92
N GLY FA 41 -47.28 -31.68 -75.70
CA GLY FA 41 -48.44 -32.35 -75.14
C GLY FA 41 -49.72 -32.09 -75.92
N SER FA 42 -49.85 -30.88 -76.47
CA SER FA 42 -50.90 -30.65 -77.46
C SER FA 42 -50.57 -31.35 -78.77
N LEU FA 43 -49.27 -31.47 -79.08
CA LEU FA 43 -48.85 -32.26 -80.23
C LEU FA 43 -49.26 -33.72 -80.07
N ALA FA 44 -49.28 -34.22 -78.82
CA ALA FA 44 -49.69 -35.59 -78.58
C ALA FA 44 -51.14 -35.82 -78.98
N ARG FA 45 -52.02 -34.89 -78.59
CA ARG FA 45 -53.44 -35.04 -78.90
C ARG FA 45 -53.69 -34.91 -80.40
N ALA FA 46 -52.94 -34.04 -81.08
CA ALA FA 46 -53.13 -33.86 -82.52
C ALA FA 46 -52.55 -35.01 -83.31
N ALA FA 47 -51.53 -35.70 -82.77
CA ALA FA 47 -50.87 -36.76 -83.52
C ALA FA 47 -51.53 -38.12 -83.30
N LEU FA 48 -51.99 -38.40 -82.09
CA LEU FA 48 -52.62 -39.69 -81.81
C LEU FA 48 -53.89 -39.88 -82.61
N GLN FA 49 -54.62 -38.80 -82.89
CA GLN FA 49 -55.82 -38.91 -83.71
C GLN FA 49 -55.47 -39.28 -85.15
N GLU FA 50 -54.31 -38.83 -85.64
CA GLU FA 50 -53.84 -39.29 -86.95
C GLU FA 50 -53.43 -40.74 -86.89
N LEU FA 51 -52.82 -41.16 -85.78
CA LEU FA 51 -52.50 -42.57 -85.60
C LEU FA 51 -53.77 -43.41 -85.48
N LEU FA 52 -54.81 -42.85 -84.87
CA LEU FA 52 -56.10 -43.52 -84.89
C LEU FA 52 -56.71 -43.52 -86.29
N SER FA 53 -56.45 -42.47 -87.07
CA SER FA 53 -56.95 -42.44 -88.44
C SER FA 53 -56.33 -43.56 -89.27
N LYS FA 54 -55.04 -43.85 -89.06
CA LYS FA 54 -54.42 -44.99 -89.70
C LYS FA 54 -54.90 -46.32 -89.14
N GLY FA 55 -55.60 -46.29 -88.01
CA GLY FA 55 -56.29 -47.46 -87.51
C GLY FA 55 -55.46 -48.43 -86.70
N LEU FA 56 -54.18 -48.14 -86.46
CA LEU FA 56 -53.36 -49.05 -85.68
C LEU FA 56 -53.42 -48.79 -84.18
N ILE FA 57 -54.21 -47.81 -83.74
CA ILE FA 57 -54.38 -47.49 -82.33
C ILE FA 57 -55.87 -47.41 -82.02
N LYS FA 58 -56.27 -48.04 -80.93
CA LYS FA 58 -57.66 -48.08 -80.50
C LYS FA 58 -57.91 -47.05 -79.41
N LEU FA 59 -59.14 -46.53 -79.37
CA LEU FA 59 -59.58 -45.56 -78.37
C LEU FA 59 -60.59 -46.21 -77.44
N VAL FA 60 -60.54 -45.83 -76.16
CA VAL FA 60 -61.41 -46.40 -75.14
C VAL FA 60 -62.24 -45.34 -74.42
N SER FA 61 -61.64 -44.21 -74.03
CA SER FA 61 -62.32 -43.27 -73.14
C SER FA 61 -62.91 -42.07 -73.86
N LYS FA 62 -62.06 -41.25 -74.48
CA LYS FA 62 -62.45 -40.01 -75.16
C LYS FA 62 -63.37 -39.16 -74.28
N HIS FA 63 -62.80 -38.65 -73.20
CA HIS FA 63 -63.48 -37.69 -72.35
C HIS FA 63 -62.80 -36.33 -72.47
N ARG FA 64 -63.55 -35.27 -72.13
CA ARG FA 64 -63.03 -33.91 -72.30
C ARG FA 64 -61.78 -33.66 -71.46
N ALA FA 65 -61.67 -34.34 -70.32
CA ALA FA 65 -60.53 -34.16 -69.43
C ALA FA 65 -59.60 -35.36 -69.39
N GLN FA 66 -59.95 -36.47 -70.05
CA GLN FA 66 -59.11 -37.66 -70.02
C GLN FA 66 -59.41 -38.48 -71.26
N VAL FA 67 -58.48 -38.50 -72.21
CA VAL FA 67 -58.57 -39.35 -73.39
C VAL FA 67 -57.51 -40.43 -73.29
N ILE FA 68 -57.92 -41.68 -73.54
CA ILE FA 68 -57.05 -42.84 -73.37
C ILE FA 68 -57.08 -43.66 -74.65
N TYR FA 69 -55.91 -44.06 -75.13
CA TYR FA 69 -55.76 -44.94 -76.27
C TYR FA 69 -55.09 -46.24 -75.83
N THR FA 70 -54.89 -47.14 -76.80
CA THR FA 70 -54.22 -48.40 -76.53
C THR FA 70 -53.70 -48.98 -77.84
N ARG FA 71 -52.79 -49.94 -77.71
CA ARG FA 71 -52.28 -50.65 -78.87
C ARG FA 71 -53.31 -51.67 -79.37
N ASN FA 72 -53.08 -52.15 -80.59
CA ASN FA 72 -53.83 -53.30 -81.08
C ASN FA 72 -53.34 -54.57 -80.38
N THR FA 73 -54.27 -55.48 -80.12
CA THR FA 73 -53.94 -56.72 -79.42
C THR FA 73 -52.94 -57.54 -80.24
N LYS FA 74 -51.90 -58.02 -79.56
CA LYS FA 74 -50.86 -58.80 -80.22
C LYS FA 74 -51.39 -60.21 -80.48
N GLY FA 75 -51.91 -60.44 -81.68
CA GLY FA 75 -52.44 -61.75 -82.04
C GLY FA 75 -53.82 -62.00 -81.47
N ARG GA 1 -34.61 -66.99 -35.74
CA ARG GA 1 -34.13 -65.80 -35.06
C ARG GA 1 -35.22 -64.72 -35.00
N VAL GA 2 -35.86 -64.48 -36.15
CA VAL GA 2 -36.92 -63.50 -36.23
C VAL GA 2 -38.22 -64.13 -35.75
N GLN GA 3 -39.24 -63.30 -35.54
CA GLN GA 3 -40.53 -63.76 -35.09
C GLN GA 3 -41.56 -63.63 -36.21
N PRO GA 4 -42.27 -64.70 -36.55
CA PRO GA 4 -43.22 -64.61 -37.66
C PRO GA 4 -44.47 -63.85 -37.27
N ILE GA 5 -44.95 -63.02 -38.19
CA ILE GA 5 -46.14 -62.23 -37.94
C ILE GA 5 -47.35 -63.14 -37.88
N LYS GA 6 -48.10 -63.06 -36.78
CA LYS GA 6 -49.25 -63.91 -36.56
C LYS GA 6 -50.42 -63.06 -36.05
N LEU GA 7 -51.63 -63.54 -36.31
CA LEU GA 7 -52.85 -62.79 -36.11
C LEU GA 7 -53.56 -63.24 -34.84
N ALA GA 8 -54.12 -62.28 -34.11
CA ALA GA 8 -54.82 -62.55 -32.86
C ALA GA 8 -56.20 -61.89 -32.88
N ARG GA 9 -57.19 -62.62 -32.35
CA ARG GA 9 -58.56 -62.12 -32.31
C ARG GA 9 -58.82 -61.38 -31.00
N VAL GA 10 -59.50 -60.24 -31.10
CA VAL GA 10 -59.90 -59.50 -29.92
C VAL GA 10 -61.04 -60.23 -29.23
N THR GA 11 -60.86 -60.54 -27.95
CA THR GA 11 -61.89 -61.23 -27.18
C THR GA 11 -62.79 -60.24 -26.44
N LYS GA 12 -62.19 -59.45 -25.53
CA LYS GA 12 -62.96 -58.51 -24.74
C LYS GA 12 -62.14 -57.24 -24.55
N VAL GA 13 -62.78 -56.09 -24.74
CA VAL GA 13 -62.11 -54.80 -24.63
C VAL GA 13 -62.06 -54.40 -23.16
N LEU GA 14 -60.87 -54.01 -22.70
CA LEU GA 14 -60.72 -53.60 -21.31
C LEU GA 14 -61.16 -52.15 -21.11
N GLY GA 15 -60.52 -51.23 -21.80
CA GLY GA 15 -60.87 -49.83 -21.65
C GLY GA 15 -59.92 -48.94 -22.43
N ARG GA 16 -60.07 -47.65 -22.21
CA ARG GA 16 -59.27 -46.65 -22.89
C ARG GA 16 -57.99 -46.36 -22.11
N THR GA 17 -56.95 -45.97 -22.83
CA THR GA 17 -55.66 -45.66 -22.22
C THR GA 17 -55.01 -44.52 -22.99
N GLY GA 18 -53.82 -44.13 -22.55
CA GLY GA 18 -53.12 -43.02 -23.17
C GLY GA 18 -53.64 -41.66 -22.79
N SER GA 19 -54.59 -41.58 -21.85
CA SER GA 19 -55.08 -40.35 -21.26
C SER GA 19 -55.84 -39.47 -22.25
N GLN GA 20 -55.90 -39.87 -23.52
CA GLN GA 20 -56.62 -39.10 -24.52
C GLN GA 20 -57.58 -39.96 -25.35
N GLY GA 21 -57.67 -41.26 -25.08
CA GLY GA 21 -58.47 -42.14 -25.90
C GLY GA 21 -57.81 -42.56 -27.19
N GLN GA 22 -56.57 -42.13 -27.44
CA GLN GA 22 -55.87 -42.49 -28.66
C GLN GA 22 -55.45 -43.94 -28.70
N CYS GA 23 -55.48 -44.65 -27.57
CA CYS GA 23 -55.19 -46.08 -27.54
C CYS GA 23 -56.21 -46.77 -26.65
N THR GA 24 -56.58 -47.98 -27.02
CA THR GA 24 -57.55 -48.79 -26.29
C THR GA 24 -56.92 -50.11 -25.87
N GLN GA 25 -57.09 -50.47 -24.60
CA GLN GA 25 -56.53 -51.70 -24.06
C GLN GA 25 -57.53 -52.83 -24.25
N VAL GA 26 -57.08 -53.94 -24.85
CA VAL GA 26 -57.93 -55.06 -25.17
C VAL GA 26 -57.26 -56.36 -24.76
N ARG GA 27 -58.08 -57.39 -24.61
CA ARG GA 27 -57.61 -58.75 -24.36
C ARG GA 27 -57.75 -59.54 -25.65
N VAL GA 28 -56.65 -60.18 -26.08
CA VAL GA 28 -56.62 -60.89 -27.35
C VAL GA 28 -56.10 -62.30 -27.13
N GLU GA 29 -56.42 -63.17 -28.09
CA GLU GA 29 -55.92 -64.54 -28.10
C GLU GA 29 -55.40 -64.86 -29.50
N PHE GA 30 -54.30 -65.60 -29.55
CA PHE GA 30 -53.69 -65.96 -30.82
C PHE GA 30 -54.43 -67.14 -31.43
N MET GA 31 -54.78 -67.02 -32.72
CA MET GA 31 -55.55 -68.06 -33.37
C MET GA 31 -54.76 -69.34 -33.58
N ASP GA 32 -53.43 -69.27 -33.55
CA ASP GA 32 -52.63 -70.50 -33.63
C ASP GA 32 -52.85 -71.39 -32.42
N ASP GA 33 -52.95 -70.80 -31.23
CA ASP GA 33 -53.19 -71.53 -29.99
C ASP GA 33 -54.09 -70.69 -29.10
N THR GA 34 -55.35 -71.13 -28.95
CA THR GA 34 -56.34 -70.36 -28.21
C THR GA 34 -55.98 -70.23 -26.73
N SER GA 35 -55.20 -71.15 -26.18
CA SER GA 35 -54.74 -71.01 -24.81
C SER GA 35 -53.81 -69.81 -24.68
N ARG GA 36 -52.96 -69.60 -25.68
CA ARG GA 36 -52.07 -68.43 -25.71
C ARG GA 36 -52.92 -67.18 -25.91
N SER GA 37 -53.08 -66.41 -24.84
CA SER GA 37 -53.89 -65.19 -24.88
C SER GA 37 -53.23 -64.14 -23.99
N ILE GA 38 -53.12 -62.92 -24.51
CA ILE GA 38 -52.46 -61.82 -23.82
C ILE GA 38 -53.38 -60.61 -23.84
N ILE GA 39 -52.94 -59.54 -23.17
CA ILE GA 39 -53.64 -58.26 -23.16
C ILE GA 39 -52.75 -57.22 -23.81
N ARG GA 40 -53.30 -56.51 -24.79
CA ARG GA 40 -52.53 -55.55 -25.56
C ARG GA 40 -53.32 -54.26 -25.72
N ASN GA 41 -52.63 -53.23 -26.22
CA ASN GA 41 -53.24 -51.95 -26.52
C ASN GA 41 -53.20 -51.71 -28.02
N VAL GA 42 -54.28 -51.15 -28.55
CA VAL GA 42 -54.42 -50.91 -29.99
C VAL GA 42 -54.96 -49.50 -30.21
N LYS GA 43 -54.68 -48.96 -31.39
CA LYS GA 43 -55.17 -47.66 -31.79
C LYS GA 43 -56.25 -47.82 -32.86
N GLY GA 44 -57.06 -46.78 -33.01
CA GLY GA 44 -58.15 -46.81 -33.96
C GLY GA 44 -59.40 -47.45 -33.38
N PRO GA 45 -60.51 -47.36 -34.11
CA PRO GA 45 -61.76 -47.95 -33.61
C PRO GA 45 -61.70 -49.46 -33.66
N VAL GA 46 -62.04 -50.09 -32.53
CA VAL GA 46 -61.97 -51.53 -32.38
C VAL GA 46 -63.30 -52.05 -31.84
N ARG GA 47 -63.86 -53.05 -32.51
CA ARG GA 47 -65.00 -53.79 -31.97
C ARG GA 47 -64.54 -55.19 -31.59
N GLU GA 48 -65.32 -55.83 -30.72
CA GLU GA 48 -64.95 -57.15 -30.24
C GLU GA 48 -65.09 -58.19 -31.35
N GLY GA 49 -64.32 -59.27 -31.22
CA GLY GA 49 -64.42 -60.39 -32.12
C GLY GA 49 -63.54 -60.31 -33.36
N ASP GA 50 -63.01 -59.15 -33.70
CA ASP GA 50 -62.19 -59.02 -34.88
C ASP GA 50 -60.78 -59.52 -34.60
N VAL GA 51 -60.07 -59.85 -35.68
CA VAL GA 51 -58.71 -60.38 -35.60
C VAL GA 51 -57.74 -59.34 -36.17
N LEU GA 52 -56.64 -59.13 -35.47
CA LEU GA 52 -55.68 -58.08 -35.80
C LEU GA 52 -54.28 -58.65 -35.97
N THR GA 53 -53.47 -57.94 -36.75
CA THR GA 53 -52.09 -58.34 -37.00
C THR GA 53 -51.21 -58.02 -35.79
N LEU GA 54 -50.14 -58.80 -35.66
CA LEU GA 54 -49.19 -58.63 -34.56
C LEU GA 54 -47.80 -58.96 -35.07
N LEU GA 55 -46.96 -57.93 -35.20
CA LEU GA 55 -45.59 -58.13 -35.66
C LEU GA 55 -44.68 -58.66 -34.56
N GLU GA 56 -45.14 -58.70 -33.32
CA GLU GA 56 -44.34 -59.18 -32.21
C GLU GA 56 -45.26 -59.77 -31.15
N SER GA 57 -44.70 -60.66 -30.34
CA SER GA 57 -45.53 -61.44 -29.42
C SER GA 57 -45.88 -60.66 -28.16
N GLU GA 58 -44.89 -60.31 -27.34
CA GLU GA 58 -45.14 -59.62 -26.08
C GLU GA 58 -44.35 -58.31 -26.02
N ARG GA 59 -45.07 -57.21 -25.80
CA ARG GA 59 -44.46 -55.92 -25.55
C ARG GA 59 -44.85 -55.34 -24.19
N GLU GA 60 -46.15 -55.23 -23.91
CA GLU GA 60 -46.62 -54.53 -22.73
C GLU GA 60 -47.95 -55.13 -22.30
N ALA GA 61 -48.17 -55.19 -20.98
CA ALA GA 61 -49.40 -55.73 -20.43
C ALA GA 61 -49.59 -55.12 -19.04
N ARG GA 62 -50.44 -54.12 -18.93
CA ARG GA 62 -50.71 -53.45 -17.66
C ARG GA 62 -52.21 -53.32 -17.44
N ARG GA 63 -52.59 -53.24 -16.17
CA ARG GA 63 -53.96 -52.97 -15.78
C ARG GA 63 -54.05 -51.59 -15.17
N LEU GA 64 -55.03 -50.81 -15.60
CA LEU GA 64 -55.20 -49.44 -15.12
C LEU GA 64 -56.30 -49.37 -14.07
N GLY HA 1 -80.91 32.64 -41.93
CA GLY HA 1 -81.19 33.64 -42.95
C GLY HA 1 -82.62 33.60 -43.43
N HIS HA 2 -82.85 34.11 -44.63
CA HIS HA 2 -84.19 34.13 -45.21
C HIS HA 2 -84.52 32.78 -45.82
N GLN HA 3 -85.68 32.72 -46.50
CA GLN HA 3 -86.19 31.46 -47.01
C GLN HA 3 -85.35 30.87 -48.12
N GLN HA 4 -84.55 31.70 -48.81
CA GLN HA 4 -83.81 31.22 -49.97
C GLN HA 4 -82.66 30.30 -49.61
N LEU HA 5 -82.23 30.27 -48.35
CA LEU HA 5 -81.04 29.49 -47.98
C LEU HA 5 -81.20 28.63 -46.74
N TYR HA 6 -82.17 28.91 -45.87
CA TYR HA 6 -82.23 28.21 -44.57
C TYR HA 6 -82.47 26.72 -44.76
N TRP HA 7 -83.39 26.35 -45.65
CA TRP HA 7 -83.68 24.96 -45.95
C TRP HA 7 -83.55 24.68 -47.44
N SER HA 8 -82.65 25.40 -48.10
CA SER HA 8 -82.51 25.30 -49.56
C SER HA 8 -81.81 24.02 -49.98
N HIS HA 9 -80.89 23.52 -49.18
CA HIS HA 9 -80.04 22.42 -49.60
C HIS HA 9 -80.90 21.16 -49.80
N PRO HA 10 -80.75 20.45 -50.92
CA PRO HA 10 -81.66 19.34 -51.22
C PRO HA 10 -81.51 18.20 -50.22
N ARG HA 11 -82.66 17.67 -49.82
CA ARG HA 11 -82.73 16.49 -48.96
C ARG HA 11 -83.78 15.54 -49.51
N LYS HA 12 -83.70 15.27 -50.80
CA LYS HA 12 -84.63 14.36 -51.48
C LYS HA 12 -84.25 12.91 -51.29
N PHE HA 13 -83.19 12.62 -50.53
CA PHE HA 13 -82.62 11.29 -50.41
C PHE HA 13 -81.57 11.32 -49.30
N GLY HA 14 -81.02 10.15 -49.01
CA GLY HA 14 -79.96 10.03 -48.02
C GLY HA 14 -80.47 9.81 -46.62
N GLN HA 15 -79.51 9.62 -45.71
CA GLN HA 15 -79.85 9.36 -44.31
C GLN HA 15 -80.32 10.62 -43.59
N GLY HA 16 -79.91 11.79 -44.07
CA GLY HA 16 -80.40 13.04 -43.49
C GLY HA 16 -81.78 13.42 -43.93
N SER HA 17 -82.30 12.77 -44.96
CA SER HA 17 -83.70 12.97 -45.36
C SER HA 17 -84.62 12.08 -44.54
N ARG HA 18 -84.41 10.76 -44.62
CA ARG HA 18 -85.22 9.80 -43.87
C ARG HA 18 -84.85 9.87 -42.41
N SER HA 19 -85.82 10.19 -41.55
CA SER HA 19 -85.61 10.28 -40.12
C SER HA 19 -86.49 9.24 -39.42
N CYS HA 20 -86.09 8.89 -38.20
CA CYS HA 20 -86.84 7.92 -37.42
C CYS HA 20 -88.20 8.49 -37.03
N ARG HA 21 -89.24 7.66 -37.13
CA ARG HA 21 -90.58 8.09 -36.80
C ARG HA 21 -90.81 8.21 -35.30
N VAL HA 22 -89.90 7.68 -34.48
CA VAL HA 22 -90.10 7.64 -33.03
C VAL HA 22 -89.09 8.54 -32.31
N CYS HA 23 -87.80 8.22 -32.41
CA CYS HA 23 -86.78 8.93 -31.66
C CYS HA 23 -86.01 9.93 -32.50
N SER HA 24 -86.47 10.20 -33.72
CA SER HA 24 -85.91 11.25 -34.58
C SER HA 24 -84.42 11.05 -34.86
N ASN HA 25 -84.00 9.79 -34.94
CA ASN HA 25 -82.60 9.45 -35.19
C ASN HA 25 -82.37 9.16 -36.66
N ARG HA 26 -81.09 9.20 -37.05
CA ARG HA 26 -80.67 8.95 -38.42
C ARG HA 26 -79.66 7.83 -38.48
N HIS HA 27 -79.78 6.86 -37.56
CA HIS HA 27 -78.93 5.69 -37.56
C HIS HA 27 -79.75 4.47 -37.16
N GLY HA 28 -79.43 3.33 -37.77
CA GLY HA 28 -80.17 2.13 -37.51
C GLY HA 28 -81.59 2.13 -38.03
N LEU HA 29 -81.86 2.92 -39.06
CA LEU HA 29 -83.21 2.99 -39.60
C LEU HA 29 -83.59 1.68 -40.27
N ILE HA 30 -84.85 1.30 -40.09
CA ILE HA 30 -85.41 0.07 -40.66
C ILE HA 30 -86.50 0.50 -41.62
N ARG HA 31 -86.17 0.61 -42.89
CA ARG HA 31 -87.12 1.01 -43.92
C ARG HA 31 -87.88 -0.19 -44.49
N LYS HA 32 -87.59 -1.40 -44.04
CA LYS HA 32 -88.33 -2.57 -44.49
C LYS HA 32 -89.79 -2.46 -44.06
N TYR HA 33 -90.69 -2.74 -45.00
CA TYR HA 33 -92.15 -2.64 -44.82
C TYR HA 33 -92.57 -1.24 -44.38
N GLY HA 34 -91.75 -0.22 -44.66
CA GLY HA 34 -92.08 1.13 -44.26
C GLY HA 34 -92.16 1.36 -42.78
N LEU HA 35 -91.32 0.68 -41.99
CA LEU HA 35 -91.30 0.93 -40.55
C LEU HA 35 -90.81 2.34 -40.23
N ASN HA 36 -89.68 2.73 -40.83
CA ASN HA 36 -89.07 4.04 -40.59
C ASN HA 36 -88.82 4.26 -39.10
N MET HA 37 -88.42 3.20 -38.41
CA MET HA 37 -88.31 3.17 -36.96
C MET HA 37 -86.85 3.18 -36.52
N CYS HA 38 -86.62 3.76 -35.34
CA CYS HA 38 -85.31 3.66 -34.71
C CYS HA 38 -85.00 2.18 -34.44
N ARG HA 39 -83.73 1.81 -34.58
CA ARG HA 39 -83.35 0.41 -34.38
C ARG HA 39 -83.70 -0.05 -32.97
N GLN HA 40 -83.29 0.71 -31.97
CA GLN HA 40 -83.56 0.33 -30.58
C GLN HA 40 -85.03 0.50 -30.22
N CYS HA 41 -85.66 1.55 -30.75
CA CYS HA 41 -87.08 1.76 -30.47
C CYS HA 41 -87.94 0.66 -31.06
N PHE HA 42 -87.49 0.04 -32.15
CA PHE HA 42 -88.22 -1.09 -32.72
C PHE HA 42 -88.29 -2.24 -31.74
N ARG HA 43 -87.20 -2.49 -31.02
CA ARG HA 43 -87.20 -3.53 -29.99
C ARG HA 43 -88.20 -3.22 -28.88
N GLN HA 44 -88.35 -1.93 -28.55
CA GLN HA 44 -89.30 -1.55 -27.50
C GLN HA 44 -90.74 -1.82 -27.94
N TYR HA 45 -91.08 -1.44 -29.17
CA TYR HA 45 -92.44 -1.53 -29.66
C TYR HA 45 -92.69 -2.79 -30.50
N ALA HA 46 -91.77 -3.74 -30.47
CA ALA HA 46 -91.94 -4.95 -31.29
C ALA HA 46 -93.17 -5.75 -30.86
N LYS HA 47 -93.38 -5.88 -29.56
CA LYS HA 47 -94.53 -6.65 -29.07
C LYS HA 47 -95.85 -5.97 -29.43
N ASP HA 48 -95.90 -4.64 -29.32
CA ASP HA 48 -97.12 -3.92 -29.66
C ASP HA 48 -97.44 -4.04 -31.14
N ILE HA 49 -96.42 -3.97 -32.00
CA ILE HA 49 -96.65 -4.03 -33.44
C ILE HA 49 -97.22 -5.39 -33.84
N GLY HA 50 -96.65 -6.46 -33.30
CA GLY HA 50 -97.12 -7.78 -33.61
C GLY HA 50 -95.99 -8.75 -33.88
N PHE HA 51 -94.76 -8.23 -33.91
CA PHE HA 51 -93.59 -9.05 -34.17
C PHE HA 51 -93.16 -9.71 -32.86
N ILE HA 52 -93.32 -11.03 -32.77
CA ILE HA 52 -92.96 -11.76 -31.59
C ILE HA 52 -91.69 -12.56 -31.87
N LYS HA 53 -91.09 -13.11 -30.82
CA LYS HA 53 -89.87 -13.90 -30.94
C LYS HA 53 -90.22 -15.37 -30.91
N LEU HA 54 -89.91 -16.08 -31.99
CA LEU HA 54 -90.17 -17.51 -32.10
C LEU HA 54 -88.89 -18.34 -32.12
N ASP HA 55 -87.94 -17.99 -32.97
CA ASP HA 55 -86.68 -18.72 -33.05
C ASP HA 55 -85.49 -17.79 -33.21
N TYR IA 1 -62.97 30.09 -30.42
CA TYR IA 1 -62.80 31.31 -29.67
C TYR IA 1 -61.74 32.20 -30.30
N THR IA 2 -61.76 33.49 -29.93
CA THR IA 2 -60.77 34.47 -30.35
C THR IA 2 -60.70 34.54 -31.88
N THR IA 3 -61.81 34.99 -32.47
CA THR IA 3 -61.87 35.11 -33.92
C THR IA 3 -61.01 36.28 -34.38
N PRO IA 4 -60.08 36.07 -35.32
CA PRO IA 4 -59.25 37.18 -35.80
C PRO IA 4 -60.06 38.31 -36.43
N LYS IA 5 -61.15 37.97 -37.12
CA LYS IA 5 -62.01 38.99 -37.70
C LYS IA 5 -62.94 39.54 -36.63
N LYS IA 6 -63.12 40.86 -36.64
CA LYS IA 6 -63.88 41.53 -35.60
C LYS IA 6 -65.36 41.17 -35.69
N ASN IA 7 -66.05 41.26 -34.54
CA ASN IA 7 -67.47 40.94 -34.48
C ASN IA 7 -68.26 41.87 -35.41
N LYS IA 8 -69.16 41.27 -36.18
CA LYS IA 8 -69.94 42.00 -37.17
C LYS IA 8 -71.18 42.59 -36.50
N HIS IA 9 -71.43 43.86 -36.75
CA HIS IA 9 -72.55 44.57 -36.15
C HIS IA 9 -73.69 44.68 -37.17
N LYS IA 10 -74.91 44.39 -36.72
CA LYS IA 10 -76.06 44.43 -37.59
C LYS IA 10 -76.46 45.88 -37.88
N ARG IA 11 -77.14 46.07 -39.01
CA ARG IA 11 -77.61 47.41 -39.37
C ARG IA 11 -78.69 47.86 -38.40
N LYS IA 12 -78.54 49.06 -37.87
CA LYS IA 12 -79.52 49.65 -36.97
C LYS IA 12 -80.27 50.74 -37.71
N LYS IA 13 -81.59 50.72 -37.60
CA LYS IA 13 -82.43 51.60 -38.40
C LYS IA 13 -82.21 53.05 -38.02
N VAL IA 14 -82.22 53.92 -39.04
CA VAL IA 14 -81.82 55.32 -38.86
C VAL IA 14 -82.87 56.18 -38.18
N LYS IA 15 -83.98 55.59 -37.76
CA LYS IA 15 -85.10 56.31 -37.14
C LYS IA 15 -85.61 57.41 -38.07
N LEU IA 16 -86.03 56.98 -39.27
CA LEU IA 16 -86.58 57.91 -40.24
C LEU IA 16 -87.88 58.50 -39.73
N ALA IA 17 -88.03 59.81 -39.90
CA ALA IA 17 -89.13 60.55 -39.28
C ALA IA 17 -90.42 60.34 -40.08
N VAL IA 18 -91.43 61.15 -39.79
CA VAL IA 18 -92.70 61.06 -40.49
C VAL IA 18 -92.50 61.33 -41.98
N LEU IA 19 -93.24 60.60 -42.81
CA LEU IA 19 -93.04 60.60 -44.25
C LEU IA 19 -93.26 61.98 -44.88
N LYS IA 20 -94.50 62.48 -44.84
CA LYS IA 20 -94.86 63.83 -45.30
C LYS IA 20 -94.38 64.14 -46.72
N TYR IA 21 -94.15 63.13 -47.56
CA TYR IA 21 -93.59 63.38 -48.89
C TYR IA 21 -94.66 63.51 -49.98
N TYR IA 22 -95.65 64.37 -49.73
CA TYR IA 22 -96.50 64.90 -50.79
C TYR IA 22 -97.10 66.20 -50.29
N LYS IA 23 -96.93 67.26 -51.07
CA LYS IA 23 -97.12 68.63 -50.59
C LYS IA 23 -98.38 69.25 -51.17
N VAL IA 24 -99.06 70.03 -50.34
CA VAL IA 24 -100.11 70.94 -50.79
C VAL IA 24 -99.57 72.36 -50.68
N ASP IA 25 -100.06 73.23 -51.56
CA ASP IA 25 -99.55 74.58 -51.66
C ASP IA 25 -100.68 75.53 -51.97
N GLU IA 26 -100.34 76.84 -51.95
CA GLU IA 26 -101.25 77.97 -52.19
C GLU IA 26 -102.61 77.76 -51.52
N ASN IA 27 -102.60 77.67 -50.20
CA ASN IA 27 -103.80 77.41 -49.39
C ASN IA 27 -104.43 76.06 -49.71
N GLY IA 28 -103.60 75.10 -50.13
CA GLY IA 28 -104.04 73.73 -50.29
C GLY IA 28 -104.34 73.32 -51.72
N LYS IA 29 -103.37 72.65 -52.34
CA LYS IA 29 -103.56 72.06 -53.68
C LYS IA 29 -102.67 70.82 -53.74
N ILE IA 30 -103.28 69.65 -53.88
CA ILE IA 30 -102.53 68.41 -53.80
C ILE IA 30 -101.54 68.29 -54.97
N SER IA 31 -100.39 67.67 -54.68
CA SER IA 31 -99.38 67.43 -55.71
C SER IA 31 -98.49 66.30 -55.23
N ARG IA 32 -98.57 65.15 -55.90
CA ARG IA 32 -97.69 64.04 -55.59
C ARG IA 32 -96.29 64.32 -56.11
N LEU IA 33 -95.29 64.19 -55.25
CA LEU IA 33 -93.90 64.28 -55.64
C LEU IA 33 -93.26 62.91 -55.83
N ARG IA 34 -94.06 61.85 -55.79
CA ARG IA 34 -93.60 60.49 -55.98
C ARG IA 34 -94.49 59.79 -57.00
N ARG IA 35 -93.92 58.80 -57.69
CA ARG IA 35 -94.68 58.00 -58.63
C ARG IA 35 -95.40 56.88 -57.87
N GLU IA 36 -96.13 56.04 -58.61
CA GLU IA 36 -96.94 55.00 -58.00
C GLU IA 36 -96.73 53.66 -58.71
N CYS IA 37 -96.96 52.59 -57.97
CA CYS IA 37 -96.87 51.25 -58.54
C CYS IA 37 -98.13 50.95 -59.33
N PRO IA 38 -98.04 50.68 -60.63
CA PRO IA 38 -99.25 50.41 -61.42
C PRO IA 38 -99.77 48.98 -61.28
N SER IA 39 -99.18 48.16 -60.42
CA SER IA 39 -99.57 46.77 -60.33
C SER IA 39 -100.90 46.62 -59.59
N ASP IA 40 -101.33 45.36 -59.46
CA ASP IA 40 -102.65 45.05 -58.92
C ASP IA 40 -102.75 45.32 -57.42
N GLU IA 41 -101.96 44.61 -56.61
CA GLU IA 41 -102.08 44.84 -55.17
C GLU IA 41 -101.23 46.01 -54.68
N CYS IA 42 -100.48 46.68 -55.57
CA CYS IA 42 -99.81 47.92 -55.18
C CYS IA 42 -100.84 48.99 -54.81
N GLY IA 43 -101.89 49.12 -55.61
CA GLY IA 43 -102.89 50.14 -55.37
C GLY IA 43 -102.33 51.54 -55.55
N ALA IA 44 -102.80 52.46 -54.69
CA ALA IA 44 -102.34 53.84 -54.72
C ALA IA 44 -102.05 54.36 -53.32
N GLY IA 45 -101.92 53.48 -52.34
CA GLY IA 45 -101.68 53.90 -50.97
C GLY IA 45 -100.22 54.04 -50.60
N VAL IA 46 -99.33 53.46 -51.39
CA VAL IA 46 -97.90 53.51 -51.14
C VAL IA 46 -97.21 54.08 -52.37
N PHE IA 47 -96.12 54.80 -52.15
CA PHE IA 47 -95.40 55.49 -53.21
C PHE IA 47 -94.07 54.80 -53.51
N MET IA 48 -93.54 55.08 -54.69
CA MET IA 48 -92.33 54.44 -55.15
C MET IA 48 -91.10 55.09 -54.51
N ALA IA 49 -89.99 54.35 -54.50
CA ALA IA 49 -88.74 54.91 -54.01
C ALA IA 49 -88.19 55.90 -55.04
N SER IA 50 -87.20 56.67 -54.58
CA SER IA 50 -86.63 57.76 -55.37
C SER IA 50 -85.11 57.66 -55.40
N HIS IA 51 -84.60 56.48 -55.75
CA HIS IA 51 -83.17 56.34 -55.98
C HIS IA 51 -82.74 57.22 -57.15
N PHE IA 52 -81.45 57.55 -57.16
CA PHE IA 52 -80.93 58.51 -58.13
C PHE IA 52 -81.08 58.02 -59.57
N ASP IA 53 -81.07 56.71 -59.77
CA ASP IA 53 -81.12 56.14 -61.12
C ASP IA 53 -82.38 55.35 -61.42
N ARG IA 54 -83.19 55.00 -60.42
CA ARG IA 54 -84.41 54.25 -60.69
C ARG IA 54 -85.44 54.58 -59.63
N HIS IA 55 -86.70 54.23 -59.93
CA HIS IA 55 -87.78 54.28 -58.97
C HIS IA 55 -88.17 52.85 -58.61
N TYR IA 56 -88.24 52.56 -57.31
CA TYR IA 56 -88.42 51.21 -56.81
C TYR IA 56 -89.60 51.17 -55.86
N CYS IA 57 -90.24 50.01 -55.77
CA CYS IA 57 -91.33 49.79 -54.83
C CYS IA 57 -90.86 48.79 -53.79
N GLY IA 58 -90.79 49.23 -52.54
CA GLY IA 58 -90.39 48.32 -51.47
C GLY IA 58 -91.30 47.12 -51.36
N LYS IA 59 -92.56 47.27 -51.76
CA LYS IA 59 -93.44 46.12 -51.93
C LYS IA 59 -92.90 45.21 -53.03
N CYS IA 60 -92.90 45.69 -54.27
CA CYS IA 60 -92.33 44.96 -55.40
C CYS IA 60 -92.23 45.84 -56.64
N CYS IA 61 -91.05 45.90 -57.26
CA CYS IA 61 -90.84 46.58 -58.54
C CYS IA 61 -89.48 46.19 -59.08
N LEU IA 62 -89.38 46.15 -60.40
CA LEU IA 62 -88.11 45.88 -61.08
C LEU IA 62 -87.46 47.17 -61.55
N THR IA 63 -87.12 48.02 -60.58
CA THR IA 63 -86.28 49.21 -60.74
C THR IA 63 -86.68 50.04 -61.96
N TYR IA 64 -87.89 50.61 -61.89
CA TYR IA 64 -88.35 51.51 -62.94
C TYR IA 64 -87.39 52.69 -63.06
N CYS IA 65 -86.67 52.75 -64.17
CA CYS IA 65 -85.54 53.64 -64.34
C CYS IA 65 -85.65 54.39 -65.65
N PHE IA 66 -85.32 55.69 -65.63
CA PHE IA 66 -85.19 56.45 -66.85
C PHE IA 66 -83.77 56.30 -67.39
N ASN IA 67 -83.66 56.12 -68.70
CA ASN IA 67 -82.36 55.90 -69.33
C ASN IA 67 -82.19 56.81 -70.54
N THR JA 1 -111.47 -88.78 -30.01
CA THR JA 1 -110.62 -88.87 -31.20
C THR JA 1 -110.30 -87.47 -31.74
N GLU JA 2 -110.93 -86.46 -31.17
CA GLU JA 2 -110.82 -85.09 -31.64
C GLU JA 2 -109.94 -84.28 -30.68
N GLN JA 3 -108.91 -83.65 -31.25
CA GLN JA 3 -108.02 -82.76 -30.53
C GLN JA 3 -107.74 -81.54 -31.39
N MET JA 4 -107.83 -80.36 -30.79
CA MET JA 4 -107.53 -79.12 -31.51
C MET JA 4 -106.02 -78.95 -31.58
N THR JA 5 -105.45 -79.21 -32.75
CA THR JA 5 -104.02 -79.12 -32.95
C THR JA 5 -103.68 -77.94 -33.85
N LEU JA 6 -102.44 -77.47 -33.71
CA LEU JA 6 -101.96 -76.35 -34.51
C LEU JA 6 -101.75 -76.81 -35.94
N ARG JA 7 -102.71 -76.51 -36.81
CA ARG JA 7 -102.57 -76.88 -38.21
C ARG JA 7 -101.52 -76.02 -38.91
N GLY JA 8 -101.45 -74.74 -38.56
CA GLY JA 8 -100.46 -73.87 -39.18
C GLY JA 8 -100.52 -72.48 -38.60
N THR JA 9 -99.66 -71.63 -39.13
CA THR JA 9 -99.58 -70.22 -38.75
C THR JA 9 -99.44 -69.38 -40.02
N LEU JA 10 -99.91 -68.14 -39.95
CA LEU JA 10 -99.85 -67.23 -41.09
C LEU JA 10 -99.34 -65.87 -40.61
N LYS JA 11 -98.18 -65.46 -41.14
CA LYS JA 11 -97.57 -64.19 -40.82
C LYS JA 11 -98.02 -63.12 -41.81
N GLY JA 12 -97.37 -61.95 -41.78
CA GLY JA 12 -97.64 -60.93 -42.78
C GLY JA 12 -97.90 -59.55 -42.23
N HIS JA 13 -98.56 -59.46 -41.07
CA HIS JA 13 -98.91 -58.17 -40.52
C HIS JA 13 -97.69 -57.47 -39.93
N ASN JA 14 -97.91 -56.23 -39.48
CA ASN JA 14 -96.89 -55.46 -38.79
C ASN JA 14 -97.30 -55.04 -37.38
N GLY JA 15 -98.59 -55.06 -37.06
CA GLY JA 15 -99.07 -54.79 -35.72
C GLY JA 15 -99.81 -56.00 -35.17
N TRP JA 16 -100.42 -55.79 -34.00
CA TRP JA 16 -101.20 -56.85 -33.38
C TRP JA 16 -102.40 -57.19 -34.25
N VAL JA 17 -102.65 -58.48 -34.41
CA VAL JA 17 -103.78 -58.96 -35.20
C VAL JA 17 -105.06 -58.70 -34.43
N THR JA 18 -105.78 -57.65 -34.81
CA THR JA 18 -106.93 -57.20 -34.02
C THR JA 18 -108.14 -58.11 -34.23
N GLN JA 19 -108.61 -58.23 -35.46
CA GLN JA 19 -109.84 -58.96 -35.74
C GLN JA 19 -109.64 -59.94 -36.89
N ILE JA 20 -110.15 -61.16 -36.70
CA ILE JA 20 -110.24 -62.17 -37.75
C ILE JA 20 -111.72 -62.40 -38.03
N ALA JA 21 -112.08 -62.46 -39.31
CA ALA JA 21 -113.46 -62.64 -39.72
C ALA JA 21 -113.52 -63.66 -40.85
N THR JA 22 -114.55 -64.51 -40.81
CA THR JA 22 -114.72 -65.57 -41.80
C THR JA 22 -116.18 -65.62 -42.23
N THR JA 23 -116.41 -66.13 -43.43
CA THR JA 23 -117.73 -66.17 -44.03
C THR JA 23 -117.92 -67.48 -44.76
N PRO JA 24 -119.16 -67.95 -44.91
CA PRO JA 24 -119.41 -69.14 -45.72
C PRO JA 24 -119.51 -68.88 -47.22
N GLN JA 25 -119.59 -67.61 -47.65
CA GLN JA 25 -119.68 -67.31 -49.08
C GLN JA 25 -118.43 -67.77 -49.81
N PHE JA 26 -117.26 -67.45 -49.27
CA PHE JA 26 -115.97 -67.87 -49.82
C PHE JA 26 -115.23 -68.63 -48.73
N PRO JA 27 -115.50 -69.93 -48.57
CA PRO JA 27 -114.84 -70.70 -47.51
C PRO JA 27 -113.34 -70.75 -47.63
N ASP JA 28 -112.81 -70.75 -48.86
CA ASP JA 28 -111.37 -70.75 -49.08
C ASP JA 28 -110.77 -69.35 -49.03
N MET JA 29 -111.47 -68.38 -48.45
CA MET JA 29 -111.00 -67.02 -48.33
C MET JA 29 -111.27 -66.51 -46.92
N ILE JA 30 -110.23 -65.99 -46.27
CA ILE JA 30 -110.35 -65.32 -44.98
C ILE JA 30 -109.61 -63.99 -45.06
N LEU JA 31 -109.86 -63.13 -44.09
CA LEU JA 31 -109.22 -61.82 -44.09
C LEU JA 31 -108.87 -61.44 -42.66
N SER JA 32 -107.88 -60.56 -42.52
CA SER JA 32 -107.31 -60.25 -41.22
C SER JA 32 -107.01 -58.76 -41.14
N ALA JA 33 -107.55 -58.11 -40.11
CA ALA JA 33 -107.27 -56.71 -39.82
C ALA JA 33 -106.41 -56.60 -38.58
N SER JA 34 -105.44 -55.69 -38.61
CA SER JA 34 -104.41 -55.63 -37.59
C SER JA 34 -104.13 -54.18 -37.21
N ARG JA 35 -103.05 -53.98 -36.47
CA ARG JA 35 -102.65 -52.68 -35.95
C ARG JA 35 -101.77 -51.90 -36.90
N ASP JA 36 -101.48 -52.45 -38.09
CA ASP JA 36 -100.65 -51.77 -39.08
C ASP JA 36 -101.47 -50.90 -40.03
N LYS JA 37 -102.68 -50.50 -39.63
CA LYS JA 37 -103.63 -49.75 -40.46
C LYS JA 37 -103.94 -50.49 -41.77
N THR JA 38 -103.72 -51.79 -41.81
CA THR JA 38 -103.83 -52.56 -43.03
C THR JA 38 -104.62 -53.84 -42.78
N ILE JA 39 -105.55 -54.12 -43.68
CA ILE JA 39 -106.29 -55.37 -43.67
C ILE JA 39 -105.76 -56.25 -44.80
N ILE JA 40 -105.55 -57.52 -44.50
CA ILE JA 40 -105.03 -58.48 -45.46
C ILE JA 40 -106.05 -59.60 -45.62
N MET JA 41 -106.54 -59.80 -46.83
CA MET JA 41 -107.39 -60.93 -47.12
C MET JA 41 -106.57 -62.06 -47.73
N TRP JA 42 -106.98 -63.29 -47.44
CA TRP JA 42 -106.15 -64.46 -47.67
C TRP JA 42 -106.84 -65.41 -48.62
N LYS JA 43 -106.04 -66.08 -49.47
CA LYS JA 43 -106.51 -67.20 -50.26
C LYS JA 43 -105.95 -68.48 -49.65
N LEU JA 44 -106.84 -69.37 -49.21
CA LEU JA 44 -106.45 -70.54 -48.42
C LEU JA 44 -105.80 -71.58 -49.32
N THR JA 45 -104.51 -71.35 -49.60
CA THR JA 45 -103.69 -72.33 -50.30
C THR JA 45 -103.04 -73.22 -49.24
N ARG JA 46 -103.82 -74.15 -48.69
CA ARG JA 46 -103.39 -74.97 -47.57
C ARG JA 46 -102.48 -76.07 -48.08
N ASP JA 47 -101.16 -75.86 -47.92
CA ASP JA 47 -100.19 -76.87 -48.30
C ASP JA 47 -98.94 -76.79 -47.43
N GLU JA 48 -97.84 -77.41 -47.87
CA GLU JA 48 -96.64 -77.47 -47.05
C GLU JA 48 -95.94 -76.12 -46.95
N THR JA 49 -96.14 -75.25 -47.94
CA THR JA 49 -95.51 -73.92 -47.88
C THR JA 49 -96.17 -73.06 -46.83
N ASN JA 50 -97.45 -72.74 -47.02
CA ASN JA 50 -98.23 -71.96 -46.08
C ASN JA 50 -99.63 -72.56 -45.99
N TYR JA 51 -100.39 -72.13 -45.00
CA TYR JA 51 -101.81 -72.45 -44.97
C TYR JA 51 -102.62 -71.48 -45.82
N GLY JA 52 -102.01 -70.42 -46.31
CA GLY JA 52 -102.69 -69.46 -47.16
C GLY JA 52 -101.71 -68.39 -47.59
N ILE JA 53 -102.16 -67.59 -48.57
CA ILE JA 53 -101.33 -66.52 -49.11
C ILE JA 53 -102.18 -65.25 -49.12
N PRO JA 54 -101.61 -64.07 -48.86
CA PRO JA 54 -102.37 -62.84 -49.02
C PRO JA 54 -102.83 -62.64 -50.46
N GLN JA 55 -104.03 -62.11 -50.62
CA GLN JA 55 -104.62 -61.91 -51.94
C GLN JA 55 -104.77 -60.44 -52.27
N ARG JA 56 -105.45 -59.67 -51.42
CA ARG JA 56 -105.55 -58.22 -51.56
C ARG JA 56 -105.18 -57.55 -50.25
N ALA JA 57 -104.43 -56.47 -50.34
CA ALA JA 57 -104.07 -55.66 -49.19
C ALA JA 57 -104.96 -54.42 -49.14
N LEU JA 58 -105.54 -54.16 -47.96
CA LEU JA 58 -106.51 -53.09 -47.79
C LEU JA 58 -105.87 -51.99 -46.94
N ARG JA 59 -105.67 -50.83 -47.55
CA ARG JA 59 -105.01 -49.70 -46.92
C ARG JA 59 -105.85 -48.45 -47.07
N GLY JA 60 -105.70 -47.52 -46.12
CA GLY JA 60 -106.46 -46.29 -46.14
C GLY JA 60 -106.85 -45.80 -44.77
N HIS JA 61 -106.95 -46.71 -43.80
CA HIS JA 61 -107.23 -46.29 -42.43
C HIS JA 61 -106.00 -45.63 -41.82
N SER JA 62 -106.24 -44.74 -40.85
CA SER JA 62 -105.19 -43.89 -40.32
C SER JA 62 -104.55 -44.42 -39.05
N HIS JA 63 -105.16 -45.38 -38.37
CA HIS JA 63 -104.60 -45.89 -37.13
C HIS JA 63 -105.01 -47.36 -37.00
N PHE JA 64 -104.95 -47.90 -35.79
CA PHE JA 64 -105.29 -49.30 -35.55
C PHE JA 64 -106.69 -49.60 -36.04
N VAL JA 65 -106.82 -50.66 -36.83
CA VAL JA 65 -108.11 -51.10 -37.35
C VAL JA 65 -108.70 -52.11 -36.37
N SER JA 66 -109.87 -51.79 -35.82
CA SER JA 66 -110.39 -52.54 -34.69
C SER JA 66 -111.07 -53.84 -35.11
N ASP JA 67 -112.17 -53.73 -35.88
CA ASP JA 67 -113.01 -54.87 -36.18
C ASP JA 67 -113.29 -54.95 -37.67
N VAL JA 68 -113.51 -56.18 -38.14
CA VAL JA 68 -113.84 -56.43 -39.54
C VAL JA 68 -114.92 -57.53 -39.59
N VAL JA 69 -115.91 -57.34 -40.46
CA VAL JA 69 -117.01 -58.28 -40.63
C VAL JA 69 -117.32 -58.39 -42.12
N ILE JA 70 -117.55 -59.62 -42.60
CA ILE JA 70 -117.94 -59.84 -43.99
C ILE JA 70 -119.44 -59.55 -44.12
N SER JA 71 -119.82 -58.98 -45.26
CA SER JA 71 -121.24 -58.81 -45.56
C SER JA 71 -121.89 -60.18 -45.80
N SER JA 72 -123.23 -60.19 -45.78
CA SER JA 72 -123.96 -61.44 -45.98
C SER JA 72 -123.72 -62.01 -47.37
N ASP JA 73 -123.69 -61.16 -48.40
CA ASP JA 73 -123.41 -61.63 -49.74
C ASP JA 73 -121.93 -61.92 -49.96
N GLY JA 74 -121.06 -61.53 -49.03
CA GLY JA 74 -119.64 -61.78 -49.17
C GLY JA 74 -118.90 -60.79 -50.05
N GLN JA 75 -119.58 -59.80 -50.62
CA GLN JA 75 -118.95 -58.87 -51.53
C GLN JA 75 -118.41 -57.62 -50.84
N PHE JA 76 -118.64 -57.45 -49.55
CA PHE JA 76 -118.22 -56.26 -48.84
C PHE JA 76 -117.66 -56.63 -47.48
N ALA JA 77 -116.82 -55.74 -46.95
CA ALA JA 77 -116.26 -55.89 -45.61
C ALA JA 77 -116.34 -54.55 -44.89
N LEU JA 78 -116.85 -54.58 -43.66
CA LEU JA 78 -116.99 -53.38 -42.85
C LEU JA 78 -115.86 -53.32 -41.84
N SER JA 79 -115.12 -52.22 -41.83
CA SER JA 79 -113.97 -52.07 -40.97
C SER JA 79 -114.01 -50.72 -40.25
N GLY JA 80 -113.72 -50.74 -38.96
CA GLY JA 80 -113.59 -49.53 -38.18
C GLY JA 80 -112.20 -49.43 -37.59
N SER JA 81 -111.75 -48.20 -37.36
CA SER JA 81 -110.39 -47.96 -36.91
C SER JA 81 -110.36 -46.89 -35.84
N TRP JA 82 -109.21 -46.80 -35.16
CA TRP JA 82 -109.02 -45.82 -34.08
C TRP JA 82 -109.06 -44.39 -34.58
N ASP JA 83 -108.96 -44.17 -35.89
CA ASP JA 83 -109.03 -42.82 -36.44
C ASP JA 83 -110.38 -42.15 -36.24
N GLY JA 84 -111.38 -42.86 -35.72
CA GLY JA 84 -112.71 -42.33 -35.59
C GLY JA 84 -113.59 -42.50 -36.80
N THR JA 85 -113.12 -43.22 -37.82
CA THR JA 85 -113.86 -43.44 -39.04
C THR JA 85 -114.05 -44.93 -39.28
N LEU JA 86 -115.04 -45.25 -40.11
CA LEU JA 86 -115.28 -46.61 -40.55
C LEU JA 86 -115.31 -46.65 -42.07
N ARG JA 87 -114.68 -47.67 -42.64
CA ARG JA 87 -114.50 -47.80 -44.07
C ARG JA 87 -115.21 -49.05 -44.57
N LEU JA 88 -116.04 -48.90 -45.60
CA LEU JA 88 -116.73 -50.02 -46.23
C LEU JA 88 -115.96 -50.43 -47.48
N TRP JA 89 -115.40 -51.63 -47.45
CA TRP JA 89 -114.54 -52.12 -48.52
C TRP JA 89 -115.29 -53.10 -49.40
N ASP JA 90 -114.91 -53.13 -50.68
CA ASP JA 90 -115.41 -54.15 -51.58
C ASP JA 90 -114.37 -55.26 -51.76
N LEU JA 91 -114.85 -56.42 -52.19
CA LEU JA 91 -113.95 -57.50 -52.59
C LEU JA 91 -113.61 -57.47 -54.06
N THR JA 92 -114.15 -56.51 -54.81
CA THR JA 92 -113.82 -56.38 -56.22
C THR JA 92 -112.46 -55.73 -56.41
N THR JA 93 -112.32 -54.48 -55.96
CA THR JA 93 -111.09 -53.73 -56.10
C THR JA 93 -110.40 -53.47 -54.77
N GLY JA 94 -111.01 -53.86 -53.66
CA GLY JA 94 -110.43 -53.57 -52.35
C GLY JA 94 -110.34 -52.09 -52.04
N THR JA 95 -111.35 -51.33 -52.44
CA THR JA 95 -111.36 -49.89 -52.25
C THR JA 95 -112.56 -49.49 -51.43
N THR JA 96 -112.34 -48.58 -50.48
CA THR JA 96 -113.41 -48.10 -49.61
C THR JA 96 -114.42 -47.31 -50.43
N THR JA 97 -115.63 -47.85 -50.53
CA THR JA 97 -116.71 -47.17 -51.25
C THR JA 97 -117.59 -46.34 -50.34
N ARG JA 98 -117.28 -46.27 -49.05
CA ARG JA 98 -118.12 -45.55 -48.09
C ARG JA 98 -117.29 -45.24 -46.86
N ARG JA 99 -117.07 -43.96 -46.60
CA ARG JA 99 -116.30 -43.51 -45.44
C ARG JA 99 -117.27 -43.05 -44.35
N PHE JA 100 -117.52 -43.93 -43.38
CA PHE JA 100 -118.40 -43.59 -42.26
C PHE JA 100 -117.67 -42.68 -41.29
N VAL JA 101 -118.17 -41.46 -41.13
CA VAL JA 101 -117.58 -40.50 -40.20
C VAL JA 101 -118.69 -39.88 -39.36
N GLY JA 102 -118.33 -39.45 -38.17
CA GLY JA 102 -119.29 -38.92 -37.22
C GLY JA 102 -118.96 -39.27 -35.78
N HIS JA 103 -118.21 -40.35 -35.58
CA HIS JA 103 -117.72 -40.67 -34.25
C HIS JA 103 -116.60 -39.72 -33.85
N THR JA 104 -116.60 -39.31 -32.58
CA THR JA 104 -115.65 -38.32 -32.11
C THR JA 104 -114.37 -38.92 -31.56
N LYS JA 105 -114.35 -40.22 -31.28
CA LYS JA 105 -113.16 -40.85 -30.71
C LYS JA 105 -112.94 -42.18 -31.41
N ASP JA 106 -112.03 -42.99 -30.84
CA ASP JA 106 -111.55 -44.18 -31.52
C ASP JA 106 -112.66 -45.22 -31.63
N VAL JA 107 -112.82 -45.79 -32.82
CA VAL JA 107 -113.84 -46.81 -33.03
C VAL JA 107 -113.29 -48.16 -32.59
N LEU JA 108 -114.06 -48.86 -31.77
CA LEU JA 108 -113.61 -50.14 -31.22
C LEU JA 108 -114.28 -51.35 -31.85
N SER JA 109 -115.48 -51.20 -32.41
CA SER JA 109 -116.18 -52.34 -32.98
C SER JA 109 -117.14 -51.87 -34.05
N VAL JA 110 -117.36 -52.75 -35.03
CA VAL JA 110 -118.34 -52.54 -36.09
C VAL JA 110 -119.11 -53.83 -36.28
N ALA JA 111 -120.43 -53.71 -36.43
CA ALA JA 111 -121.30 -54.87 -36.59
C ALA JA 111 -122.18 -54.69 -37.82
N PHE JA 112 -122.34 -55.78 -38.56
CA PHE JA 112 -123.12 -55.78 -39.80
C PHE JA 112 -124.41 -56.58 -39.60
N SER JA 113 -125.51 -56.01 -40.05
CA SER JA 113 -126.83 -56.60 -39.83
C SER JA 113 -127.13 -57.68 -40.86
N SER JA 114 -128.02 -58.60 -40.50
CA SER JA 114 -128.39 -59.68 -41.39
C SER JA 114 -129.17 -59.16 -42.60
N ASP JA 115 -129.91 -58.06 -42.42
CA ASP JA 115 -130.77 -57.55 -43.47
C ASP JA 115 -130.05 -56.64 -44.47
N ASN JA 116 -128.74 -56.46 -44.30
CA ASN JA 116 -127.90 -55.71 -45.25
C ASN JA 116 -128.36 -54.26 -45.39
N ARG JA 117 -128.91 -53.69 -44.33
CA ARG JA 117 -129.49 -52.35 -44.41
C ARG JA 117 -128.99 -51.39 -43.34
N GLN JA 118 -128.57 -51.86 -42.17
CA GLN JA 118 -128.09 -50.99 -41.11
C GLN JA 118 -126.78 -51.53 -40.55
N ILE JA 119 -125.91 -50.62 -40.15
CA ILE JA 119 -124.62 -50.95 -39.54
C ILE JA 119 -124.48 -50.13 -38.26
N VAL JA 120 -124.13 -50.79 -37.17
CA VAL JA 120 -123.96 -50.12 -35.89
C VAL JA 120 -122.48 -50.09 -35.55
N SER JA 121 -122.07 -49.02 -34.87
CA SER JA 121 -120.67 -48.80 -34.54
C SER JA 121 -120.52 -48.50 -33.06
N GLY JA 122 -119.53 -49.14 -32.43
CA GLY JA 122 -119.18 -48.83 -31.06
C GLY JA 122 -117.80 -48.20 -30.99
N SER JA 123 -117.67 -47.09 -30.28
CA SER JA 123 -116.44 -46.32 -30.26
C SER JA 123 -116.11 -45.89 -28.83
N ARG JA 124 -114.95 -45.26 -28.67
CA ARG JA 124 -114.51 -44.71 -27.40
C ARG JA 124 -115.16 -43.39 -27.06
N ASP JA 125 -116.23 -43.02 -27.78
CA ASP JA 125 -116.97 -41.80 -27.52
C ASP JA 125 -118.13 -42.01 -26.57
N LYS JA 126 -118.27 -43.21 -26.01
CA LYS JA 126 -119.30 -43.64 -25.05
C LYS JA 126 -120.69 -43.72 -25.67
N THR JA 127 -120.86 -43.38 -26.94
CA THR JA 127 -122.15 -43.44 -27.60
C THR JA 127 -122.18 -44.59 -28.60
N ILE JA 128 -123.39 -44.92 -29.04
CA ILE JA 128 -123.62 -45.98 -30.00
C ILE JA 128 -124.29 -45.36 -31.23
N LYS JA 129 -123.70 -45.60 -32.40
CA LYS JA 129 -124.13 -44.95 -33.63
C LYS JA 129 -124.57 -46.02 -34.64
N LEU JA 130 -125.72 -45.80 -35.25
CA LEU JA 130 -126.28 -46.70 -36.25
C LEU JA 130 -126.21 -46.03 -37.62
N TRP JA 131 -125.72 -46.77 -38.62
CA TRP JA 131 -125.50 -46.25 -39.96
C TRP JA 131 -126.30 -47.06 -40.96
N ASN JA 132 -126.86 -46.37 -41.96
CA ASN JA 132 -127.57 -47.03 -43.04
C ASN JA 132 -126.57 -47.50 -44.10
N THR JA 133 -127.08 -47.93 -45.25
CA THR JA 133 -126.20 -48.38 -46.33
C THR JA 133 -125.47 -47.22 -46.98
N LEU JA 134 -126.08 -46.03 -46.99
CA LEU JA 134 -125.51 -44.87 -47.66
C LEU JA 134 -124.45 -44.15 -46.83
N GLY JA 135 -124.10 -44.68 -45.67
CA GLY JA 135 -123.09 -44.06 -44.83
C GLY JA 135 -123.61 -42.99 -43.90
N VAL JA 136 -124.91 -42.77 -43.85
CA VAL JA 136 -125.50 -41.73 -43.00
C VAL JA 136 -125.82 -42.35 -41.64
N CYS JA 137 -125.30 -41.72 -40.59
CA CYS JA 137 -125.58 -42.15 -39.21
C CYS JA 137 -126.98 -41.66 -38.85
N LYS JA 138 -127.98 -42.51 -39.11
CA LYS JA 138 -129.37 -42.11 -38.91
C LYS JA 138 -129.67 -41.88 -37.42
N TYR JA 139 -129.15 -42.72 -36.55
CA TYR JA 139 -129.44 -42.62 -35.13
C TYR JA 139 -128.16 -42.66 -34.31
N THR JA 140 -128.18 -41.95 -33.19
CA THR JA 140 -127.09 -41.95 -32.22
C THR JA 140 -127.68 -42.29 -30.86
N VAL JA 141 -127.19 -43.36 -30.24
CA VAL JA 141 -127.64 -43.74 -28.92
C VAL JA 141 -126.81 -43.00 -27.88
N GLN JA 142 -127.25 -41.80 -27.52
CA GLN JA 142 -126.54 -40.97 -26.55
C GLN JA 142 -127.09 -41.08 -25.14
N ASP JA 143 -128.39 -41.33 -24.99
CA ASP JA 143 -129.01 -41.45 -23.68
C ASP JA 143 -128.98 -42.90 -23.22
N GLU JA 144 -128.79 -43.07 -21.91
CA GLU JA 144 -128.81 -44.37 -21.23
C GLU JA 144 -127.73 -45.32 -21.75
N SER JA 145 -126.70 -44.79 -22.40
CA SER JA 145 -125.63 -45.61 -22.94
C SER JA 145 -124.62 -45.91 -21.84
N HIS JA 146 -123.50 -46.53 -22.21
CA HIS JA 146 -122.44 -46.77 -21.25
C HIS JA 146 -121.83 -45.46 -20.79
N SER JA 147 -121.49 -45.39 -19.51
CA SER JA 147 -120.75 -44.25 -18.98
C SER JA 147 -119.28 -44.28 -19.36
N GLU JA 148 -118.82 -45.36 -19.99
CA GLU JA 148 -117.45 -45.50 -20.41
C GLU JA 148 -117.39 -45.82 -21.89
N TRP JA 149 -116.21 -46.22 -22.38
CA TRP JA 149 -116.04 -46.55 -23.79
C TRP JA 149 -116.93 -47.72 -24.19
N VAL JA 150 -117.57 -47.59 -25.35
CA VAL JA 150 -118.37 -48.68 -25.90
C VAL JA 150 -117.38 -49.66 -26.54
N SER JA 151 -117.04 -50.71 -25.80
CA SER JA 151 -115.98 -51.62 -26.27
C SER JA 151 -116.44 -52.43 -27.48
N CYS JA 152 -117.69 -52.88 -27.49
CA CYS JA 152 -118.15 -53.75 -28.56
C CYS JA 152 -119.66 -53.63 -28.74
N VAL JA 153 -120.09 -53.74 -29.99
CA VAL JA 153 -121.50 -53.90 -30.35
C VAL JA 153 -121.58 -54.99 -31.42
N ARG JA 154 -122.53 -55.90 -31.27
CA ARG JA 154 -122.69 -57.01 -32.22
C ARG JA 154 -124.17 -57.25 -32.45
N PHE JA 155 -124.48 -57.72 -33.66
CA PHE JA 155 -125.87 -57.94 -34.06
C PHE JA 155 -126.32 -59.32 -33.58
N SER JA 156 -127.51 -59.74 -34.00
CA SER JA 156 -128.08 -61.02 -33.62
C SER JA 156 -128.51 -61.81 -34.85
N PRO JA 157 -128.35 -63.13 -34.85
CA PRO JA 157 -128.75 -63.92 -36.02
C PRO JA 157 -130.25 -64.08 -36.16
N ASN JA 158 -131.02 -63.81 -35.11
CA ASN JA 158 -132.46 -64.01 -35.16
C ASN JA 158 -133.11 -62.87 -35.92
N SER JA 159 -133.79 -63.21 -37.03
CA SER JA 159 -134.62 -62.21 -37.72
C SER JA 159 -135.77 -61.76 -36.83
N SER JA 160 -136.35 -62.69 -36.07
CA SER JA 160 -137.32 -62.33 -35.05
C SER JA 160 -136.64 -61.53 -33.95
N ASN JA 161 -137.47 -60.85 -33.13
CA ASN JA 161 -137.14 -59.97 -32.00
C ASN JA 161 -135.80 -59.24 -32.20
N PRO JA 162 -135.73 -58.34 -33.20
CA PRO JA 162 -134.42 -57.75 -33.57
C PRO JA 162 -133.77 -56.98 -32.44
N ILE JA 163 -132.63 -57.48 -31.96
CA ILE JA 163 -131.95 -56.91 -30.81
C ILE JA 163 -130.50 -56.66 -31.19
N ILE JA 164 -129.90 -55.68 -30.51
CA ILE JA 164 -128.48 -55.39 -30.63
C ILE JA 164 -127.86 -55.59 -29.25
N VAL JA 165 -126.68 -56.22 -29.20
CA VAL JA 165 -126.00 -56.46 -27.94
C VAL JA 165 -124.74 -55.61 -27.91
N SER JA 166 -124.39 -55.14 -26.71
CA SER JA 166 -123.28 -54.22 -26.56
C SER JA 166 -122.55 -54.52 -25.25
N CYS JA 167 -121.26 -54.20 -25.23
CA CYS JA 167 -120.43 -54.32 -24.04
C CYS JA 167 -119.65 -53.02 -23.85
N GLY JA 168 -119.36 -52.67 -22.61
CA GLY JA 168 -118.67 -51.43 -22.34
C GLY JA 168 -117.84 -51.51 -21.08
N TRP JA 169 -116.90 -50.57 -20.97
CA TRP JA 169 -116.00 -50.51 -19.83
C TRP JA 169 -116.69 -50.08 -18.54
N ASP JA 170 -117.98 -49.76 -18.60
CA ASP JA 170 -118.76 -49.42 -17.42
C ASP JA 170 -119.30 -50.65 -16.69
N LYS JA 171 -118.71 -51.82 -16.93
CA LYS JA 171 -119.03 -53.09 -16.27
C LYS JA 171 -120.43 -53.59 -16.58
N LEU JA 172 -121.13 -52.98 -17.53
CA LEU JA 172 -122.53 -53.29 -17.79
C LEU JA 172 -122.72 -53.74 -19.23
N VAL JA 173 -123.53 -54.78 -19.41
CA VAL JA 173 -123.96 -55.24 -20.72
C VAL JA 173 -125.32 -54.61 -21.02
N LYS JA 174 -125.41 -53.92 -22.15
CA LYS JA 174 -126.63 -53.22 -22.53
C LYS JA 174 -127.12 -53.77 -23.87
N VAL JA 175 -128.41 -54.05 -23.95
CA VAL JA 175 -129.05 -54.51 -25.18
C VAL JA 175 -130.17 -53.54 -25.53
N TRP JA 176 -130.29 -53.22 -26.81
CA TRP JA 176 -131.27 -52.25 -27.29
C TRP JA 176 -132.13 -52.90 -28.35
N ASN JA 177 -133.44 -52.78 -28.21
CA ASN JA 177 -134.36 -53.29 -29.22
C ASN JA 177 -134.24 -52.45 -30.48
N LEU JA 178 -133.92 -53.10 -31.60
CA LEU JA 178 -133.65 -52.38 -32.83
C LEU JA 178 -134.90 -51.69 -33.36
N ALA JA 179 -136.08 -52.21 -33.04
CA ALA JA 179 -137.32 -51.65 -33.58
C ALA JA 179 -137.58 -50.24 -33.04
N ASN JA 180 -137.35 -50.03 -31.74
CA ASN JA 180 -137.65 -48.75 -31.12
C ASN JA 180 -136.42 -48.02 -30.58
N CYS JA 181 -135.23 -48.61 -30.73
CA CYS JA 181 -133.98 -48.01 -30.24
C CYS JA 181 -134.04 -47.71 -28.75
N LYS JA 182 -134.60 -48.65 -27.99
CA LYS JA 182 -134.79 -48.48 -26.56
C LYS JA 182 -134.06 -49.58 -25.79
N LEU JA 183 -133.55 -49.23 -24.62
CA LEU JA 183 -132.89 -50.21 -23.76
C LEU JA 183 -133.89 -51.27 -23.29
N LYS JA 184 -133.40 -52.49 -23.15
CA LYS JA 184 -134.26 -53.61 -22.77
C LYS JA 184 -133.94 -54.13 -21.37
N THR JA 185 -132.69 -54.52 -21.11
CA THR JA 185 -132.32 -55.02 -19.80
C THR JA 185 -130.84 -54.71 -19.55
N ASN JA 186 -130.49 -54.68 -18.27
CA ASN JA 186 -129.13 -54.41 -17.83
C ASN JA 186 -128.62 -55.62 -17.05
N HIS JA 187 -127.54 -56.22 -17.55
CA HIS JA 187 -126.96 -57.42 -16.94
C HIS JA 187 -125.67 -57.03 -16.25
N ILE JA 188 -125.68 -57.01 -14.93
CA ILE JA 188 -124.51 -56.69 -14.14
C ILE JA 188 -123.90 -57.99 -13.61
N GLY JA 189 -122.70 -57.88 -13.05
CA GLY JA 189 -122.03 -59.03 -12.47
C GLY JA 189 -120.53 -59.02 -12.71
N HIS JA 190 -120.11 -58.37 -13.79
CA HIS JA 190 -118.69 -58.30 -14.10
C HIS JA 190 -117.96 -57.41 -13.09
N THR JA 191 -116.80 -57.88 -12.65
CA THR JA 191 -115.97 -57.15 -11.71
C THR JA 191 -114.93 -56.28 -12.42
N GLY JA 192 -114.97 -56.23 -13.74
CA GLY JA 192 -114.04 -55.41 -14.50
C GLY JA 192 -114.69 -54.95 -15.78
N TYR JA 193 -113.86 -54.37 -16.64
CA TYR JA 193 -114.36 -53.83 -17.90
C TYR JA 193 -114.76 -54.96 -18.85
N LEU JA 194 -115.25 -54.58 -20.02
CA LEU JA 194 -115.78 -55.51 -21.00
C LEU JA 194 -114.99 -55.41 -22.29
N ASN JA 195 -114.84 -56.55 -22.97
CA ASN JA 195 -114.07 -56.61 -24.20
C ASN JA 195 -114.91 -57.02 -25.40
N THR JA 196 -115.64 -58.13 -25.32
CA THR JA 196 -116.44 -58.60 -26.44
C THR JA 196 -117.62 -59.41 -25.91
N VAL JA 197 -118.82 -59.12 -26.44
CA VAL JA 197 -120.00 -59.94 -26.19
C VAL JA 197 -120.44 -60.55 -27.51
N THR JA 198 -120.77 -61.84 -27.48
CA THR JA 198 -121.17 -62.57 -28.67
C THR JA 198 -122.46 -63.33 -28.40
N VAL JA 199 -123.24 -63.52 -29.45
CA VAL JA 199 -124.54 -64.17 -29.34
C VAL JA 199 -124.45 -65.55 -29.98
N SER JA 200 -125.31 -66.46 -29.50
CA SER JA 200 -125.35 -67.82 -30.00
C SER JA 200 -125.93 -67.85 -31.41
N PRO JA 201 -125.66 -68.91 -32.17
CA PRO JA 201 -126.23 -69.00 -33.52
C PRO JA 201 -127.75 -68.95 -33.54
N ASP JA 202 -128.41 -69.47 -32.51
CA ASP JA 202 -129.84 -69.32 -32.36
C ASP JA 202 -130.25 -68.05 -31.63
N GLY JA 203 -129.27 -67.22 -31.26
CA GLY JA 203 -129.55 -65.97 -30.56
C GLY JA 203 -130.15 -66.18 -29.18
N SER JA 204 -129.58 -67.09 -28.40
CA SER JA 204 -130.10 -67.40 -27.07
C SER JA 204 -129.13 -67.11 -25.93
N LEU JA 205 -127.82 -67.06 -26.20
CA LEU JA 205 -126.84 -66.83 -25.14
C LEU JA 205 -125.95 -65.66 -25.55
N CYS JA 206 -125.73 -64.74 -24.63
CA CYS JA 206 -124.98 -63.50 -24.88
C CYS JA 206 -123.84 -63.34 -23.88
N ALA JA 207 -123.02 -64.38 -23.74
CA ALA JA 207 -121.88 -64.33 -22.84
C ALA JA 207 -120.94 -63.20 -23.21
N SER JA 208 -120.34 -62.57 -22.19
CA SER JA 208 -119.40 -61.48 -22.38
C SER JA 208 -118.20 -61.68 -21.47
N GLY JA 209 -117.05 -61.16 -21.90
CA GLY JA 209 -115.82 -61.30 -21.17
C GLY JA 209 -115.13 -59.97 -20.98
N GLY JA 210 -114.13 -59.98 -20.10
CA GLY JA 210 -113.37 -58.79 -19.80
C GLY JA 210 -112.34 -58.97 -18.71
N LYS JA 211 -112.15 -57.93 -17.89
CA LYS JA 211 -111.15 -57.96 -16.84
C LYS JA 211 -111.48 -58.97 -15.75
N ASP JA 212 -112.78 -59.25 -15.57
CA ASP JA 212 -113.22 -60.13 -14.48
C ASP JA 212 -112.59 -61.51 -14.54
N GLY JA 213 -112.20 -61.98 -15.72
CA GLY JA 213 -111.61 -63.29 -15.86
C GLY JA 213 -112.61 -64.42 -15.95
N GLN JA 214 -113.90 -64.15 -15.90
CA GLN JA 214 -114.94 -65.16 -16.01
C GLN JA 214 -115.96 -64.72 -17.06
N ALA JA 215 -116.62 -65.70 -17.66
CA ALA JA 215 -117.67 -65.45 -18.64
C ALA JA 215 -118.99 -65.96 -18.09
N MET JA 216 -120.01 -65.12 -18.13
CA MET JA 216 -121.33 -65.44 -17.61
C MET JA 216 -122.30 -65.60 -18.78
N LEU JA 217 -123.08 -66.66 -18.76
CA LEU JA 217 -124.04 -66.94 -19.83
C LEU JA 217 -125.40 -66.37 -19.45
N TRP JA 218 -125.94 -65.53 -20.32
CA TRP JA 218 -127.25 -64.92 -20.09
C TRP JA 218 -128.24 -65.35 -21.16
N ASP JA 219 -129.51 -65.31 -20.79
CA ASP JA 219 -130.60 -65.59 -21.72
C ASP JA 219 -130.97 -64.35 -22.52
N LEU JA 220 -131.61 -64.57 -23.67
CA LEU JA 220 -132.06 -63.49 -24.52
C LEU JA 220 -133.58 -63.37 -24.60
N ASN JA 221 -134.29 -64.51 -24.60
CA ASN JA 221 -135.75 -64.47 -24.66
C ASN JA 221 -136.33 -63.81 -23.42
N GLU JA 222 -135.82 -64.16 -22.25
CA GLU JA 222 -136.23 -63.53 -21.00
C GLU JA 222 -135.15 -62.60 -20.47
N GLY JA 223 -133.93 -63.09 -20.28
CA GLY JA 223 -132.83 -62.28 -19.81
C GLY JA 223 -132.53 -62.47 -18.34
N LYS JA 224 -131.56 -63.33 -18.04
CA LYS JA 224 -131.11 -63.60 -16.67
C LYS JA 224 -129.83 -64.42 -16.76
N HIS JA 225 -129.14 -64.52 -15.64
CA HIS JA 225 -127.94 -65.36 -15.57
C HIS JA 225 -128.32 -66.83 -15.71
N LEU JA 226 -127.53 -67.57 -16.48
CA LEU JA 226 -127.73 -69.00 -16.67
C LEU JA 226 -126.57 -69.82 -16.13
N TYR JA 227 -125.34 -69.49 -16.50
CA TYR JA 227 -124.18 -70.24 -16.05
C TYR JA 227 -122.95 -69.35 -16.16
N THR JA 228 -122.03 -69.49 -15.20
CA THR JA 228 -120.81 -68.70 -15.16
C THR JA 228 -119.60 -69.62 -15.32
N LEU JA 229 -118.72 -69.27 -16.25
CA LEU JA 229 -117.49 -70.01 -16.48
C LEU JA 229 -116.31 -69.07 -16.30
N ASP JA 230 -115.27 -69.56 -15.64
CA ASP JA 230 -114.08 -68.78 -15.33
C ASP JA 230 -112.89 -69.31 -16.11
N GLY JA 231 -112.12 -68.40 -16.72
CA GLY JA 231 -110.93 -68.76 -17.45
C GLY JA 231 -109.65 -68.55 -16.65
N GLY JA 232 -108.53 -68.77 -17.33
CA GLY JA 232 -107.24 -68.58 -16.68
C GLY JA 232 -106.97 -67.12 -16.32
N ASP JA 233 -107.26 -66.21 -17.23
CA ASP JA 233 -107.07 -64.78 -17.00
C ASP JA 233 -108.14 -64.03 -17.79
N ILE JA 234 -107.90 -62.74 -18.02
CA ILE JA 234 -108.91 -61.90 -18.67
C ILE JA 234 -109.23 -62.41 -20.07
N ILE JA 235 -110.42 -62.05 -20.54
CA ILE JA 235 -110.94 -62.47 -21.84
C ILE JA 235 -111.03 -61.26 -22.74
N ASN JA 236 -110.43 -61.36 -23.93
CA ASN JA 236 -110.46 -60.28 -24.90
C ASN JA 236 -111.14 -60.65 -26.20
N ALA JA 237 -111.61 -61.90 -26.34
CA ALA JA 237 -112.31 -62.32 -27.54
C ALA JA 237 -113.26 -63.44 -27.19
N LEU JA 238 -114.30 -63.59 -28.01
CA LEU JA 238 -115.32 -64.61 -27.81
C LEU JA 238 -115.99 -64.92 -29.14
N CYS JA 239 -116.59 -66.10 -29.22
CA CYS JA 239 -117.35 -66.51 -30.40
C CYS JA 239 -118.15 -67.76 -30.03
N PHE JA 240 -119.01 -68.17 -30.95
CA PHE JA 240 -119.84 -69.36 -30.79
C PHE JA 240 -119.55 -70.34 -31.91
N SER JA 241 -119.60 -71.63 -31.58
CA SER JA 241 -119.41 -72.66 -32.59
C SER JA 241 -120.61 -72.69 -33.52
N PRO JA 242 -120.41 -72.62 -34.84
CA PRO JA 242 -121.56 -72.74 -35.74
C PRO JA 242 -122.06 -74.16 -35.87
N ASN JA 243 -121.15 -75.14 -35.97
CA ASN JA 243 -121.54 -76.54 -36.09
C ASN JA 243 -121.96 -77.15 -34.76
N ARG JA 244 -121.53 -76.56 -33.64
CA ARG JA 244 -121.80 -77.14 -32.33
C ARG JA 244 -122.40 -76.10 -31.40
N TYR JA 245 -122.50 -76.43 -30.12
CA TYR JA 245 -122.81 -75.45 -29.07
C TYR JA 245 -121.57 -75.10 -28.27
N TRP JA 246 -120.39 -75.41 -28.80
CA TRP JA 246 -119.13 -75.15 -28.13
C TRP JA 246 -118.90 -73.65 -27.99
N LEU JA 247 -118.23 -73.26 -26.91
CA LEU JA 247 -117.88 -71.87 -26.66
C LEU JA 247 -116.41 -71.79 -26.33
N CYS JA 248 -115.72 -70.80 -26.91
CA CYS JA 248 -114.30 -70.61 -26.67
C CYS JA 248 -113.99 -69.13 -26.58
N ALA JA 249 -112.92 -68.81 -25.85
CA ALA JA 249 -112.46 -67.44 -25.67
C ALA JA 249 -110.95 -67.40 -25.79
N ALA JA 250 -110.45 -66.25 -26.25
CA ALA JA 250 -109.02 -65.99 -26.29
C ALA JA 250 -108.58 -65.58 -24.88
N THR JA 251 -108.45 -66.59 -24.03
CA THR JA 251 -108.16 -66.36 -22.62
C THR JA 251 -106.71 -65.91 -22.44
N GLY JA 252 -106.49 -64.60 -22.43
CA GLY JA 252 -105.16 -64.04 -22.36
C GLY JA 252 -104.34 -64.43 -23.57
N PRO JA 253 -103.16 -65.01 -23.33
CA PRO JA 253 -102.33 -65.52 -24.43
C PRO JA 253 -102.63 -66.96 -24.83
N SER JA 254 -103.77 -67.51 -24.41
CA SER JA 254 -104.09 -68.91 -24.67
C SER JA 254 -105.57 -69.02 -25.02
N ILE JA 255 -105.94 -70.19 -25.54
CA ILE JA 255 -107.31 -70.48 -25.94
C ILE JA 255 -107.78 -71.71 -25.18
N LYS JA 256 -108.98 -71.61 -24.62
CA LYS JA 256 -109.61 -72.74 -23.93
C LYS JA 256 -111.01 -72.92 -24.49
N ILE JA 257 -111.22 -74.03 -25.19
CA ILE JA 257 -112.52 -74.38 -25.75
C ILE JA 257 -113.32 -75.13 -24.70
N TRP JA 258 -114.57 -74.71 -24.50
CA TRP JA 258 -115.43 -75.30 -23.48
C TRP JA 258 -116.69 -75.84 -24.12
N ASP JA 259 -117.22 -76.92 -23.53
CA ASP JA 259 -118.47 -77.51 -23.97
C ASP JA 259 -119.61 -76.93 -23.13
N LEU JA 260 -120.60 -76.35 -23.81
CA LEU JA 260 -121.75 -75.80 -23.10
C LEU JA 260 -122.56 -76.89 -22.42
N GLU JA 261 -122.71 -78.03 -23.08
CA GLU JA 261 -123.55 -79.10 -22.53
C GLU JA 261 -122.92 -79.75 -21.31
N GLY JA 262 -121.61 -80.00 -21.35
CA GLY JA 262 -120.96 -80.70 -20.26
C GLY JA 262 -120.28 -79.80 -19.25
N LYS JA 263 -120.13 -78.51 -19.58
CA LYS JA 263 -119.43 -77.54 -18.73
C LYS JA 263 -118.01 -78.00 -18.42
N ILE JA 264 -117.36 -78.60 -19.42
CA ILE JA 264 -115.99 -79.07 -19.29
C ILE JA 264 -115.11 -78.29 -20.26
N ILE JA 265 -113.80 -78.46 -20.11
CA ILE JA 265 -112.82 -77.84 -20.98
C ILE JA 265 -112.36 -78.88 -21.97
N VAL JA 266 -112.72 -78.68 -23.25
CA VAL JA 266 -112.39 -79.67 -24.27
C VAL JA 266 -110.88 -79.71 -24.52
N ASP JA 267 -110.26 -78.55 -24.68
CA ASP JA 267 -108.84 -78.49 -24.99
C ASP JA 267 -108.32 -77.10 -24.63
N GLU JA 268 -107.00 -77.01 -24.50
CA GLU JA 268 -106.31 -75.76 -24.23
C GLU JA 268 -105.25 -75.54 -25.29
N LEU JA 269 -105.24 -74.35 -25.89
CA LEU JA 269 -104.27 -74.00 -26.91
C LEU JA 269 -103.29 -72.99 -26.33
N LYS JA 270 -102.03 -73.39 -26.21
CA LYS JA 270 -100.98 -72.57 -25.59
C LYS JA 270 -99.93 -72.14 -26.61
N GLN JA 271 -100.23 -72.27 -27.91
CA GLN JA 271 -99.37 -71.97 -29.04
C GLN JA 271 -98.16 -72.90 -29.15
N GLU JA 272 -97.98 -73.82 -28.18
CA GLU JA 272 -96.81 -74.70 -28.13
C GLU JA 272 -95.50 -73.91 -28.16
N VAL JA 273 -95.53 -72.70 -27.63
CA VAL JA 273 -94.32 -71.87 -27.59
C VAL JA 273 -93.43 -72.34 -26.44
N ILE JA 274 -92.16 -72.57 -26.75
CA ILE JA 274 -91.24 -73.19 -25.80
C ILE JA 274 -89.95 -72.38 -25.68
N SER JA 275 -90.04 -71.08 -25.96
CA SER JA 275 -88.86 -70.22 -25.83
C SER JA 275 -88.38 -70.18 -24.38
N THR JA 276 -89.30 -70.10 -23.43
CA THR JA 276 -89.10 -70.19 -21.97
C THR JA 276 -87.84 -69.49 -21.47
N SER JA 277 -87.56 -68.30 -22.02
CA SER JA 277 -86.40 -67.53 -21.58
C SER JA 277 -86.60 -66.92 -20.19
N SER JA 278 -87.81 -67.01 -19.63
CA SER JA 278 -88.16 -66.41 -18.34
C SER JA 278 -87.98 -64.88 -18.39
N LYS JA 279 -88.19 -64.30 -19.56
CA LYS JA 279 -88.08 -62.86 -19.75
C LYS JA 279 -89.32 -62.23 -20.37
N ALA JA 280 -90.00 -62.94 -21.27
CA ALA JA 280 -91.15 -62.40 -21.97
C ALA JA 280 -92.29 -63.42 -21.92
N GLU JA 281 -93.48 -62.94 -21.56
CA GLU JA 281 -94.67 -63.78 -21.60
C GLU JA 281 -95.04 -64.09 -23.05
N PRO JA 282 -95.75 -65.18 -23.29
CA PRO JA 282 -96.11 -65.54 -24.66
C PRO JA 282 -97.03 -64.49 -25.26
N PRO JA 283 -97.03 -64.33 -26.59
CA PRO JA 283 -97.87 -63.31 -27.22
C PRO JA 283 -99.35 -63.54 -26.93
N GLN JA 284 -100.07 -62.44 -26.74
CA GLN JA 284 -101.45 -62.51 -26.31
C GLN JA 284 -102.37 -62.82 -27.48
N CYS JA 285 -103.31 -63.74 -27.24
CA CYS JA 285 -104.35 -64.02 -28.23
C CYS JA 285 -105.34 -62.87 -28.25
N THR JA 286 -105.61 -62.34 -29.43
CA THR JA 286 -106.42 -61.13 -29.57
C THR JA 286 -107.73 -61.38 -30.29
N SER JA 287 -107.70 -62.04 -31.44
CA SER JA 287 -108.90 -62.28 -32.23
C SER JA 287 -109.31 -63.74 -32.15
N LEU JA 288 -110.60 -63.97 -32.36
CA LEU JA 288 -111.17 -65.32 -32.37
C LEU JA 288 -112.24 -65.38 -33.45
N ALA JA 289 -112.13 -66.38 -34.33
CA ALA JA 289 -113.10 -66.54 -35.40
C ALA JA 289 -113.16 -68.01 -35.80
N TRP JA 290 -114.37 -68.56 -35.85
CA TRP JA 290 -114.57 -69.92 -36.29
C TRP JA 290 -114.57 -69.98 -37.82
N SER JA 291 -114.77 -71.17 -38.35
CA SER JA 291 -114.96 -71.34 -39.79
C SER JA 291 -116.44 -71.47 -40.10
N ALA JA 292 -116.75 -71.52 -41.41
CA ALA JA 292 -118.12 -71.74 -41.84
C ALA JA 292 -118.61 -73.11 -41.39
N ASP JA 293 -117.80 -74.15 -41.58
CA ASP JA 293 -118.13 -75.49 -41.12
C ASP JA 293 -117.77 -75.72 -39.66
N GLY JA 294 -116.96 -74.84 -39.07
CA GLY JA 294 -116.55 -74.98 -37.69
C GLY JA 294 -115.48 -76.04 -37.45
N GLN JA 295 -114.89 -76.58 -38.52
CA GLN JA 295 -113.85 -77.60 -38.36
C GLN JA 295 -112.47 -77.01 -38.15
N THR JA 296 -112.31 -75.70 -38.32
CA THR JA 296 -111.02 -75.08 -38.08
C THR JA 296 -111.23 -73.72 -37.43
N LEU JA 297 -110.25 -73.30 -36.62
CA LEU JA 297 -110.36 -72.10 -35.82
C LEU JA 297 -109.19 -71.17 -36.14
N PHE JA 298 -109.48 -69.87 -36.12
CA PHE JA 298 -108.51 -68.83 -36.43
C PHE JA 298 -108.36 -67.93 -35.22
N ALA JA 299 -107.11 -67.58 -34.88
CA ALA JA 299 -106.82 -66.82 -33.67
C ALA JA 299 -105.72 -65.81 -33.96
N GLY JA 300 -106.04 -64.52 -33.77
CA GLY JA 300 -105.04 -63.49 -33.92
C GLY JA 300 -104.13 -63.38 -32.72
N TYR JA 301 -102.93 -62.83 -32.96
CA TYR JA 301 -101.93 -62.74 -31.92
C TYR JA 301 -101.12 -61.45 -32.08
N THR JA 302 -100.46 -61.05 -31.00
CA THR JA 302 -99.70 -59.81 -30.96
C THR JA 302 -98.39 -59.89 -31.73
N ASP JA 303 -97.99 -61.08 -32.21
CA ASP JA 303 -96.73 -61.26 -32.91
C ASP JA 303 -96.84 -61.02 -34.40
N ASN JA 304 -97.79 -60.18 -34.83
CA ASN JA 304 -98.03 -59.86 -36.24
C ASN JA 304 -98.41 -61.10 -37.03
N LEU JA 305 -99.06 -62.06 -36.37
CA LEU JA 305 -99.28 -63.37 -36.95
C LEU JA 305 -100.59 -63.94 -36.46
N VAL JA 306 -101.21 -64.78 -37.29
CA VAL JA 306 -102.44 -65.48 -36.96
C VAL JA 306 -102.19 -66.98 -37.01
N ARG JA 307 -102.77 -67.68 -36.05
CA ARG JA 307 -102.62 -69.14 -35.93
C ARG JA 307 -103.93 -69.81 -36.31
N VAL JA 308 -103.85 -70.83 -37.16
CA VAL JA 308 -105.00 -71.63 -37.55
C VAL JA 308 -104.90 -72.98 -36.86
N TRP JA 309 -106.01 -73.44 -36.30
CA TRP JA 309 -106.08 -74.70 -35.57
C TRP JA 309 -107.11 -75.61 -36.21
N GLN JA 310 -106.84 -76.91 -36.16
CA GLN JA 310 -107.71 -77.91 -36.78
C GLN JA 310 -108.12 -78.96 -35.75
N VAL JA 311 -109.40 -79.32 -35.76
CA VAL JA 311 -109.86 -80.45 -34.96
C VAL JA 311 -109.36 -81.74 -35.59
N THR JA 312 -108.87 -82.65 -34.75
CA THR JA 312 -108.38 -83.93 -35.25
C THR JA 312 -109.54 -84.74 -35.81
N ILE JA 313 -109.38 -85.21 -37.05
CA ILE JA 313 -110.45 -85.92 -37.74
C ILE JA 313 -110.17 -87.41 -37.75
N ILE MA 1 73.03 4.16 93.24
CA ILE MA 1 71.61 4.11 93.60
C ILE MA 1 70.86 5.20 92.85
N MET MA 2 69.53 5.09 92.83
CA MET MA 2 68.68 6.02 92.08
C MET MA 2 68.56 7.32 92.86
N ASN MA 3 69.47 8.25 92.60
CA ASN MA 3 69.42 9.58 93.19
C ASN MA 3 68.78 10.55 92.20
N GLN MA 4 68.80 11.84 92.54
CA GLN MA 4 68.12 12.84 91.72
C GLN MA 4 68.70 12.92 90.32
N GLU MA 5 70.02 12.89 90.20
CA GLU MA 5 70.66 12.96 88.89
C GLU MA 5 70.37 11.72 88.06
N LYS MA 6 70.41 10.55 88.69
CA LYS MA 6 70.11 9.32 87.95
C LYS MA 6 68.65 9.29 87.51
N LEU MA 7 67.73 9.72 88.38
CA LEU MA 7 66.32 9.79 88.01
C LEU MA 7 66.08 10.85 86.94
N ALA MA 8 66.92 11.88 86.88
CA ALA MA 8 66.77 12.92 85.86
C ALA MA 8 67.06 12.37 84.47
N LYS MA 9 68.11 11.56 84.33
CA LYS MA 9 68.48 10.99 83.05
C LYS MA 9 67.78 9.67 82.75
N LEU MA 10 67.19 9.03 83.76
CA LEU MA 10 66.44 7.80 83.52
C LEU MA 10 65.19 8.07 82.69
N GLN MA 11 64.58 9.25 82.86
CA GLN MA 11 63.37 9.60 82.13
C GLN MA 11 63.60 9.60 80.62
N ALA MA 12 64.83 9.86 80.18
CA ALA MA 12 65.12 9.84 78.75
C ALA MA 12 65.15 8.41 78.22
N GLN MA 13 65.78 7.49 78.94
CA GLN MA 13 65.94 6.13 78.43
C GLN MA 13 64.63 5.36 78.47
N VAL MA 14 63.90 5.46 79.58
CA VAL MA 14 62.69 4.65 79.75
C VAL MA 14 61.59 5.09 78.79
N ARG MA 15 61.59 6.34 78.37
CA ARG MA 15 60.59 6.85 77.43
C ARG MA 15 61.10 6.64 76.01
N ILE MA 16 60.41 5.77 75.26
CA ILE MA 16 60.72 5.52 73.86
C ILE MA 16 59.65 6.04 72.94
N GLY MA 17 58.57 6.60 73.47
CA GLY MA 17 57.49 7.12 72.65
C GLY MA 17 56.57 7.99 73.48
N GLY MA 18 55.59 8.58 72.81
CA GLY MA 18 54.67 9.48 73.47
C GLY MA 18 53.63 8.78 74.31
N LYS MA 19 52.51 9.47 74.56
CA LYS MA 19 51.42 8.90 75.34
C LYS MA 19 50.82 7.69 74.64
N GLY MA 20 50.60 6.62 75.41
CA GLY MA 20 50.03 5.41 74.87
C GLY MA 20 51.04 4.36 74.43
N THR MA 21 52.32 4.69 74.40
CA THR MA 21 53.36 3.75 74.00
C THR MA 21 53.93 3.02 75.21
N ALA MA 22 54.40 1.80 74.97
CA ALA MA 22 55.02 1.02 76.03
C ALA MA 22 56.36 1.61 76.44
N ARG MA 23 56.71 1.44 77.71
CA ARG MA 23 57.95 1.97 78.24
C ARG MA 23 59.08 0.96 78.07
N ARG MA 24 60.30 1.48 77.92
CA ARG MA 24 61.48 0.63 77.82
C ARG MA 24 61.75 -0.03 79.17
N LYS MA 25 62.13 -1.31 79.13
CA LYS MA 25 62.34 -2.08 80.34
C LYS MA 25 63.81 -2.25 80.71
N LYS MA 26 64.67 -2.57 79.76
CA LYS MA 26 66.05 -2.89 80.07
C LYS MA 26 66.98 -2.32 79.01
N LYS MA 27 68.25 -2.14 79.42
CA LYS MA 27 69.31 -1.78 78.49
C LYS MA 27 70.62 -2.27 79.11
N VAL MA 28 71.09 -3.43 78.68
CA VAL MA 28 72.28 -4.06 79.25
C VAL MA 28 73.24 -4.43 78.12
N VAL MA 29 74.51 -4.09 78.28
CA VAL MA 29 75.57 -4.55 77.40
C VAL MA 29 76.45 -5.51 78.18
N HIS MA 30 76.76 -6.66 77.59
CA HIS MA 30 77.48 -7.71 78.29
C HIS MA 30 78.29 -8.51 77.29
N ARG MA 31 79.51 -8.88 77.70
CA ARG MA 31 80.41 -9.63 76.84
C ARG MA 31 80.76 -10.98 77.44
N GLY QA 1 31.40 -22.23 -2.08
CA GLY QA 1 32.83 -22.32 -1.88
C GLY QA 1 33.23 -23.01 -0.61
N ARG QA 2 32.39 -22.88 0.41
CA ARG QA 2 32.64 -23.47 1.72
C ARG QA 2 31.69 -24.63 1.96
N VAL QA 3 32.21 -25.70 2.56
CA VAL QA 3 31.41 -26.88 2.85
C VAL QA 3 30.29 -26.51 3.80
N ILE QA 4 29.05 -26.85 3.42
CA ILE QA 4 27.87 -26.43 4.17
C ILE QA 4 27.75 -27.26 5.44
N ARG QA 5 26.91 -26.79 6.36
CA ARG QA 5 26.62 -27.57 7.55
C ARG QA 5 25.86 -28.82 7.17
N GLY QA 6 26.12 -29.90 7.91
CA GLY QA 6 25.55 -31.20 7.58
C GLY QA 6 26.44 -31.97 6.65
N GLN QA 7 26.96 -31.29 5.63
CA GLN QA 7 28.01 -31.88 4.83
C GLN QA 7 29.26 -32.13 5.65
N ARG QA 8 29.50 -31.28 6.66
CA ARG QA 8 30.62 -31.43 7.56
C ARG QA 8 30.37 -32.52 8.61
N LYS QA 9 29.14 -33.00 8.74
CA LYS QA 9 28.83 -34.02 9.73
C LYS QA 9 29.42 -35.37 9.39
N GLY QA 10 29.77 -35.61 8.12
CA GLY QA 10 30.31 -36.89 7.73
C GLY QA 10 31.70 -37.17 8.25
N ALA QA 11 32.47 -36.12 8.54
CA ALA QA 11 33.82 -36.32 9.08
C ALA QA 11 33.76 -36.93 10.46
N GLY QA 12 32.81 -36.52 11.29
CA GLY QA 12 32.66 -37.06 12.62
C GLY QA 12 33.63 -36.51 13.65
N SER QA 13 34.31 -35.40 13.34
CA SER QA 13 35.27 -34.83 14.28
C SER QA 13 34.56 -34.30 15.52
N VAL QA 14 33.51 -33.50 15.32
CA VAL QA 14 32.74 -32.93 16.40
C VAL QA 14 31.38 -33.59 16.54
N PHE QA 15 30.75 -33.94 15.43
CA PHE QA 15 29.42 -34.52 15.44
C PHE QA 15 29.41 -36.00 15.80
N ARG QA 16 30.51 -36.54 16.32
CA ARG QA 16 30.52 -37.90 16.82
C ARG QA 16 29.64 -38.00 18.07
N ALA QA 17 28.97 -39.14 18.21
CA ALA QA 17 28.02 -39.30 19.30
C ALA QA 17 28.73 -39.35 20.65
N HIS QA 18 28.03 -38.87 21.68
CA HIS QA 18 28.55 -38.89 23.06
C HIS QA 18 28.19 -40.24 23.67
N VAL QA 19 29.17 -41.12 23.78
CA VAL QA 19 28.93 -42.48 24.27
C VAL QA 19 29.84 -42.77 25.44
N LYS QA 20 30.25 -41.73 26.16
CA LYS QA 20 31.11 -41.92 27.32
C LYS QA 20 30.37 -42.67 28.43
N HIS QA 21 29.19 -42.20 28.79
CA HIS QA 21 28.45 -42.75 29.91
C HIS QA 21 27.42 -43.79 29.51
N ARG QA 22 27.35 -44.14 28.22
CA ARG QA 22 26.37 -45.13 27.78
C ARG QA 22 26.75 -46.50 28.29
N LYS QA 23 25.73 -47.31 28.58
CA LYS QA 23 25.91 -48.56 29.30
C LYS QA 23 26.32 -49.72 28.41
N GLY QA 24 26.41 -49.52 27.09
CA GLY QA 24 26.78 -50.60 26.21
C GLY QA 24 25.76 -50.84 25.12
N ALA QA 25 26.13 -51.61 24.10
CA ALA QA 25 25.25 -51.88 22.98
C ALA QA 25 24.13 -52.80 23.43
N ALA QA 26 22.93 -52.23 23.63
CA ALA QA 26 21.78 -53.00 24.10
C ALA QA 26 21.31 -53.92 22.99
N ARG QA 27 21.63 -55.21 23.11
CA ARG QA 27 21.26 -56.20 22.11
C ARG QA 27 20.78 -57.45 22.81
N LEU QA 28 20.24 -58.38 22.02
CA LEU QA 28 19.89 -59.68 22.55
C LEU QA 28 21.17 -60.49 22.80
N ARG QA 29 21.00 -61.69 23.33
CA ARG QA 29 22.14 -62.60 23.49
C ARG QA 29 22.33 -63.40 22.22
N ALA QA 30 23.58 -63.77 21.96
CA ALA QA 30 23.92 -64.49 20.74
C ALA QA 30 23.23 -65.85 20.72
N VAL QA 31 22.67 -66.21 19.55
CA VAL QA 31 21.96 -67.47 19.42
C VAL QA 31 22.95 -68.62 19.51
N ASP QA 32 22.53 -69.71 20.14
CA ASP QA 32 23.38 -70.88 20.31
C ASP QA 32 22.51 -72.13 20.31
N PHE QA 33 23.09 -73.25 20.75
CA PHE QA 33 22.38 -74.52 20.74
C PHE QA 33 21.16 -74.48 21.65
N ALA QA 34 21.33 -73.97 22.87
CA ALA QA 34 20.24 -73.98 23.84
C ALA QA 34 19.08 -73.11 23.38
N GLU QA 35 19.39 -71.93 22.83
CA GLU QA 35 18.32 -71.03 22.40
C GLU QA 35 17.64 -71.53 21.13
N ARG QA 36 18.36 -72.28 20.30
CA ARG QA 36 17.77 -72.77 19.05
C ARG QA 36 16.82 -73.94 19.28
N HIS QA 37 17.15 -74.82 20.22
CA HIS QA 37 16.39 -76.05 20.41
C HIS QA 37 15.49 -76.02 21.65
N GLY QA 38 15.92 -75.38 22.72
CA GLY QA 38 15.12 -75.32 23.92
C GLY QA 38 14.89 -73.90 24.41
N TYR QA 39 14.85 -73.70 25.73
CA TYR QA 39 14.78 -72.38 26.31
C TYR QA 39 15.76 -72.29 27.47
N ILE QA 40 16.35 -71.10 27.63
CA ILE QA 40 17.28 -70.83 28.73
C ILE QA 40 16.66 -69.75 29.61
N LYS QA 41 16.64 -70.00 30.92
CA LYS QA 41 15.99 -69.14 31.88
C LYS QA 41 17.01 -68.23 32.54
N GLY QA 42 16.75 -66.92 32.52
CA GLY QA 42 17.60 -65.95 33.15
C GLY QA 42 16.82 -65.07 34.11
N ILE QA 43 17.56 -64.24 34.84
CA ILE QA 43 17.01 -63.37 35.87
C ILE QA 43 17.33 -61.92 35.53
N VAL QA 44 16.37 -61.04 35.77
CA VAL QA 44 16.55 -59.60 35.54
C VAL QA 44 17.13 -59.02 36.83
N LYS QA 45 18.44 -58.78 36.85
CA LYS QA 45 19.06 -58.23 38.05
C LYS QA 45 18.72 -56.77 38.26
N ASP QA 46 18.75 -55.97 37.19
CA ASP QA 46 18.54 -54.55 37.35
C ASP QA 46 17.98 -53.96 36.06
N ILE QA 47 17.26 -52.85 36.22
CA ILE QA 47 16.81 -52.01 35.12
C ILE QA 47 17.41 -50.64 35.33
N ILE QA 48 18.16 -50.15 34.34
CA ILE QA 48 18.91 -48.90 34.47
C ILE QA 48 18.59 -48.00 33.29
N HIS QA 49 18.91 -46.72 33.45
CA HIS QA 49 18.69 -45.73 32.41
C HIS QA 49 19.89 -45.70 31.48
N ASP QA 50 19.61 -45.60 30.18
CA ASP QA 50 20.67 -45.46 29.19
C ASP QA 50 20.72 -43.99 28.76
N PRO QA 51 21.82 -43.28 29.02
CA PRO QA 51 21.89 -41.87 28.63
C PRO QA 51 21.76 -41.70 27.13
N GLY QA 52 20.92 -40.73 26.73
CA GLY QA 52 20.63 -40.52 25.34
C GLY QA 52 19.58 -41.46 24.75
N ARG QA 53 18.97 -42.31 25.58
CA ARG QA 53 17.99 -43.27 25.10
C ARG QA 53 16.73 -43.16 25.95
N GLY QA 54 15.58 -43.02 25.30
CA GLY QA 54 14.33 -43.00 26.04
C GLY QA 54 14.02 -44.33 26.70
N ALA QA 55 14.21 -45.42 25.98
CA ALA QA 55 13.91 -46.74 26.50
C ALA QA 55 14.94 -47.15 27.55
N PRO QA 56 14.49 -47.79 28.63
CA PRO QA 56 15.43 -48.29 29.65
C PRO QA 56 16.15 -49.53 29.16
N LEU QA 57 17.12 -49.95 29.96
CA LEU QA 57 17.91 -51.15 29.68
C LEU QA 57 17.69 -52.18 30.77
N ALA QA 58 17.73 -53.45 30.39
CA ALA QA 58 17.49 -54.56 31.31
C ALA QA 58 18.79 -55.35 31.46
N LYS QA 59 19.38 -55.28 32.65
CA LYS QA 59 20.58 -56.05 32.94
C LYS QA 59 20.16 -57.46 33.36
N VAL QA 60 20.35 -58.43 32.46
CA VAL QA 60 19.86 -59.79 32.63
C VAL QA 60 21.05 -60.73 32.75
N VAL QA 61 20.95 -61.68 33.68
CA VAL QA 61 22.03 -62.63 33.96
C VAL QA 61 21.56 -64.02 33.55
N PHE QA 62 22.38 -64.70 32.75
CA PHE QA 62 22.14 -66.09 32.37
C PHE QA 62 23.29 -66.96 32.85
N ARG QA 63 23.20 -68.24 32.51
CA ARG QA 63 24.21 -69.22 32.86
C ARG QA 63 24.80 -69.81 31.59
N ASP QA 64 26.11 -69.86 31.51
CA ASP QA 64 26.76 -70.48 30.36
C ASP QA 64 26.56 -71.98 30.41
N PRO QA 65 25.94 -72.59 29.39
CA PRO QA 65 25.68 -74.04 29.43
C PRO QA 65 26.88 -74.90 29.09
N TYR QA 66 28.05 -74.32 28.87
CA TYR QA 66 29.24 -75.08 28.52
C TYR QA 66 30.35 -74.95 29.56
N ARG QA 67 30.54 -73.77 30.13
CA ARG QA 67 31.50 -73.57 31.20
C ARG QA 67 30.79 -72.93 32.38
N PHE QA 68 31.36 -73.13 33.57
CA PHE QA 68 30.78 -72.54 34.76
C PHE QA 68 31.04 -71.04 34.80
N LYS QA 69 30.11 -70.25 34.28
CA LYS QA 69 30.26 -68.80 34.28
C LYS QA 69 28.88 -68.16 34.22
N LYS QA 70 28.79 -66.95 34.73
CA LYS QA 70 27.54 -66.18 34.75
C LYS QA 70 27.61 -65.11 33.68
N ARG QA 71 26.91 -65.33 32.58
CA ARG QA 71 26.85 -64.36 31.50
C ARG QA 71 25.84 -63.28 31.84
N THR QA 72 26.21 -62.03 31.59
CA THR QA 72 25.33 -60.88 31.82
C THR QA 72 24.98 -60.26 30.48
N GLU QA 73 23.68 -60.11 30.22
CA GLU QA 73 23.20 -59.58 28.96
C GLU QA 73 22.43 -58.29 29.21
N LEU QA 74 22.51 -57.39 28.24
CA LEU QA 74 21.89 -56.06 28.32
C LEU QA 74 20.77 -56.02 27.29
N PHE QA 75 19.59 -56.46 27.68
CA PHE QA 75 18.44 -56.52 26.79
C PHE QA 75 17.81 -55.13 26.68
N ILE QA 76 16.62 -55.07 26.10
CA ILE QA 76 15.81 -53.86 26.03
C ILE QA 76 14.59 -54.06 26.89
N ALA QA 77 14.33 -53.11 27.80
CA ALA QA 77 13.29 -53.27 28.80
C ALA QA 77 11.91 -53.11 28.16
N ALA QA 78 11.24 -54.24 27.91
CA ALA QA 78 9.86 -54.19 27.50
C ALA QA 78 8.99 -53.79 28.68
N GLU QA 79 7.89 -53.07 28.37
CA GLU QA 79 7.04 -52.54 29.43
C GLU QA 79 6.37 -53.67 30.21
N GLY QA 80 6.39 -53.54 31.53
CA GLY QA 80 5.78 -54.50 32.42
C GLY QA 80 6.76 -55.44 33.10
N ILE QA 81 7.98 -55.56 32.59
CA ILE QA 81 8.95 -56.44 33.23
C ILE QA 81 9.54 -55.76 34.46
N HIS QA 82 10.11 -56.57 35.34
CA HIS QA 82 10.60 -56.07 36.61
C HIS QA 82 11.79 -56.90 37.06
N THR QA 83 12.53 -56.38 38.02
CA THR QA 83 13.67 -57.09 38.56
C THR QA 83 13.21 -58.31 39.37
N GLY QA 84 14.11 -59.29 39.47
CA GLY QA 84 13.78 -60.52 40.17
C GLY QA 84 12.74 -61.35 39.45
N GLN QA 85 12.60 -61.18 38.13
CA GLN QA 85 11.64 -61.90 37.33
C GLN QA 85 12.35 -62.79 36.34
N PHE QA 86 11.95 -64.06 36.30
CA PHE QA 86 12.55 -65.01 35.37
C PHE QA 86 12.15 -64.68 33.95
N VAL QA 87 13.14 -64.63 33.06
CA VAL QA 87 12.90 -64.47 31.64
C VAL QA 87 13.36 -65.72 30.92
N TYR QA 88 12.68 -66.05 29.84
CA TYR QA 88 12.94 -67.29 29.11
C TYR QA 88 13.18 -66.93 27.65
N CYS QA 89 14.34 -67.33 27.13
CA CYS QA 89 14.69 -67.10 25.73
C CYS QA 89 14.96 -68.43 25.05
N GLY QA 90 14.37 -68.62 23.88
CA GLY QA 90 14.61 -69.83 23.12
C GLY QA 90 13.38 -70.22 22.32
N LYS QA 91 13.53 -71.33 21.60
CA LYS QA 91 12.44 -71.81 20.75
C LYS QA 91 11.30 -72.38 21.59
N LYS QA 92 11.62 -73.06 22.68
CA LYS QA 92 10.61 -73.73 23.48
C LYS QA 92 10.00 -72.83 24.55
N ALA QA 93 10.30 -71.54 24.55
CA ALA QA 93 9.68 -70.62 25.48
C ALA QA 93 8.21 -70.41 25.13
N GLN QA 94 7.52 -69.62 25.94
CA GLN QA 94 6.10 -69.38 25.75
C GLN QA 94 5.80 -67.89 25.91
N LEU QA 95 4.58 -67.51 25.53
CA LEU QA 95 4.22 -66.10 25.41
C LEU QA 95 4.18 -65.44 26.78
N ASN QA 96 5.19 -64.64 27.08
CA ASN QA 96 5.17 -63.75 28.22
C ASN QA 96 5.95 -62.49 27.84
N ILE QA 97 5.63 -61.40 28.53
CA ILE QA 97 6.31 -60.14 28.23
C ILE QA 97 7.77 -60.25 28.62
N GLY QA 98 8.65 -59.97 27.66
CA GLY QA 98 10.08 -60.09 27.87
C GLY QA 98 10.69 -61.37 27.33
N ASN QA 99 9.87 -62.37 27.03
CA ASN QA 99 10.40 -63.61 26.47
C ASN QA 99 10.92 -63.39 25.07
N VAL QA 100 12.06 -64.01 24.76
CA VAL QA 100 12.69 -63.92 23.45
C VAL QA 100 12.52 -65.26 22.76
N LEU QA 101 11.93 -65.25 21.57
CA LEU QA 101 11.61 -66.49 20.88
C LEU QA 101 11.39 -66.19 19.41
N PRO QA 102 11.66 -67.15 18.53
CA PRO QA 102 11.55 -66.88 17.09
C PRO QA 102 10.12 -66.58 16.66
N VAL QA 103 10.00 -65.75 15.62
CA VAL QA 103 8.69 -65.34 15.12
C VAL QA 103 7.93 -66.50 14.51
N GLY QA 104 8.62 -67.57 14.08
CA GLY QA 104 7.93 -68.68 13.47
C GLY QA 104 6.94 -69.36 14.40
N THR QA 105 7.33 -69.55 15.66
CA THR QA 105 6.45 -70.19 16.62
C THR QA 105 5.43 -69.23 17.21
N MET QA 106 5.48 -67.96 16.85
CA MET QA 106 4.53 -66.99 17.38
C MET QA 106 3.15 -67.19 16.76
N PRO QA 107 2.09 -66.78 17.47
CA PRO QA 107 0.76 -66.75 16.86
C PRO QA 107 0.65 -65.69 15.78
N GLU QA 108 -0.52 -65.64 15.13
CA GLU QA 108 -0.70 -64.79 13.96
C GLU QA 108 -0.88 -63.31 14.32
N GLY QA 109 -1.21 -62.99 15.57
CA GLY QA 109 -1.54 -61.62 15.90
C GLY QA 109 -0.73 -61.03 17.04
N THR QA 110 0.42 -61.62 17.34
CA THR QA 110 1.25 -61.11 18.41
C THR QA 110 2.00 -59.85 17.96
N ILE QA 111 2.54 -59.13 18.93
CA ILE QA 111 3.35 -57.94 18.68
C ILE QA 111 4.64 -58.07 19.48
N VAL QA 112 5.75 -57.60 18.91
CA VAL QA 112 7.07 -57.85 19.44
C VAL QA 112 7.74 -56.53 19.79
N CYS QA 113 8.93 -56.64 20.39
CA CYS QA 113 9.68 -55.48 20.84
C CYS QA 113 10.99 -55.30 20.07
N CYS QA 114 11.87 -56.29 20.09
CA CYS QA 114 13.19 -56.18 19.46
C CYS QA 114 13.29 -57.29 18.43
N LEU QA 115 13.10 -56.93 17.16
CA LEU QA 115 12.99 -57.90 16.09
C LEU QA 115 14.29 -57.97 15.31
N GLU QA 116 14.73 -59.19 15.02
CA GLU QA 116 15.92 -59.40 14.18
C GLU QA 116 15.60 -59.03 12.75
N GLU QA 117 16.43 -58.16 12.16
CA GLU QA 117 16.31 -57.89 10.74
C GLU QA 117 16.68 -59.11 9.91
N LYS QA 118 17.71 -59.84 10.33
CA LYS QA 118 18.16 -61.04 9.66
C LYS QA 118 18.22 -62.19 10.66
N PRO QA 119 17.94 -63.41 10.22
CA PRO QA 119 17.97 -64.55 11.15
C PRO QA 119 19.40 -64.87 11.57
N GLY QA 120 19.67 -64.78 12.87
CA GLY QA 120 20.96 -65.11 13.45
C GLY QA 120 21.60 -63.97 14.21
N ASP QA 121 21.34 -62.74 13.80
CA ASP QA 121 21.95 -61.59 14.47
C ASP QA 121 21.17 -61.27 15.74
N ARG QA 122 21.48 -60.14 16.36
CA ARG QA 122 20.73 -59.65 17.50
C ARG QA 122 19.73 -58.59 17.03
N GLY QA 123 18.74 -58.32 17.88
CA GLY QA 123 17.57 -57.58 17.44
C GLY QA 123 17.91 -56.17 16.99
N LYS QA 124 17.17 -55.72 15.97
CA LYS QA 124 17.44 -54.42 15.37
C LYS QA 124 16.22 -53.56 15.12
N LEU QA 125 15.00 -54.05 15.31
CA LEU QA 125 13.80 -53.30 14.94
C LEU QA 125 12.98 -52.93 16.17
N ALA QA 126 12.34 -51.76 16.08
CA ALA QA 126 11.45 -51.24 17.13
C ALA QA 126 12.17 -51.12 18.47
N ARG QA 127 13.35 -50.50 18.44
CA ARG QA 127 14.15 -50.33 19.64
C ARG QA 127 13.97 -48.95 20.29
N ALA QA 128 13.10 -48.10 19.75
CA ALA QA 128 12.84 -46.80 20.33
C ALA QA 128 11.68 -46.88 21.30
N SER QA 129 11.69 -45.99 22.30
CA SER QA 129 10.72 -46.06 23.38
C SER QA 129 9.30 -45.82 22.87
N GLY QA 130 8.39 -46.73 23.23
CA GLY QA 130 7.01 -46.65 22.83
C GLY QA 130 6.65 -47.33 21.53
N ASN QA 131 7.65 -47.73 20.74
CA ASN QA 131 7.38 -48.36 19.46
C ASN QA 131 7.39 -49.87 19.58
N TYR QA 132 6.78 -50.54 18.61
CA TYR QA 132 6.71 -51.98 18.59
C TYR QA 132 6.44 -52.43 17.16
N ALA QA 133 6.68 -53.71 16.91
CA ALA QA 133 6.38 -54.34 15.63
C ALA QA 133 5.29 -55.39 15.82
N THR QA 134 4.57 -55.65 14.73
CA THR QA 134 3.43 -56.55 14.77
C THR QA 134 3.64 -57.68 13.78
N VAL QA 135 3.43 -58.91 14.25
CA VAL QA 135 3.50 -60.10 13.39
C VAL QA 135 2.17 -60.25 12.67
N ILE QA 136 2.23 -60.40 11.34
CA ILE QA 136 1.02 -60.45 10.55
C ILE QA 136 0.70 -61.89 10.18
N SER QA 137 1.60 -62.55 9.47
CA SER QA 137 1.31 -63.89 8.97
C SER QA 137 2.60 -64.61 8.64
N HIS QA 138 2.51 -65.92 8.55
CA HIS QA 138 3.61 -66.79 8.17
C HIS QA 138 3.21 -67.63 6.96
N ASN QA 139 4.15 -68.48 6.53
CA ASN QA 139 3.86 -69.56 5.61
C ASN QA 139 4.83 -70.67 5.98
N PRO QA 140 4.34 -71.90 6.18
CA PRO QA 140 5.26 -72.99 6.55
C PRO QA 140 6.37 -73.21 5.55
N GLU QA 141 6.09 -73.10 4.25
CA GLU QA 141 7.14 -73.18 3.27
C GLU QA 141 8.03 -71.94 3.33
N THR QA 142 9.30 -72.14 2.97
CA THR QA 142 10.36 -71.14 2.82
C THR QA 142 10.51 -70.21 4.02
N LYS QA 143 9.91 -70.56 5.15
CA LYS QA 143 10.15 -69.93 6.45
C LYS QA 143 9.92 -68.43 6.46
N LYS QA 144 9.19 -67.88 5.49
CA LYS QA 144 8.99 -66.44 5.43
C LYS QA 144 7.96 -66.00 6.46
N THR QA 145 8.10 -64.76 6.91
CA THR QA 145 7.20 -64.16 7.87
C THR QA 145 7.01 -62.70 7.54
N ARG QA 146 5.75 -62.26 7.43
CA ARG QA 146 5.43 -60.88 7.12
C ARG QA 146 5.05 -60.16 8.40
N VAL QA 147 5.68 -59.03 8.66
CA VAL QA 147 5.50 -58.28 9.90
C VAL QA 147 5.21 -56.82 9.57
N LYS QA 148 4.67 -56.12 10.56
CA LYS QA 148 4.34 -54.71 10.44
C LYS QA 148 5.24 -53.89 11.35
N LEU QA 149 6.07 -53.04 10.75
CA LEU QA 149 7.00 -52.20 11.47
C LEU QA 149 6.31 -50.93 11.95
N PRO QA 150 6.93 -50.21 12.90
CA PRO QA 150 6.32 -48.95 13.37
C PRO QA 150 6.04 -47.95 12.28
N SER QA 151 6.86 -47.90 11.24
CA SER QA 151 6.63 -46.95 10.14
C SER QA 151 5.41 -47.32 9.30
N GLY QA 152 4.83 -48.50 9.50
CA GLY QA 152 3.69 -48.94 8.72
C GLY QA 152 4.03 -49.86 7.57
N SER QA 153 5.30 -50.14 7.35
CA SER QA 153 5.71 -51.00 6.24
C SER QA 153 5.47 -52.47 6.58
N LYS QA 154 5.13 -53.25 5.56
CA LYS QA 154 5.04 -54.70 5.69
C LYS QA 154 6.33 -55.30 5.13
N LYS QA 155 7.08 -55.99 5.97
CA LYS QA 155 8.37 -56.56 5.60
C LYS QA 155 8.34 -58.06 5.76
N VAL QA 156 8.96 -58.77 4.81
CA VAL QA 156 9.03 -60.22 4.83
C VAL QA 156 10.38 -60.62 5.42
N ILE QA 157 10.35 -61.40 6.49
CA ILE QA 157 11.56 -61.87 7.16
C ILE QA 157 11.43 -63.38 7.38
N SER QA 158 12.54 -63.98 7.80
CA SER QA 158 12.57 -65.40 8.07
C SER QA 158 11.85 -65.71 9.37
N SER QA 159 11.36 -66.95 9.48
CA SER QA 159 10.68 -67.39 10.69
C SER QA 159 11.63 -67.62 11.85
N ALA QA 160 12.94 -67.60 11.60
CA ALA QA 160 13.93 -67.84 12.64
C ALA QA 160 14.37 -66.58 13.36
N ASN QA 161 13.88 -65.41 12.95
CA ASN QA 161 14.24 -64.16 13.59
C ASN QA 161 13.63 -64.10 14.99
N ARG QA 162 14.47 -64.16 16.02
CA ARG QA 162 13.95 -64.07 17.37
C ARG QA 162 13.47 -62.66 17.67
N ALA QA 163 12.57 -62.55 18.63
CA ALA QA 163 12.01 -61.25 19.00
C ALA QA 163 11.51 -61.31 20.44
N VAL QA 164 11.39 -60.13 21.04
CA VAL QA 164 10.96 -59.99 22.43
C VAL QA 164 9.46 -59.73 22.45
N VAL QA 165 8.73 -60.57 23.17
CA VAL QA 165 7.28 -60.44 23.24
C VAL QA 165 6.90 -59.26 24.11
N GLY QA 166 6.06 -58.38 23.59
CA GLY QA 166 5.60 -57.20 24.30
C GLY QA 166 6.08 -55.93 23.64
N VAL QA 167 5.69 -54.81 24.24
CA VAL QA 167 6.10 -53.50 23.77
C VAL QA 167 7.17 -52.95 24.70
N VAL QA 168 8.07 -52.15 24.13
CA VAL QA 168 9.15 -51.55 24.91
C VAL QA 168 8.56 -50.52 25.88
N ALA QA 169 9.23 -50.35 27.01
CA ALA QA 169 8.79 -49.39 28.00
C ALA QA 169 9.03 -47.97 27.51
N GLY QA 170 8.53 -47.00 28.28
CA GLY QA 170 8.65 -45.59 27.98
C GLY QA 170 7.35 -44.97 27.52
N GLY QA 171 6.60 -45.65 26.66
CA GLY QA 171 5.32 -45.16 26.22
C GLY QA 171 5.42 -43.84 25.49
N GLY QA 172 4.41 -42.99 25.71
CA GLY QA 172 4.34 -41.72 25.03
C GLY QA 172 5.32 -40.68 25.57
N ARG QA 173 6.60 -40.91 25.33
CA ARG QA 173 7.62 -39.96 25.78
C ARG QA 173 7.47 -38.62 25.09
N ILE QA 174 7.16 -38.63 23.78
CA ILE QA 174 7.06 -37.39 23.01
C ILE QA 174 5.81 -36.59 23.30
N ASP QA 175 4.91 -37.09 24.16
CA ASP QA 175 3.69 -36.36 24.46
C ASP QA 175 3.99 -35.08 25.23
N LYS QA 176 4.90 -35.14 26.19
CA LYS QA 176 5.21 -33.98 27.02
C LYS QA 176 5.97 -32.94 26.23
N PRO QA 177 5.48 -31.70 26.14
CA PRO QA 177 6.28 -30.65 25.50
C PRO QA 177 7.54 -30.37 26.31
N ILE QA 178 8.61 -30.00 25.60
CA ILE QA 178 9.88 -29.77 26.26
C ILE QA 178 9.83 -28.49 27.10
N LEU QA 179 9.20 -27.44 26.56
CA LEU QA 179 8.82 -26.22 27.27
C LEU QA 179 10.00 -25.31 27.62
N LYS QA 180 11.22 -25.76 27.39
CA LYS QA 180 12.39 -24.96 27.73
C LYS QA 180 13.53 -25.33 26.81
N ALA QA 181 14.26 -24.32 26.33
CA ALA QA 181 15.42 -24.59 25.50
C ALA QA 181 16.45 -25.42 26.25
N GLY QA 182 16.63 -25.16 27.54
CA GLY QA 182 17.60 -25.91 28.31
C GLY QA 182 17.28 -27.38 28.43
N ARG QA 183 15.99 -27.70 28.62
CA ARG QA 183 15.59 -29.10 28.66
C ARG QA 183 15.87 -29.78 27.32
N ALA QA 184 15.62 -29.07 26.22
CA ALA QA 184 16.06 -29.56 24.92
C ALA QA 184 17.58 -29.60 24.83
N TYR QA 185 18.24 -28.58 25.39
CA TYR QA 185 19.70 -28.53 25.38
C TYR QA 185 20.29 -29.72 26.12
N HIS QA 186 19.74 -30.04 27.28
CA HIS QA 186 20.21 -31.20 28.04
C HIS QA 186 19.91 -32.50 27.32
N LYS QA 187 18.77 -32.56 26.63
CA LYS QA 187 18.39 -33.78 25.94
C LYS QA 187 19.40 -34.13 24.85
N TYR QA 188 19.76 -33.15 24.02
CA TYR QA 188 20.70 -33.41 22.94
C TYR QA 188 22.14 -33.40 23.40
N LYS QA 189 22.43 -32.89 24.60
CA LYS QA 189 23.79 -32.94 25.12
C LYS QA 189 24.24 -34.37 25.32
N ALA QA 190 23.31 -35.28 25.62
CA ALA QA 190 23.62 -36.67 25.84
C ALA QA 190 23.56 -37.51 24.57
N LYS QA 191 23.29 -36.91 23.41
CA LYS QA 191 23.20 -37.64 22.16
C LYS QA 191 24.33 -37.29 21.19
N ARG QA 192 24.43 -36.02 20.80
CA ARG QA 192 25.41 -35.53 19.84
C ARG QA 192 25.23 -34.02 19.70
N ASN QA 193 26.21 -33.38 19.08
CA ASN QA 193 26.21 -31.92 18.90
C ASN QA 193 25.39 -31.59 17.65
N CYS QA 194 24.07 -31.59 17.81
CA CYS QA 194 23.18 -31.32 16.70
C CYS QA 194 21.98 -30.46 17.05
N TRP QA 195 21.88 -29.93 18.26
CA TRP QA 195 20.61 -29.32 18.64
C TRP QA 195 20.39 -27.94 18.05
N PRO QA 196 21.30 -26.94 18.23
CA PRO QA 196 21.01 -25.63 17.66
C PRO QA 196 21.10 -25.65 16.15
N ARG QA 197 19.95 -25.62 15.47
CA ARG QA 197 19.92 -25.72 14.02
C ARG QA 197 19.63 -24.34 13.44
N VAL QA 198 20.64 -23.75 12.81
CA VAL QA 198 20.49 -22.45 12.17
C VAL QA 198 19.75 -22.64 10.86
N ARG QA 199 18.73 -21.81 10.64
CA ARG QA 199 17.98 -21.87 9.39
C ARG QA 199 18.87 -21.50 8.22
N GLY QA 200 18.70 -22.21 7.10
CA GLY QA 200 19.56 -21.97 5.95
C GLY QA 200 19.39 -20.59 5.36
N VAL QA 201 18.17 -20.06 5.42
CA VAL QA 201 17.92 -18.74 4.86
C VAL QA 201 18.65 -17.66 5.65
N ALA QA 202 18.88 -17.87 6.94
CA ALA QA 202 19.56 -16.87 7.75
C ALA QA 202 21.04 -16.78 7.45
N MET QA 203 21.59 -17.78 6.76
CA MET QA 203 23.03 -17.82 6.50
C MET QA 203 23.39 -16.91 5.34
N ASN QA 204 24.69 -16.68 5.17
CA ASN QA 204 25.21 -16.04 3.98
C ASN QA 204 25.23 -17.04 2.83
N PRO QA 205 25.29 -16.58 1.57
CA PRO QA 205 25.23 -17.52 0.45
C PRO QA 205 26.38 -18.53 0.40
N VAL QA 206 27.50 -18.25 1.06
CA VAL QA 206 28.63 -19.15 0.95
C VAL QA 206 28.43 -20.41 1.79
N GLU QA 207 27.64 -20.32 2.87
CA GLU QA 207 27.48 -21.47 3.75
C GLU QA 207 26.30 -22.36 3.40
N HIS QA 208 25.48 -21.98 2.42
CA HIS QA 208 24.24 -22.72 2.17
C HIS QA 208 23.72 -22.35 0.80
N PRO QA 209 23.10 -23.29 0.09
CA PRO QA 209 22.43 -22.93 -1.17
C PRO QA 209 21.25 -21.98 -0.99
N PHE QA 210 20.72 -21.87 0.22
CA PHE QA 210 19.57 -21.02 0.48
C PHE QA 210 19.95 -19.67 1.08
N GLY QA 211 21.16 -19.54 1.62
CA GLY QA 211 21.52 -18.32 2.32
C GLY QA 211 21.67 -17.14 1.38
N GLY QA 212 21.46 -15.95 1.94
CA GLY QA 212 21.68 -14.71 1.24
C GLY QA 212 20.38 -14.02 0.88
N GLY QA 213 20.52 -12.94 0.11
CA GLY QA 213 19.39 -12.15 -0.32
C GLY QA 213 19.03 -11.06 0.67
N ASN QA 214 18.26 -10.09 0.18
CA ASN QA 214 17.78 -9.01 1.02
C ASN QA 214 16.62 -9.43 1.91
N HIS QA 215 16.03 -10.59 1.67
CA HIS QA 215 14.95 -11.12 2.50
C HIS QA 215 15.29 -12.55 2.88
N GLN QA 216 14.67 -13.02 3.97
CA GLN QA 216 14.83 -14.40 4.40
C GLN QA 216 13.88 -15.28 3.59
N HIS QA 217 14.22 -15.43 2.30
CA HIS QA 217 13.47 -16.25 1.38
C HIS QA 217 14.42 -17.20 0.67
N ILE QA 218 13.89 -18.36 0.30
CA ILE QA 218 14.72 -19.39 -0.33
C ILE QA 218 15.19 -18.93 -1.70
N GLY QA 219 14.27 -18.43 -2.52
CA GLY QA 219 14.60 -17.98 -3.86
C GLY QA 219 14.70 -19.07 -4.90
N LYS QA 220 14.66 -20.34 -4.49
CA LYS QA 220 14.72 -21.48 -5.38
C LYS QA 220 13.75 -22.53 -4.86
N PRO QA 221 13.31 -23.45 -5.71
CA PRO QA 221 12.39 -24.50 -5.23
C PRO QA 221 13.03 -25.34 -4.13
N SER QA 222 12.39 -25.36 -2.97
CA SER QA 222 12.96 -26.05 -1.82
C SER QA 222 13.02 -27.55 -2.04
N THR QA 223 12.07 -28.12 -2.78
CA THR QA 223 12.15 -29.52 -3.13
C THR QA 223 13.37 -29.77 -4.02
N ILE QA 224 14.12 -30.81 -3.70
CA ILE QA 224 15.34 -31.13 -4.43
C ILE QA 224 15.29 -32.60 -4.83
N ARG QA 225 15.98 -32.94 -5.91
CA ARG QA 225 15.90 -34.28 -6.46
C ARG QA 225 16.73 -35.25 -5.63
N ARG QA 226 16.57 -36.53 -5.96
CA ARG QA 226 17.24 -37.59 -5.19
C ARG QA 226 18.73 -37.62 -5.48
N ASP QA 227 19.13 -37.48 -6.74
CA ASP QA 227 20.52 -37.61 -7.15
C ASP QA 227 21.28 -36.29 -7.13
N ALA QA 228 20.87 -35.35 -6.29
CA ALA QA 228 21.57 -34.07 -6.21
C ALA QA 228 22.97 -34.25 -5.64
N PRO QA 229 23.93 -33.43 -6.06
CA PRO QA 229 25.29 -33.55 -5.54
C PRO QA 229 25.36 -33.20 -4.07
N ALA QA 230 26.36 -33.78 -3.40
CA ALA QA 230 26.59 -33.52 -1.99
C ALA QA 230 26.86 -32.03 -1.77
N GLY QA 231 26.30 -31.49 -0.69
CA GLY QA 231 26.36 -30.08 -0.44
C GLY QA 231 25.31 -29.26 -1.16
N ARG QA 232 24.44 -29.89 -1.92
CA ARG QA 232 23.36 -29.19 -2.62
C ARG QA 232 21.98 -29.62 -2.17
N LYS QA 233 21.76 -30.92 -1.95
CA LYS QA 233 20.43 -31.41 -1.57
C LYS QA 233 20.13 -30.98 -0.13
N VAL QA 234 19.34 -29.92 0.00
CA VAL QA 234 18.86 -29.43 1.28
C VAL QA 234 17.36 -29.22 1.17
N GLY QA 235 16.73 -29.00 2.32
CA GLY QA 235 15.28 -28.89 2.32
C GLY QA 235 14.63 -30.24 2.07
N LEU QA 236 13.53 -30.23 1.34
CA LEU QA 236 12.79 -31.44 1.05
C LEU QA 236 13.53 -32.26 0.01
N ILE QA 237 13.89 -33.48 0.37
CA ILE QA 237 14.70 -34.35 -0.49
C ILE QA 237 13.77 -35.39 -1.11
N ALA QA 238 13.66 -35.37 -2.45
CA ALA QA 238 12.84 -36.31 -3.21
C ALA QA 238 11.41 -36.34 -2.69
N ALA QA 239 10.86 -35.16 -2.44
CA ALA QA 239 9.53 -35.04 -1.85
C ALA QA 239 8.47 -35.53 -2.84
N ARG QA 240 7.79 -36.62 -2.48
CA ARG QA 240 6.70 -37.11 -3.31
C ARG QA 240 5.57 -36.11 -3.38
N ARG QA 241 5.24 -35.48 -2.25
CA ARG QA 241 4.28 -34.39 -2.21
C ARG QA 241 4.72 -33.41 -1.13
N THR QA 242 3.97 -32.34 -0.95
CA THR QA 242 4.33 -31.30 -0.01
C THR QA 242 3.08 -30.80 0.69
N GLY QA 243 3.22 -29.71 1.43
CA GLY QA 243 2.07 -28.99 1.95
C GLY QA 243 1.45 -29.52 3.23
N ARG QA 244 0.25 -30.05 3.13
CA ARG QA 244 -0.62 -30.25 4.29
C ARG QA 244 -1.11 -31.67 4.49
N LEU QA 245 -1.18 -32.49 3.44
CA LEU QA 245 -1.76 -33.84 3.50
C LEU QA 245 -3.21 -33.79 4.00
N ARG QA 246 -4.03 -33.13 3.19
CA ARG QA 246 -5.46 -33.01 3.46
C ARG QA 246 -6.18 -34.22 2.89
N GLY QA 247 -6.77 -35.03 3.77
CA GLY QA 247 -7.51 -36.19 3.32
C GLY QA 247 -7.26 -37.43 4.16
N THR QA 248 -6.04 -37.58 4.64
CA THR QA 248 -5.69 -38.74 5.45
C THR QA 248 -4.48 -38.47 6.34
N SER RA 1 27.12 32.84 3.49
CA SER RA 1 25.73 32.86 3.90
C SER RA 1 25.55 33.69 5.17
N HIS RA 2 24.48 34.49 5.20
CA HIS RA 2 24.23 35.33 6.35
C HIS RA 2 23.81 34.48 7.56
N ARG RA 3 23.97 35.06 8.74
CA ARG RA 3 23.48 34.41 9.94
C ARG RA 3 21.95 34.39 9.93
N LYS RA 4 21.39 33.36 10.58
CA LYS RA 4 19.94 33.17 10.52
C LYS RA 4 19.20 34.29 11.22
N PHE RA 5 19.60 34.62 12.45
CA PHE RA 5 18.96 35.68 13.21
C PHE RA 5 20.02 36.70 13.60
N SER RA 6 19.79 37.96 13.23
CA SER RA 6 20.73 39.02 13.54
C SER RA 6 20.59 39.41 15.01
N ALA RA 7 21.71 39.50 15.70
CA ALA RA 7 21.74 39.86 17.12
C ALA RA 7 22.75 40.97 17.32
N PRO RA 8 22.55 41.82 18.33
CA PRO RA 8 23.56 42.85 18.64
C PRO RA 8 24.88 42.22 19.02
N ARG RA 9 25.97 42.85 18.60
CA ARG RA 9 27.28 42.31 18.87
C ARG RA 9 27.63 42.44 20.34
N HIS RA 10 28.63 41.69 20.77
CA HIS RA 10 29.02 41.62 22.17
C HIS RA 10 30.22 42.52 22.41
N GLY RA 11 30.13 43.36 23.43
CA GLY RA 11 31.25 44.21 23.81
C GLY RA 11 31.38 45.44 22.95
N SER RA 12 31.59 46.60 23.59
CA SER RA 12 31.77 47.83 22.85
C SER RA 12 33.11 47.84 22.12
N LEU RA 13 33.13 48.49 20.97
CA LEU RA 13 34.35 48.68 20.20
C LEU RA 13 35.06 49.99 20.54
N GLY RA 14 34.56 50.72 21.54
CA GLY RA 14 35.18 51.95 21.97
C GLY RA 14 36.24 51.80 23.03
N PHE RA 15 36.51 50.56 23.47
CA PHE RA 15 37.53 50.29 24.47
C PHE RA 15 38.35 49.09 24.05
N LEU RA 16 38.60 48.96 22.74
CA LEU RA 16 39.22 47.76 22.20
C LEU RA 16 40.61 47.43 22.74
N PRO RA 17 41.55 48.39 22.90
CA PRO RA 17 42.84 48.00 23.48
C PRO RA 17 42.69 47.57 24.93
N ARG RA 18 42.11 46.38 25.13
CA ARG RA 18 41.76 45.88 26.45
C ARG RA 18 43.01 45.42 27.19
N LYS RA 19 43.91 46.36 27.49
CA LYS RA 19 45.19 46.07 28.09
C LYS RA 19 45.24 46.67 29.49
N ARG RA 20 46.27 46.29 30.24
CA ARG RA 20 46.51 46.94 31.51
C ARG RA 20 46.78 48.41 31.31
N SER RA 21 46.21 49.25 32.16
CA SER RA 21 46.42 50.68 32.06
C SER RA 21 47.89 51.01 32.29
N SER RA 22 48.45 51.82 31.38
CA SER RA 22 49.85 52.21 31.50
C SER RA 22 50.11 53.08 32.72
N ARG RA 23 49.08 53.74 33.25
CA ARG RA 23 49.20 54.56 34.44
C ARG RA 23 48.42 53.92 35.58
N HIS RA 24 48.69 54.40 36.78
CA HIS RA 24 47.91 54.01 37.96
C HIS RA 24 47.03 55.13 38.48
N ARG RA 25 47.44 56.39 38.31
CA ARG RA 25 46.64 57.51 38.78
C ARG RA 25 45.36 57.66 37.96
N GLY RA 26 45.49 57.66 36.64
CA GLY RA 26 44.37 57.96 35.78
C GLY RA 26 44.38 59.43 35.40
N LYS RA 27 44.79 59.73 34.17
CA LYS RA 27 44.98 61.10 33.74
C LYS RA 27 43.68 61.69 33.23
N VAL RA 28 43.61 63.03 33.27
CA VAL RA 28 42.35 63.72 33.05
C VAL RA 28 41.90 63.58 31.60
N LYS RA 29 42.82 63.82 30.66
CA LYS RA 29 42.65 63.65 29.22
C LYS RA 29 41.74 64.71 28.59
N SER RA 30 41.04 65.49 29.42
CA SER RA 30 40.20 66.58 28.92
C SER RA 30 39.80 67.51 30.05
N PHE RA 31 40.24 68.75 30.00
CA PHE RA 31 39.82 69.74 30.98
C PHE RA 31 38.69 70.58 30.42
N PRO RA 32 37.89 71.22 31.28
CA PRO RA 32 36.79 72.06 30.79
C PRO RA 32 37.29 73.18 29.89
N LYS RA 33 36.53 73.44 28.83
CA LYS RA 33 36.92 74.44 27.83
C LYS RA 33 36.82 75.83 28.45
N ASP RA 34 37.96 76.45 28.69
CA ASP RA 34 38.01 77.66 29.50
C ASP RA 34 37.36 78.84 28.80
N ASP RA 35 36.68 79.67 29.58
CA ASP RA 35 36.14 80.94 29.12
C ASP RA 35 36.62 82.05 30.03
N PRO RA 36 36.93 83.23 29.48
CA PRO RA 36 37.46 84.31 30.31
C PRO RA 36 36.42 85.01 31.18
N SER RA 37 35.13 84.72 30.99
CA SER RA 37 34.11 85.45 31.74
C SER RA 37 34.05 85.00 33.19
N LYS RA 38 34.16 83.70 33.43
CA LYS RA 38 34.02 83.17 34.78
C LYS RA 38 35.23 83.57 35.64
N PRO RA 39 35.06 83.64 36.95
CA PRO RA 39 36.20 83.90 37.84
C PRO RA 39 37.13 82.70 37.89
N VAL RA 40 38.28 82.92 38.55
CA VAL RA 40 39.31 81.88 38.61
C VAL RA 40 38.84 80.73 39.48
N HIS RA 41 38.91 79.52 38.94
CA HIS RA 41 38.51 78.32 39.67
C HIS RA 41 39.33 77.15 39.18
N LEU RA 42 39.36 76.09 39.97
CA LEU RA 42 40.05 74.86 39.62
C LEU RA 42 39.07 73.87 39.01
N THR RA 43 39.62 72.81 38.42
CA THR RA 43 38.83 71.87 37.65
C THR RA 43 38.92 70.44 38.11
N ALA RA 44 40.07 70.01 38.65
CA ALA RA 44 40.28 68.61 38.97
C ALA RA 44 40.74 68.48 40.42
N PHE RA 45 40.54 67.29 40.97
CA PHE RA 45 40.94 67.00 42.34
C PHE RA 45 41.07 65.49 42.48
N LEU RA 46 41.82 65.06 43.48
CA LEU RA 46 42.11 63.65 43.70
C LEU RA 46 41.44 63.14 44.95
N GLY RA 47 40.90 61.93 44.87
CA GLY RA 47 40.29 61.28 46.01
C GLY RA 47 40.65 59.81 46.05
N TYR RA 48 40.29 59.17 47.15
CA TYR RA 48 40.59 57.76 47.37
C TYR RA 48 39.31 57.05 47.78
N LYS RA 49 39.03 55.92 47.12
CA LYS RA 49 37.77 55.21 47.34
C LYS RA 49 37.82 54.47 48.67
N ALA RA 50 37.14 55.03 49.68
CA ALA RA 50 37.05 54.37 50.97
C ALA RA 50 36.10 53.20 50.94
N GLY RA 51 34.95 53.35 50.29
CA GLY RA 51 33.96 52.29 50.26
C GLY RA 51 32.62 52.79 49.77
N MET RA 52 31.57 52.13 50.21
CA MET RA 52 30.22 52.48 49.80
C MET RA 52 29.27 52.34 50.98
N THR RA 53 28.12 53.01 50.86
CA THR RA 53 27.02 52.91 51.81
C THR RA 53 25.78 53.43 51.11
N HIS RA 54 24.66 53.47 51.84
CA HIS RA 54 23.41 53.95 51.26
C HIS RA 54 22.77 54.94 52.22
N ILE RA 55 21.87 55.77 51.67
CA ILE RA 55 21.25 56.85 52.40
C ILE RA 55 19.75 56.81 52.18
N VAL RA 56 19.05 57.68 52.90
CA VAL RA 56 17.62 57.90 52.73
C VAL RA 56 17.40 59.39 52.55
N ARG RA 57 16.67 59.76 51.50
CA ARG RA 57 16.48 61.17 51.20
C ARG RA 57 15.12 61.40 50.57
N GLU RA 58 14.71 62.66 50.57
CA GLU RA 58 13.44 63.09 49.98
C GLU RA 58 13.66 63.44 48.53
N VAL RA 59 12.67 63.13 47.69
CA VAL RA 59 12.76 63.33 46.25
C VAL RA 59 11.90 64.52 45.85
N ASP RA 60 12.45 65.39 45.01
CA ASP RA 60 11.75 66.57 44.55
C ASP RA 60 11.60 66.57 43.02
N ARG RA 61 11.18 65.44 42.46
CA ARG RA 61 10.97 65.33 41.02
C ARG RA 61 9.48 65.31 40.73
N PRO RA 62 8.89 66.42 40.31
CA PRO RA 62 7.45 66.44 40.05
C PRO RA 62 7.06 65.54 38.89
N GLY RA 63 5.87 64.95 39.02
CA GLY RA 63 5.35 64.06 38.00
C GLY RA 63 5.82 62.63 38.09
N SER RA 64 6.72 62.32 39.01
CA SER RA 64 7.22 60.97 39.19
C SER RA 64 6.52 60.29 40.35
N LYS RA 65 6.58 58.96 40.36
CA LYS RA 65 5.94 58.20 41.42
C LYS RA 65 6.61 58.41 42.77
N VAL RA 66 7.90 58.75 42.78
CA VAL RA 66 8.63 58.96 44.02
C VAL RA 66 8.61 60.43 44.45
N ASN RA 67 7.78 61.24 43.82
CA ASN RA 67 7.70 62.66 44.19
C ASN RA 67 7.16 62.79 45.60
N LYS RA 68 7.84 63.60 46.41
CA LYS RA 68 7.48 63.84 47.81
C LYS RA 68 7.43 62.54 48.60
N LYS RA 69 8.38 61.64 48.32
CA LYS RA 69 8.43 60.33 48.95
C LYS RA 69 9.80 60.12 49.60
N GLU RA 70 10.04 58.88 50.03
CA GLU RA 70 11.30 58.47 50.62
C GLU RA 70 11.89 57.35 49.79
N VAL RA 71 13.16 57.49 49.41
CA VAL RA 71 13.86 56.47 48.65
C VAL RA 71 15.20 56.20 49.30
N VAL RA 72 15.80 55.07 48.94
CA VAL RA 72 17.16 54.73 49.33
C VAL RA 72 18.04 54.79 48.09
N GLU RA 73 19.29 55.23 48.28
CA GLU RA 73 20.22 55.35 47.18
C GLU RA 73 21.62 55.00 47.68
N ALA RA 74 22.30 54.14 46.95
CA ALA RA 74 23.67 53.77 47.27
C ALA RA 74 24.60 54.94 46.96
N VAL RA 75 25.52 55.23 47.88
CA VAL RA 75 26.47 56.32 47.71
C VAL RA 75 27.87 55.81 47.97
N THR RA 76 28.85 56.55 47.47
CA THR RA 76 30.25 56.19 47.58
C THR RA 76 30.97 57.27 48.37
N ILE RA 77 31.76 56.86 49.36
CA ILE RA 77 32.52 57.78 50.21
C ILE RA 77 33.95 57.80 49.70
N VAL RA 78 34.40 58.98 49.27
CA VAL RA 78 35.74 59.17 48.72
C VAL RA 78 36.47 60.19 49.58
N GLU RA 79 37.53 59.76 50.24
CA GLU RA 79 38.27 60.66 51.11
C GLU RA 79 39.06 61.65 50.26
N THR RA 80 38.94 62.94 50.59
CA THR RA 80 39.54 64.02 49.81
C THR RA 80 40.24 64.99 50.74
N PRO RA 81 41.44 64.67 51.20
CA PRO RA 81 42.20 65.64 51.98
C PRO RA 81 42.64 66.80 51.11
N PRO RA 82 42.85 67.98 51.68
CA PRO RA 82 43.24 69.14 50.87
C PRO RA 82 44.57 68.93 50.19
N MET RA 83 44.69 69.45 48.97
CA MET RA 83 45.89 69.35 48.18
C MET RA 83 46.90 70.43 48.55
N VAL RA 84 48.12 70.27 48.06
CA VAL RA 84 49.18 71.24 48.22
C VAL RA 84 49.82 71.50 46.85
N VAL RA 85 49.77 72.75 46.41
CA VAL RA 85 50.28 73.14 45.10
C VAL RA 85 51.78 73.40 45.22
N VAL RA 86 52.56 72.81 44.31
CA VAL RA 86 54.01 72.91 44.41
C VAL RA 86 54.63 73.43 43.13
N GLY RA 87 53.87 73.45 42.04
CA GLY RA 87 54.44 73.88 40.77
C GLY RA 87 53.39 74.40 39.82
N ILE RA 88 53.87 75.08 38.78
CA ILE RA 88 53.02 75.66 37.75
C ILE RA 88 53.62 75.33 36.39
N VAL RA 89 52.78 74.84 35.47
CA VAL RA 89 53.15 74.61 34.09
C VAL RA 89 52.22 75.39 33.18
N GLY RA 90 52.79 76.14 32.24
CA GLY RA 90 52.04 76.79 31.19
C GLY RA 90 52.27 76.10 29.86
N TYR RA 91 51.24 76.09 29.03
CA TYR RA 91 51.30 75.44 27.73
C TYR RA 91 51.16 76.47 26.62
N VAL RA 92 51.82 76.21 25.49
CA VAL RA 92 51.74 77.07 24.33
C VAL RA 92 51.07 76.28 23.21
N GLU RA 93 50.29 76.99 22.39
CA GLU RA 93 49.47 76.37 21.36
C GLU RA 93 50.24 76.35 20.05
N THR RA 94 50.89 75.24 19.77
CA THR RA 94 51.61 75.04 18.52
C THR RA 94 50.67 74.56 17.43
N PRO RA 95 51.05 74.72 16.16
CA PRO RA 95 50.29 74.05 15.10
C PRO RA 95 50.32 72.53 15.21
N ARG RA 96 51.30 71.98 15.90
CA ARG RA 96 51.30 70.56 16.23
C ARG RA 96 50.51 70.24 17.49
N GLY RA 97 49.97 71.24 18.16
CA GLY RA 97 49.19 71.02 19.35
C GLY RA 97 49.66 71.81 20.55
N LEU RA 98 49.91 71.12 21.66
CA LEU RA 98 50.37 71.73 22.90
C LEU RA 98 51.71 71.16 23.30
N ARG RA 99 52.55 71.99 23.89
CA ARG RA 99 53.82 71.56 24.44
C ARG RA 99 54.15 72.38 25.67
N THR RA 100 54.87 71.76 26.60
CA THR RA 100 55.21 72.40 27.86
C THR RA 100 56.19 73.54 27.62
N PHE RA 101 55.71 74.77 27.79
CA PHE RA 101 56.58 75.93 27.59
C PHE RA 101 57.66 76.00 28.66
N LYS RA 102 57.25 76.13 29.92
CA LYS RA 102 58.21 76.24 31.01
C LYS RA 102 57.51 75.85 32.30
N THR RA 103 58.29 75.27 33.23
CA THR RA 103 57.78 74.82 34.51
C THR RA 103 58.48 75.58 35.62
N VAL RA 104 57.70 76.12 36.55
CA VAL RA 104 58.22 76.77 37.75
C VAL RA 104 57.69 76.01 38.95
N PHE RA 105 58.60 75.54 39.79
CA PHE RA 105 58.25 74.87 41.03
C PHE RA 105 58.41 75.83 42.20
N ALA RA 106 57.95 75.38 43.37
CA ALA RA 106 57.99 76.18 44.57
C ALA RA 106 58.99 75.60 45.57
N GLU RA 107 59.41 76.44 46.51
CA GLU RA 107 60.32 76.01 47.55
C GLU RA 107 59.59 75.17 48.59
N HIS RA 108 60.37 74.51 49.44
CA HIS RA 108 59.87 73.75 50.59
C HIS RA 108 58.91 72.64 50.15
N ILE RA 109 59.43 71.75 49.29
CA ILE RA 109 58.65 70.61 48.86
C ILE RA 109 58.54 69.62 50.03
N SER RA 110 57.31 69.14 50.27
CA SER RA 110 57.10 68.19 51.35
C SER RA 110 57.85 66.90 51.08
N ASP RA 111 58.25 66.23 52.17
CA ASP RA 111 59.03 65.00 52.04
C ASP RA 111 58.22 63.91 51.34
N GLU RA 112 56.92 63.80 51.67
CA GLU RA 112 56.08 62.80 51.02
C GLU RA 112 55.90 63.11 49.53
N CYS RA 113 55.91 64.39 49.17
CA CYS RA 113 55.82 64.76 47.76
C CYS RA 113 57.10 64.39 47.02
N LYS RA 114 58.26 64.51 47.68
CA LYS RA 114 59.52 64.19 47.03
C LYS RA 114 59.65 62.71 46.74
N ARG RA 115 58.86 61.87 47.43
CA ARG RA 115 58.94 60.43 47.23
C ARG RA 115 58.51 60.01 45.83
N ARG RA 116 57.70 60.82 45.15
CA ARG RA 116 57.23 60.46 43.83
C ARG RA 116 58.38 60.35 42.84
N PHE RA 117 59.37 61.23 42.95
CA PHE RA 117 60.50 61.23 42.04
C PHE RA 117 61.48 60.09 42.30
N TYR RA 118 61.38 59.43 43.46
CA TYR RA 118 62.32 58.39 43.85
C TYR RA 118 61.61 57.04 43.83
N LYS RA 119 62.14 56.09 43.06
CA LYS RA 119 61.61 54.74 43.12
C LYS RA 119 62.05 54.03 44.39
N ASN RA 120 63.18 54.45 44.97
CA ASN RA 120 63.69 53.87 46.21
C ASN RA 120 64.02 55.03 47.15
N TRP RA 121 63.02 55.46 47.92
CA TRP RA 121 63.23 56.54 48.88
C TRP RA 121 64.19 56.12 49.99
N HIS RA 122 64.25 54.83 50.30
CA HIS RA 122 65.11 54.34 51.36
C HIS RA 122 66.58 54.58 51.04
N LYS RA 123 67.09 53.96 49.97
CA LYS RA 123 68.51 54.05 49.67
C LYS RA 123 68.91 55.42 49.13
N SER RA 124 67.94 56.24 48.72
CA SER RA 124 68.26 57.56 48.23
C SER RA 124 68.70 58.47 49.37
N LYS RA 125 69.45 59.51 49.02
CA LYS RA 125 69.91 60.51 49.97
C LYS RA 125 69.05 61.76 49.95
N LYS RA 126 67.88 61.69 49.31
CA LYS RA 126 66.89 62.78 49.30
C LYS RA 126 67.49 64.06 48.74
N LYS RA 127 67.89 64.00 47.47
CA LYS RA 127 68.65 65.07 46.85
C LYS RA 127 67.84 65.92 45.88
N ALA RA 128 66.61 65.52 45.56
CA ALA RA 128 65.83 66.22 44.55
C ALA RA 128 65.50 67.64 44.98
N PHE RA 129 65.58 68.56 44.01
CA PHE RA 129 65.18 69.97 44.18
C PHE RA 129 66.00 70.70 45.23
N THR RA 130 67.12 70.12 45.64
CA THR RA 130 67.97 70.78 46.62
C THR RA 130 68.70 71.98 46.02
N LYS RA 131 69.22 71.83 44.80
CA LYS RA 131 69.86 72.95 44.14
C LYS RA 131 68.87 73.85 43.42
N TYR RA 132 67.73 73.31 43.00
CA TYR RA 132 66.71 74.13 42.36
C TYR RA 132 66.15 75.16 43.31
N CYS RA 133 65.87 74.77 44.55
CA CYS RA 133 65.28 75.69 45.52
C CYS RA 133 66.26 76.77 45.95
N LYS RA 134 67.56 76.57 45.72
CA LYS RA 134 68.56 77.58 46.07
C LYS RA 134 68.44 78.84 45.24
N LYS RA 135 67.71 78.80 44.12
CA LYS RA 135 67.48 79.99 43.32
C LYS RA 135 66.32 80.84 43.83
N TRP RA 136 65.58 80.35 44.82
CA TRP RA 136 64.48 81.12 45.40
C TRP RA 136 64.94 82.22 46.34
N GLN RA 137 66.23 82.27 46.68
CA GLN RA 137 66.74 83.25 47.63
C GLN RA 137 67.85 84.13 47.10
N ASP RA 138 68.55 83.72 46.05
CA ASP RA 138 69.65 84.52 45.54
C ASP RA 138 69.15 85.63 44.62
N GLU RA 139 70.04 86.57 44.33
CA GLU RA 139 69.70 87.68 43.44
C GLU RA 139 69.38 87.19 42.04
N ASP RA 140 70.17 86.22 41.54
CA ASP RA 140 70.03 85.81 40.14
C ASP RA 140 68.78 84.97 39.93
N GLY RA 141 68.49 84.04 40.84
CA GLY RA 141 67.36 83.15 40.64
C GLY RA 141 66.03 83.86 40.65
N LYS RA 142 65.81 84.75 41.63
CA LYS RA 142 64.56 85.48 41.70
C LYS RA 142 64.37 86.38 40.49
N LYS RA 143 65.45 86.99 40.01
CA LYS RA 143 65.39 87.75 38.77
C LYS RA 143 65.03 86.84 37.59
N GLN RA 144 65.60 85.63 37.58
CA GLN RA 144 65.29 84.68 36.52
C GLN RA 144 63.84 84.24 36.55
N LEU RA 145 63.30 84.01 37.76
CA LEU RA 145 61.94 83.49 37.89
C LEU RA 145 60.91 84.48 37.37
N GLU RA 146 61.11 85.77 37.62
CA GLU RA 146 60.16 86.78 37.14
C GLU RA 146 60.10 86.81 35.62
N LYS RA 147 61.24 86.59 34.96
CA LYS RA 147 61.24 86.51 33.50
C LYS RA 147 60.42 85.33 33.02
N ASP RA 148 60.54 84.19 33.70
CA ASP RA 148 59.73 83.03 33.34
C ASP RA 148 58.25 83.30 33.55
N PHE RA 149 57.89 84.01 34.61
CA PHE RA 149 56.49 84.35 34.85
C PHE RA 149 55.95 85.25 33.74
N SER RA 150 56.69 86.32 33.42
CA SER RA 150 56.24 87.24 32.38
C SER RA 150 56.24 86.58 31.01
N SER RA 151 57.22 85.70 30.74
CA SER RA 151 57.21 84.96 29.47
C SER RA 151 55.98 84.06 29.40
N MET RA 152 55.67 83.37 30.50
CA MET RA 152 54.42 82.61 30.54
C MET RA 152 53.21 83.52 30.44
N LYS RA 153 53.35 84.77 30.88
CA LYS RA 153 52.21 85.70 30.84
C LYS RA 153 51.94 86.20 29.43
N LYS RA 154 52.96 86.23 28.58
CA LYS RA 154 52.80 86.78 27.23
C LYS RA 154 52.79 85.72 26.14
N TYR RA 155 53.10 84.47 26.45
CA TYR RA 155 53.19 83.43 25.43
C TYR RA 155 52.19 82.30 25.63
N CYS RA 156 52.05 81.80 26.86
CA CYS RA 156 51.20 80.64 27.10
C CYS RA 156 49.73 80.99 26.95
N GLN RA 157 48.93 79.96 26.70
CA GLN RA 157 47.48 80.11 26.61
C GLN RA 157 46.75 79.49 27.78
N VAL RA 158 47.25 78.39 28.35
CA VAL RA 158 46.68 77.77 29.52
C VAL RA 158 47.80 77.47 30.50
N ILE RA 159 47.49 77.61 31.79
CA ILE RA 159 48.44 77.28 32.84
C ILE RA 159 47.82 76.19 33.72
N ARG RA 160 48.68 75.36 34.29
CA ARG RA 160 48.25 74.27 35.15
C ARG RA 160 49.11 74.26 36.40
N VAL RA 161 48.53 73.76 37.49
CA VAL RA 161 49.21 73.69 38.78
C VAL RA 161 49.42 72.22 39.15
N ILE RA 162 50.59 71.93 39.69
CA ILE RA 162 50.88 70.57 40.16
C ILE RA 162 50.58 70.51 41.65
N ALA RA 163 49.82 69.49 42.05
CA ALA RA 163 49.44 69.33 43.44
C ALA RA 163 49.67 67.89 43.88
N HIS RA 164 50.03 67.71 45.14
CA HIS RA 164 50.25 66.41 45.73
C HIS RA 164 49.33 66.22 46.93
N THR RA 165 48.75 65.03 47.03
CA THR RA 165 47.89 64.72 48.16
C THR RA 165 48.72 64.35 49.38
N GLN RA 166 48.32 64.88 50.53
CA GLN RA 166 49.03 64.64 51.79
C GLN RA 166 48.74 63.23 52.25
N MET RA 167 49.67 62.32 51.96
CA MET RA 167 49.46 60.91 52.29
C MET RA 167 49.59 60.62 53.78
N ARG RA 168 50.26 61.49 54.53
CA ARG RA 168 50.38 61.27 55.97
C ARG RA 168 49.04 61.34 56.68
N LEU RA 169 48.09 62.11 56.14
CA LEU RA 169 46.76 62.16 56.72
C LEU RA 169 45.97 60.89 56.48
N LEU RA 170 46.42 60.04 55.58
CA LEU RA 170 45.65 58.88 55.16
C LEU RA 170 46.15 57.62 55.86
N PRO RA 171 45.26 56.67 56.16
CA PRO RA 171 45.64 55.47 56.89
C PRO RA 171 46.23 54.36 56.03
N LEU RA 172 46.59 54.65 54.78
CA LEU RA 172 47.07 53.61 53.90
C LEU RA 172 48.54 53.30 54.19
N ARG RA 173 48.95 52.10 53.78
CA ARG RA 173 50.36 51.72 53.88
C ARG RA 173 51.23 52.60 53.01
N GLN RA 174 50.70 53.08 51.89
CA GLN RA 174 51.43 53.96 51.01
C GLN RA 174 51.71 55.30 51.68
N LYS RA 175 52.96 55.74 51.60
CA LYS RA 175 53.35 57.06 52.07
C LYS RA 175 53.79 57.98 50.94
N LYS RA 176 53.64 57.54 49.69
CA LYS RA 176 54.11 58.29 48.54
C LYS RA 176 52.98 59.13 47.98
N ALA RA 177 53.22 60.43 47.85
CA ALA RA 177 52.19 61.35 47.38
C ALA RA 177 51.93 61.13 45.89
N HIS RA 178 50.76 61.60 45.45
CA HIS RA 178 50.33 61.50 44.06
C HIS RA 178 50.34 62.88 43.44
N LEU RA 179 51.06 63.03 42.33
CA LEU RA 179 51.18 64.31 41.65
C LEU RA 179 50.27 64.33 40.42
N MET RA 180 49.65 65.49 40.17
CA MET RA 180 48.75 65.62 39.04
C MET RA 180 48.72 67.07 38.58
N GLU RA 181 48.72 67.26 37.27
CA GLU RA 181 48.52 68.58 36.70
C GLU RA 181 47.03 68.93 36.74
N ILE RA 182 46.72 70.12 37.21
CA ILE RA 182 45.34 70.60 37.30
C ILE RA 182 45.25 71.91 36.54
N GLN RA 183 44.37 71.96 35.54
CA GLN RA 183 44.21 73.17 34.74
C GLN RA 183 43.54 74.26 35.58
N VAL RA 184 43.96 75.51 35.35
CA VAL RA 184 43.38 76.66 36.00
C VAL RA 184 42.53 77.39 34.96
N ASN RA 185 41.25 77.55 35.26
CA ASN RA 185 40.28 78.08 34.31
C ASN RA 185 39.71 79.41 34.80
N GLY RA 186 38.97 80.06 33.92
CA GLY RA 186 38.20 81.23 34.29
C GLY RA 186 38.98 82.51 34.48
N GLY RA 187 39.52 83.06 33.41
CA GLY RA 187 40.12 84.39 33.49
C GLY RA 187 41.24 84.54 32.47
N THR RA 188 41.82 85.72 32.47
CA THR RA 188 42.96 86.01 31.63
C THR RA 188 44.18 85.24 32.14
N VAL RA 189 45.16 85.07 31.24
CA VAL RA 189 46.38 84.34 31.60
C VAL RA 189 47.12 85.06 32.71
N ALA RA 190 47.12 86.40 32.69
CA ALA RA 190 47.78 87.16 33.74
C ALA RA 190 47.10 86.96 35.09
N GLU RA 191 45.77 87.01 35.12
CA GLU RA 191 45.06 86.90 36.38
C GLU RA 191 45.20 85.52 37.00
N LYS RA 192 45.07 84.46 36.20
CA LYS RA 192 45.22 83.12 36.74
C LYS RA 192 46.65 82.85 37.18
N LEU RA 193 47.63 83.45 36.50
CA LEU RA 193 49.01 83.33 36.96
C LEU RA 193 49.20 83.98 38.32
N ASP RA 194 48.61 85.16 38.52
CA ASP RA 194 48.70 85.84 39.81
C ASP RA 194 48.00 85.03 40.89
N TRP RA 195 46.86 84.43 40.57
CA TRP RA 195 46.16 83.60 41.55
C TRP RA 195 46.94 82.33 41.85
N ALA RA 196 47.49 81.69 40.83
CA ALA RA 196 48.30 80.50 41.07
C ALA RA 196 49.55 80.83 41.87
N ARG RA 197 50.10 82.03 41.68
CA ARG RA 197 51.23 82.47 42.47
C ARG RA 197 50.85 82.60 43.94
N GLU RA 198 49.67 83.14 44.23
CA GLU RA 198 49.28 83.38 45.61
C GLU RA 198 48.86 82.11 46.34
N ARG RA 199 48.61 81.01 45.61
CA ARG RA 199 48.25 79.75 46.24
C ARG RA 199 49.40 78.75 46.25
N LEU RA 200 50.62 79.19 45.95
CA LEU RA 200 51.77 78.31 46.07
C LEU RA 200 52.02 77.97 47.53
N GLU RA 201 52.38 76.71 47.79
CA GLU RA 201 52.66 76.21 49.14
C GLU RA 201 51.45 76.34 50.05
N GLN RA 202 50.25 76.34 49.47
CA GLN RA 202 49.01 76.48 50.22
C GLN RA 202 48.22 75.19 50.17
N GLN RA 203 47.23 75.09 51.06
CA GLN RA 203 46.36 73.94 51.15
C GLN RA 203 45.02 74.28 50.49
N VAL RA 204 44.61 73.46 49.53
CA VAL RA 204 43.38 73.72 48.77
C VAL RA 204 42.31 72.74 49.20
N PRO RA 205 41.34 73.15 50.01
CA PRO RA 205 40.26 72.25 50.37
C PRO RA 205 39.32 71.99 49.20
N VAL RA 206 38.63 70.86 49.28
CA VAL RA 206 37.71 70.47 48.22
C VAL RA 206 36.52 71.42 48.11
N ASN RA 207 36.21 72.15 49.18
CA ASN RA 207 35.11 73.12 49.13
C ASN RA 207 35.39 74.24 48.15
N GLN RA 208 36.65 74.63 47.98
CA GLN RA 208 37.02 75.63 47.00
C GLN RA 208 37.10 75.07 45.59
N VAL RA 209 36.94 73.76 45.42
CA VAL RA 209 36.98 73.11 44.12
C VAL RA 209 35.59 72.75 43.63
N PHE RA 210 34.81 72.05 44.45
CA PHE RA 210 33.48 71.61 44.09
C PHE RA 210 32.45 72.24 45.02
N GLY RA 211 31.20 71.82 44.85
CA GLY RA 211 30.11 72.34 45.65
C GLY RA 211 29.04 71.29 45.93
N GLN RA 212 27.89 71.75 46.43
CA GLN RA 212 26.80 70.85 46.78
C GLN RA 212 25.91 70.58 45.57
N ASP RA 213 25.44 69.34 45.49
CA ASP RA 213 24.51 68.84 44.45
C ASP RA 213 24.84 69.35 43.05
N GLU RA 214 26.04 68.98 42.59
CA GLU RA 214 26.46 69.24 41.23
C GLU RA 214 26.97 67.95 40.60
N MET RA 215 26.93 67.90 39.28
CA MET RA 215 27.35 66.72 38.54
C MET RA 215 28.81 66.84 38.15
N ILE RA 216 29.60 65.80 38.44
CA ILE RA 216 31.00 65.75 38.09
C ILE RA 216 31.29 64.42 37.40
N ASP RA 217 32.51 64.29 36.91
CA ASP RA 217 32.98 63.07 36.27
C ASP RA 217 34.12 62.47 37.09
N VAL RA 218 34.23 61.14 37.04
CA VAL RA 218 35.22 60.40 37.81
C VAL RA 218 36.12 59.66 36.83
N ILE RA 219 37.43 59.79 37.04
CA ILE RA 219 38.44 59.16 36.19
C ILE RA 219 39.28 58.23 37.06
N GLY RA 220 39.43 57.00 36.63
CA GLY RA 220 40.20 56.05 37.41
C GLY RA 220 40.42 54.76 36.65
N VAL RA 221 41.02 53.79 37.34
CA VAL RA 221 41.32 52.48 36.78
C VAL RA 221 40.46 51.44 37.49
N THR RA 222 39.77 50.61 36.73
CA THR RA 222 38.87 49.62 37.30
C THR RA 222 39.64 48.56 38.07
N LYS RA 223 38.90 47.65 38.71
CA LYS RA 223 39.52 46.58 39.46
C LYS RA 223 40.22 45.61 38.52
N GLY RA 224 41.45 45.24 38.87
CA GLY RA 224 42.14 44.23 38.10
C GLY RA 224 41.51 42.86 38.33
N LYS RA 225 41.42 42.09 37.25
CA LYS RA 225 40.90 40.73 37.32
C LYS RA 225 41.84 39.71 36.71
N GLY RA 226 42.96 40.13 36.11
CA GLY RA 226 43.89 39.19 35.55
C GLY RA 226 43.40 38.57 34.25
N TYR RA 227 44.01 37.45 33.91
CA TYR RA 227 43.63 36.71 32.71
C TYR RA 227 42.25 36.13 32.90
N LYS RA 228 41.39 36.29 31.88
CA LYS RA 228 40.01 35.84 31.98
C LYS RA 228 39.56 35.25 30.66
N GLY RA 229 38.57 34.37 30.73
CA GLY RA 229 38.02 33.77 29.53
C GLY RA 229 37.10 34.71 28.78
N VAL RA 230 36.81 34.32 27.55
CA VAL RA 230 35.96 35.15 26.69
C VAL RA 230 34.54 35.24 27.25
N THR RA 231 34.11 34.23 28.00
CA THR RA 231 32.77 34.26 28.60
C THR RA 231 32.65 35.37 29.63
N SER RA 232 33.74 35.71 30.32
CA SER RA 232 33.75 36.80 31.27
C SER RA 232 34.35 38.08 30.69
N ARG RA 233 35.34 37.96 29.82
CA ARG RA 233 35.96 39.16 29.25
C ARG RA 233 35.01 39.88 28.29
N TRP RA 234 34.16 39.13 27.59
CA TRP RA 234 33.30 39.72 26.59
C TRP RA 234 31.83 39.36 26.75
N HIS RA 235 31.48 38.57 27.77
CA HIS RA 235 30.09 38.20 28.07
C HIS RA 235 29.42 37.52 26.88
N THR RA 236 30.14 36.60 26.24
CA THR RA 236 29.59 35.86 25.12
C THR RA 236 28.74 34.69 25.62
N LYS RA 237 28.02 34.07 24.69
CA LYS RA 237 27.14 32.96 25.04
C LYS RA 237 27.94 31.69 25.28
N LYS RA 238 27.58 30.96 26.33
CA LYS RA 238 28.22 29.70 26.63
C LYS RA 238 27.82 28.63 25.63
N LEU RA 239 28.69 27.64 25.46
CA LEU RA 239 28.43 26.51 24.60
C LEU RA 239 27.76 25.39 25.39
N PRO RA 240 27.05 24.48 24.72
CA PRO RA 240 26.32 23.44 25.44
C PRO RA 240 27.26 22.44 26.11
N ARG RA 241 26.66 21.60 26.97
CA ARG RA 241 27.42 20.61 27.72
C ARG RA 241 28.06 19.57 26.80
N LYS RA 242 27.39 19.23 25.70
CA LYS RA 242 27.88 18.18 24.80
C LYS RA 242 29.12 18.59 24.01
N THR RA 243 29.68 19.77 24.25
CA THR RA 243 30.86 20.20 23.50
C THR RA 243 32.08 19.39 23.91
N HIS RA 244 32.93 19.08 22.94
CA HIS RA 244 34.08 18.22 23.19
C HIS RA 244 35.26 19.02 23.75
N ARG RA 245 35.67 20.08 23.05
CA ARG RA 245 36.84 20.85 23.44
C ARG RA 245 36.52 21.95 24.44
N GLY RA 246 35.44 21.83 25.19
CA GLY RA 246 35.14 22.81 26.21
C GLY RA 246 34.07 23.79 25.76
N LEU RA 247 33.34 24.34 26.74
CA LEU RA 247 32.15 25.13 26.47
C LEU RA 247 32.30 26.60 26.79
N ARG RA 248 33.34 27.02 27.49
CA ARG RA 248 33.56 28.43 27.80
C ARG RA 248 34.50 29.07 26.78
N LYS RA 249 34.10 29.01 25.51
CA LYS RA 249 34.91 29.54 24.42
C LYS RA 249 33.99 30.21 23.40
N VAL RA 250 34.57 30.55 22.25
CA VAL RA 250 33.83 31.14 21.13
C VAL RA 250 33.94 30.17 19.96
N ALA RA 251 32.79 29.80 19.39
CA ALA RA 251 32.76 28.70 18.44
C ALA RA 251 33.43 29.08 17.11
N CYS RA 252 33.09 30.25 16.56
CA CYS RA 252 33.63 30.69 15.29
C CYS RA 252 34.32 32.04 15.48
N ILE RA 253 35.57 32.13 15.06
CA ILE RA 253 36.35 33.35 15.22
C ILE RA 253 36.63 34.01 13.88
N GLY RA 254 35.87 33.66 12.85
CA GLY RA 254 36.02 34.28 11.55
C GLY RA 254 35.72 33.30 10.43
N ALA RA 255 35.47 33.86 9.26
CA ALA RA 255 35.16 33.07 8.08
C ALA RA 255 36.44 32.55 7.44
N TRP RA 256 36.30 31.85 6.32
CA TRP RA 256 37.47 31.42 5.56
C TRP RA 256 38.20 32.62 4.97
N HIS RA 257 37.46 33.63 4.54
CA HIS RA 257 38.06 34.87 4.11
C HIS RA 257 37.56 36.02 4.99
N PRO RA 258 38.40 37.03 5.26
CA PRO RA 258 39.75 37.31 4.71
C PRO RA 258 40.91 36.49 5.28
N ALA RA 259 40.67 35.30 5.84
CA ALA RA 259 41.71 34.37 6.27
C ALA RA 259 42.62 34.99 7.32
N ARG RA 260 42.09 35.92 8.10
CA ARG RA 260 42.82 36.55 9.20
C ARG RA 260 41.84 36.82 10.32
N VAL RA 261 42.32 36.71 11.55
CA VAL RA 261 41.47 36.94 12.72
C VAL RA 261 41.18 38.43 12.81
N ALA RA 262 39.91 38.81 12.64
CA ALA RA 262 39.53 40.21 12.74
C ALA RA 262 39.67 40.70 14.17
N PHE RA 263 39.99 41.99 14.31
CA PHE RA 263 40.14 42.58 15.63
C PHE RA 263 38.83 42.59 16.42
N SER RA 264 37.70 42.64 15.72
CA SER RA 264 36.41 42.72 16.41
C SER RA 264 36.02 41.39 17.06
N VAL RA 265 36.68 40.30 16.71
CA VAL RA 265 36.34 39.00 17.27
C VAL RA 265 36.72 38.96 18.74
N ALA RA 266 35.79 38.53 19.59
CA ALA RA 266 36.06 38.45 21.02
C ALA RA 266 37.06 37.32 21.30
N ARG RA 267 38.10 37.65 22.06
CA ARG RA 267 39.15 36.69 22.36
C ARG RA 267 39.65 36.93 23.79
N ALA RA 268 40.32 35.92 24.33
CA ALA RA 268 40.73 35.94 25.72
C ALA RA 268 41.86 36.94 25.94
N GLY RA 269 42.11 37.26 27.20
CA GLY RA 269 43.16 38.18 27.55
C GLY RA 269 42.89 38.81 28.90
N GLN RA 270 43.56 39.94 29.13
CA GLN RA 270 43.41 40.67 30.38
C GLN RA 270 41.99 41.23 30.51
N LYS RA 271 41.41 41.09 31.69
CA LYS RA 271 40.13 41.70 32.02
C LYS RA 271 40.30 42.60 33.23
N GLY RA 272 39.67 43.77 33.19
CA GLY RA 272 39.76 44.71 34.28
C GLY RA 272 41.04 45.51 34.24
N TYR RA 273 41.19 46.37 35.25
CA TYR RA 273 42.32 47.30 35.34
C TYR RA 273 42.45 48.13 34.07
N HIS RA 274 41.36 48.83 33.73
CA HIS RA 274 41.31 49.67 32.55
C HIS RA 274 41.03 51.10 32.95
N HIS RA 275 41.71 52.03 32.29
CA HIS RA 275 41.45 53.45 32.50
C HIS RA 275 40.06 53.79 31.97
N ARG RA 276 39.17 54.25 32.86
CA ARG RA 276 37.82 54.58 32.49
C ARG RA 276 37.43 55.92 33.11
N THR RA 277 36.61 56.68 32.38
CA THR RA 277 36.00 57.89 32.88
C THR RA 277 34.49 57.72 32.88
N GLU RA 278 33.87 57.96 34.02
CA GLU RA 278 32.41 57.90 34.13
C GLU RA 278 31.88 59.32 34.34
N ILE RA 279 30.75 59.61 33.71
CA ILE RA 279 30.21 60.96 33.69
C ILE RA 279 28.86 60.98 34.41
N ASN RA 280 28.41 62.20 34.73
CA ASN RA 280 27.13 62.46 35.38
C ASN RA 280 27.03 61.73 36.72
N LYS RA 281 27.91 62.12 37.63
CA LYS RA 281 27.91 61.60 38.99
C LYS RA 281 27.62 62.75 39.95
N LYS RA 282 26.43 62.74 40.54
CA LYS RA 282 26.03 63.81 41.44
C LYS RA 282 26.79 63.72 42.77
N ILE RA 283 26.98 64.86 43.40
CA ILE RA 283 27.64 64.95 44.70
C ILE RA 283 26.58 65.27 45.73
N TYR RA 284 26.22 64.28 46.57
CA TYR RA 284 25.22 64.54 47.59
C TYR RA 284 25.78 65.32 48.77
N LYS RA 285 27.03 65.07 49.15
CA LYS RA 285 27.55 65.70 50.35
C LYS RA 285 29.06 65.89 50.24
N ILE RA 286 29.52 67.01 50.77
CA ILE RA 286 30.94 67.28 51.00
C ILE RA 286 31.12 67.28 52.51
N GLY RA 287 31.80 66.26 53.02
CA GLY RA 287 31.98 66.16 54.45
C GLY RA 287 32.95 67.19 54.99
N GLN RA 288 32.70 67.64 56.21
CA GLN RA 288 33.53 68.65 56.85
C GLN RA 288 34.72 68.05 57.58
N GLY RA 289 34.79 66.72 57.72
CA GLY RA 289 35.92 66.09 58.35
C GLY RA 289 35.96 66.33 59.85
N TYR RA 290 37.03 65.84 60.47
CA TYR RA 290 37.21 65.99 61.90
C TYR RA 290 37.78 67.37 62.23
N LEU RA 291 37.33 67.92 63.35
CA LEU RA 291 37.78 69.21 63.82
C LEU RA 291 38.12 69.12 65.31
N ILE RA 292 39.03 69.99 65.74
CA ILE RA 292 39.48 70.03 67.14
C ILE RA 292 39.36 71.46 67.62
N LYS RA 293 38.39 71.73 68.48
CA LYS RA 293 38.26 73.02 69.15
C LYS RA 293 38.35 72.88 70.66
N ASP RA 294 37.66 71.91 71.23
CA ASP RA 294 37.77 71.52 72.63
C ASP RA 294 38.07 70.03 72.78
N GLY RA 295 37.50 69.20 71.91
CA GLY RA 295 37.80 67.78 71.84
C GLY RA 295 37.96 67.37 70.39
N LYS RA 296 37.31 66.27 70.04
CA LYS RA 296 37.27 65.79 68.66
C LYS RA 296 35.83 65.93 68.14
N LEU RA 297 35.68 66.64 67.03
CA LEU RA 297 34.37 66.87 66.44
C LEU RA 297 34.08 65.75 65.44
N ILE RA 298 33.16 64.87 65.80
CA ILE RA 298 32.90 63.64 65.04
C ILE RA 298 31.47 63.65 64.52
N LYS RA 299 30.60 64.37 65.21
CA LYS RA 299 29.16 64.17 65.07
C LYS RA 299 28.64 64.60 63.70
N ASN RA 300 29.01 65.79 63.25
CA ASN RA 300 28.32 66.40 62.11
C ASN RA 300 28.69 65.78 60.76
N ASN RA 301 29.63 64.84 60.72
CA ASN RA 301 29.99 64.22 59.45
C ASN RA 301 28.80 63.48 58.85
N ALA RA 302 28.07 62.73 59.67
CA ALA RA 302 26.91 61.98 59.21
C ALA RA 302 25.61 62.43 59.87
N SER RA 303 25.63 63.53 60.61
CA SER RA 303 24.45 64.01 61.33
C SER RA 303 23.71 65.01 60.45
N THR RA 304 22.67 64.52 59.78
CA THR RA 304 21.79 65.43 59.05
C THR RA 304 20.92 66.21 60.04
N ASP RA 305 20.23 67.22 59.52
CA ASP RA 305 19.31 67.98 60.35
C ASP RA 305 18.12 67.17 60.82
N TYR RA 306 17.87 65.99 60.23
CA TYR RA 306 16.84 65.10 60.71
C TYR RA 306 17.36 64.02 61.64
N ASP RA 307 18.63 63.62 61.50
CA ASP RA 307 19.17 62.56 62.33
C ASP RA 307 19.60 63.09 63.69
N LEU RA 308 20.56 64.02 63.70
CA LEU RA 308 21.10 64.63 64.92
C LEU RA 308 21.61 63.56 65.88
N SER RA 309 22.60 62.80 65.42
CA SER RA 309 23.24 61.77 66.21
C SER RA 309 24.75 61.88 66.08
N ASP RA 310 25.45 61.52 67.15
CA ASP RA 310 26.90 61.59 67.17
C ASP RA 310 27.47 60.41 66.40
N LYS RA 311 27.75 60.59 65.11
CA LYS RA 311 28.41 59.57 64.33
C LYS RA 311 29.07 60.23 63.12
N SER RA 312 30.25 59.74 62.76
CA SER RA 312 30.91 60.19 61.56
C SER RA 312 30.45 59.35 60.37
N ILE RA 313 31.06 59.62 59.21
CA ILE RA 313 30.77 58.81 58.03
C ILE RA 313 31.38 57.42 58.13
N ASN RA 314 32.29 57.20 59.08
CA ASN RA 314 32.92 55.91 59.25
C ASN RA 314 31.90 54.87 59.68
N PRO RA 315 31.77 53.76 58.97
CA PRO RA 315 30.86 52.70 59.41
C PRO RA 315 31.38 52.03 60.67
N LEU RA 316 30.49 51.28 61.31
CA LEU RA 316 30.87 50.55 62.52
C LEU RA 316 31.97 49.55 62.20
N GLY RA 317 32.99 49.52 63.06
CA GLY RA 317 34.15 48.69 62.78
C GLY RA 317 35.03 49.20 61.66
N GLY RA 318 34.79 50.41 61.17
CA GLY RA 318 35.59 50.99 60.12
C GLY RA 318 35.23 50.46 58.74
N PHE RA 319 35.73 51.16 57.72
CA PHE RA 319 35.60 50.67 56.35
C PHE RA 319 36.35 49.36 56.18
N VAL RA 320 35.77 48.47 55.40
CA VAL RA 320 36.45 47.22 55.08
C VAL RA 320 37.59 47.50 54.13
N HIS RA 321 38.79 47.04 54.50
CA HIS RA 321 40.02 47.07 53.71
C HIS RA 321 40.57 48.48 53.49
N TYR RA 322 39.97 49.52 54.06
CA TYR RA 322 40.48 50.88 53.89
C TYR RA 322 41.00 51.48 55.19
N GLY RA 323 40.17 51.56 56.22
CA GLY RA 323 40.60 52.17 57.46
C GLY RA 323 39.63 53.18 58.04
N GLU RA 324 40.17 54.17 58.74
CA GLU RA 324 39.38 55.19 59.43
C GLU RA 324 39.53 56.51 58.70
N VAL RA 325 38.41 57.14 58.39
CA VAL RA 325 38.40 58.40 57.65
C VAL RA 325 38.40 59.55 58.64
N THR RA 326 39.33 60.48 58.45
CA THR RA 326 39.46 61.67 59.28
C THR RA 326 39.35 62.96 58.51
N ASN RA 327 39.91 63.01 57.29
CA ASN RA 327 39.94 64.23 56.51
C ASN RA 327 38.58 64.45 55.83
N ASP RA 328 38.51 65.45 54.96
CA ASP RA 328 37.29 65.73 54.24
C ASP RA 328 36.97 64.60 53.26
N PHE RA 329 35.67 64.36 53.06
CA PHE RA 329 35.22 63.32 52.14
C PHE RA 329 34.13 63.88 51.24
N VAL RA 330 33.99 63.23 50.08
CA VAL RA 330 32.97 63.58 49.10
C VAL RA 330 32.06 62.38 48.90
N MET RA 331 30.76 62.61 48.99
CA MET RA 331 29.77 61.54 48.89
C MET RA 331 29.20 61.54 47.47
N LEU RA 332 29.70 60.65 46.63
CA LEU RA 332 29.19 60.51 45.28
C LEU RA 332 28.00 59.57 45.25
N LYS RA 333 27.12 59.80 44.27
CA LYS RA 333 25.97 58.94 44.06
C LYS RA 333 26.36 57.74 43.20
N GLY RA 334 25.98 56.55 43.64
CA GLY RA 334 26.25 55.35 42.88
C GLY RA 334 27.65 54.82 43.09
N CYS RA 335 27.98 53.81 42.30
CA CYS RA 335 29.27 53.15 42.40
C CYS RA 335 30.34 53.91 41.63
N VAL RA 336 31.59 53.60 41.94
CA VAL RA 336 32.76 54.24 41.34
C VAL RA 336 33.75 53.15 40.95
N VAL RA 337 34.37 53.31 39.78
CA VAL RA 337 35.41 52.37 39.36
C VAL RA 337 36.56 52.34 40.37
N GLY RA 338 37.26 51.22 40.38
CA GLY RA 338 38.42 51.08 41.23
C GLY RA 338 38.14 50.28 42.49
N THR RA 339 39.20 49.72 43.06
CA THR RA 339 39.10 48.93 44.27
C THR RA 339 38.96 49.86 45.49
N LYS RA 340 38.99 49.28 46.67
CA LYS RA 340 39.20 50.07 47.87
C LYS RA 340 40.61 50.67 47.83
N LYS RA 341 40.80 51.74 48.62
CA LYS RA 341 42.01 52.55 48.68
C LYS RA 341 42.63 52.78 47.31
N ARG RA 342 41.80 53.05 46.31
CA ARG RA 342 42.24 53.34 44.96
C ARG RA 342 42.14 54.85 44.70
N VAL RA 343 43.19 55.42 44.11
CA VAL RA 343 43.18 56.83 43.80
C VAL RA 343 42.14 57.12 42.73
N LEU RA 344 41.42 58.24 42.89
CA LEU RA 344 40.37 58.63 41.96
C LEU RA 344 40.52 60.11 41.64
N THR RA 345 40.17 60.46 40.40
CA THR RA 345 40.22 61.83 39.93
C THR RA 345 38.81 62.35 39.71
N LEU RA 346 38.51 63.51 40.28
CA LEU RA 346 37.21 64.15 40.11
C LEU RA 346 37.35 65.33 39.17
N ARG RA 347 36.52 65.37 38.14
CA ARG RA 347 36.62 66.38 37.09
C ARG RA 347 35.31 67.11 36.96
N LYS RA 348 35.39 68.42 36.76
CA LYS RA 348 34.19 69.22 36.48
C LYS RA 348 33.53 68.73 35.20
N SER RA 349 32.21 68.75 35.19
CA SER RA 349 31.46 68.24 34.05
C SER RA 349 31.68 69.12 32.83
N LEU RA 350 32.02 68.49 31.70
CA LEU RA 350 32.26 69.23 30.47
C LEU RA 350 30.97 69.66 29.78
N LEU RA 351 29.85 69.03 30.10
CA LEU RA 351 28.58 69.37 29.50
C LEU RA 351 27.91 70.47 30.29
N VAL RA 352 26.76 70.93 29.79
CA VAL RA 352 25.96 71.96 30.44
C VAL RA 352 24.83 71.28 31.19
N GLN RA 353 24.70 71.58 32.48
CA GLN RA 353 23.71 70.94 33.33
C GLN RA 353 22.36 71.62 33.08
N THR RA 354 21.53 70.97 32.27
CA THR RA 354 20.22 71.51 31.91
C THR RA 354 19.06 70.65 32.36
N LYS RA 355 19.19 69.33 32.27
CA LYS RA 355 18.09 68.43 32.58
C LYS RA 355 17.71 68.51 34.06
N ARG RA 356 16.44 68.25 34.35
CA ARG RA 356 15.93 68.36 35.70
C ARG RA 356 16.57 67.36 36.65
N ARG RA 357 17.11 66.26 36.12
CA ARG RA 357 17.88 65.35 36.97
C ARG RA 357 19.10 66.05 37.54
N ALA RA 358 19.80 66.81 36.71
CA ALA RA 358 20.83 67.71 37.20
C ALA RA 358 20.17 68.96 37.78
N LEU RA 359 21.00 69.88 38.30
CA LEU RA 359 20.57 71.15 38.90
C LEU RA 359 19.44 70.94 39.92
N GLU RA 360 19.38 69.76 40.51
CA GLU RA 360 18.30 69.38 41.42
C GLU RA 360 18.82 69.40 42.86
N LYS RA 361 18.09 70.07 43.74
CA LYS RA 361 18.51 70.21 45.12
C LYS RA 361 18.48 68.86 45.82
N ILE RA 362 19.53 68.58 46.59
CA ILE RA 362 19.66 67.34 47.33
C ILE RA 362 19.75 67.67 48.82
N ASP RA 363 18.88 67.05 49.61
CA ASP RA 363 18.91 67.18 51.06
C ASP RA 363 18.94 65.80 51.68
N LEU RA 364 19.87 65.57 52.59
CA LEU RA 364 20.02 64.28 53.25
C LEU RA 364 19.07 64.17 54.44
N LYS RA 365 18.61 62.95 54.69
CA LYS RA 365 17.82 62.65 55.87
C LYS RA 365 18.52 61.68 56.80
N PHE RA 366 18.95 60.53 56.29
CA PHE RA 366 19.57 59.51 57.13
C PHE RA 366 20.63 58.80 56.30
N ILE RA 367 21.73 58.43 56.96
CA ILE RA 367 22.86 57.79 56.31
C ILE RA 367 23.15 56.48 57.03
N ASP RA 368 23.26 55.40 56.27
CA ASP RA 368 23.60 54.11 56.85
C ASP RA 368 25.05 54.11 57.29
N THR RA 369 25.28 53.72 58.56
CA THR RA 369 26.64 53.67 59.09
C THR RA 369 26.91 52.36 59.84
N THR RA 370 26.11 51.33 59.60
CA THR RA 370 26.27 50.06 60.31
C THR RA 370 27.56 49.37 59.85
N SER RA 371 27.91 48.30 60.56
CA SER RA 371 29.12 47.56 60.25
C SER RA 371 28.95 46.81 58.94
N LYS RA 372 29.74 47.20 57.94
CA LYS RA 372 29.69 46.53 56.65
C LYS RA 372 30.53 45.26 56.62
N PHE RA 373 31.21 44.94 57.72
CA PHE RA 373 31.95 43.69 57.88
C PHE RA 373 31.00 42.56 58.27
N GLY RA 374 29.96 42.40 57.48
CA GLY RA 374 28.86 41.50 57.78
C GLY RA 374 27.55 42.27 57.88
N HIS RA 375 26.53 41.55 58.34
CA HIS RA 375 25.19 42.12 58.50
C HIS RA 375 25.18 43.00 59.75
N GLY RA 376 25.65 44.23 59.59
CA GLY RA 376 25.62 45.18 60.68
C GLY RA 376 24.20 45.57 61.03
N ARG RA 377 23.96 45.77 62.33
CA ARG RA 377 22.62 46.06 62.81
C ARG RA 377 22.63 47.11 63.92
N PHE RA 378 23.66 47.96 63.96
CA PHE RA 378 23.69 49.06 64.90
C PHE RA 378 24.43 50.23 64.27
N GLN RA 379 23.82 51.41 64.34
CA GLN RA 379 24.46 52.60 63.79
C GLN RA 379 25.61 53.06 64.67
N THR RA 380 25.40 53.10 65.97
CA THR RA 380 26.37 53.66 66.90
C THR RA 380 26.79 52.62 67.94
N MET RA 381 27.95 52.85 68.55
CA MET RA 381 28.37 52.02 69.68
C MET RA 381 27.38 52.13 70.83
N GLU RA 382 26.92 53.34 71.12
CA GLU RA 382 26.09 53.59 72.29
C GLU RA 382 24.76 52.85 72.20
N GLU RA 383 24.12 52.88 71.03
CA GLU RA 383 22.87 52.15 70.87
C GLU RA 383 23.09 50.66 71.00
N LYS RA 384 24.21 50.15 70.48
CA LYS RA 384 24.56 48.76 70.68
C LYS RA 384 24.74 48.44 72.16
N LYS RA 385 25.41 49.33 72.89
CA LYS RA 385 25.50 49.16 74.34
C LYS RA 385 24.14 49.26 74.99
N ALA RA 386 23.30 50.19 74.54
CA ALA RA 386 21.99 50.37 75.13
C ALA RA 386 21.08 49.17 74.85
N PHE RA 387 21.08 48.67 73.62
CA PHE RA 387 20.18 47.57 73.26
C PHE RA 387 20.63 46.28 73.93
N MET RA 388 21.91 45.95 73.86
CA MET RA 388 22.41 44.69 74.39
C MET RA 388 22.70 44.75 75.88
N GLY RA 389 22.72 45.95 76.48
CA GLY RA 389 23.00 46.07 77.88
C GLY RA 389 24.43 45.73 78.23
N PRO RA 390 24.74 45.61 79.51
CA PRO RA 390 26.09 45.22 79.92
C PRO RA 390 26.36 43.77 79.61
N LEU RA 391 27.49 43.51 78.97
CA LEU RA 391 27.90 42.16 78.61
C LEU RA 391 28.86 41.62 79.67
N LYS RA 392 29.30 40.38 79.47
CA LYS RA 392 30.30 39.79 80.35
C LYS RA 392 31.62 40.53 80.24
N LYS RA 393 31.95 41.01 79.04
CA LYS RA 393 33.22 41.70 78.83
C LYS RA 393 33.28 43.00 79.63
N ASP RA 394 32.18 43.75 79.67
CA ASP RA 394 32.17 45.00 80.42
C ASP RA 394 31.91 44.78 81.90
N ARG RA 395 31.22 43.70 82.25
CA ARG RA 395 30.98 43.41 83.67
C ARG RA 395 32.29 43.13 84.39
N ILE RA 396 33.12 42.23 83.83
CA ILE RA 396 34.39 41.93 84.46
C ILE RA 396 35.33 43.12 84.40
N ALA RA 397 35.26 43.91 83.31
CA ALA RA 397 36.15 45.06 83.18
C ALA RA 397 35.89 46.10 84.28
N LYS RA 398 34.62 46.33 84.60
CA LYS RA 398 34.26 47.24 85.68
C LYS RA 398 34.40 46.60 87.05
N GLU RA 399 34.68 45.31 87.13
CA GLU RA 399 34.83 44.63 88.42
C GLU RA 399 36.29 44.39 88.79
N GLU RA 400 37.15 44.10 87.82
CA GLU RA 400 38.56 43.86 88.12
C GLU RA 400 39.26 45.15 88.53
N GLY RA 401 39.05 46.23 87.77
CA GLY RA 401 39.75 47.47 88.05
C GLY RA 401 39.22 48.25 89.23
N ALA RA 402 37.92 48.15 89.51
CA ALA RA 402 37.25 48.86 90.60
C ALA RA 402 37.50 50.37 90.54
N MET SA 1 112.92 -0.85 -54.02
CA MET SA 1 113.29 -1.36 -52.70
C MET SA 1 112.62 -2.72 -52.47
N ALA SA 2 111.49 -2.94 -53.15
CA ALA SA 2 110.80 -4.22 -53.04
C ALA SA 2 111.63 -5.34 -53.63
N CYS SA 3 112.13 -5.16 -54.85
CA CYS SA 3 112.91 -6.19 -55.52
C CYS SA 3 114.38 -6.19 -55.12
N ALA SA 4 114.84 -5.15 -54.43
CA ALA SA 4 116.23 -5.04 -53.99
C ALA SA 4 116.32 -5.33 -52.50
N ARG SA 5 117.07 -6.36 -52.14
CA ARG SA 5 117.19 -6.78 -50.75
C ARG SA 5 118.66 -6.87 -50.39
N PRO SA 6 119.12 -6.09 -49.42
CA PRO SA 6 120.55 -6.09 -49.09
C PRO SA 6 120.95 -7.34 -48.34
N LEU SA 7 122.26 -7.58 -48.32
CA LEU SA 7 122.85 -8.68 -47.57
C LEU SA 7 123.13 -8.24 -46.14
N ILE SA 8 122.99 -9.18 -45.21
CA ILE SA 8 123.18 -8.94 -43.79
C ILE SA 8 124.27 -9.87 -43.29
N SER SA 9 125.26 -9.31 -42.61
CA SER SA 9 126.37 -10.09 -42.09
C SER SA 9 125.98 -10.66 -40.72
N VAL SA 10 126.06 -11.97 -40.59
CA VAL SA 10 125.78 -12.61 -39.31
C VAL SA 10 126.92 -12.29 -38.34
N TYR SA 11 126.58 -11.60 -37.26
CA TYR SA 11 127.59 -11.20 -36.29
C TYR SA 11 127.92 -12.36 -35.37
N SER SA 12 129.21 -12.53 -35.09
CA SER SA 12 129.64 -13.57 -34.17
C SER SA 12 129.29 -13.18 -32.74
N GLU SA 13 129.47 -14.14 -31.83
CA GLU SA 13 129.26 -13.87 -30.41
C GLU SA 13 130.30 -12.92 -29.83
N LYS SA 14 131.37 -12.64 -30.57
CA LYS SA 14 132.41 -11.72 -30.12
C LYS SA 14 132.09 -10.26 -30.45
N GLY SA 15 130.96 -10.00 -31.10
CA GLY SA 15 130.51 -8.65 -31.36
C GLY SA 15 130.74 -8.16 -32.76
N GLU SA 16 131.58 -8.83 -33.54
CA GLU SA 16 131.88 -8.41 -34.90
C GLU SA 16 131.29 -9.39 -35.90
N SER SA 17 131.41 -9.03 -37.18
CA SER SA 17 130.88 -9.87 -38.25
C SER SA 17 131.70 -11.15 -38.39
N SER SA 18 131.01 -12.28 -38.48
CA SER SA 18 131.66 -13.56 -38.67
C SER SA 18 132.11 -13.78 -40.10
N GLY SA 19 131.71 -12.92 -41.03
CA GLY SA 19 132.08 -13.02 -42.43
C GLY SA 19 131.00 -13.58 -43.32
N LYS SA 20 130.13 -14.43 -42.78
CA LYS SA 20 129.01 -14.95 -43.56
C LYS SA 20 127.96 -13.87 -43.78
N ASN SA 21 127.18 -14.04 -44.84
CA ASN SA 21 126.14 -13.09 -45.19
C ASN SA 21 124.86 -13.82 -45.56
N VAL SA 22 123.73 -13.24 -45.17
CA VAL SA 22 122.42 -13.74 -45.53
C VAL SA 22 121.64 -12.61 -46.20
N THR SA 23 120.99 -12.91 -47.32
CA THR SA 23 120.13 -11.94 -47.96
C THR SA 23 118.93 -11.63 -47.08
N LEU SA 24 118.39 -10.43 -47.25
CA LEU SA 24 117.25 -10.02 -46.45
C LEU SA 24 116.03 -10.87 -46.81
N PRO SA 25 115.36 -11.46 -45.81
CA PRO SA 25 114.12 -12.18 -46.10
C PRO SA 25 113.08 -11.26 -46.69
N ALA SA 26 112.30 -11.79 -47.63
CA ALA SA 26 111.30 -10.97 -48.32
C ALA SA 26 110.18 -10.51 -47.40
N VAL SA 27 110.06 -11.08 -46.20
CA VAL SA 27 109.02 -10.65 -45.27
C VAL SA 27 109.28 -9.25 -44.74
N PHE SA 28 110.54 -8.80 -44.77
CA PHE SA 28 110.85 -7.48 -44.24
C PHE SA 28 110.50 -6.35 -45.20
N LYS SA 29 110.12 -6.67 -46.44
CA LYS SA 29 109.60 -5.68 -47.37
C LYS SA 29 108.08 -5.67 -47.42
N ALA SA 30 107.43 -6.43 -46.53
CA ALA SA 30 105.99 -6.49 -46.49
C ALA SA 30 105.42 -5.14 -46.05
N PRO SA 31 104.17 -4.84 -46.45
CA PRO SA 31 103.57 -3.56 -46.05
C PRO SA 31 103.40 -3.41 -44.55
N ILE SA 32 104.17 -2.51 -43.95
CA ILE SA 32 104.03 -2.21 -42.53
C ILE SA 32 102.70 -1.49 -42.33
N ARG SA 33 101.73 -2.18 -41.76
CA ARG SA 33 100.36 -1.70 -41.70
C ARG SA 33 99.88 -1.79 -40.25
N PRO SA 34 100.22 -0.78 -39.44
CA PRO SA 34 99.95 -0.88 -37.99
C PRO SA 34 98.49 -0.99 -37.62
N ASP SA 35 97.57 -0.47 -38.44
CA ASP SA 35 96.16 -0.49 -38.06
C ASP SA 35 95.64 -1.92 -37.97
N ILE SA 36 96.08 -2.80 -38.86
CA ILE SA 36 95.70 -4.20 -38.75
C ILE SA 36 96.36 -4.85 -37.55
N VAL SA 37 97.63 -4.53 -37.31
CA VAL SA 37 98.32 -5.05 -36.13
C VAL SA 37 97.58 -4.63 -34.86
N ASN SA 38 97.16 -3.37 -34.80
CA ASN SA 38 96.35 -2.92 -33.67
C ASN SA 38 95.04 -3.69 -33.58
N PHE SA 39 94.39 -3.91 -34.73
CA PHE SA 39 93.14 -4.66 -34.74
C PHE SA 39 93.37 -6.11 -34.31
N VAL SA 40 94.44 -6.72 -34.81
CA VAL SA 40 94.72 -8.10 -34.44
C VAL SA 40 95.11 -8.19 -32.97
N HIS SA 41 95.96 -7.27 -32.50
CA HIS SA 41 96.38 -7.29 -31.11
C HIS SA 41 95.20 -7.07 -30.17
N THR SA 42 94.28 -6.17 -30.55
CA THR SA 42 93.11 -5.91 -29.72
C THR SA 42 92.24 -7.15 -29.58
N ASN SA 43 91.99 -7.85 -30.68
CA ASN SA 43 91.10 -9.01 -30.64
C ASN SA 43 91.76 -10.19 -29.97
N LEU SA 44 93.04 -10.43 -30.26
CA LEU SA 44 93.69 -11.65 -29.76
C LEU SA 44 93.99 -11.59 -28.26
N ARG SA 45 94.18 -10.39 -27.71
CA ARG SA 45 94.43 -10.30 -26.27
C ARG SA 45 93.21 -10.71 -25.46
N LYS SA 46 92.02 -10.66 -26.03
CA LYS SA 46 90.83 -11.16 -25.34
C LYS SA 46 90.85 -12.66 -25.16
N ASN SA 47 91.65 -13.39 -25.94
CA ASN SA 47 91.56 -14.84 -25.94
C ASN SA 47 92.19 -15.45 -24.70
N ASN SA 48 93.27 -14.88 -24.20
CA ASN SA 48 93.94 -15.43 -23.02
C ASN SA 48 93.28 -15.00 -21.71
N ARG SA 49 92.05 -14.48 -21.77
CA ARG SA 49 91.38 -13.98 -20.58
C ARG SA 49 90.84 -15.14 -19.76
N GLN SA 50 90.39 -14.80 -18.54
CA GLN SA 50 89.74 -15.73 -17.66
C GLN SA 50 88.37 -15.18 -17.29
N PRO SA 51 87.31 -15.96 -17.45
CA PRO SA 51 85.96 -15.43 -17.19
C PRO SA 51 85.76 -15.06 -15.73
N TYR SA 52 84.99 -14.00 -15.52
CA TYR SA 52 84.60 -13.59 -14.18
C TYR SA 52 83.12 -13.24 -14.19
N ALA SA 53 82.49 -13.41 -13.03
CA ALA SA 53 81.08 -13.11 -12.89
C ALA SA 53 80.76 -12.94 -11.41
N VAL SA 54 79.58 -12.42 -11.14
CA VAL SA 54 79.09 -12.31 -9.78
C VAL SA 54 78.23 -13.53 -9.47
N SER SA 55 78.00 -13.77 -8.19
CA SER SA 55 77.15 -14.90 -7.79
C SER SA 55 75.74 -14.69 -8.28
N GLU SA 56 75.25 -15.63 -9.08
CA GLU SA 56 73.90 -15.54 -9.62
C GLU SA 56 72.83 -15.62 -8.54
N LEU SA 57 73.16 -16.08 -7.34
CA LEU SA 57 72.24 -16.12 -6.22
C LEU SA 57 72.45 -14.97 -5.24
N ALA SA 58 73.42 -14.10 -5.51
CA ALA SA 58 73.71 -13.00 -4.58
C ALA SA 58 72.56 -12.01 -4.56
N GLY SA 59 72.18 -11.60 -3.35
CA GLY SA 59 71.13 -10.61 -3.20
C GLY SA 59 69.74 -11.13 -3.50
N HIS SA 60 69.57 -12.44 -3.63
CA HIS SA 60 68.28 -13.03 -3.92
C HIS SA 60 68.03 -14.25 -3.06
N GLN SA 61 68.36 -14.13 -1.78
CA GLN SA 61 68.14 -15.18 -0.79
C GLN SA 61 67.52 -14.57 0.45
N THR SA 62 66.48 -13.76 0.24
CA THR SA 62 65.94 -12.91 1.29
C THR SA 62 64.48 -13.19 1.61
N SER SA 63 63.68 -13.62 0.62
CA SER SA 63 62.24 -13.79 0.77
C SER SA 63 61.57 -12.49 1.22
N ALA SA 64 62.01 -11.38 0.64
CA ALA SA 64 61.45 -10.07 0.92
C ALA SA 64 60.34 -9.74 -0.07
N GLU SA 65 59.43 -8.87 0.35
CA GLU SA 65 58.34 -8.42 -0.50
C GLU SA 65 57.86 -7.06 0.00
N SER SA 66 57.06 -6.41 -0.84
CA SER SA 66 56.64 -5.04 -0.55
C SER SA 66 55.67 -4.98 0.62
N TRP SA 67 55.65 -3.82 1.28
CA TRP SA 67 54.71 -3.56 2.35
C TRP SA 67 53.39 -2.99 1.87
N GLY SA 68 53.27 -2.70 0.58
CA GLY SA 68 52.10 -2.05 0.06
C GLY SA 68 52.33 -0.58 -0.21
N THR SA 69 51.23 0.17 -0.28
CA THR SA 69 51.29 1.59 -0.56
C THR SA 69 50.63 2.45 0.51
N GLY SA 70 49.99 1.86 1.51
CA GLY SA 70 49.32 2.63 2.53
C GLY SA 70 50.11 2.83 3.79
N ARG SA 71 51.44 2.66 3.70
CA ARG SA 71 52.30 2.71 4.88
C ARG SA 71 53.32 3.83 4.82
N ALA SA 72 53.17 4.78 3.89
CA ALA SA 72 54.01 5.97 3.80
C ALA SA 72 55.49 5.61 3.64
N VAL SA 73 55.76 4.52 2.92
CA VAL SA 73 57.11 4.08 2.62
C VAL SA 73 57.25 3.94 1.12
N ALA SA 74 58.47 3.69 0.66
CA ALA SA 74 58.68 3.39 -0.74
C ALA SA 74 58.13 2.00 -1.06
N ARG SA 75 57.83 1.79 -2.34
CA ARG SA 75 57.22 0.55 -2.79
C ARG SA 75 58.24 -0.55 -3.05
N ILE SA 76 59.46 -0.38 -2.56
CA ILE SA 76 60.51 -1.39 -2.69
C ILE SA 76 60.17 -2.56 -1.77
N PRO SA 77 60.51 -3.79 -2.14
CA PRO SA 77 60.28 -4.91 -1.22
C PRO SA 77 61.05 -4.75 0.08
N ARG SA 78 60.43 -5.21 1.17
CA ARG SA 78 61.00 -5.10 2.51
C ARG SA 78 61.27 -6.48 3.08
N VAL SA 79 62.37 -6.59 3.84
CA VAL SA 79 62.71 -7.84 4.50
C VAL SA 79 61.67 -8.14 5.58
N ARG SA 80 61.19 -9.38 5.59
CA ARG SA 80 60.15 -9.79 6.52
C ARG SA 80 60.74 -10.05 7.90
N GLY SA 81 59.88 -10.39 8.85
CA GLY SA 81 60.32 -10.65 10.20
C GLY SA 81 60.52 -9.39 11.00
N GLY SA 82 61.14 -9.57 12.17
CA GLY SA 82 61.38 -8.46 13.07
C GLY SA 82 62.49 -8.80 14.05
N GLY SA 83 62.77 -7.84 14.93
CA GLY SA 83 63.75 -8.04 15.98
C GLY SA 83 65.20 -7.89 15.57
N THR SA 84 65.47 -7.47 14.34
CA THR SA 84 66.84 -7.29 13.87
C THR SA 84 66.90 -6.06 12.99
N HIS SA 85 68.14 -5.58 12.80
CA HIS SA 85 68.35 -4.39 11.98
C HIS SA 85 67.96 -4.62 10.53
N ARG SA 86 68.06 -5.85 10.05
CA ARG SA 86 67.76 -6.15 8.66
C ARG SA 86 66.27 -6.11 8.36
N SER SA 87 65.42 -6.30 9.37
CA SER SA 87 63.99 -6.36 9.15
C SER SA 87 63.45 -5.00 8.69
N GLY SA 88 62.56 -5.03 7.71
CA GLY SA 88 61.98 -3.81 7.18
C GLY SA 88 62.87 -3.02 6.25
N GLN SA 89 64.00 -3.58 5.83
CA GLN SA 89 64.94 -2.88 4.98
C GLN SA 89 64.72 -3.24 3.52
N GLY SA 90 65.30 -2.43 2.64
CA GLY SA 90 65.15 -2.65 1.21
C GLY SA 90 65.87 -3.90 0.75
N ALA SA 91 65.41 -4.44 -0.38
CA ALA SA 91 65.96 -5.65 -0.94
C ALA SA 91 65.62 -5.73 -2.41
N PHE SA 92 66.33 -6.63 -3.11
CA PHE SA 92 66.08 -7.05 -4.50
C PHE SA 92 66.34 -5.95 -5.51
N GLY SA 93 66.68 -4.73 -5.10
CA GLY SA 93 66.89 -3.62 -6.02
C GLY SA 93 68.36 -3.27 -6.11
N ASN SA 94 68.79 -2.85 -7.31
CA ASN SA 94 70.17 -2.44 -7.50
C ASN SA 94 70.51 -1.20 -6.69
N MET SA 95 69.51 -0.41 -6.29
CA MET SA 95 69.73 0.77 -5.48
C MET SA 95 69.71 0.46 -3.99
N CYS SA 96 69.40 -0.77 -3.60
CA CYS SA 96 69.28 -1.14 -2.20
C CYS SA 96 70.59 -1.74 -1.71
N ARG SA 97 71.08 -1.26 -0.56
CA ARG SA 97 72.27 -1.83 0.03
C ARG SA 97 72.02 -3.26 0.45
N GLY SA 98 72.90 -4.17 0.04
CA GLY SA 98 72.70 -5.57 0.25
C GLY SA 98 71.93 -6.27 -0.84
N GLY SA 99 71.40 -5.53 -1.82
CA GLY SA 99 70.74 -6.13 -2.95
C GLY SA 99 71.70 -6.52 -4.04
N ARG SA 100 71.15 -7.08 -5.10
CA ARG SA 100 71.93 -7.48 -6.27
C ARG SA 100 72.32 -6.25 -7.10
N MET SA 101 73.14 -6.49 -8.11
CA MET SA 101 73.51 -5.45 -9.05
C MET SA 101 72.65 -5.55 -10.30
N PHE SA 102 72.40 -4.40 -10.92
CA PHE SA 102 71.65 -4.38 -12.17
C PHE SA 102 72.43 -5.09 -13.27
N ALA SA 103 71.74 -5.95 -14.02
CA ALA SA 103 72.33 -6.74 -15.11
C ALA SA 103 73.57 -7.47 -14.62
N PRO SA 104 73.41 -8.50 -13.79
CA PRO SA 104 74.59 -9.13 -13.16
C PRO SA 104 75.54 -9.71 -14.20
N THR SA 105 76.83 -9.58 -13.92
CA THR SA 105 77.85 -10.15 -14.80
C THR SA 105 77.68 -11.66 -14.84
N LYS SA 106 77.69 -12.22 -16.05
CA LYS SA 106 77.48 -13.65 -16.24
C LYS SA 106 78.61 -14.21 -17.08
N THR SA 107 78.82 -15.52 -16.95
CA THR SA 107 80.00 -16.16 -17.54
C THR SA 107 79.99 -16.07 -19.05
N TRP SA 108 78.83 -16.25 -19.68
CA TRP SA 108 78.73 -16.26 -21.14
C TRP SA 108 78.75 -14.83 -21.70
N ARG SA 109 79.87 -14.16 -21.50
CA ARG SA 109 80.05 -12.81 -22.00
C ARG SA 109 80.71 -12.78 -23.38
N ARG SA 110 80.95 -13.95 -23.98
CA ARG SA 110 81.70 -14.07 -25.23
C ARG SA 110 83.07 -13.42 -25.10
N TRP SA 111 83.86 -13.97 -24.16
CA TRP SA 111 85.16 -13.41 -23.85
C TRP SA 111 86.11 -13.50 -25.03
N HIS SA 112 86.09 -14.62 -25.74
CA HIS SA 112 87.04 -14.85 -26.80
C HIS SA 112 86.55 -14.24 -28.11
N ARG SA 113 87.51 -13.94 -28.98
CA ARG SA 113 87.24 -13.48 -30.33
C ARG SA 113 88.09 -14.28 -31.30
N ARG SA 114 87.49 -14.66 -32.42
CA ARG SA 114 88.20 -15.40 -33.46
C ARG SA 114 88.61 -14.43 -34.56
N VAL SA 115 89.84 -14.59 -35.04
CA VAL SA 115 90.43 -13.72 -36.04
C VAL SA 115 90.80 -14.59 -37.24
N ASN SA 116 90.56 -14.07 -38.43
CA ASN SA 116 90.83 -14.84 -39.64
C ASN SA 116 92.31 -15.18 -39.74
N THR SA 117 92.59 -16.34 -40.33
CA THR SA 117 93.98 -16.80 -40.45
C THR SA 117 94.80 -15.83 -41.28
N THR SA 118 94.24 -15.35 -42.39
CA THR SA 118 94.96 -14.41 -43.23
C THR SA 118 95.16 -13.07 -42.51
N GLN SA 119 94.23 -12.70 -41.63
CA GLN SA 119 94.45 -11.56 -40.75
C GLN SA 119 95.65 -11.78 -39.85
N LYS SA 120 95.69 -12.92 -39.15
CA LYS SA 120 96.75 -13.18 -38.19
C LYS SA 120 98.11 -13.29 -38.88
N ARG SA 121 98.16 -13.96 -40.03
CA ARG SA 121 99.41 -14.06 -40.76
C ARG SA 121 99.84 -12.70 -41.31
N TYR SA 122 98.88 -11.83 -41.62
CA TYR SA 122 99.23 -10.50 -42.13
C TYR SA 122 99.90 -9.66 -41.06
N ALA SA 123 99.41 -9.74 -39.82
CA ALA SA 123 99.94 -8.91 -38.75
C ALA SA 123 101.38 -9.29 -38.42
N ILE SA 124 101.70 -10.59 -38.48
CA ILE SA 124 103.07 -11.03 -38.23
C ILE SA 124 104.01 -10.44 -39.27
N CYS SA 125 103.61 -10.48 -40.54
CA CYS SA 125 104.43 -9.92 -41.60
C CYS SA 125 104.63 -8.42 -41.40
N SER SA 126 103.58 -7.72 -41.02
CA SER SA 126 103.71 -6.29 -40.73
C SER SA 126 104.61 -6.05 -39.52
N ALA SA 127 104.48 -6.88 -38.49
CA ALA SA 127 105.30 -6.72 -37.30
C ALA SA 127 106.77 -7.02 -37.60
N LEU SA 128 107.03 -8.06 -38.39
CA LEU SA 128 108.41 -8.41 -38.71
C LEU SA 128 109.08 -7.32 -39.53
N ALA SA 129 108.38 -6.82 -40.56
CA ALA SA 129 108.97 -5.80 -41.42
C ALA SA 129 109.25 -4.51 -40.65
N ALA SA 130 108.31 -4.11 -39.80
CA ALA SA 130 108.50 -2.91 -38.99
C ALA SA 130 109.66 -3.04 -38.02
N SER SA 131 110.03 -4.27 -37.65
CA SER SA 131 111.16 -4.48 -36.75
C SER SA 131 112.49 -4.20 -37.42
N ALA SA 132 112.53 -3.99 -38.74
CA ALA SA 132 113.76 -3.74 -39.47
C ALA SA 132 113.97 -2.26 -39.80
N LEU SA 133 113.24 -1.37 -39.13
CA LEU SA 133 113.38 0.05 -39.45
C LEU SA 133 113.97 0.80 -38.26
N PRO SA 134 114.86 1.76 -38.51
CA PRO SA 134 115.58 2.42 -37.40
C PRO SA 134 114.66 3.24 -36.51
N ALA SA 135 113.87 4.11 -37.14
CA ALA SA 135 113.03 5.02 -36.38
C ALA SA 135 111.97 4.29 -35.59
N LEU SA 136 111.38 3.24 -36.18
CA LEU SA 136 110.26 2.54 -35.56
C LEU SA 136 110.67 1.90 -34.24
N VAL SA 137 111.78 1.16 -34.24
CA VAL SA 137 112.25 0.53 -33.01
C VAL SA 137 112.74 1.58 -32.03
N MET SA 138 113.38 2.64 -32.53
CA MET SA 138 113.79 3.72 -31.65
C MET SA 138 112.58 4.46 -31.08
N SER SA 139 111.49 4.52 -31.85
CA SER SA 139 110.26 5.14 -31.35
C SER SA 139 109.64 4.34 -30.21
N LYS SA 140 110.02 3.07 -30.06
CA LYS SA 140 109.63 2.29 -28.90
C LYS SA 140 110.58 2.48 -27.73
N GLY SA 141 111.60 3.32 -27.88
CA GLY SA 141 112.55 3.59 -26.82
C GLY SA 141 113.39 2.38 -26.45
N HIS SA 142 113.89 1.68 -27.45
CA HIS SA 142 114.63 0.44 -27.23
C HIS SA 142 116.12 0.63 -27.04
N ARG SA 143 116.57 1.89 -27.00
CA ARG SA 143 117.98 2.23 -26.72
C ARG SA 143 118.94 1.56 -27.69
N ILE SA 144 118.55 1.43 -28.94
CA ILE SA 144 119.44 0.84 -29.97
C ILE SA 144 120.27 1.99 -30.52
N GLU SA 145 121.31 2.34 -29.79
CA GLU SA 145 122.21 3.42 -30.20
C GLU SA 145 123.54 2.93 -30.72
N GLU SA 146 123.89 1.68 -30.42
CA GLU SA 146 125.16 1.09 -30.84
C GLU SA 146 124.98 -0.27 -31.48
N VAL SA 147 123.75 -0.63 -31.87
CA VAL SA 147 123.51 -1.93 -32.50
C VAL SA 147 124.09 -1.91 -33.90
N PRO SA 148 124.95 -2.87 -34.28
CA PRO SA 148 125.62 -2.78 -35.58
C PRO SA 148 124.70 -2.99 -36.77
N GLU SA 149 123.57 -3.67 -36.60
CA GLU SA 149 122.64 -3.89 -37.70
C GLU SA 149 121.28 -4.25 -37.16
N LEU SA 150 120.23 -3.67 -37.75
CA LEU SA 150 118.88 -3.89 -37.25
C LEU SA 150 118.45 -5.35 -37.32
N PRO SA 151 118.61 -6.08 -38.44
CA PRO SA 151 118.44 -7.54 -38.34
C PRO SA 151 119.62 -8.14 -37.61
N LEU SA 152 119.60 -8.06 -36.28
CA LEU SA 152 120.74 -8.48 -35.49
C LEU SA 152 120.82 -10.01 -35.47
N VAL SA 153 121.39 -10.57 -36.52
CA VAL SA 153 121.51 -12.02 -36.67
C VAL SA 153 122.83 -12.47 -36.07
N VAL SA 154 122.77 -13.51 -35.24
CA VAL SA 154 123.94 -14.07 -34.59
C VAL SA 154 124.12 -15.50 -35.03
N GLU SA 155 125.31 -16.03 -34.76
CA GLU SA 155 125.65 -17.38 -35.18
C GLU SA 155 124.84 -18.41 -34.38
N ASP SA 156 124.91 -19.65 -34.84
CA ASP SA 156 124.12 -20.72 -34.23
C ASP SA 156 124.68 -21.17 -32.88
N LYS SA 157 125.86 -20.67 -32.49
CA LYS SA 157 126.42 -20.99 -31.18
C LYS SA 157 125.54 -20.49 -30.04
N VAL SA 158 124.72 -19.47 -30.30
CA VAL SA 158 123.86 -18.91 -29.27
C VAL SA 158 122.83 -19.93 -28.81
N GLU SA 159 122.28 -20.71 -29.75
CA GLU SA 159 121.27 -21.69 -29.40
C GLU SA 159 121.82 -22.83 -28.54
N GLY SA 160 123.13 -22.96 -28.43
CA GLY SA 160 123.77 -23.93 -27.56
C GLY SA 160 124.21 -23.42 -26.21
N TYR SA 161 123.82 -22.19 -25.83
CA TYR SA 161 124.20 -21.67 -24.53
C TYR SA 161 123.49 -22.40 -23.40
N LYS SA 162 124.10 -22.34 -22.22
CA LYS SA 162 123.57 -23.03 -21.04
C LYS SA 162 123.53 -22.11 -19.83
N LYS SA 163 124.46 -21.14 -19.77
CA LYS SA 163 124.67 -20.34 -18.58
C LYS SA 163 124.13 -18.92 -18.76
N THR SA 164 123.66 -18.33 -17.66
CA THR SA 164 123.25 -16.94 -17.69
C THR SA 164 124.45 -16.01 -17.87
N LYS SA 165 125.60 -16.38 -17.30
CA LYS SA 165 126.77 -15.50 -17.34
C LYS SA 165 127.24 -15.26 -18.76
N GLU SA 166 127.27 -16.30 -19.59
CA GLU SA 166 127.68 -16.12 -20.97
C GLU SA 166 126.60 -15.39 -21.78
N ALA SA 167 125.33 -15.58 -21.43
CA ALA SA 167 124.26 -14.87 -22.12
C ALA SA 167 124.35 -13.37 -21.86
N VAL SA 168 124.66 -12.98 -20.63
CA VAL SA 168 124.84 -11.57 -20.31
C VAL SA 168 125.98 -11.00 -21.14
N LEU SA 169 127.08 -11.75 -21.26
CA LEU SA 169 128.22 -11.31 -22.06
C LEU SA 169 127.83 -11.07 -23.51
N LEU SA 170 126.89 -11.86 -24.04
CA LEU SA 170 126.36 -11.58 -25.36
C LEU SA 170 125.68 -10.22 -25.43
N LEU SA 171 124.81 -9.92 -24.46
CA LEU SA 171 124.05 -8.67 -24.51
C LEU SA 171 124.96 -7.46 -24.35
N LYS SA 172 126.05 -7.62 -23.60
CA LYS SA 172 127.06 -6.56 -23.52
C LYS SA 172 127.80 -6.41 -24.84
N LYS SA 173 128.27 -7.53 -25.41
CA LYS SA 173 129.14 -7.45 -26.58
C LYS SA 173 128.38 -7.16 -27.87
N LEU SA 174 127.05 -7.28 -27.88
CA LEU SA 174 126.26 -6.78 -29.00
C LEU SA 174 125.71 -5.39 -28.75
N LYS SA 175 126.16 -4.73 -27.68
CA LYS SA 175 125.73 -3.38 -27.34
C LYS SA 175 124.24 -3.29 -27.06
N ALA SA 176 123.59 -4.43 -26.79
CA ALA SA 176 122.17 -4.45 -26.42
C ALA SA 176 121.95 -4.43 -24.93
N TRP SA 177 123.03 -4.48 -24.13
CA TRP SA 177 122.91 -4.45 -22.69
C TRP SA 177 122.32 -3.16 -22.16
N ASN SA 178 122.44 -2.07 -22.91
CA ASN SA 178 121.85 -0.80 -22.48
C ASN SA 178 120.34 -0.90 -22.35
N ASP SA 179 119.71 -1.65 -23.25
CA ASP SA 179 118.25 -1.83 -23.16
C ASP SA 179 117.86 -2.56 -21.89
N ILE SA 180 118.65 -3.55 -21.48
CA ILE SA 180 118.33 -4.32 -20.28
C ILE SA 180 118.40 -3.44 -19.04
N LYS SA 181 119.44 -2.59 -18.95
CA LYS SA 181 119.54 -1.68 -17.81
C LYS SA 181 118.38 -0.71 -17.76
N LYS SA 182 117.83 -0.34 -18.93
CA LYS SA 182 116.60 0.42 -18.95
C LYS SA 182 115.45 -0.38 -18.35
N VAL SA 183 115.37 -1.67 -18.68
CA VAL SA 183 114.37 -2.54 -18.07
C VAL SA 183 114.61 -2.67 -16.58
N TYR SA 184 115.88 -2.80 -16.17
CA TYR SA 184 116.22 -2.81 -14.76
C TYR SA 184 115.78 -1.52 -14.08
N ALA SA 185 115.95 -0.38 -14.75
CA ALA SA 185 115.54 0.89 -14.17
C ALA SA 185 114.05 1.12 -14.27
N SER SA 186 113.33 0.30 -15.01
CA SER SA 186 111.90 0.50 -15.23
C SER SA 186 111.02 -0.31 -14.28
N GLN SA 187 111.60 -1.02 -13.32
CA GLN SA 187 110.80 -1.82 -12.40
C GLN SA 187 110.22 -0.94 -11.31
N ARG SA 188 108.92 -1.04 -11.08
CA ARG SA 188 108.27 -0.30 -10.02
C ARG SA 188 106.93 -0.96 -9.73
N MET SA 189 106.30 -0.51 -8.64
CA MET SA 189 105.01 -1.04 -8.25
C MET SA 189 103.93 -0.59 -9.21
N ARG SA 190 103.00 -1.48 -9.51
CA ARG SA 190 101.87 -1.14 -10.36
C ARG SA 190 100.93 -0.20 -9.61
N ALA SA 191 100.34 0.74 -10.34
CA ALA SA 191 99.47 1.75 -9.75
C ALA SA 191 98.02 1.29 -9.87
N GLY SA 192 97.42 0.91 -8.74
CA GLY SA 192 96.02 0.56 -8.71
C GLY SA 192 95.79 -0.74 -7.97
N LYS SA 193 94.59 -1.30 -8.17
CA LYS SA 193 94.19 -2.52 -7.50
C LYS SA 193 94.87 -3.77 -8.05
N GLY SA 194 95.61 -3.65 -9.15
CA GLY SA 194 96.30 -4.80 -9.71
C GLY SA 194 97.35 -5.39 -8.77
N LYS SA 195 97.80 -4.61 -7.79
CA LYS SA 195 98.71 -5.13 -6.78
C LYS SA 195 98.06 -6.24 -5.98
N MET SA 196 96.78 -6.08 -5.64
CA MET SA 196 96.08 -7.08 -4.86
C MET SA 196 95.84 -8.37 -5.62
N ARG SA 197 95.96 -8.35 -6.94
CA ARG SA 197 95.60 -9.48 -7.79
C ARG SA 197 96.82 -10.05 -8.49
N ASN SA 198 97.91 -10.20 -7.75
CA ASN SA 198 99.16 -10.86 -8.15
C ASN SA 198 99.92 -10.09 -9.24
N ARG SA 199 99.38 -9.00 -9.76
CA ARG SA 199 100.10 -8.16 -10.71
C ARG SA 199 100.80 -7.03 -9.96
N ARG SA 200 101.68 -7.45 -9.04
CA ARG SA 200 102.29 -6.52 -8.11
C ARG SA 200 103.30 -5.61 -8.80
N ARG SA 201 104.17 -6.18 -9.62
CA ARG SA 201 105.25 -5.44 -10.25
C ARG SA 201 105.08 -5.43 -11.75
N ILE SA 202 105.51 -4.33 -12.37
CA ILE SA 202 105.54 -4.20 -13.82
C ILE SA 202 106.90 -3.64 -14.22
N GLN SA 203 107.24 -3.84 -15.48
CA GLN SA 203 108.52 -3.37 -16.01
C GLN SA 203 108.42 -3.26 -17.52
N ARG SA 204 109.33 -2.47 -18.09
CA ARG SA 204 109.33 -2.24 -19.53
C ARG SA 204 109.69 -3.53 -20.26
N ARG SA 205 109.01 -3.77 -21.38
CA ARG SA 205 109.27 -4.94 -22.19
C ARG SA 205 110.64 -4.84 -22.84
N GLY SA 206 111.42 -5.91 -22.76
CA GLY SA 206 112.76 -5.93 -23.31
C GLY SA 206 112.80 -6.49 -24.72
N PRO SA 207 114.01 -6.72 -25.22
CA PRO SA 207 114.16 -7.26 -26.58
C PRO SA 207 113.68 -8.71 -26.65
N CYS SA 208 113.50 -9.18 -27.88
CA CYS SA 208 112.98 -10.51 -28.14
C CYS SA 208 114.02 -11.31 -28.92
N ILE SA 209 114.25 -12.55 -28.49
CA ILE SA 209 115.23 -13.44 -29.11
C ILE SA 209 114.46 -14.48 -29.90
N ILE SA 210 114.74 -14.57 -31.19
CA ILE SA 210 114.08 -15.55 -32.06
C ILE SA 210 115.10 -16.64 -32.40
N TYR SA 211 114.76 -17.87 -32.03
CA TYR SA 211 115.63 -19.02 -32.21
C TYR SA 211 114.93 -20.07 -33.05
N ASN SA 212 115.67 -21.11 -33.39
CA ASN SA 212 115.12 -22.20 -34.19
C ASN SA 212 115.30 -23.56 -33.54
N GLU SA 213 116.43 -23.78 -32.85
CA GLU SA 213 116.69 -25.03 -32.14
C GLU SA 213 116.90 -24.72 -30.67
N ASP SA 214 116.13 -25.38 -29.81
CA ASP SA 214 116.20 -25.14 -28.38
C ASP SA 214 117.18 -26.13 -27.77
N ASN SA 215 118.42 -25.67 -27.52
CA ASN SA 215 119.43 -26.50 -26.89
C ASN SA 215 119.89 -25.86 -25.59
N GLY SA 216 118.95 -25.46 -24.75
CA GLY SA 216 119.27 -24.79 -23.51
C GLY SA 216 119.38 -23.30 -23.60
N ILE SA 217 119.12 -22.71 -24.78
CA ILE SA 217 119.16 -21.26 -24.93
C ILE SA 217 118.08 -20.62 -24.07
N ILE SA 218 116.93 -21.28 -23.92
CA ILE SA 218 115.87 -20.79 -23.04
C ILE SA 218 116.39 -20.72 -21.61
N LYS SA 219 117.08 -21.77 -21.16
CA LYS SA 219 117.59 -21.79 -19.80
C LYS SA 219 118.65 -20.72 -19.58
N ALA SA 220 119.54 -20.52 -20.56
CA ALA SA 220 120.61 -19.53 -20.40
C ALA SA 220 120.03 -18.13 -20.25
N PHE SA 221 119.07 -17.79 -21.10
CA PHE SA 221 118.24 -16.60 -20.95
C PHE SA 221 117.13 -16.90 -19.98
N ARG SA 222 116.04 -16.12 -20.01
CA ARG SA 222 114.82 -16.28 -19.22
C ARG SA 222 115.02 -15.81 -17.78
N ASN SA 223 116.24 -15.52 -17.35
CA ASN SA 223 116.44 -14.88 -16.06
C ASN SA 223 116.72 -13.40 -16.19
N ILE SA 224 117.02 -12.93 -17.40
CA ILE SA 224 117.23 -11.51 -17.67
C ILE SA 224 115.87 -10.86 -17.79
N PRO SA 225 115.56 -9.83 -17.01
CA PRO SA 225 114.23 -9.22 -17.07
C PRO SA 225 113.98 -8.55 -18.42
N GLY SA 226 112.79 -8.81 -18.98
CA GLY SA 226 112.38 -8.26 -20.24
C GLY SA 226 112.66 -9.15 -21.43
N ILE SA 227 113.59 -10.11 -21.30
CA ILE SA 227 113.91 -10.98 -22.42
C ILE SA 227 112.79 -11.98 -22.63
N THR SA 228 112.34 -12.08 -23.88
CA THR SA 228 111.35 -13.07 -24.29
C THR SA 228 111.92 -13.87 -25.45
N LEU SA 229 111.99 -15.18 -25.27
CA LEU SA 229 112.49 -16.08 -26.30
C LEU SA 229 111.30 -16.66 -27.07
N LEU SA 230 111.36 -16.55 -28.39
CA LEU SA 230 110.24 -16.97 -29.24
C LEU SA 230 110.74 -17.89 -30.33
N ASN SA 231 110.03 -19.00 -30.53
CA ASN SA 231 110.35 -19.92 -31.61
C ASN SA 231 109.84 -19.36 -32.93
N VAL SA 232 110.67 -19.47 -33.97
CA VAL SA 232 110.33 -18.85 -35.25
C VAL SA 232 109.12 -19.53 -35.88
N SER SA 233 108.97 -20.84 -35.70
CA SER SA 233 107.84 -21.56 -36.28
C SER SA 233 106.53 -21.26 -35.57
N LYS SA 234 106.55 -20.57 -34.44
CA LYS SA 234 105.37 -20.27 -33.65
C LYS SA 234 105.35 -18.80 -33.24
N LEU SA 235 105.56 -17.93 -34.21
CA LEU SA 235 105.60 -16.49 -33.94
C LEU SA 235 104.25 -16.00 -33.42
N ASN SA 236 104.31 -15.04 -32.50
CA ASN SA 236 103.12 -14.52 -31.84
C ASN SA 236 103.06 -13.02 -31.99
N ILE SA 237 101.90 -12.50 -32.39
CA ILE SA 237 101.75 -11.05 -32.55
C ILE SA 237 101.78 -10.35 -31.20
N LEU SA 238 101.32 -11.01 -30.14
CA LEU SA 238 101.34 -10.40 -28.81
C LEU SA 238 102.76 -10.13 -28.36
N LYS SA 239 103.67 -11.07 -28.59
CA LYS SA 239 105.06 -10.87 -28.20
C LYS SA 239 105.76 -9.90 -29.14
N LEU SA 240 105.54 -10.03 -30.45
CA LEU SA 240 106.20 -9.16 -31.41
C LEU SA 240 105.63 -7.75 -31.42
N ALA SA 241 104.35 -7.57 -31.08
CA ALA SA 241 103.75 -6.26 -30.90
C ALA SA 241 103.31 -6.17 -29.46
N PRO SA 242 104.14 -5.62 -28.57
CA PRO SA 242 103.84 -5.65 -27.13
C PRO SA 242 102.54 -4.97 -26.74
N GLY SA 243 102.41 -3.69 -27.06
CA GLY SA 243 101.20 -2.96 -26.73
C GLY SA 243 100.32 -2.70 -27.94
N GLY SA 244 100.44 -3.55 -28.96
CA GLY SA 244 99.76 -3.32 -30.21
C GLY SA 244 100.48 -2.40 -31.16
N HIS SA 245 101.65 -1.88 -30.77
CA HIS SA 245 102.44 -1.01 -31.61
C HIS SA 245 103.62 -1.79 -32.19
N VAL SA 246 103.80 -1.67 -33.49
CA VAL SA 246 104.90 -2.37 -34.16
C VAL SA 246 106.23 -1.68 -33.82
N GLY SA 247 107.31 -2.44 -33.91
CA GLY SA 247 108.63 -1.88 -33.72
C GLY SA 247 109.39 -2.44 -32.54
N ARG SA 248 109.16 -3.70 -32.20
CA ARG SA 248 109.90 -4.34 -31.14
C ARG SA 248 111.31 -4.69 -31.59
N PHE SA 249 112.29 -4.43 -30.72
CA PHE SA 249 113.66 -4.84 -30.97
C PHE SA 249 113.74 -6.36 -30.94
N CYS SA 250 114.28 -6.96 -32.00
CA CYS SA 250 114.36 -8.40 -32.13
C CYS SA 250 115.78 -8.83 -32.46
N ILE SA 251 116.19 -9.97 -31.91
CA ILE SA 251 117.49 -10.57 -32.19
C ILE SA 251 117.25 -11.96 -32.76
N TRP SA 252 117.89 -12.26 -33.87
CA TRP SA 252 117.63 -13.47 -34.64
C TRP SA 252 118.81 -14.43 -34.59
N THR SA 253 118.51 -15.73 -34.56
CA THR SA 253 119.50 -16.75 -34.80
C THR SA 253 119.55 -17.05 -36.30
N GLU SA 254 120.74 -17.40 -36.79
CA GLU SA 254 120.92 -17.61 -38.23
C GLU SA 254 120.04 -18.75 -38.74
N SER SA 255 119.89 -19.82 -37.95
CA SER SA 255 119.00 -20.90 -38.34
C SER SA 255 117.57 -20.41 -38.47
N ALA SA 256 117.12 -19.59 -37.52
CA ALA SA 256 115.79 -19.01 -37.62
C ALA SA 256 115.71 -18.01 -38.78
N PHE SA 257 116.76 -17.20 -38.95
CA PHE SA 257 116.73 -16.16 -39.98
C PHE SA 257 116.68 -16.76 -41.38
N ARG SA 258 117.47 -17.81 -41.63
CA ARG SA 258 117.45 -18.45 -42.94
C ARG SA 258 116.12 -19.15 -43.19
N LYS SA 259 115.55 -19.75 -42.16
CA LYS SA 259 114.28 -20.44 -42.30
C LYS SA 259 113.11 -19.48 -42.52
N LEU SA 260 113.30 -18.20 -42.20
CA LEU SA 260 112.19 -17.24 -42.25
C LEU SA 260 111.63 -17.10 -43.66
N ASP SA 261 112.51 -17.08 -44.67
CA ASP SA 261 112.02 -17.07 -46.04
C ASP SA 261 111.26 -18.34 -46.36
N GLU SA 262 111.75 -19.49 -45.88
CA GLU SA 262 111.06 -20.75 -46.13
C GLU SA 262 109.70 -20.78 -45.42
N LEU SA 263 109.54 -20.00 -44.36
CA LEU SA 263 108.30 -20.02 -43.59
C LEU SA 263 107.25 -19.09 -44.16
N TYR SA 264 107.65 -18.07 -44.94
CA TYR SA 264 106.72 -17.12 -45.52
C TYR SA 264 106.89 -16.93 -47.02
N GLY SA 265 107.89 -17.53 -47.63
CA GLY SA 265 108.04 -17.42 -49.06
C GLY SA 265 108.47 -16.04 -49.53
N THR SA 266 108.17 -15.78 -50.79
CA THR SA 266 108.53 -14.56 -51.48
C THR SA 266 107.35 -14.14 -52.33
N TRP SA 267 107.40 -12.93 -52.91
CA TRP SA 267 106.36 -12.55 -53.85
C TRP SA 267 106.41 -13.38 -55.13
N ARG SA 268 107.47 -14.15 -55.34
CA ARG SA 268 107.56 -15.12 -56.42
C ARG SA 268 107.56 -16.57 -55.94
N LYS SA 269 107.46 -16.80 -54.63
CA LYS SA 269 107.45 -18.14 -54.07
C LYS SA 269 106.51 -18.19 -52.87
N ALA SA 270 105.52 -19.08 -52.93
CA ALA SA 270 104.63 -19.27 -51.79
C ALA SA 270 105.39 -19.92 -50.63
N ALA SA 271 104.82 -19.81 -49.44
CA ALA SA 271 105.45 -20.34 -48.24
C ALA SA 271 105.57 -21.86 -48.33
N SER SA 272 106.80 -22.36 -48.31
CA SER SA 272 107.04 -23.79 -48.50
C SER SA 272 106.51 -24.62 -47.35
N LEU SA 273 106.38 -24.04 -46.16
CA LEU SA 273 105.92 -24.78 -45.00
C LEU SA 273 104.47 -24.50 -44.63
N LYS SA 274 103.79 -23.59 -45.33
CA LYS SA 274 102.40 -23.29 -45.06
C LYS SA 274 101.46 -23.78 -46.15
N SER SA 275 101.96 -23.97 -47.38
CA SER SA 275 101.26 -24.63 -48.46
C SER SA 275 100.04 -23.87 -48.96
N ASN SA 276 99.68 -22.78 -48.29
CA ASN SA 276 98.54 -21.98 -48.71
C ASN SA 276 98.77 -20.48 -48.56
N TYR SA 277 99.96 -20.06 -48.16
CA TYR SA 277 100.22 -18.67 -47.83
C TYR SA 277 101.19 -18.03 -48.83
N ASN SA 278 101.00 -16.74 -49.05
CA ASN SA 278 101.91 -15.96 -49.85
C ASN SA 278 102.00 -14.57 -49.24
N LEU SA 279 103.10 -13.87 -49.54
CA LEU SA 279 103.25 -12.52 -49.03
C LEU SA 279 102.22 -11.60 -49.67
N PRO SA 280 101.64 -10.68 -48.90
CA PRO SA 280 100.69 -9.73 -49.48
C PRO SA 280 101.37 -8.77 -50.45
N MET SA 281 100.61 -8.37 -51.48
CA MET SA 281 101.11 -7.41 -52.44
C MET SA 281 100.94 -5.99 -51.91
N HIS SA 282 101.81 -5.10 -52.36
CA HIS SA 282 101.71 -3.70 -51.99
C HIS SA 282 100.62 -3.01 -52.79
N LYS SA 283 99.85 -2.16 -52.12
CA LYS SA 283 98.92 -1.28 -52.81
C LYS SA 283 99.57 0.05 -53.17
N MET SA 284 100.86 0.19 -52.88
CA MET SA 284 101.62 1.37 -53.28
C MET SA 284 103.08 0.94 -53.37
N ILE SA 285 103.61 0.83 -54.59
CA ILE SA 285 104.94 0.25 -54.79
C ILE SA 285 106.00 1.09 -54.10
N ASN SA 286 105.99 2.39 -54.34
CA ASN SA 286 106.97 3.29 -53.74
C ASN SA 286 106.24 4.28 -52.85
N THR SA 287 106.69 4.39 -51.61
CA THR SA 287 106.10 5.30 -50.63
C THR SA 287 106.90 6.59 -50.47
N ASP SA 288 107.90 6.82 -51.33
CA ASP SA 288 108.70 8.03 -51.29
C ASP SA 288 107.87 9.18 -51.85
N LEU SA 289 106.99 9.72 -51.00
CA LEU SA 289 106.10 10.80 -51.44
C LEU SA 289 106.88 12.05 -51.83
N SER SA 290 107.99 12.30 -51.13
CA SER SA 290 108.80 13.48 -51.43
C SER SA 290 109.37 13.41 -52.84
N ARG SA 291 109.79 12.22 -53.28
CA ARG SA 291 110.45 12.12 -54.57
C ARG SA 291 109.43 11.99 -55.70
N ILE SA 292 108.27 11.41 -55.43
CA ILE SA 292 107.23 11.32 -56.45
C ILE SA 292 106.72 12.71 -56.81
N LEU SA 293 106.53 13.56 -55.81
CA LEU SA 293 106.05 14.92 -56.06
C LEU SA 293 107.10 15.75 -56.80
N LYS SA 294 108.37 15.57 -56.46
CA LYS SA 294 109.44 16.37 -57.05
C LYS SA 294 109.93 15.83 -58.38
N SER SA 295 109.38 14.71 -58.85
CA SER SA 295 109.81 14.17 -60.13
C SER SA 295 109.41 15.12 -61.27
N PRO SA 296 110.21 15.19 -62.32
CA PRO SA 296 109.87 16.08 -63.45
C PRO SA 296 108.58 15.71 -64.14
N GLU SA 297 108.16 14.44 -64.07
CA GLU SA 297 106.89 14.03 -64.68
C GLU SA 297 105.72 14.75 -64.04
N ILE SA 298 105.70 14.80 -62.71
CA ILE SA 298 104.64 15.52 -62.01
C ILE SA 298 104.82 17.03 -62.19
N GLN SA 299 106.06 17.50 -62.10
CA GLN SA 299 106.34 18.93 -62.15
C GLN SA 299 105.86 19.56 -63.46
N ARG SA 300 105.86 18.80 -64.55
CA ARG SA 300 105.42 19.35 -65.83
C ARG SA 300 103.92 19.62 -65.84
N ALA SA 301 103.13 18.78 -65.18
CA ALA SA 301 101.67 18.88 -65.25
C ALA SA 301 101.08 19.82 -64.22
N LEU SA 302 101.88 20.42 -63.36
CA LEU SA 302 101.37 21.31 -62.32
C LEU SA 302 101.22 22.73 -62.86
N ARG SA 303 100.08 23.35 -62.55
CA ARG SA 303 99.95 24.78 -62.74
C ARG SA 303 100.83 25.51 -61.73
N ALA SA 304 101.13 26.77 -62.03
CA ALA SA 304 102.00 27.55 -61.17
C ALA SA 304 101.36 27.73 -59.79
N PRO SA 305 102.12 27.60 -58.71
CA PRO SA 305 101.53 27.76 -57.37
C PRO SA 305 101.04 29.19 -57.16
N ARG SA 306 99.94 29.29 -56.42
CA ARG SA 306 99.35 30.60 -56.08
C ARG SA 306 99.81 30.95 -54.68
N LYS SA 307 100.94 31.63 -54.59
CA LYS SA 307 101.61 31.89 -53.31
C LYS SA 307 101.42 33.32 -52.84
N LYS SA 308 100.24 33.90 -53.06
CA LYS SA 308 99.92 35.22 -52.53
C LYS SA 308 98.66 35.11 -51.68
N ILE SA 309 98.73 35.65 -50.47
CA ILE SA 309 97.58 35.68 -49.58
C ILE SA 309 96.83 36.99 -49.81
N HIS SA 310 95.55 36.88 -50.11
CA HIS SA 310 94.70 38.05 -50.38
C HIS SA 310 93.76 38.21 -49.18
N ARG SA 311 94.23 38.97 -48.19
CA ARG SA 311 93.42 39.23 -47.01
C ARG SA 311 92.27 40.18 -47.34
N ARG SA 312 91.30 40.24 -46.43
CA ARG SA 312 90.11 41.03 -46.69
C ARG SA 312 90.45 42.51 -46.80
N VAL SA 313 89.82 43.18 -47.75
CA VAL SA 313 90.06 44.59 -48.04
C VAL SA 313 89.02 45.41 -47.28
N LEU SA 314 89.47 46.27 -46.38
CA LEU SA 314 88.56 47.17 -45.70
C LEU SA 314 87.96 48.15 -46.71
N LYS SA 315 86.64 48.19 -46.76
CA LYS SA 315 85.95 49.05 -47.72
C LYS SA 315 86.04 50.50 -47.25
N LYS SA 316 86.75 51.32 -48.00
CA LYS SA 316 86.77 52.76 -47.77
C LYS SA 316 85.70 53.40 -48.62
N ASN SA 317 84.85 54.19 -48.00
CA ASN SA 317 83.65 54.67 -48.66
C ASN SA 317 83.97 55.70 -49.74
N PRO SA 318 83.59 55.48 -50.99
CA PRO SA 318 83.61 56.58 -51.96
C PRO SA 318 82.47 57.55 -51.63
N LEU SA 319 82.52 58.70 -52.30
CA LEU SA 319 81.76 59.92 -52.00
C LEU SA 319 82.18 60.53 -50.68
N LYS SA 320 83.13 59.94 -49.97
CA LYS SA 320 83.67 60.48 -48.74
C LYS SA 320 85.19 60.49 -48.83
N ASN SA 321 85.74 59.53 -49.57
CA ASN SA 321 87.17 59.44 -49.83
C ASN SA 321 87.42 59.76 -51.29
N LEU SA 322 88.24 60.79 -51.53
CA LEU SA 322 88.42 61.27 -52.90
C LEU SA 322 89.15 60.26 -53.77
N ARG SA 323 90.30 59.76 -53.31
CA ARG SA 323 91.10 58.89 -54.15
C ARG SA 323 90.44 57.53 -54.35
N ILE SA 324 89.69 57.05 -53.35
CA ILE SA 324 88.91 55.82 -53.54
C ILE SA 324 87.86 56.04 -54.62
N MET SA 325 87.20 57.20 -54.59
CA MET SA 325 86.18 57.50 -55.59
C MET SA 325 86.78 57.54 -56.99
N LEU SA 326 87.95 58.15 -57.14
CA LEU SA 326 88.59 58.21 -58.46
C LEU SA 326 89.11 56.86 -58.89
N LYS SA 327 89.37 55.96 -57.94
CA LYS SA 327 89.84 54.62 -58.30
C LYS SA 327 88.79 53.86 -59.08
N LEU SA 328 87.51 54.15 -58.84
CA LEU SA 328 86.42 53.52 -59.57
C LEU SA 328 85.89 54.40 -60.70
N ASN SA 329 85.81 55.71 -60.49
CA ASN SA 329 85.30 56.65 -61.48
C ASN SA 329 86.35 57.73 -61.69
N PRO SA 330 87.30 57.49 -62.60
CA PRO SA 330 88.34 58.50 -62.86
C PRO SA 330 87.78 59.79 -63.42
N TYR SA 331 86.62 59.77 -64.05
CA TYR SA 331 86.01 60.99 -64.58
C TYR SA 331 85.42 61.87 -63.49
N ALA SA 332 85.24 61.33 -62.28
CA ALA SA 332 84.65 62.13 -61.20
C ALA SA 332 85.54 63.30 -60.82
N LYS SA 333 86.86 63.15 -60.98
CA LYS SA 333 87.78 64.24 -60.64
C LYS SA 333 87.50 65.45 -61.51
N THR SA 334 87.36 65.24 -62.82
CA THR SA 334 87.09 66.34 -63.73
C THR SA 334 85.72 66.95 -63.47
N MET SA 335 84.73 66.11 -63.12
CA MET SA 335 83.46 66.65 -62.68
C MET SA 335 83.62 67.49 -61.44
N ARG SA 336 84.46 67.04 -60.51
CA ARG SA 336 84.64 67.77 -59.26
C ARG SA 336 85.30 69.13 -59.49
N ARG SA 337 86.32 69.19 -60.34
CA ARG SA 337 86.90 70.50 -60.61
C ARG SA 337 85.97 71.36 -61.45
N ASN SA 338 85.12 70.72 -62.26
CA ASN SA 338 84.14 71.48 -63.03
C ASN SA 338 83.12 72.13 -62.12
N THR SA 339 82.60 71.38 -61.13
CA THR SA 339 81.53 71.92 -60.31
C THR SA 339 82.04 72.93 -59.29
N ILE SA 340 83.27 72.78 -58.81
CA ILE SA 340 83.82 73.77 -57.89
C ILE SA 340 84.09 75.08 -58.62
N LEU SA 341 84.70 75.00 -59.81
CA LEU SA 341 84.94 76.20 -60.59
C LEU SA 341 83.64 76.84 -61.03
N ARG SA 342 82.64 76.03 -61.38
CA ARG SA 342 81.34 76.58 -61.76
C ARG SA 342 80.71 77.33 -60.59
N GLN SA 343 80.77 76.74 -59.39
CA GLN SA 343 80.23 77.43 -58.22
C GLN SA 343 81.03 78.68 -57.90
N ALA SA 344 82.35 78.61 -58.02
CA ALA SA 344 83.20 79.74 -57.67
C ALA SA 344 82.93 80.93 -58.58
N ARG SA 345 82.79 80.69 -59.89
CA ARG SA 345 82.48 81.77 -60.81
C ARG SA 345 81.12 82.39 -60.50
N ASN SA 346 80.11 81.56 -60.26
CA ASN SA 346 78.78 82.08 -59.95
C ASN SA 346 78.78 82.78 -58.60
N HIS SA 347 79.52 82.25 -57.62
CA HIS SA 347 79.64 82.93 -56.33
C HIS SA 347 80.33 84.28 -56.50
N LYS SA 348 81.35 84.34 -57.34
CA LYS SA 348 81.97 85.61 -57.68
C LYS SA 348 80.98 86.52 -58.40
N LEU SA 349 80.15 85.96 -59.28
CA LEU SA 349 79.23 86.76 -60.07
C LEU SA 349 78.17 87.42 -59.19
N ARG SA 350 77.66 86.70 -58.20
CA ARG SA 350 76.58 87.27 -57.38
C ARG SA 350 77.10 88.32 -56.39
N VAL SA 351 78.33 88.15 -55.89
CA VAL SA 351 78.85 89.06 -54.88
C VAL SA 351 78.96 90.47 -55.41
N ASP SA 352 79.59 90.63 -56.57
CA ASP SA 352 79.69 91.96 -57.16
C ASP SA 352 78.43 92.37 -57.91
N LYS SA 353 77.54 91.43 -58.19
CA LYS SA 353 76.22 91.80 -58.68
C LYS SA 353 75.42 92.52 -57.62
N ALA SA 354 75.53 92.07 -56.37
CA ALA SA 354 74.89 92.78 -55.26
C ALA SA 354 75.60 94.09 -54.97
N ALA SA 355 76.94 94.09 -55.03
CA ALA SA 355 77.71 95.32 -54.79
C ALA SA 355 77.38 96.38 -55.83
N ALA SA 356 77.27 95.99 -57.10
CA ALA SA 356 76.85 96.92 -58.13
C ALA SA 356 75.41 97.38 -57.90
N ALA SA 357 74.53 96.46 -57.51
CA ALA SA 357 73.15 96.83 -57.22
C ALA SA 357 73.08 97.78 -56.03
N ALA SA 358 73.86 97.51 -54.98
CA ALA SA 358 73.89 98.40 -53.83
C ALA SA 358 74.46 99.75 -54.20
N ALA SA 359 75.52 99.77 -55.02
CA ALA SA 359 76.08 101.04 -55.49
C ALA SA 359 75.09 101.79 -56.37
N ALA SA 360 74.36 101.07 -57.22
CA ALA SA 360 73.30 101.69 -58.00
C ALA SA 360 72.17 102.17 -57.10
N LEU SA 361 71.94 101.46 -55.99
CA LEU SA 361 70.93 101.90 -55.03
C LEU SA 361 71.36 103.18 -54.33
N GLN SA 362 72.66 103.31 -54.04
CA GLN SA 362 73.16 104.53 -53.41
C GLN SA 362 73.01 105.74 -54.34
N ALA SA 363 73.28 105.55 -55.63
CA ALA SA 363 73.19 106.66 -56.58
C ALA SA 363 71.75 107.08 -56.82
N LYS SA 364 70.82 106.12 -56.89
CA LYS SA 364 69.42 106.47 -57.13
C LYS SA 364 68.75 107.07 -55.91
N SER SA 365 69.40 107.05 -54.75
CA SER SA 365 68.89 107.73 -53.57
C SER SA 365 69.49 109.12 -53.40
N ASP SA 366 70.78 109.27 -53.70
CA ASP SA 366 71.46 110.54 -53.53
C ASP SA 366 72.01 111.07 -54.85
N GLU SA 367 71.20 111.06 -55.91
CA GLU SA 367 71.62 111.67 -57.17
C GLU SA 367 71.59 113.19 -57.13
N LYS SA 368 70.90 113.77 -56.15
CA LYS SA 368 70.76 115.21 -55.97
C LYS SA 368 70.21 115.88 -57.23
N GLY TA 1 -10.55 30.76 -71.78
CA GLY TA 1 -9.29 30.93 -71.08
C GLY TA 1 -9.41 30.72 -69.60
N PHE TA 2 -10.17 29.70 -69.21
CA PHE TA 2 -10.39 29.38 -67.80
C PHE TA 2 -9.58 28.18 -67.35
N VAL TA 3 -8.58 27.78 -68.13
CA VAL TA 3 -7.67 26.70 -67.76
C VAL TA 3 -6.25 27.25 -67.90
N LYS TA 4 -5.32 26.63 -67.17
CA LYS TA 4 -3.92 27.05 -67.22
C LYS TA 4 -3.37 26.91 -68.63
N VAL TA 5 -2.67 27.95 -69.07
CA VAL TA 5 -2.10 27.96 -70.42
C VAL TA 5 -0.84 27.11 -70.42
N VAL TA 6 -0.83 26.05 -71.23
CA VAL TA 6 0.35 25.20 -71.32
C VAL TA 6 1.50 25.97 -71.94
N LYS TA 7 1.23 26.77 -72.96
CA LYS TA 7 2.26 27.52 -73.66
C LYS TA 7 2.20 28.97 -73.21
N ASN TA 8 2.83 29.25 -72.08
CA ASN TA 8 2.97 30.60 -71.55
C ASN TA 8 4.39 31.10 -71.77
N LYS TA 9 4.67 32.29 -71.23
CA LYS TA 9 6.02 32.83 -71.34
C LYS TA 9 7.02 31.96 -70.61
N ALA TA 10 6.60 31.35 -69.49
CA ALA TA 10 7.50 30.45 -68.77
C ALA TA 10 7.78 29.19 -69.57
N TYR TA 11 6.82 28.74 -70.37
CA TYR TA 11 7.01 27.52 -71.16
C TYR TA 11 8.07 27.72 -72.23
N PHE TA 12 7.97 28.82 -72.99
CA PHE TA 12 8.90 29.03 -74.09
C PHE TA 12 10.29 29.38 -73.59
N LYS TA 13 10.40 29.96 -72.39
CA LYS TA 13 11.72 30.27 -71.84
C LYS TA 13 12.54 29.02 -71.59
N ARG TA 14 11.90 27.98 -71.05
CA ARG TA 14 12.60 26.74 -70.73
C ARG TA 14 12.61 25.74 -71.88
N TYR TA 15 11.97 26.05 -72.99
CA TYR TA 15 11.92 25.11 -74.10
C TYR TA 15 13.32 24.88 -74.67
N GLN TA 16 13.69 23.62 -74.81
CA GLN TA 16 14.91 23.24 -75.49
C GLN TA 16 14.55 22.57 -76.80
N VAL TA 17 14.85 23.24 -77.91
CA VAL TA 17 14.56 22.66 -79.21
C VAL TA 17 15.49 21.48 -79.46
N LYS TA 18 15.06 20.60 -80.36
CA LYS TA 18 15.87 19.46 -80.75
C LYS TA 18 16.81 19.89 -81.87
N PHE TA 19 17.55 18.94 -82.44
CA PHE TA 19 18.41 19.26 -83.57
C PHE TA 19 17.55 19.67 -84.76
N ARG TA 20 18.14 20.49 -85.64
CA ARG TA 20 17.38 21.05 -86.76
C ARG TA 20 16.81 19.94 -87.65
N ARG TA 21 17.65 18.97 -88.00
CA ARG TA 21 17.17 17.88 -88.83
C ARG TA 21 16.21 16.97 -88.06
N ARG TA 22 16.40 16.84 -86.75
CA ARG TA 22 15.46 16.06 -85.95
C ARG TA 22 14.09 16.73 -85.91
N ARG TA 23 14.07 18.05 -85.69
CA ARG TA 23 12.79 18.77 -85.75
C ARG TA 23 12.18 18.71 -87.14
N GLU TA 24 13.02 18.68 -88.17
CA GLU TA 24 12.55 18.44 -89.53
C GLU TA 24 12.16 16.98 -89.75
N GLY TA 25 12.48 16.09 -88.82
CA GLY TA 25 12.16 14.68 -88.98
C GLY TA 25 12.89 14.01 -90.12
N LYS TA 26 14.19 14.24 -90.23
CA LYS TA 26 14.99 13.66 -91.30
C LYS TA 26 16.04 12.68 -90.76
N THR TA 27 16.86 13.12 -89.80
CA THR TA 27 17.99 12.34 -89.34
C THR TA 27 17.67 11.72 -87.98
N ASP TA 28 17.75 10.39 -87.90
CA ASP TA 28 17.60 9.68 -86.64
C ASP TA 28 18.97 9.61 -85.98
N TYR TA 29 19.22 10.54 -85.05
CA TYR TA 29 20.57 10.70 -84.51
C TYR TA 29 21.00 9.51 -83.66
N TYR TA 30 20.05 8.79 -83.06
CA TYR TA 30 20.40 7.56 -82.37
C TYR TA 30 20.98 6.53 -83.33
N ALA TA 31 20.39 6.41 -84.51
CA ALA TA 31 20.92 5.49 -85.51
C ALA TA 31 22.17 6.06 -86.17
N ARG TA 32 22.22 7.38 -86.35
CA ARG TA 32 23.38 8.01 -86.97
C ARG TA 32 24.61 7.85 -86.08
N LYS TA 33 24.42 7.89 -84.76
CA LYS TA 33 25.55 7.83 -83.84
C LYS TA 33 26.32 6.52 -83.98
N ARG TA 34 25.60 5.41 -84.17
CA ARG TA 34 26.27 4.13 -84.36
C ARG TA 34 26.68 3.89 -85.81
N LEU TA 35 26.25 4.74 -86.73
CA LEU TA 35 26.48 4.48 -88.15
C LEU TA 35 27.73 5.17 -88.67
N VAL TA 36 27.92 6.44 -88.32
CA VAL TA 36 28.88 7.29 -89.00
C VAL TA 36 30.10 7.57 -88.13
N ILE TA 37 30.29 6.83 -87.04
CA ILE TA 37 31.39 7.07 -86.13
C ILE TA 37 32.43 5.96 -86.30
N GLN TA 38 33.64 6.36 -86.65
CA GLN TA 38 34.76 5.44 -86.76
C GLN TA 38 35.34 5.17 -85.38
N ASP TA 39 35.88 3.97 -85.20
CA ASP TA 39 36.60 3.65 -83.98
C ASP TA 39 37.80 4.58 -83.81
N LYS TA 40 38.03 5.02 -82.58
CA LYS TA 40 39.07 6.02 -82.33
C LYS TA 40 40.45 5.49 -82.65
N ASN TA 41 40.71 4.22 -82.34
CA ASN TA 41 42.01 3.64 -82.59
C ASN TA 41 42.30 3.45 -84.08
N LYS TA 42 41.31 3.63 -84.94
CA LYS TA 42 41.54 3.66 -86.38
C LYS TA 42 41.86 5.06 -86.88
N TYR TA 43 41.76 6.07 -86.02
CA TYR TA 43 42.14 7.46 -86.30
C TYR TA 43 41.31 7.97 -87.48
N ASN TA 44 41.92 8.47 -88.56
CA ASN TA 44 41.20 9.12 -89.64
C ASN TA 44 40.81 8.16 -90.75
N THR TA 45 40.62 6.89 -90.45
CA THR TA 45 40.13 5.95 -91.45
C THR TA 45 38.67 6.25 -91.71
N PRO TA 46 38.27 6.58 -92.94
CA PRO TA 46 36.87 6.88 -93.20
C PRO TA 46 35.99 5.65 -93.03
N LYS TA 47 34.78 5.88 -92.52
CA LYS TA 47 33.77 4.85 -92.34
C LYS TA 47 32.66 5.14 -93.34
N TYR TA 48 32.77 4.55 -94.53
CA TYR TA 48 31.85 4.84 -95.62
C TYR TA 48 30.49 4.21 -95.35
N ARG TA 49 29.43 4.92 -95.70
CA ARG TA 49 28.07 4.42 -95.61
C ARG TA 49 27.36 4.65 -96.93
N MET TA 50 26.45 3.74 -97.26
CA MET TA 50 25.66 3.87 -98.49
C MET TA 50 24.31 4.47 -98.13
N ILE TA 51 24.07 5.69 -98.59
CA ILE TA 51 22.84 6.41 -98.28
C ILE TA 51 21.79 6.06 -99.32
N VAL TA 52 20.65 5.57 -98.87
CA VAL TA 52 19.53 5.23 -99.74
C VAL TA 52 18.28 5.92 -99.20
N ARG TA 53 17.65 6.73 -100.03
CA ARG TA 53 16.41 7.43 -99.68
C ARG TA 53 15.41 7.25 -100.81
N VAL TA 54 14.16 6.97 -100.45
CA VAL TA 54 13.10 6.74 -101.41
C VAL TA 54 12.16 7.93 -101.40
N THR TA 55 12.04 8.60 -102.53
CA THR TA 55 11.12 9.72 -102.71
C THR TA 55 9.87 9.22 -103.43
N ASN TA 56 8.85 10.08 -103.52
CA ASN TA 56 7.62 9.70 -104.18
C ASN TA 56 7.86 9.35 -105.64
N ARG TA 57 8.67 10.15 -106.34
CA ARG TA 57 8.95 9.93 -107.75
C ARG TA 57 10.44 9.77 -108.04
N ASP TA 58 11.26 9.51 -107.03
CA ASP TA 58 12.69 9.44 -107.22
C ASP TA 58 13.33 8.54 -106.18
N ILE TA 59 14.54 8.08 -106.47
CA ILE TA 59 15.38 7.37 -105.51
C ILE TA 59 16.80 7.91 -105.63
N ILE TA 60 17.42 8.22 -104.50
CA ILE TA 60 18.76 8.78 -104.46
C ILE TA 60 19.66 7.81 -103.70
N CYS TA 61 20.77 7.44 -104.33
CA CYS TA 61 21.79 6.60 -103.71
C CYS TA 61 23.08 7.40 -103.59
N GLN TA 62 23.61 7.48 -102.37
CA GLN TA 62 24.77 8.30 -102.09
C GLN TA 62 25.75 7.51 -101.22
N ILE TA 63 27.03 7.83 -101.40
CA ILE TA 63 28.11 7.26 -100.58
C ILE TA 63 28.91 8.41 -100.00
N ALA TA 64 29.06 8.40 -98.68
CA ALA TA 64 29.74 9.50 -98.00
C ALA TA 64 30.32 9.00 -96.68
N TYR TA 65 31.20 9.82 -96.11
CA TYR TA 65 31.81 9.55 -94.82
C TYR TA 65 31.68 10.79 -93.95
N ALA TA 66 31.56 10.58 -92.65
CA ALA TA 66 31.31 11.67 -91.73
C ALA TA 66 32.58 12.51 -91.54
N ARG TA 67 32.38 13.81 -91.38
CA ARG TA 67 33.44 14.74 -91.02
C ARG TA 67 32.87 15.77 -90.05
N ILE TA 68 33.77 16.46 -89.35
CA ILE TA 68 33.35 17.40 -88.31
C ILE TA 68 32.53 18.53 -88.93
N GLU TA 69 32.96 19.06 -90.07
CA GLU TA 69 32.28 20.15 -90.72
C GLU TA 69 31.16 19.69 -91.65
N GLY TA 70 30.89 18.38 -91.71
CA GLY TA 70 29.81 17.89 -92.53
C GLY TA 70 30.18 16.68 -93.36
N ASP TA 71 29.18 15.90 -93.78
CA ASP TA 71 29.45 14.70 -94.57
C ASP TA 71 29.98 15.05 -95.94
N MET TA 72 30.89 14.22 -96.43
CA MET TA 72 31.55 14.43 -97.72
C MET TA 72 31.14 13.32 -98.66
N ILE TA 73 30.33 13.66 -99.66
CA ILE TA 73 29.88 12.68 -100.64
C ILE TA 73 30.98 12.48 -101.67
N VAL TA 74 31.38 11.23 -101.88
CA VAL TA 74 32.42 10.90 -102.84
C VAL TA 74 31.79 10.43 -104.13
N CYS TA 75 30.58 9.88 -104.05
CA CYS TA 75 29.90 9.34 -105.22
C CYS TA 75 28.41 9.29 -104.93
N ALA TA 76 27.60 9.75 -105.88
CA ALA TA 76 26.16 9.78 -105.71
C ALA TA 76 25.49 9.38 -107.02
N ALA TA 77 24.28 8.84 -106.90
CA ALA TA 77 23.49 8.45 -108.06
C ALA TA 77 22.03 8.81 -107.80
N TYR TA 78 21.29 9.02 -108.87
CA TYR TA 78 19.88 9.38 -108.79
C TYR TA 78 19.08 8.49 -109.72
N ALA TA 79 17.82 8.26 -109.34
CA ALA TA 79 16.94 7.46 -110.20
C ALA TA 79 16.52 8.22 -111.45
N HIS TA 80 16.63 9.54 -111.46
CA HIS TA 80 16.15 10.32 -112.59
C HIS TA 80 17.12 10.37 -113.76
N GLU TA 81 18.35 9.88 -113.60
CA GLU TA 81 19.27 9.81 -114.72
C GLU TA 81 19.15 8.50 -115.49
N LEU TA 82 18.32 7.57 -115.02
CA LEU TA 82 18.05 6.36 -115.79
C LEU TA 82 17.49 6.63 -117.18
N PRO TA 83 16.59 7.60 -117.41
CA PRO TA 83 16.16 7.87 -118.79
C PRO TA 83 17.26 8.30 -119.75
N LYS TA 84 18.48 8.56 -119.26
CA LYS TA 84 19.60 8.79 -120.17
C LYS TA 84 19.85 7.56 -121.03
N TYR TA 85 19.70 6.36 -120.47
CA TYR TA 85 19.89 5.15 -121.24
C TYR TA 85 19.07 4.03 -120.62
N GLY TA 86 18.25 3.38 -121.43
CA GLY TA 86 17.45 2.24 -120.97
C GLY TA 86 16.01 2.64 -120.67
N VAL TA 87 15.65 2.66 -119.39
CA VAL TA 87 14.26 2.77 -118.98
C VAL TA 87 13.90 4.23 -118.72
N LYS TA 88 12.66 4.59 -119.08
CA LYS TA 88 12.16 5.95 -118.86
C LYS TA 88 10.97 6.01 -117.91
N VAL TA 89 10.16 4.95 -117.82
CA VAL TA 89 8.93 4.97 -117.06
C VAL TA 89 9.04 3.91 -115.97
N GLY TA 90 8.24 4.08 -114.92
CA GLY TA 90 8.27 3.15 -113.82
C GLY TA 90 9.54 3.19 -113.01
N LEU TA 91 10.07 4.38 -112.76
CA LEU TA 91 11.19 4.55 -111.86
C LEU TA 91 10.68 4.47 -110.42
N THR TA 92 11.51 4.92 -109.48
CA THR TA 92 11.27 4.92 -108.03
C THR TA 92 10.61 3.64 -107.53
N ASN TA 93 10.91 2.51 -108.18
CA ASN TA 93 10.40 1.21 -107.81
C ASN TA 93 11.57 0.29 -107.49
N TYR TA 94 11.25 -0.97 -107.16
CA TYR TA 94 12.29 -1.91 -106.75
C TYR TA 94 13.27 -2.17 -107.88
N ALA TA 95 12.79 -2.30 -109.11
CA ALA TA 95 13.67 -2.56 -110.24
C ALA TA 95 14.63 -1.40 -110.48
N ALA TA 96 14.11 -0.16 -110.44
CA ALA TA 96 14.98 0.99 -110.63
C ALA TA 96 15.95 1.16 -109.47
N ALA TA 97 15.53 0.81 -108.26
CA ALA TA 97 16.41 0.89 -107.10
C ALA TA 97 17.62 -0.02 -107.28
N TYR TA 98 17.40 -1.22 -107.80
CA TYR TA 98 18.51 -2.11 -108.13
C TYR TA 98 19.39 -1.50 -109.21
N CYS TA 99 18.78 -0.87 -110.21
CA CYS TA 99 19.54 -0.30 -111.31
C CYS TA 99 20.42 0.85 -110.84
N THR TA 100 19.87 1.77 -110.04
CA THR TA 100 20.68 2.88 -109.55
C THR TA 100 21.69 2.42 -108.52
N GLY TA 101 21.39 1.35 -107.78
CA GLY TA 101 22.38 0.78 -106.88
C GLY TA 101 23.55 0.17 -107.65
N LEU TA 102 23.25 -0.55 -108.73
CA LEU TA 102 24.31 -1.06 -109.58
C LEU TA 102 25.06 0.07 -110.27
N LEU TA 103 24.33 1.11 -110.69
CA LEU TA 103 24.97 2.29 -111.26
C LEU TA 103 25.92 2.94 -110.28
N LEU TA 104 25.45 3.11 -109.04
CA LEU TA 104 26.30 3.72 -108.01
C LEU TA 104 27.53 2.88 -107.73
N ALA TA 105 27.36 1.56 -107.68
CA ALA TA 105 28.48 0.67 -107.39
C ALA TA 105 29.54 0.76 -108.48
N ARG TA 106 29.13 0.67 -109.74
CA ARG TA 106 30.09 0.71 -110.84
C ARG TA 106 30.74 2.09 -110.94
N ARG TA 107 29.97 3.14 -110.76
CA ARG TA 107 30.50 4.51 -110.90
C ARG TA 107 31.53 4.80 -109.82
N LEU TA 108 31.29 4.37 -108.58
CA LEU TA 108 32.26 4.55 -107.53
C LEU TA 108 33.56 3.83 -107.84
N LEU TA 109 33.46 2.57 -108.27
CA LEU TA 109 34.66 1.83 -108.66
C LEU TA 109 35.33 2.45 -109.87
N ASN TA 110 34.54 3.07 -110.75
CA ASN TA 110 35.12 3.72 -111.92
C ASN TA 110 36.00 4.90 -111.52
N ARG TA 111 35.56 5.68 -110.55
CA ARG TA 111 36.39 6.78 -110.05
C ARG TA 111 37.66 6.25 -109.38
N PHE TA 112 37.53 5.15 -108.64
CA PHE TA 112 38.68 4.57 -107.95
C PHE TA 112 39.61 3.82 -108.90
N GLY TA 113 39.18 3.58 -110.14
CA GLY TA 113 39.96 2.82 -111.08
C GLY TA 113 39.81 1.32 -110.97
N MET TA 114 38.96 0.82 -110.08
CA MET TA 114 38.78 -0.62 -109.89
C MET TA 114 37.55 -1.11 -110.65
N ASP TA 115 37.61 -1.00 -111.98
CA ASP TA 115 36.56 -1.57 -112.82
C ASP TA 115 36.93 -2.96 -113.33
N LYS TA 116 38.17 -3.11 -113.83
CA LYS TA 116 38.60 -4.40 -114.34
C LYS TA 116 38.63 -5.44 -113.23
N ILE TA 117 39.10 -5.05 -112.05
CA ILE TA 117 38.99 -5.90 -110.88
C ILE TA 117 37.66 -5.66 -110.19
N TYR TA 118 37.21 -6.66 -109.43
CA TYR TA 118 35.93 -6.63 -108.72
C TYR TA 118 34.78 -6.35 -109.70
N GLU TA 119 34.68 -7.22 -110.71
CA GLU TA 119 33.67 -7.01 -111.75
C GLU TA 119 32.25 -7.24 -111.23
N GLY TA 120 32.09 -8.02 -110.16
CA GLY TA 120 30.79 -8.29 -109.60
C GLY TA 120 30.05 -9.38 -110.33
N GLN TA 121 28.86 -9.68 -109.81
CA GLN TA 121 28.01 -10.72 -110.38
C GLN TA 121 27.37 -10.21 -111.66
N VAL TA 122 28.05 -10.42 -112.80
CA VAL TA 122 27.57 -9.88 -114.07
C VAL TA 122 26.24 -10.53 -114.46
N GLU TA 123 26.18 -11.85 -114.43
CA GLU TA 123 24.93 -12.56 -114.71
C GLU TA 123 24.00 -12.36 -113.52
N VAL TA 124 22.90 -11.63 -113.73
CA VAL TA 124 22.09 -11.16 -112.62
C VAL TA 124 21.23 -12.31 -112.10
N THR TA 125 21.45 -12.66 -110.83
CA THR TA 125 20.61 -13.62 -110.13
C THR TA 125 20.30 -13.07 -108.74
N GLY TA 126 19.16 -13.49 -108.19
CA GLY TA 126 18.69 -12.97 -106.93
C GLY TA 126 19.28 -13.61 -105.69
N ASP TA 127 20.15 -14.61 -105.84
CA ASP TA 127 20.68 -15.32 -104.69
C ASP TA 127 21.73 -14.48 -103.97
N GLU TA 128 22.17 -14.99 -102.82
CA GLU TA 128 23.15 -14.30 -102.00
C GLU TA 128 24.51 -14.26 -102.71
N TYR TA 129 25.09 -13.06 -102.79
CA TYR TA 129 26.38 -12.88 -103.41
C TYR TA 129 27.18 -11.86 -102.62
N ASN TA 130 28.48 -12.12 -102.46
CA ASN TA 130 29.38 -11.20 -101.78
C ASN TA 130 30.70 -11.16 -102.53
N VAL TA 131 31.14 -9.95 -102.88
CA VAL TA 131 32.42 -9.80 -103.56
C VAL TA 131 33.55 -10.04 -102.56
N GLU TA 132 34.59 -10.73 -103.03
CA GLU TA 132 35.73 -11.08 -102.20
C GLU TA 132 36.96 -10.28 -102.63
N SER TA 133 37.65 -9.71 -101.66
CA SER TA 133 38.89 -8.99 -101.95
C SER TA 133 39.93 -9.96 -102.48
N ILE TA 134 40.72 -9.50 -103.45
CA ILE TA 134 41.69 -10.32 -104.15
C ILE TA 134 43.08 -9.86 -103.74
N ASP TA 135 43.93 -10.82 -103.36
CA ASP TA 135 45.29 -10.51 -102.96
C ASP TA 135 46.08 -9.96 -104.14
N GLY TA 136 47.06 -9.13 -103.84
CA GLY TA 136 47.79 -8.39 -104.88
C GLY TA 136 47.03 -7.16 -105.33
N GLN TA 137 45.79 -7.33 -105.76
CA GLN TA 137 44.95 -6.19 -106.08
C GLN TA 137 44.59 -5.43 -104.81
N PRO TA 138 44.27 -4.14 -104.93
CA PRO TA 138 43.80 -3.39 -103.76
C PRO TA 138 42.50 -3.97 -103.23
N GLY TA 139 42.31 -3.84 -101.92
CA GLY TA 139 41.14 -4.42 -101.28
C GLY TA 139 39.86 -3.81 -101.79
N ALA TA 140 38.80 -4.63 -101.78
CA ALA TA 140 37.50 -4.18 -102.25
C ALA TA 140 36.92 -3.12 -101.33
N PHE TA 141 36.03 -2.31 -101.89
CA PHE TA 141 35.41 -1.23 -101.14
C PHE TA 141 34.42 -1.78 -100.12
N THR TA 142 34.38 -1.15 -98.96
CA THR TA 142 33.52 -1.58 -97.87
C THR TA 142 32.66 -0.41 -97.40
N CYS TA 143 31.36 -0.63 -97.28
CA CYS TA 143 30.44 0.39 -96.80
C CYS TA 143 29.23 -0.31 -96.20
N TYR TA 144 28.36 0.48 -95.57
CA TYR TA 144 27.18 -0.04 -94.88
C TYR TA 144 25.95 0.73 -95.32
N LEU TA 145 24.80 0.05 -95.26
CA LEU TA 145 23.55 0.62 -95.74
C LEU TA 145 22.95 1.53 -94.66
N ASP TA 146 22.83 2.82 -94.98
CA ASP TA 146 22.21 3.78 -94.08
C ASP TA 146 20.72 3.77 -94.37
N ALA TA 147 19.97 2.97 -93.61
CA ALA TA 147 18.53 2.84 -93.85
C ALA TA 147 17.81 4.16 -93.60
N GLY TA 148 18.18 4.88 -92.55
CA GLY TA 148 17.51 6.13 -92.25
C GLY TA 148 16.22 5.88 -91.50
N LEU TA 149 15.12 6.44 -92.01
CA LEU TA 149 13.82 6.32 -91.37
C LEU TA 149 12.91 5.32 -92.05
N ALA TA 150 13.30 4.75 -93.18
CA ALA TA 150 12.47 3.78 -93.86
C ALA TA 150 12.36 2.51 -93.03
N ARG TA 151 11.14 2.01 -92.87
CA ARG TA 151 10.93 0.79 -92.10
C ARG TA 151 11.47 -0.40 -92.88
N THR TA 152 12.47 -1.07 -92.32
CA THR TA 152 13.18 -2.13 -93.03
C THR TA 152 12.49 -3.48 -92.88
N THR TA 153 11.21 -3.53 -93.22
CA THR TA 153 10.52 -4.80 -93.31
C THR TA 153 10.98 -5.55 -94.56
N THR TA 154 10.70 -6.86 -94.58
CA THR TA 154 11.17 -7.71 -95.66
C THR TA 154 10.60 -7.26 -97.00
N GLY TA 155 11.46 -7.12 -97.99
CA GLY TA 155 11.06 -6.68 -99.31
C GLY TA 155 11.15 -5.20 -99.56
N ASN TA 156 11.73 -4.43 -98.64
CA ASN TA 156 11.86 -2.99 -98.84
C ASN TA 156 12.82 -2.69 -99.99
N LYS TA 157 12.53 -1.60 -100.71
CA LYS TA 157 13.35 -1.22 -101.85
C LYS TA 157 14.76 -0.81 -101.46
N VAL TA 158 14.98 -0.43 -100.19
CA VAL TA 158 16.31 -0.04 -99.76
C VAL TA 158 17.26 -1.23 -99.85
N PHE TA 159 16.76 -2.44 -99.58
CA PHE TA 159 17.57 -3.64 -99.75
C PHE TA 159 17.80 -3.94 -101.22
N GLY TA 160 16.82 -3.62 -102.08
CA GLY TA 160 17.05 -3.75 -103.51
C GLY TA 160 18.15 -2.83 -104.01
N ALA TA 161 18.20 -1.61 -103.47
CA ALA TA 161 19.31 -0.70 -103.79
C ALA TA 161 20.62 -1.29 -103.29
N LEU TA 162 20.61 -1.92 -102.12
CA LEU TA 162 21.79 -2.63 -101.64
C LEU TA 162 22.13 -3.79 -102.57
N LYS TA 163 21.11 -4.47 -103.11
CA LYS TA 163 21.35 -5.59 -104.00
C LYS TA 163 22.09 -5.15 -105.26
N GLY TA 164 21.75 -3.98 -105.80
CA GLY TA 164 22.49 -3.44 -106.92
C GLY TA 164 23.93 -3.14 -106.57
N ALA TA 165 24.16 -2.64 -105.35
CA ALA TA 165 25.52 -2.29 -104.94
C ALA TA 165 26.38 -3.53 -104.76
N VAL TA 166 25.86 -4.55 -104.06
CA VAL TA 166 26.65 -5.75 -103.83
C VAL TA 166 26.87 -6.52 -105.12
N ASP TA 167 25.90 -6.51 -106.03
CA ASP TA 167 26.10 -7.14 -107.33
C ASP TA 167 27.03 -6.32 -108.20
N GLY TA 168 27.14 -5.02 -107.94
CA GLY TA 168 28.08 -4.17 -108.65
C GLY TA 168 29.51 -4.39 -108.23
N GLY TA 169 29.74 -4.97 -107.05
CA GLY TA 169 31.09 -5.23 -106.60
C GLY TA 169 31.47 -4.47 -105.34
N LEU TA 170 30.50 -4.19 -104.49
CA LEU TA 170 30.72 -3.50 -103.24
C LEU TA 170 30.53 -4.48 -102.08
N SER TA 171 31.51 -4.54 -101.18
CA SER TA 171 31.46 -5.44 -100.04
C SER TA 171 30.65 -4.78 -98.93
N ILE TA 172 29.34 -4.99 -98.95
CA ILE TA 172 28.44 -4.49 -97.93
C ILE TA 172 27.93 -5.68 -97.13
N PRO TA 173 28.22 -5.76 -95.82
CA PRO TA 173 27.72 -6.88 -95.03
C PRO TA 173 26.20 -6.86 -94.93
N HIS TA 174 25.59 -8.03 -95.15
CA HIS TA 174 24.15 -8.16 -95.19
C HIS TA 174 23.79 -9.62 -95.26
N SER TA 175 22.55 -9.92 -94.88
CA SER TA 175 21.96 -11.24 -95.04
C SER TA 175 20.85 -11.15 -96.09
N THR TA 176 20.11 -12.25 -96.26
CA THR TA 176 19.04 -12.31 -97.23
C THR TA 176 17.66 -12.46 -96.59
N LYS TA 177 17.57 -12.26 -95.27
CA LYS TA 177 16.27 -12.38 -94.61
C LYS TA 177 15.30 -11.27 -95.02
N ARG TA 178 15.80 -10.12 -95.45
CA ARG TA 178 14.95 -9.01 -95.79
C ARG TA 178 14.67 -8.89 -97.28
N PHE TA 179 15.30 -9.72 -98.12
CA PHE TA 179 15.03 -9.70 -99.53
C PHE TA 179 13.64 -10.25 -99.82
N PRO TA 180 13.03 -9.86 -100.95
CA PRO TA 180 11.67 -10.33 -101.26
C PRO TA 180 11.54 -11.84 -101.35
N GLY TA 181 12.61 -12.56 -101.68
CA GLY TA 181 12.53 -14.01 -101.81
C GLY TA 181 12.36 -14.74 -100.49
N TYR TA 182 12.74 -14.11 -99.38
CA TYR TA 182 12.66 -14.78 -98.08
C TYR TA 182 11.21 -15.00 -97.68
N ASP TA 183 10.96 -16.16 -97.07
CA ASP TA 183 9.66 -16.49 -96.50
C ASP TA 183 9.79 -16.61 -95.00
N SER TA 184 8.92 -15.92 -94.27
CA SER TA 184 9.04 -15.87 -92.82
C SER TA 184 8.64 -17.20 -92.18
N GLU TA 185 7.52 -17.78 -92.64
CA GLU TA 185 7.02 -19.01 -92.02
C GLU TA 185 7.95 -20.18 -92.27
N SER TA 186 8.51 -20.28 -93.48
CA SER TA 186 9.43 -21.35 -93.79
C SER TA 186 10.88 -21.02 -93.44
N LYS TA 187 11.16 -19.77 -93.07
CA LYS TA 187 12.51 -19.31 -92.73
C LYS TA 187 13.51 -19.65 -93.85
N GLU TA 188 13.07 -19.44 -95.09
CA GLU TA 188 13.84 -19.84 -96.26
C GLU TA 188 13.85 -18.71 -97.28
N PHE TA 189 14.99 -18.51 -97.93
CA PHE TA 189 15.14 -17.52 -98.99
C PHE TA 189 14.95 -18.20 -100.33
N ASN TA 190 13.97 -17.73 -101.11
CA ASN TA 190 13.65 -18.40 -102.37
C ASN TA 190 14.70 -18.12 -103.43
N ALA TA 191 15.22 -16.89 -103.47
CA ALA TA 191 16.27 -16.45 -104.39
C ALA TA 191 15.84 -16.51 -105.85
N GLU TA 192 14.56 -16.70 -106.13
CA GLU TA 192 14.07 -16.70 -107.50
C GLU TA 192 13.02 -15.63 -107.76
N VAL TA 193 12.02 -15.50 -106.87
CA VAL TA 193 11.10 -14.38 -106.97
C VAL TA 193 11.83 -13.06 -106.75
N HIS TA 194 12.93 -13.09 -106.01
CA HIS TA 194 13.79 -11.91 -105.91
C HIS TA 194 14.33 -11.51 -107.27
N ARG TA 195 14.75 -12.49 -108.07
CA ARG TA 195 15.15 -12.21 -109.45
C ARG TA 195 13.97 -11.67 -110.26
N LYS TA 196 12.78 -12.20 -110.01
CA LYS TA 196 11.59 -11.67 -110.68
C LYS TA 196 11.33 -10.22 -110.28
N HIS TA 197 11.49 -9.89 -109.00
CA HIS TA 197 11.32 -8.51 -108.57
C HIS TA 197 12.42 -7.62 -109.12
N ILE TA 198 13.65 -8.15 -109.20
CA ILE TA 198 14.73 -7.38 -109.81
C ILE TA 198 14.44 -7.14 -111.29
N MET TA 199 13.98 -8.17 -111.98
CA MET TA 199 13.68 -8.05 -113.41
C MET TA 199 12.33 -7.39 -113.68
N GLY TA 200 11.57 -7.07 -112.63
CA GLY TA 200 10.29 -6.43 -112.83
C GLY TA 200 9.19 -7.35 -113.32
N GLN TA 201 9.37 -8.66 -113.16
CA GLN TA 201 8.31 -9.61 -113.54
C GLN TA 201 7.05 -9.38 -112.73
N ASN TA 202 7.20 -9.06 -111.44
CA ASN TA 202 6.05 -8.80 -110.58
C ASN TA 202 5.26 -7.58 -111.07
N VAL TA 203 5.98 -6.55 -111.54
CA VAL TA 203 5.30 -5.38 -112.10
C VAL TA 203 4.62 -5.76 -113.42
N ALA TA 204 5.32 -6.52 -114.27
CA ALA TA 204 4.76 -6.92 -115.55
C ALA TA 204 3.53 -7.79 -115.38
N ASP TA 205 3.55 -8.69 -114.38
CA ASP TA 205 2.39 -9.54 -114.12
C ASP TA 205 1.19 -8.71 -113.69
N TYR TA 206 1.42 -7.61 -112.97
CA TYR TA 206 0.33 -6.73 -112.60
C TYR TA 206 -0.30 -6.08 -113.82
N MET TA 207 0.51 -5.68 -114.79
CA MET TA 207 0.00 -5.02 -115.99
C MET TA 207 -0.95 -5.94 -116.75
N ARG TA 208 -0.51 -7.15 -117.05
CA ARG TA 208 -1.36 -8.09 -117.78
C ARG TA 208 -2.53 -8.57 -116.93
N TYR TA 209 -2.38 -8.64 -115.61
CA TYR TA 209 -3.52 -8.97 -114.76
C TYR TA 209 -4.59 -7.89 -114.84
N LEU TA 210 -4.18 -6.62 -114.79
CA LEU TA 210 -5.15 -5.54 -114.89
C LEU TA 210 -5.78 -5.47 -116.28
N MET TA 211 -5.06 -5.98 -117.29
CA MET TA 211 -5.59 -5.96 -118.66
C MET TA 211 -6.87 -6.75 -118.79
N GLU TA 212 -7.10 -7.73 -117.91
CA GLU TA 212 -8.25 -8.63 -118.04
C GLU TA 212 -9.47 -8.09 -117.30
N GLU TA 213 -9.36 -7.91 -115.98
CA GLU TA 213 -10.56 -7.58 -115.19
C GLU TA 213 -11.00 -6.14 -115.40
N ASP TA 214 -10.06 -5.19 -115.44
CA ASP TA 214 -10.42 -3.77 -115.54
C ASP TA 214 -9.41 -3.09 -116.46
N GLU TA 215 -9.76 -3.03 -117.75
CA GLU TA 215 -8.82 -2.55 -118.77
C GLU TA 215 -8.54 -1.05 -118.61
N ASP TA 216 -9.59 -0.25 -118.45
CA ASP TA 216 -9.38 1.18 -118.31
C ASP TA 216 -8.64 1.54 -117.03
N ALA TA 217 -8.84 0.74 -115.98
CA ALA TA 217 -8.04 0.92 -114.76
C ALA TA 217 -6.56 0.66 -115.05
N TYR TA 218 -6.28 -0.35 -115.87
CA TYR TA 218 -4.90 -0.55 -116.32
C TYR TA 218 -4.41 0.66 -117.12
N LYS TA 219 -5.26 1.19 -118.00
CA LYS TA 219 -4.91 2.41 -118.72
C LYS TA 219 -4.77 3.59 -117.77
N LYS TA 220 -5.61 3.64 -116.74
CA LYS TA 220 -5.48 4.68 -115.72
C LYS TA 220 -4.20 4.51 -114.93
N GLN TA 221 -3.87 3.27 -114.56
CA GLN TA 221 -2.73 3.02 -113.69
C GLN TA 221 -1.41 3.27 -114.41
N PHE TA 222 -1.11 2.45 -115.41
CA PHE TA 222 0.17 2.53 -116.11
C PHE TA 222 0.05 3.39 -117.37
N SER TA 223 -0.37 4.64 -117.17
CA SER TA 223 -0.65 5.51 -118.30
C SER TA 223 0.62 5.89 -119.04
N GLN TA 224 1.65 6.33 -118.31
CA GLN TA 224 2.90 6.69 -118.98
C GLN TA 224 3.66 5.46 -119.45
N TYR TA 225 3.34 4.28 -118.90
CA TYR TA 225 3.86 3.03 -119.47
C TYR TA 225 3.40 2.85 -120.91
N ILE TA 226 2.17 3.28 -121.21
CA ILE TA 226 1.66 3.19 -122.57
C ILE TA 226 2.53 3.99 -123.52
N LYS TA 227 3.00 5.14 -123.07
CA LYS TA 227 3.96 5.92 -123.86
C LYS TA 227 5.25 5.14 -124.01
N ASN TA 228 5.86 5.25 -125.20
CA ASN TA 228 6.98 4.44 -125.66
C ASN TA 228 6.66 2.96 -125.73
N SER TA 229 5.39 2.58 -125.56
CA SER TA 229 4.90 1.21 -125.71
C SER TA 229 5.74 0.22 -124.91
N VAL TA 230 5.81 0.46 -123.62
CA VAL TA 230 6.58 -0.42 -122.75
C VAL TA 230 5.71 -1.63 -122.44
N THR TA 231 5.76 -2.63 -123.30
CA THR TA 231 4.94 -3.82 -123.12
C THR TA 231 5.51 -4.67 -121.99
N PRO TA 232 4.65 -5.39 -121.25
CA PRO TA 232 5.14 -6.20 -120.13
C PRO TA 232 6.10 -7.32 -120.56
N ASP TA 233 6.07 -7.73 -121.82
CA ASP TA 233 6.93 -8.83 -122.26
C ASP TA 233 8.40 -8.46 -122.21
N MET TA 234 8.73 -7.23 -122.58
CA MET TA 234 10.11 -6.79 -122.69
C MET TA 234 10.65 -6.18 -121.41
N MET TA 235 9.88 -6.19 -120.33
CA MET TA 235 10.31 -5.58 -119.08
C MET TA 235 11.58 -6.23 -118.57
N GLU TA 236 11.63 -7.56 -118.60
CA GLU TA 236 12.85 -8.27 -118.20
C GLU TA 236 14.01 -7.93 -119.11
N GLU TA 237 13.76 -7.86 -120.43
CA GLU TA 237 14.82 -7.54 -121.37
C GLU TA 237 15.24 -6.08 -121.25
N MET TA 238 14.30 -5.18 -120.96
CA MET TA 238 14.62 -3.77 -120.87
C MET TA 238 15.60 -3.48 -119.75
N TYR TA 239 15.41 -4.13 -118.59
CA TYR TA 239 16.32 -3.90 -117.48
C TYR TA 239 17.67 -4.57 -117.71
N LYS TA 240 17.69 -5.70 -118.41
CA LYS TA 240 18.96 -6.34 -118.75
C LYS TA 240 19.83 -5.45 -119.61
N LYS TA 241 19.23 -4.82 -120.62
CA LYS TA 241 19.97 -3.90 -121.48
C LYS TA 241 20.49 -2.71 -120.69
N ALA TA 242 19.71 -2.23 -119.72
CA ALA TA 242 20.19 -1.18 -118.82
C ALA TA 242 21.37 -1.68 -117.99
N HIS TA 243 21.31 -2.91 -117.49
CA HIS TA 243 22.41 -3.47 -116.74
C HIS TA 243 23.67 -3.58 -117.59
N ALA TA 244 23.53 -4.02 -118.85
CA ALA TA 244 24.67 -4.12 -119.74
C ALA TA 244 25.30 -2.75 -119.99
N ALA TA 245 24.46 -1.73 -120.21
CA ALA TA 245 24.98 -0.40 -120.45
C ALA TA 245 25.66 0.18 -119.22
N ILE TA 246 25.17 -0.15 -118.03
CA ILE TA 246 25.76 0.37 -116.80
C ILE TA 246 27.18 -0.14 -116.64
N ARG TA 247 27.40 -1.44 -116.88
CA ARG TA 247 28.75 -1.98 -116.84
C ARG TA 247 29.63 -1.37 -117.92
N GLU TA 248 29.02 -0.96 -119.04
CA GLU TA 248 29.81 -0.40 -120.13
C GLU TA 248 30.32 1.00 -119.79
N ASN TA 249 29.46 1.84 -119.22
CA ASN TA 249 29.86 3.21 -118.94
C ASN TA 249 29.06 3.80 -117.78
N PRO TA 250 29.59 3.78 -116.56
CA PRO TA 250 28.90 4.40 -115.42
C PRO TA 250 29.30 5.84 -115.14
N VAL TA 251 30.03 6.49 -116.05
CA VAL TA 251 30.54 7.83 -115.78
C VAL TA 251 29.41 8.84 -115.79
N TYR TA 252 29.37 9.70 -114.78
CA TYR TA 252 28.43 10.79 -114.73
C TYR TA 252 28.98 12.01 -115.45
N GLU TA 253 28.07 12.77 -116.07
CA GLU TA 253 28.40 14.04 -116.70
C GLU TA 253 27.34 15.06 -116.33
N LYS TA 254 27.71 16.33 -116.41
CA LYS TA 254 26.81 17.44 -116.10
C LYS TA 254 26.46 18.16 -117.38
N LYS TA 255 25.16 18.28 -117.65
CA LYS TA 255 24.71 19.09 -118.76
C LYS TA 255 24.94 20.57 -118.42
N PRO TA 256 25.29 21.40 -119.41
CA PRO TA 256 25.62 22.79 -119.09
C PRO TA 256 24.40 23.71 -119.08
N LYS TA 257 24.23 24.43 -117.97
CA LYS TA 257 23.21 25.49 -117.90
C LYS TA 257 23.77 26.57 -116.96
N LYS TA 258 24.44 27.55 -117.55
CA LYS TA 258 25.07 28.62 -116.80
C LYS TA 258 24.69 30.02 -117.27
N GLU TA 259 23.99 30.13 -118.40
CA GLU TA 259 23.60 31.42 -118.97
C GLU TA 259 22.34 31.97 -118.31
N VAL TA 260 22.34 32.01 -116.98
CA VAL TA 260 21.17 32.42 -116.21
C VAL TA 260 21.40 33.82 -115.65
N LYS TA 261 20.39 34.67 -115.79
CA LYS TA 261 20.38 35.96 -115.12
C LYS TA 261 19.71 35.83 -113.76
N LYS TA 262 20.15 36.65 -112.81
CA LYS TA 262 19.67 36.54 -111.44
C LYS TA 262 18.30 37.20 -111.32
N LYS TA 263 17.27 36.36 -111.24
CA LYS TA 263 15.90 36.82 -110.96
C LYS TA 263 15.54 36.36 -109.56
N ARG TA 264 15.52 37.31 -108.62
CA ARG TA 264 15.30 36.99 -107.22
C ARG TA 264 13.81 36.82 -106.96
N TRP TA 265 13.40 35.64 -106.51
CA TRP TA 265 12.00 35.36 -106.23
C TRP TA 265 11.62 35.56 -104.78
N ASN TA 266 12.60 35.80 -103.90
CA ASN TA 266 12.35 35.93 -102.47
C ASN TA 266 12.44 37.39 -102.06
N ARG TA 267 11.42 37.86 -101.35
CA ARG TA 267 11.43 39.24 -100.90
C ARG TA 267 12.52 39.43 -99.86
N PRO TA 268 13.39 40.43 -100.02
CA PRO TA 268 14.40 40.69 -99.00
C PRO TA 268 13.77 41.14 -97.70
N LYS TA 269 14.46 40.86 -96.60
CA LYS TA 269 13.94 41.18 -95.28
C LYS TA 269 13.83 42.70 -95.11
N MET TA 270 12.75 43.14 -94.50
CA MET TA 270 12.50 44.56 -94.31
C MET TA 270 13.51 45.19 -93.36
N SER TA 271 13.88 46.43 -93.65
CA SER TA 271 14.83 47.16 -92.82
C SER TA 271 14.15 47.71 -91.58
N LEU TA 272 14.98 48.12 -90.62
CA LEU TA 272 14.47 48.67 -89.37
C LEU TA 272 13.68 49.94 -89.60
N ALA TA 273 14.20 50.83 -90.46
CA ALA TA 273 13.50 52.08 -90.73
C ALA TA 273 12.16 51.84 -91.37
N GLN TA 274 12.08 50.88 -92.30
CA GLN TA 274 10.80 50.52 -92.89
C GLN TA 274 9.87 49.93 -91.84
N LYS TA 275 10.42 49.18 -90.89
CA LYS TA 275 9.63 48.73 -89.75
C LYS TA 275 9.14 49.91 -88.93
N LYS TA 276 10.02 50.87 -88.66
CA LYS TA 276 9.63 52.06 -87.91
C LYS TA 276 8.62 52.89 -88.70
N ASP TA 277 8.85 53.04 -90.01
CA ASP TA 277 7.92 53.82 -90.83
C ASP TA 277 6.55 53.16 -90.89
N ARG TA 278 6.51 51.83 -91.02
CA ARG TA 278 5.24 51.12 -91.10
C ARG TA 278 4.42 51.29 -89.84
N VAL TA 279 5.06 51.15 -88.67
CA VAL TA 279 4.34 51.26 -87.41
C VAL TA 279 3.80 52.67 -87.21
N ALA TA 280 4.63 53.68 -87.48
CA ALA TA 280 4.21 55.06 -87.25
C ALA TA 280 3.01 55.42 -88.12
N GLN TA 281 3.00 54.96 -89.37
CA GLN TA 281 1.86 55.22 -90.24
C GLN TA 281 0.59 54.55 -89.73
N LYS TA 282 0.73 53.35 -89.17
CA LYS TA 282 -0.43 52.68 -88.58
C LYS TA 282 -0.98 53.48 -87.41
N LYS TA 283 -0.10 54.10 -86.63
CA LYS TA 283 -0.54 54.95 -85.53
C LYS TA 283 -1.31 56.16 -86.06
N ALA TA 284 -0.82 56.77 -87.14
CA ALA TA 284 -1.44 57.98 -87.66
C ALA TA 284 -2.84 57.70 -88.19
N SER TA 285 -3.01 56.63 -88.97
CA SER TA 285 -4.31 56.32 -89.54
C SER TA 285 -5.33 55.97 -88.46
N PHE TA 286 -4.90 55.24 -87.43
CA PHE TA 286 -5.80 54.87 -86.36
C PHE TA 286 -6.36 56.10 -85.66
N LEU TA 287 -5.50 57.07 -85.37
CA LEU TA 287 -5.97 58.33 -84.79
C LEU TA 287 -6.77 59.14 -85.79
N ARG TA 288 -6.38 59.09 -87.07
CA ARG TA 288 -7.17 59.73 -88.11
C ARG TA 288 -8.56 59.11 -88.20
N ALA TA 289 -8.63 57.78 -88.08
CA ALA TA 289 -9.93 57.11 -88.04
C ALA TA 289 -10.76 57.58 -86.85
N GLN TA 290 -10.10 57.78 -85.70
CA GLN TA 290 -10.81 58.20 -84.51
C GLN TA 290 -11.39 59.61 -84.66
N GLU TA 291 -10.62 60.51 -85.28
CA GLU TA 291 -11.10 61.89 -85.45
C GLU TA 291 -12.26 61.98 -86.42
N ARG TA 292 -12.32 61.11 -87.42
CA ARG TA 292 -13.47 61.10 -88.32
C ARG TA 292 -14.73 60.72 -87.56
N ALA TA 293 -14.63 59.73 -86.67
CA ALA TA 293 -15.74 59.26 -85.84
C ALA TA 293 -16.95 58.84 -86.67
N LYS UA 1 120.60 68.98 -65.54
CA LYS UA 1 119.89 69.12 -64.27
C LYS UA 1 119.53 70.58 -64.01
N GLY UA 2 118.28 70.93 -64.32
CA GLY UA 2 117.83 72.30 -64.19
C GLY UA 2 117.25 72.61 -62.82
N LYS UA 3 117.02 73.90 -62.59
CA LYS UA 3 116.42 74.34 -61.34
C LYS UA 3 114.98 73.83 -61.24
N PRO UA 4 114.57 73.35 -60.06
CA PRO UA 4 113.17 72.97 -59.88
C PRO UA 4 112.25 74.17 -60.04
N HIS UA 5 111.10 73.94 -60.67
CA HIS UA 5 110.11 74.98 -60.89
C HIS UA 5 108.96 74.82 -59.88
N CYS UA 6 108.10 75.83 -59.84
CA CYS UA 6 106.94 75.79 -58.96
C CYS UA 6 105.97 74.70 -59.41
N SER UA 7 104.91 74.51 -58.62
CA SER UA 7 103.97 73.43 -58.89
C SER UA 7 103.24 73.63 -60.21
N ARG UA 8 102.94 74.88 -60.56
CA ARG UA 8 102.25 75.27 -61.79
C ARG UA 8 100.84 74.70 -61.90
N ASN UA 9 100.36 74.04 -60.85
CA ASN UA 9 98.99 73.54 -60.77
C ASN UA 9 98.43 73.98 -59.43
N PRO UA 10 97.99 75.24 -59.32
CA PRO UA 10 97.54 75.75 -58.02
C PRO UA 10 96.32 75.01 -57.49
N VAL UA 11 96.51 74.28 -56.40
CA VAL UA 11 95.42 73.47 -55.87
C VAL UA 11 94.40 74.37 -55.18
N LEU UA 12 93.14 74.26 -55.62
CA LEU UA 12 92.05 75.01 -55.02
C LEU UA 12 91.32 74.21 -53.96
N VAL UA 13 91.33 72.88 -54.07
CA VAL UA 13 90.80 71.97 -53.06
C VAL UA 13 91.83 70.88 -52.85
N ARG UA 14 92.00 70.43 -51.61
CA ARG UA 14 92.97 69.41 -51.27
C ARG UA 14 92.80 68.17 -52.14
N GLY UA 15 93.85 67.84 -52.89
CA GLY UA 15 93.81 66.72 -53.81
C GLY UA 15 93.22 67.02 -55.16
N ILE UA 16 92.92 68.27 -55.47
CA ILE UA 16 92.35 68.66 -56.75
C ILE UA 16 93.18 69.79 -57.33
N GLY UA 17 93.66 69.60 -58.57
CA GLY UA 17 94.35 70.67 -59.27
C GLY UA 17 93.40 71.55 -60.05
N ARG UA 18 93.83 72.80 -60.28
CA ARG UA 18 93.00 73.74 -61.01
C ARG UA 18 92.99 73.48 -62.51
N TYR UA 19 94.00 72.78 -63.02
CA TYR UA 19 94.12 72.52 -64.44
C TYR UA 19 94.08 71.02 -64.70
N SER UA 20 93.54 70.65 -65.86
CA SER UA 20 93.30 69.25 -66.19
C SER UA 20 94.58 68.58 -66.68
N ARG UA 21 94.43 67.35 -67.17
CA ARG UA 21 95.59 66.61 -67.68
C ARG UA 21 96.17 67.29 -68.92
N SER UA 22 95.33 67.59 -69.90
CA SER UA 22 95.82 68.27 -71.09
C SER UA 22 96.24 69.70 -70.80
N ALA UA 23 95.55 70.37 -69.88
CA ALA UA 23 95.93 71.74 -69.52
C ALA UA 23 97.32 71.76 -68.89
N MET UA 24 97.57 70.85 -67.94
CA MET UA 24 98.90 70.78 -67.33
C MET UA 24 99.92 70.27 -68.32
N TYR UA 25 99.50 69.45 -69.29
CA TYR UA 25 100.39 69.07 -70.38
C TYR UA 25 100.82 70.29 -71.17
N SER UA 26 99.87 71.20 -71.46
CA SER UA 26 100.19 72.41 -72.20
C SER UA 26 101.07 73.34 -71.38
N ARG UA 27 100.75 73.51 -70.09
CA ARG UA 27 101.51 74.43 -69.24
C ARG UA 27 102.95 73.96 -69.07
N LYS UA 28 103.15 72.65 -68.95
CA LYS UA 28 104.51 72.12 -68.89
C LYS UA 28 105.18 72.03 -70.25
N ALA UA 29 104.41 72.21 -71.33
CA ALA UA 29 104.90 71.99 -72.70
C ALA UA 29 105.53 70.62 -72.84
N MET UA 30 104.78 69.59 -72.41
CA MET UA 30 105.28 68.22 -72.45
C MET UA 30 105.38 67.66 -73.86
N TYR UA 31 104.85 68.36 -74.87
CA TYR UA 31 104.95 67.89 -76.24
C TYR UA 31 106.39 67.90 -76.75
N LYS UA 32 107.27 68.69 -76.14
CA LYS UA 32 108.66 68.76 -76.55
C LYS UA 32 109.61 68.06 -75.60
N ARG UA 33 109.20 67.82 -74.36
CA ARG UA 33 110.06 67.17 -73.37
C ARG UA 33 109.79 65.66 -73.33
N LYS UA 34 110.06 65.03 -74.47
CA LYS UA 34 109.86 63.59 -74.64
C LYS UA 34 111.24 62.92 -74.69
N TYR UA 35 111.46 61.97 -73.79
CA TYR UA 35 112.75 61.30 -73.67
C TYR UA 35 112.56 59.81 -73.87
N SER UA 36 113.37 59.22 -74.74
CA SER UA 36 113.24 57.82 -75.14
C SER UA 36 114.11 56.90 -74.29
N ALA UA 37 115.42 57.10 -74.30
CA ALA UA 37 116.33 56.23 -73.60
C ALA UA 37 117.53 57.03 -73.09
N ALA UA 38 118.24 56.47 -72.13
CA ALA UA 38 119.40 57.11 -71.54
C ALA UA 38 120.59 57.08 -72.51
N LYS UA 49 129.27 50.48 -55.52
CA LYS UA 49 128.53 51.55 -54.86
C LYS UA 49 129.01 51.73 -53.43
N VAL UA 50 128.55 50.86 -52.55
CA VAL UA 50 128.93 50.85 -51.14
C VAL UA 50 129.82 49.64 -50.89
N LEU UA 51 131.00 49.89 -50.35
CA LEU UA 51 131.99 48.82 -50.11
C LEU UA 51 131.88 48.39 -48.66
N ALA UA 52 131.13 47.30 -48.43
CA ALA UA 52 131.07 46.73 -47.09
C ALA UA 52 132.34 45.97 -46.73
N THR UA 53 133.12 45.58 -47.72
CA THR UA 53 134.39 44.89 -47.52
C THR UA 53 135.53 45.83 -47.88
N VAL UA 54 136.48 45.97 -46.95
CA VAL UA 54 137.62 46.85 -47.15
C VAL UA 54 138.90 46.08 -46.83
N THR UA 55 139.94 46.31 -47.63
CA THR UA 55 141.24 45.72 -47.39
C THR UA 55 142.07 46.61 -46.47
N LYS UA 56 142.76 45.99 -45.53
CA LYS UA 56 143.57 46.72 -44.56
C LYS UA 56 144.97 46.13 -44.51
N PRO UA 57 145.99 46.96 -44.36
CA PRO UA 57 147.36 46.43 -44.23
C PRO UA 57 147.56 45.75 -42.89
N VAL UA 58 147.60 44.41 -42.90
CA VAL UA 58 147.69 43.67 -41.64
C VAL UA 58 149.10 43.77 -41.06
N GLY UA 59 150.12 43.77 -41.91
CA GLY UA 59 151.50 43.84 -41.46
C GLY UA 59 151.98 42.54 -40.85
N GLY UA 60 153.23 42.56 -40.43
CA GLY UA 60 153.85 41.41 -39.79
C GLY UA 60 154.71 40.61 -40.74
N ASP UA 61 155.75 39.98 -40.19
CA ASP UA 61 156.62 39.14 -40.99
C ASP UA 61 155.94 37.83 -41.36
N LYS UA 62 155.99 37.50 -42.66
CA LYS UA 62 155.31 36.37 -43.29
C LYS UA 62 153.89 36.15 -42.75
N ASN UA 63 153.20 37.26 -42.47
CA ASN UA 63 151.82 37.28 -42.04
C ASN UA 63 150.87 37.67 -43.16
N GLY UA 64 151.37 37.79 -44.39
CA GLY UA 64 150.62 38.40 -45.46
C GLY UA 64 150.70 39.90 -45.40
N GLY UA 65 150.21 40.55 -46.45
CA GLY UA 65 150.27 41.99 -46.52
C GLY UA 65 148.97 42.66 -46.12
N THR UA 66 147.85 42.12 -46.57
CA THR UA 66 146.55 42.74 -46.33
C THR UA 66 145.51 41.68 -45.98
N ARG UA 67 144.50 42.12 -45.23
CA ARG UA 67 143.34 41.30 -44.90
C ARG UA 67 142.10 41.94 -45.49
N VAL UA 68 141.21 41.11 -46.03
CA VAL UA 68 139.94 41.60 -46.59
C VAL UA 68 138.92 41.53 -45.45
N VAL UA 69 138.88 42.60 -44.66
CA VAL UA 69 137.96 42.70 -43.54
C VAL UA 69 136.62 43.20 -44.05
N LYS UA 70 135.56 42.45 -43.74
CA LYS UA 70 134.21 42.82 -44.13
C LYS UA 70 133.48 43.43 -42.95
N LEU UA 71 132.86 44.58 -43.18
CA LEU UA 71 132.09 45.24 -42.12
C LEU UA 71 130.69 44.63 -42.04
N ARG UA 72 129.91 45.13 -41.07
CA ARG UA 72 128.53 44.70 -40.86
C ARG UA 72 128.46 43.17 -40.67
N LYS UA 73 129.19 42.70 -39.67
CA LYS UA 73 129.41 41.27 -39.49
C LYS UA 73 128.11 40.55 -39.14
N MET UA 74 128.13 39.23 -39.30
CA MET UA 74 126.98 38.42 -38.99
C MET UA 74 126.71 38.42 -37.49
N PRO UA 75 125.45 38.30 -37.08
CA PRO UA 75 125.14 38.25 -35.65
C PRO UA 75 125.78 37.05 -34.98
N ARG UA 76 126.26 37.26 -33.75
CA ARG UA 76 126.93 36.20 -33.00
C ARG UA 76 125.98 35.44 -32.09
N TYR UA 77 124.68 35.75 -32.11
CA TYR UA 77 123.71 35.06 -31.28
C TYR UA 77 122.32 35.32 -31.82
N TYR UA 78 121.58 34.25 -32.08
CA TYR UA 78 120.21 34.49 -32.51
C TYR UA 78 119.24 34.19 -31.39
N PRO UA 79 118.17 34.96 -31.29
CA PRO UA 79 117.09 34.59 -30.37
C PRO UA 79 116.42 33.31 -30.83
N THR UA 80 115.81 32.61 -29.87
CA THR UA 80 115.18 31.32 -30.18
C THR UA 80 114.02 31.48 -31.15
N GLU UA 81 113.36 32.63 -31.14
CA GLU UA 81 112.22 32.86 -32.02
C GLU UA 81 112.08 34.35 -32.27
N ASP UA 82 111.64 34.69 -33.48
CA ASP UA 82 111.56 36.07 -33.92
C ASP UA 82 110.11 36.48 -34.13
N VAL UA 83 109.92 37.77 -34.41
CA VAL UA 83 108.61 38.35 -34.68
C VAL UA 83 108.58 38.78 -36.14
N PRO UA 84 107.58 38.34 -36.92
CA PRO UA 84 107.50 38.77 -38.32
C PRO UA 84 107.26 40.27 -38.42
N ARG UA 85 107.78 40.86 -39.50
CA ARG UA 85 107.76 42.30 -39.65
C ARG UA 85 106.35 42.78 -40.01
N LYS UA 86 106.14 44.08 -39.87
CA LYS UA 86 104.85 44.70 -40.08
C LYS UA 86 104.57 44.90 -41.57
N LEU UA 87 103.36 45.33 -41.88
CA LEU UA 87 102.97 45.70 -43.23
C LEU UA 87 103.23 47.20 -43.44
N LEU UA 88 102.68 47.74 -44.52
CA LEU UA 88 102.89 49.14 -44.89
C LEU UA 88 101.55 49.86 -44.90
N SER UA 89 101.53 51.08 -44.36
CA SER UA 89 100.29 51.82 -44.15
C SER UA 89 100.21 53.14 -44.90
N HIS UA 90 101.20 53.46 -45.74
CA HIS UA 90 101.16 54.59 -46.68
C HIS UA 90 100.84 55.93 -46.01
N GLY UA 91 100.98 56.02 -44.70
CA GLY UA 91 100.70 57.26 -44.01
C GLY UA 91 101.22 57.27 -42.59
N LYS UA 92 100.45 57.88 -41.67
CA LYS UA 92 100.74 57.86 -40.24
C LYS UA 92 102.10 58.51 -39.95
N LYS UA 93 102.19 59.79 -40.30
CA LYS UA 93 103.42 60.53 -40.11
C LYS UA 93 103.72 60.68 -38.61
N PRO UA 94 104.99 60.77 -38.25
CA PRO UA 94 105.34 60.99 -36.84
C PRO UA 94 104.91 62.38 -36.39
N PHE UA 95 105.01 62.60 -35.07
CA PHE UA 95 104.54 63.84 -34.48
C PHE UA 95 105.30 65.05 -34.99
N SER UA 96 106.62 64.90 -35.20
CA SER UA 96 107.41 66.00 -35.72
C SER UA 96 107.05 66.36 -37.14
N GLN UA 97 106.49 65.43 -37.91
CA GLN UA 97 106.06 65.71 -39.28
C GLN UA 97 104.59 66.09 -39.37
N HIS UA 98 103.86 66.06 -38.28
CA HIS UA 98 102.43 66.36 -38.32
C HIS UA 98 102.20 67.83 -38.66
N VAL UA 99 101.13 68.09 -39.42
CA VAL UA 99 100.68 69.45 -39.63
C VAL UA 99 100.02 69.95 -38.36
N ARG UA 100 100.25 71.22 -38.04
CA ARG UA 100 99.75 71.81 -36.80
C ARG UA 100 98.60 72.76 -37.12
N LYS UA 101 97.47 72.58 -36.44
CA LYS UA 101 96.30 73.40 -36.63
C LYS UA 101 96.06 74.27 -35.40
N LEU UA 102 95.58 75.48 -35.64
CA LEU UA 102 95.33 76.45 -34.58
C LEU UA 102 93.91 76.96 -34.70
N ARG UA 103 93.23 77.12 -33.57
CA ARG UA 103 91.89 77.67 -33.57
C ARG UA 103 91.90 79.11 -34.07
N ALA UA 104 90.91 79.44 -34.91
CA ALA UA 104 90.87 80.77 -35.53
C ALA UA 104 90.66 81.86 -34.50
N SER UA 105 90.01 81.54 -33.38
CA SER UA 105 89.83 82.54 -32.33
C SER UA 105 91.16 82.92 -31.70
N ILE UA 106 92.12 82.02 -31.68
CA ILE UA 106 93.43 82.28 -31.10
C ILE UA 106 94.27 83.02 -32.13
N THR UA 107 94.59 84.28 -31.83
CA THR UA 107 95.42 85.12 -32.68
C THR UA 107 96.57 85.68 -31.84
N PRO UA 108 97.70 85.99 -32.47
CA PRO UA 108 98.84 86.55 -31.72
C PRO UA 108 98.45 87.83 -31.00
N GLY UA 109 98.50 87.79 -29.67
CA GLY UA 109 98.04 88.88 -28.85
C GLY UA 109 96.70 88.69 -28.19
N THR UA 110 96.13 87.49 -28.26
CA THR UA 110 94.82 87.22 -27.66
C THR UA 110 95.00 86.74 -26.24
N ILE UA 111 94.24 87.34 -25.33
CA ILE UA 111 94.31 86.98 -23.92
C ILE UA 111 93.66 85.61 -23.71
N LEU UA 112 94.37 84.71 -23.05
CA LEU UA 112 93.88 83.37 -22.80
C LEU UA 112 93.62 83.18 -21.31
N ILE UA 113 93.10 81.99 -20.99
CA ILE UA 113 92.86 81.57 -19.61
C ILE UA 113 93.44 80.17 -19.44
N ILE UA 114 94.22 79.96 -18.40
CA ILE UA 114 94.88 78.69 -18.15
C ILE UA 114 93.96 77.80 -17.32
N LEU UA 115 93.77 76.57 -17.76
CA LEU UA 115 92.84 75.64 -17.12
C LEU UA 115 93.54 74.53 -16.35
N THR UA 116 94.86 74.45 -16.38
CA THR UA 116 95.60 73.40 -15.69
C THR UA 116 96.84 74.01 -15.05
N GLY UA 117 97.66 73.15 -14.45
CA GLY UA 117 98.93 73.58 -13.90
C GLY UA 117 98.77 74.40 -12.63
N ARG UA 118 99.92 74.90 -12.16
CA ARG UA 118 99.92 75.75 -10.98
C ARG UA 118 99.30 77.12 -11.27
N HIS UA 119 99.36 77.56 -12.52
CA HIS UA 119 98.75 78.82 -12.94
C HIS UA 119 97.32 78.65 -13.39
N ARG UA 120 96.63 77.65 -12.86
CA ARG UA 120 95.26 77.35 -13.25
C ARG UA 120 94.35 78.51 -12.91
N GLY UA 121 93.61 78.99 -13.91
CA GLY UA 121 92.69 80.10 -13.74
C GLY UA 121 93.28 81.46 -14.05
N LYS UA 122 94.59 81.56 -14.21
CA LYS UA 122 95.22 82.85 -14.51
C LYS UA 122 95.00 83.21 -15.97
N ARG UA 123 95.01 84.51 -16.24
CA ARG UA 123 94.84 85.03 -17.59
C ARG UA 123 96.20 85.52 -18.10
N VAL UA 124 96.60 85.00 -19.26
CA VAL UA 124 97.93 85.30 -19.80
C VAL UA 124 97.79 85.91 -21.20
N VAL UA 125 98.92 86.20 -21.83
CA VAL UA 125 98.96 86.75 -23.18
C VAL UA 125 99.57 85.72 -24.10
N PHE UA 126 98.90 85.46 -25.22
CA PHE UA 126 99.41 84.53 -26.23
C PHE UA 126 100.40 85.23 -27.13
N LEU UA 127 101.53 84.58 -27.41
CA LEU UA 127 102.59 85.16 -28.22
C LEU UA 127 102.71 84.50 -29.59
N LYS UA 128 102.93 83.20 -29.62
CA LYS UA 128 103.04 82.48 -30.89
C LYS UA 128 102.82 80.99 -30.64
N GLN UA 129 102.66 80.25 -31.73
CA GLN UA 129 102.58 78.80 -31.68
C GLN UA 129 103.93 78.23 -32.06
N LEU UA 130 104.45 77.36 -31.21
CA LEU UA 130 105.75 76.75 -31.47
C LEU UA 130 105.63 75.70 -32.56
N ALA UA 131 106.79 75.19 -33.00
CA ALA UA 131 106.83 74.21 -34.08
C ALA UA 131 106.13 72.91 -33.70
N SER UA 132 106.01 72.61 -32.41
CA SER UA 132 105.30 71.41 -31.98
C SER UA 132 103.79 71.62 -31.93
N GLY UA 133 103.32 72.86 -32.01
CA GLY UA 133 101.92 73.18 -31.87
C GLY UA 133 101.52 73.68 -30.49
N LEU UA 134 102.34 73.41 -29.49
CA LEU UA 134 102.10 73.97 -28.16
C LEU UA 134 102.27 75.48 -28.20
N LEU UA 135 101.32 76.18 -27.59
CA LEU UA 135 101.39 77.64 -27.56
C LEU UA 135 102.42 78.10 -26.54
N LEU UA 136 103.23 79.07 -26.94
CA LEU UA 136 104.11 79.77 -26.00
C LEU UA 136 103.39 81.03 -25.56
N VAL UA 137 102.94 81.05 -24.31
CA VAL UA 137 102.16 82.15 -23.79
C VAL UA 137 102.81 82.62 -22.49
N THR UA 138 102.59 83.89 -22.17
CA THR UA 138 103.00 84.44 -20.88
C THR UA 138 102.27 85.75 -20.65
N GLY UA 139 101.79 85.94 -19.43
CA GLY UA 139 101.56 87.27 -18.93
C GLY UA 139 102.89 87.79 -18.45
N PRO UA 140 103.00 89.08 -18.21
CA PRO UA 140 104.20 89.61 -17.57
C PRO UA 140 104.38 88.97 -16.20
N LEU UA 141 105.61 88.54 -15.93
CA LEU UA 141 105.90 87.90 -14.65
C LEU UA 141 105.65 88.86 -13.49
N VAL UA 142 105.84 90.16 -13.71
CA VAL UA 142 105.53 91.16 -12.70
C VAL UA 142 104.04 91.20 -12.40
N LEU UA 143 103.20 90.74 -13.32
CA LEU UA 143 101.75 90.84 -13.17
C LEU UA 143 101.16 89.60 -12.49
N ASN UA 144 101.34 88.43 -13.11
CA ASN UA 144 100.65 87.22 -12.70
C ASN UA 144 101.59 86.06 -12.39
N ARG UA 145 102.90 86.33 -12.26
CA ARG UA 145 103.90 85.31 -11.95
C ARG UA 145 103.91 84.17 -12.98
N VAL UA 146 103.55 84.47 -14.22
CA VAL UA 146 103.56 83.47 -15.29
C VAL UA 146 104.77 83.75 -16.17
N PRO UA 147 105.77 82.88 -16.19
CA PRO UA 147 106.93 83.10 -17.04
C PRO UA 147 106.64 82.67 -18.47
N LEU UA 148 107.66 82.69 -19.32
CA LEU UA 148 107.52 82.19 -20.68
C LEU UA 148 107.34 80.68 -20.59
N ARG UA 149 106.09 80.23 -20.64
CA ARG UA 149 105.74 78.84 -20.41
C ARG UA 149 104.92 78.30 -21.57
N ARG UA 150 105.21 77.07 -21.97
CA ARG UA 150 104.43 76.41 -23.00
C ARG UA 150 103.06 76.02 -22.45
N THR UA 151 102.10 75.89 -23.35
CA THR UA 151 100.76 75.44 -23.00
C THR UA 151 100.13 74.82 -24.24
N HIS UA 152 99.05 74.08 -24.02
CA HIS UA 152 98.32 73.44 -25.10
C HIS UA 152 97.11 74.27 -25.50
N GLN UA 153 96.88 74.36 -26.82
CA GLN UA 153 95.77 75.13 -27.35
C GLN UA 153 94.43 74.56 -26.95
N LYS UA 154 94.39 73.29 -26.54
CA LYS UA 154 93.13 72.66 -26.14
C LYS UA 154 92.74 72.98 -24.70
N PHE UA 155 93.72 73.24 -23.84
CA PHE UA 155 93.49 73.50 -22.43
C PHE UA 155 93.41 74.98 -22.10
N VAL UA 156 93.12 75.83 -23.08
CA VAL UA 156 93.03 77.27 -22.86
C VAL UA 156 91.71 77.77 -23.41
N ILE UA 157 91.34 78.97 -22.98
CA ILE UA 157 90.12 79.64 -23.43
C ILE UA 157 90.54 80.92 -24.12
N ALA UA 158 90.19 81.04 -25.41
CA ALA UA 158 90.54 82.21 -26.21
C ALA UA 158 89.45 83.27 -26.02
N THR UA 159 89.72 84.22 -25.13
CA THR UA 159 88.76 85.29 -24.88
C THR UA 159 88.75 86.28 -26.05
N SER UA 160 87.73 87.13 -26.06
CA SER UA 160 87.58 88.10 -27.14
C SER UA 160 88.56 89.25 -27.04
N THR UA 161 88.95 89.64 -25.82
CA THR UA 161 89.87 90.76 -25.66
C THR UA 161 91.23 90.44 -26.24
N LYS UA 162 91.84 91.43 -26.89
CA LYS UA 162 93.10 91.25 -27.59
C LYS UA 162 93.96 92.49 -27.43
N ILE UA 163 95.26 92.31 -27.59
CA ILE UA 163 96.23 93.40 -27.63
C ILE UA 163 97.14 93.18 -28.82
N ASP UA 164 97.50 94.26 -29.50
CA ASP UA 164 98.35 94.17 -30.69
C ASP UA 164 99.79 94.02 -30.24
N ILE UA 165 100.27 92.78 -30.22
CA ILE UA 165 101.64 92.47 -29.80
C ILE UA 165 102.53 92.41 -31.04
N SER UA 166 102.04 92.97 -32.15
CA SER UA 166 102.79 92.95 -33.39
C SER UA 166 104.05 93.82 -33.27
N ASN UA 167 104.88 93.74 -34.32
CA ASN UA 167 106.16 94.42 -34.46
C ASN UA 167 107.01 94.39 -33.20
N VAL UA 168 106.98 93.27 -32.48
CA VAL UA 168 107.92 93.02 -31.40
C VAL UA 168 108.83 91.88 -31.83
N LYS UA 169 109.97 91.78 -31.15
CA LYS UA 169 111.02 90.83 -31.54
C LYS UA 169 110.94 89.62 -30.63
N ILE UA 170 110.22 88.59 -31.09
CA ILE UA 170 110.26 87.29 -30.43
C ILE UA 170 111.58 86.63 -30.81
N PRO UA 171 112.42 86.26 -29.84
CA PRO UA 171 113.75 85.74 -30.17
C PRO UA 171 113.68 84.44 -30.96
N LYS UA 172 114.66 84.27 -31.85
CA LYS UA 172 114.73 83.04 -32.64
C LYS UA 172 115.02 81.82 -31.79
N HIS UA 173 115.69 82.01 -30.65
CA HIS UA 173 116.11 80.91 -29.80
C HIS UA 173 115.06 80.51 -28.77
N LEU UA 174 113.79 80.78 -29.04
CA LEU UA 174 112.69 80.36 -28.17
C LEU UA 174 111.88 79.30 -28.92
N THR UA 175 112.31 78.04 -28.80
CA THR UA 175 111.66 76.93 -29.48
C THR UA 175 111.34 75.84 -28.46
N ASP UA 176 110.81 74.73 -28.96
CA ASP UA 176 110.43 73.62 -28.08
C ASP UA 176 111.65 73.00 -27.41
N ALA UA 177 112.77 72.89 -28.13
CA ALA UA 177 113.99 72.35 -27.55
C ALA UA 177 114.49 73.23 -26.41
N TYR UA 178 114.26 74.54 -26.52
CA TYR UA 178 114.62 75.46 -25.44
C TYR UA 178 113.81 75.19 -24.18
N PHE UA 179 112.53 74.89 -24.35
CA PHE UA 179 111.61 74.73 -23.22
C PHE UA 179 111.48 73.30 -22.74
N LYS UA 180 112.06 72.33 -23.44
CA LYS UA 180 111.91 70.93 -23.05
C LYS UA 180 112.60 70.67 -21.72
N LYS UA 181 111.95 69.87 -20.88
CA LYS UA 181 112.45 69.62 -19.54
C LYS UA 181 113.78 68.89 -19.58
N LYS UA 182 114.69 69.31 -18.70
CA LYS UA 182 115.98 68.64 -18.53
C LYS UA 182 115.85 67.59 -17.42
N LYS UA 183 116.96 66.95 -17.10
CA LYS UA 183 116.95 65.86 -16.13
C LYS UA 183 118.35 65.65 -15.60
N LEU UA 184 118.44 64.96 -14.46
CA LEU UA 184 119.73 64.57 -13.89
C LEU UA 184 119.72 63.11 -13.47
N ARG UA 185 118.54 62.58 -13.17
CA ARG UA 185 118.41 61.19 -12.74
C ARG UA 185 118.16 60.28 -13.94
N LYS UA 186 118.76 59.08 -13.90
CA LYS UA 186 119.68 58.58 -12.89
C LYS UA 186 120.74 57.65 -13.47
N PRO UA 187 121.77 58.22 -14.10
CA PRO UA 187 122.90 57.40 -14.53
C PRO UA 187 123.87 57.15 -13.38
N ARG UA 188 125.01 56.52 -13.68
CA ARG UA 188 126.08 56.16 -12.74
C ARG UA 188 125.57 55.58 -11.43
N HIS UA 189 124.43 54.89 -11.48
CA HIS UA 189 123.83 54.27 -10.30
C HIS UA 189 122.76 53.30 -10.76
N GLN UA 190 122.76 52.10 -10.18
CA GLN UA 190 121.79 51.06 -10.54
C GLN UA 190 120.86 50.71 -9.39
N GLU UA 191 121.40 50.34 -8.23
CA GLU UA 191 120.59 49.96 -7.08
C GLU UA 191 120.53 51.12 -6.09
N GLY UA 192 119.32 51.59 -5.81
CA GLY UA 192 119.15 52.79 -5.00
C GLY UA 192 119.47 52.59 -3.52
N GLU UA 193 120.56 53.20 -3.08
CA GLU UA 193 120.92 53.23 -1.66
C GLU UA 193 121.34 54.60 -1.15
N ILE UA 194 121.74 55.53 -2.02
CA ILE UA 194 122.18 56.85 -1.62
C ILE UA 194 121.24 57.88 -2.21
N PHE UA 195 120.75 58.79 -1.38
CA PHE UA 195 119.78 59.79 -1.82
C PHE UA 195 120.41 60.75 -2.82
N ASP UA 196 119.65 61.04 -3.88
CA ASP UA 196 119.99 62.04 -4.89
C ASP UA 196 118.86 63.04 -5.03
N THR UA 197 118.38 63.55 -3.90
CA THR UA 197 117.30 64.53 -3.83
C THR UA 197 117.68 65.89 -4.38
N GLU UA 198 118.89 66.07 -4.88
CA GLU UA 198 119.27 67.30 -5.56
C GLU UA 198 118.65 67.33 -6.96
N LYS UA 199 118.72 68.51 -7.58
CA LYS UA 199 118.09 68.88 -8.85
C LYS UA 199 116.58 69.05 -8.65
N GLU UA 200 116.08 68.66 -7.46
CA GLU UA 200 114.68 68.90 -7.12
C GLU UA 200 114.40 70.39 -7.05
N LYS UA 201 115.32 71.16 -6.47
CA LYS UA 201 115.24 72.60 -6.51
C LYS UA 201 115.62 73.08 -7.91
N TYR UA 202 114.64 73.13 -8.81
CA TYR UA 202 114.88 73.65 -10.15
C TYR UA 202 115.38 75.08 -10.07
N GLU UA 203 116.47 75.37 -10.78
CA GLU UA 203 117.11 76.68 -10.75
C GLU UA 203 116.67 77.48 -11.94
N ILE UA 204 116.27 78.74 -11.70
CA ILE UA 204 115.86 79.61 -12.78
C ILE UA 204 117.07 79.98 -13.62
N THR UA 205 117.01 79.72 -14.91
CA THR UA 205 118.14 79.99 -15.79
C THR UA 205 118.35 81.49 -15.93
N GLU UA 206 119.62 81.90 -15.88
CA GLU UA 206 119.96 83.30 -16.10
C GLU UA 206 119.54 83.74 -17.50
N GLN UA 207 119.67 82.85 -18.48
CA GLN UA 207 119.18 83.15 -19.83
C GLN UA 207 117.67 83.33 -19.84
N ARG UA 208 116.96 82.50 -19.07
CA ARG UA 208 115.51 82.65 -18.97
C ARG UA 208 115.14 84.00 -18.37
N LYS UA 209 115.94 84.49 -17.42
CA LYS UA 209 115.70 85.81 -16.84
C LYS UA 209 115.83 86.90 -17.89
N ILE UA 210 116.85 86.79 -18.75
CA ILE UA 210 117.07 87.80 -19.78
C ILE UA 210 115.95 87.78 -20.80
N ASP UA 211 115.58 86.58 -21.27
CA ASP UA 211 114.48 86.48 -22.23
C ASP UA 211 113.17 86.96 -21.62
N GLN UA 212 112.94 86.66 -20.35
CA GLN UA 212 111.77 87.20 -19.65
C GLN UA 212 111.85 88.72 -19.60
N LYS UA 213 113.03 89.27 -19.35
CA LYS UA 213 113.19 90.72 -19.31
C LYS UA 213 112.99 91.33 -20.70
N ALA UA 214 113.54 90.71 -21.74
CA ALA UA 214 113.47 91.27 -23.08
C ALA UA 214 112.03 91.30 -23.59
N VAL UA 215 111.29 90.22 -23.39
CA VAL UA 215 109.92 90.14 -23.90
C VAL UA 215 109.01 91.08 -23.12
N ASP UA 216 109.18 91.14 -21.79
CA ASP UA 216 108.33 92.00 -20.99
C ASP UA 216 108.53 93.47 -21.33
N SER UA 217 109.77 93.86 -21.63
CA SER UA 217 110.07 95.28 -21.85
C SER UA 217 109.34 95.86 -23.05
N GLN UA 218 108.91 95.03 -24.00
CA GLN UA 218 108.22 95.52 -25.19
C GLN UA 218 106.71 95.29 -25.16
N ILE UA 219 106.22 94.40 -24.32
CA ILE UA 219 104.79 94.12 -24.25
C ILE UA 219 104.12 94.90 -23.12
N LEU UA 220 104.78 94.97 -21.97
CA LEU UA 220 104.22 95.68 -20.82
C LEU UA 220 103.84 97.14 -21.10
N PRO UA 221 104.60 97.95 -21.84
CA PRO UA 221 104.13 99.31 -22.13
C PRO UA 221 102.80 99.34 -22.86
N LYS UA 222 102.55 98.35 -23.72
CA LYS UA 222 101.26 98.27 -24.41
C LYS UA 222 100.13 97.97 -23.43
N ILE UA 223 100.42 97.14 -22.41
CA ILE UA 223 99.40 96.78 -21.43
C ILE UA 223 99.00 98.00 -20.61
N LYS UA 224 99.98 98.77 -20.15
CA LYS UA 224 99.68 99.97 -19.37
C LYS UA 224 98.92 101.01 -20.18
N ALA UA 225 99.01 100.97 -21.51
CA ALA UA 225 98.37 101.98 -22.34
C ALA UA 225 96.85 101.91 -22.23
N ILE UA 226 96.27 100.71 -22.27
CA ILE UA 226 94.83 100.56 -22.25
C ILE UA 226 94.37 100.46 -20.79
N PRO UA 227 93.17 100.94 -20.46
CA PRO UA 227 92.75 100.98 -19.06
C PRO UA 227 92.56 99.59 -18.47
N GLN UA 228 92.94 99.46 -17.20
CA GLN UA 228 92.74 98.32 -16.31
C GLN UA 228 92.96 96.97 -16.99
N LEU UA 229 93.89 96.89 -17.94
CA LEU UA 229 94.26 95.58 -18.48
C LEU UA 229 95.14 94.83 -17.50
N GLN UA 230 96.06 95.53 -16.83
CA GLN UA 230 96.91 94.89 -15.85
C GLN UA 230 96.08 94.35 -14.68
N GLY UA 231 95.08 95.10 -14.24
CA GLY UA 231 94.18 94.59 -13.22
C GLY UA 231 93.42 93.37 -13.68
N TYR UA 232 93.05 93.33 -14.97
CA TYR UA 232 92.42 92.15 -15.53
C TYR UA 232 93.36 90.95 -15.47
N LEU UA 233 94.61 91.14 -15.89
CA LEU UA 233 95.59 90.06 -15.85
C LEU UA 233 96.00 89.71 -14.44
N ARG UA 234 95.81 90.61 -13.48
CA ARG UA 234 96.15 90.34 -12.09
C ARG UA 234 95.08 89.51 -11.38
N SER UA 235 93.92 89.30 -12.01
CA SER UA 235 92.83 88.55 -11.40
C SER UA 235 92.62 87.24 -12.14
N VAL UA 236 92.43 86.17 -11.38
CA VAL UA 236 92.19 84.86 -11.95
C VAL UA 236 90.74 84.73 -12.36
N PHE UA 237 90.42 83.69 -13.13
CA PHE UA 237 89.05 83.44 -13.55
C PHE UA 237 88.39 82.50 -12.56
N ALA UA 238 87.12 82.79 -12.24
CA ALA UA 238 86.39 82.04 -11.25
C ALA UA 238 84.95 81.84 -11.71
N LEU UA 239 84.26 80.93 -11.04
CA LEU UA 239 82.89 80.56 -11.40
C LEU UA 239 81.96 80.93 -10.25
N THR UA 240 81.36 82.10 -10.34
CA THR UA 240 80.29 82.47 -9.42
C THR UA 240 79.07 81.59 -9.68
N ASN UA 241 78.35 81.25 -8.62
CA ASN UA 241 77.20 80.35 -8.74
C ASN UA 241 76.15 80.92 -9.69
N GLY UA 242 76.11 82.23 -9.86
CA GLY UA 242 75.13 82.84 -10.74
C GLY UA 242 75.46 82.83 -12.22
N ILE UA 243 76.58 82.24 -12.62
CA ILE UA 243 77.00 82.26 -14.02
C ILE UA 243 77.16 80.83 -14.52
N TYR UA 244 77.10 80.68 -15.84
CA TYR UA 244 77.26 79.40 -16.51
C TYR UA 244 78.14 79.63 -17.73
N PRO UA 245 79.17 78.80 -17.94
CA PRO UA 245 80.15 79.09 -19.00
C PRO UA 245 79.56 79.15 -20.39
N HIS UA 246 78.57 78.30 -20.70
CA HIS UA 246 77.99 78.31 -22.03
C HIS UA 246 77.23 79.60 -22.29
N LYS UA 247 76.58 80.16 -21.25
CA LYS UA 247 75.89 81.42 -21.42
C LYS UA 247 76.85 82.59 -21.50
N LEU UA 248 78.04 82.46 -20.93
CA LEU UA 248 79.02 83.54 -20.96
C LEU UA 248 79.55 83.75 -22.38
N VAL UA 249 79.95 84.99 -22.65
CA VAL UA 249 80.62 85.34 -23.90
C VAL UA 249 82.06 85.70 -23.55
N PHE UA 250 83.00 84.90 -24.04
CA PHE UA 250 84.40 85.13 -23.75
C PHE UA 250 85.01 86.08 -24.77
N ASN VA 1 122.24 35.43 -70.99
CA ASN VA 1 120.83 35.12 -71.10
C ASN VA 1 120.01 35.92 -70.09
N PHE VA 2 120.69 36.43 -69.06
CA PHE VA 2 120.00 37.20 -68.02
C PHE VA 2 119.37 38.46 -68.60
N ALA VA 3 120.11 39.18 -69.44
CA ALA VA 3 119.56 40.39 -70.05
C ALA VA 3 118.46 40.05 -71.04
N GLU VA 4 118.61 38.94 -71.77
CA GLU VA 4 117.62 38.55 -72.76
C GLU VA 4 116.27 38.25 -72.10
N LEU VA 5 116.28 37.50 -71.00
CA LEU VA 5 115.03 37.21 -70.30
C LEU VA 5 114.54 38.44 -69.54
N LYS VA 6 115.46 39.28 -69.06
CA LYS VA 6 115.05 40.53 -68.42
C LYS VA 6 114.34 41.45 -69.41
N ILE VA 7 114.87 41.56 -70.63
CA ILE VA 7 114.24 42.36 -71.66
C ILE VA 7 112.86 41.79 -72.01
N LYS VA 8 112.77 40.46 -72.07
CA LYS VA 8 111.49 39.81 -72.33
C LYS VA 8 110.45 40.20 -71.28
N ARG VA 9 110.85 40.20 -70.01
CA ARG VA 9 109.90 40.52 -68.94
C ARG VA 9 109.57 42.00 -68.90
N LEU VA 10 110.55 42.86 -69.24
CA LEU VA 10 110.25 44.29 -69.32
C LEU VA 10 109.27 44.59 -70.45
N ARG VA 11 109.40 43.87 -71.56
CA ARG VA 11 108.42 44.00 -72.63
C ARG VA 11 107.04 43.57 -72.16
N LYS VA 12 106.98 42.50 -71.35
CA LYS VA 12 105.72 42.04 -70.80
C LYS VA 12 105.07 43.10 -69.92
N LYS VA 13 105.83 43.61 -68.94
CA LYS VA 13 105.27 44.54 -67.97
C LYS VA 13 104.87 45.86 -68.62
N PHE VA 14 105.70 46.37 -69.54
CA PHE VA 14 105.38 47.64 -70.19
C PHE VA 14 104.11 47.53 -71.01
N ALA VA 15 103.96 46.44 -71.76
CA ALA VA 15 102.74 46.24 -72.54
C ALA VA 15 101.52 46.14 -71.65
N GLN VA 16 101.65 45.43 -70.52
CA GLN VA 16 100.54 45.32 -69.58
C GLN VA 16 100.20 46.68 -68.99
N LYS VA 17 101.21 47.48 -68.67
CA LYS VA 17 100.97 48.82 -68.15
C LYS VA 17 100.26 49.68 -69.18
N MET VA 18 100.69 49.59 -70.45
CA MET VA 18 100.03 50.36 -71.51
C MET VA 18 98.59 49.90 -71.69
N LEU VA 19 98.34 48.59 -71.56
CA LEU VA 19 96.99 48.08 -71.65
C LEU VA 19 96.11 48.63 -70.54
N ARG VA 20 96.65 48.70 -69.32
CA ARG VA 20 95.91 49.32 -68.23
C ARG VA 20 95.65 50.79 -68.50
N LYS VA 21 96.61 51.47 -69.11
CA LYS VA 21 96.38 52.86 -69.50
C LYS VA 21 95.26 52.96 -70.53
N ALA VA 22 95.24 52.04 -71.50
CA ALA VA 22 94.16 52.02 -72.47
C ALA VA 22 92.82 51.74 -71.81
N ARG VA 23 92.80 50.80 -70.85
CA ARG VA 23 91.56 50.49 -70.16
C ARG VA 23 91.07 51.66 -69.32
N ARG VA 24 91.99 52.35 -68.64
CA ARG VA 24 91.60 53.49 -67.81
C ARG VA 24 91.03 54.62 -68.67
N LYS VA 25 91.62 54.88 -69.83
CA LYS VA 25 91.13 55.95 -70.69
C LYS VA 25 89.74 55.62 -71.23
N LEU VA 26 89.49 54.35 -71.53
CA LEU VA 26 88.15 53.94 -71.94
C LEU VA 26 87.15 54.14 -70.82
N ILE VA 27 87.53 53.76 -69.59
CA ILE VA 27 86.65 53.94 -68.44
C ILE VA 27 86.35 55.42 -68.23
N TYR VA 28 87.38 56.26 -68.37
CA TYR VA 28 87.21 57.69 -68.20
C TYR VA 28 86.23 58.24 -69.24
N GLU VA 29 86.35 57.81 -70.49
CA GLU VA 29 85.52 58.38 -71.55
C GLU VA 29 84.10 57.84 -71.50
N LYS VA 30 83.94 56.57 -71.14
CA LYS VA 30 82.59 56.01 -71.04
C LYS VA 30 81.79 56.70 -69.95
N ALA VA 31 82.43 57.02 -68.83
CA ALA VA 31 81.77 57.81 -67.80
C ALA VA 31 81.43 59.20 -68.31
N LYS VA 32 82.32 59.79 -69.11
CA LYS VA 32 82.05 61.10 -69.68
C LYS VA 32 80.85 61.07 -70.61
N HIS VA 33 80.74 60.04 -71.44
CA HIS VA 33 79.59 59.92 -72.33
C HIS VA 33 78.29 59.73 -71.55
N TYR VA 34 78.35 58.94 -70.46
CA TYR VA 34 77.15 58.73 -69.65
C TYR VA 34 76.65 60.04 -69.04
N HIS VA 35 77.58 60.89 -68.59
CA HIS VA 35 77.19 62.17 -68.03
C HIS VA 35 76.51 63.04 -69.08
N LYS VA 36 76.99 62.98 -70.32
CA LYS VA 36 76.29 63.64 -71.42
C LYS VA 36 74.90 63.02 -71.62
N GLU VA 37 74.83 61.69 -71.56
CA GLU VA 37 73.55 61.01 -71.76
C GLU VA 37 72.57 61.34 -70.64
N TYR VA 38 73.05 61.42 -69.41
CA TYR VA 38 72.17 61.70 -68.27
C TYR VA 38 71.54 63.07 -68.40
N ARG VA 39 72.35 64.10 -68.67
CA ARG VA 39 71.81 65.45 -68.74
C ARG VA 39 70.94 65.63 -69.99
N GLN VA 40 71.13 64.80 -71.02
CA GLN VA 40 70.24 64.83 -72.17
C GLN VA 40 68.83 64.41 -71.76
N MET VA 41 68.72 63.33 -70.99
CA MET VA 41 67.42 62.85 -70.55
C MET VA 41 66.74 63.84 -69.62
N TYR VA 42 67.50 64.44 -68.70
CA TYR VA 42 66.93 65.39 -67.75
C TYR VA 42 66.38 66.60 -68.48
N ARG VA 43 67.11 67.13 -69.45
CA ARG VA 43 66.62 68.28 -70.20
C ARG VA 43 65.48 67.88 -71.13
N THR VA 44 65.54 66.68 -71.71
CA THR VA 44 64.51 66.25 -72.64
C THR VA 44 63.15 66.12 -71.95
N GLU VA 45 63.13 65.52 -70.75
CA GLU VA 45 61.87 65.37 -70.03
C GLU VA 45 61.25 66.72 -69.73
N ILE VA 46 62.06 67.68 -69.32
CA ILE VA 46 61.57 69.04 -69.08
C ILE VA 46 61.12 69.68 -70.39
N ARG VA 47 61.93 69.53 -71.45
CA ARG VA 47 61.62 70.17 -72.72
C ARG VA 47 60.37 69.58 -73.35
N MET VA 48 60.17 68.27 -73.23
CA MET VA 48 58.96 67.65 -73.77
C MET VA 48 57.71 68.18 -73.07
N ALA VA 49 57.77 68.33 -71.76
CA ALA VA 49 56.62 68.86 -71.02
C ALA VA 49 56.45 70.35 -71.28
N ARG VA 50 57.56 71.07 -71.46
CA ARG VA 50 57.48 72.52 -71.67
C ARG VA 50 56.73 72.86 -72.95
N MET VA 51 56.99 72.13 -74.03
CA MET VA 51 56.30 72.41 -75.28
C MET VA 51 54.82 72.04 -75.21
N ALA VA 52 54.46 71.08 -74.35
CA ALA VA 52 53.05 70.75 -74.18
C ALA VA 52 52.29 71.89 -73.54
N ARG VA 53 52.86 72.50 -72.51
CA ARG VA 53 52.22 73.64 -71.86
C ARG VA 53 52.15 74.84 -72.81
N LYS VA 54 53.15 75.01 -73.66
CA LYS VA 54 53.06 76.03 -74.71
C LYS VA 54 51.94 75.70 -75.68
N ALA VA 55 51.81 74.43 -76.07
CA ALA VA 55 50.75 74.02 -76.99
C ALA VA 55 49.39 73.95 -76.32
N GLY VA 56 49.32 74.05 -75.00
CA GLY VA 56 48.07 73.95 -74.28
C GLY VA 56 47.64 72.54 -73.96
N ASN VA 57 48.37 71.53 -74.41
CA ASN VA 57 48.05 70.14 -74.13
C ASN VA 57 48.85 69.67 -72.91
N PHE VA 58 48.79 68.38 -72.62
CA PHE VA 58 49.52 67.79 -71.51
C PHE VA 58 50.54 66.79 -72.05
N TYR VA 59 51.64 66.64 -71.33
CA TYR VA 59 52.65 65.65 -71.63
C TYR VA 59 52.72 64.68 -70.45
N VAL VA 60 52.23 63.47 -70.66
CA VAL VA 60 52.35 62.44 -69.63
C VAL VA 60 53.75 61.83 -69.70
N PRO VA 61 54.50 61.84 -68.61
CA PRO VA 61 55.81 61.17 -68.62
C PRO VA 61 55.64 59.67 -68.76
N ALA VA 62 56.69 59.04 -69.28
CA ALA VA 62 56.66 57.59 -69.45
C ALA VA 62 56.49 56.90 -68.12
N GLU VA 63 55.77 55.79 -68.12
CA GLU VA 63 55.60 55.02 -66.91
C GLU VA 63 56.95 54.53 -66.45
N PRO VA 64 57.38 54.87 -65.24
CA PRO VA 64 58.73 54.51 -64.79
C PRO VA 64 58.93 53.00 -64.75
N LYS VA 65 60.12 52.58 -65.17
CA LYS VA 65 60.42 51.16 -65.37
C LYS VA 65 61.38 50.61 -64.34
N LEU VA 66 61.96 51.44 -63.49
CA LEU VA 66 62.87 51.00 -62.44
C LEU VA 66 62.27 51.32 -61.09
N ALA VA 67 62.26 50.33 -60.21
CA ALA VA 67 61.75 50.49 -58.86
C ALA VA 67 62.73 49.90 -57.85
N PHE VA 68 62.80 50.53 -56.69
CA PHE VA 68 63.59 50.04 -55.57
C PHE VA 68 62.62 49.59 -54.47
N VAL VA 69 62.76 48.34 -54.05
CA VAL VA 69 61.83 47.72 -53.10
C VAL VA 69 62.59 47.46 -51.82
N ILE VA 70 62.03 47.92 -50.70
CA ILE VA 70 62.64 47.76 -49.38
C ILE VA 70 61.69 46.97 -48.51
N ARG VA 71 62.17 45.85 -47.98
CA ARG VA 71 61.38 45.12 -47.00
C ARG VA 71 61.34 45.90 -45.69
N ILE VA 72 60.14 46.10 -45.16
CA ILE VA 72 59.96 46.90 -43.96
C ILE VA 72 59.50 46.07 -42.77
N ARG VA 73 58.76 44.99 -42.99
CA ARG VA 73 58.27 44.18 -41.89
C ARG VA 73 59.22 43.04 -41.59
N GLY VA 74 59.04 42.45 -40.41
CA GLY VA 74 59.89 41.37 -39.97
C GLY VA 74 59.51 40.05 -40.63
N ILE VA 75 60.06 38.97 -40.09
CA ILE VA 75 59.83 37.64 -40.62
C ILE VA 75 58.87 36.82 -39.79
N ASN VA 76 58.50 37.28 -38.60
CA ASN VA 76 57.55 36.54 -37.78
C ASN VA 76 56.15 36.66 -38.36
N GLY VA 77 55.47 35.52 -38.51
CA GLY VA 77 54.10 35.50 -38.96
C GLY VA 77 53.89 36.01 -40.38
N VAL VA 78 54.39 35.26 -41.36
CA VAL VA 78 54.24 35.61 -42.77
C VAL VA 78 53.56 34.45 -43.48
N SER VA 79 52.52 34.76 -44.25
CA SER VA 79 51.83 33.74 -45.02
C SER VA 79 52.75 33.20 -46.11
N PRO VA 80 52.57 31.92 -46.51
CA PRO VA 80 53.53 31.33 -47.45
C PRO VA 80 53.60 32.03 -48.79
N LYS VA 81 52.47 32.55 -49.30
CA LYS VA 81 52.50 33.25 -50.57
C LYS VA 81 53.36 34.51 -50.48
N VAL VA 82 53.20 35.27 -49.40
CA VAL VA 82 54.01 36.47 -49.21
C VAL VA 82 55.48 36.09 -49.03
N ARG VA 83 55.73 35.02 -48.26
CA ARG VA 83 57.11 34.61 -48.02
C ARG VA 83 57.80 34.19 -49.31
N LYS VA 84 57.08 33.49 -50.19
CA LYS VA 84 57.69 33.03 -51.44
C LYS VA 84 58.05 34.20 -52.33
N VAL VA 85 57.18 35.21 -52.41
CA VAL VA 85 57.46 36.38 -53.26
C VAL VA 85 58.67 37.13 -52.75
N LEU VA 86 58.76 37.31 -51.42
CA LEU VA 86 59.90 38.03 -50.85
C LEU VA 86 61.21 37.31 -51.14
N GLN VA 87 61.20 35.98 -51.06
CA GLN VA 87 62.40 35.23 -51.40
C GLN VA 87 62.74 35.34 -52.88
N LEU VA 88 61.72 35.47 -53.74
CA LEU VA 88 62.01 35.70 -55.15
C LEU VA 88 62.56 37.10 -55.40
N LEU VA 89 62.26 38.05 -54.51
CA LEU VA 89 62.84 39.38 -54.59
C LEU VA 89 64.13 39.51 -53.80
N ARG VA 90 64.62 38.40 -53.24
CA ARG VA 90 65.87 38.38 -52.47
C ARG VA 90 65.83 39.31 -51.27
N LEU VA 91 64.64 39.49 -50.68
CA LEU VA 91 64.46 40.28 -49.47
C LEU VA 91 64.14 39.31 -48.34
N ARG VA 92 65.20 38.74 -47.75
CA ARG VA 92 65.06 37.76 -46.69
C ARG VA 92 65.30 38.34 -45.32
N GLN VA 93 65.43 39.66 -45.21
CA GLN VA 93 65.68 40.31 -43.93
C GLN VA 93 65.00 41.68 -43.96
N ILE VA 94 64.70 42.19 -42.76
CA ILE VA 94 64.16 43.53 -42.66
C ILE VA 94 65.19 44.54 -43.14
N PHE VA 95 64.71 45.60 -43.81
CA PHE VA 95 65.55 46.66 -44.36
C PHE VA 95 66.57 46.12 -45.37
N ASN VA 96 66.14 45.14 -46.15
CA ASN VA 96 66.89 44.73 -47.33
C ASN VA 96 66.41 45.52 -48.54
N GLY VA 97 67.28 45.68 -49.52
CA GLY VA 97 66.96 46.46 -50.70
C GLY VA 97 67.37 45.75 -51.97
N THR VA 98 66.56 45.94 -53.00
CA THR VA 98 66.83 45.35 -54.30
C THR VA 98 66.16 46.18 -55.38
N PHE VA 99 66.68 46.06 -56.60
CA PHE VA 99 66.14 46.75 -57.76
C PHE VA 99 65.32 45.77 -58.60
N VAL VA 100 64.12 46.19 -58.98
CA VAL VA 100 63.20 45.35 -59.75
C VAL VA 100 62.85 46.06 -61.04
N LYS VA 101 63.03 45.38 -62.17
CA LYS VA 101 62.58 45.91 -63.45
C LYS VA 101 61.07 45.83 -63.51
N LEU VA 102 60.43 46.94 -63.89
CA LEU VA 102 59.00 47.07 -63.79
C LEU VA 102 58.31 46.61 -65.07
N ASN VA 103 57.28 45.79 -64.92
CA ASN VA 103 56.42 45.37 -66.02
C ASN VA 103 55.12 44.86 -65.41
N LYS VA 104 54.29 44.21 -66.25
CA LYS VA 104 53.04 43.65 -65.76
C LYS VA 104 53.29 42.58 -64.70
N ALA VA 105 54.25 41.70 -64.96
CA ALA VA 105 54.51 40.59 -64.05
C ALA VA 105 55.06 41.07 -62.71
N SER VA 106 56.00 42.02 -62.73
CA SER VA 106 56.63 42.47 -61.50
C SER VA 106 55.67 43.28 -60.64
N ILE VA 107 54.82 44.08 -61.27
CA ILE VA 107 53.91 44.94 -60.51
C ILE VA 107 52.93 44.09 -59.71
N ASN VA 108 52.36 43.06 -60.34
CA ASN VA 108 51.43 42.18 -59.64
C ASN VA 108 52.13 41.43 -58.50
N MET VA 109 53.40 41.07 -58.70
CA MET VA 109 54.16 40.46 -57.62
C MET VA 109 54.32 41.42 -56.45
N LEU VA 110 54.60 42.69 -56.74
CA LEU VA 110 54.72 43.68 -55.68
C LEU VA 110 53.39 43.91 -54.99
N ARG VA 111 52.29 43.70 -55.72
CA ARG VA 111 50.96 43.90 -55.13
C ARG VA 111 50.70 42.90 -54.01
N ILE VA 112 51.20 41.67 -54.17
CA ILE VA 112 50.99 40.65 -53.14
C ILE VA 112 51.70 41.04 -51.85
N VAL VA 113 52.91 41.56 -51.96
CA VAL VA 113 53.71 41.91 -50.79
C VAL VA 113 53.56 43.39 -50.43
N GLU VA 114 52.49 44.03 -50.90
CA GLU VA 114 52.25 45.44 -50.59
C GLU VA 114 52.27 45.76 -49.10
N PRO VA 115 51.64 44.99 -48.19
CA PRO VA 115 51.79 45.32 -46.77
C PRO VA 115 53.21 45.18 -46.25
N TYR VA 116 54.01 44.30 -46.86
CA TYR VA 116 55.33 43.98 -46.31
C TYR VA 116 56.46 44.80 -46.90
N ILE VA 117 56.21 45.62 -47.93
CA ILE VA 117 57.27 46.35 -48.59
C ILE VA 117 56.93 47.83 -48.66
N ALA VA 118 57.96 48.63 -48.91
CA ALA VA 118 57.81 50.04 -49.25
C ALA VA 118 58.69 50.31 -50.46
N TRP VA 119 58.07 50.67 -51.57
CA TRP VA 119 58.79 50.76 -52.84
C TRP VA 119 58.43 52.03 -53.57
N GLY VA 120 59.33 52.48 -54.43
CA GLY VA 120 59.11 53.68 -55.19
C GLY VA 120 60.02 53.74 -56.39
N TYR VA 121 60.15 54.94 -56.95
CA TYR VA 121 60.90 55.12 -58.18
C TYR VA 121 62.15 55.95 -57.87
N PRO VA 122 63.32 55.34 -57.73
CA PRO VA 122 64.51 56.12 -57.40
C PRO VA 122 64.95 57.02 -58.54
N ASN VA 123 65.53 58.16 -58.18
CA ASN VA 123 66.13 59.06 -59.14
C ASN VA 123 67.58 58.66 -59.38
N LEU VA 124 68.30 59.49 -60.14
CA LEU VA 124 69.70 59.18 -60.46
C LEU VA 124 70.57 59.20 -59.22
N LYS VA 125 70.39 60.20 -58.35
CA LYS VA 125 71.25 60.34 -57.18
C LYS VA 125 71.10 59.15 -56.23
N SER VA 126 69.87 58.65 -56.07
CA SER VA 126 69.65 57.52 -55.17
C SER VA 126 70.41 56.29 -55.65
N VAL VA 127 70.44 56.05 -56.95
CA VAL VA 127 71.18 54.91 -57.48
C VAL VA 127 72.68 55.10 -57.25
N ASN VA 128 73.17 56.33 -57.40
CA ASN VA 128 74.60 56.59 -57.21
C ASN VA 128 75.04 56.30 -55.79
N GLU VA 129 74.23 56.73 -54.81
CA GLU VA 129 74.61 56.55 -53.41
C GLU VA 129 74.57 55.08 -53.01
N LEU VA 130 73.61 54.33 -53.55
CA LEU VA 130 73.48 52.92 -53.16
C LEU VA 130 74.63 52.09 -53.69
N ILE VA 131 74.96 52.23 -54.97
CA ILE VA 131 75.98 51.39 -55.58
C ILE VA 131 77.37 51.74 -55.03
N TYR VA 132 77.66 53.03 -54.87
CA TYR VA 132 78.99 53.42 -54.44
C TYR VA 132 79.23 53.08 -52.97
N LYS VA 133 78.22 53.21 -52.13
CA LYS VA 133 78.40 53.00 -50.71
C LYS VA 133 78.06 51.58 -50.27
N ARG VA 134 76.91 51.07 -50.69
CA ARG VA 134 76.44 49.76 -50.27
C ARG VA 134 76.53 48.72 -51.37
N GLY VA 135 77.36 48.96 -52.39
CA GLY VA 135 77.47 48.03 -53.50
C GLY VA 135 78.30 46.81 -53.14
N TYR VA 136 77.71 45.62 -53.23
CA TYR VA 136 78.41 44.38 -53.00
C TYR VA 136 78.11 43.43 -54.14
N GLY VA 137 79.15 42.83 -54.71
CA GLY VA 137 79.01 41.93 -55.84
C GLY VA 137 79.00 40.48 -55.38
N LYS VA 138 77.95 39.77 -55.78
CA LYS VA 138 77.80 38.35 -55.47
C LYS VA 138 78.69 37.56 -56.43
N ILE VA 139 79.97 37.51 -56.10
CA ILE VA 139 80.98 36.87 -56.95
C ILE VA 139 81.29 35.50 -56.38
N ASN VA 140 81.10 34.46 -57.20
CA ASN VA 140 81.35 33.08 -56.81
C ASN VA 140 80.60 32.73 -55.53
N LYS VA 141 79.31 33.11 -55.50
CA LYS VA 141 78.42 32.86 -54.36
C LYS VA 141 78.96 33.48 -53.07
N LYS VA 142 79.66 34.60 -53.19
CA LYS VA 142 80.23 35.28 -52.04
C LYS VA 142 79.92 36.77 -52.12
N ARG VA 143 79.66 37.38 -50.96
CA ARG VA 143 79.36 38.80 -50.88
C ARG VA 143 80.67 39.57 -50.77
N ILE VA 144 81.15 40.10 -51.89
CA ILE VA 144 82.43 40.79 -51.96
C ILE VA 144 82.18 42.28 -52.10
N ALA VA 145 82.86 43.07 -51.29
CA ALA VA 145 82.76 44.52 -51.40
C ALA VA 145 83.32 44.99 -52.72
N LEU VA 146 82.61 45.90 -53.38
CA LEU VA 146 82.99 46.38 -54.71
C LEU VA 146 84.04 47.47 -54.55
N THR VA 147 85.25 47.06 -54.18
CA THR VA 147 86.32 47.99 -53.92
C THR VA 147 87.20 48.27 -55.14
N ASP VA 148 87.01 47.55 -56.24
CA ASP VA 148 87.80 47.77 -57.43
C ASP VA 148 86.96 47.47 -58.66
N ASN VA 149 87.31 48.14 -59.76
CA ASN VA 149 86.60 47.92 -61.02
C ASN VA 149 86.91 46.58 -61.65
N ALA VA 150 88.03 45.95 -61.26
CA ALA VA 150 88.43 44.70 -61.87
C ALA VA 150 87.46 43.57 -61.56
N LEU VA 151 86.86 43.58 -60.37
CA LEU VA 151 85.97 42.51 -59.97
C LEU VA 151 84.73 42.45 -60.87
N ILE VA 152 84.20 43.61 -61.25
CA ILE VA 152 83.06 43.63 -62.15
C ILE VA 152 83.45 43.10 -63.53
N ALA VA 153 84.66 43.41 -63.97
CA ALA VA 153 85.11 42.98 -65.29
C ALA VA 153 85.26 41.46 -65.37
N ARG VA 154 85.69 40.84 -64.27
CA ARG VA 154 85.92 39.39 -64.27
C ARG VA 154 84.63 38.61 -64.50
N SER VA 155 83.47 39.18 -64.17
CA SER VA 155 82.21 38.46 -64.25
C SER VA 155 81.18 39.10 -65.16
N LEU VA 156 81.33 40.38 -65.51
CA LEU VA 156 80.36 41.05 -66.35
C LEU VA 156 80.96 41.63 -67.62
N GLY VA 157 82.26 41.43 -67.86
CA GLY VA 157 82.87 41.94 -69.08
C GLY VA 157 82.29 41.33 -70.33
N LYS VA 158 81.81 40.09 -70.24
CA LYS VA 158 81.14 39.45 -71.37
C LYS VA 158 79.87 40.20 -71.76
N TYR VA 159 79.25 40.88 -70.80
CA TYR VA 159 78.08 41.70 -71.09
C TYR VA 159 78.43 43.16 -71.33
N GLY VA 160 79.71 43.52 -71.31
CA GLY VA 160 80.13 44.88 -71.55
C GLY VA 160 80.24 45.75 -70.31
N ILE VA 161 79.88 45.25 -69.14
CA ILE VA 161 79.97 46.01 -67.90
C ILE VA 161 81.35 45.77 -67.30
N ILE VA 162 82.13 46.84 -67.17
CA ILE VA 162 83.51 46.71 -66.72
C ILE VA 162 83.85 47.72 -65.64
N CYS VA 163 82.96 48.70 -65.43
CA CYS VA 163 83.20 49.73 -64.43
C CYS VA 163 81.93 50.00 -63.65
N MET VA 164 82.10 50.64 -62.49
CA MET VA 164 80.95 51.02 -61.67
C MET VA 164 80.00 51.93 -62.43
N GLU VA 165 80.54 52.83 -63.26
CA GLU VA 165 79.69 53.71 -64.05
C GLU VA 165 78.86 52.92 -65.05
N ASP VA 166 79.44 51.87 -65.64
CA ASP VA 166 78.67 50.99 -66.52
C ASP VA 166 77.54 50.32 -65.76
N LEU VA 167 77.81 49.87 -64.54
CA LEU VA 167 76.78 49.24 -63.72
C LEU VA 167 75.66 50.23 -63.41
N ILE VA 168 76.02 51.46 -63.08
CA ILE VA 168 75.01 52.47 -62.75
C ILE VA 168 74.12 52.75 -63.96
N HIS VA 169 74.72 52.85 -65.14
CA HIS VA 169 73.94 53.13 -66.35
C HIS VA 169 72.96 52.00 -66.63
N GLU VA 170 73.40 50.76 -66.47
CA GLU VA 170 72.51 49.62 -66.70
C GLU VA 170 71.40 49.57 -65.67
N ILE VA 171 71.71 49.91 -64.42
CA ILE VA 171 70.69 49.91 -63.38
C ILE VA 171 69.69 51.04 -63.61
N TYR VA 172 70.20 52.25 -63.88
CA TYR VA 172 69.33 53.40 -64.02
C TYR VA 172 68.47 53.28 -65.28
N THR VA 173 69.11 53.25 -66.44
CA THR VA 173 68.41 52.98 -67.69
C THR VA 173 68.42 51.48 -67.92
N VAL VA 174 67.23 50.88 -67.99
CA VAL VA 174 67.13 49.42 -68.04
C VAL VA 174 67.73 48.95 -69.36
N GLY VA 175 68.91 48.34 -69.28
CA GLY VA 175 69.64 47.91 -70.46
C GLY VA 175 69.28 46.51 -70.89
N LYS VA 176 70.05 46.01 -71.86
CA LYS VA 176 69.80 44.67 -72.38
C LYS VA 176 70.06 43.61 -71.32
N ARG VA 177 71.13 43.76 -70.55
CA ARG VA 177 71.56 42.78 -69.55
C ARG VA 177 71.24 43.22 -68.13
N PHE VA 178 70.07 43.84 -67.93
CA PHE VA 178 69.69 44.28 -66.59
C PHE VA 178 69.55 43.11 -65.64
N LYS VA 179 69.01 41.99 -66.12
CA LYS VA 179 68.81 40.83 -65.26
C LYS VA 179 70.14 40.29 -64.74
N GLU VA 180 71.13 40.17 -65.63
CA GLU VA 180 72.44 39.71 -65.19
C GLU VA 180 73.10 40.72 -64.25
N ALA VA 181 72.94 42.01 -64.54
CA ALA VA 181 73.57 43.04 -63.72
C ALA VA 181 72.96 43.08 -62.32
N ASN VA 182 71.63 43.10 -62.25
CA ASN VA 182 70.97 43.21 -60.95
C ASN VA 182 71.12 41.94 -60.12
N ASN VA 183 71.05 40.77 -60.76
CA ASN VA 183 71.26 39.52 -60.03
C ASN VA 183 72.69 39.40 -59.55
N PHE VA 184 73.64 40.00 -60.27
CA PHE VA 184 75.02 40.04 -59.80
C PHE VA 184 75.15 40.80 -58.49
N LEU VA 185 74.39 41.88 -58.35
CA LEU VA 185 74.46 42.68 -57.13
C LEU VA 185 73.89 41.90 -55.95
N TRP VA 186 74.64 41.88 -54.86
CA TRP VA 186 74.10 41.39 -53.60
C TRP VA 186 72.97 42.33 -53.14
N PRO VA 187 71.92 41.78 -52.54
CA PRO VA 187 70.85 42.66 -52.02
C PRO VA 187 71.39 43.64 -50.99
N PHE VA 188 70.91 44.87 -51.08
CA PHE VA 188 71.45 45.95 -50.25
C PHE VA 188 70.93 45.82 -48.83
N LYS VA 189 71.86 45.83 -47.87
CA LYS VA 189 71.54 45.67 -46.47
C LYS VA 189 71.56 47.06 -45.86
N LEU VA 190 70.42 47.75 -45.93
CA LEU VA 190 70.32 49.12 -45.45
C LEU VA 190 70.08 49.16 -43.95
N SER VA 191 70.42 50.29 -43.35
CA SER VA 191 70.24 50.49 -41.92
C SER VA 191 68.80 50.84 -41.62
N SER VA 192 68.51 51.05 -40.34
CA SER VA 192 67.18 51.51 -39.98
C SER VA 192 67.03 52.99 -40.35
N PRO VA 193 65.84 53.41 -40.79
CA PRO VA 193 65.67 54.81 -41.21
C PRO VA 193 65.76 55.78 -40.06
N ARG VA 194 66.81 56.61 -40.06
CA ARG VA 194 66.96 57.63 -39.02
C ARG VA 194 65.81 58.63 -39.10
N GLY VA 195 65.34 59.05 -37.94
CA GLY VA 195 64.16 59.88 -37.86
C GLY VA 195 62.85 59.13 -37.73
N GLY VA 196 62.89 57.80 -37.84
CA GLY VA 196 61.70 56.99 -37.61
C GLY VA 196 60.72 56.99 -38.76
N MET VA 197 60.03 55.86 -38.93
CA MET VA 197 58.96 55.76 -39.91
C MET VA 197 57.67 56.33 -39.32
N LYS VA 198 56.69 56.55 -40.20
CA LYS VA 198 55.39 57.04 -39.73
C LYS VA 198 54.60 55.91 -39.09
N LYS VA 199 54.30 54.87 -39.86
CA LYS VA 199 53.60 53.69 -39.36
C LYS VA 199 53.81 52.56 -40.37
N LYS VA 200 54.47 51.49 -39.96
CA LYS VA 200 54.86 50.46 -40.91
C LYS VA 200 53.72 49.53 -41.28
N THR VA 201 52.64 49.49 -40.50
CA THR VA 201 51.59 48.51 -40.69
C THR VA 201 50.49 48.97 -41.63
N THR VA 202 50.60 50.17 -42.19
CA THR VA 202 49.57 50.71 -43.07
C THR VA 202 50.23 51.29 -44.32
N HIS VA 203 49.42 51.43 -45.37
CA HIS VA 203 49.91 51.91 -46.64
C HIS VA 203 50.32 53.37 -46.54
N PHE VA 204 51.18 53.79 -47.49
CA PHE VA 204 51.69 55.16 -47.44
C PHE VA 204 50.59 56.17 -47.77
N VAL VA 205 49.66 55.81 -48.66
CA VAL VA 205 48.61 56.75 -49.04
C VAL VA 205 47.67 57.03 -47.87
N GLU VA 206 47.54 56.08 -46.94
CA GLU VA 206 46.77 56.29 -45.73
C GLU VA 206 47.64 56.75 -44.56
N GLY VA 207 48.74 57.42 -44.85
CA GLY VA 207 49.58 58.00 -43.83
C GLY VA 207 50.62 57.08 -43.24
N GLY VA 208 50.65 55.81 -43.64
CA GLY VA 208 51.62 54.89 -43.08
C GLY VA 208 52.93 54.87 -43.82
N ASP VA 209 53.48 53.68 -44.05
CA ASP VA 209 54.75 53.56 -44.76
C ASP VA 209 54.79 52.45 -45.79
N ALA VA 210 53.82 51.53 -45.81
CA ALA VA 210 53.87 50.40 -46.71
C ALA VA 210 53.43 50.81 -48.11
N GLY VA 211 53.52 49.87 -49.04
CA GLY VA 211 53.02 50.12 -50.38
C GLY VA 211 53.93 50.99 -51.21
N ASN VA 212 53.33 51.75 -52.13
CA ASN VA 212 54.05 52.51 -53.13
C ASN VA 212 54.04 53.99 -52.76
N ARG VA 213 55.21 54.59 -52.68
CA ARG VA 213 55.39 56.03 -52.69
C ARG VA 213 56.24 56.37 -53.89
N GLU VA 214 55.67 57.10 -54.86
CA GLU VA 214 56.27 57.23 -56.18
C GLU VA 214 57.68 57.81 -56.15
N ASP VA 215 57.82 59.07 -55.75
CA ASP VA 215 59.13 59.69 -55.65
C ASP VA 215 59.60 59.85 -54.21
N GLN VA 216 58.74 59.58 -53.23
CA GLN VA 216 59.11 59.73 -51.84
C GLN VA 216 60.09 58.66 -51.37
N ILE VA 217 60.33 57.62 -52.18
CA ILE VA 217 61.34 56.62 -51.83
C ILE VA 217 62.72 57.25 -51.76
N ASN VA 218 62.95 58.34 -52.50
CA ASN VA 218 64.22 59.03 -52.42
C ASN VA 218 64.42 59.67 -51.05
N ARG VA 219 63.35 60.22 -50.47
CA ARG VA 219 63.43 60.72 -49.10
C ARG VA 219 63.76 59.60 -48.13
N LEU VA 220 63.13 58.44 -48.30
CA LEU VA 220 63.37 57.32 -47.39
C LEU VA 220 64.79 56.78 -47.55
N ILE VA 221 65.31 56.77 -48.78
CA ILE VA 221 66.64 56.22 -49.02
C ILE VA 221 67.69 57.04 -48.29
N ARG VA 222 67.59 58.37 -48.34
CA ARG VA 222 68.61 59.22 -47.73
C ARG VA 222 68.71 58.98 -46.23
N ARG VA 223 67.58 58.82 -45.56
CA ARG VA 223 67.61 58.51 -44.14
C ARG VA 223 68.05 57.07 -43.88
N MET VA 224 67.78 56.17 -44.82
CA MET VA 224 68.06 54.75 -44.59
C MET VA 224 69.55 54.46 -44.68
N ASN VA 225 70.24 55.03 -45.66
CA ASN VA 225 71.66 54.76 -45.83
C ASN VA 225 72.51 56.00 -45.64
N LYS WA 1 29.26 -107.11 48.51
CA LYS WA 1 29.29 -107.53 49.90
C LYS WA 1 29.97 -106.46 50.75
N VAL WA 2 31.30 -106.40 50.66
CA VAL WA 2 32.09 -105.44 51.43
C VAL WA 2 31.99 -104.04 50.85
N VAL WA 3 31.29 -103.86 49.73
CA VAL WA 3 31.16 -102.55 49.12
C VAL WA 3 30.45 -101.60 50.07
N ASN WA 4 30.98 -100.39 50.17
CA ASN WA 4 30.46 -99.42 51.13
C ASN WA 4 29.10 -98.90 50.65
N PRO WA 5 28.07 -98.90 51.50
CA PRO WA 5 26.80 -98.28 51.10
C PRO WA 5 26.91 -96.78 50.87
N LEU WA 6 27.96 -96.13 51.36
CA LEU WA 6 28.13 -94.70 51.13
C LEU WA 6 28.36 -94.40 49.66
N PHE WA 7 28.90 -95.36 48.90
CA PHE WA 7 29.09 -95.15 47.48
C PHE WA 7 27.75 -95.22 46.75
N GLU WA 8 27.54 -94.31 45.81
CA GLU WA 8 26.36 -94.37 44.97
C GLU WA 8 26.66 -93.67 43.66
N LYS WA 9 25.84 -93.97 42.66
CA LYS WA 9 25.91 -93.23 41.40
C LYS WA 9 25.37 -91.83 41.58
N ARG WA 10 26.00 -90.87 40.93
CA ARG WA 10 25.53 -89.48 40.91
C ARG WA 10 25.46 -89.04 39.45
N PRO WA 11 24.52 -89.60 38.68
CA PRO WA 11 24.47 -89.27 37.25
C PRO WA 11 24.01 -87.85 37.03
N LYS WA 12 24.65 -87.19 36.06
CA LYS WA 12 24.29 -85.83 35.67
C LYS WA 12 23.71 -85.84 34.27
N ASN WA 13 22.61 -85.13 34.08
CA ASN WA 13 21.94 -85.04 32.79
C ASN WA 13 22.25 -83.70 32.15
N PHE WA 14 22.64 -83.74 30.88
CA PHE WA 14 23.13 -82.58 30.16
C PHE WA 14 22.05 -81.96 29.29
N GLY WA 15 20.81 -81.99 29.74
CA GLY WA 15 19.73 -81.37 29.00
C GLY WA 15 19.81 -79.87 29.01
N ILE WA 16 18.97 -79.25 28.18
CA ILE WA 16 18.97 -77.80 28.05
C ILE WA 16 18.48 -77.19 29.34
N GLY WA 17 19.29 -76.31 29.92
CA GLY WA 17 18.97 -75.66 31.18
C GLY WA 17 19.45 -76.39 32.41
N GLN WA 18 19.82 -77.66 32.29
CA GLN WA 18 20.34 -78.44 33.40
C GLN WA 18 21.87 -78.32 33.42
N ASP WA 19 22.53 -79.22 34.13
CA ASP WA 19 23.98 -79.20 34.32
C ASP WA 19 24.72 -78.96 33.01
N ILE WA 20 25.83 -78.21 33.10
CA ILE WA 20 26.51 -77.74 31.91
C ILE WA 20 27.13 -78.91 31.12
N GLN WA 21 27.41 -78.65 29.86
CA GLN WA 21 27.87 -79.69 28.96
C GLN WA 21 29.27 -80.16 29.34
N PRO WA 22 29.57 -81.44 29.11
CA PRO WA 22 30.94 -81.92 29.27
C PRO WA 22 31.79 -81.50 28.07
N LYS WA 23 33.10 -81.71 28.22
CA LYS WA 23 34.06 -81.29 27.20
C LYS WA 23 34.08 -82.32 26.06
N ARG WA 24 32.99 -82.31 25.30
CA ARG WA 24 32.90 -83.17 24.12
C ARG WA 24 33.75 -82.60 22.99
N ASP WA 25 34.06 -83.47 22.03
CA ASP WA 25 34.97 -83.12 20.96
C ASP WA 25 34.35 -82.05 20.06
N LEU WA 26 35.19 -81.11 19.61
CA LEU WA 26 34.75 -79.98 18.80
C LEU WA 26 35.56 -79.83 17.52
N THR WA 27 36.17 -80.91 17.03
CA THR WA 27 37.04 -80.83 15.86
C THR WA 27 36.30 -80.32 14.64
N ARG WA 28 35.00 -80.61 14.54
CA ARG WA 28 34.22 -80.12 13.40
C ARG WA 28 34.06 -78.61 13.41
N PHE WA 29 34.15 -77.96 14.57
CA PHE WA 29 33.83 -76.55 14.70
C PHE WA 29 34.99 -75.70 15.19
N VAL WA 30 36.21 -76.24 15.16
CA VAL WA 30 37.36 -75.47 15.61
C VAL WA 30 37.63 -74.33 14.64
N LYS WA 31 37.91 -73.15 15.20
CA LYS WA 31 38.34 -72.02 14.39
C LYS WA 31 39.76 -72.30 13.88
N TRP WA 32 39.86 -72.87 12.69
CA TRP WA 32 41.14 -73.29 12.17
C TRP WA 32 41.96 -72.10 11.67
N PRO WA 33 43.28 -72.24 11.62
CA PRO WA 33 44.10 -71.22 10.96
C PRO WA 33 43.79 -71.15 9.47
N ARG WA 34 44.07 -69.98 8.89
CA ARG WA 34 43.64 -69.69 7.53
C ARG WA 34 44.25 -70.65 6.53
N TYR WA 35 45.54 -70.98 6.69
CA TYR WA 35 46.19 -71.89 5.75
C TYR WA 35 45.56 -73.28 5.80
N ILE WA 36 45.16 -73.73 6.99
CA ILE WA 36 44.46 -75.00 7.11
C ILE WA 36 43.10 -74.92 6.40
N ARG WA 37 42.38 -73.81 6.62
CA ARG WA 37 41.13 -73.61 5.93
C ARG WA 37 41.34 -73.46 4.43
N LEU WA 38 42.47 -72.88 4.03
CA LEU WA 38 42.75 -72.71 2.61
C LEU WA 38 42.92 -74.05 1.91
N GLN WA 39 43.83 -74.89 2.42
CA GLN WA 39 44.12 -76.15 1.76
C GLN WA 39 42.97 -77.14 1.87
N ARG WA 40 42.09 -76.99 2.86
CA ARG WA 40 40.89 -77.81 2.90
C ARG WA 40 39.87 -77.38 1.87
N GLN WA 41 39.71 -76.07 1.68
CA GLN WA 41 38.76 -75.59 0.69
C GLN WA 41 39.23 -75.91 -0.73
N ARG WA 42 40.53 -76.04 -0.95
CA ARG WA 42 41.03 -76.42 -2.26
C ARG WA 42 40.57 -77.82 -2.63
N ALA WA 43 40.63 -78.75 -1.67
CA ALA WA 43 40.18 -80.11 -1.94
C ALA WA 43 38.69 -80.16 -2.26
N ILE WA 44 37.91 -79.31 -1.59
CA ILE WA 44 36.47 -79.25 -1.88
C ILE WA 44 36.22 -78.68 -3.27
N LEU WA 45 36.96 -77.64 -3.64
CA LEU WA 45 36.78 -77.03 -4.95
C LEU WA 45 37.09 -78.02 -6.07
N TYR WA 46 38.03 -78.94 -5.83
CA TYR WA 46 38.31 -79.99 -6.81
C TYR WA 46 37.21 -81.03 -6.89
N LYS WA 47 36.09 -80.83 -6.21
CA LYS WA 47 34.93 -81.72 -6.27
C LYS WA 47 33.67 -81.02 -6.76
N ARG WA 48 33.45 -79.77 -6.36
CA ARG WA 48 32.30 -79.04 -6.88
C ARG WA 48 32.42 -78.79 -8.37
N LEU WA 49 33.60 -78.41 -8.82
CA LEU WA 49 33.79 -77.96 -10.19
C LEU WA 49 33.86 -79.13 -11.15
N LYS WA 50 33.98 -78.82 -12.44
CA LYS WA 50 34.14 -79.81 -13.49
C LYS WA 50 35.61 -79.90 -13.85
N VAL WA 51 36.30 -80.87 -13.25
CA VAL WA 51 37.73 -81.06 -13.53
C VAL WA 51 37.90 -81.55 -14.96
N PRO WA 52 38.74 -80.91 -15.77
CA PRO WA 52 38.93 -81.38 -17.14
C PRO WA 52 39.55 -82.76 -17.15
N PRO WA 53 39.25 -83.57 -18.16
CA PRO WA 53 39.80 -84.93 -18.20
C PRO WA 53 41.31 -84.98 -18.24
N ALA WA 54 41.97 -83.96 -18.77
CA ALA WA 54 43.42 -83.91 -18.77
C ALA WA 54 43.99 -83.85 -17.37
N ILE WA 55 43.24 -83.33 -16.40
CA ILE WA 55 43.64 -83.32 -15.01
C ILE WA 55 42.97 -84.44 -14.23
N ASN WA 56 41.71 -84.73 -14.53
CA ASN WA 56 40.96 -85.75 -13.81
C ASN WA 56 41.51 -87.15 -14.05
N GLN WA 57 42.29 -87.35 -15.11
CA GLN WA 57 42.90 -88.65 -15.36
C GLN WA 57 43.87 -89.06 -14.27
N PHE WA 58 44.41 -88.11 -13.52
CA PHE WA 58 45.35 -88.44 -12.45
C PHE WA 58 44.67 -88.95 -11.20
N THR WA 59 43.34 -88.82 -11.09
CA THR WA 59 42.63 -89.44 -9.96
C THR WA 59 42.75 -90.95 -10.02
N GLN WA 60 42.62 -91.54 -11.21
CA GLN WA 60 42.84 -92.96 -11.38
C GLN WA 60 44.34 -93.25 -11.32
N ALA WA 61 44.76 -93.99 -10.31
CA ALA WA 61 46.16 -94.37 -10.19
C ALA WA 61 46.27 -95.87 -9.95
N LEU WA 62 47.48 -96.34 -9.67
CA LEU WA 62 47.70 -97.77 -9.46
C LEU WA 62 47.18 -98.20 -8.10
N ASP WA 63 46.47 -99.32 -8.09
CA ASP WA 63 45.98 -99.90 -6.84
C ASP WA 63 47.14 -100.48 -6.04
N ARG WA 64 46.82 -100.92 -4.81
CA ARG WA 64 47.85 -101.32 -3.87
C ARG WA 64 48.66 -102.51 -4.37
N GLN WA 65 48.00 -103.50 -4.98
CA GLN WA 65 48.68 -104.69 -5.45
C GLN WA 65 49.70 -104.34 -6.53
N THR WA 66 49.27 -103.60 -7.55
CA THR WA 66 50.18 -103.26 -8.65
C THR WA 66 51.25 -102.28 -8.21
N ALA WA 67 50.90 -101.32 -7.34
CA ALA WA 67 51.87 -100.33 -6.91
C ALA WA 67 53.01 -100.95 -6.11
N THR WA 68 52.67 -101.89 -5.22
CA THR WA 68 53.70 -102.46 -4.34
C THR WA 68 54.71 -103.27 -5.12
N GLN WA 69 54.25 -104.12 -6.04
CA GLN WA 69 55.18 -104.94 -6.82
C GLN WA 69 56.06 -104.09 -7.73
N LEU WA 70 55.55 -102.94 -8.18
CA LEU WA 70 56.37 -102.04 -8.97
C LEU WA 70 57.51 -101.45 -8.15
N LEU WA 71 57.19 -100.96 -6.95
CA LEU WA 71 58.22 -100.40 -6.08
C LEU WA 71 59.23 -101.46 -5.66
N LYS WA 72 58.78 -102.70 -5.52
CA LYS WA 72 59.71 -103.80 -5.26
C LYS WA 72 60.68 -103.98 -6.42
N LEU WA 73 60.18 -103.92 -7.66
CA LEU WA 73 61.05 -104.04 -8.82
C LEU WA 73 62.02 -102.87 -8.91
N ALA WA 74 61.53 -101.66 -8.69
CA ALA WA 74 62.38 -100.48 -8.85
C ALA WA 74 63.37 -100.35 -7.71
N HIS WA 75 63.07 -100.95 -6.55
CA HIS WA 75 64.01 -100.90 -5.43
C HIS WA 75 65.31 -101.62 -5.75
N LYS WA 76 65.25 -102.63 -6.62
CA LYS WA 76 66.45 -103.33 -7.03
C LYS WA 76 67.33 -102.49 -7.95
N TYR WA 77 66.81 -101.38 -8.48
CA TYR WA 77 67.52 -100.59 -9.46
C TYR WA 77 67.51 -99.11 -9.11
N ARG WA 78 67.65 -98.79 -7.83
CA ARG WA 78 67.77 -97.40 -7.43
C ARG WA 78 69.09 -96.83 -7.94
N PRO WA 79 69.13 -95.54 -8.25
CA PRO WA 79 70.40 -94.91 -8.65
C PRO WA 79 71.39 -94.93 -7.49
N GLU WA 80 72.66 -95.04 -7.86
CA GLU WA 80 73.72 -95.06 -6.85
C GLU WA 80 73.87 -93.70 -6.19
N THR WA 81 74.06 -93.71 -4.87
CA THR WA 81 74.31 -92.49 -4.13
C THR WA 81 75.80 -92.22 -4.11
N LYS WA 82 76.19 -91.08 -3.52
CA LYS WA 82 77.57 -90.63 -3.61
C LYS WA 82 78.52 -91.56 -2.87
N GLN WA 83 78.06 -92.24 -1.83
CA GLN WA 83 78.96 -93.04 -1.00
C GLN WA 83 79.49 -94.24 -1.78
N GLU WA 84 78.61 -95.08 -2.30
CA GLU WA 84 79.05 -96.21 -3.10
C GLU WA 84 79.65 -95.77 -4.42
N LYS WA 85 79.24 -94.60 -4.93
CA LYS WA 85 79.84 -94.08 -6.15
C LYS WA 85 81.31 -93.72 -5.92
N LYS WA 86 81.62 -93.14 -4.76
CA LYS WA 86 83.01 -92.91 -4.40
C LYS WA 86 83.78 -94.22 -4.29
N GLN WA 87 83.15 -95.25 -3.73
CA GLN WA 87 83.77 -96.57 -3.70
C GLN WA 87 83.98 -97.10 -5.12
N ARG WA 88 83.01 -96.88 -6.00
CA ARG WA 88 83.17 -97.29 -7.39
C ARG WA 88 84.21 -96.42 -8.12
N LEU WA 89 84.30 -95.14 -7.77
CA LEU WA 89 85.35 -94.30 -8.35
C LEU WA 89 86.72 -94.66 -7.80
N LEU WA 90 86.79 -95.05 -6.53
CA LEU WA 90 88.03 -95.61 -6.00
C LEU WA 90 88.38 -96.91 -6.70
N ALA WA 91 87.37 -97.74 -6.99
CA ALA WA 91 87.58 -98.92 -7.81
C ALA WA 91 88.07 -98.53 -9.21
N ARG WA 92 87.48 -97.49 -9.77
CA ARG WA 92 87.98 -96.94 -11.03
C ARG WA 92 89.41 -96.42 -10.87
N ALA WA 93 89.72 -95.86 -9.69
CA ALA WA 93 91.04 -95.30 -9.46
C ALA WA 93 92.12 -96.38 -9.44
N GLU WA 94 91.88 -97.47 -8.71
CA GLU WA 94 92.90 -98.50 -8.58
C GLU WA 94 93.02 -99.34 -9.84
N LYS WA 95 91.90 -99.72 -10.46
CA LYS WA 95 91.95 -100.58 -11.63
C LYS WA 95 92.56 -99.86 -12.83
N LYS WA 96 92.29 -98.56 -12.98
CA LYS WA 96 92.95 -97.80 -14.04
C LYS WA 96 94.45 -97.70 -13.79
N ALA WA 97 94.84 -97.50 -12.53
CA ALA WA 97 96.27 -97.50 -12.19
C ALA WA 97 96.89 -98.87 -12.43
N ALA WA 98 96.19 -99.94 -12.05
CA ALA WA 98 96.70 -101.30 -12.24
C ALA WA 98 95.52 -102.25 -12.24
N GLY WA 99 95.28 -102.92 -13.36
CA GLY WA 99 96.01 -102.76 -14.61
C GLY WA 99 95.13 -102.90 -15.83
N LYS WA 100 93.82 -102.92 -15.63
CA LYS WA 100 92.88 -103.11 -16.73
C LYS WA 100 92.84 -101.90 -17.65
N GLY WA 101 92.97 -100.69 -17.10
CA GLY WA 101 92.89 -99.48 -17.90
C GLY WA 101 91.57 -98.78 -17.78
N ASP WA 102 90.86 -98.60 -18.90
CA ASP WA 102 89.56 -97.95 -18.87
C ASP WA 102 88.53 -98.83 -18.16
N VAL WA 103 88.33 -100.05 -18.68
CA VAL WA 103 87.42 -101.05 -18.12
C VAL WA 103 86.02 -100.48 -17.94
N PRO WA 104 85.26 -100.26 -19.01
CA PRO WA 104 83.86 -99.83 -18.84
C PRO WA 104 83.02 -100.83 -18.07
N THR WA 105 83.27 -102.12 -18.28
CA THR WA 105 82.65 -103.21 -17.51
C THR WA 105 81.12 -103.17 -17.57
N LYS WA 106 80.57 -102.83 -18.74
CA LYS WA 106 79.14 -102.92 -19.01
C LYS WA 106 78.33 -102.07 -18.02
N ARG WA 107 78.47 -100.75 -18.17
CA ARG WA 107 77.79 -99.73 -17.39
C ARG WA 107 76.33 -100.13 -17.14
N PRO WA 108 75.95 -100.35 -15.89
CA PRO WA 108 74.75 -101.12 -15.59
C PRO WA 108 73.48 -100.35 -15.88
N PRO WA 109 72.38 -101.04 -16.12
CA PRO WA 109 71.09 -100.36 -16.25
C PRO WA 109 70.68 -99.73 -14.93
N VAL WA 110 69.96 -98.61 -15.02
CA VAL WA 110 69.60 -97.83 -13.85
C VAL WA 110 68.35 -97.05 -14.16
N LEU WA 111 67.56 -96.78 -13.12
CA LEU WA 111 66.36 -95.98 -13.28
C LEU WA 111 66.72 -94.57 -13.74
N ARG WA 112 65.92 -94.02 -14.63
CA ARG WA 112 66.07 -92.65 -15.10
C ARG WA 112 64.90 -91.82 -14.56
N ALA WA 113 65.22 -90.77 -13.83
CA ALA WA 113 64.22 -89.91 -13.20
C ALA WA 113 64.32 -88.51 -13.78
N GLY WA 114 63.37 -87.66 -13.39
CA GLY WA 114 63.31 -86.31 -13.90
C GLY WA 114 62.40 -86.20 -15.10
N VAL WA 115 61.51 -85.20 -15.09
CA VAL WA 115 60.52 -85.08 -16.15
C VAL WA 115 61.20 -84.80 -17.49
N ASN WA 116 62.28 -84.02 -17.49
CA ASN WA 116 62.97 -83.72 -18.73
C ASN WA 116 63.74 -84.92 -19.25
N THR WA 117 64.38 -85.66 -18.35
CA THR WA 117 65.08 -86.88 -18.78
C THR WA 117 64.09 -87.92 -19.29
N VAL WA 118 62.94 -88.06 -18.62
CA VAL WA 118 61.94 -89.04 -19.03
C VAL WA 118 61.39 -88.70 -20.40
N THR WA 119 60.99 -87.44 -20.60
CA THR WA 119 60.34 -87.06 -21.86
C THR WA 119 61.30 -87.12 -23.04
N THR WA 120 62.61 -87.05 -22.78
CA THR WA 120 63.57 -87.21 -23.86
C THR WA 120 63.65 -88.67 -24.29
N LEU WA 121 63.58 -89.59 -23.32
CA LEU WA 121 63.61 -91.01 -23.66
C LEU WA 121 62.36 -91.43 -24.41
N VAL WA 122 61.22 -90.83 -24.07
CA VAL WA 122 59.96 -91.20 -24.73
C VAL WA 122 59.98 -90.83 -26.20
N GLU WA 123 60.41 -89.61 -26.51
CA GLU WA 123 60.48 -89.18 -27.91
C GLU WA 123 61.47 -90.01 -28.70
N ASN WA 124 62.56 -90.46 -28.06
CA ASN WA 124 63.52 -91.33 -28.71
C ASN WA 124 63.13 -92.79 -28.65
N LYS WA 125 61.96 -93.11 -28.07
CA LYS WA 125 61.47 -94.48 -27.91
C LYS WA 125 62.46 -95.33 -27.11
N LYS WA 126 63.17 -94.70 -26.17
CA LYS WA 126 64.15 -95.41 -25.36
C LYS WA 126 63.59 -95.87 -24.03
N ALA WA 127 62.66 -95.10 -23.45
CA ALA WA 127 62.02 -95.52 -22.21
C ALA WA 127 61.10 -96.70 -22.46
N GLN WA 128 60.97 -97.57 -21.46
CA GLN WA 128 60.14 -98.75 -21.56
C GLN WA 128 58.90 -98.69 -20.68
N LEU WA 129 59.06 -98.34 -19.40
CA LEU WA 129 57.94 -98.20 -18.49
C LEU WA 129 58.01 -96.83 -17.84
N VAL WA 130 56.89 -96.11 -17.85
CA VAL WA 130 56.81 -94.74 -17.34
C VAL WA 130 55.94 -94.74 -16.10
N VAL WA 131 56.45 -94.15 -15.02
CA VAL WA 131 55.72 -94.00 -13.77
C VAL WA 131 55.64 -92.53 -13.44
N ILE WA 132 54.44 -92.03 -13.19
CA ILE WA 132 54.18 -90.62 -12.95
C ILE WA 132 53.48 -90.46 -11.62
N ALA WA 133 53.95 -89.54 -10.79
CA ALA WA 133 53.26 -89.22 -9.55
C ALA WA 133 51.95 -88.53 -9.84
N HIS WA 134 50.98 -88.73 -8.94
CA HIS WA 134 49.64 -88.19 -9.12
C HIS WA 134 49.44 -86.82 -8.47
N ASP WA 135 50.42 -86.32 -7.71
CA ASP WA 135 50.23 -85.17 -6.85
C ASP WA 135 51.34 -84.14 -7.04
N VAL WA 136 51.62 -83.80 -8.29
CA VAL WA 136 52.54 -82.70 -8.58
C VAL WA 136 51.76 -81.40 -8.44
N ASP WA 137 52.12 -80.59 -7.43
CA ASP WA 137 51.34 -79.39 -7.14
C ASP WA 137 51.34 -78.39 -8.28
N PRO WA 138 52.48 -78.06 -8.92
CA PRO WA 138 52.34 -77.31 -10.19
C PRO WA 138 51.98 -78.28 -11.31
N ILE WA 139 50.69 -78.58 -11.45
CA ILE WA 139 50.31 -79.66 -12.36
C ILE WA 139 50.22 -79.10 -13.77
N GLU WA 140 51.39 -78.95 -14.38
CA GLU WA 140 51.55 -78.74 -15.81
C GLU WA 140 52.71 -79.52 -16.37
N LEU WA 141 53.58 -80.08 -15.52
CA LEU WA 141 54.76 -80.78 -15.97
C LEU WA 141 54.43 -82.15 -16.54
N VAL WA 142 53.32 -82.75 -16.14
CA VAL WA 142 53.02 -84.12 -16.53
C VAL WA 142 51.61 -84.22 -17.11
N VAL WA 143 50.99 -83.09 -17.40
CA VAL WA 143 49.65 -83.12 -17.99
C VAL WA 143 49.71 -83.68 -19.41
N PHE WA 144 50.78 -83.37 -20.14
CA PHE WA 144 50.93 -83.85 -21.51
C PHE WA 144 51.52 -85.24 -21.58
N LEU WA 145 52.07 -85.75 -20.48
CA LEU WA 145 52.71 -87.07 -20.51
C LEU WA 145 51.78 -88.22 -20.87
N PRO WA 146 50.56 -88.34 -20.33
CA PRO WA 146 49.71 -89.47 -20.75
C PRO WA 146 49.42 -89.49 -22.24
N ALA WA 147 49.19 -88.32 -22.84
CA ALA WA 147 49.01 -88.27 -24.29
C ALA WA 147 50.32 -88.57 -25.01
N LEU WA 148 51.42 -88.03 -24.51
CA LEU WA 148 52.72 -88.26 -25.13
C LEU WA 148 53.10 -89.73 -25.07
N CYS WA 149 52.90 -90.36 -23.92
CA CYS WA 149 53.22 -91.78 -23.78
C CYS WA 149 52.34 -92.63 -24.68
N ARG WA 150 51.06 -92.28 -24.80
CA ARG WA 150 50.15 -93.06 -25.64
C ARG WA 150 50.53 -92.95 -27.12
N LYS WA 151 50.84 -91.73 -27.57
CA LYS WA 151 51.17 -91.54 -28.98
C LYS WA 151 52.46 -92.25 -29.36
N MET WA 152 53.47 -92.17 -28.49
CA MET WA 152 54.71 -92.88 -28.73
C MET WA 152 54.61 -94.37 -28.43
N GLY WA 153 53.53 -94.80 -27.79
CA GLY WA 153 53.28 -96.20 -27.55
C GLY WA 153 53.89 -96.77 -26.29
N VAL WA 154 54.70 -96.00 -25.57
CA VAL WA 154 55.30 -96.48 -24.34
C VAL WA 154 54.24 -96.54 -23.25
N PRO WA 155 54.17 -97.63 -22.49
CA PRO WA 155 53.17 -97.71 -21.41
C PRO WA 155 53.55 -96.81 -20.25
N TYR WA 156 52.54 -96.15 -19.69
CA TYR WA 156 52.72 -95.25 -18.56
C TYR WA 156 51.72 -95.60 -17.47
N CYS WA 157 52.13 -95.38 -16.22
CA CYS WA 157 51.27 -95.64 -15.09
C CYS WA 157 51.35 -94.47 -14.12
N ILE WA 158 50.28 -94.30 -13.35
CA ILE WA 158 50.19 -93.26 -12.34
C ILE WA 158 50.19 -93.93 -10.97
N ILE WA 159 51.03 -93.43 -10.07
CA ILE WA 159 51.19 -94.01 -8.74
C ILE WA 159 50.94 -92.92 -7.72
N LYS WA 160 50.52 -93.32 -6.52
CA LYS WA 160 50.16 -92.38 -5.46
C LYS WA 160 51.41 -92.01 -4.67
N GLY WA 161 51.72 -90.72 -4.63
CA GLY WA 161 52.78 -90.23 -3.78
C GLY WA 161 54.10 -90.00 -4.47
N LYS WA 162 54.43 -88.73 -4.74
CA LYS WA 162 55.74 -88.39 -5.28
C LYS WA 162 56.85 -88.62 -4.26
N ALA WA 163 56.52 -88.60 -2.97
CA ALA WA 163 57.51 -88.90 -1.94
C ALA WA 163 58.02 -90.33 -2.08
N ARG WA 164 57.14 -91.25 -2.46
CA ARG WA 164 57.55 -92.63 -2.68
C ARG WA 164 58.58 -92.72 -3.80
N LEU WA 165 58.37 -91.96 -4.87
CA LEU WA 165 59.34 -91.92 -5.95
C LEU WA 165 60.57 -91.11 -5.56
N GLY WA 166 60.38 -90.05 -4.77
CA GLY WA 166 61.52 -89.26 -4.33
C GLY WA 166 62.46 -90.04 -3.43
N ARG WA 167 61.90 -90.78 -2.47
CA ARG WA 167 62.71 -91.61 -1.61
C ARG WA 167 63.34 -92.76 -2.38
N LEU WA 168 62.73 -93.15 -3.50
CA LEU WA 168 63.34 -94.13 -4.39
C LEU WA 168 64.65 -93.64 -4.95
N VAL WA 169 64.70 -92.36 -5.32
CA VAL WA 169 65.90 -91.76 -5.89
C VAL WA 169 66.69 -90.97 -4.85
N HIS WA 170 66.44 -91.22 -3.56
CA HIS WA 170 67.17 -90.60 -2.46
C HIS WA 170 67.08 -89.08 -2.52
N ARG WA 171 65.92 -88.57 -2.91
CA ARG WA 171 65.63 -87.15 -2.93
C ARG WA 171 64.35 -86.89 -2.14
N LYS WA 172 64.13 -85.61 -1.81
CA LYS WA 172 62.89 -85.25 -1.14
C LYS WA 172 61.68 -85.54 -2.03
N THR WA 173 61.75 -85.12 -3.30
CA THR WA 173 60.59 -85.20 -4.18
C THR WA 173 61.07 -85.44 -5.61
N CYS WA 174 60.57 -86.52 -6.21
CA CYS WA 174 60.76 -86.77 -7.63
C CYS WA 174 59.39 -86.82 -8.31
N THR WA 175 59.36 -86.37 -9.57
CA THR WA 175 58.11 -86.28 -10.29
C THR WA 175 57.82 -87.55 -11.09
N THR WA 176 58.73 -87.92 -11.98
CA THR WA 176 58.55 -89.09 -12.83
C THR WA 176 59.82 -89.91 -12.87
N VAL WA 177 59.66 -91.22 -13.10
CA VAL WA 177 60.77 -92.12 -13.33
C VAL WA 177 60.45 -92.93 -14.58
N ALA WA 178 61.51 -93.50 -15.16
CA ALA WA 178 61.35 -94.28 -16.38
C ALA WA 178 62.36 -95.43 -16.36
N PHE WA 179 62.07 -96.44 -17.18
CA PHE WA 179 62.89 -97.64 -17.24
C PHE WA 179 63.58 -97.73 -18.59
N THR WA 180 64.89 -97.91 -18.56
CA THR WA 180 65.66 -98.30 -19.73
C THR WA 180 65.56 -99.83 -19.82
N GLN WA 181 66.37 -100.48 -20.64
CA GLN WA 181 66.41 -101.93 -20.61
C GLN WA 181 66.87 -102.41 -19.25
N VAL WA 182 66.33 -103.55 -18.82
CA VAL WA 182 66.62 -104.08 -17.50
C VAL WA 182 67.27 -105.44 -17.72
N ASN WA 183 67.83 -106.04 -16.67
CA ASN WA 183 68.44 -107.35 -16.79
C ASN WA 183 67.40 -108.39 -17.16
N SER WA 184 67.87 -109.44 -17.84
CA SER WA 184 66.95 -110.44 -18.41
C SER WA 184 66.18 -111.18 -17.33
N GLU WA 185 66.81 -111.41 -16.17
CA GLU WA 185 66.14 -112.14 -15.10
C GLU WA 185 64.94 -111.40 -14.54
N ASP WA 186 64.89 -110.07 -14.72
CA ASP WA 186 63.73 -109.28 -14.30
C ASP WA 186 62.81 -108.91 -15.45
N LYS WA 187 63.13 -109.33 -16.68
CA LYS WA 187 62.31 -108.98 -17.83
C LYS WA 187 60.93 -109.62 -17.74
N GLY WA 188 60.86 -110.86 -17.24
CA GLY WA 188 59.57 -111.54 -17.15
C GLY WA 188 58.63 -110.86 -16.18
N ALA WA 189 59.14 -110.46 -15.02
CA ALA WA 189 58.32 -109.72 -14.07
C ALA WA 189 57.92 -108.36 -14.63
N LEU WA 190 58.83 -107.73 -15.37
CA LEU WA 190 58.54 -106.42 -15.97
C LEU WA 190 57.39 -106.51 -16.96
N ALA WA 191 57.37 -107.56 -17.78
CA ALA WA 191 56.31 -107.70 -18.78
C ALA WA 191 54.97 -107.95 -18.11
N LYS WA 192 54.95 -108.66 -16.98
CA LYS WA 192 53.70 -108.89 -16.27
C LYS WA 192 53.13 -107.59 -15.71
N LEU WA 193 54.00 -106.69 -15.26
CA LEU WA 193 53.53 -105.36 -14.87
C LEU WA 193 53.02 -104.58 -16.07
N VAL WA 194 53.76 -104.62 -17.19
CA VAL WA 194 53.47 -103.76 -18.32
C VAL WA 194 52.11 -104.07 -18.93
N GLU WA 195 51.78 -105.36 -19.04
CA GLU WA 195 50.53 -105.76 -19.67
C GLU WA 195 49.32 -105.24 -18.91
N ALA WA 196 49.38 -105.24 -17.58
CA ALA WA 196 48.30 -104.64 -16.80
C ALA WA 196 48.32 -103.12 -16.92
N ILE WA 197 49.50 -102.52 -16.98
CA ILE WA 197 49.61 -101.08 -17.12
C ILE WA 197 49.04 -100.64 -18.46
N ARG WA 198 49.40 -101.36 -19.54
CA ARG WA 198 48.89 -101.03 -20.86
C ARG WA 198 47.37 -101.19 -20.91
N THR WA 199 46.84 -102.16 -20.17
CA THR WA 199 45.39 -102.40 -20.19
C THR WA 199 44.63 -101.23 -19.59
N ASN WA 200 45.04 -100.77 -18.42
CA ASN WA 200 44.29 -99.77 -17.68
C ASN WA 200 44.58 -98.34 -18.13
N TYR WA 201 45.62 -98.11 -18.93
CA TYR WA 201 45.93 -96.75 -19.38
C TYR WA 201 45.89 -96.62 -20.89
N ASN WA 202 46.67 -97.42 -21.62
CA ASN WA 202 46.72 -97.27 -23.06
C ASN WA 202 45.45 -97.82 -23.72
N ASP WA 203 44.98 -98.98 -23.27
CA ASP WA 203 43.87 -99.65 -23.92
C ASP WA 203 42.54 -98.96 -23.72
N ARG WA 204 42.43 -98.06 -22.74
CA ARG WA 204 41.20 -97.32 -22.48
C ARG WA 204 41.46 -95.82 -22.55
N TYR WA 205 42.35 -95.41 -23.45
CA TYR WA 205 42.77 -94.01 -23.50
C TYR WA 205 41.67 -93.09 -24.01
N ASP WA 206 40.80 -93.58 -24.88
CA ASP WA 206 39.79 -92.72 -25.50
C ASP WA 206 38.80 -92.19 -24.49
N GLU WA 207 38.30 -93.05 -23.60
CA GLU WA 207 37.35 -92.58 -22.60
C GLU WA 207 38.03 -91.73 -21.53
N ILE WA 208 39.34 -91.90 -21.34
CA ILE WA 208 40.09 -91.03 -20.44
C ILE WA 208 40.05 -89.60 -20.96
N ARG WA 209 40.10 -89.42 -22.27
CA ARG WA 209 40.15 -88.08 -22.86
C ARG WA 209 38.87 -87.29 -22.58
N ARG WA 210 37.76 -87.98 -22.29
CA ARG WA 210 36.49 -87.31 -22.06
C ARG WA 210 35.93 -87.53 -20.66
N HIS WA 211 36.62 -88.30 -19.82
CA HIS WA 211 36.11 -88.64 -18.50
C HIS WA 211 36.30 -87.44 -17.58
N TRP WA 212 35.31 -86.57 -17.53
CA TRP WA 212 35.34 -85.44 -16.61
C TRP WA 212 35.18 -85.91 -15.17
N GLY WA 213 35.67 -85.11 -14.25
CA GLY WA 213 35.57 -85.44 -12.84
C GLY WA 213 34.94 -84.34 -12.01
N GLY WA 214 34.94 -84.51 -10.70
CA GLY WA 214 34.32 -83.53 -9.84
C GLY WA 214 32.82 -83.48 -10.04
N ASN WA 215 32.27 -82.27 -9.95
CA ASN WA 215 30.84 -82.00 -10.13
C ASN WA 215 29.96 -82.76 -9.14
N VAL WA 216 30.52 -83.18 -8.00
CA VAL WA 216 29.77 -83.84 -6.95
C VAL WA 216 29.45 -82.81 -5.88
N LEU WA 217 28.17 -82.71 -5.52
CA LEU WA 217 27.74 -81.71 -4.56
C LEU WA 217 28.09 -82.15 -3.14
N GLY WA 218 27.88 -81.23 -2.20
CA GLY WA 218 28.14 -81.50 -0.81
C GLY WA 218 27.12 -82.44 -0.20
N PRO WA 219 27.52 -83.16 0.85
CA PRO WA 219 26.56 -84.04 1.53
C PRO WA 219 25.35 -83.31 2.07
N LYS WA 220 25.52 -82.06 2.53
CA LYS WA 220 24.37 -81.24 2.88
C LYS WA 220 23.50 -80.96 1.66
N SER WA 221 24.13 -80.57 0.55
CA SER WA 221 23.39 -80.27 -0.67
C SER WA 221 22.72 -81.53 -1.22
N VAL WA 222 23.43 -82.66 -1.20
CA VAL WA 222 22.87 -83.91 -1.71
C VAL WA 222 21.67 -84.32 -0.86
N ALA WA 223 21.78 -84.16 0.46
CA ALA WA 223 20.72 -84.63 1.36
C ALA WA 223 19.42 -83.87 1.13
N ARG WA 224 19.49 -82.54 1.04
CA ARG WA 224 18.25 -81.77 0.91
C ARG WA 224 17.63 -81.90 -0.46
N ILE WA 225 18.44 -82.13 -1.50
CA ILE WA 225 17.89 -82.35 -2.83
C ILE WA 225 17.06 -83.63 -2.86
N ALA WA 226 17.62 -84.73 -2.36
CA ALA WA 226 16.87 -85.97 -2.27
C ALA WA 226 15.73 -85.86 -1.27
N LYS WA 227 15.89 -85.01 -0.24
CA LYS WA 227 14.80 -84.75 0.69
C LYS WA 227 13.61 -84.13 -0.03
N LEU WA 228 13.88 -83.16 -0.91
CA LEU WA 228 12.83 -82.65 -1.78
C LEU WA 228 12.34 -83.71 -2.75
N GLU WA 229 13.27 -84.51 -3.28
CA GLU WA 229 12.90 -85.57 -4.22
C GLU WA 229 12.00 -86.59 -3.57
N LYS WA 230 12.29 -86.93 -2.31
CA LYS WA 230 11.41 -87.85 -1.58
C LYS WA 230 10.04 -87.23 -1.36
N ALA WA 231 9.98 -85.90 -1.21
CA ALA WA 231 8.71 -85.25 -0.92
C ALA WA 231 7.79 -85.27 -2.13
N LYS WA 232 8.31 -85.01 -3.33
CA LYS WA 232 7.47 -84.91 -4.52
C LYS WA 232 7.20 -86.27 -5.17
N ALA WA 233 7.89 -87.32 -4.75
CA ALA WA 233 7.71 -88.64 -5.35
C ALA WA 233 6.69 -89.49 -4.61
N LYS WA 234 6.07 -88.98 -3.55
CA LYS WA 234 5.11 -89.75 -2.78
C LYS WA 234 3.66 -89.43 -3.14
N GLU WA 235 3.34 -88.17 -3.44
CA GLU WA 235 1.96 -87.84 -3.79
C GLU WA 235 1.63 -88.33 -5.20
N LEU WA 236 2.63 -88.44 -6.07
CA LEU WA 236 2.37 -88.97 -7.41
C LEU WA 236 2.06 -90.46 -7.36
N ALA WA 237 2.75 -91.20 -6.48
CA ALA WA 237 2.49 -92.62 -6.34
C ALA WA 237 1.10 -92.88 -5.76
N THR WA 238 0.68 -92.05 -4.80
CA THR WA 238 -0.65 -92.22 -4.21
C THR WA 238 -1.75 -91.80 -5.18
N LYS WA 239 -1.49 -90.82 -6.04
CA LYS WA 239 -2.50 -90.41 -7.02
C LYS WA 239 -2.76 -91.50 -8.04
N LEU WA 240 -1.70 -92.17 -8.52
CA LEU WA 240 -1.88 -93.23 -9.48
C LEU WA 240 -2.35 -94.51 -8.79
N GLY WA 241 -2.79 -95.47 -9.61
CA GLY WA 241 -3.26 -96.74 -9.09
C GLY WA 241 -4.71 -96.68 -8.64
N MET XA 1 31.47 78.89 -30.71
CA MET XA 1 31.43 80.33 -30.95
C MET XA 1 31.70 81.10 -29.68
N LYS XA 2 32.57 82.11 -29.77
CA LYS XA 2 32.93 82.96 -28.64
C LYS XA 2 32.65 84.40 -29.04
N THR XA 3 31.64 85.00 -28.40
CA THR XA 3 31.25 86.37 -28.72
C THR XA 3 32.36 87.34 -28.32
N ILE XA 4 32.68 88.28 -29.21
CA ILE XA 4 33.76 89.22 -28.95
C ILE XA 4 33.44 90.09 -27.74
N LEU XA 5 32.24 90.63 -27.70
CA LEU XA 5 31.87 91.55 -26.62
C LEU XA 5 30.36 91.49 -26.41
N SER XA 6 29.96 91.38 -25.14
CA SER XA 6 28.54 91.40 -24.77
C SER XA 6 28.40 92.39 -23.62
N ASN XA 7 28.28 93.67 -23.96
CA ASN XA 7 28.19 94.71 -22.95
C ASN XA 7 26.73 94.98 -22.57
N GLN XA 8 26.55 95.60 -21.41
CA GLN XA 8 25.24 96.03 -20.96
C GLN XA 8 25.44 97.20 -20.00
N THR XA 9 24.80 98.31 -20.30
CA THR XA 9 24.99 99.56 -19.58
C THR XA 9 23.76 99.87 -18.75
N VAL XA 10 23.97 100.15 -17.47
CA VAL XA 10 22.90 100.58 -16.57
C VAL XA 10 23.07 102.07 -16.30
N ASP XA 11 22.00 102.69 -15.82
CA ASP XA 11 21.96 104.12 -15.56
C ASP XA 11 21.81 104.36 -14.06
N ILE XA 12 22.65 105.23 -13.53
CA ILE XA 12 22.68 105.55 -12.10
C ILE XA 12 22.01 106.91 -11.91
N PRO XA 13 20.99 107.02 -11.06
CA PRO XA 13 20.41 108.33 -10.77
C PRO XA 13 21.42 109.22 -10.06
N GLU XA 14 21.28 110.53 -10.26
CA GLU XA 14 22.27 111.49 -9.77
C GLU XA 14 22.28 111.59 -8.25
N ASN XA 15 21.20 111.21 -7.56
CA ASN XA 15 21.18 111.29 -6.11
C ASN XA 15 22.03 110.23 -5.43
N VAL XA 16 22.51 109.23 -6.19
CA VAL XA 16 23.33 108.15 -5.65
C VAL XA 16 24.59 108.06 -6.50
N ASP XA 17 25.71 107.77 -5.84
CA ASP XA 17 27.00 107.65 -6.51
C ASP XA 17 27.57 106.25 -6.28
N ILE XA 18 28.39 105.82 -7.23
CA ILE XA 18 28.99 104.49 -7.22
C ILE XA 18 30.49 104.62 -7.38
N THR XA 19 31.25 104.00 -6.48
CA THR XA 19 32.70 103.95 -6.56
C THR XA 19 33.12 102.49 -6.73
N LEU XA 20 33.98 102.24 -7.70
CA LEU XA 20 34.37 100.88 -8.07
C LEU XA 20 35.80 100.63 -7.64
N LYS XA 21 36.01 99.54 -6.90
CA LYS XA 21 37.35 99.09 -6.51
C LYS XA 21 37.52 97.68 -7.04
N GLY XA 22 38.30 97.54 -8.11
CA GLY XA 22 38.45 96.25 -8.76
C GLY XA 22 37.13 95.76 -9.32
N ARG XA 23 36.57 94.73 -8.70
CA ARG XA 23 35.24 94.25 -9.05
C ARG XA 23 34.27 94.40 -7.89
N THR XA 24 34.58 95.27 -6.94
CA THR XA 24 33.71 95.51 -5.78
C THR XA 24 32.95 96.81 -6.02
N VAL XA 25 31.62 96.73 -5.92
CA VAL XA 25 30.75 97.87 -6.16
C VAL XA 25 30.34 98.45 -4.82
N ILE XA 26 30.56 99.75 -4.65
CA ILE XA 26 30.16 100.49 -3.46
C ILE XA 26 29.06 101.46 -3.86
N VAL XA 27 27.88 101.28 -3.30
CA VAL XA 27 26.72 102.11 -3.62
C VAL XA 27 26.39 102.94 -2.38
N LYS XA 28 26.37 104.26 -2.55
CA LYS XA 28 26.15 105.20 -1.45
C LYS XA 28 24.96 106.08 -1.79
N GLY XA 29 23.82 105.80 -1.15
CA GLY XA 29 22.60 106.50 -1.44
C GLY XA 29 21.94 107.08 -0.21
N PRO XA 30 20.76 107.69 -0.40
CA PRO XA 30 20.07 108.34 0.73
C PRO XA 30 19.65 107.38 1.83
N ARG XA 31 19.32 106.13 1.50
CA ARG XA 31 18.82 105.18 2.49
C ARG XA 31 19.91 104.34 3.14
N GLY XA 32 21.16 104.51 2.75
CA GLY XA 32 22.24 103.76 3.35
C GLY XA 32 23.30 103.45 2.33
N THR XA 33 24.16 102.49 2.68
CA THR XA 33 25.30 102.11 1.86
C THR XA 33 25.24 100.61 1.60
N LEU XA 34 25.63 100.22 0.38
CA LEU XA 34 25.63 98.82 -0.01
C LEU XA 34 26.93 98.49 -0.71
N ARG XA 35 27.60 97.42 -0.26
CA ARG XA 35 28.80 96.92 -0.90
C ARG XA 35 28.57 95.48 -1.33
N ARG XA 36 28.94 95.17 -2.57
CA ARG XA 36 28.92 93.79 -3.05
C ARG XA 36 29.99 93.63 -4.11
N ASP XA 37 30.83 92.63 -3.94
CA ASP XA 37 31.91 92.35 -4.89
C ASP XA 37 31.48 91.30 -5.90
N PHE XA 38 32.21 91.25 -7.01
CA PHE XA 38 31.92 90.30 -8.07
C PHE XA 38 33.22 89.66 -8.57
N ASN XA 39 34.10 89.31 -7.63
CA ASN XA 39 35.37 88.69 -7.99
C ASN XA 39 35.18 87.32 -8.62
N HIS XA 40 34.06 86.65 -8.36
CA HIS XA 40 33.81 85.33 -8.92
C HIS XA 40 33.43 85.37 -10.40
N ILE XA 41 33.20 86.55 -10.96
CA ILE XA 41 32.86 86.70 -12.37
C ILE XA 41 33.92 87.57 -13.03
N ASN XA 42 34.48 87.09 -14.14
CA ASN XA 42 35.57 87.78 -14.84
C ASN XA 42 34.97 88.77 -15.82
N VAL XA 43 34.73 89.98 -15.34
CA VAL XA 43 34.13 91.04 -16.14
C VAL XA 43 34.93 92.31 -15.98
N GLU XA 44 34.69 93.26 -16.89
CA GLU XA 44 35.33 94.56 -16.87
C GLU XA 44 34.28 95.61 -16.54
N LEU XA 45 34.54 96.41 -15.51
CA LEU XA 45 33.60 97.39 -15.02
C LEU XA 45 34.12 98.79 -15.34
N SER XA 46 33.28 99.59 -15.98
CA SER XA 46 33.65 100.94 -16.38
C SER XA 46 32.54 101.92 -16.02
N LEU XA 47 32.96 103.13 -15.64
CA LEU XA 47 32.04 104.21 -15.30
C LEU XA 47 32.07 105.23 -16.44
N LEU XA 48 31.00 105.30 -17.21
CA LEU XA 48 30.94 106.17 -18.38
C LEU XA 48 30.62 107.61 -18.00
N GLY XA 49 29.69 107.81 -17.08
CA GLY XA 49 29.12 109.12 -16.85
C GLY XA 49 29.79 109.98 -15.80
N LYS XA 50 30.60 110.94 -16.25
CA LYS XA 50 30.96 112.08 -15.41
C LYS XA 50 29.84 113.09 -15.33
N LYS XA 51 28.78 112.90 -16.08
CA LYS XA 51 27.67 113.82 -16.26
C LYS XA 51 26.31 113.21 -15.88
N LYS XA 52 26.08 111.94 -16.22
CA LYS XA 52 24.83 111.27 -15.92
C LYS XA 52 25.04 109.89 -15.32
N LYS XA 53 26.28 109.48 -15.07
CA LYS XA 53 26.61 108.24 -14.36
C LYS XA 53 26.04 107.01 -15.06
N ARG XA 54 26.54 106.76 -16.27
CA ARG XA 54 26.31 105.48 -16.91
C ARG XA 54 27.38 104.48 -16.48
N LEU XA 55 26.95 103.30 -16.06
CA LEU XA 55 27.85 102.24 -15.64
C LEU XA 55 27.77 101.11 -16.64
N ARG XA 56 28.93 100.69 -17.15
CA ARG XA 56 29.01 99.68 -18.20
C ARG XA 56 29.79 98.47 -17.70
N VAL XA 57 29.30 97.28 -18.02
CA VAL XA 57 29.99 96.04 -17.74
C VAL XA 57 30.27 95.33 -19.07
N ASP XA 58 31.46 94.76 -19.19
CA ASP XA 58 31.92 94.17 -20.44
C ASP XA 58 32.43 92.75 -20.20
N LYS XA 59 32.19 91.88 -21.17
CA LYS XA 59 32.74 90.54 -21.18
C LYS XA 59 33.34 90.28 -22.56
N TRP XA 60 34.60 89.85 -22.59
CA TRP XA 60 35.31 89.61 -23.83
C TRP XA 60 35.58 88.12 -23.99
N TRP XA 61 35.21 87.58 -25.15
CA TRP XA 61 35.45 86.18 -25.51
C TRP XA 61 34.78 85.24 -24.50
N GLY XA 62 33.46 85.31 -24.44
CA GLY XA 62 32.70 84.44 -23.58
C GLY XA 62 31.83 83.45 -24.33
N ASN XA 63 31.53 82.32 -23.72
CA ASN XA 63 30.61 81.33 -24.28
C ASN XA 63 29.21 81.57 -23.73
N ARG XA 64 28.26 80.78 -24.21
CA ARG XA 64 26.85 80.98 -23.87
C ARG XA 64 26.61 80.89 -22.37
N LYS XA 65 27.43 80.12 -21.65
CA LYS XA 65 27.26 80.01 -20.21
C LYS XA 65 27.54 81.34 -19.50
N GLU XA 66 28.58 82.05 -19.93
CA GLU XA 66 29.08 83.20 -19.18
C GLU XA 66 28.58 84.55 -19.68
N LEU XA 67 27.93 84.61 -20.85
CA LEU XA 67 27.22 85.83 -21.19
C LEU XA 67 25.98 86.04 -20.33
N ALA XA 68 25.46 84.97 -19.71
CA ALA XA 68 24.32 85.12 -18.81
C ALA XA 68 24.70 85.90 -17.56
N THR XA 69 25.98 85.83 -17.15
CA THR XA 69 26.41 86.54 -15.96
C THR XA 69 26.44 88.05 -16.18
N VAL XA 70 26.50 88.49 -17.43
CA VAL XA 70 26.63 89.92 -17.72
C VAL XA 70 25.40 90.66 -17.23
N ARG XA 71 24.20 90.20 -17.59
CA ARG XA 71 22.99 90.83 -17.11
C ARG XA 71 22.67 90.44 -15.68
N THR XA 72 23.19 89.30 -15.22
CA THR XA 72 23.02 88.92 -13.82
C THR XA 72 23.65 89.96 -12.90
N ILE XA 73 24.84 90.45 -13.26
CA ILE XA 73 25.44 91.56 -12.52
C ILE XA 73 24.59 92.81 -12.66
N CYS XA 74 24.11 93.08 -13.87
CA CYS XA 74 23.34 94.30 -14.12
C CYS XA 74 22.07 94.35 -13.29
N SER XA 75 21.39 93.21 -13.17
CA SER XA 75 20.22 93.14 -12.30
C SER XA 75 20.61 93.38 -10.84
N HIS XA 76 21.76 92.84 -10.43
CA HIS XA 76 22.23 93.03 -9.07
C HIS XA 76 22.50 94.50 -8.77
N VAL XA 77 23.13 95.21 -9.73
CA VAL XA 77 23.40 96.63 -9.54
C VAL XA 77 22.09 97.41 -9.47
N GLN XA 78 21.12 97.07 -10.32
CA GLN XA 78 19.82 97.73 -10.27
C GLN XA 78 19.14 97.47 -8.93
N ASN XA 79 19.29 96.26 -8.39
CA ASN XA 79 18.76 95.98 -7.06
C ASN XA 79 19.45 96.82 -6.00
N MET XA 80 20.76 97.00 -6.12
CA MET XA 80 21.49 97.85 -5.17
C MET XA 80 21.03 99.29 -5.27
N ILE XA 81 20.87 99.81 -6.49
CA ILE XA 81 20.38 101.18 -6.68
C ILE XA 81 18.97 101.31 -6.15
N LYS XA 82 18.13 100.31 -6.40
CA LYS XA 82 16.76 100.33 -5.89
C LYS XA 82 16.74 100.35 -4.37
N GLY XA 83 17.60 99.55 -3.73
CA GLY XA 83 17.60 99.48 -2.28
C GLY XA 83 18.03 100.78 -1.62
N VAL XA 84 19.12 101.39 -2.13
CA VAL XA 84 19.67 102.56 -1.47
C VAL XA 84 18.81 103.80 -1.69
N THR XA 85 17.85 103.76 -2.60
CA THR XA 85 16.98 104.90 -2.84
C THR XA 85 15.53 104.65 -2.50
N LEU XA 86 15.07 103.40 -2.56
CA LEU XA 86 13.67 103.09 -2.28
C LEU XA 86 13.54 102.10 -1.15
N GLY XA 87 14.43 101.11 -1.09
CA GLY XA 87 14.35 100.09 -0.08
C GLY XA 87 13.30 99.04 -0.40
N PHE XA 88 13.50 97.81 0.09
CA PHE XA 88 12.61 96.70 -0.21
C PHE XA 88 11.71 96.43 0.99
N ARG XA 89 10.40 96.41 0.75
CA ARG XA 89 9.41 96.12 1.78
C ARG XA 89 8.63 94.88 1.36
N TYR XA 90 8.68 93.86 2.20
CA TYR XA 90 7.96 92.60 1.96
C TYR XA 90 6.80 92.49 2.92
N LYS XA 91 5.64 92.09 2.40
CA LYS XA 91 4.45 91.88 3.22
C LYS XA 91 4.14 90.40 3.27
N MET XA 92 4.08 89.86 4.48
CA MET XA 92 3.75 88.46 4.72
C MET XA 92 2.41 88.37 5.44
N ARG XA 93 1.56 87.47 4.97
CA ARG XA 93 0.24 87.28 5.55
C ARG XA 93 0.20 85.95 6.28
N SER XA 94 -0.25 85.98 7.53
CA SER XA 94 -0.43 84.76 8.32
C SER XA 94 -1.84 84.25 8.13
N VAL XA 95 -1.97 83.05 7.59
CA VAL XA 95 -3.27 82.43 7.33
C VAL XA 95 -3.40 81.21 8.23
N TYR XA 96 -4.62 80.97 8.70
CA TYR XA 96 -4.88 79.91 9.66
C TYR XA 96 -6.32 79.44 9.53
N ALA XA 97 -6.58 78.25 10.08
CA ALA XA 97 -7.91 77.66 10.02
C ALA XA 97 -8.62 77.71 11.36
N HIS XA 98 -8.00 77.20 12.42
CA HIS XA 98 -8.63 77.18 13.74
C HIS XA 98 -7.72 77.76 14.80
N PHE XA 99 -6.41 77.64 14.60
CA PHE XA 99 -5.45 78.15 15.57
C PHE XA 99 -4.87 79.45 15.04
N PRO XA 100 -5.26 80.61 15.59
CA PRO XA 100 -4.74 81.88 15.08
C PRO XA 100 -3.26 82.03 15.38
N ILE XA 101 -2.51 82.48 14.39
CA ILE XA 101 -1.06 82.63 14.53
C ILE XA 101 -0.76 83.88 15.34
N ASN XA 102 0.01 83.72 16.41
CA ASN XA 102 0.40 84.83 17.28
C ASN XA 102 1.85 85.17 17.00
N VAL XA 103 2.11 86.43 16.68
CA VAL XA 103 3.44 86.89 16.31
C VAL XA 103 3.84 88.01 17.25
N VAL XA 104 5.02 87.89 17.86
CA VAL XA 104 5.56 88.89 18.77
C VAL XA 104 6.91 89.34 18.23
N ILE XA 105 7.08 90.64 18.06
CA ILE XA 105 8.32 91.20 17.55
C ILE XA 105 9.24 91.51 18.72
N GLN XA 106 10.47 91.01 18.65
CA GLN XA 106 11.46 91.22 19.69
C GLN XA 106 12.27 92.49 19.35
N GLU XA 107 13.42 92.66 20.02
CA GLU XA 107 14.14 93.93 20.02
C GLU XA 107 14.52 94.37 18.61
N ASN XA 108 14.24 95.65 18.32
CA ASN XA 108 14.62 96.32 17.07
C ASN XA 108 14.08 95.63 15.83
N GLY XA 109 13.11 94.73 15.99
CA GLY XA 109 12.59 94.00 14.85
C GLY XA 109 13.56 93.02 14.23
N SER XA 110 14.59 92.61 14.97
CA SER XA 110 15.57 91.66 14.47
C SER XA 110 15.27 90.22 14.86
N LEU XA 111 14.26 90.00 15.71
CA LEU XA 111 13.88 88.66 16.12
C LEU XA 111 12.35 88.57 16.16
N VAL XA 112 11.82 87.45 15.68
CA VAL XA 112 10.39 87.24 15.58
C VAL XA 112 10.03 85.96 16.33
N GLU XA 113 8.96 86.02 17.11
CA GLU XA 113 8.45 84.89 17.86
C GLU XA 113 7.11 84.46 17.29
N ILE XA 114 6.97 83.18 16.98
CA ILE XA 114 5.72 82.60 16.52
C ILE XA 114 5.26 81.63 17.60
N ARG XA 115 4.06 81.87 18.14
CA ARG XA 115 3.61 81.18 19.34
C ARG XA 115 2.75 79.96 19.05
N ASN XA 116 1.61 80.15 18.40
CA ASN XA 116 0.57 79.14 18.34
C ASN XA 116 0.29 78.70 16.90
N PHE XA 117 1.34 78.43 16.14
CA PHE XA 117 1.17 77.86 14.80
C PHE XA 117 0.62 76.45 14.92
N LEU XA 118 -0.53 76.21 14.29
CA LEU XA 118 -1.22 74.92 14.30
C LEU XA 118 -1.53 74.44 15.71
N GLY XA 119 -1.55 75.34 16.69
CA GLY XA 119 -1.90 74.98 18.06
C GLY XA 119 -0.93 74.03 18.73
N GLU XA 120 0.36 74.24 18.55
CA GLU XA 120 1.38 73.46 19.25
C GLU XA 120 2.19 74.38 20.14
N LYS XA 121 2.52 73.90 21.34
CA LYS XA 121 3.14 74.74 22.36
C LYS XA 121 4.57 75.12 22.04
N TYR XA 122 5.17 74.53 21.01
CA TYR XA 122 6.53 74.91 20.62
C TYR XA 122 6.58 76.37 20.21
N ILE XA 123 7.64 77.05 20.61
CA ILE XA 123 7.83 78.46 20.33
C ILE XA 123 8.92 78.59 19.28
N ARG XA 124 8.60 79.22 18.16
CA ARG XA 124 9.54 79.37 17.07
C ARG XA 124 10.27 80.70 17.19
N ARG XA 125 11.59 80.65 17.17
CA ARG XA 125 12.44 81.84 17.29
C ARG XA 125 13.27 81.95 16.02
N VAL XA 126 12.85 82.81 15.11
CA VAL XA 126 13.51 83.01 13.83
C VAL XA 126 14.24 84.35 13.87
N ARG XA 127 15.53 84.33 13.59
CA ARG XA 127 16.38 85.50 13.69
C ARG XA 127 16.58 86.08 12.30
N MET XA 128 16.30 87.38 12.14
CA MET XA 128 16.45 88.03 10.85
C MET XA 128 17.93 88.32 10.58
N ARG XA 129 18.22 88.61 9.31
CA ARG XA 129 19.56 89.01 8.94
C ARG XA 129 19.85 90.40 9.48
N PRO XA 130 21.12 90.71 9.77
CA PRO XA 130 21.46 92.07 10.20
C PRO XA 130 21.13 93.08 9.11
N GLY XA 131 20.63 94.24 9.55
CA GLY XA 131 20.18 95.28 8.64
C GLY XA 131 18.77 95.12 8.15
N VAL XA 132 18.09 94.04 8.50
CA VAL XA 132 16.71 93.80 8.10
C VAL XA 132 15.81 94.05 9.31
N ALA XA 133 14.83 94.92 9.14
CA ALA XA 133 13.91 95.28 10.21
C ALA XA 133 12.54 94.68 9.91
N CYS XA 134 12.02 93.89 10.84
CA CYS XA 134 10.68 93.34 10.73
C CYS XA 134 9.76 94.00 11.75
N SER XA 135 8.47 94.03 11.44
CA SER XA 135 7.51 94.65 12.33
C SER XA 135 6.13 94.12 12.05
N VAL XA 136 5.24 94.29 13.01
CA VAL XA 136 3.81 94.01 12.83
C VAL XA 136 3.14 95.28 12.35
N SER XA 137 2.49 95.22 11.20
CA SER XA 137 1.87 96.41 10.64
C SER XA 137 0.59 96.75 11.38
N GLN XA 138 0.20 98.01 11.30
CA GLN XA 138 -1.11 98.46 11.72
C GLN XA 138 -2.10 98.53 10.57
N ALA XA 139 -1.66 98.17 9.36
CA ALA XA 139 -2.51 98.33 8.18
C ALA XA 139 -3.62 97.29 8.13
N GLN XA 140 -3.31 96.04 8.41
CA GLN XA 140 -4.30 94.96 8.29
C GLN XA 140 -4.25 94.06 9.51
N LYS XA 141 -5.16 93.08 9.52
CA LYS XA 141 -5.32 92.20 10.67
C LYS XA 141 -4.11 91.30 10.84
N ASP XA 142 -3.57 90.75 9.74
CA ASP XA 142 -2.43 89.83 9.80
C ASP XA 142 -1.45 90.21 8.71
N GLU XA 143 -0.45 91.01 9.08
CA GLU XA 143 0.59 91.43 8.15
C GLU XA 143 1.90 91.62 8.90
N LEU XA 144 2.98 91.11 8.32
CA LEU XA 144 4.33 91.35 8.81
C LEU XA 144 5.12 92.09 7.74
N ILE XA 145 5.76 93.18 8.13
CA ILE XA 145 6.46 94.07 7.21
C ILE XA 145 7.95 93.90 7.43
N LEU XA 146 8.68 93.57 6.37
CA LEU XA 146 10.13 93.38 6.41
C LEU XA 146 10.76 94.45 5.54
N GLU XA 147 11.47 95.39 6.17
CA GLU XA 147 12.13 96.47 5.47
C GLU XA 147 13.64 96.40 5.68
N GLY XA 148 14.38 96.48 4.58
CA GLY XA 148 15.83 96.48 4.65
C GLY XA 148 16.39 96.96 3.33
N ASN XA 149 17.72 97.10 3.31
CA ASN XA 149 18.37 97.66 2.13
C ASN XA 149 18.56 96.63 1.03
N ASP XA 150 18.99 95.42 1.37
CA ASP XA 150 19.33 94.41 0.39
C ASP XA 150 18.15 93.48 0.17
N ILE XA 151 17.78 93.30 -1.11
CA ILE XA 151 16.74 92.34 -1.46
C ILE XA 151 17.24 90.93 -1.17
N GLU XA 152 18.55 90.71 -1.25
CA GLU XA 152 19.13 89.41 -0.88
C GLU XA 152 18.78 89.04 0.55
N LEU XA 153 19.04 89.96 1.48
CA LEU XA 153 18.83 89.66 2.90
C LEU XA 153 17.35 89.64 3.24
N VAL XA 154 16.58 90.60 2.72
CA VAL XA 154 15.18 90.74 3.10
C VAL XA 154 14.37 89.51 2.66
N SER XA 155 14.51 89.14 1.38
CA SER XA 155 13.76 87.99 0.88
C SER XA 155 14.23 86.71 1.54
N ASN XA 156 15.53 86.59 1.83
CA ASN XA 156 16.02 85.44 2.58
C ASN XA 156 15.42 85.41 3.98
N SER XA 157 15.34 86.58 4.63
CA SER XA 157 14.76 86.64 5.97
C SER XA 157 13.29 86.26 5.94
N ALA XA 158 12.54 86.76 4.96
CA ALA XA 158 11.12 86.43 4.85
C ALA XA 158 10.92 84.94 4.59
N ALA XA 159 11.73 84.37 3.69
CA ALA XA 159 11.60 82.95 3.37
C ALA XA 159 11.90 82.06 4.56
N LEU XA 160 12.80 82.50 5.44
CA LEU XA 160 13.07 81.74 6.66
C LEU XA 160 11.83 81.66 7.53
N ILE XA 161 11.08 82.76 7.64
CA ILE XA 161 9.84 82.75 8.39
C ILE XA 161 8.84 81.79 7.77
N GLN XA 162 8.72 81.85 6.43
CA GLN XA 162 7.74 81.00 5.74
C GLN XA 162 8.11 79.53 5.85
N GLN XA 163 9.39 79.20 5.67
CA GLN XA 163 9.80 77.80 5.75
C GLN XA 163 9.68 77.26 7.17
N ALA XA 164 9.80 78.12 8.18
CA ALA XA 164 9.65 77.67 9.56
C ALA XA 164 8.23 77.18 9.83
N THR XA 165 7.24 77.90 9.32
CA THR XA 165 5.83 77.52 9.48
C THR XA 165 5.48 76.55 8.36
N THR XA 166 5.96 75.32 8.50
CA THR XA 166 5.73 74.27 7.51
C THR XA 166 4.97 73.12 8.17
N VAL XA 167 3.85 72.74 7.56
CA VAL XA 167 3.06 71.63 8.08
C VAL XA 167 3.78 70.33 7.77
N LYS XA 168 3.69 69.37 8.69
CA LYS XA 168 4.41 68.11 8.58
C LYS XA 168 3.47 66.93 8.80
N ASN XA 169 3.66 65.88 7.99
CA ASN XA 169 2.87 64.65 8.07
C ASN XA 169 1.38 64.93 7.93
N LYS XA 170 1.03 65.89 7.08
CA LYS XA 170 -0.35 66.23 6.79
C LYS XA 170 -0.48 66.54 5.30
N ASP XA 171 -1.72 66.63 4.85
CA ASP XA 171 -2.00 67.01 3.46
C ASP XA 171 -1.83 68.51 3.34
N ILE XA 172 -0.70 68.93 2.75
CA ILE XA 172 -0.41 70.36 2.61
C ILE XA 172 -1.41 71.06 1.71
N ARG XA 173 -2.08 70.32 0.82
CA ARG XA 173 -3.10 70.92 -0.01
C ARG XA 173 -4.31 71.35 0.82
N LYS XA 174 -4.69 70.55 1.81
CA LYS XA 174 -5.81 70.89 2.67
C LYS XA 174 -5.40 71.81 3.81
N PHE XA 175 -4.36 71.44 4.54
CA PHE XA 175 -3.85 72.28 5.63
C PHE XA 175 -3.09 73.44 5.00
N LEU XA 176 -3.73 74.61 4.97
CA LEU XA 176 -3.19 75.78 4.31
C LEU XA 176 -2.48 76.73 5.25
N ASP XA 177 -2.26 76.33 6.51
CA ASP XA 177 -1.68 77.23 7.49
C ASP XA 177 -0.24 77.56 7.14
N GLY XA 178 0.25 78.65 7.73
CA GLY XA 178 1.60 79.11 7.48
C GLY XA 178 1.64 80.56 7.05
N ILE XA 179 2.76 81.23 7.29
CA ILE XA 179 2.94 82.62 6.90
C ILE XA 179 3.55 82.66 5.52
N TYR XA 180 2.87 83.32 4.58
CA TYR XA 180 3.29 83.36 3.20
C TYR XA 180 3.49 84.81 2.76
N VAL XA 181 4.49 85.01 1.89
CA VAL XA 181 4.75 86.34 1.34
C VAL XA 181 3.64 86.71 0.36
N SER XA 182 3.10 87.90 0.51
CA SER XA 182 2.02 88.37 -0.37
C SER XA 182 2.56 89.16 -1.55
N GLU XA 183 3.26 90.27 -1.27
CA GLU XA 183 3.77 91.13 -2.32
C GLU XA 183 5.19 91.57 -1.97
N LYS XA 184 5.89 92.03 -2.99
CA LYS XA 184 7.27 92.53 -2.85
C LYS XA 184 7.25 94.00 -3.23
N GLY XA 185 6.88 94.85 -2.28
CA GLY XA 185 6.78 96.27 -2.51
C GLY XA 185 8.06 97.01 -2.16
N THR XA 186 7.95 98.33 -2.12
CA THR XA 186 9.06 99.21 -1.80
C THR XA 186 8.67 100.14 -0.66
N VAL XA 187 9.60 101.01 -0.28
CA VAL XA 187 9.36 102.01 0.74
C VAL XA 187 9.46 103.38 0.08
N GLN XA 188 8.69 104.33 0.61
CA GLN XA 188 8.61 105.73 0.20
C GLN XA 188 7.88 105.90 -1.13
N GLN XA 189 7.61 104.79 -1.82
CA GLN XA 189 6.78 104.74 -3.03
C GLN XA 189 7.16 105.82 -4.04
N ALA XA 190 8.46 106.03 -4.20
CA ALA XA 190 8.94 107.07 -5.11
C ALA XA 190 9.14 106.51 -6.52
N GLY YA 1 5.56 31.87 -22.18
CA GLY YA 1 6.47 30.77 -22.37
C GLY YA 1 7.42 30.96 -23.53
N ARG YA 2 7.80 32.20 -23.78
CA ARG YA 2 8.70 32.55 -24.87
C ARG YA 2 10.01 33.08 -24.32
N ARG YA 3 11.11 32.72 -24.96
CA ARG YA 3 12.41 33.22 -24.57
C ARG YA 3 12.52 34.71 -24.87
N PRO YA 4 13.35 35.44 -24.13
CA PRO YA 4 13.57 36.86 -24.45
C PRO YA 4 14.13 37.04 -25.84
N ALA YA 5 13.67 38.09 -26.52
CA ALA YA 5 14.05 38.33 -27.90
C ALA YA 5 15.53 38.67 -28.07
N ARG YA 6 16.20 39.07 -26.99
CA ARG YA 6 17.63 39.38 -27.07
C ARG YA 6 18.45 38.14 -27.42
N CYS YA 7 17.93 36.94 -27.17
CA CYS YA 7 18.68 35.73 -27.50
C CYS YA 7 18.69 35.46 -29.00
N TYR YA 8 17.56 35.65 -29.67
CA TYR YA 8 17.44 35.38 -31.10
C TYR YA 8 17.58 36.63 -31.95
N ARG YA 9 18.40 37.59 -31.51
CA ARG YA 9 18.49 38.87 -32.21
C ARG YA 9 19.33 38.75 -33.48
N TYR YA 10 20.59 38.34 -33.34
CA TYR YA 10 21.54 38.40 -34.45
C TYR YA 10 21.32 37.26 -35.43
N CYS YA 11 21.64 37.53 -36.70
CA CYS YA 11 21.50 36.55 -37.78
C CYS YA 11 22.71 35.61 -37.78
N LYS YA 12 22.83 34.84 -36.71
CA LYS YA 12 24.00 33.99 -36.54
C LYS YA 12 23.97 32.82 -37.52
N ASN YA 13 22.83 32.16 -37.65
CA ASN YA 13 22.74 30.95 -38.45
C ASN YA 13 22.15 31.25 -39.83
N LYS YA 14 22.17 30.23 -40.68
CA LYS YA 14 21.65 30.35 -42.03
C LYS YA 14 20.12 30.38 -41.99
N PRO YA 15 19.50 30.88 -43.06
CA PRO YA 15 18.03 30.83 -43.13
C PRO YA 15 17.51 29.39 -43.04
N TYR YA 16 16.40 29.23 -42.32
CA TYR YA 16 15.83 27.93 -42.02
C TYR YA 16 14.33 27.98 -42.27
N PRO YA 17 13.91 28.04 -43.54
CA PRO YA 17 12.48 28.15 -43.84
C PRO YA 17 11.76 26.86 -43.56
N LYS YA 18 10.44 26.98 -43.34
CA LYS YA 18 9.60 25.81 -43.12
C LYS YA 18 9.35 25.12 -44.46
N SER YA 19 9.75 23.86 -44.55
CA SER YA 19 9.66 23.12 -45.80
C SER YA 19 9.43 21.64 -45.47
N ARG YA 20 9.67 20.78 -46.46
CA ARG YA 20 9.50 19.35 -46.25
C ARG YA 20 10.48 18.78 -45.23
N PHE YA 21 11.58 19.47 -44.95
CA PHE YA 21 12.52 19.04 -43.92
C PHE YA 21 12.13 19.59 -42.55
N CYS YA 22 12.07 20.91 -42.42
CA CYS YA 22 11.65 21.54 -41.17
C CYS YA 22 10.14 21.44 -41.06
N ARG YA 23 9.67 20.49 -40.28
CA ARG YA 23 8.25 20.20 -40.15
C ARG YA 23 7.79 20.42 -38.72
N GLY YA 24 6.48 20.57 -38.55
CA GLY YA 24 5.92 20.79 -37.24
C GLY YA 24 6.14 22.17 -36.68
N VAL YA 25 6.39 23.16 -37.52
CA VAL YA 25 6.60 24.53 -37.04
C VAL YA 25 5.28 25.09 -36.53
N PRO YA 26 5.24 25.66 -35.32
CA PRO YA 26 4.02 26.33 -34.87
C PRO YA 26 3.74 27.56 -35.72
N ASP YA 27 2.46 27.90 -35.83
CA ASP YA 27 2.05 29.00 -36.71
C ASP YA 27 2.61 30.32 -36.21
N ALA YA 28 2.97 31.18 -37.16
CA ALA YA 28 3.53 32.49 -36.82
C ALA YA 28 2.47 33.37 -36.16
N LYS YA 29 2.94 34.27 -35.30
CA LYS YA 29 2.02 35.16 -34.58
C LYS YA 29 1.30 36.10 -35.53
N ILE YA 30 2.00 36.63 -36.52
CA ILE YA 30 1.42 37.60 -37.44
C ILE YA 30 0.75 36.86 -38.59
N ARG YA 31 -0.48 37.25 -38.92
CA ARG YA 31 -1.24 36.67 -40.01
C ARG YA 31 -1.69 37.70 -41.03
N ILE YA 32 -2.10 38.88 -40.58
CA ILE YA 32 -2.62 39.92 -41.46
C ILE YA 32 -1.49 40.89 -41.79
N PHE YA 33 -1.30 41.16 -43.08
CA PHE YA 33 -0.21 42.02 -43.52
C PHE YA 33 -0.65 43.31 -44.19
N ASP YA 34 -1.92 43.42 -44.57
CA ASP YA 34 -2.44 44.65 -45.16
C ASP YA 34 -3.64 45.11 -44.36
N LEU YA 35 -3.66 46.40 -44.01
CA LEU YA 35 -4.70 46.97 -43.18
C LEU YA 35 -5.16 48.29 -43.78
N GLY YA 36 -6.36 48.71 -43.40
CA GLY YA 36 -6.93 49.94 -43.89
C GLY YA 36 -7.68 49.75 -45.19
N ARG YA 37 -7.93 50.87 -45.87
CA ARG YA 37 -8.66 50.87 -47.13
C ARG YA 37 -7.73 50.40 -48.23
N LYS YA 38 -7.58 49.08 -48.33
CA LYS YA 38 -6.79 48.50 -49.40
C LYS YA 38 -7.46 48.70 -50.76
N LYS YA 39 -8.78 48.87 -50.78
CA LYS YA 39 -9.51 49.06 -52.02
C LYS YA 39 -9.31 50.44 -52.62
N ALA YA 40 -8.64 51.35 -51.92
CA ALA YA 40 -8.42 52.70 -52.43
C ALA YA 40 -7.57 52.67 -53.69
N LYS YA 41 -7.87 53.56 -54.62
CA LYS YA 41 -7.13 53.65 -55.86
C LYS YA 41 -5.74 54.23 -55.62
N VAL YA 42 -4.93 54.23 -56.67
CA VAL YA 42 -3.53 54.63 -56.54
C VAL YA 42 -3.42 56.13 -56.26
N ASP YA 43 -4.27 56.93 -56.87
CA ASP YA 43 -4.19 58.38 -56.72
C ASP YA 43 -4.84 58.90 -55.44
N GLU YA 44 -5.49 58.03 -54.67
CA GLU YA 44 -6.09 58.46 -53.41
C GLU YA 44 -5.05 58.68 -52.32
N PHE YA 45 -3.94 57.93 -52.35
CA PHE YA 45 -2.91 57.99 -51.32
C PHE YA 45 -1.56 58.29 -51.99
N PRO YA 46 -1.35 59.52 -52.43
CA PRO YA 46 -0.08 59.85 -53.09
C PRO YA 46 1.15 59.70 -52.21
N LEU YA 47 1.02 59.92 -50.90
CA LEU YA 47 2.16 59.92 -49.99
C LEU YA 47 2.26 58.56 -49.33
N GLY YA 48 3.43 57.93 -49.48
CA GLY YA 48 3.69 56.65 -48.84
C GLY YA 48 5.00 56.67 -48.08
N GLY YA 49 4.93 56.46 -46.77
CA GLY YA 49 6.07 56.55 -45.89
C GLY YA 49 6.63 55.18 -45.57
N HIS YA 50 7.96 55.09 -45.48
CA HIS YA 50 8.65 53.84 -45.21
C HIS YA 50 9.38 53.91 -43.88
N MET YA 51 9.37 52.79 -43.17
CA MET YA 51 10.21 52.60 -41.99
C MET YA 51 11.37 51.71 -42.40
N VAL YA 52 12.60 52.20 -42.20
CA VAL YA 52 13.80 51.56 -42.71
C VAL YA 52 14.69 51.17 -41.53
N SER YA 53 15.14 49.92 -41.54
CA SER YA 53 16.06 49.47 -40.51
C SER YA 53 17.49 49.85 -40.86
N ASP YA 54 18.32 49.91 -39.82
CA ASP YA 54 19.76 50.14 -39.99
C ASP YA 54 20.59 49.06 -39.32
N GLU YA 55 19.97 48.03 -38.77
CA GLU YA 55 20.66 46.96 -38.07
C GLU YA 55 20.34 45.63 -38.75
N TYR YA 56 21.36 44.88 -39.10
CA TYR YA 56 21.19 43.55 -39.69
C TYR YA 56 20.89 42.58 -38.55
N GLU YA 57 19.60 42.38 -38.28
CA GLU YA 57 19.16 41.61 -37.13
C GLU YA 57 17.97 40.76 -37.55
N GLN YA 58 17.30 40.16 -36.55
CA GLN YA 58 16.08 39.42 -36.75
C GLN YA 58 14.97 40.04 -35.92
N LEU YA 59 13.79 40.16 -36.52
CA LEU YA 59 12.62 40.69 -35.83
C LEU YA 59 11.62 39.56 -35.63
N SER YA 60 11.23 39.34 -34.38
CA SER YA 60 10.29 38.28 -34.07
C SER YA 60 8.92 38.57 -34.68
N SER YA 61 8.24 37.51 -35.09
CA SER YA 61 6.90 37.65 -35.64
C SER YA 61 5.95 38.27 -34.62
N GLU YA 62 6.18 37.97 -33.33
CA GLU YA 62 5.39 38.60 -32.28
C GLU YA 62 5.62 40.11 -32.24
N ALA YA 63 6.88 40.54 -32.39
CA ALA YA 63 7.17 41.96 -32.44
C ALA YA 63 6.55 42.61 -33.67
N LEU YA 64 6.64 41.93 -34.83
CA LEU YA 64 6.06 42.49 -36.05
C LEU YA 64 4.55 42.62 -35.92
N GLU YA 65 3.90 41.61 -35.34
CA GLU YA 65 2.45 41.68 -35.15
C GLU YA 65 2.08 42.77 -34.16
N ALA YA 66 2.84 42.90 -33.08
CA ALA YA 66 2.56 43.94 -32.08
C ALA YA 66 2.76 45.33 -32.66
N ALA YA 67 3.83 45.51 -33.45
CA ALA YA 67 4.08 46.81 -34.05
C ALA YA 67 3.00 47.18 -35.06
N ARG YA 68 2.50 46.17 -35.80
CA ARG YA 68 1.42 46.41 -36.74
C ARG YA 68 0.15 46.90 -36.03
N ILE YA 69 -0.18 46.28 -34.90
CA ILE YA 69 -1.35 46.69 -34.14
C ILE YA 69 -1.15 48.10 -33.59
N CYS YA 70 0.04 48.38 -33.07
CA CYS YA 70 0.32 49.69 -32.48
C CYS YA 70 0.19 50.80 -33.53
N ALA YA 71 0.69 50.55 -34.73
CA ALA YA 71 0.54 51.53 -35.81
C ALA YA 71 -0.93 51.65 -36.23
N ASN YA 72 -1.65 50.53 -36.24
CA ASN YA 72 -3.04 50.55 -36.71
C ASN YA 72 -3.93 51.37 -35.79
N LYS YA 73 -3.76 51.21 -34.47
CA LYS YA 73 -4.66 51.90 -33.55
C LYS YA 73 -4.46 53.41 -33.58
N TYR YA 74 -3.20 53.85 -33.72
CA TYR YA 74 -2.96 55.29 -33.76
C TYR YA 74 -3.43 55.89 -35.09
N MET YA 75 -3.24 55.14 -36.19
CA MET YA 75 -3.67 55.65 -37.49
C MET YA 75 -5.17 55.81 -37.56
N VAL YA 76 -5.91 54.85 -36.97
CA VAL YA 76 -7.36 54.94 -36.94
C VAL YA 76 -7.81 56.17 -36.14
N LYS YA 77 -7.19 56.36 -34.97
CA LYS YA 77 -7.54 57.51 -34.14
C LYS YA 77 -7.15 58.82 -34.82
N SER YA 78 -5.97 58.85 -35.44
CA SER YA 78 -5.47 60.11 -36.00
C SER YA 78 -6.25 60.53 -37.24
N CYS YA 79 -6.49 59.60 -38.17
CA CYS YA 79 -7.01 59.97 -39.49
C CYS YA 79 -8.14 59.07 -39.94
N GLY YA 80 -8.93 58.52 -39.02
CA GLY YA 80 -10.03 57.65 -39.39
C GLY YA 80 -9.54 56.27 -39.81
N ARG YA 81 -10.51 55.41 -40.10
CA ARG YA 81 -10.19 54.04 -40.49
C ARG YA 81 -10.05 53.87 -42.00
N ASP YA 82 -10.29 54.92 -42.79
CA ASP YA 82 -10.27 54.81 -44.24
C ASP YA 82 -9.26 55.73 -44.90
N GLY YA 83 -8.49 56.47 -44.13
CA GLY YA 83 -7.53 57.42 -44.68
C GLY YA 83 -6.13 56.87 -44.89
N PHE YA 84 -5.93 55.56 -44.78
CA PHE YA 84 -4.59 55.00 -44.85
C PHE YA 84 -4.66 53.54 -45.26
N HIS YA 85 -3.50 53.04 -45.70
CA HIS YA 85 -3.33 51.63 -46.03
C HIS YA 85 -1.95 51.21 -45.57
N MET YA 86 -1.89 50.25 -44.65
CA MET YA 86 -0.63 49.83 -44.04
C MET YA 86 -0.24 48.47 -44.59
N ARG YA 87 1.03 48.35 -45.00
CA ARG YA 87 1.57 47.11 -45.52
C ARG YA 87 2.77 46.71 -44.69
N VAL YA 88 2.77 45.48 -44.20
CA VAL YA 88 3.92 44.92 -43.50
C VAL YA 88 4.77 44.21 -44.54
N ARG YA 89 5.92 44.80 -44.89
CA ARG YA 89 6.76 44.29 -45.96
C ARG YA 89 7.83 43.33 -45.46
N LEU YA 90 7.57 42.63 -44.37
CA LEU YA 90 8.44 41.59 -43.87
C LEU YA 90 7.62 40.37 -43.51
N HIS YA 91 8.17 39.19 -43.77
CA HIS YA 91 7.48 37.95 -43.49
C HIS YA 91 8.40 37.04 -42.68
N PRO YA 92 7.95 36.53 -41.54
CA PRO YA 92 8.83 35.69 -40.72
C PRO YA 92 9.04 34.30 -41.31
N PHE YA 93 9.78 34.23 -42.42
CA PHE YA 93 10.03 32.96 -43.05
C PHE YA 93 11.07 32.14 -42.29
N HIS YA 94 12.09 32.80 -41.75
CA HIS YA 94 13.12 32.09 -41.01
C HIS YA 94 12.54 31.53 -39.71
N VAL YA 95 12.98 30.33 -39.34
CA VAL YA 95 12.47 29.62 -38.18
C VAL YA 95 13.61 29.41 -37.19
N ILE YA 96 13.38 29.80 -35.95
CA ILE YA 96 14.35 29.62 -34.88
C ILE YA 96 14.04 28.32 -34.14
N ARG YA 97 15.07 27.78 -33.50
CA ARG YA 97 14.96 26.52 -32.78
C ARG YA 97 15.36 26.71 -31.32
N ILE YA 98 14.84 25.86 -30.46
CA ILE YA 98 15.13 25.91 -29.03
C ILE YA 98 15.62 24.55 -28.58
N ASN YA 99 16.72 24.53 -27.81
CA ASN YA 99 17.21 23.32 -27.18
C ASN YA 99 16.54 23.25 -25.81
N LYS YA 100 15.45 22.49 -25.73
CA LYS YA 100 14.65 22.46 -24.52
C LYS YA 100 15.42 21.84 -23.38
N MET YA 101 15.39 22.50 -22.23
CA MET YA 101 15.98 21.98 -21.00
C MET YA 101 14.90 21.94 -19.92
N LEU YA 102 14.85 20.82 -19.21
CA LEU YA 102 13.82 20.63 -18.20
C LEU YA 102 14.05 21.53 -17.00
N SER YA 103 12.98 22.20 -16.55
CA SER YA 103 13.04 23.06 -15.37
C SER YA 103 12.86 22.19 -14.12
N CYS YA 104 13.89 21.40 -13.84
CA CYS YA 104 13.88 20.47 -12.72
C CYS YA 104 15.16 20.65 -11.92
N ALA YA 105 15.08 20.35 -10.62
CA ALA YA 105 16.19 20.56 -9.71
C ALA YA 105 17.18 19.40 -9.75
N GLY YA 106 17.64 19.05 -10.95
CA GLY YA 106 18.63 18.00 -11.08
C GLY YA 106 18.88 17.56 -12.51
N ALA YA 107 20.15 17.34 -12.86
CA ALA YA 107 20.49 16.66 -14.10
C ALA YA 107 20.16 15.18 -14.05
N ASP YA 108 19.80 14.67 -12.87
CA ASP YA 108 19.36 13.29 -12.71
C ASP YA 108 18.12 12.98 -13.55
N ARG YA 109 17.25 13.97 -13.74
CA ARG YA 109 15.97 13.74 -14.43
C ARG YA 109 16.11 13.99 -15.93
N LEU YA 110 17.07 13.27 -16.52
CA LEU YA 110 17.27 13.23 -17.97
C LEU YA 110 17.47 14.63 -18.56
N GLN YA 111 18.30 15.43 -17.91
CA GLN YA 111 18.66 16.72 -18.50
C GLN YA 111 19.64 16.52 -19.65
N THR YA 112 20.60 15.61 -19.47
CA THR YA 112 21.41 15.02 -20.54
C THR YA 112 22.44 16.01 -21.09
N GLY YA 113 22.35 17.28 -20.68
CA GLY YA 113 23.33 18.25 -21.14
C GLY YA 113 23.18 18.55 -22.63
N MET YA 114 24.34 18.75 -23.27
CA MET YA 114 24.39 19.20 -24.66
C MET YA 114 24.37 18.05 -25.66
N ARG YA 115 24.24 16.80 -25.21
CA ARG YA 115 24.19 15.69 -26.15
C ARG YA 115 22.86 15.72 -26.89
N GLY YA 116 22.91 15.58 -28.21
CA GLY YA 116 21.72 15.70 -29.03
C GLY YA 116 21.13 17.10 -28.99
N ALA YA 117 21.97 18.11 -29.14
CA ALA YA 117 21.57 19.49 -28.86
C ALA YA 117 20.66 20.09 -29.93
N PHE YA 118 20.52 19.44 -31.09
CA PHE YA 118 19.66 20.01 -32.12
C PHE YA 118 18.21 20.00 -31.65
N GLY YA 119 17.66 21.19 -31.45
CA GLY YA 119 16.37 21.32 -30.79
C GLY YA 119 15.20 21.44 -31.74
N LYS YA 120 14.02 21.47 -31.15
CA LYS YA 120 12.76 21.60 -31.88
C LYS YA 120 12.57 23.04 -32.34
N PRO YA 121 11.76 23.26 -33.38
CA PRO YA 121 11.42 24.63 -33.78
C PRO YA 121 10.66 25.34 -32.67
N GLN YA 122 10.91 26.63 -32.56
CA GLN YA 122 10.27 27.41 -31.49
C GLN YA 122 9.42 28.55 -32.02
N GLY YA 123 9.88 29.27 -33.02
CA GLY YA 123 9.12 30.39 -33.54
C GLY YA 123 9.65 30.83 -34.87
N THR YA 124 9.15 31.98 -35.33
CA THR YA 124 9.53 32.52 -36.61
C THR YA 124 9.94 33.98 -36.47
N VAL YA 125 11.03 34.34 -37.16
CA VAL YA 125 11.53 35.71 -37.17
C VAL YA 125 11.78 36.12 -38.61
N ALA YA 126 11.83 37.43 -38.83
CA ALA YA 126 12.11 37.98 -40.15
C ALA YA 126 13.55 38.49 -40.18
N ARG YA 127 14.31 38.05 -41.17
CA ARG YA 127 15.71 38.40 -41.31
C ARG YA 127 15.80 39.70 -42.09
N VAL YA 128 15.90 40.82 -41.38
CA VAL YA 128 15.88 42.14 -42.00
C VAL YA 128 17.30 42.57 -42.30
N HIS YA 129 17.48 43.25 -43.43
CA HIS YA 129 18.77 43.77 -43.85
C HIS YA 129 18.86 45.26 -43.55
N ILE YA 130 20.09 45.78 -43.58
CA ILE YA 130 20.31 47.20 -43.38
C ILE YA 130 19.85 47.95 -44.63
N GLY YA 131 19.02 48.97 -44.43
CA GLY YA 131 18.45 49.71 -45.53
C GLY YA 131 17.22 49.09 -46.15
N GLN YA 132 16.60 48.11 -45.49
CA GLN YA 132 15.42 47.44 -45.99
C GLN YA 132 14.17 48.02 -45.35
N VAL YA 133 13.13 48.18 -46.16
CA VAL YA 133 11.87 48.73 -45.69
C VAL YA 133 11.12 47.66 -44.92
N ILE YA 134 10.68 48.01 -43.71
CA ILE YA 134 9.92 47.09 -42.85
C ILE YA 134 8.42 47.28 -43.02
N MET YA 135 7.93 48.48 -42.71
CA MET YA 135 6.50 48.75 -42.75
C MET YA 135 6.26 50.00 -43.59
N SER YA 136 5.23 49.96 -44.44
CA SER YA 136 4.90 51.05 -45.32
C SER YA 136 3.44 51.44 -45.15
N ILE YA 137 3.19 52.75 -45.08
CA ILE YA 137 1.85 53.29 -44.96
C ILE YA 137 1.65 54.33 -46.05
N ARG YA 138 0.57 54.21 -46.81
CA ARG YA 138 0.22 55.19 -47.83
C ARG YA 138 -1.04 55.93 -47.38
N THR YA 139 -1.06 57.24 -47.61
CA THR YA 139 -2.14 58.08 -47.12
C THR YA 139 -2.17 59.37 -47.94
N LYS YA 140 -3.11 60.25 -47.59
CA LYS YA 140 -3.22 61.54 -48.24
C LYS YA 140 -2.02 62.43 -47.91
N LEU YA 141 -1.91 63.53 -48.65
CA LEU YA 141 -0.79 64.44 -48.47
C LEU YA 141 -0.85 65.19 -47.14
N GLN YA 142 -2.05 65.58 -46.69
CA GLN YA 142 -2.18 66.39 -45.49
C GLN YA 142 -1.90 65.62 -44.21
N ASN YA 143 -1.80 64.29 -44.27
CA ASN YA 143 -1.60 63.46 -43.09
C ASN YA 143 -0.14 63.12 -42.86
N GLU YA 144 0.78 64.02 -43.25
CA GLU YA 144 2.20 63.72 -43.12
C GLU YA 144 2.62 63.61 -41.65
N GLU YA 145 2.08 64.48 -40.80
CA GLU YA 145 2.52 64.52 -39.41
C GLU YA 145 2.10 63.26 -38.65
N HIS YA 146 0.93 62.69 -38.98
CA HIS YA 146 0.45 61.56 -38.22
C HIS YA 146 1.18 60.28 -38.60
N VAL YA 147 1.57 60.14 -39.86
CA VAL YA 147 2.28 58.95 -40.31
C VAL YA 147 3.62 58.82 -39.59
N ILE YA 148 4.36 59.93 -39.50
CA ILE YA 148 5.65 59.91 -38.83
C ILE YA 148 5.47 59.56 -37.35
N GLU YA 149 4.48 60.16 -36.70
CA GLU YA 149 4.22 59.83 -35.30
C GLU YA 149 3.77 58.39 -35.14
N ALA YA 150 2.92 57.91 -36.05
CA ALA YA 150 2.45 56.52 -35.97
C ALA YA 150 3.60 55.54 -36.11
N LEU YA 151 4.50 55.81 -37.06
CA LEU YA 151 5.68 54.96 -37.19
C LEU YA 151 6.61 55.11 -35.99
N ARG YA 152 6.66 56.29 -35.40
CA ARG YA 152 7.47 56.49 -34.20
C ARG YA 152 6.99 55.60 -33.06
N ARG YA 153 5.68 55.51 -32.87
CA ARG YA 153 5.14 54.57 -31.89
C ARG YA 153 5.39 53.12 -32.31
N ALA YA 154 5.51 52.86 -33.61
CA ALA YA 154 5.78 51.51 -34.07
C ALA YA 154 7.25 51.14 -33.98
N LYS YA 155 8.14 52.12 -33.80
CA LYS YA 155 9.56 51.80 -33.70
C LYS YA 155 9.88 51.04 -32.44
N PHE YA 156 9.23 51.39 -31.32
CA PHE YA 156 9.63 50.88 -30.02
C PHE YA 156 9.35 49.40 -29.83
N LYS YA 157 8.58 48.79 -30.72
CA LYS YA 157 8.36 47.35 -30.66
C LYS YA 157 9.53 46.55 -31.25
N PHE YA 158 10.50 47.23 -31.85
CA PHE YA 158 11.61 46.56 -32.51
C PHE YA 158 12.92 46.85 -31.79
N PRO YA 159 13.82 45.87 -31.69
CA PRO YA 159 15.05 46.07 -30.91
C PRO YA 159 15.99 47.09 -31.53
N GLY YA 160 16.16 47.06 -32.85
CA GLY YA 160 17.17 47.85 -33.50
C GLY YA 160 16.80 49.31 -33.67
N ARG YA 161 17.74 50.06 -34.23
CA ARG YA 161 17.56 51.48 -34.49
C ARG YA 161 17.02 51.66 -35.91
N GLN YA 162 15.78 52.12 -36.02
CA GLN YA 162 15.10 52.30 -37.28
C GLN YA 162 15.12 53.78 -37.67
N LYS YA 163 14.51 54.08 -38.82
CA LYS YA 163 14.40 55.45 -39.28
C LYS YA 163 13.03 55.66 -39.90
N ILE YA 164 12.54 56.89 -39.82
CA ILE YA 164 11.24 57.25 -40.39
C ILE YA 164 11.55 58.11 -41.61
N HIS YA 165 11.25 57.60 -42.80
CA HIS YA 165 11.60 58.25 -44.05
C HIS YA 165 10.39 58.32 -44.96
N ILE YA 166 10.24 59.46 -45.62
CA ILE YA 166 9.14 59.70 -46.56
C ILE YA 166 9.73 59.60 -47.96
N SER YA 167 9.37 58.54 -48.67
CA SER YA 167 9.92 58.30 -49.99
C SER YA 167 9.36 59.30 -51.00
N LYS YA 168 10.10 59.45 -52.10
CA LYS YA 168 9.69 60.32 -53.19
C LYS YA 168 8.77 59.63 -54.18
N LYS YA 169 8.58 58.32 -54.05
CA LYS YA 169 7.70 57.58 -54.94
C LYS YA 169 6.24 57.85 -54.60
N TRP YA 170 5.38 57.67 -55.60
CA TRP YA 170 3.95 57.91 -55.46
C TRP YA 170 3.30 56.65 -54.90
N GLY YA 171 2.84 56.73 -53.66
CA GLY YA 171 2.10 55.63 -53.05
C GLY YA 171 2.94 54.38 -52.92
N PHE YA 172 2.27 53.24 -53.03
CA PHE YA 172 2.94 51.94 -52.96
C PHE YA 172 3.46 51.47 -54.30
N THR YA 173 3.65 52.38 -55.24
CA THR YA 173 4.20 52.05 -56.55
C THR YA 173 5.71 52.18 -56.52
N LYS YA 174 6.35 52.12 -57.69
CA LYS YA 174 7.79 52.26 -57.80
C LYS YA 174 8.19 53.45 -58.68
N PHE YA 175 7.29 54.41 -58.86
CA PHE YA 175 7.55 55.56 -59.71
C PHE YA 175 7.47 56.84 -58.88
N ASN YA 176 8.27 57.83 -59.28
CA ASN YA 176 8.38 59.07 -58.52
C ASN YA 176 7.06 59.84 -58.52
N ALA YA 177 6.83 60.58 -57.44
CA ALA YA 177 5.58 61.31 -57.29
C ALA YA 177 5.41 62.38 -58.35
N ASP YA 178 6.48 63.11 -58.64
CA ASP YA 178 6.40 64.17 -59.65
C ASP YA 178 6.19 63.59 -61.05
N GLU YA 179 6.80 62.46 -61.36
CA GLU YA 179 6.64 61.81 -62.65
C GLU YA 179 5.41 60.91 -62.70
N PHE YA 180 4.67 60.76 -61.60
CA PHE YA 180 3.48 59.92 -61.63
C PHE YA 180 2.38 60.54 -62.48
N GLU YA 181 2.08 61.82 -62.26
CA GLU YA 181 0.89 62.42 -62.85
C GLU YA 181 0.97 62.49 -64.37
N ASP YA 182 2.09 62.97 -64.89
CA ASP YA 182 2.22 63.10 -66.35
C ASP YA 182 2.32 61.74 -67.02
N MET YA 183 2.86 60.73 -66.32
CA MET YA 183 2.90 59.39 -66.90
C MET YA 183 1.50 58.81 -67.06
N VAL YA 184 0.60 59.10 -66.10
CA VAL YA 184 -0.79 58.70 -66.26
C VAL YA 184 -1.43 59.45 -67.42
N ALA YA 185 -1.06 60.73 -67.59
CA ALA YA 185 -1.63 61.52 -68.68
C ALA YA 185 -1.25 60.97 -70.04
N LYS YA 186 0.00 60.53 -70.20
CA LYS YA 186 0.46 59.97 -71.46
C LYS YA 186 0.26 58.46 -71.55
N LYS YA 187 -0.63 57.90 -70.73
CA LYS YA 187 -1.10 56.52 -70.80
C LYS YA 187 -0.01 55.47 -70.64
N CYS YA 188 1.19 55.87 -70.20
CA CYS YA 188 2.24 54.89 -69.95
C CYS YA 188 2.02 54.10 -68.68
N LEU YA 189 1.13 54.54 -67.81
CA LEU YA 189 0.78 53.82 -66.59
C LEU YA 189 -0.73 53.68 -66.51
N ILE YA 190 -1.19 52.49 -66.14
CA ILE YA 190 -2.62 52.18 -66.07
C ILE YA 190 -2.95 51.76 -64.64
N PRO YA 191 -3.78 52.51 -63.93
CA PRO YA 191 -4.16 52.10 -62.57
C PRO YA 191 -4.96 50.80 -62.58
N ASP YA 192 -4.68 49.97 -61.58
CA ASP YA 192 -5.46 48.73 -61.38
C ASP YA 192 -5.36 48.36 -59.90
N GLY YA 193 -6.40 48.69 -59.14
CA GLY YA 193 -6.38 48.41 -57.72
C GLY YA 193 -5.35 49.25 -57.00
N CYS YA 194 -4.67 48.64 -56.04
CA CYS YA 194 -3.69 49.35 -55.23
C CYS YA 194 -2.45 49.73 -56.01
N GLY YA 195 -2.23 49.14 -57.19
CA GLY YA 195 -1.04 49.41 -57.98
C GLY YA 195 -1.39 49.88 -59.38
N VAL YA 196 -0.33 50.15 -60.14
CA VAL YA 196 -0.46 50.60 -61.52
C VAL YA 196 0.21 49.58 -62.42
N LYS YA 197 -0.20 49.58 -63.69
CA LYS YA 197 0.32 48.67 -64.69
C LYS YA 197 1.21 49.46 -65.66
N TYR YA 198 2.49 49.12 -65.69
CA TYR YA 198 3.41 49.77 -66.63
C TYR YA 198 3.09 49.34 -68.06
N VAL YA 199 3.14 50.29 -68.97
CA VAL YA 199 2.86 50.04 -70.38
C VAL YA 199 4.13 50.29 -71.18
N PRO YA 200 4.86 49.24 -71.52
CA PRO YA 200 6.05 49.42 -72.36
C PRO YA 200 5.66 49.82 -73.77
N SER YA 201 6.58 50.51 -74.44
CA SER YA 201 6.32 51.00 -75.79
C SER YA 201 6.69 49.94 -76.83
N HIS YA 202 6.12 48.74 -76.70
CA HIS YA 202 6.34 47.67 -77.66
C HIS YA 202 5.18 46.70 -77.55
N GLY YA 203 5.34 45.51 -78.13
CA GLY YA 203 4.30 44.51 -78.13
C GLY YA 203 3.40 44.67 -79.34
N PRO YA 204 2.36 43.85 -79.43
CA PRO YA 204 1.44 43.96 -80.56
C PRO YA 204 0.72 45.29 -80.59
N LEU YA 205 0.43 45.77 -81.81
CA LEU YA 205 -0.25 47.04 -81.96
C LEU YA 205 -1.72 46.96 -81.55
N ASP YA 206 -2.28 45.75 -81.47
CA ASP YA 206 -3.66 45.62 -81.00
C ASP YA 206 -3.80 46.11 -79.56
N LYS YA 207 -2.85 45.76 -78.70
CA LYS YA 207 -2.88 46.25 -77.33
C LYS YA 207 -2.54 47.72 -77.23
N TRP YA 208 -2.07 48.35 -78.31
CA TRP YA 208 -1.85 49.79 -78.28
C TRP YA 208 -3.07 50.56 -78.76
N ARG YA 209 -3.88 49.97 -79.64
CA ARG YA 209 -5.09 50.63 -80.11
C ARG YA 209 -6.32 50.33 -79.26
N VAL YA 210 -6.22 49.41 -78.30
CA VAL YA 210 -7.29 49.31 -77.31
C VAL YA 210 -7.28 50.54 -76.40
N LEU YA 211 -6.09 51.05 -76.08
CA LEU YA 211 -5.96 52.38 -75.53
C LEU YA 211 -5.97 53.39 -76.67
N HIS YA 212 -6.07 54.67 -76.29
CA HIS YA 212 -6.20 55.76 -77.25
C HIS YA 212 -7.39 55.54 -78.19
N SER YA 213 -8.48 55.01 -77.63
CA SER YA 213 -9.67 54.70 -78.39
C SER YA 213 -10.91 54.70 -77.51
N LYS ZA 6 -12.85 28.74 -107.97
CA LYS ZA 6 -13.30 29.25 -106.68
C LYS ZA 6 -12.45 28.66 -105.54
N GLU ZA 7 -12.88 27.51 -105.02
CA GLU ZA 7 -12.17 26.84 -103.95
C GLU ZA 7 -11.33 25.70 -104.51
N ASN ZA 8 -10.11 25.58 -104.01
CA ASN ZA 8 -9.23 24.51 -104.44
C ASN ZA 8 -9.80 23.17 -103.98
N PRO ZA 9 -9.94 22.18 -104.87
CA PRO ZA 9 -10.47 20.87 -104.44
C PRO ZA 9 -9.61 20.17 -103.40
N MET ZA 10 -8.39 20.63 -103.14
CA MET ZA 10 -7.60 20.06 -102.06
C MET ZA 10 -8.15 20.39 -100.67
N ARG ZA 11 -9.12 21.31 -100.59
CA ARG ZA 11 -9.72 21.69 -99.32
C ARG ZA 11 -11.04 21.00 -99.04
N GLU ZA 12 -11.42 20.01 -99.84
CA GLU ZA 12 -12.72 19.37 -99.68
C GLU ZA 12 -12.75 18.59 -98.37
N LEU ZA 13 -13.87 18.67 -97.67
CA LEU ZA 13 -14.05 17.95 -96.41
C LEU ZA 13 -14.51 16.53 -96.69
N ARG ZA 14 -13.92 15.57 -95.99
CA ARG ZA 14 -14.25 14.18 -96.22
C ARG ZA 14 -14.00 13.38 -94.95
N ILE ZA 15 -14.60 12.19 -94.91
CA ILE ZA 15 -14.55 11.34 -93.73
C ILE ZA 15 -13.20 10.66 -93.63
N ARG ZA 16 -12.61 10.67 -92.43
CA ARG ZA 16 -11.39 9.92 -92.18
C ARG ZA 16 -11.68 8.53 -91.65
N LYS ZA 17 -12.39 8.44 -90.53
CA LYS ZA 17 -12.72 7.16 -89.92
C LYS ZA 17 -14.04 7.32 -89.17
N LEU ZA 18 -14.69 6.18 -88.90
CA LEU ZA 18 -16.00 6.18 -88.28
C LEU ZA 18 -15.98 5.81 -86.81
N CYS ZA 19 -15.03 4.95 -86.39
CA CYS ZA 19 -14.70 4.72 -84.98
C CYS ZA 19 -15.93 4.25 -84.17
N LEU ZA 20 -16.39 3.05 -84.51
CA LEU ZA 20 -17.38 2.38 -83.67
C LEU ZA 20 -16.77 2.06 -82.31
N ASN ZA 21 -17.61 2.03 -81.29
CA ASN ZA 21 -17.14 1.74 -79.94
C ASN ZA 21 -18.29 1.22 -79.10
N ILE ZA 22 -18.07 0.08 -78.44
CA ILE ZA 22 -19.04 -0.49 -77.52
C ILE ZA 22 -18.36 -0.70 -76.18
N CYS ZA 23 -18.96 -0.16 -75.12
CA CYS ZA 23 -18.45 -0.29 -73.76
C CYS ZA 23 -19.51 -0.97 -72.91
N VAL ZA 24 -19.21 -2.17 -72.43
CA VAL ZA 24 -20.16 -2.92 -71.61
C VAL ZA 24 -19.58 -3.06 -70.21
N GLY ZA 25 -20.32 -3.73 -69.32
CA GLY ZA 25 -19.88 -3.88 -67.95
C GLY ZA 25 -18.59 -4.66 -67.77
N GLU ZA 26 -18.63 -5.97 -68.04
CA GLU ZA 26 -17.47 -6.82 -67.80
C GLU ZA 26 -17.12 -7.68 -69.01
N SER ZA 27 -16.20 -8.62 -68.82
CA SER ZA 27 -15.79 -9.54 -69.87
C SER ZA 27 -16.80 -10.68 -69.97
N GLY ZA 28 -16.44 -11.73 -70.69
CA GLY ZA 28 -17.26 -12.93 -70.76
C GLY ZA 28 -18.06 -13.02 -72.04
N ASP ZA 29 -19.14 -13.80 -71.95
CA ASP ZA 29 -20.00 -14.02 -73.11
C ASP ZA 29 -20.68 -12.74 -73.57
N ARG ZA 30 -20.99 -11.86 -72.62
CA ARG ZA 30 -21.67 -10.62 -72.96
C ARG ZA 30 -20.79 -9.75 -73.85
N LEU ZA 31 -19.50 -9.68 -73.55
CA LEU ZA 31 -18.57 -8.92 -74.39
C LEU ZA 31 -18.38 -9.56 -75.76
N THR ZA 32 -18.16 -10.88 -75.78
CA THR ZA 32 -17.88 -11.56 -77.05
C THR ZA 32 -19.06 -11.46 -78.00
N ARG ZA 33 -20.27 -11.67 -77.50
CA ARG ZA 33 -21.45 -11.50 -78.33
C ARG ZA 33 -21.60 -10.06 -78.81
N ALA ZA 34 -21.34 -9.10 -77.92
CA ALA ZA 34 -21.35 -7.70 -78.32
C ALA ZA 34 -20.27 -7.42 -79.36
N ALA ZA 35 -19.08 -8.01 -79.19
CA ALA ZA 35 -18.04 -7.87 -80.20
C ALA ZA 35 -18.45 -8.53 -81.51
N LYS ZA 36 -19.24 -9.60 -81.43
CA LYS ZA 36 -19.73 -10.25 -82.64
C LYS ZA 36 -20.69 -9.35 -83.40
N VAL ZA 37 -21.35 -8.41 -82.72
CA VAL ZA 37 -22.21 -7.44 -83.39
C VAL ZA 37 -21.40 -6.58 -84.33
N LEU ZA 38 -20.26 -6.07 -83.86
CA LEU ZA 38 -19.36 -5.31 -84.73
C LEU ZA 38 -18.82 -6.20 -85.83
N GLU ZA 39 -18.59 -7.48 -85.53
CA GLU ZA 39 -18.09 -8.41 -86.52
C GLU ZA 39 -19.07 -8.55 -87.69
N GLN ZA 40 -20.36 -8.68 -87.38
CA GLN ZA 40 -21.36 -8.80 -88.43
C GLN ZA 40 -21.79 -7.45 -88.99
N LEU ZA 41 -21.65 -6.37 -88.23
CA LEU ZA 41 -22.05 -5.06 -88.73
C LEU ZA 41 -21.19 -4.62 -89.90
N THR ZA 42 -19.87 -4.83 -89.82
CA THR ZA 42 -18.95 -4.36 -90.82
C THR ZA 42 -18.27 -5.47 -91.61
N GLY ZA 43 -18.51 -6.73 -91.28
CA GLY ZA 43 -17.78 -7.82 -91.91
C GLY ZA 43 -16.29 -7.72 -91.64
N GLN ZA 44 -15.92 -7.39 -90.40
CA GLN ZA 44 -14.55 -7.00 -90.09
C GLN ZA 44 -14.28 -7.16 -88.61
N THR ZA 45 -13.19 -7.84 -88.26
CA THR ZA 45 -12.97 -8.22 -86.87
C THR ZA 45 -12.65 -7.00 -86.02
N PRO ZA 46 -13.36 -6.78 -84.92
CA PRO ZA 46 -13.04 -5.65 -84.03
C PRO ZA 46 -11.86 -5.94 -83.13
N VAL ZA 47 -11.56 -5.01 -82.23
CA VAL ZA 47 -10.45 -5.15 -81.29
C VAL ZA 47 -10.96 -4.82 -79.89
N PHE ZA 48 -10.54 -5.64 -78.91
CA PHE ZA 48 -10.96 -5.46 -77.53
C PHE ZA 48 -10.09 -4.41 -76.85
N SER ZA 49 -10.38 -4.18 -75.57
CA SER ZA 49 -9.63 -3.19 -74.77
C SER ZA 49 -9.70 -3.60 -73.31
N LYS ZA 50 -8.56 -3.48 -72.63
CA LYS ZA 50 -8.49 -3.82 -71.21
C LYS ZA 50 -8.97 -2.65 -70.36
N ALA ZA 51 -8.94 -2.83 -69.04
CA ALA ZA 51 -9.42 -1.85 -68.09
C ALA ZA 51 -8.23 -1.18 -67.40
N ARG ZA 52 -8.28 0.15 -67.32
CA ARG ZA 52 -7.15 0.90 -66.79
C ARG ZA 52 -7.03 0.76 -65.28
N TYR ZA 53 -8.15 0.72 -64.57
CA TYR ZA 53 -8.11 0.70 -63.11
C TYR ZA 53 -8.98 -0.39 -62.52
N THR ZA 54 -9.16 -0.36 -61.20
CA THR ZA 54 -10.00 -1.30 -60.46
C THR ZA 54 -11.04 -0.47 -59.72
N VAL ZA 55 -12.22 -0.33 -60.32
CA VAL ZA 55 -13.28 0.52 -59.78
C VAL ZA 55 -14.22 -0.36 -58.95
N ARG ZA 56 -14.32 -0.04 -57.66
CA ARG ZA 56 -15.25 -0.76 -56.78
C ARG ZA 56 -16.70 -0.56 -57.23
N SER ZA 57 -17.07 0.66 -57.57
CA SER ZA 57 -18.45 0.95 -57.95
C SER ZA 57 -18.81 0.23 -59.25
N PHE ZA 58 -17.91 0.21 -60.22
CA PHE ZA 58 -18.18 -0.40 -61.51
C PHE ZA 58 -17.77 -1.87 -61.58
N GLY ZA 59 -17.15 -2.39 -60.53
CA GLY ZA 59 -16.83 -3.81 -60.46
C GLY ZA 59 -15.86 -4.28 -61.52
N ILE ZA 60 -14.93 -3.44 -61.92
CA ILE ZA 60 -13.93 -3.80 -62.93
C ILE ZA 60 -12.59 -4.00 -62.25
N ARG ZA 61 -11.71 -4.74 -62.91
CA ARG ZA 61 -10.36 -4.99 -62.42
C ARG ZA 61 -9.36 -4.55 -63.48
N ARG ZA 62 -8.15 -4.20 -63.03
CA ARG ZA 62 -7.15 -3.62 -63.92
C ARG ZA 62 -6.72 -4.63 -64.98
N ASN ZA 63 -6.52 -4.11 -66.20
CA ASN ZA 63 -6.12 -4.92 -67.36
C ASN ZA 63 -7.10 -6.06 -67.62
N GLU ZA 64 -8.39 -5.73 -67.63
CA GLU ZA 64 -9.46 -6.69 -67.92
C GLU ZA 64 -10.26 -6.21 -69.11
N LYS ZA 65 -10.59 -7.14 -70.01
CA LYS ZA 65 -11.36 -6.81 -71.20
C LYS ZA 65 -12.73 -6.25 -70.81
N ILE ZA 66 -12.99 -5.01 -71.18
CA ILE ZA 66 -14.24 -4.33 -70.85
C ILE ZA 66 -14.96 -3.84 -72.10
N ALA ZA 67 -14.25 -3.15 -72.99
CA ALA ZA 67 -14.87 -2.49 -74.12
C ALA ZA 67 -14.25 -2.98 -75.42
N VAL ZA 68 -15.06 -2.95 -76.48
CA VAL ZA 68 -14.63 -3.34 -77.82
C VAL ZA 68 -14.92 -2.20 -78.78
N HIS ZA 69 -14.11 -2.08 -79.81
CA HIS ZA 69 -14.25 -0.99 -80.77
C HIS ZA 69 -13.64 -1.41 -82.10
N CYS ZA 70 -14.00 -0.66 -83.14
CA CYS ZA 70 -13.48 -0.91 -84.48
C CYS ZA 70 -13.63 0.36 -85.30
N THR ZA 71 -12.61 0.66 -86.11
CA THR ZA 71 -12.60 1.84 -86.96
C THR ZA 71 -12.61 1.39 -88.43
N VAL ZA 72 -13.53 1.96 -89.20
CA VAL ZA 72 -13.71 1.58 -90.61
C VAL ZA 72 -13.53 2.83 -91.45
N ARG ZA 73 -12.87 2.65 -92.61
CA ARG ZA 73 -12.55 3.77 -93.50
C ARG ZA 73 -12.98 3.42 -94.92
N GLY ZA 74 -13.37 4.45 -95.67
CA GLY ZA 74 -13.63 4.29 -97.08
C GLY ZA 74 -15.10 4.16 -97.45
N ALA ZA 75 -15.38 3.33 -98.46
CA ALA ZA 75 -16.74 3.16 -98.94
C ALA ZA 75 -17.64 2.55 -97.87
N LYS ZA 76 -17.11 1.60 -97.10
CA LYS ZA 76 -17.88 1.01 -96.01
C LYS ZA 76 -18.21 2.07 -94.96
N ALA ZA 77 -17.29 2.98 -94.70
CA ALA ZA 77 -17.52 4.01 -93.69
C ALA ZA 77 -18.69 4.92 -94.06
N GLU ZA 78 -18.78 5.31 -95.33
CA GLU ZA 78 -19.83 6.23 -95.75
C GLU ZA 78 -21.21 5.61 -95.62
N GLU ZA 79 -21.35 4.34 -95.98
CA GLU ZA 79 -22.67 3.71 -95.93
C GLU ZA 79 -23.09 3.36 -94.51
N ILE ZA 80 -22.16 3.31 -93.55
CA ILE ZA 80 -22.55 3.08 -92.16
C ILE ZA 80 -22.93 4.39 -91.49
N LEU ZA 81 -22.29 5.50 -91.87
CA LEU ZA 81 -22.63 6.78 -91.29
C LEU ZA 81 -24.08 7.16 -91.57
N GLU ZA 82 -24.52 6.97 -92.82
CA GLU ZA 82 -25.92 7.24 -93.14
C GLU ZA 82 -26.85 6.29 -92.42
N LYS ZA 83 -26.39 5.07 -92.13
CA LYS ZA 83 -27.21 4.12 -91.38
C LYS ZA 83 -27.50 4.63 -89.98
N GLY ZA 84 -26.47 5.14 -89.30
CA GLY ZA 84 -26.69 5.73 -88.00
C GLY ZA 84 -27.49 7.02 -88.06
N LEU ZA 85 -27.22 7.85 -89.07
CA LEU ZA 85 -27.93 9.10 -89.23
C LEU ZA 85 -29.41 8.90 -89.51
N LYS ZA 86 -29.78 7.78 -90.13
CA LYS ZA 86 -31.18 7.47 -90.34
C LYS ZA 86 -31.88 7.17 -89.02
N VAL ZA 87 -31.17 6.57 -88.06
CA VAL ZA 87 -31.73 6.34 -86.74
C VAL ZA 87 -32.01 7.67 -86.05
N ARG ZA 88 -31.04 8.57 -86.08
CA ARG ZA 88 -31.21 9.90 -85.48
C ARG ZA 88 -31.91 10.87 -86.42
N GLU ZA 89 -32.34 10.39 -87.58
CA GLU ZA 89 -33.28 11.12 -88.44
C GLU ZA 89 -32.71 12.44 -88.93
N TYR ZA 90 -31.37 12.49 -89.08
CA TYR ZA 90 -30.65 13.69 -89.50
C TYR ZA 90 -30.91 14.86 -88.55
N GLU ZA 91 -31.09 14.56 -87.27
CA GLU ZA 91 -31.40 15.55 -86.25
C GLU ZA 91 -30.29 15.50 -85.21
N LEU ZA 92 -29.25 16.29 -85.41
CA LEU ZA 92 -28.10 16.33 -84.52
C LEU ZA 92 -28.06 17.68 -83.82
N ARG ZA 93 -28.03 17.66 -82.49
CA ARG ZA 93 -27.86 18.90 -81.74
C ARG ZA 93 -26.46 19.47 -81.96
N LYS ZA 94 -26.37 20.80 -81.95
CA LYS ZA 94 -25.11 21.47 -82.27
C LYS ZA 94 -24.05 21.23 -81.20
N ASN ZA 95 -24.43 20.82 -79.99
CA ASN ZA 95 -23.45 20.49 -78.97
C ASN ZA 95 -22.84 19.10 -79.17
N ASN ZA 96 -23.42 18.28 -80.05
CA ASN ZA 96 -22.81 16.99 -80.37
C ASN ZA 96 -21.57 17.15 -81.24
N PHE ZA 97 -21.50 18.22 -82.02
CA PHE ZA 97 -20.28 18.53 -82.75
C PHE ZA 97 -19.19 18.99 -81.79
N SER ZA 98 -17.95 18.71 -82.14
CA SER ZA 98 -16.79 19.16 -81.38
C SER ZA 98 -16.08 20.27 -82.14
N ASP ZA 99 -15.18 20.94 -81.43
CA ASP ZA 99 -14.40 22.04 -81.97
C ASP ZA 99 -13.11 21.59 -82.63
N THR ZA 100 -13.05 20.35 -83.10
CA THR ZA 100 -11.88 19.83 -83.79
C THR ZA 100 -12.20 19.34 -85.20
N GLY ZA 101 -13.43 19.50 -85.66
CA GLY ZA 101 -13.78 19.05 -87.00
C GLY ZA 101 -14.21 17.59 -87.03
N ASN ZA 102 -14.89 17.16 -85.98
CA ASN ZA 102 -15.40 15.80 -85.84
C ASN ZA 102 -16.45 15.76 -84.75
N PHE ZA 103 -17.22 14.67 -84.72
CA PHE ZA 103 -18.33 14.55 -83.80
C PHE ZA 103 -18.73 13.09 -83.69
N GLY ZA 104 -19.86 12.86 -83.02
CA GLY ZA 104 -20.34 11.50 -82.82
C GLY ZA 104 -21.63 11.53 -82.04
N PHE ZA 105 -22.15 10.33 -81.77
CA PHE ZA 105 -23.42 10.15 -81.09
C PHE ZA 105 -23.49 8.73 -80.57
N GLY ZA 106 -24.62 8.38 -79.98
CA GLY ZA 106 -24.81 7.04 -79.46
C GLY ZA 106 -26.15 6.46 -79.83
N ILE ZA 107 -26.15 5.34 -80.53
CA ILE ZA 107 -27.36 4.66 -80.96
C ILE ZA 107 -27.74 3.63 -79.92
N GLN ZA 108 -28.99 3.68 -79.46
CA GLN ZA 108 -29.41 2.84 -78.34
C GLN ZA 108 -29.59 1.38 -78.74
N GLU ZA 109 -29.95 1.11 -79.99
CA GLU ZA 109 -30.21 -0.26 -80.42
C GLU ZA 109 -29.54 -0.53 -81.75
N HIS ZA 110 -28.75 -1.61 -81.80
CA HIS ZA 110 -28.08 -2.03 -83.03
C HIS ZA 110 -28.99 -2.82 -83.96
N ILE ZA 111 -30.13 -3.29 -83.46
CA ILE ZA 111 -30.99 -4.19 -84.23
C ILE ZA 111 -31.61 -3.47 -85.42
N ASP ZA 112 -31.78 -2.15 -85.32
CA ASP ZA 112 -32.54 -1.40 -86.31
C ASP ZA 112 -31.91 -1.48 -87.70
N LEU ZA 113 -30.60 -1.32 -87.79
CA LEU ZA 113 -29.91 -1.22 -89.08
C LEU ZA 113 -29.03 -2.43 -89.30
N GLY ZA 114 -29.21 -3.08 -90.44
CA GLY ZA 114 -28.33 -4.14 -90.89
C GLY ZA 114 -28.59 -5.50 -90.26
N ILE ZA 115 -28.15 -5.67 -89.02
CA ILE ZA 115 -28.22 -6.99 -88.38
C ILE ZA 115 -29.63 -7.23 -87.87
N LYS ZA 116 -30.17 -8.41 -88.16
CA LYS ZA 116 -31.45 -8.82 -87.64
C LYS ZA 116 -31.31 -9.26 -86.19
N TYR ZA 117 -32.45 -9.42 -85.51
CA TYR ZA 117 -32.44 -9.85 -84.13
C TYR ZA 117 -31.99 -11.30 -84.03
N ASP ZA 118 -31.26 -11.61 -82.95
CA ASP ZA 118 -30.77 -12.95 -82.70
C ASP ZA 118 -31.04 -13.27 -81.23
N PRO ZA 119 -31.55 -14.46 -80.92
CA PRO ZA 119 -31.65 -14.85 -79.49
C PRO ZA 119 -30.31 -14.88 -78.79
N SER ZA 120 -29.25 -15.29 -79.49
CA SER ZA 120 -27.92 -15.31 -78.90
C SER ZA 120 -27.40 -13.89 -78.66
N ILE ZA 121 -27.51 -13.02 -79.68
CA ILE ZA 121 -27.05 -11.65 -79.55
C ILE ZA 121 -27.93 -10.91 -78.57
N GLY ZA 122 -27.31 -10.15 -77.67
CA GLY ZA 122 -28.04 -9.37 -76.70
C GLY ZA 122 -28.73 -8.15 -77.28
N ILE ZA 123 -29.11 -7.22 -76.41
CA ILE ZA 123 -29.85 -6.03 -76.80
C ILE ZA 123 -28.92 -4.80 -76.81
N TYR ZA 124 -27.63 -5.04 -76.98
CA TYR ZA 124 -26.61 -4.02 -76.77
C TYR ZA 124 -26.72 -2.92 -77.82
N GLY ZA 125 -26.51 -1.68 -77.39
CA GLY ZA 125 -26.34 -0.56 -78.28
C GLY ZA 125 -24.90 -0.39 -78.70
N LEU ZA 126 -24.60 0.79 -79.23
CA LEU ZA 126 -23.26 1.08 -79.71
C LEU ZA 126 -23.07 2.60 -79.74
N ASP ZA 127 -21.88 3.01 -80.18
CA ASP ZA 127 -21.50 4.42 -80.18
C ASP ZA 127 -20.77 4.77 -81.46
N PHE ZA 128 -21.18 5.88 -82.08
CA PHE ZA 128 -20.54 6.38 -83.28
C PHE ZA 128 -19.69 7.60 -82.95
N TYR ZA 129 -18.57 7.73 -83.64
CA TYR ZA 129 -17.78 8.97 -83.60
C TYR ZA 129 -17.05 9.15 -84.94
N VAL ZA 130 -17.69 9.88 -85.86
CA VAL ZA 130 -17.11 10.10 -87.17
C VAL ZA 130 -15.99 11.14 -87.06
N VAL ZA 131 -14.94 10.95 -87.83
CA VAL ZA 131 -13.81 11.88 -87.88
C VAL ZA 131 -13.68 12.37 -89.32
N LEU ZA 132 -13.71 13.69 -89.48
CA LEU ZA 132 -13.60 14.31 -90.80
C LEU ZA 132 -12.15 14.71 -91.06
N GLY ZA 133 -11.90 15.18 -92.27
CA GLY ZA 133 -10.56 15.63 -92.64
C GLY ZA 133 -10.55 16.16 -94.05
N ARG ZA 134 -9.42 16.78 -94.39
CA ARG ZA 134 -9.12 17.26 -95.72
C ARG ZA 134 -7.95 16.48 -96.31
N PRO ZA 135 -7.78 16.50 -97.63
CA PRO ZA 135 -6.57 15.89 -98.21
C PRO ZA 135 -5.32 16.58 -97.69
N GLY ZA 136 -4.46 15.80 -97.04
CA GLY ZA 136 -3.27 16.30 -96.39
C GLY ZA 136 -3.26 16.14 -94.88
N PHE ZA 137 -4.35 15.68 -94.28
CA PHE ZA 137 -4.38 15.47 -92.83
C PHE ZA 137 -3.44 14.37 -92.38
N SER ZA 138 -3.06 13.46 -93.28
CA SER ZA 138 -2.24 12.31 -92.91
C SER ZA 138 -0.78 12.68 -92.64
N ILE ZA 139 -0.36 13.90 -92.94
CA ILE ZA 139 1.04 14.26 -92.74
C ILE ZA 139 1.41 14.25 -91.26
N ALA ZA 140 0.44 14.47 -90.37
CA ALA ZA 140 0.70 14.36 -88.94
C ALA ZA 140 0.95 12.91 -88.51
N ASP ZA 141 0.54 11.94 -89.33
CA ASP ZA 141 0.77 10.54 -89.06
C ASP ZA 141 1.88 9.93 -89.90
N LYS ZA 142 2.39 10.67 -90.89
CA LYS ZA 142 3.47 10.16 -91.71
C LYS ZA 142 4.74 10.04 -90.89
N LYS ZA 143 5.44 8.91 -91.04
CA LYS ZA 143 6.57 8.61 -90.18
C LYS ZA 143 7.74 9.57 -90.43
N ARG ZA 144 8.02 9.88 -91.68
CA ARG ZA 144 9.16 10.72 -92.05
C ARG ZA 144 8.68 12.13 -92.34
N ARG ZA 145 9.39 13.12 -91.80
CA ARG ZA 145 9.13 14.54 -92.06
C ARG ZA 145 7.69 14.93 -91.74
N THR ZA 146 7.22 14.49 -90.58
CA THR ZA 146 5.87 14.84 -90.15
C THR ZA 146 5.78 16.31 -89.77
N GLY ZA 147 4.57 16.74 -89.40
CA GLY ZA 147 4.36 18.11 -88.97
C GLY ZA 147 2.88 18.39 -88.84
N CYS ZA 148 2.59 19.58 -88.34
CA CYS ZA 148 1.21 20.02 -88.22
C CYS ZA 148 0.63 20.30 -89.60
N ILE ZA 149 -0.71 20.40 -89.65
CA ILE ZA 149 -1.40 20.62 -90.92
C ILE ZA 149 -1.64 22.08 -91.22
N GLY ZA 150 -1.31 22.98 -90.30
CA GLY ZA 150 -1.51 24.39 -90.53
C GLY ZA 150 -2.83 24.89 -89.96
N ALA ZA 151 -2.90 26.21 -89.73
CA ALA ZA 151 -4.08 26.80 -89.14
C ALA ZA 151 -5.25 26.82 -90.12
N LYS ZA 152 -4.98 27.21 -91.36
CA LYS ZA 152 -6.06 27.32 -92.35
C LYS ZA 152 -6.65 25.95 -92.69
N HIS ZA 153 -5.79 24.93 -92.79
CA HIS ZA 153 -6.27 23.62 -93.21
C HIS ZA 153 -7.10 22.92 -92.16
N ARG ZA 154 -7.05 23.35 -90.91
CA ARG ZA 154 -7.88 22.76 -89.88
C ARG ZA 154 -9.35 23.03 -90.15
N ILE ZA 155 -10.19 22.11 -89.71
CA ILE ZA 155 -11.64 22.18 -89.89
C ILE ZA 155 -12.25 22.61 -88.56
N SER ZA 156 -12.84 23.79 -88.54
CA SER ZA 156 -13.46 24.29 -87.33
C SER ZA 156 -14.81 23.62 -87.10
N LYS ZA 157 -15.42 23.94 -85.95
CA LYS ZA 157 -16.74 23.43 -85.65
C LYS ZA 157 -17.76 23.93 -86.66
N GLU ZA 158 -17.65 25.21 -87.07
CA GLU ZA 158 -18.59 25.76 -88.05
C GLU ZA 158 -18.49 25.05 -89.39
N GLU ZA 159 -17.26 24.78 -89.84
CA GLU ZA 159 -17.08 24.10 -91.12
C GLU ZA 159 -17.62 22.67 -91.06
N ALA ZA 160 -17.41 21.99 -89.94
CA ALA ZA 160 -17.98 20.65 -89.77
C ALA ZA 160 -19.50 20.71 -89.78
N MET ZA 161 -20.09 21.76 -89.21
CA MET ZA 161 -21.54 21.94 -89.27
C MET ZA 161 -22.00 22.12 -90.72
N ARG ZA 162 -21.24 22.89 -91.51
CA ARG ZA 162 -21.62 23.11 -92.91
C ARG ZA 162 -21.59 21.80 -93.69
N TRP ZA 163 -20.56 20.98 -93.49
CA TRP ZA 163 -20.43 19.75 -94.26
C TRP ZA 163 -21.56 18.79 -93.97
N PHE ZA 164 -21.98 18.71 -92.69
CA PHE ZA 164 -23.14 17.90 -92.35
C PHE ZA 164 -24.41 18.49 -92.95
N GLN ZA 165 -24.45 19.81 -93.13
CA GLN ZA 165 -25.59 20.47 -93.75
C GLN ZA 165 -25.57 20.40 -95.26
N GLN ZA 166 -24.47 19.95 -95.87
CA GLN ZA 166 -24.40 19.82 -97.32
C GLN ZA 166 -24.56 18.37 -97.77
N LYS ZA 167 -23.69 17.47 -97.29
CA LYS ZA 167 -23.71 16.10 -97.79
C LYS ZA 167 -24.93 15.35 -97.28
N TYR ZA 168 -25.21 15.43 -95.97
CA TYR ZA 168 -26.37 14.77 -95.39
C TYR ZA 168 -27.48 15.74 -95.01
N ASP ZA 169 -27.28 17.04 -95.26
CA ASP ZA 169 -28.23 18.15 -95.03
C ASP ZA 169 -29.12 17.90 -93.82
N GLY ZA 170 -28.49 17.56 -92.71
CA GLY ZA 170 -29.23 17.25 -91.50
C GLY ZA 170 -29.76 18.47 -90.79
N ILE ZA 171 -30.62 18.23 -89.80
CA ILE ZA 171 -31.22 19.28 -89.00
C ILE ZA 171 -30.38 19.49 -87.76
N ILE ZA 172 -29.94 20.73 -87.54
CA ILE ZA 172 -29.11 21.09 -86.40
C ILE ZA 172 -30.04 21.63 -85.32
N LEU ZA 173 -30.31 20.81 -84.31
CA LEU ZA 173 -31.21 21.21 -83.24
C LEU ZA 173 -30.49 22.08 -82.21
N PRO ZA 174 -31.12 23.15 -81.74
CA PRO ZA 174 -30.47 24.05 -80.77
C PRO ZA 174 -30.48 23.49 -79.36
N GLY ZA 175 -29.76 22.39 -79.16
CA GLY ZA 175 -29.68 21.76 -77.85
C GLY ZA 175 -28.34 21.12 -77.58
N ALA AB 1 57.04 -5.84 -30.84
CA ALA AB 1 56.55 -4.79 -31.71
C ALA AB 1 57.45 -4.64 -32.94
N PRO AB 2 57.01 -5.23 -34.06
CA PRO AB 2 57.77 -5.10 -35.30
C PRO AB 2 57.79 -3.66 -35.80
N SER AB 3 58.86 -3.30 -36.49
CA SER AB 3 59.04 -1.95 -36.99
C SER AB 3 59.66 -2.00 -38.38
N ARG AB 4 58.94 -1.47 -39.36
CA ARG AB 4 59.41 -1.34 -40.75
C ARG AB 4 59.79 -2.70 -41.32
N ASN AB 5 60.63 -2.69 -42.37
CA ASN AB 5 61.08 -3.93 -42.97
C ASN AB 5 61.99 -4.69 -42.02
N GLY AB 6 61.86 -6.01 -42.03
CA GLY AB 6 62.65 -6.85 -41.16
C GLY AB 6 62.22 -8.30 -41.19
N MET AB 7 63.19 -9.21 -41.17
CA MET AB 7 62.88 -10.63 -41.18
C MET AB 7 62.12 -11.04 -39.92
N VAL AB 8 61.07 -11.81 -40.10
CA VAL AB 8 60.29 -12.29 -38.96
C VAL AB 8 61.12 -13.32 -38.21
N LEU AB 9 61.32 -13.08 -36.91
CA LEU AB 9 62.20 -13.91 -36.10
C LEU AB 9 61.38 -14.87 -35.24
N LYS AB 10 62.00 -16.02 -34.94
CA LYS AB 10 61.41 -17.02 -34.05
C LYS AB 10 62.46 -17.41 -33.01
N PRO AB 11 62.64 -16.59 -31.99
CA PRO AB 11 63.62 -16.95 -30.95
C PRO AB 11 63.09 -18.06 -30.07
N HIS AB 12 63.94 -19.04 -29.81
CA HIS AB 12 63.59 -20.17 -28.96
C HIS AB 12 64.06 -19.93 -27.53
N PHE AB 13 63.62 -18.80 -26.96
CA PHE AB 13 64.05 -18.44 -25.62
C PHE AB 13 62.86 -18.26 -24.69
N HIS AB 14 61.88 -19.16 -24.78
CA HIS AB 14 60.73 -19.13 -23.90
C HIS AB 14 60.79 -20.19 -22.82
N LYS AB 15 61.84 -21.02 -22.79
CA LYS AB 15 61.84 -22.24 -21.99
C LYS AB 15 62.90 -22.19 -20.89
N ASP AB 16 63.18 -20.99 -20.37
CA ASP AB 16 64.13 -20.78 -19.27
C ASP AB 16 65.50 -21.38 -19.61
N TRP AB 17 66.11 -20.82 -20.65
CA TRP AB 17 67.39 -21.31 -21.14
C TRP AB 17 68.52 -21.03 -20.16
N GLN AB 18 68.38 -20.01 -19.30
CA GLN AB 18 69.49 -19.57 -18.47
C GLN AB 18 69.91 -20.62 -17.46
N ARG AB 19 68.97 -21.48 -17.02
CA ARG AB 19 69.33 -22.50 -16.04
C ARG AB 19 70.24 -23.56 -16.65
N ARG AB 20 70.01 -23.92 -17.91
CA ARG AB 20 70.75 -24.98 -18.57
C ARG AB 20 71.57 -24.36 -19.71
N VAL AB 21 72.77 -23.89 -19.37
CA VAL AB 21 73.72 -23.38 -20.34
C VAL AB 21 75.05 -24.07 -20.08
N ALA AB 22 75.59 -24.75 -21.08
CA ALA AB 22 76.87 -25.44 -20.97
C ALA AB 22 77.90 -24.65 -21.75
N THR AB 23 78.85 -24.05 -21.04
CA THR AB 23 79.91 -23.30 -21.68
C THR AB 23 81.04 -24.24 -22.07
N TRP AB 24 82.09 -23.68 -22.68
CA TRP AB 24 83.22 -24.47 -23.13
C TRP AB 24 84.53 -23.92 -22.58
N PHE AB 25 84.51 -23.42 -21.34
CA PHE AB 25 85.75 -22.91 -20.75
C PHE AB 25 86.74 -24.02 -20.46
N ASN AB 26 86.26 -25.24 -20.24
CA ASN AB 26 87.11 -26.39 -20.00
C ASN AB 26 87.54 -27.07 -21.29
N GLN AB 27 87.15 -26.52 -22.44
CA GLN AB 27 87.56 -27.10 -23.73
C GLN AB 27 89.08 -27.18 -23.91
N PRO AB 28 89.87 -26.11 -23.66
CA PRO AB 28 91.32 -26.27 -23.81
C PRO AB 28 91.90 -27.32 -22.87
N ALA AB 29 91.37 -27.41 -21.65
CA ALA AB 29 91.82 -28.47 -20.74
C ALA AB 29 91.32 -29.84 -21.19
N ARG AB 30 90.14 -29.90 -21.79
CA ARG AB 30 89.62 -31.19 -22.25
C ARG AB 30 90.48 -31.76 -23.38
N LYS AB 31 90.96 -30.89 -24.28
CA LYS AB 31 91.86 -31.36 -25.33
C LYS AB 31 93.15 -31.89 -24.75
N ILE AB 32 93.69 -31.22 -23.73
CA ILE AB 32 94.94 -31.65 -23.12
C ILE AB 32 94.77 -33.03 -22.47
N ARG AB 33 93.67 -33.24 -21.76
CA ARG AB 33 93.43 -34.53 -21.13
C ARG AB 33 93.31 -35.64 -22.17
N ARG AB 34 92.61 -35.37 -23.27
CA ARG AB 34 92.46 -36.37 -24.33
C ARG AB 34 93.81 -36.69 -24.97
N ARG AB 35 94.65 -35.68 -25.17
CA ARG AB 35 95.97 -35.94 -25.74
C ARG AB 35 96.82 -36.76 -24.79
N LYS AB 36 96.77 -36.46 -23.50
CA LYS AB 36 97.54 -37.22 -22.53
C LYS AB 36 97.03 -38.66 -22.43
N ALA AB 37 95.71 -38.84 -22.50
CA ALA AB 37 95.16 -40.20 -22.49
C ALA AB 37 95.62 -40.98 -23.70
N ARG AB 38 95.71 -40.32 -24.86
CA ARG AB 38 96.21 -40.97 -26.06
C ARG AB 38 97.65 -41.44 -25.88
N GLN AB 39 98.49 -40.58 -25.30
CA GLN AB 39 99.87 -40.95 -25.06
C GLN AB 39 99.98 -42.07 -24.04
N ALA AB 40 99.13 -42.04 -23.00
CA ALA AB 40 99.15 -43.10 -22.00
C ALA AB 40 98.79 -44.45 -22.60
N LYS AB 41 97.77 -44.48 -23.45
CA LYS AB 41 97.41 -45.71 -24.13
C LYS AB 41 98.46 -46.11 -25.15
N ALA AB 42 99.06 -45.12 -25.84
CA ALA AB 42 100.13 -45.43 -26.78
C ALA AB 42 101.33 -46.02 -26.07
N ARG AB 43 101.67 -45.49 -24.89
CA ARG AB 43 102.73 -46.10 -24.09
C ARG AB 43 102.34 -47.51 -23.65
N ARG AB 44 101.06 -47.71 -23.33
CA ARG AB 44 100.60 -49.00 -22.82
C ARG AB 44 100.76 -50.10 -23.85
N ILE AB 45 100.45 -49.80 -25.12
CA ILE AB 45 100.69 -50.75 -26.21
C ILE AB 45 101.84 -50.23 -27.08
N ALA AB 46 103.04 -50.76 -26.84
CA ALA AB 46 104.23 -50.17 -27.47
C ALA AB 46 104.30 -50.45 -28.97
N PRO AB 47 104.35 -51.69 -29.45
CA PRO AB 47 104.55 -51.90 -30.89
C PRO AB 47 103.28 -51.86 -31.72
N ARG AB 48 102.11 -51.99 -31.11
CA ARG AB 48 100.87 -51.93 -31.85
C ARG AB 48 100.62 -50.51 -32.32
N PRO AB 49 99.87 -50.34 -33.42
CA PRO AB 49 99.55 -48.98 -33.88
C PRO AB 49 98.75 -48.20 -32.85
N ALA AB 50 99.05 -46.90 -32.76
CA ALA AB 50 98.38 -46.06 -31.78
C ALA AB 50 96.89 -45.95 -32.06
N SER AB 51 96.51 -45.84 -33.34
CA SER AB 51 95.10 -45.71 -33.70
C SER AB 51 94.30 -46.96 -33.38
N GLY AB 52 94.94 -48.13 -33.34
CA GLY AB 52 94.25 -49.35 -33.01
C GLY AB 52 94.17 -50.31 -34.18
N PRO AB 53 93.11 -51.12 -34.21
CA PRO AB 53 92.98 -52.12 -35.27
C PRO AB 53 92.63 -51.49 -36.60
N ILE AB 54 92.86 -52.27 -37.67
CA ILE AB 54 92.57 -51.81 -39.02
C ILE AB 54 91.06 -51.79 -39.23
N ARG AB 55 90.60 -50.87 -40.09
CA ARG AB 55 89.20 -50.75 -40.45
C ARG AB 55 89.03 -51.00 -41.94
N PRO AB 56 87.88 -51.53 -42.36
CA PRO AB 56 87.70 -51.89 -43.77
C PRO AB 56 87.40 -50.70 -44.65
N ILE AB 57 87.82 -50.81 -45.91
CA ILE AB 57 87.46 -49.84 -46.93
C ILE AB 57 85.99 -50.03 -47.29
N VAL AB 58 85.22 -48.95 -47.23
CA VAL AB 58 83.77 -49.06 -47.35
C VAL AB 58 83.21 -47.84 -48.07
N ARG AB 59 82.18 -48.06 -48.88
CA ARG AB 59 81.51 -47.01 -49.62
C ARG AB 59 80.37 -46.43 -48.79
N CYS AB 60 80.18 -45.12 -48.89
CA CYS AB 60 79.13 -44.47 -48.12
C CYS AB 60 77.74 -44.86 -48.66
N PRO AB 61 76.75 -44.97 -47.77
CA PRO AB 61 75.45 -45.52 -48.17
C PRO AB 61 74.65 -44.63 -49.11
N THR AB 62 74.43 -43.40 -48.70
CA THR AB 62 73.37 -42.58 -49.28
C THR AB 62 73.83 -41.98 -50.60
N VAL AB 63 72.86 -41.74 -51.49
CA VAL AB 63 73.12 -41.21 -52.82
C VAL AB 63 73.81 -39.86 -52.78
N ARG AB 64 73.76 -39.16 -51.64
CA ARG AB 64 74.54 -37.94 -51.51
C ARG AB 64 76.04 -38.25 -51.46
N TYR AB 65 76.43 -39.28 -50.73
CA TYR AB 65 77.83 -39.58 -50.50
C TYR AB 65 78.29 -40.89 -51.12
N HIS AB 66 77.44 -41.57 -51.89
CA HIS AB 66 77.77 -42.91 -52.33
C HIS AB 66 78.95 -42.96 -53.31
N THR AB 67 79.37 -41.82 -53.84
CA THR AB 67 80.59 -41.79 -54.64
C THR AB 67 81.85 -41.79 -53.78
N LYS AB 68 81.73 -41.44 -52.50
CA LYS AB 68 82.86 -41.29 -51.61
C LYS AB 68 83.03 -42.54 -50.75
N VAL AB 69 84.27 -42.94 -50.53
CA VAL AB 69 84.61 -44.18 -49.84
C VAL AB 69 85.31 -43.82 -48.54
N ARG AB 70 84.85 -44.43 -47.44
CA ARG AB 70 85.41 -44.13 -46.12
C ARG AB 70 85.85 -45.40 -45.41
N ALA AB 71 86.16 -45.28 -44.12
CA ALA AB 71 86.56 -46.42 -43.29
C ALA AB 71 85.38 -46.81 -42.40
N GLY AB 72 85.09 -48.11 -42.37
CA GLY AB 72 83.93 -48.62 -41.66
C GLY AB 72 84.24 -49.05 -40.24
N ARG AB 73 83.37 -49.89 -39.70
CA ARG AB 73 83.51 -50.39 -38.34
C ARG AB 73 84.44 -51.61 -38.28
N GLY AB 74 84.13 -52.65 -39.05
CA GLY AB 74 84.93 -53.85 -39.01
C GLY AB 74 84.68 -54.71 -40.24
N PHE AB 75 85.60 -55.64 -40.47
CA PHE AB 75 85.49 -56.54 -41.60
C PHE AB 75 84.39 -57.57 -41.38
N SER AB 76 83.81 -58.05 -42.47
CA SER AB 76 82.71 -58.99 -42.42
C SER AB 76 83.24 -60.42 -42.42
N LEU AB 77 82.37 -61.34 -41.99
CA LEU AB 77 82.74 -62.75 -41.92
C LEU AB 77 82.99 -63.32 -43.31
N GLU AB 78 82.21 -62.87 -44.30
CA GLU AB 78 82.45 -63.31 -45.67
C GLU AB 78 83.84 -62.90 -46.15
N GLU AB 79 84.26 -61.69 -45.78
CA GLU AB 79 85.61 -61.25 -46.09
C GLU AB 79 86.65 -62.12 -45.38
N LEU AB 80 86.39 -62.45 -44.12
CA LEU AB 80 87.38 -63.19 -43.33
C LEU AB 80 87.52 -64.63 -43.80
N ARG AB 81 86.41 -65.25 -44.21
CA ARG AB 81 86.46 -66.65 -44.59
C ARG AB 81 87.40 -66.88 -45.77
N VAL AB 82 87.27 -66.06 -46.81
CA VAL AB 82 88.20 -66.16 -47.92
C VAL AB 82 89.56 -65.58 -47.57
N ALA AB 83 89.65 -64.80 -46.49
CA ALA AB 83 90.94 -64.28 -46.05
C ALA AB 83 91.76 -65.33 -45.31
N GLY AB 84 91.13 -66.43 -44.88
CA GLY AB 84 91.87 -67.45 -44.15
C GLY AB 84 92.15 -67.11 -42.71
N ILE AB 85 91.52 -66.07 -42.17
CA ILE AB 85 91.70 -65.66 -40.79
C ILE AB 85 90.44 -66.03 -40.02
N HIS AB 86 90.63 -66.75 -38.91
CA HIS AB 86 89.50 -67.17 -38.10
C HIS AB 86 88.78 -65.98 -37.49
N LYS AB 87 87.47 -66.12 -37.29
CA LYS AB 87 86.64 -65.01 -36.83
C LYS AB 87 86.92 -64.61 -35.40
N LYS AB 88 87.70 -65.40 -34.65
CA LYS AB 88 88.06 -65.04 -33.29
C LYS AB 88 89.51 -64.59 -33.14
N VAL AB 89 90.41 -65.10 -33.98
CA VAL AB 89 91.81 -64.70 -33.90
C VAL AB 89 92.03 -63.30 -34.47
N ALA AB 90 91.13 -62.84 -35.34
CA ALA AB 90 91.33 -61.56 -36.03
C ALA AB 90 91.38 -60.39 -35.04
N ARG AB 91 90.54 -60.44 -34.00
CA ARG AB 91 90.56 -59.39 -32.99
C ARG AB 91 91.89 -59.36 -32.26
N THR AB 92 92.44 -60.54 -31.93
CA THR AB 92 93.67 -60.61 -31.16
C THR AB 92 94.85 -60.02 -31.93
N ILE AB 93 94.94 -60.31 -33.23
CA ILE AB 93 96.04 -59.80 -34.03
C ILE AB 93 95.83 -58.36 -34.47
N GLY AB 94 94.67 -57.78 -34.19
CA GLY AB 94 94.44 -56.38 -34.50
C GLY AB 94 93.67 -56.14 -35.77
N ILE AB 95 92.59 -56.89 -35.97
CA ILE AB 95 91.69 -56.68 -37.10
C ILE AB 95 90.27 -56.51 -36.57
N SER AB 96 89.67 -55.35 -36.83
CA SER AB 96 88.31 -55.10 -36.41
C SER AB 96 87.34 -55.92 -37.25
N VAL AB 97 86.36 -56.55 -36.59
CA VAL AB 97 85.40 -57.40 -37.26
C VAL AB 97 84.00 -56.92 -36.93
N ASP AB 98 83.05 -57.31 -37.78
CA ASP AB 98 81.67 -56.85 -37.64
C ASP AB 98 80.73 -57.88 -38.27
N PRO AB 99 80.19 -58.80 -37.47
CA PRO AB 99 79.36 -59.87 -38.04
C PRO AB 99 78.08 -59.37 -38.70
N ARG AB 100 77.47 -58.31 -38.18
CA ARG AB 100 76.16 -57.88 -38.67
C ARG AB 100 76.24 -57.15 -39.99
N ARG AB 101 77.44 -56.87 -40.50
CA ARG AB 101 77.60 -56.31 -41.84
C ARG AB 101 77.76 -57.44 -42.83
N ARG AB 102 76.94 -57.43 -43.89
CA ARG AB 102 77.00 -58.41 -44.94
C ARG AB 102 77.41 -57.74 -46.25
N ASN AB 103 78.20 -58.46 -47.04
CA ASN AB 103 78.67 -57.96 -48.32
C ASN AB 103 77.63 -58.25 -49.40
N LYS AB 104 77.47 -57.31 -50.32
CA LYS AB 104 76.44 -57.42 -51.34
C LYS AB 104 76.99 -57.39 -52.76
N SER AB 105 78.29 -57.17 -52.93
CA SER AB 105 78.90 -57.16 -54.26
C SER AB 105 80.34 -57.66 -54.14
N THR AB 106 80.79 -58.35 -55.18
CA THR AB 106 82.15 -58.89 -55.16
C THR AB 106 83.19 -57.79 -55.20
N GLU AB 107 82.85 -56.63 -55.78
CA GLU AB 107 83.81 -55.55 -55.94
C GLU AB 107 84.31 -55.04 -54.59
N SER AB 108 83.38 -54.73 -53.68
CA SER AB 108 83.78 -54.35 -52.33
C SER AB 108 84.38 -55.52 -51.59
N LEU AB 109 83.83 -56.73 -51.81
CA LEU AB 109 84.37 -57.92 -51.14
C LEU AB 109 85.80 -58.20 -51.60
N GLN AB 110 86.05 -58.12 -52.91
CA GLN AB 110 87.40 -58.38 -53.40
C GLN AB 110 88.35 -57.25 -53.03
N ALA AB 111 87.82 -56.04 -52.88
CA ALA AB 111 88.67 -54.93 -52.44
C ALA AB 111 89.15 -55.14 -51.02
N ASN AB 112 88.27 -55.65 -50.15
CA ASN AB 112 88.62 -55.78 -48.74
C ASN AB 112 89.59 -56.92 -48.50
N VAL AB 113 89.51 -57.98 -49.29
CA VAL AB 113 90.41 -59.11 -49.07
C VAL AB 113 91.83 -58.74 -49.48
N GLN AB 114 91.99 -57.88 -50.49
CA GLN AB 114 93.32 -57.38 -50.80
C GLN AB 114 93.84 -56.50 -49.69
N ARG AB 115 92.94 -55.79 -49.00
CA ARG AB 115 93.33 -55.05 -47.81
C ARG AB 115 93.84 -55.99 -46.72
N LEU AB 116 93.14 -57.12 -46.54
CA LEU AB 116 93.49 -58.03 -45.46
C LEU AB 116 94.78 -58.79 -45.76
N LYS AB 117 94.92 -59.29 -46.99
CA LYS AB 117 96.10 -60.09 -47.33
C LYS AB 117 97.38 -59.25 -47.24
N GLU AB 118 97.34 -58.03 -47.78
CA GLU AB 118 98.52 -57.18 -47.70
C GLU AB 118 98.80 -56.74 -46.26
N TYR AB 119 97.73 -56.54 -45.46
CA TYR AB 119 97.93 -56.29 -44.04
C TYR AB 119 98.60 -57.47 -43.37
N ARG AB 120 98.20 -58.69 -43.74
CA ARG AB 120 98.86 -59.88 -43.20
C ARG AB 120 100.33 -59.93 -43.59
N SER AB 121 100.64 -59.57 -44.83
CA SER AB 121 102.02 -59.55 -45.27
C SER AB 121 102.82 -58.50 -44.51
N LYS AB 122 102.24 -57.33 -44.30
CA LYS AB 122 102.93 -56.24 -43.61
C LYS AB 122 102.91 -56.38 -42.10
N LEU AB 123 102.23 -57.39 -41.57
CA LEU AB 123 102.10 -57.54 -40.13
C LEU AB 123 103.37 -58.12 -39.53
N ILE AB 124 103.86 -57.50 -38.46
CA ILE AB 124 104.94 -58.04 -37.65
C ILE AB 124 104.33 -58.65 -36.40
N LEU AB 125 104.49 -59.95 -36.22
CA LEU AB 125 103.96 -60.65 -35.07
C LEU AB 125 105.11 -61.06 -34.16
N PHE AB 126 105.08 -60.57 -32.93
CA PHE AB 126 106.06 -60.99 -31.95
C PHE AB 126 105.81 -62.44 -31.54
N PRO AB 127 106.87 -63.21 -31.27
CA PRO AB 127 106.67 -64.53 -30.67
C PRO AB 127 106.05 -64.38 -29.30
N ARG AB 128 105.23 -65.37 -28.93
CA ARG AB 128 104.51 -65.30 -27.66
C ARG AB 128 105.49 -65.29 -26.49
N LYS AB 129 106.52 -66.12 -26.54
CA LYS AB 129 107.61 -66.06 -25.59
C LYS AB 129 108.83 -65.51 -26.29
N PRO AB 130 109.41 -64.40 -25.81
CA PRO AB 130 110.57 -63.82 -26.51
C PRO AB 130 111.75 -64.76 -26.62
N SER AB 131 111.96 -65.63 -25.64
CA SER AB 131 113.07 -66.57 -25.71
C SER AB 131 112.82 -67.66 -26.76
N ALA AB 132 111.58 -68.14 -26.86
CA ALA AB 132 111.25 -69.27 -27.73
C ALA AB 132 110.27 -68.83 -28.82
N PRO AB 133 110.73 -68.66 -30.06
CA PRO AB 133 109.82 -68.30 -31.14
C PRO AB 133 109.17 -69.55 -31.73
N LYS AB 134 107.83 -69.55 -31.78
CA LYS AB 134 107.12 -70.71 -32.28
C LYS AB 134 106.79 -70.58 -33.77
N LYS AB 135 105.97 -69.58 -34.11
CA LYS AB 135 105.57 -69.36 -35.50
C LYS AB 135 105.42 -67.89 -35.84
N GLY AB 136 105.82 -66.97 -34.96
CA GLY AB 136 105.47 -65.57 -35.12
C GLY AB 136 106.14 -64.88 -36.29
N ASP AB 137 107.45 -64.63 -36.18
CA ASP AB 137 108.18 -63.91 -37.22
C ASP AB 137 109.66 -64.16 -37.06
N SER AB 138 110.42 -63.85 -38.10
CA SER AB 138 111.87 -63.88 -38.02
C SER AB 138 112.33 -62.76 -37.09
N SER AB 139 113.18 -63.10 -36.13
CA SER AB 139 113.62 -62.12 -35.15
C SER AB 139 114.55 -61.07 -35.74
N ALA AB 140 115.12 -61.33 -36.92
CA ALA AB 140 116.07 -60.38 -37.50
C ALA AB 140 115.40 -59.05 -37.82
N GLU AB 141 114.28 -59.08 -38.55
CA GLU AB 141 113.65 -57.83 -38.96
C GLU AB 141 112.86 -57.20 -37.82
N GLU AB 142 112.27 -58.00 -36.93
CA GLU AB 142 111.46 -57.44 -35.86
C GLU AB 142 112.30 -56.77 -34.79
N LEU AB 143 113.60 -57.03 -34.75
CA LEU AB 143 114.49 -56.38 -33.79
C LEU AB 143 114.96 -55.01 -34.27
N LYS AB 144 114.56 -54.58 -35.47
CA LYS AB 144 114.94 -53.27 -35.97
C LYS AB 144 113.74 -52.53 -36.53
N LEU AB 145 112.69 -53.25 -36.90
CA LEU AB 145 111.49 -52.64 -37.49
C LEU AB 145 110.31 -52.61 -36.54
N ALA AB 146 110.53 -52.83 -35.24
CA ALA AB 146 109.45 -52.73 -34.26
C ALA AB 146 109.12 -51.26 -34.05
N THR AB 147 108.16 -50.75 -34.81
CA THR AB 147 107.83 -49.33 -34.80
C THR AB 147 106.33 -49.15 -34.58
N GLN AB 148 105.98 -48.23 -33.68
CA GLN AB 148 104.58 -47.90 -33.46
C GLN AB 148 104.06 -47.04 -34.60
N LEU AB 149 103.15 -47.58 -35.40
CA LEU AB 149 102.62 -46.85 -36.53
C LEU AB 149 101.71 -45.72 -36.08
N THR AB 150 101.92 -44.53 -36.64
CA THR AB 150 101.09 -43.38 -36.33
C THR AB 150 99.97 -43.23 -37.35
N GLY AB 151 98.80 -42.83 -36.89
CA GLY AB 151 97.66 -42.68 -37.75
C GLY AB 151 96.98 -44.01 -38.02
N PRO AB 152 95.90 -43.99 -38.79
CA PRO AB 152 95.18 -45.22 -39.10
C PRO AB 152 96.02 -46.15 -39.97
N VAL AB 153 95.76 -47.45 -39.81
CA VAL AB 153 96.50 -48.47 -40.54
C VAL AB 153 96.00 -48.50 -41.97
N MET AB 154 96.86 -48.10 -42.92
CA MET AB 154 96.55 -48.05 -44.34
C MET AB 154 95.28 -47.23 -44.57
N PRO AB 155 95.35 -45.90 -44.44
CA PRO AB 155 94.13 -45.09 -44.47
C PRO AB 155 93.40 -45.17 -45.81
N VAL AB 156 92.09 -45.05 -45.74
CA VAL AB 156 91.25 -45.11 -46.93
C VAL AB 156 91.49 -43.87 -47.79
N ARG AB 157 91.73 -44.08 -49.07
CA ARG AB 157 91.96 -42.98 -50.00
C ARG AB 157 91.06 -43.15 -51.22
N ASN AB 158 90.34 -42.09 -51.57
CA ASN AB 158 89.44 -42.10 -52.72
C ASN AB 158 90.26 -42.02 -54.00
N VAL AB 159 90.52 -43.16 -54.61
CA VAL AB 159 91.25 -43.21 -55.87
C VAL AB 159 90.30 -42.86 -57.00
N TYR AB 160 90.77 -42.02 -57.92
CA TYR AB 160 89.97 -41.56 -59.05
C TYR AB 160 90.54 -42.18 -60.31
N LYS AB 161 89.69 -42.86 -61.08
CA LYS AB 161 90.14 -43.50 -62.31
C LYS AB 161 90.39 -42.44 -63.37
N LYS AB 162 91.55 -42.52 -64.03
CA LYS AB 162 91.94 -41.57 -65.05
C LYS AB 162 91.65 -42.15 -66.43
N GLU AB 163 91.06 -41.32 -67.29
CA GLU AB 163 90.67 -41.73 -68.63
C GLU AB 163 91.50 -40.96 -69.66
N LYS AB 164 92.09 -41.69 -70.59
CA LYS AB 164 92.88 -41.08 -71.65
C LYS AB 164 91.97 -40.40 -72.66
N ALA AB 165 92.33 -39.18 -73.05
CA ALA AB 165 91.57 -38.48 -74.08
C ALA AB 165 91.60 -39.26 -75.39
N ARG AB 166 90.49 -39.24 -76.11
CA ARG AB 166 90.32 -40.09 -77.27
C ARG AB 166 89.40 -39.41 -78.28
N VAL AB 167 89.43 -39.92 -79.50
CA VAL AB 167 88.59 -39.40 -80.57
C VAL AB 167 87.15 -39.87 -80.35
N ILE AB 168 86.21 -38.94 -80.38
CA ILE AB 168 84.81 -39.26 -80.14
C ILE AB 168 84.25 -40.05 -81.32
N THR AB 169 83.58 -41.16 -81.03
CA THR AB 169 82.98 -42.00 -82.05
C THR AB 169 81.64 -41.42 -82.50
N GLU AB 170 81.07 -42.03 -83.55
CA GLU AB 170 79.78 -41.58 -84.05
C GLU AB 170 78.67 -41.84 -83.05
N GLU AB 171 78.66 -43.04 -82.45
CA GLU AB 171 77.58 -43.39 -81.53
C GLU AB 171 77.60 -42.48 -80.30
N GLU AB 172 78.78 -42.10 -79.84
CA GLU AB 172 78.88 -41.15 -78.73
C GLU AB 172 78.25 -39.82 -79.11
N LYS AB 173 78.55 -39.33 -80.31
CA LYS AB 173 77.96 -38.08 -80.76
C LYS AB 173 76.50 -38.23 -81.17
N ASN AB 174 76.09 -39.41 -81.60
CA ASN AB 174 74.71 -39.64 -82.01
C ASN AB 174 73.81 -40.08 -80.88
N PHE AB 175 74.36 -40.30 -79.69
CA PHE AB 175 73.54 -40.66 -78.54
C PHE AB 175 72.88 -39.42 -77.96
N LYS AB 176 71.56 -39.45 -77.86
CA LYS AB 176 70.79 -38.36 -77.27
C LYS AB 176 70.61 -38.64 -75.79
N ALA AB 177 71.07 -37.72 -74.95
CA ALA AB 177 71.07 -37.93 -73.50
C ALA AB 177 69.77 -37.46 -72.85
N PHE AB 178 69.41 -36.20 -73.06
CA PHE AB 178 68.23 -35.63 -72.40
C PHE AB 178 66.96 -36.36 -72.80
N ALA AB 179 66.82 -36.69 -74.09
CA ALA AB 179 65.64 -37.42 -74.54
C ALA AB 179 65.57 -38.79 -73.91
N SER AB 180 66.72 -39.48 -73.81
CA SER AB 180 66.75 -40.80 -73.18
C SER AB 180 66.43 -40.72 -71.70
N LEU AB 181 66.92 -39.68 -71.02
CA LEU AB 181 66.60 -39.51 -69.61
C LEU AB 181 65.11 -39.29 -69.41
N ARG AB 182 64.50 -38.47 -70.26
CA ARG AB 182 63.06 -38.28 -70.19
C ARG AB 182 62.32 -39.58 -70.49
N MET AB 183 62.81 -40.34 -71.47
CA MET AB 183 62.18 -41.62 -71.78
C MET AB 183 62.28 -42.59 -70.63
N ALA AB 184 63.44 -42.62 -69.96
CA ALA AB 184 63.62 -43.54 -68.84
C ALA AB 184 62.65 -43.22 -67.70
N ARG AB 185 62.44 -41.93 -67.43
CA ARG AB 185 61.46 -41.54 -66.41
C ARG AB 185 60.05 -41.98 -66.80
N ALA AB 186 59.70 -41.80 -68.07
CA ALA AB 186 58.37 -42.19 -68.54
C ALA AB 186 58.18 -43.71 -68.46
N ASN AB 187 59.19 -44.47 -68.87
CA ASN AB 187 59.08 -45.92 -68.82
C ASN AB 187 58.94 -46.42 -67.40
N ALA AB 188 59.69 -45.83 -66.46
CA ALA AB 188 59.61 -46.27 -65.07
C ALA AB 188 58.28 -45.87 -64.44
N ARG AB 189 57.81 -44.65 -64.72
CA ARG AB 189 56.58 -44.18 -64.11
C ARG AB 189 55.33 -44.80 -64.73
N LEU AB 190 55.44 -45.39 -65.92
CA LEU AB 190 54.30 -46.00 -66.60
C LEU AB 190 54.47 -47.50 -66.79
N PHE AB 191 55.39 -48.13 -66.06
CA PHE AB 191 55.60 -49.56 -66.22
C PHE AB 191 54.44 -50.36 -65.66
N GLY AB 192 53.96 -49.99 -64.47
CA GLY AB 192 52.87 -50.74 -63.86
C GLY AB 192 51.56 -50.62 -64.60
N ILE AB 193 51.22 -49.40 -65.04
CA ILE AB 193 49.94 -49.18 -65.71
C ILE AB 193 49.90 -49.91 -67.05
N ARG AB 194 51.05 -49.98 -67.74
CA ARG AB 194 51.09 -50.67 -69.02
C ARG AB 194 50.88 -52.17 -68.85
N ALA AB 195 51.40 -52.72 -67.75
CA ALA AB 195 51.21 -54.14 -67.47
C ALA AB 195 49.73 -54.46 -67.23
N LYS AB 196 49.04 -53.62 -66.48
CA LYS AB 196 47.63 -53.85 -66.21
C LYS AB 196 46.79 -53.71 -67.47
N ARG AB 197 47.06 -52.69 -68.27
CA ARG AB 197 46.31 -52.51 -69.52
C ARG AB 197 46.57 -53.66 -70.48
N ALA AB 198 47.81 -54.14 -70.56
CA ALA AB 198 48.12 -55.29 -71.40
C ALA AB 198 47.40 -56.54 -70.90
N LYS AB 199 47.26 -56.69 -69.58
CA LYS AB 199 46.58 -57.85 -69.03
C LYS AB 199 45.11 -57.86 -69.42
N GLU AB 200 44.40 -56.75 -69.18
CA GLU AB 200 42.97 -56.73 -69.47
C GLU AB 200 42.69 -56.81 -70.97
N ALA AB 201 43.54 -56.18 -71.79
CA ALA AB 201 43.36 -56.27 -73.23
C ALA AB 201 43.46 -57.71 -73.71
N ALA AB 202 44.41 -58.47 -73.16
CA ALA AB 202 44.47 -59.89 -73.45
C ALA AB 202 43.24 -60.63 -72.92
N GLU AB 203 42.78 -60.27 -71.71
CA GLU AB 203 41.63 -60.95 -71.13
C GLU AB 203 40.34 -60.62 -71.87
N GLN AB 204 40.25 -59.43 -72.46
CA GLN AB 204 39.05 -59.09 -73.22
C GLN AB 204 38.99 -59.82 -74.56
N ASP AB 205 40.16 -60.17 -75.12
CA ASP AB 205 40.20 -60.75 -76.45
C ASP AB 205 40.20 -62.27 -76.46
N VAL AB 206 40.19 -62.92 -75.29
CA VAL AB 206 40.02 -64.37 -75.29
C VAL AB 206 38.56 -64.76 -75.41
N GLU AB 207 37.65 -63.82 -75.17
CA GLU AB 207 36.21 -64.05 -75.24
C GLU AB 207 35.57 -63.35 -76.45
N LYS AB 208 36.40 -62.99 -77.44
CA LYS AB 208 35.91 -62.26 -78.60
C LYS AB 208 34.89 -63.07 -79.39
N LYS AB 209 35.12 -64.37 -79.53
CA LYS AB 209 34.28 -65.24 -80.35
C LYS AB 209 33.40 -66.09 -79.44
N LYS AB 210 32.09 -65.87 -79.52
CA LYS AB 210 31.11 -66.63 -78.74
C LYS AB 210 29.75 -66.61 -79.41
N VAL BB 1 39.35 99.42 -17.58
CA VAL BB 1 40.39 98.49 -17.14
C VAL BB 1 41.45 98.33 -18.21
N PHE BB 2 41.08 97.68 -19.31
CA PHE BB 2 42.01 97.46 -20.40
C PHE BB 2 42.34 98.76 -21.11
N ARG BB 3 43.58 98.85 -21.57
CA ARG BB 3 44.04 100.01 -22.33
C ARG BB 3 44.57 99.66 -23.71
N ARG BB 4 45.05 98.43 -23.91
CA ARG BB 4 45.65 98.00 -25.17
C ARG BB 4 44.75 96.97 -25.81
N PHE BB 5 44.26 97.29 -27.01
CA PHE BB 5 43.25 96.50 -27.69
C PHE BB 5 43.78 96.03 -29.03
N VAL BB 6 43.47 94.78 -29.38
CA VAL BB 6 43.82 94.27 -30.70
C VAL BB 6 42.91 94.94 -31.72
N GLU BB 7 43.51 95.70 -32.62
CA GLU BB 7 42.75 96.50 -33.57
C GLU BB 7 43.63 96.80 -34.77
N VAL BB 8 42.99 97.26 -35.85
CA VAL BB 8 43.72 97.60 -37.06
C VAL BB 8 44.63 98.79 -36.78
N GLY BB 9 45.90 98.66 -37.14
CA GLY BB 9 46.88 99.70 -36.91
C GLY BB 9 47.61 99.61 -35.58
N ARG BB 10 47.22 98.69 -34.70
CA ARG BB 10 47.93 98.52 -33.45
C ARG BB 10 49.33 97.96 -33.70
N VAL BB 11 50.31 98.52 -33.01
CA VAL BB 11 51.70 98.08 -33.12
C VAL BB 11 51.94 97.01 -32.07
N ALA BB 12 52.40 95.84 -32.50
CA ALA BB 12 52.66 94.73 -31.61
C ALA BB 12 54.14 94.38 -31.63
N TYR BB 13 54.57 93.64 -30.61
CA TYR BB 13 55.96 93.23 -30.47
C TYR BB 13 56.06 91.72 -30.56
N VAL BB 14 57.01 91.23 -31.35
CA VAL BB 14 57.14 89.80 -31.62
C VAL BB 14 58.08 89.22 -30.58
N SER BB 15 57.51 88.54 -29.57
CA SER BB 15 58.32 87.96 -28.51
C SER BB 15 59.08 86.74 -29.01
N PHE BB 16 58.41 85.86 -29.73
CA PHE BB 16 59.04 84.64 -30.24
C PHE BB 16 58.53 84.36 -31.65
N GLY BB 17 59.07 83.31 -32.25
CA GLY BB 17 58.77 82.97 -33.62
C GLY BB 17 59.96 83.27 -34.52
N PRO BB 18 59.78 83.08 -35.82
CA PRO BB 18 60.87 83.36 -36.76
C PRO BB 18 61.27 84.83 -36.81
N HIS BB 19 60.38 85.74 -36.41
CA HIS BB 19 60.63 87.17 -36.45
C HIS BB 19 60.71 87.78 -35.05
N ALA BB 20 61.27 87.03 -34.09
CA ALA BB 20 61.29 87.48 -32.71
C ALA BB 20 62.12 88.75 -32.56
N GLY BB 21 61.66 89.64 -31.69
CA GLY BB 21 62.36 90.88 -31.41
C GLY BB 21 62.11 92.00 -32.40
N LYS BB 22 61.09 91.91 -33.23
CA LYS BB 22 60.78 92.93 -34.21
C LYS BB 22 59.45 93.60 -33.88
N LEU BB 23 59.22 94.75 -34.51
CA LEU BB 23 57.98 95.49 -34.37
C LEU BB 23 57.10 95.23 -35.59
N VAL BB 24 55.80 95.06 -35.35
CA VAL BB 24 54.85 94.75 -36.41
C VAL BB 24 53.58 95.56 -36.21
N ALA BB 25 52.80 95.66 -37.28
CA ALA BB 25 51.51 96.34 -37.26
C ALA BB 25 50.44 95.41 -37.79
N ILE BB 26 49.25 95.49 -37.20
CA ILE BB 26 48.16 94.59 -37.56
C ILE BB 26 47.35 95.18 -38.70
N VAL BB 27 47.12 94.39 -39.73
CA VAL BB 27 46.31 94.84 -40.86
C VAL BB 27 44.86 94.37 -40.74
N ASP BB 28 44.66 93.10 -40.38
CA ASP BB 28 43.32 92.57 -40.18
C ASP BB 28 43.41 91.38 -39.23
N VAL BB 29 42.26 90.99 -38.69
CA VAL BB 29 42.18 89.95 -37.68
C VAL BB 29 41.37 88.78 -38.23
N ILE BB 30 41.77 87.57 -37.84
CA ILE BB 30 41.13 86.34 -38.33
C ILE BB 30 41.02 85.34 -37.19
N ASP BB 31 39.88 84.63 -37.16
CA ASP BB 31 39.68 83.39 -36.38
C ASP BB 31 40.09 83.52 -34.91
N GLN BB 32 40.04 84.74 -34.37
CA GLN BB 32 40.23 85.06 -32.95
C GLN BB 32 41.55 84.56 -32.38
N ASN BB 33 42.44 84.05 -33.21
CA ASN BB 33 43.74 83.56 -32.76
C ASN BB 33 44.91 84.04 -33.61
N ARG BB 34 44.67 84.42 -34.86
CA ARG BB 34 45.72 84.92 -35.74
C ARG BB 34 45.29 86.28 -36.28
N ALA BB 35 46.16 86.87 -37.09
CA ALA BB 35 45.87 88.18 -37.67
C ALA BB 35 46.72 88.39 -38.90
N LEU BB 36 46.31 89.33 -39.75
CA LEU BB 36 47.14 89.75 -40.87
C LEU BB 36 48.16 90.77 -40.37
N VAL BB 37 49.43 90.41 -40.41
CA VAL BB 37 50.49 91.19 -39.80
C VAL BB 37 51.50 91.59 -40.88
N ASP BB 38 51.84 92.87 -40.92
CA ASP BB 38 52.73 93.38 -41.96
C ASP BB 38 53.48 94.59 -41.39
N GLY BB 39 54.71 94.38 -40.94
CA GLY BB 39 55.58 95.48 -40.58
C GLY BB 39 56.60 95.73 -41.66
N PRO BB 40 56.36 96.74 -42.49
CA PRO BB 40 57.23 96.95 -43.66
C PRO BB 40 58.58 97.57 -43.33
N CYS BB 41 58.60 98.53 -42.41
CA CYS BB 41 59.83 99.20 -42.07
C CYS BB 41 60.71 98.41 -41.11
N THR BB 42 60.21 97.32 -40.55
CA THR BB 42 61.00 96.42 -39.72
C THR BB 42 61.39 95.15 -40.47
N GLN BB 43 61.25 95.17 -41.80
CA GLN BB 43 61.61 94.04 -42.66
C GLN BB 43 60.83 92.78 -42.29
N VAL BB 44 59.51 92.91 -42.32
CA VAL BB 44 58.60 91.78 -42.13
C VAL BB 44 57.51 91.90 -43.18
N ARG BB 45 57.53 91.02 -44.16
CA ARG BB 45 56.49 91.05 -45.18
C ARG BB 45 55.18 90.52 -44.61
N ARG BB 46 54.09 90.79 -45.32
CA ARG BB 46 52.75 90.47 -44.83
C ARG BB 46 52.58 88.97 -44.68
N GLN BB 47 52.07 88.55 -43.54
CA GLN BB 47 51.89 87.13 -43.25
C GLN BB 47 50.93 87.00 -42.06
N ALA BB 48 50.35 85.81 -41.94
CA ALA BB 48 49.54 85.49 -40.77
C ALA BB 48 50.45 85.27 -39.56
N MET BB 49 49.90 85.56 -38.38
CA MET BB 49 50.68 85.42 -37.16
C MET BB 49 49.75 85.27 -35.97
N PRO BB 50 49.98 84.30 -35.10
CA PRO BB 50 49.11 84.11 -33.93
C PRO BB 50 49.33 85.19 -32.87
N PHE BB 51 48.32 85.35 -32.03
CA PHE BB 51 48.38 86.35 -30.98
C PHE BB 51 49.27 85.94 -29.82
N LYS BB 52 49.56 84.64 -29.68
CA LYS BB 52 50.39 84.21 -28.56
C LYS BB 52 51.80 84.74 -28.64
N CYS BB 53 52.28 85.10 -29.83
CA CYS BB 53 53.59 85.73 -29.98
C CYS BB 53 53.46 87.24 -30.20
N MET BB 54 52.35 87.84 -29.80
CA MET BB 54 52.14 89.28 -29.91
C MET BB 54 52.05 89.89 -28.52
N GLN BB 55 52.82 90.95 -28.29
CA GLN BB 55 52.68 91.79 -27.11
C GLN BB 55 52.25 93.17 -27.57
N LEU BB 56 51.11 93.64 -27.06
CA LEU BB 56 50.56 94.90 -27.50
C LEU BB 56 51.38 96.06 -26.95
N THR BB 57 51.78 96.97 -27.84
CA THR BB 57 52.43 98.20 -27.44
C THR BB 57 51.37 99.30 -27.31
N ASP BB 58 51.80 100.54 -27.14
CA ASP BB 58 50.90 101.66 -26.94
C ASP BB 58 50.73 102.51 -28.18
N PHE BB 59 51.17 102.04 -29.34
CA PHE BB 59 51.08 102.79 -30.58
C PHE BB 59 50.04 102.17 -31.50
N ILE BB 60 49.14 103.01 -32.01
CA ILE BB 60 48.12 102.60 -32.97
C ILE BB 60 48.25 103.48 -34.20
N LEU BB 61 48.26 102.86 -35.38
CA LEU BB 61 48.35 103.58 -36.63
C LEU BB 61 46.96 103.77 -37.22
N LYS BB 62 46.87 104.71 -38.16
CA LYS BB 62 45.59 105.12 -38.76
C LYS BB 62 45.59 104.78 -40.24
N PHE BB 63 45.02 103.63 -40.58
CA PHE BB 63 44.78 103.25 -41.96
C PHE BB 63 43.61 102.29 -42.00
N PRO BB 64 42.89 102.22 -43.12
CA PRO BB 64 41.78 101.27 -43.22
C PRO BB 64 42.28 99.83 -43.19
N HIS BB 65 41.40 98.94 -42.73
CA HIS BB 65 41.73 97.52 -42.66
C HIS BB 65 41.92 96.95 -44.06
N SER BB 66 42.78 95.93 -44.16
CA SER BB 66 43.11 95.26 -45.41
C SER BB 66 43.71 96.22 -46.43
N ALA BB 67 44.37 97.28 -45.96
CA ALA BB 67 45.05 98.18 -46.87
C ALA BB 67 46.33 97.53 -47.39
N HIS BB 68 46.85 98.09 -48.49
CA HIS BB 68 48.06 97.57 -49.08
C HIS BB 68 49.28 97.97 -48.24
N GLN BB 69 50.40 97.31 -48.53
CA GLN BB 69 51.63 97.57 -47.79
C GLN BB 69 52.11 99.00 -48.00
N LYS BB 70 51.83 99.57 -49.17
CA LYS BB 70 52.23 100.95 -49.47
C LYS BB 70 51.64 101.93 -48.47
N TYR BB 71 50.34 101.82 -48.20
CA TYR BB 71 49.71 102.71 -47.23
C TYR BB 71 50.26 102.47 -45.83
N VAL BB 72 50.46 101.20 -45.46
CA VAL BB 72 51.02 100.88 -44.14
C VAL BB 72 52.43 101.43 -44.03
N ARG BB 73 53.22 101.30 -45.09
CA ARG BB 73 54.58 101.82 -45.07
C ARG BB 73 54.59 103.33 -44.90
N GLN BB 74 53.69 104.03 -45.60
CA GLN BB 74 53.57 105.47 -45.40
C GLN BB 74 53.06 105.78 -44.00
N ALA BB 75 52.10 105.00 -43.51
CA ALA BB 75 51.60 105.18 -42.15
C ALA BB 75 52.68 104.91 -41.11
N TRP BB 76 53.58 103.98 -41.39
CA TRP BB 76 54.70 103.74 -40.49
C TRP BB 76 55.77 104.81 -40.62
N GLN BB 77 55.96 105.34 -41.83
CA GLN BB 77 56.99 106.36 -42.05
C GLN BB 77 56.54 107.73 -41.55
N LYS BB 78 55.44 108.23 -42.11
CA LYS BB 78 54.84 109.44 -41.56
C LYS BB 78 54.33 109.16 -40.16
N ALA BB 79 54.60 110.08 -39.23
CA ALA BB 79 54.45 109.83 -37.80
C ALA BB 79 55.21 108.57 -37.40
N ASP BB 80 56.52 108.65 -37.57
CA ASP BB 80 57.39 107.48 -37.50
C ASP BB 80 57.36 106.84 -36.11
N ILE BB 81 57.58 105.54 -36.09
CA ILE BB 81 57.60 104.78 -34.85
C ILE BB 81 59.00 104.36 -34.44
N ASN BB 82 59.94 104.25 -35.38
CA ASN BB 82 61.28 103.79 -35.07
C ASN BB 82 61.95 104.68 -34.04
N THR BB 83 61.93 105.99 -34.27
CA THR BB 83 62.47 106.92 -33.26
C THR BB 83 61.64 106.88 -32.00
N LYS BB 84 60.32 106.81 -32.12
CA LYS BB 84 59.45 106.76 -30.95
C LYS BB 84 59.70 105.50 -30.13
N TRP BB 85 59.82 104.35 -30.81
CA TRP BB 85 60.02 103.09 -30.12
C TRP BB 85 61.33 103.08 -29.34
N ALA BB 86 62.42 103.46 -30.00
CA ALA BB 86 63.74 103.41 -29.38
C ALA BB 86 63.87 104.38 -28.21
N ALA BB 87 63.01 105.37 -28.12
CA ALA BB 87 63.06 106.30 -26.99
C ALA BB 87 62.33 105.76 -25.77
N THR BB 88 61.47 104.76 -25.94
CA THR BB 88 60.71 104.24 -24.82
C THR BB 88 61.59 103.42 -23.89
N ARG BB 89 61.11 103.25 -22.66
CA ARG BB 89 61.79 102.39 -21.69
C ARG BB 89 61.82 100.95 -22.17
N TRP BB 90 60.79 100.53 -22.91
CA TRP BB 90 60.67 99.13 -23.33
C TRP BB 90 61.81 98.75 -24.27
N ALA BB 91 62.14 99.62 -25.23
CA ALA BB 91 63.17 99.29 -26.19
C ALA BB 91 64.56 99.26 -25.55
N LYS BB 92 64.87 100.27 -24.74
CA LYS BB 92 66.19 100.31 -24.11
C LYS BB 92 66.36 99.18 -23.10
N LYS BB 93 65.26 98.73 -22.48
CA LYS BB 93 65.33 97.54 -21.65
C LYS BB 93 65.74 96.32 -22.46
N ILE BB 94 65.16 96.19 -23.66
CA ILE BB 94 65.60 95.13 -24.58
C ILE BB 94 67.03 95.39 -25.03
N GLU BB 95 67.36 96.64 -25.33
CA GLU BB 95 68.72 96.98 -25.75
C GLU BB 95 69.72 96.68 -24.65
N ALA BB 96 69.40 97.05 -23.41
CA ALA BB 96 70.29 96.76 -22.29
C ALA BB 96 70.43 95.26 -22.09
N ARG BB 97 69.35 94.51 -22.31
CA ARG BB 97 69.41 93.06 -22.19
C ARG BB 97 70.36 92.45 -23.21
N GLU BB 98 70.40 93.01 -24.42
CA GLU BB 98 71.28 92.49 -25.46
C GLU BB 98 72.75 92.70 -25.10
N ARG BB 99 73.12 93.92 -24.75
CA ARG BB 99 74.53 94.20 -24.47
C ARG BB 99 75.00 93.52 -23.20
N LYS BB 100 74.09 93.31 -22.24
CA LYS BB 100 74.44 92.54 -21.05
C LYS BB 100 74.78 91.11 -21.41
N ALA BB 101 73.99 90.50 -22.31
CA ALA BB 101 74.21 89.11 -22.68
C ALA BB 101 75.55 88.92 -23.38
N LYS BB 102 75.90 89.84 -24.27
CA LYS BB 102 77.14 89.74 -25.05
C LYS BB 102 78.31 90.44 -24.39
N MET BB 103 78.16 90.89 -23.14
CA MET BB 103 79.27 91.46 -22.40
C MET BB 103 80.37 90.43 -22.22
N THR BB 104 81.61 90.84 -22.51
CA THR BB 104 82.73 89.93 -22.52
C THR BB 104 83.31 89.73 -21.13
N ASP BB 105 84.30 88.83 -21.03
CA ASP BB 105 84.92 88.53 -19.74
C ASP BB 105 85.67 89.74 -19.20
N PHE BB 106 86.43 90.42 -20.06
CA PHE BB 106 87.07 91.67 -19.64
C PHE BB 106 86.02 92.71 -19.28
N ASP BB 107 84.95 92.79 -20.08
CA ASP BB 107 83.87 93.73 -19.78
C ASP BB 107 83.17 93.36 -18.48
N ARG BB 108 83.09 92.06 -18.17
CA ARG BB 108 82.59 91.65 -16.87
C ARG BB 108 83.50 92.14 -15.75
N PHE BB 109 84.81 92.07 -15.97
CA PHE BB 109 85.75 92.49 -14.95
C PHE BB 109 85.65 93.99 -14.67
N LYS BB 110 85.52 94.80 -15.73
CA LYS BB 110 85.42 96.24 -15.53
C LYS BB 110 84.16 96.61 -14.78
N VAL BB 111 83.04 95.95 -15.09
CA VAL BB 111 81.78 96.24 -14.39
C VAL BB 111 81.92 95.90 -12.91
N MET BB 112 82.55 94.77 -12.60
CA MET BB 112 82.71 94.38 -11.21
C MET BB 112 83.54 95.40 -10.44
N LYS BB 113 84.58 95.94 -11.06
CA LYS BB 113 85.32 97.04 -10.44
C LYS BB 113 84.44 98.28 -10.31
N ALA BB 114 83.65 98.57 -11.35
CA ALA BB 114 82.74 99.70 -11.27
C ALA BB 114 81.64 99.46 -10.24
N LYS BB 115 81.11 98.24 -10.20
CA LYS BB 115 80.06 97.92 -9.22
C LYS BB 115 80.62 97.96 -7.81
N LYS BB 116 81.87 97.55 -7.62
CA LYS BB 116 82.48 97.56 -6.31
C LYS BB 116 82.59 98.98 -5.76
N MET BB 117 83.04 99.92 -6.58
CA MET BB 117 83.26 101.28 -6.10
C MET BB 117 81.92 102.00 -5.91
N ARG BB 118 81.01 101.85 -6.87
CA ARG BB 118 79.75 102.58 -6.81
C ARG BB 118 78.93 102.18 -5.58
N ASN BB 119 78.89 100.88 -5.27
CA ASN BB 119 78.12 100.41 -4.14
C ASN BB 119 78.68 100.94 -2.82
N ARG BB 120 80.02 100.99 -2.70
CA ARG BB 120 80.63 101.43 -1.46
C ARG BB 120 80.33 102.90 -1.18
N ILE BB 121 80.42 103.75 -2.21
CA ILE BB 121 80.13 105.17 -2.01
C ILE BB 121 78.67 105.37 -1.65
N ILE BB 122 77.76 104.69 -2.33
CA ILE BB 122 76.34 104.83 -2.06
C ILE BB 122 76.01 104.33 -0.67
N LYS BB 123 76.57 103.17 -0.29
CA LYS BB 123 76.32 102.63 1.04
C LYS BB 123 76.90 103.52 2.12
N ASN BB 124 78.04 104.18 1.83
CA ASN BB 124 78.57 105.18 2.76
C ASN BB 124 77.61 106.34 2.92
N GLU BB 125 77.03 106.82 1.83
CA GLU BB 125 76.08 107.91 1.90
C GLU BB 125 74.82 107.51 2.68
N VAL BB 126 74.35 106.28 2.47
CA VAL BB 126 73.21 105.79 3.24
C VAL BB 126 73.55 105.76 4.73
N LYS BB 127 74.76 105.30 5.06
CA LYS BB 127 75.21 105.35 6.45
C LYS BB 127 75.29 106.78 6.94
N LYS BB 128 75.73 107.70 6.08
CA LYS BB 128 75.75 109.12 6.46
C LYS BB 128 74.34 109.63 6.72
N LEU BB 129 73.39 109.25 5.86
CA LEU BB 129 72.01 109.70 6.04
C LEU BB 129 71.36 109.04 7.24
N GLN BB 130 71.74 107.79 7.54
CA GLN BB 130 71.17 107.09 8.68
C GLN BB 130 71.49 107.81 9.99
N LYS BB 131 72.74 108.23 10.15
CA LYS BB 131 73.10 108.98 11.35
C LYS BB 131 72.55 110.39 11.28
N ALA BB 132 72.41 110.94 10.07
CA ALA BB 132 71.76 112.23 9.90
C ALA BB 132 70.30 112.17 10.34
N ALA BB 133 69.61 111.08 10.00
CA ALA BB 133 68.25 110.87 10.48
C ALA BB 133 68.20 110.39 11.92
N LEU BB 134 69.35 110.05 12.50
CA LEU BB 134 69.40 109.59 13.88
C LEU BB 134 69.28 110.72 14.89
N LEU BB 135 69.35 111.98 14.44
CA LEU BB 135 69.25 113.10 15.36
C LEU BB 135 67.81 113.48 15.64
N LYS BB 136 66.98 112.49 15.98
CA LYS BB 136 65.57 112.70 16.28
C LYS BB 136 65.30 112.32 17.73
N ALA BB 137 64.86 113.30 18.52
CA ALA BB 137 64.42 113.04 19.90
C ALA BB 137 63.32 114.06 20.21
N SER BB 138 62.07 113.65 19.99
CA SER BB 138 60.93 114.53 20.13
C SER BB 138 59.81 113.80 20.87
N PRO BB 139 59.02 114.51 21.69
CA PRO BB 139 57.88 113.91 22.38
C PRO BB 139 56.73 113.58 21.44
N GLY CB 1 63.56 -81.30 -21.72
CA GLY CB 1 62.70 -81.55 -22.87
C GLY CB 1 61.27 -81.16 -22.62
N ALA CB 2 60.85 -81.23 -21.36
CA ALA CB 2 59.46 -80.95 -21.02
C ALA CB 2 59.15 -79.46 -21.11
N TYR CB 3 60.15 -78.60 -20.91
CA TYR CB 3 59.91 -77.16 -20.87
C TYR CB 3 59.33 -76.65 -22.18
N LYS CB 4 59.71 -77.26 -23.31
CA LYS CB 4 59.10 -76.88 -24.58
C LYS CB 4 57.61 -77.16 -24.57
N TYR CB 5 57.19 -78.29 -24.00
CA TYR CB 5 55.78 -78.61 -23.92
C TYR CB 5 55.06 -77.65 -22.98
N ILE CB 6 55.71 -77.24 -21.90
CA ILE CB 6 55.07 -76.39 -20.92
C ILE CB 6 54.77 -75.01 -21.50
N GLN CB 7 55.75 -74.42 -22.20
CA GLN CB 7 55.53 -73.10 -22.77
C GLN CB 7 54.50 -73.15 -23.89
N GLU CB 8 54.43 -74.25 -24.63
CA GLU CB 8 53.38 -74.40 -25.62
C GLU CB 8 52.02 -74.54 -24.95
N LEU CB 9 51.99 -75.13 -23.75
CA LEU CB 9 50.74 -75.22 -23.02
C LEU CB 9 50.31 -73.86 -22.48
N TRP CB 10 51.27 -73.09 -21.96
CA TRP CB 10 50.95 -71.78 -21.39
C TRP CB 10 50.60 -70.75 -22.46
N ARG CB 11 50.83 -71.04 -23.73
CA ARG CB 11 50.37 -70.17 -24.80
C ARG CB 11 48.95 -70.46 -25.22
N LYS CB 12 48.24 -71.29 -24.46
CA LYS CB 12 46.88 -71.72 -24.77
C LYS CB 12 45.97 -71.48 -23.59
N LYS CB 13 46.02 -70.25 -23.05
CA LYS CB 13 45.44 -69.96 -21.75
C LYS CB 13 43.92 -70.12 -21.71
N GLN CB 14 43.24 -70.06 -22.85
CA GLN CB 14 41.80 -70.23 -22.88
C GLN CB 14 41.39 -71.67 -23.18
N SER CB 15 42.32 -72.61 -23.07
CA SER CB 15 41.97 -74.01 -23.21
C SER CB 15 41.20 -74.49 -21.98
N ASP CB 16 40.58 -75.66 -22.13
CA ASP CB 16 39.83 -76.23 -21.01
C ASP CB 16 40.74 -76.54 -19.83
N VAL CB 17 41.91 -77.12 -20.11
CA VAL CB 17 42.82 -77.52 -19.05
C VAL CB 17 43.42 -76.29 -18.36
N MET CB 18 43.70 -75.23 -19.12
CA MET CB 18 44.36 -74.08 -18.53
C MET CB 18 43.37 -73.17 -17.80
N ARG CB 19 42.13 -73.08 -18.30
CA ARG CB 19 41.14 -72.25 -17.64
C ARG CB 19 40.85 -72.72 -16.23
N PHE CB 20 40.75 -74.03 -16.05
CA PHE CB 20 40.49 -74.58 -14.72
C PHE CB 20 41.63 -74.27 -13.78
N LEU CB 21 42.87 -74.48 -14.23
CA LEU CB 21 44.03 -74.27 -13.36
C LEU CB 21 44.16 -72.81 -12.99
N LEU CB 22 44.00 -71.90 -13.96
CA LEU CB 22 44.14 -70.48 -13.66
C LEU CB 22 43.05 -69.99 -12.73
N ARG CB 23 41.81 -70.43 -12.95
CA ARG CB 23 40.70 -69.99 -12.11
C ARG CB 23 40.86 -70.48 -10.67
N VAL CB 24 41.29 -71.73 -10.49
CA VAL CB 24 41.51 -72.24 -9.14
C VAL CB 24 42.67 -71.52 -8.47
N ARG CB 25 43.78 -71.34 -9.22
CA ARG CB 25 44.94 -70.66 -8.65
C ARG CB 25 44.62 -69.21 -8.31
N CYS CB 26 43.85 -68.54 -9.16
CA CYS CB 26 43.48 -67.16 -8.88
C CYS CB 26 42.67 -67.05 -7.59
N TRP CB 27 41.75 -67.99 -7.36
CA TRP CB 27 40.98 -67.98 -6.13
C TRP CB 27 41.88 -68.18 -4.91
N GLN CB 28 42.82 -69.13 -5.00
CA GLN CB 28 43.69 -69.40 -3.86
C GLN CB 28 44.55 -68.20 -3.52
N TYR CB 29 45.08 -67.53 -4.53
CA TYR CB 29 45.87 -66.31 -4.29
C TYR CB 29 44.99 -65.24 -3.67
N ARG CB 30 43.71 -65.21 -4.01
CA ARG CB 30 42.79 -64.24 -3.43
C ARG CB 30 42.60 -64.48 -1.94
N GLN CB 31 42.78 -65.72 -1.48
CA GLN CB 31 42.63 -66.01 -0.06
C GLN CB 31 43.89 -65.71 0.74
N LEU CB 32 45.00 -65.41 0.09
CA LEU CB 32 46.27 -65.15 0.75
C LEU CB 32 46.52 -63.66 0.85
N SER CB 33 47.67 -63.32 1.43
CA SER CB 33 48.06 -61.92 1.59
C SER CB 33 48.40 -61.31 0.24
N ALA CB 34 48.40 -59.97 0.20
CA ALA CB 34 48.79 -59.26 -1.00
C ALA CB 34 50.24 -59.55 -1.36
N LEU CB 35 51.12 -59.61 -0.36
CA LEU CB 35 52.52 -59.96 -0.55
C LEU CB 35 52.80 -61.25 0.21
N HIS CB 36 53.38 -62.22 -0.47
CA HIS CB 36 53.60 -63.53 0.13
C HIS CB 36 54.72 -64.23 -0.64
N ARG CB 37 55.59 -64.93 0.10
CA ARG CB 37 56.72 -65.61 -0.51
C ARG CB 37 56.26 -66.96 -1.05
N ALA CB 38 56.39 -67.17 -2.35
CA ALA CB 38 56.14 -68.48 -2.92
C ALA CB 38 57.24 -69.45 -2.49
N PRO CB 39 56.88 -70.71 -2.25
CA PRO CB 39 57.90 -71.68 -1.83
C PRO CB 39 58.77 -72.14 -2.99
N ARG CB 40 58.21 -72.11 -4.20
CA ARG CB 40 58.90 -72.56 -5.40
C ARG CB 40 58.22 -71.91 -6.60
N PRO CB 41 58.92 -71.76 -7.72
CA PRO CB 41 58.33 -71.08 -8.88
C PRO CB 41 57.15 -71.86 -9.44
N THR CB 42 55.99 -71.19 -9.49
CA THR CB 42 54.78 -71.82 -10.03
C THR CB 42 54.95 -72.16 -11.50
N ARG CB 43 55.59 -71.26 -12.25
CA ARG CB 43 55.92 -71.52 -13.64
C ARG CB 43 57.43 -71.72 -13.76
N PRO CB 44 57.92 -72.93 -13.51
CA PRO CB 44 59.38 -73.14 -13.52
C PRO CB 44 60.03 -72.86 -14.88
N ASP CB 45 59.34 -73.16 -15.97
CA ASP CB 45 59.92 -72.92 -17.29
C ASP CB 45 60.07 -71.43 -17.56
N LYS CB 46 59.06 -70.64 -17.19
CA LYS CB 46 59.13 -69.20 -17.41
C LYS CB 46 60.20 -68.57 -16.54
N ALA CB 47 60.34 -69.02 -15.29
CA ALA CB 47 61.32 -68.45 -14.39
C ALA CB 47 62.74 -68.64 -14.90
N ARG CB 48 63.11 -69.88 -15.23
CA ARG CB 48 64.45 -70.14 -15.73
C ARG CB 48 64.67 -69.49 -17.09
N ARG CB 49 63.59 -69.30 -17.86
CA ARG CB 49 63.70 -68.60 -19.13
C ARG CB 49 64.11 -67.15 -18.90
N LEU CB 50 63.56 -66.53 -17.86
CA LEU CB 50 63.98 -65.17 -17.51
C LEU CB 50 65.40 -65.16 -16.98
N GLY CB 51 65.82 -66.22 -16.29
CA GLY CB 51 67.15 -66.28 -15.73
C GLY CB 51 67.21 -66.84 -14.32
N TYR CB 52 66.06 -67.27 -13.79
CA TYR CB 52 66.03 -67.93 -12.50
C TYR CB 52 66.77 -69.25 -12.57
N LYS CB 53 67.35 -69.66 -11.44
CA LYS CB 53 68.04 -70.93 -11.36
C LYS CB 53 67.68 -71.61 -10.05
N ALA CB 54 67.48 -72.93 -10.11
CA ALA CB 54 67.09 -73.70 -8.93
C ALA CB 54 68.33 -73.95 -8.08
N LYS CB 55 68.74 -72.90 -7.36
CA LYS CB 55 69.86 -72.99 -6.44
C LYS CB 55 69.63 -72.00 -5.31
N GLN CB 56 70.25 -72.30 -4.16
CA GLN CB 56 70.07 -71.47 -2.98
C GLN CB 56 70.58 -70.06 -3.23
N GLY CB 57 69.79 -69.07 -2.84
CA GLY CB 57 70.02 -67.67 -3.19
C GLY CB 57 68.96 -67.09 -4.09
N TYR CB 58 68.13 -67.93 -4.71
CA TYR CB 58 67.00 -67.48 -5.52
C TYR CB 58 65.72 -67.72 -4.75
N VAL CB 59 64.90 -66.68 -4.60
CA VAL CB 59 63.61 -66.80 -3.94
C VAL CB 59 62.56 -66.11 -4.80
N ILE CB 60 61.31 -66.54 -4.61
CA ILE CB 60 60.19 -66.08 -5.42
C ILE CB 60 59.12 -65.50 -4.50
N TYR CB 61 58.68 -64.28 -4.81
CA TYR CB 61 57.64 -63.60 -4.05
C TYR CB 61 56.45 -63.35 -4.96
N ARG CB 62 55.25 -63.70 -4.48
CA ARG CB 62 54.02 -63.41 -5.20
C ARG CB 62 53.45 -62.09 -4.72
N ILE CB 63 53.08 -61.22 -5.67
CA ILE CB 63 52.54 -59.90 -5.36
C ILE CB 63 51.16 -59.79 -5.96
N ARG CB 64 50.20 -59.35 -5.15
CA ARG CB 64 48.84 -59.09 -5.60
C ARG CB 64 48.64 -57.58 -5.69
N VAL CB 65 48.34 -57.08 -6.88
CA VAL CB 65 48.13 -55.66 -7.09
C VAL CB 65 46.75 -55.45 -7.69
N ARG CB 66 46.20 -54.27 -7.43
CA ARG CB 66 44.87 -53.91 -7.91
C ARG CB 66 44.93 -53.38 -9.32
N ARG CB 67 43.97 -53.77 -10.15
CA ARG CB 67 43.89 -53.31 -11.52
C ARG CB 67 43.29 -51.92 -11.56
N GLY CB 68 43.01 -51.42 -12.77
CA GLY CB 68 42.38 -50.14 -12.95
C GLY CB 68 43.39 -49.03 -13.20
N GLY CB 69 42.84 -47.86 -13.53
CA GLY CB 69 43.65 -46.69 -13.79
C GLY CB 69 44.10 -46.02 -12.51
N ARG CB 70 44.65 -44.82 -12.67
CA ARG CB 70 45.18 -44.05 -11.55
C ARG CB 70 44.30 -42.82 -11.34
N LYS CB 71 43.43 -42.88 -10.35
CA LYS CB 71 42.63 -41.73 -9.99
C LYS CB 71 43.52 -40.66 -9.37
N ARG CB 72 43.39 -39.43 -9.85
CA ARG CB 72 44.28 -38.37 -9.41
C ARG CB 72 44.01 -38.02 -7.95
N PRO CB 73 45.03 -38.02 -7.09
CA PRO CB 73 44.81 -37.75 -5.67
C PRO CB 73 44.58 -36.27 -5.35
N VAL CB 74 43.37 -35.81 -5.62
CA VAL CB 74 42.97 -34.44 -5.31
C VAL CB 74 41.69 -34.48 -4.49
N PRO CB 75 41.47 -33.52 -3.59
CA PRO CB 75 40.23 -33.54 -2.80
C PRO CB 75 39.04 -33.16 -3.64
N LYS CB 76 38.02 -34.02 -3.63
CA LYS CB 76 36.72 -33.78 -4.26
C LYS CB 76 36.83 -33.54 -5.76
N GLY CB 77 37.90 -34.01 -6.39
CA GLY CB 77 38.10 -33.74 -7.79
C GLY CB 77 38.38 -32.29 -8.13
N ALA CB 78 38.88 -31.51 -7.17
CA ALA CB 78 39.14 -30.09 -7.36
C ALA CB 78 40.57 -29.93 -7.84
N THR CB 79 40.77 -30.12 -9.14
CA THR CB 79 42.06 -29.93 -9.78
C THR CB 79 42.18 -28.46 -10.15
N TYR CB 80 42.67 -27.65 -9.22
CA TYR CB 80 42.78 -26.21 -9.45
C TYR CB 80 43.78 -25.94 -10.57
N GLY CB 81 43.26 -25.55 -11.73
CA GLY CB 81 44.12 -25.29 -12.87
C GLY CB 81 43.27 -25.09 -14.12
N LYS CB 82 43.95 -25.02 -15.25
CA LYS CB 82 43.27 -24.88 -16.52
C LYS CB 82 42.49 -26.15 -16.84
N PRO CB 83 41.42 -26.05 -17.63
CA PRO CB 83 40.58 -27.23 -17.89
C PRO CB 83 41.29 -28.38 -18.57
N VAL CB 84 42.42 -28.13 -19.23
CA VAL CB 84 43.17 -29.22 -19.84
C VAL CB 84 43.73 -30.16 -18.79
N HIS CB 85 43.88 -29.69 -17.55
CA HIS CB 85 44.37 -30.52 -16.46
C HIS CB 85 43.25 -30.90 -15.49
N HIS CB 86 41.99 -30.71 -15.87
CA HIS CB 86 40.86 -31.03 -15.00
C HIS CB 86 40.63 -32.52 -14.84
N GLY CB 87 41.31 -33.36 -15.63
CA GLY CB 87 41.10 -34.79 -15.57
C GLY CB 87 41.39 -35.43 -14.23
N VAL CB 88 40.45 -36.23 -13.75
CA VAL CB 88 40.60 -36.99 -12.51
C VAL CB 88 40.48 -38.49 -12.77
N ASN CB 89 39.41 -38.91 -13.41
CA ASN CB 89 39.26 -40.29 -13.82
C ASN CB 89 39.88 -40.49 -15.20
N GLN CB 90 39.90 -41.75 -15.63
CA GLN CB 90 40.44 -42.16 -16.93
C GLN CB 90 41.92 -41.79 -17.08
N LEU CB 91 42.62 -41.54 -15.98
CA LEU CB 91 44.05 -41.29 -16.02
C LEU CB 91 44.79 -42.60 -15.85
N LYS CB 92 45.90 -42.74 -16.58
CA LYS CB 92 46.64 -43.99 -16.66
C LYS CB 92 48.05 -43.79 -16.14
N PHE CB 93 48.49 -44.70 -15.28
CA PHE CB 93 49.84 -44.64 -14.74
C PHE CB 93 50.87 -44.92 -15.83
N ALA CB 94 52.01 -44.23 -15.73
CA ALA CB 94 53.05 -44.37 -16.74
C ALA CB 94 53.68 -45.76 -16.72
N ARG CB 95 53.93 -46.30 -15.52
CA ARG CB 95 54.57 -47.60 -15.40
C ARG CB 95 53.52 -48.70 -15.34
N SER CB 96 53.87 -49.85 -15.93
CA SER CB 96 52.95 -50.98 -15.98
C SER CB 96 52.75 -51.57 -14.59
N LEU CB 97 51.66 -52.32 -14.44
CA LEU CB 97 51.36 -52.95 -13.15
C LEU CB 97 52.44 -53.95 -12.75
N GLN CB 98 53.09 -54.58 -13.73
CA GLN CB 98 54.18 -55.51 -13.42
C GLN CB 98 55.33 -54.78 -12.76
N SER CB 99 55.63 -53.56 -13.22
CA SER CB 99 56.67 -52.76 -12.59
C SER CB 99 56.30 -52.40 -11.16
N VAL CB 100 55.03 -52.08 -10.92
CA VAL CB 100 54.57 -51.76 -9.58
C VAL CB 100 54.70 -52.98 -8.67
N ALA CB 101 54.38 -54.17 -9.20
CA ALA CB 101 54.49 -55.38 -8.40
C ALA CB 101 55.94 -55.64 -8.01
N GLU CB 102 56.87 -55.42 -8.94
CA GLU CB 102 58.28 -55.56 -8.59
C GLU CB 102 58.71 -54.49 -7.59
N GLU CB 103 58.17 -53.28 -7.71
CA GLU CB 103 58.55 -52.20 -6.82
C GLU CB 103 58.13 -52.49 -5.38
N ARG CB 104 56.93 -53.04 -5.19
CA ARG CB 104 56.48 -53.40 -3.86
C ARG CB 104 57.34 -54.52 -3.26
N ALA CB 105 57.71 -55.50 -4.08
CA ALA CB 105 58.56 -56.58 -3.60
C ALA CB 105 59.94 -56.06 -3.19
N GLY CB 106 60.51 -55.18 -4.01
CA GLY CB 106 61.82 -54.62 -3.67
C GLY CB 106 61.77 -53.75 -2.43
N ARG CB 107 60.74 -52.90 -2.31
CA ARG CB 107 60.65 -52.00 -1.18
C ARG CB 107 60.39 -52.75 0.13
N HIS CB 108 59.66 -53.86 0.05
CA HIS CB 108 59.43 -54.67 1.25
C HIS CB 108 60.69 -55.43 1.65
N CYS CB 109 61.25 -56.21 0.73
CA CYS CB 109 62.48 -56.94 0.98
C CYS CB 109 63.66 -56.19 0.34
N GLY CB 110 64.10 -55.14 1.05
CA GLY CB 110 65.17 -54.31 0.54
C GLY CB 110 66.52 -54.98 0.52
N ALA CB 111 66.71 -56.03 1.31
CA ALA CB 111 68.00 -56.71 1.38
C ALA CB 111 68.29 -57.55 0.15
N LEU CB 112 67.30 -57.85 -0.67
CA LEU CB 112 67.48 -58.67 -1.86
C LEU CB 112 67.57 -57.78 -3.09
N ARG CB 113 67.76 -58.42 -4.24
CA ARG CB 113 67.81 -57.74 -5.53
C ARG CB 113 66.75 -58.32 -6.44
N VAL CB 114 66.00 -57.45 -7.12
CA VAL CB 114 64.94 -57.90 -8.01
C VAL CB 114 65.56 -58.30 -9.34
N LEU CB 115 65.28 -59.52 -9.78
CA LEU CB 115 65.80 -59.98 -11.07
C LEU CB 115 64.78 -59.75 -12.18
N ASN CB 116 63.61 -60.38 -12.07
CA ASN CB 116 62.53 -60.24 -13.04
C ASN CB 116 61.24 -60.72 -12.40
N SER CB 117 60.16 -60.73 -13.17
CA SER CB 117 58.86 -61.17 -12.70
C SER CB 117 58.03 -61.61 -13.90
N TYR CB 118 56.93 -62.31 -13.62
CA TYR CB 118 56.12 -62.87 -14.68
C TYR CB 118 54.68 -63.04 -14.20
N TRP CB 119 53.75 -62.89 -15.13
CA TRP CB 119 52.32 -63.04 -14.82
C TRP CB 119 52.02 -64.49 -14.45
N VAL CB 120 51.20 -64.67 -13.42
CA VAL CB 120 50.87 -65.99 -12.91
C VAL CB 120 49.37 -66.16 -12.80
N GLY CB 121 48.62 -65.10 -13.06
CA GLY CB 121 47.18 -65.12 -12.91
C GLY CB 121 46.65 -63.73 -12.65
N GLU CB 122 45.41 -63.51 -13.05
CA GLU CB 122 44.79 -62.21 -12.89
C GLU CB 122 43.30 -62.39 -12.62
N ASP CB 123 42.71 -61.37 -12.02
CA ASP CB 123 41.29 -61.36 -11.72
C ASP CB 123 40.65 -60.09 -12.25
N SER CB 124 39.39 -59.83 -11.88
CA SER CB 124 38.76 -58.59 -12.30
C SER CB 124 39.41 -57.39 -11.63
N THR CB 125 39.68 -57.49 -10.33
CA THR CB 125 40.22 -56.38 -9.56
C THR CB 125 41.61 -56.66 -9.00
N TYR CB 126 42.22 -57.79 -9.37
CA TYR CB 126 43.54 -58.15 -8.87
C TYR CB 126 44.38 -58.76 -9.97
N LYS CB 127 45.66 -58.41 -9.99
CA LYS CB 127 46.65 -59.04 -10.85
C LYS CB 127 47.74 -59.63 -9.97
N PHE CB 128 48.24 -60.80 -10.35
CA PHE CB 128 49.22 -61.54 -9.56
C PHE CB 128 50.48 -61.75 -10.38
N PHE CB 129 51.63 -61.47 -9.76
CA PHE CB 129 52.92 -61.66 -10.40
C PHE CB 129 53.87 -62.30 -9.40
N GLU CB 130 54.71 -63.21 -9.90
CA GLU CB 130 55.75 -63.82 -9.09
C GLU CB 130 57.09 -63.20 -9.47
N VAL CB 131 57.77 -62.62 -8.49
CA VAL CB 131 58.98 -61.85 -8.71
C VAL CB 131 60.18 -62.70 -8.29
N ILE CB 132 61.20 -62.73 -9.13
CA ILE CB 132 62.42 -63.46 -8.86
C ILE CB 132 63.37 -62.56 -8.09
N LEU CB 133 63.71 -62.96 -6.87
CA LEU CB 133 64.61 -62.20 -6.03
C LEU CB 133 65.90 -62.99 -5.81
N ILE CB 134 67.00 -62.25 -5.70
CA ILE CB 134 68.33 -62.84 -5.56
C ILE CB 134 68.99 -62.26 -4.32
N ASP CB 135 69.55 -63.14 -3.49
CA ASP CB 135 70.34 -62.69 -2.35
C ASP CB 135 71.71 -62.25 -2.84
N PRO CB 136 72.10 -61.00 -2.64
CA PRO CB 136 73.43 -60.55 -3.06
C PRO CB 136 74.56 -60.93 -2.11
N PHE CB 137 74.29 -61.74 -1.09
CA PHE CB 137 75.32 -62.13 -0.14
C PHE CB 137 75.34 -63.63 0.14
N HIS CB 138 74.49 -64.42 -0.51
CA HIS CB 138 74.60 -65.86 -0.38
C HIS CB 138 75.90 -66.33 -1.01
N LYS CB 139 76.56 -67.28 -0.35
CA LYS CB 139 77.91 -67.69 -0.76
C LYS CB 139 77.89 -68.34 -2.14
N ALA CB 140 76.84 -69.12 -2.42
CA ALA CB 140 76.75 -69.79 -3.72
C ALA CB 140 76.61 -68.78 -4.85
N ILE CB 141 75.76 -67.76 -4.66
CA ILE CB 141 75.59 -66.74 -5.68
C ILE CB 141 76.83 -65.86 -5.77
N ARG CB 142 77.40 -65.50 -4.62
CA ARG CB 142 78.54 -64.59 -4.60
C ARG CB 142 79.76 -65.21 -5.26
N ARG CB 143 80.03 -66.48 -4.99
CA ARG CB 143 81.18 -67.15 -5.58
C ARG CB 143 80.99 -67.43 -7.06
N ASN CB 144 79.77 -67.71 -7.48
CA ASN CB 144 79.51 -68.07 -8.86
C ASN CB 144 79.65 -66.86 -9.78
N PRO CB 145 80.49 -66.93 -10.83
CA PRO CB 145 80.51 -65.87 -11.83
C PRO CB 145 79.23 -65.88 -12.65
N ASP CB 146 79.05 -64.81 -13.44
CA ASP CB 146 77.86 -64.54 -14.23
C ASP CB 146 76.65 -64.22 -13.34
N THR CB 147 76.85 -64.31 -12.03
CA THR CB 147 75.92 -63.80 -11.04
C THR CB 147 76.59 -62.79 -10.12
N GLN CB 148 77.87 -62.52 -10.32
CA GLN CB 148 78.57 -61.53 -9.52
C GLN CB 148 78.06 -60.12 -9.81
N TRP CB 149 77.56 -59.89 -11.02
CA TRP CB 149 77.13 -58.56 -11.41
C TRP CB 149 75.95 -58.05 -10.59
N ILE CB 150 75.03 -58.94 -10.21
CA ILE CB 150 73.92 -58.50 -9.37
C ILE CB 150 74.40 -58.09 -8.00
N THR CB 151 75.58 -58.53 -7.58
CA THR CB 151 76.15 -58.12 -6.30
C THR CB 151 76.90 -56.80 -6.39
N LYS CB 152 77.06 -56.26 -7.59
CA LYS CB 152 77.72 -54.97 -7.73
C LYS CB 152 76.88 -53.88 -7.07
N PRO CB 153 77.52 -52.87 -6.47
CA PRO CB 153 76.75 -51.82 -5.78
C PRO CB 153 75.87 -50.99 -6.69
N VAL CB 154 76.15 -50.98 -8.00
CA VAL CB 154 75.35 -50.17 -8.91
C VAL CB 154 73.99 -50.82 -9.17
N HIS CB 155 73.90 -52.14 -9.02
CA HIS CB 155 72.71 -52.88 -9.42
C HIS CB 155 71.70 -53.06 -8.30
N LYS CB 156 71.90 -52.42 -7.15
CA LYS CB 156 70.91 -52.52 -6.08
C LYS CB 156 69.67 -51.72 -6.45
N HIS CB 157 68.50 -52.27 -6.11
CA HIS CB 157 67.20 -51.65 -6.36
C HIS CB 157 67.01 -51.34 -7.85
N ARG CB 158 67.13 -52.39 -8.67
CA ARG CB 158 66.88 -52.23 -10.10
C ARG CB 158 65.43 -51.87 -10.38
N GLU CB 159 64.51 -52.40 -9.59
CA GLU CB 159 63.08 -52.18 -9.83
C GLU CB 159 62.68 -50.72 -9.64
N MET CB 160 63.47 -49.94 -8.90
CA MET CB 160 63.13 -48.54 -8.67
C MET CB 160 63.77 -47.60 -9.68
N ARG CB 161 64.62 -48.13 -10.56
CA ARG CB 161 65.23 -47.33 -11.62
C ARG CB 161 64.81 -47.78 -13.01
N GLY CB 162 63.88 -48.74 -13.10
CA GLY CB 162 63.43 -49.22 -14.39
C GLY CB 162 64.48 -49.98 -15.18
N LEU CB 163 65.25 -50.84 -14.52
CA LEU CB 163 66.22 -51.69 -15.21
C LEU CB 163 65.71 -53.11 -15.43
N THR CB 164 64.65 -53.52 -14.75
CA THR CB 164 64.07 -54.84 -14.96
C THR CB 164 63.32 -54.86 -16.29
N SER CB 165 62.89 -56.06 -16.68
CA SER CB 165 62.17 -56.21 -17.95
C SER CB 165 60.86 -55.43 -17.93
N ALA CB 166 60.15 -55.44 -16.81
CA ALA CB 166 58.91 -54.69 -16.71
C ALA CB 166 59.17 -53.20 -16.66
N GLY CB 167 60.12 -52.77 -15.84
CA GLY CB 167 60.39 -51.34 -15.68
C GLY CB 167 61.03 -50.70 -16.88
N ARG CB 168 61.81 -51.45 -17.66
CA ARG CB 168 62.50 -50.87 -18.81
C ARG CB 168 61.55 -50.56 -19.95
N LYS CB 169 60.43 -51.29 -20.05
CA LYS CB 169 59.49 -51.05 -21.14
C LYS CB 169 58.87 -49.67 -21.05
N SER CB 170 58.54 -49.22 -19.83
CA SER CB 170 57.86 -47.94 -19.66
C SER CB 170 58.75 -46.75 -20.01
N ARG CB 171 60.07 -46.91 -19.96
CA ARG CB 171 60.95 -45.79 -20.26
C ARG CB 171 60.96 -45.40 -21.72
N GLY CB 172 60.43 -46.25 -22.60
CA GLY CB 172 60.48 -45.95 -24.02
C GLY CB 172 61.81 -46.18 -24.67
N LEU CB 173 62.68 -46.98 -24.06
CA LEU CB 173 63.97 -47.28 -24.66
C LEU CB 173 63.80 -48.16 -25.89
N GLY CB 174 64.75 -48.02 -26.81
CA GLY CB 174 64.73 -48.82 -28.03
C GLY CB 174 65.59 -48.19 -29.09
N LYS CB 175 65.63 -48.85 -30.24
CA LYS CB 175 66.43 -48.42 -31.37
C LYS CB 175 65.55 -48.05 -32.55
N GLY CB 176 65.89 -46.97 -33.22
CA GLY CB 176 65.29 -46.63 -34.49
C GLY CB 176 64.40 -45.41 -34.43
N HIS CB 177 63.63 -45.24 -35.50
CA HIS CB 177 62.76 -44.08 -35.67
C HIS CB 177 61.62 -44.04 -34.68
N LYS CB 178 61.33 -45.16 -34.01
CA LYS CB 178 60.24 -45.20 -33.04
C LYS CB 178 60.69 -44.84 -31.63
N PHE CB 179 61.95 -44.48 -31.43
CA PHE CB 179 62.49 -44.24 -30.11
C PHE CB 179 63.36 -43.00 -30.10
N HIS CB 180 62.90 -41.93 -30.75
CA HIS CB 180 63.65 -40.68 -30.75
C HIS CB 180 63.62 -39.99 -29.39
N HIS CB 181 62.69 -40.37 -28.51
CA HIS CB 181 62.58 -39.71 -27.22
C HIS CB 181 63.67 -40.14 -26.25
N THR CB 182 64.34 -41.27 -26.52
CA THR CB 182 65.33 -41.81 -25.60
C THR CB 182 66.73 -41.84 -26.20
N ILE CB 183 66.97 -41.09 -27.27
CA ILE CB 183 68.29 -41.02 -27.87
C ILE CB 183 69.20 -40.25 -26.92
N GLY CB 184 70.12 -40.94 -26.27
CA GLY CB 184 70.97 -40.35 -25.25
C GLY CB 184 70.91 -41.06 -23.91
N GLY CB 185 69.95 -41.96 -23.69
CA GLY CB 185 69.90 -42.70 -22.46
C GLY CB 185 68.53 -42.70 -21.80
N SER CB 186 67.84 -41.56 -21.85
CA SER CB 186 66.53 -41.43 -21.21
C SER CB 186 65.87 -40.19 -21.76
N ARG CB 187 64.60 -40.00 -21.38
CA ARG CB 187 63.87 -38.81 -21.77
C ARG CB 187 64.52 -37.56 -21.19
N ARG CB 188 64.98 -37.62 -19.95
CA ARG CB 188 65.67 -36.49 -19.33
C ARG CB 188 66.93 -36.14 -20.12
N ALA CB 189 67.72 -37.16 -20.48
CA ALA CB 189 68.95 -36.91 -21.21
C ALA CB 189 68.67 -36.30 -22.57
N ALA CB 190 67.68 -36.83 -23.29
CA ALA CB 190 67.34 -36.28 -24.59
C ALA CB 190 66.80 -34.86 -24.46
N TRP CB 191 65.94 -34.62 -23.48
CA TRP CB 191 65.40 -33.29 -23.27
C TRP CB 191 66.50 -32.30 -22.88
N ARG CB 192 67.39 -32.72 -21.97
CA ARG CB 192 68.48 -31.84 -21.56
C ARG CB 192 69.42 -31.54 -22.71
N ARG CB 193 69.79 -32.56 -23.48
CA ARG CB 193 70.71 -32.36 -24.60
C ARG CB 193 70.10 -31.48 -25.68
N ARG CB 194 68.80 -31.62 -25.92
CA ARG CB 194 68.14 -30.85 -26.96
C ARG CB 194 67.69 -29.47 -26.49
N ASN CB 195 67.79 -29.19 -25.20
CA ASN CB 195 67.39 -27.88 -24.68
C ASN CB 195 68.49 -27.21 -23.88
N THR CB 196 69.74 -27.64 -24.06
CA THR CB 196 70.87 -26.97 -23.43
C THR CB 196 71.50 -26.03 -24.46
N LEU CB 197 71.54 -24.74 -24.13
CA LEU CB 197 72.13 -23.76 -25.03
C LEU CB 197 73.65 -23.93 -25.04
N GLN CB 198 74.20 -24.30 -26.20
CA GLN CB 198 75.63 -24.45 -26.35
C GLN CB 198 76.25 -23.08 -26.64
N LEU CB 199 77.27 -22.71 -25.86
CA LEU CB 199 77.92 -21.42 -26.00
C LEU CB 199 79.43 -21.67 -25.95
N HIS CB 200 80.04 -21.77 -27.12
CA HIS CB 200 81.44 -22.11 -27.22
C HIS CB 200 82.32 -20.92 -26.85
N ARG CB 201 83.62 -21.18 -26.74
CA ARG CB 201 84.58 -20.11 -26.44
C ARG CB 201 84.59 -19.08 -27.56
N TYR CB 202 84.72 -19.52 -28.80
CA TYR CB 202 84.67 -18.66 -29.96
C TYR CB 202 83.30 -18.83 -30.61
N ARG CB 203 82.48 -17.78 -30.57
CA ARG CB 203 81.18 -17.82 -31.20
C ARG CB 203 81.17 -16.95 -32.46
N GLU DB 1 70.27 72.72 -7.42
CA GLU DB 1 71.31 73.50 -6.78
C GLU DB 1 71.76 72.83 -5.48
N VAL DB 2 72.71 73.46 -4.78
CA VAL DB 2 73.28 72.87 -3.58
C VAL DB 2 72.65 73.39 -2.30
N GLN DB 3 71.94 74.52 -2.35
CA GLN DB 3 71.28 75.06 -1.17
C GLN DB 3 69.92 74.39 -0.98
N VAL DB 4 69.25 74.76 0.10
CA VAL DB 4 67.93 74.21 0.41
C VAL DB 4 66.88 75.09 -0.25
N LEU DB 5 66.08 74.49 -1.13
CA LEU DB 5 65.04 75.20 -1.84
C LEU DB 5 63.78 75.24 -0.99
N VAL DB 6 63.21 76.44 -0.84
CA VAL DB 6 62.02 76.65 -0.03
C VAL DB 6 60.89 77.13 -0.93
N LEU DB 7 59.76 76.45 -0.89
CA LEU DB 7 58.64 76.73 -1.76
C LEU DB 7 57.40 77.03 -0.94
N ASP DB 8 56.71 78.13 -1.28
CA ASP DB 8 55.45 78.48 -0.65
C ASP DB 8 54.32 77.80 -1.42
N GLY DB 9 53.47 77.09 -0.68
CA GLY DB 9 52.41 76.33 -1.28
C GLY DB 9 51.13 77.09 -1.57
N ARG DB 10 51.11 78.39 -1.34
CA ARG DB 10 49.90 79.17 -1.54
C ARG DB 10 49.58 79.30 -3.03
N GLY DB 11 48.32 79.04 -3.39
CA GLY DB 11 47.91 79.14 -4.78
C GLY DB 11 48.58 78.14 -5.70
N HIS DB 12 48.86 76.94 -5.21
CA HIS DB 12 49.53 75.91 -6.00
C HIS DB 12 48.63 74.70 -6.12
N LEU DB 13 48.75 74.00 -7.25
CA LEU DB 13 48.02 72.77 -7.48
C LEU DB 13 48.77 71.59 -6.88
N LEU DB 14 48.04 70.70 -6.21
CA LEU DB 14 48.66 69.64 -5.42
C LEU DB 14 49.51 68.72 -6.29
N GLY DB 15 48.88 68.06 -7.26
CA GLY DB 15 49.61 67.14 -8.11
C GLY DB 15 50.68 67.82 -8.95
N ARG DB 16 50.38 69.03 -9.43
CA ARG DB 16 51.35 69.77 -10.23
C ARG DB 16 52.58 70.13 -9.40
N LEU DB 17 52.37 70.56 -8.15
CA LEU DB 17 53.49 70.92 -7.30
C LEU DB 17 54.28 69.69 -6.88
N ALA DB 18 53.59 68.60 -6.55
CA ALA DB 18 54.25 67.41 -6.03
C ALA DB 18 55.18 66.78 -7.07
N ALA DB 19 54.76 66.77 -8.34
CA ALA DB 19 55.57 66.15 -9.39
C ALA DB 19 56.89 66.89 -9.56
N ILE DB 20 56.87 68.22 -9.54
CA ILE DB 20 58.09 68.99 -9.69
C ILE DB 20 59.00 68.79 -8.49
N VAL DB 21 58.44 68.78 -7.29
CA VAL DB 21 59.24 68.61 -6.08
C VAL DB 21 59.83 67.20 -6.03
N ALA DB 22 59.04 66.20 -6.41
CA ALA DB 22 59.50 64.81 -6.33
C ALA DB 22 60.69 64.57 -7.24
N LYS DB 23 60.72 65.22 -8.41
CA LYS DB 23 61.91 65.15 -9.26
C LYS DB 23 63.11 65.80 -8.59
N GLN DB 24 62.88 66.93 -7.90
CA GLN DB 24 63.98 67.66 -7.28
C GLN DB 24 64.65 66.84 -6.19
N VAL DB 25 63.84 66.18 -5.34
CA VAL DB 25 64.42 65.45 -4.22
C VAL DB 25 65.15 64.21 -4.68
N LEU DB 26 64.81 63.68 -5.86
CA LEU DB 26 65.59 62.57 -6.40
C LEU DB 26 66.94 63.04 -6.93
N LEU DB 27 67.07 64.34 -7.23
CA LEU DB 27 68.30 64.90 -7.74
C LEU DB 27 69.23 65.38 -6.63
N GLY DB 28 69.05 64.91 -5.41
CA GLY DB 28 69.91 65.32 -4.30
C GLY DB 28 69.78 66.79 -3.95
N ARG DB 29 68.55 67.30 -3.94
CA ARG DB 29 68.28 68.69 -3.59
C ARG DB 29 67.29 68.72 -2.44
N LYS DB 30 67.68 69.33 -1.33
CA LYS DB 30 66.78 69.43 -0.19
C LYS DB 30 65.70 70.47 -0.48
N VAL DB 31 64.45 70.07 -0.28
CA VAL DB 31 63.30 70.92 -0.58
C VAL DB 31 62.46 71.03 0.69
N VAL DB 32 62.08 72.26 1.03
CA VAL DB 32 61.21 72.53 2.17
C VAL DB 32 59.98 73.26 1.66
N VAL DB 33 58.80 72.76 2.02
CA VAL DB 33 57.53 73.34 1.60
C VAL DB 33 56.78 73.80 2.83
N VAL DB 34 56.40 75.08 2.84
CA VAL DB 34 55.69 75.67 3.95
C VAL DB 34 54.32 76.11 3.45
N ARG DB 35 53.42 76.38 4.41
CA ARG DB 35 52.05 76.82 4.14
C ARG DB 35 51.33 75.82 3.25
N CYS DB 36 51.38 74.55 3.65
CA CYS DB 36 50.74 73.49 2.87
C CYS DB 36 49.22 73.65 2.84
N GLU DB 37 48.65 74.37 3.82
CA GLU DB 37 47.22 74.62 3.81
C GLU DB 37 46.78 75.49 2.65
N GLY DB 38 47.70 76.25 2.05
CA GLY DB 38 47.40 77.08 0.92
C GLY DB 38 47.41 76.39 -0.42
N ILE DB 39 47.72 75.09 -0.44
CA ILE DB 39 47.70 74.33 -1.68
C ILE DB 39 46.27 74.14 -2.14
N ASN DB 40 46.02 74.41 -3.42
CA ASN DB 40 44.69 74.27 -4.00
C ASN DB 40 44.62 73.01 -4.84
N ILE DB 41 43.42 72.44 -4.92
CA ILE DB 41 43.16 71.24 -5.71
C ILE DB 41 42.08 71.57 -6.73
N SER DB 42 42.32 71.22 -7.98
CA SER DB 42 41.33 71.45 -9.03
C SER DB 42 40.09 70.62 -8.78
N GLY DB 43 38.97 71.09 -9.31
CA GLY DB 43 37.69 70.48 -8.99
C GLY DB 43 37.03 71.14 -7.81
N ASN DB 44 35.70 71.10 -7.80
CA ASN DB 44 34.97 71.78 -6.74
C ASN DB 44 35.16 71.08 -5.40
N PHE DB 45 34.81 71.80 -4.34
CA PHE DB 45 35.17 71.35 -3.00
C PHE DB 45 34.47 70.04 -2.62
N TYR DB 46 33.19 69.90 -2.97
CA TYR DB 46 32.45 68.72 -2.56
C TYR DB 46 33.01 67.45 -3.20
N ARG DB 47 33.34 67.51 -4.49
CA ARG DB 47 33.92 66.35 -5.16
C ARG DB 47 35.28 65.99 -4.55
N ASN DB 48 36.08 67.01 -4.25
CA ASN DB 48 37.37 66.76 -3.61
C ASN DB 48 37.20 66.15 -2.23
N LYS DB 49 36.20 66.61 -1.48
CA LYS DB 49 35.92 66.01 -0.18
C LYS DB 49 35.47 64.56 -0.33
N LEU DB 50 34.66 64.28 -1.36
CA LEU DB 50 34.24 62.90 -1.59
C LEU DB 50 35.43 62.01 -1.92
N LYS DB 51 36.42 62.54 -2.64
CA LYS DB 51 37.60 61.77 -2.97
C LYS DB 51 38.34 61.34 -1.71
N TYR DB 52 38.49 62.25 -0.75
CA TYR DB 52 39.21 61.91 0.46
C TYR DB 52 38.38 61.02 1.39
N LEU DB 53 37.05 61.18 1.36
CA LEU DB 53 36.20 60.32 2.17
C LEU DB 53 36.25 58.88 1.69
N ALA DB 54 36.31 58.67 0.38
CA ALA DB 54 36.55 57.33 -0.15
C ALA DB 54 37.92 56.81 0.29
N PHE DB 55 38.93 57.70 0.30
CA PHE DB 55 40.25 57.32 0.78
C PHE DB 55 40.20 56.93 2.25
N LEU DB 56 39.37 57.62 3.04
CA LEU DB 56 39.22 57.28 4.45
C LEU DB 56 38.67 55.86 4.62
N ARG DB 57 37.74 55.47 3.75
CA ARG DB 57 37.09 54.17 3.88
C ARG DB 57 38.05 53.01 3.64
N LYS DB 58 39.11 53.24 2.87
CA LYS DB 58 40.07 52.18 2.56
C LYS DB 58 40.88 51.88 3.82
N ARG DB 59 40.51 50.81 4.51
CA ARG DB 59 41.23 50.39 5.70
C ARG DB 59 41.24 48.87 5.74
N MET DB 60 42.22 48.32 6.47
CA MET DB 60 42.30 46.88 6.62
C MET DB 60 41.15 46.38 7.47
N ASN DB 61 40.29 45.54 6.88
CA ASN DB 61 39.15 45.01 7.61
C ASN DB 61 39.58 44.15 8.78
N THR DB 62 40.68 43.42 8.62
CA THR DB 62 41.17 42.57 9.70
C THR DB 62 41.66 43.40 10.88
N ASN DB 63 42.51 44.39 10.61
CA ASN DB 63 43.10 45.22 11.67
C ASN DB 63 43.40 46.59 11.10
N PRO DB 64 42.53 47.58 11.36
CA PRO DB 64 42.77 48.92 10.83
C PRO DB 64 44.03 49.59 11.35
N SER DB 65 44.57 49.11 12.47
CA SER DB 65 45.81 49.69 12.98
C SER DB 65 46.96 49.48 12.02
N ARG DB 66 46.91 48.41 11.23
CA ARG DB 66 47.88 48.18 10.17
C ARG DB 66 47.44 48.74 8.84
N GLY DB 67 46.25 49.34 8.77
CA GLY DB 67 45.73 49.83 7.52
C GLY DB 67 46.44 51.10 7.08
N PRO DB 68 46.00 51.63 5.93
CA PRO DB 68 46.58 52.89 5.43
C PRO DB 68 46.42 54.02 6.44
N TYR DB 69 47.55 54.52 6.95
CA TYR DB 69 47.50 55.59 7.94
C TYR DB 69 47.00 56.87 7.26
N HIS DB 70 45.75 57.22 7.53
CA HIS DB 70 45.13 58.39 6.93
C HIS DB 70 45.61 59.63 7.67
N PHE DB 71 46.44 60.44 7.02
CA PHE DB 71 46.96 61.65 7.61
C PHE DB 71 46.01 62.80 7.36
N ARG DB 72 45.81 63.64 8.37
CA ARG DB 72 44.86 64.74 8.27
C ARG DB 72 45.51 66.11 8.20
N ALA DB 73 46.78 66.23 8.56
CA ALA DB 73 47.46 67.51 8.47
C ALA DB 73 47.74 67.85 7.01
N PRO DB 74 47.54 69.10 6.61
CA PRO DB 74 47.83 69.48 5.21
C PRO DB 74 49.27 69.23 4.81
N SER DB 75 50.22 69.41 5.74
CA SER DB 75 51.61 69.08 5.45
C SER DB 75 51.74 67.59 5.17
N ARG DB 76 51.10 66.76 5.98
CA ARG DB 76 51.20 65.32 5.79
C ARG DB 76 50.45 64.86 4.54
N ILE DB 77 49.35 65.53 4.20
CA ILE DB 77 48.62 65.19 2.98
C ILE DB 77 49.49 65.43 1.76
N PHE DB 78 50.15 66.59 1.70
CA PHE DB 78 51.10 66.85 0.63
C PHE DB 78 52.27 65.88 0.71
N TRP DB 79 52.70 65.54 1.93
CA TRP DB 79 53.81 64.60 2.10
C TRP DB 79 53.47 63.23 1.56
N ARG DB 80 52.25 62.74 1.81
CA ARG DB 80 51.86 61.43 1.32
C ARG DB 80 51.75 61.41 -0.19
N THR DB 81 51.30 62.52 -0.79
CA THR DB 81 51.19 62.60 -2.24
C THR DB 81 52.54 62.45 -2.91
N VAL DB 82 53.57 63.11 -2.37
CA VAL DB 82 54.91 63.02 -2.92
C VAL DB 82 55.44 61.60 -2.76
N ARG DB 83 55.12 60.95 -1.65
CA ARG DB 83 55.56 59.57 -1.43
C ARG DB 83 55.03 58.65 -2.51
N GLY DB 84 53.81 58.90 -2.99
CA GLY DB 84 53.27 58.10 -4.07
C GLY DB 84 54.07 58.26 -5.36
N MET DB 85 54.56 59.48 -5.61
CA MET DB 85 55.34 59.74 -6.82
C MET DB 85 56.78 59.28 -6.70
N LEU DB 86 57.20 58.79 -5.55
CA LEU DB 86 58.56 58.38 -5.33
C LEU DB 86 58.64 56.88 -5.07
N PRO DB 87 59.76 56.24 -5.41
CA PRO DB 87 59.91 54.81 -5.08
C PRO DB 87 60.27 54.61 -3.61
N HIS DB 88 59.30 54.90 -2.74
CA HIS DB 88 59.55 54.94 -1.31
C HIS DB 88 59.88 53.57 -0.72
N LYS DB 89 59.59 52.49 -1.43
CA LYS DB 89 59.92 51.16 -0.94
C LYS DB 89 61.37 50.78 -1.19
N THR DB 90 62.20 51.73 -1.62
CA THR DB 90 63.61 51.51 -1.86
C THR DB 90 64.43 52.37 -0.91
N LYS DB 91 65.72 52.02 -0.81
CA LYS DB 91 66.63 52.85 -0.02
C LYS DB 91 66.79 54.23 -0.63
N ARG DB 92 66.88 54.31 -1.95
CA ARG DB 92 66.99 55.59 -2.62
C ARG DB 92 65.75 56.45 -2.40
N GLY DB 93 64.56 55.83 -2.46
CA GLY DB 93 63.34 56.58 -2.25
C GLY DB 93 63.22 57.13 -0.84
N GLN DB 94 63.59 56.33 0.15
CA GLN DB 94 63.58 56.81 1.52
C GLN DB 94 64.59 57.94 1.71
N ALA DB 95 65.77 57.81 1.10
CA ALA DB 95 66.74 58.90 1.13
C ALA DB 95 66.19 60.13 0.42
N ALA DB 96 65.50 59.93 -0.71
CA ALA DB 96 64.86 61.04 -1.40
C ALA DB 96 63.77 61.67 -0.54
N LEU DB 97 62.99 60.83 0.15
CA LEU DB 97 61.94 61.36 1.02
C LEU DB 97 62.52 62.10 2.21
N ASP DB 98 63.71 61.71 2.67
CA ASP DB 98 64.32 62.39 3.81
C ASP DB 98 64.85 63.76 3.42
N ARG DB 99 65.01 64.02 2.13
CA ARG DB 99 65.42 65.35 1.72
C ARG DB 99 64.27 66.30 1.59
N LEU DB 100 63.04 65.85 1.87
CA LEU DB 100 61.85 66.68 1.79
C LEU DB 100 61.32 66.95 3.19
N LYS DB 101 61.03 68.22 3.46
CA LYS DB 101 60.40 68.63 4.71
C LYS DB 101 59.16 69.44 4.38
N VAL DB 102 58.08 69.20 5.10
CA VAL DB 102 56.82 69.90 4.89
C VAL DB 102 56.41 70.56 6.20
N PHE DB 103 55.70 71.68 6.08
CA PHE DB 103 55.26 72.43 7.24
C PHE DB 103 53.92 73.07 6.94
N ASP DB 104 53.18 73.35 8.01
CA ASP DB 104 51.94 74.10 7.94
C ASP DB 104 52.18 75.50 8.49
N GLY DB 105 51.80 76.50 7.72
CA GLY DB 105 52.25 77.83 8.09
C GLY DB 105 53.74 77.96 7.81
N ILE DB 106 54.36 78.95 8.44
CA ILE DB 106 55.78 79.17 8.26
C ILE DB 106 56.49 79.13 9.61
N PRO DB 107 57.28 78.10 9.89
CA PRO DB 107 58.02 78.04 11.15
C PRO DB 107 59.14 79.05 11.18
N PRO DB 108 59.64 79.39 12.36
CA PRO DB 108 60.74 80.38 12.48
C PRO DB 108 62.04 79.95 11.80
N PRO DB 109 62.29 78.66 11.55
CA PRO DB 109 63.43 78.34 10.67
C PRO DB 109 63.33 78.92 9.27
N TYR DB 110 62.12 79.24 8.79
CA TYR DB 110 61.96 79.78 7.45
C TYR DB 110 61.12 81.06 7.40
N ASP DB 111 60.74 81.63 8.53
CA ASP DB 111 59.94 82.85 8.49
C ASP DB 111 60.76 84.04 8.01
N LYS DB 112 62.06 84.07 8.31
CA LYS DB 112 62.91 85.16 7.90
C LYS DB 112 63.55 84.95 6.54
N LYS DB 113 63.17 83.91 5.81
CA LYS DB 113 63.81 83.56 4.55
C LYS DB 113 62.82 83.65 3.40
N LYS DB 114 63.29 84.20 2.27
CA LYS DB 114 62.45 84.39 1.11
C LYS DB 114 62.07 83.05 0.48
N ARG DB 115 60.82 82.96 0.03
CA ARG DB 115 60.25 81.70 -0.45
C ARG DB 115 60.17 81.70 -1.97
N MET DB 116 60.67 80.63 -2.59
CA MET DB 116 60.56 80.46 -4.03
C MET DB 116 59.16 79.97 -4.39
N VAL DB 117 58.81 80.14 -5.66
CA VAL DB 117 57.51 79.74 -6.18
C VAL DB 117 57.71 79.10 -7.54
N VAL DB 118 57.01 77.99 -7.80
CA VAL DB 118 57.07 77.30 -9.07
C VAL DB 118 55.97 77.86 -9.96
N PRO DB 119 56.31 78.58 -11.03
CA PRO DB 119 55.26 79.05 -11.95
C PRO DB 119 54.51 77.91 -12.63
N ALA DB 120 55.18 76.81 -12.93
CA ALA DB 120 54.57 75.73 -13.69
C ALA DB 120 53.50 74.99 -12.92
N ALA DB 121 53.39 75.20 -11.61
CA ALA DB 121 52.40 74.52 -10.78
C ALA DB 121 51.49 75.51 -10.08
N LEU DB 122 51.28 76.68 -10.68
CA LEU DB 122 50.50 77.74 -10.05
C LEU DB 122 49.04 77.66 -10.49
N LYS DB 123 48.15 77.93 -9.54
CA LYS DB 123 46.72 77.88 -9.82
C LYS DB 123 46.31 78.92 -10.84
N VAL DB 124 46.89 80.12 -10.76
CA VAL DB 124 46.48 81.22 -11.62
C VAL DB 124 46.83 80.96 -13.08
N VAL DB 125 47.82 80.11 -13.36
CA VAL DB 125 48.27 79.89 -14.72
C VAL DB 125 47.86 78.53 -15.27
N ARG DB 126 47.79 77.49 -14.45
CA ARG DB 126 47.49 76.15 -14.92
C ARG DB 126 46.02 75.79 -14.78
N LEU DB 127 45.18 76.72 -14.36
CA LEU DB 127 43.75 76.48 -14.20
C LEU DB 127 42.99 77.60 -14.90
N LYS DB 128 41.92 77.23 -15.60
CA LYS DB 128 41.10 78.23 -16.28
C LYS DB 128 40.36 79.07 -15.25
N PRO DB 129 40.13 80.35 -15.52
CA PRO DB 129 39.55 81.23 -14.50
C PRO DB 129 38.16 80.83 -14.03
N THR DB 130 37.36 80.19 -14.89
CA THR DB 130 36.00 79.84 -14.56
C THR DB 130 35.88 78.47 -13.89
N ARG DB 131 36.99 77.83 -13.58
CA ARG DB 131 36.97 76.49 -13.03
C ARG DB 131 36.94 76.54 -11.50
N LYS DB 132 36.34 75.50 -10.91
CA LYS DB 132 36.16 75.44 -9.47
C LYS DB 132 37.35 74.73 -8.82
N PHE DB 133 37.81 75.27 -7.70
CA PHE DB 133 38.93 74.70 -6.97
C PHE DB 133 38.58 74.67 -5.48
N ALA DB 134 39.38 73.92 -4.73
CA ALA DB 134 39.16 73.76 -3.30
C ALA DB 134 40.45 74.08 -2.55
N TYR DB 135 40.29 74.47 -1.29
CA TYR DB 135 41.42 74.81 -0.43
C TYR DB 135 41.74 73.61 0.45
N LEU DB 136 43.02 73.22 0.45
CA LEU DB 136 43.43 72.08 1.26
C LEU DB 136 43.22 72.34 2.75
N GLY DB 137 43.43 73.59 3.18
CA GLY DB 137 43.21 73.92 4.57
C GLY DB 137 41.77 73.70 5.00
N ARG DB 138 40.82 74.16 4.19
CA ARG DB 138 39.41 73.91 4.49
C ARG DB 138 39.08 72.43 4.39
N LEU DB 139 39.65 71.74 3.40
CA LEU DB 139 39.40 70.31 3.26
C LEU DB 139 39.95 69.54 4.45
N ALA DB 140 41.16 69.89 4.90
CA ALA DB 140 41.73 69.23 6.07
C ALA DB 140 40.90 69.51 7.31
N HIS DB 141 40.43 70.74 7.47
CA HIS DB 141 39.63 71.10 8.64
C HIS DB 141 38.34 70.29 8.69
N GLU DB 142 37.71 70.07 7.55
CA GLU DB 142 36.43 69.37 7.52
C GLU DB 142 36.58 67.86 7.53
N VAL DB 143 37.80 67.34 7.44
CA VAL DB 143 37.99 65.89 7.46
C VAL DB 143 38.58 65.42 8.79
N GLY DB 144 39.12 66.33 9.60
CA GLY DB 144 39.66 65.91 10.88
C GLY DB 144 40.87 66.67 11.40
N TRP DB 145 41.44 67.57 10.60
CA TRP DB 145 42.52 68.40 11.09
C TRP DB 145 42.02 69.31 12.21
N LYS DB 146 42.85 69.46 13.24
CA LYS DB 146 42.44 70.12 14.47
C LYS DB 146 43.19 71.42 14.71
N TYR DB 147 43.92 71.93 13.72
CA TYR DB 147 44.80 73.06 13.96
C TYR DB 147 44.63 74.14 12.89
N GLN DB 148 43.47 74.15 12.23
CA GLN DB 148 43.17 75.23 11.30
C GLN DB 148 43.01 76.55 12.05
N ALA DB 149 42.39 76.51 13.23
CA ALA DB 149 42.14 77.74 13.98
C ALA DB 149 43.44 78.36 14.49
N VAL DB 150 44.30 77.56 15.12
CA VAL DB 150 45.53 78.09 15.70
C VAL DB 150 46.47 78.58 14.60
N THR DB 151 46.47 77.88 13.45
CA THR DB 151 47.33 78.29 12.34
C THR DB 151 46.94 79.67 11.83
N ALA DB 152 45.65 79.94 11.72
CA ALA DB 152 45.19 81.24 11.22
C ALA DB 152 45.62 82.37 12.15
N THR DB 153 45.46 82.17 13.46
CA THR DB 153 45.89 83.18 14.42
C THR DB 153 47.40 83.33 14.41
N LEU DB 154 48.14 82.21 14.34
CA LEU DB 154 49.59 82.29 14.28
C LEU DB 154 50.06 82.96 13.01
N GLU DB 155 49.43 82.64 11.88
CA GLU DB 155 49.78 83.29 10.63
C GLU DB 155 49.43 84.77 10.66
N GLU DB 156 48.40 85.15 11.42
CA GLU DB 156 48.08 86.55 11.60
C GLU DB 156 49.24 87.28 12.29
N LYS DB 157 49.85 86.64 13.27
CA LYS DB 157 51.00 87.22 13.95
C LYS DB 157 52.17 87.40 12.99
N ARG DB 158 52.43 86.40 12.15
CA ARG DB 158 53.59 86.44 11.26
C ARG DB 158 53.45 87.54 10.22
N LYS DB 159 52.24 87.73 9.70
CA LYS DB 159 52.03 88.78 8.70
C LYS DB 159 52.31 90.16 9.28
N GLU DB 160 51.88 90.40 10.53
CA GLU DB 160 52.12 91.69 11.16
C GLU DB 160 53.61 91.95 11.32
N LYS DB 161 54.35 90.95 11.80
CA LYS DB 161 55.79 91.13 11.97
C LYS DB 161 56.49 91.23 10.62
N ALA DB 162 55.94 90.58 9.59
CA ALA DB 162 56.49 90.73 8.25
C ALA DB 162 56.27 92.12 7.70
N LYS DB 163 55.08 92.68 7.93
CA LYS DB 163 54.77 94.02 7.41
C LYS DB 163 55.69 95.07 8.02
N ILE DB 164 55.92 94.99 9.33
CA ILE DB 164 56.82 95.94 9.98
C ILE DB 164 58.23 95.78 9.45
N HIS DB 165 58.67 94.54 9.25
CA HIS DB 165 59.96 94.31 8.60
C HIS DB 165 59.97 94.87 7.18
N TYR DB 166 58.87 94.68 6.44
CA TYR DB 166 58.79 95.19 5.08
C TYR DB 166 58.86 96.71 5.06
N ARG DB 167 58.08 97.38 5.92
CA ARG DB 167 58.02 98.83 5.88
C ARG DB 167 59.37 99.45 6.26
N LYS DB 168 60.11 98.78 7.15
CA LYS DB 168 61.48 99.23 7.41
C LYS DB 168 62.34 99.09 6.17
N LYS DB 169 62.16 98.02 5.40
CA LYS DB 169 62.93 97.83 4.18
C LYS DB 169 62.56 98.87 3.14
N LYS DB 170 61.29 99.28 3.09
CA LYS DB 170 60.90 100.37 2.22
C LYS DB 170 61.62 101.66 2.59
N GLN DB 171 61.70 101.94 3.89
CA GLN DB 171 62.35 103.17 4.34
C GLN DB 171 63.83 103.16 3.97
N LEU DB 172 64.48 101.99 4.06
CA LEU DB 172 65.85 101.88 3.57
C LEU DB 172 65.91 102.09 2.07
N MET DB 173 64.99 101.48 1.32
CA MET DB 173 64.96 101.67 -0.12
C MET DB 173 64.63 103.12 -0.47
N ARG DB 174 63.68 103.72 0.26
CA ARG DB 174 63.39 105.13 0.08
C ARG DB 174 64.59 105.99 0.42
N LEU DB 175 65.30 105.64 1.50
CA LEU DB 175 66.52 106.35 1.85
C LEU DB 175 67.58 106.19 0.76
N ARG DB 176 67.71 104.99 0.20
CA ARG DB 176 68.73 104.74 -0.81
C ARG DB 176 68.50 105.59 -2.05
N LYS DB 177 67.25 105.65 -2.53
CA LYS DB 177 66.97 106.38 -3.76
C LYS DB 177 67.29 107.87 -3.62
N GLN DB 178 66.93 108.46 -2.48
CA GLN DB 178 67.32 109.85 -2.22
C GLN DB 178 68.82 109.96 -2.03
N ALA DB 179 69.45 108.96 -1.39
CA ALA DB 179 70.89 108.99 -1.18
C ALA DB 179 71.64 108.97 -2.51
N GLU DB 180 71.16 108.19 -3.47
CA GLU DB 180 71.80 108.13 -4.79
C GLU DB 180 71.76 109.49 -5.47
N LYS DB 181 70.73 110.28 -5.20
CA LYS DB 181 70.65 111.63 -5.76
C LYS DB 181 71.76 112.52 -5.20
N ASN DB 182 72.07 112.39 -3.91
CA ASN DB 182 73.08 113.24 -3.30
C ASN DB 182 74.48 112.89 -3.79
N VAL DB 183 74.80 111.60 -3.87
CA VAL DB 183 76.06 111.15 -4.47
C VAL DB 183 75.81 110.97 -5.96
N GLU DB 184 75.90 112.06 -6.69
CA GLU DB 184 75.65 112.08 -8.12
C GLU DB 184 76.85 112.54 -8.92
N LYS DB 185 77.57 113.56 -8.43
CA LYS DB 185 78.73 114.07 -9.13
C LYS DB 185 79.84 113.01 -9.20
N LYS DB 186 80.00 112.23 -8.14
CA LYS DB 186 81.09 111.27 -8.02
C LYS DB 186 80.64 109.84 -8.31
N ILE DB 187 79.46 109.65 -8.88
CA ILE DB 187 78.92 108.31 -9.10
C ILE DB 187 78.64 108.12 -10.58
N ASP DB 188 78.40 109.23 -11.29
CA ASP DB 188 78.01 109.16 -12.70
C ASP DB 188 79.06 108.46 -13.56
N LYS DB 189 80.33 108.53 -13.16
CA LYS DB 189 81.38 107.87 -13.93
C LYS DB 189 81.18 106.36 -13.92
N TYR DB 190 80.96 105.77 -12.75
CA TYR DB 190 80.69 104.34 -12.66
C TYR DB 190 79.33 103.98 -13.24
N THR DB 191 78.33 104.85 -13.04
CA THR DB 191 76.99 104.58 -13.56
C THR DB 191 76.99 104.52 -15.08
N GLU DB 192 77.72 105.43 -15.72
CA GLU DB 192 77.78 105.43 -17.18
C GLU DB 192 78.43 104.15 -17.71
N VAL DB 193 79.37 103.59 -16.96
CA VAL DB 193 79.97 102.32 -17.35
C VAL DB 193 78.91 101.22 -17.38
N LEU DB 194 78.04 101.20 -16.36
CA LEU DB 194 76.96 100.22 -16.34
C LEU DB 194 75.99 100.45 -17.49
N LYS DB 195 75.72 101.72 -17.82
CA LYS DB 195 74.85 102.03 -18.96
C LYS DB 195 75.42 101.43 -20.25
N THR DB 196 76.74 101.49 -20.41
CA THR DB 196 77.35 100.93 -21.60
C THR DB 196 77.28 99.41 -21.62
N HIS DB 197 77.15 98.78 -20.46
CA HIS DB 197 77.22 97.33 -20.36
C HIS DB 197 75.93 96.71 -19.83
N GLY DB 198 74.79 97.32 -20.14
CA GLY DB 198 73.50 96.71 -19.85
C GLY DB 198 72.88 96.98 -18.51
N LEU DB 199 73.63 96.79 -17.43
CA LEU DB 199 73.08 96.94 -16.10
C LEU DB 199 72.72 98.40 -15.83
N LEU DB 200 71.74 98.59 -14.93
CA LEU DB 200 71.31 99.91 -14.48
C LEU DB 200 70.83 100.77 -15.66
N VAL DB 201 69.71 100.32 -16.22
CA VAL DB 201 69.05 101.01 -17.33
C VAL DB 201 68.80 102.48 -16.98
N VAL EB 1 96.84 18.10 25.13
CA VAL EB 1 95.65 18.02 24.29
C VAL EB 1 95.37 19.39 23.70
N ARG EB 2 94.81 19.42 22.49
CA ARG EB 2 94.59 20.66 21.77
C ARG EB 2 93.48 21.48 22.41
N TYR EB 3 93.82 22.70 22.82
CA TYR EB 3 92.83 23.68 23.26
C TYR EB 3 92.60 24.69 22.15
N SER EB 4 91.34 24.89 21.77
CA SER EB 4 91.03 25.97 20.86
C SER EB 4 91.32 27.31 21.52
N LEU EB 5 91.79 28.27 20.71
CA LEU EB 5 92.15 29.60 21.16
C LEU EB 5 93.26 29.53 22.23
N ASP EB 6 94.43 29.08 21.78
CA ASP EB 6 95.57 28.98 22.67
C ASP EB 6 95.92 30.36 23.24
N PRO EB 7 96.30 30.43 24.52
CA PRO EB 7 96.60 31.73 25.11
C PRO EB 7 97.83 32.36 24.47
N GLU EB 8 97.85 33.70 24.47
CA GLU EB 8 98.96 34.43 23.87
C GLU EB 8 100.27 34.17 24.59
N ASN EB 9 100.22 33.76 25.86
CA ASN EB 9 101.42 33.35 26.58
C ASN EB 9 101.06 32.35 27.66
N PRO EB 10 101.53 31.12 27.55
CA PRO EB 10 101.24 30.09 28.56
C PRO EB 10 102.16 30.17 29.79
N THR EB 11 102.35 31.38 30.28
CA THR EB 11 103.07 31.62 31.53
C THR EB 11 102.22 32.31 32.57
N LYS EB 12 101.46 33.33 32.17
CA LYS EB 12 100.45 33.95 33.01
C LYS EB 12 99.08 33.36 32.76
N SER EB 13 99.02 32.12 32.29
CA SER EB 13 97.78 31.49 31.86
C SER EB 13 97.68 30.08 32.42
N CYS EB 14 96.46 29.69 32.81
CA CYS EB 14 96.17 28.34 33.21
C CYS EB 14 94.86 27.91 32.56
N LYS EB 15 94.70 26.60 32.39
CA LYS EB 15 93.55 26.08 31.66
C LYS EB 15 93.16 24.73 32.21
N SER EB 16 91.89 24.37 31.96
CA SER EB 16 91.35 23.08 32.37
C SER EB 16 90.22 22.73 31.42
N ARG EB 17 89.87 21.44 31.39
CA ARG EB 17 88.85 20.96 30.47
C ARG EB 17 88.07 19.81 31.12
N GLY EB 18 86.99 19.43 30.45
CA GLY EB 18 86.23 18.26 30.83
C GLY EB 18 85.49 17.71 29.64
N SER EB 19 85.32 16.39 29.62
CA SER EB 19 84.72 15.71 28.48
C SER EB 19 83.56 14.84 28.92
N ASN EB 20 82.54 14.79 28.05
CA ASN EB 20 81.40 13.87 28.20
C ASN EB 20 80.64 14.11 29.50
N LEU EB 21 80.64 15.35 30.00
CA LEU EB 21 79.96 15.64 31.25
C LEU EB 21 78.45 15.58 31.07
N ARG EB 22 77.77 15.01 32.06
CA ARG EB 22 76.33 14.76 31.98
C ARG EB 22 75.54 15.99 32.41
N VAL EB 23 75.66 17.05 31.62
CA VAL EB 23 74.89 18.26 31.81
C VAL EB 23 74.27 18.65 30.48
N HIS EB 24 73.13 19.32 30.54
CA HIS EB 24 72.45 19.75 29.33
C HIS EB 24 73.29 20.80 28.61
N PHE EB 25 73.48 20.60 27.30
CA PHE EB 25 74.39 21.45 26.55
C PHE EB 25 73.86 22.88 26.43
N LYS EB 26 72.56 23.05 26.17
CA LYS EB 26 72.00 24.39 26.03
C LYS EB 26 72.09 25.15 27.35
N ASN EB 27 71.77 24.49 28.46
CA ASN EB 27 71.90 25.14 29.77
C ASN EB 27 73.35 25.47 30.06
N THR EB 28 74.27 24.56 29.69
CA THR EB 28 75.68 24.82 29.90
C THR EB 28 76.17 25.96 29.00
N ARG EB 29 75.67 26.00 27.76
CA ARG EB 29 76.15 27.01 26.81
C ARG EB 29 75.78 28.42 27.27
N GLU EB 30 74.52 28.63 27.63
CA GLU EB 30 74.10 29.95 28.10
C GLU EB 30 74.82 30.32 29.38
N THR EB 31 75.00 29.37 30.28
CA THR EB 31 75.72 29.63 31.53
C THR EB 31 77.16 30.03 31.26
N ALA EB 32 77.82 29.34 30.33
CA ALA EB 32 79.21 29.64 30.02
C ALA EB 32 79.35 31.05 29.45
N GLN EB 33 78.44 31.43 28.55
CA GLN EB 33 78.49 32.76 27.96
C GLN EB 33 78.26 33.84 29.02
N ALA EB 34 77.40 33.55 30.01
CA ALA EB 34 77.13 34.52 31.05
C ALA EB 34 78.38 34.81 31.89
N ILE EB 35 79.16 33.78 32.19
CA ILE EB 35 80.33 33.94 33.05
C ILE EB 35 81.60 34.27 32.30
N LYS EB 36 81.57 34.28 30.97
CA LYS EB 36 82.77 34.57 30.19
C LYS EB 36 83.22 36.01 30.40
N GLY EB 37 84.52 36.21 30.53
CA GLY EB 37 85.08 37.52 30.76
C GLY EB 37 85.02 38.00 32.19
N MET EB 38 84.51 37.19 33.11
CA MET EB 38 84.39 37.59 34.50
C MET EB 38 85.63 37.22 35.29
N HIS EB 39 85.86 37.97 36.37
CA HIS EB 39 86.91 37.61 37.31
C HIS EB 39 86.53 36.33 38.05
N ILE EB 40 87.56 35.58 38.45
CA ILE EB 40 87.33 34.26 39.04
C ILE EB 40 86.58 34.37 40.35
N ARG EB 41 86.92 35.37 41.18
CA ARG EB 41 86.16 35.59 42.41
C ARG EB 41 84.72 35.97 42.10
N LYS EB 42 84.51 36.84 41.10
CA LYS EB 42 83.16 37.25 40.75
C LYS EB 42 82.34 36.07 40.26
N ALA EB 43 82.93 35.21 39.42
CA ALA EB 43 82.20 34.05 38.91
C ALA EB 43 81.89 33.06 40.01
N THR EB 44 82.83 32.87 40.95
CA THR EB 44 82.60 31.94 42.06
C THR EB 44 81.43 32.40 42.91
N LYS EB 45 81.36 33.71 43.20
CA LYS EB 45 80.19 34.25 43.87
C LYS EB 45 78.95 34.13 43.00
N TYR EB 46 79.10 34.43 41.71
CA TYR EB 46 77.95 34.44 40.81
C TYR EB 46 77.34 33.06 40.64
N LEU EB 47 78.19 32.04 40.49
CA LEU EB 47 77.69 30.67 40.31
C LEU EB 47 76.94 30.20 41.54
N LYS EB 48 77.44 30.51 42.74
CA LYS EB 48 76.74 30.15 43.96
C LYS EB 48 75.39 30.84 44.04
N ASP EB 49 75.31 32.09 43.57
CA ASP EB 49 74.04 32.79 43.56
C ASP EB 49 73.04 32.14 42.62
N VAL EB 50 73.53 31.55 41.52
CA VAL EB 50 72.65 30.81 40.63
C VAL EB 50 72.04 29.62 41.34
N THR EB 51 72.86 28.90 42.11
CA THR EB 51 72.34 27.78 42.89
C THR EB 51 71.32 28.27 43.93
N LEU EB 52 71.58 29.42 44.53
CA LEU EB 52 70.66 29.99 45.51
C LEU EB 52 69.50 30.74 44.87
N GLN EB 53 69.44 30.77 43.53
CA GLN EB 53 68.37 31.45 42.80
C GLN EB 53 68.29 32.93 43.17
N LYS EB 54 69.44 33.57 43.32
CA LYS EB 54 69.51 35.00 43.57
C LYS EB 54 70.02 35.79 42.38
N GLN EB 55 70.90 35.21 41.56
CA GLN EB 55 71.32 35.81 40.30
C GLN EB 55 71.03 34.81 39.18
N CYS EB 56 70.34 35.27 38.15
CA CYS EB 56 69.95 34.41 37.05
C CYS EB 56 70.92 34.54 35.89
N VAL EB 57 70.95 33.51 35.05
CA VAL EB 57 71.72 33.55 33.81
C VAL EB 57 70.77 33.93 32.69
N PRO EB 58 71.20 34.71 31.71
CA PRO EB 58 70.31 35.05 30.60
C PRO EB 58 70.34 34.00 29.50
N PHE EB 59 69.18 33.45 29.17
CA PHE EB 59 69.06 32.50 28.07
C PHE EB 59 68.89 33.30 26.79
N ARG EB 60 69.98 33.47 26.05
CA ARG EB 60 69.99 34.37 24.89
C ARG EB 60 69.63 33.64 23.60
N ARG EB 61 70.33 32.55 23.29
CA ARG EB 61 70.09 31.85 22.03
C ARG EB 61 68.99 30.81 22.16
N TYR EB 62 69.10 29.91 23.12
CA TYR EB 62 68.12 28.83 23.29
C TYR EB 62 66.98 29.29 24.19
N ASN EB 63 66.32 30.36 23.75
CA ASN EB 63 65.30 31.03 24.53
C ASN EB 63 63.89 30.49 24.29
N GLY EB 64 63.71 29.57 23.35
CA GLY EB 64 62.39 29.09 23.00
C GLY EB 64 61.65 28.40 24.11
N GLY EB 65 60.62 29.06 24.64
CA GLY EB 65 59.82 28.52 25.71
C GLY EB 65 60.30 28.86 27.11
N VAL EB 66 61.49 29.45 27.25
CA VAL EB 66 62.01 29.76 28.57
C VAL EB 66 61.24 30.93 29.16
N GLY EB 67 60.79 30.77 30.40
CA GLY EB 67 60.00 31.80 31.03
C GLY EB 67 60.82 33.02 31.41
N ARG EB 68 60.11 34.05 31.85
CA ARG EB 68 60.74 35.31 32.21
C ARG EB 68 61.10 35.32 33.70
N CYS EB 69 61.90 36.31 34.09
CA CYS EB 69 62.30 36.46 35.48
C CYS EB 69 62.71 37.91 35.72
N ALA EB 70 62.50 38.37 36.96
CA ALA EB 70 62.86 39.73 37.32
C ALA EB 70 64.37 39.92 37.40
N GLN EB 71 65.13 38.87 37.68
CA GLN EB 71 66.57 38.98 37.78
C GLN EB 71 67.26 39.14 36.43
N ALA EB 72 66.53 38.96 35.32
CA ALA EB 72 67.12 39.16 34.00
C ALA EB 72 67.43 40.62 33.72
N LYS EB 73 66.81 41.55 34.47
CA LYS EB 73 67.03 42.97 34.23
C LYS EB 73 68.44 43.41 34.63
N GLN EB 74 69.16 42.59 35.38
CA GLN EB 74 70.59 42.86 35.58
C GLN EB 74 71.31 42.92 34.26
N TRP EB 75 70.96 42.01 33.35
CA TRP EB 75 71.41 42.08 31.98
C TRP EB 75 70.41 42.89 31.16
N GLY EB 76 70.67 43.04 29.87
CA GLY EB 76 69.70 43.63 28.99
C GLY EB 76 68.64 42.66 28.51
N TRP EB 77 68.69 41.42 28.98
CA TRP EB 77 67.82 40.36 28.52
C TRP EB 77 66.61 40.21 29.42
N THR EB 78 65.69 39.35 29.01
CA THR EB 78 64.42 39.17 29.70
C THR EB 78 64.16 37.74 30.13
N GLN EB 79 64.54 36.75 29.33
CA GLN EB 79 64.38 35.35 29.69
C GLN EB 79 65.59 34.88 30.49
N GLY EB 80 65.33 34.13 31.57
CA GLY EB 80 66.42 33.63 32.38
C GLY EB 80 65.99 32.43 33.21
N ARG EB 81 66.98 31.66 33.63
CA ARG EB 81 66.78 30.49 34.46
C ARG EB 81 67.96 30.35 35.41
N TRP EB 82 67.89 29.37 36.31
CA TRP EB 82 68.96 29.13 37.28
C TRP EB 82 69.35 27.66 37.23
N PRO EB 83 70.14 27.27 36.22
CA PRO EB 83 70.51 25.85 36.11
C PRO EB 83 71.46 25.41 37.22
N LYS EB 84 70.95 24.65 38.19
CA LYS EB 84 71.77 24.24 39.32
C LYS EB 84 72.88 23.29 38.88
N LYS EB 85 72.54 22.28 38.06
CA LYS EB 85 73.53 21.30 37.64
C LYS EB 85 74.62 21.96 36.80
N SER EB 86 74.25 22.89 35.92
CA SER EB 86 75.26 23.65 35.20
C SER EB 86 76.11 24.48 36.15
N ALA EB 87 75.48 25.05 37.18
CA ALA EB 87 76.24 25.77 38.19
C ALA EB 87 77.18 24.84 38.94
N GLU EB 88 76.72 23.62 39.23
CA GLU EB 88 77.56 22.65 39.94
C GLU EB 88 78.81 22.32 39.14
N PHE EB 89 78.65 22.04 37.85
CA PHE EB 89 79.77 21.53 37.07
C PHE EB 89 80.81 22.60 36.81
N LEU EB 90 80.38 23.80 36.42
CA LEU EB 90 81.34 24.88 36.19
C LEU EB 90 82.05 25.29 37.47
N LEU EB 91 81.38 25.16 38.61
CA LEU EB 91 82.04 25.39 39.88
C LEU EB 91 83.15 24.36 40.12
N HIS EB 92 82.85 23.08 39.82
CA HIS EB 92 83.85 22.04 39.98
C HIS EB 92 85.00 22.23 39.01
N MET EB 93 84.69 22.63 37.76
CA MET EB 93 85.74 22.87 36.78
C MET EB 93 86.63 24.03 37.19
N LEU EB 94 86.03 25.09 37.74
CA LEU EB 94 86.81 26.24 38.20
C LEU EB 94 87.75 25.84 39.33
N LYS EB 95 87.27 24.98 40.25
CA LYS EB 95 88.11 24.53 41.34
C LYS EB 95 89.35 23.80 40.83
N ASN EB 96 89.15 22.88 39.89
CA ASN EB 96 90.30 22.17 39.32
C ASN EB 96 91.20 23.12 38.53
N ALA EB 97 90.59 24.06 37.81
CA ALA EB 97 91.39 25.06 37.10
C ALA EB 97 92.16 25.94 38.08
N GLU EB 98 91.57 26.25 39.23
CA GLU EB 98 92.26 27.03 40.24
C GLU EB 98 93.45 26.26 40.80
N SER EB 99 93.30 24.94 40.98
CA SER EB 99 94.40 24.13 41.49
C SER EB 99 95.58 24.12 40.53
N ASN EB 100 95.30 24.01 39.22
CA ASN EB 100 96.36 24.05 38.23
C ASN EB 100 97.07 25.40 38.24
N ALA EB 101 96.34 26.46 38.59
CA ALA EB 101 96.97 27.78 38.72
C ALA EB 101 98.02 27.79 39.80
N GLU EB 102 97.75 27.09 40.91
CA GLU EB 102 98.73 27.01 42.01
C GLU EB 102 99.98 26.27 41.56
N LEU EB 103 99.82 25.23 40.75
CA LEU EB 103 100.96 24.43 40.34
C LEU EB 103 101.89 25.22 39.43
N LYS EB 104 101.33 26.15 38.64
CA LYS EB 104 102.14 26.96 37.75
C LYS EB 104 102.78 28.16 38.45
N GLY EB 105 102.54 28.32 39.75
CA GLY EB 105 103.15 29.41 40.48
C GLY EB 105 102.68 30.79 40.07
N LEU EB 106 101.38 30.95 39.85
CA LEU EB 106 100.80 32.23 39.45
C LEU EB 106 99.69 32.58 40.42
N ASP EB 107 99.62 33.85 40.81
CA ASP EB 107 98.72 34.25 41.89
C ASP EB 107 97.27 34.12 41.46
N VAL EB 108 96.43 33.69 42.41
CA VAL EB 108 95.06 33.27 42.08
C VAL EB 108 94.06 34.40 42.01
N ASP EB 109 94.39 35.59 42.50
CA ASP EB 109 93.45 36.70 42.56
C ASP EB 109 93.62 37.68 41.42
N SER EB 110 94.02 37.19 40.24
CA SER EB 110 94.12 38.04 39.06
C SER EB 110 93.63 37.31 37.81
N LEU EB 111 92.81 36.28 37.96
CA LEU EB 111 92.43 35.42 36.84
C LEU EB 111 91.13 35.89 36.22
N VAL EB 112 91.10 35.89 34.89
CA VAL EB 112 89.94 36.27 34.10
C VAL EB 112 89.68 35.15 33.09
N ILE EB 113 88.41 34.81 32.89
CA ILE EB 113 88.04 33.76 31.95
C ILE EB 113 88.03 34.33 30.55
N GLU EB 114 89.18 34.31 29.88
CA GLU EB 114 89.26 34.91 28.56
C GLU EB 114 88.61 34.04 27.48
N HIS EB 115 88.57 32.73 27.70
CA HIS EB 115 88.03 31.82 26.68
C HIS EB 115 87.40 30.61 27.37
N ILE EB 116 86.08 30.51 27.28
CA ILE EB 116 85.35 29.33 27.71
C ILE EB 116 84.51 28.87 26.53
N GLN EB 117 84.56 27.58 26.24
CA GLN EB 117 83.91 27.05 25.05
C GLN EB 117 83.27 25.71 25.36
N VAL EB 118 82.02 25.54 24.93
CA VAL EB 118 81.26 24.32 25.15
C VAL EB 118 81.08 23.61 23.82
N ASN EB 119 81.29 22.29 23.82
CA ASN EB 119 81.18 21.47 22.63
C ASN EB 119 80.32 20.26 22.93
N LYS EB 120 79.49 19.87 21.96
CA LYS EB 120 78.60 18.73 22.15
C LYS EB 120 79.38 17.44 22.26
N ALA EB 121 79.10 16.66 23.29
CA ALA EB 121 79.67 15.34 23.48
C ALA EB 121 78.88 14.31 22.69
N PRO EB 122 79.45 13.13 22.44
CA PRO EB 122 78.66 12.05 21.83
C PRO EB 122 77.45 11.73 22.67
N LYS EB 123 76.30 11.61 22.01
CA LYS EB 123 75.04 11.50 22.72
C LYS EB 123 74.81 10.08 23.21
N MET EB 124 74.20 9.97 24.39
CA MET EB 124 73.88 8.69 25.00
C MET EB 124 72.43 8.33 24.69
N ARG EB 125 72.19 7.04 24.42
CA ARG EB 125 70.90 6.58 23.96
C ARG EB 125 70.09 6.00 25.10
N ARG EB 126 68.88 6.52 25.29
CA ARG EB 126 67.89 5.92 26.17
C ARG EB 126 66.60 5.76 25.38
N ARG EB 127 65.64 5.06 25.97
CA ARG EB 127 64.47 4.60 25.25
C ARG EB 127 63.20 4.97 26.01
N THR EB 128 62.13 5.26 25.25
CA THR EB 128 60.83 5.54 25.83
C THR EB 128 59.77 4.76 25.06
N TYR EB 129 58.56 4.74 25.60
CA TYR EB 129 57.46 3.95 25.06
C TYR EB 129 56.28 4.86 24.75
N ARG EB 130 55.70 4.68 23.57
CA ARG EB 130 54.68 5.60 23.05
C ARG EB 130 53.37 4.85 22.80
N ALA EB 131 52.42 5.57 22.20
CA ALA EB 131 51.01 5.20 22.19
C ALA EB 131 50.72 3.86 21.51
N HIS EB 132 51.00 3.75 20.21
CA HIS EB 132 50.66 2.54 19.48
C HIS EB 132 51.83 1.58 19.37
N GLY EB 133 52.40 1.23 20.52
CA GLY EB 133 53.51 0.30 20.55
C GLY EB 133 54.74 0.80 19.81
N ARG EB 134 54.88 2.10 19.67
CA ARG EB 134 56.00 2.68 18.94
C ARG EB 134 57.09 3.11 19.90
N ILE EB 135 58.34 3.03 19.42
CA ILE EB 135 59.52 3.33 20.23
C ILE EB 135 60.16 4.59 19.67
N ASN EB 136 60.47 5.52 20.56
CA ASN EB 136 61.19 6.72 20.17
C ASN EB 136 62.41 6.91 21.04
N PRO EB 137 63.46 7.52 20.50
CA PRO EB 137 64.68 7.74 21.30
C PRO EB 137 64.43 8.70 22.46
N TYR EB 138 65.20 8.50 23.51
CA TYR EB 138 65.20 9.33 24.71
C TYR EB 138 66.61 9.83 24.99
N MET EB 139 67.24 10.36 23.95
CA MET EB 139 68.67 10.65 23.98
C MET EB 139 68.99 11.77 24.96
N SER EB 140 70.25 11.81 25.36
CA SER EB 140 70.79 12.88 26.19
C SER EB 140 71.62 13.84 25.35
N SER EB 141 72.04 14.93 25.97
CA SER EB 141 72.90 15.92 25.32
C SER EB 141 74.05 16.30 26.25
N PRO EB 142 75.01 15.39 26.43
CA PRO EB 142 76.22 15.76 27.18
C PRO EB 142 77.08 16.70 26.37
N CYS EB 143 77.99 17.39 27.06
CA CYS EB 143 78.81 18.39 26.40
C CYS EB 143 80.23 18.38 26.95
N HIS EB 144 81.18 18.71 26.08
CA HIS EB 144 82.56 18.97 26.49
C HIS EB 144 82.71 20.43 26.86
N ILE EB 145 83.55 20.69 27.86
CA ILE EB 145 83.81 22.05 28.34
C ILE EB 145 85.31 22.27 28.41
N GLU EB 146 85.75 23.44 27.96
CA GLU EB 146 87.12 23.89 28.12
C GLU EB 146 87.12 25.32 28.62
N MET EB 147 88.19 25.70 29.30
CA MET EB 147 88.33 27.06 29.78
C MET EB 147 89.80 27.40 29.92
N ILE EB 148 90.13 28.67 29.69
CA ILE EB 148 91.49 29.18 29.82
C ILE EB 148 91.44 30.44 30.68
N LEU EB 149 92.25 30.47 31.72
CA LEU EB 149 92.28 31.56 32.68
C LEU EB 149 93.61 32.29 32.56
N THR EB 150 93.56 33.61 32.49
CA THR EB 150 94.75 34.43 32.28
C THR EB 150 94.87 35.47 33.39
N GLU EB 151 96.10 35.96 33.57
CA GLU EB 151 96.40 36.91 34.61
C GLU EB 151 96.39 38.34 34.05
N LYS EB 152 95.70 39.23 34.75
CA LYS EB 152 95.71 40.65 34.42
C LYS EB 152 95.28 41.43 35.65
N GLU EB 153 95.89 42.60 35.84
CA GLU EB 153 95.58 43.43 37.00
C GLU EB 153 95.95 44.88 36.73
N GLY FB 1 66.06 38.25 -37.53
CA GLY FB 1 66.95 37.42 -38.31
C GLY FB 1 66.51 37.24 -39.75
N VAL FB 2 67.22 36.40 -40.49
CA VAL FB 2 66.91 36.17 -41.88
C VAL FB 2 66.02 34.94 -41.99
N ASP FB 3 65.38 34.80 -43.14
CA ASP FB 3 64.51 33.65 -43.43
C ASP FB 3 65.27 32.71 -44.35
N ILE FB 4 66.10 31.86 -43.76
CA ILE FB 4 66.81 30.82 -44.48
C ILE FB 4 66.60 29.50 -43.73
N ARG FB 5 66.79 28.40 -44.45
CA ARG FB 5 66.55 27.06 -43.91
C ARG FB 5 67.89 26.38 -43.73
N HIS FB 6 68.21 26.01 -42.50
CA HIS FB 6 69.54 25.52 -42.15
C HIS FB 6 69.69 24.02 -42.26
N ASN FB 7 68.61 23.29 -42.56
CA ASN FB 7 68.67 21.83 -42.55
C ASN FB 7 69.58 21.29 -43.65
N LYS FB 8 69.79 22.03 -44.74
CA LYS FB 8 70.62 21.59 -45.84
C LYS FB 8 71.95 22.34 -45.91
N ASP FB 9 72.30 23.10 -44.87
CA ASP FB 9 73.52 23.90 -44.92
C ASP FB 9 74.76 23.03 -45.02
N ARG FB 10 74.81 21.95 -44.25
CA ARG FB 10 75.98 21.05 -44.24
C ARG FB 10 75.75 19.96 -45.27
N LYS FB 11 76.47 20.04 -46.39
CA LYS FB 11 76.40 18.98 -47.39
C LYS FB 11 76.98 17.70 -46.82
N VAL FB 12 76.25 16.61 -46.98
CA VAL FB 12 76.66 15.31 -46.46
C VAL FB 12 77.49 14.64 -47.55
N ARG FB 13 78.81 14.80 -47.47
CA ARG FB 13 79.70 14.18 -48.43
C ARG FB 13 81.02 13.87 -47.75
N ARG FB 14 81.76 12.94 -48.34
CA ARG FB 14 83.04 12.55 -47.79
C ARG FB 14 84.09 13.64 -48.04
N LYS FB 15 85.00 13.78 -47.09
CA LYS FB 15 86.15 14.67 -47.22
C LYS FB 15 87.48 13.95 -47.13
N GLU FB 16 87.55 12.82 -46.45
CA GLU FB 16 88.78 12.07 -46.28
C GLU FB 16 88.41 10.61 -46.06
N PRO FB 17 89.31 9.67 -46.35
CA PRO FB 17 88.97 8.26 -46.16
C PRO FB 17 88.79 7.93 -44.68
N LYS FB 18 87.66 7.30 -44.36
CA LYS FB 18 87.40 6.90 -42.98
C LYS FB 18 88.38 5.83 -42.51
N SER FB 19 88.99 5.10 -43.43
CA SER FB 19 89.98 4.08 -43.07
C SER FB 19 91.24 4.73 -42.51
N GLN FB 20 91.91 4.00 -41.62
CA GLN FB 20 93.16 4.44 -41.02
C GLN FB 20 94.37 3.87 -41.73
N ASP FB 21 94.18 3.30 -42.92
CA ASP FB 21 95.31 2.72 -43.65
C ASP FB 21 96.29 3.80 -44.06
N ILE FB 22 97.54 3.67 -43.60
CA ILE FB 22 98.55 4.66 -43.93
C ILE FB 22 98.88 4.61 -45.42
N TYR FB 23 98.89 3.41 -46.01
CA TYR FB 23 99.17 3.28 -47.43
C TYR FB 23 98.08 3.94 -48.27
N LEU FB 24 96.81 3.76 -47.87
CA LEU FB 24 95.73 4.45 -48.57
C LEU FB 24 95.84 5.96 -48.39
N ARG FB 25 96.09 6.41 -47.16
CA ARG FB 25 96.20 7.84 -46.92
C ARG FB 25 97.39 8.45 -47.66
N LEU FB 26 98.48 7.70 -47.80
CA LEU FB 26 99.66 8.22 -48.49
C LEU FB 26 99.34 8.54 -49.96
N LEU FB 27 98.68 7.60 -50.65
CA LEU FB 27 98.31 7.87 -52.04
C LEU FB 27 97.14 8.85 -52.14
N VAL FB 28 96.32 8.95 -51.08
CA VAL FB 28 95.36 10.04 -51.01
C VAL FB 28 96.08 11.38 -50.92
N LYS FB 29 97.14 11.45 -50.10
CA LYS FB 29 97.94 12.66 -50.02
C LYS FB 29 98.52 13.02 -51.38
N LEU FB 30 98.93 12.00 -52.15
CA LEU FB 30 99.48 12.24 -53.47
C LEU FB 30 98.44 12.83 -54.41
N TYR FB 31 97.27 12.19 -54.51
CA TYR FB 31 96.28 12.64 -55.46
C TYR FB 31 95.54 13.89 -55.00
N ARG FB 32 95.48 14.15 -53.69
CA ARG FB 32 94.93 15.41 -53.21
C ARG FB 32 95.76 16.59 -53.74
N PHE FB 33 97.09 16.44 -53.70
CA PHE FB 33 97.95 17.45 -54.31
C PHE FB 33 97.75 17.51 -55.81
N LEU FB 34 97.61 16.35 -56.45
CA LEU FB 34 97.42 16.31 -57.89
C LEU FB 34 96.12 16.98 -58.30
N ALA FB 35 95.05 16.73 -57.55
CA ALA FB 35 93.78 17.35 -57.88
C ALA FB 35 93.81 18.86 -57.67
N ARG FB 36 94.57 19.33 -56.68
CA ARG FB 36 94.59 20.76 -56.38
C ARG FB 36 95.42 21.53 -57.38
N ARG FB 37 96.55 20.97 -57.81
CA ARG FB 37 97.56 21.71 -58.56
C ARG FB 37 97.55 21.39 -60.05
N THR FB 38 96.56 20.68 -60.56
CA THR FB 38 96.41 20.46 -61.98
C THR FB 38 95.01 20.87 -62.43
N ASN FB 39 94.79 20.82 -63.74
CA ASN FB 39 93.51 21.17 -64.33
C ASN FB 39 92.68 19.96 -64.72
N SER FB 40 93.27 18.78 -64.80
CA SER FB 40 92.56 17.59 -65.23
C SER FB 40 91.54 17.18 -64.18
N THR FB 41 90.27 17.11 -64.57
CA THR FB 41 89.23 16.65 -63.66
C THR FB 41 89.35 15.17 -63.35
N PHE FB 42 90.14 14.42 -64.13
CA PHE FB 42 90.36 13.01 -63.85
C PHE FB 42 90.97 12.80 -62.47
N ASN FB 43 91.83 13.72 -62.03
CA ASN FB 43 92.39 13.62 -60.69
C ASN FB 43 91.31 13.72 -59.63
N GLN FB 44 90.37 14.66 -59.80
CA GLN FB 44 89.32 14.84 -58.79
C GLN FB 44 88.42 13.63 -58.69
N VAL FB 45 88.06 13.03 -59.82
CA VAL FB 45 87.21 11.83 -59.80
C VAL FB 45 87.91 10.70 -59.08
N VAL FB 46 89.20 10.50 -59.37
CA VAL FB 46 89.99 9.50 -58.66
C VAL FB 46 90.09 9.87 -57.19
N LEU FB 47 90.33 11.15 -56.90
CA LEU FB 47 90.51 11.57 -55.50
C LEU FB 47 89.25 11.34 -54.69
N LYS FB 48 88.09 11.74 -55.21
CA LYS FB 48 86.87 11.60 -54.42
C LYS FB 48 86.43 10.15 -54.34
N ARG FB 49 86.82 9.32 -55.30
CA ARG FB 49 86.46 7.91 -55.24
C ARG FB 49 87.35 7.16 -54.26
N LEU FB 50 88.52 7.71 -53.93
CA LEU FB 50 89.33 7.12 -52.88
C LEU FB 50 88.68 7.27 -51.51
N PHE FB 51 87.88 8.32 -51.32
CA PHE FB 51 87.16 8.51 -50.06
C PHE FB 51 86.03 7.51 -49.91
N MET FB 52 85.60 6.87 -50.98
CA MET FB 52 84.39 6.07 -50.96
C MET FB 52 84.59 4.79 -50.16
N SER FB 53 83.47 4.25 -49.68
CA SER FB 53 83.48 3.03 -48.90
C SER FB 53 83.74 1.82 -49.80
N ARG FB 54 83.90 0.66 -49.16
CA ARG FB 54 84.07 -0.57 -49.93
C ARG FB 54 82.84 -0.89 -50.75
N THR FB 55 81.65 -0.67 -50.18
CA THR FB 55 80.42 -0.89 -50.93
C THR FB 55 80.28 0.12 -52.07
N ASN FB 56 80.83 1.32 -51.92
CA ASN FB 56 80.86 2.29 -52.99
C ASN FB 56 82.06 2.09 -53.91
N ARG FB 57 82.90 1.10 -53.64
CA ARG FB 57 83.99 0.72 -54.52
C ARG FB 57 83.89 -0.79 -54.77
N PRO FB 58 82.90 -1.20 -55.55
CA PRO FB 58 82.65 -2.64 -55.74
C PRO FB 58 83.78 -3.29 -56.53
N PRO FB 59 83.99 -4.58 -56.35
CA PRO FB 59 85.03 -5.26 -57.11
C PRO FB 59 84.69 -5.31 -58.60
N LEU FB 60 85.74 -5.30 -59.42
CA LEU FB 60 85.60 -5.32 -60.87
C LEU FB 60 86.03 -6.68 -61.38
N SER FB 61 85.09 -7.41 -61.99
CA SER FB 61 85.39 -8.72 -62.55
C SER FB 61 86.29 -8.56 -63.77
N LEU FB 62 87.16 -9.54 -63.98
CA LEU FB 62 88.07 -9.49 -65.12
C LEU FB 62 87.32 -9.50 -66.43
N SER FB 63 86.24 -10.30 -66.51
CA SER FB 63 85.48 -10.38 -67.75
C SER FB 63 84.85 -9.04 -68.12
N ARG FB 64 84.34 -8.32 -67.13
CA ARG FB 64 83.73 -7.01 -67.42
C ARG FB 64 84.76 -6.02 -67.91
N MET FB 65 85.96 -6.01 -67.29
CA MET FB 65 86.99 -5.07 -67.71
C MET FB 65 87.47 -5.35 -69.13
N ILE FB 66 87.62 -6.63 -69.48
CA ILE FB 66 88.05 -6.99 -70.83
C ILE FB 66 87.01 -6.56 -71.85
N ARG FB 67 85.72 -6.70 -71.50
CA ARG FB 67 84.65 -6.29 -72.40
C ARG FB 67 84.72 -4.79 -72.70
N LYS FB 68 84.95 -3.98 -71.67
CA LYS FB 68 85.09 -2.53 -71.89
C LYS FB 68 86.33 -2.20 -72.70
N MET FB 69 87.43 -2.92 -72.45
CA MET FB 69 88.67 -2.64 -73.18
C MET FB 69 88.54 -2.99 -74.65
N LYS FB 70 87.79 -4.04 -74.96
CA LYS FB 70 87.64 -4.48 -76.35
C LYS FB 70 86.79 -3.53 -77.17
N LEU FB 71 86.14 -2.54 -76.55
CA LEU FB 71 85.33 -1.60 -77.29
C LEU FB 71 86.20 -0.76 -78.23
N PRO FB 72 85.66 -0.36 -79.38
CA PRO FB 72 86.47 0.37 -80.37
C PRO FB 72 86.97 1.70 -79.83
N GLY FB 73 88.13 2.12 -80.33
CA GLY FB 73 88.69 3.40 -79.96
C GLY FB 73 89.32 3.45 -78.60
N ARG FB 74 89.61 2.29 -78.00
CA ARG FB 74 90.21 2.22 -76.68
C ARG FB 74 91.51 1.44 -76.65
N GLU FB 75 92.08 1.14 -77.81
CA GLU FB 75 93.31 0.37 -77.87
C GLU FB 75 94.48 1.16 -77.32
N ASN FB 76 95.41 0.44 -76.69
CA ASN FB 76 96.63 1.02 -76.09
C ASN FB 76 96.28 2.11 -75.07
N LYS FB 77 95.23 1.87 -74.29
CA LYS FB 77 94.83 2.78 -73.23
C LYS FB 77 94.91 2.06 -71.90
N THR FB 78 95.38 2.78 -70.87
CA THR FB 78 95.61 2.18 -69.56
C THR FB 78 94.30 2.17 -68.78
N ALA FB 79 93.77 0.98 -68.55
CA ALA FB 79 92.56 0.83 -67.75
C ALA FB 79 92.83 1.20 -66.30
N VAL FB 80 91.91 1.95 -65.70
CA VAL FB 80 92.03 2.38 -64.32
C VAL FB 80 90.74 2.04 -63.59
N VAL FB 81 90.87 1.34 -62.46
CA VAL FB 81 89.76 1.06 -61.57
C VAL FB 81 90.21 1.31 -60.14
N VAL FB 82 89.36 1.96 -59.35
CA VAL FB 82 89.66 2.26 -57.95
C VAL FB 82 88.97 1.19 -57.12
N GLY FB 83 89.67 0.09 -56.88
CA GLY FB 83 89.10 -0.99 -56.09
C GLY FB 83 89.84 -2.29 -56.29
N THR FB 84 89.07 -3.38 -56.25
CA THR FB 84 89.62 -4.73 -56.35
C THR FB 84 89.30 -5.31 -57.71
N ILE FB 85 90.33 -5.77 -58.41
CA ILE FB 85 90.14 -6.53 -59.63
C ILE FB 85 89.89 -7.99 -59.27
N THR FB 86 88.86 -8.57 -59.89
CA THR FB 86 88.42 -9.92 -59.59
C THR FB 86 88.59 -10.79 -60.82
N ASP FB 87 89.19 -11.96 -60.64
CA ASP FB 87 89.32 -12.92 -61.74
C ASP FB 87 87.96 -13.51 -62.08
N ASP FB 88 87.74 -13.75 -63.37
CA ASP FB 88 86.56 -14.46 -63.85
C ASP FB 88 87.01 -15.73 -64.52
N VAL FB 89 86.36 -16.85 -64.18
CA VAL FB 89 86.72 -18.14 -64.72
C VAL FB 89 85.84 -18.47 -65.91
N ARG FB 90 85.15 -17.47 -66.44
CA ARG FB 90 84.26 -17.63 -67.58
C ARG FB 90 84.87 -17.10 -68.88
N VAL FB 91 86.13 -16.69 -68.85
CA VAL FB 91 86.81 -16.18 -70.04
C VAL FB 91 88.12 -16.92 -70.20
N GLN FB 92 88.55 -17.11 -71.44
CA GLN FB 92 89.72 -17.91 -71.76
C GLN FB 92 90.84 -17.10 -72.38
N GLU FB 93 90.58 -16.41 -73.49
CA GLU FB 93 91.61 -15.67 -74.23
C GLU FB 93 91.77 -14.31 -73.58
N VAL FB 94 92.84 -14.14 -72.80
CA VAL FB 94 93.10 -12.89 -72.10
C VAL FB 94 94.06 -12.07 -72.94
N PRO FB 95 93.67 -10.90 -73.42
CA PRO FB 95 94.56 -10.07 -74.22
C PRO FB 95 95.51 -9.25 -73.34
N LYS FB 96 96.46 -8.61 -74.00
CA LYS FB 96 97.40 -7.74 -73.29
C LYS FB 96 96.68 -6.53 -72.74
N LEU FB 97 96.80 -6.30 -71.43
CA LEU FB 97 96.10 -5.21 -70.77
C LEU FB 97 97.05 -4.46 -69.85
N LYS FB 98 97.12 -3.15 -70.04
CA LYS FB 98 97.85 -2.25 -69.15
C LYS FB 98 96.82 -1.66 -68.20
N VAL FB 99 96.84 -2.10 -66.93
CA VAL FB 99 95.77 -1.79 -66.00
C VAL FB 99 96.36 -1.26 -64.70
N CYS FB 100 95.77 -0.18 -64.20
CA CYS FB 100 96.09 0.36 -62.88
C CYS FB 100 94.92 0.10 -61.93
N ALA FB 101 95.24 -0.40 -60.74
CA ALA FB 101 94.19 -0.69 -59.77
C ALA FB 101 94.75 -0.61 -58.36
N LEU FB 102 93.83 -0.47 -57.40
CA LEU FB 102 94.22 -0.43 -56.00
C LEU FB 102 94.57 -1.82 -55.48
N ARG FB 103 93.89 -2.86 -55.96
CA ARG FB 103 94.10 -4.20 -55.45
C ARG FB 103 93.68 -5.20 -56.53
N VAL FB 104 94.48 -6.25 -56.69
CA VAL FB 104 94.23 -7.27 -57.71
C VAL FB 104 94.33 -8.64 -57.05
N THR FB 105 93.35 -9.50 -57.31
CA THR FB 105 93.41 -10.87 -56.84
C THR FB 105 94.62 -11.58 -57.45
N SER FB 106 95.28 -12.42 -56.64
CA SER FB 106 96.50 -13.07 -57.08
C SER FB 106 96.28 -13.93 -58.32
N ARG FB 107 95.19 -14.70 -58.34
CA ARG FB 107 94.91 -15.51 -59.52
C ARG FB 107 94.53 -14.63 -60.71
N ALA FB 108 93.85 -13.51 -60.44
CA ALA FB 108 93.67 -12.51 -61.49
C ALA FB 108 95.01 -11.92 -61.89
N ARG FB 109 95.88 -11.67 -60.93
CA ARG FB 109 97.20 -11.09 -61.22
C ARG FB 109 98.03 -12.02 -62.08
N SER FB 110 98.03 -13.31 -61.75
CA SER FB 110 98.87 -14.26 -62.49
C SER FB 110 98.39 -14.43 -63.93
N ARG FB 111 97.08 -14.45 -64.14
CA ARG FB 111 96.55 -14.61 -65.50
C ARG FB 111 96.95 -13.44 -66.38
N ILE FB 112 96.83 -12.22 -65.85
CA ILE FB 112 97.13 -11.03 -66.65
C ILE FB 112 98.60 -11.00 -67.02
N LEU FB 113 99.48 -11.24 -66.05
CA LEU FB 113 100.92 -11.21 -66.31
C LEU FB 113 101.35 -12.34 -67.24
N ARG FB 114 100.75 -13.52 -67.10
CA ARG FB 114 101.07 -14.61 -68.03
C ARG FB 114 100.60 -14.28 -69.45
N ALA FB 115 99.53 -13.51 -69.57
CA ALA FB 115 99.00 -13.12 -70.87
C ALA FB 115 99.74 -11.91 -71.46
N GLY FB 116 100.75 -11.39 -70.77
CA GLY FB 116 101.51 -10.27 -71.26
C GLY FB 116 101.04 -8.91 -70.79
N GLY FB 117 100.12 -8.86 -69.82
CA GLY FB 117 99.61 -7.60 -69.35
C GLY FB 117 100.58 -6.86 -68.44
N LYS FB 118 100.19 -5.64 -68.09
CA LYS FB 118 100.99 -4.77 -67.24
C LYS FB 118 100.14 -4.27 -66.08
N ILE FB 119 100.70 -4.32 -64.88
CA ILE FB 119 99.99 -3.88 -63.67
C ILE FB 119 100.78 -2.76 -63.02
N LEU FB 120 100.11 -1.65 -62.76
CA LEU FB 120 100.72 -0.50 -62.10
C LEU FB 120 99.86 -0.06 -60.93
N THR FB 121 100.49 0.32 -59.83
CA THR FB 121 99.75 0.90 -58.73
C THR FB 121 99.42 2.36 -59.05
N PHE FB 122 98.65 2.99 -58.17
CA PHE FB 122 98.22 4.36 -58.43
C PHE FB 122 99.38 5.34 -58.36
N ASP FB 123 100.38 5.06 -57.52
CA ASP FB 123 101.56 5.91 -57.51
C ASP FB 123 102.33 5.81 -58.81
N GLN FB 124 102.43 4.60 -59.37
CA GLN FB 124 103.11 4.44 -60.65
C GLN FB 124 102.33 5.09 -61.78
N LEU FB 125 101.00 5.04 -61.71
CA LEU FB 125 100.18 5.69 -62.73
C LEU FB 125 100.37 7.20 -62.70
N ALA FB 126 100.55 7.77 -61.51
CA ALA FB 126 100.82 9.21 -61.41
C ALA FB 126 102.13 9.56 -62.10
N LEU FB 127 103.16 8.73 -61.92
CA LEU FB 127 104.41 8.93 -62.66
C LEU FB 127 104.23 8.69 -64.14
N ASP FB 128 103.28 7.84 -64.52
CA ASP FB 128 103.07 7.53 -65.94
C ASP FB 128 102.37 8.67 -66.65
N SER FB 129 101.14 8.98 -66.22
CA SER FB 129 100.35 10.06 -66.81
C SER FB 129 99.82 10.93 -65.68
N PRO FB 130 100.55 11.98 -65.31
CA PRO FB 130 100.08 12.85 -64.21
C PRO FB 130 98.74 13.51 -64.50
N LYS FB 131 98.46 13.84 -65.76
CA LYS FB 131 97.16 14.38 -66.13
C LYS FB 131 96.12 13.29 -66.39
N GLY FB 132 96.48 12.02 -66.22
CA GLY FB 132 95.59 10.94 -66.57
C GLY FB 132 95.34 10.83 -68.06
N CYS FB 133 96.35 11.12 -68.87
CA CYS FB 133 96.19 11.07 -70.32
C CYS FB 133 96.19 9.63 -70.81
N GLY FB 134 95.33 9.35 -71.79
CA GLY FB 134 95.24 8.02 -72.36
C GLY FB 134 94.79 6.96 -71.37
N THR FB 135 93.82 7.29 -70.53
CA THR FB 135 93.33 6.37 -69.51
C THR FB 135 91.83 6.18 -69.66
N VAL FB 136 91.37 4.99 -69.28
CA VAL FB 136 89.95 4.66 -69.26
C VAL FB 136 89.58 4.43 -67.79
N LEU FB 137 88.65 5.23 -67.29
CA LEU FB 137 88.27 5.16 -65.87
C LEU FB 137 87.02 4.30 -65.75
N LEU FB 138 87.22 3.05 -65.36
CA LEU FB 138 86.12 2.10 -65.21
C LEU FB 138 85.67 2.04 -63.76
N SER FB 139 84.64 1.24 -63.51
CA SER FB 139 84.14 1.01 -62.16
C SER FB 139 83.35 -0.29 -62.16
N GLY FB 140 83.22 -0.87 -60.98
CA GLY FB 140 82.43 -2.06 -60.81
C GLY FB 140 80.95 -1.73 -60.72
N PRO FB 141 80.14 -2.77 -60.71
CA PRO FB 141 78.69 -2.58 -60.57
C PRO FB 141 78.32 -2.10 -59.18
N ARG FB 142 77.92 -0.82 -59.07
CA ARG FB 142 77.56 -0.28 -57.78
C ARG FB 142 76.33 -0.97 -57.20
N LYS FB 143 75.36 -1.28 -58.05
CA LYS FB 143 74.12 -1.90 -57.63
C LYS FB 143 74.14 -3.42 -57.79
N GLY FB 144 75.32 -4.02 -57.84
CA GLY FB 144 75.42 -5.46 -58.00
C GLY FB 144 75.44 -6.22 -56.69
N ARG FB 145 75.20 -5.52 -55.59
CA ARG FB 145 75.17 -6.15 -54.27
C ARG FB 145 73.81 -6.78 -54.03
N GLU FB 146 73.79 -7.81 -53.18
CA GLU FB 146 72.55 -8.53 -52.89
C GLU FB 146 71.53 -7.62 -52.22
N VAL FB 147 72.00 -6.64 -51.44
CA VAL FB 147 71.10 -5.78 -50.67
C VAL FB 147 70.17 -4.99 -51.55
N TYR FB 148 70.51 -4.78 -52.82
CA TYR FB 148 69.66 -4.00 -53.71
C TYR FB 148 68.44 -4.79 -54.17
N ARG FB 149 68.48 -6.12 -54.06
CA ARG FB 149 67.30 -6.91 -54.37
C ARG FB 149 66.18 -6.61 -53.38
N HIS FB 150 66.51 -6.48 -52.10
CA HIS FB 150 65.50 -6.14 -51.10
C HIS FB 150 65.04 -4.69 -51.22
N PHE FB 151 65.90 -3.82 -51.70
CA PHE FB 151 65.57 -2.41 -51.80
C PHE FB 151 64.51 -2.17 -52.87
N GLY FB 152 63.68 -1.15 -52.65
CA GLY FB 152 62.61 -0.80 -53.54
C GLY FB 152 61.32 -0.63 -52.78
N LYS FB 153 60.21 -0.83 -53.48
CA LYS FB 153 58.91 -0.76 -52.85
C LYS FB 153 58.72 -1.94 -51.90
N ALA FB 154 57.66 -1.85 -51.09
CA ALA FB 154 57.34 -2.94 -50.18
C ALA FB 154 56.91 -4.17 -50.98
N PRO FB 155 57.29 -5.37 -50.55
CA PRO FB 155 56.92 -6.57 -51.31
C PRO FB 155 55.44 -6.78 -51.46
N GLY FB 156 54.65 -6.38 -50.47
CA GLY FB 156 53.21 -6.55 -50.55
C GLY FB 156 52.50 -5.61 -51.49
N THR FB 157 53.15 -4.60 -51.96
CA THR FB 157 52.49 -3.66 -52.87
C THR FB 157 52.38 -4.25 -54.26
N PRO FB 158 51.38 -3.83 -55.03
CA PRO FB 158 51.28 -4.28 -56.42
C PRO FB 158 52.47 -3.77 -57.25
N HIS FB 159 52.84 -4.57 -58.25
CA HIS FB 159 53.97 -4.27 -59.14
C HIS FB 159 55.25 -4.06 -58.34
N SER FB 160 55.50 -4.97 -57.40
CA SER FB 160 56.72 -4.97 -56.61
C SER FB 160 57.48 -6.27 -56.89
N HIS FB 161 58.78 -6.15 -57.15
CA HIS FB 161 59.65 -7.28 -57.39
C HIS FB 161 60.86 -7.22 -56.49
N THR FB 162 60.63 -6.94 -55.22
CA THR FB 162 61.69 -6.85 -54.23
C THR FB 162 61.73 -8.12 -53.39
N LYS FB 163 62.93 -8.50 -52.98
CA LYS FB 163 63.12 -9.74 -52.25
C LYS FB 163 62.74 -9.56 -50.79
N PRO FB 164 61.73 -10.27 -50.28
CA PRO FB 164 61.42 -10.19 -48.86
C PRO FB 164 62.46 -10.91 -48.03
N TYR FB 165 62.51 -10.55 -46.76
CA TYR FB 165 63.46 -11.14 -45.82
C TYR FB 165 62.83 -12.38 -45.21
N VAL FB 166 63.46 -13.54 -45.42
CA VAL FB 166 62.97 -14.81 -44.93
C VAL FB 166 64.12 -15.60 -44.33
N ARG FB 167 63.85 -16.30 -43.22
CA ARG FB 167 64.89 -17.11 -42.61
C ARG FB 167 65.20 -18.35 -43.43
N SER FB 168 64.26 -18.80 -44.26
CA SER FB 168 64.48 -19.98 -45.08
C SER FB 168 63.67 -19.86 -46.35
N LYS FB 169 64.07 -20.61 -47.38
CA LYS FB 169 63.37 -20.66 -48.65
C LYS FB 169 62.64 -21.99 -48.75
N GLY FB 170 61.33 -21.92 -48.96
CA GLY FB 170 60.54 -23.14 -49.06
C GLY FB 170 59.08 -22.78 -49.23
N ARG FB 171 58.28 -23.82 -49.45
CA ARG FB 171 56.85 -23.65 -49.66
C ARG FB 171 56.10 -23.25 -48.40
N LYS FB 172 56.72 -23.39 -47.23
CA LYS FB 172 56.08 -23.04 -45.98
C LYS FB 172 56.40 -21.62 -45.51
N PHE FB 173 57.28 -20.91 -46.21
CA PHE FB 173 57.79 -19.63 -45.75
C PHE FB 173 57.30 -18.52 -46.68
N GLU FB 174 56.23 -17.85 -46.26
CA GLU FB 174 55.74 -16.63 -46.90
C GLU FB 174 55.35 -16.87 -48.35
N ARG FB 175 54.38 -17.76 -48.55
CA ARG FB 175 53.88 -18.07 -49.87
C ARG FB 175 52.36 -18.20 -49.96
N ALA FB 176 51.64 -18.09 -48.84
CA ALA FB 176 50.23 -18.48 -48.82
C ALA FB 176 49.28 -17.30 -49.06
N ARG FB 177 49.25 -16.34 -48.15
CA ARG FB 177 48.21 -15.31 -48.14
C ARG FB 177 48.78 -14.01 -48.68
N GLY FB 178 48.30 -13.61 -49.85
CA GLY FB 178 48.81 -12.44 -50.54
C GLY FB 178 49.72 -12.75 -51.70
N ARG FB 179 50.11 -14.01 -51.87
CA ARG FB 179 50.96 -14.41 -52.98
C ARG FB 179 50.22 -15.20 -54.06
N ARG FB 180 49.00 -15.64 -53.79
CA ARG FB 180 48.26 -16.42 -54.76
C ARG FB 180 46.77 -16.15 -54.60
N ALA FB 181 46.05 -16.17 -55.73
CA ALA FB 181 44.63 -15.86 -55.72
C ALA FB 181 43.82 -16.88 -54.94
N SER FB 182 44.36 -18.09 -54.73
CA SER FB 182 43.65 -19.10 -53.96
C SER FB 182 43.50 -18.71 -52.50
N ARG FB 183 44.33 -17.79 -52.02
CA ARG FB 183 44.29 -17.33 -50.63
C ARG FB 183 44.22 -15.81 -50.61
N GLY FB 184 43.01 -15.28 -50.51
CA GLY FB 184 42.81 -13.87 -50.31
C GLY FB 184 43.03 -13.01 -51.54
N TYR FB 185 44.28 -12.85 -51.94
CA TYR FB 185 44.64 -11.97 -53.05
C TYR FB 185 46.08 -12.29 -53.45
N LYS FB 186 46.59 -11.54 -54.43
CA LYS FB 186 47.91 -11.80 -54.96
C LYS FB 186 48.74 -10.52 -55.04
N ASN FB 187 48.06 -9.38 -55.17
CA ASN FB 187 48.62 -8.03 -55.38
C ASN FB 187 50.10 -7.94 -55.81
N LYS GB 1 42.49 58.33 -44.46
CA LYS GB 1 43.50 59.30 -44.89
C LYS GB 1 44.11 59.99 -43.68
N ALA GB 2 45.36 60.40 -43.80
CA ALA GB 2 46.05 61.11 -42.73
C ALA GB 2 45.83 62.62 -42.88
N SER GB 3 46.62 63.41 -42.18
CA SER GB 3 46.51 64.86 -42.24
C SER GB 3 47.91 65.45 -42.08
N GLY GB 4 47.96 66.76 -41.81
CA GLY GB 4 49.21 67.49 -41.80
C GLY GB 4 48.94 68.93 -42.20
N THR GB 5 49.67 69.41 -43.20
CA THR GB 5 49.37 70.69 -43.83
C THR GB 5 48.91 70.39 -45.25
N LEU GB 6 47.60 70.37 -45.46
CA LEU GB 6 47.04 69.97 -46.75
C LEU GB 6 47.39 70.98 -47.84
N ARG GB 7 47.49 70.48 -49.07
CA ARG GB 7 47.72 71.31 -50.23
C ARG GB 7 46.65 71.02 -51.27
N GLU GB 8 46.34 72.03 -52.07
CA GLU GB 8 45.39 71.86 -53.16
C GLU GB 8 46.11 71.32 -54.39
N TYR GB 9 45.53 70.29 -54.99
CA TYR GB 9 46.12 69.65 -56.17
C TYR GB 9 45.11 69.65 -57.30
N LYS GB 10 45.54 70.11 -58.48
CA LYS GB 10 44.73 70.00 -59.69
C LYS GB 10 45.09 68.69 -60.39
N VAL GB 11 44.16 67.75 -60.42
CA VAL GB 11 44.41 66.41 -60.94
C VAL GB 11 43.53 66.21 -62.16
N VAL GB 12 44.15 65.89 -63.28
CA VAL GB 12 43.46 65.63 -64.53
C VAL GB 12 43.78 64.20 -64.97
N GLY GB 13 42.73 63.41 -65.19
CA GLY GB 13 42.92 62.02 -65.59
C GLY GB 13 41.83 61.61 -66.55
N ARG GB 14 42.09 60.51 -67.25
CA ARG GB 14 41.15 59.99 -68.24
C ARG GB 14 41.35 58.49 -68.39
N CYS GB 15 40.38 57.84 -69.01
CA CYS GB 15 40.48 56.41 -69.27
C CYS GB 15 41.59 56.13 -70.28
N LEU GB 16 42.05 54.88 -70.29
CA LEU GB 16 43.00 54.47 -71.30
C LEU GB 16 42.33 54.46 -72.66
N PRO GB 17 43.05 54.81 -73.73
CA PRO GB 17 42.47 54.77 -75.07
C PRO GB 17 42.16 53.34 -75.50
N THR GB 18 40.94 53.13 -75.96
CA THR GB 18 40.45 51.83 -76.39
C THR GB 18 39.82 51.96 -77.77
N PRO GB 19 39.75 50.87 -78.55
CA PRO GB 19 39.17 50.98 -79.90
C PRO GB 19 37.65 51.07 -79.91
N LYS GB 20 37.09 51.85 -78.99
CA LYS GB 20 35.70 52.27 -79.04
C LYS GB 20 35.66 53.78 -78.87
N CYS GB 21 36.57 54.30 -78.05
CA CYS GB 21 36.77 55.74 -77.88
C CYS GB 21 38.27 55.99 -77.92
N HIS GB 22 38.76 56.55 -79.03
CA HIS GB 22 40.18 56.80 -79.18
C HIS GB 22 40.67 57.82 -78.14
N THR GB 23 39.87 58.85 -77.88
CA THR GB 23 40.20 59.87 -76.90
C THR GB 23 39.03 59.98 -75.93
N PRO GB 24 39.04 59.17 -74.87
CA PRO GB 24 38.01 59.31 -73.84
C PRO GB 24 38.10 60.69 -73.19
N PRO GB 25 36.96 61.25 -72.77
CA PRO GB 25 36.96 62.62 -72.27
C PRO GB 25 37.81 62.78 -71.02
N LEU GB 26 38.46 63.94 -70.92
CA LEU GB 26 39.32 64.25 -69.80
C LEU GB 26 38.50 64.84 -68.66
N TYR GB 27 38.92 64.54 -67.43
CA TYR GB 27 38.22 64.98 -66.23
C TYR GB 27 39.19 65.67 -65.29
N ARG GB 28 38.72 66.72 -64.64
CA ARG GB 28 39.53 67.52 -63.73
C ARG GB 28 38.90 67.52 -62.35
N MET GB 29 39.73 67.32 -61.33
CA MET GB 29 39.26 67.36 -59.95
C MET GB 29 40.27 68.11 -59.10
N ARG GB 30 39.76 68.72 -58.03
CA ARG GB 30 40.60 69.36 -57.02
C ARG GB 30 40.64 68.46 -55.79
N ILE GB 31 41.84 67.98 -55.47
CA ILE GB 31 42.04 67.07 -54.36
C ILE GB 31 42.91 67.76 -53.32
N PHE GB 32 42.47 67.73 -52.07
CA PHE GB 32 43.23 68.28 -50.95
C PHE GB 32 43.90 67.11 -50.23
N ALA GB 33 45.22 67.03 -50.34
CA ALA GB 33 45.98 65.94 -49.79
C ALA GB 33 47.28 66.48 -49.20
N PRO GB 34 47.87 65.79 -48.23
CA PRO GB 34 49.19 66.21 -47.73
C PRO GB 34 50.26 66.21 -48.81
N ASN GB 35 50.16 65.31 -49.79
CA ASN GB 35 51.13 65.24 -50.86
C ASN GB 35 50.45 64.66 -52.09
N HIS GB 36 51.10 64.81 -53.24
CA HIS GB 36 50.51 64.39 -54.51
C HIS GB 36 50.29 62.89 -54.57
N VAL GB 37 51.02 62.11 -53.78
CA VAL GB 37 50.80 60.66 -53.76
C VAL GB 37 49.39 60.35 -53.27
N VAL GB 38 48.98 60.98 -52.18
CA VAL GB 38 47.62 60.80 -51.69
C VAL GB 38 46.61 61.41 -52.66
N ALA GB 39 46.96 62.55 -53.28
CA ALA GB 39 46.05 63.21 -54.20
C ALA GB 39 45.73 62.32 -55.39
N LYS GB 40 46.75 61.65 -55.93
CA LYS GB 40 46.51 60.70 -57.02
C LYS GB 40 45.75 59.48 -56.53
N SER GB 41 45.93 59.09 -55.27
CA SER GB 41 45.17 57.96 -54.74
C SER GB 41 43.71 58.32 -54.54
N ARG GB 42 43.44 59.53 -54.05
CA ARG GB 42 42.06 59.95 -53.84
C ARG GB 42 41.36 60.27 -55.14
N PHE GB 43 42.11 60.66 -56.18
CA PHE GB 43 41.49 60.97 -57.46
C PHE GB 43 40.86 59.74 -58.08
N TRP GB 44 41.57 58.61 -58.04
CA TRP GB 44 41.00 57.36 -58.53
C TRP GB 44 39.81 56.94 -57.68
N TYR GB 45 39.89 57.18 -56.37
CA TYR GB 45 38.78 56.85 -55.48
C TYR GB 45 37.55 57.70 -55.79
N PHE GB 46 37.75 58.93 -56.26
CA PHE GB 46 36.62 59.81 -56.53
C PHE GB 46 36.02 59.60 -57.91
N VAL GB 47 36.85 59.41 -58.93
CA VAL GB 47 36.31 59.13 -60.26
C VAL GB 47 35.62 57.76 -60.28
N SER GB 48 36.05 56.85 -59.41
CA SER GB 48 35.42 55.54 -59.35
C SER GB 48 33.98 55.65 -58.86
N GLN GB 49 33.73 56.53 -57.89
CA GLN GB 49 32.37 56.66 -57.37
C GLN GB 49 31.46 57.38 -58.34
N LEU GB 50 32.01 58.24 -59.20
CA LEU GB 50 31.20 58.99 -60.15
C LEU GB 50 31.14 58.29 -61.50
N LYS GB 51 32.29 58.06 -62.14
CA LYS GB 51 32.34 57.39 -63.43
C LYS GB 51 32.76 55.94 -63.23
N LYS GB 52 32.67 55.17 -64.31
CA LYS GB 52 33.03 53.76 -64.28
C LYS GB 52 34.50 53.62 -64.69
N MET GB 53 35.36 54.18 -63.85
CA MET GB 53 36.79 54.24 -64.10
C MET GB 53 37.54 53.27 -63.18
N LYS GB 54 38.83 53.11 -63.48
CA LYS GB 54 39.74 52.33 -62.66
C LYS GB 54 41.14 52.87 -62.84
N LYS GB 55 41.99 52.64 -61.83
CA LYS GB 55 43.39 53.03 -61.96
C LYS GB 55 44.07 52.22 -63.07
N SER GB 56 43.75 50.94 -63.17
CA SER GB 56 44.35 50.11 -64.23
C SER GB 56 43.74 50.41 -65.59
N SER GB 57 42.50 50.89 -65.62
CA SER GB 57 41.81 51.17 -66.88
C SER GB 57 41.97 52.61 -67.35
N GLY GB 58 42.72 53.43 -66.61
CA GLY GB 58 42.92 54.82 -66.98
C GLY GB 58 44.29 55.29 -66.55
N GLU GB 59 44.56 56.56 -66.82
CA GLU GB 59 45.82 57.18 -66.41
C GLU GB 59 45.56 58.64 -66.06
N ILE GB 60 46.48 59.20 -65.28
CA ILE GB 60 46.41 60.58 -64.85
C ILE GB 60 47.37 61.39 -65.73
N VAL GB 61 46.85 62.42 -66.38
CA VAL GB 61 47.67 63.20 -67.30
C VAL GB 61 48.29 64.44 -66.67
N TYR GB 62 47.82 64.85 -65.50
CA TYR GB 62 48.38 66.01 -64.83
C TYR GB 62 48.09 65.93 -63.34
N CYS GB 63 49.08 66.35 -62.54
CA CYS GB 63 48.90 66.42 -61.09
C CYS GB 63 49.82 67.55 -60.60
N GLY GB 64 49.25 68.73 -60.41
CA GLY GB 64 50.02 69.88 -59.98
C GLY GB 64 49.38 70.57 -58.80
N GLN GB 65 50.23 71.09 -57.91
CA GLN GB 65 49.75 71.83 -56.76
C GLN GB 65 49.13 73.15 -57.20
N VAL GB 66 48.06 73.55 -56.53
CA VAL GB 66 47.34 74.78 -56.85
C VAL GB 66 47.77 75.85 -55.85
N PHE GB 67 48.41 76.90 -56.35
CA PHE GB 67 48.79 78.01 -55.50
C PHE GB 67 47.61 78.95 -55.35
N GLU GB 68 47.43 79.49 -54.14
CA GLU GB 68 46.33 80.40 -53.89
C GLU GB 68 46.54 81.70 -54.65
N LYS GB 69 45.45 82.18 -55.28
CA LYS GB 69 45.55 83.37 -56.11
C LYS GB 69 45.90 84.61 -55.30
N SER GB 70 45.28 84.78 -54.14
CA SER GB 70 45.52 85.94 -53.27
C SER GB 70 45.80 85.46 -51.86
N PRO GB 71 47.00 84.93 -51.59
CA PRO GB 71 47.32 84.47 -50.24
C PRO GB 71 47.55 85.58 -49.24
N LEU GB 72 47.46 86.85 -49.65
CA LEU GB 72 47.60 87.98 -48.75
C LEU GB 72 46.28 88.71 -48.53
N ARG GB 73 45.16 88.07 -48.86
CA ARG GB 73 43.83 88.65 -48.69
C ARG GB 73 43.02 87.76 -47.78
N VAL GB 74 42.38 88.35 -46.78
CA VAL GB 74 41.49 87.61 -45.90
C VAL GB 74 40.20 87.32 -46.63
N LYS GB 75 39.78 86.06 -46.62
CA LYS GB 75 38.60 85.64 -47.36
C LYS GB 75 37.87 84.57 -46.57
N ASN GB 76 36.54 84.54 -46.70
CA ASN GB 76 35.70 83.56 -46.04
C ASN GB 76 35.37 82.44 -47.01
N PHE GB 77 35.55 81.20 -46.56
CA PHE GB 77 35.33 80.02 -47.38
C PHE GB 77 34.05 79.32 -46.94
N GLY GB 78 33.19 79.00 -47.90
CA GLY GB 78 32.04 78.14 -47.65
C GLY GB 78 32.35 76.75 -48.18
N ILE GB 79 32.30 75.78 -47.28
CA ILE GB 79 32.71 74.41 -47.58
C ILE GB 79 31.49 73.50 -47.49
N TRP GB 80 31.18 72.83 -48.60
CA TRP GB 80 30.16 71.79 -48.62
C TRP GB 80 30.84 70.43 -48.60
N LEU GB 81 30.26 69.49 -47.88
CA LEU GB 81 30.84 68.16 -47.75
C LEU GB 81 29.77 67.15 -47.40
N ARG GB 82 30.17 65.89 -47.35
CA ARG GB 82 29.39 64.82 -46.76
C ARG GB 82 30.31 63.98 -45.90
N TYR GB 83 29.75 63.37 -44.87
CA TYR GB 83 30.56 62.56 -43.97
C TYR GB 83 29.68 61.52 -43.29
N ASP GB 84 30.33 60.48 -42.79
CA ASP GB 84 29.65 59.33 -42.18
C ASP GB 84 29.75 59.46 -40.67
N SER GB 85 28.63 59.71 -40.02
CA SER GB 85 28.56 59.64 -38.56
C SER GB 85 28.46 58.19 -38.14
N ARG GB 86 28.28 57.94 -36.85
CA ARG GB 86 28.13 56.56 -36.39
C ARG GB 86 26.77 55.98 -36.75
N SER GB 87 25.81 56.79 -37.17
CA SER GB 87 24.47 56.29 -37.46
C SER GB 87 23.92 56.92 -38.72
N GLY GB 88 24.79 57.17 -39.71
CA GLY GB 88 24.31 57.66 -40.99
C GLY GB 88 25.18 58.69 -41.66
N THR GB 89 24.85 59.03 -42.91
CA THR GB 89 25.58 60.02 -43.68
C THR GB 89 24.83 61.35 -43.68
N HIS GB 90 25.58 62.44 -43.53
CA HIS GB 90 24.99 63.76 -43.43
C HIS GB 90 25.77 64.75 -44.28
N ASN GB 91 25.05 65.66 -44.92
CA ASN GB 91 25.66 66.77 -45.64
C ASN GB 91 25.83 67.95 -44.69
N MET GB 92 26.90 68.71 -44.88
CA MET GB 92 27.19 69.82 -44.00
C MET GB 92 27.69 71.01 -44.81
N TYR GB 93 27.56 72.19 -44.22
CA TYR GB 93 28.01 73.44 -44.82
C TYR GB 93 28.67 74.28 -43.73
N ARG GB 94 29.99 74.31 -43.72
CA ARG GB 94 30.75 74.98 -42.68
C ARG GB 94 31.55 76.14 -43.28
N GLU GB 95 31.60 77.24 -42.55
CA GLU GB 95 32.27 78.45 -43.00
C GLU GB 95 33.45 78.76 -42.10
N TYR GB 96 34.60 79.02 -42.71
CA TYR GB 96 35.83 79.34 -41.98
C TYR GB 96 36.51 80.52 -42.64
N ARG GB 97 37.29 81.26 -41.85
CA ARG GB 97 38.10 82.36 -42.35
C ARG GB 97 39.56 81.92 -42.43
N ASP GB 98 40.14 82.04 -43.62
CA ASP GB 98 41.54 81.69 -43.82
C ASP GB 98 42.07 82.41 -45.05
N LEU GB 99 43.40 82.50 -45.12
CA LEU GB 99 44.03 83.16 -46.25
C LEU GB 99 43.98 82.32 -47.51
N THR GB 100 44.24 81.02 -47.38
CA THR GB 100 44.35 80.12 -48.52
C THR GB 100 43.23 79.10 -48.51
N THR GB 101 42.93 78.55 -49.68
CA THR GB 101 41.93 77.49 -49.78
C THR GB 101 42.38 76.24 -49.02
N ALA GB 102 43.65 75.87 -49.16
CA ALA GB 102 44.15 74.66 -48.51
C ALA GB 102 44.08 74.79 -47.00
N GLY GB 103 44.34 75.99 -46.47
CA GLY GB 103 44.24 76.18 -45.04
C GLY GB 103 42.82 75.99 -44.52
N ALA GB 104 41.84 76.48 -45.27
CA ALA GB 104 40.44 76.34 -44.84
C ALA GB 104 40.02 74.88 -44.76
N VAL GB 105 40.41 74.08 -45.75
CA VAL GB 105 40.12 72.65 -45.71
C VAL GB 105 40.85 72.00 -44.55
N THR GB 106 42.06 72.46 -44.26
CA THR GB 106 42.79 71.96 -43.09
C THR GB 106 42.03 72.27 -41.81
N GLN GB 107 41.49 73.49 -41.70
CA GLN GB 107 40.68 73.83 -40.53
C GLN GB 107 39.46 72.94 -40.42
N CYS GB 108 38.80 72.69 -41.55
CA CYS GB 108 37.58 71.88 -41.54
C CYS GB 108 37.86 70.47 -41.07
N TYR GB 109 39.01 69.91 -41.45
CA TYR GB 109 39.35 68.57 -41.00
C TYR GB 109 39.58 68.56 -39.49
N ARG GB 110 40.26 69.58 -38.96
CA ARG GB 110 40.44 69.67 -37.52
C ARG GB 110 39.11 69.87 -36.81
N ASP GB 111 38.24 70.71 -37.38
CA ASP GB 111 36.97 71.00 -36.73
C ASP GB 111 36.04 69.79 -36.73
N MET GB 112 35.95 69.08 -37.86
CA MET GB 112 35.09 67.91 -37.93
C MET GB 112 35.60 66.80 -37.01
N GLY GB 113 36.92 66.63 -36.93
CA GLY GB 113 37.47 65.65 -36.00
C GLY GB 113 37.22 66.04 -34.55
N ALA GB 114 37.35 67.33 -34.23
CA ALA GB 114 37.16 67.76 -32.86
C ALA GB 114 35.69 67.74 -32.47
N ARG GB 115 34.81 68.25 -33.33
CA ARG GB 115 33.41 68.41 -32.96
C ARG GB 115 32.57 67.17 -33.18
N HIS GB 116 32.82 66.40 -34.22
CA HIS GB 116 31.98 65.24 -34.55
C HIS GB 116 32.75 63.93 -34.55
N ARG GB 117 34.01 63.94 -34.12
CA ARG GB 117 34.84 62.73 -34.03
C ARG GB 117 34.92 62.02 -35.38
N ALA GB 118 35.00 62.82 -36.45
CA ALA GB 118 35.03 62.28 -37.81
C ALA GB 118 36.48 62.19 -38.27
N ARG GB 119 36.91 60.99 -38.62
CA ARG GB 119 38.25 60.80 -39.15
C ARG GB 119 38.28 61.25 -40.61
N ALA GB 120 39.49 61.49 -41.11
CA ALA GB 120 39.66 62.04 -42.44
C ALA GB 120 39.15 61.10 -43.52
N HIS GB 121 39.18 59.79 -43.27
CA HIS GB 121 38.70 58.84 -44.28
C HIS GB 121 37.18 58.88 -44.41
N SER GB 122 36.47 59.40 -43.42
CA SER GB 122 35.02 59.50 -43.51
C SER GB 122 34.56 60.86 -44.02
N ILE GB 123 35.34 61.91 -43.80
CA ILE GB 123 34.99 63.22 -44.33
C ILE GB 123 35.21 63.22 -45.84
N GLN GB 124 34.22 63.74 -46.56
CA GLN GB 124 34.23 63.73 -48.03
C GLN GB 124 33.89 65.12 -48.52
N ILE GB 125 34.93 65.95 -48.70
CA ILE GB 125 34.75 67.31 -49.21
C ILE GB 125 34.26 67.23 -50.65
N MET GB 126 33.25 68.03 -50.98
CA MET GB 126 32.74 68.05 -52.34
C MET GB 126 32.89 69.39 -53.03
N LYS GB 127 32.82 70.50 -52.31
CA LYS GB 127 33.04 71.79 -52.96
C LYS GB 127 33.49 72.82 -51.94
N VAL GB 128 34.56 73.54 -52.27
CA VAL GB 128 35.05 74.66 -51.48
C VAL GB 128 35.01 75.89 -52.36
N GLU GB 129 34.45 76.98 -51.84
CA GLU GB 129 34.27 78.17 -52.64
C GLU GB 129 34.36 79.41 -51.75
N GLU GB 130 35.07 80.42 -52.23
CA GLU GB 130 35.15 81.68 -51.51
C GLU GB 130 33.88 82.50 -51.76
N ILE GB 131 33.32 83.04 -50.70
CA ILE GB 131 32.05 83.76 -50.78
C ILE GB 131 32.20 85.12 -50.11
N ALA GB 132 31.27 86.02 -50.44
CA ALA GB 132 31.26 87.35 -49.87
C ALA GB 132 30.83 87.29 -48.41
N ALA GB 133 31.18 88.35 -47.67
CA ALA GB 133 30.86 88.41 -46.24
C ALA GB 133 29.36 88.46 -46.01
N SER GB 134 28.63 89.20 -46.84
CA SER GB 134 27.19 89.35 -46.66
C SER GB 134 26.44 88.05 -46.89
N LYS GB 135 27.03 87.10 -47.61
CA LYS GB 135 26.40 85.81 -47.84
C LYS GB 135 26.78 84.76 -46.82
N CYS GB 136 27.65 85.09 -45.88
CA CYS GB 136 27.99 84.16 -44.81
C CYS GB 136 26.80 83.99 -43.88
N ARG GB 137 26.72 82.81 -43.28
CA ARG GB 137 25.60 82.48 -42.40
C ARG GB 137 25.99 82.09 -40.99
N ARG GB 138 27.23 81.69 -40.76
CA ARG GB 138 27.64 81.29 -39.42
C ARG GB 138 27.93 82.53 -38.58
N PRO GB 139 27.30 82.67 -37.41
CA PRO GB 139 27.57 83.85 -36.58
C PRO GB 139 29.00 83.93 -36.09
N ALA GB 140 29.71 82.80 -36.03
CA ALA GB 140 31.12 82.84 -35.66
C ALA GB 140 31.94 83.61 -36.68
N VAL GB 141 31.65 83.41 -37.96
CA VAL GB 141 32.33 84.17 -39.00
C VAL GB 141 31.86 85.62 -39.02
N LYS GB 142 30.56 85.84 -38.83
CA LYS GB 142 29.97 87.17 -39.01
C LYS GB 142 30.50 88.18 -38.00
N GLN GB 143 30.92 87.72 -36.82
CA GLN GB 143 31.43 88.64 -35.82
C GLN GB 143 32.75 89.26 -36.21
N PHE GB 144 33.44 88.71 -37.21
CA PHE GB 144 34.69 89.29 -37.70
C PHE GB 144 34.47 90.31 -38.80
N HIS GB 145 33.25 90.46 -39.30
CA HIS GB 145 32.96 91.46 -40.33
C HIS GB 145 32.63 92.80 -39.67
N ASP GB 146 33.68 93.42 -39.14
CA ASP GB 146 33.59 94.69 -38.44
C ASP GB 146 34.71 95.60 -38.92
N SER GB 147 34.34 96.70 -39.56
CA SER GB 147 35.33 97.65 -40.06
C SER GB 147 35.97 98.47 -38.95
N LYS GB 148 35.42 98.44 -37.74
CA LYS GB 148 36.01 99.10 -36.58
C LYS GB 148 36.21 98.08 -35.45
N ILE GB 149 36.70 96.90 -35.80
CA ILE GB 149 36.83 95.82 -34.83
C ILE GB 149 37.91 96.17 -33.81
N LYS GB 150 37.64 95.81 -32.55
CA LYS GB 150 38.53 96.15 -31.45
C LYS GB 150 38.23 95.25 -30.26
N PHE GB 151 39.24 94.57 -29.75
CA PHE GB 151 39.08 93.74 -28.56
C PHE GB 151 40.42 93.62 -27.86
N PRO GB 152 40.43 93.41 -26.54
CA PRO GB 152 41.69 93.19 -25.85
C PRO GB 152 42.00 91.70 -25.70
N LEU GB 153 43.21 91.39 -25.25
CA LEU GB 153 43.55 90.02 -24.86
C LEU GB 153 43.48 89.94 -23.35
N PRO GB 154 42.37 89.49 -22.77
CA PRO GB 154 42.14 89.68 -21.33
C PRO GB 154 43.09 88.90 -20.43
N HIS GB 155 43.20 87.60 -20.68
CA HIS GB 155 43.87 86.68 -19.75
C HIS GB 155 45.03 86.01 -20.48
N ARG GB 156 46.19 86.66 -20.47
CA ARG GB 156 47.39 86.11 -21.10
C ARG GB 156 48.02 85.08 -20.18
N VAL GB 157 47.76 83.81 -20.44
CA VAL GB 157 48.35 82.73 -19.64
C VAL GB 157 49.84 82.68 -19.89
N LEU GB 158 50.62 82.53 -18.82
CA LEU GB 158 52.06 82.36 -18.95
C LEU GB 158 52.37 81.08 -19.72
N ARG GB 159 53.29 81.18 -20.68
CA ARG GB 159 53.65 80.03 -21.50
C ARG GB 159 55.04 79.49 -21.19
N ARG GB 160 55.98 80.33 -20.80
CA ARG GB 160 57.32 79.89 -20.40
C ARG GB 160 57.32 79.49 -18.92
N GLN GB 161 56.51 78.47 -18.62
CA GLN GB 161 56.32 78.06 -17.22
C GLN GB 161 57.56 77.42 -16.62
N HIS GB 162 58.50 76.96 -17.44
CA HIS GB 162 59.71 76.32 -16.95
C HIS GB 162 60.97 77.13 -17.21
N LYS GB 163 60.83 78.38 -17.64
CA LYS GB 163 61.96 79.29 -17.81
C LYS GB 163 61.63 80.59 -17.10
N PRO GB 164 61.98 80.70 -15.81
CA PRO GB 164 62.65 79.71 -14.97
C PRO GB 164 61.68 78.70 -14.36
N ARG GB 165 62.17 77.53 -13.96
CA ARG GB 165 61.31 76.58 -13.26
C ARG GB 165 61.01 77.05 -11.85
N PHE GB 166 61.94 77.75 -11.21
CA PHE GB 166 61.77 78.30 -9.88
C PHE GB 166 62.10 79.78 -9.90
N THR GB 167 61.30 80.58 -9.20
CA THR GB 167 61.55 82.01 -9.09
C THR GB 167 60.89 82.50 -7.80
N THR GB 168 60.96 83.80 -7.57
CA THR GB 168 60.44 84.40 -6.35
C THR GB 168 59.21 85.27 -6.56
N LYS GB 169 58.94 85.70 -7.79
CA LYS GB 169 57.83 86.60 -8.07
C LYS GB 169 56.77 85.87 -8.89
N ARG GB 170 55.52 85.95 -8.43
CA ARG GB 170 54.43 85.31 -9.16
C ARG GB 170 54.19 86.04 -10.47
N PRO GB 171 53.81 85.32 -11.54
CA PRO GB 171 53.65 85.97 -12.84
C PRO GB 171 52.46 86.89 -12.88
N ASN GB 172 52.54 87.86 -13.79
CA ASN GB 172 51.48 88.81 -14.03
C ASN GB 172 50.74 88.43 -15.32
N THR GB 173 49.44 88.70 -15.34
CA THR GB 173 48.59 88.38 -16.48
C THR GB 173 48.01 89.61 -17.17
N PHE GB 174 47.67 90.65 -16.40
CA PHE GB 174 47.18 91.88 -17.00
C PHE GB 174 48.26 92.53 -17.85
N PHE GB 175 47.88 92.97 -19.04
CA PHE GB 175 48.80 93.64 -19.94
C PHE GB 175 48.10 94.74 -20.72
N THR HB 1 32.10 10.17 -41.46
CA THR HB 1 31.14 11.24 -41.67
C THR HB 1 30.64 11.24 -43.10
N ASN HB 2 31.43 11.81 -44.01
CA ASN HB 2 31.07 11.82 -45.41
C ASN HB 2 31.08 10.40 -45.96
N THR HB 3 30.10 10.10 -46.81
CA THR HB 3 30.06 8.80 -47.44
C THR HB 3 31.19 8.69 -48.47
N LYS HB 4 31.65 7.46 -48.68
CA LYS HB 4 32.75 7.19 -49.59
C LYS HB 4 32.27 6.85 -51.00
N GLY HB 5 31.06 7.28 -51.35
CA GLY HB 5 30.52 6.92 -52.64
C GLY HB 5 31.29 7.56 -53.77
N LYS HB 6 31.25 6.90 -54.93
CA LYS HB 6 31.99 7.40 -56.09
C LYS HB 6 31.45 8.72 -56.58
N ARG HB 7 30.14 8.93 -56.50
CA ARG HB 7 29.50 10.11 -57.09
C ARG HB 7 28.92 11.05 -56.03
N ARG HB 8 29.46 11.02 -54.81
CA ARG HB 8 28.96 11.93 -53.78
C ARG HB 8 29.33 13.37 -54.12
N GLY HB 9 28.38 14.27 -53.90
CA GLY HB 9 28.62 15.69 -54.11
C GLY HB 9 28.89 16.07 -55.54
N THR HB 10 28.25 15.40 -56.49
CA THR HB 10 28.36 15.74 -57.91
C THR HB 10 27.02 16.15 -58.49
N ARG HB 11 26.14 16.73 -57.67
CA ARG HB 11 24.82 17.09 -58.14
C ARG HB 11 24.89 18.18 -59.20
N TYR HB 12 25.74 19.17 -58.99
CA TYR HB 12 25.92 20.22 -59.99
C TYR HB 12 27.09 19.94 -60.93
N MET HB 13 28.08 19.16 -60.48
CA MET HB 13 29.28 18.96 -61.28
C MET HB 13 28.97 18.15 -62.53
N PHE HB 14 28.28 17.03 -62.39
CA PHE HB 14 27.93 16.19 -63.52
C PHE HB 14 26.62 16.61 -64.18
N SER HB 15 25.95 17.64 -63.65
CA SER HB 15 24.71 18.10 -64.24
C SER HB 15 24.97 18.77 -65.58
N ARG HB 16 24.06 18.57 -66.52
CA ARG HB 16 24.15 19.21 -67.82
C ARG HB 16 23.90 20.71 -67.68
N PRO HB 17 24.48 21.52 -68.57
CA PRO HB 17 24.15 22.95 -68.59
C PRO HB 17 22.69 23.16 -68.95
N PHE HB 18 22.18 24.33 -68.56
CA PHE HB 18 20.77 24.61 -68.76
C PHE HB 18 20.42 24.63 -70.24
N ARG HB 19 19.30 23.98 -70.58
CA ARG HB 19 18.82 23.84 -71.95
C ARG HB 19 19.88 23.20 -72.85
N LYS HB 20 20.62 22.26 -72.29
CA LYS HB 20 21.66 21.52 -73.01
C LYS HB 20 21.50 20.02 -72.81
N HIS HB 21 20.29 19.56 -72.57
CA HIS HB 21 20.00 18.14 -72.45
C HIS HB 21 19.90 17.53 -73.85
N GLY HB 22 19.38 16.32 -73.93
CA GLY HB 22 19.10 15.71 -75.21
C GLY HB 22 20.25 14.90 -75.75
N VAL HB 23 20.17 14.63 -77.05
CA VAL HB 23 21.18 13.83 -77.73
C VAL HB 23 22.51 14.57 -77.74
N VAL HB 24 23.59 13.85 -77.53
CA VAL HB 24 24.92 14.45 -77.55
C VAL HB 24 25.24 14.92 -78.97
N PRO HB 25 25.78 16.12 -79.16
CA PRO HB 25 26.27 16.51 -80.48
C PRO HB 25 27.36 15.57 -80.93
N LEU HB 26 27.38 15.28 -82.23
CA LEU HB 26 28.25 14.24 -82.77
C LEU HB 26 29.63 14.75 -83.18
N ALA HB 27 29.92 16.03 -82.96
CA ALA HB 27 31.27 16.52 -83.21
C ALA HB 27 32.28 15.86 -82.28
N THR HB 28 31.89 15.63 -81.02
CA THR HB 28 32.79 15.02 -80.05
C THR HB 28 33.21 13.62 -80.48
N TYR HB 29 32.26 12.82 -80.99
CA TYR HB 29 32.61 11.50 -81.49
C TYR HB 29 33.46 11.57 -82.76
N MET HB 30 33.43 12.69 -83.48
CA MET HB 30 34.21 12.83 -84.69
C MET HB 30 35.60 13.40 -84.43
N ARG HB 31 35.92 13.77 -83.19
CA ARG HB 31 37.26 14.20 -82.87
C ARG HB 31 38.24 13.04 -83.01
N ILE HB 32 39.46 13.38 -83.41
CA ILE HB 32 40.53 12.40 -83.57
C ILE HB 32 41.64 12.72 -82.58
N TYR HB 33 42.01 11.72 -81.77
CA TYR HB 33 42.98 11.90 -80.71
C TYR HB 33 44.18 11.00 -80.96
N LYS HB 34 45.38 11.56 -80.78
CA LYS HB 34 46.63 10.85 -80.91
C LYS HB 34 47.28 10.65 -79.55
N LYS HB 35 48.47 10.09 -79.54
CA LYS HB 35 49.26 10.02 -78.32
C LYS HB 35 50.07 11.30 -78.16
N GLY HB 36 50.25 11.71 -76.91
CA GLY HB 36 51.04 12.89 -76.60
C GLY HB 36 50.30 14.20 -76.65
N ASP HB 37 49.09 14.23 -77.21
CA ASP HB 37 48.31 15.45 -77.21
C ASP HB 37 47.76 15.73 -75.81
N ILE HB 38 47.24 16.93 -75.63
CA ILE HB 38 46.76 17.41 -74.34
C ILE HB 38 45.25 17.57 -74.41
N VAL HB 39 44.56 17.02 -73.42
CA VAL HB 39 43.10 17.06 -73.37
C VAL HB 39 42.67 17.53 -71.99
N ASP HB 40 41.45 18.06 -71.93
CA ASP HB 40 40.84 18.50 -70.68
C ASP HB 40 39.67 17.59 -70.37
N ILE HB 41 39.66 17.02 -69.17
CA ILE HB 41 38.60 16.10 -68.77
C ILE HB 41 37.39 16.90 -68.32
N LYS HB 42 36.33 16.89 -69.14
CA LYS HB 42 35.10 17.57 -68.75
C LYS HB 42 34.24 16.69 -67.87
N GLY HB 43 33.79 15.54 -68.38
CA GLY HB 43 32.97 14.64 -67.59
C GLY HB 43 31.49 14.95 -67.64
N MET HB 44 30.90 14.92 -68.83
CA MET HB 44 29.48 15.15 -68.97
C MET HB 44 28.69 14.00 -68.36
N GLY HB 45 27.51 14.32 -67.85
CA GLY HB 45 26.67 13.35 -67.19
C GLY HB 45 25.60 12.69 -68.04
N THR HB 46 25.64 12.90 -69.36
CA THR HB 46 24.62 12.31 -70.23
C THR HB 46 24.79 10.79 -70.30
N VAL HB 47 26.00 10.32 -70.55
CA VAL HB 47 26.31 8.90 -70.66
C VAL HB 47 27.13 8.50 -69.45
N GLN HB 48 26.65 7.52 -68.71
CA GLN HB 48 27.27 7.12 -67.46
C GLN HB 48 28.40 6.12 -67.63
N LYS HB 49 28.63 5.62 -68.84
CA LYS HB 49 29.72 4.68 -69.07
C LYS HB 49 31.03 5.43 -69.29
N GLY HB 50 32.11 4.89 -68.73
CA GLY HB 50 33.41 5.51 -68.85
C GLY HB 50 33.49 6.88 -68.18
N MET HB 51 32.80 7.03 -67.05
CA MET HB 51 32.77 8.32 -66.37
C MET HB 51 34.05 8.51 -65.56
N PRO HB 52 34.78 9.60 -65.77
CA PRO HB 52 35.92 9.90 -64.89
C PRO HB 52 35.46 10.26 -63.50
N HIS HB 53 36.34 10.02 -62.54
CA HIS HB 53 36.01 10.31 -61.15
C HIS HB 53 35.96 11.81 -60.91
N LYS HB 54 35.30 12.19 -59.81
CA LYS HB 54 35.11 13.60 -59.49
C LYS HB 54 36.44 14.30 -59.25
N CYS HB 55 37.44 13.59 -58.74
CA CYS HB 55 38.73 14.23 -58.47
C CYS HB 55 39.44 14.61 -59.77
N TYR HB 56 39.17 13.90 -60.85
CA TYR HB 56 39.77 14.23 -62.14
C TYR HB 56 38.93 15.19 -62.97
N HIS HB 57 37.76 15.59 -62.48
CA HIS HB 57 36.91 16.51 -63.22
C HIS HB 57 37.58 17.88 -63.27
N GLY HB 58 37.73 18.41 -64.48
CA GLY HB 58 38.36 19.70 -64.69
C GLY HB 58 39.86 19.66 -64.80
N LYS HB 59 40.50 18.54 -64.46
CA LYS HB 59 41.94 18.42 -64.56
C LYS HB 59 42.35 18.27 -66.02
N THR HB 60 43.65 18.36 -66.27
CA THR HB 60 44.21 18.31 -67.61
C THR HB 60 45.31 17.28 -67.66
N GLY HB 61 45.26 16.41 -68.68
CA GLY HB 61 46.22 15.33 -68.82
C GLY HB 61 46.59 15.10 -70.26
N ARG HB 62 47.50 14.15 -70.46
CA ARG HB 62 48.02 13.82 -71.79
C ARG HB 62 47.64 12.39 -72.13
N VAL HB 63 47.12 12.20 -73.34
CA VAL HB 63 46.68 10.88 -73.79
C VAL HB 63 47.89 10.02 -74.09
N TYR HB 64 47.81 8.74 -73.72
CA TYR HB 64 48.83 7.76 -74.07
C TYR HB 64 48.29 6.51 -74.74
N ASN HB 65 47.00 6.20 -74.59
CA ASN HB 65 46.41 5.02 -75.19
C ASN HB 65 45.10 5.41 -75.86
N VAL HB 66 44.79 4.71 -76.95
CA VAL HB 66 43.56 4.95 -77.70
C VAL HB 66 42.88 3.61 -77.96
N THR HB 67 41.57 3.54 -77.72
CA THR HB 67 40.79 2.35 -77.98
C THR HB 67 39.61 2.67 -78.87
N GLN HB 68 38.66 1.74 -79.00
CA GLN HB 68 37.50 1.98 -79.86
C GLN HB 68 36.66 3.15 -79.34
N HIS HB 69 36.41 3.20 -78.03
CA HIS HB 69 35.45 4.15 -77.49
C HIS HB 69 36.02 4.99 -76.36
N ALA HB 70 37.33 4.91 -76.09
CA ALA HB 70 37.90 5.65 -74.97
C ALA HB 70 39.39 5.85 -75.22
N VAL HB 71 39.99 6.67 -74.36
CA VAL HB 71 41.42 6.93 -74.41
C VAL HB 71 42.00 6.78 -73.01
N GLY HB 72 43.30 6.51 -72.96
CA GLY HB 72 44.03 6.47 -71.71
C GLY HB 72 44.77 7.79 -71.51
N ILE HB 73 44.53 8.41 -70.37
CA ILE HB 73 45.06 9.73 -70.07
C ILE HB 73 45.94 9.63 -68.83
N VAL HB 74 47.14 10.19 -68.92
CA VAL HB 74 48.02 10.35 -67.77
C VAL HB 74 47.79 11.75 -67.20
N VAL HB 75 47.43 11.81 -65.93
CA VAL HB 75 47.09 13.08 -65.28
C VAL HB 75 47.77 13.14 -63.92
N ASN HB 76 48.22 14.34 -63.55
CA ASN HB 76 48.90 14.54 -62.27
C ASN HB 76 47.86 14.83 -61.21
N LYS HB 77 47.66 13.89 -60.29
CA LYS HB 77 46.72 14.05 -59.20
C LYS HB 77 47.49 14.22 -57.90
N GLN HB 78 47.14 15.25 -57.13
CA GLN HB 78 47.83 15.55 -55.89
C GLN HB 78 47.18 14.81 -54.74
N VAL HB 79 47.98 14.05 -53.99
CA VAL HB 79 47.53 13.34 -52.81
C VAL HB 79 48.39 13.80 -51.63
N LYS HB 80 47.75 14.40 -50.63
CA LYS HB 80 48.41 14.88 -49.43
C LYS HB 80 49.58 15.81 -49.76
N GLY HB 81 50.80 15.31 -49.58
CA GLY HB 81 51.99 16.06 -49.92
C GLY HB 81 52.73 15.61 -51.16
N LYS HB 82 52.14 14.74 -51.97
CA LYS HB 82 52.82 14.20 -53.13
C LYS HB 82 51.90 14.25 -54.34
N ILE HB 83 52.50 14.46 -55.52
CA ILE HB 83 51.79 14.42 -56.79
C ILE HB 83 52.30 13.23 -57.57
N LEU HB 84 51.39 12.36 -57.99
CA LEU HB 84 51.75 11.19 -58.78
C LEU HB 84 50.83 11.10 -59.98
N ALA HB 85 51.35 10.52 -61.06
CA ALA HB 85 50.68 10.53 -62.36
C ALA HB 85 49.72 9.35 -62.43
N LYS HB 86 48.42 9.65 -62.41
CA LYS HB 86 47.41 8.62 -62.54
C LYS HB 86 47.07 8.36 -64.00
N ARG HB 87 46.68 7.13 -64.29
CA ARG HB 87 46.18 6.73 -65.60
C ARG HB 87 44.71 6.37 -65.48
N ILE HB 88 43.88 6.98 -66.33
CA ILE HB 88 42.44 6.77 -66.28
C ILE HB 88 41.94 6.47 -67.69
N ASN HB 89 41.04 5.49 -67.80
CA ASN HB 89 40.39 5.13 -69.05
C ASN HB 89 39.07 5.87 -69.12
N VAL HB 90 38.98 6.85 -70.01
CA VAL HB 90 37.84 7.75 -70.07
C VAL HB 90 37.29 7.75 -71.49
N ARG HB 91 35.98 7.56 -71.63
CA ARG HB 91 35.35 7.61 -72.93
C ARG HB 91 35.44 9.01 -73.52
N ILE HB 92 35.43 9.08 -74.85
CA ILE HB 92 35.78 10.31 -75.55
C ILE HB 92 34.79 11.45 -75.30
N GLU HB 93 33.59 11.14 -74.80
CA GLU HB 93 32.62 12.19 -74.55
C GLU HB 93 33.07 13.15 -73.45
N HIS HB 94 33.90 12.68 -72.53
CA HIS HB 94 34.27 13.45 -71.35
C HIS HB 94 35.54 14.26 -71.53
N ILE HB 95 36.11 14.27 -72.73
CA ILE HB 95 37.35 14.99 -73.00
C ILE HB 95 37.15 15.89 -74.21
N LYS HB 96 38.16 16.70 -74.48
CA LYS HB 96 38.24 17.57 -75.65
C LYS HB 96 39.65 18.10 -75.74
N HIS HB 97 40.09 18.45 -76.95
CA HIS HB 97 41.44 18.93 -77.15
C HIS HB 97 41.67 20.22 -76.37
N SER HB 98 42.84 20.31 -75.74
CA SER HB 98 43.22 21.50 -74.98
C SER HB 98 43.63 22.58 -75.95
N LYS HB 99 42.87 23.68 -75.97
CA LYS HB 99 43.16 24.76 -76.91
C LYS HB 99 44.46 25.47 -76.56
N SER HB 100 44.96 25.29 -75.33
CA SER HB 100 46.24 25.87 -74.96
C SER HB 100 47.38 25.26 -75.77
N ARG HB 101 47.40 23.93 -75.88
CA ARG HB 101 48.47 23.28 -76.62
C ARG HB 101 48.37 23.59 -78.11
N ASP HB 102 47.15 23.64 -78.65
CA ASP HB 102 46.97 23.96 -80.07
C ASP HB 102 47.49 25.35 -80.39
N SER HB 103 47.20 26.33 -79.53
CA SER HB 103 47.75 27.66 -79.72
C SER HB 103 49.26 27.67 -79.54
N PHE HB 104 49.79 26.81 -78.68
CA PHE HB 104 51.23 26.72 -78.50
C PHE HB 104 51.91 26.22 -79.76
N LEU HB 105 51.35 25.18 -80.39
CA LEU HB 105 51.87 24.74 -81.67
C LEU HB 105 51.67 25.80 -82.75
N LYS HB 106 50.58 26.57 -82.66
CA LYS HB 106 50.35 27.65 -83.61
C LYS HB 106 51.47 28.69 -83.51
N ARG HB 107 51.88 29.03 -82.28
CA ARG HB 107 52.96 29.99 -82.11
C ARG HB 107 54.29 29.42 -82.59
N VAL HB 108 54.56 28.15 -82.28
CA VAL HB 108 55.84 27.54 -82.65
C VAL HB 108 55.99 27.47 -84.15
N LYS HB 109 54.94 27.06 -84.86
CA LYS HB 109 54.98 27.06 -86.32
C LYS HB 109 55.18 28.46 -86.86
N GLU HB 110 54.52 29.45 -86.23
CA GLU HB 110 54.75 30.84 -86.58
C GLU HB 110 56.17 31.27 -86.25
N ASN HB 111 56.68 30.84 -85.09
CA ASN HB 111 57.99 31.28 -84.63
C ASN HB 111 59.11 30.73 -85.51
N ASP HB 112 59.05 29.43 -85.84
CA ASP HB 112 60.11 28.82 -86.63
C ASP HB 112 60.16 29.42 -88.04
N GLN HB 113 59.00 29.70 -88.63
CA GLN HB 113 58.97 30.36 -89.92
C GLN HB 113 59.55 31.76 -89.82
N LYS HB 114 59.24 32.48 -88.73
CA LYS HB 114 59.76 33.83 -88.57
C LYS HB 114 61.28 33.83 -88.48
N LYS HB 115 61.85 32.86 -87.76
CA LYS HB 115 63.30 32.71 -87.76
C LYS HB 115 63.81 32.37 -89.15
N LYS HB 116 63.11 31.47 -89.84
CA LYS HB 116 63.51 31.10 -91.20
C LYS HB 116 63.40 32.28 -92.15
N GLU HB 117 62.31 33.04 -92.05
CA GLU HB 117 62.08 34.13 -93.00
C GLU HB 117 63.01 35.30 -92.76
N ALA HB 118 63.18 35.71 -91.50
CA ALA HB 118 64.01 36.87 -91.20
C ALA HB 118 65.48 36.60 -91.49
N LYS HB 119 65.94 35.38 -91.22
CA LYS HB 119 67.32 35.03 -91.54
C LYS HB 119 67.57 35.05 -93.04
N GLU HB 120 66.55 34.73 -93.83
CA GLU HB 120 66.73 34.68 -95.28
C GLU HB 120 66.87 36.08 -95.87
N LYS HB 121 66.11 37.05 -95.37
CA LYS HB 121 66.17 38.41 -95.89
C LYS HB 121 66.97 39.35 -95.01
N GLY HB 122 67.62 38.84 -93.96
CA GLY HB 122 68.68 39.59 -93.31
C GLY HB 122 68.42 40.10 -91.90
N THR HB 123 67.19 40.52 -91.62
CA THR HB 123 66.93 41.27 -90.40
C THR HB 123 66.97 40.33 -89.18
N TRP HB 124 67.03 40.96 -88.00
CA TRP HB 124 66.83 40.28 -86.74
C TRP HB 124 65.45 40.61 -86.22
N VAL HB 125 64.75 39.59 -85.72
CA VAL HB 125 63.37 39.75 -85.27
C VAL HB 125 63.25 39.18 -83.86
N GLN HB 126 62.33 39.76 -83.09
CA GLN HB 126 62.09 39.32 -81.73
C GLN HB 126 61.28 38.02 -81.72
N LEU HB 127 61.75 37.04 -80.96
CA LEU HB 127 61.08 35.76 -80.82
C LEU HB 127 60.40 35.59 -79.48
N LYS HB 128 61.12 35.84 -78.38
CA LYS HB 128 60.54 35.75 -77.06
C LYS HB 128 59.45 36.79 -76.89
N ARG HB 129 58.34 36.39 -76.27
CA ARG HB 129 57.24 37.31 -76.03
C ARG HB 129 57.47 37.98 -74.68
N GLN HB 130 57.81 39.26 -74.71
CA GLN HB 130 58.01 40.01 -73.48
C GLN HB 130 56.66 40.26 -72.80
N PRO HB 131 56.67 40.44 -71.48
CA PRO HB 131 55.41 40.80 -70.80
C PRO HB 131 54.99 42.23 -71.14
N ALA HB 132 53.89 42.69 -70.58
CA ALA HB 132 53.40 44.03 -70.90
C ALA HB 132 54.35 45.07 -70.35
N PRO HB 133 54.96 45.91 -71.19
CA PRO HB 133 55.93 46.88 -70.71
C PRO HB 133 55.24 48.09 -70.11
N PRO HB 134 55.96 48.92 -69.36
CA PRO HB 134 55.37 50.18 -68.90
C PRO HB 134 54.99 51.07 -70.07
N ARG HB 135 53.91 51.82 -69.90
CA ARG HB 135 53.41 52.66 -70.98
C ARG HB 135 54.34 53.84 -71.20
N GLU HB 136 54.78 54.00 -72.45
CA GLU HB 136 55.72 55.05 -72.80
C GLU HB 136 55.06 56.42 -72.74
N ALA HB 137 55.90 57.45 -72.77
CA ALA HB 137 55.41 58.83 -72.70
C ALA HB 137 54.61 59.18 -73.95
N HIS HB 138 53.50 59.88 -73.75
CA HIS HB 138 52.66 60.31 -74.85
C HIS HB 138 51.99 61.62 -74.48
N PHE HB 139 51.56 62.35 -75.50
CA PHE HB 139 50.86 63.61 -75.31
C PHE HB 139 49.36 63.41 -75.39
N VAL HB 140 48.63 64.22 -74.63
CA VAL HB 140 47.17 64.20 -74.62
C VAL HB 140 46.69 65.61 -74.94
N ARG HB 141 45.99 65.76 -76.05
CA ARG HB 141 45.55 67.08 -76.47
C ARG HB 141 44.31 67.50 -75.69
N THR HB 142 43.87 68.73 -75.96
CA THR HB 142 42.62 69.25 -75.44
C THR HB 142 41.64 69.68 -76.52
N ASN HB 143 42.12 70.05 -77.71
CA ASN HB 143 41.28 70.42 -78.84
C ASN HB 143 40.36 71.58 -78.52
N GLY HB 144 40.82 72.49 -77.67
CA GLY HB 144 40.02 73.62 -77.27
C GLY HB 144 38.92 73.29 -76.27
N LYS HB 145 38.89 72.07 -75.75
CA LYS HB 145 37.86 71.63 -74.83
C LYS HB 145 38.49 71.40 -73.46
N GLU HB 146 37.97 72.10 -72.46
CA GLU HB 146 38.47 71.93 -71.10
C GLU HB 146 38.08 70.56 -70.56
N PRO HB 147 38.94 69.94 -69.75
CA PRO HB 147 38.54 68.74 -69.03
C PRO HB 147 37.37 69.04 -68.12
N GLU HB 148 36.44 68.09 -68.03
CA GLU HB 148 35.19 68.32 -67.32
C GLU HB 148 35.41 68.19 -65.82
N LEU HB 149 35.01 69.21 -65.07
CA LEU HB 149 35.14 69.17 -63.62
C LEU HB 149 34.21 68.12 -63.02
N LEU HB 150 34.74 67.35 -62.08
CA LEU HB 150 33.98 66.31 -61.40
C LEU HB 150 33.89 66.63 -59.92
N GLU HB 151 32.67 66.62 -59.39
CA GLU HB 151 32.41 66.94 -57.99
C GLU HB 151 31.69 65.75 -57.36
N PRO HB 152 32.13 65.30 -56.18
CA PRO HB 152 31.40 64.22 -55.51
C PRO HB 152 29.98 64.66 -55.16
N ILE HB 153 29.02 63.82 -55.52
CA ILE HB 153 27.60 64.18 -55.36
C ILE HB 153 27.25 64.24 -53.88
N PRO HB 154 26.42 65.18 -53.45
CA PRO HB 154 25.97 65.17 -52.06
C PRO HB 154 25.15 63.93 -51.74
N TYR HB 155 25.29 63.45 -50.52
CA TYR HB 155 24.54 62.26 -50.12
C TYR HB 155 23.06 62.56 -50.00
N GLU HB 156 22.25 61.64 -50.49
CA GLU HB 156 20.81 61.67 -50.27
C GLU HB 156 20.36 60.25 -49.93
N PHE HB 157 19.28 60.15 -49.17
CA PHE HB 157 18.79 58.86 -48.74
C PHE HB 157 18.18 58.14 -49.94
N MET HB 158 18.86 57.10 -50.42
CA MET HB 158 18.44 56.43 -51.65
C MET HB 158 17.04 55.84 -51.51
N ALA HB 159 16.79 55.14 -50.41
CA ALA HB 159 15.49 54.51 -50.16
C ALA HB 159 15.32 54.21 -48.69
N GLN IB 1 39.76 -19.42 102.28
CA GLN IB 1 38.98 -18.20 102.12
C GLN IB 1 39.83 -16.97 102.46
N VAL IB 2 41.05 -17.20 102.92
CA VAL IB 2 42.00 -16.14 103.20
C VAL IB 2 42.85 -15.93 101.96
N LEU IB 3 42.82 -14.70 101.42
CA LEU IB 3 43.55 -14.39 100.21
C LEU IB 3 44.96 -13.89 100.53
N LYS IB 4 45.05 -12.79 101.26
CA LYS IB 4 46.29 -12.24 101.81
C LYS IB 4 47.32 -11.95 100.70
N PHE IB 5 46.95 -11.01 99.84
CA PHE IB 5 47.93 -10.45 98.92
C PHE IB 5 48.86 -9.51 99.67
N THR IB 6 50.08 -9.38 99.17
CA THR IB 6 51.10 -8.59 99.83
C THR IB 6 51.77 -7.65 98.84
N LEU IB 7 52.13 -6.47 99.32
CA LEU IB 7 52.90 -5.50 98.56
C LEU IB 7 54.26 -5.32 99.23
N ASP IB 8 55.27 -4.98 98.43
CA ASP IB 8 56.64 -4.85 98.94
C ASP IB 8 57.20 -3.52 98.45
N CYS IB 9 56.97 -2.46 99.22
CA CYS IB 9 57.57 -1.15 98.95
C CYS IB 9 58.91 -1.10 99.69
N THR IB 10 59.96 -1.61 99.05
CA THR IB 10 61.26 -1.72 99.68
C THR IB 10 62.29 -0.80 99.02
N HIS IB 11 62.48 -0.92 97.70
CA HIS IB 11 63.46 -0.09 97.00
C HIS IB 11 63.17 1.40 97.09
N PRO IB 12 61.95 1.90 96.81
CA PRO IB 12 61.75 3.36 96.87
C PRO IB 12 61.78 3.93 98.27
N VAL IB 13 61.46 3.14 99.30
CA VAL IB 13 61.39 3.71 100.65
C VAL IB 13 62.78 3.86 101.26
N GLU IB 14 63.73 2.96 100.92
CA GLU IB 14 65.09 3.14 101.41
C GLU IB 14 65.79 4.28 100.69
N ASP IB 15 65.34 4.63 99.49
CA ASP IB 15 65.82 5.82 98.81
C ASP IB 15 65.08 7.08 99.22
N GLY IB 16 63.97 6.94 99.96
CA GLY IB 16 63.26 8.08 100.48
C GLY IB 16 62.43 8.85 99.47
N ILE IB 17 62.35 8.40 98.22
CA ILE IB 17 61.56 9.11 97.23
C ILE IB 17 60.07 9.05 97.54
N MET IB 18 59.62 8.03 98.26
CA MET IB 18 58.24 7.92 98.67
C MET IB 18 58.18 7.29 100.07
N ASP IB 19 57.11 7.59 100.78
CA ASP IB 19 56.87 7.08 102.13
C ASP IB 19 55.76 6.04 102.08
N ALA IB 20 56.02 4.88 102.67
CA ALA IB 20 55.04 3.79 102.63
C ALA IB 20 53.80 4.12 103.44
N ALA IB 21 53.93 4.96 104.48
CA ALA IB 21 52.78 5.33 105.29
C ALA IB 21 51.75 6.09 104.46
N ASN IB 22 52.21 7.05 103.66
CA ASN IB 22 51.31 7.80 102.79
C ASN IB 22 50.66 6.88 101.76
N PHE IB 23 51.42 5.96 101.18
CA PHE IB 23 50.82 4.96 100.30
C PHE IB 23 49.83 4.10 101.07
N GLU IB 24 50.20 3.71 102.30
CA GLU IB 24 49.22 3.03 103.16
C GLU IB 24 48.03 3.94 103.43
N GLN IB 25 48.29 5.23 103.68
CA GLN IB 25 47.20 6.19 103.84
C GLN IB 25 46.38 6.32 102.56
N PHE IB 26 46.98 6.04 101.41
CA PHE IB 26 46.24 6.08 100.16
C PHE IB 26 45.37 4.83 99.98
N LEU IB 27 45.84 3.69 100.49
CA LEU IB 27 45.27 2.41 100.08
C LEU IB 27 43.91 2.14 100.71
N GLN IB 28 43.74 2.50 101.99
CA GLN IB 28 42.61 1.97 102.75
C GLN IB 28 41.26 2.55 102.33
N GLU IB 29 41.24 3.60 101.51
CA GLU IB 29 39.99 4.23 101.11
C GLU IB 29 39.64 4.06 99.64
N ARG IB 30 40.62 3.74 98.78
CA ARG IB 30 40.35 3.59 97.36
C ARG IB 30 39.88 2.20 97.00
N ILE IB 31 39.93 1.25 97.93
CA ILE IB 31 39.59 -0.14 97.64
C ILE IB 31 38.08 -0.27 97.63
N LYS IB 32 37.53 -0.84 96.55
CA LYS IB 32 36.10 -1.01 96.39
C LYS IB 32 35.72 -2.44 96.72
N VAL IB 33 34.77 -2.59 97.64
CA VAL IB 33 34.16 -3.88 97.95
C VAL IB 33 32.68 -3.79 97.62
N ASN IB 34 32.24 -4.65 96.70
CA ASN IB 34 30.86 -4.64 96.21
C ASN IB 34 30.47 -3.27 95.68
N GLY IB 35 31.40 -2.62 94.99
CA GLY IB 35 31.16 -1.30 94.44
C GLY IB 35 31.20 -0.17 95.43
N LYS IB 36 31.60 -0.43 96.67
CA LYS IB 36 31.66 0.59 97.71
C LYS IB 36 33.12 0.84 98.07
N ALA IB 37 33.59 2.06 97.82
CA ALA IB 37 34.93 2.44 98.20
C ALA IB 37 34.96 2.96 99.63
N GLY IB 38 36.15 2.98 100.21
CA GLY IB 38 36.31 3.45 101.57
C GLY IB 38 35.83 2.43 102.59
N ASN IB 39 36.02 2.79 103.87
CA ASN IB 39 35.58 2.03 105.05
C ASN IB 39 36.01 0.56 105.02
N LEU IB 40 37.03 0.24 104.19
CA LEU IB 40 37.57 -1.11 104.06
C LEU IB 40 36.50 -2.14 103.75
N GLY IB 41 35.46 -1.73 103.01
CA GLY IB 41 34.33 -2.60 102.76
C GLY IB 41 33.57 -2.96 104.02
N GLY IB 42 33.44 -2.01 104.94
CA GLY IB 42 32.83 -2.30 106.23
C GLY IB 42 33.67 -3.23 107.08
N GLY IB 43 34.99 -3.06 107.06
CA GLY IB 43 35.87 -3.87 107.87
C GLY IB 43 36.13 -5.26 107.36
N VAL IB 44 35.61 -5.61 106.17
CA VAL IB 44 35.79 -6.95 105.64
C VAL IB 44 37.22 -7.16 105.14
N VAL IB 45 37.96 -6.08 104.89
CA VAL IB 45 39.33 -6.15 104.39
C VAL IB 45 40.22 -5.52 105.44
N THR IB 46 41.14 -6.31 106.00
CA THR IB 46 42.11 -5.79 106.94
C THR IB 46 43.28 -5.16 106.19
N ILE IB 47 44.09 -4.39 106.92
CA ILE IB 47 45.24 -3.73 106.34
C ILE IB 47 46.22 -3.39 107.45
N GLU IB 48 47.50 -3.64 107.20
CA GLU IB 48 48.58 -3.27 108.10
C GLU IB 48 49.88 -3.24 107.33
N ARG IB 49 50.90 -2.62 107.92
CA ARG IB 49 52.17 -2.40 107.24
C ARG IB 49 53.32 -2.78 108.15
N SER IB 50 54.30 -3.49 107.59
CA SER IB 50 55.53 -3.82 108.29
C SER IB 50 56.63 -2.80 108.03
N LYS IB 51 56.25 -1.57 107.70
CA LYS IB 51 57.11 -0.41 107.48
C LYS IB 51 57.90 -0.51 106.17
N SER IB 52 57.85 -1.68 105.53
CA SER IB 52 58.33 -1.84 104.16
C SER IB 52 57.43 -2.72 103.30
N LYS IB 53 56.52 -3.49 103.88
CA LYS IB 53 55.61 -4.35 103.14
C LYS IB 53 54.19 -4.08 103.59
N ILE IB 54 53.28 -3.97 102.64
CA ILE IB 54 51.87 -3.72 102.91
C ILE IB 54 51.10 -4.98 102.55
N THR IB 55 50.56 -5.67 103.55
CA THR IB 55 49.79 -6.88 103.35
C THR IB 55 48.31 -6.55 103.37
N VAL IB 56 47.55 -7.22 102.49
CA VAL IB 56 46.12 -7.00 102.35
C VAL IB 56 45.45 -8.35 102.53
N THR IB 57 44.97 -8.63 103.73
CA THR IB 57 44.28 -9.88 104.03
C THR IB 57 42.78 -9.65 103.84
N SER IB 58 42.23 -10.22 102.77
CA SER IB 58 40.82 -10.09 102.46
C SER IB 58 40.15 -11.46 102.54
N GLU IB 59 39.01 -11.52 103.20
CA GLU IB 59 38.27 -12.77 103.37
C GLU IB 59 37.24 -13.01 102.28
N VAL IB 60 36.78 -11.96 101.61
CA VAL IB 60 35.91 -12.09 100.45
C VAL IB 60 36.80 -12.34 99.24
N PRO IB 61 36.27 -12.88 98.13
CA PRO IB 61 37.10 -13.02 96.93
C PRO IB 61 37.63 -11.68 96.46
N PHE IB 62 38.87 -11.67 96.02
CA PHE IB 62 39.57 -10.43 95.69
C PHE IB 62 40.55 -10.69 94.56
N SER IB 63 40.89 -9.63 93.84
CA SER IB 63 41.80 -9.70 92.70
C SER IB 63 43.15 -9.13 93.10
N LYS IB 64 44.21 -9.93 92.90
CA LYS IB 64 45.57 -9.43 93.10
C LYS IB 64 45.89 -8.32 92.11
N ARG IB 65 45.40 -8.47 90.87
CA ARG IB 65 45.66 -7.47 89.84
C ARG IB 65 45.02 -6.13 90.19
N TYR IB 66 43.94 -6.15 90.97
CA TYR IB 66 43.31 -4.91 91.39
C TYR IB 66 44.26 -4.08 92.24
N LEU IB 67 45.01 -4.73 93.15
CA LEU IB 67 46.02 -4.02 93.92
C LEU IB 67 47.10 -3.47 93.01
N LYS IB 68 47.50 -4.22 91.99
CA LYS IB 68 48.43 -3.70 90.99
C LYS IB 68 47.84 -2.49 90.28
N TYR IB 69 46.55 -2.55 89.95
CA TYR IB 69 45.90 -1.42 89.31
C TYR IB 69 45.89 -0.19 90.21
N LEU IB 70 45.59 -0.38 91.50
CA LEU IB 70 45.56 0.74 92.43
C LEU IB 70 46.97 1.29 92.66
N THR IB 71 47.97 0.41 92.69
CA THR IB 71 49.36 0.87 92.82
C THR IB 71 49.76 1.73 91.64
N LYS IB 72 49.37 1.31 90.43
CA LYS IB 72 49.68 2.10 89.23
C LYS IB 72 49.02 3.47 89.28
N LYS IB 73 47.77 3.52 89.79
CA LYS IB 73 47.12 4.80 89.97
C LYS IB 73 47.85 5.66 90.99
N TYR IB 74 48.34 5.05 92.07
CA TYR IB 74 49.08 5.81 93.07
C TYR IB 74 50.38 6.34 92.50
N LEU IB 75 51.10 5.51 91.73
CA LEU IB 75 52.39 5.93 91.22
C LEU IB 75 52.26 7.06 90.21
N LYS IB 76 51.20 7.03 89.40
CA LYS IB 76 50.98 8.12 88.45
C LYS IB 76 50.72 9.44 89.18
N LYS IB 77 49.93 9.40 90.25
CA LYS IB 77 49.67 10.60 91.03
C LYS IB 77 50.95 11.13 91.66
N ASN IB 78 51.83 10.24 92.10
CA ASN IB 78 53.09 10.61 92.74
C ASN IB 78 54.19 10.87 91.73
N ASN IB 79 53.89 10.86 90.44
CA ASN IB 79 54.87 11.09 89.37
C ASN IB 79 56.03 10.10 89.47
N LEU IB 80 55.71 8.82 89.70
CA LEU IB 80 56.71 7.80 89.92
C LEU IB 80 56.69 6.68 88.90
N ARG IB 81 55.66 6.59 88.06
CA ARG IB 81 55.55 5.48 87.12
C ARG IB 81 56.71 5.47 86.12
N ASP IB 82 57.25 6.64 85.80
CA ASP IB 82 58.38 6.71 84.88
C ASP IB 82 59.62 6.03 85.47
N TRP IB 83 59.72 5.96 86.79
CA TRP IB 83 60.87 5.35 87.45
C TRP IB 83 60.55 3.97 88.00
N LEU IB 84 59.47 3.82 88.76
CA LEU IB 84 59.13 2.55 89.36
C LEU IB 84 58.30 1.70 88.40
N ARG IB 85 58.14 0.43 88.76
CA ARG IB 85 57.42 -0.51 87.92
C ARG IB 85 56.96 -1.68 88.77
N VAL IB 86 55.66 -1.97 88.73
CA VAL IB 86 55.10 -3.04 89.54
C VAL IB 86 55.36 -4.38 88.86
N VAL IB 87 55.89 -5.34 89.62
CA VAL IB 87 56.29 -6.63 89.10
C VAL IB 87 55.79 -7.71 90.05
N ALA IB 88 55.20 -8.77 89.48
CA ALA IB 88 54.83 -9.92 90.28
C ALA IB 88 56.06 -10.74 90.63
N ASN IB 89 56.69 -10.43 91.76
CA ASN IB 89 57.90 -11.14 92.17
C ASN IB 89 57.60 -12.59 92.52
N SER IB 90 56.46 -12.85 93.14
CA SER IB 90 56.08 -14.20 93.53
C SER IB 90 54.56 -14.24 93.65
N LYS IB 91 54.05 -15.42 94.00
CA LYS IB 91 52.62 -15.60 94.16
C LYS IB 91 52.10 -14.73 95.30
N GLU IB 92 50.90 -14.16 95.10
CA GLU IB 92 50.21 -13.26 96.02
C GLU IB 92 51.14 -12.20 96.62
N SER IB 93 52.13 -11.77 95.84
CA SER IB 93 53.08 -10.76 96.28
C SER IB 93 53.47 -9.89 95.10
N TYR IB 94 53.65 -8.60 95.36
CA TYR IB 94 54.17 -7.66 94.37
C TYR IB 94 55.37 -6.92 94.95
N GLU IB 95 56.38 -6.71 94.11
CA GLU IB 95 57.56 -5.95 94.52
C GLU IB 95 57.86 -4.95 93.40
N LEU IB 96 57.46 -3.70 93.63
CA LEU IB 96 57.74 -2.65 92.67
C LEU IB 96 59.22 -2.27 92.71
N ARG IB 97 59.79 -1.99 91.54
CA ARG IB 97 61.22 -1.73 91.43
C ARG IB 97 61.48 -0.86 90.21
N TYR IB 98 62.70 -0.31 90.17
CA TYR IB 98 63.08 0.60 89.10
C TYR IB 98 63.34 -0.15 87.81
N PHE IB 99 63.45 0.61 86.72
CA PHE IB 99 63.92 0.08 85.45
C PHE IB 99 65.44 0.00 85.46
N GLN IB 100 66.01 -0.56 84.40
CA GLN IB 100 67.44 -0.70 84.28
C GLN IB 100 68.02 0.39 83.38
N ILE IB 101 69.32 0.60 83.51
CA ILE IB 101 70.04 1.52 82.63
C ILE IB 101 71.21 0.78 81.98
N SER JB 1 -0.60 60.55 37.43
CA SER JB 1 -0.03 59.35 36.84
C SER JB 1 1.21 58.89 37.61
N GLY JB 2 2.36 58.92 36.95
CA GLY JB 2 3.59 58.41 37.52
C GLY JB 2 3.94 57.05 36.95
N ALA JB 3 5.05 56.98 36.22
CA ALA JB 3 5.41 55.76 35.52
C ALA JB 3 5.94 54.70 36.47
N LYS JB 4 5.82 53.44 36.05
CA LYS JB 4 6.28 52.32 36.85
C LYS JB 4 7.78 52.12 36.68
N PHE JB 5 8.45 51.79 37.77
CA PHE JB 5 9.88 51.53 37.73
C PHE JB 5 10.15 50.10 37.25
N ARG JB 6 11.40 49.86 36.88
CA ARG JB 6 11.81 48.52 36.48
C ARG JB 6 11.98 47.65 37.72
N ILE JB 7 11.54 46.39 37.60
CA ILE JB 7 11.55 45.45 38.71
C ILE JB 7 12.13 44.13 38.23
N SER JB 8 12.56 43.31 39.18
CA SER JB 8 13.05 41.97 38.86
C SER JB 8 11.92 41.14 38.26
N LEU JB 9 12.23 40.43 37.17
CA LEU JB 9 11.19 39.77 36.40
C LEU JB 9 10.79 38.43 37.02
N GLY JB 10 11.71 37.47 37.03
CA GLY JB 10 11.49 36.21 37.70
C GLY JB 10 10.37 35.30 37.19
N LEU JB 11 9.66 35.72 36.16
CA LEU JB 11 8.54 34.95 35.60
C LEU JB 11 8.68 34.87 34.09
N PRO JB 12 9.43 33.91 33.58
CA PRO JB 12 9.68 33.82 32.14
C PRO JB 12 8.50 33.18 31.42
N VAL JB 13 8.67 33.02 30.10
CA VAL JB 13 7.68 32.30 29.31
C VAL JB 13 7.67 30.84 29.73
N GLY JB 14 6.48 30.29 29.87
CA GLY JB 14 6.33 28.90 30.28
C GLY JB 14 6.19 28.69 31.77
N ALA JB 15 6.05 29.76 32.55
CA ALA JB 15 5.84 29.66 33.98
C ALA JB 15 4.36 29.48 34.28
N VAL JB 16 4.06 28.59 35.22
CA VAL JB 16 2.68 28.30 35.62
C VAL JB 16 2.44 29.01 36.94
N ILE JB 17 1.53 29.97 36.93
CA ILE JB 17 1.19 30.74 38.13
C ILE JB 17 -0.22 30.36 38.56
N ASN JB 18 -0.64 30.89 39.70
CA ASN JB 18 -1.96 30.62 40.23
C ASN JB 18 -2.96 31.63 39.70
N CYS JB 19 -4.14 31.14 39.32
CA CYS JB 19 -5.23 31.98 38.82
C CYS JB 19 -6.04 32.46 40.02
N ALA JB 20 -5.63 33.61 40.57
CA ALA JB 20 -6.16 34.07 41.84
C ALA JB 20 -7.57 34.65 41.76
N ASP JB 21 -8.12 34.83 40.56
CA ASP JB 21 -9.44 35.41 40.42
C ASP JB 21 -10.50 34.35 40.73
N ASN JB 22 -11.77 34.69 40.49
CA ASN JB 22 -12.88 33.77 40.69
C ASN JB 22 -13.49 33.31 39.38
N THR JB 23 -12.72 33.36 38.29
CA THR JB 23 -13.23 32.96 36.99
C THR JB 23 -13.47 31.46 36.87
N GLY JB 24 -12.99 30.67 37.83
CA GLY JB 24 -13.13 29.23 37.78
C GLY JB 24 -11.91 28.48 37.30
N ALA JB 25 -10.73 29.06 37.43
CA ALA JB 25 -9.49 28.43 37.01
C ALA JB 25 -8.49 28.44 38.17
N LYS JB 26 -7.63 27.43 38.18
CA LYS JB 26 -6.63 27.29 39.23
C LYS JB 26 -5.25 27.79 38.83
N ASN JB 27 -4.87 27.67 37.57
CA ASN JB 27 -3.52 28.01 37.14
C ASN JB 27 -3.55 28.74 35.80
N LEU JB 28 -2.46 29.46 35.53
CA LEU JB 28 -2.28 30.17 34.28
C LEU JB 28 -0.90 29.86 33.73
N TYR JB 29 -0.83 29.51 32.45
CA TYR JB 29 0.43 29.16 31.81
C TYR JB 29 0.83 30.30 30.86
N ILE JB 30 1.83 31.06 31.27
CA ILE JB 30 2.28 32.21 30.49
C ILE JB 30 2.91 31.74 29.19
N ILE JB 31 2.53 32.35 28.08
CA ILE JB 31 3.09 31.99 26.78
C ILE JB 31 3.84 33.16 26.18
N SER JB 32 3.49 34.39 26.57
CA SER JB 32 4.15 35.57 26.04
C SER JB 32 3.82 36.76 26.91
N VAL JB 33 4.67 37.79 26.83
CA VAL JB 33 4.53 39.00 27.62
C VAL JB 33 4.38 40.19 26.68
N LYS JB 34 3.38 41.02 26.94
CA LYS JB 34 3.16 42.21 26.14
C LYS JB 34 4.29 43.20 26.34
N GLY JB 35 4.58 43.97 25.29
CA GLY JB 35 5.59 45.02 25.37
C GLY JB 35 7.00 44.52 25.61
N ILE JB 36 7.38 43.43 24.95
CA ILE JB 36 8.73 42.89 25.04
C ILE JB 36 9.30 42.85 23.63
N LYS JB 37 10.32 43.67 23.37
CA LYS JB 37 10.96 43.66 22.07
C LYS JB 37 11.65 42.33 21.80
N GLY JB 38 12.34 41.80 22.80
CA GLY JB 38 13.00 40.52 22.68
C GLY JB 38 14.49 40.65 22.43
N ARG JB 39 15.17 39.52 22.60
CA ARG JB 39 16.61 39.43 22.40
C ARG JB 39 16.92 38.00 22.02
N LEU JB 40 18.03 37.80 21.33
CA LEU JB 40 18.35 36.47 20.80
C LEU JB 40 18.51 35.46 21.93
N ASN JB 41 17.69 34.42 21.89
CA ASN JB 41 17.67 33.33 22.87
C ASN JB 41 17.40 33.82 24.29
N ARG JB 42 16.84 35.01 24.45
CA ARG JB 42 16.43 35.51 25.76
C ARG JB 42 14.95 35.24 25.94
N LEU JB 43 14.61 34.45 26.96
CA LEU JB 43 13.21 34.17 27.22
C LEU JB 43 12.52 35.42 27.76
N PRO JB 44 11.44 35.87 27.14
CA PRO JB 44 10.69 37.01 27.69
C PRO JB 44 10.17 36.69 29.08
N ALA JB 45 10.23 37.69 29.96
CA ALA JB 45 9.83 37.51 31.35
C ALA JB 45 9.06 38.74 31.80
N ALA JB 46 8.25 38.56 32.83
CA ALA JB 46 7.37 39.59 33.33
C ALA JB 46 7.41 39.67 34.84
N GLY JB 47 7.12 40.86 35.37
CA GLY JB 47 6.95 41.07 36.78
C GLY JB 47 5.50 41.37 37.13
N VAL JB 48 5.31 41.81 38.38
CA VAL JB 48 3.98 42.21 38.81
C VAL JB 48 3.56 43.47 38.07
N GLY JB 49 2.28 43.54 37.70
CA GLY JB 49 1.75 44.63 36.94
C GLY JB 49 1.88 44.48 35.44
N ASP JB 50 2.70 43.55 34.98
CA ASP JB 50 2.84 43.32 33.55
C ASP JB 50 1.62 42.57 33.01
N MET JB 51 1.27 42.86 31.76
CA MET JB 51 0.17 42.20 31.09
C MET JB 51 0.73 41.13 30.17
N VAL JB 52 0.26 39.90 30.33
CA VAL JB 52 0.78 38.75 29.61
C VAL JB 52 -0.38 38.03 28.93
N MET JB 53 -0.03 37.12 28.03
CA MET JB 53 -0.98 36.22 27.39
C MET JB 53 -0.78 34.82 27.94
N ALA JB 54 -1.87 34.21 28.41
CA ALA JB 54 -1.76 32.92 29.08
C ALA JB 54 -3.00 32.09 28.79
N THR JB 55 -2.86 30.78 28.95
CA THR JB 55 -3.94 29.83 28.85
C THR JB 55 -4.01 29.03 30.14
N VAL JB 56 -5.21 28.63 30.54
CA VAL JB 56 -5.37 27.85 31.75
C VAL JB 56 -5.13 26.38 31.42
N LYS JB 57 -4.49 25.67 32.35
CA LYS JB 57 -4.24 24.25 32.15
C LYS JB 57 -5.28 23.38 32.83
N LYS JB 58 -5.88 23.87 33.91
CA LYS JB 58 -6.99 23.18 34.56
C LYS JB 58 -7.97 24.20 35.10
N GLY JB 59 -9.23 23.79 35.21
CA GLY JB 59 -10.29 24.69 35.62
C GLY JB 59 -11.57 24.42 34.87
N LYS JB 60 -12.30 25.47 34.51
CA LYS JB 60 -13.51 25.30 33.74
C LYS JB 60 -13.16 24.81 32.33
N PRO JB 61 -13.85 23.79 31.82
CA PRO JB 61 -13.49 23.26 30.49
C PRO JB 61 -13.66 24.26 29.36
N GLU JB 62 -14.65 25.15 29.45
CA GLU JB 62 -14.92 26.09 28.38
C GLU JB 62 -13.87 27.18 28.25
N LEU JB 63 -12.97 27.31 29.22
CA LEU JB 63 -11.92 28.31 29.17
C LEU JB 63 -10.55 27.71 28.87
N ARG JB 64 -10.48 26.41 28.61
CA ARG JB 64 -9.19 25.72 28.59
C ARG JB 64 -8.37 26.10 27.36
N LYS JB 65 -8.88 25.80 26.17
CA LYS JB 65 -8.10 25.97 24.94
C LYS JB 65 -8.38 27.33 24.29
N LYS JB 66 -8.11 28.39 25.07
CA LYS JB 66 -8.22 29.76 24.58
C LYS JB 66 -7.10 30.59 25.20
N VAL JB 67 -6.61 31.56 24.44
CA VAL JB 67 -5.56 32.46 24.92
C VAL JB 67 -6.24 33.63 25.62
N HIS JB 68 -6.02 33.74 26.91
CA HIS JB 68 -6.65 34.80 27.67
C HIS JB 68 -5.63 35.83 28.10
N PRO JB 69 -5.90 37.11 27.88
CA PRO JB 69 -5.02 38.14 28.44
C PRO JB 69 -5.05 38.10 29.96
N ALA JB 70 -3.89 38.35 30.56
CA ALA JB 70 -3.79 38.23 32.01
C ALA JB 70 -2.76 39.23 32.52
N VAL JB 71 -2.87 39.57 33.81
CA VAL JB 71 -1.96 40.48 34.47
C VAL JB 71 -1.49 39.84 35.76
N VAL JB 72 -0.18 39.80 35.96
CA VAL JB 72 0.38 39.18 37.16
C VAL JB 72 0.15 40.09 38.36
N ILE JB 73 -0.40 39.53 39.43
CA ILE JB 73 -0.69 40.30 40.63
C ILE JB 73 0.24 39.96 41.78
N ARG JB 74 0.76 38.73 41.84
CA ARG JB 74 1.71 38.34 42.88
C ARG JB 74 2.83 37.52 42.25
N GLN JB 75 4.05 37.80 42.65
CA GLN JB 75 5.21 37.09 42.15
C GLN JB 75 6.05 36.60 43.32
N ARG JB 76 6.80 35.53 43.07
CA ARG JB 76 7.62 34.91 44.10
C ARG JB 76 9.05 35.43 44.12
N LYS JB 77 9.56 35.92 42.99
CA LYS JB 77 10.89 36.49 42.95
C LYS JB 77 10.92 37.83 43.68
N SER JB 78 11.94 38.03 44.50
CA SER JB 78 12.10 39.29 45.21
C SER JB 78 12.41 40.42 44.24
N TYR JB 79 12.03 41.63 44.63
CA TYR JB 79 12.32 42.82 43.83
C TYR JB 79 12.42 44.02 44.75
N ARG JB 80 13.03 45.08 44.25
CA ARG JB 80 13.32 46.28 45.03
C ARG JB 80 12.31 47.37 44.69
N ARG JB 81 11.70 47.95 45.72
CA ARG JB 81 10.66 48.95 45.56
C ARG JB 81 11.22 50.37 45.56
N LYS JB 82 12.52 50.52 45.25
CA LYS JB 82 13.20 51.82 45.21
C LYS JB 82 13.13 52.57 46.53
N ASP JB 83 12.82 51.87 47.63
CA ASP JB 83 12.81 52.52 48.95
C ASP JB 83 13.37 51.60 50.03
N GLY JB 84 14.08 50.52 49.64
CA GLY JB 84 14.77 49.65 50.57
C GLY JB 84 14.15 48.28 50.71
N VAL JB 85 12.83 48.20 50.74
CA VAL JB 85 12.17 46.91 50.99
C VAL JB 85 12.31 46.01 49.77
N PHE JB 86 12.72 44.77 50.01
CA PHE JB 86 12.79 43.75 48.97
C PHE JB 86 11.60 42.82 49.15
N LEU JB 87 10.46 43.23 48.60
CA LEU JB 87 9.23 42.47 48.77
C LEU JB 87 9.26 41.21 47.93
N TYR JB 88 8.71 40.13 48.49
CA TYR JB 88 8.45 38.91 47.73
C TYR JB 88 7.28 38.19 48.40
N PHE JB 89 6.45 37.55 47.58
CA PHE JB 89 5.23 36.94 48.05
C PHE JB 89 5.43 35.44 48.26
N GLU JB 90 4.41 34.79 48.80
CA GLU JB 90 4.48 33.35 49.00
C GLU JB 90 4.36 32.61 47.69
N ASP JB 91 3.42 33.00 46.84
CA ASP JB 91 3.11 32.26 45.63
C ASP JB 91 2.94 33.20 44.45
N ASN JB 92 3.22 32.69 43.25
CA ASN JB 92 2.94 33.43 42.03
C ASN JB 92 1.43 33.44 41.79
N ALA JB 93 0.91 34.60 41.39
CA ALA JB 93 -0.52 34.73 41.19
C ALA JB 93 -0.82 35.79 40.13
N GLY JB 94 -1.91 35.57 39.41
CA GLY JB 94 -2.35 36.50 38.39
C GLY JB 94 -3.83 36.31 38.11
N VAL JB 95 -4.41 37.31 37.46
CA VAL JB 95 -5.84 37.31 37.15
C VAL JB 95 -6.02 37.53 35.66
N ILE JB 96 -7.19 37.11 35.17
CA ILE JB 96 -7.52 37.17 33.75
C ILE JB 96 -8.26 38.46 33.46
N VAL JB 97 -7.81 39.20 32.47
CA VAL JB 97 -8.41 40.46 32.08
C VAL JB 97 -8.70 40.43 30.58
N ASN JB 98 -9.41 41.44 30.11
CA ASN JB 98 -9.59 41.63 28.68
C ASN JB 98 -8.42 42.43 28.11
N ASN JB 99 -8.42 42.60 26.80
CA ASN JB 99 -7.39 43.41 26.16
C ASN JB 99 -7.47 44.86 26.61
N LYS JB 100 -8.67 45.35 26.93
CA LYS JB 100 -8.82 46.73 27.36
C LYS JB 100 -8.24 46.92 28.76
N GLY JB 101 -8.35 45.92 29.63
CA GLY JB 101 -7.76 46.01 30.95
C GLY JB 101 -8.74 45.86 32.09
N GLU JB 102 -9.84 45.14 31.86
CA GLU JB 102 -10.85 44.91 32.88
C GLU JB 102 -10.90 43.44 33.25
N MET JB 103 -10.98 43.17 34.56
CA MET JB 103 -10.95 41.81 35.05
C MET JB 103 -12.19 41.04 34.62
N LYS JB 104 -11.99 39.84 34.06
CA LYS JB 104 -13.10 38.99 33.70
C LYS JB 104 -13.89 38.54 34.92
N GLY JB 105 -13.19 38.22 36.00
CA GLY JB 105 -13.83 37.87 37.26
C GLY JB 105 -14.22 39.11 38.05
N SER JB 106 -14.67 38.86 39.27
CA SER JB 106 -15.15 39.94 40.14
C SER JB 106 -14.52 39.93 41.52
N ALA JB 107 -13.71 38.94 41.86
CA ALA JB 107 -13.10 38.87 43.18
C ALA JB 107 -11.66 38.41 43.06
N ILE JB 108 -10.85 38.81 44.04
CA ILE JB 108 -9.43 38.47 44.09
C ILE JB 108 -9.16 37.83 45.44
N THR JB 109 -8.44 36.71 45.43
CA THR JB 109 -8.06 36.02 46.65
C THR JB 109 -6.60 36.32 46.98
N GLY JB 110 -6.35 36.71 48.23
CA GLY JB 110 -5.01 37.05 48.66
C GLY JB 110 -4.67 38.50 48.39
N PRO JB 111 -3.46 38.90 48.74
CA PRO JB 111 -3.04 40.29 48.53
C PRO JB 111 -2.70 40.55 47.06
N VAL JB 112 -2.47 41.82 46.77
CA VAL JB 112 -2.12 42.28 45.43
C VAL JB 112 -0.93 43.22 45.55
N ALA JB 113 0.08 43.02 44.70
CA ALA JB 113 1.25 43.88 44.70
C ALA JB 113 0.86 45.30 44.30
N LYS JB 114 1.43 46.28 45.01
CA LYS JB 114 1.09 47.68 44.76
C LYS JB 114 1.50 48.12 43.37
N GLU JB 115 2.58 47.53 42.82
CA GLU JB 115 3.01 47.88 41.48
C GLU JB 115 1.97 47.49 40.44
N CYS JB 116 1.11 46.53 40.76
CA CYS JB 116 0.04 46.15 39.84
C CYS JB 116 -1.21 46.99 40.08
N ALA JB 117 -1.48 47.36 41.33
CA ALA JB 117 -2.72 48.05 41.66
C ALA JB 117 -2.77 49.44 41.02
N ASP JB 118 -1.70 50.21 41.17
CA ASP JB 118 -1.66 51.56 40.60
C ASP JB 118 -1.67 51.52 39.08
N LEU JB 119 -0.97 50.55 38.49
CA LEU JB 119 -0.93 50.44 37.03
C LEU JB 119 -2.25 49.96 36.45
N TRP JB 120 -3.09 49.30 37.25
CA TRP JB 120 -4.37 48.78 36.80
C TRP JB 120 -5.43 49.16 37.83
N PRO JB 121 -5.99 50.36 37.74
CA PRO JB 121 -6.98 50.80 38.73
C PRO JB 121 -8.22 49.91 38.77
N ARG JB 122 -8.62 49.32 37.65
CA ARG JB 122 -9.78 48.44 37.64
C ARG JB 122 -9.54 47.21 38.51
N ILE JB 123 -8.33 46.66 38.45
CA ILE JB 123 -7.99 45.52 39.31
C ILE JB 123 -7.91 45.96 40.76
N ALA JB 124 -7.40 47.18 41.01
CA ALA JB 124 -7.17 47.63 42.37
C ALA JB 124 -8.47 47.77 43.15
N SER JB 125 -9.56 48.13 42.46
CA SER JB 125 -10.84 48.31 43.15
C SER JB 125 -11.34 47.00 43.75
N ASN JB 126 -11.20 45.90 43.00
CA ASN JB 126 -11.69 44.61 43.46
C ASN JB 126 -10.68 43.85 44.31
N ALA JB 127 -9.49 44.41 44.53
CA ALA JB 127 -8.49 43.74 45.34
C ALA JB 127 -8.91 43.72 46.80
N GLY JB 128 -8.50 42.66 47.50
CA GLY JB 128 -8.78 42.56 48.93
C GLY JB 128 -7.92 43.49 49.75
N SER JB 129 -6.61 43.24 49.76
CA SER JB 129 -5.65 44.09 50.44
C SER JB 129 -4.46 44.33 49.54
N ILE JB 130 -3.80 45.46 49.73
CA ILE JB 130 -2.69 45.87 48.88
C ILE JB 130 -1.40 45.68 49.66
N ALA JB 131 -0.47 44.94 49.07
CA ALA JB 131 0.83 44.71 49.70
C ALA JB 131 1.94 45.29 48.83
N LYS KB 1 41.65 -91.64 19.17
CA LYS KB 1 40.98 -92.08 20.39
C LYS KB 1 41.47 -91.28 21.59
N LYS KB 2 42.52 -90.50 21.39
CA LYS KB 2 43.08 -89.66 22.44
C LYS KB 2 43.32 -88.22 22.02
N LYS KB 3 43.42 -87.92 20.72
CA LYS KB 3 43.68 -86.56 20.25
C LYS KB 3 42.37 -85.80 20.30
N ILE KB 4 42.09 -85.22 21.46
CA ILE KB 4 40.84 -84.53 21.71
C ILE KB 4 41.02 -83.05 21.45
N ARG KB 5 39.92 -82.38 21.10
CA ARG KB 5 39.88 -80.92 20.93
C ARG KB 5 38.66 -80.42 21.69
N THR KB 6 38.88 -80.04 22.95
CA THR KB 6 37.80 -79.62 23.83
C THR KB 6 37.44 -78.15 23.70
N SER KB 7 38.14 -77.41 22.85
CA SER KB 7 37.89 -75.98 22.69
C SER KB 7 37.84 -75.64 21.21
N PRO KB 8 36.94 -74.73 20.81
CA PRO KB 8 36.87 -74.32 19.40
C PRO KB 8 37.94 -73.31 19.00
N THR KB 9 38.66 -72.75 19.96
CA THR KB 9 39.70 -71.77 19.66
C THR KB 9 41.03 -72.48 19.44
N PHE KB 10 41.68 -72.15 18.35
CA PHE KB 10 42.99 -72.69 18.01
C PHE KB 10 44.08 -71.74 18.47
N ARG KB 11 45.11 -72.28 19.09
CA ARG KB 11 46.25 -71.50 19.53
C ARG KB 11 47.53 -72.10 18.97
N ARG KB 12 48.53 -71.25 18.80
CA ARG KB 12 49.83 -71.70 18.32
C ARG KB 12 50.48 -72.58 19.37
N PRO KB 13 50.87 -73.81 19.04
CA PRO KB 13 51.50 -74.68 20.04
C PRO KB 13 52.83 -74.15 20.49
N LYS KB 14 53.16 -74.40 21.75
CA LYS KB 14 54.42 -73.95 22.31
C LYS KB 14 55.57 -74.79 21.75
N THR KB 15 56.49 -74.12 21.06
CA THR KB 15 57.68 -74.76 20.51
C THR KB 15 58.90 -74.20 21.22
N LEU KB 16 59.90 -75.07 21.44
CA LEU KB 16 61.05 -74.66 22.23
C LEU KB 16 61.86 -73.60 21.50
N ARG KB 17 62.38 -72.66 22.28
CA ARG KB 17 63.20 -71.56 21.77
C ARG KB 17 64.56 -71.63 22.44
N LEU KB 18 65.61 -71.84 21.66
CA LEU KB 18 66.93 -72.08 22.20
C LEU KB 18 67.60 -70.78 22.63
N ARG KB 19 68.43 -70.88 23.66
CA ARG KB 19 69.27 -69.76 24.07
C ARG KB 19 70.34 -69.51 23.01
N ARG KB 20 70.70 -68.23 22.84
CA ARG KB 20 71.75 -67.86 21.91
C ARG KB 20 73.07 -68.52 22.28
N GLN KB 21 73.72 -69.12 21.29
CA GLN KB 21 75.03 -69.75 21.46
C GLN KB 21 75.95 -69.28 20.35
N PRO KB 22 76.33 -68.00 20.36
CA PRO KB 22 77.11 -67.46 19.24
C PRO KB 22 78.48 -68.09 19.15
N LYS KB 23 78.97 -68.18 17.91
CA LYS KB 23 80.31 -68.72 17.67
C LYS KB 23 81.42 -67.75 18.06
N TYR KB 24 81.07 -66.50 18.37
CA TYR KB 24 82.05 -65.48 18.72
C TYR KB 24 81.33 -64.37 19.46
N PRO KB 25 81.92 -63.78 20.50
CA PRO KB 25 81.32 -62.59 21.10
C PRO KB 25 81.40 -61.41 20.13
N ARG KB 26 80.35 -60.59 20.15
CA ARG KB 26 80.29 -59.47 19.21
C ARG KB 26 81.31 -58.41 19.56
N LYS KB 27 81.52 -58.14 20.84
CA LYS KB 27 82.60 -57.28 21.29
C LYS KB 27 83.74 -58.15 21.82
N SER KB 28 84.96 -57.65 21.65
CA SER KB 28 86.16 -58.40 22.03
C SER KB 28 86.20 -58.69 23.52
N ALA KB 29 86.29 -57.64 24.33
CA ALA KB 29 86.42 -57.78 25.78
C ALA KB 29 85.40 -56.90 26.47
N PRO KB 30 84.93 -57.30 27.66
CA PRO KB 30 83.98 -56.45 28.39
C PRO KB 30 84.59 -55.11 28.74
N ARG KB 31 83.78 -54.06 28.60
CA ARG KB 31 84.23 -52.72 28.92
C ARG KB 31 84.43 -52.57 30.42
N ARG KB 32 85.53 -51.96 30.82
CA ARG KB 32 85.74 -51.68 32.23
C ARG KB 32 84.76 -50.62 32.71
N ASN KB 33 84.48 -50.63 34.01
CA ASN KB 33 83.53 -49.71 34.59
C ASN KB 33 84.13 -48.31 34.60
N LYS KB 34 83.68 -47.47 33.67
CA LYS KB 34 84.14 -46.08 33.65
C LYS KB 34 83.64 -45.30 34.85
N LEU KB 35 82.56 -45.76 35.49
CA LEU KB 35 82.06 -45.12 36.70
C LEU KB 35 82.66 -45.80 37.94
N ASP KB 36 83.99 -45.74 38.01
CA ASP KB 36 84.68 -46.26 39.18
C ASP KB 36 84.49 -45.29 40.35
N HIS KB 37 84.92 -45.73 41.54
CA HIS KB 37 84.67 -44.96 42.75
C HIS KB 37 85.41 -43.62 42.75
N TYR KB 38 86.63 -43.58 42.22
CA TYR KB 38 87.32 -42.30 42.10
C TYR KB 38 86.62 -41.37 41.12
N ALA KB 39 85.98 -41.93 40.09
CA ALA KB 39 85.15 -41.12 39.21
C ALA KB 39 83.83 -40.75 39.87
N ILE KB 40 83.37 -41.55 40.81
CA ILE KB 40 82.10 -41.26 41.48
C ILE KB 40 82.24 -40.03 42.37
N ILE KB 41 83.30 -39.97 43.16
CA ILE KB 41 83.53 -38.86 44.09
C ILE KB 41 84.51 -37.91 43.44
N LYS KB 42 84.03 -36.72 43.09
CA LYS KB 42 84.89 -35.74 42.43
C LYS KB 42 85.73 -34.96 43.44
N PHE KB 43 85.08 -34.22 44.33
CA PHE KB 43 85.79 -33.41 45.31
C PHE KB 43 84.82 -33.01 46.41
N PRO KB 44 85.28 -32.89 47.65
CA PRO KB 44 84.41 -32.41 48.72
C PRO KB 44 84.20 -30.91 48.65
N LEU KB 45 83.13 -30.48 49.31
CA LEU KB 45 82.75 -29.07 49.32
C LEU KB 45 83.21 -28.42 50.63
N THR KB 46 83.73 -27.20 50.52
CA THR KB 46 84.28 -26.47 51.65
C THR KB 46 83.66 -25.09 51.77
N THR KB 47 82.34 -25.00 51.65
CA THR KB 47 81.67 -23.73 51.85
C THR KB 47 81.55 -23.43 53.35
N GLU KB 48 81.05 -22.24 53.64
CA GLU KB 48 80.75 -21.88 55.03
C GLU KB 48 79.66 -22.78 55.59
N SER KB 49 78.68 -23.15 54.77
CA SER KB 49 77.66 -24.11 55.18
C SER KB 49 78.15 -25.55 55.17
N ALA KB 50 79.07 -25.89 54.26
CA ALA KB 50 79.59 -27.24 54.21
C ALA KB 50 80.36 -27.59 55.47
N MET KB 51 81.14 -26.65 55.99
CA MET KB 51 81.83 -26.88 57.27
C MET KB 51 80.82 -27.05 58.39
N LYS KB 52 79.69 -26.35 58.32
CA LYS KB 52 78.67 -26.45 59.36
C LYS KB 52 78.12 -27.86 59.45
N LYS KB 53 77.87 -28.49 58.30
CA LYS KB 53 77.40 -29.87 58.31
C LYS KB 53 78.45 -30.83 58.85
N ILE KB 54 79.73 -30.49 58.67
CA ILE KB 54 80.80 -31.38 59.12
C ILE KB 54 80.86 -31.43 60.64
N GLU KB 55 80.82 -30.27 61.29
CA GLU KB 55 81.09 -30.17 62.71
C GLU KB 55 79.83 -30.06 63.56
N ASP KB 56 78.64 -30.15 62.96
CA ASP KB 56 77.40 -30.17 63.72
C ASP KB 56 76.62 -31.46 63.53
N ASN KB 57 76.34 -31.85 62.29
CA ASN KB 57 75.53 -33.03 62.02
C ASN KB 57 76.35 -34.28 61.81
N ASN KB 58 77.68 -34.20 61.98
CA ASN KB 58 78.60 -35.31 61.69
C ASN KB 58 78.42 -35.79 60.26
N THR KB 59 78.26 -34.84 59.34
CA THR KB 59 77.87 -35.14 57.96
C THR KB 59 78.88 -34.54 57.01
N LEU KB 60 79.36 -35.34 56.07
CA LEU KB 60 80.26 -34.88 55.03
C LEU KB 60 79.47 -34.47 53.80
N VAL KB 61 79.97 -33.43 53.12
CA VAL KB 61 79.34 -32.89 51.92
C VAL KB 61 80.31 -33.09 50.77
N PHE KB 62 79.84 -33.75 49.71
CA PHE KB 62 80.67 -34.03 48.55
C PHE KB 62 79.97 -33.57 47.28
N ILE KB 63 80.77 -33.29 46.27
CA ILE KB 63 80.30 -33.11 44.90
C ILE KB 63 80.61 -34.40 44.16
N VAL KB 64 79.58 -35.06 43.66
CA VAL KB 64 79.71 -36.39 43.09
C VAL KB 64 79.31 -36.34 41.62
N ASP KB 65 79.65 -37.41 40.90
CA ASP KB 65 79.23 -37.55 39.52
C ASP KB 65 77.72 -37.69 39.46
N VAL KB 66 77.11 -36.97 38.52
CA VAL KB 66 75.65 -36.86 38.48
C VAL KB 66 74.97 -38.18 38.15
N LYS KB 67 75.70 -39.13 37.57
CA LYS KB 67 75.11 -40.40 37.16
C LYS KB 67 75.09 -41.44 38.27
N ALA KB 68 75.70 -41.15 39.41
CA ALA KB 68 75.81 -42.13 40.50
C ALA KB 68 74.62 -42.00 41.44
N ASN KB 69 73.98 -43.13 41.74
CA ASN KB 69 72.87 -43.14 42.68
C ASN KB 69 73.40 -43.18 44.11
N LYS KB 70 72.47 -43.17 45.08
CA LYS KB 70 72.88 -43.12 46.48
C LYS KB 70 73.64 -44.37 46.91
N HIS KB 71 73.21 -45.54 46.40
CA HIS KB 71 73.90 -46.78 46.76
C HIS KB 71 75.34 -46.77 46.27
N GLN KB 72 75.58 -46.27 45.06
CA GLN KB 72 76.94 -46.18 44.57
C GLN KB 72 77.74 -45.14 45.33
N ILE KB 73 77.10 -44.03 45.72
CA ILE KB 73 77.79 -43.01 46.49
C ILE KB 73 78.22 -43.57 47.84
N LYS KB 74 77.31 -44.30 48.50
CA LYS KB 74 77.62 -44.85 49.82
C LYS KB 74 78.72 -45.90 49.73
N GLN KB 75 78.68 -46.74 48.70
CA GLN KB 75 79.72 -47.75 48.54
C GLN KB 75 81.08 -47.13 48.24
N ALA KB 76 81.09 -46.06 47.43
CA ALA KB 76 82.35 -45.42 47.07
C ALA KB 76 83.04 -44.83 48.28
N VAL KB 77 82.30 -44.09 49.11
CA VAL KB 77 82.86 -43.47 50.31
C VAL KB 77 83.37 -44.54 51.26
N LYS KB 78 82.66 -45.67 51.33
CA LYS KB 78 82.97 -46.69 52.32
C LYS KB 78 84.36 -47.28 52.14
N LYS KB 79 84.79 -47.47 50.89
CA LYS KB 79 86.03 -48.22 50.72
C LYS KB 79 87.27 -47.32 50.69
N LEU KB 80 87.18 -46.13 50.10
CA LEU KB 80 88.36 -45.29 49.92
C LEU KB 80 88.56 -44.29 51.05
N TYR KB 81 87.71 -44.32 52.07
CA TYR KB 81 87.95 -43.58 53.30
C TYR KB 81 87.91 -44.47 54.53
N ASP KB 82 87.59 -45.75 54.37
CA ASP KB 82 87.57 -46.74 55.45
C ASP KB 82 86.61 -46.36 56.57
N ILE KB 83 85.59 -45.57 56.27
CA ILE KB 83 84.60 -45.17 57.25
C ILE KB 83 83.24 -45.70 56.83
N ASP KB 84 82.34 -45.86 57.79
CA ASP KB 84 81.00 -46.34 57.55
C ASP KB 84 80.01 -45.19 57.70
N VAL KB 85 79.06 -45.11 56.79
CA VAL KB 85 78.12 -44.00 56.73
C VAL KB 85 76.74 -44.48 57.14
N ALA KB 86 75.91 -43.54 57.59
CA ALA KB 86 74.56 -43.88 58.03
C ALA KB 86 73.57 -43.77 56.89
N LYS KB 87 73.46 -42.60 56.29
CA LYS KB 87 72.55 -42.39 55.17
C LYS KB 87 73.12 -41.32 54.27
N VAL KB 88 72.64 -41.29 53.02
CA VAL KB 88 73.12 -40.37 52.01
C VAL KB 88 71.93 -39.65 51.41
N ASN KB 89 71.93 -38.32 51.50
CA ASN KB 89 70.95 -37.49 50.83
C ASN KB 89 71.59 -36.86 49.60
N THR KB 90 70.81 -36.78 48.52
CA THR KB 90 71.35 -36.35 47.23
C THR KB 90 70.45 -35.30 46.62
N LEU KB 91 71.05 -34.20 46.18
CA LEU KB 91 70.37 -33.21 45.37
C LEU KB 91 71.28 -32.85 44.20
N ILE KB 92 70.72 -32.10 43.26
CA ILE KB 92 71.49 -31.59 42.12
C ILE KB 92 71.45 -30.08 42.18
N ARG KB 93 72.62 -29.46 42.22
CA ARG KB 93 72.72 -28.01 42.24
C ARG KB 93 72.23 -27.45 40.91
N PRO KB 94 71.80 -26.19 40.91
CA PRO KB 94 71.36 -25.58 39.64
C PRO KB 94 72.45 -25.49 38.59
N ASP KB 95 73.73 -25.52 38.98
CA ASP KB 95 74.81 -25.50 38.01
C ASP KB 95 74.96 -26.82 37.27
N GLY KB 96 74.26 -27.87 37.70
CA GLY KB 96 74.35 -29.17 37.09
C GLY KB 96 75.18 -30.19 37.85
N GLU KB 97 75.96 -29.74 38.82
CA GLU KB 97 76.78 -30.65 39.62
C GLU KB 97 75.95 -31.23 40.76
N LYS KB 98 76.08 -32.53 40.96
CA LYS KB 98 75.31 -33.23 41.98
C LYS KB 98 76.04 -33.15 43.32
N LYS KB 99 75.31 -32.78 44.36
CA LYS KB 99 75.86 -32.65 45.71
C LYS KB 99 75.26 -33.73 46.60
N ALA KB 100 76.10 -34.32 47.44
CA ALA KB 100 75.70 -35.45 48.27
C ALA KB 100 75.95 -35.12 49.73
N TYR KB 101 74.90 -35.16 50.54
CA TYR KB 101 75.03 -35.07 51.99
C TYR KB 101 75.16 -36.47 52.56
N VAL KB 102 76.29 -36.74 53.21
CA VAL KB 102 76.63 -38.08 53.67
C VAL KB 102 76.82 -38.04 55.17
N ARG KB 103 75.88 -38.62 55.91
CA ARG KB 103 75.98 -38.68 57.36
C ARG KB 103 76.69 -39.95 57.77
N LEU KB 104 77.72 -39.80 58.60
CA LEU KB 104 78.57 -40.91 59.00
C LEU KB 104 77.89 -41.75 60.09
N ALA KB 105 78.55 -42.87 60.42
CA ALA KB 105 78.10 -43.68 61.53
C ALA KB 105 78.32 -42.94 62.84
N PRO KB 106 77.52 -43.25 63.87
CA PRO KB 106 77.65 -42.50 65.15
C PRO KB 106 79.03 -42.59 65.77
N ASP KB 107 79.70 -43.73 65.68
CA ASP KB 107 81.04 -43.84 66.26
C ASP KB 107 82.05 -43.01 65.48
N TYR KB 108 81.93 -42.98 64.16
CA TYR KB 108 82.82 -42.17 63.34
C TYR KB 108 82.55 -40.69 63.55
N ASP KB 109 83.62 -39.90 63.61
CA ASP KB 109 83.50 -38.45 63.70
C ASP KB 109 83.96 -37.83 62.39
N ALA KB 110 83.11 -36.97 61.82
CA ALA KB 110 83.42 -36.35 60.55
C ALA KB 110 84.52 -35.30 60.68
N LEU KB 111 84.87 -34.91 61.90
CA LEU KB 111 85.86 -33.84 62.08
C LEU KB 111 87.25 -34.29 61.67
N ASP KB 112 87.79 -35.32 62.34
CA ASP KB 112 89.11 -35.79 62.00
C ASP KB 112 89.15 -36.50 60.66
N VAL KB 113 88.01 -36.99 60.16
CA VAL KB 113 87.93 -37.49 58.79
C VAL KB 113 88.24 -36.37 57.82
N ALA KB 114 87.69 -35.18 58.07
CA ALA KB 114 88.06 -34.02 57.27
C ALA KB 114 89.53 -33.65 57.46
N ASN KB 115 90.09 -33.95 58.63
CA ASN KB 115 91.50 -33.66 58.87
C ASN KB 115 92.41 -34.54 58.03
N LYS KB 116 92.16 -35.86 58.02
CA LYS KB 116 92.97 -36.74 57.19
C LYS KB 116 92.71 -36.49 55.71
N ILE KB 117 91.50 -36.08 55.35
CA ILE KB 117 91.27 -35.61 53.98
C ILE KB 117 91.97 -34.28 53.75
N GLY KB 118 91.93 -33.40 54.75
CA GLY KB 118 92.63 -32.14 54.68
C GLY KB 118 91.77 -30.94 54.34
N ILE KB 119 90.45 -31.03 54.49
CA ILE KB 119 89.56 -29.93 54.16
C ILE KB 119 89.21 -29.10 55.39
N ILE KB 120 90.03 -29.16 56.43
CA ILE KB 120 89.79 -28.39 57.65
C ILE KB 120 90.06 -26.91 57.35
N MET LB 1 111.80 -18.06 -13.61
CA MET LB 1 110.97 -18.00 -12.42
C MET LB 1 110.25 -19.31 -12.15
N LYS LB 2 109.24 -19.25 -11.29
CA LYS LB 2 108.55 -20.46 -10.82
C LYS LB 2 107.81 -21.15 -11.95
N PHE LB 3 107.95 -22.48 -12.00
CA PHE LB 3 107.23 -23.31 -12.96
C PHE LB 3 106.41 -24.40 -12.30
N ASN LB 4 106.62 -24.69 -11.02
CA ASN LB 4 105.90 -25.77 -10.36
C ASN LB 4 104.43 -25.38 -10.20
N PRO LB 5 103.50 -26.12 -10.77
CA PRO LB 5 102.08 -25.76 -10.60
C PRO LB 5 101.53 -26.07 -9.22
N PHE LB 6 102.22 -26.89 -8.43
CA PHE LB 6 101.72 -27.27 -7.12
C PHE LB 6 102.16 -26.32 -6.01
N VAL LB 7 102.91 -25.27 -6.33
CA VAL LB 7 103.24 -24.22 -5.39
C VAL LB 7 102.65 -22.91 -5.92
N THR LB 8 102.06 -22.13 -5.01
CA THR LB 8 101.34 -20.93 -5.40
C THR LB 8 102.21 -19.69 -5.26
N SER LB 9 101.83 -18.65 -6.00
CA SER LB 9 102.48 -17.35 -5.92
C SER LB 9 101.50 -16.26 -5.50
N ASP LB 10 100.31 -16.62 -5.03
CA ASP LB 10 99.31 -15.64 -4.64
C ASP LB 10 99.77 -14.91 -3.38
N ARG LB 11 99.59 -13.58 -3.37
CA ARG LB 11 99.96 -12.80 -2.21
C ARG LB 11 99.10 -13.14 -1.01
N SER LB 12 97.78 -13.22 -1.20
CA SER LB 12 96.88 -13.52 -0.10
C SER LB 12 97.11 -14.91 0.44
N LYS LB 13 97.33 -15.89 -0.44
CA LYS LB 13 97.57 -17.25 0.01
C LYS LB 13 98.86 -17.36 0.80
N ASN LB 14 99.94 -16.75 0.30
CA ASN LB 14 101.24 -16.86 0.96
C ASN LB 14 101.23 -16.18 2.33
N ARG LB 15 100.58 -15.02 2.44
CA ARG LB 15 100.46 -14.36 3.74
C ARG LB 15 99.67 -15.23 4.71
N LYS LB 16 98.62 -15.89 4.21
CA LYS LB 16 97.83 -16.78 5.06
C LYS LB 16 98.69 -17.93 5.57
N ARG LB 17 99.54 -18.49 4.72
CA ARG LB 17 100.45 -19.54 5.17
C ARG LB 17 101.42 -19.02 6.21
N HIS LB 18 101.94 -17.82 6.02
CA HIS LB 18 103.02 -17.34 6.89
C HIS LB 18 102.52 -17.01 8.29
N PHE LB 19 101.40 -16.30 8.39
CA PHE LB 19 100.90 -15.88 9.69
C PHE LB 19 100.05 -16.94 10.37
N ASN LB 20 99.69 -18.01 9.67
CA ASN LB 20 99.04 -19.15 10.30
C ASN LB 20 99.95 -20.37 10.31
N ALA LB 21 101.25 -20.15 10.16
CA ALA LB 21 102.19 -21.27 10.11
C ALA LB 21 102.27 -21.96 11.46
N PRO LB 22 102.27 -23.29 11.50
CA PRO LB 22 102.50 -23.99 12.76
C PRO LB 22 103.90 -23.73 13.30
N SER LB 23 104.03 -23.90 14.62
CA SER LB 23 105.28 -23.56 15.29
C SER LB 23 106.45 -24.39 14.77
N HIS LB 24 106.21 -25.66 14.42
CA HIS LB 24 107.29 -26.53 13.98
C HIS LB 24 107.87 -26.12 12.63
N ILE LB 25 107.21 -25.24 11.89
CA ILE LB 25 107.82 -24.58 10.74
C ILE LB 25 108.11 -23.12 11.00
N ARG LB 26 107.57 -22.54 12.08
CA ARG LB 26 107.99 -21.21 12.47
C ARG LB 26 109.47 -21.19 12.87
N ARG LB 27 109.96 -22.29 13.43
CA ARG LB 27 111.39 -22.42 13.66
C ARG LB 27 112.16 -22.39 12.34
N LYS LB 28 111.63 -23.05 11.31
CA LYS LB 28 112.26 -22.99 10.00
C LYS LB 28 112.22 -21.58 9.43
N ILE LB 29 111.12 -20.87 9.65
CA ILE LB 29 111.01 -19.50 9.16
C ILE LB 29 111.99 -18.59 9.90
N MET LB 30 112.02 -18.70 11.23
CA MET LB 30 112.86 -17.84 12.05
C MET LB 30 114.32 -18.29 11.98
N SER LB 31 114.97 -18.04 10.85
CA SER LB 31 116.36 -18.41 10.65
C SER LB 31 117.19 -17.15 10.45
N SER LB 32 118.46 -17.23 10.85
CA SER LB 32 119.36 -16.09 10.76
C SER LB 32 120.63 -16.49 10.04
N PRO LB 33 121.24 -15.56 9.29
CA PRO LB 33 122.53 -15.87 8.66
C PRO LB 33 123.62 -16.00 9.70
N LEU LB 34 124.62 -16.80 9.37
CA LEU LB 34 125.76 -16.99 10.24
C LEU LB 34 126.83 -15.94 9.95
N SER LB 35 127.79 -15.83 10.86
CA SER LB 35 128.92 -14.95 10.64
C SER LB 35 129.84 -15.55 9.57
N LYS LB 36 130.73 -14.70 9.06
CA LYS LB 36 131.67 -15.16 8.03
C LYS LB 36 132.59 -16.25 8.56
N GLU LB 37 132.97 -16.14 9.83
CA GLU LB 37 133.82 -17.17 10.45
C GLU LB 37 133.10 -18.51 10.50
N LEU LB 38 131.85 -18.50 10.96
CA LEU LB 38 131.07 -19.73 11.01
C LEU LB 38 130.73 -20.23 9.61
N ARG LB 39 130.42 -19.31 8.70
CA ARG LB 39 130.18 -19.68 7.31
C ARG LB 39 131.45 -20.25 6.66
N GLN LB 40 132.61 -19.82 7.13
CA GLN LB 40 133.85 -20.43 6.66
C GLN LB 40 134.08 -21.79 7.32
N LYS LB 41 133.76 -21.91 8.61
CA LYS LB 41 134.01 -23.17 9.32
C LYS LB 41 133.08 -24.27 8.84
N TYR LB 42 131.79 -23.98 8.75
CA TYR LB 42 130.81 -24.91 8.20
C TYR LB 42 130.31 -24.34 6.88
N ASN LB 43 130.30 -25.18 5.85
CA ASN LB 43 129.87 -24.74 4.51
C ASN LB 43 128.35 -24.62 4.45
N VAL LB 44 127.82 -23.76 5.33
CA VAL LB 44 126.41 -23.46 5.42
C VAL LB 44 126.26 -21.96 5.56
N ARG LB 45 125.09 -21.46 5.16
CA ARG LB 45 124.79 -20.03 5.23
C ARG LB 45 123.73 -19.71 6.27
N SER LB 46 122.61 -20.41 6.25
CA SER LB 46 121.50 -20.14 7.15
C SER LB 46 121.40 -21.23 8.21
N MET LB 47 120.67 -20.90 9.28
CA MET LB 47 120.46 -21.80 10.40
C MET LB 47 119.28 -21.31 11.24
N PRO LB 48 118.44 -22.20 11.73
CA PRO LB 48 117.35 -21.77 12.61
C PRO LB 48 117.87 -21.14 13.90
N ILE LB 49 117.12 -20.17 14.40
CA ILE LB 49 117.52 -19.50 15.63
C ILE LB 49 117.34 -20.44 16.82
N ARG LB 50 118.10 -20.17 17.88
CA ARG LB 50 118.16 -21.07 19.02
C ARG LB 50 118.08 -20.27 20.31
N LYS LB 51 117.64 -20.94 21.37
CA LYS LB 51 117.48 -20.30 22.67
C LYS LB 51 118.81 -19.78 23.21
N ASP LB 52 119.88 -20.56 23.08
CA ASP LB 52 121.09 -20.28 23.85
C ASP LB 52 122.31 -20.00 22.98
N ASP LB 53 122.18 -19.13 21.99
CA ASP LB 53 123.31 -18.68 21.18
C ASP LB 53 123.44 -17.17 21.28
N GLU LB 54 124.59 -16.66 20.86
CA GLU LB 54 124.89 -15.23 20.92
C GLU LB 54 124.93 -14.66 19.51
N VAL LB 55 124.24 -13.55 19.31
CA VAL LB 55 124.12 -12.89 18.03
C VAL LB 55 124.40 -11.40 18.22
N GLN LB 56 124.45 -10.67 17.10
CA GLN LB 56 124.51 -9.22 17.11
C GLN LB 56 123.49 -8.68 16.11
N VAL LB 57 123.06 -7.45 16.35
CA VAL LB 57 122.00 -6.83 15.57
C VAL LB 57 122.62 -6.03 14.44
N VAL LB 58 122.14 -6.25 13.22
CA VAL LB 58 122.71 -5.60 12.05
C VAL LB 58 121.78 -4.57 11.42
N ARG LB 59 120.54 -4.47 11.88
CA ARG LB 59 119.60 -3.50 11.34
C ARG LB 59 118.77 -2.92 12.49
N GLY LB 60 118.26 -1.72 12.26
CA GLY LB 60 117.38 -1.10 13.23
C GLY LB 60 118.10 -0.25 14.25
N HIS LB 61 117.40 0.02 15.34
CA HIS LB 61 117.87 0.96 16.35
C HIS LB 61 119.08 0.41 17.11
N TYR LB 62 119.09 -0.89 17.38
CA TYR LB 62 120.06 -1.48 18.30
C TYR LB 62 121.25 -2.11 17.56
N LYS LB 63 121.67 -1.51 16.46
CA LYS LB 63 122.87 -1.98 15.79
C LYS LB 63 124.10 -1.73 16.66
N GLY LB 64 125.06 -2.64 16.57
CA GLY LB 64 126.27 -2.51 17.34
C GLY LB 64 127.09 -3.78 17.31
N GLN LB 65 128.38 -3.64 17.60
CA GLN LB 65 129.31 -4.76 17.60
C GLN LB 65 129.22 -5.59 18.87
N GLN LB 66 128.45 -5.16 19.86
CA GLN LB 66 128.27 -5.94 21.07
C GLN LB 66 127.59 -7.27 20.75
N ILE LB 67 127.98 -8.31 21.47
CA ILE LB 67 127.48 -9.66 21.26
C ILE LB 67 126.65 -10.06 22.48
N GLY LB 68 125.41 -10.44 22.25
CA GLY LB 68 124.50 -10.78 23.32
C GLY LB 68 123.84 -12.12 23.10
N LYS LB 69 123.71 -12.88 24.18
CA LYS LB 69 123.07 -14.18 24.11
C LYS LB 69 121.55 -14.04 24.04
N VAL LB 70 120.93 -14.87 23.21
CA VAL LB 70 119.47 -14.91 23.16
C VAL LB 70 118.94 -15.44 24.49
N VAL LB 71 117.83 -14.85 24.96
CA VAL LB 71 117.18 -15.31 26.17
C VAL LB 71 115.80 -15.89 25.94
N GLN LB 72 115.19 -15.64 24.78
CA GLN LB 72 113.86 -16.15 24.52
C GLN LB 72 113.62 -16.15 23.01
N VAL LB 73 112.94 -17.19 22.54
CA VAL LB 73 112.49 -17.28 21.16
C VAL LB 73 110.97 -17.29 21.22
N TYR LB 74 110.36 -16.19 20.77
CA TYR LB 74 108.92 -16.00 20.86
C TYR LB 74 108.35 -16.22 19.47
N ARG LB 75 108.06 -17.48 19.15
CA ARG LB 75 107.60 -17.84 17.81
C ARG LB 75 106.21 -17.29 17.51
N LYS LB 76 105.41 -17.01 18.53
CA LYS LB 76 104.09 -16.44 18.29
C LYS LB 76 104.18 -15.08 17.63
N LYS LB 77 105.10 -14.24 18.10
CA LYS LB 77 105.27 -12.89 17.56
C LYS LB 77 106.36 -12.81 16.51
N TYR LB 78 106.94 -13.95 16.12
CA TYR LB 78 108.01 -14.01 15.11
C TYR LB 78 109.21 -13.16 15.51
N VAL LB 79 109.48 -13.03 16.80
CA VAL LB 79 110.58 -12.22 17.29
C VAL LB 79 111.32 -13.00 18.38
N ILE LB 80 112.51 -12.50 18.71
CA ILE LB 80 113.34 -13.11 19.75
C ILE LB 80 113.79 -12.01 20.70
N TYR LB 81 114.24 -12.43 21.88
CA TYR LB 81 114.68 -11.50 22.92
C TYR LB 81 116.18 -11.67 23.13
N ILE LB 82 116.90 -10.56 23.12
CA ILE LB 82 118.34 -10.54 23.31
C ILE LB 82 118.64 -9.88 24.65
N GLU LB 83 119.74 -10.27 25.27
CA GLU LB 83 120.10 -9.88 26.64
C GLU LB 83 120.09 -8.37 26.85
N ARG LB 84 120.98 -7.64 26.17
CA ARG LB 84 121.10 -6.21 26.42
C ARG LB 84 120.12 -5.37 25.62
N VAL LB 85 119.41 -5.96 24.66
CA VAL LB 85 118.44 -5.20 23.90
C VAL LB 85 117.14 -5.13 24.69
N GLN LB 86 117.04 -4.13 25.55
CA GLN LB 86 115.85 -3.92 26.36
C GLN LB 86 115.80 -2.47 26.79
N ARG LB 87 114.59 -2.00 27.07
CA ARG LB 87 114.36 -0.60 27.36
C ARG LB 87 113.60 -0.44 28.66
N GLU LB 88 113.68 0.77 29.22
CA GLU LB 88 112.98 1.11 30.45
C GLU LB 88 111.61 1.68 30.11
N LYS LB 89 110.56 1.04 30.61
CA LYS LB 89 109.21 1.55 30.46
C LYS LB 89 108.97 2.63 31.51
N ALA LB 90 107.70 3.01 31.70
CA ALA LB 90 107.39 4.15 32.55
C ALA LB 90 107.83 3.92 34.00
N ASN LB 91 107.50 2.74 34.55
CA ASN LB 91 107.80 2.46 35.95
C ASN LB 91 109.24 2.01 36.19
N GLY LB 92 110.14 2.24 35.23
CA GLY LB 92 111.55 1.98 35.43
C GLY LB 92 111.96 0.53 35.36
N THR LB 93 111.11 -0.37 34.89
CA THR LB 93 111.49 -1.76 34.74
C THR LB 93 112.00 -2.02 33.32
N THR LB 94 112.61 -3.18 33.14
CA THR LB 94 113.20 -3.55 31.86
C THR LB 94 112.28 -4.51 31.12
N VAL LB 95 112.08 -4.24 29.83
CA VAL LB 95 111.30 -5.10 28.95
C VAL LB 95 112.10 -5.34 27.68
N HIS LB 96 112.19 -6.60 27.26
CA HIS LB 96 112.94 -6.93 26.05
C HIS LB 96 112.25 -6.35 24.83
N VAL LB 97 113.06 -5.87 23.89
CA VAL LB 97 112.57 -5.32 22.64
C VAL LB 97 112.74 -6.40 21.58
N GLY LB 98 111.67 -7.13 21.29
CA GLY LB 98 111.70 -8.19 20.32
C GLY LB 98 112.06 -7.73 18.93
N ILE LB 99 113.02 -8.40 18.30
CA ILE LB 99 113.44 -8.07 16.94
C ILE LB 99 113.44 -9.33 16.10
N HIS LB 100 113.29 -9.15 14.80
CA HIS LB 100 113.13 -10.29 13.90
C HIS LB 100 114.47 -11.00 13.73
N PRO LB 101 114.48 -12.34 13.74
CA PRO LB 101 115.74 -13.07 13.59
C PRO LB 101 116.44 -12.85 12.26
N SER LB 102 115.72 -12.42 11.23
CA SER LB 102 116.37 -12.15 9.95
C SER LB 102 117.25 -10.91 10.01
N LYS LB 103 117.18 -10.13 11.08
CA LYS LB 103 117.99 -8.92 11.23
C LYS LB 103 119.15 -9.12 12.20
N VAL LB 104 119.52 -10.37 12.50
CA VAL LB 104 120.66 -10.66 13.33
C VAL LB 104 121.54 -11.67 12.62
N VAL LB 105 122.81 -11.73 13.04
CA VAL LB 105 123.75 -12.72 12.54
C VAL LB 105 124.33 -13.48 13.72
N ILE LB 106 124.37 -14.80 13.60
CA ILE LB 106 124.84 -15.64 14.71
C ILE LB 106 126.35 -15.63 14.75
N THR LB 107 126.91 -15.44 15.95
CA THR LB 107 128.35 -15.44 16.15
C THR LB 107 128.88 -16.74 16.73
N ARG LB 108 128.07 -17.45 17.52
CA ARG LB 108 128.50 -18.70 18.13
C ARG LB 108 127.27 -19.54 18.41
N LEU LB 109 127.28 -20.78 17.95
CA LEU LB 109 126.10 -21.64 17.99
C LEU LB 109 126.04 -22.43 19.28
N LYS LB 110 124.82 -22.81 19.65
CA LYS LB 110 124.58 -23.75 20.74
C LYS LB 110 124.63 -25.16 20.17
N LEU LB 111 125.70 -25.88 20.46
CA LEU LB 111 125.97 -27.16 19.83
C LEU LB 111 125.45 -28.32 20.67
N ASP LB 112 124.99 -29.36 19.99
CA ASP LB 112 124.60 -30.61 20.61
C ASP LB 112 124.84 -31.73 19.60
N LYS LB 113 124.28 -32.90 19.85
CA LYS LB 113 124.31 -33.95 18.83
C LYS LB 113 123.36 -33.66 17.68
N ASP LB 114 122.44 -32.72 17.84
CA ASP LB 114 121.41 -32.46 16.84
C ASP LB 114 121.84 -31.39 15.85
N ARG LB 115 122.35 -30.27 16.34
CA ARG LB 115 122.77 -29.18 15.44
C ARG LB 115 123.89 -29.64 14.52
N LYS LB 116 124.81 -30.43 15.04
CA LYS LB 116 125.90 -30.95 14.21
C LYS LB 116 125.37 -31.83 13.09
N LYS LB 117 124.34 -32.64 13.38
CA LYS LB 117 123.73 -33.45 12.34
C LYS LB 117 123.09 -32.59 11.26
N ILE LB 118 122.39 -31.53 11.68
CA ILE LB 118 121.83 -30.59 10.69
C ILE LB 118 122.95 -29.87 9.96
N LEU LB 119 123.99 -29.45 10.68
CA LEU LB 119 125.07 -28.68 10.08
C LEU LB 119 125.78 -29.48 9.00
N GLU LB 120 126.06 -30.76 9.26
CA GLU LB 120 126.69 -31.57 8.23
C GLU LB 120 125.72 -31.90 7.11
N ARG LB 121 124.42 -31.95 7.42
CA ARG LB 121 123.42 -32.23 6.38
C ARG LB 121 123.36 -31.10 5.37
N LYS LB 122 123.27 -29.86 5.84
CA LYS LB 122 123.23 -28.73 4.93
C LYS LB 122 124.56 -28.56 4.22
N ALA LB 123 125.67 -28.85 4.91
CA ALA LB 123 126.98 -28.82 4.28
C ALA LB 123 127.07 -29.88 3.18
N LYS LB 124 126.48 -31.06 3.42
CA LYS LB 124 126.52 -32.12 2.42
C LYS LB 124 125.73 -31.74 1.18
N SER LB 125 124.56 -31.13 1.36
CA SER LB 125 123.74 -30.76 0.22
C SER LB 125 124.40 -29.66 -0.62
N ARG LB 126 125.06 -28.71 0.03
CA ARG LB 126 125.79 -27.68 -0.70
C ARG LB 126 126.97 -28.27 -1.46
N GLN LB 127 127.65 -29.25 -0.86
CA GLN LB 127 128.80 -29.86 -1.52
C GLN LB 127 128.37 -30.64 -2.76
N VAL LB 128 127.18 -31.24 -2.73
CA VAL LB 128 126.64 -31.90 -3.92
C VAL LB 128 126.43 -30.88 -5.03
N GLY LB 129 125.93 -29.69 -4.68
CA GLY LB 129 125.74 -28.65 -5.68
C GLY LB 129 127.05 -28.15 -6.25
N LYS LB 130 128.10 -28.11 -5.43
CA LYS LB 130 129.40 -27.66 -5.92
C LYS LB 130 129.96 -28.60 -6.96
N GLU LB 131 129.83 -29.91 -6.74
CA GLU LB 131 130.33 -30.89 -7.71
C GLU LB 131 129.40 -31.07 -8.90
N LYS LB 132 128.11 -30.74 -8.76
CA LYS LB 132 127.21 -30.77 -9.91
C LYS LB 132 127.47 -29.61 -10.85
N GLY LB 133 127.67 -28.41 -10.29
CA GLY LB 133 127.96 -27.21 -11.06
C GLY LB 133 129.42 -27.01 -11.36
N LYS LB 134 130.26 -28.03 -11.20
CA LYS LB 134 131.67 -27.95 -11.50
C LYS LB 134 131.92 -27.69 -12.97
N GLY MB 1 -1.52 -79.90 65.83
CA GLY MB 1 -0.56 -80.78 65.20
C GLY MB 1 0.86 -80.29 65.32
N LYS MB 2 1.42 -80.37 66.52
CA LYS MB 2 2.78 -79.91 66.76
C LYS MB 2 3.77 -80.79 66.01
N PHE MB 3 4.82 -80.16 65.50
CA PHE MB 3 5.86 -80.87 64.76
C PHE MB 3 7.25 -80.70 65.33
N MET MB 4 7.47 -79.76 66.26
CA MET MB 4 8.77 -79.54 66.87
C MET MB 4 9.00 -80.61 67.94
N LYS MB 5 9.26 -81.83 67.47
CA LYS MB 5 9.42 -82.99 68.31
C LYS MB 5 10.86 -83.48 68.30
N PRO MB 6 11.30 -84.18 69.35
CA PRO MB 6 12.65 -84.76 69.34
C PRO MB 6 12.82 -85.73 68.19
N GLY MB 7 14.01 -85.73 67.60
CA GLY MB 7 14.31 -86.55 66.45
C GLY MB 7 14.04 -85.88 65.13
N LYS MB 8 13.27 -84.81 65.11
CA LYS MB 8 12.98 -84.10 63.87
C LYS MB 8 14.23 -83.41 63.34
N VAL MB 9 14.31 -83.27 62.03
CA VAL MB 9 15.43 -82.62 61.36
C VAL MB 9 15.03 -81.20 61.01
N VAL MB 10 15.87 -80.24 61.41
CA VAL MB 10 15.60 -78.83 61.20
C VAL MB 10 16.81 -78.17 60.56
N LEU MB 11 16.64 -76.92 60.15
CA LEU MB 11 17.70 -76.12 59.56
C LEU MB 11 17.96 -74.90 60.44
N VAL MB 12 19.23 -74.64 60.71
CA VAL MB 12 19.62 -73.51 61.53
C VAL MB 12 19.77 -72.29 60.62
N LEU MB 13 18.94 -71.27 60.87
CA LEU MB 13 18.85 -70.11 59.99
C LEU MB 13 19.71 -68.94 60.43
N ALA MB 14 20.33 -69.00 61.61
CA ALA MB 14 21.05 -67.85 62.14
C ALA MB 14 22.33 -68.33 62.83
N GLY MB 15 23.12 -67.38 63.29
CA GLY MB 15 24.33 -67.69 64.00
C GLY MB 15 25.43 -68.20 63.09
N ARG MB 16 26.53 -68.62 63.74
CA ARG MB 16 27.68 -69.15 63.01
C ARG MB 16 27.31 -70.41 62.23
N TYR MB 17 26.38 -71.20 62.75
CA TYR MB 17 25.98 -72.46 62.13
C TYR MB 17 24.81 -72.30 61.17
N SER MB 18 24.69 -71.14 60.52
CA SER MB 18 23.60 -70.89 59.60
C SER MB 18 23.61 -71.90 58.46
N GLY MB 19 22.43 -72.43 58.14
CA GLY MB 19 22.29 -73.35 57.03
C GLY MB 19 22.77 -74.76 57.30
N ARG MB 20 23.13 -75.08 58.53
CA ARG MB 20 23.60 -76.42 58.86
C ARG MB 20 22.44 -77.29 59.30
N LYS MB 21 22.39 -78.51 58.78
CA LYS MB 21 21.37 -79.47 59.19
C LYS MB 21 21.58 -79.86 60.65
N ALA MB 22 20.48 -80.14 61.34
CA ALA MB 22 20.52 -80.39 62.77
C ALA MB 22 19.29 -81.18 63.17
N VAL MB 23 19.34 -81.75 64.37
CA VAL MB 23 18.26 -82.58 64.90
C VAL MB 23 17.84 -82.04 66.27
N ILE MB 24 16.54 -82.06 66.52
CA ILE MB 24 15.99 -81.59 67.80
C ILE MB 24 16.22 -82.67 68.85
N VAL MB 25 16.88 -82.29 69.94
CA VAL MB 25 17.10 -83.22 71.05
C VAL MB 25 16.06 -83.05 72.14
N LYS MB 26 15.80 -81.81 72.56
CA LYS MB 26 14.86 -81.53 73.61
C LYS MB 26 14.15 -80.22 73.29
N ASN MB 27 12.81 -80.27 73.26
CA ASN MB 27 12.01 -79.12 72.90
C ASN MB 27 11.36 -78.53 74.15
N ILE MB 28 11.15 -77.21 74.14
CA ILE MB 28 10.58 -76.49 75.27
C ILE MB 28 9.28 -75.80 74.89
N ASP MB 29 9.31 -74.95 73.86
CA ASP MB 29 8.16 -74.24 73.28
C ASP MB 29 7.31 -73.52 74.33
N ASP MB 30 7.87 -73.24 75.51
CA ASP MB 30 7.07 -72.64 76.57
C ASP MB 30 7.75 -71.50 77.30
N GLY MB 31 9.08 -71.48 77.41
CA GLY MB 31 9.74 -70.47 78.22
C GLY MB 31 10.09 -70.97 79.61
N THR MB 32 11.29 -70.65 80.08
CA THR MB 32 11.79 -71.17 81.36
C THR MB 32 12.37 -70.05 82.20
N SER MB 33 11.68 -68.91 82.26
CA SER MB 33 12.02 -67.77 83.11
C SER MB 33 13.36 -67.13 82.73
N ASP MB 34 14.00 -67.66 81.70
CA ASP MB 34 15.21 -67.08 81.13
C ASP MB 34 15.20 -67.07 79.61
N ARG MB 35 14.41 -67.93 78.98
CA ARG MB 35 14.21 -67.93 77.53
C ARG MB 35 12.72 -67.95 77.29
N PRO MB 36 12.02 -66.85 77.55
CA PRO MB 36 10.55 -66.87 77.57
C PRO MB 36 9.93 -67.17 76.21
N TYR MB 37 10.72 -67.19 75.16
CA TYR MB 37 10.23 -67.52 73.82
C TYR MB 37 10.13 -69.04 73.71
N SER MB 38 9.96 -69.54 72.49
CA SER MB 38 9.86 -70.96 72.23
C SER MB 38 11.17 -71.44 71.61
N HIS MB 39 11.91 -72.25 72.37
CA HIS MB 39 13.23 -72.73 71.97
C HIS MB 39 13.28 -74.24 72.09
N ALA MB 40 14.41 -74.81 71.68
CA ALA MB 40 14.61 -76.25 71.75
C ALA MB 40 16.09 -76.56 71.76
N LEU MB 41 16.50 -77.55 72.55
CA LEU MB 41 17.87 -78.03 72.53
C LEU MB 41 18.10 -78.82 71.25
N VAL MB 42 19.01 -78.34 70.42
CA VAL MB 42 19.20 -78.86 69.07
C VAL MB 42 20.68 -79.16 68.85
N ALA MB 43 20.99 -80.38 68.45
CA ALA MB 43 22.35 -80.79 68.14
C ALA MB 43 22.50 -80.93 66.63
N GLY MB 44 23.58 -80.38 66.09
CA GLY MB 44 23.80 -80.38 64.65
C GLY MB 44 25.25 -80.67 64.32
N ILE MB 45 25.53 -80.72 63.03
CA ILE MB 45 26.86 -81.01 62.51
C ILE MB 45 27.42 -79.74 61.90
N ASP MB 46 28.66 -79.41 62.27
CA ASP MB 46 29.33 -78.22 61.73
C ASP MB 46 30.05 -78.53 60.43
N ARG MB 47 30.70 -79.69 60.34
CA ARG MB 47 31.46 -80.08 59.16
C ARG MB 47 30.81 -81.33 58.57
N TYR MB 48 30.22 -81.19 57.39
CA TYR MB 48 29.68 -82.33 56.69
C TYR MB 48 30.81 -83.25 56.22
N PRO MB 49 30.57 -84.55 56.17
CA PRO MB 49 31.62 -85.47 55.67
C PRO MB 49 31.87 -85.24 54.19
N ARG MB 50 33.13 -85.40 53.80
CA ARG MB 50 33.50 -85.23 52.41
C ARG MB 50 32.98 -86.39 51.58
N LYS MB 51 32.61 -86.09 50.34
CA LYS MB 51 32.07 -87.10 49.44
C LYS MB 51 33.15 -88.13 49.09
N VAL MB 52 32.78 -89.40 49.12
CA VAL MB 52 33.71 -90.49 48.92
C VAL MB 52 33.52 -91.08 47.53
N THR MB 53 34.56 -91.75 47.04
CA THR MB 53 34.54 -92.45 45.76
C THR MB 53 35.06 -93.86 45.98
N ALA MB 54 34.75 -94.74 45.03
CA ALA MB 54 35.17 -96.14 45.15
C ALA MB 54 36.69 -96.25 45.13
N ALA MB 55 37.35 -95.62 44.17
CA ALA MB 55 38.80 -95.66 44.05
C ALA MB 55 39.41 -94.52 44.87
N MET MB 56 39.33 -94.68 46.19
CA MET MB 56 39.85 -93.66 47.09
C MET MB 56 40.75 -94.25 48.18
N GLY MB 57 40.52 -95.52 48.54
CA GLY MB 57 41.33 -96.15 49.55
C GLY MB 57 40.71 -96.13 50.93
N LYS MB 58 41.05 -97.11 51.76
CA LYS MB 58 40.41 -97.25 53.06
C LYS MB 58 40.76 -96.10 53.99
N LYS MB 59 42.06 -95.80 54.12
CA LYS MB 59 42.49 -94.80 55.10
C LYS MB 59 42.08 -93.39 54.68
N LYS MB 60 42.11 -93.10 53.37
CA LYS MB 60 41.70 -91.78 52.92
C LYS MB 60 40.21 -91.56 53.16
N ILE MB 61 39.40 -92.60 52.97
CA ILE MB 61 37.97 -92.49 53.27
C ILE MB 61 37.76 -92.25 54.75
N ALA MB 62 38.50 -92.97 55.60
CA ALA MB 62 38.38 -92.80 57.05
C ALA MB 62 38.77 -91.38 57.46
N LYS MB 63 39.80 -90.82 56.82
CA LYS MB 63 40.13 -89.42 57.06
C LYS MB 63 38.99 -88.50 56.64
N ARG MB 64 38.37 -88.79 55.49
CA ARG MB 64 37.28 -87.95 55.00
C ARG MB 64 35.96 -88.26 55.69
N SER MB 65 35.86 -89.37 56.42
CA SER MB 65 34.61 -89.76 57.04
C SER MB 65 34.31 -89.03 58.33
N LYS MB 66 35.30 -88.34 58.90
CA LYS MB 66 35.11 -87.66 60.18
C LYS MB 66 34.12 -86.51 60.04
N ILE MB 67 33.35 -86.30 61.11
CA ILE MB 67 32.27 -85.31 61.13
C ILE MB 67 32.40 -84.48 62.40
N LYS MB 68 32.32 -83.16 62.25
CA LYS MB 68 32.35 -82.25 63.38
C LYS MB 68 30.93 -81.81 63.72
N SER MB 69 30.58 -81.86 65.00
CA SER MB 69 29.23 -81.59 65.46
C SER MB 69 29.22 -80.40 66.41
N PHE MB 70 28.03 -80.04 66.88
CA PHE MB 70 27.85 -78.96 67.82
C PHE MB 70 26.50 -79.10 68.50
N VAL MB 71 26.35 -78.41 69.63
CA VAL MB 71 25.08 -78.34 70.34
C VAL MB 71 24.80 -76.87 70.67
N LYS MB 72 23.59 -76.42 70.34
CA LYS MB 72 23.16 -75.06 70.61
C LYS MB 72 21.66 -75.05 70.86
N VAL MB 73 21.22 -74.18 71.77
CA VAL MB 73 19.80 -73.99 72.01
C VAL MB 73 19.33 -72.86 71.09
N TYR MB 74 18.35 -73.15 70.24
CA TYR MB 74 17.96 -72.25 69.18
C TYR MB 74 16.48 -71.89 69.29
N ASN MB 75 16.18 -70.61 69.08
CA ASN MB 75 14.80 -70.16 68.99
C ASN MB 75 14.14 -70.77 67.76
N TYR MB 76 12.83 -71.06 67.87
CA TYR MB 76 12.10 -71.58 66.72
C TYR MB 76 12.10 -70.59 65.57
N ASN MB 77 12.06 -69.30 65.88
CA ASN MB 77 12.07 -68.27 64.86
C ASN MB 77 13.37 -68.25 64.07
N HIS MB 78 14.44 -68.84 64.62
CA HIS MB 78 15.72 -68.92 63.95
C HIS MB 78 15.98 -70.32 63.37
N LEU MB 79 14.94 -71.15 63.27
CA LEU MB 79 15.07 -72.50 62.74
C LEU MB 79 14.05 -72.71 61.63
N MET MB 80 14.37 -73.66 60.75
CA MET MB 80 13.46 -74.05 59.68
C MET MB 80 13.14 -75.54 59.81
N PRO MB 81 11.95 -75.92 60.26
CA PRO MB 81 11.63 -77.33 60.41
C PRO MB 81 11.42 -78.01 59.07
N THR MB 82 11.92 -79.24 58.95
CA THR MB 82 11.73 -80.04 57.76
C THR MB 82 10.75 -81.17 58.06
N ARG MB 83 10.43 -81.96 57.03
CA ARG MB 83 9.57 -83.11 57.20
C ARG MB 83 10.31 -84.33 57.73
N TYR MB 84 11.64 -84.31 57.69
CA TYR MB 84 12.42 -85.49 58.01
C TYR MB 84 12.66 -85.62 59.51
N SER MB 85 12.66 -86.86 59.98
CA SER MB 85 13.01 -87.18 61.35
C SER MB 85 13.98 -88.35 61.36
N VAL MB 86 14.87 -88.38 62.34
CA VAL MB 86 15.89 -89.41 62.45
C VAL MB 86 15.83 -90.03 63.84
N ASP MB 87 15.99 -91.35 63.88
CA ASP MB 87 15.87 -92.12 65.11
C ASP MB 87 17.22 -92.33 65.80
N ILE MB 88 17.93 -91.24 66.05
CA ILE MB 88 19.22 -91.28 66.74
C ILE MB 88 18.95 -91.08 68.24
N PRO MB 89 19.17 -92.09 69.08
CA PRO MB 89 18.88 -91.98 70.52
C PRO MB 89 20.03 -91.37 71.32
N LEU MB 90 20.14 -90.05 71.27
CA LEU MB 90 21.18 -89.34 72.00
C LEU MB 90 20.93 -89.44 73.50
N ASP MB 91 22.02 -89.37 74.27
CA ASP MB 91 21.94 -89.44 75.72
C ASP MB 91 21.35 -88.13 76.25
N LYS MB 92 20.15 -88.22 76.83
CA LYS MB 92 19.51 -87.03 77.39
C LYS MB 92 20.21 -86.55 78.67
N THR MB 93 20.99 -87.42 79.32
CA THR MB 93 21.69 -86.99 80.52
C THR MB 93 22.88 -86.12 80.18
N VAL MB 94 23.75 -86.61 79.29
CA VAL MB 94 24.91 -85.83 78.87
C VAL MB 94 24.47 -84.61 78.07
N VAL MB 95 23.59 -84.81 77.10
CA VAL MB 95 23.06 -83.71 76.30
C VAL MB 95 21.81 -83.16 76.98
N ASN MB 96 22.00 -82.13 77.80
CA ASN MB 96 20.91 -81.46 78.51
C ASN MB 96 21.04 -79.96 78.31
N LYS MB 97 20.05 -79.22 78.81
CA LYS MB 97 20.01 -77.78 78.56
C LYS MB 97 21.14 -77.07 79.29
N ASP MB 98 21.48 -77.50 80.50
CA ASP MB 98 22.50 -76.83 81.30
C ASP MB 98 23.92 -77.30 80.97
N VAL MB 99 24.13 -77.94 79.82
CA VAL MB 99 25.46 -78.40 79.45
C VAL MB 99 26.38 -77.21 79.12
N PHE MB 100 25.82 -76.06 78.79
CA PHE MB 100 26.62 -74.95 78.30
C PHE MB 100 27.39 -74.22 79.39
N ARG MB 101 27.01 -74.41 80.66
CA ARG MB 101 27.77 -73.79 81.73
C ARG MB 101 29.16 -74.39 81.86
N ASP MB 102 29.27 -75.71 81.69
CA ASP MB 102 30.56 -76.37 81.79
C ASP MB 102 31.12 -76.63 80.40
N PRO MB 103 32.21 -75.99 80.00
CA PRO MB 103 32.80 -76.27 78.68
C PRO MB 103 33.22 -77.73 78.51
N ALA MB 104 33.68 -78.37 79.59
CA ALA MB 104 34.06 -79.78 79.49
C ALA MB 104 32.85 -80.65 79.19
N LEU MB 105 31.71 -80.37 79.83
CA LEU MB 105 30.50 -81.13 79.55
C LEU MB 105 30.05 -80.92 78.11
N LYS MB 106 30.14 -79.68 77.61
CA LYS MB 106 29.83 -79.43 76.21
C LYS MB 106 30.77 -80.19 75.29
N ARG MB 107 32.05 -80.26 75.63
CA ARG MB 107 33.00 -81.03 74.85
C ARG MB 107 32.62 -82.51 74.84
N LYS MB 108 32.23 -83.04 76.00
CA LYS MB 108 31.79 -84.43 76.06
C LYS MB 108 30.51 -84.63 75.25
N ALA MB 109 29.57 -83.69 75.37
CA ALA MB 109 28.33 -83.78 74.61
C ALA MB 109 28.58 -83.70 73.11
N ARG MB 110 29.45 -82.77 72.70
CA ARG MB 110 29.78 -82.66 71.28
C ARG MB 110 30.53 -83.88 70.79
N ARG MB 111 31.41 -84.44 71.63
CA ARG MB 111 32.07 -85.68 71.29
C ARG MB 111 31.09 -86.85 71.23
N GLU MB 112 30.14 -86.88 72.18
CA GLU MB 112 29.14 -87.95 72.19
C GLU MB 112 28.27 -87.92 70.94
N ALA MB 113 27.84 -86.73 70.53
CA ALA MB 113 27.03 -86.62 69.31
C ALA MB 113 27.84 -86.97 68.07
N LYS MB 114 29.16 -86.69 68.10
CA LYS MB 114 29.99 -86.92 66.94
C LYS MB 114 30.07 -88.40 66.59
N VAL MB 115 30.33 -89.25 67.58
CA VAL MB 115 30.43 -90.68 67.31
C VAL MB 115 29.06 -91.27 67.00
N LYS MB 116 28.00 -90.74 67.63
CA LYS MB 116 26.65 -91.16 67.27
C LYS MB 116 26.33 -90.82 65.83
N PHE MB 117 26.70 -89.62 65.41
CA PHE MB 117 26.47 -89.22 64.02
C PHE MB 117 27.35 -90.03 63.07
N GLU MB 118 28.61 -90.27 63.44
CA GLU MB 118 29.51 -91.03 62.58
C GLU MB 118 29.04 -92.47 62.42
N GLU MB 119 28.59 -93.09 63.51
CA GLU MB 119 28.09 -94.46 63.39
C GLU MB 119 26.79 -94.50 62.62
N ARG MB 120 25.98 -93.44 62.70
CA ARG MB 120 24.82 -93.33 61.82
C ARG MB 120 25.22 -92.96 60.41
N TYR MB 121 26.36 -92.27 60.26
CA TYR MB 121 26.87 -91.97 58.93
C TYR MB 121 27.24 -93.24 58.17
N LYS MB 122 27.61 -94.30 58.89
CA LYS MB 122 27.82 -95.58 58.26
C LYS MB 122 26.49 -96.15 57.77
N THR MB 123 26.58 -97.24 57.00
CA THR MB 123 25.44 -97.97 56.46
C THR MB 123 24.59 -97.14 55.51
N GLY MB 124 25.03 -95.91 55.21
CA GLY MB 124 24.34 -95.08 54.23
C GLY MB 124 22.94 -94.68 54.59
N LYS MB 125 22.55 -94.80 55.85
CA LYS MB 125 21.21 -94.40 56.27
C LYS MB 125 21.15 -92.90 56.51
N ASN MB 126 20.01 -92.31 56.14
CA ASN MB 126 19.79 -90.87 56.22
C ASN MB 126 20.87 -90.10 55.46
N LYS MB 127 20.97 -90.42 54.16
CA LYS MB 127 21.98 -89.78 53.31
C LYS MB 127 21.77 -88.28 53.22
N TRP MB 128 20.51 -87.85 53.08
CA TRP MB 128 20.21 -86.44 52.97
C TRP MB 128 20.63 -85.67 54.22
N PHE MB 129 20.55 -86.31 55.38
CA PHE MB 129 20.85 -85.60 56.62
C PHE MB 129 22.32 -85.21 56.72
N PHE MB 130 23.21 -86.04 56.17
CA PHE MB 130 24.64 -85.79 56.26
C PHE MB 130 25.17 -84.99 55.07
N GLN MB 131 24.31 -84.54 54.17
CA GLN MB 131 24.73 -83.84 52.98
C GLN MB 131 24.69 -82.34 53.21
N LYS MB 132 25.75 -81.65 52.80
CA LYS MB 132 25.79 -80.20 52.88
C LYS MB 132 24.71 -79.61 51.98
N LEU MB 133 24.02 -78.59 52.51
CA LEU MB 133 22.99 -77.92 51.73
C LEU MB 133 23.64 -77.04 50.67
N ARG MB 134 23.39 -77.35 49.40
CA ARG MB 134 23.97 -76.62 48.29
C ARG MB 134 23.12 -75.38 48.03
N PHE MB 135 23.32 -74.36 48.85
CA PHE MB 135 22.54 -73.13 48.71
C PHE MB 135 23.43 -71.96 48.30
N PRO NB 1 83.02 -2.40 -26.70
CA PRO NB 1 83.44 -1.12 -26.14
C PRO NB 1 82.27 -0.33 -25.56
N SER NB 2 82.26 -0.14 -24.24
CA SER NB 2 81.22 0.66 -23.61
C SER NB 2 81.30 2.12 -24.05
N ARG NB 3 82.52 2.64 -24.22
CA ARG NB 3 82.75 4.05 -24.49
C ARG NB 3 82.29 4.48 -25.88
N LEU NB 4 81.66 3.61 -26.67
CA LEU NB 4 81.29 3.93 -28.04
C LEU NB 4 79.78 3.90 -28.26
N ARG NB 5 78.99 3.99 -27.20
CA ARG NB 5 77.55 3.78 -27.31
C ARG NB 5 76.80 5.01 -26.84
N LYS NB 6 75.52 5.07 -27.21
CA LYS NB 6 74.67 6.21 -26.87
C LYS NB 6 74.50 6.37 -25.37
N THR NB 7 74.63 5.29 -24.60
CA THR NB 7 74.43 5.37 -23.16
C THR NB 7 75.42 6.33 -22.52
N ARG NB 8 76.67 6.33 -22.97
CA ARG NB 8 77.66 7.24 -22.42
C ARG NB 8 77.41 8.68 -22.85
N LYS NB 9 76.61 8.90 -23.89
CA LYS NB 9 76.28 10.25 -24.33
C LYS NB 9 74.90 10.70 -23.90
N LEU NB 10 74.09 9.82 -23.32
CA LEU NB 10 72.75 10.17 -22.90
C LEU NB 10 72.65 10.40 -21.39
N ARG NB 11 73.77 10.50 -20.70
CA ARG NB 11 73.74 10.84 -19.28
C ARG NB 11 73.21 12.26 -19.10
N GLY NB 12 72.45 12.47 -18.04
CA GLY NB 12 71.88 13.77 -17.75
C GLY NB 12 70.59 14.08 -18.48
N HIS NB 13 70.18 13.27 -19.44
CA HIS NB 13 68.94 13.47 -20.18
C HIS NB 13 67.88 12.55 -19.58
N VAL NB 14 66.77 13.12 -19.16
CA VAL NB 14 65.85 12.41 -18.28
C VAL NB 14 65.16 11.26 -19.02
N SER NB 15 64.80 11.44 -20.29
CA SER NB 15 64.10 10.39 -21.00
C SER NB 15 65.03 9.32 -21.55
N HIS NB 16 66.33 9.61 -21.63
CA HIS NB 16 67.34 8.67 -22.11
C HIS NB 16 66.97 8.10 -23.47
N GLY NB 17 66.64 9.00 -24.40
CA GLY NB 17 66.36 8.60 -25.76
C GLY NB 17 65.07 7.83 -25.95
N HIS NB 18 64.06 8.07 -25.10
CA HIS NB 18 62.79 7.37 -25.25
C HIS NB 18 61.58 8.27 -25.06
N GLY NB 19 61.76 9.59 -24.92
CA GLY NB 19 60.64 10.49 -24.91
C GLY NB 19 59.99 10.71 -23.56
N ARG NB 20 59.67 11.97 -23.26
CA ARG NB 20 58.96 12.28 -22.03
C ARG NB 20 57.51 11.80 -22.08
N ILE NB 21 56.93 11.72 -23.27
CA ILE NB 21 55.49 11.50 -23.39
C ILE NB 21 55.17 10.01 -23.42
N GLY NB 22 55.65 9.30 -24.45
CA GLY NB 22 55.35 7.89 -24.56
C GLY NB 22 56.20 7.00 -23.69
N LYS NB 23 57.36 7.50 -23.26
CA LYS NB 23 58.29 6.78 -22.39
C LYS NB 23 58.75 5.46 -23.01
N HIS NB 24 59.41 4.63 -22.21
CA HIS NB 24 59.81 3.30 -22.64
C HIS NB 24 59.20 2.31 -21.64
N ARG NB 25 57.98 1.87 -21.94
CA ARG NB 25 57.28 0.93 -21.08
C ARG NB 25 57.82 -0.48 -21.33
N LYS NB 26 57.17 -1.47 -20.73
CA LYS NB 26 57.67 -2.84 -20.79
C LYS NB 26 57.49 -3.42 -22.19
N HIS NB 27 56.25 -3.55 -22.63
CA HIS NB 27 55.93 -4.17 -23.93
C HIS NB 27 54.64 -3.59 -24.46
N PRO NB 28 54.70 -2.45 -25.14
CA PRO NB 28 53.49 -1.92 -25.77
C PRO NB 28 53.16 -2.69 -27.04
N GLY NB 29 51.87 -2.92 -27.24
CA GLY NB 29 51.41 -3.60 -28.44
C GLY NB 29 51.69 -5.08 -28.48
N GLY NB 30 51.86 -5.72 -27.32
CA GLY NB 30 52.08 -7.15 -27.27
C GLY NB 30 53.54 -7.53 -27.37
N ARG NB 31 53.79 -8.83 -27.15
CA ARG NB 31 55.13 -9.38 -27.11
C ARG NB 31 55.38 -10.26 -28.33
N GLY NB 32 56.59 -10.17 -28.87
CA GLY NB 32 56.94 -11.01 -30.01
C GLY NB 32 56.15 -10.62 -31.25
N ASN NB 33 55.71 -11.63 -31.99
CA ASN NB 33 54.89 -11.41 -33.17
C ASN NB 33 53.41 -11.35 -32.82
N ALA NB 34 53.07 -10.53 -31.84
CA ALA NB 34 51.71 -10.45 -31.34
C ALA NB 34 50.85 -9.65 -32.31
N GLY NB 35 49.61 -10.11 -32.50
CA GLY NB 35 48.67 -9.39 -33.34
C GLY NB 35 49.08 -9.30 -34.79
N GLY NB 36 49.63 -10.37 -35.35
CA GLY NB 36 49.95 -10.38 -36.76
C GLY NB 36 48.74 -10.30 -37.65
N LEU NB 37 47.55 -10.52 -37.11
CA LEU NB 37 46.32 -10.46 -37.88
C LEU NB 37 45.40 -9.31 -37.46
N HIS NB 38 45.63 -8.67 -36.33
CA HIS NB 38 44.68 -7.69 -35.82
C HIS NB 38 45.21 -6.27 -35.81
N HIS NB 39 46.31 -5.99 -35.11
CA HIS NB 39 46.80 -4.62 -35.04
C HIS NB 39 48.16 -4.44 -35.68
N HIS NB 40 48.85 -5.52 -36.04
CA HIS NB 40 50.02 -5.43 -36.90
C HIS NB 40 49.76 -6.08 -38.25
N ARG NB 41 48.48 -6.11 -38.67
CA ARG NB 41 48.13 -6.67 -39.97
C ARG NB 41 48.77 -5.88 -41.10
N ILE NB 42 48.88 -4.57 -40.94
CA ILE NB 42 49.45 -3.73 -41.99
C ILE NB 42 50.92 -4.08 -42.21
N ASN NB 43 51.70 -4.15 -41.13
CA ASN NB 43 53.13 -4.38 -41.26
C ASN NB 43 53.43 -5.77 -41.81
N PHE NB 44 52.69 -6.78 -41.35
CA PHE NB 44 52.91 -8.13 -41.85
C PHE NB 44 52.55 -8.23 -43.32
N ASP NB 45 51.44 -7.60 -43.73
CA ASP NB 45 51.05 -7.66 -45.13
C ASP NB 45 51.92 -6.78 -46.00
N LYS NB 46 52.45 -5.67 -45.46
CA LYS NB 46 53.27 -4.78 -46.25
C LYS NB 46 54.64 -5.39 -46.55
N TYR NB 47 55.22 -6.10 -45.59
CA TYR NB 47 56.59 -6.57 -45.73
C TYR NB 47 56.73 -8.09 -45.85
N HIS NB 48 55.72 -8.86 -45.43
CA HIS NB 48 55.80 -10.32 -45.46
C HIS NB 48 54.53 -10.88 -46.08
N PRO NB 49 54.38 -10.78 -47.39
CA PRO NB 49 53.24 -11.42 -48.05
C PRO NB 49 53.37 -12.93 -48.00
N GLY NB 50 52.21 -13.60 -48.01
CA GLY NB 50 52.21 -15.05 -47.99
C GLY NB 50 52.41 -15.67 -46.63
N TYR NB 51 52.38 -14.88 -45.56
CA TYR NB 51 52.81 -15.39 -44.25
C TYR NB 51 51.81 -16.38 -43.66
N PHE NB 52 50.52 -16.17 -43.88
CA PHE NB 52 49.48 -16.92 -43.18
C PHE NB 52 48.88 -17.98 -44.08
N GLY NB 53 48.87 -19.23 -43.62
CA GLY NB 53 48.16 -20.30 -44.28
C GLY NB 53 49.07 -21.42 -44.74
N LYS NB 54 48.44 -22.45 -45.30
CA LYS NB 54 49.14 -23.63 -45.80
C LYS NB 54 49.02 -23.71 -47.31
N VAL NB 55 50.11 -24.10 -47.97
CA VAL NB 55 50.14 -24.32 -49.41
C VAL NB 55 50.89 -25.63 -49.68
N GLY NB 56 50.32 -26.46 -50.55
CA GLY NB 56 51.01 -27.62 -51.09
C GLY NB 56 50.89 -28.87 -50.23
N MET NB 57 51.60 -29.89 -50.69
CA MET NB 57 51.64 -31.19 -50.03
C MET NB 57 52.66 -31.21 -48.91
N LYS NB 58 52.21 -31.56 -47.70
CA LYS NB 58 53.16 -31.85 -46.64
C LYS NB 58 53.74 -33.23 -46.84
N HIS NB 59 55.05 -33.36 -46.66
CA HIS NB 59 55.77 -34.60 -46.89
C HIS NB 59 56.46 -35.01 -45.61
N TYR NB 60 56.05 -36.14 -45.05
CA TYR NB 60 56.63 -36.63 -43.81
C TYR NB 60 57.97 -37.30 -44.09
N HIS NB 61 58.89 -37.14 -43.14
CA HIS NB 61 60.20 -37.80 -43.18
C HIS NB 61 60.95 -37.48 -44.47
N LEU NB 62 61.10 -36.18 -44.75
CA LEU NB 62 61.85 -35.76 -45.93
C LEU NB 62 63.34 -35.88 -45.67
N LYS NB 63 64.02 -36.63 -46.53
CA LYS NB 63 65.46 -36.81 -46.46
C LYS NB 63 66.09 -35.95 -47.56
N ARG NB 64 66.83 -34.92 -47.15
CA ARG NB 64 67.39 -33.99 -48.11
C ARG NB 64 68.44 -34.64 -48.99
N ASN NB 65 69.02 -35.75 -48.55
CA ASN NB 65 70.05 -36.41 -49.34
C ASN NB 65 69.48 -37.05 -50.61
N GLN NB 66 68.21 -37.46 -50.58
CA GLN NB 66 67.59 -38.00 -51.78
C GLN NB 66 67.51 -36.94 -52.87
N SER NB 67 67.15 -35.72 -52.53
CA SER NB 67 67.04 -34.63 -53.48
C SER NB 67 68.38 -33.96 -53.75
N PHE NB 68 69.46 -34.43 -53.14
CA PHE NB 68 70.78 -33.82 -53.31
C PHE NB 68 71.26 -33.99 -54.74
N CYS NB 69 71.29 -32.89 -55.49
CA CYS NB 69 71.72 -32.92 -56.90
C CYS NB 69 72.37 -31.59 -57.22
N PRO NB 70 73.66 -31.43 -56.88
CA PRO NB 70 74.34 -30.17 -57.18
C PRO NB 70 74.46 -29.94 -58.68
N THR NB 71 74.37 -28.67 -59.07
CA THR NB 71 74.33 -28.27 -60.46
C THR NB 71 75.63 -27.58 -60.85
N VAL NB 72 75.84 -27.48 -62.16
CA VAL NB 72 77.00 -26.78 -62.71
C VAL NB 72 76.62 -26.24 -64.08
N ASN NB 73 77.10 -25.04 -64.40
CA ASN NB 73 76.80 -24.41 -65.66
C ASN NB 73 77.94 -24.64 -66.66
N LEU NB 74 77.64 -24.43 -67.93
CA LEU NB 74 78.63 -24.71 -68.98
C LEU NB 74 79.81 -23.75 -68.93
N ASP NB 75 79.57 -22.50 -68.50
CA ASP NB 75 80.68 -21.54 -68.45
C ASP NB 75 81.71 -21.95 -67.41
N LYS NB 76 81.27 -22.56 -66.32
CA LYS NB 76 82.17 -23.02 -65.26
C LYS NB 76 82.70 -24.43 -65.50
N LEU NB 77 82.38 -25.02 -66.65
CA LEU NB 77 82.68 -26.44 -66.87
C LEU NB 77 84.19 -26.70 -66.90
N TRP NB 78 84.93 -25.86 -67.62
CA TRP NB 78 86.36 -26.11 -67.77
C TRP NB 78 87.17 -25.84 -66.51
N THR NB 79 86.57 -25.21 -65.49
CA THR NB 79 87.29 -25.00 -64.25
C THR NB 79 87.51 -26.28 -63.46
N LEU NB 80 86.82 -27.37 -63.81
CA LEU NB 80 86.98 -28.61 -63.07
C LEU NB 80 88.33 -29.26 -63.33
N VAL NB 81 88.88 -29.08 -64.52
CA VAL NB 81 90.12 -29.72 -64.90
C VAL NB 81 91.25 -28.71 -64.79
N SER NB 82 92.48 -29.19 -64.88
CA SER NB 82 93.65 -28.32 -64.81
C SER NB 82 93.71 -27.42 -66.04
N GLU NB 83 94.46 -26.33 -65.89
CA GLU NB 83 94.68 -25.43 -67.03
C GLU NB 83 95.44 -26.15 -68.15
N GLN NB 84 96.37 -27.03 -67.78
CA GLN NB 84 97.11 -27.81 -68.77
C GLN NB 84 96.19 -28.69 -69.60
N THR NB 85 95.09 -29.16 -69.00
CA THR NB 85 94.20 -30.10 -69.69
C THR NB 85 93.57 -29.45 -70.91
N ARG NB 86 93.10 -28.21 -70.79
CA ARG NB 86 92.38 -27.58 -71.89
C ARG NB 86 93.31 -27.20 -73.02
N VAL NB 87 94.46 -26.62 -72.71
CA VAL NB 87 95.37 -26.13 -73.75
C VAL NB 87 95.96 -27.30 -74.53
N ASN NB 88 96.24 -28.42 -73.84
CA ASN NB 88 96.80 -29.58 -74.51
C ASN NB 88 95.85 -30.14 -75.56
N ALA NB 89 94.57 -30.23 -75.22
CA ALA NB 89 93.59 -30.71 -76.19
C ALA NB 89 93.31 -29.66 -77.26
N ALA NB 90 93.43 -28.38 -76.92
CA ALA NB 90 93.18 -27.32 -77.89
C ALA NB 90 94.22 -27.34 -79.00
N LYS NB 91 95.49 -27.53 -78.64
CA LYS NB 91 96.56 -27.51 -79.63
C LYS NB 91 96.71 -28.84 -80.37
N ASN NB 92 96.05 -29.90 -79.91
CA ASN NB 92 96.22 -31.20 -80.52
C ASN NB 92 95.52 -31.26 -81.87
N LYS NB 93 96.24 -31.73 -82.89
CA LYS NB 93 95.64 -31.89 -84.21
C LYS NB 93 94.61 -33.02 -84.20
N THR NB 94 94.90 -34.10 -83.49
CA THR NB 94 93.95 -35.21 -83.40
C THR NB 94 92.71 -34.78 -82.63
N GLY NB 95 91.57 -35.34 -83.01
CA GLY NB 95 90.31 -35.00 -82.37
C GLY NB 95 90.11 -35.68 -81.03
N ALA NB 96 91.13 -35.65 -80.18
CA ALA NB 96 91.08 -36.31 -78.88
C ALA NB 96 90.39 -35.36 -77.89
N ALA NB 97 89.10 -35.59 -77.69
CA ALA NB 97 88.44 -34.73 -76.71
C ALA NB 97 88.67 -35.26 -75.30
N PRO NB 98 88.99 -34.39 -74.35
CA PRO NB 98 89.23 -34.85 -72.98
C PRO NB 98 87.95 -35.29 -72.29
N ILE NB 99 88.12 -36.09 -71.25
CA ILE NB 99 87.01 -36.63 -70.47
C ILE NB 99 86.90 -35.84 -69.17
N ILE NB 100 85.70 -35.31 -68.92
CA ILE NB 100 85.42 -34.56 -67.70
C ILE NB 100 84.29 -35.24 -66.96
N ASP NB 101 84.52 -35.54 -65.69
CA ASP NB 101 83.54 -36.20 -64.83
C ASP NB 101 83.12 -35.20 -63.76
N VAL NB 102 81.95 -34.58 -63.95
CA VAL NB 102 81.45 -33.64 -62.96
C VAL NB 102 81.08 -34.33 -61.65
N VAL NB 103 80.80 -35.64 -61.70
CA VAL NB 103 80.55 -36.38 -60.47
C VAL NB 103 81.83 -36.48 -59.65
N ARG NB 104 82.97 -36.65 -60.32
CA ARG NB 104 84.25 -36.61 -59.62
C ARG NB 104 84.47 -35.27 -58.95
N SER NB 105 84.15 -34.18 -59.66
CA SER NB 105 84.31 -32.84 -59.08
C SER NB 105 83.23 -32.53 -58.05
N GLY NB 106 82.10 -33.23 -58.09
CA GLY NB 106 81.06 -33.00 -57.10
C GLY NB 106 79.80 -32.36 -57.65
N TYR NB 107 79.43 -32.70 -58.88
CA TYR NB 107 78.21 -32.20 -59.49
C TYR NB 107 77.48 -33.35 -60.16
N TYR NB 108 76.14 -33.28 -60.14
CA TYR NB 108 75.31 -34.34 -60.68
C TYR NB 108 74.52 -33.93 -61.92
N LYS NB 109 74.22 -32.64 -62.06
CA LYS NB 109 73.48 -32.12 -63.20
C LYS NB 109 74.27 -31.01 -63.85
N VAL NB 110 74.39 -31.06 -65.17
CA VAL NB 110 75.13 -30.07 -65.94
C VAL NB 110 74.13 -29.15 -66.62
N LEU NB 111 74.04 -27.91 -66.14
CA LEU NB 111 73.16 -26.91 -66.73
C LEU NB 111 73.88 -26.18 -67.86
N GLY NB 112 73.10 -25.49 -68.69
CA GLY NB 112 73.63 -24.91 -69.91
C GLY NB 112 73.68 -23.41 -69.98
N LYS NB 113 74.14 -22.77 -68.90
CA LYS NB 113 74.28 -21.31 -68.90
C LYS NB 113 75.62 -20.92 -69.52
N GLY NB 114 75.59 -19.94 -70.41
CA GLY NB 114 76.79 -19.48 -71.07
C GLY NB 114 77.04 -20.19 -72.39
N LYS NB 115 78.24 -19.95 -72.92
CA LYS NB 115 78.67 -20.55 -74.19
C LYS NB 115 80.00 -21.26 -73.97
N LEU NB 116 80.19 -22.36 -74.68
CA LEU NB 116 81.37 -23.18 -74.52
C LEU NB 116 82.46 -22.79 -75.53
N PRO NB 117 83.73 -22.97 -75.16
CA PRO NB 117 84.81 -22.74 -76.13
C PRO NB 117 84.74 -23.73 -77.27
N LYS NB 118 85.24 -23.30 -78.43
CA LYS NB 118 85.15 -24.09 -79.66
C LYS NB 118 86.20 -25.19 -79.63
N GLN NB 119 85.85 -26.29 -78.94
CA GLN NB 119 86.63 -27.52 -78.94
C GLN NB 119 85.76 -28.65 -78.42
N PRO NB 120 85.92 -29.87 -78.92
CA PRO NB 120 85.13 -30.99 -78.39
C PRO NB 120 85.55 -31.35 -76.98
N VAL NB 121 84.58 -31.82 -76.20
CA VAL NB 121 84.82 -32.23 -74.82
C VAL NB 121 83.72 -33.19 -74.41
N ILE NB 122 84.10 -34.29 -73.76
CA ILE NB 122 83.18 -35.32 -73.34
C ILE NB 122 82.79 -35.07 -71.88
N VAL NB 123 81.49 -35.08 -71.62
CA VAL NB 123 80.95 -34.76 -70.29
C VAL NB 123 80.24 -36.00 -69.76
N LYS NB 124 80.58 -36.39 -68.53
CA LYS NB 124 79.91 -37.49 -67.84
C LYS NB 124 79.15 -36.92 -66.66
N ALA NB 125 77.84 -37.14 -66.63
CA ALA NB 125 77.01 -36.59 -65.56
C ALA NB 125 75.81 -37.50 -65.36
N LYS NB 126 75.20 -37.40 -64.18
CA LYS NB 126 73.97 -38.13 -63.91
C LYS NB 126 72.80 -37.54 -64.68
N PHE NB 127 72.79 -36.23 -64.90
CA PHE NB 127 71.72 -35.56 -65.61
C PHE NB 127 72.27 -34.43 -66.45
N PHE NB 128 71.51 -34.04 -67.47
CA PHE NB 128 71.81 -32.90 -68.33
C PHE NB 128 70.55 -32.06 -68.48
N SER NB 129 70.67 -30.97 -69.21
CA SER NB 129 69.52 -30.21 -69.67
C SER NB 129 69.49 -30.22 -71.19
N ARG NB 130 68.33 -29.89 -71.75
CA ARG NB 130 68.15 -29.95 -73.20
C ARG NB 130 69.09 -28.98 -73.91
N ARG NB 131 69.22 -27.77 -73.38
CA ARG NB 131 70.12 -26.80 -73.99
C ARG NB 131 71.59 -27.15 -73.74
N ALA NB 132 71.91 -27.67 -72.55
CA ALA NB 132 73.28 -28.06 -72.27
C ALA NB 132 73.74 -29.17 -73.20
N GLU NB 133 72.87 -30.16 -73.41
CA GLU NB 133 73.18 -31.21 -74.38
C GLU NB 133 73.28 -30.63 -75.79
N GLU NB 134 72.45 -29.64 -76.09
CA GLU NB 134 72.49 -29.00 -77.40
C GLU NB 134 73.83 -28.29 -77.61
N LYS NB 135 74.27 -27.51 -76.63
CA LYS NB 135 75.48 -26.71 -76.80
C LYS NB 135 76.72 -27.60 -76.85
N ILE NB 136 76.74 -28.67 -76.05
CA ILE NB 136 77.88 -29.58 -76.06
C ILE NB 136 78.00 -30.28 -77.41
N LYS NB 137 76.87 -30.74 -77.95
CA LYS NB 137 76.89 -31.40 -79.26
C LYS NB 137 77.26 -30.44 -80.38
N SER NB 138 77.04 -29.14 -80.17
CA SER NB 138 77.33 -28.16 -81.21
C SER NB 138 78.83 -28.01 -81.43
N VAL NB 139 79.63 -28.10 -80.36
CA VAL NB 139 81.07 -27.87 -80.44
C VAL NB 139 81.84 -29.17 -80.64
N GLY NB 140 81.17 -30.23 -81.05
CA GLY NB 140 81.82 -31.50 -81.30
C GLY NB 140 81.95 -32.40 -80.09
N GLY NB 141 81.55 -31.94 -78.91
CA GLY NB 141 81.59 -32.79 -77.73
C GLY NB 141 80.36 -33.66 -77.61
N ALA NB 142 80.53 -34.78 -76.90
CA ALA NB 142 79.47 -35.76 -76.71
C ALA NB 142 79.10 -35.85 -75.24
N CYS NB 143 77.86 -36.26 -74.99
CA CYS NB 143 77.32 -36.40 -73.64
C CYS NB 143 77.10 -37.86 -73.32
N VAL NB 144 77.64 -38.30 -72.19
CA VAL NB 144 77.42 -39.66 -71.69
C VAL NB 144 76.85 -39.56 -70.28
N LEU NB 145 76.27 -40.66 -69.83
CA LEU NB 145 75.59 -40.70 -68.55
C LEU NB 145 76.31 -41.66 -67.60
N VAL NB 146 76.18 -41.37 -66.30
CA VAL NB 146 76.75 -42.19 -65.24
C VAL NB 146 75.66 -42.46 -64.21
N ALA NB 147 75.88 -43.49 -63.41
CA ALA NB 147 74.91 -43.87 -62.38
C ALA NB 147 75.62 -44.23 -61.08
N ALA OB 1 37.67 10.71 -22.34
CA ALA OB 1 36.85 9.95 -23.27
C ALA OB 1 36.81 10.62 -24.64
N LYS OB 2 36.06 11.72 -24.72
CA LYS OB 2 35.96 12.47 -25.96
C LYS OB 2 37.27 13.15 -26.30
N SER OB 3 37.53 13.30 -27.59
CA SER OB 3 38.77 13.90 -28.07
C SER OB 3 38.54 14.48 -29.46
N LYS OB 4 39.55 15.17 -29.96
CA LYS OB 4 39.49 15.71 -31.31
C LYS OB 4 39.40 14.57 -32.32
N ASN OB 5 38.46 14.69 -33.26
CA ASN OB 5 38.18 13.59 -34.19
C ASN OB 5 39.05 13.67 -35.43
N HIS OB 6 38.97 14.78 -36.15
CA HIS OB 6 39.69 14.92 -37.41
C HIS OB 6 40.04 16.38 -37.65
N THR OB 7 41.23 16.61 -38.19
CA THR OB 7 41.63 17.92 -38.67
C THR OB 7 42.79 17.75 -39.64
N THR OB 8 42.86 18.65 -40.62
CA THR OB 8 43.97 18.70 -41.55
C THR OB 8 44.90 19.86 -41.25
N HIS OB 9 44.82 20.42 -40.05
CA HIS OB 9 45.66 21.54 -39.67
C HIS OB 9 47.12 21.13 -39.64
N ASN OB 10 47.99 22.04 -40.07
CA ASN OB 10 49.44 21.90 -40.12
C ASN OB 10 49.88 20.86 -41.16
N GLN OB 11 48.95 20.18 -41.82
CA GLN OB 11 49.33 19.25 -42.89
C GLN OB 11 49.99 19.98 -44.03
N SER OB 12 49.47 21.15 -44.41
CA SER OB 12 50.03 21.92 -45.51
C SER OB 12 51.47 22.31 -45.23
N ARG OB 13 51.75 22.74 -44.00
CA ARG OB 13 53.13 23.06 -43.65
C ARG OB 13 54.01 21.82 -43.70
N LYS OB 14 53.48 20.67 -43.27
CA LYS OB 14 54.26 19.44 -43.33
C LYS OB 14 54.50 19.01 -44.77
N TRP OB 15 53.51 19.20 -45.64
CA TRP OB 15 53.65 18.78 -47.03
C TRP OB 15 54.75 19.56 -47.75
N HIS OB 16 54.80 20.87 -47.52
CA HIS OB 16 55.73 21.72 -48.26
C HIS OB 16 57.14 21.71 -47.69
N ARG OB 17 57.35 21.15 -46.50
CA ARG OB 17 58.69 21.20 -45.90
C ARG OB 17 59.68 20.40 -46.72
N ASN OB 18 59.29 19.21 -47.19
CA ASN OB 18 60.12 18.44 -48.09
C ASN OB 18 59.83 18.74 -49.55
N GLY OB 19 58.92 19.68 -49.82
CA GLY OB 19 58.61 20.06 -51.18
C GLY OB 19 57.64 19.11 -51.84
N ILE OB 20 56.64 19.65 -52.53
CA ILE OB 20 55.67 18.83 -53.25
C ILE OB 20 56.31 18.51 -54.61
N LYS OB 21 56.83 17.30 -54.75
CA LYS OB 21 57.59 16.91 -55.91
C LYS OB 21 56.67 16.46 -57.03
N LYS OB 22 56.80 17.08 -58.20
CA LYS OB 22 56.09 16.60 -59.37
C LYS OB 22 56.68 15.28 -59.83
N PRO OB 23 55.89 14.44 -60.51
CA PRO OB 23 56.41 13.15 -60.99
C PRO OB 23 57.52 13.34 -62.02
N ARG OB 24 58.40 12.35 -62.09
CA ARG OB 24 59.56 12.40 -62.98
C ARG OB 24 59.15 12.20 -64.43
N SER OB 25 58.87 13.30 -65.13
CA SER OB 25 58.66 13.22 -66.57
C SER OB 25 59.98 12.90 -67.26
N GLN OB 26 59.93 11.98 -68.22
CA GLN OB 26 61.15 11.47 -68.82
C GLN OB 26 60.82 10.89 -70.19
N ARG OB 27 61.86 10.76 -71.01
CA ARG OB 27 61.73 10.14 -72.31
C ARG OB 27 61.45 8.64 -72.17
N TYR OB 28 60.88 8.07 -73.23
CA TYR OB 28 60.62 6.62 -73.31
C TYR OB 28 59.71 6.16 -72.17
N GLU OB 29 58.48 6.66 -72.21
CA GLU OB 29 57.48 6.29 -71.21
C GLU OB 29 57.17 4.80 -71.32
N SER OB 30 56.88 4.19 -70.16
CA SER OB 30 56.58 2.77 -70.11
C SER OB 30 55.30 2.44 -70.87
N LEU OB 31 55.28 1.25 -71.48
CA LEU OB 31 54.16 0.82 -72.31
C LEU OB 31 53.21 -0.11 -71.57
N LYS OB 32 53.18 -0.05 -70.25
CA LYS OB 32 52.24 -0.87 -69.49
C LYS OB 32 50.84 -0.29 -69.65
N GLY OB 33 49.86 -1.14 -69.92
CA GLY OB 33 48.48 -0.73 -70.08
C GLY OB 33 48.10 -0.28 -71.48
N VAL OB 34 49.06 -0.18 -72.40
CA VAL OB 34 48.74 0.15 -73.77
C VAL OB 34 47.98 -1.00 -74.40
N ASP OB 35 47.17 -0.68 -75.42
CA ASP OB 35 46.33 -1.62 -76.17
C ASP OB 35 47.12 -2.86 -76.55
N PRO OB 36 46.81 -4.02 -75.95
CA PRO OB 36 47.59 -5.23 -76.24
C PRO OB 36 47.57 -5.64 -77.69
N LYS OB 37 46.47 -5.42 -78.41
CA LYS OB 37 46.45 -5.69 -79.84
C LYS OB 37 47.45 -4.81 -80.57
N PHE OB 38 47.48 -3.51 -80.25
CA PHE OB 38 48.45 -2.63 -80.85
C PHE OB 38 49.84 -2.87 -80.27
N LEU OB 39 49.92 -3.34 -79.02
CA LEU OB 39 51.21 -3.64 -78.42
C LEU OB 39 51.90 -4.78 -79.15
N ARG OB 40 51.17 -5.87 -79.43
CA ARG OB 40 51.78 -6.97 -80.16
C ARG OB 40 52.00 -6.65 -81.62
N ASN OB 41 51.31 -5.63 -82.15
CA ASN OB 41 51.66 -5.09 -83.46
C ASN OB 41 53.09 -4.60 -83.49
N MET OB 42 53.44 -3.74 -82.53
CA MET OB 42 54.74 -3.06 -82.56
C MET OB 42 55.89 -4.01 -82.28
N ARG OB 43 55.64 -5.11 -81.59
CA ARG OB 43 56.70 -6.09 -81.36
C ARG OB 43 57.15 -6.71 -82.67
N PHE OB 44 56.20 -7.07 -83.54
CA PHE OB 44 56.56 -7.56 -84.86
C PHE OB 44 57.21 -6.47 -85.69
N ALA OB 45 56.71 -5.24 -85.57
CA ALA OB 45 57.30 -4.12 -86.31
C ALA OB 45 58.76 -3.90 -85.91
N LYS OB 46 59.03 -3.96 -84.60
CA LYS OB 46 60.40 -3.81 -84.14
C LYS OB 46 61.25 -5.01 -84.57
N LYS OB 47 60.68 -6.21 -84.55
CA LYS OB 47 61.44 -7.40 -84.88
C LYS OB 47 61.86 -7.41 -86.34
N HIS OB 48 60.96 -6.99 -87.24
CA HIS OB 48 61.21 -7.08 -88.67
C HIS OB 48 61.93 -5.85 -89.22
N ASN OB 49 62.50 -5.01 -88.35
CA ASN OB 49 63.30 -3.88 -88.84
C ASN OB 49 64.63 -4.33 -89.40
N LYS OB 50 65.09 -5.52 -89.05
CA LYS OB 50 66.38 -6.01 -89.55
C LYS OB 50 66.35 -6.21 -91.05
N LYS OB 51 65.31 -6.87 -91.56
CA LYS OB 51 65.16 -7.00 -93.00
C LYS OB 51 64.81 -5.66 -93.62
N GLY OB 52 65.30 -5.42 -94.83
CA GLY OB 52 65.16 -4.12 -95.44
C GLY OB 52 66.18 -3.10 -94.98
N LEU OB 53 67.15 -3.50 -94.16
CA LEU OB 53 68.18 -2.57 -93.69
C LEU OB 53 69.03 -2.07 -94.84
N LYS OB 54 69.36 -2.95 -95.79
CA LYS OB 54 70.25 -2.57 -96.88
C LYS OB 54 69.63 -1.50 -97.76
N LYS OB 55 68.30 -1.48 -97.87
CA LYS OB 55 67.64 -0.38 -98.57
C LYS OB 55 67.83 0.93 -97.82
N MET OB 56 67.75 0.88 -96.50
CA MET OB 56 67.79 2.10 -95.70
C MET OB 56 69.17 2.74 -95.73
N GLN OB 57 70.22 1.94 -95.54
CA GLN OB 57 71.58 2.48 -95.55
C GLN OB 57 71.95 3.00 -96.93
N ALA OB 58 71.52 2.31 -97.99
CA ALA OB 58 71.73 2.81 -99.34
C ALA OB 58 70.98 4.11 -99.56
N ASN OB 59 69.73 4.18 -99.09
CA ASN OB 59 68.97 5.42 -99.18
C ASN OB 59 69.63 6.53 -98.37
N ASN OB 60 70.14 6.20 -97.18
CA ASN OB 60 70.79 7.20 -96.36
C ASN OB 60 72.06 7.72 -97.02
N ALA OB 61 72.87 6.83 -97.60
CA ALA OB 61 74.10 7.26 -98.26
C ALA OB 61 73.81 8.02 -99.55
N LYS OB 62 72.84 7.55 -100.33
CA LYS OB 62 72.51 8.22 -101.59
C LYS OB 62 71.83 9.57 -101.37
N ALA OB 63 71.33 9.82 -100.16
CA ALA OB 63 70.83 11.15 -99.83
C ALA OB 63 71.94 12.05 -99.28
N MET OB 64 72.92 11.45 -98.59
CA MET OB 64 74.06 12.22 -98.10
C MET OB 64 74.86 12.80 -99.26
N SER OB 65 75.20 11.97 -100.24
CA SER OB 65 75.98 12.43 -101.39
C SER OB 65 75.17 13.41 -102.24
N ALA OB 66 73.86 13.18 -102.36
CA ALA OB 66 73.02 14.13 -103.08
C ALA OB 66 72.99 15.48 -102.39
N ARG OB 67 72.97 15.49 -101.05
CA ARG OB 67 73.07 16.74 -100.31
C ARG OB 67 74.48 17.30 -100.38
N ALA OB 68 75.49 16.43 -100.37
CA ALA OB 68 76.88 16.89 -100.31
C ALA OB 68 77.27 17.70 -101.52
N GLU OB 69 76.84 17.29 -102.71
CA GLU OB 69 77.19 18.03 -103.93
C GLU OB 69 76.54 19.41 -103.95
N ALA OB 70 75.38 19.56 -103.30
CA ALA OB 70 74.77 20.87 -103.19
C ALA OB 70 75.56 21.77 -102.24
N ILE OB 71 76.17 21.18 -101.22
CA ILE OB 71 76.97 21.96 -100.28
C ILE OB 71 78.19 22.57 -100.97
N LYS OB 72 78.87 21.77 -101.78
CA LYS OB 72 80.09 22.21 -102.47
C LYS OB 72 79.80 22.80 -103.85
N ALA OB 73 78.60 23.29 -104.08
CA ALA OB 73 78.25 23.93 -105.35
C ALA OB 73 78.50 25.44 -105.28
N LEU OB 74 79.70 25.79 -104.83
CA LEU OB 74 80.12 27.19 -104.72
C LEU OB 74 81.46 27.35 -105.40
N VAL OB 75 81.63 28.51 -106.08
CA VAL OB 75 82.80 28.89 -106.87
C VAL OB 75 83.49 27.72 -107.58
N VAL OB 88 83.78 57.00 -89.94
CA VAL OB 88 84.13 58.13 -89.09
C VAL OB 88 85.03 57.68 -87.95
N SER OB 89 85.46 58.63 -87.13
CA SER OB 89 86.37 58.33 -86.04
C SER OB 89 85.73 57.43 -84.99
N ARG OB 90 84.54 57.83 -84.51
CA ARG OB 90 83.80 57.09 -83.48
C ARG OB 90 84.68 56.85 -82.25
N LYS OB 91 85.01 57.97 -81.59
CA LYS OB 91 86.06 57.99 -80.57
C LYS OB 91 85.80 56.96 -79.47
N LEU OB 92 84.58 56.91 -78.96
CA LEU OB 92 84.26 55.92 -77.92
C LEU OB 92 84.38 54.51 -78.46
N ASP OB 93 83.90 54.27 -79.69
CA ASP OB 93 84.04 52.95 -80.30
C ASP OB 93 85.49 52.63 -80.57
N ARG OB 94 86.27 53.61 -81.02
CA ARG OB 94 87.70 53.40 -81.25
C ARG OB 94 88.42 53.06 -79.95
N LEU OB 95 88.07 53.75 -78.87
CA LEU OB 95 88.74 53.53 -77.59
C LEU OB 95 88.51 52.13 -77.07
N ALA OB 96 87.30 51.61 -77.22
CA ALA OB 96 87.03 50.23 -76.85
C ALA OB 96 87.84 49.26 -77.71
N TYR OB 97 88.01 49.59 -79.00
CA TYR OB 97 88.83 48.77 -79.87
C TYR OB 97 90.29 48.79 -79.41
N ILE OB 98 90.78 49.95 -79.00
CA ILE OB 98 92.15 50.04 -78.47
C ILE OB 98 92.27 49.24 -77.18
N ALA OB 99 91.27 49.36 -76.31
CA ALA OB 99 91.30 48.68 -75.02
C ALA OB 99 91.12 47.17 -75.14
N HIS OB 100 90.75 46.66 -76.31
CA HIS OB 100 90.63 45.23 -76.51
C HIS OB 100 92.02 44.61 -76.37
N PRO OB 101 92.17 43.56 -75.56
CA PRO OB 101 93.52 43.01 -75.30
C PRO OB 101 94.22 42.49 -76.53
N LYS OB 102 93.49 42.02 -77.53
CA LYS OB 102 94.08 41.49 -78.76
C LYS OB 102 93.91 42.40 -79.96
N LEU OB 103 92.74 43.01 -80.10
CA LEU OB 103 92.46 43.80 -81.30
C LEU OB 103 93.30 45.07 -81.35
N GLY OB 104 93.65 45.62 -80.19
CA GLY OB 104 94.39 46.87 -80.15
C GLY OB 104 95.84 46.74 -79.76
N LYS OB 105 96.43 45.57 -80.00
CA LYS OB 105 97.82 45.35 -79.61
C LYS OB 105 98.75 46.30 -80.38
N ARG OB 106 98.60 46.34 -81.71
CA ARG OB 106 99.40 47.28 -82.50
C ARG OB 106 98.92 48.71 -82.30
N ALA OB 107 97.66 48.89 -81.92
CA ALA OB 107 97.14 50.24 -81.73
C ALA OB 107 97.81 50.91 -80.55
N ARG OB 108 97.85 50.25 -79.40
CA ARG OB 108 98.49 50.83 -78.23
C ARG OB 108 100.00 50.78 -78.33
N ALA OB 109 100.54 49.87 -79.15
CA ALA OB 109 101.97 49.88 -79.41
C ALA OB 109 102.38 51.11 -80.22
N ARG OB 110 101.53 51.51 -81.17
CA ARG OB 110 101.85 52.67 -82.00
C ARG OB 110 101.90 53.94 -81.18
N ILE OB 111 100.95 54.12 -80.27
CA ILE OB 111 100.94 55.34 -79.45
C ILE OB 111 102.02 55.28 -78.38
N ALA OB 112 102.46 54.08 -78.00
CA ALA OB 112 103.54 53.96 -77.04
C ALA OB 112 104.86 54.45 -77.63
N LYS OB 113 105.15 54.07 -78.87
CA LYS OB 113 106.37 54.54 -79.52
C LYS OB 113 106.26 56.02 -79.89
N GLY OB 114 105.04 56.52 -80.06
CA GLY OB 114 104.85 57.95 -80.28
C GLY OB 114 104.99 58.78 -79.03
N LEU OB 115 104.98 58.15 -77.86
CA LEU OB 115 105.14 58.90 -76.62
C LEU OB 115 106.62 59.06 -76.25
N ARG OB 116 107.48 58.17 -76.75
CA ARG OB 116 108.90 58.21 -76.41
C ARG OB 116 109.74 58.80 -77.55
N LEU OB 117 109.62 58.25 -78.75
CA LEU OB 117 110.38 58.76 -79.88
C LEU OB 117 109.86 60.14 -80.29
N CYS OB 118 110.80 61.04 -80.56
CA CYS OB 118 110.49 62.39 -81.03
C CYS OB 118 111.28 62.66 -82.31
N ARG OB 119 110.59 63.16 -83.33
CA ARG OB 119 111.22 63.42 -84.61
C ARG OB 119 110.61 64.66 -85.26
N PRO OB 120 111.44 65.58 -85.76
CA PRO OB 120 110.89 66.75 -86.45
C PRO OB 120 110.26 66.39 -87.79
N LYS OB 121 109.69 67.40 -88.46
CA LYS OB 121 108.98 67.22 -89.73
C LYS OB 121 107.87 66.19 -89.62
N LYS PB 1 -19.38 -66.61 43.27
CA LYS PB 1 -20.09 -66.67 44.56
C LYS PB 1 -19.12 -66.94 45.70
N SER PB 2 -18.01 -67.61 45.38
CA SER PB 2 -17.02 -67.92 46.42
C SER PB 2 -16.37 -66.64 46.96
N LEU PB 3 -16.09 -65.69 46.08
CA LEU PB 3 -15.37 -64.48 46.49
C LEU PB 3 -16.17 -63.65 47.49
N GLU PB 4 -17.47 -63.49 47.24
CA GLU PB 4 -18.30 -62.77 48.20
C GLU PB 4 -18.53 -63.59 49.45
N SER PB 5 -18.63 -64.92 49.31
CA SER PB 5 -18.86 -65.76 50.49
C SER PB 5 -17.64 -65.81 51.39
N ILE PB 6 -16.43 -65.86 50.81
CA ILE PB 6 -15.25 -65.88 51.65
C ILE PB 6 -15.06 -64.53 52.34
N ASN PB 7 -15.37 -63.43 51.66
CA ASN PB 7 -15.32 -62.12 52.32
C ASN PB 7 -16.37 -62.00 53.41
N SER PB 8 -17.59 -62.46 53.12
CA SER PB 8 -18.64 -62.45 54.14
C SER PB 8 -18.28 -63.35 55.32
N ARG PB 9 -17.72 -64.52 55.03
CA ARG PB 9 -17.26 -65.40 56.09
C ARG PB 9 -16.08 -64.81 56.84
N LEU PB 10 -15.18 -64.11 56.13
CA LEU PB 10 -14.02 -63.51 56.77
C LEU PB 10 -14.43 -62.45 57.78
N GLN PB 11 -15.39 -61.60 57.41
CA GLN PB 11 -15.94 -60.65 58.37
C GLN PB 11 -16.67 -61.38 59.49
N LEU PB 12 -17.40 -62.44 59.15
CA LEU PB 12 -18.07 -63.25 60.17
C LEU PB 12 -17.08 -63.91 61.10
N VAL PB 13 -15.86 -64.20 60.62
CA VAL PB 13 -14.82 -64.71 61.50
C VAL PB 13 -14.48 -63.68 62.57
N MET PB 14 -14.38 -62.42 62.17
CA MET PB 14 -14.21 -61.34 63.14
C MET PB 14 -15.43 -61.27 64.05
N LYS PB 15 -15.21 -60.76 65.26
CA LYS PB 15 -16.18 -60.58 66.34
C LYS PB 15 -16.96 -61.85 66.65
N SER PB 16 -16.51 -63.01 66.15
CA SER PB 16 -17.12 -64.28 66.49
C SER PB 16 -16.11 -65.39 66.79
N GLY PB 17 -14.87 -65.29 66.33
CA GLY PB 17 -13.89 -66.32 66.61
C GLY PB 17 -12.51 -65.71 66.76
N LYS PB 18 -11.67 -66.40 67.51
CA LYS PB 18 -10.31 -65.93 67.74
C LYS PB 18 -9.50 -66.02 66.46
N TYR PB 19 -8.78 -64.94 66.14
CA TYR PB 19 -7.96 -64.87 64.95
C TYR PB 19 -6.68 -64.12 65.28
N VAL PB 20 -5.73 -64.16 64.36
CA VAL PB 20 -4.48 -63.43 64.53
C VAL PB 20 -4.02 -62.96 63.15
N LEU PB 21 -3.39 -61.79 63.12
CA LEU PB 21 -3.00 -61.14 61.88
C LEU PB 21 -1.49 -60.99 61.81
N GLY PB 22 -0.95 -61.16 60.63
CA GLY PB 22 0.47 -60.95 60.43
C GLY PB 22 1.22 -62.24 60.19
N TYR PB 23 2.36 -62.14 59.51
CA TYR PB 23 3.12 -63.33 59.14
C TYR PB 23 3.87 -63.91 60.33
N LYS PB 24 4.48 -63.05 61.16
CA LYS PB 24 5.23 -63.53 62.31
C LYS PB 24 4.34 -64.29 63.29
N GLN PB 25 3.16 -63.72 63.58
CA GLN PB 25 2.27 -64.36 64.54
C GLN PB 25 1.65 -65.62 63.96
N THR PB 26 1.45 -65.66 62.64
CA THR PB 26 0.90 -66.85 61.99
C THR PB 26 1.83 -68.05 62.18
N LEU PB 27 3.14 -67.82 62.01
CA LEU PB 27 4.10 -68.90 62.21
C LEU PB 27 4.09 -69.40 63.65
N LYS PB 28 3.84 -68.50 64.60
CA LYS PB 28 3.82 -68.89 66.00
C LYS PB 28 2.67 -69.85 66.29
N MET PB 29 1.49 -69.57 65.71
CA MET PB 29 0.33 -70.42 65.98
C MET PB 29 0.45 -71.76 65.27
N ILE PB 30 1.08 -71.79 64.10
CA ILE PB 30 1.23 -73.05 63.36
C ILE PB 30 2.13 -74.02 64.13
N ARG PB 31 3.28 -73.52 64.60
CA ARG PB 31 4.21 -74.38 65.33
C ARG PB 31 3.67 -74.74 66.72
N GLN PB 32 2.76 -73.95 67.27
CA GLN PB 32 2.09 -74.35 68.50
C GLN PB 32 0.91 -75.27 68.26
N GLY PB 33 0.50 -75.45 67.00
CA GLY PB 33 -0.51 -76.41 66.64
C GLY PB 33 -1.93 -75.92 66.71
N LYS PB 34 -2.17 -74.79 67.38
CA LYS PB 34 -3.54 -74.30 67.53
C LYS PB 34 -4.02 -73.47 66.35
N ALA PB 35 -3.17 -73.24 65.35
CA ALA PB 35 -3.64 -72.65 64.10
C ALA PB 35 -4.48 -73.67 63.34
N LYS PB 36 -5.65 -73.26 62.89
CA LYS PB 36 -6.59 -74.18 62.25
C LYS PB 36 -6.76 -73.95 60.75
N LEU PB 37 -6.64 -72.71 60.29
CA LEU PB 37 -6.73 -72.41 58.87
C LEU PB 37 -6.00 -71.11 58.60
N VAL PB 38 -5.11 -71.13 57.61
CA VAL PB 38 -4.31 -69.97 57.24
C VAL PB 38 -4.72 -69.51 55.85
N ILE PB 39 -4.88 -68.20 55.68
CA ILE PB 39 -5.28 -67.60 54.42
C ILE PB 39 -4.18 -66.64 53.97
N LEU PB 40 -3.72 -66.82 52.74
CA LEU PB 40 -2.64 -66.01 52.18
C LEU PB 40 -3.15 -65.22 51.00
N ALA PB 41 -2.87 -63.92 51.00
CA ALA PB 41 -3.12 -63.10 49.82
C ALA PB 41 -2.11 -63.43 48.73
N ASN PB 42 -2.54 -63.27 47.48
CA ASN PB 42 -1.64 -63.54 46.36
C ASN PB 42 -0.47 -62.57 46.31
N ASN PB 43 -0.60 -61.41 46.94
CA ASN PB 43 0.48 -60.43 47.00
C ASN PB 43 1.61 -60.87 47.92
N CYS PB 44 1.46 -61.98 48.62
CA CYS PB 44 2.50 -62.47 49.49
C CYS PB 44 3.75 -62.80 48.69
N PRO PB 45 4.94 -62.52 49.22
CA PRO PB 45 6.16 -62.96 48.54
C PRO PB 45 6.19 -64.47 48.38
N ALA PB 46 6.72 -64.92 47.25
CA ALA PB 46 6.67 -66.33 46.91
C ALA PB 46 7.44 -67.17 47.92
N LEU PB 47 8.59 -66.67 48.38
CA LEU PB 47 9.33 -67.36 49.43
C LEU PB 47 8.51 -67.49 50.70
N ARG PB 48 7.84 -66.42 51.09
CA ARG PB 48 6.97 -66.48 52.26
C ARG PB 48 5.76 -67.37 52.00
N LYS PB 49 5.28 -67.39 50.75
CA LYS PB 49 4.14 -68.24 50.41
C LYS PB 49 4.48 -69.71 50.57
N SER PB 50 5.59 -70.15 49.96
CA SER PB 50 5.94 -71.56 49.98
C SER PB 50 6.35 -72.02 51.38
N GLU PB 51 6.97 -71.13 52.16
CA GLU PB 51 7.39 -71.48 53.50
C GLU PB 51 6.19 -71.77 54.40
N ILE PB 52 5.13 -70.97 54.27
CA ILE PB 52 3.93 -71.20 55.07
C ILE PB 52 3.25 -72.50 54.64
N GLU PB 53 3.25 -72.80 53.34
CA GLU PB 53 2.67 -74.05 52.87
C GLU PB 53 3.41 -75.25 53.44
N TYR PB 54 4.74 -75.18 53.51
CA TYR PB 54 5.52 -76.25 54.10
C TYR PB 54 5.18 -76.40 55.58
N TYR PB 55 5.01 -75.28 56.29
CA TYR PB 55 4.59 -75.35 57.68
C TYR PB 55 3.23 -76.04 57.82
N ALA PB 56 2.29 -75.70 56.94
CA ALA PB 56 0.97 -76.31 57.01
C ALA PB 56 1.01 -77.79 56.71
N MET PB 57 1.93 -78.21 55.83
CA MET PB 57 2.12 -79.64 55.60
C MET PB 57 2.57 -80.33 56.89
N LEU PB 58 3.47 -79.69 57.64
CA LEU PB 58 3.87 -80.23 58.93
C LEU PB 58 2.72 -80.15 59.94
N ALA PB 59 1.98 -79.04 59.93
CA ALA PB 59 0.92 -78.83 60.90
C ALA PB 59 -0.38 -79.54 60.54
N LYS PB 60 -0.48 -80.10 59.34
CA LYS PB 60 -1.67 -80.80 58.87
C LYS PB 60 -2.90 -79.89 58.93
N THR PB 61 -2.74 -78.65 58.49
CA THR PB 61 -3.79 -77.65 58.47
C THR PB 61 -4.07 -77.25 57.02
N GLY PB 62 -4.90 -76.22 56.86
CA GLY PB 62 -5.32 -75.77 55.55
C GLY PB 62 -4.77 -74.40 55.18
N VAL PB 63 -4.45 -74.25 53.89
CA VAL PB 63 -4.01 -72.99 53.32
C VAL PB 63 -4.99 -72.59 52.22
N HIS PB 64 -5.55 -71.40 52.33
CA HIS PB 64 -6.46 -70.87 51.33
C HIS PB 64 -5.79 -69.71 50.61
N HIS PB 65 -5.68 -69.82 49.28
CA HIS PB 65 -5.09 -68.76 48.47
C HIS PB 65 -6.15 -67.71 48.21
N TYR PB 66 -6.01 -66.56 48.88
CA TYR PB 66 -7.02 -65.51 48.76
C TYR PB 66 -6.95 -64.85 47.40
N SER PB 67 -8.11 -64.57 46.82
CA SER PB 67 -8.21 -63.99 45.49
C SER PB 67 -8.32 -62.47 45.55
N GLY PB 68 -7.43 -61.84 46.30
CA GLY PB 68 -7.38 -60.39 46.40
C GLY PB 68 -5.95 -59.90 46.28
N ASN PB 69 -5.51 -59.15 47.28
CA ASN PB 69 -4.09 -58.90 47.52
C ASN PB 69 -3.96 -58.45 48.97
N ASN PB 70 -2.72 -58.16 49.39
CA ASN PB 70 -2.46 -57.81 50.77
C ASN PB 70 -3.15 -56.51 51.18
N ILE PB 71 -3.58 -55.69 50.23
CA ILE PB 71 -4.31 -54.47 50.57
C ILE PB 71 -5.77 -54.79 50.87
N GLU PB 72 -6.48 -55.36 49.90
CA GLU PB 72 -7.91 -55.60 50.07
C GLU PB 72 -8.21 -56.81 50.94
N LEU PB 73 -7.21 -57.60 51.29
CA LEU PB 73 -7.41 -58.62 52.32
C LEU PB 73 -7.76 -57.97 53.66
N GLY PB 74 -7.04 -56.89 54.01
CA GLY PB 74 -7.35 -56.19 55.24
C GLY PB 74 -8.72 -55.54 55.21
N THR PB 75 -9.14 -55.06 54.05
CA THR PB 75 -10.49 -54.52 53.90
C THR PB 75 -11.53 -55.59 54.19
N ALA PB 76 -11.33 -56.80 53.68
CA ALA PB 76 -12.22 -57.90 54.02
C ALA PB 76 -12.11 -58.26 55.49
N CYS PB 77 -10.91 -58.17 56.06
CA CYS PB 77 -10.71 -58.41 57.48
C CYS PB 77 -11.23 -57.28 58.35
N GLY PB 78 -11.64 -56.16 57.74
CA GLY PB 78 -12.14 -55.05 58.50
C GLY PB 78 -11.09 -54.18 59.15
N LYS PB 79 -9.84 -54.34 58.79
CA LYS PB 79 -8.75 -53.54 59.34
C LYS PB 79 -8.37 -52.43 58.37
N TYR PB 80 -7.66 -51.44 58.89
CA TYR PB 80 -7.24 -50.28 58.12
C TYR PB 80 -5.80 -50.39 57.64
N TYR PB 81 -5.18 -51.55 57.81
CA TYR PB 81 -3.78 -51.77 57.45
C TYR PB 81 -3.68 -52.99 56.56
N ARG PB 82 -2.65 -53.01 55.71
CA ARG PB 82 -2.41 -54.16 54.86
C ARG PB 82 -2.05 -55.37 55.71
N VAL PB 83 -2.63 -56.52 55.36
CA VAL PB 83 -2.32 -57.79 56.00
C VAL PB 83 -1.92 -58.79 54.94
N CYS PB 84 -0.86 -59.55 55.21
CA CYS PB 84 -0.34 -60.51 54.27
C CYS PB 84 -0.69 -61.94 54.61
N THR PB 85 -0.76 -62.28 55.90
CA THR PB 85 -1.04 -63.64 56.31
C THR PB 85 -1.79 -63.61 57.63
N LEU PB 86 -2.83 -64.46 57.74
CA LEU PB 86 -3.62 -64.55 58.95
C LEU PB 86 -4.01 -66.00 59.18
N ALA PB 87 -4.30 -66.32 60.44
CA ALA PB 87 -4.74 -67.64 60.83
C ALA PB 87 -5.99 -67.53 61.69
N ILE PB 88 -6.86 -68.52 61.57
CA ILE PB 88 -8.12 -68.57 62.31
C ILE PB 88 -7.95 -69.57 63.43
N ILE PB 89 -7.95 -69.10 64.67
CA ILE PB 89 -7.79 -69.99 65.82
C ILE PB 89 -9.03 -70.86 65.99
N ASP PB 90 -10.21 -70.28 65.84
CA ASP PB 90 -11.45 -71.03 65.87
C ASP PB 90 -12.49 -70.28 65.05
N PRO PB 91 -13.26 -70.97 64.21
CA PRO PB 91 -14.19 -70.26 63.31
C PRO PB 91 -15.30 -69.51 64.03
N GLY PB 92 -16.06 -70.22 64.86
CA GLY PB 92 -17.23 -69.63 65.48
C GLY PB 92 -18.35 -69.27 64.52
N ASP PB 93 -18.26 -69.64 63.25
CA ASP PB 93 -19.24 -69.23 62.26
C ASP PB 93 -19.44 -70.28 61.16
N SER PB 94 -18.86 -71.47 61.30
CA SER PB 94 -19.03 -72.58 60.35
C SER PB 94 -18.60 -72.22 58.94
N ASP PB 95 -17.48 -71.51 58.82
CA ASP PB 95 -16.84 -71.34 57.53
C ASP PB 95 -16.07 -72.58 57.10
N ILE PB 96 -15.85 -73.52 58.02
CA ILE PB 96 -15.15 -74.77 57.76
C ILE PB 96 -16.01 -75.91 58.28
N ILE PB 97 -15.54 -77.13 58.01
CA ILE PB 97 -16.25 -78.34 58.42
C ILE PB 97 -15.39 -79.09 59.43
N ARG PB 98 -15.97 -79.44 60.56
CA ARG PB 98 -15.25 -80.15 61.61
C ARG PB 98 -15.14 -81.63 61.29
N ASN QB 1 74.26 39.82 73.24
CA ASN QB 1 74.13 38.41 73.59
C ASN QB 1 73.82 37.60 72.32
N GLU QB 2 74.25 36.34 72.31
CA GLU QB 2 74.06 35.49 71.14
C GLU QB 2 73.63 34.07 71.49
N VAL QB 3 73.31 33.79 72.75
CA VAL QB 3 72.89 32.46 73.19
C VAL QB 3 71.53 32.49 73.86
N VAL QB 4 70.83 33.63 73.79
CA VAL QB 4 69.58 33.76 74.54
C VAL QB 4 68.47 32.98 73.84
N THR QB 5 67.56 32.43 74.65
CA THR QB 5 66.38 31.73 74.15
C THR QB 5 65.15 32.52 74.53
N ARG QB 6 64.07 32.31 73.77
CA ARG QB 6 62.86 33.11 73.93
C ARG QB 6 61.64 32.24 73.68
N GLU QB 7 60.50 32.71 74.18
CA GLU QB 7 59.22 32.04 74.00
C GLU QB 7 58.34 32.86 73.08
N TYR QB 8 57.79 32.23 72.06
CA TYR QB 8 56.92 32.87 71.09
C TYR QB 8 55.62 32.10 70.95
N THR QB 9 54.60 32.79 70.46
CA THR QB 9 53.38 32.16 70.00
C THR QB 9 53.21 32.49 68.51
N ILE QB 10 52.66 31.52 67.78
CA ILE QB 10 52.51 31.64 66.33
C ILE QB 10 51.03 31.49 65.98
N ASN QB 11 50.52 32.44 65.19
CA ASN QB 11 49.17 32.34 64.65
C ASN QB 11 49.23 31.43 63.42
N ILE QB 12 49.23 30.13 63.68
CA ILE QB 12 49.26 29.14 62.59
C ILE QB 12 48.03 29.30 61.70
N HIS QB 13 46.87 29.57 62.29
CA HIS QB 13 45.65 29.75 61.52
C HIS QB 13 45.79 30.87 60.51
N LYS QB 14 46.49 31.94 60.89
CA LYS QB 14 46.69 33.05 59.97
C LYS QB 14 47.65 32.65 58.83
N ARG QB 15 48.71 31.91 59.15
CA ARG QB 15 49.71 31.58 58.16
C ARG QB 15 49.36 30.34 57.34
N ILE QB 16 48.28 29.64 57.67
CA ILE QB 16 47.80 28.51 56.89
C ILE QB 16 46.63 28.89 55.99
N HIS QB 17 45.94 29.99 56.30
CA HIS QB 17 44.71 30.39 55.63
C HIS QB 17 44.87 30.47 54.11
N GLY QB 18 44.20 29.58 53.39
CA GLY QB 18 44.26 29.51 51.94
C GLY QB 18 44.96 28.29 51.39
N VAL QB 19 45.53 27.43 52.24
CA VAL QB 19 46.27 26.26 51.78
C VAL QB 19 45.34 25.05 51.76
N GLY QB 20 45.52 24.20 50.76
CA GLY QB 20 44.68 23.02 50.60
C GLY QB 20 44.84 22.01 51.72
N PHE QB 21 43.88 21.09 51.77
CA PHE QB 21 43.73 20.20 52.92
C PHE QB 21 44.95 19.31 53.11
N LYS QB 22 45.40 18.65 52.06
CA LYS QB 22 46.49 17.68 52.18
C LYS QB 22 47.86 18.33 52.31
N LYS QB 23 47.92 19.66 52.33
CA LYS QB 23 49.18 20.37 52.46
C LYS QB 23 49.22 21.27 53.68
N ARG QB 24 48.17 21.28 54.50
CA ARG QB 24 48.11 22.22 55.63
C ARG QB 24 49.16 21.89 56.67
N ALA QB 25 49.29 20.62 57.05
CA ALA QB 25 50.30 20.25 58.04
C ALA QB 25 51.73 20.49 57.55
N PRO QB 26 52.13 20.07 56.34
CA PRO QB 26 53.51 20.39 55.91
C PRO QB 26 53.76 21.89 55.79
N ARG QB 27 52.77 22.66 55.36
CA ARG QB 27 52.96 24.11 55.22
C ARG QB 27 53.15 24.76 56.59
N ALA QB 28 52.53 24.21 57.63
CA ALA QB 28 52.66 24.78 58.96
C ALA QB 28 54.11 24.78 59.44
N LEU QB 29 54.81 23.66 59.24
CA LEU QB 29 56.19 23.59 59.68
C LEU QB 29 57.11 24.36 58.75
N LYS QB 30 56.76 24.45 57.47
CA LYS QB 30 57.52 25.32 56.57
C LYS QB 30 57.40 26.78 56.99
N GLU QB 31 56.19 27.19 57.39
CA GLU QB 31 56.02 28.54 57.94
C GLU QB 31 56.76 28.69 59.26
N ILE QB 32 56.74 27.65 60.10
CA ILE QB 32 57.41 27.71 61.40
C ILE QB 32 58.90 27.89 61.21
N ARG QB 33 59.50 27.12 60.30
CA ARG QB 33 60.92 27.26 60.01
C ARG QB 33 61.23 28.65 59.45
N LYS QB 34 60.36 29.15 58.56
CA LYS QB 34 60.52 30.52 58.07
C LYS QB 34 60.35 31.51 59.20
N PHE QB 35 59.38 31.28 60.10
CA PHE QB 35 59.19 32.15 61.24
C PHE QB 35 60.41 32.13 62.15
N ALA QB 36 60.98 30.95 62.38
CA ALA QB 36 62.19 30.85 63.20
C ALA QB 36 63.34 31.60 62.56
N MET QB 37 63.48 31.51 61.23
CA MET QB 37 64.54 32.23 60.54
C MET QB 37 64.34 33.73 60.65
N LYS QB 38 63.09 34.19 60.61
CA LYS QB 38 62.82 35.62 60.58
C LYS QB 38 63.26 36.30 61.87
N GLU QB 39 62.94 35.70 63.01
CA GLU QB 39 63.27 36.33 64.29
C GLU QB 39 64.72 36.08 64.68
N MET QB 40 65.10 34.81 64.86
CA MET QB 40 66.43 34.48 65.36
C MET QB 40 67.53 34.74 64.34
N GLY QB 41 67.19 34.94 63.07
CA GLY QB 41 68.18 35.28 62.07
C GLY QB 41 69.23 34.21 61.82
N THR QB 42 68.84 32.94 61.91
CA THR QB 42 69.73 31.82 61.64
C THR QB 42 69.07 30.92 60.62
N PRO QB 43 69.65 30.75 59.42
CA PRO QB 43 69.06 29.83 58.44
C PRO QB 43 68.99 28.39 58.92
N ASP QB 44 69.95 27.95 59.74
CA ASP QB 44 69.94 26.58 60.24
C ASP QB 44 68.96 26.45 61.39
N VAL QB 45 67.90 25.68 61.17
CA VAL QB 45 66.83 25.52 62.15
C VAL QB 45 66.60 24.03 62.37
N ARG QB 46 66.52 23.62 63.63
CA ARG QB 46 66.15 22.27 64.01
C ARG QB 46 64.80 22.30 64.71
N ILE QB 47 63.94 21.36 64.36
CA ILE QB 47 62.57 21.32 64.88
C ILE QB 47 62.44 20.07 65.75
N ASP QB 48 62.09 20.28 67.02
CA ASP QB 48 61.92 19.17 67.94
C ASP QB 48 60.74 18.29 67.51
N THR QB 49 60.91 16.98 67.66
CA THR QB 49 59.89 16.04 67.22
C THR QB 49 58.60 16.19 68.02
N ARG QB 50 58.70 16.55 69.30
CA ARG QB 50 57.51 16.79 70.11
C ARG QB 50 56.68 17.94 69.53
N LEU QB 51 57.35 19.00 69.08
CA LEU QB 51 56.65 20.06 68.37
C LEU QB 51 56.07 19.56 67.07
N ASN QB 52 56.81 18.70 66.36
CA ASN QB 52 56.28 18.11 65.14
C ASN QB 52 55.05 17.27 65.42
N LYS QB 53 55.02 16.58 66.56
CA LYS QB 53 53.79 15.93 66.99
C LYS QB 53 52.70 16.96 67.26
N ALA QB 54 53.06 18.08 67.89
CA ALA QB 54 52.07 19.09 68.24
C ALA QB 54 51.40 19.67 67.00
N VAL QB 55 52.18 19.89 65.93
CA VAL QB 55 51.61 20.33 64.68
C VAL QB 55 50.66 19.28 64.13
N TRP QB 56 51.05 18.01 64.22
CA TRP QB 56 50.28 16.89 63.71
C TRP QB 56 49.33 16.31 64.75
N ALA QB 57 49.05 17.05 65.83
CA ALA QB 57 48.25 16.50 66.93
C ALA QB 57 46.82 16.25 66.49
N LYS QB 58 46.22 17.19 65.77
CA LYS QB 58 44.83 17.08 65.34
C LYS QB 58 44.71 16.64 63.88
N GLY QB 59 45.62 15.81 63.42
CA GLY QB 59 45.56 15.33 62.05
C GLY QB 59 46.38 16.16 61.10
N ILE QB 60 46.05 16.01 59.81
CA ILE QB 60 46.81 16.67 58.76
C ILE QB 60 46.18 17.98 58.28
N ARG QB 61 44.86 18.15 58.44
CA ARG QB 61 44.19 19.32 57.92
C ARG QB 61 43.57 20.21 58.99
N ASN QB 62 43.28 19.68 60.17
CA ASN QB 62 42.77 20.52 61.27
C ASN QB 62 43.93 20.93 62.18
N VAL QB 63 44.92 21.59 61.58
CA VAL QB 63 46.11 22.01 62.32
C VAL QB 63 45.70 23.03 63.37
N PRO QB 64 46.25 22.99 64.58
CA PRO QB 64 45.83 23.93 65.63
C PRO QB 64 46.03 25.38 65.22
N TYR QB 65 45.09 26.22 65.63
CA TYR QB 65 45.06 27.62 65.20
C TYR QB 65 46.28 28.37 65.71
N ARG QB 66 46.64 28.15 66.97
CA ARG QB 66 47.79 28.79 67.58
C ARG QB 66 48.68 27.75 68.22
N ILE QB 67 49.98 28.06 68.27
CA ILE QB 67 50.97 27.23 68.94
C ILE QB 67 51.85 28.15 69.78
N ARG QB 68 52.44 27.59 70.83
CA ARG QB 68 53.34 28.31 71.72
C ARG QB 68 54.68 27.58 71.73
N VAL QB 69 55.71 28.20 71.16
CA VAL QB 69 57.00 27.57 70.98
C VAL QB 69 58.05 28.34 71.76
N ARG QB 70 59.21 27.70 71.93
CA ARG QB 70 60.35 28.30 72.59
C ARG QB 70 61.55 28.22 71.65
N LEU QB 71 61.90 29.34 71.03
CA LEU QB 71 63.09 29.40 70.19
C LEU QB 71 64.34 29.39 71.04
N SER QB 72 65.32 28.59 70.63
CA SER QB 72 66.59 28.50 71.33
C SER QB 72 67.70 28.57 70.29
N ARG QB 73 68.33 29.74 70.18
CA ARG QB 73 69.47 29.91 69.30
C ARG QB 73 70.73 29.51 70.05
N LYS QB 74 71.33 28.39 69.65
CA LYS QB 74 72.47 27.82 70.35
C LYS QB 74 73.70 27.85 69.45
N ARG QB 75 74.87 27.91 70.08
CA ARG QB 75 76.13 27.96 69.36
C ARG QB 75 76.40 26.60 68.72
N ASN QB 76 76.61 26.60 67.40
CA ASN QB 76 76.75 25.38 66.63
C ASN QB 76 78.20 24.98 66.40
N GLU QB 77 79.09 25.24 67.35
CA GLU QB 77 80.47 24.78 67.21
C GLU QB 77 80.53 23.27 67.47
N ASP QB 78 79.90 22.50 66.59
CA ASP QB 78 79.90 21.05 66.67
C ASP QB 78 80.73 20.39 65.60
N GLU QB 79 80.78 20.99 64.41
CA GLU QB 79 81.62 20.52 63.31
C GLU QB 79 81.83 21.69 62.37
N ASP QB 80 82.46 21.43 61.22
CA ASP QB 80 82.71 22.47 60.25
C ASP QB 80 81.43 22.85 59.52
N SER QB 81 80.75 23.89 59.99
CA SER QB 81 79.53 24.34 59.37
C SER QB 81 79.63 25.83 59.05
N PRO QB 82 79.04 26.27 57.93
CA PRO QB 82 79.09 27.71 57.59
C PRO QB 82 78.36 28.59 58.58
N ASN QB 83 77.44 28.06 59.37
CA ASN QB 83 76.73 28.82 60.38
C ASN QB 83 77.24 28.45 61.76
N LYS QB 84 77.68 29.46 62.51
CA LYS QB 84 78.14 29.24 63.87
C LYS QB 84 77.00 29.03 64.86
N LEU QB 85 75.77 29.32 64.46
CA LEU QB 85 74.62 29.26 65.35
C LEU QB 85 73.50 28.46 64.70
N TYR QB 86 72.74 27.73 65.51
CA TYR QB 86 71.56 27.03 65.03
C TYR QB 86 70.42 27.31 65.98
N THR QB 87 69.20 27.36 65.43
CA THR QB 87 68.00 27.65 66.20
C THR QB 87 67.24 26.35 66.45
N LEU QB 88 67.15 25.95 67.71
CA LEU QB 88 66.37 24.79 68.10
C LEU QB 88 65.05 25.25 68.69
N VAL QB 89 63.94 24.81 68.11
CA VAL QB 89 62.62 25.22 68.53
C VAL QB 89 61.97 24.07 69.29
N THR QB 90 61.38 24.37 70.44
CA THR QB 90 60.71 23.39 71.27
C THR QB 90 59.28 23.83 71.54
N TYR QB 91 58.41 22.85 71.73
CA TYR QB 91 57.00 23.10 71.97
C TYR QB 91 56.76 23.29 73.45
N VAL QB 92 56.03 24.34 73.80
CA VAL QB 92 55.65 24.64 75.18
C VAL QB 92 54.14 24.45 75.31
N PRO QB 93 53.68 23.42 76.02
CA PRO QB 93 52.23 23.22 76.17
C PRO QB 93 51.63 24.30 77.06
N VAL QB 94 50.50 24.86 76.62
CA VAL QB 94 49.79 25.89 77.37
C VAL QB 94 48.33 25.48 77.48
N THR QB 95 47.68 26.03 78.51
CA THR QB 95 46.25 25.80 78.69
C THR QB 95 45.39 26.78 77.89
N THR QB 96 45.87 28.01 77.71
CA THR QB 96 45.14 28.99 76.93
C THR QB 96 46.13 29.95 76.30
N PHE QB 97 45.67 30.64 75.25
CA PHE QB 97 46.51 31.59 74.52
C PHE QB 97 46.15 33.04 74.82
N LYS QB 98 45.24 33.29 75.76
CA LYS QB 98 44.81 34.65 76.03
C LYS QB 98 45.87 35.40 76.83
N ASN QB 99 46.11 36.66 76.43
CA ASN QB 99 46.98 37.59 77.16
C ASN QB 99 48.41 37.05 77.30
N LEU QB 100 48.89 36.35 76.28
CA LEU QB 100 50.25 35.85 76.25
C LEU QB 100 51.12 36.79 75.42
N GLN QB 101 52.24 37.22 76.00
CA GLN QB 101 53.18 38.09 75.33
C GLN QB 101 54.51 37.38 75.15
N THR QB 102 55.24 37.78 74.12
CA THR QB 102 56.56 37.20 73.86
C THR QB 102 57.50 37.55 74.99
N VAL QB 103 57.94 36.55 75.74
CA VAL QB 103 58.72 36.75 76.96
C VAL QB 103 60.14 36.30 76.73
N ASN QB 104 61.09 37.08 77.24
CA ASN QB 104 62.50 36.69 77.25
C ASN QB 104 62.73 35.74 78.42
N VAL QB 105 63.18 34.53 78.13
CA VAL QB 105 63.34 33.48 79.12
C VAL QB 105 64.80 33.11 79.24
N ASP QB 106 65.26 32.89 80.48
CA ASP QB 106 66.64 32.53 80.72
C ASP QB 106 66.89 31.06 80.38
N GLU QB 107 68.17 30.69 80.33
CA GLU QB 107 68.57 29.32 80.04
C GLU QB 107 68.42 28.44 81.28
N ALA RB 1 113.65 42.75 -14.78
CA ALA RB 1 114.24 41.78 -13.86
C ALA RB 1 113.96 40.36 -14.34
N ALA RB 2 112.69 39.97 -14.27
CA ALA RB 2 112.30 38.63 -14.69
C ALA RB 2 112.34 38.51 -16.21
N LEU RB 3 112.14 37.29 -16.69
CA LEU RB 3 112.12 37.04 -18.11
C LEU RB 3 110.86 37.63 -18.75
N ARG RB 4 110.92 37.84 -20.06
CA ARG RB 4 109.85 38.48 -20.78
C ARG RB 4 109.44 37.62 -21.97
N PRO RB 5 108.17 37.67 -22.37
CA PRO RB 5 107.72 36.87 -23.51
C PRO RB 5 108.19 37.50 -24.82
N LEU RB 6 108.02 36.72 -25.89
CA LEU RB 6 108.29 37.24 -27.23
C LEU RB 6 107.39 38.42 -27.55
N VAL RB 7 106.11 38.30 -27.25
CA VAL RB 7 105.14 39.37 -27.44
C VAL RB 7 104.20 39.39 -26.25
N LYS RB 8 103.71 40.59 -25.91
CA LYS RB 8 102.69 40.77 -24.89
C LYS RB 8 101.60 41.66 -25.43
N PRO RB 9 100.67 41.11 -26.20
CA PRO RB 9 99.55 41.90 -26.71
C PRO RB 9 98.50 42.10 -25.63
N LYS RB 10 97.45 42.85 -25.97
CA LYS RB 10 96.36 43.04 -25.04
C LYS RB 10 95.65 41.72 -24.77
N ILE RB 11 95.35 41.47 -23.50
CA ILE RB 11 94.66 40.26 -23.08
C ILE RB 11 93.28 40.65 -22.60
N VAL RB 12 92.24 40.16 -23.27
CA VAL RB 12 90.85 40.49 -22.96
C VAL RB 12 90.07 39.20 -22.84
N LYS RB 13 89.37 39.04 -21.72
CA LYS RB 13 88.49 37.90 -21.49
C LYS RB 13 87.05 38.37 -21.62
N LYS RB 14 86.25 37.64 -22.40
CA LYS RB 14 84.87 38.04 -22.63
C LYS RB 14 84.05 37.98 -21.35
N ARG RB 15 84.18 36.90 -20.59
CA ARG RB 15 83.58 36.78 -19.27
C ARG RB 15 84.65 36.36 -18.28
N THR RB 16 84.66 37.01 -17.12
CA THR RB 16 85.66 36.74 -16.11
C THR RB 16 85.12 35.84 -14.99
N LYS RB 17 83.92 36.12 -14.51
CA LYS RB 17 83.32 35.30 -13.47
C LYS RB 17 82.96 33.92 -14.01
N LYS RB 18 83.03 32.92 -13.15
CA LYS RB 18 82.77 31.55 -13.55
C LYS RB 18 81.28 31.34 -13.80
N PHE RB 19 80.96 30.23 -14.44
CA PHE RB 19 79.59 29.79 -14.67
C PHE RB 19 79.21 28.83 -13.55
N ILE RB 20 78.36 29.29 -12.66
CA ILE RB 20 77.90 28.46 -11.55
C ILE RB 20 76.67 27.68 -11.99
N ARG RB 21 76.50 26.49 -11.41
CA ARG RB 21 75.35 25.67 -11.71
C ARG RB 21 74.08 26.32 -11.14
N HIS RB 22 72.96 26.11 -11.84
CA HIS RB 22 71.70 26.66 -11.39
C HIS RB 22 71.31 26.04 -10.06
N GLN RB 23 70.82 26.88 -9.15
CA GLN RB 23 70.39 26.50 -7.80
C GLN RB 23 71.53 25.90 -6.98
N SER RB 24 72.78 26.20 -7.32
CA SER RB 24 73.89 25.76 -6.48
C SER RB 24 74.03 26.59 -5.22
N ASP RB 25 73.40 27.76 -5.16
CA ASP RB 25 73.46 28.60 -3.98
C ASP RB 25 72.56 28.05 -2.87
N ARG RB 26 71.38 27.56 -3.23
CA ARG RB 26 70.41 27.14 -2.22
C ARG RB 26 70.75 25.80 -1.59
N TYR RB 27 71.64 25.02 -2.21
CA TYR RB 27 71.94 23.68 -1.74
C TYR RB 27 73.44 23.48 -1.60
N VAL RB 28 73.80 22.56 -0.71
CA VAL RB 28 75.17 22.13 -0.56
C VAL RB 28 75.46 20.90 -1.43
N LYS RB 29 74.48 20.03 -1.61
CA LYS RB 29 74.66 18.84 -2.43
C LYS RB 29 74.90 19.15 -3.90
N ILE RB 30 74.64 20.38 -4.33
CA ILE RB 30 74.90 20.81 -5.70
C ILE RB 30 76.16 21.66 -5.65
N LYS RB 31 77.26 21.11 -6.16
CA LYS RB 31 78.50 21.86 -6.19
C LYS RB 31 78.51 22.83 -7.36
N ARG RB 32 79.48 23.74 -7.34
CA ARG RB 32 79.53 24.81 -8.34
C ARG RB 32 79.93 24.31 -9.72
N ASN RB 33 80.22 23.03 -9.89
CA ASN RB 33 80.49 22.49 -11.22
C ASN RB 33 79.29 22.69 -12.12
N TRP RB 34 79.54 23.19 -13.33
CA TRP RB 34 78.46 23.50 -14.25
C TRP RB 34 77.78 22.23 -14.74
N ARG RB 35 76.45 22.29 -14.83
CA ARG RB 35 75.66 21.26 -15.46
C ARG RB 35 74.57 21.92 -16.30
N LYS RB 36 74.31 21.38 -17.47
CA LYS RB 36 73.28 21.95 -18.33
C LYS RB 36 71.90 21.62 -17.76
N PRO RB 37 71.07 22.61 -17.45
CA PRO RB 37 69.71 22.32 -17.03
C PRO RB 37 68.88 21.85 -18.21
N ARG RB 38 67.88 21.01 -17.91
CA ARG RB 38 67.02 20.50 -18.97
C ARG RB 38 65.56 20.42 -18.53
N GLY RB 39 65.16 21.20 -17.53
CA GLY RB 39 63.81 21.12 -17.03
C GLY RB 39 62.80 21.69 -18.00
N ILE RB 40 61.56 21.20 -17.89
CA ILE RB 40 60.47 21.72 -18.70
C ILE RB 40 60.05 23.11 -18.23
N ASP RB 41 60.39 23.49 -17.00
CA ASP RB 41 60.06 24.80 -16.47
C ASP RB 41 61.31 25.56 -16.05
N ASN RB 42 62.50 25.09 -16.44
CA ASN RB 42 63.75 25.72 -16.02
C ASN RB 42 63.90 27.06 -16.70
N ARG RB 43 63.73 28.13 -15.93
CA ARG RB 43 63.86 29.48 -16.49
C ARG RB 43 65.28 29.75 -16.97
N VAL RB 44 66.28 29.16 -16.33
CA VAL RB 44 67.66 29.35 -16.77
C VAL RB 44 67.88 28.71 -18.14
N ARG RB 45 67.37 27.50 -18.34
CA ARG RB 45 67.47 26.86 -19.65
C ARG RB 45 66.73 27.66 -20.71
N ARG RB 46 65.57 28.20 -20.36
CA ARG RB 46 64.80 29.02 -21.29
C ARG RB 46 65.37 30.40 -21.49
N ARG RB 47 66.38 30.79 -20.70
CA ARG RB 47 67.10 32.06 -20.84
C ARG RB 47 66.18 33.25 -20.56
N PHE RB 48 65.53 33.23 -19.40
CA PHE RB 48 64.80 34.40 -18.95
C PHE RB 48 65.78 35.51 -18.55
N LYS RB 49 65.28 36.74 -18.53
CA LYS RB 49 66.11 37.86 -18.17
C LYS RB 49 66.47 37.81 -16.67
N GLY RB 50 67.67 38.29 -16.36
CA GLY RB 50 68.08 38.38 -14.97
C GLY RB 50 68.40 37.07 -14.30
N GLN RB 51 68.55 35.99 -15.07
CA GLN RB 51 68.81 34.68 -14.51
C GLN RB 51 70.30 34.34 -14.67
N ILE RB 52 70.66 33.11 -14.35
CA ILE RB 52 72.03 32.64 -14.49
C ILE RB 52 72.31 32.40 -15.97
N LEU RB 53 73.43 32.95 -16.46
CA LEU RB 53 73.76 32.85 -17.88
C LEU RB 53 74.28 31.46 -18.21
N MET RB 54 73.73 30.86 -19.26
CA MET RB 54 74.25 29.59 -19.74
C MET RB 54 75.53 29.79 -20.54
N PRO RB 55 76.57 29.00 -20.28
CA PRO RB 55 77.76 29.07 -21.12
C PRO RB 55 77.48 28.60 -22.54
N ASN RB 56 78.20 29.18 -23.49
CA ASN RB 56 78.08 28.81 -24.90
C ASN RB 56 79.38 29.13 -25.61
N ILE RB 57 79.40 28.87 -26.92
CA ILE RB 57 80.60 29.09 -27.71
C ILE RB 57 80.90 30.57 -27.89
N GLY RB 58 79.93 31.45 -27.63
CA GLY RB 58 80.14 32.87 -27.83
C GLY RB 58 81.13 33.49 -26.88
N TYR RB 59 81.41 32.84 -25.76
CA TYR RB 59 82.34 33.35 -24.77
C TYR RB 59 83.77 32.91 -25.02
N GLY RB 60 84.03 32.22 -26.13
CA GLY RB 60 85.36 31.75 -26.46
C GLY RB 60 86.39 32.86 -26.58
N SER RB 61 87.51 32.70 -25.89
CA SER RB 61 88.56 33.71 -25.94
C SER RB 61 89.25 33.68 -27.30
N ASN RB 62 89.97 34.77 -27.58
CA ASN RB 62 90.69 34.89 -28.84
C ASN RB 62 91.74 33.79 -28.96
N LYS RB 63 91.89 33.26 -30.18
CA LYS RB 63 92.80 32.14 -30.40
C LYS RB 63 94.24 32.53 -30.11
N LYS RB 64 94.64 33.74 -30.50
CA LYS RB 64 96.03 34.16 -30.30
C LYS RB 64 96.36 34.34 -28.83
N THR RB 65 95.38 34.72 -28.01
CA THR RB 65 95.58 34.91 -26.58
C THR RB 65 94.94 33.81 -25.75
N LYS RB 66 94.54 32.71 -26.36
CA LYS RB 66 93.95 31.61 -25.62
C LYS RB 66 95.02 30.91 -24.79
N HIS RB 67 94.62 30.44 -23.60
CA HIS RB 67 95.49 29.73 -22.67
C HIS RB 67 96.70 30.57 -22.26
N MET RB 68 96.57 31.89 -22.30
CA MET RB 68 97.69 32.79 -22.03
C MET RB 68 97.66 33.23 -20.57
N LEU RB 69 98.81 33.11 -19.91
CA LEU RB 69 98.97 33.53 -18.53
C LEU RB 69 99.06 35.04 -18.43
N PRO RB 70 98.85 35.60 -17.24
CA PRO RB 70 98.98 37.06 -17.08
C PRO RB 70 100.34 37.60 -17.45
N SER RB 71 101.39 36.78 -17.38
CA SER RB 71 102.72 37.21 -17.79
C SER RB 71 102.93 37.13 -19.29
N GLY RB 72 101.93 36.71 -20.06
CA GLY RB 72 102.08 36.55 -21.48
C GLY RB 72 102.70 35.24 -21.90
N PHE RB 73 102.95 34.33 -20.97
CA PHE RB 73 103.50 33.02 -21.26
C PHE RB 73 102.39 31.97 -21.29
N ARG RB 74 102.77 30.75 -21.60
CA ARG RB 74 101.88 29.60 -21.59
C ARG RB 74 102.54 28.47 -20.83
N LYS RB 75 101.84 27.92 -19.84
CA LYS RB 75 102.45 26.92 -18.98
C LYS RB 75 102.58 25.58 -19.70
N PHE RB 76 103.56 24.80 -19.25
CA PHE RB 76 103.76 23.43 -19.72
C PHE RB 76 104.27 22.61 -18.56
N LEU RB 77 103.52 21.58 -18.19
CA LEU RB 77 103.86 20.79 -17.01
C LEU RB 77 105.10 19.95 -17.28
N VAL RB 78 106.04 19.97 -16.33
CA VAL RB 78 107.25 19.17 -16.40
C VAL RB 78 107.41 18.43 -15.08
N HIS RB 79 108.14 17.31 -15.14
CA HIS RB 79 108.42 16.52 -13.95
C HIS RB 79 109.90 16.34 -13.66
N ASN RB 80 110.76 16.48 -14.67
CA ASN RB 80 112.19 16.25 -14.46
C ASN RB 80 112.97 17.12 -15.44
N VAL RB 81 114.29 17.14 -15.24
CA VAL RB 81 115.17 17.95 -16.07
C VAL RB 81 115.14 17.47 -17.52
N LYS RB 82 115.01 16.15 -17.72
CA LYS RB 82 115.05 15.61 -19.08
C LYS RB 82 113.88 16.11 -19.91
N GLU RB 83 112.72 16.32 -19.28
CA GLU RB 83 111.59 16.90 -19.99
C GLU RB 83 111.68 18.41 -20.10
N LEU RB 84 112.65 19.04 -19.45
CA LEU RB 84 112.75 20.49 -19.50
C LEU RB 84 113.31 20.97 -20.84
N GLU RB 85 114.15 20.17 -21.48
CA GLU RB 85 114.84 20.61 -22.69
C GLU RB 85 113.91 20.71 -23.90
N VAL RB 86 112.67 20.24 -23.81
CA VAL RB 86 111.77 20.38 -24.94
C VAL RB 86 111.36 21.84 -25.16
N LEU RB 87 111.55 22.69 -24.16
CA LEU RB 87 111.20 24.10 -24.26
C LEU RB 87 112.41 24.98 -24.50
N LEU RB 88 113.55 24.40 -24.85
CA LEU RB 88 114.75 25.19 -25.11
C LEU RB 88 114.53 26.16 -26.25
N MET RB 89 113.88 25.72 -27.32
CA MET RB 89 113.61 26.57 -28.46
C MET RB 89 112.29 27.32 -28.34
N CYS RB 90 111.63 27.24 -27.19
CA CYS RB 90 110.42 28.01 -26.94
C CYS RB 90 110.59 28.84 -25.68
N ASN RB 91 111.75 29.50 -25.58
CA ASN RB 91 112.06 30.29 -24.39
C ASN RB 91 111.07 31.43 -24.21
N LYS RB 92 110.74 32.13 -25.29
CA LYS RB 92 110.00 33.39 -25.22
C LYS RB 92 108.51 33.22 -25.45
N SER RB 93 108.02 31.99 -25.50
CA SER RB 93 106.59 31.78 -25.70
C SER RB 93 105.98 30.85 -24.66
N TYR RB 94 106.70 29.83 -24.21
CA TYR RB 94 106.19 28.83 -23.27
C TYR RB 94 107.03 28.83 -22.02
N CYS RB 95 106.38 28.74 -20.87
CA CYS RB 95 107.05 28.61 -19.58
C CYS RB 95 106.76 27.23 -18.99
N ALA RB 96 107.74 26.67 -18.32
CA ALA RB 96 107.57 25.38 -17.68
C ALA RB 96 107.26 25.56 -16.20
N GLU RB 97 106.46 24.65 -15.65
CA GLU RB 97 106.16 24.63 -14.24
C GLU RB 97 106.33 23.22 -13.70
N ILE RB 98 106.77 23.13 -12.45
CA ILE RB 98 107.15 21.85 -11.86
C ILE RB 98 105.92 21.22 -11.21
N ALA RB 99 105.82 19.90 -11.34
CA ALA RB 99 104.67 19.18 -10.81
C ALA RB 99 104.66 19.20 -9.29
N HIS RB 100 103.48 18.92 -8.72
CA HIS RB 100 103.31 19.01 -7.27
C HIS RB 100 104.09 17.92 -6.54
N ASN RB 101 104.23 16.73 -7.13
CA ASN RB 101 104.85 15.61 -6.44
C ASN RB 101 106.36 15.57 -6.60
N VAL RB 102 106.95 16.53 -7.32
CA VAL RB 102 108.40 16.56 -7.45
C VAL RB 102 109.03 16.97 -6.12
N SER RB 103 110.05 16.24 -5.70
CA SER RB 103 110.65 16.48 -4.40
C SER RB 103 111.44 17.80 -4.40
N SER RB 104 111.73 18.28 -3.20
CA SER RB 104 112.43 19.55 -3.05
C SER RB 104 113.84 19.47 -3.63
N LYS RB 105 114.57 18.38 -3.35
CA LYS RB 105 115.92 18.27 -3.87
C LYS RB 105 115.93 18.04 -5.38
N ASN RB 106 114.89 17.38 -5.91
CA ASN RB 106 114.80 17.24 -7.35
C ASN RB 106 114.48 18.57 -8.01
N ARG RB 107 113.51 19.30 -7.46
CA ARG RB 107 113.12 20.58 -8.03
C ARG RB 107 114.20 21.64 -7.87
N LYS RB 108 115.12 21.45 -6.92
CA LYS RB 108 116.26 22.36 -6.80
C LYS RB 108 117.13 22.30 -8.05
N ALA RB 109 117.35 21.09 -8.57
CA ALA RB 109 118.12 20.97 -9.81
C ALA RB 109 117.31 21.44 -11.01
N ILE RB 110 115.99 21.28 -10.98
CA ILE RB 110 115.15 21.72 -12.11
C ILE RB 110 115.21 23.23 -12.24
N VAL RB 111 115.10 23.95 -11.12
CA VAL RB 111 115.17 25.40 -11.14
C VAL RB 111 116.54 25.85 -11.62
N GLU RB 112 117.60 25.18 -11.15
CA GLU RB 112 118.96 25.55 -11.54
C GLU RB 112 119.17 25.39 -13.04
N ARG RB 113 118.67 24.29 -13.62
CA ARG RB 113 118.85 24.08 -15.05
C ARG RB 113 118.03 25.07 -15.86
N ALA RB 114 116.79 25.35 -15.43
CA ALA RB 114 115.95 26.29 -16.16
C ALA RB 114 116.54 27.69 -16.13
N ALA RB 115 117.26 28.03 -15.06
CA ALA RB 115 117.95 29.31 -15.01
C ALA RB 115 119.05 29.37 -16.08
N GLN RB 116 119.75 28.26 -16.29
CA GLN RB 116 120.79 28.22 -17.33
C GLN RB 116 120.20 28.44 -18.71
N LEU RB 117 119.08 27.77 -19.00
CA LEU RB 117 118.46 27.85 -20.31
C LEU RB 117 117.55 29.06 -20.47
N ALA RB 118 117.42 29.89 -19.43
CA ALA RB 118 116.51 31.04 -19.43
C ALA RB 118 115.08 30.60 -19.73
N ILE RB 119 114.66 29.52 -19.07
CA ILE RB 119 113.29 29.03 -19.17
C ILE RB 119 112.56 29.46 -17.92
N ARG RB 120 111.55 30.31 -18.09
CA ARG RB 120 110.84 30.87 -16.95
C ARG RB 120 110.02 29.80 -16.25
N VAL RB 121 110.10 29.80 -14.92
CA VAL RB 121 109.36 28.86 -14.08
C VAL RB 121 108.35 29.64 -13.26
N THR RB 122 107.09 29.22 -13.32
CA THR RB 122 106.03 29.93 -12.63
C THR RB 122 106.20 29.86 -11.12
N ASN RB 123 106.79 28.78 -10.61
CA ASN RB 123 107.00 28.59 -9.18
C ASN RB 123 108.47 28.25 -8.92
N PRO RB 124 109.36 29.22 -9.06
CA PRO RB 124 110.77 28.94 -8.78
C PRO RB 124 111.05 28.71 -7.31
N ASN RB 125 110.35 29.41 -6.42
CA ASN RB 125 110.46 29.21 -4.98
C ASN RB 125 109.19 28.53 -4.50
N ALA RB 126 109.18 27.20 -4.59
CA ALA RB 126 107.99 26.42 -4.29
C ALA RB 126 108.18 25.41 -3.17
N ARG RB 127 109.40 25.17 -2.73
CA ARG RB 127 109.65 24.27 -1.59
C ARG RB 127 110.99 24.69 -0.98
N LEU RB 128 110.93 25.28 0.20
CA LEU RB 128 112.14 25.76 0.88
C LEU RB 128 111.90 25.94 2.38
N SER SB 1 91.08 79.41 -6.19
CA SER SB 1 90.48 80.73 -6.04
C SER SB 1 89.09 80.79 -6.68
N GLY SB 2 88.70 79.70 -7.34
CA GLY SB 2 87.42 79.66 -8.00
C GLY SB 2 86.96 78.23 -8.21
N ARG SB 3 85.67 78.08 -8.48
CA ARG SB 3 85.08 76.75 -8.64
C ARG SB 3 85.68 76.03 -9.84
N LEU SB 4 85.87 76.73 -10.95
CA LEU SB 4 86.61 76.29 -12.13
C LEU SB 4 85.97 75.13 -12.87
N TRP SB 5 84.83 74.60 -12.42
CA TRP SB 5 84.13 73.56 -13.17
C TRP SB 5 82.63 73.76 -13.03
N SER SB 6 81.90 73.22 -13.99
CA SER SB 6 80.46 73.33 -14.01
C SER SB 6 79.82 72.24 -13.17
N LYS SB 7 78.85 72.63 -12.34
CA LYS SB 7 78.15 71.68 -11.50
C LYS SB 7 77.25 70.78 -12.35
N ALA SB 8 77.34 69.48 -12.10
CA ALA SB 8 76.47 68.51 -12.76
C ALA SB 8 76.00 67.51 -11.72
N ILE SB 9 74.84 66.90 -12.00
CA ILE SB 9 74.19 65.98 -11.07
C ILE SB 9 74.06 64.63 -11.76
N PHE SB 10 74.52 63.58 -11.10
CA PHE SB 10 74.44 62.22 -11.63
C PHE SB 10 73.01 61.73 -11.44
N ALA SB 11 72.17 61.96 -12.45
CA ALA SB 11 70.77 61.56 -12.37
C ALA SB 11 70.62 60.05 -12.37
N GLY SB 12 71.29 59.37 -13.29
CA GLY SB 12 71.20 57.93 -13.36
C GLY SB 12 71.77 57.41 -14.67
N TYR SB 13 71.79 56.09 -14.77
CA TYR SB 13 72.30 55.45 -15.97
C TYR SB 13 71.30 55.56 -17.11
N LYS SB 14 71.81 55.49 -18.34
CA LYS SB 14 70.94 55.32 -19.49
C LYS SB 14 70.23 53.98 -19.38
N ARG SB 15 68.92 54.00 -19.60
CA ARG SB 15 68.13 52.82 -19.29
C ARG SB 15 66.83 52.83 -20.07
N GLY SB 16 66.28 51.64 -20.26
CA GLY SB 16 64.88 51.47 -20.56
C GLY SB 16 64.09 51.38 -19.26
N LEU SB 17 62.80 51.05 -19.41
CA LEU SB 17 61.98 50.89 -18.22
C LEU SB 17 62.40 49.68 -17.41
N ARG SB 18 62.75 48.59 -18.08
CA ARG SB 18 63.11 47.35 -17.41
C ARG SB 18 64.51 46.88 -17.75
N ASN SB 19 65.34 47.74 -18.34
CA ASN SB 19 66.73 47.40 -18.63
C ASN SB 19 67.61 48.57 -18.25
N GLN SB 20 68.88 48.26 -17.93
CA GLN SB 20 69.81 49.26 -17.43
C GLN SB 20 71.15 49.07 -18.12
N ARG SB 21 71.60 50.09 -18.85
CA ARG SB 21 72.93 50.10 -19.47
C ARG SB 21 73.86 50.90 -18.57
N GLU SB 22 74.56 50.20 -17.68
CA GLU SB 22 75.38 50.86 -16.68
C GLU SB 22 76.68 51.40 -17.24
N HIS SB 23 77.08 51.03 -18.45
CA HIS SB 23 78.34 51.51 -19.00
C HIS SB 23 78.29 53.01 -19.27
N THR SB 24 77.11 53.54 -19.56
CA THR SB 24 76.92 54.97 -19.80
C THR SB 24 75.88 55.50 -18.83
N ALA SB 25 75.95 56.81 -18.59
CA ALA SB 25 75.13 57.45 -17.56
C ALA SB 25 74.55 58.76 -18.09
N LEU SB 26 73.52 59.25 -17.40
CA LEU SB 26 72.87 60.50 -17.73
C LEU SB 26 73.16 61.52 -16.65
N LEU SB 27 73.46 62.75 -17.05
CA LEU SB 27 73.77 63.83 -16.13
C LEU SB 27 72.86 65.02 -16.39
N LYS SB 28 72.81 65.91 -15.41
CA LYS SB 28 72.05 67.16 -15.50
C LYS SB 28 72.95 68.30 -15.06
N ILE SB 29 73.48 69.05 -16.03
CA ILE SB 29 74.34 70.18 -15.73
C ILE SB 29 73.48 71.35 -15.28
N GLU SB 30 73.88 71.98 -14.18
CA GLU SB 30 73.11 73.08 -13.61
C GLU SB 30 73.05 74.25 -14.58
N GLY SB 31 71.85 74.80 -14.76
CA GLY SB 31 71.66 75.91 -15.67
C GLY SB 31 71.52 75.55 -17.12
N VAL SB 32 71.55 74.26 -17.45
CA VAL SB 32 71.43 73.79 -18.83
C VAL SB 32 70.14 72.97 -18.90
N TYR SB 33 69.10 73.54 -19.54
CA TYR SB 33 67.79 72.91 -19.57
C TYR SB 33 67.21 72.77 -20.96
N ALA SB 34 67.98 73.10 -22.00
CA ALA SB 34 67.54 72.97 -23.38
C ALA SB 34 68.58 72.20 -24.18
N ARG SB 35 68.13 71.53 -25.23
CA ARG SB 35 69.04 70.68 -26.01
C ARG SB 35 70.09 71.51 -26.72
N ASP SB 36 69.72 72.68 -27.24
CA ASP SB 36 70.67 73.51 -27.97
C ASP SB 36 71.74 74.13 -27.08
N GLU SB 37 71.51 74.19 -25.77
CA GLU SB 37 72.51 74.72 -24.85
C GLU SB 37 73.64 73.71 -24.61
N THR SB 38 73.37 72.42 -24.82
CA THR SB 38 74.35 71.38 -24.51
C THR SB 38 75.51 71.34 -25.49
N GLU SB 39 75.45 72.09 -26.60
CA GLU SB 39 76.50 72.05 -27.61
C GLU SB 39 77.87 72.42 -27.02
N PHE SB 40 77.88 73.35 -26.07
CA PHE SB 40 79.15 73.74 -25.44
C PHE SB 40 79.74 72.59 -24.63
N TYR SB 41 78.90 71.73 -24.06
CA TYR SB 41 79.37 70.68 -23.17
C TYR SB 41 79.59 69.35 -23.89
N LEU SB 42 79.43 69.32 -25.20
CA LEU SB 42 79.74 68.10 -25.95
C LEU SB 42 81.25 67.94 -26.07
N GLY SB 43 81.76 66.79 -25.65
CA GLY SB 43 83.16 66.50 -25.68
C GLY SB 43 83.94 66.96 -24.47
N LYS SB 44 83.34 67.71 -23.56
CA LYS SB 44 84.03 68.15 -22.37
C LYS SB 44 84.29 66.97 -21.43
N ARG SB 45 85.20 67.18 -20.50
CA ARG SB 45 85.62 66.14 -19.58
C ARG SB 45 84.94 66.29 -18.23
N CYS SB 46 84.42 65.19 -17.71
CA CYS SB 46 83.71 65.17 -16.45
C CYS SB 46 84.34 64.16 -15.49
N ALA SB 47 84.35 64.51 -14.21
CA ALA SB 47 84.97 63.65 -13.21
C ALA SB 47 84.08 63.57 -11.98
N TYR SB 48 84.10 62.42 -11.33
CA TYR SB 48 83.40 62.17 -10.08
C TYR SB 48 84.42 62.04 -8.96
N VAL SB 49 84.30 62.87 -7.93
CA VAL SB 49 85.26 62.93 -6.84
C VAL SB 49 84.58 62.49 -5.57
N TYR SB 50 85.22 61.57 -4.84
CA TYR SB 50 84.70 61.08 -3.58
C TYR SB 50 85.86 60.84 -2.62
N LYS SB 51 85.55 60.39 -1.41
CA LYS SB 51 86.53 60.11 -0.38
C LYS SB 51 86.38 58.68 0.10
N ALA SB 52 87.44 58.16 0.69
CA ALA SB 52 87.46 56.77 1.14
C ALA SB 52 88.31 56.66 2.40
N LYS SB 53 88.35 55.44 2.96
CA LYS SB 53 89.02 55.20 4.22
C LYS SB 53 90.53 55.20 4.08
N ASN SB 54 91.06 54.59 3.02
CA ASN SB 54 92.49 54.45 2.85
C ASN SB 54 93.07 55.60 2.05
N ASN SB 55 94.33 55.91 2.34
CA ASN SB 55 95.04 56.95 1.60
C ASN SB 55 95.37 56.48 0.20
N THR SB 56 95.27 57.40 -0.76
CA THR SB 56 95.64 57.13 -2.14
C THR SB 56 96.63 58.20 -2.62
N VAL SB 57 97.32 57.88 -3.71
CA VAL SB 57 98.27 58.82 -4.28
C VAL SB 57 97.55 60.04 -4.85
N THR SB 58 98.32 61.09 -5.08
CA THR SB 58 97.81 62.31 -5.68
C THR SB 58 98.90 62.84 -6.62
N PRO SB 59 98.59 63.06 -7.88
CA PRO SB 59 99.61 63.53 -8.83
C PRO SB 59 100.14 64.90 -8.45
N GLY SB 60 101.43 64.94 -8.13
CA GLY SB 60 102.05 66.18 -7.69
C GLY SB 60 101.49 66.70 -6.38
N GLY SB 61 101.23 65.81 -5.43
CA GLY SB 61 100.66 66.21 -4.17
C GLY SB 61 100.78 65.11 -3.14
N LYS SB 62 100.56 65.49 -1.88
CA LYS SB 62 100.67 64.54 -0.79
C LYS SB 62 99.55 63.52 -0.86
N PRO SB 63 99.81 62.27 -0.45
CA PRO SB 63 98.75 61.26 -0.44
C PRO SB 63 97.63 61.67 0.50
N ASN SB 64 96.40 61.38 0.09
CA ASN SB 64 95.22 61.75 0.86
C ASN SB 64 94.14 60.70 0.65
N LYS SB 65 92.97 60.97 1.21
CA LYS SB 65 91.81 60.09 1.08
C LYS SB 65 90.93 60.45 -0.10
N THR SB 66 91.43 61.28 -1.01
CA THR SB 66 90.65 61.75 -2.14
C THR SB 66 90.79 60.78 -3.32
N ARG SB 67 89.68 60.26 -3.80
CA ARG SB 67 89.64 59.44 -4.99
C ARG SB 67 88.81 60.15 -6.06
N VAL SB 68 89.02 59.75 -7.31
CA VAL SB 68 88.38 60.41 -8.44
C VAL SB 68 88.22 59.40 -9.57
N ILE SB 69 87.11 59.53 -10.31
CA ILE SB 69 86.82 58.71 -11.47
C ILE SB 69 86.63 59.62 -12.67
N TRP SB 70 87.32 59.31 -13.77
CA TRP SB 70 87.36 60.17 -14.94
C TRP SB 70 86.36 59.73 -16.00
N GLY SB 71 85.97 60.68 -16.84
CA GLY SB 71 85.05 60.41 -17.93
C GLY SB 71 84.88 61.65 -18.77
N LYS SB 72 83.97 61.58 -19.73
CA LYS SB 72 83.69 62.73 -20.57
C LYS SB 72 82.25 62.66 -21.06
N VAL SB 73 81.77 63.81 -21.54
CA VAL SB 73 80.40 63.92 -22.04
C VAL SB 73 80.40 63.56 -23.52
N THR SB 74 79.53 62.62 -23.90
CA THR SB 74 79.46 62.13 -25.28
C THR SB 74 78.37 62.80 -26.10
N ARG SB 75 77.15 62.84 -25.58
CA ARG SB 75 76.03 63.40 -26.31
C ARG SB 75 74.96 63.84 -25.33
N ALA SB 76 73.99 64.61 -25.84
CA ALA SB 76 72.91 65.11 -25.02
C ALA SB 76 71.72 64.16 -25.05
N HIS SB 77 71.16 63.90 -23.88
CA HIS SB 77 70.04 62.97 -23.72
C HIS SB 77 68.74 63.77 -23.63
N GLY SB 78 67.85 63.54 -24.58
CA GLY SB 78 66.56 64.21 -24.56
C GLY SB 78 66.65 65.67 -24.94
N ASN SB 79 65.51 66.34 -24.84
CA ASN SB 79 65.42 67.76 -25.18
C ASN SB 79 65.67 68.67 -23.99
N SER SB 80 65.48 68.17 -22.77
CA SER SB 80 65.54 68.99 -21.57
C SER SB 80 66.96 69.28 -21.10
N GLY SB 81 67.98 69.06 -21.94
CA GLY SB 81 69.34 69.42 -21.60
C GLY SB 81 70.14 68.36 -20.90
N MET SB 82 69.57 67.19 -20.62
CA MET SB 82 70.34 66.11 -20.04
C MET SB 82 71.38 65.60 -21.04
N VAL SB 83 72.50 65.09 -20.53
CA VAL SB 83 73.60 64.67 -21.37
C VAL SB 83 74.05 63.28 -20.96
N ARG SB 84 74.69 62.60 -21.90
CA ARG SB 84 75.25 61.27 -21.67
C ARG SB 84 76.74 61.36 -21.43
N ALA SB 85 77.25 60.46 -20.60
CA ALA SB 85 78.66 60.47 -20.24
C ALA SB 85 79.19 59.04 -20.18
N LYS SB 86 80.39 58.84 -20.69
CA LYS SB 86 81.10 57.57 -20.59
C LYS SB 86 82.31 57.75 -19.70
N PHE SB 87 82.45 56.87 -18.71
CA PHE SB 87 83.55 56.89 -17.78
C PHE SB 87 84.48 55.72 -18.05
N ARG SB 88 85.69 55.80 -17.47
CA ARG SB 88 86.62 54.68 -17.59
C ARG SB 88 86.07 53.45 -16.89
N SER SB 89 85.48 53.62 -15.72
CA SER SB 89 84.74 52.57 -15.04
C SER SB 89 83.34 53.08 -14.74
N ASN SB 90 82.37 52.19 -14.80
CA ASN SB 90 80.97 52.59 -14.63
C ASN SB 90 80.76 53.20 -13.25
N LEU SB 91 79.93 54.23 -13.20
CA LEU SB 91 79.71 54.97 -11.97
C LEU SB 91 79.00 54.09 -10.95
N PRO SB 92 79.47 54.04 -9.71
CA PRO SB 92 78.74 53.31 -8.68
C PRO SB 92 77.39 53.95 -8.41
N ALA SB 93 76.42 53.10 -8.07
CA ALA SB 93 75.06 53.57 -7.86
C ALA SB 93 74.90 54.43 -6.62
N LYS SB 94 75.89 54.48 -5.76
CA LYS SB 94 75.84 55.33 -4.58
C LYS SB 94 76.12 56.79 -4.89
N ALA SB 95 76.54 57.11 -6.11
CA ALA SB 95 76.83 58.48 -6.50
C ALA SB 95 75.63 59.20 -7.10
N ILE SB 96 74.47 58.55 -7.15
CA ILE SB 96 73.28 59.18 -7.72
C ILE SB 96 72.87 60.35 -6.86
N GLY SB 97 72.51 61.46 -7.51
CA GLY SB 97 72.18 62.67 -6.78
C GLY SB 97 73.36 63.28 -6.06
N HIS SB 98 74.52 63.34 -6.71
CA HIS SB 98 75.71 63.92 -6.12
C HIS SB 98 76.45 64.72 -7.18
N ARG SB 99 77.35 65.59 -6.72
CA ARG SB 99 78.01 66.53 -7.61
C ARG SB 99 78.95 65.80 -8.57
N ILE SB 100 78.88 66.16 -9.85
CA ILE SB 100 79.84 65.75 -10.85
C ILE SB 100 80.41 67.00 -11.48
N ARG SB 101 81.74 67.10 -11.53
CA ARG SB 101 82.39 68.27 -12.09
C ARG SB 101 82.50 68.14 -13.60
N VAL SB 102 82.50 69.29 -14.28
CA VAL SB 102 82.71 69.36 -15.72
C VAL SB 102 83.96 70.19 -15.95
N MET SB 103 85.04 69.54 -16.37
CA MET SB 103 86.37 70.10 -16.24
C MET SB 103 86.72 71.15 -17.27
N LEU SB 104 85.94 71.28 -18.34
CA LEU SB 104 86.18 72.20 -19.45
C LEU SB 104 87.54 71.99 -20.11
N TYR SB 105 88.20 70.87 -19.86
CA TYR SB 105 89.54 70.65 -20.41
C TYR SB 105 89.57 70.61 -21.93
N PRO SB 106 88.71 69.84 -22.63
CA PRO SB 106 88.79 69.91 -24.10
C PRO SB 106 88.03 71.12 -24.64
N SER SB 107 88.61 72.30 -24.44
CA SER SB 107 87.95 73.54 -24.81
C SER SB 107 88.03 73.73 -26.32
N ARG SB 108 86.87 73.78 -26.97
CA ARG SB 108 86.80 74.07 -28.40
C ARG SB 108 86.74 75.56 -28.69
N ILE SB 109 86.77 76.40 -27.67
CA ILE SB 109 86.77 77.84 -27.86
C ILE SB 109 88.01 78.42 -27.20
N VAL TB 1 42.52 -13.14 63.86
CA VAL TB 1 42.80 -14.57 63.83
C VAL TB 1 43.98 -14.82 62.89
N GLN TB 2 44.80 -15.82 63.22
CA GLN TB 2 45.96 -16.18 62.41
C GLN TB 2 45.50 -17.15 61.33
N ARG TB 3 45.49 -16.68 60.08
CA ARG TB 3 44.96 -17.47 58.98
C ARG TB 3 45.90 -18.62 58.63
N LEU TB 4 45.39 -19.53 57.82
CA LEU TB 4 46.06 -20.80 57.54
C LEU TB 4 46.50 -20.87 56.09
N THR TB 5 47.38 -21.83 55.81
CA THR TB 5 47.92 -22.05 54.48
C THR TB 5 48.01 -23.55 54.21
N TYR TB 6 48.05 -23.90 52.94
CA TYR TB 6 48.27 -25.29 52.57
C TYR TB 6 49.71 -25.70 52.86
N ARG TB 7 49.91 -27.00 53.06
CA ARG TB 7 51.24 -27.55 53.31
C ARG TB 7 51.75 -28.40 52.14
N ARG TB 8 51.01 -28.48 51.05
CA ARG TB 8 51.44 -29.21 49.87
C ARG TB 8 51.23 -28.33 48.64
N ARG TB 9 51.83 -28.77 47.53
CA ARG TB 9 51.83 -27.99 46.30
C ARG TB 9 50.54 -28.13 45.51
N LEU TB 10 49.48 -28.66 46.10
CA LEU TB 10 48.17 -28.73 45.46
C LEU TB 10 47.31 -27.59 46.01
N SER TB 11 46.88 -26.70 45.11
CA SER TB 11 46.16 -25.50 45.52
C SER TB 11 44.71 -25.50 45.04
N TYR TB 12 44.10 -26.66 44.91
CA TYR TB 12 42.72 -26.76 44.47
C TYR TB 12 41.95 -27.64 45.43
N ASN TB 13 40.70 -27.27 45.70
CA ASN TB 13 39.87 -27.95 46.70
C ASN TB 13 39.25 -29.22 46.11
N THR TB 14 40.12 -30.10 45.63
CA THR TB 14 39.67 -31.36 45.08
C THR TB 14 39.27 -32.33 46.20
N ALA TB 15 38.60 -33.42 45.82
CA ALA TB 15 38.21 -34.43 46.78
C ALA TB 15 39.41 -35.17 47.36
N SER TB 16 40.57 -35.07 46.73
CA SER TB 16 41.80 -35.66 47.23
C SER TB 16 42.60 -34.68 48.06
N ASN TB 17 42.06 -33.50 48.36
CA ASN TB 17 42.78 -32.46 49.09
C ASN TB 17 41.89 -31.91 50.21
N LYS TB 18 41.27 -32.81 50.96
CA LYS TB 18 40.48 -32.43 52.13
C LYS TB 18 41.38 -32.35 53.35
N THR TB 19 41.25 -31.26 54.09
CA THR TB 19 42.05 -31.03 55.28
C THR TB 19 41.15 -30.75 56.47
N ARG TB 20 41.74 -30.74 57.66
CA ARG TB 20 41.00 -30.39 58.88
C ARG TB 20 41.94 -29.65 59.81
N LEU TB 21 41.33 -28.92 60.75
CA LEU TB 21 42.09 -28.05 61.64
C LEU TB 21 42.55 -28.82 62.88
N SER TB 22 43.70 -28.44 63.41
CA SER TB 22 44.24 -29.04 64.62
C SER TB 22 45.25 -28.09 65.24
N ARG TB 23 45.30 -28.07 66.57
CA ARG TB 23 46.22 -27.21 67.30
C ARG TB 23 47.41 -28.03 67.78
N THR TB 24 48.60 -27.64 67.34
CA THR TB 24 49.84 -28.30 67.73
C THR TB 24 50.21 -27.92 69.17
N PRO TB 25 51.11 -28.69 69.80
CA PRO TB 25 51.64 -28.25 71.09
C PRO TB 25 52.35 -26.91 71.04
N GLY TB 26 52.76 -26.46 69.86
CA GLY TB 26 53.28 -25.11 69.71
C GLY TB 26 52.22 -24.03 69.69
N ASN TB 27 50.95 -24.39 69.92
CA ASN TB 27 49.83 -23.45 69.99
C ASN TB 27 49.65 -22.69 68.68
N ARG TB 28 49.84 -23.38 67.57
CA ARG TB 28 49.53 -22.84 66.25
C ARG TB 28 48.62 -23.83 65.53
N ILE TB 29 47.79 -23.29 64.64
CA ILE TB 29 46.82 -24.09 63.92
C ILE TB 29 47.41 -24.48 62.57
N VAL TB 30 47.36 -25.77 62.24
CA VAL TB 30 47.88 -26.29 60.99
C VAL TB 30 46.85 -27.22 60.36
N TYR TB 31 46.96 -27.38 59.05
CA TYR TB 31 46.14 -28.35 58.33
C TYR TB 31 46.62 -29.77 58.57
N LEU TB 32 45.68 -30.69 58.56
CA LEU TB 32 45.97 -32.12 58.59
C LEU TB 32 45.21 -32.76 57.43
N TYR TB 33 45.97 -33.32 56.48
CA TYR TB 33 45.37 -33.86 55.27
C TYR TB 33 44.66 -35.17 55.61
N THR TB 34 43.33 -35.17 55.48
CA THR TB 34 42.51 -36.29 55.90
C THR TB 34 42.38 -37.31 54.78
N LYS TB 35 42.46 -38.59 55.14
CA LYS TB 35 42.24 -39.65 54.18
C LYS TB 35 40.76 -39.79 53.86
N LYS TB 36 40.48 -40.30 52.67
CA LYS TB 36 39.09 -40.43 52.23
C LYS TB 36 38.32 -41.38 53.14
N VAL TB 37 37.05 -41.05 53.38
CA VAL TB 37 36.23 -41.84 54.27
C VAL TB 37 35.83 -43.14 53.58
N GLY TB 38 36.09 -44.26 54.24
CA GLY TB 38 35.74 -45.55 53.68
C GLY TB 38 34.26 -45.85 53.81
N LYS TB 39 33.84 -46.91 53.11
CA LYS TB 39 32.45 -47.32 53.08
C LYS TB 39 32.34 -48.80 53.34
N ALA TB 40 31.32 -49.19 54.10
CA ALA TB 40 31.09 -50.59 54.39
C ALA TB 40 30.65 -51.32 53.12
N PRO TB 41 30.88 -52.63 53.05
CA PRO TB 41 30.44 -53.39 51.88
C PRO TB 41 28.92 -53.40 51.75
N LYS TB 42 28.46 -53.42 50.50
CA LYS TB 42 27.04 -53.57 50.21
C LYS TB 42 26.69 -55.05 50.15
N SER TB 43 25.40 -55.32 50.32
CA SER TB 43 24.91 -56.70 50.28
C SER TB 43 25.09 -57.27 48.89
N ALA TB 44 25.66 -58.48 48.81
CA ALA TB 44 25.88 -59.13 47.53
C ALA TB 44 24.57 -59.43 46.80
N CYS TB 45 23.47 -59.56 47.55
CA CYS TB 45 22.17 -59.70 46.90
C CYS TB 45 21.82 -58.44 46.13
N GLY TB 46 22.14 -57.28 46.68
CA GLY TB 46 21.77 -56.02 46.06
C GLY TB 46 20.32 -55.64 46.21
N VAL TB 47 19.56 -56.38 47.02
CA VAL TB 47 18.14 -56.11 47.20
C VAL TB 47 17.97 -55.05 48.28
N CYS TB 48 18.37 -55.40 49.50
CA CYS TB 48 18.29 -54.46 50.60
C CYS TB 48 19.39 -53.41 50.48
N PRO TB 49 19.09 -52.14 50.73
CA PRO TB 49 20.07 -51.08 50.42
C PRO TB 49 21.11 -50.87 51.50
N GLY TB 50 20.86 -51.30 52.73
CA GLY TB 50 21.77 -51.01 53.81
C GLY TB 50 23.09 -51.77 53.68
N ARG TB 51 24.12 -51.18 54.28
CA ARG TB 51 25.45 -51.76 54.25
C ARG TB 51 25.60 -52.78 55.38
N LEU TB 52 26.59 -53.65 55.23
CA LEU TB 52 26.80 -54.71 56.20
C LEU TB 52 27.37 -54.16 57.50
N ARG TB 53 27.30 -54.98 58.55
CA ARG TB 53 27.75 -54.61 59.87
C ARG TB 53 28.86 -55.55 60.33
N GLY TB 54 29.66 -55.07 61.28
CA GLY TB 54 30.79 -55.83 61.77
C GLY TB 54 32.05 -55.74 60.95
N VAL TB 55 32.05 -54.94 59.89
CA VAL TB 55 33.21 -54.75 59.02
C VAL TB 55 33.60 -53.29 59.04
N ARG TB 56 34.89 -53.03 59.22
CA ARG TB 56 35.37 -51.64 59.27
C ARG TB 56 35.23 -50.99 57.91
N ALA TB 57 34.65 -49.79 57.89
CA ALA TB 57 34.47 -49.04 56.65
C ALA TB 57 35.73 -48.21 56.43
N VAL TB 58 36.63 -48.72 55.58
CA VAL TB 58 37.92 -48.08 55.31
C VAL TB 58 38.15 -48.08 53.81
N ARG TB 59 39.20 -47.38 53.40
CA ARG TB 59 39.60 -47.40 52.01
C ARG TB 59 40.12 -48.79 51.64
N PRO TB 60 39.94 -49.23 50.39
CA PRO TB 60 40.19 -50.64 50.04
C PRO TB 60 41.61 -51.11 50.34
N LYS TB 61 42.62 -50.27 50.11
CA LYS TB 61 43.99 -50.72 50.34
C LYS TB 61 44.32 -50.82 51.82
N VAL TB 62 43.51 -50.21 52.70
CA VAL TB 62 43.72 -50.37 54.14
C VAL TB 62 43.40 -51.79 54.56
N LEU TB 63 42.46 -52.45 53.88
CA LEU TB 63 42.08 -53.81 54.23
C LEU TB 63 43.22 -54.81 54.06
N MET TB 64 44.27 -54.42 53.31
CA MET TB 64 45.38 -55.33 53.09
C MET TB 64 46.10 -55.69 54.38
N ARG TB 65 46.15 -54.76 55.34
CA ARG TB 65 46.85 -54.99 56.59
C ARG TB 65 45.90 -55.33 57.74
N LEU TB 66 44.62 -55.53 57.46
CA LEU TB 66 43.65 -55.79 58.52
C LEU TB 66 43.56 -57.27 58.83
N SER TB 67 43.09 -57.57 60.05
CA SER TB 67 42.88 -58.94 60.45
C SER TB 67 41.65 -59.52 59.78
N LYS TB 68 41.64 -60.85 59.67
CA LYS TB 68 40.55 -61.54 58.97
C LYS TB 68 39.21 -61.34 59.68
N THR TB 69 39.23 -61.37 61.02
CA THR TB 69 37.99 -61.21 61.77
C THR TB 69 37.36 -59.84 61.55
N LYS TB 70 38.18 -58.81 61.38
CA LYS TB 70 37.63 -57.48 61.15
C LYS TB 70 37.01 -57.34 59.75
N LYS TB 71 37.43 -58.16 58.79
CA LYS TB 71 36.95 -58.04 57.42
C LYS TB 71 35.76 -58.93 57.11
N HIS TB 72 35.28 -59.73 58.07
CA HIS TB 72 34.20 -60.65 57.79
C HIS TB 72 33.39 -60.90 59.05
N VAL TB 73 32.36 -61.73 58.92
CA VAL TB 73 31.41 -62.01 59.99
C VAL TB 73 31.40 -63.51 60.21
N SER TB 74 31.26 -63.92 61.48
CA SER TB 74 31.26 -65.34 61.81
C SER TB 74 29.94 -65.98 61.39
N ARG TB 75 29.75 -66.14 60.09
CA ARG TB 75 28.53 -66.72 59.53
C ARG TB 75 28.83 -67.16 58.11
N ALA TB 76 27.99 -68.04 57.59
CA ALA TB 76 28.03 -68.35 56.16
C ALA TB 76 27.82 -67.06 55.37
N TYR TB 77 28.60 -66.90 54.31
CA TYR TB 77 28.64 -65.66 53.51
C TYR TB 77 29.03 -64.46 54.36
N GLY TB 78 29.75 -64.69 55.46
CA GLY TB 78 30.09 -63.65 56.42
C GLY TB 78 30.91 -62.51 55.84
N GLY TB 79 30.43 -61.28 56.03
CA GLY TB 79 31.12 -60.14 55.48
C GLY TB 79 30.94 -59.94 54.00
N SER TB 80 30.10 -60.76 53.36
CA SER TB 80 29.83 -60.64 51.93
C SER TB 80 28.35 -60.52 51.62
N MET TB 81 27.48 -61.19 52.36
CA MET TB 81 26.05 -61.10 52.16
C MET TB 81 25.37 -60.84 53.50
N CYS TB 82 24.29 -60.08 53.45
CA CYS TB 82 23.55 -59.68 54.64
C CYS TB 82 22.91 -60.89 55.31
N ALA TB 83 22.78 -60.81 56.64
CA ALA TB 83 22.16 -61.88 57.40
C ALA TB 83 20.70 -62.07 57.00
N LYS TB 84 19.98 -60.97 56.76
CA LYS TB 84 18.56 -61.05 56.46
C LYS TB 84 18.31 -61.84 55.18
N CYS TB 85 19.12 -61.62 54.15
CA CYS TB 85 18.90 -62.26 52.87
C CYS TB 85 19.57 -63.63 52.75
N VAL TB 86 20.55 -63.93 53.61
CA VAL TB 86 21.11 -65.28 53.65
C VAL TB 86 20.05 -66.27 54.12
N ARG TB 87 19.30 -65.90 55.16
CA ARG TB 87 18.20 -66.74 55.61
C ARG TB 87 17.19 -66.97 54.50
N ASP TB 88 16.99 -65.97 53.65
CA ASP TB 88 16.06 -66.13 52.54
C ASP TB 88 16.55 -67.18 51.56
N ARG TB 89 17.85 -67.16 51.22
CA ARG TB 89 18.36 -68.12 50.25
C ARG TB 89 18.35 -69.53 50.82
N ILE TB 90 18.59 -69.67 52.11
CA ILE TB 90 18.53 -70.99 52.75
C ILE TB 90 17.12 -71.55 52.65
N LYS TB 91 16.13 -70.72 52.96
CA LYS TB 91 14.74 -71.16 52.84
C LYS TB 91 14.35 -71.42 51.38
N ARG TB 92 14.82 -70.57 50.47
CA ARG TB 92 14.45 -70.72 49.07
C ARG TB 92 15.06 -71.99 48.48
N ALA TB 93 16.33 -72.25 48.79
CA ALA TB 93 16.98 -73.44 48.25
C ALA TB 93 16.34 -74.72 48.77
N PHE TB 94 16.02 -74.76 50.06
CA PHE TB 94 15.46 -75.97 50.65
C PHE TB 94 14.07 -76.28 50.08
N LEU TB 95 13.23 -75.26 49.97
CA LEU TB 95 11.86 -75.48 49.50
C LEU TB 95 11.85 -75.88 48.03
N ILE TB 96 12.66 -75.23 47.20
CA ILE TB 96 12.68 -75.56 45.78
C ILE TB 96 13.22 -76.97 45.56
N GLU TB 97 14.27 -77.35 46.30
CA GLU TB 97 14.75 -78.72 46.23
C GLU TB 97 13.72 -79.70 46.77
N GLU TB 98 12.96 -79.29 47.79
CA GLU TB 98 11.79 -80.06 48.20
C GLU TB 98 10.76 -80.10 47.09
N GLN TB 99 10.57 -78.97 46.40
CA GLN TB 99 9.58 -78.90 45.32
C GLN TB 99 9.95 -79.84 44.18
N LYS TB 100 11.24 -79.93 43.84
CA LYS TB 100 11.67 -80.86 42.81
C LYS TB 100 11.36 -82.30 43.20
N ILE TB 101 11.48 -82.61 44.49
CA ILE TB 101 11.17 -83.96 44.96
C ILE TB 101 9.69 -84.26 44.78
N VAL TB 102 8.83 -83.28 45.05
CA VAL TB 102 7.39 -83.49 44.98
C VAL TB 102 6.96 -83.84 43.55
N VAL TB 103 7.40 -83.02 42.58
CA VAL TB 103 7.01 -83.29 41.20
C VAL TB 103 7.68 -84.56 40.68
N LYS TB 104 8.88 -84.87 41.17
CA LYS TB 104 9.51 -86.15 40.82
C LYS TB 104 8.69 -87.31 41.35
N VAL TB 105 8.18 -87.18 42.58
CA VAL TB 105 7.26 -88.19 43.13
C VAL TB 105 5.92 -88.12 42.40
N LEU TB 106 5.45 -86.91 42.11
CA LEU TB 106 4.14 -86.75 41.48
C LEU TB 106 4.10 -87.39 40.10
N LYS TB 107 5.17 -87.25 39.32
CA LYS TB 107 5.21 -87.93 38.03
C LYS TB 107 5.44 -89.42 38.20
N ALA TB 108 6.08 -89.84 39.30
CA ALA TB 108 6.34 -91.26 39.53
C ALA TB 108 5.05 -92.03 39.74
N GLN TB 109 4.11 -91.46 40.50
CA GLN TB 109 2.82 -92.12 40.68
C GLN TB 109 1.94 -91.97 39.45
N ALA TB 110 2.13 -90.91 38.67
CA ALA TB 110 1.32 -90.71 37.48
C ALA TB 110 1.65 -91.73 36.40
N GLN TB 111 2.92 -92.12 36.29
CA GLN TB 111 3.35 -93.03 35.24
C GLN TB 111 3.10 -94.49 35.60
N SER TB 112 2.38 -94.77 36.69
CA SER TB 112 2.01 -96.15 37.01
C SER TB 112 1.07 -96.75 35.96
N GLN TB 113 0.37 -95.91 35.22
CA GLN TB 113 -0.46 -96.35 34.10
C GLN TB 113 0.39 -96.49 32.85
N LYS TB 114 0.20 -97.60 32.14
CA LYS TB 114 0.94 -97.85 30.91
C LYS TB 114 0.26 -97.18 29.73
N ALA UB 1 110.31 -36.20 37.44
CA ALA UB 1 109.67 -37.21 38.26
C ALA UB 1 108.40 -37.74 37.59
N LYS UB 2 108.31 -37.56 36.28
CA LYS UB 2 107.15 -38.01 35.54
C LYS UB 2 107.26 -39.51 35.24
N ILE UB 3 106.24 -40.03 34.57
CA ILE UB 3 106.28 -41.38 34.02
C ILE UB 3 106.32 -41.26 32.50
N LYS UB 4 106.72 -42.35 31.86
CA LYS UB 4 106.85 -42.39 30.40
C LYS UB 4 105.96 -43.51 29.85
N ALA UB 5 106.06 -43.73 28.54
CA ALA UB 5 105.22 -44.68 27.85
C ALA UB 5 105.93 -46.00 27.54
N ARG UB 6 107.15 -45.92 27.01
CA ARG UB 6 107.86 -47.12 26.60
C ARG UB 6 108.20 -48.04 27.76
N ASP UB 7 108.26 -47.50 28.98
CA ASP UB 7 108.60 -48.29 30.16
C ASP UB 7 107.38 -48.94 30.81
N LEU UB 8 106.18 -48.72 30.27
CA LEU UB 8 104.99 -49.38 30.78
C LEU UB 8 104.70 -50.70 30.08
N ARG UB 9 105.20 -50.89 28.86
CA ARG UB 9 104.91 -52.10 28.10
C ARG UB 9 105.57 -53.32 28.73
N GLY UB 10 106.75 -53.16 29.31
CA GLY UB 10 107.42 -54.27 29.96
C GLY UB 10 106.76 -54.72 31.24
N LYS UB 11 106.00 -53.84 31.88
CA LYS UB 11 105.33 -54.20 33.12
C LYS UB 11 104.06 -55.01 32.83
N LYS UB 12 103.55 -55.65 33.88
CA LYS UB 12 102.43 -56.57 33.78
C LYS UB 12 101.19 -55.98 34.45
N LYS UB 13 100.11 -56.77 34.44
CA LYS UB 13 98.80 -56.24 34.77
C LYS UB 13 98.68 -55.81 36.23
N GLU UB 14 99.17 -56.64 37.15
CA GLU UB 14 98.99 -56.36 38.58
C GLU UB 14 99.69 -55.06 38.98
N GLU UB 15 100.93 -54.87 38.53
CA GLU UB 15 101.62 -53.62 38.83
C GLU UB 15 101.03 -52.45 38.06
N LEU UB 16 100.50 -52.70 36.86
CA LEU UB 16 99.81 -51.64 36.13
C LEU UB 16 98.57 -51.17 36.86
N LEU UB 17 97.79 -52.11 37.41
CA LEU UB 17 96.62 -51.73 38.19
C LEU UB 17 97.03 -51.01 39.47
N LYS UB 18 98.10 -51.48 40.12
CA LYS UB 18 98.59 -50.81 41.33
C LYS UB 18 99.08 -49.40 41.01
N GLN UB 19 99.80 -49.25 39.89
CA GLN UB 19 100.26 -47.93 39.48
C GLN UB 19 99.08 -47.00 39.19
N LEU UB 20 98.04 -47.52 38.53
CA LEU UB 20 96.87 -46.71 38.20
C LEU UB 20 96.18 -46.22 39.47
N ASP UB 21 96.05 -47.08 40.46
CA ASP UB 21 95.41 -46.68 41.71
C ASP UB 21 96.20 -45.59 42.41
N ASP UB 22 97.53 -45.68 42.38
CA ASP UB 22 98.36 -44.65 42.99
C ASP UB 22 98.15 -43.30 42.33
N LEU UB 23 98.06 -43.27 41.01
CA LEU UB 23 97.77 -42.02 40.32
C LEU UB 23 96.35 -41.55 40.58
N LYS UB 24 95.41 -42.48 40.78
CA LYS UB 24 94.04 -42.10 41.08
C LYS UB 24 93.94 -41.45 42.46
N VAL UB 25 94.53 -42.07 43.48
CA VAL UB 25 94.46 -41.50 44.82
C VAL UB 25 95.26 -40.20 44.90
N GLU UB 26 96.34 -40.09 44.13
CA GLU UB 26 97.10 -38.84 44.13
C GLU UB 26 96.34 -37.73 43.41
N LEU UB 27 95.50 -38.09 42.44
CA LEU UB 27 94.68 -37.09 41.76
C LEU UB 27 93.63 -36.50 42.70
N SER UB 28 93.03 -37.33 43.55
CA SER UB 28 91.95 -36.85 44.42
C SER UB 28 92.45 -35.81 45.39
N GLN UB 29 93.66 -36.00 45.94
CA GLN UB 29 94.24 -35.00 46.83
C GLN UB 29 94.49 -33.68 46.10
N LEU UB 30 94.87 -33.75 44.82
CA LEU UB 30 95.05 -32.53 44.05
C LEU UB 30 93.74 -31.78 43.87
N ARG UB 31 92.64 -32.51 43.64
CA ARG UB 31 91.34 -31.88 43.56
C ARG UB 31 90.97 -31.22 44.88
N VAL UB 32 91.27 -31.89 46.00
CA VAL UB 32 91.09 -31.29 47.31
C VAL UB 32 91.96 -30.05 47.46
N ALA UB 33 93.19 -30.12 46.96
CA ALA UB 33 94.09 -28.98 47.02
C ALA UB 33 93.56 -27.80 46.22
N LYS UB 34 92.89 -28.08 45.09
CA LYS UB 34 92.34 -27.00 44.29
C LYS UB 34 91.20 -26.29 45.01
N VAL UB 35 90.32 -27.06 45.67
CA VAL UB 35 89.19 -26.46 46.36
C VAL UB 35 89.66 -25.70 47.60
N THR UB 36 90.64 -26.25 48.31
CA THR UB 36 91.08 -25.70 49.60
C THR UB 36 92.29 -24.79 49.45
N GLY UB 37 92.41 -24.08 48.33
CA GLY UB 37 93.52 -23.17 48.13
C GLY UB 37 94.76 -23.85 47.60
N GLY UB 38 95.47 -24.55 48.47
CA GLY UB 38 96.68 -25.24 48.05
C GLY UB 38 97.74 -24.28 47.55
N ALA UB 39 98.36 -24.64 46.43
CA ALA UB 39 99.40 -23.81 45.83
C ALA UB 39 99.47 -24.11 44.34
N ALA UB 40 100.13 -23.20 43.61
CA ALA UB 40 100.27 -23.37 42.17
C ALA UB 40 101.12 -24.58 41.82
N SER UB 41 102.07 -24.94 42.69
CA SER UB 41 102.86 -26.14 42.46
C SER UB 41 102.02 -27.40 42.53
N LYS UB 42 100.86 -27.35 43.16
CA LYS UB 42 99.93 -28.47 43.19
C LYS UB 42 98.83 -28.36 42.14
N LEU UB 43 98.42 -27.13 41.81
CA LEU UB 43 97.46 -26.94 40.72
C LEU UB 43 98.04 -27.41 39.39
N SER UB 44 99.31 -27.06 39.13
CA SER UB 44 99.93 -27.42 37.85
C SER UB 44 100.16 -28.92 37.75
N LYS UB 45 100.30 -29.61 38.88
CA LYS UB 45 100.51 -31.05 38.86
C LYS UB 45 99.28 -31.81 38.40
N ILE UB 46 98.11 -31.16 38.37
CA ILE UB 46 96.87 -31.85 38.00
C ILE UB 46 96.94 -32.36 36.58
N ARG UB 47 97.42 -31.52 35.65
CA ARG UB 47 97.52 -31.94 34.25
C ARG UB 47 98.49 -33.09 34.10
N VAL UB 48 99.62 -33.04 34.80
CA VAL UB 48 100.63 -34.11 34.67
C VAL UB 48 100.07 -35.44 35.13
N VAL UB 49 99.34 -35.43 36.26
CA VAL UB 49 98.75 -36.67 36.75
C VAL UB 49 97.64 -37.14 35.82
N ARG UB 50 96.83 -36.21 35.31
CA ARG UB 50 95.75 -36.59 34.40
C ARG UB 50 96.29 -37.20 33.12
N LYS UB 51 97.34 -36.61 32.55
CA LYS UB 51 97.97 -37.21 31.38
C LYS UB 51 98.60 -38.55 31.72
N SER UB 52 99.22 -38.65 32.90
CA SER UB 52 99.81 -39.92 33.32
C SER UB 52 98.76 -41.00 33.46
N ILE UB 53 97.57 -40.63 33.97
CA ILE UB 53 96.48 -41.60 34.09
C ILE UB 53 96.05 -42.08 32.70
N ALA UB 54 95.95 -41.16 31.74
CA ALA UB 54 95.57 -41.55 30.39
C ALA UB 54 96.63 -42.46 29.76
N ARG UB 55 97.91 -42.21 30.07
CA ARG UB 55 98.97 -43.05 29.54
C ARG UB 55 98.88 -44.47 30.07
N VAL UB 56 98.61 -44.63 31.36
CA VAL UB 56 98.53 -45.96 31.95
C VAL UB 56 97.37 -46.74 31.36
N LEU UB 57 96.21 -46.09 31.24
CA LEU UB 57 95.02 -46.78 30.75
C LEU UB 57 95.20 -47.22 29.30
N THR UB 58 95.81 -46.38 28.47
CA THR UB 58 95.96 -46.74 27.07
C THR UB 58 97.04 -47.81 26.88
N VAL UB 59 97.97 -47.93 27.83
CA VAL UB 59 98.92 -49.03 27.79
C VAL UB 59 98.22 -50.35 28.11
N ILE UB 60 97.36 -50.34 29.13
CA ILE UB 60 96.61 -51.53 29.50
C ILE UB 60 95.71 -51.96 28.33
N ASN UB 61 94.99 -51.00 27.74
CA ASN UB 61 94.08 -51.32 26.65
C ASN UB 61 94.82 -51.86 25.44
N GLN UB 62 95.93 -51.22 25.07
CA GLN UB 62 96.68 -51.67 23.89
C GLN UB 62 97.29 -53.05 24.12
N THR UB 63 97.83 -53.29 25.32
CA THR UB 63 98.40 -54.59 25.62
C THR UB 63 97.33 -55.67 25.63
N GLN UB 64 96.18 -55.38 26.24
CA GLN UB 64 95.08 -56.34 26.27
C GLN UB 64 94.52 -56.58 24.88
N LYS UB 65 94.42 -55.52 24.07
CA LYS UB 65 93.88 -55.66 22.72
C LYS UB 65 94.75 -56.56 21.87
N GLU UB 66 96.07 -56.39 21.96
CA GLU UB 66 96.97 -57.23 21.16
C GLU UB 66 96.93 -58.69 21.62
N ASN UB 67 96.66 -58.92 22.90
CA ASN UB 67 96.48 -60.29 23.37
C ASN UB 67 95.29 -60.96 22.69
N LEU UB 68 94.18 -60.23 22.58
CA LEU UB 68 93.02 -60.75 21.88
C LEU UB 68 93.32 -60.93 20.38
N ARG UB 69 94.07 -59.99 19.81
CA ARG UB 69 94.47 -60.12 18.40
C ARG UB 69 95.31 -61.37 18.19
N LYS UB 70 96.26 -61.63 19.10
CA LYS UB 70 97.00 -62.89 19.05
C LYS UB 70 96.07 -64.07 19.27
N PHE UB 71 95.16 -63.97 20.24
CA PHE UB 71 94.29 -65.09 20.57
C PHE UB 71 93.34 -65.41 19.42
N TYR UB 72 92.76 -64.38 18.81
CA TYR UB 72 91.76 -64.59 17.77
C TYR UB 72 92.37 -64.75 16.38
N LYS UB 73 93.68 -64.63 16.24
CA LYS UB 73 94.29 -64.76 14.92
C LYS UB 73 94.20 -66.21 14.45
N GLY UB 74 93.70 -66.39 13.23
CA GLY UB 74 93.53 -67.70 12.65
C GLY UB 74 92.15 -68.30 12.83
N LYS UB 75 91.35 -67.76 13.74
CA LYS UB 75 90.02 -68.29 13.97
C LYS UB 75 89.09 -67.97 12.80
N LYS UB 76 88.08 -68.81 12.64
CA LYS UB 76 87.12 -68.63 11.56
C LYS UB 76 86.29 -67.37 11.76
N TYR UB 77 85.90 -67.08 12.99
CA TYR UB 77 85.04 -65.94 13.31
C TYR UB 77 85.72 -65.06 14.33
N LYS UB 78 85.64 -63.75 14.13
CA LYS UB 78 86.31 -62.79 14.99
C LYS UB 78 85.33 -61.75 15.50
N PRO UB 79 85.58 -61.16 16.66
CA PRO UB 79 84.71 -60.10 17.16
C PRO UB 79 84.73 -58.89 16.22
N LEU UB 80 83.63 -58.14 16.24
CA LEU UB 80 83.41 -57.09 15.26
C LEU UB 80 84.46 -56.00 15.35
N ASP UB 81 84.82 -55.60 16.57
CA ASP UB 81 85.85 -54.56 16.73
C ASP UB 81 87.22 -55.06 16.26
N LEU UB 82 87.47 -56.36 16.36
CA LEU UB 82 88.73 -56.91 15.88
C LEU UB 82 88.76 -56.98 14.35
N ARG UB 83 87.60 -57.11 13.73
CA ARG UB 83 87.54 -57.14 12.27
C ARG UB 83 87.93 -55.78 11.69
N PRO UB 84 88.47 -55.76 10.48
CA PRO UB 84 88.79 -54.47 9.86
C PRO UB 84 87.54 -53.63 9.64
N LYS UB 85 87.73 -52.31 9.71
CA LYS UB 85 86.65 -51.34 9.62
C LYS UB 85 86.97 -50.33 8.54
N LYS UB 86 87.34 -50.84 7.36
CA LYS UB 86 87.78 -49.98 6.25
C LYS UB 86 86.70 -48.98 5.88
N THR UB 87 85.57 -49.46 5.38
CA THR UB 87 84.45 -48.67 4.90
C THR UB 87 83.31 -49.64 4.66
N ARG UB 88 82.09 -49.21 4.99
CA ARG UB 88 80.93 -50.09 4.84
C ARG UB 88 80.83 -50.62 3.42
N ALA UB 89 81.01 -49.76 2.42
CA ALA UB 89 81.06 -50.23 1.05
C ALA UB 89 82.25 -51.14 0.82
N MET UB 90 83.42 -50.80 1.39
CA MET UB 90 84.60 -51.62 1.23
C MET UB 90 84.53 -52.91 2.02
N ARG UB 91 83.54 -53.07 2.90
CA ARG UB 91 83.34 -54.34 3.59
C ARG UB 91 82.32 -55.23 2.87
N ARG UB 92 81.43 -54.65 2.08
CA ARG UB 92 80.50 -55.47 1.31
C ARG UB 92 81.08 -55.92 -0.01
N ARG UB 93 82.21 -55.35 -0.43
CA ARG UB 93 82.73 -55.62 -1.77
C ARG UB 93 83.34 -57.00 -1.85
N LEU UB 94 83.74 -57.36 -3.07
CA LEU UB 94 84.37 -58.65 -3.32
C LEU UB 94 85.82 -58.64 -2.83
N ASN UB 95 86.25 -59.78 -2.28
CA ASN UB 95 87.67 -59.98 -2.01
C ASN UB 95 88.39 -60.32 -3.30
N LYS UB 96 89.73 -60.31 -3.24
CA LYS UB 96 90.52 -60.53 -4.46
C LYS UB 96 90.28 -61.91 -5.04
N HIS UB 97 90.01 -62.91 -4.19
CA HIS UB 97 89.78 -64.27 -4.67
C HIS UB 97 88.54 -64.35 -5.55
N GLU UB 98 87.40 -63.87 -5.03
CA GLU UB 98 86.17 -63.92 -5.81
C GLU UB 98 86.12 -62.84 -6.88
N GLU UB 99 87.06 -61.89 -6.85
CA GLU UB 99 87.08 -60.84 -7.87
C GLU UB 99 87.57 -61.37 -9.20
N ASN UB 100 88.63 -62.18 -9.19
CA ASN UB 100 89.36 -62.51 -10.40
C ASN UB 100 89.13 -63.93 -10.89
N LEU UB 101 88.25 -64.70 -10.24
CA LEU UB 101 87.95 -66.04 -10.70
C LEU UB 101 86.95 -65.99 -11.85
N LYS UB 102 87.16 -66.83 -12.85
CA LYS UB 102 86.38 -66.80 -14.08
C LYS UB 102 85.83 -68.19 -14.37
N THR UB 103 84.76 -68.22 -15.16
CA THR UB 103 84.15 -69.48 -15.56
C THR UB 103 85.07 -70.25 -16.48
N LYS UB 104 84.85 -71.57 -16.55
CA LYS UB 104 85.63 -72.42 -17.44
C LYS UB 104 85.45 -72.01 -18.89
N LYS UB 105 84.28 -71.47 -19.23
CA LYS UB 105 84.08 -70.92 -20.57
C LYS UB 105 85.00 -69.73 -20.82
N GLN UB 106 85.13 -68.85 -19.83
CA GLN UB 106 85.89 -67.62 -20.04
C GLN UB 106 87.37 -67.90 -20.18
N GLN UB 107 87.94 -68.71 -19.28
CA GLN UB 107 89.36 -69.02 -19.38
C GLN UB 107 89.66 -69.88 -20.60
N ARG UB 108 88.67 -70.62 -21.11
CA ARG UB 108 88.87 -71.34 -22.36
C ARG UB 108 89.14 -70.38 -23.51
N LYS UB 109 88.40 -69.26 -23.56
CA LYS UB 109 88.70 -68.23 -24.54
C LYS UB 109 90.07 -67.61 -24.28
N GLU UB 110 90.43 -67.43 -23.00
CA GLU UB 110 91.71 -66.82 -22.68
C GLU UB 110 92.87 -67.67 -23.15
N ARG UB 111 92.79 -68.98 -22.98
CA ARG UB 111 93.86 -69.85 -23.44
C ARG UB 111 93.88 -69.98 -24.96
N LEU UB 112 92.70 -70.07 -25.58
CA LEU UB 112 92.63 -70.33 -27.02
C LEU UB 112 92.97 -69.10 -27.84
N TYR UB 113 92.51 -67.91 -27.43
CA TYR UB 113 92.70 -66.68 -28.18
C TYR UB 113 93.30 -65.61 -27.28
N PRO UB 114 94.59 -65.70 -26.98
CA PRO UB 114 95.22 -64.65 -26.19
C PRO UB 114 95.53 -63.43 -27.03
N LEU UB 115 95.53 -62.26 -26.37
CA LEU UB 115 95.93 -61.04 -27.06
C LEU UB 115 97.42 -61.09 -27.38
N ARG UB 116 97.75 -60.71 -28.61
CA ARG UB 116 99.10 -60.83 -29.12
C ARG UB 116 99.82 -59.48 -29.10
N LYS UB 117 101.15 -59.56 -29.10
CA LYS UB 117 102.01 -58.40 -29.27
C LYS UB 117 102.44 -58.34 -30.72
N TYR UB 118 102.19 -57.20 -31.37
CA TYR UB 118 102.40 -57.12 -32.82
C TYR UB 118 102.73 -55.70 -33.22
N ALA UB 119 103.31 -55.58 -34.41
CA ALA UB 119 103.67 -54.29 -35.00
C ALA UB 119 103.32 -54.32 -36.48
N VAL UB 120 103.27 -53.14 -37.09
CA VAL UB 120 102.90 -52.98 -38.48
C VAL UB 120 103.97 -52.14 -39.18
N LYS UB 121 104.49 -52.67 -40.30
CA LYS UB 121 105.43 -51.91 -41.10
C LYS UB 121 104.75 -50.72 -41.76
N ALA UB 122 105.43 -49.58 -41.77
CA ALA UB 122 104.89 -48.36 -42.36
C ALA UB 122 105.50 -48.12 -43.74
N ALA VB 1 77.75 -46.04 -76.02
CA ALA VB 1 77.06 -47.00 -76.86
C ALA VB 1 75.57 -46.71 -76.93
N LEU VB 2 74.77 -47.76 -77.13
CA LEU VB 2 73.33 -47.59 -77.20
C LEU VB 2 72.71 -47.38 -75.82
N ARG VB 3 73.25 -48.03 -74.80
CA ARG VB 3 72.70 -47.97 -73.45
C ARG VB 3 73.82 -47.64 -72.47
N TYR VB 4 73.58 -46.62 -71.62
CA TYR VB 4 74.46 -46.24 -70.52
C TYR VB 4 73.77 -46.49 -69.19
N PRO VB 5 74.52 -46.71 -68.12
CA PRO VB 5 73.91 -46.71 -66.79
C PRO VB 5 73.30 -45.35 -66.48
N MET VB 6 72.12 -45.36 -65.89
CA MET VB 6 71.35 -44.15 -65.66
C MET VB 6 70.94 -44.05 -64.21
N ALA VB 7 70.78 -42.81 -63.73
CA ALA VB 7 70.33 -42.56 -62.36
C ALA VB 7 68.82 -42.72 -62.21
N VAL VB 8 68.08 -42.84 -63.31
CA VAL VB 8 66.64 -42.98 -63.29
C VAL VB 8 66.25 -44.18 -64.15
N GLY VB 9 64.95 -44.35 -64.35
CA GLY VB 9 64.45 -45.44 -65.15
C GLY VB 9 64.39 -46.74 -64.40
N LEU VB 10 63.94 -47.78 -65.12
CA LEU VB 10 63.83 -49.11 -64.53
C LEU VB 10 65.20 -49.68 -64.18
N ASN VB 11 66.20 -49.41 -65.02
CA ASN VB 11 67.56 -49.90 -64.82
C ASN VB 11 68.43 -48.91 -64.07
N LYS VB 12 67.84 -48.14 -63.15
CA LYS VB 12 68.58 -47.13 -62.41
C LYS VB 12 69.61 -47.79 -61.50
N GLY VB 13 70.63 -47.01 -61.16
CA GLY VB 13 71.66 -47.47 -60.25
C GLY VB 13 72.94 -47.83 -60.96
N HIS VB 14 74.06 -47.66 -60.24
CA HIS VB 14 75.36 -48.03 -60.78
C HIS VB 14 75.45 -49.54 -60.98
N LYS VB 15 76.15 -49.93 -62.05
CA LYS VB 15 76.22 -51.33 -62.47
C LYS VB 15 77.38 -52.01 -61.75
N VAL VB 16 77.06 -52.91 -60.83
CA VAL VB 16 78.04 -53.76 -60.17
C VAL VB 16 77.53 -55.19 -60.20
N THR VB 17 78.45 -56.14 -60.12
CA THR VB 17 78.09 -57.54 -60.06
C THR VB 17 77.81 -57.95 -58.62
N LYS VB 18 76.86 -58.85 -58.44
CA LYS VB 18 76.37 -59.20 -57.11
C LYS VB 18 77.18 -60.35 -56.54
N ASN VB 19 77.53 -60.23 -55.25
CA ASN VB 19 78.16 -61.31 -54.51
C ASN VB 19 77.06 -62.20 -53.95
N VAL VB 20 76.83 -63.34 -54.58
CA VAL VB 20 75.79 -64.26 -54.16
C VAL VB 20 76.37 -65.23 -53.14
N SER VB 21 75.61 -65.47 -52.08
CA SER VB 21 76.05 -66.36 -51.00
C SER VB 21 74.81 -66.83 -50.25
N LYS VB 22 75.03 -67.67 -49.24
CA LYS VB 22 73.93 -68.21 -48.47
C LYS VB 22 73.26 -67.12 -47.64
N PRO VB 23 71.95 -67.22 -47.43
CA PRO VB 23 71.28 -66.29 -46.52
C PRO VB 23 71.79 -66.49 -45.10
N ARG VB 24 71.78 -65.40 -44.33
CA ARG VB 24 72.29 -65.44 -42.98
C ARG VB 24 71.41 -66.31 -42.09
N HIS VB 25 72.02 -66.88 -41.05
CA HIS VB 25 71.32 -67.84 -40.21
C HIS VB 25 70.18 -67.21 -39.42
N SER VB 26 70.18 -65.88 -39.26
CA SER VB 26 69.06 -65.22 -38.59
C SER VB 26 67.80 -65.27 -39.43
N ARG VB 27 67.94 -65.34 -40.76
CA ARG VB 27 66.77 -65.44 -41.62
C ARG VB 27 66.09 -66.80 -41.49
N ARG VB 28 66.78 -67.79 -40.91
CA ARG VB 28 66.17 -69.09 -40.67
C ARG VB 28 65.13 -69.03 -39.55
N ARG VB 29 65.18 -67.99 -38.71
CA ARG VB 29 64.19 -67.82 -37.66
C ARG VB 29 62.79 -67.69 -38.24
N GLY VB 30 61.83 -68.31 -37.56
CA GLY VB 30 60.46 -68.34 -37.99
C GLY VB 30 60.04 -69.62 -38.68
N ARG VB 31 60.99 -70.47 -39.04
CA ARG VB 31 60.67 -71.72 -39.71
C ARG VB 31 59.99 -72.68 -38.74
N LEU VB 32 59.37 -73.70 -39.32
CA LEU VB 32 58.67 -74.74 -38.56
C LEU VB 32 59.48 -76.02 -38.64
N THR VB 33 59.83 -76.58 -37.48
CA THR VB 33 60.60 -77.80 -37.45
C THR VB 33 59.69 -78.99 -37.24
N LYS VB 34 60.22 -80.18 -37.54
CA LYS VB 34 59.46 -81.41 -37.36
C LYS VB 34 59.17 -81.66 -35.88
N HIS VB 35 60.13 -81.35 -35.01
CA HIS VB 35 59.94 -81.59 -33.59
C HIS VB 35 58.93 -80.62 -32.99
N THR VB 36 59.04 -79.32 -33.33
CA THR VB 36 58.09 -78.34 -32.82
C THR VB 36 56.68 -78.62 -33.33
N LYS VB 37 56.56 -78.96 -34.62
CA LYS VB 37 55.27 -79.37 -35.16
C LYS VB 37 54.73 -80.57 -34.40
N PHE VB 38 55.59 -81.52 -34.07
CA PHE VB 38 55.19 -82.63 -33.21
C PHE VB 38 54.75 -82.14 -31.84
N VAL VB 39 55.46 -81.15 -31.29
CA VAL VB 39 55.11 -80.63 -29.98
C VAL VB 39 53.77 -79.89 -30.03
N ARG VB 40 53.62 -79.00 -31.01
CA ARG VB 40 52.41 -78.18 -31.08
C ARG VB 40 51.17 -79.02 -31.37
N ASP VB 41 51.31 -80.04 -32.23
CA ASP VB 41 50.18 -80.92 -32.50
C ASP VB 41 49.78 -81.71 -31.26
N MET VB 42 50.76 -82.14 -30.47
CA MET VB 42 50.46 -82.80 -29.20
C MET VB 42 49.69 -81.88 -28.27
N ILE VB 43 50.12 -80.62 -28.18
CA ILE VB 43 49.42 -79.66 -27.33
C ILE VB 43 48.04 -79.34 -27.90
N ARG VB 44 47.93 -79.26 -29.24
CA ARG VB 44 46.66 -78.93 -29.86
C ARG VB 44 45.59 -79.95 -29.54
N GLU VB 45 45.92 -81.24 -29.63
CA GLU VB 45 44.95 -82.28 -29.37
C GLU VB 45 44.66 -82.45 -27.88
N VAL VB 46 45.51 -81.91 -27.02
CA VAL VB 46 45.25 -82.01 -25.59
C VAL VB 46 44.45 -80.80 -25.11
N CYS VB 47 44.86 -79.60 -25.50
CA CYS VB 47 44.24 -78.39 -25.01
C CYS VB 47 42.87 -78.12 -25.63
N GLY VB 48 42.56 -78.74 -26.76
CA GLY VB 48 41.31 -78.44 -27.43
C GLY VB 48 41.38 -77.11 -28.14
N PHE VB 49 40.32 -76.31 -28.04
CA PHE VB 49 40.26 -75.04 -28.73
C PHE VB 49 39.62 -73.99 -27.83
N ALA VB 50 39.94 -72.73 -28.09
CA ALA VB 50 39.34 -71.63 -27.37
C ALA VB 50 37.86 -71.51 -27.76
N PRO VB 51 37.04 -70.93 -26.88
CA PRO VB 51 35.61 -70.80 -27.20
C PRO VB 51 35.34 -70.03 -28.48
N TYR VB 52 36.10 -68.97 -28.76
CA TYR VB 52 35.89 -68.25 -30.01
C TYR VB 52 36.32 -69.09 -31.20
N GLU VB 53 37.33 -69.94 -31.03
CA GLU VB 53 37.76 -70.82 -32.12
C GLU VB 53 36.65 -71.79 -32.49
N ARG VB 54 35.95 -72.34 -31.49
CA ARG VB 54 34.84 -73.23 -31.77
C ARG VB 54 33.71 -72.51 -32.50
N ARG VB 55 33.40 -71.28 -32.08
CA ARG VB 55 32.34 -70.53 -32.72
C ARG VB 55 32.64 -70.28 -34.20
N ALA VB 56 33.89 -69.92 -34.49
CA ALA VB 56 34.28 -69.71 -35.89
C ALA VB 56 34.17 -71.00 -36.69
N MET VB 57 34.54 -72.13 -36.08
CA MET VB 57 34.40 -73.41 -36.75
C MET VB 57 32.93 -73.73 -37.04
N GLU VB 58 32.04 -73.39 -36.10
CA GLU VB 58 30.62 -73.60 -36.33
C GLU VB 58 30.12 -72.74 -37.49
N LEU VB 59 30.64 -71.52 -37.60
CA LEU VB 59 30.28 -70.67 -38.74
C LEU VB 59 30.84 -71.24 -40.04
N LEU VB 60 32.00 -71.90 -39.97
CA LEU VB 60 32.57 -72.50 -41.17
C LEU VB 60 31.87 -73.79 -41.57
N LYS VB 61 31.36 -74.55 -40.59
CA LYS VB 61 30.60 -75.75 -40.93
C LYS VB 61 29.35 -75.39 -41.70
N VAL VB 62 28.63 -74.34 -41.28
CA VAL VB 62 27.51 -73.83 -42.05
C VAL VB 62 27.94 -72.92 -43.18
N SER VB 63 29.26 -72.73 -43.35
CA SER VB 63 29.84 -72.04 -44.51
C SER VB 63 29.40 -70.59 -44.60
N LYS VB 64 29.49 -69.86 -43.48
CA LYS VB 64 29.38 -68.40 -43.50
C LYS VB 64 30.80 -67.85 -43.46
N ASP VB 65 31.48 -67.95 -44.59
CA ASP VB 65 32.91 -67.64 -44.64
C ASP VB 65 33.17 -66.16 -44.38
N LYS VB 66 32.36 -65.27 -44.96
CA LYS VB 66 32.55 -63.85 -44.76
C LYS VB 66 32.33 -63.47 -43.29
N ARG VB 67 31.26 -63.99 -42.69
CA ARG VB 67 30.98 -63.67 -41.29
C ARG VB 67 32.02 -64.32 -40.37
N ALA VB 68 32.46 -65.52 -40.71
CA ALA VB 68 33.52 -66.15 -39.92
C ALA VB 68 34.80 -65.36 -39.99
N LEU VB 69 35.18 -64.91 -41.20
CA LEU VB 69 36.38 -64.10 -41.35
C LEU VB 69 36.26 -62.77 -40.62
N LYS VB 70 35.08 -62.14 -40.71
CA LYS VB 70 34.86 -60.88 -40.01
C LYS VB 70 34.91 -61.09 -38.49
N PHE VB 71 34.36 -62.20 -38.01
CA PHE VB 71 34.40 -62.49 -36.59
C PHE VB 71 35.84 -62.71 -36.11
N ILE VB 72 36.64 -63.43 -36.90
CA ILE VB 72 38.03 -63.65 -36.53
C ILE VB 72 38.80 -62.33 -36.53
N LYS VB 73 38.54 -61.48 -37.53
CA LYS VB 73 39.15 -60.15 -37.57
C LYS VB 73 38.77 -59.34 -36.34
N LYS VB 74 37.49 -59.41 -35.94
CA LYS VB 74 37.06 -58.72 -34.73
C LYS VB 74 37.73 -59.28 -33.50
N ARG VB 75 38.17 -60.53 -33.54
CA ARG VB 75 38.79 -61.16 -32.38
C ARG VB 75 40.32 -61.07 -32.42
N VAL VB 76 40.94 -61.46 -33.54
CA VAL VB 76 42.40 -61.46 -33.62
C VAL VB 76 42.92 -60.06 -33.84
N GLY VB 77 42.37 -59.35 -34.82
CA GLY VB 77 42.71 -57.94 -35.00
C GLY VB 77 43.08 -57.52 -36.40
N THR VB 78 43.79 -58.38 -37.14
CA THR VB 78 44.26 -58.03 -38.47
C THR VB 78 43.70 -58.99 -39.50
N HIS VB 79 43.58 -58.50 -40.74
CA HIS VB 79 43.05 -59.32 -41.82
C HIS VB 79 44.00 -60.44 -42.18
N ILE VB 80 45.31 -60.18 -42.16
CA ILE VB 80 46.29 -61.18 -42.58
C ILE VB 80 46.34 -62.34 -41.59
N ARG VB 81 46.27 -62.04 -40.30
CA ARG VB 81 46.21 -63.11 -39.30
C ARG VB 81 44.90 -63.88 -39.41
N ALA VB 82 43.81 -63.16 -39.73
CA ALA VB 82 42.51 -63.81 -39.87
C ALA VB 82 42.50 -64.78 -41.05
N LYS VB 83 43.10 -64.38 -42.17
CA LYS VB 83 43.15 -65.27 -43.33
C LYS VB 83 43.96 -66.52 -43.03
N ARG VB 84 45.09 -66.37 -42.34
CA ARG VB 84 45.87 -67.53 -41.94
C ARG VB 84 45.09 -68.41 -40.97
N LYS VB 85 44.42 -67.79 -39.99
CA LYS VB 85 43.68 -68.56 -39.00
C LYS VB 85 42.49 -69.28 -39.62
N ARG VB 86 41.79 -68.63 -40.56
CA ARG VB 86 40.65 -69.28 -41.19
C ARG VB 86 41.09 -70.48 -42.03
N GLU VB 87 42.26 -70.37 -42.67
CA GLU VB 87 42.83 -71.53 -43.36
C GLU VB 87 43.15 -72.65 -42.37
N GLU VB 88 43.69 -72.28 -41.20
CA GLU VB 88 43.99 -73.29 -40.19
C GLU VB 88 42.73 -73.97 -39.68
N LEU VB 89 41.67 -73.18 -39.43
CA LEU VB 89 40.41 -73.77 -39.00
C LEU VB 89 39.78 -74.59 -40.13
N SER VB 90 40.00 -74.17 -41.38
CA SER VB 90 39.55 -74.97 -42.51
C SER VB 90 40.24 -76.33 -42.52
N ASN VB 91 41.51 -76.36 -42.14
CA ASN VB 91 42.26 -77.62 -42.11
C ASN VB 91 41.69 -78.56 -41.05
N VAL VB 92 41.46 -78.04 -39.84
CA VAL VB 92 41.08 -78.91 -38.73
C VAL VB 92 39.64 -79.39 -38.88
N LEU VB 93 38.80 -78.64 -39.59
CA LEU VB 93 37.43 -79.10 -39.77
C LEU VB 93 37.35 -80.26 -40.76
N ALA VB 94 38.08 -80.16 -41.88
CA ALA VB 94 38.03 -81.22 -42.89
C ALA VB 94 38.61 -82.53 -42.34
N ALA VB 95 39.69 -82.44 -41.56
CA ALA VB 95 40.27 -83.63 -40.96
C ALA VB 95 39.29 -84.29 -40.01
N MET VB 96 38.64 -83.49 -39.16
CA MET VB 96 37.66 -84.07 -38.23
C MET VB 96 36.33 -84.36 -38.91
N ARG VB 97 36.05 -83.73 -40.05
CA ARG VB 97 34.91 -84.15 -40.85
C ARG VB 97 35.13 -85.55 -41.39
N LYS VB 98 36.34 -85.85 -41.84
CA LYS VB 98 36.66 -87.16 -42.36
C LYS VB 98 37.18 -88.11 -41.28
N ALA VB 99 37.42 -87.61 -40.06
CA ALA VB 99 37.68 -88.50 -38.94
C ALA VB 99 36.43 -89.31 -38.60
N ALA VB 100 35.24 -88.75 -38.85
CA ALA VB 100 34.01 -89.51 -38.66
C ALA VB 100 33.85 -90.55 -39.77
N ALA VB 101 34.36 -90.27 -40.96
CA ALA VB 101 34.30 -91.25 -42.05
C ALA VB 101 35.12 -92.48 -41.71
N LYS VB 102 36.29 -92.29 -41.14
CA LYS VB 102 37.15 -93.40 -40.73
C LYS VB 102 37.04 -93.66 -39.23
N THR WB 1 39.17 -8.74 24.11
CA THR WB 1 40.06 -7.96 23.25
C THR WB 1 41.07 -8.85 22.55
N LYS WB 2 41.12 -8.76 21.22
CA LYS WB 2 42.01 -9.60 20.42
C LYS WB 2 43.48 -9.24 20.59
N GLY WB 3 43.80 -8.12 21.22
CA GLY WB 3 45.17 -7.67 21.29
C GLY WB 3 45.88 -7.93 22.60
N THR WB 4 46.09 -6.86 23.38
CA THR WB 4 46.91 -6.97 24.59
C THR WB 4 46.27 -7.90 25.62
N SER WB 5 44.95 -7.80 25.79
CA SER WB 5 44.27 -8.62 26.79
C SER WB 5 44.39 -10.10 26.45
N SER WB 6 44.28 -10.45 25.17
CA SER WB 6 44.42 -11.85 24.77
C SER WB 6 45.84 -12.35 24.97
N PHE WB 7 46.83 -11.45 24.90
CA PHE WB 7 48.22 -11.83 25.09
C PHE WB 7 48.53 -12.25 26.51
N GLY WB 8 47.62 -12.00 27.47
CA GLY WB 8 47.88 -12.39 28.84
C GLY WB 8 47.71 -13.88 29.10
N LYS WB 9 46.97 -14.59 28.24
CA LYS WB 9 46.58 -15.95 28.52
C LYS WB 9 47.51 -17.00 27.91
N ARG WB 10 48.51 -16.59 27.12
CA ARG WB 10 49.41 -17.56 26.52
C ARG WB 10 50.42 -18.01 27.56
N ARG WB 11 50.15 -19.16 28.19
CA ARG WB 11 51.05 -19.70 29.19
C ARG WB 11 51.22 -21.21 29.06
N ASN WB 12 50.63 -21.83 28.05
CA ASN WB 12 50.70 -23.29 27.86
C ASN WB 12 51.55 -23.55 26.63
N LYS WB 13 52.75 -24.09 26.84
CA LYS WB 13 53.66 -24.35 25.73
C LYS WB 13 53.09 -25.40 24.80
N THR WB 14 53.26 -25.16 23.49
CA THR WB 14 52.86 -26.10 22.46
C THR WB 14 54.05 -26.88 21.91
N HIS WB 15 55.08 -26.18 21.47
CA HIS WB 15 56.30 -26.84 21.04
C HIS WB 15 57.31 -26.87 22.17
N THR WB 16 58.18 -27.87 22.14
CA THR WB 16 59.21 -28.06 23.16
C THR WB 16 60.47 -28.56 22.48
N LEU WB 17 61.49 -28.84 23.30
CA LEU WB 17 62.75 -29.36 22.78
C LEU WB 17 62.53 -30.72 22.12
N CYS WB 18 63.09 -30.89 20.94
CA CYS WB 18 63.02 -32.14 20.19
C CYS WB 18 64.28 -32.93 20.46
N ARG WB 19 64.11 -34.21 20.84
CA ARG WB 19 65.28 -35.02 21.20
C ARG WB 19 66.17 -35.27 19.99
N ARG WB 20 65.62 -35.18 18.79
CA ARG WB 20 66.40 -35.09 17.58
C ARG WB 20 66.45 -33.63 17.14
N CYS WB 21 67.48 -33.28 16.37
CA CYS WB 21 67.63 -31.99 15.69
C CYS WB 21 67.77 -30.80 16.65
N GLY WB 22 67.67 -31.06 17.96
CA GLY WB 22 67.93 -30.04 18.96
C GLY WB 22 67.10 -28.77 18.87
N SER WB 23 65.92 -28.85 18.27
CA SER WB 23 65.10 -27.67 18.07
C SER WB 23 63.99 -27.60 19.11
N LYS WB 24 63.58 -26.37 19.40
CA LYS WB 24 62.39 -26.14 20.22
C LYS WB 24 61.19 -26.07 19.28
N ALA WB 25 60.90 -27.21 18.66
CA ALA WB 25 59.81 -27.29 17.69
C ALA WB 25 59.02 -28.60 17.80
N TYR WB 26 59.10 -29.29 18.93
CA TYR WB 26 58.44 -30.59 19.08
C TYR WB 26 57.04 -30.36 19.62
N HIS WB 27 56.04 -30.58 18.75
CA HIS WB 27 54.65 -30.42 19.13
C HIS WB 27 54.26 -31.45 20.18
N LEU WB 28 54.06 -31.02 21.43
CA LEU WB 28 53.68 -31.94 22.49
C LEU WB 28 52.33 -32.58 22.20
N GLN WB 29 51.37 -31.79 21.76
CA GLN WB 29 50.03 -32.30 21.53
C GLN WB 29 49.97 -33.21 20.30
N LYS WB 30 50.95 -33.12 19.41
CA LYS WB 30 50.99 -33.96 18.22
C LYS WB 30 52.10 -35.00 18.25
N SER WB 31 53.05 -34.88 19.18
CA SER WB 31 54.17 -35.82 19.31
C SER WB 31 54.98 -35.91 18.02
N THR WB 32 55.15 -34.77 17.35
CA THR WB 32 55.89 -34.73 16.09
C THR WB 32 56.59 -33.40 15.96
N CYS WB 33 57.88 -33.44 15.65
CA CYS WB 33 58.65 -32.23 15.42
C CYS WB 33 58.24 -31.58 14.11
N GLY WB 34 58.16 -30.25 14.11
CA GLY WB 34 57.86 -29.51 12.90
C GLY WB 34 59.06 -29.21 12.02
N LYS WB 35 60.27 -29.42 12.53
CA LYS WB 35 61.49 -29.13 11.77
C LYS WB 35 62.09 -30.40 11.17
N CYS WB 36 62.33 -31.41 12.00
CA CYS WB 36 62.94 -32.65 11.53
C CYS WB 36 61.94 -33.77 11.32
N GLY WB 37 60.79 -33.74 11.99
CA GLY WB 37 59.89 -34.86 11.96
C GLY WB 37 60.48 -36.05 12.70
N TYR WB 38 60.62 -35.92 14.01
CA TYR WB 38 61.34 -36.92 14.80
C TYR WB 38 60.73 -38.31 14.73
N PRO WB 39 59.42 -38.53 14.92
CA PRO WB 39 58.91 -39.90 14.85
C PRO WB 39 59.10 -40.55 13.50
N ALA WB 40 59.06 -39.77 12.42
CA ALA WB 40 59.34 -40.31 11.10
C ALA WB 40 60.79 -40.73 10.99
N LYS WB 41 61.03 -41.79 10.22
CA LYS WB 41 62.39 -42.31 10.07
C LYS WB 41 63.27 -41.34 9.29
N ARG WB 42 62.78 -40.84 8.16
CA ARG WB 42 63.55 -39.92 7.34
C ARG WB 42 63.48 -38.51 7.90
N LYS WB 43 64.61 -37.81 7.85
CA LYS WB 43 64.64 -36.42 8.28
C LYS WB 43 63.85 -35.55 7.32
N ARG WB 44 63.12 -34.58 7.86
CA ARG WB 44 62.26 -33.74 7.05
C ARG WB 44 63.08 -32.75 6.25
N LYS WB 45 63.01 -32.85 4.93
CA LYS WB 45 63.78 -32.01 4.02
C LYS WB 45 62.87 -31.49 2.91
N TYR WB 46 63.08 -30.26 2.50
CA TYR WB 46 62.32 -29.65 1.42
C TYR WB 46 63.20 -28.73 0.61
N ASN WB 47 63.11 -28.85 -0.72
CA ASN WB 47 63.94 -28.02 -1.59
C ASN WB 47 63.41 -26.59 -1.71
N TRP WB 48 62.15 -26.35 -1.39
CA TRP WB 48 61.63 -24.99 -1.52
C TRP WB 48 62.20 -24.05 -0.47
N SER WB 49 62.88 -24.57 0.55
CA SER WB 49 63.58 -23.75 1.54
C SER WB 49 65.07 -24.12 1.45
N ALA WB 50 65.78 -23.47 0.54
CA ALA WB 50 67.20 -23.76 0.38
C ALA WB 50 68.01 -23.24 1.56
N LYS WB 51 67.60 -22.11 2.14
CA LYS WB 51 68.31 -21.57 3.29
C LYS WB 51 68.20 -22.50 4.49
N ALA WB 52 67.04 -23.10 4.70
CA ALA WB 52 66.88 -24.04 5.81
C ALA WB 52 67.74 -25.28 5.60
N LYS WB 53 67.96 -25.68 4.36
CA LYS WB 53 68.82 -26.83 4.09
C LYS WB 53 70.26 -26.54 4.51
N ARG WB 54 70.74 -25.33 4.26
CA ARG WB 54 72.12 -24.98 4.60
C ARG WB 54 72.30 -24.83 6.11
N ARG WB 55 71.21 -24.59 6.85
CA ARG WB 55 71.30 -24.49 8.30
C ARG WB 55 71.44 -25.84 8.96
N ASN WB 56 71.16 -26.94 8.26
CA ASN WB 56 71.12 -28.26 8.85
C ASN WB 56 71.91 -29.30 8.05
N THR WB 57 72.58 -28.89 6.97
CA THR WB 57 73.26 -29.84 6.11
C THR WB 57 74.51 -30.39 6.78
N THR WB 58 75.07 -31.43 6.16
CA THR WB 58 76.33 -31.99 6.64
C THR WB 58 77.44 -30.96 6.53
N GLY WB 59 78.26 -30.87 7.58
CA GLY WB 59 79.32 -29.90 7.67
C GLY WB 59 79.06 -28.81 8.70
N THR WB 60 77.80 -28.41 8.87
CA THR WB 60 77.46 -27.42 9.87
C THR WB 60 77.59 -27.94 11.29
N GLY WB 61 77.74 -29.25 11.47
CA GLY WB 61 77.81 -29.82 12.79
C GLY WB 61 79.22 -30.06 13.31
N ARG WB 62 79.58 -31.32 13.48
CA ARG WB 62 80.87 -31.65 14.06
C ARG WB 62 81.68 -32.57 13.16
N MET WB 63 81.00 -33.51 12.48
CA MET WB 63 81.64 -34.49 11.61
C MET WB 63 82.70 -35.28 12.35
N ARG WB 64 82.30 -35.85 13.49
CA ARG WB 64 83.24 -36.59 14.33
C ARG WB 64 83.82 -37.79 13.61
N HIS WB 65 82.99 -38.54 12.90
CA HIS WB 65 83.48 -39.68 12.13
C HIS WB 65 83.90 -39.30 10.73
N LEU WB 66 83.26 -38.30 10.13
CA LEU WB 66 83.57 -37.96 8.74
C LEU WB 66 84.95 -37.34 8.60
N LYS WB 67 85.40 -36.57 9.60
CA LYS WB 67 86.73 -35.98 9.52
C LYS WB 67 87.81 -37.05 9.51
N ILE WB 68 87.62 -38.12 10.29
CA ILE WB 68 88.56 -39.23 10.27
C ILE WB 68 88.54 -39.94 8.93
N VAL WB 69 87.35 -40.01 8.32
CA VAL WB 69 87.22 -40.70 7.03
C VAL WB 69 88.04 -39.99 5.96
N TYR WB 70 87.96 -38.66 5.92
CA TYR WB 70 88.70 -37.91 4.90
C TYR WB 70 90.20 -38.05 5.09
N ARG WB 71 90.67 -37.99 6.35
CA ARG WB 71 92.10 -38.17 6.60
C ARG WB 71 92.54 -39.59 6.28
N ARG WB 72 91.70 -40.58 6.60
CA ARG WB 72 92.05 -41.96 6.33
C ARG WB 72 92.13 -42.25 4.84
N PHE WB 73 91.43 -41.48 4.02
CA PHE WB 73 91.44 -41.73 2.59
C PHE WB 73 92.79 -41.41 1.95
N ARG WB 74 93.51 -40.43 2.52
CA ARG WB 74 94.77 -40.00 1.93
C ARG WB 74 95.83 -41.09 1.94
N HIS WB 75 95.67 -42.12 2.77
CA HIS WB 75 96.56 -43.27 2.76
C HIS WB 75 95.81 -44.55 2.38
N GLY WB 76 94.73 -44.39 1.62
CA GLY WB 76 93.98 -45.54 1.15
C GLY WB 76 93.35 -46.37 2.23
N PHE WB 77 92.96 -45.75 3.34
CA PHE WB 77 92.33 -46.43 4.48
C PHE WB 77 93.18 -47.58 5.00
N ARG WB 78 94.47 -47.32 5.19
CA ARG WB 78 95.34 -48.32 5.79
C ARG WB 78 94.88 -48.61 7.21
N GLU WB 79 95.02 -49.87 7.63
CA GLU WB 79 94.54 -50.28 8.94
C GLU WB 79 95.43 -51.39 9.48
N GLY WB 80 95.70 -51.34 10.78
CA GLY WB 80 96.49 -52.35 11.45
C GLY WB 80 97.98 -52.24 11.26
N THR WB 81 98.45 -51.24 10.54
CA THR WB 81 99.87 -51.01 10.34
C THR WB 81 100.39 -49.96 11.32
N THR WB 82 101.70 -49.92 11.47
CA THR WB 82 102.35 -48.94 12.33
C THR WB 82 103.59 -48.42 11.62
N PRO WB 83 103.98 -47.17 11.89
CA PRO WB 83 105.28 -46.69 11.41
C PRO WB 83 106.40 -47.51 12.01
N LYS WB 84 107.49 -47.63 11.26
CA LYS WB 84 108.62 -48.41 11.72
C LYS WB 84 109.23 -47.77 12.96
N PRO WB 85 109.43 -48.52 14.04
CA PRO WB 85 109.98 -47.92 15.26
C PRO WB 85 111.40 -47.41 15.06
N LYS WB 86 111.73 -46.34 15.76
CA LYS WB 86 113.05 -45.74 15.66
C LYS WB 86 114.11 -46.65 16.28
N PRO XB 1 53.47 -44.77 71.09
CA PRO XB 1 53.75 -45.12 72.50
C PRO XB 1 52.67 -46.03 73.08
N ARG XB 2 53.03 -46.81 74.10
CA ARG XB 2 52.12 -47.78 74.68
C ARG XB 2 52.17 -47.68 76.20
N LYS XB 3 51.01 -47.71 76.84
CA LYS XB 3 50.90 -47.61 78.28
C LYS XB 3 50.81 -49.02 78.87
N ILE XB 4 51.82 -49.41 79.62
CA ILE XB 4 51.84 -50.71 80.29
C ILE XB 4 51.17 -50.56 81.66
N GLU XB 5 50.20 -51.43 81.94
CA GLU XB 5 49.34 -51.22 83.10
C GLU XB 5 50.08 -51.51 84.40
N GLU XB 6 50.50 -52.76 84.59
CA GLU XB 6 51.02 -53.20 85.87
C GLU XB 6 52.55 -53.32 85.82
N ILE XB 7 53.12 -53.88 86.87
CA ILE XB 7 54.57 -53.85 87.07
C ILE XB 7 55.24 -55.01 86.32
N LYS XB 8 54.90 -56.25 86.67
CA LYS XB 8 55.73 -57.38 86.26
C LYS XB 8 55.71 -57.61 84.75
N ASP XB 9 54.68 -57.15 84.03
CA ASP XB 9 54.75 -57.21 82.57
C ASP XB 9 55.67 -56.13 82.02
N PHE XB 10 55.93 -55.08 82.78
CA PHE XB 10 56.90 -54.08 82.35
C PHE XB 10 58.33 -54.60 82.51
N LEU XB 11 58.54 -55.56 83.41
CA LEU XB 11 59.89 -56.05 83.66
C LEU XB 11 60.46 -56.78 82.46
N LEU XB 12 59.72 -57.74 81.90
CA LEU XB 12 60.28 -58.52 80.79
C LEU XB 12 60.39 -57.69 79.52
N THR XB 13 59.50 -56.71 79.35
CA THR XB 13 59.68 -55.75 78.27
C THR XB 13 60.94 -54.92 78.47
N ALA XB 14 61.24 -54.58 79.72
CA ALA XB 14 62.46 -53.84 80.02
C ALA XB 14 63.70 -54.70 79.81
N ARG XB 15 63.61 -56.00 80.09
CA ARG XB 15 64.74 -56.90 79.90
C ARG XB 15 64.71 -57.57 78.52
N ARG XB 16 63.80 -57.16 77.64
CA ARG XB 16 63.83 -57.63 76.26
C ARG XB 16 65.15 -57.23 75.61
N LYS XB 17 65.66 -58.11 74.74
CA LYS XB 17 66.99 -57.91 74.19
C LYS XB 17 67.08 -56.64 73.34
N ASP XB 18 65.97 -56.23 72.75
CA ASP XB 18 65.94 -55.04 71.92
C ASP XB 18 65.71 -53.76 72.72
N ALA XB 19 65.57 -53.85 74.03
CA ALA XB 19 65.39 -52.66 74.85
C ALA XB 19 66.66 -51.81 74.83
N LYS XB 20 66.50 -50.53 74.51
CA LYS XB 20 67.66 -49.65 74.32
C LYS XB 20 67.99 -48.88 75.59
N SER XB 21 67.05 -48.10 76.11
CA SER XB 21 67.30 -47.26 77.26
C SER XB 21 66.03 -47.11 78.07
N VAL XB 22 66.19 -46.70 79.33
CA VAL XB 22 65.07 -46.46 80.22
C VAL XB 22 65.19 -45.04 80.77
N LYS XB 23 64.20 -44.22 80.50
CA LYS XB 23 64.13 -42.87 81.05
C LYS XB 23 63.13 -42.84 82.19
N ILE XB 24 63.49 -42.15 83.27
CA ILE XB 24 62.66 -42.06 84.46
C ILE XB 24 62.25 -40.60 84.64
N LYS XB 25 60.94 -40.37 84.67
CA LYS XB 25 60.39 -39.02 84.76
C LYS XB 25 59.78 -38.80 86.13
N LYS XB 26 60.09 -37.67 86.75
CA LYS XB 26 59.53 -37.28 88.03
C LYS XB 26 58.48 -36.19 87.80
N ASN XB 27 57.26 -36.45 88.28
CA ASN XB 27 56.19 -35.47 88.26
C ASN XB 27 55.78 -35.14 89.69
N LYS XB 28 54.82 -34.24 89.83
CA LYS XB 28 54.32 -33.89 91.15
C LYS XB 28 53.57 -35.05 91.79
N ASP XB 29 52.80 -35.79 91.00
CA ASP XB 29 51.94 -36.83 91.53
C ASP XB 29 52.32 -38.25 91.14
N ASN XB 30 53.30 -38.43 90.26
CA ASN XB 30 53.63 -39.77 89.79
C ASN XB 30 55.06 -39.78 89.28
N VAL XB 31 55.59 -40.99 89.13
CA VAL XB 31 56.90 -41.22 88.53
C VAL XB 31 56.72 -42.18 87.37
N LYS XB 32 57.20 -41.79 86.20
CA LYS XB 32 57.03 -42.56 84.98
C LYS XB 32 58.36 -43.20 84.58
N PHE XB 33 58.28 -44.43 84.07
CA PHE XB 33 59.44 -45.12 83.53
C PHE XB 33 59.21 -45.29 82.02
N LYS XB 34 60.14 -44.75 81.24
CA LYS XB 34 60.02 -44.72 79.78
C LYS XB 34 61.09 -45.63 79.21
N VAL XB 35 60.72 -46.85 78.83
CA VAL XB 35 61.64 -47.78 78.19
C VAL XB 35 61.47 -47.64 76.68
N ARG XB 36 62.59 -47.66 75.97
CA ARG XB 36 62.60 -47.48 74.53
C ARG XB 36 62.88 -48.82 73.86
N CYS XB 37 61.85 -49.40 73.25
CA CYS XB 37 62.03 -50.61 72.46
C CYS XB 37 62.29 -50.22 71.00
N SER XB 38 62.45 -51.25 70.17
CA SER XB 38 62.71 -51.01 68.75
C SER XB 38 61.54 -50.30 68.07
N ARG XB 39 60.32 -50.67 68.44
CA ARG XB 39 59.12 -50.13 67.80
C ARG XB 39 58.39 -49.10 68.66
N TYR XB 40 58.10 -49.43 69.91
CA TYR XB 40 57.31 -48.56 70.78
C TYR XB 40 58.13 -48.13 71.99
N LEU XB 41 57.73 -46.99 72.55
CA LEU XB 41 58.22 -46.54 73.83
C LEU XB 41 57.15 -46.84 74.87
N TYR XB 42 57.42 -47.80 75.75
CA TYR XB 42 56.45 -48.25 76.74
C TYR XB 42 56.61 -47.43 78.00
N THR XB 43 55.52 -46.81 78.44
CA THR XB 43 55.51 -45.98 79.63
C THR XB 43 54.71 -46.69 80.72
N LEU XB 44 55.29 -46.77 81.91
CA LEU XB 44 54.62 -47.31 83.08
C LEU XB 44 54.55 -46.22 84.14
N VAL XB 45 53.35 -45.96 84.65
CA VAL XB 45 53.11 -44.88 85.60
C VAL XB 45 52.78 -45.49 86.95
N ILE XB 46 53.44 -44.99 87.99
CA ILE XB 46 53.22 -45.45 89.36
C ILE XB 46 52.84 -44.25 90.20
N THR XB 47 51.70 -44.34 90.89
CA THR XB 47 51.32 -43.29 91.82
C THR XB 47 52.11 -43.39 93.12
N ASP XB 48 52.47 -44.60 93.54
CA ASP XB 48 53.27 -44.78 94.74
C ASP XB 48 54.70 -44.33 94.50
N LYS XB 49 55.43 -44.10 95.59
CA LYS XB 49 56.81 -43.68 95.54
C LYS XB 49 57.79 -44.81 95.84
N GLU XB 50 57.59 -45.53 96.96
CA GLU XB 50 58.55 -46.55 97.37
C GLU XB 50 58.59 -47.70 96.37
N LYS XB 51 57.48 -47.99 95.69
CA LYS XB 51 57.49 -49.06 94.71
C LYS XB 51 58.43 -48.75 93.55
N ALA XB 52 58.44 -47.49 93.11
CA ALA XB 52 59.38 -47.09 92.06
C ALA XB 52 60.82 -47.22 92.52
N GLU XB 53 61.09 -46.82 93.77
CA GLU XB 53 62.42 -47.01 94.33
C GLU XB 53 62.75 -48.48 94.44
N LYS XB 54 61.79 -49.30 94.86
CA LYS XB 54 61.96 -50.75 94.84
C LYS XB 54 62.15 -51.25 93.42
N LEU XB 55 61.37 -50.72 92.47
CA LEU XB 55 61.55 -51.09 91.07
C LEU XB 55 62.90 -50.61 90.56
N LYS XB 56 63.34 -49.43 91.00
CA LYS XB 56 64.68 -48.94 90.64
C LYS XB 56 65.75 -49.92 91.10
N GLN XB 57 65.59 -50.46 92.31
CA GLN XB 57 66.51 -51.47 92.79
C GLN XB 57 66.47 -52.73 91.94
N SER XB 58 65.28 -53.10 91.47
CA SER XB 58 65.09 -54.31 90.68
C SER XB 58 65.29 -54.08 89.19
N LEU XB 59 65.82 -52.93 88.79
CA LEU XB 59 66.03 -52.67 87.38
C LEU XB 59 67.12 -53.58 86.82
N PRO XB 60 66.95 -54.09 85.60
CA PRO XB 60 67.93 -55.02 85.04
C PRO XB 60 69.25 -54.33 84.76
N PRO XB 61 70.38 -55.03 84.93
CA PRO XB 61 71.67 -54.44 84.59
C PRO XB 61 71.90 -54.41 83.09
N GLY XB 62 73.02 -53.85 82.66
CA GLY XB 62 73.30 -53.73 81.24
C GLY XB 62 72.30 -52.89 80.50
N LEU XB 63 71.72 -51.90 81.15
CA LEU XB 63 70.66 -51.09 80.57
C LEU XB 63 70.82 -49.65 81.05
N ALA XB 64 70.48 -48.70 80.20
CA ALA XB 64 70.61 -47.29 80.55
C ALA XB 64 69.54 -46.90 81.56
N VAL XB 65 69.97 -46.33 82.68
CA VAL XB 65 69.08 -45.96 83.77
C VAL XB 65 69.16 -44.44 83.89
N LYS XB 66 69.33 -43.78 82.74
CA LYS XB 66 69.42 -42.33 82.71
C LYS XB 66 68.11 -41.71 83.18
N GLU XB 67 68.21 -40.72 84.07
CA GLU XB 67 67.05 -40.07 84.65
C GLU XB 67 67.01 -38.61 84.22
N LEU XB 68 65.80 -38.07 84.08
CA LEU XB 68 65.59 -36.74 83.52
C LEU XB 68 65.91 -35.61 84.49
N LYS XB 69 66.08 -35.90 85.79
CA LYS XB 69 66.24 -34.84 86.78
C LYS XB 69 67.56 -34.98 87.53
N SER YB 1 58.78 -22.24 37.16
CA SER YB 1 58.06 -23.45 37.54
C SER YB 1 58.90 -24.31 38.47
N SER YB 2 58.32 -24.67 39.61
CA SER YB 2 59.03 -25.54 40.54
C SER YB 2 59.13 -26.97 40.01
N HIS YB 3 58.09 -27.44 39.33
CA HIS YB 3 58.08 -28.79 38.76
C HIS YB 3 58.74 -28.72 37.39
N LYS YB 4 59.97 -29.20 37.29
CA LYS YB 4 60.71 -29.19 36.04
C LYS YB 4 61.32 -30.56 35.80
N THR YB 5 61.38 -30.95 34.54
CA THR YB 5 61.98 -32.24 34.18
C THR YB 5 63.49 -32.18 34.28
N PHE YB 6 64.11 -33.36 34.28
CA PHE YB 6 65.55 -33.43 34.39
C PHE YB 6 66.23 -32.85 33.15
N ARG YB 7 65.63 -33.04 31.98
CA ARG YB 7 66.21 -32.49 30.75
C ARG YB 7 66.22 -30.96 30.79
N ILE YB 8 65.13 -30.36 31.27
CA ILE YB 8 65.07 -28.91 31.36
C ILE YB 8 66.06 -28.38 32.38
N LYS YB 9 66.14 -29.02 33.55
CA LYS YB 9 67.01 -28.55 34.61
C LYS YB 9 68.47 -28.56 34.18
N ARG YB 10 68.89 -29.63 33.49
CA ARG YB 10 70.25 -29.65 32.96
C ARG YB 10 70.43 -28.63 31.86
N PHE YB 11 69.38 -28.37 31.07
CA PHE YB 11 69.49 -27.35 30.03
C PHE YB 11 69.67 -25.97 30.61
N LEU YB 12 68.96 -25.66 31.70
CA LEU YB 12 69.13 -24.37 32.36
C LEU YB 12 70.55 -24.23 32.92
N ALA YB 13 71.18 -25.33 33.29
CA ALA YB 13 72.49 -25.28 33.91
C ALA YB 13 73.53 -24.70 32.95
N LYS YB 14 73.51 -25.14 31.68
CA LYS YB 14 74.51 -24.65 30.73
C LYS YB 14 74.28 -23.19 30.40
N LYS YB 15 73.02 -22.78 30.23
CA LYS YB 15 72.73 -21.37 29.99
C LYS YB 15 73.12 -20.51 31.18
N GLN YB 16 73.06 -21.07 32.39
CA GLN YB 16 73.48 -20.32 33.57
C GLN YB 16 75.00 -20.22 33.64
N LYS YB 17 75.71 -21.31 33.28
CA LYS YB 17 77.15 -21.31 33.44
C LYS YB 17 77.85 -20.47 32.38
N GLN YB 18 77.21 -20.23 31.24
CA GLN YB 18 77.80 -19.43 30.19
C GLN YB 18 77.41 -17.96 30.26
N ASN YB 19 76.58 -17.57 31.21
CA ASN YB 19 76.18 -16.18 31.37
C ASN YB 19 77.04 -15.52 32.45
N ARG YB 20 78.33 -15.43 32.16
CA ARG YB 20 79.29 -14.85 33.08
C ARG YB 20 80.27 -13.99 32.28
N PRO YB 21 80.88 -12.99 32.92
CA PRO YB 21 81.84 -12.15 32.20
C PRO YB 21 83.08 -12.93 31.80
N ILE YB 22 83.72 -12.44 30.74
CA ILE YB 22 84.97 -13.04 30.25
C ILE YB 22 86.06 -12.82 31.29
N PRO YB 23 87.04 -13.72 31.38
CA PRO YB 23 88.15 -13.50 32.31
C PRO YB 23 88.97 -12.28 31.90
N GLN YB 24 89.54 -11.62 32.91
CA GLN YB 24 90.30 -10.40 32.65
C GLN YB 24 91.56 -10.68 31.82
N TRP YB 25 92.25 -11.79 32.11
CA TRP YB 25 93.51 -12.08 31.43
C TRP YB 25 93.34 -12.41 29.96
N ILE YB 26 92.11 -12.61 29.49
CA ILE YB 26 91.88 -12.83 28.06
C ILE YB 26 92.28 -11.58 27.28
N ARG YB 27 92.00 -10.40 27.82
CA ARG YB 27 92.36 -9.15 27.15
C ARG YB 27 93.86 -8.96 27.03
N MET YB 28 94.66 -9.72 27.77
CA MET YB 28 96.11 -9.65 27.64
C MET YB 28 96.66 -10.60 26.58
N LYS YB 29 95.83 -11.47 26.01
CA LYS YB 29 96.31 -12.39 24.98
C LYS YB 29 96.54 -11.63 23.68
N THR YB 30 97.61 -12.00 22.98
CA THR YB 30 97.95 -11.36 21.72
C THR YB 30 96.91 -11.70 20.66
N GLY YB 31 96.60 -10.72 19.82
CA GLY YB 31 95.57 -10.88 18.82
C GLY YB 31 94.22 -11.13 19.45
N ASN YB 32 93.87 -10.33 20.46
CA ASN YB 32 92.65 -10.58 21.23
C ASN YB 32 91.41 -10.27 20.41
N LYS YB 33 91.25 -9.01 20.02
CA LYS YB 33 90.09 -8.51 19.28
C LYS YB 33 88.77 -8.72 20.01
N ILE YB 34 88.80 -9.11 21.28
CA ILE YB 34 87.61 -9.38 22.06
C ILE YB 34 87.58 -8.41 23.23
N ARG YB 35 86.49 -7.66 23.37
CA ARG YB 35 86.34 -6.69 24.44
C ARG YB 35 85.54 -7.24 25.61
N TYR YB 36 84.32 -7.72 25.35
CA TYR YB 36 83.46 -8.26 26.39
C TYR YB 36 82.66 -9.42 25.82
N ASN YB 37 81.79 -9.98 26.65
CA ASN YB 37 80.94 -11.09 26.23
C ASN YB 37 79.68 -10.54 25.57
N SER YB 38 79.61 -10.67 24.25
CA SER YB 38 78.42 -10.22 23.53
C SER YB 38 77.24 -11.16 23.73
N LYS YB 39 77.48 -12.37 24.22
CA LYS YB 39 76.44 -13.36 24.40
C LYS YB 39 75.77 -13.28 25.77
N ARG YB 40 76.09 -12.25 26.55
CA ARG YB 40 75.47 -12.09 27.87
C ARG YB 40 73.96 -11.95 27.73
N ARG YB 41 73.24 -12.64 28.61
CA ARG YB 41 71.79 -12.65 28.59
C ARG YB 41 71.27 -12.32 29.98
N HIS YB 42 70.40 -11.31 30.06
CA HIS YB 42 69.70 -11.01 31.30
C HIS YB 42 68.32 -11.64 31.28
N TRP YB 43 67.82 -11.99 32.47
CA TRP YB 43 66.56 -12.72 32.56
C TRP YB 43 65.37 -11.85 32.22
N ARG YB 44 65.48 -10.53 32.37
CA ARG YB 44 64.33 -9.66 32.13
C ARG YB 44 64.29 -9.10 30.72
N ARG YB 45 65.44 -8.85 30.10
CA ARG YB 45 65.45 -8.28 28.76
C ARG YB 45 65.03 -9.32 27.72
N THR YB 46 65.78 -10.40 27.63
CA THR YB 46 65.48 -11.48 26.69
C THR YB 46 65.29 -12.78 27.43
N LYS YB 47 64.38 -13.61 26.91
CA LYS YB 47 64.05 -14.89 27.53
C LYS YB 47 64.82 -16.02 26.86
N LEU YB 48 64.76 -17.19 27.49
CA LEU YB 48 65.45 -18.35 26.94
C LEU YB 48 64.68 -18.91 25.74
N GLY YB 49 65.29 -19.90 25.09
CA GLY YB 49 64.66 -20.51 23.94
C GLY YB 49 63.34 -21.19 24.27
N LEU YB 50 63.28 -21.85 25.43
CA LEU YB 50 62.05 -22.46 25.88
C LEU YB 50 61.14 -21.39 26.51
N ILE ZB 1 -12.51 79.01 7.76
CA ILE ZB 1 -13.16 80.28 7.48
C ILE ZB 1 -12.23 81.21 6.73
N ILE ZB 2 -11.24 80.61 6.05
CA ILE ZB 2 -10.27 81.40 5.31
C ILE ZB 2 -10.95 82.04 4.12
N GLU ZB 3 -10.95 83.37 4.08
CA GLU ZB 3 -11.56 84.09 2.97
C GLU ZB 3 -10.75 83.86 1.69
N PRO ZB 4 -11.41 83.84 0.52
CA PRO ZB 4 -10.76 83.31 -0.69
C PRO ZB 4 -9.50 84.03 -1.13
N SER ZB 5 -9.40 85.34 -0.91
CA SER ZB 5 -8.22 86.07 -1.40
C SER ZB 5 -6.95 85.58 -0.70
N LEU ZB 6 -7.02 85.34 0.61
CA LEU ZB 6 -5.91 84.72 1.29
C LEU ZB 6 -5.79 83.24 0.97
N ARG ZB 7 -6.91 82.60 0.64
CA ARG ZB 7 -6.88 81.18 0.27
C ARG ZB 7 -6.08 80.97 -1.01
N GLN ZB 8 -6.26 81.87 -1.99
CA GLN ZB 8 -5.53 81.74 -3.25
C GLN ZB 8 -4.04 81.88 -3.05
N LEU ZB 9 -3.62 82.78 -2.16
CA LEU ZB 9 -2.20 82.97 -1.90
C LEU ZB 9 -1.58 81.72 -1.31
N ALA ZB 10 -2.29 81.06 -0.39
CA ALA ZB 10 -1.77 79.82 0.19
C ALA ZB 10 -1.64 78.73 -0.86
N GLN ZB 11 -2.63 78.61 -1.75
CA GLN ZB 11 -2.59 77.59 -2.79
C GLN ZB 11 -1.49 77.86 -3.81
N LYS ZB 12 -1.02 79.10 -3.92
CA LYS ZB 12 0.11 79.40 -4.80
C LYS ZB 12 1.35 78.65 -4.37
N TYR ZB 13 1.63 78.62 -3.06
CA TYR ZB 13 2.81 77.95 -2.55
C TYR ZB 13 2.60 76.48 -2.26
N ASN ZB 14 1.39 75.97 -2.43
CA ASN ZB 14 1.08 74.61 -2.01
C ASN ZB 14 0.41 73.74 -3.08
N CYS ZB 15 -0.32 74.33 -4.00
CA CYS ZB 15 -1.03 73.50 -4.97
C CYS ZB 15 -0.71 73.84 -6.42
N ASP ZB 16 -0.52 75.13 -6.74
CA ASP ZB 16 -0.29 75.54 -8.12
C ASP ZB 16 1.13 75.20 -8.55
N LYS ZB 17 1.42 73.92 -8.76
CA LYS ZB 17 2.78 73.51 -9.07
C LYS ZB 17 2.75 72.26 -9.95
N MET ZB 18 3.84 72.05 -10.67
CA MET ZB 18 4.01 70.89 -11.53
C MET ZB 18 4.88 69.86 -10.83
N ILE ZB 19 4.66 68.58 -11.15
CA ILE ZB 19 5.34 67.47 -10.50
C ILE ZB 19 6.06 66.64 -11.56
N CYS ZB 20 7.33 66.33 -11.30
CA CYS ZB 20 8.07 65.43 -12.17
C CYS ZB 20 7.60 64.00 -11.98
N ARG ZB 21 7.32 63.30 -13.08
CA ARG ZB 21 6.84 61.94 -12.99
C ARG ZB 21 7.90 60.95 -12.58
N LYS ZB 22 9.18 61.29 -12.75
CA LYS ZB 22 10.25 60.33 -12.53
C LYS ZB 22 10.89 60.44 -11.15
N CYS ZB 23 10.97 61.66 -10.59
CA CYS ZB 23 11.63 61.85 -9.31
C CYS ZB 23 10.76 62.54 -8.27
N TYR ZB 24 9.50 62.83 -8.58
CA TYR ZB 24 8.55 63.43 -7.64
C TYR ZB 24 9.06 64.75 -7.06
N ALA ZB 25 9.73 65.57 -7.87
CA ALA ZB 25 10.14 66.87 -7.41
C ALA ZB 25 8.99 67.87 -7.52
N ARG ZB 26 9.15 69.02 -6.87
CA ARG ZB 26 8.18 70.09 -6.90
C ARG ZB 26 8.72 71.23 -7.75
N LEU ZB 27 7.98 71.59 -8.79
CA LEU ZB 27 8.41 72.54 -9.79
C LEU ZB 27 7.40 73.67 -9.92
N HIS ZB 28 7.89 74.84 -10.35
CA HIS ZB 28 7.00 75.96 -10.58
C HIS ZB 28 6.04 75.63 -11.72
N PRO ZB 29 4.81 76.18 -11.68
CA PRO ZB 29 3.77 75.72 -12.61
C PRO ZB 29 4.09 75.96 -14.08
N ARG ZB 30 5.00 76.87 -14.40
CA ARG ZB 30 5.35 77.15 -15.77
C ARG ZB 30 6.57 76.38 -16.25
N ALA ZB 31 7.07 75.45 -15.44
CA ALA ZB 31 8.27 74.69 -15.80
C ALA ZB 31 8.00 73.78 -16.99
N VAL ZB 32 9.08 73.47 -17.71
CA VAL ZB 32 9.03 72.55 -18.84
C VAL ZB 32 9.85 71.28 -18.58
N ASN ZB 33 11.03 71.44 -17.99
CA ASN ZB 33 11.89 70.32 -17.65
C ASN ZB 33 12.23 70.38 -16.17
N CYS ZB 34 12.25 69.21 -15.53
CA CYS ZB 34 12.58 69.16 -14.10
C CYS ZB 34 14.02 69.61 -13.88
N ARG ZB 35 14.24 70.34 -12.80
CA ARG ZB 35 15.54 70.92 -12.51
C ARG ZB 35 16.50 69.95 -11.86
N LYS ZB 36 16.06 68.73 -11.53
CA LYS ZB 36 16.84 67.83 -10.71
C LYS ZB 36 17.69 66.90 -11.56
N LYS ZB 37 18.91 66.64 -11.08
CA LYS ZB 37 19.85 65.82 -11.83
C LYS ZB 37 19.39 64.37 -11.94
N LYS ZB 38 18.94 63.79 -10.83
CA LYS ZB 38 18.73 62.35 -10.78
C LYS ZB 38 17.61 61.88 -11.71
N CYS ZB 39 16.69 62.77 -12.08
CA CYS ZB 39 15.69 62.42 -13.09
C CYS ZB 39 16.18 62.71 -14.50
N GLY ZB 40 17.39 63.23 -14.66
CA GLY ZB 40 17.92 63.51 -15.98
C GLY ZB 40 17.29 64.68 -16.68
N HIS ZB 41 16.68 65.60 -15.93
CA HIS ZB 41 15.98 66.76 -16.50
C HIS ZB 41 14.97 66.33 -17.56
N THR ZB 42 14.14 65.36 -17.20
CA THR ZB 42 13.14 64.84 -18.12
C THR ZB 42 12.06 65.89 -18.36
N ASN ZB 43 11.14 65.57 -19.25
CA ASN ZB 43 10.06 66.47 -19.61
C ASN ZB 43 8.68 65.95 -19.23
N ASN ZB 44 8.58 64.71 -18.73
CA ASN ZB 44 7.29 64.16 -18.31
C ASN ZB 44 6.89 64.82 -17.01
N LEU ZB 45 6.12 65.90 -17.10
CA LEU ZB 45 5.64 66.63 -15.95
C LEU ZB 45 4.12 66.58 -15.89
N ARG ZB 46 3.57 66.44 -14.70
CA ARG ZB 46 2.13 66.46 -14.51
C ARG ZB 46 1.76 67.52 -13.49
N PRO ZB 47 0.58 68.11 -13.63
CA PRO ZB 47 0.12 69.06 -12.62
C PRO ZB 47 -0.13 68.36 -11.30
N LYS ZB 48 0.13 69.07 -10.21
CA LYS ZB 48 -0.16 68.53 -8.88
C LYS ZB 48 -1.66 68.36 -8.72
N LYS ZB 49 -2.07 67.19 -8.25
CA LYS ZB 49 -3.48 66.90 -8.09
C LYS ZB 49 -4.09 67.77 -7.00
N LYS ZB 50 -5.37 68.07 -7.16
CA LYS ZB 50 -6.08 68.95 -6.24
C LYS ZB 50 -6.72 68.13 -5.12
N VAL ZB 51 -7.58 68.79 -4.33
CA VAL ZB 51 -8.31 68.11 -3.26
C VAL ZB 51 -9.71 67.69 -3.69
N LYS ZB 52 -10.07 67.87 -4.96
CA LYS ZB 52 -11.43 67.65 -5.42
C LYS ZB 52 -11.60 66.27 -6.03
N MET AC 1 -38.22 -12.59 7.51
CA MET AC 1 -37.22 -13.64 7.68
C MET AC 1 -37.70 -14.76 8.59
N ARG AC 2 -37.24 -15.97 8.31
CA ARG AC 2 -37.41 -17.06 9.25
C ARG AC 2 -36.72 -16.73 10.56
N ALA AC 3 -37.37 -17.05 11.68
CA ALA AC 3 -36.85 -16.66 12.98
C ALA AC 3 -35.50 -17.30 13.28
N LYS AC 4 -35.26 -18.50 12.75
CA LYS AC 4 -33.96 -19.12 12.93
C LYS AC 4 -32.86 -18.33 12.25
N TRP AC 5 -33.11 -17.87 11.02
CA TRP AC 5 -32.09 -17.08 10.32
C TRP AC 5 -31.96 -15.69 10.94
N ARG AC 6 -33.05 -15.13 11.45
CA ARG AC 6 -32.95 -13.87 12.18
C ARG AC 6 -32.07 -14.02 13.41
N LYS AC 7 -32.20 -15.13 14.13
CA LYS AC 7 -31.35 -15.39 15.27
C LYS AC 7 -29.89 -15.54 14.86
N LYS AC 8 -29.63 -16.23 13.76
CA LYS AC 8 -28.26 -16.37 13.26
C LYS AC 8 -27.71 -15.03 12.80
N ARG AC 9 -28.53 -14.22 12.13
CA ARG AC 9 -28.09 -12.87 11.76
C ARG AC 9 -27.74 -12.05 12.99
N MET AC 10 -28.54 -12.19 14.05
CA MET AC 10 -28.22 -11.53 15.31
C MET AC 10 -26.92 -12.06 15.89
N ARG AC 11 -26.68 -13.37 15.76
CA ARG AC 11 -25.45 -13.97 16.28
C ARG AC 11 -24.22 -13.41 15.57
N ARG AC 12 -24.28 -13.29 14.24
CA ARG AC 12 -23.18 -12.71 13.51
C ARG AC 12 -22.98 -11.25 13.86
N LEU AC 13 -24.07 -10.54 14.14
CA LEU AC 13 -23.95 -9.17 14.62
C LEU AC 13 -23.30 -9.13 15.99
N LYS AC 14 -23.65 -10.07 16.87
CA LYS AC 14 -23.04 -10.10 18.19
C LYS AC 14 -21.55 -10.38 18.12
N ARG AC 15 -21.14 -11.29 17.24
CA ARG AC 15 -19.72 -11.57 17.10
C ARG AC 15 -18.98 -10.43 16.41
N LYS AC 16 -19.70 -9.46 15.85
CA LYS AC 16 -19.05 -8.26 15.33
C LYS AC 16 -18.99 -7.16 16.40
N ARG AC 17 -20.05 -7.03 17.21
CA ARG AC 17 -20.03 -6.04 18.28
C ARG AC 17 -18.97 -6.37 19.31
N ARG AC 18 -18.79 -7.66 19.62
CA ARG AC 18 -17.76 -8.06 20.58
C ARG AC 18 -16.37 -7.79 20.03
N LYS AC 19 -16.21 -7.83 18.70
CA LYS AC 19 -14.90 -7.62 18.10
C LYS AC 19 -14.43 -6.18 18.27
N MET AC 20 -15.32 -5.22 18.03
CA MET AC 20 -14.94 -3.82 18.17
C MET AC 20 -14.72 -3.44 19.62
N ARG AC 21 -15.52 -4.01 20.53
CA ARG AC 21 -15.31 -3.75 21.96
C ARG AC 21 -13.96 -4.27 22.42
N GLN AC 22 -13.59 -5.47 21.98
CA GLN AC 22 -12.26 -5.99 22.29
C GLN AC 22 -11.19 -5.18 21.58
N ARG AC 23 -11.51 -4.60 20.41
CA ARG AC 23 -10.55 -3.82 19.66
C ARG AC 23 -10.15 -2.56 20.43
N SER AC 24 -11.05 -2.04 21.25
CA SER AC 24 -10.76 -0.86 22.06
C SER AC 24 -10.16 -1.25 23.40
N VAL BC 1 13.55 -15.32 -56.60
CA VAL BC 1 13.86 -15.22 -58.01
C VAL BC 1 13.45 -16.50 -58.73
N ASN BC 2 13.34 -16.42 -60.05
CA ASN BC 2 13.05 -17.58 -60.89
C ASN BC 2 14.15 -17.75 -61.92
N VAL BC 3 14.60 -18.98 -62.09
CA VAL BC 3 15.55 -19.31 -63.14
C VAL BC 3 15.02 -20.51 -63.92
N PRO BC 4 15.20 -20.54 -65.24
CA PRO BC 4 14.74 -21.70 -66.00
C PRO BC 4 15.56 -22.94 -65.67
N LYS BC 5 14.91 -24.10 -65.77
CA LYS BC 5 15.57 -25.36 -65.46
C LYS BC 5 16.65 -25.71 -66.47
N THR BC 6 16.67 -25.08 -67.64
CA THR BC 6 17.71 -25.26 -68.62
C THR BC 6 18.14 -23.91 -69.18
N ARG BC 7 19.41 -23.81 -69.55
CA ARG BC 7 19.92 -22.62 -70.21
C ARG BC 7 21.07 -23.03 -71.11
N ARG BC 8 21.29 -22.25 -72.16
CA ARG BC 8 22.31 -22.54 -73.15
C ARG BC 8 23.48 -21.58 -72.94
N THR BC 9 24.55 -22.10 -72.36
CA THR BC 9 25.73 -21.30 -72.03
C THR BC 9 26.97 -21.99 -72.53
N PHE BC 10 28.11 -21.32 -72.34
CA PHE BC 10 29.39 -21.88 -72.76
C PHE BC 10 29.74 -23.10 -71.92
N CYS BC 11 30.43 -24.05 -72.55
CA CYS BC 11 30.90 -25.26 -71.90
C CYS BC 11 32.41 -25.36 -72.10
N LYS BC 12 33.15 -25.40 -70.99
CA LYS BC 12 34.61 -25.40 -71.08
C LYS BC 12 35.13 -26.67 -71.74
N LYS BC 13 34.55 -27.82 -71.40
CA LYS BC 13 34.98 -29.07 -72.02
C LYS BC 13 34.67 -29.10 -73.50
N CYS BC 14 33.44 -28.73 -73.88
CA CYS BC 14 33.08 -28.70 -75.29
C CYS BC 14 33.70 -27.54 -76.03
N GLY BC 15 34.06 -26.46 -75.32
CA GLY BC 15 34.64 -25.31 -75.97
C GLY BC 15 33.66 -24.50 -76.80
N LYS BC 16 32.37 -24.65 -76.56
CA LYS BC 16 31.36 -23.93 -77.33
C LYS BC 16 30.09 -23.85 -76.51
N HIS BC 17 29.21 -22.93 -76.90
CA HIS BC 17 27.92 -22.82 -76.23
C HIS BC 17 27.10 -24.08 -76.42
N GLN BC 18 26.59 -24.61 -75.31
CA GLN BC 18 25.80 -25.83 -75.31
C GLN BC 18 24.63 -25.67 -74.37
N PRO BC 19 23.54 -26.39 -74.60
CA PRO BC 19 22.47 -26.44 -73.60
C PRO BC 19 22.98 -27.08 -72.32
N HIS BC 20 22.43 -26.63 -71.20
CA HIS BC 20 22.94 -27.03 -69.90
C HIS BC 20 21.78 -27.28 -68.94
N LYS BC 21 21.72 -28.48 -68.39
CA LYS BC 21 20.75 -28.77 -67.35
C LYS BC 21 21.14 -28.03 -66.08
N VAL BC 22 20.15 -27.44 -65.41
CA VAL BC 22 20.39 -26.57 -64.26
C VAL BC 22 19.63 -27.10 -63.06
N THR BC 23 20.34 -27.30 -61.96
CA THR BC 23 19.77 -27.64 -60.66
C THR BC 23 20.42 -26.75 -59.60
N GLN BC 24 19.98 -26.90 -58.36
CA GLN BC 24 20.50 -26.12 -57.25
C GLN BC 24 21.55 -26.93 -56.51
N TYR BC 25 22.68 -26.29 -56.22
CA TYR BC 25 23.78 -26.97 -55.55
C TYR BC 25 23.52 -27.04 -54.04
N LYS BC 26 23.69 -28.23 -53.47
CA LYS BC 26 23.54 -28.46 -52.05
C LYS BC 26 24.79 -29.11 -51.49
N LYS BC 27 25.15 -28.73 -50.27
CA LYS BC 27 26.34 -29.28 -49.63
C LYS BC 27 26.15 -30.75 -49.32
N GLY BC 28 27.19 -31.54 -49.58
CA GLY BC 28 27.15 -32.95 -49.32
C GLY BC 28 27.50 -33.28 -47.88
N LYS BC 29 27.62 -34.58 -47.63
CA LYS BC 29 27.98 -35.06 -46.30
C LYS BC 29 29.41 -34.67 -45.94
N ASP BC 30 29.65 -34.49 -44.65
CA ASP BC 30 31.00 -34.31 -44.15
C ASP BC 30 31.68 -35.67 -44.07
N SER BC 31 32.83 -35.80 -44.73
CA SER BC 31 33.44 -37.12 -44.93
C SER BC 31 33.95 -37.72 -43.63
N LEU BC 32 34.18 -36.89 -42.61
CA LEU BC 32 34.64 -37.32 -41.28
C LEU BC 32 36.06 -37.88 -41.34
N TYR BC 33 36.63 -38.00 -42.53
CA TYR BC 33 37.99 -38.48 -42.72
C TYR BC 33 38.88 -37.48 -43.42
N ALA BC 34 38.38 -36.27 -43.69
CA ALA BC 34 39.24 -35.20 -44.17
C ALA BC 34 40.19 -34.78 -43.06
N GLN BC 35 41.32 -34.19 -43.46
CA GLN BC 35 42.37 -33.87 -42.49
C GLN BC 35 41.89 -32.87 -41.44
N GLY BC 36 40.94 -32.00 -41.80
CA GLY BC 36 40.41 -31.07 -40.82
C GLY BC 36 39.66 -31.76 -39.70
N LYS BC 37 38.82 -32.73 -40.06
CA LYS BC 37 38.05 -33.44 -39.04
C LYS BC 37 38.95 -34.33 -38.20
N ARG BC 38 39.92 -34.99 -38.83
CA ARG BC 38 40.83 -35.87 -38.10
C ARG BC 38 41.63 -35.10 -37.06
N ARG BC 39 42.13 -33.92 -37.45
CA ARG BC 39 42.82 -33.08 -36.47
C ARG BC 39 41.86 -32.58 -35.41
N TYR BC 40 40.64 -32.22 -35.82
CA TYR BC 40 39.64 -31.73 -34.87
C TYR BC 40 39.27 -32.82 -33.87
N ASP BC 41 39.05 -34.05 -34.36
CA ASP BC 41 38.69 -35.14 -33.47
C ASP BC 41 39.82 -35.48 -32.51
N ARG BC 42 41.05 -35.51 -33.01
CA ARG BC 42 42.19 -35.78 -32.13
C ARG BC 42 42.38 -34.67 -31.11
N LYS BC 43 42.22 -33.42 -31.53
CA LYS BC 43 42.39 -32.30 -30.61
C LYS BC 43 41.31 -32.28 -29.54
N GLN BC 44 40.07 -32.56 -29.92
CA GLN BC 44 38.97 -32.54 -28.97
C GLN BC 44 38.97 -33.75 -28.05
N SER BC 45 39.72 -34.80 -28.38
CA SER BC 45 39.81 -35.96 -27.51
C SER BC 45 40.55 -35.61 -26.23
N GLY BC 46 40.21 -36.31 -25.16
CA GLY BC 46 40.81 -36.06 -23.88
C GLY BC 46 40.21 -34.85 -23.18
N TYR BC 47 40.80 -34.52 -22.04
CA TYR BC 47 40.34 -33.38 -21.25
C TYR BC 47 40.79 -32.08 -21.89
N GLY BC 48 40.04 -31.02 -21.60
CA GLY BC 48 40.35 -29.71 -22.14
C GLY BC 48 39.14 -28.98 -22.67
N GLY BC 49 38.04 -29.70 -22.86
CA GLY BC 49 36.84 -29.06 -23.35
C GLY BC 49 36.94 -28.70 -24.82
N GLN BC 50 36.10 -27.75 -25.22
CA GLN BC 50 36.07 -27.29 -26.60
C GLN BC 50 37.35 -26.53 -26.91
N THR BC 51 38.01 -26.90 -28.01
CA THR BC 51 39.30 -26.32 -28.39
C THR BC 51 39.22 -25.50 -29.66
N LYS BC 52 38.02 -25.23 -30.17
CA LYS BC 52 37.84 -24.48 -31.39
C LYS BC 52 36.73 -23.46 -31.21
N PRO BC 53 36.78 -22.34 -31.92
CA PRO BC 53 35.70 -21.37 -31.83
C PRO BC 53 34.39 -21.91 -32.39
N ILE BC 54 33.29 -21.46 -31.81
CA ILE BC 54 31.95 -21.78 -32.28
C ILE BC 54 31.27 -20.47 -32.64
N PHE BC 55 30.83 -20.35 -33.89
CA PHE BC 55 30.51 -19.04 -34.46
C PHE BC 55 29.42 -18.32 -33.66
N ARG BC 56 28.21 -18.89 -33.63
CA ARG BC 56 27.10 -18.48 -32.76
C ARG BC 56 26.77 -16.98 -32.85
N LYS BC 57 27.20 -16.30 -33.90
CA LYS BC 57 26.93 -14.87 -34.10
C LYS BC 57 26.43 -14.61 -35.51
N LYS BC 58 25.46 -15.41 -35.96
CA LYS BC 58 24.96 -15.30 -37.32
C LYS BC 58 24.23 -13.98 -37.52
N ALA BC 59 24.52 -13.33 -38.64
CA ALA BC 59 23.90 -12.06 -38.98
C ALA BC 59 23.24 -12.07 -40.34
N LYS BC 60 23.80 -12.78 -41.32
CA LYS BC 60 23.17 -12.91 -42.62
C LYS BC 60 21.88 -13.73 -42.50
N THR BC 61 20.95 -13.46 -43.40
CA THR BC 61 19.70 -14.22 -43.44
C THR BC 61 19.57 -15.12 -44.66
N THR BC 62 20.27 -14.83 -45.74
CA THR BC 62 20.22 -15.61 -46.97
C THR BC 62 21.62 -16.09 -47.33
N LYS BC 63 21.72 -16.73 -48.49
CA LYS BC 63 22.99 -17.21 -49.03
C LYS BC 63 23.03 -16.90 -50.52
N LYS BC 64 24.25 -16.85 -51.05
CA LYS BC 64 24.39 -16.78 -52.50
C LYS BC 64 24.01 -18.12 -53.10
N ILE BC 65 22.88 -18.17 -53.80
CA ILE BC 65 22.40 -19.42 -54.37
C ILE BC 65 23.31 -19.83 -55.51
N VAL BC 66 23.62 -21.12 -55.57
CA VAL BC 66 24.56 -21.68 -56.56
C VAL BC 66 23.78 -22.57 -57.51
N LEU BC 67 23.98 -22.34 -58.81
CA LEU BC 67 23.34 -23.14 -59.85
C LEU BC 67 24.35 -24.18 -60.33
N ARG BC 68 23.95 -25.45 -60.23
CA ARG BC 68 24.81 -26.56 -60.64
C ARG BC 68 24.53 -26.87 -62.11
N LEU BC 69 25.38 -26.38 -62.99
CA LEU BC 69 25.22 -26.61 -64.42
C LEU BC 69 25.70 -28.01 -64.79
N GLU BC 70 25.22 -28.47 -65.93
CA GLU BC 70 25.66 -29.76 -66.47
C GLU BC 70 25.40 -29.77 -67.96
N CYS BC 71 26.47 -30.00 -68.74
CA CYS BC 71 26.34 -30.06 -70.19
C CYS BC 71 25.46 -31.25 -70.58
N VAL BC 72 24.53 -31.01 -71.51
CA VAL BC 72 23.56 -32.03 -71.88
C VAL BC 72 24.11 -33.07 -72.83
N GLU BC 73 25.30 -32.86 -73.38
CA GLU BC 73 25.88 -33.83 -74.30
C GLU BC 73 26.26 -35.09 -73.54
N PRO BC 74 25.87 -36.28 -74.03
CA PRO BC 74 26.09 -37.49 -73.23
C PRO BC 74 27.55 -37.80 -72.94
N ASN BC 75 28.46 -37.53 -73.88
CA ASN BC 75 29.87 -37.79 -73.62
C ASN BC 75 30.46 -36.79 -72.64
N CYS BC 76 30.00 -35.55 -72.68
CA CYS BC 76 30.50 -34.48 -71.81
C CYS BC 76 29.46 -34.22 -70.72
N ARG BC 77 29.60 -34.92 -69.60
CA ARG BC 77 28.76 -34.69 -68.43
C ARG BC 77 29.38 -33.68 -67.47
N SER BC 78 30.20 -32.77 -67.98
CA SER BC 78 30.93 -31.83 -67.14
C SER BC 78 29.97 -30.88 -66.43
N LYS BC 79 30.33 -30.51 -65.22
CA LYS BC 79 29.54 -29.62 -64.38
C LYS BC 79 30.26 -28.30 -64.15
N ARG BC 80 29.50 -27.29 -63.76
CA ARG BC 80 30.07 -25.99 -63.47
C ARG BC 80 29.31 -25.36 -62.32
N MET BC 81 29.99 -24.50 -61.58
CA MET BC 81 29.42 -23.80 -60.44
C MET BC 81 29.31 -22.32 -60.75
N LEU BC 82 28.12 -21.76 -60.62
CA LEU BC 82 27.90 -20.33 -60.75
C LEU BC 82 27.23 -19.79 -59.49
N ALA BC 83 27.72 -18.65 -59.03
CA ALA BC 83 27.18 -17.97 -57.86
C ALA BC 83 26.47 -16.70 -58.31
N ILE BC 84 25.20 -16.57 -57.94
CA ILE BC 84 24.42 -15.40 -58.25
C ILE BC 84 24.17 -14.62 -56.97
N LYS BC 85 23.56 -13.44 -57.11
CA LYS BC 85 23.32 -12.57 -55.98
C LYS BC 85 22.36 -13.24 -55.00
N ARG BC 86 22.47 -12.82 -53.73
CA ARG BC 86 21.65 -13.42 -52.67
C ARG BC 86 20.17 -13.16 -52.91
N CYS BC 87 19.34 -14.09 -52.47
CA CYS BC 87 17.90 -13.95 -52.61
C CYS BC 87 17.21 -14.74 -51.50
N LYS BC 88 16.03 -14.26 -51.10
CA LYS BC 88 15.26 -14.95 -50.09
C LYS BC 88 14.47 -16.11 -50.70
N HIS BC 89 13.57 -15.80 -51.64
CA HIS BC 89 12.81 -16.83 -52.33
C HIS BC 89 13.54 -17.20 -53.62
N PHE BC 90 13.93 -18.46 -53.72
CA PHE BC 90 14.61 -18.97 -54.90
C PHE BC 90 13.75 -20.07 -55.51
N GLU BC 91 13.38 -19.91 -56.78
CA GLU BC 91 12.48 -20.82 -57.46
C GLU BC 91 13.19 -21.39 -58.69
N LEU BC 92 13.24 -22.72 -58.77
CA LEU BC 92 13.89 -23.41 -59.88
C LEU BC 92 12.82 -23.79 -60.90
N GLY BC 93 12.82 -23.09 -62.03
CA GLY BC 93 11.88 -23.40 -63.09
C GLY BC 93 10.43 -23.14 -62.77
N GLY BC 94 10.13 -22.01 -62.12
CA GLY BC 94 8.76 -21.65 -61.86
C GLY BC 94 8.04 -21.20 -63.11
N ASP BC 95 6.72 -21.06 -62.98
CA ASP BC 95 5.91 -20.62 -64.10
C ASP BC 95 6.27 -19.19 -64.49
N LYS BC 96 6.41 -18.96 -65.79
CA LYS BC 96 6.78 -17.64 -66.28
C LYS BC 96 5.61 -16.68 -66.20
N LYS BC 97 5.93 -15.40 -66.04
CA LYS BC 97 4.92 -14.37 -65.86
C LYS BC 97 4.55 -13.74 -67.20
N ARG BC 98 3.49 -12.93 -67.17
CA ARG BC 98 3.01 -12.17 -68.31
C ARG BC 98 2.88 -10.71 -67.90
N LYS BC 99 2.30 -9.90 -68.78
CA LYS BC 99 2.10 -8.48 -68.52
C LYS BC 99 0.64 -8.11 -68.44
N GLY BC 100 -0.14 -8.38 -69.49
CA GLY BC 100 -1.55 -8.04 -69.51
C GLY BC 100 -2.46 -9.11 -68.96
N GLN BC 101 -2.47 -9.29 -67.64
CA GLN BC 101 -3.26 -10.33 -67.01
C GLN BC 101 -4.20 -9.73 -65.98
N VAL BC 102 -5.37 -10.37 -65.83
CA VAL BC 102 -6.31 -9.96 -64.80
C VAL BC 102 -5.78 -10.37 -63.44
N ILE BC 103 -5.91 -9.48 -62.46
CA ILE BC 103 -5.34 -9.71 -61.14
C ILE BC 103 -6.13 -10.79 -60.42
N GLN BC 104 -5.41 -11.74 -59.83
CA GLN BC 104 -6.04 -12.74 -58.97
C GLN BC 104 -6.56 -12.04 -57.72
N PHE BC 105 -7.84 -12.21 -57.44
CA PHE BC 105 -8.49 -11.47 -56.35
C PHE BC 105 -8.18 -12.09 -55.00
N ALA CC 1 -4.45 -23.40 52.68
CA ALA CC 1 -5.56 -22.85 51.90
C ALA CC 1 -5.37 -23.14 50.42
N LYS CC 2 -6.36 -22.74 49.61
CA LYS CC 2 -6.28 -22.92 48.16
C LYS CC 2 -5.44 -21.79 47.60
N ARG CC 3 -4.15 -22.05 47.43
CA ARG CC 3 -3.21 -21.02 47.00
C ARG CC 3 -3.44 -20.60 45.56
N THR CC 4 -3.77 -21.55 44.69
CA THR CC 4 -3.94 -21.27 43.27
C THR CC 4 -5.34 -21.65 42.82
N LYS CC 5 -5.85 -20.91 41.84
CA LYS CC 5 -7.20 -21.17 41.33
C LYS CC 5 -7.20 -22.38 40.41
N LYS CC 6 -6.41 -22.34 39.34
CA LYS CC 6 -6.43 -23.41 38.34
C LYS CC 6 -5.05 -23.91 37.92
N VAL CC 7 -3.97 -23.16 38.14
CA VAL CC 7 -2.67 -23.59 37.61
C VAL CC 7 -2.15 -24.80 38.37
N GLY CC 8 -2.26 -24.81 39.69
CA GLY CC 8 -1.73 -25.92 40.45
C GLY CC 8 -0.21 -26.00 40.35
N ILE CC 9 0.28 -27.15 39.88
CA ILE CC 9 1.71 -27.44 39.93
C ILE CC 9 2.49 -26.62 38.91
N VAL CC 10 1.85 -26.10 37.87
CA VAL CC 10 2.57 -25.37 36.83
C VAL CC 10 2.70 -23.91 37.24
N GLY CC 11 2.35 -23.60 38.49
CA GLY CC 11 2.52 -22.24 38.97
C GLY CC 11 3.96 -21.81 39.02
N LYS CC 12 4.88 -22.76 39.11
CA LYS CC 12 6.31 -22.43 39.07
C LYS CC 12 6.70 -21.81 37.74
N TYR CC 13 6.08 -22.26 36.65
CA TYR CC 13 6.40 -21.69 35.34
C TYR CC 13 5.90 -20.25 35.24
N GLY CC 14 4.78 -19.94 35.90
CA GLY CC 14 4.31 -18.56 35.94
C GLY CC 14 3.83 -18.07 34.58
N THR CC 15 4.19 -16.83 34.27
CA THR CC 15 3.76 -16.18 33.03
C THR CC 15 4.71 -16.56 31.90
N ARG CC 16 4.72 -17.85 31.58
CA ARG CC 16 5.65 -18.37 30.60
C ARG CC 16 5.03 -19.53 29.83
N TYR CC 17 5.53 -19.73 28.61
CA TYR CC 17 5.32 -20.92 27.78
C TYR CC 17 3.89 -21.10 27.31
N GLY CC 18 2.99 -20.16 27.60
CA GLY CC 18 1.62 -20.30 27.15
C GLY CC 18 0.78 -21.20 28.04
N ALA CC 19 -0.44 -20.79 28.33
CA ALA CC 19 -1.28 -21.53 29.28
C ALA CC 19 -1.62 -22.92 28.76
N SER CC 20 -1.94 -23.03 27.46
CA SER CC 20 -2.34 -24.32 26.92
C SER CC 20 -1.22 -25.34 27.03
N LEU CC 21 0.02 -24.92 26.75
CA LEU CC 21 1.15 -25.81 26.99
C LEU CC 21 1.30 -26.14 28.46
N ARG CC 22 1.14 -25.14 29.33
CA ARG CC 22 1.18 -25.40 30.77
C ARG CC 22 0.03 -26.30 31.19
N LYS CC 23 -1.17 -26.08 30.64
CA LYS CC 23 -2.30 -26.93 30.98
C LYS CC 23 -2.07 -28.36 30.51
N MET CC 24 -1.49 -28.53 29.32
CA MET CC 24 -1.23 -29.86 28.81
C MET CC 24 -0.20 -30.59 29.65
N VAL CC 25 0.89 -29.90 30.03
CA VAL CC 25 1.92 -30.52 30.85
C VAL CC 25 1.50 -30.67 32.29
N LYS CC 26 0.44 -29.98 32.71
CA LYS CC 26 0.01 -30.04 34.11
C LYS CC 26 -0.39 -31.45 34.51
N LYS CC 27 -1.19 -32.11 33.68
CA LYS CC 27 -1.62 -33.46 34.02
C LYS CC 27 -0.49 -34.47 33.92
N ILE CC 28 0.49 -34.21 33.04
CA ILE CC 28 1.60 -35.14 32.90
C ILE CC 28 2.51 -35.06 34.13
N GLU CC 29 2.83 -33.85 34.58
CA GLU CC 29 3.70 -33.69 35.74
C GLU CC 29 3.06 -34.26 36.99
N ILE CC 30 1.75 -34.11 37.13
CA ILE CC 30 1.05 -34.70 38.27
C ILE CC 30 1.21 -36.22 38.26
N SER CC 31 0.99 -36.84 37.11
CA SER CC 31 1.18 -38.29 37.01
C SER CC 31 2.65 -38.66 37.10
N GLN CC 32 3.54 -37.80 36.61
CA GLN CC 32 4.97 -38.10 36.64
C GLN CC 32 5.50 -38.14 38.07
N HIS CC 33 5.05 -37.22 38.92
CA HIS CC 33 5.51 -37.13 40.29
C HIS CC 33 4.55 -37.77 41.28
N ALA CC 34 3.53 -38.46 40.81
CA ALA CC 34 2.62 -39.15 41.70
C ALA CC 34 3.31 -40.37 42.32
N LYS CC 35 2.82 -40.76 43.50
CA LYS CC 35 3.31 -41.92 44.22
C LYS CC 35 2.28 -43.03 44.06
N TYR CC 36 2.57 -43.99 43.20
CA TYR CC 36 1.65 -45.08 42.91
C TYR CC 36 1.77 -46.17 43.97
N THR CC 37 0.74 -47.01 44.04
CA THR CC 37 0.73 -48.13 44.98
C THR CC 37 1.43 -49.33 44.34
N CYS CC 38 2.34 -49.94 45.09
CA CYS CC 38 3.09 -51.07 44.56
C CYS CC 38 2.22 -52.32 44.59
N SER CC 39 2.24 -53.07 43.50
CA SER CC 39 1.51 -54.33 43.43
C SER CC 39 2.36 -55.52 43.86
N PHE CC 40 3.61 -55.29 44.22
CA PHE CC 40 4.47 -56.36 44.72
C PHE CC 40 4.59 -56.36 46.24
N CYS CC 41 4.29 -55.24 46.89
CA CYS CC 41 4.35 -55.18 48.35
C CYS CC 41 3.15 -54.50 48.98
N GLY CC 42 2.22 -53.95 48.19
CA GLY CC 42 1.06 -53.29 48.71
C GLY CC 42 1.29 -51.86 49.17
N LYS CC 43 2.52 -51.50 49.54
CA LYS CC 43 2.78 -50.16 50.03
C LYS CC 43 2.74 -49.16 48.88
N THR CC 44 2.24 -47.97 49.17
CA THR CC 44 2.16 -46.91 48.18
C THR CC 44 3.46 -46.10 48.20
N LYS CC 45 4.50 -46.71 47.64
CA LYS CC 45 5.82 -46.11 47.57
C LYS CC 45 6.46 -46.33 46.20
N MET CC 46 5.66 -46.40 45.16
CA MET CC 46 6.17 -46.49 43.80
C MET CC 46 6.31 -45.08 43.23
N LYS CC 47 7.55 -44.69 42.92
CA LYS CC 47 7.82 -43.35 42.42
C LYS CC 47 8.81 -43.45 41.28
N ARG CC 48 8.75 -42.48 40.38
CA ARG CC 48 9.60 -42.48 39.21
C ARG CC 48 11.05 -42.19 39.60
N ARG CC 49 11.98 -42.84 38.90
CA ARG CC 49 13.40 -42.63 39.10
C ARG CC 49 14.04 -41.90 37.93
N ALA CC 50 13.86 -42.42 36.72
CA ALA CC 50 14.24 -41.73 35.50
C ALA CC 50 13.10 -41.89 34.51
N VAL CC 51 13.33 -41.54 33.26
CA VAL CC 51 12.29 -41.72 32.25
C VAL CC 51 12.08 -43.21 31.99
N GLY CC 52 10.82 -43.63 32.07
CA GLY CC 52 10.47 -45.02 31.83
C GLY CC 52 10.92 -45.99 32.89
N ILE CC 53 11.33 -45.53 34.06
CA ILE CC 53 11.80 -46.40 35.14
C ILE CC 53 11.01 -46.09 36.40
N TRP CC 54 10.44 -47.12 37.02
CA TRP CC 54 9.70 -46.99 38.25
C TRP CC 54 10.29 -47.92 39.31
N HIS CC 55 10.56 -47.36 40.48
CA HIS CC 55 11.18 -48.10 41.57
C HIS CC 55 10.38 -47.90 42.85
N CYS CC 56 10.21 -48.97 43.61
CA CYS CC 56 9.51 -48.93 44.88
C CYS CC 56 10.53 -48.82 46.00
N GLY CC 57 10.35 -47.82 46.87
CA GLY CC 57 11.26 -47.65 47.99
C GLY CC 57 11.06 -48.67 49.10
N SER CC 58 9.86 -49.28 49.16
CA SER CC 58 9.56 -50.20 50.24
C SER CC 58 10.22 -51.56 50.01
N CYS CC 59 9.85 -52.24 48.93
CA CYS CC 59 10.35 -53.57 48.65
C CYS CC 59 11.57 -53.56 47.74
N MET CC 60 12.08 -52.39 47.39
CA MET CC 60 13.29 -52.23 46.57
C MET CC 60 13.14 -52.90 45.22
N LYS CC 61 11.94 -52.90 44.67
CA LYS CC 61 11.67 -53.52 43.39
C LYS CC 61 11.72 -52.47 42.29
N THR CC 62 12.37 -52.81 41.18
CA THR CC 62 12.47 -51.94 40.02
C THR CC 62 11.68 -52.53 38.87
N VAL CC 63 10.83 -51.71 38.27
CA VAL CC 63 9.93 -52.15 37.20
C VAL CC 63 9.93 -51.11 36.10
N ALA CC 64 9.91 -51.58 34.86
CA ALA CC 64 9.94 -50.71 33.69
C ALA CC 64 8.52 -50.36 33.28
N GLY CC 65 8.25 -49.06 33.15
CA GLY CC 65 6.92 -48.60 32.77
C GLY CC 65 6.94 -47.40 31.85
N GLY CC 66 5.86 -46.63 31.88
CA GLY CC 66 5.77 -45.47 31.02
C GLY CC 66 6.62 -44.31 31.51
N ALA CC 67 6.76 -43.32 30.62
CA ALA CC 67 7.53 -42.13 30.98
C ALA CC 67 6.80 -41.28 31.99
N TRP CC 68 5.47 -41.22 31.91
CA TRP CC 68 4.68 -40.32 32.71
C TRP CC 68 3.70 -41.02 33.63
N THR CC 69 3.32 -42.26 33.35
CA THR CC 69 2.49 -43.06 34.23
C THR CC 69 3.24 -44.33 34.60
N TYR CC 70 2.73 -45.02 35.63
CA TYR CC 70 3.35 -46.28 36.04
C TYR CC 70 3.29 -47.30 34.92
N ASN CC 71 2.15 -47.41 34.25
CA ASN CC 71 2.00 -48.22 33.06
C ASN CC 71 1.21 -47.44 32.02
N THR CC 72 1.56 -47.64 30.76
CA THR CC 72 0.82 -47.02 29.66
C THR CC 72 -0.41 -47.85 29.35
N THR CC 73 -1.53 -47.16 29.10
CA THR CC 73 -2.76 -47.86 28.77
C THR CC 73 -2.62 -48.66 27.49
N SER CC 74 -1.72 -48.23 26.59
CA SER CC 74 -1.43 -49.02 25.40
C SER CC 74 -0.87 -50.39 25.77
N ALA CC 75 0.12 -50.42 26.67
CA ALA CC 75 0.72 -51.69 27.06
C ALA CC 75 -0.24 -52.53 27.89
N VAL CC 76 -1.19 -51.89 28.58
CA VAL CC 76 -2.21 -52.64 29.31
C VAL CC 76 -3.03 -53.49 28.34
N THR CC 77 -3.42 -52.90 27.21
CA THR CC 77 -4.08 -53.68 26.17
C THR CC 77 -3.15 -54.73 25.60
N VAL CC 78 -1.85 -54.43 25.53
CA VAL CC 78 -0.88 -55.39 25.00
C VAL CC 78 -0.83 -56.61 25.91
N LYS CC 79 -0.71 -56.40 27.22
CA LYS CC 79 -0.61 -57.51 28.15
C LYS CC 79 -1.87 -58.36 28.13
N SER CC 80 -3.04 -57.71 28.05
CA SER CC 80 -4.29 -58.46 27.96
C SER CC 80 -4.34 -59.25 26.66
N ALA CC 81 -3.94 -58.64 25.55
CA ALA CC 81 -3.99 -59.32 24.26
C ALA CC 81 -3.02 -60.50 24.22
N ILE CC 82 -1.85 -60.35 24.85
CA ILE CC 82 -0.89 -61.44 24.86
C ILE CC 82 -1.43 -62.64 25.63
N ARG CC 83 -2.06 -62.39 26.79
CA ARG CC 83 -2.56 -63.49 27.59
C ARG CC 83 -3.72 -64.21 26.90
N ARG CC 84 -4.51 -63.48 26.10
CA ARG CC 84 -5.52 -64.13 25.28
C ARG CC 84 -4.87 -65.06 24.26
N LEU CC 85 -3.77 -64.61 23.65
CA LEU CC 85 -3.15 -65.38 22.59
C LEU CC 85 -2.46 -66.63 23.12
N LYS CC 86 -1.86 -66.56 24.31
CA LYS CC 86 -1.16 -67.71 24.86
C LYS CC 86 -2.12 -68.87 25.12
N GLU CC 87 -3.24 -68.58 25.80
CA GLU CC 87 -4.22 -69.63 26.07
C GLU CC 87 -4.98 -70.05 24.82
N LEU CC 88 -4.94 -69.24 23.76
CA LEU CC 88 -5.56 -69.65 22.50
C LEU CC 88 -4.59 -70.40 21.61
N LYS CC 89 -3.28 -70.20 21.81
CA LYS CC 89 -2.27 -70.96 21.11
C LYS CC 89 -2.45 -72.46 21.32
N ASP CC 90 -2.33 -72.89 22.57
CA ASP CC 90 -2.69 -74.25 22.96
C ASP CC 90 -4.16 -74.25 23.38
N GLN CC 91 -4.60 -75.34 23.99
CA GLN CC 91 -5.98 -75.44 24.45
C GLN CC 91 -6.06 -76.05 25.84
N SER DC 1 110.38 4.26 -46.18
CA SER DC 1 110.53 5.64 -46.62
C SER DC 1 110.27 6.62 -45.49
N ALA DC 2 110.59 7.89 -45.74
CA ALA DC 2 110.41 8.91 -44.71
C ALA DC 2 108.93 9.10 -44.39
N HIS DC 3 108.09 9.27 -45.41
CA HIS DC 3 106.67 9.50 -45.19
C HIS DC 3 105.99 8.27 -44.60
N LEU DC 4 106.38 7.08 -45.04
CA LEU DC 4 105.74 5.87 -44.55
C LEU DC 4 105.99 5.68 -43.06
N GLN DC 5 107.22 5.92 -42.61
CA GLN DC 5 107.51 5.85 -41.19
C GLN DC 5 106.78 6.95 -40.42
N TRP DC 6 106.63 8.12 -41.04
CA TRP DC 6 105.97 9.23 -40.36
C TRP DC 6 104.52 8.91 -40.04
N MET DC 7 103.81 8.30 -40.98
CA MET DC 7 102.40 7.98 -40.74
C MET DC 7 102.26 6.93 -39.65
N VAL DC 8 103.28 6.10 -39.45
CA VAL DC 8 103.24 5.11 -38.37
C VAL DC 8 103.36 5.78 -37.02
N VAL DC 9 104.28 6.74 -36.90
CA VAL DC 9 104.67 7.29 -35.62
C VAL DC 9 104.23 8.75 -35.46
N ARG DC 10 103.29 9.20 -36.30
CA ARG DC 10 102.82 10.58 -36.17
C ARG DC 10 102.10 10.82 -34.86
N ASN DC 11 101.53 9.77 -34.27
CA ASN DC 11 100.87 9.91 -32.97
C ASN DC 11 101.17 8.75 -32.03
N CYS DC 12 102.10 7.86 -32.38
CA CYS DC 12 102.43 6.69 -31.55
C CYS DC 12 103.95 6.58 -31.47
N SER DC 13 104.54 7.23 -30.49
CA SER DC 13 105.98 7.15 -30.28
C SER DC 13 106.29 7.45 -28.82
N SER DC 14 107.38 6.87 -28.33
CA SER DC 14 107.77 7.09 -26.94
C SER DC 14 108.27 8.51 -26.72
N PHE DC 15 108.94 9.08 -27.72
CA PHE DC 15 109.42 10.46 -27.58
C PHE DC 15 108.28 11.47 -27.60
N LEU DC 16 107.10 11.08 -28.07
CA LEU DC 16 105.99 12.01 -28.16
C LEU DC 16 105.50 12.42 -26.78
N ILE DC 17 105.28 13.72 -26.61
CA ILE DC 17 104.72 14.27 -25.38
C ILE DC 17 103.58 15.21 -25.76
N LYS DC 18 102.40 14.97 -25.17
CA LYS DC 18 101.21 15.77 -25.45
C LYS DC 18 100.67 16.29 -24.12
N ARG DC 19 100.77 17.60 -23.91
CA ARG DC 19 100.36 18.18 -22.64
C ARG DC 19 100.06 19.66 -22.83
N ASN DC 20 99.01 20.13 -22.16
CA ASN DC 20 98.61 21.54 -22.16
C ASN DC 20 98.46 22.09 -23.57
N LYS DC 21 97.72 21.35 -24.41
CA LYS DC 21 97.43 21.73 -25.79
C LYS DC 21 98.70 21.90 -26.61
N GLN DC 22 99.76 21.17 -26.25
CA GLN DC 22 101.02 21.25 -26.97
C GLN DC 22 101.50 19.84 -27.33
N THR DC 23 102.30 19.76 -28.38
CA THR DC 23 102.88 18.50 -28.84
C THR DC 23 104.38 18.66 -28.94
N TYR DC 24 105.12 17.76 -28.31
CA TYR DC 24 106.58 17.79 -28.36
C TYR DC 24 107.13 16.39 -28.50
N SER DC 25 108.32 16.30 -29.09
CA SER DC 25 109.00 15.04 -29.28
C SER DC 25 110.44 15.16 -28.80
N THR DC 26 110.96 14.07 -28.24
CA THR DC 26 112.26 14.09 -27.57
C THR DC 26 113.24 13.10 -28.19
N GLU DC 27 113.15 12.85 -29.50
CA GLU DC 27 114.19 12.05 -30.13
C GLU DC 27 115.50 12.84 -30.14
N PRO DC 28 116.64 12.14 -30.07
CA PRO DC 28 117.92 12.85 -29.88
C PRO DC 28 118.31 13.79 -31.00
N ASN DC 29 117.77 13.63 -32.21
CA ASN DC 29 118.20 14.42 -33.35
C ASN DC 29 117.13 15.39 -33.84
N ASN DC 30 116.35 15.96 -32.91
CA ASN DC 30 115.23 16.82 -33.27
C ASN DC 30 115.60 18.25 -32.93
N LEU DC 31 115.57 19.13 -33.93
CA LEU DC 31 115.67 20.56 -33.70
C LEU DC 31 114.29 21.12 -33.38
N LYS DC 32 114.25 22.01 -32.37
CA LYS DC 32 113.04 22.67 -31.88
C LYS DC 32 112.14 21.72 -31.11
N ALA DC 33 112.49 20.43 -31.09
CA ALA DC 33 111.83 19.39 -30.32
C ALA DC 33 110.35 19.22 -30.65
N ARG DC 34 109.85 19.87 -31.69
CA ARG DC 34 108.45 19.71 -32.05
C ARG DC 34 108.26 18.47 -32.90
N ASN DC 35 107.06 17.91 -32.83
CA ASN DC 35 106.73 16.69 -33.56
C ASN DC 35 106.19 17.08 -34.92
N SER DC 36 107.01 16.95 -35.95
CA SER DC 36 106.60 17.24 -37.31
C SER DC 36 107.43 16.41 -38.26
N PHE DC 37 106.91 16.20 -39.47
CA PHE DC 37 107.63 15.44 -40.47
C PHE DC 37 108.93 16.14 -40.86
N ARG DC 38 108.89 17.46 -40.97
CA ARG DC 38 110.09 18.21 -41.35
C ARG DC 38 111.17 18.10 -40.29
N TYR DC 39 110.80 18.24 -39.02
CA TYR DC 39 111.78 18.32 -37.94
C TYR DC 39 112.01 17.00 -37.24
N ASN DC 40 111.41 15.91 -37.70
CA ASN DC 40 111.71 14.61 -37.12
C ASN DC 40 113.15 14.21 -37.45
N GLY DC 41 113.86 13.70 -36.44
CA GLY DC 41 115.25 13.38 -36.56
C GLY DC 41 115.59 11.93 -36.77
N LEU DC 42 114.60 11.06 -36.94
CA LEU DC 42 114.85 9.63 -37.08
C LEU DC 42 114.27 9.00 -38.33
N ILE DC 43 113.28 9.62 -38.98
CA ILE DC 43 112.62 9.01 -40.11
C ILE DC 43 113.20 9.42 -41.46
N HIS DC 44 114.04 10.44 -41.49
CA HIS DC 44 114.61 10.94 -42.74
C HIS DC 44 115.91 10.22 -43.06
N ARG DC 45 116.24 10.22 -44.36
CA ARG DC 45 117.50 9.62 -44.79
C ARG DC 45 118.70 10.43 -44.34
N LYS DC 46 118.54 11.74 -44.19
CA LYS DC 46 119.62 12.60 -43.74
C LYS DC 46 119.07 13.61 -42.73
N THR DC 47 119.65 13.64 -41.54
CA THR DC 47 119.24 14.54 -40.49
C THR DC 47 120.46 15.20 -39.87
N VAL DC 48 120.25 16.33 -39.22
CA VAL DC 48 121.30 17.05 -38.53
C VAL DC 48 120.75 17.55 -37.19
N GLY DC 49 121.58 17.46 -36.15
CA GLY DC 49 121.17 17.89 -34.83
C GLY DC 49 122.33 18.53 -34.10
N VAL DC 50 121.99 19.46 -33.21
CA VAL DC 50 122.96 20.20 -32.43
C VAL DC 50 122.71 19.94 -30.96
N GLU DC 51 123.74 19.47 -30.26
CA GLU DC 51 123.68 19.13 -28.84
C GLU DC 51 124.85 19.74 -28.12
N PRO DC 52 124.70 20.05 -26.83
CA PRO DC 52 125.85 20.54 -26.06
C PRO DC 52 126.91 19.47 -25.90
N ALA DC 53 128.15 19.91 -25.74
CA ALA DC 53 129.27 19.00 -25.57
C ALA DC 53 129.18 18.29 -24.22
N ALA DC 54 130.05 17.30 -24.03
CA ALA DC 54 130.08 16.56 -22.77
C ALA DC 54 130.42 17.48 -21.61
N ASP DC 55 131.39 18.37 -21.79
CA ASP DC 55 131.67 19.39 -20.81
C ASP DC 55 130.77 20.61 -21.05
N GLY DC 56 130.85 21.59 -20.17
CA GLY DC 56 130.02 22.77 -20.29
C GLY DC 56 130.58 23.83 -21.21
N LYS DC 57 131.18 23.41 -22.32
CA LYS DC 57 131.77 24.34 -23.27
C LYS DC 57 131.83 23.70 -24.64
N GLY DC 58 131.36 24.42 -25.66
CA GLY DC 58 131.30 23.89 -27.01
C GLY DC 58 129.99 23.16 -27.28
N VAL DC 59 129.79 22.85 -28.56
CA VAL DC 59 128.60 22.16 -29.02
C VAL DC 59 129.02 20.94 -29.82
N VAL DC 60 128.07 20.03 -30.03
CA VAL DC 60 128.29 18.82 -30.80
C VAL DC 60 127.31 18.83 -31.97
N VAL DC 61 127.83 18.78 -33.19
CA VAL DC 61 127.00 18.71 -34.39
C VAL DC 61 127.08 17.29 -34.92
N VAL DC 62 125.92 16.64 -35.04
CA VAL DC 62 125.82 15.26 -35.48
C VAL DC 62 124.99 15.21 -36.76
N ILE DC 63 125.46 14.42 -37.72
CA ILE DC 63 124.82 14.30 -39.02
C ILE DC 63 124.66 12.83 -39.35
N LYS DC 64 123.74 12.54 -40.26
CA LYS DC 64 123.46 11.19 -40.71
C LYS DC 64 124.14 10.95 -42.06
N ARG DC 65 124.85 9.84 -42.18
CA ARG DC 65 125.57 9.51 -43.39
C ARG DC 65 124.71 8.67 -44.33
N ARG DC 66 125.05 8.72 -45.61
CA ARG DC 66 124.19 8.19 -46.66
C ARG DC 66 124.17 6.67 -46.72
N SER DC 67 125.16 5.99 -46.13
CA SER DC 67 125.22 4.54 -46.25
C SER DC 67 124.51 3.84 -45.10
N GLY DC 68 124.74 4.29 -43.88
CA GLY DC 68 124.16 3.65 -42.71
C GLY DC 68 122.71 4.01 -42.46
N GLN DC 69 121.85 3.70 -43.43
CA GLN DC 69 120.41 3.93 -43.26
C GLN DC 69 119.73 2.80 -42.51
N ARG DC 70 120.47 1.77 -42.14
CA ARG DC 70 119.91 0.64 -41.41
C ARG DC 70 120.82 0.13 -40.30
N LYS DC 71 121.96 0.79 -40.06
CA LYS DC 71 122.94 0.35 -39.07
C LYS DC 71 123.16 1.48 -38.07
N PRO DC 72 122.39 1.51 -36.98
CA PRO DC 72 122.45 2.66 -36.06
C PRO DC 72 123.79 2.83 -35.36
N ALA DC 73 124.61 1.78 -35.24
CA ALA DC 73 125.91 1.93 -34.60
C ALA DC 73 126.80 2.88 -35.37
N THR DC 74 126.80 2.79 -36.69
CA THR DC 74 127.60 3.65 -37.55
C THR DC 74 126.73 4.58 -38.40
N SER DC 75 125.49 4.84 -37.97
CA SER DC 75 124.59 5.67 -38.75
C SER DC 75 124.93 7.15 -38.67
N TYR DC 76 125.57 7.59 -37.59
CA TYR DC 76 125.76 9.01 -37.34
C TYR DC 76 127.22 9.33 -37.13
N VAL DC 77 127.62 10.52 -37.57
CA VAL DC 77 128.97 11.04 -37.39
C VAL DC 77 128.88 12.30 -36.54
N ARG DC 78 129.65 12.32 -35.46
CA ARG DC 78 129.60 13.42 -34.49
C ARG DC 78 130.92 14.16 -34.47
N THR DC 79 130.85 15.46 -34.19
CA THR DC 79 132.02 16.30 -34.03
C THR DC 79 131.71 17.38 -33.02
N THR DC 80 132.76 17.92 -32.41
CA THR DC 80 132.63 18.93 -31.37
C THR DC 80 133.26 20.23 -31.83
N ILE DC 81 132.52 21.32 -31.75
CA ILE DC 81 132.99 22.64 -32.13
C ILE DC 81 132.99 23.53 -30.89
N ASN DC 82 134.15 24.07 -30.56
CA ASN DC 82 134.32 24.84 -29.33
C ASN DC 82 135.12 26.11 -29.61
N LYS DC 83 134.76 26.83 -30.66
CA LYS DC 83 135.37 28.11 -30.98
C LYS DC 83 134.46 29.24 -30.54
N ASN DC 84 134.80 30.47 -30.95
CA ASN DC 84 133.97 31.63 -30.66
C ASN DC 84 132.61 31.49 -31.34
N ALA DC 85 131.67 32.33 -30.89
CA ALA DC 85 130.28 32.18 -31.31
C ALA DC 85 130.10 32.41 -32.81
N ARG DC 86 130.65 33.52 -33.32
CA ARG DC 86 130.45 33.86 -34.73
C ARG DC 86 131.06 32.81 -35.64
N ALA DC 87 132.26 32.35 -35.32
CA ALA DC 87 132.90 31.32 -36.13
C ALA DC 87 132.14 30.00 -36.04
N THR DC 88 131.63 29.66 -34.85
CA THR DC 88 130.91 28.41 -34.68
C THR DC 88 129.65 28.38 -35.53
N LEU DC 89 128.90 29.49 -35.55
CA LEU DC 89 127.69 29.54 -36.37
C LEU DC 89 128.02 29.42 -37.85
N SER DC 90 129.16 29.98 -38.27
CA SER DC 90 129.55 29.92 -39.67
C SER DC 90 129.78 28.48 -40.12
N SER DC 91 130.45 27.69 -39.28
CA SER DC 91 130.70 26.29 -39.63
C SER DC 91 129.40 25.52 -39.79
N ILE DC 92 128.45 25.72 -38.88
CA ILE DC 92 127.17 25.04 -38.97
C ILE DC 92 126.41 25.51 -40.20
N ARG DC 93 126.44 26.81 -40.48
CA ARG DC 93 125.80 27.32 -41.70
C ARG DC 93 126.48 26.74 -42.94
N HIS DC 94 127.81 26.65 -42.93
CA HIS DC 94 128.52 26.12 -44.09
C HIS DC 94 128.27 24.62 -44.25
N MET DC 95 128.15 23.88 -43.16
CA MET DC 95 127.84 22.46 -43.26
C MET DC 95 126.41 22.21 -43.71
N ILE DC 96 125.57 23.25 -43.75
CA ILE DC 96 124.19 23.08 -44.16
C ILE DC 96 123.99 23.66 -45.55
N ARG DC 97 124.43 24.90 -45.76
CA ARG DC 97 124.23 25.55 -47.05
C ARG DC 97 125.20 25.03 -48.11
N LYS DC 98 126.51 25.14 -47.84
CA LYS DC 98 127.50 24.73 -48.82
C LYS DC 98 127.42 23.23 -49.09
N ASN DC 99 127.24 22.42 -48.04
CA ASN DC 99 127.06 20.99 -48.21
C ASN DC 99 125.70 20.63 -48.76
N LYS DC 100 124.74 21.56 -48.72
CA LYS DC 100 123.36 21.33 -49.17
C LYS DC 100 122.76 20.11 -48.48
N TYR DC 101 123.01 20.02 -47.17
CA TYR DC 101 122.52 18.92 -46.33
C TYR DC 101 121.29 19.44 -45.59
N ARG DC 102 120.11 19.18 -46.17
CA ARG DC 102 118.83 19.61 -45.64
C ARG DC 102 118.84 21.11 -45.39
N PRO DC 103 118.82 21.93 -46.44
CA PRO DC 103 119.02 23.37 -46.26
C PRO DC 103 117.95 24.07 -45.45
N ASP DC 104 116.76 23.47 -45.32
CA ASP DC 104 115.70 24.12 -44.56
C ASP DC 104 116.06 24.24 -43.08
N LEU DC 105 116.86 23.31 -42.56
CA LEU DC 105 117.26 23.32 -41.17
C LEU DC 105 118.40 24.28 -40.87
N ARG DC 106 118.71 25.20 -41.80
CA ARG DC 106 119.84 26.10 -41.60
C ARG DC 106 119.61 27.00 -40.39
N MET DC 107 118.56 27.82 -40.43
CA MET DC 107 118.32 28.78 -39.35
C MET DC 107 117.88 28.06 -38.07
N ALA DC 108 117.16 26.95 -38.20
CA ALA DC 108 116.71 26.23 -37.01
C ALA DC 108 117.88 25.68 -36.22
N ALA DC 109 118.86 25.09 -36.91
CA ALA DC 109 120.04 24.56 -36.22
C ALA DC 109 120.87 25.68 -35.61
N ILE DC 110 121.02 26.78 -36.34
CA ILE DC 110 121.81 27.90 -35.84
C ILE DC 110 121.16 28.51 -34.60
N ARG DC 111 119.84 28.66 -34.61
CA ARG DC 111 119.14 29.16 -33.43
C ARG DC 111 119.33 28.22 -32.25
N ARG DC 112 119.24 26.92 -32.49
CA ARG DC 112 119.49 25.95 -31.42
C ARG DC 112 120.94 26.02 -30.96
N ALA DC 113 121.86 26.19 -31.91
CA ALA DC 113 123.26 26.37 -31.54
C ALA DC 113 123.45 27.66 -30.75
N SER DC 114 122.74 28.72 -31.13
CA SER DC 114 122.82 29.98 -30.38
C SER DC 114 122.31 29.80 -28.96
N ALA DC 115 121.22 29.05 -28.78
CA ALA DC 115 120.68 28.83 -27.45
C ALA DC 115 121.65 28.05 -26.58
N ILE DC 116 122.30 27.03 -27.16
CA ILE DC 116 123.22 26.19 -26.39
C ILE DC 116 124.46 26.99 -26.01
N LEU DC 117 125.03 27.73 -26.96
CA LEU DC 117 126.24 28.49 -26.69
C LEU DC 117 126.02 29.53 -25.61
N ARG DC 118 124.89 30.24 -25.66
CA ARG DC 118 124.61 31.24 -24.65
C ARG DC 118 124.27 30.59 -23.31
N SER DC 119 123.89 29.31 -23.32
CA SER DC 119 123.59 28.60 -22.08
C SER DC 119 124.83 28.17 -21.33
N GLN DC 120 126.04 28.52 -21.79
CA GLN DC 120 127.27 28.07 -21.15
C GLN DC 120 128.06 29.19 -20.50
N LYS DC 121 127.74 30.46 -20.77
CA LYS DC 121 128.36 31.53 -20.02
C LYS DC 121 127.80 31.56 -18.60
N PRO DC 122 128.55 32.10 -17.64
CA PRO DC 122 128.09 32.09 -16.24
C PRO DC 122 126.77 32.81 -16.06
N VAL DC 123 125.91 32.24 -15.21
CA VAL DC 123 124.60 32.82 -14.95
C VAL DC 123 124.76 34.10 -14.13
N MET DC 124 123.88 35.06 -14.36
CA MET DC 124 123.88 36.32 -13.64
C MET DC 124 122.78 36.33 -12.59
N VAL DC 125 122.95 37.20 -11.59
CA VAL DC 125 122.00 37.31 -10.50
C VAL DC 125 121.40 38.71 -10.47
N ASP EC 1 -3.21 84.22 -46.40
CA ASP EC 1 -4.21 85.27 -46.44
C ASP EC 1 -3.68 86.55 -45.79
N ARG EC 2 -2.66 86.38 -44.95
CA ARG EC 2 -2.10 87.54 -44.24
C ARG EC 2 -1.44 88.51 -45.20
N ALA EC 3 -0.74 88.00 -46.22
CA ALA EC 3 -0.13 88.88 -47.22
C ALA EC 3 -1.20 89.61 -48.02
N THR EC 4 -2.27 88.90 -48.41
CA THR EC 4 -3.36 89.55 -49.12
C THR EC 4 -4.09 90.54 -48.22
N TRP EC 5 -4.13 90.25 -46.91
CA TRP EC 5 -4.67 91.21 -45.96
C TRP EC 5 -3.87 92.50 -45.97
N LYS EC 6 -2.53 92.38 -46.04
CA LYS EC 6 -1.68 93.56 -46.04
C LYS EC 6 -1.84 94.35 -47.34
N SER EC 7 -1.88 93.65 -48.48
CA SER EC 7 -2.04 94.33 -49.76
C SER EC 7 -3.42 94.98 -49.86
N ASN EC 8 -4.46 94.31 -49.37
CA ASN EC 8 -5.80 94.88 -49.40
C ASN EC 8 -5.88 96.13 -48.52
N TYR EC 9 -5.20 96.11 -47.36
CA TYR EC 9 -5.31 97.23 -46.43
C TYR EC 9 -4.68 98.49 -47.00
N PHE EC 10 -3.59 98.34 -47.76
CA PHE EC 10 -3.03 99.49 -48.48
C PHE EC 10 -4.01 100.03 -49.50
N LEU EC 11 -4.68 99.13 -50.24
CA LEU EC 11 -5.55 99.56 -51.33
C LEU EC 11 -6.72 100.37 -50.81
N LYS EC 12 -7.37 99.90 -49.73
CA LYS EC 12 -8.53 100.60 -49.21
C LYS EC 12 -8.15 101.95 -48.60
N ILE EC 13 -7.01 102.01 -47.90
CA ILE EC 13 -6.63 103.27 -47.27
C ILE EC 13 -6.15 104.28 -48.31
N ILE EC 14 -5.55 103.82 -49.41
CA ILE EC 14 -5.07 104.75 -50.41
C ILE EC 14 -6.18 105.26 -51.32
N GLN EC 15 -7.26 104.50 -51.49
CA GLN EC 15 -8.43 105.01 -52.20
C GLN EC 15 -9.34 105.82 -51.28
N LEU EC 16 -9.03 105.88 -49.99
CA LEU EC 16 -9.78 106.67 -49.03
C LEU EC 16 -9.09 108.00 -48.72
N LEU EC 17 -7.74 108.01 -48.70
CA LEU EC 17 -7.03 109.27 -48.52
C LEU EC 17 -7.05 110.09 -49.81
N ASP EC 18 -6.96 109.42 -50.96
CA ASP EC 18 -7.11 110.15 -52.23
C ASP EC 18 -8.52 110.67 -52.41
N ASP EC 19 -9.51 109.95 -51.86
CA ASP EC 19 -10.89 110.44 -51.88
C ASP EC 19 -11.04 111.66 -51.00
N TYR EC 20 -10.35 111.70 -49.86
CA TYR EC 20 -10.47 112.75 -48.86
C TYR EC 20 -9.09 113.36 -48.62
N PRO EC 21 -8.65 114.29 -49.47
CA PRO EC 21 -7.35 114.94 -49.21
C PRO EC 21 -7.31 115.71 -47.90
N LYS EC 22 -8.44 116.27 -47.48
CA LYS EC 22 -8.56 116.85 -46.14
C LYS EC 22 -8.66 115.69 -45.17
N CYS EC 23 -7.56 115.38 -44.50
CA CYS EC 23 -7.45 114.19 -43.67
C CYS EC 23 -7.12 114.59 -42.24
N PHE EC 24 -7.85 113.99 -41.29
CA PHE EC 24 -7.63 114.24 -39.88
C PHE EC 24 -7.11 112.98 -39.21
N ILE EC 25 -6.34 113.14 -38.14
CA ILE EC 25 -5.81 112.02 -37.39
C ILE EC 25 -6.37 112.07 -35.98
N VAL EC 26 -6.60 110.90 -35.40
CA VAL EC 26 -7.29 110.78 -34.12
C VAL EC 26 -6.60 109.69 -33.30
N GLY EC 27 -6.57 109.87 -31.98
CA GLY EC 27 -5.98 108.90 -31.09
C GLY EC 27 -6.99 108.20 -30.21
N ALA EC 28 -7.24 106.92 -30.47
CA ALA EC 28 -8.23 106.16 -29.74
C ALA EC 28 -7.66 105.63 -28.43
N ASP EC 29 -8.50 105.61 -27.40
CA ASP EC 29 -8.12 105.08 -26.10
C ASP EC 29 -8.34 103.56 -26.11
N ASN EC 30 -8.14 102.91 -24.95
CA ASN EC 30 -8.44 101.49 -24.82
C ASN EC 30 -9.95 101.33 -24.69
N VAL EC 31 -10.62 101.41 -25.84
CA VAL EC 31 -12.07 101.41 -25.90
C VAL EC 31 -12.55 100.12 -26.55
N GLY EC 32 -13.77 99.71 -26.19
CA GLY EC 32 -14.33 98.47 -26.67
C GLY EC 32 -14.98 98.59 -28.04
N SER EC 33 -15.44 97.43 -28.55
CA SER EC 33 -16.03 97.37 -29.88
C SER EC 33 -17.32 98.17 -29.97
N LYS EC 34 -18.02 98.35 -28.85
CA LYS EC 34 -19.25 99.14 -28.86
C LYS EC 34 -18.98 100.58 -29.26
N GLN EC 35 -17.91 101.18 -28.73
CA GLN EC 35 -17.62 102.57 -29.07
C GLN EC 35 -16.99 102.69 -30.45
N MET EC 36 -16.31 101.64 -30.93
CA MET EC 36 -15.93 101.61 -32.34
C MET EC 36 -17.16 101.48 -33.23
N GLN EC 37 -18.14 100.68 -32.80
CA GLN EC 37 -19.40 100.62 -33.53
C GLN EC 37 -20.26 101.85 -33.29
N GLN EC 38 -19.99 102.59 -32.21
CA GLN EC 38 -20.69 103.84 -31.97
C GLN EC 38 -20.25 104.91 -32.97
N ILE EC 39 -18.95 105.07 -33.15
CA ILE EC 39 -18.46 106.02 -34.16
C ILE EC 39 -18.77 105.51 -35.57
N ARG EC 40 -18.81 104.18 -35.75
CA ARG EC 40 -19.20 103.63 -37.04
C ARG EC 40 -20.66 103.96 -37.36
N MET EC 41 -21.55 103.82 -36.37
CA MET EC 41 -22.95 104.16 -36.60
C MET EC 41 -23.18 105.66 -36.68
N SER EC 42 -22.29 106.45 -36.08
CA SER EC 42 -22.47 107.90 -36.05
C SER EC 42 -21.81 108.61 -37.21
N LEU EC 43 -21.07 107.89 -38.07
CA LEU EC 43 -20.28 108.54 -39.11
C LEU EC 43 -20.35 107.85 -40.47
N ARG EC 44 -20.88 106.63 -40.57
CA ARG EC 44 -20.85 105.88 -41.82
C ARG EC 44 -21.69 106.50 -42.93
N GLY EC 45 -22.58 107.45 -42.60
CA GLY EC 45 -23.40 108.07 -43.63
C GLY EC 45 -22.58 108.84 -44.65
N LYS EC 46 -21.51 109.48 -44.20
CA LYS EC 46 -20.67 110.31 -45.06
C LYS EC 46 -19.18 110.03 -44.96
N ALA EC 47 -18.75 109.14 -44.07
CA ALA EC 47 -17.33 108.88 -43.87
C ALA EC 47 -17.16 107.46 -43.34
N VAL EC 48 -15.94 107.14 -42.91
CA VAL EC 48 -15.64 105.83 -42.33
C VAL EC 48 -14.35 105.97 -41.53
N VAL EC 49 -14.25 105.20 -40.45
CA VAL EC 49 -13.06 105.16 -39.60
C VAL EC 49 -12.62 103.71 -39.48
N LEU EC 50 -11.30 103.50 -39.49
CA LEU EC 50 -10.74 102.15 -39.52
C LEU EC 50 -9.61 102.05 -38.50
N MET EC 51 -9.37 100.82 -38.03
CA MET EC 51 -8.30 100.52 -37.10
C MET EC 51 -7.41 99.44 -37.69
N GLY EC 52 -6.10 99.57 -37.49
CA GLY EC 52 -5.17 98.59 -38.04
C GLY EC 52 -3.79 98.78 -37.45
N LYS EC 53 -2.83 98.04 -38.02
CA LYS EC 53 -1.45 98.09 -37.57
C LYS EC 53 -0.85 99.45 -37.90
N ASN EC 54 -0.20 100.07 -36.91
CA ASN EC 54 0.25 101.44 -37.05
C ASN EC 54 1.34 101.58 -38.11
N THR EC 55 2.28 100.64 -38.15
CA THR EC 55 3.34 100.68 -39.15
C THR EC 55 2.78 100.56 -40.56
N MET EC 56 1.66 99.85 -40.72
CA MET EC 56 1.06 99.68 -42.04
C MET EC 56 0.65 101.01 -42.64
N MET EC 57 0.03 101.89 -41.86
CA MET EC 57 -0.38 103.18 -42.39
C MET EC 57 0.82 104.03 -42.82
N ARG EC 58 1.93 103.95 -42.08
CA ARG EC 58 3.12 104.67 -42.49
C ARG EC 58 3.68 104.12 -43.80
N LYS EC 59 3.67 102.80 -43.97
CA LYS EC 59 4.19 102.22 -45.21
C LYS EC 59 3.29 102.53 -46.39
N ALA EC 60 1.98 102.66 -46.16
CA ALA EC 60 1.06 103.07 -47.22
C ALA EC 60 1.31 104.50 -47.68
N ILE EC 61 1.99 105.31 -46.86
CA ILE EC 61 2.26 106.70 -47.19
C ILE EC 61 3.76 107.00 -47.21
N ARG EC 62 4.60 105.98 -47.35
CA ARG EC 62 6.05 106.18 -47.33
C ARG EC 62 6.62 106.34 -48.72
N GLY EC 63 6.26 105.43 -49.64
CA GLY EC 63 6.70 105.54 -51.02
C GLY EC 63 5.52 105.59 -51.97
N HIS EC 64 4.37 105.10 -51.52
CA HIS EC 64 3.14 105.06 -52.30
C HIS EC 64 2.31 106.32 -52.10
N LEU EC 65 2.78 107.25 -51.27
CA LEU EC 65 2.18 108.57 -51.09
C LEU EC 65 2.34 109.47 -52.30
N GLU EC 66 3.20 109.08 -53.26
CA GLU EC 66 3.55 109.96 -54.37
C GLU EC 66 2.41 110.20 -55.35
N ASN EC 67 1.23 109.59 -55.13
CA ASN EC 67 0.10 109.85 -56.02
C ASN EC 67 -0.33 111.31 -55.94
N ASN EC 68 -0.37 111.88 -54.75
CA ASN EC 68 -0.59 113.32 -54.58
C ASN EC 68 0.51 113.88 -53.69
N PRO EC 69 1.23 114.91 -54.14
CA PRO EC 69 2.32 115.46 -53.32
C PRO EC 69 1.82 116.32 -52.17
N ALA EC 70 2.74 116.97 -51.46
CA ALA EC 70 2.48 117.82 -50.31
C ALA EC 70 1.87 117.06 -49.13
N LEU EC 71 1.83 115.74 -49.20
CA LEU EC 71 1.32 114.89 -48.13
C LEU EC 71 2.42 114.31 -47.27
N GLU EC 72 3.68 114.64 -47.56
CA GLU EC 72 4.83 113.96 -46.95
C GLU EC 72 5.01 114.25 -45.47
N LYS EC 73 4.33 115.26 -44.91
CA LYS EC 73 4.53 115.61 -43.52
C LYS EC 73 3.91 114.61 -42.55
N LEU EC 74 3.15 113.63 -43.04
CA LEU EC 74 2.46 112.69 -42.17
C LEU EC 74 3.37 111.62 -41.58
N LEU EC 75 4.60 111.44 -42.11
CA LEU EC 75 5.48 110.41 -41.57
C LEU EC 75 5.91 110.68 -40.13
N PRO EC 76 6.43 111.88 -39.75
CA PRO EC 76 6.87 112.06 -38.36
C PRO EC 76 5.75 112.56 -37.45
N HIS EC 77 4.51 112.50 -37.92
CA HIS EC 77 3.36 113.00 -37.17
C HIS EC 77 2.41 111.91 -36.72
N ILE EC 78 2.70 110.65 -37.03
CA ILE EC 78 1.82 109.54 -36.66
C ILE EC 78 2.56 108.62 -35.68
N ARG EC 79 2.35 108.85 -34.38
CA ARG EC 79 3.02 108.08 -33.35
C ARG EC 79 2.02 107.66 -32.29
N GLY EC 80 2.20 106.46 -31.76
CA GLY EC 80 1.30 105.94 -30.75
C GLY EC 80 0.01 105.40 -31.35
N ASN EC 81 -0.97 105.21 -30.47
CA ASN EC 81 -2.25 104.65 -30.87
C ASN EC 81 -3.08 105.68 -31.63
N VAL EC 82 -2.64 106.03 -32.84
CA VAL EC 82 -3.32 107.00 -33.67
C VAL EC 82 -3.51 106.41 -35.07
N GLY EC 83 -4.49 106.96 -35.79
CA GLY EC 83 -4.78 106.51 -37.14
C GLY EC 83 -5.14 107.63 -38.08
N PHE EC 84 -6.11 107.40 -38.96
CA PHE EC 84 -6.55 108.40 -39.91
C PHE EC 84 -8.07 108.36 -40.01
N VAL EC 85 -8.71 109.49 -39.73
CA VAL EC 85 -10.14 109.66 -39.93
C VAL EC 85 -10.34 110.68 -41.06
N PHE EC 86 -11.18 110.32 -42.03
CA PHE EC 86 -11.33 111.08 -43.25
C PHE EC 86 -12.73 111.66 -43.32
N THR EC 87 -12.81 112.96 -43.59
CA THR EC 87 -14.09 113.64 -43.73
C THR EC 87 -13.91 114.83 -44.66
N LYS EC 88 -15.03 115.29 -45.23
CA LYS EC 88 -15.00 116.36 -46.22
C LYS EC 88 -15.26 117.74 -45.63
N GLU EC 89 -15.70 117.81 -44.37
CA GLU EC 89 -16.19 119.07 -43.82
C GLU EC 89 -15.06 119.90 -43.22
N ASP EC 90 -15.43 121.08 -42.71
CA ASP EC 90 -14.46 122.04 -42.22
C ASP EC 90 -13.90 121.62 -40.87
N LEU EC 91 -13.07 122.50 -40.30
CA LEU EC 91 -12.38 122.20 -39.05
C LEU EC 91 -13.35 122.06 -37.89
N THR EC 92 -14.34 122.95 -37.79
CA THR EC 92 -15.21 122.99 -36.63
C THR EC 92 -16.36 121.99 -36.70
N GLU EC 93 -16.59 121.35 -37.86
CA GLU EC 93 -17.74 120.45 -38.00
C GLU EC 93 -17.57 119.20 -37.14
N ILE EC 94 -16.41 118.55 -37.25
CA ILE EC 94 -16.22 117.26 -36.60
C ILE EC 94 -15.68 117.40 -35.19
N ARG EC 95 -14.91 118.46 -34.91
CA ARG EC 95 -14.27 118.61 -33.61
C ARG EC 95 -15.30 118.70 -32.49
N ASP EC 96 -16.34 119.51 -32.69
CA ASP EC 96 -17.31 119.73 -31.61
C ASP EC 96 -18.22 118.51 -31.44
N MET EC 97 -18.60 117.85 -32.53
CA MET EC 97 -19.50 116.71 -32.42
C MET EC 97 -18.79 115.48 -31.88
N LEU EC 98 -17.56 115.23 -32.33
CA LEU EC 98 -16.83 114.05 -31.88
C LEU EC 98 -16.39 114.19 -30.42
N LEU EC 99 -16.17 115.42 -29.95
CA LEU EC 99 -15.80 115.66 -28.57
C LEU EC 99 -17.01 115.89 -27.67
N ALA EC 100 -18.22 115.81 -28.19
CA ALA EC 100 -19.43 115.94 -27.38
C ALA EC 100 -20.11 114.61 -27.11
N ASN EC 101 -20.04 113.66 -28.05
CA ASN EC 101 -20.65 112.35 -27.85
C ASN EC 101 -19.63 111.37 -27.26
N LYS EC 102 -19.08 111.76 -26.11
CA LYS EC 102 -18.13 110.92 -25.38
C LYS EC 102 -18.90 109.96 -24.48
N VAL EC 103 -18.63 108.67 -24.63
CA VAL EC 103 -19.33 107.63 -23.89
C VAL EC 103 -18.70 107.56 -22.50
N PRO EC 104 -19.46 107.79 -21.43
CA PRO EC 104 -18.95 107.58 -20.06
C PRO EC 104 -18.88 106.10 -19.71
N ALA EC 105 -17.74 105.49 -20.02
CA ALA EC 105 -17.59 104.04 -19.88
C ALA EC 105 -17.11 103.66 -18.49
N ALA EC 106 -17.34 104.55 -17.50
CA ALA EC 106 -17.03 104.33 -16.09
C ALA EC 106 -15.54 104.18 -15.87
N ALA EC 107 -15.13 103.95 -14.62
CA ALA EC 107 -13.73 103.85 -14.26
C ALA EC 107 -13.37 102.40 -13.97
N ARG EC 108 -12.38 101.89 -14.68
CA ARG EC 108 -11.81 100.58 -14.40
C ARG EC 108 -10.77 100.70 -13.28
N ALA EC 109 -10.39 99.54 -12.73
CA ALA EC 109 -9.34 99.49 -11.73
C ALA EC 109 -8.01 99.74 -12.42
N GLY EC 110 -7.47 100.95 -12.25
CA GLY EC 110 -6.25 101.32 -12.94
C GLY EC 110 -6.46 102.27 -14.11
N ALA EC 111 -7.28 103.29 -13.92
CA ALA EC 111 -7.56 104.29 -14.94
C ALA EC 111 -7.07 105.66 -14.49
N ILE EC 112 -6.57 106.44 -15.45
CA ILE EC 112 -6.07 107.78 -15.17
C ILE EC 112 -7.23 108.78 -15.20
N ALA EC 113 -7.11 109.84 -14.41
CA ALA EC 113 -8.18 110.83 -14.26
C ALA EC 113 -7.62 112.24 -14.40
N PRO EC 114 -7.47 112.74 -15.63
CA PRO EC 114 -7.08 114.15 -15.81
C PRO EC 114 -8.21 115.13 -15.52
N CYS EC 115 -9.45 114.67 -15.49
CA CYS EC 115 -10.59 115.54 -15.23
C CYS EC 115 -11.00 115.46 -13.77
N GLU EC 116 -11.35 116.61 -13.20
CA GLU EC 116 -11.71 116.70 -11.79
C GLU EC 116 -13.22 116.57 -11.64
N VAL EC 117 -13.67 115.53 -10.95
CA VAL EC 117 -15.08 115.34 -10.60
C VAL EC 117 -15.17 115.24 -9.08
N THR EC 118 -16.07 116.02 -8.49
CA THR EC 118 -16.21 116.09 -7.05
C THR EC 118 -17.61 115.64 -6.65
N VAL EC 119 -17.69 114.75 -5.68
CA VAL EC 119 -18.98 114.26 -5.18
C VAL EC 119 -19.65 115.37 -4.37
N PRO EC 120 -20.88 115.74 -4.70
CA PRO EC 120 -21.57 116.77 -3.91
C PRO EC 120 -22.27 116.17 -2.69
N ALA EC 121 -23.02 117.00 -1.97
CA ALA EC 121 -23.77 116.57 -0.80
C ALA EC 121 -25.23 116.39 -1.20
N GLN EC 122 -25.68 115.13 -1.23
CA GLN EC 122 -27.02 114.81 -1.70
C GLN EC 122 -27.43 113.46 -1.14
N ASN EC 123 -28.68 113.09 -1.39
CA ASN EC 123 -29.19 111.76 -1.09
C ASN EC 123 -28.81 110.80 -2.22
N THR EC 124 -28.14 109.70 -1.87
CA THR EC 124 -27.68 108.76 -2.88
C THR EC 124 -28.85 108.02 -3.54
N GLY EC 125 -29.77 107.49 -2.73
CA GLY EC 125 -30.97 106.86 -3.24
C GLY EC 125 -30.98 105.34 -3.22
N LEU EC 126 -29.91 104.69 -2.79
CA LEU EC 126 -29.90 103.23 -2.73
C LEU EC 126 -30.12 102.78 -1.28
N GLY EC 127 -30.03 101.47 -1.06
CA GLY EC 127 -30.42 100.87 0.20
C GLY EC 127 -29.47 101.16 1.35
N PRO EC 128 -29.96 100.99 2.59
CA PRO EC 128 -29.15 101.22 3.79
C PRO EC 128 -28.41 99.97 4.26
N GLU EC 129 -27.65 99.35 3.36
CA GLU EC 129 -26.89 98.16 3.71
C GLU EC 129 -25.45 98.18 3.22
N LYS EC 130 -25.03 99.18 2.44
CA LYS EC 130 -23.68 99.24 1.88
C LYS EC 130 -22.92 100.44 2.42
N THR EC 131 -23.04 100.70 3.72
CA THR EC 131 -22.31 101.79 4.35
C THR EC 131 -20.82 101.50 4.51
N SER EC 132 -20.39 100.26 4.27
CA SER EC 132 -18.99 99.90 4.48
C SER EC 132 -18.08 100.62 3.49
N PHE EC 133 -18.58 100.94 2.30
CA PHE EC 133 -17.80 101.72 1.35
C PHE EC 133 -17.50 103.10 1.89
N PHE EC 134 -18.50 103.76 2.48
CA PHE EC 134 -18.33 105.13 2.95
C PHE EC 134 -17.51 105.18 4.22
N GLN EC 135 -17.73 104.24 5.14
CA GLN EC 135 -17.00 104.26 6.41
C GLN EC 135 -15.52 103.94 6.23
N ALA EC 136 -15.19 103.05 5.30
CA ALA EC 136 -13.79 102.72 5.07
C ALA EC 136 -13.07 103.81 4.31
N LEU EC 137 -13.77 104.52 3.41
CA LEU EC 137 -13.16 105.57 2.61
C LEU EC 137 -13.02 106.89 3.35
N GLY EC 138 -13.64 107.03 4.53
CA GLY EC 138 -13.54 108.24 5.31
C GLY EC 138 -14.72 109.17 5.24
N ILE EC 139 -15.82 108.77 4.61
CA ILE EC 139 -17.01 109.60 4.46
C ILE EC 139 -18.05 109.15 5.48
N THR EC 140 -18.55 110.11 6.27
CA THR EC 140 -19.58 109.82 7.26
C THR EC 140 -20.94 110.13 6.65
N THR EC 141 -21.72 109.09 6.38
CA THR EC 141 -23.05 109.21 5.80
C THR EC 141 -24.08 108.72 6.80
N LYS EC 142 -25.10 109.54 7.04
CA LYS EC 142 -26.16 109.22 8.00
C LYS EC 142 -27.40 108.77 7.25
N ILE EC 143 -28.14 107.84 7.86
CA ILE EC 143 -29.29 107.22 7.22
C ILE EC 143 -30.49 108.17 7.35
N SER EC 144 -30.96 108.69 6.23
CA SER EC 144 -32.16 109.52 6.18
C SER EC 144 -33.12 108.93 5.17
N ARG EC 145 -34.37 108.70 5.60
CA ARG EC 145 -35.39 108.01 4.79
C ARG EC 145 -34.88 106.65 4.30
N GLY EC 146 -34.11 105.97 5.14
CA GLY EC 146 -33.53 104.70 4.75
C GLY EC 146 -32.58 104.78 3.58
N THR EC 147 -31.95 105.92 3.36
CA THR EC 147 -31.06 106.12 2.22
C THR EC 147 -29.75 106.72 2.68
N ILE EC 148 -28.67 106.36 1.97
CA ILE EC 148 -27.37 106.95 2.22
C ILE EC 148 -27.38 108.40 1.71
N GLU EC 149 -26.76 109.30 2.47
CA GLU EC 149 -26.79 110.72 2.15
C GLU EC 149 -25.43 111.33 2.50
N ILE EC 150 -24.82 112.02 1.54
CA ILE EC 150 -23.56 112.72 1.77
C ILE EC 150 -23.87 114.05 2.45
N LEU EC 151 -23.35 114.22 3.67
CA LEU EC 151 -23.66 115.38 4.48
C LEU EC 151 -22.55 116.42 4.52
N SER EC 152 -21.49 116.24 3.73
CA SER EC 152 -20.37 117.17 3.79
C SER EC 152 -19.66 117.20 2.44
N ASP EC 153 -18.96 118.31 2.20
CA ASP EC 153 -18.12 118.45 1.02
C ASP EC 153 -16.85 117.61 1.22
N VAL EC 154 -16.80 116.45 0.58
CA VAL EC 154 -15.69 115.52 0.72
C VAL EC 154 -15.05 115.30 -0.64
N GLN EC 155 -13.72 115.27 -0.67
CA GLN EC 155 -13.00 114.99 -1.90
C GLN EC 155 -13.22 113.55 -2.35
N LEU EC 156 -13.21 113.35 -3.66
CA LEU EC 156 -13.33 112.01 -4.24
C LEU EC 156 -12.08 111.61 -5.01
N ILE EC 157 -11.57 112.48 -5.88
CA ILE EC 157 -10.43 112.14 -6.74
C ILE EC 157 -9.65 113.39 -7.05
N LYS EC 158 -8.33 113.24 -7.11
CA LYS EC 158 -7.42 114.34 -7.40
C LYS EC 158 -7.13 114.38 -8.90
N THR EC 159 -6.11 115.14 -9.29
CA THR EC 159 -5.65 115.21 -10.67
C THR EC 159 -4.34 114.45 -10.81
N GLY EC 160 -4.24 113.65 -11.86
CA GLY EC 160 -3.05 112.85 -12.10
C GLY EC 160 -2.81 111.76 -11.09
N ASP EC 161 -3.86 111.03 -10.71
CA ASP EC 161 -3.75 109.91 -9.78
C ASP EC 161 -4.29 108.65 -10.45
N LYS EC 162 -4.24 107.54 -9.70
CA LYS EC 162 -4.72 106.25 -10.18
C LYS EC 162 -5.86 105.78 -9.28
N VAL EC 163 -6.97 105.37 -9.90
CA VAL EC 163 -8.16 105.01 -9.15
C VAL EC 163 -7.93 103.70 -8.40
N GLY EC 164 -8.25 103.70 -7.11
CA GLY EC 164 -8.10 102.50 -6.30
C GLY EC 164 -9.29 101.57 -6.41
N ALA EC 165 -9.17 100.43 -5.72
CA ALA EC 165 -10.23 99.43 -5.73
C ALA EC 165 -11.48 99.95 -5.03
N SER EC 166 -11.32 100.45 -3.80
CA SER EC 166 -12.46 100.98 -3.06
C SER EC 166 -12.97 102.30 -3.61
N GLU EC 167 -12.12 103.03 -4.33
CA GLU EC 167 -12.53 104.28 -4.95
C GLU EC 167 -13.42 104.04 -6.17
N ALA EC 168 -13.21 102.93 -6.87
CA ALA EC 168 -13.92 102.64 -8.11
C ALA EC 168 -15.20 101.83 -7.88
N THR EC 169 -15.18 100.88 -6.95
CA THR EC 169 -16.34 100.01 -6.76
C THR EC 169 -17.53 100.77 -6.18
N LEU EC 170 -17.28 101.79 -5.37
CA LEU EC 170 -18.37 102.65 -4.92
C LEU EC 170 -18.80 103.62 -6.02
N LEU EC 171 -17.87 104.00 -6.89
CA LEU EC 171 -18.20 104.90 -8.00
C LEU EC 171 -19.21 104.27 -8.96
N ASN EC 172 -19.17 102.95 -9.09
CA ASN EC 172 -20.10 102.28 -10.00
C ASN EC 172 -21.52 102.30 -9.46
N MET EC 173 -21.71 101.95 -8.18
CA MET EC 173 -23.05 101.88 -7.61
C MET EC 173 -23.61 103.25 -7.27
N LEU EC 174 -22.76 104.23 -7.00
CA LEU EC 174 -23.23 105.54 -6.57
C LEU EC 174 -23.98 106.29 -7.66
N ASN EC 175 -23.81 105.88 -8.92
CA ASN EC 175 -24.46 106.51 -10.07
C ASN EC 175 -24.15 108.01 -10.12
N ILE EC 176 -22.87 108.34 -9.98
CA ILE EC 176 -22.37 109.69 -10.12
C ILE EC 176 -21.40 109.72 -11.30
N SER EC 177 -21.45 110.79 -12.07
CA SER EC 177 -20.73 110.85 -13.34
C SER EC 177 -19.23 110.93 -13.11
N PRO EC 178 -18.45 109.98 -13.61
CA PRO EC 178 -16.99 110.06 -13.47
C PRO EC 178 -16.33 110.82 -14.61
N PHE EC 179 -15.01 110.85 -14.61
CA PHE EC 179 -14.25 111.45 -15.70
C PHE EC 179 -14.56 110.74 -17.01
N SER EC 180 -14.70 111.51 -18.08
CA SER EC 180 -15.09 110.99 -19.38
C SER EC 180 -13.96 111.20 -20.39
N PHE EC 181 -13.97 110.38 -21.43
CA PHE EC 181 -12.93 110.40 -22.46
C PHE EC 181 -13.53 109.78 -23.72
N GLY EC 182 -12.66 109.47 -24.68
CA GLY EC 182 -13.12 108.80 -25.89
C GLY EC 182 -12.18 109.08 -27.06
N LEU EC 183 -12.77 109.10 -28.25
CA LEU EC 183 -12.03 109.23 -29.51
C LEU EC 183 -11.59 110.70 -29.64
N VAL EC 184 -10.51 111.03 -28.95
CA VAL EC 184 -10.03 112.40 -28.88
C VAL EC 184 -9.16 112.71 -30.10
N ILE EC 185 -9.44 113.83 -30.76
CA ILE EC 185 -8.77 114.19 -32.00
C ILE EC 185 -7.36 114.70 -31.69
N GLN EC 186 -6.38 114.22 -32.45
CA GLN EC 186 -5.01 114.73 -32.32
C GLN EC 186 -4.85 116.07 -33.02
N GLN EC 187 -5.01 116.09 -34.34
CA GLN EC 187 -4.81 117.29 -35.15
C GLN EC 187 -5.42 117.04 -36.52
N VAL EC 188 -5.20 117.99 -37.43
CA VAL EC 188 -5.81 117.96 -38.76
C VAL EC 188 -4.74 118.05 -39.83
N PHE EC 189 -5.14 117.84 -41.09
CA PHE EC 189 -4.25 118.05 -42.22
C PHE EC 189 -5.11 118.49 -43.42
N ASP EC 190 -5.19 119.80 -43.65
CA ASP EC 190 -6.02 120.37 -44.70
C ASP EC 190 -5.15 120.66 -45.92
N ASN EC 191 -4.78 119.58 -46.63
CA ASN EC 191 -4.07 119.66 -47.91
C ASN EC 191 -2.77 120.48 -47.79
N GLY EC 192 -1.86 119.95 -46.96
CA GLY EC 192 -0.58 120.61 -46.78
C GLY EC 192 -0.62 121.71 -45.73
N SER EC 193 -1.22 121.42 -44.58
CA SER EC 193 -1.29 122.35 -43.47
C SER EC 193 -1.64 121.57 -42.21
N ILE EC 194 -1.17 122.08 -41.07
CA ILE EC 194 -1.44 121.47 -39.78
C ILE EC 194 -1.99 122.53 -38.84
N TYR EC 195 -3.15 122.26 -38.24
CA TYR EC 195 -3.82 123.19 -37.35
C TYR EC 195 -4.21 122.47 -36.08
N ASN EC 196 -4.47 123.27 -35.03
CA ASN EC 196 -4.83 122.72 -33.72
C ASN EC 196 -6.22 122.09 -33.77
N PRO FC 1 -38.41 100.49 -10.27
CA PRO FC 1 -37.94 99.26 -10.91
C PRO FC 1 -39.06 98.50 -11.60
N ASN FC 2 -40.08 99.24 -12.06
CA ASN FC 2 -41.28 98.70 -12.69
C ASN FC 2 -42.04 97.75 -11.77
N GLU FC 3 -41.80 97.87 -10.46
CA GLU FC 3 -42.42 97.12 -9.36
C GLU FC 3 -42.07 95.64 -9.36
N ILE FC 4 -41.33 95.14 -10.36
CA ILE FC 4 -41.04 93.71 -10.47
C ILE FC 4 -39.90 93.54 -11.45
N LYS FC 5 -39.23 92.39 -11.38
CA LYS FC 5 -38.19 92.02 -12.34
C LYS FC 5 -38.29 90.51 -12.58
N VAL FC 6 -38.78 90.12 -13.75
CA VAL FC 6 -38.96 88.72 -14.10
C VAL FC 6 -38.29 88.47 -15.45
N VAL FC 7 -37.25 89.26 -15.74
CA VAL FC 7 -36.64 89.30 -17.07
C VAL FC 7 -36.03 87.95 -17.46
N TYR FC 8 -35.69 87.11 -16.48
CA TYR FC 8 -35.02 85.85 -16.75
C TYR FC 8 -35.87 84.96 -17.66
N LEU FC 9 -35.18 84.21 -18.53
CA LEU FC 9 -35.82 83.48 -19.61
C LEU FC 9 -36.27 82.09 -19.17
N ARG FC 10 -37.38 81.65 -19.77
CA ARG FC 10 -38.02 80.37 -19.47
C ARG FC 10 -37.92 79.45 -20.67
N CYS FC 11 -37.71 78.16 -20.42
CA CYS FC 11 -37.43 77.16 -21.45
C CYS FC 11 -38.30 75.92 -21.25
N THR FC 12 -39.62 76.14 -21.14
CA THR FC 12 -40.57 75.03 -21.07
C THR FC 12 -41.52 75.09 -22.26
N GLY FC 13 -42.04 73.93 -22.64
CA GLY FC 13 -42.95 73.86 -23.76
C GLY FC 13 -43.34 72.41 -24.05
N GLY FC 14 -44.14 72.25 -25.10
CA GLY FC 14 -44.61 70.94 -25.48
C GLY FC 14 -45.72 70.43 -24.57
N GLU FC 15 -45.39 69.46 -23.74
CA GLU FC 15 -46.28 69.03 -22.68
C GLU FC 15 -46.40 70.14 -21.63
N VAL FC 16 -47.53 70.15 -20.91
CA VAL FC 16 -47.77 71.18 -19.90
C VAL FC 16 -46.71 71.13 -18.81
N GLY FC 17 -46.39 69.93 -18.34
CA GLY FC 17 -45.34 69.75 -17.36
C GLY FC 17 -45.77 70.09 -15.95
N ALA FC 18 -45.86 71.40 -15.67
CA ALA FC 18 -46.30 71.92 -14.38
C ALA FC 18 -45.47 71.35 -13.23
N THR FC 19 -45.98 70.28 -12.60
CA THR FC 19 -45.29 69.68 -11.46
C THR FC 19 -43.96 69.06 -11.87
N SER FC 20 -43.91 68.43 -13.04
CA SER FC 20 -42.72 67.75 -13.50
C SER FC 20 -41.79 68.64 -14.33
N ALA FC 21 -42.14 69.91 -14.52
CA ALA FC 21 -41.33 70.81 -15.30
C ALA FC 21 -40.23 71.43 -14.43
N LEU FC 22 -39.45 72.33 -15.03
CA LEU FC 22 -38.39 73.04 -14.32
C LEU FC 22 -38.89 74.26 -13.56
N ALA FC 23 -40.14 74.68 -13.81
CA ALA FC 23 -40.69 75.82 -13.07
C ALA FC 23 -40.73 75.63 -11.56
N PRO FC 24 -41.13 74.47 -11.00
CA PRO FC 24 -40.95 74.29 -9.55
C PRO FC 24 -39.49 74.34 -9.11
N LYS FC 25 -38.57 73.91 -9.96
CA LYS FC 25 -37.15 73.98 -9.62
C LYS FC 25 -36.61 75.41 -9.65
N ILE FC 26 -37.34 76.33 -10.29
CA ILE FC 26 -36.96 77.74 -10.34
C ILE FC 26 -37.86 78.61 -9.46
N GLY FC 27 -38.86 78.01 -8.82
CA GLY FC 27 -39.86 78.73 -8.04
C GLY FC 27 -39.36 79.61 -6.92
N PRO FC 28 -38.46 79.12 -6.05
CA PRO FC 28 -38.00 79.94 -4.93
C PRO FC 28 -37.19 81.18 -5.31
N LEU FC 29 -37.01 81.47 -6.60
CA LEU FC 29 -36.22 82.62 -7.00
C LEU FC 29 -36.91 83.93 -6.63
N GLY FC 30 -38.19 84.07 -6.97
CA GLY FC 30 -38.88 85.33 -6.78
C GLY FC 30 -40.06 85.30 -5.84
N LEU FC 31 -40.60 84.10 -5.60
CA LEU FC 31 -41.69 83.83 -4.65
C LEU FC 31 -43.01 84.43 -5.08
N SER FC 32 -43.04 85.14 -6.21
CA SER FC 32 -44.29 85.74 -6.69
C SER FC 32 -45.12 84.76 -7.53
N PRO FC 33 -44.56 84.12 -8.61
CA PRO FC 33 -45.41 83.25 -9.44
C PRO FC 33 -45.96 82.02 -8.72
N LYS FC 34 -45.07 81.20 -8.17
CA LYS FC 34 -45.41 79.94 -7.48
C LYS FC 34 -46.24 79.08 -8.43
N LYS FC 35 -47.21 78.31 -7.92
CA LYS FC 35 -48.01 77.44 -8.78
C LYS FC 35 -49.02 78.21 -9.60
N VAL FC 36 -49.49 79.37 -9.13
CA VAL FC 36 -50.50 80.14 -9.84
C VAL FC 36 -49.93 81.12 -10.84
N GLY FC 37 -48.61 81.31 -10.88
CA GLY FC 37 -48.01 82.27 -11.78
C GLY FC 37 -47.39 81.63 -13.02
N ASP FC 38 -46.77 80.46 -12.85
CA ASP FC 38 -46.20 79.77 -14.00
C ASP FC 38 -47.28 79.11 -14.85
N ASP FC 39 -48.37 78.66 -14.22
CA ASP FC 39 -49.43 77.97 -14.96
C ASP FC 39 -50.20 78.93 -15.86
N ILE FC 40 -50.47 80.15 -15.38
CA ILE FC 40 -51.11 81.15 -16.23
C ILE FC 40 -50.20 81.58 -17.36
N ALA FC 41 -48.88 81.54 -17.15
CA ALA FC 41 -47.95 81.74 -18.26
C ALA FC 41 -47.93 80.53 -19.18
N LYS FC 42 -48.10 79.33 -18.60
CA LYS FC 42 -48.20 78.12 -19.41
C LYS FC 42 -49.48 78.09 -20.23
N ALA FC 43 -50.56 78.68 -19.70
CA ALA FC 43 -51.83 78.69 -20.42
C ALA FC 43 -51.72 79.45 -21.74
N THR FC 44 -50.93 80.52 -21.77
CA THR FC 44 -50.66 81.26 -23.00
C THR FC 44 -49.37 80.83 -23.68
N GLY FC 45 -48.44 80.22 -22.93
CA GLY FC 45 -47.18 79.75 -23.46
C GLY FC 45 -47.17 78.31 -23.93
N ASP FC 46 -48.33 77.64 -23.98
CA ASP FC 46 -48.37 76.27 -24.48
C ASP FC 46 -47.98 76.21 -25.94
N TRP FC 47 -48.45 77.16 -26.75
CA TRP FC 47 -48.15 77.22 -28.16
C TRP FC 47 -47.35 78.49 -28.48
N LYS FC 48 -46.90 78.58 -29.73
CA LYS FC 48 -46.00 79.64 -30.19
C LYS FC 48 -44.75 79.74 -29.30
N GLY FC 49 -43.93 78.70 -29.35
CA GLY FC 49 -44.03 77.47 -30.12
C GLY FC 49 -44.23 76.27 -29.22
N LEU FC 50 -44.35 75.09 -29.84
CA LEU FC 50 -44.52 73.83 -29.10
C LEU FC 50 -43.19 73.10 -28.91
N ARG FC 51 -42.12 73.85 -28.74
CA ARG FC 51 -40.76 73.35 -28.58
C ARG FC 51 -40.24 73.76 -27.21
N ILE FC 52 -38.92 73.63 -27.02
CA ILE FC 52 -38.29 74.04 -25.76
C ILE FC 52 -38.65 75.47 -25.39
N THR FC 53 -38.87 76.32 -26.39
CA THR FC 53 -39.52 77.64 -26.23
C THR FC 53 -38.75 78.53 -25.24
N VAL FC 54 -37.55 78.92 -25.65
CA VAL FC 54 -36.78 79.89 -24.88
C VAL FC 54 -37.47 81.24 -25.01
N LYS FC 55 -38.18 81.65 -23.95
CA LYS FC 55 -39.05 82.81 -24.00
C LYS FC 55 -38.81 83.73 -22.81
N LEU FC 56 -39.29 84.96 -22.94
CA LEU FC 56 -39.15 85.99 -21.92
C LEU FC 56 -40.54 86.47 -21.52
N THR FC 57 -40.67 86.93 -20.28
CA THR FC 57 -41.96 87.36 -19.76
C THR FC 57 -41.81 88.67 -19.00
N ILE FC 58 -42.91 89.41 -18.91
CA ILE FC 58 -43.01 90.63 -18.12
C ILE FC 58 -44.17 90.47 -17.14
N GLN FC 59 -43.89 90.74 -15.86
CA GLN FC 59 -44.87 90.51 -14.80
C GLN FC 59 -45.70 91.75 -14.55
N ASN FC 60 -47.00 91.53 -14.33
CA ASN FC 60 -47.92 92.60 -13.95
C ASN FC 60 -48.40 92.35 -12.52
N ARG FC 61 -47.46 92.04 -11.63
CA ARG FC 61 -47.71 91.71 -10.23
C ARG FC 61 -48.54 90.44 -10.12
N GLN FC 62 -49.81 90.50 -10.52
CA GLN FC 62 -50.67 89.32 -10.51
C GLN FC 62 -50.67 88.58 -11.84
N ALA FC 63 -50.61 89.30 -12.95
CA ALA FC 63 -50.68 88.72 -14.28
C ALA FC 63 -49.30 88.78 -14.95
N GLN FC 64 -49.24 88.28 -16.19
CA GLN FC 64 -48.00 88.26 -16.94
C GLN FC 64 -48.30 88.38 -18.43
N ILE FC 65 -47.30 88.81 -19.19
CA ILE FC 65 -47.33 88.83 -20.65
C ILE FC 65 -46.05 88.19 -21.15
N GLU FC 66 -46.17 87.31 -22.13
CA GLU FC 66 -45.05 86.49 -22.59
C GLU FC 66 -44.72 86.81 -24.04
N VAL FC 67 -43.45 87.06 -24.31
CA VAL FC 67 -42.93 87.22 -25.66
C VAL FC 67 -41.81 86.21 -25.86
N VAL FC 68 -41.83 85.50 -26.97
CA VAL FC 68 -40.87 84.43 -27.25
C VAL FC 68 -39.88 84.93 -28.28
N PRO FC 69 -38.59 85.07 -27.95
CA PRO FC 69 -37.59 85.34 -28.97
C PRO FC 69 -37.57 84.22 -30.01
N SER FC 70 -37.80 84.60 -31.26
CA SER FC 70 -37.91 83.64 -32.35
C SER FC 70 -36.52 83.10 -32.67
N ALA FC 71 -36.12 82.08 -31.91
CA ALA FC 71 -34.84 81.42 -32.17
C ALA FC 71 -34.88 80.70 -33.50
N SER FC 72 -33.85 80.91 -34.31
CA SER FC 72 -33.85 80.38 -35.68
C SER FC 72 -33.81 78.86 -35.69
N ALA FC 73 -32.98 78.26 -34.83
CA ALA FC 73 -32.94 76.80 -34.76
C ALA FC 73 -34.14 76.22 -34.02
N LEU FC 74 -34.97 77.06 -33.41
CA LEU FC 74 -36.21 76.62 -32.79
C LEU FC 74 -37.39 76.72 -33.74
N ILE FC 75 -37.48 77.81 -34.50
CA ILE FC 75 -38.61 78.00 -35.40
C ILE FC 75 -38.52 77.06 -36.59
N ILE FC 76 -37.33 76.58 -36.92
CA ILE FC 76 -37.21 75.61 -38.00
C ILE FC 76 -37.81 74.28 -37.58
N LYS FC 77 -37.59 73.85 -36.34
CA LYS FC 77 -38.25 72.66 -35.83
C LYS FC 77 -39.72 72.95 -35.50
N ALA FC 78 -40.04 74.18 -35.09
CA ALA FC 78 -41.42 74.55 -34.85
C ALA FC 78 -42.23 74.48 -36.14
N LEU FC 79 -41.62 74.84 -37.27
CA LEU FC 79 -42.27 74.74 -38.56
C LEU FC 79 -41.99 73.42 -39.26
N LYS FC 80 -41.17 72.55 -38.68
CA LYS FC 80 -40.99 71.20 -39.20
C LYS FC 80 -42.03 70.28 -38.57
N GLU FC 81 -42.81 69.62 -39.41
CA GLU FC 81 -43.85 68.71 -38.94
C GLU FC 81 -43.26 67.39 -38.46
N ILE FC 98 -34.00 72.13 -49.44
CA ILE FC 98 -35.18 72.97 -49.48
C ILE FC 98 -34.80 74.40 -49.12
N THR FC 99 -35.32 75.37 -49.89
CA THR FC 99 -34.95 76.77 -49.72
C THR FC 99 -35.82 77.47 -48.68
N PHE FC 100 -37.14 77.35 -48.80
CA PHE FC 100 -38.14 78.05 -47.99
C PHE FC 100 -37.75 79.50 -47.70
N ASP FC 101 -37.39 80.21 -48.77
CA ASP FC 101 -37.03 81.62 -48.64
C ASP FC 101 -38.23 82.48 -48.29
N GLU FC 102 -39.45 81.96 -48.49
CA GLU FC 102 -40.65 82.73 -48.19
C GLU FC 102 -40.95 82.78 -46.70
N ILE FC 103 -40.64 81.70 -45.97
CA ILE FC 103 -40.99 81.67 -44.55
C ILE FC 103 -39.95 82.41 -43.71
N VAL FC 104 -38.72 82.53 -44.22
CA VAL FC 104 -37.71 83.33 -43.53
C VAL FC 104 -37.90 84.82 -43.81
N ASN FC 105 -38.76 85.16 -44.76
CA ASN FC 105 -38.97 86.56 -45.11
C ASN FC 105 -39.85 87.27 -44.08
N ILE FC 106 -40.81 86.56 -43.50
CA ILE FC 106 -41.85 87.17 -42.67
C ILE FC 106 -41.56 87.01 -41.18
N ALA FC 107 -41.24 85.80 -40.74
CA ALA FC 107 -41.14 85.51 -39.31
C ALA FC 107 -39.91 86.13 -38.66
N ARG FC 108 -38.94 86.60 -39.43
CA ARG FC 108 -37.69 87.10 -38.87
C ARG FC 108 -37.63 88.62 -38.77
N GLN FC 109 -38.59 89.33 -39.38
CA GLN FC 109 -38.60 90.78 -39.26
C GLN FC 109 -39.05 91.23 -37.88
N MET FC 110 -39.91 90.45 -37.23
CA MET FC 110 -40.36 90.77 -35.88
C MET FC 110 -39.29 90.46 -34.82
N ARG FC 111 -38.24 89.74 -35.19
CA ARG FC 111 -37.10 89.54 -34.30
C ARG FC 111 -36.42 90.88 -34.03
N HIS FC 112 -35.83 91.00 -32.83
CA HIS FC 112 -35.16 92.24 -32.47
C HIS FC 112 -34.05 92.59 -33.46
N ARG FC 113 -33.39 91.59 -34.03
CA ARG FC 113 -32.60 91.74 -35.25
C ARG FC 113 -31.43 92.71 -35.03
N SER FC 114 -30.71 92.52 -33.93
CA SER FC 114 -29.53 93.35 -33.67
C SER FC 114 -28.34 92.83 -34.45
N LEU FC 115 -27.87 91.63 -34.11
CA LEU FC 115 -26.93 90.83 -34.90
C LEU FC 115 -25.58 91.53 -35.13
N ALA FC 116 -25.36 92.69 -34.52
CA ALA FC 116 -24.20 93.55 -34.82
C ALA FC 116 -24.10 93.78 -36.33
N ARG FC 117 -25.24 94.03 -36.96
CA ARG FC 117 -25.38 94.09 -38.40
C ARG FC 117 -25.17 95.50 -38.93
N GLU FC 118 -24.90 95.59 -40.24
CA GLU FC 118 -24.78 96.87 -40.91
C GLU FC 118 -25.61 96.92 -42.19
N LEU FC 119 -25.79 95.78 -42.85
CA LEU FC 119 -26.40 95.72 -44.16
C LEU FC 119 -27.81 95.13 -44.07
N SER FC 120 -28.43 94.92 -45.23
CA SER FC 120 -29.80 94.41 -45.31
C SER FC 120 -29.84 92.89 -45.36
N GLY FC 121 -28.97 92.26 -46.14
CA GLY FC 121 -28.97 90.82 -46.32
C GLY FC 121 -28.40 90.02 -45.18
N THR FC 122 -28.32 90.60 -43.98
CA THR FC 122 -27.75 89.88 -42.85
C THR FC 122 -28.62 88.69 -42.44
N ILE FC 123 -29.95 88.85 -42.52
CA ILE FC 123 -30.86 87.82 -42.03
C ILE FC 123 -30.75 86.57 -42.91
N LYS FC 124 -30.78 86.76 -44.23
CA LYS FC 124 -30.75 85.61 -45.14
C LYS FC 124 -29.42 84.88 -45.09
N GLU FC 125 -28.32 85.62 -44.96
CA GLU FC 125 -27.00 84.98 -44.86
C GLU FC 125 -26.78 84.35 -43.50
N ILE FC 126 -27.55 84.73 -42.49
CA ILE FC 126 -27.41 84.14 -41.16
C ILE FC 126 -28.19 82.84 -41.06
N LEU FC 127 -29.51 82.91 -41.28
CA LEU FC 127 -30.36 81.74 -41.09
C LEU FC 127 -30.17 80.71 -42.17
N GLY FC 128 -29.71 81.11 -43.37
CA GLY FC 128 -29.49 80.16 -44.44
C GLY FC 128 -28.46 79.11 -44.10
N THR FC 129 -27.56 79.39 -43.17
CA THR FC 129 -26.65 78.38 -42.64
C THR FC 129 -27.02 77.93 -41.24
N ALA FC 130 -27.89 78.66 -40.54
CA ALA FC 130 -28.40 78.21 -39.25
C ALA FC 130 -29.41 77.08 -39.41
N GLN FC 131 -29.92 76.87 -40.62
CA GLN FC 131 -30.82 75.76 -40.93
C GLN FC 131 -30.07 74.51 -41.36
N SER FC 132 -28.74 74.54 -41.33
CA SER FC 132 -27.93 73.41 -41.80
C SER FC 132 -28.06 72.19 -40.90
N VAL FC 133 -28.51 72.37 -39.66
CA VAL FC 133 -28.65 71.25 -38.73
C VAL FC 133 -29.86 70.40 -39.10
N HIS FC 141 -26.24 70.51 -47.59
CA HIS FC 141 -25.92 71.76 -46.89
C HIS FC 141 -26.50 72.96 -47.63
N PRO FC 142 -27.22 73.82 -46.90
CA PRO FC 142 -27.79 75.04 -47.50
C PRO FC 142 -26.78 76.19 -47.55
N HIS FC 143 -25.60 75.91 -48.10
CA HIS FC 143 -24.57 76.92 -48.26
C HIS FC 143 -24.40 77.39 -49.69
N ASP FC 144 -24.80 76.58 -50.67
CA ASP FC 144 -24.78 77.04 -52.06
C ASP FC 144 -25.77 78.18 -52.27
N ILE FC 145 -26.92 78.13 -51.59
CA ILE FC 145 -27.84 79.25 -51.63
C ILE FC 145 -27.22 80.48 -50.96
N ILE FC 146 -26.40 80.26 -49.93
CA ILE FC 146 -25.77 81.37 -49.22
C ILE FC 146 -24.78 82.08 -50.14
N ASP FC 147 -23.96 81.32 -50.86
CA ASP FC 147 -22.85 81.91 -51.62
C ASP FC 147 -23.35 82.85 -52.71
N ASP FC 148 -24.05 82.30 -53.71
CA ASP FC 148 -24.59 83.09 -54.82
C ASP FC 148 -26.11 83.17 -54.69
N ILE FC 149 -26.57 84.18 -53.96
CA ILE FC 149 -27.99 84.43 -53.74
C ILE FC 149 -28.41 85.65 -54.55
N ASN FC 150 -29.51 85.52 -55.30
CA ASN FC 150 -29.96 86.62 -56.15
C ASN FC 150 -31.47 86.86 -56.12
N SER FC 151 -32.28 85.94 -55.59
CA SER FC 151 -33.72 86.13 -55.51
C SER FC 151 -34.07 86.81 -54.19
N GLY FC 152 -34.87 87.87 -54.26
CA GLY FC 152 -35.21 88.63 -53.07
C GLY FC 152 -34.02 89.34 -52.46
N ALA FC 153 -33.23 90.01 -53.30
CA ALA FC 153 -32.05 90.73 -52.80
C ALA FC 153 -32.45 91.88 -51.90
N VAL FC 154 -33.51 92.60 -52.26
CA VAL FC 154 -33.95 93.76 -51.49
C VAL FC 154 -35.29 93.37 -50.86
N GLU FC 155 -35.44 92.08 -50.56
CA GLU FC 155 -36.69 91.57 -50.00
C GLU FC 155 -36.96 92.15 -48.61
N CYS FC 156 -35.93 92.24 -47.77
CA CYS FC 156 -36.13 92.66 -46.38
C CYS FC 156 -36.66 94.09 -46.25
N PRO FC 157 -36.09 95.11 -46.93
CA PRO FC 157 -36.73 96.41 -46.75
C PRO FC 157 -37.89 96.62 -47.72
#